data_8V3B
#
_entry.id   8V3B
#
loop_
_entity.id
_entity.type
_entity.pdbx_description
1 polymer 'O43_129_+4 component A'
2 polymer 'O43_129_+4 component B'
#
loop_
_entity_poly.entity_id
_entity_poly.type
_entity_poly.pdbx_seq_one_letter_code
_entity_poly.pdbx_strand_id
1 'polypeptide(L)'
;MGCDAIQAAAALGEAGISSNEILELLAAAAELGLDPDAIQAAAQLGEAGISSEEIKELLRAAHELGLDPDAIAAAADLGQ
AGVSPVEILALLIAASVLGLDPDAIQAAAALGEAGISAEEIIELLTAARDLGLDPDAIQAAAQLGEAGISSEEIKELLRA
AHELGLDPDCIAAAADLGQAGISSSEITALLLAAAAIELAKRADDKDVREIVRDALELASRSTNDEVIRLALEAAVLAAR
STDSDVLEIVKDALELAKQSTNEEVIKLALKAAVLAAKSTDEEVLEEVKEALRRAKESTDEEEIKEELRKAVEEAEGGSW
LEHHHHHH
;
A,B,C,D,E,F,G,H,I,J,K,L,M,N,O,P,Q,R,S,T,U,V,W,X
2 'polypeptide(L)'
;MGDDLLLKLLELLVEQARVSAEFARRQGDEKMLEEVARKAEEVARKAEEIARKARKEGNLELALKALEILVRAAHVLAEI
ARERGNEELQKKAHKLAKEALRQVIEIAIRAIQEGNLELAIIALHISVRIAEVLLETRPDDREEIREQQAIFELLIAALE
AAIRLEKLKEEGAPPEQIERVAEHGLERLKEIAKEISKEVDSPESKRIAYKIVAAAAEFLLKILAEGGATPEQLERVTEH
ALEVLKEVAKELADSPESVREAVRLISKLTQEGLKQLKEIGAPPEQIERVAEHGLEVLKEIAKYGSKLTDSPELKRELYR
IISETAKELLKILAEGGATPEQLERVTKHALEVLKEVAKELADSPESGLAALAAIASLAKLGLEQLKEIGAPPEQQRRVT
KAGIEAVREIYRYGRKLY
;
a,b,c,d,e,f,g,h,i,j,k,l,m,n,o,p,q,r,s,t,u,v,w,x
#
# COMPACT_ATOMS: atom_id res chain seq x y z
N CYS A 3 25.01 -17.76 -111.62
CA CYS A 3 25.02 -19.23 -111.70
C CYS A 3 23.77 -19.81 -111.04
N ASP A 4 22.65 -19.87 -111.76
CA ASP A 4 21.32 -20.15 -111.20
C ASP A 4 21.22 -21.50 -110.49
N ALA A 5 21.97 -22.49 -110.96
CA ALA A 5 22.06 -23.82 -110.35
C ALA A 5 22.47 -23.76 -108.87
N ILE A 6 23.31 -22.79 -108.50
CA ILE A 6 23.60 -22.48 -107.10
C ILE A 6 22.58 -21.46 -106.57
N GLN A 7 22.22 -20.44 -107.34
CA GLN A 7 21.45 -19.31 -106.79
C GLN A 7 20.06 -19.72 -106.27
N ALA A 8 19.44 -20.73 -106.87
CA ALA A 8 18.24 -21.33 -106.31
C ALA A 8 18.52 -21.95 -104.92
N ALA A 9 19.61 -22.70 -104.77
CA ALA A 9 20.04 -23.22 -103.47
C ALA A 9 20.38 -22.08 -102.49
N ALA A 10 20.98 -20.99 -102.96
CA ALA A 10 21.21 -19.81 -102.14
C ALA A 10 19.88 -19.20 -101.65
N ALA A 11 18.90 -19.06 -102.52
CA ALA A 11 17.57 -18.60 -102.12
C ALA A 11 16.92 -19.54 -101.09
N LEU A 12 17.03 -20.86 -101.29
CA LEU A 12 16.57 -21.86 -100.32
C LEU A 12 17.29 -21.74 -98.96
N GLY A 13 18.59 -21.47 -98.98
CA GLY A 13 19.39 -21.22 -97.78
C GLY A 13 18.98 -19.93 -97.07
N GLU A 14 18.70 -18.86 -97.80
CA GLU A 14 18.15 -17.61 -97.24
C GLU A 14 16.75 -17.83 -96.65
N ALA A 15 15.94 -18.70 -97.25
CA ALA A 15 14.67 -19.15 -96.68
C ALA A 15 14.83 -20.17 -95.54
N GLY A 16 16.04 -20.65 -95.26
CA GLY A 16 16.36 -21.52 -94.13
C GLY A 16 16.09 -23.01 -94.35
N ILE A 17 15.91 -23.48 -95.59
CA ILE A 17 15.71 -24.90 -95.89
C ILE A 17 17.01 -25.67 -95.59
N SER A 18 16.90 -26.84 -94.95
CA SER A 18 18.07 -27.66 -94.55
C SER A 18 18.84 -28.21 -95.75
N SER A 19 20.15 -28.43 -95.63
CA SER A 19 20.97 -28.94 -96.73
C SER A 19 20.45 -30.26 -97.30
N ASN A 20 20.04 -31.21 -96.46
CA ASN A 20 19.44 -32.46 -96.93
C ASN A 20 18.16 -32.19 -97.73
N GLU A 21 17.34 -31.25 -97.28
CA GLU A 21 16.10 -30.86 -97.95
C GLU A 21 16.41 -30.13 -99.27
N ILE A 22 17.42 -29.27 -99.32
CA ILE A 22 17.87 -28.66 -100.56
C ILE A 22 18.28 -29.77 -101.52
N LEU A 23 19.12 -30.70 -101.07
CA LEU A 23 19.58 -31.80 -101.91
C LEU A 23 18.41 -32.65 -102.40
N GLU A 24 17.39 -32.88 -101.59
CA GLU A 24 16.18 -33.54 -102.06
C GLU A 24 15.47 -32.70 -103.13
N LEU A 25 15.27 -31.41 -102.90
CA LEU A 25 14.62 -30.52 -103.87
C LEU A 25 15.41 -30.47 -105.17
N LEU A 26 16.73 -30.53 -105.08
CA LEU A 26 17.60 -30.65 -106.23
C LEU A 26 17.47 -32.01 -106.89
N ALA A 27 17.33 -33.10 -106.13
CA ALA A 27 17.10 -34.42 -106.71
C ALA A 27 15.77 -34.41 -107.49
N ALA A 28 14.73 -33.80 -106.93
CA ALA A 28 13.49 -33.57 -107.64
C ALA A 28 13.70 -32.69 -108.88
N ALA A 29 14.54 -31.66 -108.78
CA ALA A 29 14.87 -30.84 -109.93
C ALA A 29 15.49 -31.68 -111.04
N ALA A 30 16.35 -32.63 -110.71
CA ALA A 30 16.87 -33.58 -111.69
C ALA A 30 15.76 -34.48 -112.23
N GLU A 31 14.91 -35.04 -111.37
CA GLU A 31 13.84 -35.95 -111.79
C GLU A 31 12.88 -35.29 -112.78
N LEU A 32 12.36 -34.11 -112.43
CA LEU A 32 11.34 -33.41 -113.21
C LEU A 32 11.95 -32.45 -114.24
N GLY A 33 13.25 -32.18 -114.17
CA GLY A 33 13.89 -31.14 -114.96
C GLY A 33 13.48 -29.72 -114.54
N LEU A 34 13.28 -29.48 -113.24
CA LEU A 34 12.77 -28.19 -112.73
C LEU A 34 13.67 -27.02 -113.14
N ASP A 35 13.07 -25.96 -113.68
CA ASP A 35 13.78 -24.70 -113.91
C ASP A 35 13.95 -23.92 -112.60
N PRO A 36 14.90 -22.96 -112.54
CA PRO A 36 15.17 -22.21 -111.32
C PRO A 36 13.97 -21.49 -110.73
N ASP A 37 13.02 -21.02 -111.54
CA ASP A 37 11.82 -20.36 -111.01
C ASP A 37 10.83 -21.40 -110.47
N ALA A 38 10.76 -22.60 -111.06
CA ALA A 38 10.02 -23.70 -110.46
C ALA A 38 10.62 -24.11 -109.11
N ILE A 39 11.96 -24.15 -109.02
CA ILE A 39 12.62 -24.35 -107.73
C ILE A 39 12.34 -23.17 -106.78
N GLN A 40 12.27 -21.93 -107.27
CA GLN A 40 11.92 -20.77 -106.44
C GLN A 40 10.49 -20.88 -105.90
N ALA A 41 9.54 -21.37 -106.71
CA ALA A 41 8.21 -21.68 -106.23
C ALA A 41 8.25 -22.74 -105.12
N ALA A 42 9.07 -23.78 -105.28
CA ALA A 42 9.30 -24.74 -104.22
C ALA A 42 9.87 -24.07 -102.95
N ALA A 43 10.81 -23.14 -103.10
CA ALA A 43 11.37 -22.38 -101.98
C ALA A 43 10.28 -21.57 -101.27
N GLN A 44 9.40 -20.90 -102.02
CA GLN A 44 8.31 -20.12 -101.45
C GLN A 44 7.26 -21.01 -100.76
N LEU A 45 7.00 -22.22 -101.26
CA LEU A 45 6.20 -23.21 -100.53
C LEU A 45 6.91 -23.70 -99.26
N GLY A 46 8.25 -23.70 -99.26
CA GLY A 46 9.07 -23.88 -98.06
C GLY A 46 8.95 -22.71 -97.08
N GLU A 47 8.85 -21.46 -97.56
CA GLU A 47 8.51 -20.31 -96.72
C GLU A 47 7.09 -20.41 -96.14
N ALA A 48 6.16 -21.02 -96.89
CA ALA A 48 4.85 -21.41 -96.38
C ALA A 48 4.89 -22.61 -95.39
N GLY A 49 6.07 -23.20 -95.16
CA GLY A 49 6.32 -24.26 -94.16
C GLY A 49 5.97 -25.69 -94.62
N ILE A 50 5.58 -25.89 -95.88
CA ILE A 50 5.20 -27.20 -96.42
C ILE A 50 6.43 -28.14 -96.51
N SER A 51 6.27 -29.46 -96.34
CA SER A 51 7.41 -30.37 -96.52
C SER A 51 7.87 -30.39 -97.98
N SER A 52 9.18 -30.43 -98.19
CA SER A 52 9.77 -30.70 -99.50
C SER A 52 9.18 -31.96 -100.14
N GLU A 53 8.83 -32.98 -99.34
CA GLU A 53 8.22 -34.20 -99.83
C GLU A 53 6.87 -33.90 -100.49
N GLU A 54 6.04 -33.15 -99.77
CA GLU A 54 4.71 -32.79 -100.23
C GLU A 54 4.85 -31.92 -101.46
N ILE A 55 5.74 -30.93 -101.41
CA ILE A 55 6.04 -30.09 -102.55
C ILE A 55 6.47 -30.95 -103.74
N LYS A 56 7.31 -31.95 -103.53
CA LYS A 56 7.81 -32.82 -104.59
C LYS A 56 6.66 -33.57 -105.23
N GLU A 57 5.79 -34.15 -104.42
CA GLU A 57 4.59 -34.77 -104.96
C GLU A 57 3.74 -33.75 -105.71
N LEU A 58 3.58 -32.54 -105.17
CA LEU A 58 2.76 -31.52 -105.83
C LEU A 58 3.37 -31.13 -107.17
N LEU A 59 4.68 -30.92 -107.23
CA LEU A 59 5.35 -30.64 -108.48
C LEU A 59 5.22 -31.83 -109.42
N ARG A 60 5.32 -33.07 -108.91
CA ARG A 60 5.08 -34.24 -109.72
C ARG A 60 3.67 -34.22 -110.28
N ALA A 61 2.68 -33.83 -109.48
CA ALA A 61 1.33 -33.68 -109.99
C ALA A 61 1.27 -32.58 -111.06
N ALA A 62 1.88 -31.41 -110.83
CA ALA A 62 1.89 -30.33 -111.81
C ALA A 62 2.51 -30.78 -113.15
N HIS A 63 3.56 -31.59 -113.08
CA HIS A 63 4.18 -32.22 -114.24
C HIS A 63 3.25 -33.24 -114.89
N GLU A 64 2.63 -34.12 -114.12
CA GLU A 64 1.65 -35.11 -114.61
C GLU A 64 0.35 -34.47 -115.13
N LEU A 65 0.08 -33.22 -114.77
CA LEU A 65 -0.99 -32.39 -115.33
C LEU A 65 -0.55 -31.62 -116.58
N GLY A 66 0.75 -31.42 -116.80
CA GLY A 66 1.27 -30.60 -117.89
C GLY A 66 0.94 -29.11 -117.74
N LEU A 67 0.94 -28.58 -116.51
CA LEU A 67 0.61 -27.17 -116.22
C LEU A 67 1.61 -26.18 -116.84
N ASP A 68 1.15 -24.95 -117.10
CA ASP A 68 2.02 -23.86 -117.51
C ASP A 68 2.85 -23.29 -116.34
N PRO A 69 4.06 -22.77 -116.60
CA PRO A 69 4.92 -22.19 -115.56
C PRO A 69 4.26 -21.10 -114.73
N ASP A 70 3.36 -20.29 -115.31
CA ASP A 70 2.74 -19.18 -114.60
C ASP A 70 1.77 -19.68 -113.52
N ALA A 71 0.94 -20.68 -113.84
CA ALA A 71 0.15 -21.38 -112.84
C ALA A 71 1.04 -22.05 -111.78
N ILE A 72 2.13 -22.70 -112.19
CA ILE A 72 3.05 -23.33 -111.24
C ILE A 72 3.65 -22.29 -110.29
N ALA A 73 4.05 -21.13 -110.79
CA ALA A 73 4.47 -20.02 -109.94
C ALA A 73 3.31 -19.56 -109.04
N ALA A 74 2.11 -19.42 -109.60
CA ALA A 74 0.94 -19.05 -108.83
C ALA A 74 0.63 -20.05 -107.71
N ALA A 75 1.07 -21.31 -107.81
CA ALA A 75 0.95 -22.25 -106.69
C ALA A 75 1.67 -21.73 -105.44
N ALA A 76 2.82 -21.07 -105.61
CA ALA A 76 3.50 -20.44 -104.48
C ALA A 76 2.74 -19.21 -103.97
N ASP A 77 1.98 -18.52 -104.81
CA ASP A 77 1.10 -17.45 -104.35
C ASP A 77 -0.07 -18.00 -103.54
N LEU A 78 -0.65 -19.14 -103.94
CA LEU A 78 -1.61 -19.87 -103.10
C LEU A 78 -0.95 -20.32 -101.78
N GLY A 79 0.33 -20.67 -101.82
CA GLY A 79 1.14 -20.94 -100.63
C GLY A 79 1.25 -19.72 -99.70
N GLN A 80 1.56 -18.54 -100.25
CA GLN A 80 1.62 -17.29 -99.48
C GLN A 80 0.23 -16.91 -98.91
N ALA A 81 -0.84 -17.21 -99.64
CA ALA A 81 -2.21 -17.07 -99.16
C ALA A 81 -2.59 -18.08 -98.04
N GLY A 82 -1.76 -19.08 -97.76
CA GLY A 82 -1.97 -20.06 -96.69
C GLY A 82 -2.95 -21.20 -97.05
N VAL A 83 -3.22 -21.42 -98.34
CA VAL A 83 -4.12 -22.47 -98.82
C VAL A 83 -3.59 -23.87 -98.43
N SER A 84 -4.47 -24.81 -98.08
CA SER A 84 -4.07 -26.18 -97.77
C SER A 84 -3.31 -26.81 -98.94
N PRO A 85 -2.31 -27.67 -98.70
CA PRO A 85 -1.50 -28.21 -99.79
C PRO A 85 -2.35 -29.06 -100.74
N VAL A 86 -3.30 -29.81 -100.20
CA VAL A 86 -4.29 -30.48 -101.03
C VAL A 86 -5.12 -29.45 -101.78
N GLU A 87 -5.58 -28.38 -101.12
CA GLU A 87 -6.39 -27.36 -101.79
C GLU A 87 -5.61 -26.65 -102.89
N ILE A 88 -4.30 -26.49 -102.76
CA ILE A 88 -3.49 -26.00 -103.87
C ILE A 88 -3.67 -26.97 -105.03
N LEU A 89 -3.48 -28.26 -104.81
CA LEU A 89 -3.63 -29.24 -105.88
C LEU A 89 -5.03 -29.20 -106.47
N ALA A 90 -6.03 -29.08 -105.63
CA ALA A 90 -7.40 -28.98 -106.08
C ALA A 90 -7.55 -27.77 -106.99
N LEU A 91 -7.11 -26.59 -106.56
CA LEU A 91 -7.23 -25.38 -107.35
C LEU A 91 -6.45 -25.51 -108.65
N LEU A 92 -5.25 -26.07 -108.61
CA LEU A 92 -4.47 -26.29 -109.82
C LEU A 92 -5.21 -27.24 -110.78
N ILE A 93 -5.66 -28.39 -110.30
CA ILE A 93 -6.38 -29.33 -111.14
C ILE A 93 -7.62 -28.64 -111.69
N ALA A 94 -8.40 -27.99 -110.84
CA ALA A 94 -9.63 -27.37 -111.25
C ALA A 94 -9.37 -26.32 -112.32
N ALA A 95 -8.40 -25.45 -112.11
CA ALA A 95 -8.03 -24.45 -113.09
C ALA A 95 -7.71 -25.12 -114.43
N SER A 96 -6.93 -26.19 -114.41
CA SER A 96 -6.57 -26.92 -115.62
C SER A 96 -7.79 -27.55 -116.29
N VAL A 97 -8.71 -28.09 -115.51
CA VAL A 97 -9.93 -28.72 -116.03
C VAL A 97 -10.83 -27.66 -116.67
N LEU A 98 -11.02 -26.54 -115.98
CA LEU A 98 -11.80 -25.41 -116.47
C LEU A 98 -11.17 -24.75 -117.69
N GLY A 99 -9.86 -24.88 -117.89
CA GLY A 99 -9.13 -24.12 -118.90
C GLY A 99 -8.99 -22.64 -118.55
N LEU A 100 -8.80 -22.31 -117.27
CA LEU A 100 -8.60 -20.93 -116.79
C LEU A 100 -7.32 -20.28 -117.34
N ASP A 101 -7.29 -18.96 -117.32
CA ASP A 101 -6.05 -18.19 -117.44
C ASP A 101 -5.43 -17.90 -116.05
N PRO A 102 -4.13 -17.57 -115.99
CA PRO A 102 -3.47 -17.18 -114.75
C PRO A 102 -4.15 -16.02 -114.03
N ASP A 103 -4.84 -15.13 -114.74
CA ASP A 103 -5.61 -14.05 -114.12
C ASP A 103 -6.76 -14.61 -113.27
N ALA A 104 -7.54 -15.57 -113.79
CA ALA A 104 -8.54 -16.24 -112.99
C ALA A 104 -7.91 -17.04 -111.84
N ILE A 105 -6.71 -17.60 -112.03
CA ILE A 105 -5.98 -18.21 -110.92
C ILE A 105 -5.61 -17.16 -109.87
N GLN A 106 -5.17 -15.97 -110.27
CA GLN A 106 -4.90 -14.88 -109.32
C GLN A 106 -6.17 -14.44 -108.59
N ALA A 107 -7.32 -14.45 -109.26
CA ALA A 107 -8.60 -14.21 -108.59
C ALA A 107 -8.89 -15.31 -107.56
N ALA A 108 -8.63 -16.58 -107.90
CA ALA A 108 -8.71 -17.66 -106.93
C ALA A 108 -7.74 -17.42 -105.76
N ALA A 109 -6.53 -16.93 -106.01
CA ALA A 109 -5.60 -16.59 -104.95
C ALA A 109 -6.15 -15.49 -104.05
N ALA A 110 -6.76 -14.45 -104.60
CA ALA A 110 -7.43 -13.42 -103.81
C ALA A 110 -8.56 -14.01 -102.95
N LEU A 111 -9.39 -14.90 -103.52
CA LEU A 111 -10.42 -15.61 -102.74
C LEU A 111 -9.78 -16.48 -101.65
N GLY A 112 -8.61 -17.04 -101.91
CA GLY A 112 -7.81 -17.77 -100.93
C GLY A 112 -7.33 -16.88 -99.78
N GLU A 113 -6.85 -15.68 -100.07
CA GLU A 113 -6.52 -14.68 -99.04
C GLU A 113 -7.77 -14.27 -98.25
N ALA A 114 -8.93 -14.19 -98.89
CA ALA A 114 -10.21 -13.96 -98.24
C ALA A 114 -10.69 -15.16 -97.39
N GLY A 115 -10.01 -16.30 -97.43
CA GLY A 115 -10.33 -17.49 -96.64
C GLY A 115 -11.47 -18.35 -97.18
N ILE A 116 -11.89 -18.15 -98.43
CA ILE A 116 -12.93 -18.94 -99.10
C ILE A 116 -12.41 -20.37 -99.36
N SER A 117 -13.23 -21.41 -99.15
CA SER A 117 -12.79 -22.79 -99.39
C SER A 117 -12.59 -23.07 -100.88
N ALA A 118 -11.73 -24.03 -101.22
CA ALA A 118 -11.54 -24.42 -102.61
C ALA A 118 -12.86 -24.89 -103.26
N GLU A 119 -13.74 -25.54 -102.51
CA GLU A 119 -15.06 -25.93 -103.02
C GLU A 119 -15.87 -24.70 -103.43
N GLU A 120 -15.94 -23.70 -102.56
CA GLU A 120 -16.63 -22.46 -102.91
C GLU A 120 -15.96 -21.78 -104.10
N ILE A 121 -14.63 -21.74 -104.15
CA ILE A 121 -13.93 -21.14 -105.28
C ILE A 121 -14.29 -21.89 -106.57
N ILE A 122 -14.20 -23.21 -106.56
CA ILE A 122 -14.51 -24.03 -107.73
C ILE A 122 -15.95 -23.79 -108.13
N GLU A 123 -16.88 -23.75 -107.18
CA GLU A 123 -18.27 -23.47 -107.46
C GLU A 123 -18.42 -22.10 -108.11
N LEU A 124 -17.78 -21.08 -107.54
CA LEU A 124 -17.82 -19.72 -108.09
C LEU A 124 -17.27 -19.70 -109.50
N LEU A 125 -16.16 -20.38 -109.74
CA LEU A 125 -15.57 -20.48 -111.07
C LEU A 125 -16.52 -21.16 -112.04
N THR A 126 -17.15 -22.24 -111.59
CA THR A 126 -18.12 -22.99 -112.39
C THR A 126 -19.29 -22.07 -112.76
N ALA A 127 -19.85 -21.38 -111.78
CA ALA A 127 -20.95 -20.46 -112.01
C ALA A 127 -20.54 -19.32 -112.96
N ALA A 128 -19.36 -18.74 -112.78
CA ALA A 128 -18.87 -17.68 -113.63
C ALA A 128 -18.77 -18.15 -115.09
N ARG A 129 -18.21 -19.35 -115.31
CA ARG A 129 -18.15 -19.97 -116.64
C ARG A 129 -19.54 -20.21 -117.20
N ASP A 130 -20.47 -20.71 -116.40
CA ASP A 130 -21.86 -20.95 -116.82
C ASP A 130 -22.58 -19.66 -117.23
N LEU A 131 -22.38 -18.57 -116.49
CA LEU A 131 -22.89 -17.25 -116.84
C LEU A 131 -22.14 -16.62 -118.03
N GLY A 132 -20.99 -17.17 -118.43
CA GLY A 132 -20.14 -16.60 -119.47
C GLY A 132 -19.42 -15.31 -119.04
N LEU A 133 -19.20 -15.13 -117.74
CA LEU A 133 -18.48 -13.98 -117.18
C LEU A 133 -16.97 -14.04 -117.44
N ASP A 134 -16.32 -12.89 -117.29
CA ASP A 134 -14.87 -12.72 -117.49
C ASP A 134 -14.07 -12.81 -116.17
N PRO A 135 -12.73 -12.93 -116.23
CA PRO A 135 -11.88 -12.87 -115.04
C PRO A 135 -12.09 -11.59 -114.22
N ASP A 136 -12.37 -10.46 -114.88
CA ASP A 136 -12.62 -9.20 -114.20
C ASP A 136 -13.82 -9.29 -113.23
N ALA A 137 -14.89 -9.98 -113.62
CA ALA A 137 -16.02 -10.19 -112.73
C ALA A 137 -15.62 -10.92 -111.44
N ILE A 138 -14.92 -12.06 -111.55
CA ILE A 138 -14.51 -12.79 -110.34
C ILE A 138 -13.44 -12.04 -109.55
N GLN A 139 -12.58 -11.25 -110.21
CA GLN A 139 -11.62 -10.39 -109.53
C GLN A 139 -12.36 -9.33 -108.69
N ALA A 140 -13.37 -8.68 -109.26
CA ALA A 140 -14.21 -7.76 -108.49
C ALA A 140 -14.95 -8.51 -107.37
N ALA A 141 -15.48 -9.70 -107.64
CA ALA A 141 -16.18 -10.49 -106.65
C ALA A 141 -15.29 -10.89 -105.47
N ALA A 142 -13.97 -10.99 -105.66
CA ALA A 142 -13.05 -11.24 -104.54
C ALA A 142 -13.18 -10.17 -103.45
N GLN A 143 -13.51 -8.92 -103.80
CA GLN A 143 -13.80 -7.89 -102.80
C GLN A 143 -15.08 -8.20 -102.00
N LEU A 144 -16.11 -8.75 -102.63
CA LEU A 144 -17.30 -9.25 -101.92
C LEU A 144 -16.93 -10.41 -100.98
N GLY A 145 -15.99 -11.26 -101.42
CA GLY A 145 -15.41 -12.31 -100.58
C GLY A 145 -14.69 -11.72 -99.36
N GLU A 146 -13.86 -10.71 -99.55
CA GLU A 146 -13.22 -9.98 -98.43
C GLU A 146 -14.25 -9.32 -97.50
N ALA A 147 -15.37 -8.84 -98.05
CA ALA A 147 -16.49 -8.31 -97.27
C ALA A 147 -17.29 -9.39 -96.52
N GLY A 148 -17.00 -10.68 -96.71
CA GLY A 148 -17.68 -11.78 -96.03
C GLY A 148 -19.04 -12.14 -96.61
N ILE A 149 -19.38 -11.64 -97.81
CA ILE A 149 -20.58 -12.06 -98.53
C ILE A 149 -20.45 -13.55 -98.86
N SER A 150 -21.47 -14.36 -98.59
CA SER A 150 -21.37 -15.81 -98.81
C SER A 150 -21.30 -16.17 -100.30
N SER A 151 -20.77 -17.36 -100.59
CA SER A 151 -20.70 -17.88 -101.97
C SER A 151 -22.06 -17.85 -102.66
N GLU A 152 -23.12 -18.30 -101.99
CA GLU A 152 -24.48 -18.26 -102.56
C GLU A 152 -24.94 -16.83 -102.81
N GLU A 153 -24.68 -15.91 -101.89
CA GLU A 153 -25.01 -14.50 -102.11
C GLU A 153 -24.25 -13.93 -103.30
N ILE A 154 -22.95 -14.19 -103.43
CA ILE A 154 -22.19 -13.75 -104.59
C ILE A 154 -22.78 -14.37 -105.86
N LYS A 155 -23.08 -15.67 -105.84
CA LYS A 155 -23.65 -16.36 -107.01
C LYS A 155 -24.97 -15.73 -107.43
N GLU A 156 -25.84 -15.46 -106.46
CA GLU A 156 -27.09 -14.77 -106.73
C GLU A 156 -26.85 -13.33 -107.22
N LEU A 157 -25.89 -12.62 -106.65
CA LEU A 157 -25.55 -11.26 -107.10
C LEU A 157 -25.08 -11.29 -108.55
N LEU A 158 -24.16 -12.18 -108.88
CA LEU A 158 -23.69 -12.34 -110.25
C LEU A 158 -24.84 -12.76 -111.16
N ARG A 159 -25.73 -13.67 -110.72
CA ARG A 159 -26.91 -14.05 -111.48
C ARG A 159 -27.79 -12.84 -111.77
N ALA A 160 -28.08 -12.04 -110.76
CA ALA A 160 -28.84 -10.81 -110.93
C ALA A 160 -28.14 -9.86 -111.90
N ALA A 161 -26.82 -9.67 -111.76
CA ALA A 161 -26.05 -8.79 -112.62
C ALA A 161 -26.13 -9.23 -114.09
N HIS A 162 -26.05 -10.54 -114.34
CA HIS A 162 -26.16 -11.12 -115.68
C HIS A 162 -27.59 -11.02 -116.23
N GLU A 163 -28.61 -11.26 -115.41
CA GLU A 163 -30.01 -11.10 -115.80
C GLU A 163 -30.37 -9.64 -116.11
N LEU A 164 -29.74 -8.70 -115.42
CA LEU A 164 -29.81 -7.27 -115.73
C LEU A 164 -28.93 -6.88 -116.94
N GLY A 165 -27.91 -7.66 -117.27
CA GLY A 165 -26.93 -7.33 -118.32
C GLY A 165 -26.02 -6.17 -117.92
N LEU A 166 -25.59 -6.12 -116.65
CA LEU A 166 -24.73 -5.06 -116.11
C LEU A 166 -23.34 -5.03 -116.74
N ASP A 167 -22.74 -3.85 -116.85
CA ASP A 167 -21.35 -3.71 -117.30
C ASP A 167 -20.36 -4.17 -116.20
N PRO A 168 -19.11 -4.55 -116.54
CA PRO A 168 -18.16 -5.10 -115.56
C PRO A 168 -17.92 -4.22 -114.32
N ASP A 169 -17.84 -2.90 -114.49
CA ASP A 169 -17.63 -1.94 -113.37
C ASP A 169 -18.75 -2.01 -112.33
N CYS A 170 -19.93 -2.51 -112.71
CA CYS A 170 -21.08 -2.56 -111.83
C CYS A 170 -20.82 -3.50 -110.66
N ILE A 171 -20.03 -4.56 -110.85
CA ILE A 171 -19.65 -5.46 -109.75
C ILE A 171 -18.71 -4.70 -108.78
N ALA A 172 -17.83 -3.84 -109.28
CA ALA A 172 -17.04 -2.98 -108.39
C ALA A 172 -17.95 -1.99 -107.64
N ALA A 173 -18.95 -1.42 -108.31
CA ALA A 173 -19.95 -0.59 -107.64
C ALA A 173 -20.72 -1.38 -106.57
N ALA A 174 -21.06 -2.65 -106.84
CA ALA A 174 -21.66 -3.53 -105.85
C ALA A 174 -20.70 -3.78 -104.68
N ALA A 175 -19.42 -3.99 -104.97
CA ALA A 175 -18.39 -4.14 -103.95
C ALA A 175 -18.24 -2.87 -103.10
N ASP A 176 -18.40 -1.68 -103.67
CA ASP A 176 -18.41 -0.43 -102.90
C ASP A 176 -19.60 -0.35 -101.92
N LEU A 177 -20.79 -0.84 -102.30
CA LEU A 177 -21.88 -1.00 -101.34
C LEU A 177 -21.56 -2.08 -100.28
N GLY A 178 -20.75 -3.08 -100.65
CA GLY A 178 -20.13 -4.00 -99.70
C GLY A 178 -19.16 -3.31 -98.73
N GLN A 179 -18.33 -2.38 -99.22
CA GLN A 179 -17.46 -1.55 -98.37
C GLN A 179 -18.28 -0.68 -97.40
N ALA A 180 -19.45 -0.22 -97.84
CA ALA A 180 -20.44 0.46 -96.99
C ALA A 180 -21.21 -0.47 -96.03
N GLY A 181 -21.00 -1.79 -96.08
CA GLY A 181 -21.60 -2.76 -95.18
C GLY A 181 -23.09 -3.05 -95.44
N ILE A 182 -23.59 -2.71 -96.62
CA ILE A 182 -24.98 -2.92 -97.03
C ILE A 182 -25.27 -4.43 -97.12
N SER A 183 -26.46 -4.89 -96.72
CA SER A 183 -26.81 -6.31 -96.83
C SER A 183 -26.89 -6.75 -98.30
N SER A 184 -26.63 -8.03 -98.59
CA SER A 184 -26.73 -8.57 -99.96
C SER A 184 -28.09 -8.27 -100.59
N SER A 185 -29.17 -8.40 -99.82
CA SER A 185 -30.51 -8.03 -100.24
C SER A 185 -30.57 -6.57 -100.67
N GLU A 186 -30.11 -5.66 -99.82
CA GLU A 186 -30.14 -4.23 -100.13
C GLU A 186 -29.19 -3.86 -101.27
N ILE A 187 -28.02 -4.48 -101.39
CA ILE A 187 -27.18 -4.32 -102.57
C ILE A 187 -27.98 -4.74 -103.80
N THR A 188 -28.63 -5.89 -103.75
CA THR A 188 -29.42 -6.40 -104.88
C THR A 188 -30.52 -5.41 -105.25
N ALA A 189 -31.26 -4.92 -104.26
CA ALA A 189 -32.27 -3.91 -104.48
C ALA A 189 -31.66 -2.66 -105.12
N LEU A 190 -30.54 -2.17 -104.59
CA LEU A 190 -29.89 -0.98 -105.12
C LEU A 190 -29.41 -1.21 -106.55
N LEU A 191 -28.90 -2.40 -106.87
CA LEU A 191 -28.55 -2.75 -108.24
C LEU A 191 -29.80 -2.71 -109.12
N LEU A 192 -30.88 -3.38 -108.70
CA LEU A 192 -32.14 -3.37 -109.45
C LEU A 192 -32.64 -1.94 -109.67
N ALA A 193 -32.56 -1.11 -108.63
CA ALA A 193 -33.01 0.28 -108.69
C ALA A 193 -32.14 1.10 -109.65
N ALA A 194 -30.83 1.08 -109.47
CA ALA A 194 -29.92 1.81 -110.33
C ALA A 194 -30.09 1.39 -111.79
N ALA A 195 -30.29 0.09 -112.03
CA ALA A 195 -30.56 -0.42 -113.36
C ALA A 195 -31.88 0.14 -113.90
N ALA A 196 -32.97 0.05 -113.13
CA ALA A 196 -34.25 0.63 -113.54
C ALA A 196 -34.12 2.14 -113.81
N ILE A 197 -33.29 2.85 -113.05
CA ILE A 197 -33.07 4.28 -113.21
C ILE A 197 -32.29 4.57 -114.49
N GLU A 198 -31.19 3.88 -114.75
CA GLU A 198 -30.46 4.07 -115.99
C GLU A 198 -31.34 3.68 -117.20
N LEU A 199 -32.15 2.64 -117.05
CA LEU A 199 -33.15 2.28 -118.06
C LEU A 199 -34.19 3.38 -118.24
N ALA A 200 -34.66 4.02 -117.18
CA ALA A 200 -35.54 5.19 -117.29
C ALA A 200 -34.82 6.36 -117.98
N LYS A 201 -33.53 6.55 -117.68
CA LYS A 201 -32.66 7.49 -118.41
C LYS A 201 -32.41 7.07 -119.86
N ARG A 202 -32.88 5.88 -120.24
CA ARG A 202 -32.90 5.34 -121.61
C ARG A 202 -34.34 5.02 -122.05
N ALA A 203 -35.34 5.59 -121.39
CA ALA A 203 -36.76 5.48 -121.70
C ALA A 203 -37.48 6.79 -121.32
N ASP A 204 -37.64 7.68 -122.29
CA ASP A 204 -38.17 9.05 -122.10
C ASP A 204 -39.66 9.10 -121.72
N ASP A 205 -40.37 7.98 -121.83
CA ASP A 205 -41.82 7.92 -121.66
C ASP A 205 -42.28 8.28 -120.25
N LYS A 206 -43.17 9.29 -120.14
CA LYS A 206 -43.79 9.69 -118.88
C LYS A 206 -44.50 8.52 -118.18
N ASP A 207 -45.15 7.60 -118.88
CA ASP A 207 -45.80 6.46 -118.23
C ASP A 207 -44.80 5.50 -117.58
N VAL A 208 -43.71 5.17 -118.27
CA VAL A 208 -42.61 4.40 -117.67
C VAL A 208 -42.04 5.16 -116.48
N ARG A 209 -41.90 6.48 -116.61
CA ARG A 209 -41.37 7.33 -115.54
C ARG A 209 -42.31 7.42 -114.33
N GLU A 210 -43.62 7.43 -114.54
CA GLU A 210 -44.60 7.28 -113.46
C GLU A 210 -44.44 5.94 -112.75
N ILE A 211 -44.33 4.84 -113.51
CA ILE A 211 -44.13 3.51 -112.94
C ILE A 211 -42.85 3.50 -112.09
N VAL A 212 -41.74 4.01 -112.64
CA VAL A 212 -40.45 4.03 -111.94
C VAL A 212 -40.52 4.92 -110.70
N ARG A 213 -41.17 6.10 -110.79
CA ARG A 213 -41.45 6.94 -109.62
C ARG A 213 -42.17 6.12 -108.56
N ASP A 214 -43.28 5.50 -108.94
CA ASP A 214 -44.14 4.80 -107.98
C ASP A 214 -43.43 3.61 -107.34
N ALA A 215 -42.66 2.85 -108.13
CA ALA A 215 -41.86 1.77 -107.60
C ALA A 215 -40.79 2.29 -106.62
N LEU A 216 -40.06 3.35 -106.99
CA LEU A 216 -39.02 3.90 -106.12
C LEU A 216 -39.62 4.57 -104.88
N GLU A 217 -40.76 5.22 -104.98
CA GLU A 217 -41.50 5.72 -103.83
C GLU A 217 -41.87 4.56 -102.90
N LEU A 218 -42.54 3.53 -103.42
CA LEU A 218 -42.94 2.38 -102.63
C LEU A 218 -41.73 1.73 -101.95
N ALA A 219 -40.62 1.56 -102.68
CA ALA A 219 -39.39 1.00 -102.15
C ALA A 219 -38.76 1.92 -101.08
N SER A 220 -38.86 3.24 -101.24
CA SER A 220 -38.37 4.19 -100.24
C SER A 220 -39.22 4.18 -98.97
N ARG A 221 -40.55 4.04 -99.10
CA ARG A 221 -41.50 4.03 -97.98
C ARG A 221 -41.51 2.72 -97.20
N SER A 222 -41.53 1.60 -97.92
CA SER A 222 -41.61 0.25 -97.34
C SER A 222 -40.24 -0.30 -96.91
N THR A 223 -40.24 -1.49 -96.29
CA THR A 223 -39.00 -2.18 -95.84
C THR A 223 -38.96 -3.68 -96.17
N ASN A 224 -40.03 -4.26 -96.72
CA ASN A 224 -40.08 -5.69 -97.06
C ASN A 224 -39.25 -6.02 -98.31
N ASP A 225 -38.21 -6.83 -98.14
CA ASP A 225 -37.28 -7.19 -99.22
C ASP A 225 -37.95 -7.85 -100.42
N GLU A 226 -38.97 -8.68 -100.21
CA GLU A 226 -39.69 -9.35 -101.30
C GLU A 226 -40.54 -8.36 -102.07
N VAL A 227 -41.28 -7.48 -101.38
CA VAL A 227 -42.00 -6.39 -102.03
C VAL A 227 -41.05 -5.52 -102.84
N ILE A 228 -39.91 -5.13 -102.25
CA ILE A 228 -38.93 -4.28 -102.93
C ILE A 228 -38.41 -4.97 -104.19
N ARG A 229 -37.94 -6.21 -104.08
CA ARG A 229 -37.42 -6.94 -105.24
C ARG A 229 -38.50 -7.14 -106.31
N LEU A 230 -39.72 -7.51 -105.93
CA LEU A 230 -40.84 -7.61 -106.87
C LEU A 230 -41.12 -6.27 -107.56
N ALA A 231 -41.16 -5.18 -106.81
CA ALA A 231 -41.44 -3.88 -107.36
C ALA A 231 -40.36 -3.47 -108.36
N LEU A 232 -39.09 -3.63 -108.01
CA LEU A 232 -38.01 -3.22 -108.89
C LEU A 232 -37.89 -4.14 -110.10
N GLU A 233 -38.17 -5.44 -109.95
CA GLU A 233 -38.31 -6.35 -111.09
C GLU A 233 -39.45 -5.89 -112.01
N ALA A 234 -40.60 -5.52 -111.46
CA ALA A 234 -41.69 -4.95 -112.26
C ALA A 234 -41.26 -3.66 -112.96
N ALA A 235 -40.48 -2.80 -112.30
CA ALA A 235 -39.97 -1.57 -112.90
C ALA A 235 -39.04 -1.87 -114.09
N VAL A 236 -38.13 -2.85 -113.94
CA VAL A 236 -37.27 -3.31 -115.04
C VAL A 236 -38.12 -3.89 -116.17
N LEU A 237 -39.14 -4.71 -115.86
CA LEU A 237 -40.01 -5.29 -116.88
C LEU A 237 -40.83 -4.22 -117.61
N ALA A 238 -41.29 -3.18 -116.92
CA ALA A 238 -41.96 -2.04 -117.54
C ALA A 238 -41.01 -1.24 -118.46
N ALA A 239 -39.70 -1.25 -118.19
CA ALA A 239 -38.70 -0.65 -119.08
C ALA A 239 -38.30 -1.57 -120.25
N ARG A 240 -38.30 -2.90 -120.07
CA ARG A 240 -37.98 -3.89 -121.10
C ARG A 240 -39.14 -4.16 -122.07
N SER A 241 -40.38 -4.17 -121.57
CA SER A 241 -41.60 -4.19 -122.39
C SER A 241 -41.96 -2.80 -122.93
N THR A 242 -42.78 -2.74 -123.98
CA THR A 242 -43.17 -1.48 -124.66
C THR A 242 -44.66 -1.44 -125.01
N ASP A 243 -45.48 -2.22 -124.30
CA ASP A 243 -46.91 -2.41 -124.62
C ASP A 243 -47.80 -1.64 -123.64
N SER A 244 -48.69 -0.81 -124.18
CA SER A 244 -49.68 -0.06 -123.41
C SER A 244 -50.51 -0.95 -122.47
N ASP A 245 -50.87 -2.17 -122.87
CA ASP A 245 -51.58 -3.09 -121.97
C ASP A 245 -50.73 -3.48 -120.75
N VAL A 246 -49.45 -3.78 -120.94
CA VAL A 246 -48.54 -4.09 -119.83
C VAL A 246 -48.33 -2.85 -118.96
N LEU A 247 -48.18 -1.67 -119.58
CA LEU A 247 -48.05 -0.41 -118.84
C LEU A 247 -49.30 -0.10 -118.01
N GLU A 248 -50.50 -0.29 -118.56
CA GLU A 248 -51.74 -0.20 -117.80
C GLU A 248 -51.78 -1.19 -116.64
N ILE A 249 -51.50 -2.48 -116.88
CA ILE A 249 -51.53 -3.52 -115.86
C ILE A 249 -50.56 -3.19 -114.72
N VAL A 250 -49.32 -2.83 -115.04
CA VAL A 250 -48.33 -2.47 -114.02
C VAL A 250 -48.76 -1.21 -113.29
N LYS A 251 -49.22 -0.16 -113.98
CA LYS A 251 -49.66 1.08 -113.33
C LYS A 251 -50.86 0.82 -112.42
N ASP A 252 -51.84 0.04 -112.88
CA ASP A 252 -52.98 -0.34 -112.07
C ASP A 252 -52.55 -1.15 -110.85
N ALA A 253 -51.63 -2.09 -111.01
CA ALA A 253 -51.11 -2.86 -109.89
C ALA A 253 -50.39 -1.96 -108.88
N LEU A 254 -49.57 -1.01 -109.33
CA LEU A 254 -48.90 -0.05 -108.46
C LEU A 254 -49.90 0.94 -107.82
N GLU A 255 -50.95 1.34 -108.52
CA GLU A 255 -52.02 2.14 -107.93
C GLU A 255 -52.72 1.37 -106.82
N LEU A 256 -53.12 0.12 -107.07
CA LEU A 256 -53.70 -0.75 -106.06
C LEU A 256 -52.74 -0.93 -104.87
N ALA A 257 -51.45 -1.12 -105.12
CA ALA A 257 -50.44 -1.26 -104.08
C ALA A 257 -50.26 0.03 -103.26
N LYS A 258 -50.45 1.22 -103.85
CA LYS A 258 -50.41 2.49 -103.12
C LYS A 258 -51.69 2.75 -102.33
N GLN A 259 -52.85 2.34 -102.87
CA GLN A 259 -54.15 2.50 -102.21
C GLN A 259 -54.37 1.51 -101.06
N SER A 260 -53.94 0.26 -101.22
CA SER A 260 -53.99 -0.77 -100.18
C SER A 260 -52.84 -0.65 -99.17
N THR A 261 -52.94 -1.34 -98.02
CA THR A 261 -51.95 -1.29 -96.93
C THR A 261 -51.54 -2.68 -96.40
N ASN A 262 -51.77 -3.74 -97.17
CA ASN A 262 -51.46 -5.13 -96.80
C ASN A 262 -50.32 -5.71 -97.67
N GLU A 263 -49.25 -6.21 -97.05
CA GLU A 263 -48.07 -6.69 -97.76
C GLU A 263 -48.35 -7.93 -98.64
N GLU A 264 -49.24 -8.84 -98.23
CA GLU A 264 -49.59 -10.00 -99.04
C GLU A 264 -50.34 -9.58 -100.32
N VAL A 265 -51.29 -8.65 -100.20
CA VAL A 265 -52.00 -8.05 -101.35
C VAL A 265 -51.01 -7.35 -102.29
N ILE A 266 -50.07 -6.57 -101.75
CA ILE A 266 -49.05 -5.88 -102.56
C ILE A 266 -48.20 -6.91 -103.31
N LYS A 267 -47.68 -7.93 -102.64
CA LYS A 267 -46.90 -9.00 -103.30
C LYS A 267 -47.72 -9.71 -104.37
N LEU A 268 -48.98 -10.06 -104.09
CA LEU A 268 -49.86 -10.70 -105.06
C LEU A 268 -50.08 -9.82 -106.29
N ALA A 269 -50.41 -8.54 -106.10
CA ALA A 269 -50.63 -7.61 -107.19
C ALA A 269 -49.37 -7.45 -108.05
N LEU A 270 -48.21 -7.25 -107.41
CA LEU A 270 -46.94 -7.17 -108.11
C LEU A 270 -46.63 -8.47 -108.86
N LYS A 271 -46.82 -9.63 -108.24
CA LYS A 271 -46.57 -10.92 -108.88
C LYS A 271 -47.49 -11.13 -110.09
N ALA A 272 -48.78 -10.82 -109.96
CA ALA A 272 -49.72 -10.91 -111.07
C ALA A 272 -49.27 -10.01 -112.24
N ALA A 273 -48.90 -8.76 -111.96
CA ALA A 273 -48.38 -7.85 -112.98
C ALA A 273 -47.05 -8.33 -113.59
N VAL A 274 -46.15 -8.91 -112.80
CA VAL A 274 -44.88 -9.50 -113.28
C VAL A 274 -45.16 -10.65 -114.24
N LEU A 275 -46.06 -11.57 -113.88
CA LEU A 275 -46.43 -12.68 -114.74
C LEU A 275 -47.09 -12.20 -116.04
N ALA A 276 -47.95 -11.18 -115.98
CA ALA A 276 -48.51 -10.55 -117.16
C ALA A 276 -47.41 -9.92 -118.05
N ALA A 277 -46.48 -9.15 -117.48
CA ALA A 277 -45.39 -8.52 -118.21
C ALA A 277 -44.44 -9.53 -118.87
N LYS A 278 -44.26 -10.71 -118.27
CA LYS A 278 -43.52 -11.85 -118.85
C LYS A 278 -44.31 -12.66 -119.88
N SER A 279 -45.63 -12.52 -119.95
CA SER A 279 -46.48 -13.23 -120.91
C SER A 279 -46.32 -12.70 -122.36
N THR A 280 -46.76 -13.48 -123.34
CA THR A 280 -46.84 -13.09 -124.76
C THR A 280 -48.22 -13.46 -125.33
N ASP A 281 -49.28 -13.14 -124.59
CA ASP A 281 -50.66 -13.50 -124.94
C ASP A 281 -51.66 -12.45 -124.43
N GLU A 282 -52.36 -11.79 -125.35
CA GLU A 282 -53.35 -10.75 -125.04
C GLU A 282 -54.49 -11.25 -124.15
N GLU A 283 -54.85 -12.54 -124.21
CA GLU A 283 -55.86 -13.10 -123.31
C GLU A 283 -55.31 -13.24 -121.87
N VAL A 284 -54.02 -13.52 -121.72
CA VAL A 284 -53.36 -13.53 -120.40
C VAL A 284 -53.31 -12.12 -119.84
N LEU A 285 -52.97 -11.12 -120.68
CA LEU A 285 -53.05 -9.71 -120.30
C LEU A 285 -54.47 -9.32 -119.90
N GLU A 286 -55.48 -9.67 -120.69
CA GLU A 286 -56.88 -9.38 -120.37
C GLU A 286 -57.35 -10.02 -119.06
N GLU A 287 -57.11 -11.31 -118.81
CA GLU A 287 -57.57 -11.94 -117.56
C GLU A 287 -56.87 -11.34 -116.33
N VAL A 288 -55.56 -11.06 -116.40
CA VAL A 288 -54.89 -10.39 -115.28
C VAL A 288 -55.43 -8.97 -115.11
N LYS A 289 -55.65 -8.21 -116.19
CA LYS A 289 -56.25 -6.86 -116.12
C LYS A 289 -57.66 -6.93 -115.51
N GLU A 290 -58.46 -7.93 -115.86
CA GLU A 290 -59.78 -8.13 -115.28
C GLU A 290 -59.69 -8.57 -113.80
N ALA A 291 -58.76 -9.43 -113.42
CA ALA A 291 -58.53 -9.76 -112.02
C ALA A 291 -58.17 -8.51 -111.20
N LEU A 292 -57.28 -7.65 -111.72
CA LEU A 292 -56.98 -6.35 -111.13
C LEU A 292 -58.21 -5.44 -111.11
N ARG A 293 -59.03 -5.40 -112.16
CA ARG A 293 -60.27 -4.60 -112.17
C ARG A 293 -61.25 -5.09 -111.10
N ARG A 294 -61.45 -6.39 -110.95
CA ARG A 294 -62.23 -6.98 -109.86
C ARG A 294 -61.66 -6.54 -108.51
N ALA A 295 -60.34 -6.63 -108.34
CA ALA A 295 -59.67 -6.18 -107.12
C ALA A 295 -59.84 -4.67 -106.85
N LYS A 296 -59.84 -3.82 -107.89
CA LYS A 296 -60.03 -2.37 -107.79
C LYS A 296 -61.49 -1.98 -107.49
N GLU A 297 -62.46 -2.65 -108.12
CA GLU A 297 -63.88 -2.36 -107.93
C GLU A 297 -64.47 -2.93 -106.63
N SER A 298 -63.97 -4.09 -106.18
CA SER A 298 -64.40 -4.71 -104.91
C SER A 298 -63.84 -3.99 -103.68
N THR A 299 -64.57 -4.07 -102.55
CA THR A 299 -64.16 -3.45 -101.26
C THR A 299 -63.46 -4.46 -100.34
N ASP A 300 -63.86 -5.73 -100.34
CA ASP A 300 -63.32 -6.76 -99.44
C ASP A 300 -61.91 -7.23 -99.85
N GLU A 301 -60.92 -7.05 -98.97
CA GLU A 301 -59.55 -7.51 -99.19
C GLU A 301 -59.45 -9.03 -99.41
N GLU A 302 -60.39 -9.82 -98.89
CA GLU A 302 -60.41 -11.27 -99.15
C GLU A 302 -60.80 -11.59 -100.60
N GLU A 303 -61.64 -10.78 -101.25
CA GLU A 303 -61.90 -10.91 -102.69
C GLU A 303 -60.70 -10.47 -103.53
N ILE A 304 -59.99 -9.41 -103.10
CA ILE A 304 -58.72 -8.99 -103.72
C ILE A 304 -57.70 -10.13 -103.67
N LYS A 305 -57.48 -10.73 -102.50
CA LYS A 305 -56.57 -11.87 -102.33
C LYS A 305 -56.96 -13.04 -103.23
N GLU A 306 -58.23 -13.46 -103.21
CA GLU A 306 -58.68 -14.63 -103.99
C GLU A 306 -58.62 -14.41 -105.51
N GLU A 307 -59.02 -13.25 -106.03
CA GLU A 307 -58.90 -12.97 -107.47
C GLU A 307 -57.44 -12.95 -107.92
N LEU A 308 -56.56 -12.26 -107.18
CA LEU A 308 -55.14 -12.23 -107.51
C LEU A 308 -54.49 -13.61 -107.32
N ARG A 309 -54.89 -14.40 -106.32
CA ARG A 309 -54.43 -15.78 -106.13
C ARG A 309 -54.81 -16.64 -107.32
N LYS A 310 -56.07 -16.63 -107.75
CA LYS A 310 -56.52 -17.41 -108.92
C LYS A 310 -55.79 -16.99 -110.19
N ALA A 311 -55.60 -15.69 -110.41
CA ALA A 311 -54.84 -15.18 -111.54
C ALA A 311 -53.38 -15.64 -111.52
N VAL A 312 -52.70 -15.59 -110.37
CA VAL A 312 -51.33 -16.09 -110.20
C VAL A 312 -51.27 -17.60 -110.41
N GLU A 313 -52.19 -18.38 -109.83
CA GLU A 313 -52.22 -19.84 -109.99
C GLU A 313 -52.53 -20.27 -111.44
N GLU A 314 -53.23 -19.45 -112.23
CA GLU A 314 -53.45 -19.68 -113.66
C GLU A 314 -52.23 -19.28 -114.52
N ALA A 315 -51.54 -18.18 -114.18
CA ALA A 315 -50.47 -17.60 -114.99
C ALA A 315 -49.04 -18.13 -114.72
N GLU A 316 -48.76 -18.67 -113.52
CA GLU A 316 -47.41 -19.13 -113.11
C GLU A 316 -46.89 -20.37 -113.86
N CYS B 3 -22.38 1.98 -115.83
CA CYS B 3 -22.68 1.69 -114.41
C CYS B 3 -22.92 2.92 -113.51
N ASP B 4 -22.90 4.16 -114.01
CA ASP B 4 -22.89 5.40 -113.20
C ASP B 4 -24.06 5.52 -112.21
N ALA B 5 -25.25 5.03 -112.60
CA ALA B 5 -26.42 5.03 -111.73
C ALA B 5 -26.19 4.28 -110.42
N ILE B 6 -25.40 3.20 -110.44
CA ILE B 6 -25.00 2.49 -109.23
C ILE B 6 -23.95 3.31 -108.49
N GLN B 7 -22.96 3.88 -109.19
CA GLN B 7 -21.86 4.58 -108.54
C GLN B 7 -22.35 5.82 -107.78
N ALA B 8 -23.40 6.48 -108.26
CA ALA B 8 -24.08 7.52 -107.50
C ALA B 8 -24.65 6.96 -106.17
N ALA B 9 -25.30 5.79 -106.20
CA ALA B 9 -25.75 5.13 -104.97
C ALA B 9 -24.57 4.73 -104.08
N ALA B 10 -23.45 4.27 -104.66
CA ALA B 10 -22.25 3.96 -103.90
C ALA B 10 -21.67 5.21 -103.22
N ALA B 11 -21.70 6.37 -103.88
CA ALA B 11 -21.30 7.63 -103.26
C ALA B 11 -22.20 7.97 -102.04
N LEU B 12 -23.52 7.73 -102.14
CA LEU B 12 -24.43 7.89 -101.01
C LEU B 12 -24.15 6.85 -99.90
N GLY B 13 -23.75 5.64 -100.25
CA GLY B 13 -23.28 4.63 -99.30
C GLY B 13 -22.01 5.05 -98.57
N GLU B 14 -21.03 5.63 -99.28
CA GLU B 14 -19.81 6.19 -98.68
C GLU B 14 -20.10 7.40 -97.79
N ALA B 15 -21.11 8.20 -98.14
CA ALA B 15 -21.65 9.26 -97.27
C ALA B 15 -22.43 8.72 -96.06
N GLY B 16 -22.64 7.40 -95.94
CA GLY B 16 -23.30 6.76 -94.82
C GLY B 16 -24.83 6.87 -94.84
N ILE B 17 -25.43 7.20 -95.99
CA ILE B 17 -26.88 7.31 -96.14
C ILE B 17 -27.54 5.94 -95.97
N SER B 18 -28.60 5.84 -95.16
CA SER B 18 -29.33 4.58 -94.95
C SER B 18 -30.14 4.18 -96.18
N SER B 19 -30.39 2.88 -96.37
CA SER B 19 -30.91 2.35 -97.64
C SER B 19 -32.23 2.98 -98.08
N ASN B 20 -33.20 3.16 -97.17
CA ASN B 20 -34.45 3.86 -97.50
C ASN B 20 -34.20 5.29 -97.98
N GLU B 21 -33.22 5.99 -97.40
CA GLU B 21 -32.86 7.34 -97.81
C GLU B 21 -32.04 7.36 -99.10
N ILE B 22 -31.22 6.34 -99.37
CA ILE B 22 -30.63 6.17 -100.69
C ILE B 22 -31.76 6.01 -101.70
N LEU B 23 -32.72 5.12 -101.44
CA LEU B 23 -33.86 4.90 -102.32
C LEU B 23 -34.67 6.18 -102.50
N GLU B 24 -34.85 6.98 -101.46
CA GLU B 24 -35.51 8.28 -101.60
C GLU B 24 -34.71 9.21 -102.52
N LEU B 25 -33.40 9.33 -102.32
CA LEU B 25 -32.58 10.22 -103.15
C LEU B 25 -32.48 9.71 -104.58
N LEU B 26 -32.51 8.40 -104.78
CA LEU B 26 -32.69 7.80 -106.09
C LEU B 26 -34.09 8.11 -106.65
N ALA B 27 -35.15 8.06 -105.85
CA ALA B 27 -36.49 8.42 -106.30
C ALA B 27 -36.54 9.88 -106.74
N ALA B 28 -35.88 10.78 -106.00
CA ALA B 28 -35.69 12.17 -106.39
C ALA B 28 -34.91 12.25 -107.70
N ALA B 29 -33.82 11.50 -107.84
CA ALA B 29 -33.05 11.46 -109.07
C ALA B 29 -33.91 11.06 -110.26
N ALA B 30 -34.75 10.03 -110.12
CA ALA B 30 -35.66 9.60 -111.16
C ALA B 30 -36.75 10.65 -111.47
N GLU B 31 -37.29 11.30 -110.43
CA GLU B 31 -38.31 12.34 -110.59
C GLU B 31 -37.78 13.56 -111.34
N LEU B 32 -36.70 14.14 -110.83
CA LEU B 32 -36.12 15.37 -111.38
C LEU B 32 -35.24 15.11 -112.61
N GLY B 33 -34.80 13.87 -112.82
CA GLY B 33 -33.75 13.56 -113.79
C GLY B 33 -32.38 14.06 -113.36
N LEU B 34 -32.01 13.91 -112.08
CA LEU B 34 -30.76 14.45 -111.53
C LEU B 34 -29.52 13.87 -112.22
N ASP B 35 -28.57 14.73 -112.56
CA ASP B 35 -27.23 14.32 -112.98
C ASP B 35 -26.45 13.70 -111.81
N PRO B 36 -25.49 12.80 -112.07
CA PRO B 36 -24.64 12.23 -111.02
C PRO B 36 -23.97 13.31 -110.18
N ASP B 37 -23.58 14.43 -110.78
CA ASP B 37 -23.01 15.57 -110.06
C ASP B 37 -24.03 16.20 -109.09
N ALA B 38 -25.31 16.30 -109.48
CA ALA B 38 -26.36 16.79 -108.58
C ALA B 38 -26.64 15.78 -107.45
N ILE B 39 -26.60 14.48 -107.75
CA ILE B 39 -26.70 13.46 -106.70
C ILE B 39 -25.46 13.54 -105.78
N GLN B 40 -24.27 13.81 -106.30
CA GLN B 40 -23.07 14.03 -105.48
C GLN B 40 -23.21 15.28 -104.60
N ALA B 41 -23.82 16.35 -105.12
CA ALA B 41 -24.16 17.51 -104.29
C ALA B 41 -25.11 17.09 -103.15
N ALA B 42 -26.13 16.28 -103.44
CA ALA B 42 -26.99 15.71 -102.39
C ALA B 42 -26.17 14.89 -101.39
N ALA B 43 -25.22 14.08 -101.85
CA ALA B 43 -24.35 13.32 -100.97
C ALA B 43 -23.52 14.23 -100.05
N GLN B 44 -22.95 15.31 -100.59
CA GLN B 44 -22.19 16.28 -99.80
C GLN B 44 -23.06 17.05 -98.81
N LEU B 45 -24.30 17.38 -99.18
CA LEU B 45 -25.29 17.93 -98.23
C LEU B 45 -25.68 16.89 -97.16
N GLY B 46 -25.67 15.61 -97.51
CA GLY B 46 -25.81 14.49 -96.56
C GLY B 46 -24.62 14.34 -95.61
N GLU B 47 -23.38 14.55 -96.09
CA GLU B 47 -22.19 14.66 -95.23
C GLU B 47 -22.24 15.90 -94.32
N ALA B 48 -22.85 16.99 -94.77
CA ALA B 48 -23.22 18.13 -93.94
C ALA B 48 -24.40 17.84 -92.99
N GLY B 49 -24.99 16.63 -93.03
CA GLY B 49 -26.04 16.15 -92.13
C GLY B 49 -27.46 16.63 -92.47
N ILE B 50 -27.65 17.30 -93.61
CA ILE B 50 -28.94 17.92 -93.99
C ILE B 50 -29.99 16.84 -94.32
N SER B 51 -31.26 17.10 -94.03
CA SER B 51 -32.38 16.22 -94.37
C SER B 51 -32.50 16.02 -95.88
N SER B 52 -32.60 14.74 -96.27
CA SER B 52 -32.87 14.33 -97.65
C SER B 52 -34.10 15.02 -98.25
N GLU B 53 -35.14 15.21 -97.44
CA GLU B 53 -36.39 15.79 -97.90
C GLU B 53 -36.16 17.24 -98.30
N GLU B 54 -35.59 18.05 -97.40
CA GLU B 54 -35.25 19.42 -97.75
C GLU B 54 -34.24 19.46 -98.89
N ILE B 55 -33.26 18.56 -98.95
CA ILE B 55 -32.36 18.50 -100.10
C ILE B 55 -33.18 18.35 -101.38
N LYS B 56 -34.13 17.42 -101.39
CA LYS B 56 -35.01 17.20 -102.55
C LYS B 56 -35.77 18.47 -102.88
N GLU B 57 -36.38 19.11 -101.90
CA GLU B 57 -37.08 20.36 -102.15
C GLU B 57 -36.13 21.45 -102.64
N LEU B 58 -34.88 21.48 -102.17
CA LEU B 58 -33.90 22.47 -102.59
C LEU B 58 -33.49 22.22 -104.03
N LEU B 59 -33.22 20.97 -104.39
CA LEU B 59 -32.94 20.61 -105.77
C LEU B 59 -34.16 20.91 -106.64
N ARG B 60 -35.38 20.65 -106.15
CA ARG B 60 -36.62 21.01 -106.82
C ARG B 60 -36.70 22.50 -107.04
N ALA B 61 -36.34 23.31 -106.04
CA ALA B 61 -36.28 24.75 -106.22
C ALA B 61 -35.23 25.15 -107.25
N ALA B 62 -34.01 24.59 -107.19
CA ALA B 62 -32.97 24.87 -108.17
C ALA B 62 -33.39 24.53 -109.60
N HIS B 63 -34.14 23.42 -109.75
CA HIS B 63 -34.73 22.98 -111.01
C HIS B 63 -35.83 23.94 -111.48
N GLU B 64 -36.72 24.38 -110.58
CA GLU B 64 -37.74 25.39 -110.88
C GLU B 64 -37.13 26.75 -111.24
N LEU B 65 -35.99 27.11 -110.64
CA LEU B 65 -35.22 28.31 -110.95
C LEU B 65 -34.47 28.20 -112.30
N GLY B 66 -34.20 26.99 -112.77
CA GLY B 66 -33.39 26.78 -113.98
C GLY B 66 -31.92 27.16 -113.80
N LEU B 67 -31.34 26.92 -112.62
CA LEU B 67 -29.95 27.27 -112.31
C LEU B 67 -28.93 26.48 -113.13
N ASP B 68 -27.72 27.03 -113.30
CA ASP B 68 -26.61 26.33 -113.94
C ASP B 68 -25.98 25.27 -113.01
N PRO B 69 -25.39 24.20 -113.59
CA PRO B 69 -24.76 23.13 -112.81
C PRO B 69 -23.68 23.60 -111.84
N ASP B 70 -22.89 24.64 -112.18
CA ASP B 70 -21.82 25.11 -111.31
C ASP B 70 -22.39 25.73 -110.02
N ALA B 71 -23.43 26.56 -110.12
CA ALA B 71 -24.13 27.04 -108.95
C ALA B 71 -24.75 25.88 -108.15
N ILE B 72 -25.37 24.92 -108.83
CA ILE B 72 -25.96 23.76 -108.14
C ILE B 72 -24.88 22.99 -107.38
N ALA B 73 -23.71 22.77 -107.98
CA ALA B 73 -22.58 22.17 -107.27
C ALA B 73 -22.14 23.08 -106.11
N ALA B 74 -22.05 24.38 -106.34
CA ALA B 74 -21.70 25.32 -105.29
C ALA B 74 -22.69 25.29 -104.13
N ALA B 75 -23.94 24.83 -104.32
CA ALA B 75 -24.86 24.64 -103.21
C ALA B 75 -24.30 23.65 -102.19
N ALA B 76 -23.57 22.63 -102.63
CA ALA B 76 -22.89 21.72 -101.72
C ALA B 76 -21.66 22.37 -101.06
N ASP B 77 -21.01 23.32 -101.72
CA ASP B 77 -19.97 24.11 -101.06
C ASP B 77 -20.58 24.97 -99.94
N LEU B 78 -21.71 25.62 -100.19
CA LEU B 78 -22.46 26.34 -99.16
C LEU B 78 -22.90 25.39 -98.03
N GLY B 79 -23.25 24.14 -98.37
CA GLY B 79 -23.52 23.08 -97.40
C GLY B 79 -22.31 22.76 -96.52
N GLN B 80 -21.13 22.57 -97.12
CA GLN B 80 -19.88 22.33 -96.39
C GLN B 80 -19.48 23.55 -95.54
N ALA B 81 -19.79 24.76 -96.00
CA ALA B 81 -19.63 26.00 -95.24
C ALA B 81 -20.61 26.13 -94.05
N GLY B 82 -21.61 25.23 -93.93
CA GLY B 82 -22.57 25.22 -92.82
C GLY B 82 -23.70 26.24 -92.94
N VAL B 83 -23.94 26.80 -94.13
CA VAL B 83 -25.02 27.76 -94.38
C VAL B 83 -26.39 27.15 -94.07
N SER B 84 -27.31 27.92 -93.50
CA SER B 84 -28.66 27.41 -93.21
C SER B 84 -29.33 26.90 -94.48
N PRO B 85 -30.12 25.81 -94.42
CA PRO B 85 -30.76 25.24 -95.60
C PRO B 85 -31.53 26.28 -96.40
N VAL B 86 -32.31 27.11 -95.71
CA VAL B 86 -33.01 28.21 -96.36
C VAL B 86 -32.01 29.20 -96.92
N GLU B 87 -30.97 29.55 -96.18
CA GLU B 87 -29.96 30.52 -96.64
C GLU B 87 -29.24 30.04 -97.89
N ILE B 88 -29.06 28.73 -98.06
CA ILE B 88 -28.55 28.23 -99.33
C ILE B 88 -29.50 28.69 -100.43
N LEU B 89 -30.80 28.44 -100.28
CA LEU B 89 -31.77 28.84 -101.27
C LEU B 89 -31.78 30.35 -101.46
N ALA B 90 -31.65 31.10 -100.38
CA ALA B 90 -31.58 32.54 -100.48
C ALA B 90 -30.37 32.94 -101.34
N LEU B 91 -29.19 32.40 -101.06
CA LEU B 91 -28.00 32.73 -101.82
C LEU B 91 -28.13 32.31 -103.27
N LEU B 92 -28.69 31.14 -103.52
CA LEU B 92 -28.95 30.70 -104.89
C LEU B 92 -29.90 31.67 -105.60
N ILE B 93 -31.04 31.99 -104.98
CA ILE B 93 -32.00 32.90 -105.58
C ILE B 93 -31.33 34.25 -105.81
N ALA B 94 -30.61 34.76 -104.81
CA ALA B 94 -29.95 36.04 -104.92
C ALA B 94 -28.98 36.05 -106.08
N ALA B 95 -28.11 35.04 -106.16
CA ALA B 95 -27.16 34.94 -107.24
C ALA B 95 -27.89 34.98 -108.59
N SER B 96 -28.97 34.21 -108.71
CA SER B 96 -29.73 34.15 -109.95
C SER B 96 -30.36 35.50 -110.30
N VAL B 97 -30.94 36.20 -109.31
CA VAL B 97 -31.58 37.49 -109.54
C VAL B 97 -30.54 38.54 -109.91
N LEU B 98 -29.41 38.55 -109.21
CA LEU B 98 -28.28 39.44 -109.50
C LEU B 98 -27.64 39.15 -110.86
N GLY B 99 -27.81 37.95 -111.39
CA GLY B 99 -27.08 37.50 -112.57
C GLY B 99 -25.58 37.33 -112.30
N LEU B 100 -25.21 36.84 -111.11
CA LEU B 100 -23.82 36.57 -110.74
C LEU B 100 -23.17 35.49 -111.63
N ASP B 101 -21.84 35.50 -111.70
CA ASP B 101 -21.07 34.35 -112.15
C ASP B 101 -20.75 33.40 -110.97
N PRO B 102 -20.41 32.14 -111.25
CA PRO B 102 -20.00 31.18 -110.22
C PRO B 102 -18.83 31.66 -109.36
N ASP B 103 -17.96 32.53 -109.90
CA ASP B 103 -16.87 33.12 -109.13
C ASP B 103 -17.41 34.02 -108.01
N ALA B 104 -18.35 34.91 -108.30
CA ALA B 104 -19.01 35.68 -107.26
C ALA B 104 -19.79 34.78 -106.31
N ILE B 105 -20.37 33.67 -106.79
CA ILE B 105 -20.99 32.69 -105.89
C ILE B 105 -19.93 32.08 -104.97
N GLN B 106 -18.76 31.73 -105.48
CA GLN B 106 -17.68 31.22 -104.63
C GLN B 106 -17.24 32.28 -103.62
N ALA B 107 -17.22 33.56 -103.99
CA ALA B 107 -16.94 34.63 -103.03
C ALA B 107 -18.02 34.67 -101.94
N ALA B 108 -19.29 34.53 -102.30
CA ALA B 108 -20.36 34.36 -101.32
C ALA B 108 -20.12 33.12 -100.45
N ALA B 109 -19.64 32.01 -101.01
CA ALA B 109 -19.32 30.84 -100.22
C ALA B 109 -18.20 31.13 -99.22
N ALA B 110 -17.16 31.84 -99.63
CA ALA B 110 -16.10 32.27 -98.72
C ALA B 110 -16.65 33.16 -97.59
N LEU B 111 -17.55 34.10 -97.89
CA LEU B 111 -18.22 34.88 -96.85
C LEU B 111 -19.06 33.98 -95.92
N GLY B 112 -19.65 32.91 -96.48
CA GLY B 112 -20.35 31.88 -95.73
C GLY B 112 -19.43 31.14 -94.76
N GLU B 113 -18.23 30.77 -95.20
CA GLU B 113 -17.20 30.18 -94.32
C GLU B 113 -16.76 31.18 -93.24
N ALA B 114 -16.70 32.47 -93.57
CA ALA B 114 -16.45 33.53 -92.59
C ALA B 114 -17.61 33.77 -91.61
N GLY B 115 -18.75 33.08 -91.78
CA GLY B 115 -19.91 33.18 -90.88
C GLY B 115 -20.79 34.41 -91.09
N ILE B 116 -20.63 35.12 -92.21
CA ILE B 116 -21.45 36.29 -92.56
C ILE B 116 -22.89 35.84 -92.89
N SER B 117 -23.92 36.56 -92.43
CA SER B 117 -25.31 36.18 -92.72
C SER B 117 -25.67 36.37 -94.18
N ALA B 118 -26.66 35.64 -94.69
CA ALA B 118 -27.09 35.81 -96.09
C ALA B 118 -27.56 37.25 -96.35
N GLU B 119 -28.18 37.93 -95.37
CA GLU B 119 -28.56 39.33 -95.54
C GLU B 119 -27.33 40.20 -95.78
N GLU B 120 -26.29 40.03 -94.98
CA GLU B 120 -25.05 40.77 -95.17
C GLU B 120 -24.41 40.40 -96.51
N ILE B 121 -24.39 39.13 -96.88
CA ILE B 121 -23.83 38.74 -98.17
C ILE B 121 -24.60 39.40 -99.31
N ILE B 122 -25.92 39.30 -99.28
CA ILE B 122 -26.78 39.91 -100.29
C ILE B 122 -26.54 41.42 -100.32
N GLU B 123 -26.44 42.06 -99.16
CA GLU B 123 -26.15 43.49 -99.10
C GLU B 123 -24.79 43.77 -99.74
N LEU B 124 -23.76 43.01 -99.40
CA LEU B 124 -22.43 43.20 -99.98
C LEU B 124 -22.48 43.01 -101.49
N LEU B 125 -23.19 42.00 -101.96
CA LEU B 125 -23.35 41.76 -103.39
C LEU B 125 -24.07 42.94 -104.05
N THR B 126 -25.11 43.44 -103.39
CA THR B 126 -25.88 44.58 -103.87
C THR B 126 -24.99 45.81 -103.96
N ALA B 127 -24.20 46.08 -102.92
CA ALA B 127 -23.28 47.19 -102.91
C ALA B 127 -22.22 47.05 -104.02
N ALA B 128 -21.66 45.85 -104.21
CA ALA B 128 -20.71 45.60 -105.27
C ALA B 128 -21.33 45.91 -106.64
N ARG B 129 -22.58 45.47 -106.86
CA ARG B 129 -23.33 45.75 -108.10
C ARG B 129 -23.58 47.25 -108.28
N ASP B 130 -23.99 47.93 -107.22
CA ASP B 130 -24.20 49.39 -107.23
C ASP B 130 -22.90 50.15 -107.59
N LEU B 131 -21.78 49.78 -106.99
CA LEU B 131 -20.47 50.38 -107.28
C LEU B 131 -19.91 49.94 -108.65
N GLY B 132 -20.47 48.89 -109.26
CA GLY B 132 -19.94 48.31 -110.49
C GLY B 132 -18.59 47.60 -110.29
N LEU B 133 -18.34 47.08 -109.09
CA LEU B 133 -17.11 46.34 -108.76
C LEU B 133 -17.06 44.95 -109.40
N ASP B 134 -15.85 44.47 -109.66
CA ASP B 134 -15.57 43.13 -110.18
C ASP B 134 -15.59 42.05 -109.08
N PRO B 135 -15.70 40.76 -109.43
CA PRO B 135 -15.66 39.66 -108.47
C PRO B 135 -14.40 39.55 -107.61
N ASP B 136 -13.23 39.97 -108.10
CA ASP B 136 -11.99 39.88 -107.30
C ASP B 136 -12.02 40.89 -106.14
N ALA B 137 -12.67 42.04 -106.32
CA ALA B 137 -12.96 42.92 -105.19
C ALA B 137 -13.82 42.20 -104.14
N ILE B 138 -14.81 41.41 -104.57
CA ILE B 138 -15.64 40.62 -103.65
C ILE B 138 -14.80 39.53 -102.95
N GLN B 139 -13.85 38.90 -103.64
CA GLN B 139 -12.92 37.95 -103.02
C GLN B 139 -12.05 38.64 -101.96
N ALA B 140 -11.48 39.80 -102.28
CA ALA B 140 -10.70 40.56 -101.30
C ALA B 140 -11.59 40.98 -100.12
N ALA B 141 -12.85 41.35 -100.36
CA ALA B 141 -13.81 41.61 -99.31
C ALA B 141 -14.06 40.35 -98.45
N ALA B 142 -14.13 39.17 -99.06
CA ALA B 142 -14.25 37.94 -98.30
C ALA B 142 -13.04 37.75 -97.36
N GLN B 143 -11.85 38.13 -97.79
CA GLN B 143 -10.67 38.12 -96.92
C GLN B 143 -10.76 39.17 -95.79
N LEU B 144 -11.36 40.35 -96.02
CA LEU B 144 -11.71 41.27 -94.92
C LEU B 144 -12.73 40.63 -93.97
N GLY B 145 -13.66 39.82 -94.49
CA GLY B 145 -14.57 39.01 -93.69
C GLY B 145 -13.83 37.97 -92.85
N GLU B 146 -12.82 37.29 -93.41
CA GLU B 146 -11.94 36.39 -92.65
C GLU B 146 -11.15 37.13 -91.56
N ALA B 147 -10.81 38.40 -91.80
CA ALA B 147 -10.24 39.29 -90.79
C ALA B 147 -11.26 39.79 -89.74
N GLY B 148 -12.53 39.41 -89.85
CA GLY B 148 -13.58 39.75 -88.87
C GLY B 148 -14.11 41.18 -88.98
N ILE B 149 -13.81 41.90 -90.06
CA ILE B 149 -14.32 43.26 -90.30
C ILE B 149 -15.83 43.20 -90.55
N SER B 150 -16.62 44.11 -89.96
CA SER B 150 -18.08 44.06 -90.10
C SER B 150 -18.57 44.50 -91.48
N SER B 151 -19.80 44.12 -91.84
CA SER B 151 -20.37 44.40 -93.16
C SER B 151 -20.36 45.90 -93.52
N GLU B 152 -20.82 46.77 -92.61
CA GLU B 152 -20.83 48.21 -92.88
C GLU B 152 -19.41 48.76 -93.02
N GLU B 153 -18.47 48.27 -92.23
CA GLU B 153 -17.06 48.65 -92.38
C GLU B 153 -16.54 48.24 -93.75
N ILE B 154 -16.79 47.01 -94.19
CA ILE B 154 -16.41 46.58 -95.55
C ILE B 154 -17.10 47.47 -96.58
N LYS B 155 -18.39 47.77 -96.42
CA LYS B 155 -19.14 48.61 -97.37
C LYS B 155 -18.50 49.99 -97.49
N GLU B 156 -18.17 50.61 -96.37
CA GLU B 156 -17.47 51.88 -96.36
C GLU B 156 -16.08 51.75 -96.97
N LEU B 157 -15.34 50.67 -96.69
CA LEU B 157 -14.02 50.45 -97.29
C LEU B 157 -14.13 50.34 -98.81
N LEU B 158 -15.07 49.54 -99.31
CA LEU B 158 -15.31 49.43 -100.73
C LEU B 158 -15.72 50.77 -101.32
N ARG B 159 -16.60 51.52 -100.64
CA ARG B 159 -16.98 52.87 -101.07
C ARG B 159 -15.77 53.77 -101.20
N ALA B 160 -14.91 53.81 -100.18
CA ALA B 160 -13.68 54.59 -100.22
C ALA B 160 -12.76 54.14 -101.37
N ALA B 161 -12.59 52.82 -101.55
CA ALA B 161 -11.74 52.28 -102.60
C ALA B 161 -12.24 52.70 -103.99
N HIS B 162 -13.56 52.69 -104.20
CA HIS B 162 -14.18 53.15 -105.45
C HIS B 162 -14.06 54.67 -105.64
N GLU B 163 -14.29 55.46 -104.58
CA GLU B 163 -14.13 56.92 -104.63
C GLU B 163 -12.70 57.35 -104.93
N LEU B 164 -11.71 56.60 -104.43
CA LEU B 164 -10.29 56.76 -104.76
C LEU B 164 -9.93 56.18 -106.15
N GLY B 165 -10.69 55.23 -106.68
CA GLY B 165 -10.37 54.52 -107.93
C GLY B 165 -9.19 53.55 -107.78
N LEU B 166 -9.11 52.83 -106.67
CA LEU B 166 -8.03 51.90 -106.37
C LEU B 166 -8.05 50.64 -107.26
N ASP B 167 -6.88 50.01 -107.45
CA ASP B 167 -6.82 48.67 -108.04
C ASP B 167 -7.21 47.59 -107.00
N PRO B 168 -7.67 46.40 -107.42
CA PRO B 168 -8.03 45.32 -106.50
C PRO B 168 -6.91 44.92 -105.52
N ASP B 169 -5.64 45.03 -105.93
CA ASP B 169 -4.48 44.74 -105.07
C ASP B 169 -4.48 45.61 -103.80
N CYS B 170 -5.02 46.82 -103.87
CA CYS B 170 -5.17 47.68 -102.72
C CYS B 170 -6.13 47.08 -101.69
N ILE B 171 -7.21 46.44 -102.15
CA ILE B 171 -8.16 45.78 -101.26
C ILE B 171 -7.50 44.53 -100.66
N ALA B 172 -6.67 43.81 -101.42
CA ALA B 172 -5.89 42.70 -100.87
C ALA B 172 -4.92 43.20 -99.77
N ALA B 173 -4.25 44.32 -100.00
CA ALA B 173 -3.45 44.98 -98.97
C ALA B 173 -4.31 45.43 -97.78
N ALA B 174 -5.52 45.93 -98.00
CA ALA B 174 -6.43 46.26 -96.91
C ALA B 174 -6.78 45.01 -96.07
N ALA B 175 -7.00 43.86 -96.71
CA ALA B 175 -7.19 42.59 -96.00
C ALA B 175 -5.93 42.15 -95.24
N ASP B 176 -4.74 42.46 -95.74
CA ASP B 176 -3.48 42.23 -95.04
C ASP B 176 -3.38 43.09 -93.76
N LEU B 177 -3.72 44.39 -93.86
CA LEU B 177 -3.80 45.28 -92.69
C LEU B 177 -4.90 44.84 -91.71
N GLY B 178 -5.99 44.28 -92.20
CA GLY B 178 -7.02 43.66 -91.38
C GLY B 178 -6.47 42.46 -90.60
N GLN B 179 -5.70 41.60 -91.26
CA GLN B 179 -5.00 40.48 -90.61
C GLN B 179 -3.92 40.97 -89.63
N ALA B 180 -3.32 42.14 -89.87
CA ALA B 180 -2.47 42.84 -88.89
C ALA B 180 -3.24 43.48 -87.72
N GLY B 181 -4.58 43.40 -87.69
CA GLY B 181 -5.41 43.89 -86.59
C GLY B 181 -5.62 45.40 -86.59
N ILE B 182 -5.29 46.09 -87.67
CA ILE B 182 -5.51 47.53 -87.83
C ILE B 182 -7.03 47.82 -87.86
N SER B 183 -7.50 48.86 -87.17
CA SER B 183 -8.94 49.18 -87.16
C SER B 183 -9.43 49.71 -88.51
N SER B 184 -10.73 49.58 -88.81
CA SER B 184 -11.29 49.99 -90.10
C SER B 184 -11.00 51.47 -90.43
N SER B 185 -11.16 52.36 -89.45
CA SER B 185 -10.84 53.78 -89.65
C SER B 185 -9.35 53.97 -89.93
N GLU B 186 -8.46 53.28 -89.23
CA GLU B 186 -7.02 53.33 -89.50
C GLU B 186 -6.69 52.76 -90.88
N ILE B 187 -7.26 51.63 -91.30
CA ILE B 187 -7.09 51.11 -92.66
C ILE B 187 -7.56 52.17 -93.65
N THR B 188 -8.73 52.77 -93.42
CA THR B 188 -9.28 53.80 -94.31
C THR B 188 -8.33 54.98 -94.41
N ALA B 189 -7.80 55.45 -93.28
CA ALA B 189 -6.80 56.51 -93.26
C ALA B 189 -5.54 56.10 -94.04
N LEU B 190 -5.01 54.90 -93.81
CA LEU B 190 -3.83 54.43 -94.52
C LEU B 190 -4.08 54.34 -96.03
N LEU B 191 -5.25 53.86 -96.45
CA LEU B 191 -5.62 53.86 -97.85
C LEU B 191 -5.66 55.29 -98.41
N LEU B 192 -6.38 56.20 -97.73
CA LEU B 192 -6.46 57.60 -98.15
C LEU B 192 -5.06 58.21 -98.27
N ALA B 193 -4.23 58.00 -97.24
CA ALA B 193 -2.89 58.55 -97.17
C ALA B 193 -2.00 58.00 -98.28
N ALA B 194 -1.89 56.69 -98.41
CA ALA B 194 -1.03 56.08 -99.41
C ALA B 194 -1.49 56.43 -100.83
N ALA B 195 -2.80 56.49 -101.07
CA ALA B 195 -3.33 56.98 -102.33
C ALA B 195 -2.94 58.44 -102.56
N ALA B 196 -3.15 59.32 -101.59
CA ALA B 196 -2.77 60.72 -101.72
C ALA B 196 -1.26 60.87 -101.96
N ILE B 197 -0.43 60.02 -101.36
CA ILE B 197 1.02 60.01 -101.58
C ILE B 197 1.34 59.62 -103.02
N GLU B 198 0.82 58.50 -103.51
CA GLU B 198 1.14 58.09 -104.87
C GLU B 198 0.60 59.09 -105.89
N LEU B 199 -0.56 59.69 -105.65
CA LEU B 199 -1.06 60.80 -106.45
C LEU B 199 -0.11 62.00 -106.38
N ALA B 200 0.38 62.37 -105.20
CA ALA B 200 1.33 63.47 -105.04
C ALA B 200 2.72 63.16 -105.64
N LYS B 201 3.07 61.87 -105.81
CA LYS B 201 4.25 61.43 -106.56
C LYS B 201 4.00 61.50 -108.08
N ARG B 202 2.79 61.15 -108.52
CA ARG B 202 2.39 61.16 -109.94
C ARG B 202 2.18 62.58 -110.45
N ALA B 203 1.62 63.46 -109.62
CA ALA B 203 1.74 64.91 -109.76
C ALA B 203 3.17 65.36 -109.44
N ASP B 204 3.63 66.45 -110.03
CA ASP B 204 5.00 66.98 -109.86
C ASP B 204 5.12 68.10 -108.80
N ASP B 205 4.02 68.78 -108.47
CA ASP B 205 4.06 70.09 -107.82
C ASP B 205 4.55 70.04 -106.36
N LYS B 206 5.65 70.76 -106.08
CA LYS B 206 6.17 70.97 -104.73
C LYS B 206 5.11 71.53 -103.78
N ASP B 207 4.24 72.45 -104.19
CA ASP B 207 3.21 72.97 -103.28
C ASP B 207 2.17 71.91 -102.91
N VAL B 208 1.72 71.10 -103.86
CA VAL B 208 0.84 69.95 -103.56
C VAL B 208 1.56 68.98 -102.62
N ARG B 209 2.84 68.72 -102.89
CA ARG B 209 3.68 67.84 -102.06
C ARG B 209 3.88 68.41 -100.64
N GLU B 210 4.05 69.72 -100.48
CA GLU B 210 4.08 70.39 -99.17
C GLU B 210 2.73 70.28 -98.45
N ILE B 211 1.62 70.52 -99.15
CA ILE B 211 0.28 70.38 -98.57
C ILE B 211 0.11 68.95 -98.06
N VAL B 212 0.44 67.96 -98.88
CA VAL B 212 0.33 66.54 -98.49
C VAL B 212 1.28 66.21 -97.35
N ARG B 213 2.52 66.73 -97.35
CA ARG B 213 3.45 66.60 -96.21
C ARG B 213 2.81 67.13 -94.93
N ASP B 214 2.27 68.33 -94.97
CA ASP B 214 1.67 68.95 -93.79
C ASP B 214 0.48 68.14 -93.28
N ALA B 215 -0.38 67.65 -94.18
CA ALA B 215 -1.48 66.78 -93.80
C ALA B 215 -0.96 65.47 -93.17
N LEU B 216 0.07 64.85 -93.73
CA LEU B 216 0.66 63.62 -93.21
C LEU B 216 1.36 63.85 -91.87
N GLU B 217 2.02 64.99 -91.69
CA GLU B 217 2.56 65.38 -90.39
C GLU B 217 1.44 65.52 -89.35
N LEU B 218 0.39 66.26 -89.66
CA LEU B 218 -0.77 66.41 -88.76
C LEU B 218 -1.39 65.04 -88.44
N ALA B 219 -1.55 64.17 -89.44
CA ALA B 219 -2.07 62.82 -89.25
C ALA B 219 -1.13 61.95 -88.40
N SER B 220 0.18 62.13 -88.53
CA SER B 220 1.18 61.40 -87.72
C SER B 220 1.21 61.87 -86.27
N ARG B 221 1.05 63.19 -86.03
CA ARG B 221 1.07 63.80 -84.69
C ARG B 221 -0.23 63.63 -83.91
N SER B 222 -1.38 63.75 -84.58
CA SER B 222 -2.71 63.64 -83.97
C SER B 222 -3.16 62.18 -83.74
N THR B 223 -4.23 62.00 -82.97
CA THR B 223 -4.80 60.68 -82.61
C THR B 223 -6.33 60.62 -82.67
N ASN B 224 -6.98 61.52 -83.42
CA ASN B 224 -8.44 61.57 -83.57
C ASN B 224 -8.87 61.28 -85.02
N ASP B 225 -9.73 60.28 -85.20
CA ASP B 225 -10.11 59.80 -86.54
C ASP B 225 -10.91 60.83 -87.35
N GLU B 226 -11.66 61.74 -86.72
CA GLU B 226 -12.37 62.80 -87.44
C GLU B 226 -11.39 63.84 -87.98
N VAL B 227 -10.45 64.28 -87.15
CA VAL B 227 -9.34 65.17 -87.59
C VAL B 227 -8.56 64.52 -88.72
N ILE B 228 -8.18 63.25 -88.55
CA ILE B 228 -7.37 62.52 -89.54
C ILE B 228 -8.14 62.39 -90.86
N ARG B 229 -9.41 61.94 -90.83
CA ARG B 229 -10.20 61.80 -92.05
C ARG B 229 -10.42 63.15 -92.74
N LEU B 230 -10.70 64.22 -91.99
CA LEU B 230 -10.82 65.56 -92.58
C LEU B 230 -9.50 66.00 -93.25
N ALA B 231 -8.37 65.82 -92.57
CA ALA B 231 -7.08 66.19 -93.12
C ALA B 231 -6.77 65.38 -94.39
N LEU B 232 -7.01 64.07 -94.37
CA LEU B 232 -6.71 63.23 -95.53
C LEU B 232 -7.70 63.47 -96.67
N GLU B 233 -8.96 63.76 -96.38
CA GLU B 233 -9.92 64.20 -97.40
C GLU B 233 -9.44 65.50 -98.05
N ALA B 234 -8.96 66.47 -97.26
CA ALA B 234 -8.33 67.66 -97.81
C ALA B 234 -7.08 67.31 -98.65
N ALA B 235 -6.27 66.34 -98.23
CA ALA B 235 -5.08 65.93 -98.97
C ALA B 235 -5.46 65.31 -100.34
N VAL B 236 -6.45 64.42 -100.36
CA VAL B 236 -6.97 63.83 -101.61
C VAL B 236 -7.55 64.91 -102.51
N LEU B 237 -8.35 65.83 -101.96
CA LEU B 237 -8.93 66.92 -102.73
C LEU B 237 -7.87 67.88 -103.27
N ALA B 238 -6.81 68.16 -102.50
CA ALA B 238 -5.69 68.94 -102.99
C ALA B 238 -5.01 68.25 -104.18
N ALA B 239 -4.74 66.94 -104.07
CA ALA B 239 -4.17 66.15 -105.17
C ALA B 239 -5.09 66.09 -106.42
N ARG B 240 -6.42 66.20 -106.24
CA ARG B 240 -7.41 66.29 -107.32
C ARG B 240 -7.71 67.71 -107.82
N SER B 241 -7.24 68.75 -107.13
CA SER B 241 -7.44 70.16 -107.49
C SER B 241 -6.54 70.60 -108.67
N THR B 242 -6.62 71.88 -109.06
CA THR B 242 -5.72 72.50 -110.06
C THR B 242 -5.58 74.02 -109.86
N ASP B 243 -6.64 74.72 -109.44
CA ASP B 243 -6.62 76.17 -109.23
C ASP B 243 -5.70 76.56 -108.06
N SER B 244 -4.76 77.47 -108.33
CA SER B 244 -3.83 78.01 -107.32
C SER B 244 -4.56 78.65 -106.12
N ASP B 245 -5.72 79.29 -106.32
CA ASP B 245 -6.49 79.81 -105.18
C ASP B 245 -7.01 78.69 -104.26
N VAL B 246 -7.41 77.54 -104.81
CA VAL B 246 -7.80 76.39 -103.99
C VAL B 246 -6.59 75.85 -103.23
N LEU B 247 -5.42 75.76 -103.88
CA LEU B 247 -4.18 75.37 -103.20
C LEU B 247 -3.81 76.35 -102.08
N GLU B 248 -3.87 77.66 -102.32
CA GLU B 248 -3.60 78.67 -101.29
C GLU B 248 -4.61 78.61 -100.14
N ILE B 249 -5.90 78.41 -100.42
CA ILE B 249 -6.94 78.23 -99.37
C ILE B 249 -6.61 77.01 -98.50
N VAL B 250 -6.28 75.87 -99.13
CA VAL B 250 -5.88 74.68 -98.38
C VAL B 250 -4.61 74.95 -97.57
N LYS B 251 -3.60 75.61 -98.16
CA LYS B 251 -2.33 75.89 -97.48
C LYS B 251 -2.50 76.88 -96.33
N ASP B 252 -3.38 77.87 -96.48
CA ASP B 252 -3.79 78.77 -95.40
C ASP B 252 -4.51 78.00 -94.28
N ALA B 253 -5.45 77.12 -94.63
CA ALA B 253 -6.16 76.33 -93.64
C ALA B 253 -5.22 75.40 -92.88
N LEU B 254 -4.26 74.77 -93.57
CA LEU B 254 -3.23 73.96 -92.93
C LEU B 254 -2.28 74.81 -92.09
N GLU B 255 -1.87 75.99 -92.55
CA GLU B 255 -1.05 76.89 -91.75
C GLU B 255 -1.76 77.27 -90.45
N LEU B 256 -3.04 77.66 -90.53
CA LEU B 256 -3.87 77.91 -89.36
C LEU B 256 -3.98 76.67 -88.46
N ALA B 257 -4.15 75.47 -89.03
CA ALA B 257 -4.23 74.24 -88.27
C ALA B 257 -2.91 73.88 -87.56
N LYS B 258 -1.75 74.22 -88.15
CA LYS B 258 -0.43 74.03 -87.51
C LYS B 258 -0.13 75.12 -86.46
N GLN B 259 -0.63 76.34 -86.66
CA GLN B 259 -0.45 77.46 -85.72
C GLN B 259 -1.37 77.37 -84.50
N SER B 260 -2.64 77.02 -84.69
CA SER B 260 -3.63 76.85 -83.62
C SER B 260 -3.50 75.49 -82.90
N THR B 261 -4.12 75.35 -81.72
CA THR B 261 -4.03 74.14 -80.87
C THR B 261 -5.40 73.62 -80.41
N ASN B 262 -6.50 74.03 -81.06
CA ASN B 262 -7.86 73.60 -80.74
C ASN B 262 -8.44 72.70 -81.85
N GLU B 263 -8.96 71.53 -81.47
CA GLU B 263 -9.44 70.53 -82.44
C GLU B 263 -10.66 70.99 -83.25
N GLU B 264 -11.58 71.75 -82.66
CA GLU B 264 -12.73 72.28 -83.41
C GLU B 264 -12.31 73.36 -84.40
N VAL B 265 -11.36 74.24 -84.04
CA VAL B 265 -10.75 75.19 -84.99
C VAL B 265 -10.10 74.44 -86.16
N ILE B 266 -9.30 73.42 -85.87
CA ILE B 266 -8.65 72.60 -86.90
C ILE B 266 -9.69 71.96 -87.82
N LYS B 267 -10.70 71.28 -87.25
CA LYS B 267 -11.73 70.61 -88.04
C LYS B 267 -12.56 71.59 -88.86
N LEU B 268 -12.94 72.74 -88.30
CA LEU B 268 -13.67 73.77 -89.06
C LEU B 268 -12.82 74.35 -90.19
N ALA B 269 -11.54 74.65 -89.95
CA ALA B 269 -10.66 75.16 -91.00
C ALA B 269 -10.50 74.14 -92.13
N LEU B 270 -10.25 72.87 -91.78
CA LEU B 270 -10.21 71.78 -92.75
C LEU B 270 -11.53 71.64 -93.50
N LYS B 271 -12.67 71.67 -92.81
CA LYS B 271 -13.99 71.58 -93.46
C LYS B 271 -14.24 72.74 -94.41
N ALA B 272 -13.90 73.98 -94.02
CA ALA B 272 -14.04 75.13 -94.89
C ALA B 272 -13.20 74.97 -96.17
N ALA B 273 -11.94 74.56 -96.05
CA ALA B 273 -11.09 74.28 -97.20
C ALA B 273 -11.58 73.09 -98.04
N VAL B 274 -12.12 72.04 -97.42
CA VAL B 274 -12.74 70.90 -98.12
C VAL B 274 -13.93 71.36 -98.95
N LEU B 275 -14.83 72.16 -98.38
CA LEU B 275 -15.98 72.70 -99.10
C LEU B 275 -15.54 73.65 -100.24
N ALA B 276 -14.53 74.49 -100.01
CA ALA B 276 -13.94 75.31 -101.07
C ALA B 276 -13.37 74.45 -102.21
N ALA B 277 -12.61 73.39 -101.89
CA ALA B 277 -12.05 72.48 -102.88
C ALA B 277 -13.12 71.66 -103.64
N LYS B 278 -14.25 71.33 -103.00
CA LYS B 278 -15.42 70.71 -103.65
C LYS B 278 -16.25 71.69 -104.49
N SER B 279 -16.18 72.99 -104.22
CA SER B 279 -16.94 74.03 -104.94
C SER B 279 -16.49 74.19 -106.40
N THR B 280 -17.35 74.81 -107.21
CA THR B 280 -17.00 75.40 -108.52
C THR B 280 -17.48 76.85 -108.55
N ASP B 281 -17.18 77.60 -107.48
CA ASP B 281 -17.72 78.94 -107.25
C ASP B 281 -16.69 79.87 -106.61
N GLU B 282 -16.16 80.81 -107.40
CA GLU B 282 -15.17 81.79 -106.94
C GLU B 282 -15.68 82.66 -105.78
N GLU B 283 -16.99 82.87 -105.62
CA GLU B 283 -17.51 83.62 -104.47
C GLU B 283 -17.43 82.79 -103.18
N VAL B 284 -17.55 81.46 -103.26
CA VAL B 284 -17.26 80.56 -102.12
C VAL B 284 -15.76 80.58 -101.84
N LEU B 285 -14.92 80.52 -102.88
CA LEU B 285 -13.46 80.65 -102.69
C LEU B 285 -13.10 81.98 -102.01
N GLU B 286 -13.62 83.10 -102.49
CA GLU B 286 -13.39 84.42 -101.89
C GLU B 286 -13.91 84.51 -100.44
N GLU B 287 -15.14 84.05 -100.15
CA GLU B 287 -15.63 84.12 -98.76
C GLU B 287 -14.84 83.21 -97.82
N VAL B 288 -14.50 81.98 -98.24
CA VAL B 288 -13.66 81.10 -97.42
C VAL B 288 -12.26 81.70 -97.25
N LYS B 289 -11.65 82.25 -98.30
CA LYS B 289 -10.35 82.94 -98.23
C LYS B 289 -10.41 84.15 -97.30
N GLU B 290 -11.47 84.93 -97.36
CA GLU B 290 -11.68 86.05 -96.43
C GLU B 290 -11.95 85.56 -95.00
N ALA B 291 -12.72 84.51 -94.78
CA ALA B 291 -12.90 83.92 -93.46
C ALA B 291 -11.58 83.42 -92.87
N LEU B 292 -10.74 82.77 -93.68
CA LEU B 292 -9.37 82.40 -93.28
C LEU B 292 -8.50 83.64 -93.01
N ARG B 293 -8.61 84.70 -93.81
CA ARG B 293 -7.89 85.96 -93.55
C ARG B 293 -8.32 86.57 -92.22
N ARG B 294 -9.63 86.65 -91.95
CA ARG B 294 -10.17 87.07 -90.64
C ARG B 294 -9.61 86.17 -89.53
N ALA B 295 -9.60 84.86 -89.73
CA ALA B 295 -9.07 83.91 -88.75
C ALA B 295 -7.55 84.06 -88.52
N LYS B 296 -6.77 84.46 -89.54
CA LYS B 296 -5.33 84.72 -89.42
C LYS B 296 -5.01 86.08 -88.79
N GLU B 297 -5.81 87.10 -89.08
CA GLU B 297 -5.66 88.45 -88.50
C GLU B 297 -6.16 88.55 -87.05
N SER B 298 -7.20 87.80 -86.70
CA SER B 298 -7.67 87.63 -85.32
C SER B 298 -6.84 86.59 -84.54
N THR B 299 -7.18 86.35 -83.26
CA THR B 299 -6.44 85.43 -82.38
C THR B 299 -7.32 84.62 -81.41
N ASP B 300 -8.48 85.15 -81.00
CA ASP B 300 -9.44 84.44 -80.13
C ASP B 300 -10.13 83.28 -80.87
N GLU B 301 -10.01 82.05 -80.34
CA GLU B 301 -10.63 80.87 -80.92
C GLU B 301 -12.16 80.99 -81.03
N GLU B 302 -12.82 81.78 -80.20
CA GLU B 302 -14.27 82.02 -80.33
C GLU B 302 -14.62 82.80 -81.59
N GLU B 303 -13.84 83.82 -81.96
CA GLU B 303 -14.02 84.55 -83.22
C GLU B 303 -13.63 83.70 -84.43
N ILE B 304 -12.53 82.95 -84.33
CA ILE B 304 -12.08 82.03 -85.39
C ILE B 304 -13.15 80.97 -85.68
N LYS B 305 -13.69 80.30 -84.64
CA LYS B 305 -14.76 79.32 -84.78
C LYS B 305 -16.01 79.94 -85.41
N GLU B 306 -16.44 81.12 -84.97
CA GLU B 306 -17.64 81.75 -85.53
C GLU B 306 -17.47 82.18 -87.00
N GLU B 307 -16.34 82.75 -87.40
CA GLU B 307 -16.10 83.07 -88.81
C GLU B 307 -16.08 81.82 -89.68
N LEU B 308 -15.34 80.78 -89.27
CA LEU B 308 -15.30 79.53 -90.01
C LEU B 308 -16.66 78.81 -90.01
N ARG B 309 -17.43 78.85 -88.92
CA ARG B 309 -18.79 78.31 -88.85
C ARG B 309 -19.71 79.02 -89.84
N LYS B 310 -19.70 80.36 -89.89
CA LYS B 310 -20.52 81.11 -90.86
C LYS B 310 -20.15 80.76 -92.30
N ALA B 311 -18.85 80.69 -92.61
CA ALA B 311 -18.39 80.27 -93.94
C ALA B 311 -18.83 78.83 -94.29
N VAL B 312 -18.68 77.88 -93.36
CA VAL B 312 -19.14 76.49 -93.54
C VAL B 312 -20.65 76.43 -93.74
N GLU B 313 -21.44 77.12 -92.92
CA GLU B 313 -22.91 77.14 -93.06
C GLU B 313 -23.39 77.83 -94.34
N GLU B 314 -22.59 78.72 -94.94
CA GLU B 314 -22.86 79.28 -96.26
C GLU B 314 -22.47 78.33 -97.42
N ALA B 315 -21.37 77.56 -97.26
CA ALA B 315 -20.80 76.71 -98.31
C ALA B 315 -21.34 75.27 -98.38
N GLU B 316 -21.86 74.71 -97.27
CA GLU B 316 -22.30 73.29 -97.17
C GLU B 316 -23.52 72.92 -98.02
N CYS C 3 46.09 27.44 -104.20
CA CYS C 3 46.84 27.39 -102.91
C CYS C 3 46.90 25.96 -102.34
N ASP C 4 47.43 24.99 -103.09
CA ASP C 4 47.41 23.57 -102.74
C ASP C 4 48.17 23.26 -101.44
N ALA C 5 49.30 23.92 -101.22
CA ALA C 5 50.13 23.70 -100.03
C ALA C 5 49.36 24.01 -98.73
N ILE C 6 48.62 25.12 -98.70
CA ILE C 6 47.77 25.41 -97.53
C ILE C 6 46.52 24.52 -97.53
N GLN C 7 45.97 24.13 -98.68
CA GLN C 7 44.83 23.21 -98.71
C GLN C 7 45.17 21.88 -98.00
N ALA C 8 46.36 21.34 -98.26
CA ALA C 8 46.87 20.20 -97.52
C ALA C 8 47.07 20.52 -96.02
N ALA C 9 47.69 21.66 -95.69
CA ALA C 9 47.88 22.04 -94.29
C ALA C 9 46.54 22.19 -93.54
N ALA C 10 45.52 22.74 -94.18
CA ALA C 10 44.17 22.87 -93.62
C ALA C 10 43.54 21.49 -93.42
N ALA C 11 43.70 20.56 -94.36
CA ALA C 11 43.25 19.18 -94.16
C ALA C 11 43.95 18.52 -92.96
N LEU C 12 45.25 18.73 -92.78
CA LEU C 12 45.97 18.26 -91.59
C LEU C 12 45.49 18.95 -90.30
N GLY C 13 45.10 20.22 -90.39
CA GLY C 13 44.45 20.95 -89.28
C GLY C 13 43.08 20.38 -88.93
N GLU C 14 42.26 20.01 -89.91
CA GLU C 14 40.99 19.31 -89.70
C GLU C 14 41.19 17.91 -89.09
N ALA C 15 42.26 17.21 -89.47
CA ALA C 15 42.71 15.97 -88.83
C ALA C 15 43.30 16.20 -87.41
N GLY C 16 43.46 17.46 -86.97
CA GLY C 16 43.95 17.80 -85.63
C GLY C 16 45.46 17.61 -85.44
N ILE C 17 46.23 17.55 -86.53
CA ILE C 17 47.69 17.32 -86.45
C ILE C 17 48.38 18.51 -85.79
N SER C 18 49.30 18.25 -84.86
CA SER C 18 50.09 19.29 -84.17
C SER C 18 50.98 20.05 -85.15
N SER C 19 51.14 21.37 -84.96
CA SER C 19 51.84 22.24 -85.91
C SER C 19 53.27 21.80 -86.19
N ASN C 20 54.03 21.34 -85.18
CA ASN C 20 55.36 20.79 -85.41
C ASN C 20 55.32 19.54 -86.31
N GLU C 21 54.32 18.68 -86.15
CA GLU C 21 54.14 17.52 -87.03
C GLU C 21 53.62 17.91 -88.42
N ILE C 22 52.79 18.96 -88.54
CA ILE C 22 52.45 19.51 -89.85
C ILE C 22 53.74 19.98 -90.54
N LEU C 23 54.58 20.74 -89.83
CA LEU C 23 55.85 21.19 -90.37
C LEU C 23 56.75 20.01 -90.75
N GLU C 24 56.79 18.95 -89.95
CA GLU C 24 57.54 17.75 -90.33
C GLU C 24 56.93 17.11 -91.59
N LEU C 25 55.61 17.03 -91.71
CA LEU C 25 54.97 16.48 -92.91
C LEU C 25 55.24 17.37 -94.13
N LEU C 26 55.33 18.68 -93.96
CA LEU C 26 55.81 19.56 -95.01
C LEU C 26 57.29 19.31 -95.32
N ALA C 27 58.14 19.09 -94.31
CA ALA C 27 59.52 18.73 -94.53
C ALA C 27 59.62 17.43 -95.35
N ALA C 28 58.80 16.43 -95.02
CA ALA C 28 58.66 15.22 -95.81
C ALA C 28 58.15 15.53 -97.22
N ALA C 29 57.17 16.42 -97.36
CA ALA C 29 56.66 16.80 -98.67
C ALA C 29 57.76 17.39 -99.54
N ALA C 30 58.69 18.17 -98.98
CA ALA C 30 59.88 18.59 -99.70
C ALA C 30 60.79 17.39 -100.00
N GLU C 31 61.21 16.67 -98.96
CA GLU C 31 62.27 15.67 -99.07
C GLU C 31 61.91 14.48 -99.97
N LEU C 32 60.65 14.02 -99.89
CA LEU C 32 60.10 12.96 -100.74
C LEU C 32 59.35 13.50 -101.97
N GLY C 33 59.16 14.82 -102.07
CA GLY C 33 58.39 15.42 -103.17
C GLY C 33 56.90 15.10 -103.14
N LEU C 34 56.29 14.90 -101.97
CA LEU C 34 54.90 14.44 -101.81
C LEU C 34 53.90 15.39 -102.50
N ASP C 35 52.95 14.83 -103.24
CA ASP C 35 51.81 15.58 -103.76
C ASP C 35 50.69 15.69 -102.71
N PRO C 36 49.72 16.60 -102.89
CA PRO C 36 48.64 16.80 -101.92
C PRO C 36 47.86 15.53 -101.60
N ASP C 37 47.69 14.62 -102.55
CA ASP C 37 47.02 13.34 -102.30
C ASP C 37 47.88 12.43 -101.40
N ALA C 38 49.19 12.37 -101.58
CA ALA C 38 50.08 11.65 -100.68
C ALA C 38 50.06 12.27 -99.26
N ILE C 39 50.00 13.59 -99.17
CA ILE C 39 49.81 14.26 -97.87
C ILE C 39 48.41 13.94 -97.30
N GLN C 40 47.38 13.81 -98.12
CA GLN C 40 46.04 13.40 -97.67
C GLN C 40 46.01 11.93 -97.20
N ALA C 41 46.84 11.06 -97.78
CA ALA C 41 47.08 9.74 -97.23
C ALA C 41 47.76 9.83 -95.87
N ALA C 42 48.77 10.69 -95.72
CA ALA C 42 49.38 10.96 -94.41
C ALA C 42 48.34 11.48 -93.40
N ALA C 43 47.40 12.34 -93.82
CA ALA C 43 46.33 12.81 -92.96
C ALA C 43 45.46 11.65 -92.46
N GLN C 44 45.06 10.72 -93.33
CA GLN C 44 44.26 9.56 -92.94
C GLN C 44 45.05 8.59 -92.03
N LEU C 45 46.36 8.40 -92.26
CA LEU C 45 47.22 7.66 -91.33
C LEU C 45 47.38 8.38 -89.98
N GLY C 46 47.31 9.72 -89.98
CA GLY C 46 47.23 10.53 -88.77
C GLY C 46 45.90 10.38 -88.03
N GLU C 47 44.78 10.25 -88.75
CA GLU C 47 43.50 9.86 -88.16
C GLU C 47 43.54 8.43 -87.60
N ALA C 48 44.33 7.53 -88.21
CA ALA C 48 44.66 6.22 -87.63
C ALA C 48 45.63 6.30 -86.43
N GLY C 49 46.11 7.50 -86.07
CA GLY C 49 46.91 7.77 -84.87
C GLY C 49 48.42 7.52 -85.01
N ILE C 50 48.91 7.19 -86.20
CA ILE C 50 50.34 6.94 -86.45
C ILE C 50 51.13 8.26 -86.36
N SER C 51 52.33 8.28 -85.78
CA SER C 51 53.11 9.53 -85.75
C SER C 51 53.61 9.91 -87.15
N SER C 52 53.81 11.21 -87.38
CA SER C 52 54.36 11.70 -88.64
C SER C 52 55.70 11.07 -88.97
N GLU C 53 56.54 10.73 -87.99
CA GLU C 53 57.82 10.08 -88.27
C GLU C 53 57.61 8.69 -88.87
N GLU C 54 56.76 7.87 -88.27
CA GLU C 54 56.51 6.55 -88.84
C GLU C 54 55.83 6.67 -90.20
N ILE C 55 54.89 7.59 -90.36
CA ILE C 55 54.28 7.84 -91.66
C ILE C 55 55.36 8.20 -92.67
N LYS C 56 56.28 9.11 -92.31
CA LYS C 56 57.38 9.55 -93.17
C LYS C 56 58.25 8.38 -93.55
N GLU C 57 58.63 7.55 -92.60
CA GLU C 57 59.39 6.35 -92.91
C GLU C 57 58.60 5.43 -93.86
N LEU C 58 57.30 5.26 -93.65
CA LEU C 58 56.49 4.41 -94.53
C LEU C 58 56.42 4.99 -95.94
N LEU C 59 56.20 6.30 -96.06
CA LEU C 59 56.24 6.96 -97.35
C LEU C 59 57.63 6.85 -97.96
N ARG C 60 58.70 6.96 -97.15
CA ARG C 60 60.06 6.75 -97.62
C ARG C 60 60.24 5.33 -98.14
N ALA C 61 59.66 4.33 -97.49
CA ALA C 61 59.68 2.99 -98.03
C ALA C 61 58.92 2.92 -99.37
N ALA C 62 57.74 3.51 -99.49
CA ALA C 62 57.00 3.55 -100.74
C ALA C 62 57.82 4.21 -101.87
N HIS C 63 58.56 5.26 -101.52
CA HIS C 63 59.48 5.95 -102.42
C HIS C 63 60.70 5.09 -102.79
N GLU C 64 61.35 4.44 -101.82
CA GLU C 64 62.49 3.53 -102.06
C GLU C 64 62.09 2.25 -102.82
N LEU C 65 60.82 1.85 -102.74
CA LEU C 65 60.21 0.82 -103.58
C LEU C 65 59.91 1.30 -105.00
N GLY C 66 59.67 2.60 -105.20
CA GLY C 66 59.17 3.14 -106.45
C GLY C 66 57.74 2.67 -106.74
N LEU C 67 56.87 2.63 -105.72
CA LEU C 67 55.47 2.20 -105.87
C LEU C 67 54.68 3.13 -106.81
N ASP C 68 53.65 2.56 -107.45
CA ASP C 68 52.68 3.32 -108.24
C ASP C 68 51.77 4.18 -107.33
N PRO C 69 51.46 5.43 -107.70
CA PRO C 69 50.69 6.35 -106.86
C PRO C 69 49.33 5.82 -106.41
N ASP C 70 48.69 4.96 -107.20
CA ASP C 70 47.40 4.37 -106.85
C ASP C 70 47.51 3.44 -105.63
N ALA C 71 48.55 2.61 -105.55
CA ALA C 71 48.84 1.84 -104.36
C ALA C 71 49.15 2.77 -103.16
N ILE C 72 49.92 3.83 -103.38
CA ILE C 72 50.22 4.78 -102.31
C ILE C 72 48.93 5.44 -101.79
N ALA C 73 48.02 5.83 -102.67
CA ALA C 73 46.70 6.30 -102.25
C ALA C 73 45.93 5.20 -101.52
N ALA C 74 45.94 3.97 -102.05
CA ALA C 74 45.29 2.83 -101.40
C ALA C 74 45.87 2.52 -100.02
N ALA C 75 47.08 2.97 -99.69
CA ALA C 75 47.59 2.87 -98.33
C ALA C 75 46.67 3.56 -97.32
N ALA C 76 45.97 4.63 -97.73
CA ALA C 76 44.96 5.27 -96.89
C ALA C 76 43.74 4.37 -96.66
N ASP C 77 43.37 3.51 -97.62
CA ASP C 77 42.33 2.51 -97.40
C ASP C 77 42.80 1.47 -96.38
N LEU C 78 44.03 0.98 -96.52
CA LEU C 78 44.61 0.06 -95.53
C LEU C 78 44.71 0.71 -94.14
N GLY C 79 44.96 2.01 -94.08
CA GLY C 79 44.90 2.82 -92.86
C GLY C 79 43.49 2.87 -92.26
N GLN C 80 42.47 3.14 -93.07
CA GLN C 80 41.07 3.11 -92.63
C GLN C 80 40.64 1.72 -92.15
N ALA C 81 41.17 0.66 -92.76
CA ALA C 81 40.97 -0.72 -92.33
C ALA C 81 41.67 -1.05 -90.99
N GLY C 82 42.51 -0.17 -90.44
CA GLY C 82 43.17 -0.37 -89.15
C GLY C 82 44.33 -1.38 -89.18
N VAL C 83 44.87 -1.67 -90.35
CA VAL C 83 46.00 -2.61 -90.55
C VAL C 83 47.25 -2.12 -89.79
N SER C 84 48.06 -3.03 -89.24
CA SER C 84 49.32 -2.67 -88.57
C SER C 84 50.22 -1.85 -89.50
N PRO C 85 50.95 -0.85 -89.01
CA PRO C 85 51.69 0.06 -89.87
C PRO C 85 52.72 -0.68 -90.72
N VAL C 86 53.45 -1.62 -90.14
CA VAL C 86 54.33 -2.48 -90.93
C VAL C 86 53.49 -3.32 -91.89
N GLU C 87 52.36 -3.89 -91.46
CA GLU C 87 51.52 -4.72 -92.34
C GLU C 87 51.01 -3.94 -93.54
N ILE C 88 50.77 -2.63 -93.42
CA ILE C 88 50.44 -1.82 -94.60
C ILE C 88 51.58 -1.96 -95.60
N LEU C 89 52.80 -1.71 -95.15
CA LEU C 89 53.96 -1.79 -96.02
C LEU C 89 54.12 -3.20 -96.56
N ALA C 90 53.89 -4.20 -95.73
CA ALA C 90 53.95 -5.57 -96.18
C ALA C 90 52.95 -5.80 -97.31
N LEU C 91 51.70 -5.37 -97.15
CA LEU C 91 50.68 -5.55 -98.19
C LEU C 91 51.05 -4.79 -99.45
N LEU C 92 51.56 -3.57 -99.31
CA LEU C 92 52.04 -2.81 -100.46
C LEU C 92 53.15 -3.58 -101.18
N ILE C 93 54.15 -4.03 -100.43
CA ILE C 93 55.24 -4.81 -100.97
C ILE C 93 54.68 -6.05 -101.66
N ALA C 94 53.77 -6.76 -101.02
CA ALA C 94 53.22 -7.99 -101.56
C ALA C 94 52.51 -7.73 -102.88
N ALA C 95 51.61 -6.77 -102.91
CA ALA C 95 50.90 -6.43 -104.13
C ALA C 95 51.90 -6.10 -105.23
N SER C 96 52.92 -5.29 -104.91
CA SER C 96 53.93 -4.90 -105.88
C SER C 96 54.71 -6.11 -106.39
N VAL C 97 55.11 -7.01 -105.50
CA VAL C 97 55.87 -8.21 -105.84
C VAL C 97 55.04 -9.12 -106.73
N LEU C 98 53.77 -9.33 -106.38
CA LEU C 98 52.88 -10.15 -107.19
C LEU C 98 52.45 -9.45 -108.49
N GLY C 99 52.77 -8.16 -108.66
CA GLY C 99 52.38 -7.38 -109.83
C GLY C 99 50.87 -7.13 -109.95
N LEU C 100 50.16 -7.19 -108.81
CA LEU C 100 48.70 -7.07 -108.76
C LEU C 100 48.19 -5.63 -108.88
N ASP C 101 46.91 -5.48 -109.19
CA ASP C 101 46.24 -4.19 -109.36
C ASP C 101 45.71 -3.59 -108.04
N PRO C 102 45.37 -2.29 -108.02
CA PRO C 102 44.76 -1.65 -106.84
C PRO C 102 43.44 -2.29 -106.40
N ASP C 103 42.71 -2.96 -107.30
CA ASP C 103 41.51 -3.69 -106.90
C ASP C 103 41.87 -4.85 -105.96
N ALA C 104 42.95 -5.58 -106.22
CA ALA C 104 43.46 -6.56 -105.26
C ALA C 104 43.83 -5.88 -103.93
N ILE C 105 44.35 -4.66 -103.95
CA ILE C 105 44.62 -3.91 -102.71
C ILE C 105 43.31 -3.53 -102.01
N GLN C 106 42.28 -3.12 -102.73
CA GLN C 106 40.97 -2.87 -102.12
C GLN C 106 40.39 -4.16 -101.52
N ALA C 107 40.59 -5.30 -102.18
CA ALA C 107 40.20 -6.59 -101.61
C ALA C 107 41.02 -6.89 -100.34
N ALA C 108 42.32 -6.59 -100.33
CA ALA C 108 43.12 -6.68 -99.11
C ALA C 108 42.56 -5.75 -98.01
N ALA C 109 42.12 -4.54 -98.36
CA ALA C 109 41.51 -3.65 -97.38
C ALA C 109 40.22 -4.27 -96.80
N ALA C 110 39.38 -4.86 -97.64
CA ALA C 110 38.20 -5.58 -97.16
C ALA C 110 38.58 -6.76 -96.25
N LEU C 111 39.59 -7.54 -96.61
CA LEU C 111 40.08 -8.63 -95.76
C LEU C 111 40.66 -8.09 -94.43
N GLY C 112 41.25 -6.90 -94.46
CA GLY C 112 41.71 -6.18 -93.26
C GLY C 112 40.55 -5.76 -92.36
N GLU C 113 39.45 -5.25 -92.93
CA GLU C 113 38.22 -4.99 -92.17
C GLU C 113 37.62 -6.30 -91.61
N ALA C 114 37.76 -7.42 -92.32
CA ALA C 114 37.41 -8.75 -91.82
C ALA C 114 38.40 -9.31 -90.78
N GLY C 115 39.48 -8.58 -90.45
CA GLY C 115 40.44 -8.96 -89.42
C GLY C 115 41.46 -10.04 -89.83
N ILE C 116 41.57 -10.34 -91.12
CA ILE C 116 42.50 -11.33 -91.66
C ILE C 116 43.95 -10.83 -91.56
N SER C 117 44.92 -11.66 -91.18
CA SER C 117 46.33 -11.25 -91.08
C SER C 117 46.96 -11.02 -92.45
N ALA C 118 48.02 -10.19 -92.53
CA ALA C 118 48.72 -10.01 -93.78
C ALA C 118 49.29 -11.34 -94.32
N GLU C 119 49.69 -12.27 -93.45
CA GLU C 119 50.14 -13.60 -93.90
C GLU C 119 49.03 -14.34 -94.63
N GLU C 120 47.84 -14.36 -94.06
CA GLU C 120 46.69 -14.97 -94.71
C GLU C 120 46.35 -14.24 -96.00
N ILE C 121 46.36 -12.91 -96.02
CA ILE C 121 46.08 -12.18 -97.26
C ILE C 121 47.12 -12.55 -98.31
N ILE C 122 48.40 -12.50 -97.98
CA ILE C 122 49.48 -12.84 -98.90
C ILE C 122 49.29 -14.26 -99.40
N GLU C 123 48.99 -15.20 -98.51
CA GLU C 123 48.71 -16.57 -98.89
C GLU C 123 47.54 -16.63 -99.87
N LEU C 124 46.45 -15.93 -99.57
CA LEU C 124 45.29 -15.90 -100.45
C LEU C 124 45.65 -15.32 -101.81
N LEU C 125 46.44 -14.25 -101.85
CA LEU C 125 46.88 -13.68 -103.11
C LEU C 125 47.79 -14.65 -103.86
N THR C 126 48.64 -15.37 -103.13
CA THR C 126 49.50 -16.39 -103.71
C THR C 126 48.65 -17.51 -104.30
N ALA C 127 47.65 -17.99 -103.56
CA ALA C 127 46.74 -19.00 -104.07
C ALA C 127 45.99 -18.50 -105.29
N ALA C 128 45.53 -17.25 -105.27
CA ALA C 128 44.80 -16.68 -106.41
C ALA C 128 45.68 -16.68 -107.66
N ARG C 129 46.92 -16.19 -107.57
CA ARG C 129 47.82 -16.15 -108.73
C ARG C 129 48.28 -17.54 -109.16
N ASP C 130 48.43 -18.47 -108.21
CA ASP C 130 48.69 -19.88 -108.52
C ASP C 130 47.53 -20.51 -109.33
N LEU C 131 46.28 -20.31 -108.89
CA LEU C 131 45.09 -20.82 -109.57
C LEU C 131 44.78 -20.08 -110.87
N GLY C 132 45.32 -18.86 -111.04
CA GLY C 132 44.96 -17.99 -112.16
C GLY C 132 43.57 -17.36 -112.01
N LEU C 133 43.13 -17.14 -110.77
CA LEU C 133 41.90 -16.40 -110.44
C LEU C 133 42.05 -14.89 -110.67
N ASP C 134 40.98 -14.13 -110.42
CA ASP C 134 40.89 -12.69 -110.66
C ASP C 134 40.24 -11.95 -109.47
N PRO C 135 40.36 -10.61 -109.39
CA PRO C 135 39.87 -9.83 -108.27
C PRO C 135 38.39 -10.04 -107.88
N ASP C 136 37.48 -10.39 -108.80
CA ASP C 136 36.09 -10.65 -108.41
C ASP C 136 35.99 -11.92 -107.55
N ALA C 137 36.81 -12.94 -107.83
CA ALA C 137 36.91 -14.09 -106.95
C ALA C 137 37.43 -13.65 -105.57
N ILE C 138 38.44 -12.77 -105.54
CA ILE C 138 38.98 -12.25 -104.28
C ILE C 138 37.90 -11.43 -103.53
N GLN C 139 37.07 -10.67 -104.23
CA GLN C 139 35.97 -9.92 -103.60
C GLN C 139 34.94 -10.86 -102.97
N ALA C 140 34.53 -11.91 -103.69
CA ALA C 140 33.65 -12.91 -103.12
C ALA C 140 34.31 -13.63 -101.93
N ALA C 141 35.62 -13.90 -102.01
CA ALA C 141 36.36 -14.43 -100.88
C ALA C 141 36.35 -13.46 -99.69
N ALA C 142 36.46 -12.15 -99.92
CA ALA C 142 36.35 -11.16 -98.85
C ALA C 142 34.96 -11.19 -98.22
N GLN C 143 33.90 -11.36 -99.02
CA GLN C 143 32.55 -11.54 -98.46
C GLN C 143 32.46 -12.82 -97.61
N LEU C 144 33.06 -13.92 -98.04
CA LEU C 144 33.16 -15.14 -97.21
C LEU C 144 34.00 -14.88 -95.93
N GLY C 145 35.01 -14.01 -96.02
CA GLY C 145 35.79 -13.56 -94.88
C GLY C 145 34.95 -12.74 -93.88
N GLU C 146 34.06 -11.87 -94.37
CA GLU C 146 33.07 -11.19 -93.53
C GLU C 146 32.08 -12.18 -92.89
N ALA C 147 31.79 -13.29 -93.57
CA ALA C 147 31.05 -14.42 -92.99
C ALA C 147 31.89 -15.28 -92.01
N GLY C 148 33.16 -14.93 -91.75
CA GLY C 148 34.03 -15.59 -90.78
C GLY C 148 34.64 -16.92 -91.25
N ILE C 149 34.56 -17.25 -92.54
CA ILE C 149 35.18 -18.45 -93.10
C ILE C 149 36.71 -18.34 -93.01
N SER C 150 37.40 -19.37 -92.51
CA SER C 150 38.85 -19.31 -92.30
C SER C 150 39.65 -19.40 -93.61
N SER C 151 40.90 -18.92 -93.60
CA SER C 151 41.73 -18.84 -94.81
C SER C 151 41.90 -20.20 -95.51
N GLU C 152 42.10 -21.27 -94.77
CA GLU C 152 42.22 -22.60 -95.38
C GLU C 152 40.90 -23.04 -96.01
N GLU C 153 39.78 -22.76 -95.36
CA GLU C 153 38.46 -23.04 -95.93
C GLU C 153 38.25 -22.23 -97.21
N ILE C 154 38.60 -20.95 -97.23
CA ILE C 154 38.58 -20.16 -98.46
C ILE C 154 39.44 -20.85 -99.52
N LYS C 155 40.68 -21.21 -99.18
CA LYS C 155 41.62 -21.78 -100.15
C LYS C 155 41.06 -23.06 -100.75
N GLU C 156 40.56 -23.94 -99.91
CA GLU C 156 39.92 -25.17 -100.38
C GLU C 156 38.67 -24.86 -101.22
N LEU C 157 37.85 -23.88 -100.81
CA LEU C 157 36.67 -23.51 -101.57
C LEU C 157 37.07 -23.00 -102.95
N LEU C 158 38.03 -22.08 -103.02
CA LEU C 158 38.52 -21.57 -104.29
C LEU C 158 39.10 -22.71 -105.12
N ARG C 159 39.86 -23.62 -104.51
CA ARG C 159 40.41 -24.78 -105.19
C ARG C 159 39.29 -25.61 -105.80
N ALA C 160 38.27 -25.93 -105.01
CA ALA C 160 37.13 -26.68 -105.51
C ALA C 160 36.42 -25.93 -106.64
N ALA C 161 36.20 -24.63 -106.49
CA ALA C 161 35.55 -23.82 -107.51
C ALA C 161 36.32 -23.89 -108.83
N HIS C 162 37.64 -23.78 -108.77
CA HIS C 162 38.52 -23.89 -109.94
C HIS C 162 38.48 -25.30 -110.55
N GLU C 163 38.54 -26.36 -109.73
CA GLU C 163 38.44 -27.74 -110.20
C GLU C 163 37.09 -28.04 -110.89
N LEU C 164 36.03 -27.38 -110.44
CA LEU C 164 34.70 -27.44 -111.05
C LEU C 164 34.53 -26.47 -112.24
N GLY C 165 35.44 -25.52 -112.45
CA GLY C 165 35.28 -24.46 -113.45
C GLY C 165 34.17 -23.45 -113.11
N LEU C 166 33.81 -23.32 -111.83
CA LEU C 166 32.80 -22.37 -111.36
C LEU C 166 33.35 -20.94 -111.44
N ASP C 167 32.62 -20.07 -112.13
CA ASP C 167 33.04 -18.68 -112.37
C ASP C 167 32.86 -17.77 -111.12
N PRO C 168 33.38 -16.53 -111.10
CA PRO C 168 33.27 -15.64 -109.96
C PRO C 168 31.84 -15.33 -109.48
N ASP C 169 30.83 -15.32 -110.34
CA ASP C 169 29.45 -15.17 -109.87
C ASP C 169 28.98 -16.44 -109.17
N CYS C 170 29.50 -17.61 -109.56
CA CYS C 170 29.27 -18.83 -108.81
C CYS C 170 29.94 -18.73 -107.43
N ILE C 171 31.15 -18.17 -107.36
CA ILE C 171 31.79 -17.90 -106.06
C ILE C 171 30.97 -16.87 -105.28
N ALA C 172 30.33 -15.89 -105.91
CA ALA C 172 29.41 -14.99 -105.23
C ALA C 172 28.18 -15.74 -104.69
N ALA C 173 27.66 -16.71 -105.44
CA ALA C 173 26.63 -17.61 -104.93
C ALA C 173 27.16 -18.44 -103.74
N ALA C 174 28.43 -18.87 -103.77
CA ALA C 174 29.05 -19.50 -102.61
C ALA C 174 29.09 -18.53 -101.42
N ALA C 175 29.43 -17.26 -101.66
CA ALA C 175 29.40 -16.23 -100.64
C ALA C 175 27.98 -16.00 -100.10
N ASP C 176 26.94 -16.14 -100.92
CA ASP C 176 25.56 -16.09 -100.44
C ASP C 176 25.22 -17.27 -99.52
N LEU C 177 25.73 -18.47 -99.79
CA LEU C 177 25.62 -19.58 -98.82
C LEU C 177 26.41 -19.27 -97.54
N GLY C 178 27.50 -18.51 -97.66
CA GLY C 178 28.20 -17.92 -96.52
C GLY C 178 27.32 -16.93 -95.74
N GLN C 179 26.60 -16.05 -96.44
CA GLN C 179 25.62 -15.15 -95.80
C GLN C 179 24.51 -15.95 -95.09
N ALA C 180 24.13 -17.10 -95.62
CA ALA C 180 23.20 -18.04 -94.99
C ALA C 180 23.82 -18.84 -93.82
N GLY C 181 25.12 -18.67 -93.51
CA GLY C 181 25.77 -19.33 -92.38
C GLY C 181 26.00 -20.83 -92.56
N ILE C 182 25.97 -21.31 -93.80
CA ILE C 182 26.23 -22.71 -94.16
C ILE C 182 27.69 -23.05 -93.83
N SER C 183 27.99 -24.27 -93.35
CA SER C 183 29.38 -24.67 -93.06
C SER C 183 30.21 -24.77 -94.34
N SER C 184 31.53 -24.65 -94.25
CA SER C 184 32.42 -24.79 -95.41
C SER C 184 32.21 -26.11 -96.17
N SER C 185 32.10 -27.22 -95.45
CA SER C 185 31.83 -28.52 -96.07
C SER C 185 30.46 -28.54 -96.74
N GLU C 186 29.42 -28.00 -96.10
CA GLU C 186 28.09 -27.95 -96.71
C GLU C 186 28.03 -27.02 -97.91
N ILE C 187 28.73 -25.87 -97.89
CA ILE C 187 28.89 -25.05 -99.09
C ILE C 187 29.57 -25.91 -100.15
N THR C 188 30.66 -26.58 -99.82
CA THR C 188 31.41 -27.40 -100.78
C THR C 188 30.52 -28.46 -101.41
N ALA C 189 29.73 -29.15 -100.60
CA ALA C 189 28.75 -30.10 -101.07
C ALA C 189 27.74 -29.42 -102.00
N LEU C 190 27.14 -28.31 -101.60
CA LEU C 190 26.17 -27.62 -102.43
C LEU C 190 26.78 -27.16 -103.75
N LEU C 191 28.02 -26.69 -103.75
CA LEU C 191 28.73 -26.35 -104.97
C LEU C 191 28.92 -27.60 -105.84
N LEU C 192 29.43 -28.69 -105.26
CA LEU C 192 29.59 -29.95 -105.98
C LEU C 192 28.27 -30.39 -106.59
N ALA C 193 27.19 -30.29 -105.82
CA ALA C 193 25.86 -30.68 -106.27
C ALA C 193 25.38 -29.79 -107.41
N ALA C 194 25.35 -28.47 -107.22
CA ALA C 194 24.88 -27.56 -108.25
C ALA C 194 25.66 -27.75 -109.55
N ALA C 195 26.98 -27.93 -109.44
CA ALA C 195 27.82 -28.23 -110.58
C ALA C 195 27.41 -29.55 -111.22
N ALA C 196 27.32 -30.63 -110.45
CA ALA C 196 26.92 -31.93 -110.99
C ALA C 196 25.55 -31.84 -111.67
N ILE C 197 24.61 -31.08 -111.12
CA ILE C 197 23.26 -30.93 -111.65
C ILE C 197 23.28 -30.18 -112.96
N GLU C 198 23.91 -29.00 -113.00
CA GLU C 198 23.97 -28.23 -114.22
C GLU C 198 24.69 -29.05 -115.30
N LEU C 199 25.81 -29.70 -114.96
CA LEU C 199 26.50 -30.57 -115.89
C LEU C 199 25.59 -31.72 -116.34
N ALA C 200 24.83 -32.34 -115.46
CA ALA C 200 23.91 -33.41 -115.83
C ALA C 200 22.76 -32.90 -116.70
N LYS C 201 22.36 -31.63 -116.55
CA LYS C 201 21.42 -30.98 -117.47
C LYS C 201 22.07 -30.73 -118.82
N ARG C 202 23.34 -30.31 -118.85
CA ARG C 202 24.08 -30.02 -120.09
C ARG C 202 24.53 -31.29 -120.82
N ALA C 203 24.70 -32.40 -120.11
CA ALA C 203 24.72 -33.75 -120.68
C ALA C 203 23.28 -34.14 -121.10
N ASP C 204 23.12 -34.79 -122.24
CA ASP C 204 21.78 -35.17 -122.76
C ASP C 204 21.21 -36.46 -122.13
N ASP C 205 22.06 -37.39 -121.73
CA ASP C 205 21.65 -38.77 -121.45
C ASP C 205 20.82 -38.92 -120.17
N LYS C 206 19.58 -39.38 -120.30
CA LYS C 206 18.71 -39.72 -119.16
C LYS C 206 19.39 -40.69 -118.20
N ASP C 207 20.17 -41.65 -118.67
CA ASP C 207 20.72 -42.69 -117.80
C ASP C 207 21.84 -42.14 -116.91
N VAL C 208 22.67 -41.26 -117.45
CA VAL C 208 23.62 -40.47 -116.65
C VAL C 208 22.85 -39.61 -115.66
N ARG C 209 21.76 -38.96 -116.11
CA ARG C 209 20.90 -38.16 -115.23
C ARG C 209 20.29 -39.03 -114.12
N GLU C 210 19.90 -40.27 -114.39
CA GLU C 210 19.43 -41.22 -113.39
C GLU C 210 20.53 -41.61 -112.41
N ILE C 211 21.74 -41.88 -112.89
CA ILE C 211 22.90 -42.11 -112.01
C ILE C 211 23.08 -40.91 -111.07
N VAL C 212 23.06 -39.69 -111.62
CA VAL C 212 23.23 -38.48 -110.84
C VAL C 212 22.06 -38.30 -109.86
N ARG C 213 20.81 -38.60 -110.25
CA ARG C 213 19.67 -38.61 -109.34
C ARG C 213 19.93 -39.57 -108.19
N ASP C 214 20.37 -40.79 -108.47
CA ASP C 214 20.63 -41.76 -107.42
C ASP C 214 21.74 -41.30 -106.47
N ALA C 215 22.77 -40.63 -107.01
CA ALA C 215 23.77 -39.99 -106.17
C ALA C 215 23.16 -38.85 -105.33
N LEU C 216 22.30 -38.02 -105.90
CA LEU C 216 21.63 -36.93 -105.18
C LEU C 216 20.69 -37.47 -104.11
N GLU C 217 19.98 -38.56 -104.37
CA GLU C 217 19.23 -39.26 -103.33
C GLU C 217 20.15 -39.71 -102.21
N LEU C 218 21.24 -40.42 -102.52
CA LEU C 218 22.18 -40.87 -101.51
C LEU C 218 22.74 -39.68 -100.71
N ALA C 219 23.10 -38.59 -101.37
CA ALA C 219 23.58 -37.37 -100.73
C ALA C 219 22.52 -36.70 -99.86
N SER C 220 21.24 -36.77 -100.25
CA SER C 220 20.12 -36.27 -99.44
C SER C 220 19.87 -37.15 -98.21
N ARG C 221 19.95 -38.47 -98.38
CA ARG C 221 19.59 -39.48 -97.37
C ARG C 221 20.68 -39.73 -96.33
N SER C 222 21.94 -39.75 -96.76
CA SER C 222 23.10 -39.91 -95.86
C SER C 222 23.41 -38.65 -95.04
N THR C 223 24.24 -38.78 -94.01
CA THR C 223 24.62 -37.68 -93.08
C THR C 223 26.13 -37.70 -92.75
N ASN C 224 26.98 -38.09 -93.71
CA ASN C 224 28.45 -38.07 -93.59
C ASN C 224 29.07 -37.23 -94.71
N ASP C 225 29.79 -36.16 -94.36
CA ASP C 225 30.36 -35.24 -95.35
C ASP C 225 31.31 -35.94 -96.33
N GLU C 226 32.05 -36.97 -95.90
CA GLU C 226 32.96 -37.69 -96.80
C GLU C 226 32.18 -38.54 -97.81
N VAL C 227 31.12 -39.23 -97.37
CA VAL C 227 30.22 -39.93 -98.29
C VAL C 227 29.61 -38.95 -99.28
N ILE C 228 29.18 -37.78 -98.81
CA ILE C 228 28.59 -36.75 -99.67
C ILE C 228 29.64 -36.25 -100.68
N ARG C 229 30.86 -35.92 -100.24
CA ARG C 229 31.95 -35.54 -101.14
C ARG C 229 32.18 -36.61 -102.19
N LEU C 230 32.37 -37.85 -101.77
CA LEU C 230 32.58 -38.98 -102.68
C LEU C 230 31.45 -39.11 -103.68
N ALA C 231 30.20 -39.08 -103.21
CA ALA C 231 29.05 -39.26 -104.07
C ALA C 231 28.95 -38.14 -105.11
N LEU C 232 29.06 -36.90 -104.67
CA LEU C 232 28.93 -35.76 -105.59
C LEU C 232 30.14 -35.67 -106.52
N GLU C 233 31.33 -36.02 -106.05
CA GLU C 233 32.49 -36.16 -106.94
C GLU C 233 32.24 -37.25 -107.98
N ALA C 234 31.72 -38.40 -107.59
CA ALA C 234 31.35 -39.43 -108.56
C ALA C 234 30.30 -38.91 -109.55
N ALA C 235 29.34 -38.10 -109.09
CA ALA C 235 28.34 -37.50 -109.95
C ALA C 235 28.99 -36.54 -110.97
N VAL C 236 29.92 -35.69 -110.52
CA VAL C 236 30.69 -34.83 -111.43
C VAL C 236 31.50 -35.69 -112.42
N LEU C 237 32.17 -36.74 -111.96
CA LEU C 237 32.96 -37.61 -112.83
C LEU C 237 32.08 -38.34 -113.86
N ALA C 238 30.91 -38.81 -113.48
CA ALA C 238 29.94 -39.37 -114.41
C ALA C 238 29.52 -38.31 -115.44
N ALA C 239 29.21 -37.09 -115.02
CA ALA C 239 28.88 -36.00 -115.93
C ALA C 239 30.07 -35.58 -116.83
N ARG C 240 31.32 -35.84 -116.41
CA ARG C 240 32.55 -35.58 -117.16
C ARG C 240 33.08 -36.77 -117.98
N SER C 241 32.44 -37.94 -117.99
CA SER C 241 32.93 -39.14 -118.69
C SER C 241 31.84 -39.90 -119.47
N THR C 242 32.17 -40.33 -120.69
CA THR C 242 31.22 -40.99 -121.61
C THR C 242 31.28 -42.53 -121.55
N ASP C 243 32.36 -43.10 -121.00
CA ASP C 243 32.65 -44.53 -121.07
C ASP C 243 31.61 -45.39 -120.34
N SER C 244 30.94 -46.27 -121.08
CA SER C 244 29.85 -47.10 -120.55
C SER C 244 30.31 -48.00 -119.39
N ASP C 245 31.54 -48.53 -119.45
CA ASP C 245 32.12 -49.30 -118.34
C ASP C 245 32.24 -48.47 -117.05
N VAL C 246 32.60 -47.19 -117.14
CA VAL C 246 32.62 -46.30 -115.97
C VAL C 246 31.21 -46.07 -115.45
N LEU C 247 30.23 -45.86 -116.34
CA LEU C 247 28.83 -45.72 -115.94
C LEU C 247 28.30 -47.00 -115.26
N GLU C 248 28.62 -48.18 -115.78
CA GLU C 248 28.29 -49.45 -115.12
C GLU C 248 28.93 -49.56 -113.74
N ILE C 249 30.23 -49.27 -113.61
CA ILE C 249 30.95 -49.36 -112.33
C ILE C 249 30.35 -48.38 -111.31
N VAL C 250 30.10 -47.14 -111.70
CA VAL C 250 29.45 -46.15 -110.82
C VAL C 250 28.05 -46.62 -110.45
N LYS C 251 27.25 -47.12 -111.40
CA LYS C 251 25.90 -47.60 -111.14
C LYS C 251 25.91 -48.80 -110.19
N ASP C 252 26.79 -49.76 -110.40
CA ASP C 252 26.94 -50.91 -109.53
C ASP C 252 27.40 -50.49 -108.13
N ALA C 253 28.33 -49.55 -108.03
CA ALA C 253 28.75 -49.01 -106.74
C ALA C 253 27.59 -48.30 -106.02
N LEU C 254 26.80 -47.50 -106.74
CA LEU C 254 25.61 -46.85 -106.17
C LEU C 254 24.55 -47.90 -105.77
N GLU C 255 24.35 -48.95 -106.56
CA GLU C 255 23.45 -50.04 -106.19
C GLU C 255 23.93 -50.74 -104.90
N LEU C 256 25.21 -51.09 -104.81
CA LEU C 256 25.77 -51.68 -103.60
C LEU C 256 25.64 -50.72 -102.41
N ALA C 257 25.89 -49.43 -102.60
CA ALA C 257 25.72 -48.41 -101.57
C ALA C 257 24.25 -48.24 -101.13
N LYS C 258 23.29 -48.46 -102.03
CA LYS C 258 21.85 -48.42 -101.73
C LYS C 258 21.38 -49.69 -101.03
N GLN C 259 21.92 -50.85 -101.40
CA GLN C 259 21.55 -52.15 -100.81
C GLN C 259 22.20 -52.41 -99.44
N SER C 260 23.47 -52.01 -99.27
CA SER C 260 24.18 -52.09 -97.99
C SER C 260 23.81 -50.92 -97.05
N THR C 261 24.13 -51.05 -95.75
CA THR C 261 23.80 -50.05 -94.71
C THR C 261 25.02 -49.68 -93.84
N ASN C 262 26.24 -49.92 -94.33
CA ASN C 262 27.49 -49.65 -93.63
C ASN C 262 28.30 -48.54 -94.33
N GLU C 263 28.62 -47.46 -93.61
CA GLU C 263 29.35 -46.32 -94.17
C GLU C 263 30.76 -46.68 -94.67
N GLU C 264 31.43 -47.68 -94.09
CA GLU C 264 32.74 -48.12 -94.59
C GLU C 264 32.61 -48.81 -95.96
N VAL C 265 31.58 -49.66 -96.15
CA VAL C 265 31.28 -50.27 -97.46
C VAL C 265 30.92 -49.19 -98.48
N ILE C 266 30.09 -48.22 -98.10
CA ILE C 266 29.72 -47.10 -98.99
C ILE C 266 30.98 -46.30 -99.39
N LYS C 267 31.80 -45.87 -98.43
CA LYS C 267 33.03 -45.12 -98.72
C LYS C 267 33.97 -45.91 -99.60
N LEU C 268 34.22 -47.19 -99.30
CA LEU C 268 35.10 -48.03 -100.13
C LEU C 268 34.53 -48.20 -101.55
N ALA C 269 33.25 -48.50 -101.69
CA ALA C 269 32.63 -48.69 -103.01
C ALA C 269 32.67 -47.41 -103.85
N LEU C 270 32.29 -46.27 -103.27
CA LEU C 270 32.38 -44.98 -103.95
C LEU C 270 33.84 -44.64 -104.29
N LYS C 271 34.79 -44.87 -103.37
CA LYS C 271 36.21 -44.63 -103.66
C LYS C 271 36.71 -45.50 -104.80
N ALA C 272 36.37 -46.79 -104.82
CA ALA C 272 36.73 -47.69 -105.91
C ALA C 272 36.16 -47.20 -107.25
N ALA C 273 34.89 -46.78 -107.29
CA ALA C 273 34.28 -46.22 -108.49
C ALA C 273 34.91 -44.88 -108.91
N VAL C 274 35.26 -44.00 -107.97
CA VAL C 274 35.96 -42.73 -108.25
C VAL C 274 37.34 -43.01 -108.86
N LEU C 275 38.11 -43.93 -108.27
CA LEU C 275 39.41 -44.32 -108.81
C LEU C 275 39.27 -44.96 -110.21
N ALA C 276 38.28 -45.82 -110.42
CA ALA C 276 37.99 -46.37 -111.73
C ALA C 276 37.65 -45.26 -112.76
N ALA C 277 36.78 -44.32 -112.41
CA ALA C 277 36.41 -43.20 -113.29
C ALA C 277 37.61 -42.29 -113.65
N LYS C 278 38.59 -42.14 -112.75
CA LYS C 278 39.85 -41.43 -113.00
C LYS C 278 40.90 -42.25 -113.76
N SER C 279 40.81 -43.58 -113.75
CA SER C 279 41.77 -44.49 -114.38
C SER C 279 41.68 -44.51 -115.92
N THR C 280 42.77 -44.86 -116.59
CA THR C 280 42.79 -45.14 -118.04
C THR C 280 42.75 -46.65 -118.35
N ASP C 281 43.24 -47.50 -117.45
CA ASP C 281 43.44 -48.93 -117.69
C ASP C 281 42.13 -49.75 -117.62
N GLU C 282 41.69 -50.31 -118.75
CA GLU C 282 40.51 -51.17 -118.81
C GLU C 282 40.64 -52.44 -117.96
N GLU C 283 41.85 -52.93 -117.66
CA GLU C 283 42.03 -54.04 -116.74
C GLU C 283 41.76 -53.62 -115.28
N VAL C 284 42.01 -52.36 -114.93
CA VAL C 284 41.60 -51.81 -113.62
C VAL C 284 40.08 -51.61 -113.60
N LEU C 285 39.47 -51.17 -114.71
CA LEU C 285 38.01 -51.13 -114.82
C LEU C 285 37.41 -52.52 -114.61
N GLU C 286 37.90 -53.55 -115.31
CA GLU C 286 37.45 -54.92 -115.12
C GLU C 286 37.71 -55.46 -113.71
N GLU C 287 38.87 -55.22 -113.09
CA GLU C 287 39.12 -55.66 -111.72
C GLU C 287 38.18 -54.98 -110.72
N VAL C 288 37.93 -53.68 -110.86
CA VAL C 288 36.95 -52.99 -110.00
C VAL C 288 35.53 -53.52 -110.25
N LYS C 289 35.13 -53.73 -111.52
CA LYS C 289 33.82 -54.32 -111.85
C LYS C 289 33.68 -55.73 -111.28
N GLU C 290 34.71 -56.55 -111.37
CA GLU C 290 34.74 -57.88 -110.75
C GLU C 290 34.76 -57.82 -109.23
N ALA C 291 35.49 -56.90 -108.60
CA ALA C 291 35.44 -56.71 -107.15
C ALA C 291 34.02 -56.32 -106.68
N LEU C 292 33.34 -55.42 -107.40
CA LEU C 292 31.94 -55.10 -107.16
C LEU C 292 31.02 -56.32 -107.38
N ARG C 293 31.25 -57.14 -108.42
CA ARG C 293 30.50 -58.38 -108.63
C ARG C 293 30.70 -59.36 -107.48
N ARG C 294 31.95 -59.62 -107.08
CA ARG C 294 32.28 -60.45 -105.91
C ARG C 294 31.58 -59.92 -104.67
N ALA C 295 31.62 -58.61 -104.43
CA ALA C 295 30.93 -57.98 -103.31
C ALA C 295 29.41 -58.20 -103.37
N LYS C 296 28.77 -57.97 -104.51
CA LYS C 296 27.34 -58.18 -104.72
C LYS C 296 26.91 -59.65 -104.55
N GLU C 297 27.77 -60.59 -104.94
CA GLU C 297 27.55 -62.02 -104.74
C GLU C 297 27.86 -62.51 -103.31
N SER C 298 28.60 -61.73 -102.51
CA SER C 298 29.00 -62.10 -101.13
C SER C 298 27.91 -61.86 -100.08
N THR C 299 27.86 -62.71 -99.06
CA THR C 299 26.91 -62.59 -97.93
C THR C 299 27.44 -61.78 -96.73
N ASP C 300 28.77 -61.66 -96.59
CA ASP C 300 29.43 -61.09 -95.40
C ASP C 300 30.06 -59.71 -95.70
N GLU C 301 29.75 -58.71 -94.87
CA GLU C 301 30.36 -57.37 -94.95
C GLU C 301 31.89 -57.39 -94.82
N GLU C 302 32.47 -58.35 -94.10
CA GLU C 302 33.94 -58.49 -94.02
C GLU C 302 34.56 -58.88 -95.37
N GLU C 303 33.93 -59.79 -96.12
CA GLU C 303 34.40 -60.17 -97.46
C GLU C 303 34.16 -59.05 -98.50
N ILE C 304 33.05 -58.32 -98.37
CA ILE C 304 32.77 -57.12 -99.17
C ILE C 304 33.85 -56.06 -98.95
N LYS C 305 34.16 -55.72 -97.69
CA LYS C 305 35.20 -54.74 -97.35
C LYS C 305 36.58 -55.19 -97.85
N GLU C 306 36.95 -56.46 -97.71
CA GLU C 306 38.24 -56.95 -98.20
C GLU C 306 38.39 -56.92 -99.72
N GLU C 307 37.37 -57.31 -100.50
CA GLU C 307 37.43 -57.20 -101.97
C GLU C 307 37.54 -55.73 -102.40
N LEU C 308 36.73 -54.84 -101.85
CA LEU C 308 36.82 -53.40 -102.16
C LEU C 308 38.15 -52.79 -101.69
N ARG C 309 38.68 -53.21 -100.53
CA ARG C 309 40.01 -52.76 -100.05
C ARG C 309 41.12 -53.19 -101.01
N LYS C 310 41.15 -54.46 -101.44
CA LYS C 310 42.13 -54.93 -102.43
C LYS C 310 42.04 -54.16 -103.74
N ALA C 311 40.82 -53.91 -104.24
CA ALA C 311 40.63 -53.11 -105.45
C ALA C 311 41.13 -51.65 -105.28
N VAL C 312 40.81 -50.99 -104.15
CA VAL C 312 41.30 -49.64 -103.84
C VAL C 312 42.83 -49.62 -103.72
N GLU C 313 43.44 -50.57 -103.00
CA GLU C 313 44.89 -50.65 -102.85
C GLU C 313 45.62 -50.97 -104.17
N GLU C 314 44.96 -51.60 -105.15
CA GLU C 314 45.49 -51.77 -106.50
C GLU C 314 45.33 -50.51 -107.37
N ALA C 315 44.22 -49.77 -107.23
CA ALA C 315 43.86 -48.64 -108.09
C ALA C 315 44.39 -47.25 -107.64
N GLU C 316 44.67 -47.05 -106.34
CA GLU C 316 45.09 -45.74 -105.77
C GLU C 316 46.50 -45.27 -106.19
N CYS D 3 -1.07 49.80 -107.28
CA CYS D 3 -1.18 49.99 -105.82
C CYS D 3 0.20 50.01 -105.12
N ASP D 4 1.16 50.85 -105.52
CA ASP D 4 2.54 50.75 -105.01
C ASP D 4 2.71 51.32 -103.59
N ALA D 5 2.18 52.52 -103.34
CA ALA D 5 2.26 53.12 -102.00
C ALA D 5 1.50 52.26 -100.97
N ILE D 6 0.36 51.70 -101.37
CA ILE D 6 -0.43 50.80 -100.52
C ILE D 6 0.31 49.46 -100.31
N GLN D 7 1.04 48.95 -101.30
CA GLN D 7 1.90 47.78 -101.10
C GLN D 7 3.02 48.07 -100.10
N ALA D 8 3.63 49.26 -100.15
CA ALA D 8 4.62 49.66 -99.16
C ALA D 8 3.98 49.75 -97.75
N ALA D 9 2.76 50.30 -97.64
CA ALA D 9 2.03 50.30 -96.39
C ALA D 9 1.77 48.87 -95.88
N ALA D 10 1.42 47.92 -96.76
CA ALA D 10 1.25 46.52 -96.39
C ALA D 10 2.56 45.91 -95.87
N ALA D 11 3.70 46.23 -96.49
CA ALA D 11 4.99 45.78 -95.99
C ALA D 11 5.27 46.32 -94.57
N LEU D 12 4.95 47.58 -94.29
CA LEU D 12 5.06 48.14 -92.93
C LEU D 12 4.08 47.48 -91.95
N GLY D 13 2.91 47.06 -92.42
CA GLY D 13 1.95 46.25 -91.65
C GLY D 13 2.51 44.87 -91.31
N GLU D 14 3.14 44.19 -92.27
CA GLU D 14 3.82 42.89 -92.04
C GLU D 14 4.96 43.03 -91.02
N ALA D 15 5.70 44.14 -91.05
CA ALA D 15 6.72 44.45 -90.05
C ALA D 15 6.15 44.78 -88.66
N GLY D 16 4.83 44.92 -88.50
CA GLY D 16 4.18 45.20 -87.22
C GLY D 16 4.37 46.63 -86.72
N ILE D 17 4.64 47.59 -87.62
CA ILE D 17 4.80 49.00 -87.26
C ILE D 17 3.46 49.59 -86.79
N SER D 18 3.44 50.41 -85.72
CA SER D 18 2.20 51.02 -85.22
C SER D 18 1.64 52.09 -86.17
N SER D 19 0.34 52.35 -86.14
CA SER D 19 -0.32 53.19 -87.16
C SER D 19 0.24 54.61 -87.25
N ASN D 20 0.46 55.31 -86.13
CA ASN D 20 1.10 56.63 -86.16
C ASN D 20 2.54 56.57 -86.69
N GLU D 21 3.28 55.49 -86.41
CA GLU D 21 4.63 55.30 -86.94
C GLU D 21 4.59 54.97 -88.44
N ILE D 22 3.60 54.21 -88.93
CA ILE D 22 3.39 54.05 -90.37
C ILE D 22 3.11 55.41 -90.99
N LEU D 23 2.22 56.21 -90.40
CA LEU D 23 1.94 57.55 -90.91
C LEU D 23 3.19 58.42 -90.93
N GLU D 24 4.05 58.35 -89.91
CA GLU D 24 5.32 59.06 -89.94
C GLU D 24 6.24 58.53 -91.05
N LEU D 25 6.39 57.22 -91.22
CA LEU D 25 7.25 56.68 -92.28
C LEU D 25 6.70 57.01 -93.67
N LEU D 26 5.38 57.02 -93.82
CA LEU D 26 4.74 57.53 -95.02
C LEU D 26 5.02 59.03 -95.19
N ALA D 27 4.97 59.84 -94.12
CA ALA D 27 5.31 61.24 -94.18
C ALA D 27 6.77 61.43 -94.61
N ALA D 28 7.69 60.64 -94.06
CA ALA D 28 9.09 60.65 -94.48
C ALA D 28 9.23 60.26 -95.95
N ALA D 29 8.50 59.23 -96.40
CA ALA D 29 8.48 58.87 -97.80
C ALA D 29 8.00 60.03 -98.67
N ALA D 30 6.96 60.76 -98.25
CA ALA D 30 6.47 61.93 -98.96
C ALA D 30 7.46 63.09 -98.95
N GLU D 31 8.20 63.30 -97.85
CA GLU D 31 9.24 64.33 -97.78
C GLU D 31 10.40 64.02 -98.72
N LEU D 32 11.00 62.85 -98.57
CA LEU D 32 12.24 62.48 -99.26
C LEU D 32 11.99 61.90 -100.66
N GLY D 33 10.76 61.50 -100.96
CA GLY D 33 10.44 60.73 -102.17
C GLY D 33 10.92 59.28 -102.10
N LEU D 34 10.87 58.64 -100.91
CA LEU D 34 11.36 57.26 -100.73
C LEU D 34 10.63 56.28 -101.65
N ASP D 35 11.37 55.40 -102.30
CA ASP D 35 10.81 54.30 -103.10
C ASP D 35 10.45 53.09 -102.20
N PRO D 36 9.62 52.15 -102.68
CA PRO D 36 9.20 50.98 -101.89
C PRO D 36 10.36 50.15 -101.35
N ASP D 37 11.50 50.09 -102.06
CA ASP D 37 12.69 49.39 -101.55
C ASP D 37 13.33 50.15 -100.38
N ALA D 38 13.42 51.49 -100.44
CA ALA D 38 13.87 52.28 -99.31
C ALA D 38 12.90 52.19 -98.12
N ILE D 39 11.59 52.15 -98.37
CA ILE D 39 10.60 51.89 -97.32
C ILE D 39 10.76 50.46 -96.78
N GLN D 40 11.07 49.47 -97.61
CA GLN D 40 11.34 48.10 -97.14
C GLN D 40 12.61 48.05 -96.28
N ALA D 41 13.65 48.82 -96.63
CA ALA D 41 14.81 48.98 -95.77
C ALA D 41 14.42 49.61 -94.43
N ALA D 42 13.58 50.65 -94.44
CA ALA D 42 13.01 51.21 -93.21
C ALA D 42 12.23 50.15 -92.42
N ALA D 43 11.45 49.30 -93.08
CA ALA D 43 10.73 48.22 -92.42
C ALA D 43 11.70 47.23 -91.73
N GLN D 44 12.77 46.81 -92.41
CA GLN D 44 13.76 45.92 -91.82
C GLN D 44 14.57 46.60 -90.69
N LEU D 45 14.82 47.91 -90.78
CA LEU D 45 15.38 48.68 -89.65
C LEU D 45 14.38 48.77 -88.48
N GLY D 46 13.09 48.82 -88.78
CA GLY D 46 12.02 48.70 -87.78
C GLY D 46 11.98 47.32 -87.12
N GLU D 47 12.19 46.24 -87.88
CA GLU D 47 12.37 44.90 -87.33
C GLU D 47 13.64 44.80 -86.46
N ALA D 48 14.71 45.52 -86.82
CA ALA D 48 15.89 45.71 -85.98
C ALA D 48 15.65 46.62 -84.74
N GLY D 49 14.44 47.18 -84.59
CA GLY D 49 14.03 47.99 -83.43
C GLY D 49 14.48 49.45 -83.47
N ILE D 50 15.03 49.93 -84.58
CA ILE D 50 15.49 51.33 -84.73
C ILE D 50 14.29 52.28 -84.74
N SER D 51 14.40 53.48 -84.15
CA SER D 51 13.30 54.47 -84.19
C SER D 51 13.03 54.94 -85.61
N SER D 52 11.76 55.17 -85.94
CA SER D 52 11.38 55.86 -87.18
C SER D 52 12.09 57.20 -87.32
N GLU D 53 12.29 57.94 -86.23
CA GLU D 53 13.01 59.20 -86.24
C GLU D 53 14.46 58.99 -86.66
N GLU D 54 15.12 58.02 -86.05
CA GLU D 54 16.51 57.68 -86.35
C GLU D 54 16.63 57.25 -87.82
N ILE D 55 15.72 56.37 -88.27
CA ILE D 55 15.67 55.94 -89.67
C ILE D 55 15.51 57.17 -90.56
N LYS D 56 14.61 58.08 -90.22
CA LYS D 56 14.33 59.28 -91.02
C LYS D 56 15.57 60.13 -91.15
N GLU D 57 16.24 60.43 -90.05
CA GLU D 57 17.50 61.16 -90.10
C GLU D 57 18.56 60.38 -90.89
N LEU D 58 18.62 59.05 -90.77
CA LEU D 58 19.61 58.26 -91.51
C LEU D 58 19.33 58.30 -93.01
N LEU D 59 18.08 58.14 -93.42
CA LEU D 59 17.71 58.26 -94.83
C LEU D 59 17.95 59.69 -95.32
N ARG D 60 17.68 60.69 -94.49
CA ARG D 60 18.02 62.08 -94.79
C ARG D 60 19.52 62.23 -95.01
N ALA D 61 20.34 61.58 -94.19
CA ALA D 61 21.78 61.56 -94.42
C ALA D 61 22.15 60.82 -95.71
N ALA D 62 21.53 59.67 -96.00
CA ALA D 62 21.77 58.95 -97.24
C ALA D 62 21.44 59.80 -98.47
N HIS D 63 20.39 60.61 -98.38
CA HIS D 63 20.00 61.59 -99.39
C HIS D 63 21.00 62.74 -99.48
N GLU D 64 21.47 63.29 -98.35
CA GLU D 64 22.53 64.32 -98.33
C GLU D 64 23.89 63.79 -98.83
N LEU D 65 24.11 62.47 -98.79
CA LEU D 65 25.29 61.80 -99.36
C LEU D 65 25.13 61.47 -100.86
N GLY D 66 23.91 61.30 -101.36
CA GLY D 66 23.65 60.85 -102.73
C GLY D 66 24.07 59.40 -102.98
N LEU D 67 23.84 58.51 -102.00
CA LEU D 67 24.23 57.10 -102.08
C LEU D 67 23.49 56.31 -103.17
N ASP D 68 24.08 55.20 -103.62
CA ASP D 68 23.43 54.25 -104.53
C ASP D 68 22.38 53.38 -103.80
N PRO D 69 21.34 52.92 -104.51
CA PRO D 69 20.28 52.09 -103.93
C PRO D 69 20.77 50.81 -103.25
N ASP D 70 21.83 50.17 -103.76
CA ASP D 70 22.33 48.92 -103.18
C ASP D 70 22.94 49.15 -101.79
N ALA D 71 23.72 50.21 -101.61
CA ALA D 71 24.19 50.59 -100.30
C ALA D 71 23.03 50.95 -99.37
N ILE D 72 22.05 51.72 -99.85
CA ILE D 72 20.89 52.09 -99.05
C ILE D 72 20.13 50.83 -98.60
N ALA D 73 19.92 49.87 -99.50
CA ALA D 73 19.32 48.59 -99.14
C ALA D 73 20.20 47.83 -98.13
N ALA D 74 21.51 47.78 -98.36
CA ALA D 74 22.44 47.11 -97.48
C ALA D 74 22.46 47.71 -96.06
N ALA D 75 22.00 48.95 -95.86
CA ALA D 75 21.82 49.49 -94.52
C ALA D 75 20.88 48.62 -93.68
N ALA D 76 19.88 47.98 -94.29
CA ALA D 76 19.02 47.04 -93.59
C ALA D 76 19.80 45.81 -93.11
N ASP D 77 20.71 45.29 -93.93
CA ASP D 77 21.58 44.19 -93.51
C ASP D 77 22.52 44.60 -92.37
N LEU D 78 23.05 45.84 -92.38
CA LEU D 78 23.80 46.35 -91.23
C LEU D 78 22.92 46.43 -89.97
N GLY D 79 21.64 46.79 -90.13
CA GLY D 79 20.65 46.72 -89.05
C GLY D 79 20.42 45.30 -88.54
N GLN D 80 20.26 44.33 -89.43
CA GLN D 80 20.12 42.91 -89.07
C GLN D 80 21.36 42.38 -88.35
N ALA D 81 22.55 42.88 -88.72
CA ALA D 81 23.82 42.61 -88.04
C ALA D 81 23.96 43.31 -86.67
N GLY D 82 23.00 44.15 -86.27
CA GLY D 82 22.98 44.83 -84.96
C GLY D 82 23.92 46.03 -84.85
N VAL D 83 24.39 46.58 -85.97
CA VAL D 83 25.30 47.75 -86.02
C VAL D 83 24.63 48.99 -85.41
N SER D 84 25.39 49.81 -84.66
CA SER D 84 24.83 51.03 -84.05
C SER D 84 24.27 51.99 -85.10
N PRO D 85 23.20 52.76 -84.80
CA PRO D 85 22.62 53.70 -85.74
C PRO D 85 23.66 54.64 -86.35
N VAL D 86 24.52 55.21 -85.51
CA VAL D 86 25.62 56.04 -85.99
C VAL D 86 26.57 55.21 -86.83
N GLU D 87 26.93 54.01 -86.37
CA GLU D 87 27.88 53.15 -87.09
C GLU D 87 27.39 52.77 -88.48
N ILE D 88 26.08 52.62 -88.68
CA ILE D 88 25.55 52.43 -90.02
C ILE D 88 25.97 53.61 -90.89
N LEU D 89 25.73 54.84 -90.42
CA LEU D 89 26.09 56.03 -91.16
C LEU D 89 27.59 56.10 -91.38
N ALA D 90 28.37 55.74 -90.37
CA ALA D 90 29.82 55.70 -90.52
C ALA D 90 30.22 54.75 -91.64
N LEU D 91 29.71 53.52 -91.64
CA LEU D 91 30.03 52.54 -92.66
C LEU D 91 29.59 53.02 -94.04
N LEU D 92 28.39 53.60 -94.13
CA LEU D 92 27.93 54.16 -95.40
C LEU D 92 28.86 55.28 -95.87
N ILE D 93 29.19 56.23 -95.01
CA ILE D 93 30.11 57.30 -95.35
C ILE D 93 31.44 56.71 -95.80
N ALA D 94 31.99 55.79 -95.03
CA ALA D 94 33.28 55.20 -95.33
C ALA D 94 33.28 54.53 -96.69
N ALA D 95 32.31 53.66 -96.95
CA ALA D 95 32.19 53.00 -98.23
C ALA D 95 32.10 54.05 -99.36
N SER D 96 31.29 55.08 -99.17
CA SER D 96 31.10 56.12 -100.19
C SER D 96 32.39 56.89 -100.45
N VAL D 97 33.17 57.20 -99.42
CA VAL D 97 34.44 57.91 -99.57
C VAL D 97 35.47 57.02 -100.24
N LEU D 98 35.58 55.77 -99.79
CA LEU D 98 36.51 54.80 -100.35
C LEU D 98 36.16 54.43 -101.80
N GLY D 99 34.91 54.61 -102.22
CA GLY D 99 34.43 54.27 -103.56
C GLY D 99 34.30 52.76 -103.79
N LEU D 100 34.13 51.97 -102.72
CA LEU D 100 34.03 50.51 -102.78
C LEU D 100 32.67 50.03 -103.31
N ASP D 101 32.60 48.76 -103.72
CA ASP D 101 31.38 48.10 -104.15
C ASP D 101 30.49 47.66 -102.96
N PRO D 102 29.18 47.45 -103.18
CA PRO D 102 28.28 46.95 -102.14
C PRO D 102 28.72 45.63 -101.49
N ASP D 103 29.50 44.81 -102.18
CA ASP D 103 30.08 43.60 -101.59
C ASP D 103 31.01 43.93 -100.40
N ALA D 104 31.70 45.07 -100.41
CA ALA D 104 32.44 45.50 -99.24
C ALA D 104 31.49 45.80 -98.06
N ILE D 105 30.30 46.32 -98.34
CA ILE D 105 29.28 46.54 -97.31
C ILE D 105 28.72 45.19 -96.82
N GLN D 106 28.53 44.20 -97.70
CA GLN D 106 28.19 42.85 -97.27
C GLN D 106 29.28 42.25 -96.38
N ALA D 107 30.56 42.48 -96.70
CA ALA D 107 31.66 42.07 -95.84
C ALA D 107 31.60 42.81 -94.50
N ALA D 108 31.28 44.10 -94.50
CA ALA D 108 31.05 44.85 -93.27
C ALA D 108 29.90 44.24 -92.45
N ALA D 109 28.80 43.85 -93.09
CA ALA D 109 27.70 43.20 -92.40
C ALA D 109 28.16 41.89 -91.75
N ALA D 110 28.92 41.06 -92.47
CA ALA D 110 29.49 39.84 -91.91
C ALA D 110 30.45 40.13 -90.73
N LEU D 111 31.29 41.16 -90.83
CA LEU D 111 32.15 41.60 -89.72
C LEU D 111 31.32 42.13 -88.54
N GLY D 112 30.17 42.74 -88.81
CA GLY D 112 29.20 43.14 -87.79
C GLY D 112 28.57 41.93 -87.09
N GLU D 113 28.19 40.89 -87.82
CA GLU D 113 27.74 39.62 -87.23
C GLU D 113 28.85 38.94 -86.42
N ALA D 114 30.12 39.12 -86.81
CA ALA D 114 31.28 38.70 -86.02
C ALA D 114 31.58 39.62 -84.81
N GLY D 115 30.83 40.71 -84.62
CA GLY D 115 30.97 41.63 -83.49
C GLY D 115 32.11 42.64 -83.60
N ILE D 116 32.71 42.80 -84.77
CA ILE D 116 33.79 43.77 -85.02
C ILE D 116 33.23 45.21 -85.03
N SER D 117 33.93 46.19 -84.44
CA SER D 117 33.47 47.59 -84.44
C SER D 117 33.57 48.23 -85.83
N ALA D 118 32.74 49.22 -86.13
CA ALA D 118 32.84 49.92 -87.41
C ALA D 118 34.21 50.59 -87.57
N GLU D 119 34.84 51.04 -86.48
CA GLU D 119 36.20 51.58 -86.53
C GLU D 119 37.20 50.54 -87.02
N GLU D 120 37.14 49.32 -86.48
CA GLU D 120 37.97 48.23 -86.98
C GLU D 120 37.65 47.89 -88.43
N ILE D 121 36.38 47.88 -88.82
CA ILE D 121 36.01 47.63 -90.21
C ILE D 121 36.63 48.71 -91.10
N ILE D 122 36.46 49.98 -90.74
CA ILE D 122 37.00 51.10 -91.51
C ILE D 122 38.52 50.96 -91.61
N GLU D 123 39.19 50.63 -90.51
CA GLU D 123 40.63 50.38 -90.52
C GLU D 123 40.97 49.24 -91.49
N LEU D 124 40.27 48.11 -91.39
CA LEU D 124 40.50 46.98 -92.27
C LEU D 124 40.30 47.37 -93.73
N LEU D 125 39.25 48.12 -94.05
CA LEU D 125 39.02 48.59 -95.40
C LEU D 125 40.11 49.57 -95.83
N THR D 126 40.57 50.42 -94.92
CA THR D 126 41.67 51.34 -95.21
C THR D 126 42.92 50.56 -95.56
N ALA D 127 43.26 49.55 -94.76
CA ALA D 127 44.39 48.68 -95.02
C ALA D 127 44.22 47.95 -96.35
N ALA D 128 43.03 47.44 -96.65
CA ALA D 128 42.75 46.79 -97.92
C ALA D 128 42.97 47.74 -99.10
N ARG D 129 42.57 49.01 -98.96
CA ARG D 129 42.78 50.06 -99.97
C ARG D 129 44.25 50.39 -100.15
N ASP D 130 45.05 50.41 -99.07
CA ASP D 130 46.50 50.61 -99.14
C ASP D 130 47.23 49.41 -99.78
N LEU D 131 46.88 48.20 -99.39
CA LEU D 131 47.44 46.97 -99.99
C LEU D 131 46.97 46.78 -101.45
N GLY D 132 45.81 47.33 -101.82
CA GLY D 132 45.19 47.07 -103.11
C GLY D 132 44.61 45.66 -103.21
N LEU D 133 43.98 45.17 -102.14
CA LEU D 133 43.36 43.84 -102.09
C LEU D 133 42.14 43.72 -103.01
N ASP D 134 41.90 42.51 -103.52
CA ASP D 134 40.65 42.15 -104.18
C ASP D 134 39.51 41.97 -103.17
N PRO D 135 38.25 42.24 -103.54
CA PRO D 135 37.08 41.95 -102.70
C PRO D 135 37.02 40.51 -102.18
N ASP D 136 37.54 39.54 -102.94
CA ASP D 136 37.64 38.15 -102.50
C ASP D 136 38.50 38.00 -101.24
N ALA D 137 39.61 38.73 -101.15
CA ALA D 137 40.44 38.75 -99.94
C ALA D 137 39.68 39.41 -98.78
N ILE D 138 38.90 40.46 -99.05
CA ILE D 138 38.07 41.10 -98.02
C ILE D 138 36.99 40.12 -97.50
N GLN D 139 36.38 39.32 -98.38
CA GLN D 139 35.45 38.27 -97.96
C GLN D 139 36.15 37.19 -97.12
N ALA D 140 37.34 36.76 -97.51
CA ALA D 140 38.12 35.84 -96.70
C ALA D 140 38.51 36.47 -95.35
N ALA D 141 38.77 37.78 -95.30
CA ALA D 141 38.98 38.49 -94.05
C ALA D 141 37.72 38.43 -93.17
N ALA D 142 36.54 38.58 -93.75
CA ALA D 142 35.31 38.39 -93.00
C ALA D 142 35.22 36.96 -92.45
N GLN D 143 35.66 35.94 -93.20
CA GLN D 143 35.77 34.59 -92.67
C GLN D 143 36.79 34.47 -91.52
N LEU D 144 37.92 35.18 -91.56
CA LEU D 144 38.82 35.27 -90.39
C LEU D 144 38.11 35.94 -89.20
N GLY D 145 37.24 36.92 -89.47
CA GLY D 145 36.34 37.48 -88.47
C GLY D 145 35.38 36.45 -87.89
N GLU D 146 34.78 35.59 -88.72
CA GLU D 146 33.95 34.48 -88.25
C GLU D 146 34.75 33.46 -87.43
N ALA D 147 36.05 33.29 -87.74
CA ALA D 147 36.99 32.52 -86.93
C ALA D 147 37.41 33.25 -85.62
N GLY D 148 36.96 34.48 -85.38
CA GLY D 148 37.22 35.23 -84.15
C GLY D 148 38.63 35.82 -84.06
N ILE D 149 39.38 35.88 -85.17
CA ILE D 149 40.72 36.46 -85.21
C ILE D 149 40.65 37.98 -85.00
N SER D 150 41.56 38.58 -84.23
CA SER D 150 41.51 40.03 -83.95
C SER D 150 41.94 40.88 -85.15
N SER D 151 41.53 42.16 -85.19
CA SER D 151 41.78 43.06 -86.31
C SER D 151 43.27 43.18 -86.68
N GLU D 152 44.14 43.37 -85.69
CA GLU D 152 45.58 43.48 -85.95
C GLU D 152 46.15 42.17 -86.51
N GLU D 153 45.70 41.03 -85.97
CA GLU D 153 46.09 39.72 -86.49
C GLU D 153 45.63 39.56 -87.94
N ILE D 154 44.39 39.88 -88.27
CA ILE D 154 43.92 39.86 -89.66
C ILE D 154 44.79 40.78 -90.51
N LYS D 155 45.04 42.01 -90.08
CA LYS D 155 45.82 42.98 -90.83
C LYS D 155 47.22 42.45 -91.12
N GLU D 156 47.90 41.94 -90.11
CA GLU D 156 49.22 41.35 -90.30
C GLU D 156 49.17 40.11 -91.19
N LEU D 157 48.16 39.25 -91.04
CA LEU D 157 47.99 38.08 -91.90
C LEU D 157 47.81 38.52 -93.36
N LEU D 158 46.93 39.47 -93.61
CA LEU D 158 46.73 40.00 -94.96
C LEU D 158 48.02 40.60 -95.49
N ARG D 159 48.74 41.39 -94.67
CA ARG D 159 50.02 41.97 -95.05
C ARG D 159 51.00 40.88 -95.46
N ALA D 160 51.14 39.84 -94.64
CA ALA D 160 52.01 38.72 -94.97
C ALA D 160 51.58 38.04 -96.27
N ALA D 161 50.29 37.76 -96.45
CA ALA D 161 49.79 37.10 -97.65
C ALA D 161 50.07 37.93 -98.91
N HIS D 162 49.95 39.25 -98.81
CA HIS D 162 50.28 40.18 -99.89
C HIS D 162 51.78 40.24 -100.17
N GLU D 163 52.63 40.29 -99.13
CA GLU D 163 54.10 40.25 -99.28
C GLU D 163 54.58 38.93 -99.89
N LEU D 164 53.90 37.83 -99.57
CA LEU D 164 54.11 36.51 -100.18
C LEU D 164 53.50 36.39 -101.60
N GLY D 165 52.63 37.33 -102.01
CA GLY D 165 51.99 37.30 -103.33
C GLY D 165 50.97 36.17 -103.51
N LEU D 166 50.30 35.76 -102.42
CA LEU D 166 49.35 34.65 -102.42
C LEU D 166 48.02 34.99 -103.09
N ASP D 167 47.34 34.00 -103.66
CA ASP D 167 45.96 34.19 -104.13
C ASP D 167 44.94 34.05 -102.97
N PRO D 168 43.71 34.58 -103.10
CA PRO D 168 42.73 34.60 -102.02
C PRO D 168 42.37 33.24 -101.39
N ASP D 169 42.49 32.12 -102.11
CA ASP D 169 42.19 30.81 -101.51
C ASP D 169 43.16 30.48 -100.38
N CYS D 170 44.37 31.05 -100.39
CA CYS D 170 45.30 30.93 -99.28
C CYS D 170 44.70 31.57 -98.02
N ILE D 171 44.07 32.73 -98.16
CA ILE D 171 43.41 33.43 -97.06
C ILE D 171 42.19 32.61 -96.60
N ALA D 172 41.44 32.02 -97.52
CA ALA D 172 40.34 31.12 -97.17
C ALA D 172 40.86 29.92 -96.36
N ALA D 173 41.94 29.29 -96.80
CA ALA D 173 42.57 28.21 -96.06
C ALA D 173 43.13 28.69 -94.72
N ALA D 174 43.64 29.92 -94.62
CA ALA D 174 44.02 30.52 -93.34
C ALA D 174 42.80 30.68 -92.41
N ALA D 175 41.63 31.05 -92.94
CA ALA D 175 40.39 31.06 -92.16
C ALA D 175 39.94 29.64 -91.75
N ASP D 176 40.23 28.61 -92.55
CA ASP D 176 40.00 27.23 -92.15
C ASP D 176 40.93 26.81 -91.00
N LEU D 177 42.21 27.20 -91.03
CA LEU D 177 43.14 27.01 -89.91
C LEU D 177 42.70 27.81 -88.66
N GLY D 178 42.12 28.99 -88.86
CA GLY D 178 41.48 29.76 -87.79
C GLY D 178 40.31 29.01 -87.16
N GLN D 179 39.43 28.42 -87.98
CA GLN D 179 38.35 27.57 -87.50
C GLN D 179 38.86 26.28 -86.81
N ALA D 180 40.02 25.78 -87.22
CA ALA D 180 40.74 24.70 -86.51
C ALA D 180 41.39 25.16 -85.19
N GLY D 181 41.31 26.45 -84.83
CA GLY D 181 41.81 26.99 -83.56
C GLY D 181 43.32 27.21 -83.51
N ILE D 182 44.00 27.19 -84.67
CA ILE D 182 45.44 27.44 -84.77
C ILE D 182 45.73 28.90 -84.39
N SER D 183 46.82 29.15 -83.63
CA SER D 183 47.19 30.54 -83.27
C SER D 183 47.57 31.36 -84.50
N SER D 184 47.35 32.67 -84.47
CA SER D 184 47.74 33.57 -85.57
C SER D 184 49.23 33.42 -85.93
N SER D 185 50.08 33.27 -84.92
CA SER D 185 51.50 32.99 -85.11
C SER D 185 51.71 31.72 -85.93
N GLU D 186 51.07 30.62 -85.54
CA GLU D 186 51.18 29.36 -86.27
C GLU D 186 50.53 29.41 -87.65
N ILE D 187 49.42 30.12 -87.83
CA ILE D 187 48.87 30.34 -89.16
C ILE D 187 49.89 31.11 -90.01
N THR D 188 50.55 32.11 -89.44
CA THR D 188 51.58 32.89 -90.13
C THR D 188 52.75 31.98 -90.52
N ALA D 189 53.20 31.13 -89.60
CA ALA D 189 54.22 30.14 -89.90
C ALA D 189 53.75 29.22 -91.04
N LEU D 190 52.52 28.71 -90.98
CA LEU D 190 52.00 27.83 -92.02
C LEU D 190 51.89 28.55 -93.36
N LEU D 191 51.52 29.83 -93.38
CA LEU D 191 51.55 30.65 -94.58
C LEU D 191 52.98 30.70 -95.13
N LEU D 192 53.95 31.07 -94.30
CA LEU D 192 55.35 31.14 -94.72
C LEU D 192 55.83 29.78 -95.23
N ALA D 193 55.50 28.71 -94.52
CA ALA D 193 55.91 27.36 -94.85
C ALA D 193 55.30 26.88 -96.18
N ALA D 194 54.00 27.02 -96.34
CA ALA D 194 53.33 26.60 -97.56
C ALA D 194 53.86 27.37 -98.77
N ALA D 195 54.12 28.67 -98.59
CA ALA D 195 54.77 29.47 -99.62
C ALA D 195 56.16 28.94 -99.92
N ALA D 196 56.99 28.73 -98.89
CA ALA D 196 58.31 28.17 -99.06
C ALA D 196 58.26 26.81 -99.77
N ILE D 197 57.30 25.95 -99.46
CA ILE D 197 57.12 24.64 -100.10
C ILE D 197 56.85 24.82 -101.59
N GLU D 198 55.80 25.56 -101.96
CA GLU D 198 55.43 25.68 -103.36
C GLU D 198 56.54 26.36 -104.17
N LEU D 199 57.16 27.39 -103.60
CA LEU D 199 58.31 28.05 -104.21
C LEU D 199 59.50 27.09 -104.33
N ALA D 200 59.82 26.31 -103.32
CA ALA D 200 60.94 25.38 -103.37
C ALA D 200 60.70 24.22 -104.32
N LYS D 201 59.44 23.83 -104.52
CA LYS D 201 59.05 22.89 -105.58
C LYS D 201 59.27 23.52 -106.95
N ARG D 202 58.92 24.80 -107.11
CA ARG D 202 59.09 25.54 -108.36
C ARG D 202 60.54 25.91 -108.66
N ALA D 203 61.37 26.11 -107.64
CA ALA D 203 62.82 26.10 -107.76
C ALA D 203 63.31 24.68 -108.08
N ASP D 204 64.25 24.55 -109.01
CA ASP D 204 64.80 23.24 -109.43
C ASP D 204 66.05 22.81 -108.62
N ASP D 205 66.81 23.77 -108.08
CA ASP D 205 68.14 23.51 -107.53
C ASP D 205 68.10 22.67 -106.24
N LYS D 206 68.80 21.53 -106.25
CA LYS D 206 69.00 20.67 -105.09
C LYS D 206 69.58 21.42 -103.88
N ASP D 207 70.45 22.41 -104.04
CA ASP D 207 70.99 23.17 -102.91
C ASP D 207 69.97 24.16 -102.32
N VAL D 208 69.15 24.81 -103.16
CA VAL D 208 68.00 25.59 -102.66
C VAL D 208 67.05 24.66 -101.91
N ARG D 209 66.78 23.48 -102.48
CA ARG D 209 65.93 22.46 -101.86
C ARG D 209 66.53 21.96 -100.54
N GLU D 210 67.84 21.78 -100.45
CA GLU D 210 68.52 21.47 -99.19
C GLU D 210 68.39 22.60 -98.17
N ILE D 211 68.64 23.84 -98.56
CA ILE D 211 68.46 25.00 -97.69
C ILE D 211 67.04 24.98 -97.11
N VAL D 212 66.04 24.76 -97.96
CA VAL D 212 64.66 24.72 -97.51
C VAL D 212 64.40 23.49 -96.63
N ARG D 213 64.92 22.30 -96.95
CA ARG D 213 64.73 21.13 -96.09
C ARG D 213 65.38 21.33 -94.71
N ASP D 214 66.54 21.98 -94.66
CA ASP D 214 67.17 22.37 -93.40
C ASP D 214 66.29 23.35 -92.62
N ALA D 215 65.77 24.39 -93.28
CA ALA D 215 64.91 25.35 -92.63
C ALA D 215 63.62 24.68 -92.11
N LEU D 216 63.02 23.79 -92.90
CA LEU D 216 61.83 23.04 -92.51
C LEU D 216 62.13 22.07 -91.37
N GLU D 217 63.28 21.40 -91.37
CA GLU D 217 63.70 20.59 -90.22
C GLU D 217 63.82 21.46 -88.97
N LEU D 218 64.56 22.57 -89.04
CA LEU D 218 64.74 23.47 -87.91
C LEU D 218 63.39 23.98 -87.40
N ALA D 219 62.50 24.40 -88.30
CA ALA D 219 61.15 24.85 -87.94
C ALA D 219 60.31 23.73 -87.33
N SER D 220 60.47 22.49 -87.78
CA SER D 220 59.78 21.33 -87.20
C SER D 220 60.30 20.98 -85.81
N ARG D 221 61.62 21.06 -85.59
CA ARG D 221 62.27 20.68 -84.31
C ARG D 221 62.18 21.75 -83.23
N SER D 222 62.32 23.02 -83.60
CA SER D 222 62.33 24.16 -82.66
C SER D 222 60.92 24.52 -82.15
N THR D 223 60.86 25.35 -81.10
CA THR D 223 59.61 25.73 -80.40
C THR D 223 59.53 27.23 -80.04
N ASN D 224 60.33 28.08 -80.70
CA ASN D 224 60.28 29.55 -80.52
C ASN D 224 59.74 30.22 -81.79
N ASP D 225 58.65 30.97 -81.66
CA ASP D 225 57.99 31.64 -82.78
C ASP D 225 58.95 32.50 -83.60
N GLU D 226 59.88 33.22 -82.97
CA GLU D 226 60.79 34.11 -83.70
C GLU D 226 61.80 33.32 -84.53
N VAL D 227 62.33 32.22 -83.99
CA VAL D 227 63.19 31.31 -84.76
C VAL D 227 62.41 30.72 -85.92
N ILE D 228 61.15 30.31 -85.70
CA ILE D 228 60.30 29.75 -86.75
C ILE D 228 60.05 30.79 -87.85
N ARG D 229 59.66 32.03 -87.48
CA ARG D 229 59.49 33.13 -88.42
C ARG D 229 60.77 33.35 -89.22
N LEU D 230 61.90 33.54 -88.54
CA LEU D 230 63.19 33.77 -89.21
C LEU D 230 63.55 32.64 -90.16
N ALA D 231 63.42 31.39 -89.74
CA ALA D 231 63.78 30.24 -90.56
C ALA D 231 62.90 30.16 -91.81
N LEU D 232 61.59 30.27 -91.66
CA LEU D 232 60.67 30.15 -92.79
C LEU D 232 60.75 31.38 -93.71
N GLU D 233 60.97 32.57 -93.15
CA GLU D 233 61.26 33.76 -93.95
C GLU D 233 62.57 33.55 -94.73
N ALA D 234 63.63 33.05 -94.10
CA ALA D 234 64.86 32.74 -94.79
C ALA D 234 64.63 31.71 -95.91
N ALA D 235 63.77 30.71 -95.69
CA ALA D 235 63.42 29.74 -96.73
C ALA D 235 62.75 30.41 -97.93
N VAL D 236 61.78 31.30 -97.71
CA VAL D 236 61.15 32.09 -98.78
C VAL D 236 62.19 32.98 -99.47
N LEU D 237 63.06 33.65 -98.71
CA LEU D 237 64.09 34.53 -99.28
C LEU D 237 65.11 33.75 -100.10
N ALA D 238 65.51 32.56 -99.66
CA ALA D 238 66.38 31.69 -100.44
C ALA D 238 65.72 31.33 -101.78
N ALA D 239 64.45 30.93 -101.76
CA ALA D 239 63.70 30.62 -102.97
C ALA D 239 63.47 31.86 -103.89
N ARG D 240 63.44 33.07 -103.33
CA ARG D 240 63.41 34.33 -104.09
C ARG D 240 64.80 34.80 -104.58
N SER D 241 65.87 34.39 -103.92
CA SER D 241 67.25 34.76 -104.29
C SER D 241 67.71 34.09 -105.59
N THR D 242 68.66 34.70 -106.29
CA THR D 242 69.22 34.21 -107.57
C THR D 242 70.74 34.38 -107.62
N ASP D 243 71.43 34.07 -106.52
CA ASP D 243 72.88 34.26 -106.39
C ASP D 243 73.51 33.21 -105.45
N SER D 244 74.49 32.47 -105.97
CA SER D 244 75.23 31.45 -105.23
C SER D 244 75.90 31.98 -103.97
N ASP D 245 76.34 33.26 -103.93
CA ASP D 245 76.87 33.85 -102.70
C ASP D 245 75.81 33.91 -101.58
N VAL D 246 74.57 34.28 -101.93
CA VAL D 246 73.47 34.25 -100.96
C VAL D 246 73.17 32.82 -100.53
N LEU D 247 73.20 31.85 -101.45
CA LEU D 247 73.00 30.45 -101.10
C LEU D 247 74.10 29.92 -100.16
N GLU D 248 75.37 30.24 -100.41
CA GLU D 248 76.47 29.90 -99.50
C GLU D 248 76.24 30.51 -98.11
N ILE D 249 75.93 31.82 -98.04
CA ILE D 249 75.69 32.53 -96.78
C ILE D 249 74.53 31.87 -96.00
N VAL D 250 73.41 31.62 -96.66
CA VAL D 250 72.27 30.98 -96.02
C VAL D 250 72.62 29.56 -95.58
N LYS D 251 73.31 28.76 -96.40
CA LYS D 251 73.66 27.38 -96.03
C LYS D 251 74.68 27.34 -94.90
N ASP D 252 75.65 28.25 -94.89
CA ASP D 252 76.55 28.44 -93.74
C ASP D 252 75.77 28.82 -92.48
N ALA D 253 74.84 29.76 -92.59
CA ALA D 253 74.04 30.18 -91.44
C ALA D 253 73.17 29.04 -90.91
N LEU D 254 72.53 28.25 -91.80
CA LEU D 254 71.75 27.09 -91.40
C LEU D 254 72.63 25.98 -90.83
N GLU D 255 73.81 25.73 -91.38
CA GLU D 255 74.76 24.78 -90.79
C GLU D 255 75.14 25.21 -89.36
N LEU D 256 75.54 26.47 -89.17
CA LEU D 256 75.84 27.01 -87.85
C LEU D 256 74.64 26.88 -86.91
N ALA D 257 73.45 27.28 -87.36
CA ALA D 257 72.24 27.23 -86.54
C ALA D 257 71.83 25.80 -86.16
N LYS D 258 72.01 24.81 -87.04
CA LYS D 258 71.64 23.42 -86.76
C LYS D 258 72.70 22.69 -85.92
N GLN D 259 73.99 23.06 -86.06
CA GLN D 259 75.07 22.51 -85.22
C GLN D 259 75.10 23.13 -83.81
N SER D 260 74.86 24.43 -83.69
CA SER D 260 74.76 25.12 -82.38
C SER D 260 73.40 24.89 -81.69
N THR D 261 73.27 25.29 -80.43
CA THR D 261 72.06 25.07 -79.60
C THR D 261 71.50 26.33 -78.93
N ASN D 262 72.24 27.45 -78.91
CA ASN D 262 71.79 28.71 -78.29
C ASN D 262 70.82 29.47 -79.21
N GLU D 263 69.62 29.78 -78.73
CA GLU D 263 68.59 30.50 -79.50
C GLU D 263 69.04 31.91 -79.92
N GLU D 264 69.89 32.60 -79.15
CA GLU D 264 70.41 33.91 -79.55
C GLU D 264 71.38 33.80 -80.73
N VAL D 265 72.25 32.78 -80.74
CA VAL D 265 73.13 32.49 -81.89
C VAL D 265 72.30 32.13 -83.12
N ILE D 266 71.27 31.29 -82.96
CA ILE D 266 70.35 30.93 -84.06
C ILE D 266 69.65 32.16 -84.62
N LYS D 267 69.04 33.00 -83.77
CA LYS D 267 68.34 34.22 -84.21
C LYS D 267 69.31 35.18 -84.90
N LEU D 268 70.48 35.45 -84.34
CA LEU D 268 71.47 36.34 -84.96
C LEU D 268 71.98 35.80 -86.29
N ALA D 269 72.32 34.50 -86.38
CA ALA D 269 72.80 33.90 -87.63
C ALA D 269 71.74 33.96 -88.72
N LEU D 270 70.49 33.59 -88.41
CA LEU D 270 69.38 33.70 -89.34
C LEU D 270 69.14 35.18 -89.72
N LYS D 271 69.16 36.12 -88.77
CA LYS D 271 68.98 37.54 -89.09
C LYS D 271 70.08 38.07 -90.01
N ALA D 272 71.34 37.72 -89.76
CA ALA D 272 72.45 38.09 -90.63
C ALA D 272 72.25 37.55 -92.07
N ALA D 273 71.87 36.28 -92.21
CA ALA D 273 71.58 35.70 -93.52
C ALA D 273 70.35 36.32 -94.21
N VAL D 274 69.29 36.64 -93.44
CA VAL D 274 68.10 37.35 -93.93
C VAL D 274 68.47 38.73 -94.47
N LEU D 275 69.26 39.50 -93.72
CA LEU D 275 69.71 40.83 -94.16
C LEU D 275 70.63 40.73 -95.39
N ALA D 276 71.53 39.74 -95.46
CA ALA D 276 72.31 39.48 -96.66
C ALA D 276 71.44 39.13 -97.87
N ALA D 277 70.43 38.27 -97.72
CA ALA D 277 69.50 37.93 -98.81
C ALA D 277 68.64 39.12 -99.27
N LYS D 278 68.32 40.06 -98.36
CA LYS D 278 67.64 41.32 -98.69
C LYS D 278 68.57 42.40 -99.28
N SER D 279 69.89 42.26 -99.15
CA SER D 279 70.88 43.20 -99.69
C SER D 279 71.03 43.13 -101.22
N THR D 280 71.79 44.05 -101.81
CA THR D 280 72.26 43.98 -103.20
C THR D 280 73.63 44.65 -103.31
N ASP D 281 74.58 44.18 -102.51
CA ASP D 281 75.95 44.71 -102.42
C ASP D 281 76.95 43.60 -102.07
N GLU D 282 77.88 43.31 -103.00
CA GLU D 282 78.87 42.26 -102.85
C GLU D 282 79.76 42.44 -101.62
N GLU D 283 80.04 43.67 -101.19
CA GLU D 283 80.81 43.92 -99.96
C GLU D 283 80.00 43.55 -98.70
N VAL D 284 78.68 43.75 -98.72
CA VAL D 284 77.79 43.31 -97.64
C VAL D 284 77.73 41.78 -97.60
N LEU D 285 77.63 41.13 -98.77
CA LEU D 285 77.71 39.67 -98.86
C LEU D 285 79.05 39.14 -98.34
N GLU D 286 80.17 39.73 -98.74
CA GLU D 286 81.50 39.33 -98.25
C GLU D 286 81.66 39.52 -96.74
N GLU D 287 81.28 40.66 -96.16
CA GLU D 287 81.41 40.86 -94.70
C GLU D 287 80.50 39.91 -93.91
N VAL D 288 79.27 39.66 -94.35
CA VAL D 288 78.41 38.67 -93.68
C VAL D 288 78.99 37.26 -93.83
N LYS D 289 79.49 36.89 -95.01
CA LYS D 289 80.15 35.58 -95.22
C LYS D 289 81.38 35.43 -94.32
N GLU D 290 82.19 36.49 -94.19
CA GLU D 290 83.33 36.49 -93.29
C GLU D 290 82.92 36.47 -91.82
N ALA D 291 81.87 37.18 -91.41
CA ALA D 291 81.35 37.09 -90.05
C ALA D 291 80.87 35.66 -89.72
N LEU D 292 80.17 34.99 -90.65
CA LEU D 292 79.82 33.58 -90.52
C LEU D 292 81.05 32.67 -90.50
N ARG D 293 82.09 32.94 -91.31
CA ARG D 293 83.35 32.19 -91.26
C ARG D 293 84.03 32.34 -89.90
N ARG D 294 84.12 33.55 -89.36
CA ARG D 294 84.60 33.80 -87.98
C ARG D 294 83.78 33.00 -86.97
N ALA D 295 82.45 33.02 -87.09
CA ALA D 295 81.56 32.27 -86.22
C ALA D 295 81.73 30.73 -86.33
N LYS D 296 82.02 30.20 -87.51
CA LYS D 296 82.27 28.75 -87.72
C LYS D 296 83.68 28.32 -87.32
N GLU D 297 84.70 29.16 -87.49
CA GLU D 297 86.08 28.87 -87.07
C GLU D 297 86.30 29.03 -85.56
N SER D 298 85.64 30.00 -84.93
CA SER D 298 85.65 30.19 -83.46
C SER D 298 84.72 29.19 -82.74
N THR D 299 84.75 29.18 -81.40
CA THR D 299 83.96 28.25 -80.56
C THR D 299 83.27 28.91 -79.35
N ASP D 300 83.76 30.06 -78.87
CA ASP D 300 83.11 30.82 -77.79
C ASP D 300 81.82 31.49 -78.29
N GLU D 301 80.68 31.19 -77.66
CA GLU D 301 79.38 31.78 -78.00
C GLU D 301 79.37 33.31 -77.88
N GLU D 302 80.19 33.91 -77.03
CA GLU D 302 80.30 35.37 -76.95
C GLU D 302 80.99 35.98 -78.17
N GLU D 303 82.04 35.36 -78.70
CA GLU D 303 82.69 35.80 -79.94
C GLU D 303 81.77 35.60 -81.16
N ILE D 304 81.06 34.47 -81.20
CA ILE D 304 80.04 34.18 -82.22
C ILE D 304 78.95 35.25 -82.22
N LYS D 305 78.34 35.53 -81.05
CA LYS D 305 77.31 36.56 -80.91
C LYS D 305 77.83 37.96 -81.29
N GLU D 306 79.02 38.35 -80.85
CA GLU D 306 79.57 39.68 -81.18
C GLU D 306 79.88 39.87 -82.67
N GLU D 307 80.47 38.88 -83.35
CA GLU D 307 80.70 38.99 -84.80
C GLU D 307 79.38 39.07 -85.58
N LEU D 308 78.39 38.23 -85.25
CA LEU D 308 77.07 38.29 -85.88
C LEU D 308 76.33 39.60 -85.54
N ARG D 309 76.44 40.11 -84.30
CA ARG D 309 75.87 41.41 -83.89
C ARG D 309 76.47 42.55 -84.70
N LYS D 310 77.79 42.63 -84.84
CA LYS D 310 78.44 43.68 -85.64
C LYS D 310 78.02 43.61 -87.11
N ALA D 311 77.92 42.42 -87.69
CA ALA D 311 77.42 42.23 -89.06
C ALA D 311 75.95 42.68 -89.20
N VAL D 312 75.08 42.31 -88.27
CA VAL D 312 73.67 42.75 -88.24
C VAL D 312 73.56 44.28 -88.09
N GLU D 313 74.28 44.89 -87.15
CA GLU D 313 74.25 46.34 -86.94
C GLU D 313 74.83 47.15 -88.11
N GLU D 314 75.69 46.56 -88.94
CA GLU D 314 76.15 47.16 -90.19
C GLU D 314 75.13 47.00 -91.35
N ALA D 315 74.42 45.86 -91.41
CA ALA D 315 73.51 45.51 -92.51
C ALA D 315 72.04 45.98 -92.34
N GLU D 316 71.55 46.20 -91.12
CA GLU D 316 70.15 46.55 -90.81
C GLU D 316 69.71 47.94 -91.32
N CYS E 3 -100.66 49.23 -35.41
CA CYS E 3 -100.02 49.84 -36.60
C CYS E 3 -99.44 48.73 -37.49
N ASP E 4 -100.26 48.08 -38.32
CA ASP E 4 -99.98 46.73 -38.87
C ASP E 4 -98.67 46.64 -39.65
N ALA E 5 -98.38 47.58 -40.55
CA ALA E 5 -97.14 47.56 -41.32
C ALA E 5 -95.89 47.62 -40.41
N ILE E 6 -95.96 48.36 -39.30
CA ILE E 6 -94.87 48.42 -38.32
C ILE E 6 -94.85 47.14 -37.49
N GLN E 7 -96.01 46.60 -37.12
CA GLN E 7 -96.10 45.34 -36.37
C GLN E 7 -95.44 44.21 -37.14
N ALA E 8 -95.61 44.16 -38.46
CA ALA E 8 -94.90 43.20 -39.30
C ALA E 8 -93.38 43.40 -39.23
N ALA E 9 -92.90 44.65 -39.27
CA ALA E 9 -91.48 44.95 -39.10
C ALA E 9 -90.98 44.51 -37.73
N ALA E 10 -91.77 44.73 -36.67
CA ALA E 10 -91.41 44.30 -35.32
C ALA E 10 -91.31 42.77 -35.23
N ALA E 11 -92.21 42.03 -35.89
CA ALA E 11 -92.12 40.58 -35.95
C ALA E 11 -90.81 40.13 -36.64
N LEU E 12 -90.43 40.76 -37.76
CA LEU E 12 -89.17 40.48 -38.43
C LEU E 12 -87.95 40.87 -37.58
N GLY E 13 -88.07 41.91 -36.77
CA GLY E 13 -87.05 42.32 -35.79
C GLY E 13 -86.88 41.27 -34.70
N GLU E 14 -87.97 40.74 -34.13
CA GLU E 14 -87.92 39.64 -33.17
C GLU E 14 -87.33 38.36 -33.77
N ALA E 15 -87.60 38.09 -35.06
CA ALA E 15 -86.97 37.00 -35.81
C ALA E 15 -85.47 37.24 -36.13
N GLY E 16 -84.93 38.42 -35.85
CA GLY E 16 -83.51 38.73 -36.05
C GLY E 16 -83.10 38.91 -37.51
N ILE E 17 -84.04 39.25 -38.40
CA ILE E 17 -83.77 39.43 -39.84
C ILE E 17 -82.91 40.68 -40.09
N SER E 18 -81.96 40.62 -41.02
CA SER E 18 -81.11 41.77 -41.40
C SER E 18 -81.94 42.89 -42.02
N SER E 19 -81.63 44.15 -41.70
CA SER E 19 -82.48 45.29 -42.09
C SER E 19 -82.64 45.45 -43.61
N ASN E 20 -81.59 45.22 -44.41
CA ASN E 20 -81.75 45.22 -45.87
C ASN E 20 -82.72 44.12 -46.33
N GLU E 21 -82.67 42.94 -45.71
CA GLU E 21 -83.61 41.85 -46.02
C GLU E 21 -85.02 42.14 -45.49
N ILE E 22 -85.16 42.81 -44.35
CA ILE E 22 -86.46 43.31 -43.91
C ILE E 22 -87.02 44.25 -44.98
N LEU E 23 -86.22 45.20 -45.45
CA LEU E 23 -86.64 46.13 -46.49
C LEU E 23 -87.01 45.39 -47.77
N GLU E 24 -86.26 44.35 -48.14
CA GLU E 24 -86.65 43.53 -49.29
C GLU E 24 -87.98 42.81 -49.02
N LEU E 25 -88.19 42.24 -47.84
CA LEU E 25 -89.45 41.57 -47.51
C LEU E 25 -90.60 42.57 -47.48
N LEU E 26 -90.34 43.81 -47.08
CA LEU E 26 -91.29 44.90 -47.19
C LEU E 26 -91.53 45.28 -48.66
N ALA E 27 -90.50 45.29 -49.51
CA ALA E 27 -90.66 45.51 -50.94
C ALA E 27 -91.54 44.41 -51.54
N ALA E 28 -91.32 43.16 -51.17
CA ALA E 28 -92.18 42.05 -51.54
C ALA E 28 -93.59 42.24 -50.98
N ALA E 29 -93.74 42.70 -49.75
CA ALA E 29 -95.04 42.98 -49.18
C ALA E 29 -95.80 44.01 -50.00
N ALA E 30 -95.13 45.05 -50.49
CA ALA E 30 -95.75 45.98 -51.43
C ALA E 30 -96.07 45.29 -52.77
N GLU E 31 -95.10 44.61 -53.38
CA GLU E 31 -95.26 44.06 -54.72
C GLU E 31 -96.34 42.99 -54.80
N LEU E 32 -96.32 42.02 -53.88
CA LEU E 32 -97.29 40.94 -53.81
C LEU E 32 -98.54 41.32 -52.99
N GLY E 33 -98.50 42.43 -52.25
CA GLY E 33 -99.57 42.80 -51.34
C GLY E 33 -99.66 41.89 -50.11
N LEU E 34 -98.51 41.46 -49.55
CA LEU E 34 -98.48 40.49 -48.45
C LEU E 34 -99.21 41.01 -47.21
N ASP E 35 -99.90 40.10 -46.51
CA ASP E 35 -100.45 40.37 -45.19
C ASP E 35 -99.43 40.03 -44.07
N PRO E 36 -99.61 40.55 -42.85
CA PRO E 36 -98.68 40.32 -41.74
C PRO E 36 -98.44 38.85 -41.40
N ASP E 37 -99.41 37.96 -41.61
CA ASP E 37 -99.21 36.53 -41.36
C ASP E 37 -98.42 35.88 -42.50
N ALA E 38 -98.60 36.32 -43.74
CA ALA E 38 -97.72 35.91 -44.85
C ALA E 38 -96.27 36.39 -44.60
N ILE E 39 -96.12 37.60 -44.07
CA ILE E 39 -94.82 38.10 -43.64
C ILE E 39 -94.30 37.28 -42.45
N GLN E 40 -95.16 36.85 -41.52
CA GLN E 40 -94.76 35.94 -40.43
C GLN E 40 -94.30 34.57 -40.97
N ALA E 41 -94.93 34.05 -42.01
CA ALA E 41 -94.44 32.85 -42.68
C ALA E 41 -93.02 33.06 -43.24
N ALA E 42 -92.78 34.21 -43.89
CA ALA E 42 -91.43 34.59 -44.31
C ALA E 42 -90.47 34.68 -43.12
N ALA E 43 -90.91 35.24 -41.99
CA ALA E 43 -90.11 35.32 -40.78
C ALA E 43 -89.73 33.92 -40.26
N GLN E 44 -90.68 32.98 -40.21
CA GLN E 44 -90.40 31.62 -39.76
C GLN E 44 -89.52 30.83 -40.74
N LEU E 45 -89.64 31.07 -42.05
CA LEU E 45 -88.68 30.55 -43.03
C LEU E 45 -87.29 31.18 -42.84
N GLY E 46 -87.22 32.44 -42.40
CA GLY E 46 -85.99 33.10 -41.97
C GLY E 46 -85.40 32.50 -40.69
N GLU E 47 -86.23 32.11 -39.72
CA GLU E 47 -85.80 31.33 -38.55
C GLU E 47 -85.30 29.93 -38.93
N ALA E 48 -85.87 29.33 -39.98
CA ALA E 48 -85.33 28.13 -40.62
C ALA E 48 -84.03 28.39 -41.44
N GLY E 49 -83.56 29.64 -41.51
CA GLY E 49 -82.31 30.04 -42.16
C GLY E 49 -82.40 30.20 -43.68
N ILE E 50 -83.60 30.13 -44.27
CA ILE E 50 -83.79 30.18 -45.73
C ILE E 50 -83.55 31.60 -46.27
N SER E 51 -82.97 31.70 -47.48
CA SER E 51 -82.78 32.97 -48.19
C SER E 51 -84.09 33.71 -48.44
N SER E 52 -84.13 34.99 -48.09
CA SER E 52 -85.27 35.85 -48.38
C SER E 52 -85.58 35.91 -49.88
N GLU E 53 -84.58 35.77 -50.74
CA GLU E 53 -84.77 35.81 -52.19
C GLU E 53 -85.62 34.63 -52.63
N GLU E 54 -85.22 33.41 -52.27
CA GLU E 54 -86.01 32.23 -52.56
C GLU E 54 -87.36 32.31 -51.85
N ILE E 55 -87.44 32.80 -50.62
CA ILE E 55 -88.73 32.97 -49.96
C ILE E 55 -89.62 33.87 -50.81
N LYS E 56 -89.10 34.97 -51.34
CA LYS E 56 -89.85 35.88 -52.21
C LYS E 56 -90.34 35.16 -53.46
N GLU E 57 -89.48 34.38 -54.10
CA GLU E 57 -89.92 33.57 -55.22
C GLU E 57 -90.98 32.56 -54.81
N LEU E 58 -90.85 31.94 -53.64
CA LEU E 58 -91.83 30.98 -53.14
C LEU E 58 -93.17 31.67 -52.88
N LEU E 59 -93.15 32.85 -52.27
CA LEU E 59 -94.35 33.64 -52.11
C LEU E 59 -94.92 34.01 -53.47
N ARG E 60 -94.08 34.40 -54.43
CA ARG E 60 -94.54 34.68 -55.79
C ARG E 60 -95.20 33.45 -56.39
N ALA E 61 -94.63 32.26 -56.22
CA ALA E 61 -95.26 31.05 -56.65
C ALA E 61 -96.59 30.81 -55.93
N ALA E 62 -96.65 30.97 -54.61
CA ALA E 62 -97.87 30.78 -53.83
C ALA E 62 -98.99 31.72 -54.29
N HIS E 63 -98.62 32.96 -54.63
CA HIS E 63 -99.52 33.93 -55.25
C HIS E 63 -99.96 33.48 -56.66
N GLU E 64 -99.00 33.12 -57.52
CA GLU E 64 -99.27 32.63 -58.88
C GLU E 64 -100.05 31.31 -58.93
N LEU E 65 -100.06 30.54 -57.83
CA LEU E 65 -100.86 29.33 -57.65
C LEU E 65 -102.32 29.62 -57.27
N GLY E 66 -102.67 30.84 -56.84
CA GLY E 66 -104.04 31.20 -56.49
C GLY E 66 -104.61 30.39 -55.30
N LEU E 67 -103.75 30.06 -54.33
CA LEU E 67 -104.05 29.15 -53.22
C LEU E 67 -105.13 29.69 -52.26
N ASP E 68 -105.76 28.77 -51.52
CA ASP E 68 -106.35 29.11 -50.22
C ASP E 68 -105.24 29.50 -49.24
N PRO E 69 -105.40 30.57 -48.44
CA PRO E 69 -104.31 31.12 -47.64
C PRO E 69 -103.85 30.15 -46.55
N ASP E 70 -104.68 29.19 -46.16
CA ASP E 70 -104.35 28.14 -45.21
C ASP E 70 -103.13 27.32 -45.65
N ALA E 71 -102.95 27.09 -46.95
CA ALA E 71 -101.74 26.46 -47.46
C ALA E 71 -100.51 27.35 -47.25
N ILE E 72 -100.64 28.65 -47.50
CA ILE E 72 -99.55 29.60 -47.32
C ILE E 72 -99.16 29.70 -45.84
N ALA E 73 -100.15 29.70 -44.95
CA ALA E 73 -99.91 29.58 -43.52
C ALA E 73 -99.21 28.26 -43.19
N ALA E 74 -99.69 27.13 -43.72
CA ALA E 74 -99.05 25.84 -43.53
C ALA E 74 -97.61 25.83 -44.06
N ALA E 75 -97.26 26.65 -45.06
CA ALA E 75 -95.89 26.75 -45.52
C ALA E 75 -94.93 27.22 -44.40
N ALA E 76 -95.42 28.00 -43.45
CA ALA E 76 -94.62 28.36 -42.27
C ALA E 76 -94.27 27.11 -41.45
N ASP E 77 -95.21 26.19 -41.29
CA ASP E 77 -94.95 24.91 -40.62
C ASP E 77 -94.11 23.95 -41.46
N LEU E 78 -94.22 23.97 -42.79
CA LEU E 78 -93.24 23.30 -43.64
C LEU E 78 -91.83 23.88 -43.43
N GLY E 79 -91.73 25.18 -43.14
CA GLY E 79 -90.52 25.83 -42.66
C GLY E 79 -90.05 25.29 -41.31
N GLN E 80 -90.95 25.16 -40.32
CA GLN E 80 -90.61 24.54 -39.03
C GLN E 80 -90.14 23.08 -39.18
N ALA E 81 -90.71 22.35 -40.14
CA ALA E 81 -90.33 20.98 -40.47
C ALA E 81 -88.96 20.85 -41.15
N GLY E 82 -88.36 21.96 -41.61
CA GLY E 82 -87.04 21.96 -42.26
C GLY E 82 -87.02 21.34 -43.66
N VAL E 83 -88.17 21.30 -44.34
CA VAL E 83 -88.32 20.77 -45.71
C VAL E 83 -87.48 21.58 -46.71
N SER E 84 -86.89 20.93 -47.72
CA SER E 84 -86.09 21.63 -48.73
C SER E 84 -86.91 22.71 -49.46
N PRO E 85 -86.33 23.86 -49.83
CA PRO E 85 -87.10 24.96 -50.42
C PRO E 85 -87.92 24.54 -51.62
N VAL E 86 -87.32 23.77 -52.52
CA VAL E 86 -88.06 23.22 -53.66
C VAL E 86 -89.12 22.25 -53.17
N GLU E 87 -88.82 21.40 -52.18
CA GLU E 87 -89.82 20.46 -51.66
C GLU E 87 -91.01 21.16 -51.02
N ILE E 88 -90.82 22.33 -50.41
CA ILE E 88 -91.95 23.13 -49.96
C ILE E 88 -92.82 23.45 -51.17
N LEU E 89 -92.21 23.96 -52.24
CA LEU E 89 -92.94 24.30 -53.44
C LEU E 89 -93.63 23.06 -54.02
N ALA E 90 -92.96 21.93 -53.99
CA ALA E 90 -93.54 20.69 -54.46
C ALA E 90 -94.78 20.36 -53.64
N LEU E 91 -94.69 20.40 -52.31
CA LEU E 91 -95.83 20.09 -51.47
C LEU E 91 -96.97 21.08 -51.72
N LEU E 92 -96.66 22.36 -51.85
CA LEU E 92 -97.66 23.37 -52.15
C LEU E 92 -98.34 23.08 -53.49
N ILE E 93 -97.56 22.93 -54.56
CA ILE E 93 -98.12 22.65 -55.87
C ILE E 93 -98.93 21.38 -55.79
N ALA E 94 -98.38 20.33 -55.21
CA ALA E 94 -99.03 19.04 -55.17
C ALA E 94 -100.37 19.11 -54.46
N ALA E 95 -100.40 19.72 -53.28
CA ALA E 95 -101.64 19.91 -52.56
C ALA E 95 -102.67 20.61 -53.44
N SER E 96 -102.25 21.69 -54.11
CA SER E 96 -103.16 22.46 -54.95
C SER E 96 -103.67 21.63 -56.13
N VAL E 97 -102.81 20.83 -56.76
CA VAL E 97 -103.20 19.99 -57.89
C VAL E 97 -104.12 18.87 -57.43
N LEU E 98 -103.84 18.28 -56.26
CA LEU E 98 -104.69 17.27 -55.63
C LEU E 98 -106.03 17.84 -55.16
N GLY E 99 -106.14 19.16 -55.01
CA GLY E 99 -107.35 19.80 -54.51
C GLY E 99 -107.64 19.45 -53.04
N LEU E 100 -106.58 19.26 -52.24
CA LEU E 100 -106.70 18.89 -50.83
C LEU E 100 -107.41 19.97 -50.00
N ASP E 101 -108.15 19.55 -48.97
CA ASP E 101 -108.55 20.46 -47.90
C ASP E 101 -107.36 20.77 -46.97
N PRO E 102 -107.40 21.90 -46.24
CA PRO E 102 -106.30 22.31 -45.37
C PRO E 102 -105.86 21.28 -44.32
N ASP E 103 -106.76 20.45 -43.80
CA ASP E 103 -106.37 19.44 -42.81
C ASP E 103 -105.61 18.29 -43.48
N ALA E 104 -106.01 17.89 -44.69
CA ALA E 104 -105.21 16.98 -45.49
C ALA E 104 -103.84 17.59 -45.82
N ILE E 105 -103.78 18.90 -46.09
CA ILE E 105 -102.50 19.60 -46.23
C ILE E 105 -101.71 19.49 -44.91
N GLN E 106 -102.34 19.74 -43.76
CA GLN E 106 -101.65 19.59 -42.48
C GLN E 106 -101.16 18.16 -42.26
N ALA E 107 -101.90 17.14 -42.70
CA ALA E 107 -101.41 15.77 -42.64
C ALA E 107 -100.16 15.57 -43.51
N ALA E 108 -100.15 16.14 -44.72
CA ALA E 108 -98.93 16.15 -45.54
C ALA E 108 -97.78 16.90 -44.83
N ALA E 109 -98.07 18.00 -44.14
CA ALA E 109 -97.07 18.70 -43.35
C ALA E 109 -96.55 17.81 -42.20
N ALA E 110 -97.42 17.06 -41.54
CA ALA E 110 -97.03 16.11 -40.52
C ALA E 110 -96.14 14.99 -41.07
N LEU E 111 -96.40 14.50 -42.29
CA LEU E 111 -95.47 13.58 -42.95
C LEU E 111 -94.12 14.27 -43.22
N GLY E 112 -94.14 15.56 -43.50
CA GLY E 112 -92.95 16.40 -43.59
C GLY E 112 -92.18 16.43 -42.27
N GLU E 113 -92.87 16.61 -41.15
CA GLU E 113 -92.27 16.51 -39.81
C GLU E 113 -91.73 15.11 -39.52
N ALA E 114 -92.35 14.06 -40.06
CA ALA E 114 -91.85 12.69 -39.99
C ALA E 114 -90.62 12.43 -40.89
N GLY E 115 -90.17 13.40 -41.67
CA GLY E 115 -88.95 13.29 -42.49
C GLY E 115 -89.12 12.49 -43.79
N ILE E 116 -90.36 12.25 -44.23
CA ILE E 116 -90.68 11.56 -45.48
C ILE E 116 -90.31 12.46 -46.69
N SER E 117 -89.75 11.92 -47.78
CA SER E 117 -89.41 12.75 -48.96
C SER E 117 -90.65 13.23 -49.69
N ALA E 118 -90.58 14.38 -50.38
CA ALA E 118 -91.77 14.92 -51.04
C ALA E 118 -92.36 13.95 -52.07
N GLU E 119 -91.54 13.18 -52.79
CA GLU E 119 -92.05 12.15 -53.69
C GLU E 119 -92.84 11.08 -52.95
N GLU E 120 -92.33 10.59 -51.82
CA GLU E 120 -93.07 9.65 -51.00
C GLU E 120 -94.36 10.27 -50.47
N ILE E 121 -94.34 11.52 -50.01
CA ILE E 121 -95.56 12.18 -49.54
C ILE E 121 -96.57 12.26 -50.68
N ILE E 122 -96.14 12.75 -51.83
CA ILE E 122 -97.02 12.90 -52.99
C ILE E 122 -97.58 11.53 -53.37
N GLU E 123 -96.74 10.49 -53.39
CA GLU E 123 -97.18 9.14 -53.66
C GLU E 123 -98.21 8.69 -52.63
N LEU E 124 -97.96 8.89 -51.34
CA LEU E 124 -98.86 8.49 -50.28
C LEU E 124 -100.21 9.20 -50.43
N LEU E 125 -100.20 10.50 -50.69
CA LEU E 125 -101.42 11.27 -50.89
C LEU E 125 -102.13 10.77 -52.15
N THR E 126 -101.38 10.49 -53.21
CA THR E 126 -101.93 9.94 -54.44
C THR E 126 -102.58 8.59 -54.17
N ALA E 127 -101.95 7.73 -53.37
CA ALA E 127 -102.50 6.44 -53.01
C ALA E 127 -103.80 6.61 -52.20
N ALA E 128 -103.82 7.51 -51.22
CA ALA E 128 -105.04 7.76 -50.44
C ALA E 128 -106.18 8.25 -51.34
N ARG E 129 -105.86 9.15 -52.28
CA ARG E 129 -106.77 9.65 -53.31
C ARG E 129 -107.28 8.50 -54.19
N ASP E 130 -106.39 7.66 -54.68
CA ASP E 130 -106.76 6.52 -55.53
C ASP E 130 -107.59 5.46 -54.79
N LEU E 131 -107.33 5.25 -53.50
CA LEU E 131 -108.14 4.40 -52.63
C LEU E 131 -109.47 5.06 -52.21
N GLY E 132 -109.67 6.33 -52.52
CA GLY E 132 -110.90 7.06 -52.17
C GLY E 132 -111.09 7.27 -50.66
N LEU E 133 -109.98 7.34 -49.91
CA LEU E 133 -110.02 7.46 -48.44
C LEU E 133 -110.48 8.84 -47.96
N ASP E 134 -111.08 8.90 -46.77
CA ASP E 134 -111.36 10.13 -46.06
C ASP E 134 -110.11 10.69 -45.33
N PRO E 135 -110.05 12.01 -45.06
CA PRO E 135 -108.87 12.66 -44.47
C PRO E 135 -108.35 12.05 -43.16
N ASP E 136 -109.23 11.48 -42.32
CA ASP E 136 -108.79 10.84 -41.08
C ASP E 136 -107.88 9.63 -41.36
N ALA E 137 -108.06 8.92 -42.47
CA ALA E 137 -107.13 7.89 -42.87
C ALA E 137 -105.76 8.47 -43.21
N ILE E 138 -105.70 9.68 -43.79
CA ILE E 138 -104.45 10.37 -44.07
C ILE E 138 -103.79 10.79 -42.75
N GLN E 139 -104.57 11.24 -41.77
CA GLN E 139 -104.05 11.52 -40.42
C GLN E 139 -103.51 10.24 -39.77
N ALA E 140 -104.22 9.13 -39.89
CA ALA E 140 -103.71 7.84 -39.41
C ALA E 140 -102.45 7.43 -40.18
N ALA E 141 -102.35 7.71 -41.48
CA ALA E 141 -101.12 7.49 -42.22
C ALA E 141 -99.97 8.34 -41.67
N ALA E 142 -100.23 9.59 -41.28
CA ALA E 142 -99.24 10.38 -40.57
C ALA E 142 -98.82 9.71 -39.25
N GLN E 143 -99.75 9.11 -38.51
CA GLN E 143 -99.39 8.29 -37.35
C GLN E 143 -98.53 7.07 -37.73
N LEU E 144 -98.79 6.41 -38.87
CA LEU E 144 -97.88 5.36 -39.36
C LEU E 144 -96.50 5.93 -39.72
N GLY E 145 -96.44 7.17 -40.20
CA GLY E 145 -95.21 7.93 -40.38
C GLY E 145 -94.49 8.17 -39.05
N GLU E 146 -95.21 8.54 -37.99
CA GLU E 146 -94.65 8.64 -36.63
C GLU E 146 -94.16 7.28 -36.10
N ALA E 147 -94.82 6.19 -36.48
CA ALA E 147 -94.36 4.83 -36.22
C ALA E 147 -93.16 4.39 -37.10
N GLY E 148 -92.74 5.20 -38.08
CA GLY E 148 -91.55 4.94 -38.91
C GLY E 148 -91.72 3.85 -39.97
N ILE E 149 -92.96 3.49 -40.33
CA ILE E 149 -93.28 2.46 -41.33
C ILE E 149 -92.87 2.93 -42.74
N SER E 150 -92.33 2.04 -43.60
CA SER E 150 -91.91 2.45 -44.95
C SER E 150 -93.08 2.74 -45.89
N SER E 151 -92.87 3.54 -46.93
CA SER E 151 -93.93 4.00 -47.84
C SER E 151 -94.72 2.84 -48.47
N GLU E 152 -94.02 1.83 -49.01
CA GLU E 152 -94.68 0.67 -49.60
C GLU E 152 -95.45 -0.13 -48.55
N GLU E 153 -94.90 -0.28 -47.34
CA GLU E 153 -95.63 -0.92 -46.25
C GLU E 153 -96.90 -0.15 -45.89
N ILE E 154 -96.84 1.18 -45.77
CA ILE E 154 -98.05 1.97 -45.54
C ILE E 154 -99.03 1.74 -46.68
N LYS E 155 -98.58 1.79 -47.94
CA LYS E 155 -99.46 1.63 -49.10
C LYS E 155 -100.17 0.28 -49.07
N GLU E 156 -99.42 -0.78 -48.79
CA GLU E 156 -100.00 -2.10 -48.63
C GLU E 156 -100.93 -2.17 -47.41
N LEU E 157 -100.58 -1.54 -46.29
CA LEU E 157 -101.43 -1.53 -45.11
C LEU E 157 -102.75 -0.83 -45.42
N LEU E 158 -102.71 0.34 -46.03
CA LEU E 158 -103.91 1.03 -46.44
C LEU E 158 -104.72 0.17 -47.40
N ARG E 159 -104.06 -0.48 -48.37
CA ARG E 159 -104.73 -1.39 -49.29
C ARG E 159 -105.44 -2.51 -48.53
N ALA E 160 -104.75 -3.15 -47.59
CA ALA E 160 -105.34 -4.20 -46.79
C ALA E 160 -106.52 -3.67 -45.95
N ALA E 161 -106.34 -2.54 -45.27
CA ALA E 161 -107.38 -1.96 -44.45
C ALA E 161 -108.65 -1.69 -45.28
N HIS E 162 -108.47 -1.12 -46.47
CA HIS E 162 -109.57 -0.87 -47.41
C HIS E 162 -110.22 -2.16 -47.92
N GLU E 163 -109.43 -3.17 -48.28
CA GLU E 163 -109.94 -4.49 -48.69
C GLU E 163 -110.72 -5.19 -47.56
N LEU E 164 -110.39 -4.87 -46.31
CA LEU E 164 -111.09 -5.36 -45.12
C LEU E 164 -112.20 -4.42 -44.61
N GLY E 165 -112.37 -3.24 -45.21
CA GLY E 165 -113.35 -2.24 -44.76
C GLY E 165 -113.05 -1.62 -43.38
N LEU E 166 -111.79 -1.68 -42.94
CA LEU E 166 -111.36 -1.27 -41.61
C LEU E 166 -111.21 0.24 -41.47
N ASP E 167 -111.88 0.79 -40.47
CA ASP E 167 -111.98 2.21 -40.16
C ASP E 167 -110.63 2.87 -39.83
N PRO E 168 -110.51 4.22 -39.93
CA PRO E 168 -109.32 4.95 -39.48
C PRO E 168 -108.91 4.66 -38.03
N ASP E 169 -109.86 4.39 -37.13
CA ASP E 169 -109.55 3.93 -35.77
C ASP E 169 -108.78 2.61 -35.79
N CYS E 170 -109.09 1.72 -36.73
CA CYS E 170 -108.36 0.49 -36.92
C CYS E 170 -106.95 0.78 -37.42
N ILE E 171 -106.79 1.73 -38.34
CA ILE E 171 -105.47 2.18 -38.78
C ILE E 171 -104.70 2.79 -37.59
N ALA E 172 -105.36 3.52 -36.68
CA ALA E 172 -104.72 3.99 -35.46
C ALA E 172 -104.28 2.81 -34.57
N ALA E 173 -105.10 1.77 -34.44
CA ALA E 173 -104.67 0.55 -33.77
C ALA E 173 -103.49 -0.14 -34.51
N ALA E 174 -103.44 -0.08 -35.84
CA ALA E 174 -102.28 -0.53 -36.59
C ALA E 174 -101.05 0.34 -36.28
N ALA E 175 -101.22 1.64 -36.09
CA ALA E 175 -100.14 2.52 -35.64
C ALA E 175 -99.74 2.24 -34.18
N ASP E 176 -100.66 1.78 -33.32
CA ASP E 176 -100.30 1.29 -31.98
C ASP E 176 -99.42 0.05 -32.07
N LEU E 177 -99.78 -0.92 -32.93
CA LEU E 177 -98.93 -2.09 -33.20
C LEU E 177 -97.59 -1.71 -33.85
N GLY E 178 -97.56 -0.68 -34.71
CA GLY E 178 -96.35 -0.14 -35.29
C GLY E 178 -95.42 0.48 -34.22
N GLN E 179 -95.97 1.24 -33.28
CA GLN E 179 -95.22 1.76 -32.14
C GLN E 179 -94.74 0.66 -31.18
N ALA E 180 -95.48 -0.45 -31.08
CA ALA E 180 -95.03 -1.67 -30.41
C ALA E 180 -93.94 -2.44 -31.18
N GLY E 181 -93.56 -2.01 -32.40
CA GLY E 181 -92.49 -2.60 -33.20
C GLY E 181 -92.89 -3.84 -34.01
N ILE E 182 -94.18 -4.15 -34.10
CA ILE E 182 -94.69 -5.30 -34.87
C ILE E 182 -94.48 -5.09 -36.38
N SER E 183 -94.05 -6.11 -37.11
CA SER E 183 -93.82 -5.99 -38.57
C SER E 183 -95.12 -5.74 -39.33
N SER E 184 -95.04 -5.09 -40.49
CA SER E 184 -96.22 -4.87 -41.37
C SER E 184 -96.91 -6.19 -41.73
N SER E 185 -96.13 -7.26 -41.96
CA SER E 185 -96.65 -8.60 -42.18
C SER E 185 -97.50 -9.07 -40.99
N GLU E 186 -96.94 -9.00 -39.78
CA GLU E 186 -97.66 -9.43 -38.58
C GLU E 186 -98.85 -8.53 -38.26
N ILE E 187 -98.75 -7.22 -38.49
CA ILE E 187 -99.91 -6.33 -38.42
C ILE E 187 -100.97 -6.84 -39.39
N THR E 188 -100.61 -7.11 -40.65
CA THR E 188 -101.56 -7.58 -41.66
C THR E 188 -102.25 -8.85 -41.20
N ALA E 189 -101.49 -9.80 -40.65
CA ALA E 189 -102.04 -11.00 -40.07
C ALA E 189 -103.02 -10.66 -38.94
N LEU E 190 -102.62 -9.82 -37.99
CA LEU E 190 -103.47 -9.44 -36.87
C LEU E 190 -104.75 -8.74 -37.34
N LEU E 191 -104.66 -7.90 -38.36
CA LEU E 191 -105.84 -7.27 -38.97
C LEU E 191 -106.75 -8.37 -39.51
N LEU E 192 -106.21 -9.27 -40.33
CA LEU E 192 -107.00 -10.36 -40.91
C LEU E 192 -107.67 -11.19 -39.83
N ALA E 193 -106.92 -11.55 -38.79
CA ALA E 193 -107.42 -12.36 -37.68
C ALA E 193 -108.53 -11.64 -36.93
N ALA E 194 -108.28 -10.40 -36.51
CA ALA E 194 -109.24 -9.62 -35.76
C ALA E 194 -110.53 -9.44 -36.57
N ALA E 195 -110.39 -9.13 -37.85
CA ALA E 195 -111.53 -8.99 -38.75
C ALA E 195 -112.29 -10.32 -38.86
N ALA E 196 -111.60 -11.42 -39.16
CA ALA E 196 -112.22 -12.73 -39.27
C ALA E 196 -112.96 -13.10 -37.98
N ILE E 197 -112.38 -12.83 -36.82
CA ILE E 197 -113.00 -13.13 -35.52
C ILE E 197 -114.26 -12.29 -35.34
N GLU E 198 -114.18 -10.98 -35.49
CA GLU E 198 -115.35 -10.13 -35.28
C GLU E 198 -116.49 -10.50 -36.25
N LEU E 199 -116.17 -10.76 -37.51
CA LEU E 199 -117.13 -11.27 -38.48
C LEU E 199 -117.70 -12.62 -38.05
N ALA E 200 -116.87 -13.58 -37.69
CA ALA E 200 -117.31 -14.92 -37.32
C ALA E 200 -118.03 -14.97 -35.97
N LYS E 201 -117.86 -13.94 -35.14
CA LYS E 201 -118.69 -13.69 -33.96
C LYS E 201 -120.06 -13.15 -34.36
N ARG E 202 -120.11 -12.31 -35.40
CA ARG E 202 -121.33 -11.58 -35.80
C ARG E 202 -122.20 -12.37 -36.78
N ALA E 203 -121.58 -13.21 -37.59
CA ALA E 203 -122.20 -14.42 -38.12
C ALA E 203 -122.34 -15.44 -36.98
N ASP E 204 -123.40 -16.24 -36.97
CA ASP E 204 -123.64 -17.26 -35.94
C ASP E 204 -122.96 -18.62 -36.22
N ASP E 205 -122.49 -18.84 -37.45
CA ASP E 205 -122.30 -20.19 -37.98
C ASP E 205 -121.13 -20.96 -37.32
N LYS E 206 -121.48 -22.05 -36.64
CA LYS E 206 -120.52 -23.01 -36.09
C LYS E 206 -119.52 -23.53 -37.12
N ASP E 207 -119.91 -23.77 -38.37
CA ASP E 207 -118.96 -24.24 -39.39
C ASP E 207 -117.94 -23.16 -39.78
N VAL E 208 -118.38 -21.91 -39.94
CA VAL E 208 -117.45 -20.78 -40.12
C VAL E 208 -116.55 -20.68 -38.88
N ARG E 209 -117.11 -20.82 -37.69
CA ARG E 209 -116.35 -20.76 -36.44
C ARG E 209 -115.34 -21.89 -36.31
N GLU E 210 -115.67 -23.11 -36.75
CA GLU E 210 -114.71 -24.21 -36.88
C GLU E 210 -113.59 -23.84 -37.84
N ILE E 211 -113.93 -23.36 -39.03
CA ILE E 211 -112.93 -22.98 -40.04
C ILE E 211 -112.01 -21.90 -39.46
N VAL E 212 -112.57 -20.86 -38.84
CA VAL E 212 -111.79 -19.77 -38.27
C VAL E 212 -110.93 -20.27 -37.12
N ARG E 213 -111.45 -21.12 -36.23
CA ARG E 213 -110.65 -21.78 -35.20
C ARG E 213 -109.47 -22.51 -35.82
N ASP E 214 -109.72 -23.34 -36.82
CA ASP E 214 -108.67 -24.14 -37.45
C ASP E 214 -107.64 -23.25 -38.14
N ALA E 215 -108.07 -22.18 -38.81
CA ALA E 215 -107.18 -21.23 -39.42
C ALA E 215 -106.35 -20.50 -38.36
N LEU E 216 -106.95 -20.06 -37.26
CA LEU E 216 -106.24 -19.42 -36.16
C LEU E 216 -105.25 -20.39 -35.50
N GLU E 217 -105.61 -21.66 -35.34
CA GLU E 217 -104.67 -22.67 -34.89
C GLU E 217 -103.50 -22.78 -35.85
N LEU E 218 -103.75 -22.95 -37.16
CA LEU E 218 -102.70 -23.05 -38.16
C LEU E 218 -101.80 -21.82 -38.14
N ALA E 219 -102.39 -20.62 -38.07
CA ALA E 219 -101.65 -19.37 -37.98
C ALA E 219 -100.84 -19.25 -36.68
N SER E 220 -101.34 -19.80 -35.58
CA SER E 220 -100.62 -19.84 -34.31
C SER E 220 -99.45 -20.83 -34.34
N ARG E 221 -99.61 -21.99 -34.98
CA ARG E 221 -98.60 -23.06 -35.04
C ARG E 221 -97.52 -22.84 -36.11
N SER E 222 -97.89 -22.32 -37.27
CA SER E 222 -96.97 -22.08 -38.39
C SER E 222 -96.07 -20.84 -38.16
N THR E 223 -95.02 -20.71 -38.99
CA THR E 223 -93.97 -19.67 -38.85
C THR E 223 -93.53 -19.09 -40.22
N ASN E 224 -94.44 -19.00 -41.20
CA ASN E 224 -94.16 -18.42 -42.52
C ASN E 224 -95.24 -17.41 -42.94
N ASP E 225 -94.80 -16.25 -43.42
CA ASP E 225 -95.68 -15.12 -43.75
C ASP E 225 -96.67 -15.42 -44.87
N GLU E 226 -96.29 -16.21 -45.87
CA GLU E 226 -97.20 -16.57 -46.96
C GLU E 226 -98.27 -17.55 -46.45
N VAL E 227 -97.86 -18.60 -45.73
CA VAL E 227 -98.82 -19.53 -45.10
C VAL E 227 -99.80 -18.78 -44.19
N ILE E 228 -99.29 -17.91 -43.33
CA ILE E 228 -100.11 -17.16 -42.36
C ILE E 228 -101.08 -16.25 -43.11
N ARG E 229 -100.60 -15.45 -44.06
CA ARG E 229 -101.47 -14.54 -44.83
C ARG E 229 -102.50 -15.34 -45.63
N LEU E 230 -102.10 -16.40 -46.31
CA LEU E 230 -103.04 -17.27 -47.03
C LEU E 230 -104.11 -17.80 -46.08
N ALA E 231 -103.73 -18.34 -44.92
CA ALA E 231 -104.67 -18.92 -43.98
C ALA E 231 -105.66 -17.88 -43.47
N LEU E 232 -105.17 -16.71 -43.04
CA LEU E 232 -106.05 -15.70 -42.45
C LEU E 232 -106.87 -14.98 -43.53
N GLU E 233 -106.34 -14.84 -44.74
CA GLU E 233 -107.14 -14.40 -45.89
C GLU E 233 -108.23 -15.43 -46.18
N ALA E 234 -107.92 -16.72 -46.19
CA ALA E 234 -108.93 -17.76 -46.33
C ALA E 234 -109.96 -17.68 -45.19
N ALA E 235 -109.55 -17.33 -43.97
CA ALA E 235 -110.49 -17.16 -42.87
C ALA E 235 -111.46 -15.99 -43.12
N VAL E 236 -110.95 -14.85 -43.59
CA VAL E 236 -111.81 -13.73 -44.00
C VAL E 236 -112.71 -14.14 -45.18
N LEU E 237 -112.17 -14.84 -46.18
CA LEU E 237 -112.95 -15.29 -47.33
C LEU E 237 -114.04 -16.27 -46.92
N ALA E 238 -113.78 -17.17 -45.96
CA ALA E 238 -114.80 -18.03 -45.39
C ALA E 238 -115.90 -17.19 -44.73
N ALA E 239 -115.52 -16.22 -43.89
CA ALA E 239 -116.47 -15.31 -43.24
C ALA E 239 -117.28 -14.45 -44.24
N ARG E 240 -116.73 -14.16 -45.43
CA ARG E 240 -117.44 -13.49 -46.54
C ARG E 240 -118.25 -14.44 -47.43
N SER E 241 -117.90 -15.71 -47.49
CA SER E 241 -118.64 -16.73 -48.23
C SER E 241 -119.97 -17.09 -47.57
N THR E 242 -120.92 -17.62 -48.34
CA THR E 242 -122.25 -18.02 -47.84
C THR E 242 -122.57 -19.50 -48.04
N ASP E 243 -121.84 -20.21 -48.89
CA ASP E 243 -122.28 -21.49 -49.45
C ASP E 243 -121.47 -22.66 -48.92
N SER E 244 -122.16 -23.75 -48.58
CA SER E 244 -121.55 -24.94 -47.98
C SER E 244 -120.42 -25.50 -48.83
N ASP E 245 -120.50 -25.41 -50.16
CA ASP E 245 -119.40 -25.83 -51.04
C ASP E 245 -118.09 -25.12 -50.71
N VAL E 246 -118.14 -23.82 -50.44
CA VAL E 246 -116.94 -23.06 -50.04
C VAL E 246 -116.47 -23.52 -48.65
N LEU E 247 -117.41 -23.69 -47.72
CA LEU E 247 -117.09 -24.17 -46.37
C LEU E 247 -116.43 -25.56 -46.40
N GLU E 248 -116.96 -26.48 -47.19
CA GLU E 248 -116.42 -27.82 -47.41
C GLU E 248 -115.01 -27.75 -48.01
N ILE E 249 -114.83 -26.98 -49.08
CA ILE E 249 -113.52 -26.86 -49.75
C ILE E 249 -112.49 -26.29 -48.79
N VAL E 250 -112.83 -25.22 -48.07
CA VAL E 250 -111.91 -24.63 -47.10
C VAL E 250 -111.64 -25.60 -45.95
N LYS E 251 -112.66 -26.28 -45.41
CA LYS E 251 -112.46 -27.25 -44.32
C LYS E 251 -111.62 -28.44 -44.78
N ASP E 252 -111.85 -28.94 -45.99
CA ASP E 252 -111.01 -29.96 -46.61
C ASP E 252 -109.57 -29.48 -46.76
N ALA E 253 -109.38 -28.26 -47.27
CA ALA E 253 -108.05 -27.71 -47.44
C ALA E 253 -107.33 -27.53 -46.08
N LEU E 254 -108.03 -27.05 -45.06
CA LEU E 254 -107.47 -26.90 -43.71
C LEU E 254 -107.20 -28.26 -43.07
N GLU E 255 -108.07 -29.26 -43.27
CA GLU E 255 -107.82 -30.62 -42.81
C GLU E 255 -106.56 -31.19 -43.49
N LEU E 256 -106.46 -31.08 -44.81
CA LEU E 256 -105.28 -31.52 -45.56
C LEU E 256 -104.03 -30.78 -45.08
N ALA E 257 -104.11 -29.47 -44.87
CA ALA E 257 -102.98 -28.68 -44.37
C ALA E 257 -102.55 -29.13 -42.97
N LYS E 258 -103.50 -29.36 -42.05
CA LYS E 258 -103.22 -29.84 -40.69
C LYS E 258 -102.65 -31.27 -40.69
N GLN E 259 -103.05 -32.12 -41.64
CA GLN E 259 -102.46 -33.44 -41.86
C GLN E 259 -101.07 -33.39 -42.52
N SER E 260 -100.77 -32.33 -43.27
CA SER E 260 -99.51 -32.17 -44.02
C SER E 260 -98.34 -31.69 -43.14
N THR E 261 -97.11 -31.95 -43.61
CA THR E 261 -95.86 -31.43 -42.99
C THR E 261 -94.95 -30.66 -43.96
N ASN E 262 -95.35 -30.49 -45.22
CA ASN E 262 -94.61 -29.73 -46.24
C ASN E 262 -95.30 -28.39 -46.52
N GLU E 263 -94.57 -27.28 -46.36
CA GLU E 263 -95.10 -25.93 -46.58
C GLU E 263 -95.53 -25.68 -48.04
N GLU E 264 -94.93 -26.33 -49.03
CA GLU E 264 -95.35 -26.18 -50.42
C GLU E 264 -96.75 -26.78 -50.64
N VAL E 265 -97.01 -27.97 -50.11
CA VAL E 265 -98.35 -28.58 -50.15
C VAL E 265 -99.37 -27.71 -49.42
N ILE E 266 -99.01 -27.16 -48.25
CA ILE E 266 -99.89 -26.26 -47.50
C ILE E 266 -100.19 -25.00 -48.31
N LYS E 267 -99.17 -24.32 -48.86
CA LYS E 267 -99.36 -23.13 -49.69
C LYS E 267 -100.21 -23.42 -50.92
N LEU E 268 -99.94 -24.52 -51.63
CA LEU E 268 -100.73 -24.92 -52.79
C LEU E 268 -102.19 -25.19 -52.41
N ALA E 269 -102.44 -25.96 -51.35
CA ALA E 269 -103.79 -26.28 -50.91
C ALA E 269 -104.55 -25.01 -50.49
N LEU E 270 -103.92 -24.15 -49.69
CA LEU E 270 -104.51 -22.87 -49.31
C LEU E 270 -104.75 -22.00 -50.54
N LYS E 271 -103.81 -21.93 -51.49
CA LYS E 271 -104.01 -21.16 -52.72
C LYS E 271 -105.19 -21.68 -53.53
N ALA E 272 -105.28 -22.99 -53.72
CA ALA E 272 -106.41 -23.60 -54.43
C ALA E 272 -107.73 -23.25 -53.74
N ALA E 273 -107.80 -23.37 -52.42
CA ALA E 273 -108.99 -23.01 -51.65
C ALA E 273 -109.30 -21.51 -51.70
N VAL E 274 -108.29 -20.63 -51.66
CA VAL E 274 -108.46 -19.18 -51.80
C VAL E 274 -109.03 -18.84 -53.17
N LEU E 275 -108.47 -19.40 -54.24
CA LEU E 275 -108.97 -19.20 -55.59
C LEU E 275 -110.42 -19.69 -55.72
N ALA E 276 -110.72 -20.88 -55.17
CA ALA E 276 -112.09 -21.38 -55.13
C ALA E 276 -113.02 -20.41 -54.37
N ALA E 277 -112.65 -19.97 -53.17
CA ALA E 277 -113.46 -19.05 -52.37
C ALA E 277 -113.66 -17.67 -53.03
N LYS E 278 -112.69 -17.22 -53.85
CA LYS E 278 -112.83 -16.01 -54.68
C LYS E 278 -113.66 -16.24 -55.96
N SER E 279 -113.72 -17.47 -56.48
CA SER E 279 -114.44 -17.80 -57.71
C SER E 279 -115.97 -17.87 -57.53
N THR E 280 -116.71 -17.53 -58.58
CA THR E 280 -118.18 -17.71 -58.64
C THR E 280 -118.59 -19.05 -59.24
N ASP E 281 -117.73 -19.64 -60.09
CA ASP E 281 -118.08 -20.80 -60.92
C ASP E 281 -118.09 -22.12 -60.13
N GLU E 282 -119.27 -22.73 -60.01
CA GLU E 282 -119.46 -24.02 -59.35
C GLU E 282 -118.62 -25.15 -59.97
N GLU E 283 -118.29 -25.08 -61.26
CA GLU E 283 -117.39 -26.06 -61.88
C GLU E 283 -115.92 -25.86 -61.43
N VAL E 284 -115.50 -24.63 -61.15
CA VAL E 284 -114.18 -24.36 -60.54
C VAL E 284 -114.19 -24.84 -59.09
N LEU E 285 -115.26 -24.56 -58.34
CA LEU E 285 -115.44 -25.13 -57.00
C LEU E 285 -115.34 -26.66 -57.05
N GLU E 286 -116.10 -27.31 -57.93
CA GLU E 286 -116.13 -28.77 -58.02
C GLU E 286 -114.80 -29.36 -58.50
N GLU E 287 -114.09 -28.77 -59.47
CA GLU E 287 -112.76 -29.27 -59.84
C GLU E 287 -111.77 -29.12 -58.69
N VAL E 288 -111.77 -28.00 -57.98
CA VAL E 288 -110.92 -27.85 -56.80
C VAL E 288 -111.32 -28.87 -55.74
N LYS E 289 -112.62 -29.09 -55.50
CA LYS E 289 -113.11 -30.08 -54.53
C LYS E 289 -112.67 -31.50 -54.92
N GLU E 290 -112.74 -31.84 -56.20
CA GLU E 290 -112.27 -33.12 -56.71
C GLU E 290 -110.75 -33.24 -56.65
N ALA E 291 -110.00 -32.19 -56.96
CA ALA E 291 -108.56 -32.18 -56.78
C ALA E 291 -108.17 -32.39 -55.31
N LEU E 292 -108.86 -31.73 -54.37
CA LEU E 292 -108.69 -31.98 -52.94
C LEU E 292 -109.10 -33.41 -52.57
N ARG E 293 -110.17 -33.97 -53.14
CA ARG E 293 -110.55 -35.36 -52.91
C ARG E 293 -109.47 -36.31 -53.37
N ARG E 294 -108.93 -36.12 -54.58
CA ARG E 294 -107.76 -36.87 -55.07
C ARG E 294 -106.60 -36.72 -54.09
N ALA E 295 -106.31 -35.49 -53.65
CA ALA E 295 -105.24 -35.22 -52.70
C ALA E 295 -105.46 -35.89 -51.33
N LYS E 296 -106.71 -36.06 -50.88
CA LYS E 296 -107.06 -36.74 -49.62
C LYS E 296 -107.03 -38.26 -49.76
N GLU E 297 -107.46 -38.80 -50.90
CA GLU E 297 -107.46 -40.24 -51.19
C GLU E 297 -106.05 -40.77 -51.49
N SER E 298 -105.21 -39.94 -52.10
CA SER E 298 -103.76 -40.20 -52.26
C SER E 298 -102.97 -39.82 -51.00
N THR E 299 -101.65 -40.04 -51.00
CA THR E 299 -100.76 -39.73 -49.86
C THR E 299 -99.35 -39.26 -50.27
N ASP E 300 -98.88 -39.59 -51.47
CA ASP E 300 -97.59 -39.15 -52.01
C ASP E 300 -97.60 -37.64 -52.35
N GLU E 301 -96.69 -36.87 -51.76
CA GLU E 301 -96.56 -35.43 -52.03
C GLU E 301 -96.31 -35.14 -53.53
N GLU E 302 -95.66 -36.04 -54.26
CA GLU E 302 -95.41 -35.88 -55.70
C GLU E 302 -96.69 -36.04 -56.56
N GLU E 303 -97.73 -36.70 -56.04
CA GLU E 303 -99.06 -36.70 -56.66
C GLU E 303 -99.91 -35.51 -56.17
N ILE E 304 -99.89 -35.25 -54.86
CA ILE E 304 -100.66 -34.16 -54.23
C ILE E 304 -100.29 -32.80 -54.83
N LYS E 305 -98.98 -32.49 -54.94
CA LYS E 305 -98.51 -31.24 -55.54
C LYS E 305 -98.97 -31.07 -56.99
N GLU E 306 -98.98 -32.15 -57.79
CA GLU E 306 -99.43 -32.08 -59.18
C GLU E 306 -100.93 -31.87 -59.32
N GLU E 307 -101.77 -32.55 -58.54
CA GLU E 307 -103.22 -32.29 -58.56
C GLU E 307 -103.54 -30.86 -58.13
N LEU E 308 -102.94 -30.38 -57.03
CA LEU E 308 -103.12 -29.00 -56.59
C LEU E 308 -102.56 -27.99 -57.61
N ARG E 309 -101.41 -28.27 -58.25
CA ARG E 309 -100.85 -27.42 -59.31
C ARG E 309 -101.80 -27.31 -60.49
N LYS E 310 -102.33 -28.43 -61.00
CA LYS E 310 -103.29 -28.41 -62.12
C LYS E 310 -104.55 -27.62 -61.76
N ALA E 311 -105.08 -27.80 -60.55
CA ALA E 311 -106.23 -27.05 -60.07
C ALA E 311 -105.94 -25.54 -59.97
N VAL E 312 -104.79 -25.14 -59.45
CA VAL E 312 -104.35 -23.74 -59.40
C VAL E 312 -104.17 -23.16 -60.81
N GLU E 313 -103.51 -23.88 -61.72
CA GLU E 313 -103.31 -23.44 -63.11
C GLU E 313 -104.62 -23.34 -63.90
N GLU E 314 -105.67 -24.09 -63.52
CA GLU E 314 -107.02 -23.93 -64.08
C GLU E 314 -107.79 -22.74 -63.47
N ALA E 315 -107.62 -22.48 -62.17
CA ALA E 315 -108.41 -21.50 -61.41
C ALA E 315 -107.83 -20.06 -61.36
N GLU E 316 -106.52 -19.87 -61.52
CA GLU E 316 -105.83 -18.57 -61.37
C GLU E 316 -106.16 -17.53 -62.46
N CYS F 3 -54.82 -102.71 0.07
CA CYS F 3 -56.20 -102.27 0.39
C CYS F 3 -56.63 -101.17 -0.59
N ASP F 4 -57.08 -101.54 -1.79
CA ASP F 4 -57.19 -100.63 -2.95
C ASP F 4 -58.14 -99.45 -2.73
N ALA F 5 -59.23 -99.65 -1.98
CA ALA F 5 -60.19 -98.59 -1.65
C ALA F 5 -59.52 -97.42 -0.90
N ILE F 6 -58.54 -97.72 -0.05
CA ILE F 6 -57.70 -96.68 0.58
C ILE F 6 -56.64 -96.22 -0.42
N GLN F 7 -56.01 -97.15 -1.14
CA GLN F 7 -54.86 -96.81 -1.99
C GLN F 7 -55.21 -95.82 -3.11
N ALA F 8 -56.44 -95.84 -3.62
CA ALA F 8 -56.92 -94.81 -4.51
C ALA F 8 -56.92 -93.43 -3.84
N ALA F 9 -57.36 -93.33 -2.59
CA ALA F 9 -57.25 -92.09 -1.82
C ALA F 9 -55.78 -91.73 -1.55
N ALA F 10 -54.91 -92.70 -1.31
CA ALA F 10 -53.48 -92.43 -1.17
C ALA F 10 -52.88 -91.88 -2.47
N ALA F 11 -53.29 -92.39 -3.63
CA ALA F 11 -52.88 -91.85 -4.91
C ALA F 11 -53.36 -90.40 -5.11
N LEU F 12 -54.60 -90.10 -4.72
CA LEU F 12 -55.11 -88.72 -4.72
C LEU F 12 -54.36 -87.82 -3.72
N GLY F 13 -53.92 -88.37 -2.59
CA GLY F 13 -53.07 -87.67 -1.62
C GLY F 13 -51.68 -87.35 -2.21
N GLU F 14 -51.07 -88.29 -2.92
CA GLU F 14 -49.81 -88.07 -3.65
C GLU F 14 -49.98 -87.04 -4.77
N ALA F 15 -51.14 -87.01 -5.43
CA ALA F 15 -51.51 -85.96 -6.39
C ALA F 15 -51.85 -84.60 -5.72
N GLY F 16 -51.85 -84.52 -4.38
CA GLY F 16 -52.06 -83.28 -3.64
C GLY F 16 -53.51 -82.81 -3.58
N ILE F 17 -54.47 -83.69 -3.85
CA ILE F 17 -55.90 -83.34 -3.90
C ILE F 17 -56.41 -83.01 -2.49
N SER F 18 -57.20 -81.94 -2.36
CA SER F 18 -57.83 -81.53 -1.09
C SER F 18 -58.76 -82.62 -0.56
N SER F 19 -58.76 -82.88 0.75
CA SER F 19 -59.54 -83.97 1.36
C SER F 19 -61.03 -83.88 1.04
N ASN F 20 -61.62 -82.68 0.98
CA ASN F 20 -63.00 -82.51 0.54
C ASN F 20 -63.21 -82.99 -0.90
N GLU F 21 -62.28 -82.69 -1.81
CA GLU F 21 -62.34 -83.18 -3.19
C GLU F 21 -62.00 -84.67 -3.28
N ILE F 22 -61.15 -85.22 -2.42
CA ILE F 22 -60.97 -86.67 -2.34
C ILE F 22 -62.30 -87.30 -1.98
N LEU F 23 -62.96 -86.80 -0.93
CA LEU F 23 -64.26 -87.32 -0.51
C LEU F 23 -65.31 -87.15 -1.61
N GLU F 24 -65.26 -86.06 -2.38
CA GLU F 24 -66.16 -85.92 -3.54
C GLU F 24 -65.83 -86.99 -4.60
N LEU F 25 -64.56 -87.20 -4.92
CA LEU F 25 -64.17 -88.21 -5.91
C LEU F 25 -64.52 -89.62 -5.43
N LEU F 26 -64.43 -89.86 -4.13
CA LEU F 26 -64.94 -91.07 -3.53
C LEU F 26 -66.48 -91.14 -3.62
N ALA F 27 -67.19 -90.04 -3.42
CA ALA F 27 -68.64 -90.01 -3.60
C ALA F 27 -69.00 -90.35 -5.05
N ALA F 28 -68.27 -89.79 -6.02
CA ALA F 28 -68.41 -90.14 -7.42
C ALA F 28 -68.07 -91.62 -7.65
N ALA F 29 -67.05 -92.15 -6.99
CA ALA F 29 -66.72 -93.55 -7.09
C ALA F 29 -67.88 -94.42 -6.60
N ALA F 30 -68.56 -94.04 -5.52
CA ALA F 30 -69.78 -94.71 -5.08
C ALA F 30 -70.91 -94.56 -6.11
N GLU F 31 -71.17 -93.36 -6.61
CA GLU F 31 -72.28 -93.09 -7.53
C GLU F 31 -72.12 -93.83 -8.86
N LEU F 32 -70.97 -93.68 -9.51
CA LEU F 32 -70.68 -94.26 -10.82
C LEU F 32 -70.11 -95.68 -10.73
N GLY F 33 -69.73 -96.14 -9.54
CA GLY F 33 -69.04 -97.41 -9.35
C GLY F 33 -67.60 -97.40 -9.88
N LEU F 34 -66.89 -96.27 -9.76
CA LEU F 34 -65.53 -96.12 -10.32
C LEU F 34 -64.56 -97.16 -9.75
N ASP F 35 -63.70 -97.70 -10.61
CA ASP F 35 -62.59 -98.56 -10.20
C ASP F 35 -61.32 -97.72 -9.90
N PRO F 36 -60.32 -98.28 -9.19
CA PRO F 36 -59.10 -97.56 -8.84
C PRO F 36 -58.37 -96.96 -10.05
N ASP F 37 -58.43 -97.60 -11.23
CA ASP F 37 -57.83 -97.04 -12.44
C ASP F 37 -58.59 -95.79 -12.93
N ALA F 38 -59.92 -95.80 -12.90
CA ALA F 38 -60.70 -94.60 -13.21
C ALA F 38 -60.46 -93.49 -12.17
N ILE F 39 -60.35 -93.84 -10.89
CA ILE F 39 -59.98 -92.87 -9.87
C ILE F 39 -58.55 -92.36 -10.08
N GLN F 40 -57.62 -93.20 -10.55
CA GLN F 40 -56.28 -92.77 -10.93
C GLN F 40 -56.31 -91.82 -12.14
N ALA F 41 -57.18 -92.08 -13.12
CA ALA F 41 -57.40 -91.12 -14.20
C ALA F 41 -57.91 -89.78 -13.65
N ALA F 42 -58.83 -89.79 -12.67
CA ALA F 42 -59.22 -88.57 -11.97
C ALA F 42 -58.02 -87.91 -11.29
N ALA F 43 -57.15 -88.67 -10.62
CA ALA F 43 -55.94 -88.12 -10.00
C ALA F 43 -55.03 -87.44 -11.05
N GLN F 44 -54.83 -88.07 -12.20
CA GLN F 44 -54.01 -87.52 -13.28
C GLN F 44 -54.66 -86.29 -13.95
N LEU F 45 -55.99 -86.25 -14.06
CA LEU F 45 -56.70 -85.03 -14.46
C LEU F 45 -56.56 -83.92 -13.41
N GLY F 46 -56.45 -84.28 -12.14
CA GLY F 46 -56.11 -83.37 -11.05
C GLY F 46 -54.67 -82.85 -11.14
N GLU F 47 -53.70 -83.69 -11.53
CA GLU F 47 -52.33 -83.26 -11.88
C GLU F 47 -52.31 -82.34 -13.11
N ALA F 48 -53.22 -82.54 -14.07
CA ALA F 48 -53.48 -81.61 -15.17
C ALA F 48 -54.21 -80.31 -14.73
N GLY F 49 -54.61 -80.20 -13.46
CA GLY F 49 -55.22 -79.01 -12.86
C GLY F 49 -56.74 -78.90 -13.02
N ILE F 50 -57.41 -79.91 -13.57
CA ILE F 50 -58.87 -79.92 -13.72
C ILE F 50 -59.54 -80.12 -12.34
N SER F 51 -60.62 -79.39 -12.02
CA SER F 51 -61.32 -79.60 -10.74
C SER F 51 -62.10 -80.92 -10.71
N SER F 52 -62.30 -81.48 -9.51
CA SER F 52 -63.10 -82.68 -9.34
C SER F 52 -64.52 -82.53 -9.89
N GLU F 53 -65.07 -81.31 -9.96
CA GLU F 53 -66.41 -81.09 -10.48
C GLU F 53 -66.48 -81.46 -11.95
N GLU F 54 -65.65 -80.85 -12.79
CA GLU F 54 -65.60 -81.19 -14.21
C GLU F 54 -65.20 -82.64 -14.39
N ILE F 55 -64.25 -83.15 -13.61
CA ILE F 55 -63.87 -84.56 -13.70
C ILE F 55 -65.10 -85.43 -13.46
N LYS F 56 -65.91 -85.11 -12.44
CA LYS F 56 -67.11 -85.88 -12.13
C LYS F 56 -68.08 -85.82 -13.29
N GLU F 57 -68.33 -84.65 -13.84
CA GLU F 57 -69.18 -84.55 -15.03
C GLU F 57 -68.58 -85.32 -16.21
N LEU F 58 -67.26 -85.31 -16.38
CA LEU F 58 -66.60 -86.02 -17.47
C LEU F 58 -66.75 -87.52 -17.30
N LEU F 59 -66.49 -88.04 -16.10
CA LEU F 59 -66.68 -89.45 -15.83
C LEU F 59 -68.15 -89.83 -15.94
N ARG F 60 -69.06 -88.96 -15.50
CA ARG F 60 -70.50 -89.13 -15.69
C ARG F 60 -70.83 -89.23 -17.18
N ALA F 61 -70.25 -88.37 -18.00
CA ALA F 61 -70.40 -88.47 -19.44
C ALA F 61 -69.80 -89.77 -19.97
N ALA F 62 -68.60 -90.16 -19.55
CA ALA F 62 -67.98 -91.42 -19.98
C ALA F 62 -68.85 -92.63 -19.64
N HIS F 63 -69.52 -92.60 -18.49
CA HIS F 63 -70.49 -93.60 -18.06
C HIS F 63 -71.75 -93.57 -18.93
N GLU F 64 -72.31 -92.38 -19.20
CA GLU F 64 -73.47 -92.22 -20.11
C GLU F 64 -73.15 -92.57 -21.57
N LEU F 65 -71.88 -92.51 -21.96
CA LEU F 65 -71.35 -92.97 -23.24
C LEU F 65 -71.03 -94.48 -23.25
N GLY F 66 -70.85 -95.09 -22.08
CA GLY F 66 -70.43 -96.49 -21.96
C GLY F 66 -69.00 -96.73 -22.45
N LEU F 67 -68.09 -95.79 -22.23
CA LEU F 67 -66.70 -95.87 -22.72
C LEU F 67 -65.88 -97.02 -22.10
N ASP F 68 -64.93 -97.54 -22.86
CA ASP F 68 -63.98 -98.55 -22.39
C ASP F 68 -62.93 -97.96 -21.42
N PRO F 69 -62.46 -98.72 -20.42
CA PRO F 69 -61.49 -98.25 -19.43
C PRO F 69 -60.20 -97.67 -20.03
N ASP F 70 -59.73 -98.19 -21.16
CA ASP F 70 -58.55 -97.68 -21.85
C ASP F 70 -58.80 -96.30 -22.45
N ALA F 71 -59.96 -96.04 -23.04
CA ALA F 71 -60.35 -94.70 -23.44
C ALA F 71 -60.46 -93.77 -22.22
N ILE F 72 -61.02 -94.24 -21.12
CA ILE F 72 -61.11 -93.45 -19.89
C ILE F 72 -59.70 -93.12 -19.37
N ALA F 73 -58.77 -94.06 -19.40
CA ALA F 73 -57.37 -93.76 -19.10
C ALA F 73 -56.77 -92.77 -20.10
N ALA F 74 -57.07 -92.93 -21.39
CA ALA F 74 -56.64 -91.99 -22.41
C ALA F 74 -57.19 -90.59 -22.16
N ALA F 75 -58.32 -90.43 -21.46
CA ALA F 75 -58.78 -89.10 -21.06
C ALA F 75 -57.74 -88.39 -20.19
N ALA F 76 -57.10 -89.12 -19.27
CA ALA F 76 -56.01 -88.57 -18.48
C ALA F 76 -54.75 -88.34 -19.32
N ASP F 77 -54.51 -89.13 -20.36
CA ASP F 77 -53.42 -88.84 -21.30
C ASP F 77 -53.68 -87.53 -22.06
N LEU F 78 -54.90 -87.31 -22.53
CA LEU F 78 -55.31 -86.04 -23.15
C LEU F 78 -55.20 -84.88 -22.14
N GLY F 79 -55.50 -85.12 -20.87
CA GLY F 79 -55.26 -84.17 -19.79
C GLY F 79 -53.78 -83.81 -19.63
N GLN F 80 -52.89 -84.81 -19.61
CA GLN F 80 -51.44 -84.60 -19.57
C GLN F 80 -50.92 -83.90 -20.83
N ALA F 81 -51.54 -84.14 -21.98
CA ALA F 81 -51.29 -83.41 -23.23
C ALA F 81 -51.78 -81.94 -23.20
N GLY F 82 -52.54 -81.53 -22.19
CA GLY F 82 -53.03 -80.16 -22.02
C GLY F 82 -54.30 -79.81 -22.81
N VAL F 83 -55.03 -80.81 -23.31
CA VAL F 83 -56.27 -80.61 -24.08
C VAL F 83 -57.36 -79.98 -23.20
N SER F 84 -58.16 -79.05 -23.76
CA SER F 84 -59.27 -78.42 -23.03
C SER F 84 -60.25 -79.47 -22.51
N PRO F 85 -60.88 -79.30 -21.32
CA PRO F 85 -61.73 -80.33 -20.75
C PRO F 85 -62.93 -80.63 -21.64
N VAL F 86 -63.50 -79.61 -22.27
CA VAL F 86 -64.53 -79.84 -23.29
C VAL F 86 -63.92 -80.62 -24.46
N GLU F 87 -62.74 -80.26 -24.95
CA GLU F 87 -62.10 -80.97 -26.06
C GLU F 87 -61.77 -82.42 -25.70
N ILE F 88 -61.45 -82.72 -24.45
CA ILE F 88 -61.33 -84.11 -24.02
C ILE F 88 -62.66 -84.80 -24.30
N LEU F 89 -63.76 -84.23 -23.81
CA LEU F 89 -65.07 -84.83 -24.01
C LEU F 89 -65.39 -84.98 -25.50
N ALA F 90 -65.03 -83.97 -26.29
CA ALA F 90 -65.23 -84.04 -27.71
C ALA F 90 -64.46 -85.22 -28.29
N LEU F 91 -63.18 -85.37 -27.97
CA LEU F 91 -62.36 -86.45 -28.50
C LEU F 91 -62.89 -87.80 -28.03
N LEU F 92 -63.29 -87.91 -26.77
CA LEU F 92 -63.88 -89.13 -26.25
C LEU F 92 -65.16 -89.47 -27.02
N ILE F 93 -66.08 -88.51 -27.16
CA ILE F 93 -67.31 -88.75 -27.89
C ILE F 93 -66.96 -89.13 -29.32
N ALA F 94 -66.09 -88.36 -29.96
CA ALA F 94 -65.75 -88.57 -31.34
C ALA F 94 -65.20 -89.97 -31.56
N ALA F 95 -64.26 -90.40 -30.73
CA ALA F 95 -63.72 -91.74 -30.81
C ALA F 95 -64.84 -92.78 -30.76
N SER F 96 -65.75 -92.64 -29.78
CA SER F 96 -66.85 -93.58 -29.63
C SER F 96 -67.78 -93.56 -30.85
N VAL F 97 -68.06 -92.38 -31.40
CA VAL F 97 -68.94 -92.22 -32.56
C VAL F 97 -68.30 -92.85 -33.78
N LEU F 98 -67.01 -92.61 -33.97
CA LEU F 98 -66.20 -93.19 -35.04
C LEU F 98 -66.05 -94.71 -34.90
N GLY F 99 -66.32 -95.28 -33.73
CA GLY F 99 -66.11 -96.71 -33.47
C GLY F 99 -64.64 -97.11 -33.50
N LEU F 100 -63.74 -96.20 -33.08
CA LEU F 100 -62.29 -96.43 -33.08
C LEU F 100 -61.88 -97.61 -32.19
N ASP F 101 -60.86 -98.34 -32.60
CA ASP F 101 -60.11 -99.22 -31.69
C ASP F 101 -59.17 -98.40 -30.77
N PRO F 102 -58.76 -98.94 -29.62
CA PRO F 102 -57.90 -98.23 -28.66
C PRO F 102 -56.58 -97.69 -29.23
N ASP F 103 -55.98 -98.34 -30.23
CA ASP F 103 -54.73 -97.84 -30.82
C ASP F 103 -55.01 -96.62 -31.70
N ALA F 104 -56.12 -96.61 -32.44
CA ALA F 104 -56.57 -95.41 -33.12
C ALA F 104 -56.88 -94.28 -32.12
N ILE F 105 -57.47 -94.61 -30.97
CA ILE F 105 -57.64 -93.63 -29.90
C ILE F 105 -56.29 -93.11 -29.42
N GLN F 106 -55.32 -93.99 -29.15
CA GLN F 106 -53.98 -93.60 -28.76
C GLN F 106 -53.33 -92.69 -29.81
N ALA F 107 -53.54 -92.96 -31.10
CA ALA F 107 -53.04 -92.11 -32.16
C ALA F 107 -53.73 -90.73 -32.14
N ALA F 108 -55.03 -90.67 -31.90
CA ALA F 108 -55.71 -89.39 -31.67
C ALA F 108 -55.14 -88.66 -30.44
N ALA F 109 -54.79 -89.38 -29.37
CA ALA F 109 -54.12 -88.77 -28.24
C ALA F 109 -52.73 -88.24 -28.62
N ALA F 110 -51.99 -88.93 -29.47
CA ALA F 110 -50.73 -88.44 -29.98
C ALA F 110 -50.90 -87.14 -30.79
N LEU F 111 -51.96 -87.00 -31.59
CA LEU F 111 -52.28 -85.72 -32.21
C LEU F 111 -52.59 -84.64 -31.16
N GLY F 112 -53.21 -85.05 -30.05
CA GLY F 112 -53.40 -84.19 -28.88
C GLY F 112 -52.07 -83.71 -28.30
N GLU F 113 -51.09 -84.61 -28.14
CA GLU F 113 -49.74 -84.24 -27.72
C GLU F 113 -49.04 -83.33 -28.74
N ALA F 114 -49.33 -83.49 -30.03
CA ALA F 114 -48.85 -82.59 -31.09
C ALA F 114 -49.53 -81.21 -31.08
N GLY F 115 -50.51 -80.97 -30.21
CA GLY F 115 -51.18 -79.68 -30.08
C GLY F 115 -52.22 -79.37 -31.17
N ILE F 116 -52.66 -80.38 -31.93
CA ILE F 116 -53.71 -80.24 -32.95
C ILE F 116 -55.08 -80.00 -32.28
N SER F 117 -55.94 -79.12 -32.82
CA SER F 117 -57.27 -78.88 -32.21
C SER F 117 -58.20 -80.08 -32.38
N ALA F 118 -59.19 -80.25 -31.49
CA ALA F 118 -60.10 -81.39 -31.59
C ALA F 118 -60.87 -81.41 -32.91
N GLU F 119 -61.21 -80.24 -33.46
CA GLU F 119 -61.83 -80.14 -34.79
C GLU F 119 -60.89 -80.70 -35.87
N GLU F 120 -59.63 -80.29 -35.86
CA GLU F 120 -58.66 -80.83 -36.81
C GLU F 120 -58.46 -82.33 -36.60
N ILE F 121 -58.42 -82.81 -35.37
CA ILE F 121 -58.29 -84.25 -35.10
C ILE F 121 -59.50 -84.97 -35.67
N ILE F 122 -60.71 -84.47 -35.41
CA ILE F 122 -61.93 -85.07 -35.95
C ILE F 122 -61.88 -85.07 -37.48
N GLU F 123 -61.45 -83.99 -38.09
CA GLU F 123 -61.23 -83.94 -39.53
C GLU F 123 -60.25 -85.01 -39.99
N LEU F 124 -59.10 -85.10 -39.34
CA LEU F 124 -58.09 -86.09 -39.70
C LEU F 124 -58.64 -87.51 -39.54
N LEU F 125 -59.39 -87.77 -38.48
CA LEU F 125 -60.00 -89.08 -38.28
C LEU F 125 -61.07 -89.35 -39.35
N THR F 126 -61.81 -88.33 -39.72
CA THR F 126 -62.79 -88.43 -40.80
C THR F 126 -62.09 -88.78 -42.11
N ALA F 127 -61.01 -88.08 -42.43
CA ALA F 127 -60.20 -88.38 -43.61
C ALA F 127 -59.64 -89.79 -43.53
N ALA F 128 -59.20 -90.25 -42.36
CA ALA F 128 -58.66 -91.59 -42.19
C ALA F 128 -59.71 -92.66 -42.55
N ARG F 129 -60.94 -92.56 -42.02
CA ARG F 129 -62.02 -93.50 -42.41
C ARG F 129 -62.44 -93.34 -43.86
N ASP F 130 -62.42 -92.14 -44.41
CA ASP F 130 -62.72 -91.91 -45.83
C ASP F 130 -61.69 -92.59 -46.75
N LEU F 131 -60.40 -92.51 -46.42
CA LEU F 131 -59.32 -93.09 -47.19
C LEU F 131 -59.09 -94.59 -46.88
N GLY F 132 -59.63 -95.10 -45.78
CA GLY F 132 -59.37 -96.47 -45.31
C GLY F 132 -57.99 -96.66 -44.67
N LEU F 133 -57.44 -95.59 -44.07
CA LEU F 133 -56.14 -95.58 -43.39
C LEU F 133 -56.18 -96.24 -42.00
N ASP F 134 -55.04 -96.26 -41.31
CA ASP F 134 -54.81 -97.03 -40.08
C ASP F 134 -53.98 -96.24 -39.05
N PRO F 135 -53.88 -96.71 -37.79
CA PRO F 135 -53.13 -96.02 -36.75
C PRO F 135 -51.67 -95.74 -37.10
N ASP F 136 -51.02 -96.59 -37.91
CA ASP F 136 -49.65 -96.33 -38.37
C ASP F 136 -49.60 -95.09 -39.27
N ALA F 137 -50.53 -94.95 -40.21
CA ALA F 137 -50.67 -93.72 -40.98
C ALA F 137 -50.94 -92.51 -40.06
N ILE F 138 -51.82 -92.66 -39.08
CA ILE F 138 -52.12 -91.57 -38.14
C ILE F 138 -50.89 -91.22 -37.29
N GLN F 139 -50.07 -92.18 -36.90
CA GLN F 139 -48.83 -91.92 -36.17
C GLN F 139 -47.84 -91.13 -37.03
N ALA F 140 -47.66 -91.51 -38.30
CA ALA F 140 -46.84 -90.73 -39.21
C ALA F 140 -47.43 -89.32 -39.40
N ALA F 141 -48.76 -89.19 -39.46
CA ALA F 141 -49.39 -87.88 -39.48
C ALA F 141 -49.09 -87.10 -38.20
N ALA F 142 -49.06 -87.73 -37.04
CA ALA F 142 -48.67 -87.06 -35.81
C ALA F 142 -47.22 -86.57 -35.88
N GLN F 143 -46.31 -87.30 -36.51
CA GLN F 143 -44.97 -86.79 -36.77
C GLN F 143 -45.00 -85.56 -37.71
N LEU F 144 -45.85 -85.54 -38.74
CA LEU F 144 -46.04 -84.34 -39.57
C LEU F 144 -46.62 -83.18 -38.73
N GLY F 145 -47.49 -83.48 -37.78
CA GLY F 145 -48.00 -82.51 -36.81
C GLY F 145 -46.89 -81.96 -35.92
N GLU F 146 -45.98 -82.80 -35.41
CA GLU F 146 -44.79 -82.37 -34.67
C GLU F 146 -43.84 -81.53 -35.54
N ALA F 147 -43.79 -81.80 -36.85
CA ALA F 147 -43.10 -80.95 -37.83
C ALA F 147 -43.84 -79.64 -38.16
N GLY F 148 -45.03 -79.40 -37.60
CA GLY F 148 -45.79 -78.17 -37.78
C GLY F 148 -46.51 -78.04 -39.14
N ILE F 149 -46.64 -79.14 -39.88
CA ILE F 149 -47.37 -79.15 -41.16
C ILE F 149 -48.86 -78.89 -40.89
N SER F 150 -49.51 -78.04 -41.68
CA SER F 150 -50.92 -77.68 -41.43
C SER F 150 -51.87 -78.85 -41.71
N SER F 151 -53.06 -78.82 -41.10
CA SER F 151 -54.05 -79.89 -41.25
C SER F 151 -54.40 -80.17 -42.72
N GLU F 152 -54.66 -79.13 -43.51
CA GLU F 152 -54.98 -79.30 -44.93
C GLU F 152 -53.80 -79.88 -45.71
N GLU F 153 -52.58 -79.45 -45.41
CA GLU F 153 -51.38 -80.06 -46.01
C GLU F 153 -51.27 -81.53 -45.66
N ILE F 154 -51.48 -81.92 -44.39
CA ILE F 154 -51.50 -83.33 -44.02
C ILE F 154 -52.60 -84.05 -44.78
N LYS F 155 -53.81 -83.49 -44.84
CA LYS F 155 -54.96 -84.10 -45.51
C LYS F 155 -54.65 -84.35 -46.98
N GLU F 156 -54.09 -83.36 -47.66
CA GLU F 156 -53.64 -83.51 -49.03
C GLU F 156 -52.50 -84.52 -49.15
N LEU F 157 -51.53 -84.53 -48.24
CA LEU F 157 -50.44 -85.50 -48.26
C LEU F 157 -50.98 -86.92 -48.13
N LEU F 158 -51.87 -87.16 -47.18
CA LEU F 158 -52.51 -88.45 -47.01
C LEU F 158 -53.29 -88.82 -48.28
N ARG F 159 -54.04 -87.87 -48.85
CA ARG F 159 -54.75 -88.10 -50.11
C ARG F 159 -53.79 -88.51 -51.22
N ALA F 160 -52.70 -87.79 -51.39
CA ALA F 160 -51.70 -88.10 -52.39
C ALA F 160 -51.07 -89.48 -52.14
N ALA F 161 -50.72 -89.80 -50.89
CA ALA F 161 -50.14 -91.09 -50.53
C ALA F 161 -51.09 -92.23 -50.92
N HIS F 162 -52.38 -92.09 -50.60
CA HIS F 162 -53.40 -93.05 -50.98
C HIS F 162 -53.57 -93.17 -52.50
N GLU F 163 -53.65 -92.05 -53.22
CA GLU F 163 -53.77 -92.06 -54.68
C GLU F 163 -52.56 -92.70 -55.37
N LEU F 164 -51.38 -92.60 -54.75
CA LEU F 164 -50.15 -93.26 -55.21
C LEU F 164 -49.98 -94.70 -54.66
N GLY F 165 -50.85 -95.16 -53.76
CA GLY F 165 -50.73 -96.47 -53.12
C GLY F 165 -49.52 -96.60 -52.18
N LEU F 166 -48.99 -95.48 -51.69
CA LEU F 166 -47.83 -95.41 -50.81
C LEU F 166 -48.23 -95.74 -49.38
N ASP F 167 -47.78 -96.90 -48.90
CA ASP F 167 -48.17 -97.48 -47.61
C ASP F 167 -47.59 -96.71 -46.40
N PRO F 168 -48.01 -97.01 -45.15
CA PRO F 168 -47.57 -96.28 -43.96
C PRO F 168 -46.06 -96.15 -43.75
N ASP F 169 -45.22 -97.09 -44.20
CA ASP F 169 -43.76 -96.89 -44.13
C ASP F 169 -43.32 -95.80 -45.11
N CYS F 170 -44.01 -95.67 -46.24
CA CYS F 170 -43.80 -94.57 -47.16
C CYS F 170 -44.25 -93.27 -46.53
N ILE F 171 -45.38 -93.26 -45.81
CA ILE F 171 -45.80 -92.09 -45.05
C ILE F 171 -44.77 -91.76 -43.96
N ALA F 172 -44.13 -92.75 -43.34
CA ALA F 172 -43.04 -92.50 -42.41
C ALA F 172 -41.85 -91.85 -43.13
N ALA F 173 -41.51 -92.31 -44.33
CA ALA F 173 -40.52 -91.62 -45.15
C ALA F 173 -40.95 -90.19 -45.48
N ALA F 174 -42.23 -89.95 -45.74
CA ALA F 174 -42.75 -88.59 -45.91
C ALA F 174 -42.59 -87.78 -44.62
N ALA F 175 -42.82 -88.38 -43.46
CA ALA F 175 -42.58 -87.74 -42.18
C ALA F 175 -41.10 -87.44 -41.95
N ASP F 176 -40.18 -88.29 -42.43
CA ASP F 176 -38.75 -87.99 -42.40
C ASP F 176 -38.43 -86.72 -43.20
N LEU F 177 -39.01 -86.58 -44.41
CA LEU F 177 -38.86 -85.36 -45.21
C LEU F 177 -39.52 -84.14 -44.52
N GLY F 178 -40.63 -84.34 -43.82
CA GLY F 178 -41.25 -83.31 -42.98
C GLY F 178 -40.32 -82.88 -41.84
N GLN F 179 -39.68 -83.84 -41.17
CA GLN F 179 -38.68 -83.57 -40.12
C GLN F 179 -37.42 -82.90 -40.70
N ALA F 180 -37.10 -83.14 -41.97
CA ALA F 180 -36.09 -82.39 -42.71
C ALA F 180 -36.54 -80.97 -43.14
N GLY F 181 -37.80 -80.58 -42.90
CA GLY F 181 -38.31 -79.25 -43.19
C GLY F 181 -38.67 -79.00 -44.65
N ILE F 182 -38.81 -80.06 -45.45
CA ILE F 182 -39.20 -79.98 -46.86
C ILE F 182 -40.66 -79.49 -46.97
N SER F 183 -40.98 -78.58 -47.90
CA SER F 183 -42.35 -78.08 -48.06
C SER F 183 -43.31 -79.16 -48.57
N SER F 184 -44.60 -79.06 -48.24
CA SER F 184 -45.60 -80.09 -48.57
C SER F 184 -45.64 -80.42 -50.07
N SER F 185 -45.60 -79.40 -50.92
CA SER F 185 -45.52 -79.59 -52.37
C SER F 185 -44.22 -80.30 -52.76
N GLU F 186 -43.08 -79.93 -52.20
CA GLU F 186 -41.82 -80.62 -52.48
C GLU F 186 -41.82 -82.07 -51.99
N ILE F 187 -42.39 -82.36 -50.82
CA ILE F 187 -42.60 -83.74 -50.39
C ILE F 187 -43.44 -84.45 -51.43
N THR F 188 -44.55 -83.83 -51.86
CA THR F 188 -45.45 -84.44 -52.84
C THR F 188 -44.72 -84.77 -54.13
N ALA F 189 -43.89 -83.85 -54.62
CA ALA F 189 -43.04 -84.09 -55.77
C ALA F 189 -42.09 -85.28 -55.53
N LEU F 190 -41.41 -85.31 -54.39
CA LEU F 190 -40.50 -86.42 -54.09
C LEU F 190 -41.24 -87.75 -54.01
N LEU F 191 -42.44 -87.77 -53.42
CA LEU F 191 -43.26 -88.96 -53.39
C LEU F 191 -43.62 -89.40 -54.81
N LEU F 192 -44.07 -88.46 -55.65
CA LEU F 192 -44.38 -88.75 -57.05
C LEU F 192 -43.16 -89.32 -57.76
N ALA F 193 -41.99 -88.70 -57.58
CA ALA F 193 -40.76 -89.10 -58.23
C ALA F 193 -40.34 -90.51 -57.80
N ALA F 194 -40.30 -90.79 -56.49
CA ALA F 194 -39.95 -92.09 -55.98
C ALA F 194 -40.90 -93.16 -56.51
N ALA F 195 -42.20 -92.86 -56.55
CA ALA F 195 -43.20 -93.77 -57.08
C ALA F 195 -42.97 -94.04 -58.57
N ALA F 196 -42.79 -92.99 -59.37
CA ALA F 196 -42.53 -93.13 -60.80
C ALA F 196 -41.27 -93.96 -61.03
N ILE F 197 -40.20 -93.72 -60.28
CA ILE F 197 -38.93 -94.43 -60.43
C ILE F 197 -39.11 -95.90 -60.07
N GLU F 198 -39.70 -96.22 -58.92
CA GLU F 198 -39.85 -97.62 -58.51
C GLU F 198 -40.71 -98.40 -59.51
N LEU F 199 -41.79 -97.81 -60.00
CA LEU F 199 -42.61 -98.42 -61.05
C LEU F 199 -41.82 -98.55 -62.36
N ALA F 200 -41.07 -97.54 -62.78
CA ALA F 200 -40.26 -97.58 -63.99
C ALA F 200 -39.08 -98.55 -63.89
N LYS F 201 -38.64 -98.87 -62.66
CA LYS F 201 -37.69 -99.96 -62.39
C LYS F 201 -38.38 -101.32 -62.48
N ARG F 202 -39.59 -101.45 -61.93
CA ARG F 202 -40.36 -102.71 -61.95
C ARG F 202 -40.86 -103.08 -63.34
N ALA F 203 -41.31 -102.11 -64.14
CA ALA F 203 -41.52 -102.25 -65.57
C ALA F 203 -40.16 -102.31 -66.31
N ASP F 204 -40.05 -103.11 -67.37
CA ASP F 204 -38.85 -103.17 -68.23
C ASP F 204 -38.95 -102.30 -69.50
N ASP F 205 -40.01 -101.50 -69.63
CA ASP F 205 -40.26 -100.65 -70.79
C ASP F 205 -39.22 -99.52 -70.95
N LYS F 206 -38.33 -99.65 -71.93
CA LYS F 206 -37.32 -98.64 -72.28
C LYS F 206 -37.96 -97.28 -72.59
N ASP F 207 -39.03 -97.24 -73.38
CA ASP F 207 -39.70 -95.98 -73.73
C ASP F 207 -40.27 -95.25 -72.50
N VAL F 208 -40.90 -95.99 -71.58
CA VAL F 208 -41.37 -95.43 -70.30
C VAL F 208 -40.18 -94.91 -69.50
N ARG F 209 -39.09 -95.66 -69.42
CA ARG F 209 -37.86 -95.24 -68.72
C ARG F 209 -37.28 -93.97 -69.34
N GLU F 210 -37.26 -93.85 -70.66
CA GLU F 210 -36.84 -92.63 -71.36
C GLU F 210 -37.76 -91.45 -71.00
N ILE F 211 -39.08 -91.64 -71.07
CA ILE F 211 -40.05 -90.62 -70.71
C ILE F 211 -39.83 -90.18 -69.26
N VAL F 212 -39.73 -91.12 -68.33
CA VAL F 212 -39.57 -90.83 -66.91
C VAL F 212 -38.26 -90.10 -66.67
N ARG F 213 -37.16 -90.49 -67.31
CA ARG F 213 -35.90 -89.74 -67.24
C ARG F 213 -36.13 -88.30 -67.71
N ASP F 214 -36.75 -88.11 -68.87
CA ASP F 214 -36.96 -86.78 -69.41
C ASP F 214 -37.86 -85.93 -68.51
N ALA F 215 -38.89 -86.53 -67.91
CA ALA F 215 -39.70 -85.85 -66.92
C ALA F 215 -38.88 -85.48 -65.67
N LEU F 216 -38.04 -86.40 -65.17
CA LEU F 216 -37.17 -86.12 -64.03
C LEU F 216 -36.15 -85.03 -64.36
N GLU F 217 -35.62 -85.00 -65.58
CA GLU F 217 -34.79 -83.88 -66.03
C GLU F 217 -35.59 -82.58 -65.96
N LEU F 218 -36.77 -82.52 -66.57
CA LEU F 218 -37.60 -81.32 -66.56
C LEU F 218 -37.92 -80.88 -65.13
N ALA F 219 -38.26 -81.83 -64.25
CA ALA F 219 -38.52 -81.55 -62.84
C ALA F 219 -37.27 -81.06 -62.10
N SER F 220 -36.09 -81.56 -62.45
CA SER F 220 -34.82 -81.09 -61.88
C SER F 220 -34.45 -79.69 -62.36
N ARG F 221 -34.69 -79.37 -63.64
CA ARG F 221 -34.34 -78.08 -64.26
C ARG F 221 -35.31 -76.95 -63.94
N SER F 222 -36.60 -77.24 -63.90
CA SER F 222 -37.66 -76.25 -63.63
C SER F 222 -37.75 -75.89 -62.13
N THR F 223 -38.49 -74.81 -61.82
CA THR F 223 -38.63 -74.24 -60.46
C THR F 223 -40.06 -73.81 -60.09
N ASN F 224 -41.08 -74.31 -60.81
CA ASN F 224 -42.51 -74.04 -60.52
C ASN F 224 -43.23 -75.32 -60.08
N ASP F 225 -43.79 -75.32 -58.87
CA ASP F 225 -44.45 -76.50 -58.31
C ASP F 225 -45.61 -77.03 -59.17
N GLU F 226 -46.29 -76.17 -59.94
CA GLU F 226 -47.33 -76.61 -60.86
C GLU F 226 -46.74 -77.42 -62.01
N VAL F 227 -45.70 -76.89 -62.67
CA VAL F 227 -44.98 -77.62 -63.73
C VAL F 227 -44.42 -78.93 -63.18
N ILE F 228 -43.80 -78.90 -61.99
CA ILE F 228 -43.20 -80.08 -61.38
C ILE F 228 -44.26 -81.13 -61.09
N ARG F 229 -45.36 -80.76 -60.44
CA ARG F 229 -46.44 -81.70 -60.14
C ARG F 229 -47.04 -82.25 -61.42
N LEU F 230 -47.32 -81.42 -62.42
CA LEU F 230 -47.81 -81.87 -63.71
C LEU F 230 -46.84 -82.88 -64.34
N ALA F 231 -45.56 -82.55 -64.39
CA ALA F 231 -44.57 -83.42 -65.02
C ALA F 231 -44.45 -84.76 -64.28
N LEU F 232 -44.38 -84.74 -62.95
CA LEU F 232 -44.21 -85.97 -62.20
C LEU F 232 -45.50 -86.79 -62.14
N GLU F 233 -46.66 -86.14 -62.17
CA GLU F 233 -47.92 -86.83 -62.41
C GLU F 233 -47.92 -87.49 -63.79
N ALA F 234 -47.48 -86.79 -64.83
CA ALA F 234 -47.33 -87.39 -66.16
C ALA F 234 -46.34 -88.57 -66.12
N ALA F 235 -45.27 -88.51 -65.33
CA ALA F 235 -44.33 -89.61 -65.16
C ALA F 235 -45.00 -90.83 -64.51
N VAL F 236 -45.80 -90.62 -63.46
CA VAL F 236 -46.61 -91.70 -62.86
C VAL F 236 -47.61 -92.25 -63.87
N LEU F 237 -48.27 -91.39 -64.65
CA LEU F 237 -49.22 -91.84 -65.69
C LEU F 237 -48.53 -92.62 -66.81
N ALA F 238 -47.31 -92.25 -67.20
CA ALA F 238 -46.50 -93.03 -68.14
C ALA F 238 -46.11 -94.40 -67.57
N ALA F 239 -45.88 -94.49 -66.26
CA ALA F 239 -45.62 -95.77 -65.58
C ALA F 239 -46.88 -96.64 -65.38
N ARG F 240 -48.06 -96.03 -65.23
CA ARG F 240 -49.36 -96.74 -65.07
C ARG F 240 -50.02 -97.16 -66.38
N SER F 241 -49.94 -96.34 -67.42
CA SER F 241 -50.48 -96.64 -68.75
C SER F 241 -49.54 -97.54 -69.58
N THR F 242 -50.01 -98.03 -70.73
CA THR F 242 -49.24 -98.98 -71.57
C THR F 242 -49.34 -98.70 -73.08
N ASP F 243 -50.39 -98.01 -73.54
CA ASP F 243 -50.61 -97.74 -74.97
C ASP F 243 -49.55 -96.78 -75.54
N SER F 244 -48.88 -97.18 -76.62
CA SER F 244 -47.88 -96.36 -77.30
C SER F 244 -48.42 -95.01 -77.76
N ASP F 245 -49.72 -94.88 -78.09
CA ASP F 245 -50.29 -93.56 -78.39
C ASP F 245 -50.22 -92.60 -77.18
N VAL F 246 -50.51 -93.09 -75.97
CA VAL F 246 -50.37 -92.28 -74.75
C VAL F 246 -48.90 -91.92 -74.50
N LEU F 247 -48.00 -92.90 -74.66
CA LEU F 247 -46.56 -92.66 -74.52
C LEU F 247 -46.07 -91.64 -75.56
N GLU F 248 -46.46 -91.75 -76.82
CA GLU F 248 -46.08 -90.81 -77.88
C GLU F 248 -46.64 -89.41 -77.64
N ILE F 249 -47.87 -89.29 -77.16
CA ILE F 249 -48.46 -88.00 -76.74
C ILE F 249 -47.60 -87.38 -75.63
N VAL F 250 -47.21 -88.17 -74.63
CA VAL F 250 -46.32 -87.69 -73.58
C VAL F 250 -44.94 -87.31 -74.15
N LYS F 251 -44.35 -88.11 -75.05
CA LYS F 251 -43.07 -87.77 -75.70
C LYS F 251 -43.17 -86.46 -76.45
N ASP F 252 -44.23 -86.28 -77.24
CA ASP F 252 -44.47 -85.05 -77.98
C ASP F 252 -44.62 -83.86 -77.04
N ALA F 253 -45.37 -84.02 -75.95
CA ALA F 253 -45.53 -82.96 -74.97
C ALA F 253 -44.21 -82.62 -74.27
N LEU F 254 -43.41 -83.62 -73.88
CA LEU F 254 -42.10 -83.40 -73.27
C LEU F 254 -41.11 -82.80 -74.25
N GLU F 255 -41.12 -83.21 -75.52
CA GLU F 255 -40.28 -82.60 -76.56
C GLU F 255 -40.66 -81.12 -76.74
N LEU F 256 -41.95 -80.84 -76.91
CA LEU F 256 -42.45 -79.47 -77.04
C LEU F 256 -42.08 -78.64 -75.80
N ALA F 257 -42.25 -79.19 -74.60
CA ALA F 257 -41.89 -78.52 -73.36
C ALA F 257 -40.39 -78.21 -73.28
N LYS F 258 -39.53 -79.18 -73.64
CA LYS F 258 -38.07 -79.00 -73.64
C LYS F 258 -37.61 -78.01 -74.73
N GLN F 259 -38.34 -77.92 -75.84
CA GLN F 259 -38.13 -76.90 -76.88
C GLN F 259 -38.61 -75.50 -76.45
N SER F 260 -39.62 -75.41 -75.58
CA SER F 260 -40.27 -74.16 -75.16
C SER F 260 -39.52 -73.42 -74.05
N THR F 261 -39.70 -72.09 -74.00
CA THR F 261 -39.16 -71.21 -72.93
C THR F 261 -40.26 -70.47 -72.15
N ASN F 262 -41.53 -70.81 -72.37
CA ASN F 262 -42.71 -70.19 -71.73
C ASN F 262 -43.42 -71.21 -70.81
N GLU F 263 -43.57 -70.88 -69.53
CA GLU F 263 -44.22 -71.76 -68.55
C GLU F 263 -45.70 -72.03 -68.87
N GLU F 264 -46.41 -71.11 -69.51
CA GLU F 264 -47.82 -71.35 -69.90
C GLU F 264 -47.92 -72.44 -70.97
N VAL F 265 -47.04 -72.41 -71.98
CA VAL F 265 -46.97 -73.48 -73.00
C VAL F 265 -46.59 -74.81 -72.36
N ILE F 266 -45.62 -74.82 -71.44
CA ILE F 266 -45.21 -76.05 -70.73
C ILE F 266 -46.38 -76.61 -69.91
N LYS F 267 -47.06 -75.79 -69.12
CA LYS F 267 -48.23 -76.21 -68.33
C LYS F 267 -49.35 -76.72 -69.23
N LEU F 268 -49.69 -76.02 -70.31
CA LEU F 268 -50.72 -76.45 -71.25
C LEU F 268 -50.36 -77.79 -71.91
N ALA F 269 -49.12 -77.95 -72.40
CA ALA F 269 -48.67 -79.19 -73.04
C ALA F 269 -48.72 -80.37 -72.08
N LEU F 270 -48.19 -80.20 -70.86
CA LEU F 270 -48.28 -81.23 -69.82
C LEU F 270 -49.73 -81.53 -69.45
N LYS F 271 -50.58 -80.51 -69.27
CA LYS F 271 -52.00 -80.70 -68.97
C LYS F 271 -52.71 -81.48 -70.08
N ALA F 272 -52.49 -81.15 -71.34
CA ALA F 272 -53.06 -81.87 -72.47
C ALA F 272 -52.65 -83.35 -72.45
N ALA F 273 -51.37 -83.65 -72.23
CA ALA F 273 -50.88 -85.02 -72.12
C ALA F 273 -51.44 -85.76 -70.88
N VAL F 274 -51.57 -85.09 -69.73
CA VAL F 274 -52.16 -85.66 -68.51
C VAL F 274 -53.63 -86.01 -68.74
N LEU F 275 -54.41 -85.10 -69.32
CA LEU F 275 -55.81 -85.36 -69.65
C LEU F 275 -55.95 -86.48 -70.68
N ALA F 276 -55.11 -86.51 -71.72
CA ALA F 276 -55.07 -87.62 -72.67
C ALA F 276 -54.77 -88.95 -71.97
N ALA F 277 -53.76 -89.03 -71.12
CA ALA F 277 -53.42 -90.25 -70.38
C ALA F 277 -54.52 -90.72 -69.41
N LYS F 278 -55.34 -89.80 -68.88
CA LYS F 278 -56.54 -90.13 -68.09
C LYS F 278 -57.77 -90.48 -68.92
N SER F 279 -57.83 -90.07 -70.20
CA SER F 279 -58.95 -90.34 -71.11
C SER F 279 -58.99 -91.80 -71.61
N THR F 280 -60.16 -92.26 -72.08
CA THR F 280 -60.34 -93.61 -72.66
C THR F 280 -60.53 -93.59 -74.19
N ASP F 281 -61.10 -92.53 -74.75
CA ASP F 281 -61.49 -92.46 -76.16
C ASP F 281 -60.30 -92.24 -77.12
N GLU F 282 -60.07 -93.18 -78.03
CA GLU F 282 -59.02 -93.10 -79.05
C GLU F 282 -59.14 -91.87 -79.96
N GLU F 283 -60.36 -91.36 -80.19
CA GLU F 283 -60.54 -90.13 -80.98
C GLU F 283 -60.10 -88.87 -80.22
N VAL F 284 -60.21 -88.86 -78.88
CA VAL F 284 -59.66 -87.79 -78.03
C VAL F 284 -58.13 -87.87 -78.01
N LEU F 285 -57.56 -89.08 -77.91
CA LEU F 285 -56.12 -89.27 -78.07
C LEU F 285 -55.63 -88.74 -79.43
N GLU F 286 -56.29 -89.12 -80.53
CA GLU F 286 -55.91 -88.65 -81.87
C GLU F 286 -56.05 -87.13 -82.04
N GLU F 287 -57.11 -86.49 -81.55
CA GLU F 287 -57.20 -85.02 -81.61
C GLU F 287 -56.12 -84.34 -80.78
N VAL F 288 -55.82 -84.84 -79.56
CA VAL F 288 -54.71 -84.29 -78.77
C VAL F 288 -53.37 -84.51 -79.50
N LYS F 289 -53.15 -85.68 -80.09
CA LYS F 289 -51.95 -86.00 -80.87
C LYS F 289 -51.81 -85.08 -82.09
N GLU F 290 -52.91 -84.81 -82.78
CA GLU F 290 -52.92 -83.85 -83.90
C GLU F 290 -52.74 -82.41 -83.42
N ALA F 291 -53.34 -81.99 -82.31
CA ALA F 291 -53.09 -80.68 -81.74
C ALA F 291 -51.61 -80.49 -81.36
N LEU F 292 -50.99 -81.51 -80.76
CA LEU F 292 -49.54 -81.52 -80.53
C LEU F 292 -48.76 -81.48 -81.84
N ARG F 293 -49.16 -82.23 -82.87
CA ARG F 293 -48.51 -82.17 -84.19
C ARG F 293 -48.57 -80.76 -84.78
N ARG F 294 -49.73 -80.11 -84.75
CA ARG F 294 -49.88 -78.70 -85.12
C ARG F 294 -48.94 -77.82 -84.30
N ALA F 295 -48.87 -78.05 -82.99
CA ALA F 295 -47.99 -77.29 -82.10
C ALA F 295 -46.48 -77.51 -82.38
N LYS F 296 -46.05 -78.70 -82.80
CA LYS F 296 -44.65 -78.95 -83.21
C LYS F 296 -44.32 -78.44 -84.62
N GLU F 297 -45.29 -78.48 -85.55
CA GLU F 297 -45.10 -77.98 -86.92
C GLU F 297 -45.14 -76.44 -87.01
N SER F 298 -45.97 -75.78 -86.21
CA SER F 298 -46.02 -74.32 -86.07
C SER F 298 -44.86 -73.77 -85.20
N THR F 299 -44.66 -72.45 -85.24
CA THR F 299 -43.60 -71.75 -84.46
C THR F 299 -44.13 -70.67 -83.51
N ASP F 300 -45.27 -70.05 -83.82
CA ASP F 300 -45.87 -68.98 -83.00
C ASP F 300 -46.46 -69.51 -81.69
N GLU F 301 -46.04 -68.96 -80.54
CA GLU F 301 -46.58 -69.31 -79.23
C GLU F 301 -48.09 -69.09 -79.13
N GLU F 302 -48.67 -68.13 -79.85
CA GLU F 302 -50.13 -67.90 -79.84
C GLU F 302 -50.88 -69.05 -80.53
N GLU F 303 -50.36 -69.59 -81.65
CA GLU F 303 -50.96 -70.76 -82.30
C GLU F 303 -50.79 -72.03 -81.45
N ILE F 304 -49.61 -72.21 -80.83
CA ILE F 304 -49.33 -73.31 -79.89
C ILE F 304 -50.30 -73.27 -78.71
N LYS F 305 -50.46 -72.11 -78.06
CA LYS F 305 -51.42 -71.94 -76.95
C LYS F 305 -52.85 -72.19 -77.38
N GLU F 306 -53.30 -71.72 -78.54
CA GLU F 306 -54.66 -71.94 -79.00
C GLU F 306 -54.96 -73.41 -79.35
N GLU F 307 -54.06 -74.13 -80.03
CA GLU F 307 -54.27 -75.55 -80.29
C GLU F 307 -54.28 -76.37 -78.99
N LEU F 308 -53.35 -76.11 -78.06
CA LEU F 308 -53.35 -76.76 -76.76
C LEU F 308 -54.60 -76.38 -75.92
N ARG F 309 -55.06 -75.12 -75.95
CA ARG F 309 -56.28 -74.68 -75.27
C ARG F 309 -57.51 -75.43 -75.81
N LYS F 310 -57.69 -75.50 -77.13
CA LYS F 310 -58.80 -76.25 -77.74
C LYS F 310 -58.76 -77.73 -77.37
N ALA F 311 -57.59 -78.35 -77.40
CA ALA F 311 -57.41 -79.74 -76.98
C ALA F 311 -57.76 -79.95 -75.48
N VAL F 312 -57.30 -79.07 -74.59
CA VAL F 312 -57.63 -79.10 -73.16
C VAL F 312 -59.13 -78.88 -72.93
N GLU F 313 -59.75 -77.89 -73.59
CA GLU F 313 -61.19 -77.63 -73.47
C GLU F 313 -62.07 -78.78 -74.03
N GLU F 314 -61.55 -79.59 -74.96
CA GLU F 314 -62.21 -80.83 -75.41
C GLU F 314 -62.02 -82.00 -74.42
N ALA F 315 -60.84 -82.11 -73.79
CA ALA F 315 -60.46 -83.27 -72.96
C ALA F 315 -60.79 -83.15 -71.45
N GLU F 316 -60.93 -81.94 -70.89
CA GLU F 316 -61.13 -81.68 -69.45
C GLU F 316 -62.48 -82.15 -68.89
N CYS G 3 -39.99 -98.16 -47.68
CA CYS G 3 -40.16 -97.73 -49.08
C CYS G 3 -38.87 -97.08 -49.60
N ASP G 4 -37.89 -97.86 -50.02
CA ASP G 4 -36.50 -97.42 -50.23
C ASP G 4 -36.36 -96.32 -51.29
N ALA G 5 -37.22 -96.34 -52.32
CA ALA G 5 -37.25 -95.32 -53.37
C ALA G 5 -37.45 -93.91 -52.79
N ILE G 6 -38.22 -93.79 -51.72
CA ILE G 6 -38.33 -92.54 -50.95
C ILE G 6 -37.19 -92.46 -49.93
N GLN G 7 -36.85 -93.56 -49.25
CA GLN G 7 -35.92 -93.51 -48.12
C GLN G 7 -34.52 -93.01 -48.51
N ALA G 8 -34.09 -93.29 -49.74
CA ALA G 8 -32.87 -92.69 -50.27
C ALA G 8 -33.00 -91.15 -50.34
N ALA G 9 -34.13 -90.63 -50.83
CA ALA G 9 -34.41 -89.19 -50.79
C ALA G 9 -34.49 -88.68 -49.35
N ALA G 10 -35.04 -89.46 -48.41
CA ALA G 10 -35.05 -89.08 -47.01
C ALA G 10 -33.62 -88.97 -46.46
N ALA G 11 -32.74 -89.91 -46.79
CA ALA G 11 -31.33 -89.82 -46.41
C ALA G 11 -30.66 -88.58 -47.00
N LEU G 12 -30.93 -88.26 -48.27
CA LEU G 12 -30.45 -87.01 -48.90
C LEU G 12 -31.02 -85.76 -48.22
N GLY G 13 -32.26 -85.82 -47.75
CA GLY G 13 -32.88 -84.77 -46.94
C GLY G 13 -32.20 -84.60 -45.58
N GLU G 14 -31.86 -85.69 -44.91
CA GLU G 14 -31.06 -85.65 -43.67
C GLU G 14 -29.65 -85.11 -43.90
N ALA G 15 -29.06 -85.38 -45.07
CA ALA G 15 -27.81 -84.76 -45.50
C ALA G 15 -27.95 -83.28 -45.91
N GLY G 16 -29.16 -82.74 -45.97
CA GLY G 16 -29.43 -81.33 -46.30
C GLY G 16 -29.36 -81.00 -47.79
N ILE G 17 -29.45 -81.99 -48.67
CA ILE G 17 -29.43 -81.78 -50.13
C ILE G 17 -30.71 -81.07 -50.58
N SER G 18 -30.62 -80.05 -51.43
CA SER G 18 -31.80 -79.27 -51.87
C SER G 18 -32.71 -80.06 -52.81
N SER G 19 -33.98 -79.68 -52.92
CA SER G 19 -34.98 -80.45 -53.68
C SER G 19 -34.61 -80.62 -55.15
N ASN G 20 -34.17 -79.58 -55.85
CA ASN G 20 -33.72 -79.72 -57.23
C ASN G 20 -32.51 -80.66 -57.34
N GLU G 21 -31.59 -80.63 -56.38
CA GLU G 21 -30.45 -81.54 -56.35
C GLU G 21 -30.88 -82.99 -56.06
N ILE G 22 -31.83 -83.20 -55.15
CA ILE G 22 -32.39 -84.53 -54.93
C ILE G 22 -33.05 -85.02 -56.21
N LEU G 23 -33.85 -84.18 -56.87
CA LEU G 23 -34.49 -84.53 -58.14
C LEU G 23 -33.45 -84.87 -59.20
N GLU G 24 -32.36 -84.11 -59.28
CA GLU G 24 -31.27 -84.46 -60.19
C GLU G 24 -30.66 -85.82 -59.83
N LEU G 25 -30.40 -86.09 -58.55
CA LEU G 25 -29.84 -87.37 -58.12
C LEU G 25 -30.82 -88.50 -58.40
N LEU G 26 -32.12 -88.26 -58.27
CA LEU G 26 -33.14 -89.19 -58.68
C LEU G 26 -33.14 -89.37 -60.20
N ALA G 27 -32.95 -88.31 -60.98
CA ALA G 27 -32.83 -88.42 -62.43
C ALA G 27 -31.60 -89.28 -62.79
N ALA G 28 -30.48 -89.07 -62.11
CA ALA G 28 -29.30 -89.91 -62.25
C ALA G 28 -29.60 -91.36 -61.86
N ALA G 29 -30.34 -91.57 -60.77
CA ALA G 29 -30.75 -92.90 -60.38
C ALA G 29 -31.57 -93.58 -61.48
N ALA G 30 -32.47 -92.85 -62.14
CA ALA G 30 -33.19 -93.38 -63.29
C ALA G 30 -32.25 -93.65 -64.48
N GLU G 31 -31.31 -92.76 -64.78
CA GLU G 31 -30.38 -92.94 -65.89
C GLU G 31 -29.49 -94.16 -65.70
N LEU G 32 -28.79 -94.24 -64.57
CA LEU G 32 -27.77 -95.25 -64.30
C LEU G 32 -28.35 -96.50 -63.62
N GLY G 33 -29.60 -96.45 -63.17
CA GLY G 33 -30.20 -97.49 -62.34
C GLY G 33 -29.62 -97.54 -60.92
N LEU G 34 -29.28 -96.40 -60.32
CA LEU G 34 -28.61 -96.37 -59.01
C LEU G 34 -29.43 -97.06 -57.93
N ASP G 35 -28.76 -97.88 -57.12
CA ASP G 35 -29.36 -98.50 -55.93
C ASP G 35 -29.27 -97.55 -54.72
N PRO G 36 -30.06 -97.79 -53.66
CA PRO G 36 -30.08 -96.94 -52.47
C PRO G 36 -28.72 -96.76 -51.80
N ASP G 37 -27.83 -97.75 -51.84
CA ASP G 37 -26.49 -97.61 -51.26
C ASP G 37 -25.59 -96.77 -52.18
N ALA G 38 -25.73 -96.88 -53.50
CA ALA G 38 -25.07 -95.97 -54.42
C ALA G 38 -25.56 -94.53 -54.23
N ILE G 39 -26.86 -94.34 -53.99
CA ILE G 39 -27.40 -93.03 -53.64
C ILE G 39 -26.89 -92.59 -52.25
N GLN G 40 -26.71 -93.51 -51.30
CA GLN G 40 -26.08 -93.18 -50.02
C GLN G 40 -24.62 -92.74 -50.20
N ALA G 41 -23.88 -93.34 -51.14
CA ALA G 41 -22.56 -92.85 -51.50
C ALA G 41 -22.65 -91.42 -52.05
N ALA G 42 -23.62 -91.12 -52.91
CA ALA G 42 -23.88 -89.75 -53.33
C ALA G 42 -24.18 -88.84 -52.14
N ALA G 43 -24.98 -89.30 -51.16
CA ALA G 43 -25.26 -88.54 -49.95
C ALA G 43 -23.99 -88.23 -49.16
N GLN G 44 -23.11 -89.22 -48.96
CA GLN G 44 -21.86 -89.00 -48.23
C GLN G 44 -20.86 -88.12 -48.99
N LEU G 45 -20.84 -88.18 -50.33
CA LEU G 45 -20.11 -87.20 -51.15
C LEU G 45 -20.72 -85.80 -51.04
N GLY G 46 -22.04 -85.70 -50.86
CA GLY G 46 -22.74 -84.47 -50.53
C GLY G 46 -22.39 -83.93 -49.13
N GLU G 47 -22.23 -84.80 -48.14
CA GLU G 47 -21.69 -84.42 -46.82
C GLU G 47 -20.22 -83.97 -46.90
N ALA G 48 -19.44 -84.54 -47.82
CA ALA G 48 -18.11 -84.05 -48.18
C ALA G 48 -18.14 -82.73 -48.99
N GLY G 49 -19.33 -82.21 -49.34
CA GLY G 49 -19.54 -80.92 -50.00
C GLY G 49 -19.37 -80.93 -51.52
N ILE G 50 -19.25 -82.10 -52.15
CA ILE G 50 -19.03 -82.23 -53.60
C ILE G 50 -20.32 -81.88 -54.38
N SER G 51 -20.19 -81.22 -55.54
CA SER G 51 -21.35 -80.92 -56.40
C SER G 51 -22.03 -82.19 -56.91
N SER G 52 -23.36 -82.18 -56.92
CA SER G 52 -24.17 -83.24 -57.51
C SER G 52 -23.81 -83.49 -58.96
N GLU G 53 -23.41 -82.47 -59.72
CA GLU G 53 -22.99 -82.63 -61.11
C GLU G 53 -21.77 -83.55 -61.17
N GLU G 54 -20.77 -83.23 -60.36
CA GLU G 54 -19.54 -83.99 -60.34
C GLU G 54 -19.81 -85.39 -59.82
N ILE G 55 -20.63 -85.52 -58.78
CA ILE G 55 -21.01 -86.84 -58.27
C ILE G 55 -21.66 -87.63 -59.38
N LYS G 56 -22.61 -87.05 -60.11
CA LYS G 56 -23.32 -87.72 -61.20
C LYS G 56 -22.33 -88.18 -62.25
N GLU G 57 -21.47 -87.29 -62.71
CA GLU G 57 -20.50 -87.68 -63.70
C GLU G 57 -19.54 -88.74 -63.14
N LEU G 58 -19.16 -88.67 -61.87
CA LEU G 58 -18.29 -89.67 -61.26
C LEU G 58 -19.00 -91.02 -61.20
N LEU G 59 -20.27 -91.04 -60.82
CA LEU G 59 -21.06 -92.27 -60.87
C LEU G 59 -21.17 -92.76 -62.31
N ARG G 60 -21.33 -91.86 -63.28
CA ARG G 60 -21.33 -92.24 -64.70
C ARG G 60 -19.99 -92.85 -65.07
N ALA G 61 -18.88 -92.29 -64.60
CA ALA G 61 -17.59 -92.89 -64.81
C ALA G 61 -17.52 -94.27 -64.15
N ALA G 62 -17.98 -94.43 -62.90
CA ALA G 62 -17.99 -95.71 -62.21
C ALA G 62 -18.78 -96.77 -62.98
N HIS G 63 -19.91 -96.36 -63.56
CA HIS G 63 -20.74 -97.17 -64.44
C HIS G 63 -20.03 -97.52 -65.75
N GLU G 64 -19.44 -96.55 -66.44
CA GLU G 64 -18.72 -96.79 -67.69
C GLU G 64 -17.39 -97.54 -67.50
N LEU G 65 -16.82 -97.52 -66.28
CA LEU G 65 -15.72 -98.39 -65.84
C LEU G 65 -16.20 -99.80 -65.48
N GLY G 66 -17.48 -99.98 -65.17
CA GLY G 66 -18.02 -101.24 -64.69
C GLY G 66 -17.48 -101.65 -63.32
N LEU G 67 -17.27 -100.68 -62.42
CA LEU G 67 -16.72 -100.93 -61.08
C LEU G 67 -17.64 -101.82 -60.23
N ASP G 68 -17.05 -102.61 -59.33
CA ASP G 68 -17.79 -103.44 -58.39
C ASP G 68 -18.54 -102.59 -57.33
N PRO G 69 -19.76 -102.99 -56.92
CA PRO G 69 -20.56 -102.22 -55.96
C PRO G 69 -19.85 -101.91 -54.64
N ASP G 70 -18.99 -102.81 -54.17
CA ASP G 70 -18.20 -102.61 -52.95
C ASP G 70 -17.12 -101.54 -53.13
N ALA G 71 -16.44 -101.50 -54.26
CA ALA G 71 -15.56 -100.38 -54.59
C ALA G 71 -16.36 -99.07 -54.70
N ILE G 72 -17.53 -99.09 -55.34
CA ILE G 72 -18.37 -97.90 -55.42
C ILE G 72 -18.80 -97.43 -54.02
N ALA G 73 -19.18 -98.36 -53.14
CA ALA G 73 -19.45 -98.03 -51.74
C ALA G 73 -18.19 -97.47 -51.07
N ALA G 74 -17.03 -98.08 -51.29
CA ALA G 74 -15.78 -97.56 -50.77
C ALA G 74 -15.46 -96.16 -51.30
N ALA G 75 -16.00 -95.75 -52.47
CA ALA G 75 -15.86 -94.38 -52.92
C ALA G 75 -16.51 -93.40 -51.95
N ALA G 76 -17.56 -93.80 -51.24
CA ALA G 76 -18.13 -92.99 -50.17
C ALA G 76 -17.10 -92.76 -49.05
N ASP G 77 -16.32 -93.78 -48.70
CA ASP G 77 -15.25 -93.64 -47.73
C ASP G 77 -14.07 -92.81 -48.26
N LEU G 78 -13.74 -92.88 -49.56
CA LEU G 78 -12.82 -91.93 -50.15
C LEU G 78 -13.37 -90.49 -50.06
N GLY G 79 -14.70 -90.34 -50.11
CA GLY G 79 -15.40 -89.10 -49.77
C GLY G 79 -15.21 -88.70 -48.30
N GLN G 80 -15.38 -89.62 -47.36
CA GLN G 80 -15.11 -89.36 -45.93
C GLN G 80 -13.65 -88.94 -45.69
N ALA G 81 -12.71 -89.54 -46.43
CA ALA G 81 -11.29 -89.20 -46.39
C ALA G 81 -10.96 -87.84 -47.05
N GLY G 82 -11.92 -87.18 -47.70
CA GLY G 82 -11.73 -85.85 -48.30
C GLY G 82 -10.85 -85.84 -49.56
N VAL G 83 -10.71 -86.98 -50.25
CA VAL G 83 -9.89 -87.12 -51.47
C VAL G 83 -10.44 -86.20 -52.59
N SER G 84 -9.56 -85.61 -53.39
CA SER G 84 -9.97 -84.71 -54.48
C SER G 84 -10.87 -85.43 -55.50
N PRO G 85 -11.87 -84.78 -56.11
CA PRO G 85 -12.87 -85.48 -56.93
C PRO G 85 -12.24 -86.33 -58.03
N VAL G 86 -11.31 -85.75 -58.78
CA VAL G 86 -10.56 -86.50 -59.78
C VAL G 86 -9.76 -87.62 -59.12
N GLU G 87 -9.12 -87.35 -57.99
CA GLU G 87 -8.31 -88.35 -57.29
C GLU G 87 -9.15 -89.55 -56.85
N ILE G 88 -10.41 -89.36 -56.49
CA ILE G 88 -11.29 -90.50 -56.22
C ILE G 88 -11.32 -91.38 -57.46
N LEU G 89 -11.60 -90.78 -58.61
CA LEU G 89 -11.68 -91.52 -59.86
C LEU G 89 -10.35 -92.20 -60.16
N ALA G 90 -9.25 -91.49 -59.92
CA ALA G 90 -7.94 -92.06 -60.14
C ALA G 90 -7.74 -93.30 -59.27
N LEU G 91 -8.03 -93.22 -57.97
CA LEU G 91 -7.85 -94.34 -57.07
C LEU G 91 -8.73 -95.51 -57.49
N LEU G 92 -9.98 -95.23 -57.85
CA LEU G 92 -10.88 -96.27 -58.32
C LEU G 92 -10.33 -96.94 -59.57
N ILE G 93 -9.94 -96.14 -60.57
CA ILE G 93 -9.36 -96.68 -61.78
C ILE G 93 -8.15 -97.53 -61.45
N ALA G 94 -7.24 -96.99 -60.64
CA ALA G 94 -6.00 -97.67 -60.32
C ALA G 94 -6.27 -99.03 -59.66
N ALA G 95 -7.10 -99.04 -58.62
CA ALA G 95 -7.42 -100.28 -57.95
C ALA G 95 -7.99 -101.29 -58.95
N SER G 96 -8.95 -100.83 -59.77
CA SER G 96 -9.60 -101.70 -60.74
C SER G 96 -8.61 -102.26 -61.77
N VAL G 97 -7.68 -101.42 -62.25
CA VAL G 97 -6.70 -101.84 -63.24
C VAL G 97 -5.70 -102.82 -62.63
N LEU G 98 -5.27 -102.58 -61.39
CA LEU G 98 -4.39 -103.49 -60.66
C LEU G 98 -5.09 -104.78 -60.24
N GLY G 99 -6.42 -104.86 -60.34
CA GLY G 99 -7.19 -106.01 -59.87
C GLY G 99 -7.22 -106.12 -58.34
N LEU G 100 -7.01 -105.01 -57.63
CA LEU G 100 -6.99 -104.94 -56.17
C LEU G 100 -8.41 -105.01 -55.56
N ASP G 101 -8.48 -105.40 -54.29
CA ASP G 101 -9.73 -105.60 -53.55
C ASP G 101 -10.14 -104.37 -52.70
N PRO G 102 -11.38 -104.33 -52.20
CA PRO G 102 -11.86 -103.23 -51.37
C PRO G 102 -11.05 -103.00 -50.09
N ASP G 103 -10.38 -104.02 -49.55
CA ASP G 103 -9.48 -103.81 -48.41
C ASP G 103 -8.25 -103.01 -48.83
N ALA G 104 -7.67 -103.26 -50.01
CA ALA G 104 -6.66 -102.37 -50.54
C ALA G 104 -7.21 -100.97 -50.78
N ILE G 105 -8.46 -100.83 -51.22
CA ILE G 105 -9.10 -99.51 -51.31
C ILE G 105 -9.25 -98.88 -49.92
N GLN G 106 -9.60 -99.63 -48.89
CA GLN G 106 -9.65 -99.11 -47.52
C GLN G 106 -8.26 -98.66 -47.06
N ALA G 107 -7.20 -99.38 -47.43
CA ALA G 107 -5.84 -98.93 -47.18
C ALA G 107 -5.56 -97.61 -47.92
N ALA G 108 -6.01 -97.47 -49.16
CA ALA G 108 -5.95 -96.19 -49.86
C ALA G 108 -6.72 -95.10 -49.10
N ALA G 109 -7.90 -95.39 -48.58
CA ALA G 109 -8.66 -94.44 -47.78
C ALA G 109 -7.87 -94.02 -46.53
N ALA G 110 -7.24 -94.96 -45.84
CA ALA G 110 -6.37 -94.65 -44.71
C ALA G 110 -5.14 -93.81 -45.12
N LEU G 111 -4.54 -94.07 -46.29
CA LEU G 111 -3.49 -93.22 -46.83
C LEU G 111 -4.03 -91.82 -47.20
N GLY G 112 -5.29 -91.72 -47.60
CA GLY G 112 -6.00 -90.46 -47.79
C GLY G 112 -6.21 -89.70 -46.48
N GLU G 113 -6.58 -90.38 -45.40
CA GLU G 113 -6.64 -89.81 -44.05
C GLU G 113 -5.24 -89.34 -43.58
N ALA G 114 -4.18 -90.04 -43.99
CA ALA G 114 -2.80 -89.62 -43.77
C ALA G 114 -2.34 -88.48 -44.71
N GLY G 115 -3.19 -88.03 -45.64
CA GLY G 115 -2.90 -86.90 -46.54
C GLY G 115 -1.95 -87.23 -47.71
N ILE G 116 -1.72 -88.51 -48.01
CA ILE G 116 -0.86 -88.95 -49.11
C ILE G 116 -1.55 -88.68 -50.47
N SER G 117 -0.82 -88.21 -51.49
CA SER G 117 -1.41 -87.94 -52.81
C SER G 117 -1.82 -89.22 -53.54
N ALA G 118 -2.81 -89.15 -54.44
CA ALA G 118 -3.19 -90.33 -55.21
C ALA G 118 -2.01 -90.87 -56.05
N GLU G 119 -1.11 -90.01 -56.53
CA GLU G 119 0.10 -90.46 -57.21
C GLU G 119 0.98 -91.31 -56.29
N GLU G 120 1.24 -90.83 -55.08
CA GLU G 120 1.99 -91.62 -54.09
C GLU G 120 1.24 -92.90 -53.73
N ILE G 121 -0.08 -92.87 -53.57
CA ILE G 121 -0.83 -94.09 -53.30
C ILE G 121 -0.68 -95.07 -54.47
N ILE G 122 -0.86 -94.61 -55.70
CA ILE G 122 -0.73 -95.45 -56.87
C ILE G 122 0.69 -96.02 -56.93
N GLU G 123 1.70 -95.20 -56.68
CA GLU G 123 3.07 -95.66 -56.59
C GLU G 123 3.23 -96.73 -55.52
N LEU G 124 2.72 -96.49 -54.31
CA LEU G 124 2.81 -97.44 -53.22
C LEU G 124 2.09 -98.75 -53.56
N LEU G 125 0.92 -98.68 -54.19
CA LEU G 125 0.20 -99.88 -54.62
C LEU G 125 0.99 -100.61 -55.70
N THR G 126 1.59 -99.86 -56.63
CA THR G 126 2.45 -100.43 -57.66
C THR G 126 3.64 -101.14 -57.03
N ALA G 127 4.28 -100.51 -56.04
CA ALA G 127 5.39 -101.10 -55.31
C ALA G 127 4.95 -102.37 -54.57
N ALA G 128 3.81 -102.34 -53.87
CA ALA G 128 3.30 -103.51 -53.17
C ALA G 128 3.05 -104.68 -54.15
N ARG G 129 2.44 -104.37 -55.29
CA ARG G 129 2.23 -105.31 -56.40
C ARG G 129 3.55 -105.87 -56.90
N ASP G 130 4.54 -105.01 -57.16
CA ASP G 130 5.85 -105.43 -57.66
C ASP G 130 6.63 -106.27 -56.64
N LEU G 131 6.50 -106.00 -55.35
CA LEU G 131 7.06 -106.82 -54.27
C LEU G 131 6.26 -108.11 -54.02
N GLY G 132 5.06 -108.23 -54.59
CA GLY G 132 4.17 -109.38 -54.37
C GLY G 132 3.53 -109.42 -52.98
N LEU G 133 3.43 -108.27 -52.30
CA LEU G 133 2.91 -108.15 -50.94
C LEU G 133 1.38 -108.32 -50.89
N ASP G 134 0.90 -109.03 -49.87
CA ASP G 134 -0.51 -109.14 -49.53
C ASP G 134 -1.04 -107.87 -48.80
N PRO G 135 -2.37 -107.60 -48.83
CA PRO G 135 -2.95 -106.37 -48.30
C PRO G 135 -2.63 -106.03 -46.84
N ASP G 136 -2.38 -107.00 -45.97
CA ASP G 136 -2.02 -106.72 -44.58
C ASP G 136 -0.72 -105.91 -44.48
N ALA G 137 0.25 -106.15 -45.36
CA ALA G 137 1.44 -105.31 -45.44
C ALA G 137 1.09 -103.88 -45.86
N ILE G 138 0.14 -103.71 -46.78
CA ILE G 138 -0.34 -102.39 -47.19
C ILE G 138 -1.06 -101.69 -46.03
N GLN G 139 -1.83 -102.42 -45.21
CA GLN G 139 -2.47 -101.85 -44.03
C GLN G 139 -1.44 -101.46 -42.95
N ALA G 140 -0.35 -102.21 -42.80
CA ALA G 140 0.76 -101.80 -41.96
C ALA G 140 1.45 -100.54 -42.54
N ALA G 141 1.61 -100.48 -43.87
CA ALA G 141 2.14 -99.29 -44.53
C ALA G 141 1.25 -98.08 -44.29
N ALA G 142 -0.07 -98.25 -44.31
CA ALA G 142 -1.00 -97.17 -43.96
C ALA G 142 -0.74 -96.65 -42.54
N GLN G 143 -0.41 -97.53 -41.59
CA GLN G 143 -0.02 -97.10 -40.25
C GLN G 143 1.34 -96.38 -40.22
N LEU G 144 2.30 -96.73 -41.08
CA LEU G 144 3.50 -95.89 -41.27
C LEU G 144 3.11 -94.51 -41.84
N GLY G 145 2.10 -94.47 -42.71
CA GLY G 145 1.49 -93.22 -43.17
C GLY G 145 0.88 -92.42 -42.02
N GLU G 146 0.16 -93.06 -41.10
CA GLU G 146 -0.38 -92.42 -39.90
C GLU G 146 0.73 -91.92 -38.96
N ALA G 147 1.89 -92.60 -38.94
CA ALA G 147 3.10 -92.12 -38.28
C ALA G 147 3.82 -90.98 -39.05
N GLY G 148 3.31 -90.56 -40.21
CA GLY G 148 3.85 -89.43 -40.99
C GLY G 148 5.13 -89.74 -41.77
N ILE G 149 5.48 -91.02 -41.93
CA ILE G 149 6.69 -91.45 -42.66
C ILE G 149 6.54 -91.12 -44.16
N SER G 150 7.57 -90.61 -44.82
CA SER G 150 7.46 -90.21 -46.23
C SER G 150 7.33 -91.41 -47.18
N SER G 151 6.76 -91.20 -48.38
CA SER G 151 6.49 -92.28 -49.35
C SER G 151 7.76 -93.06 -49.72
N GLU G 152 8.88 -92.37 -49.93
CA GLU G 152 10.15 -93.03 -50.24
C GLU G 152 10.64 -93.88 -49.07
N GLU G 153 10.55 -93.36 -47.84
CA GLU G 153 10.90 -94.11 -46.64
C GLU G 153 10.01 -95.34 -46.45
N ILE G 154 8.70 -95.22 -46.68
CA ILE G 154 7.80 -96.38 -46.66
C ILE G 154 8.26 -97.38 -47.72
N LYS G 155 8.47 -96.94 -48.96
CA LYS G 155 8.88 -97.82 -50.05
C LYS G 155 10.17 -98.56 -49.73
N GLU G 156 11.17 -97.83 -49.26
CA GLU G 156 12.43 -98.44 -48.84
C GLU G 156 12.24 -99.39 -47.66
N LEU G 157 11.41 -99.06 -46.68
CA LEU G 157 11.11 -99.96 -45.57
C LEU G 157 10.44 -101.23 -46.08
N LEU G 158 9.43 -101.12 -46.94
CA LEU G 158 8.79 -102.30 -47.53
C LEU G 158 9.82 -103.12 -48.30
N ARG G 159 10.68 -102.47 -49.09
CA ARG G 159 11.75 -103.15 -49.83
C ARG G 159 12.66 -103.90 -48.86
N ALA G 160 13.10 -103.26 -47.79
CA ALA G 160 13.93 -103.89 -46.78
C ALA G 160 13.22 -105.07 -46.12
N ALA G 161 11.95 -104.90 -45.72
CA ALA G 161 11.18 -105.96 -45.09
C ALA G 161 11.05 -107.18 -46.01
N HIS G 162 10.83 -106.96 -47.31
CA HIS G 162 10.80 -108.03 -48.31
C HIS G 162 12.17 -108.70 -48.49
N GLU G 163 13.24 -107.93 -48.64
CA GLU G 163 14.61 -108.47 -48.78
C GLU G 163 15.06 -109.26 -47.55
N LEU G 164 14.60 -108.86 -46.36
CA LEU G 164 14.85 -109.55 -45.09
C LEU G 164 13.84 -110.68 -44.79
N GLY G 165 12.77 -110.82 -45.57
CA GLY G 165 11.75 -111.86 -45.37
C GLY G 165 10.93 -111.68 -44.09
N LEU G 166 10.59 -110.43 -43.76
CA LEU G 166 9.94 -110.03 -42.51
C LEU G 166 8.43 -109.81 -42.70
N ASP G 167 7.64 -110.40 -41.80
CA ASP G 167 6.18 -110.53 -41.93
C ASP G 167 5.42 -109.22 -41.69
N PRO G 168 4.13 -109.10 -42.05
CA PRO G 168 3.31 -107.92 -41.72
C PRO G 168 3.34 -107.53 -40.24
N ASP G 169 3.45 -108.48 -39.30
CA ASP G 169 3.64 -108.16 -37.88
C ASP G 169 4.96 -107.43 -37.62
N CYS G 170 6.01 -107.76 -38.38
CA CYS G 170 7.29 -107.08 -38.31
C CYS G 170 7.15 -105.65 -38.84
N ILE G 171 6.39 -105.47 -39.93
CA ILE G 171 6.06 -104.14 -40.45
C ILE G 171 5.21 -103.37 -39.41
N ALA G 172 4.31 -104.03 -38.68
CA ALA G 172 3.59 -103.39 -37.59
C ALA G 172 4.54 -102.95 -36.47
N ALA G 173 5.52 -103.78 -36.09
CA ALA G 173 6.55 -103.36 -35.17
C ALA G 173 7.39 -102.20 -35.73
N ALA G 174 7.65 -102.16 -37.03
CA ALA G 174 8.27 -101.00 -37.67
C ALA G 174 7.36 -99.76 -37.58
N ALA G 175 6.05 -99.91 -37.73
CA ALA G 175 5.09 -98.82 -37.52
C ALA G 175 5.07 -98.36 -36.05
N ASP G 176 5.22 -99.27 -35.09
CA ASP G 176 5.38 -98.90 -33.67
C ASP G 176 6.65 -98.07 -33.44
N LEU G 177 7.78 -98.44 -34.06
CA LEU G 177 9.00 -97.64 -34.02
C LEU G 177 8.81 -96.28 -34.74
N GLY G 178 7.98 -96.24 -35.79
CA GLY G 178 7.56 -95.00 -36.44
C GLY G 178 6.74 -94.12 -35.49
N GLN G 179 5.80 -94.69 -34.74
CA GLN G 179 5.05 -93.97 -33.71
C GLN G 179 5.97 -93.49 -32.57
N ALA G 180 7.05 -94.22 -32.27
CA ALA G 180 8.12 -93.77 -31.38
C ALA G 180 9.04 -92.69 -31.98
N GLY G 181 8.84 -92.30 -33.25
CA GLY G 181 9.59 -91.23 -33.92
C GLY G 181 11.00 -91.63 -34.37
N ILE G 182 11.31 -92.93 -34.40
CA ILE G 182 12.61 -93.46 -34.81
C ILE G 182 12.84 -93.19 -36.30
N SER G 183 14.06 -92.84 -36.72
CA SER G 183 14.38 -92.60 -38.13
C SER G 183 14.15 -93.86 -38.98
N SER G 184 13.70 -93.72 -40.23
CA SER G 184 13.60 -94.85 -41.17
C SER G 184 14.94 -95.61 -41.29
N SER G 185 16.06 -94.89 -41.27
CA SER G 185 17.39 -95.49 -41.22
C SER G 185 17.58 -96.34 -39.96
N GLU G 186 17.27 -95.77 -38.79
CA GLU G 186 17.37 -96.48 -37.52
C GLU G 186 16.42 -97.68 -37.44
N ILE G 187 15.19 -97.56 -37.94
CA ILE G 187 14.28 -98.69 -38.07
C ILE G 187 14.95 -99.76 -38.94
N THR G 188 15.51 -99.38 -40.08
CA THR G 188 16.18 -100.33 -40.98
C THR G 188 17.31 -101.05 -40.26
N ALA G 189 18.12 -100.33 -39.50
CA ALA G 189 19.15 -100.93 -38.66
C ALA G 189 18.53 -101.92 -37.66
N LEU G 190 17.48 -101.53 -36.95
CA LEU G 190 16.84 -102.42 -35.98
C LEU G 190 16.25 -103.66 -36.64
N LEU G 191 15.66 -103.52 -37.83
CA LEU G 191 15.17 -104.67 -38.60
C LEU G 191 16.33 -105.61 -38.93
N LEU G 192 17.43 -105.06 -39.46
CA LEU G 192 18.62 -105.84 -39.77
C LEU G 192 19.14 -106.56 -38.52
N ALA G 193 19.20 -105.85 -37.39
CA ALA G 193 19.72 -106.38 -36.14
C ALA G 193 18.85 -107.55 -35.64
N ALA G 194 17.54 -107.33 -35.50
CA ALA G 194 16.66 -108.38 -35.00
C ALA G 194 16.68 -109.62 -35.91
N ALA G 195 16.73 -109.41 -37.23
CA ALA G 195 16.84 -110.49 -38.18
C ALA G 195 18.16 -111.27 -38.00
N ALA G 196 19.29 -110.57 -37.96
CA ALA G 196 20.58 -111.21 -37.75
C ALA G 196 20.60 -111.99 -36.42
N ILE G 197 20.03 -111.41 -35.35
CA ILE G 197 20.01 -112.04 -34.02
C ILE G 197 19.23 -113.34 -34.07
N GLU G 198 17.98 -113.35 -34.51
CA GLU G 198 17.21 -114.59 -34.43
C GLU G 198 17.76 -115.67 -35.38
N LEU G 199 18.27 -115.30 -36.55
CA LEU G 199 19.00 -116.25 -37.39
C LEU G 199 20.25 -116.80 -36.69
N ALA G 200 21.03 -115.96 -36.02
CA ALA G 200 22.21 -116.39 -35.26
C ALA G 200 21.87 -117.18 -33.98
N LYS G 201 20.64 -117.07 -33.48
CA LYS G 201 20.08 -117.95 -32.44
C LYS G 201 19.66 -119.28 -33.03
N ARG G 202 19.05 -119.28 -34.21
CA ARG G 202 18.56 -120.47 -34.92
C ARG G 202 19.71 -121.32 -35.47
N ALA G 203 20.77 -120.69 -35.97
CA ALA G 203 22.08 -121.29 -36.12
C ALA G 203 22.74 -121.50 -34.75
N ASP G 204 23.52 -122.57 -34.56
CA ASP G 204 24.27 -122.82 -33.32
C ASP G 204 25.70 -122.22 -33.34
N ASP G 205 26.18 -121.76 -34.50
CA ASP G 205 27.60 -121.52 -34.74
C ASP G 205 28.18 -120.35 -33.94
N LYS G 206 29.16 -120.66 -33.08
CA LYS G 206 29.96 -119.68 -32.34
C LYS G 206 30.58 -118.62 -33.26
N ASP G 207 31.08 -118.94 -34.44
CA ASP G 207 31.68 -117.94 -35.32
C ASP G 207 30.66 -116.94 -35.88
N VAL G 208 29.48 -117.42 -36.30
CA VAL G 208 28.37 -116.55 -36.70
C VAL G 208 27.96 -115.66 -35.52
N ARG G 209 27.84 -116.25 -34.33
CA ARG G 209 27.47 -115.54 -33.10
C ARG G 209 28.51 -114.49 -32.71
N GLU G 210 29.80 -114.80 -32.82
CA GLU G 210 30.87 -113.81 -32.66
C GLU G 210 30.75 -112.66 -33.67
N ILE G 211 30.56 -112.97 -34.95
CA ILE G 211 30.44 -111.96 -35.99
C ILE G 211 29.25 -111.04 -35.69
N VAL G 212 28.08 -111.62 -35.39
CA VAL G 212 26.89 -110.82 -35.10
C VAL G 212 27.07 -110.00 -33.82
N ARG G 213 27.69 -110.56 -32.77
CA ARG G 213 28.07 -109.80 -31.58
C ARG G 213 28.95 -108.60 -31.95
N ASP G 214 30.01 -108.83 -32.71
CA ASP G 214 30.96 -107.79 -33.05
C ASP G 214 30.33 -106.71 -33.94
N ALA G 215 29.48 -107.11 -34.88
CA ALA G 215 28.72 -106.17 -35.69
C ALA G 215 27.76 -105.34 -34.84
N LEU G 216 27.04 -105.96 -33.89
CA LEU G 216 26.15 -105.25 -32.99
C LEU G 216 26.93 -104.31 -32.06
N GLU G 217 28.10 -104.71 -31.57
CA GLU G 217 28.98 -103.82 -30.85
C GLU G 217 29.37 -102.61 -31.70
N LEU G 218 29.88 -102.84 -32.92
CA LEU G 218 30.28 -101.77 -33.82
C LEU G 218 29.11 -100.84 -34.11
N ALA G 219 27.91 -101.39 -34.37
CA ALA G 219 26.70 -100.61 -34.60
C ALA G 219 26.25 -99.83 -33.35
N SER G 220 26.49 -100.37 -32.15
CA SER G 220 26.20 -99.67 -30.89
C SER G 220 27.18 -98.54 -30.62
N ARG G 221 28.47 -98.73 -30.90
CA ARG G 221 29.55 -97.75 -30.62
C ARG G 221 29.66 -96.65 -31.66
N SER G 222 29.48 -96.97 -32.94
CA SER G 222 29.57 -95.99 -34.04
C SER G 222 28.31 -95.11 -34.16
N THR G 223 28.42 -94.04 -34.96
CA THR G 223 27.35 -93.01 -35.13
C THR G 223 27.13 -92.58 -36.59
N ASN G 224 27.56 -93.39 -37.57
CA ASN G 224 27.37 -93.14 -39.01
C ASN G 224 26.45 -94.20 -39.62
N ASP G 225 25.32 -93.78 -40.18
CA ASP G 225 24.32 -94.66 -40.80
C ASP G 225 24.90 -95.57 -41.88
N GLU G 226 25.91 -95.14 -42.64
CA GLU G 226 26.53 -95.96 -43.66
C GLU G 226 27.31 -97.12 -43.04
N VAL G 227 28.15 -96.84 -42.04
CA VAL G 227 28.88 -97.88 -41.29
C VAL G 227 27.88 -98.83 -40.61
N ILE G 228 26.85 -98.29 -39.97
CA ILE G 228 25.83 -99.09 -39.26
C ILE G 228 25.12 -100.03 -40.24
N ARG G 229 24.60 -99.50 -41.35
CA ARG G 229 23.91 -100.33 -42.34
C ARG G 229 24.85 -101.37 -42.94
N LEU G 230 26.06 -100.99 -43.32
CA LEU G 230 27.06 -101.94 -43.83
C LEU G 230 27.32 -103.05 -42.82
N ALA G 231 27.56 -102.71 -41.56
CA ALA G 231 27.85 -103.70 -40.53
C ALA G 231 26.67 -104.65 -40.32
N LEU G 232 25.45 -104.12 -40.18
CA LEU G 232 24.29 -104.95 -39.90
C LEU G 232 23.83 -105.74 -41.13
N GLU G 233 24.04 -105.20 -42.34
CA GLU G 233 23.88 -105.99 -43.56
C GLU G 233 24.88 -107.13 -43.59
N ALA G 234 26.15 -106.87 -43.29
CA ALA G 234 27.14 -107.93 -43.16
C ALA G 234 26.73 -108.94 -42.08
N ALA G 235 26.13 -108.50 -40.97
CA ALA G 235 25.64 -109.40 -39.93
C ALA G 235 24.53 -110.33 -40.47
N VAL G 236 23.55 -109.79 -41.20
CA VAL G 236 22.52 -110.62 -41.85
C VAL G 236 23.15 -111.57 -42.87
N LEU G 237 24.09 -111.10 -43.69
CA LEU G 237 24.77 -111.94 -44.67
C LEU G 237 25.58 -113.06 -44.00
N ALA G 238 26.24 -112.79 -42.89
CA ALA G 238 26.96 -113.79 -42.10
C ALA G 238 26.01 -114.76 -41.37
N ALA G 239 24.76 -114.37 -41.10
CA ALA G 239 23.74 -115.25 -40.56
C ALA G 239 23.05 -116.11 -41.65
N ARG G 240 22.97 -115.63 -42.89
CA ARG G 240 22.41 -116.37 -44.05
C ARG G 240 23.41 -117.33 -44.71
N SER G 241 24.65 -116.88 -44.93
CA SER G 241 25.74 -117.71 -45.47
C SER G 241 26.44 -118.53 -44.38
N THR G 242 27.16 -119.58 -44.75
CA THR G 242 27.82 -120.51 -43.81
C THR G 242 29.24 -120.94 -44.21
N ASP G 243 29.77 -120.42 -45.32
CA ASP G 243 31.10 -120.76 -45.81
C ASP G 243 32.20 -120.17 -44.92
N SER G 244 33.13 -121.01 -44.45
CA SER G 244 34.27 -120.56 -43.63
C SER G 244 35.09 -119.48 -44.32
N ASP G 245 35.24 -119.48 -45.64
CA ASP G 245 35.93 -118.39 -46.35
C ASP G 245 35.24 -117.04 -46.16
N VAL G 246 33.90 -117.01 -46.26
CA VAL G 246 33.12 -115.78 -46.03
C VAL G 246 33.18 -115.38 -44.55
N LEU G 247 33.04 -116.32 -43.63
CA LEU G 247 33.11 -116.06 -42.19
C LEU G 247 34.49 -115.54 -41.77
N GLU G 248 35.57 -116.11 -42.28
CA GLU G 248 36.94 -115.63 -42.08
C GLU G 248 37.10 -114.21 -42.62
N ILE G 249 36.68 -113.94 -43.86
CA ILE G 249 36.76 -112.60 -44.47
C ILE G 249 35.98 -111.58 -43.65
N VAL G 250 34.75 -111.90 -43.24
CA VAL G 250 33.94 -111.00 -42.42
C VAL G 250 34.59 -110.78 -41.06
N LYS G 251 35.08 -111.83 -40.37
CA LYS G 251 35.75 -111.65 -39.08
C LYS G 251 37.05 -110.86 -39.22
N ASP G 252 37.84 -111.11 -40.26
CA ASP G 252 39.02 -110.31 -40.58
C ASP G 252 38.65 -108.84 -40.80
N ALA G 253 37.59 -108.57 -41.58
CA ALA G 253 37.14 -107.20 -41.82
C ALA G 253 36.64 -106.53 -40.53
N LEU G 254 35.89 -107.24 -39.68
CA LEU G 254 35.44 -106.70 -38.39
C LEU G 254 36.60 -106.51 -37.41
N GLU G 255 37.60 -107.39 -37.40
CA GLU G 255 38.81 -107.20 -36.61
C GLU G 255 39.57 -105.95 -37.08
N LEU G 256 39.80 -105.82 -38.38
CA LEU G 256 40.43 -104.64 -38.97
C LEU G 256 39.65 -103.36 -38.65
N ALA G 257 38.31 -103.40 -38.74
CA ALA G 257 37.45 -102.27 -38.40
C ALA G 257 37.54 -101.90 -36.92
N LYS G 258 37.57 -102.88 -36.01
CA LYS G 258 37.68 -102.67 -34.56
C LYS G 258 39.07 -102.17 -34.14
N GLN G 259 40.13 -102.56 -34.86
CA GLN G 259 41.49 -102.03 -34.67
C GLN G 259 41.67 -100.62 -35.25
N SER G 260 40.97 -100.29 -36.34
CA SER G 260 41.06 -98.99 -37.04
C SER G 260 40.31 -97.86 -36.34
N THR G 261 40.68 -96.61 -36.66
CA THR G 261 40.01 -95.38 -36.18
C THR G 261 39.59 -94.43 -37.32
N ASN G 262 39.55 -94.92 -38.56
CA ASN G 262 39.18 -94.15 -39.76
C ASN G 262 37.91 -94.75 -40.41
N GLU G 263 36.86 -93.95 -40.57
CA GLU G 263 35.58 -94.39 -41.15
C GLU G 263 35.71 -94.83 -42.62
N GLU G 264 36.63 -94.27 -43.41
CA GLU G 264 36.84 -94.70 -44.79
C GLU G 264 37.41 -96.12 -44.86
N VAL G 265 38.38 -96.44 -44.00
CA VAL G 265 38.93 -97.81 -43.87
C VAL G 265 37.84 -98.78 -43.43
N ILE G 266 37.02 -98.40 -42.43
CA ILE G 266 35.91 -99.24 -41.95
C ILE G 266 34.90 -99.49 -43.07
N LYS G 267 34.46 -98.45 -43.78
CA LYS G 267 33.52 -98.58 -44.90
C LYS G 267 34.08 -99.45 -46.01
N LEU G 268 35.32 -99.23 -46.44
CA LEU G 268 35.96 -100.05 -47.49
C LEU G 268 36.09 -101.51 -47.06
N ALA G 269 36.54 -101.78 -45.83
CA ALA G 269 36.68 -103.14 -45.33
C ALA G 269 35.33 -103.86 -45.27
N LEU G 270 34.30 -103.22 -44.71
CA LEU G 270 32.95 -103.77 -44.69
C LEU G 270 32.41 -103.97 -46.11
N LYS G 271 32.62 -103.03 -47.03
CA LYS G 271 32.19 -103.18 -48.42
C LYS G 271 32.88 -104.38 -49.08
N ALA G 272 34.20 -104.52 -48.92
CA ALA G 272 34.93 -105.66 -49.46
C ALA G 272 34.37 -106.99 -48.93
N ALA G 273 34.11 -107.08 -47.62
CA ALA G 273 33.50 -108.26 -47.00
C ALA G 273 32.07 -108.52 -47.49
N VAL G 274 31.25 -107.47 -47.66
CA VAL G 274 29.89 -107.60 -48.21
C VAL G 274 29.93 -108.10 -49.65
N LEU G 275 30.82 -107.58 -50.48
CA LEU G 275 30.99 -108.07 -51.86
C LEU G 275 31.49 -109.51 -51.89
N ALA G 276 32.40 -109.90 -51.00
CA ALA G 276 32.79 -111.31 -50.83
C ALA G 276 31.61 -112.20 -50.39
N ALA G 277 30.75 -111.73 -49.48
CA ALA G 277 29.57 -112.47 -49.06
C ALA G 277 28.47 -112.59 -50.14
N LYS G 278 28.33 -111.59 -51.02
CA LYS G 278 27.36 -111.58 -52.12
C LYS G 278 27.83 -112.32 -53.39
N SER G 279 29.13 -112.26 -53.70
CA SER G 279 29.74 -112.99 -54.83
C SER G 279 29.96 -114.49 -54.50
N THR G 280 30.25 -115.30 -55.53
CA THR G 280 30.43 -116.77 -55.40
C THR G 280 31.83 -117.26 -55.76
N ASP G 281 32.60 -116.50 -56.55
CA ASP G 281 33.89 -116.95 -57.10
C ASP G 281 35.00 -117.06 -56.02
N GLU G 282 35.54 -118.25 -55.84
CA GLU G 282 36.62 -118.52 -54.88
C GLU G 282 37.89 -117.69 -55.14
N GLU G 283 38.17 -117.30 -56.39
CA GLU G 283 39.30 -116.40 -56.69
C GLU G 283 39.06 -114.97 -56.19
N VAL G 284 37.80 -114.49 -56.20
CA VAL G 284 37.43 -113.21 -55.60
C VAL G 284 37.50 -113.30 -54.07
N LEU G 285 37.05 -114.40 -53.48
CA LEU G 285 37.24 -114.65 -52.04
C LEU G 285 38.72 -114.62 -51.66
N GLU G 286 39.58 -115.34 -52.39
CA GLU G 286 41.02 -115.35 -52.11
C GLU G 286 41.67 -113.98 -52.32
N GLU G 287 41.33 -113.23 -53.36
CA GLU G 287 41.85 -111.86 -53.54
C GLU G 287 41.39 -110.92 -52.41
N VAL G 288 40.12 -111.00 -52.00
CA VAL G 288 39.64 -110.20 -50.86
C VAL G 288 40.36 -110.61 -49.56
N LYS G 289 40.54 -111.92 -49.31
CA LYS G 289 41.26 -112.42 -48.13
C LYS G 289 42.73 -111.94 -48.16
N GLU G 290 43.38 -111.99 -49.32
CA GLU G 290 44.73 -111.45 -49.49
C GLU G 290 44.78 -109.93 -49.35
N ALA G 291 43.81 -109.17 -49.86
CA ALA G 291 43.74 -107.74 -49.63
C ALA G 291 43.57 -107.39 -48.14
N LEU G 292 42.76 -108.16 -47.41
CA LEU G 292 42.66 -108.03 -45.95
C LEU G 292 43.96 -108.43 -45.23
N ARG G 293 44.67 -109.46 -45.71
CA ARG G 293 46.02 -109.78 -45.20
C ARG G 293 46.97 -108.61 -45.42
N ARG G 294 47.03 -108.05 -46.63
CA ARG G 294 47.82 -106.85 -46.93
C ARG G 294 47.43 -105.70 -46.00
N ALA G 295 46.13 -105.49 -45.78
CA ALA G 295 45.64 -104.44 -44.88
C ALA G 295 46.05 -104.65 -43.41
N LYS G 296 46.08 -105.88 -42.89
CA LYS G 296 46.54 -106.17 -41.52
C LYS G 296 48.07 -106.21 -41.38
N GLU G 297 48.81 -106.63 -42.41
CA GLU G 297 50.27 -106.72 -42.36
C GLU G 297 51.00 -105.40 -42.71
N SER G 298 50.38 -104.50 -43.48
CA SER G 298 50.87 -103.12 -43.71
C SER G 298 50.49 -102.17 -42.57
N THR G 299 51.17 -101.01 -42.49
CA THR G 299 50.95 -99.99 -41.43
C THR G 299 50.25 -98.72 -41.93
N ASP G 300 50.50 -98.29 -43.18
CA ASP G 300 49.98 -97.03 -43.73
C ASP G 300 48.49 -97.12 -44.12
N GLU G 301 47.66 -96.20 -43.61
CA GLU G 301 46.24 -96.10 -43.99
C GLU G 301 46.03 -95.89 -45.50
N GLU G 302 46.97 -95.25 -46.20
CA GLU G 302 46.89 -95.12 -47.66
C GLU G 302 47.06 -96.47 -48.38
N GLU G 303 47.95 -97.35 -47.92
CA GLU G 303 48.09 -98.70 -48.47
C GLU G 303 46.86 -99.57 -48.13
N ILE G 304 46.33 -99.44 -46.91
CA ILE G 304 45.10 -100.12 -46.49
C ILE G 304 43.93 -99.71 -47.40
N LYS G 305 43.70 -98.40 -47.59
CA LYS G 305 42.63 -97.89 -48.46
C LYS G 305 42.83 -98.34 -49.91
N GLU G 306 44.04 -98.26 -50.45
CA GLU G 306 44.30 -98.68 -51.84
C GLU G 306 44.11 -100.19 -52.07
N GLU G 307 44.61 -101.07 -51.21
CA GLU G 307 44.40 -102.51 -51.40
C GLU G 307 42.93 -102.91 -51.25
N LEU G 308 42.20 -102.31 -50.31
CA LEU G 308 40.75 -102.50 -50.22
C LEU G 308 40.03 -101.91 -51.45
N ARG G 309 40.45 -100.75 -51.97
CA ARG G 309 39.89 -100.16 -53.20
C ARG G 309 40.11 -101.08 -54.41
N LYS G 310 41.31 -101.63 -54.59
CA LYS G 310 41.59 -102.61 -55.66
C LYS G 310 40.64 -103.81 -55.57
N ALA G 311 40.50 -104.39 -54.39
CA ALA G 311 39.60 -105.53 -54.17
C ALA G 311 38.12 -105.17 -54.45
N VAL G 312 37.66 -104.01 -53.98
CA VAL G 312 36.29 -103.50 -54.26
C VAL G 312 36.08 -103.27 -55.75
N GLU G 313 37.01 -102.61 -56.45
CA GLU G 313 36.91 -102.37 -57.89
C GLU G 313 37.00 -103.65 -58.75
N GLU G 314 37.60 -104.72 -58.22
CA GLU G 314 37.58 -106.05 -58.84
C GLU G 314 36.26 -106.80 -58.59
N ALA G 315 35.69 -106.68 -57.39
CA ALA G 315 34.53 -107.45 -56.93
C ALA G 315 33.14 -106.82 -57.23
N GLU G 316 33.03 -105.50 -57.37
CA GLU G 316 31.75 -104.76 -57.54
C GLU G 316 31.03 -105.02 -58.88
N CYS H 3 -103.43 51.50 15.42
CA CYS H 3 -103.00 52.71 16.15
C CYS H 3 -102.00 53.50 15.29
N ASP H 4 -102.47 54.29 14.33
CA ASP H 4 -101.67 54.75 13.17
C ASP H 4 -100.41 55.55 13.56
N ALA H 5 -100.50 56.42 14.57
CA ALA H 5 -99.36 57.22 15.01
C ALA H 5 -98.21 56.37 15.55
N ILE H 6 -98.52 55.22 16.16
CA ILE H 6 -97.51 54.23 16.57
C ILE H 6 -97.11 53.40 15.34
N GLN H 7 -98.06 53.03 14.49
CA GLN H 7 -97.81 52.19 13.32
C GLN H 7 -96.75 52.79 12.40
N ALA H 8 -96.76 54.11 12.22
CA ALA H 8 -95.70 54.81 11.48
C ALA H 8 -94.33 54.62 12.15
N ALA H 9 -94.24 54.71 13.47
CA ALA H 9 -93.00 54.43 14.19
C ALA H 9 -92.59 52.96 14.05
N ALA H 10 -93.54 52.01 14.08
CA ALA H 10 -93.25 50.61 13.85
C ALA H 10 -92.72 50.36 12.42
N ALA H 11 -93.27 51.02 11.41
CA ALA H 11 -92.75 50.96 10.05
C ALA H 11 -91.33 51.54 9.96
N LEU H 12 -91.05 52.67 10.63
CA LEU H 12 -89.71 53.23 10.71
C LEU H 12 -88.73 52.32 11.47
N GLY H 13 -89.22 51.57 12.47
CA GLY H 13 -88.44 50.54 13.17
C GLY H 13 -88.10 49.35 12.28
N GLU H 14 -89.05 48.87 11.47
CA GLU H 14 -88.79 47.85 10.44
C GLU H 14 -87.81 48.33 9.37
N ALA H 15 -87.84 49.62 9.01
CA ALA H 15 -86.86 50.26 8.15
C ALA H 15 -85.47 50.46 8.83
N GLY H 16 -85.34 50.19 10.14
CA GLY H 16 -84.08 50.28 10.88
C GLY H 16 -83.64 51.69 11.26
N ILE H 17 -84.56 52.66 11.27
CA ILE H 17 -84.25 54.07 11.61
C ILE H 17 -83.91 54.19 13.11
N SER H 18 -82.89 54.98 13.47
CA SER H 18 -82.50 55.17 14.87
C SER H 18 -83.57 55.93 15.67
N SER H 19 -83.69 55.68 16.97
CA SER H 19 -84.79 56.23 17.77
C SER H 19 -84.80 57.77 17.79
N ASN H 20 -83.65 58.41 17.89
CA ASN H 20 -83.57 59.87 17.77
C ASN H 20 -84.07 60.36 16.40
N GLU H 21 -83.77 59.64 15.33
CA GLU H 21 -84.24 60.00 13.99
C GLU H 21 -85.74 59.68 13.80
N ILE H 22 -86.26 58.61 14.41
CA ILE H 22 -87.71 58.39 14.42
C ILE H 22 -88.37 59.58 15.11
N LEU H 23 -87.88 59.96 16.29
CA LEU H 23 -88.41 61.12 17.00
C LEU H 23 -88.29 62.40 16.16
N GLU H 24 -87.19 62.59 15.45
CA GLU H 24 -87.06 63.73 14.55
C GLU H 24 -88.11 63.67 13.43
N LEU H 25 -88.33 62.50 12.81
CA LEU H 25 -89.32 62.36 11.76
C LEU H 25 -90.74 62.57 12.31
N LEU H 26 -90.98 62.15 13.53
CA LEU H 26 -92.22 62.49 14.23
C LEU H 26 -92.30 64.00 14.51
N ALA H 27 -91.21 64.65 14.88
CA ALA H 27 -91.19 66.09 15.06
C ALA H 27 -91.52 66.80 13.74
N ALA H 28 -90.94 66.34 12.63
CA ALA H 28 -91.30 66.83 11.30
C ALA H 28 -92.77 66.56 10.99
N ALA H 29 -93.27 65.38 11.33
CA ALA H 29 -94.67 65.07 11.15
C ALA H 29 -95.57 66.04 11.92
N ALA H 30 -95.19 66.44 13.13
CA ALA H 30 -95.90 67.47 13.87
C ALA H 30 -95.75 68.85 13.19
N GLU H 31 -94.54 69.23 12.82
CA GLU H 31 -94.27 70.55 12.22
C GLU H 31 -95.08 70.75 10.93
N LEU H 32 -94.99 69.79 10.01
CA LEU H 32 -95.61 69.86 8.69
C LEU H 32 -97.04 69.29 8.69
N GLY H 33 -97.46 68.62 9.76
CA GLY H 33 -98.74 67.93 9.82
C GLY H 33 -98.80 66.69 8.92
N LEU H 34 -97.70 65.93 8.81
CA LEU H 34 -97.63 64.78 7.90
C LEU H 34 -98.61 63.67 8.27
N ASP H 35 -99.24 63.06 7.28
CA ASP H 35 -100.08 61.88 7.46
C ASP H 35 -99.23 60.59 7.41
N PRO H 36 -99.76 59.44 7.88
CA PRO H 36 -99.01 58.19 7.92
C PRO H 36 -98.44 57.76 6.57
N ASP H 37 -99.13 58.05 5.46
CA ASP H 37 -98.62 57.75 4.12
C ASP H 37 -97.42 58.65 3.75
N ALA H 38 -97.45 59.94 4.09
CA ALA H 38 -96.29 60.82 3.91
C ALA H 38 -95.14 60.39 4.82
N ILE H 39 -95.42 59.98 6.05
CA ILE H 39 -94.38 59.44 6.95
C ILE H 39 -93.85 58.10 6.40
N GLN H 40 -94.69 57.27 5.79
CA GLN H 40 -94.25 56.04 5.11
C GLN H 40 -93.37 56.36 3.89
N ALA H 41 -93.69 57.41 3.13
CA ALA H 41 -92.80 57.88 2.06
C ALA H 41 -91.43 58.32 2.64
N ALA H 42 -91.42 58.99 3.80
CA ALA H 42 -90.18 59.29 4.51
C ALA H 42 -89.43 58.00 4.93
N ALA H 43 -90.14 56.99 5.41
CA ALA H 43 -89.54 55.69 5.72
C ALA H 43 -88.93 55.04 4.47
N GLN H 44 -89.61 55.09 3.33
CA GLN H 44 -89.11 54.56 2.07
C GLN H 44 -87.90 55.34 1.53
N LEU H 45 -87.83 56.67 1.72
CA LEU H 45 -86.61 57.44 1.47
C LEU H 45 -85.47 57.03 2.43
N GLY H 46 -85.80 56.62 3.66
CA GLY H 46 -84.87 56.01 4.60
C GLY H 46 -84.35 54.64 4.13
N GLU H 47 -85.22 53.78 3.60
CA GLU H 47 -84.82 52.52 2.97
C GLU H 47 -83.95 52.74 1.70
N ALA H 48 -84.21 53.83 0.96
CA ALA H 48 -83.35 54.28 -0.14
C ALA H 48 -82.00 54.85 0.31
N GLY H 49 -81.77 55.01 1.63
CA GLY H 49 -80.51 55.47 2.20
C GLY H 49 -80.29 56.99 2.19
N ILE H 50 -81.34 57.79 1.96
CA ILE H 50 -81.25 59.26 2.00
C ILE H 50 -81.00 59.73 3.45
N SER H 51 -80.18 60.75 3.66
CA SER H 51 -79.94 61.37 4.97
C SER H 51 -81.25 61.88 5.59
N SER H 52 -81.47 61.59 6.86
CA SER H 52 -82.68 62.02 7.58
C SER H 52 -82.85 63.54 7.58
N GLU H 53 -81.77 64.30 7.67
CA GLU H 53 -81.84 65.76 7.58
C GLU H 53 -82.40 66.18 6.23
N GLU H 54 -81.81 65.70 5.14
CA GLU H 54 -82.32 65.97 3.80
C GLU H 54 -83.73 65.42 3.60
N ILE H 55 -84.11 64.30 4.22
CA ILE H 55 -85.49 63.85 4.18
C ILE H 55 -86.38 64.94 4.77
N LYS H 56 -86.01 65.50 5.93
CA LYS H 56 -86.79 66.59 6.54
C LYS H 56 -86.88 67.78 5.59
N GLU H 57 -85.77 68.18 5.01
CA GLU H 57 -85.78 69.25 4.03
C GLU H 57 -86.63 68.88 2.79
N LEU H 58 -86.62 67.63 2.35
CA LEU H 58 -87.40 67.19 1.20
C LEU H 58 -88.88 67.26 1.53
N LEU H 59 -89.28 66.77 2.69
CA LEU H 59 -90.65 66.89 3.15
C LEU H 59 -91.04 68.36 3.25
N ARG H 60 -90.16 69.19 3.81
CA ARG H 60 -90.36 70.63 3.91
C ARG H 60 -90.54 71.24 2.52
N ALA H 61 -89.73 70.84 1.56
CA ALA H 61 -89.87 71.29 0.19
C ALA H 61 -91.19 70.80 -0.42
N ALA H 62 -91.56 69.54 -0.23
CA ALA H 62 -92.81 68.99 -0.74
C ALA H 62 -94.02 69.76 -0.20
N HIS H 63 -93.97 70.12 1.09
CA HIS H 63 -94.96 70.95 1.74
C HIS H 63 -94.96 72.38 1.18
N GLU H 64 -93.79 73.00 1.02
CA GLU H 64 -93.66 74.33 0.41
C GLU H 64 -94.05 74.38 -1.08
N LEU H 65 -93.96 73.24 -1.77
CA LEU H 65 -94.46 73.04 -3.13
C LEU H 65 -95.97 72.77 -3.17
N GLY H 66 -96.58 72.41 -2.05
CA GLY H 66 -97.99 72.02 -1.98
C GLY H 66 -98.30 70.76 -2.80
N LEU H 67 -97.37 69.79 -2.83
CA LEU H 67 -97.50 68.57 -3.64
C LEU H 67 -98.73 67.73 -3.27
N ASP H 68 -99.32 67.08 -4.28
CA ASP H 68 -100.37 66.07 -4.10
C ASP H 68 -99.81 64.80 -3.42
N PRO H 69 -100.61 64.09 -2.60
CA PRO H 69 -100.16 62.89 -1.88
C PRO H 69 -99.54 61.81 -2.77
N ASP H 70 -100.03 61.65 -3.99
CA ASP H 70 -99.49 60.71 -4.97
C ASP H 70 -98.17 61.19 -5.57
N ALA H 71 -97.94 62.50 -5.70
CA ALA H 71 -96.62 63.02 -6.01
C ALA H 71 -95.65 62.79 -4.82
N ILE H 72 -96.12 62.93 -3.59
CA ILE H 72 -95.29 62.60 -2.41
C ILE H 72 -94.96 61.10 -2.41
N ALA H 73 -95.91 60.24 -2.74
CA ALA H 73 -95.63 58.82 -2.95
C ALA H 73 -94.63 58.62 -4.11
N ALA H 74 -94.79 59.37 -5.20
CA ALA H 74 -93.82 59.34 -6.28
C ALA H 74 -92.42 59.77 -5.81
N ALA H 75 -92.29 60.60 -4.77
CA ALA H 75 -90.98 60.88 -4.19
C ALA H 75 -90.34 59.61 -3.63
N ALA H 76 -91.13 58.77 -2.96
CA ALA H 76 -90.64 57.46 -2.54
C ALA H 76 -90.38 56.52 -3.71
N ASP H 77 -91.11 56.63 -4.81
CA ASP H 77 -90.78 55.89 -6.03
C ASP H 77 -89.43 56.33 -6.61
N LEU H 78 -89.16 57.63 -6.68
CA LEU H 78 -87.86 58.16 -7.09
C LEU H 78 -86.74 57.73 -6.12
N GLY H 79 -87.08 57.59 -4.83
CA GLY H 79 -86.19 56.99 -3.83
C GLY H 79 -85.86 55.52 -4.17
N GLN H 80 -86.87 54.69 -4.43
CA GLN H 80 -86.68 53.29 -4.84
C GLN H 80 -85.92 53.16 -6.17
N ALA H 81 -86.08 54.14 -7.07
CA ALA H 81 -85.31 54.24 -8.31
C ALA H 81 -83.83 54.62 -8.11
N GLY H 82 -83.42 55.04 -6.90
CA GLY H 82 -82.03 55.40 -6.57
C GLY H 82 -81.58 56.77 -7.11
N VAL H 83 -82.53 57.67 -7.40
CA VAL H 83 -82.24 59.03 -7.91
C VAL H 83 -81.47 59.87 -6.90
N SER H 84 -80.57 60.75 -7.36
CA SER H 84 -79.79 61.64 -6.48
C SER H 84 -80.69 62.52 -5.62
N PRO H 85 -80.34 62.82 -4.35
CA PRO H 85 -81.22 63.55 -3.44
C PRO H 85 -81.71 64.88 -4.03
N VAL H 86 -80.80 65.63 -4.63
CA VAL H 86 -81.16 66.86 -5.33
C VAL H 86 -82.06 66.52 -6.52
N GLU H 87 -81.71 65.52 -7.32
CA GLU H 87 -82.50 65.17 -8.51
C GLU H 87 -83.91 64.72 -8.16
N ILE H 88 -84.14 64.11 -6.99
CA ILE H 88 -85.49 63.86 -6.54
C ILE H 88 -86.22 65.18 -6.48
N LEU H 89 -85.67 66.15 -5.75
CA LEU H 89 -86.29 67.45 -5.60
C LEU H 89 -86.49 68.11 -6.95
N ALA H 90 -85.50 67.99 -7.82
CA ALA H 90 -85.59 68.55 -9.15
C ALA H 90 -86.75 67.94 -9.89
N LEU H 91 -86.87 66.61 -9.92
CA LEU H 91 -87.95 65.97 -10.66
C LEU H 91 -89.30 66.31 -10.05
N LEU H 92 -89.39 66.40 -8.73
CA LEU H 92 -90.62 66.84 -8.08
C LEU H 92 -90.98 68.25 -8.51
N ILE H 93 -90.04 69.20 -8.38
CA ILE H 93 -90.29 70.57 -8.79
C ILE H 93 -90.70 70.58 -10.25
N ALA H 94 -89.93 69.90 -11.08
CA ALA H 94 -90.14 69.92 -12.51
C ALA H 94 -91.52 69.40 -12.85
N ALA H 95 -91.92 68.27 -12.30
CA ALA H 95 -93.24 67.73 -12.53
C ALA H 95 -94.31 68.78 -12.20
N SER H 96 -94.17 69.43 -11.06
CA SER H 96 -95.14 70.45 -10.65
C SER H 96 -95.15 71.62 -11.64
N VAL H 97 -93.97 72.09 -12.07
CA VAL H 97 -93.85 73.22 -13.00
C VAL H 97 -94.36 72.83 -14.39
N LEU H 98 -94.20 71.57 -14.78
CA LEU H 98 -94.75 71.01 -16.00
C LEU H 98 -96.26 70.83 -15.92
N GLY H 99 -96.85 70.85 -14.73
CA GLY H 99 -98.29 70.68 -14.55
C GLY H 99 -98.76 69.28 -14.92
N LEU H 100 -97.91 68.27 -14.71
CA LEU H 100 -98.19 66.87 -15.08
C LEU H 100 -99.39 66.29 -14.31
N ASP H 101 -100.13 65.38 -14.94
CA ASP H 101 -100.98 64.43 -14.22
C ASP H 101 -100.11 63.38 -13.49
N PRO H 102 -100.59 62.81 -12.37
CA PRO H 102 -99.83 61.84 -11.58
C PRO H 102 -99.28 60.64 -12.36
N ASP H 103 -99.99 60.13 -13.37
CA ASP H 103 -99.49 59.02 -14.18
C ASP H 103 -98.28 59.46 -15.04
N ALA H 104 -98.30 60.67 -15.60
CA ALA H 104 -97.10 61.23 -16.22
C ALA H 104 -95.97 61.42 -15.20
N ILE H 105 -96.27 61.78 -13.95
CA ILE H 105 -95.25 61.78 -12.89
C ILE H 105 -94.70 60.36 -12.71
N GLN H 106 -95.55 59.35 -12.65
CA GLN H 106 -95.10 57.96 -12.57
C GLN H 106 -94.24 57.58 -13.78
N ALA H 107 -94.58 58.07 -14.98
CA ALA H 107 -93.74 57.87 -16.16
C ALA H 107 -92.36 58.53 -16.00
N ALA H 108 -92.30 59.73 -15.42
CA ALA H 108 -91.02 60.34 -15.07
C ALA H 108 -90.26 59.48 -14.04
N ALA H 109 -90.95 58.89 -13.07
CA ALA H 109 -90.32 57.95 -12.14
C ALA H 109 -89.79 56.71 -12.87
N ALA H 110 -90.53 56.18 -13.85
CA ALA H 110 -90.07 55.07 -14.67
C ALA H 110 -88.83 55.43 -15.50
N LEU H 111 -88.74 56.66 -16.03
CA LEU H 111 -87.51 57.14 -16.64
C LEU H 111 -86.37 57.23 -15.62
N GLY H 112 -86.70 57.54 -14.37
CA GLY H 112 -85.78 57.44 -13.24
C GLY H 112 -85.27 56.01 -13.03
N GLU H 113 -86.16 55.01 -13.06
CA GLU H 113 -85.77 53.60 -13.01
C GLU H 113 -84.92 53.18 -14.22
N ALA H 114 -85.14 53.78 -15.39
CA ALA H 114 -84.29 53.60 -16.57
C ALA H 114 -82.93 54.32 -16.46
N GLY H 115 -82.68 55.10 -15.40
CA GLY H 115 -81.39 55.75 -15.14
C GLY H 115 -81.13 57.02 -15.95
N ILE H 116 -82.15 57.60 -16.56
CA ILE H 116 -82.05 58.85 -17.36
C ILE H 116 -81.80 60.05 -16.42
N SER H 117 -80.92 61.00 -16.79
CA SER H 117 -80.63 62.17 -15.91
C SER H 117 -81.81 63.15 -15.85
N ALA H 118 -81.93 63.92 -14.77
CA ALA H 118 -83.07 64.82 -14.60
C ALA H 118 -83.20 65.81 -15.76
N GLU H 119 -82.09 66.36 -16.27
CA GLU H 119 -82.15 67.26 -17.41
C GLU H 119 -82.71 66.55 -18.65
N GLU H 120 -82.26 65.34 -18.93
CA GLU H 120 -82.81 64.56 -20.04
C GLU H 120 -84.30 64.29 -19.82
N ILE H 121 -84.71 63.91 -18.61
CA ILE H 121 -86.12 63.67 -18.32
C ILE H 121 -86.91 64.95 -18.58
N ILE H 122 -86.46 66.07 -18.02
CA ILE H 122 -87.13 67.35 -18.18
C ILE H 122 -87.22 67.70 -19.65
N GLU H 123 -86.13 67.54 -20.38
CA GLU H 123 -86.09 67.80 -21.82
C GLU H 123 -87.10 66.91 -22.54
N LEU H 124 -87.11 65.62 -22.24
CA LEU H 124 -88.02 64.68 -22.87
C LEU H 124 -89.47 65.06 -22.57
N LEU H 125 -89.77 65.43 -21.34
CA LEU H 125 -91.12 65.84 -20.96
C LEU H 125 -91.50 67.12 -21.70
N THR H 126 -90.57 68.07 -21.78
CA THR H 126 -90.77 69.31 -22.52
C THR H 126 -91.06 69.01 -23.98
N ALA H 127 -90.25 68.15 -24.60
CA ALA H 127 -90.44 67.75 -25.98
C ALA H 127 -91.79 67.07 -26.18
N ALA H 128 -92.17 66.13 -25.31
CA ALA H 128 -93.44 65.43 -25.43
C ALA H 128 -94.62 66.42 -25.38
N ARG H 129 -94.57 67.36 -24.43
CA ARG H 129 -95.54 68.46 -24.34
C ARG H 129 -95.57 69.24 -25.65
N ASP H 130 -94.41 69.68 -26.13
CA ASP H 130 -94.30 70.51 -27.32
C ASP H 130 -94.74 69.79 -28.61
N LEU H 131 -94.57 68.47 -28.68
CA LEU H 131 -95.08 67.63 -29.76
C LEU H 131 -96.60 67.36 -29.65
N GLY H 132 -97.22 67.70 -28.51
CA GLY H 132 -98.63 67.36 -28.27
C GLY H 132 -98.86 65.85 -28.07
N LEU H 133 -97.84 65.15 -27.57
CA LEU H 133 -97.92 63.73 -27.21
C LEU H 133 -98.64 63.51 -25.86
N ASP H 134 -98.68 62.27 -25.39
CA ASP H 134 -99.45 61.82 -24.23
C ASP H 134 -98.66 60.83 -23.34
N PRO H 135 -99.14 60.53 -22.12
CA PRO H 135 -98.45 59.62 -21.21
C PRO H 135 -98.15 58.23 -21.79
N ASP H 136 -98.97 57.72 -22.72
CA ASP H 136 -98.68 56.44 -23.37
C ASP H 136 -97.46 56.55 -24.29
N ALA H 137 -97.34 57.65 -25.05
CA ALA H 137 -96.11 57.91 -25.79
C ALA H 137 -94.91 58.03 -24.85
N ILE H 138 -95.07 58.71 -23.71
CA ILE H 138 -93.99 58.84 -22.72
C ILE H 138 -93.64 57.47 -22.12
N GLN H 139 -94.61 56.58 -21.90
CA GLN H 139 -94.35 55.23 -21.44
C GLN H 139 -93.57 54.42 -22.48
N ALA H 140 -93.93 54.53 -23.76
CA ALA H 140 -93.14 53.91 -24.82
C ALA H 140 -91.73 54.52 -24.87
N ALA H 141 -91.58 55.82 -24.62
CA ALA H 141 -90.27 56.44 -24.49
C ALA H 141 -89.50 55.83 -23.30
N ALA H 142 -90.15 55.57 -22.17
CA ALA H 142 -89.52 54.88 -21.07
C ALA H 142 -89.04 53.48 -21.49
N GLN H 143 -89.81 52.75 -22.30
CA GLN H 143 -89.35 51.50 -22.87
C GLN H 143 -88.13 51.68 -23.79
N LEU H 144 -88.06 52.74 -24.60
CA LEU H 144 -86.83 53.06 -25.35
C LEU H 144 -85.65 53.38 -24.40
N GLY H 145 -85.94 54.00 -23.25
CA GLY H 145 -84.97 54.18 -22.17
C GLY H 145 -84.49 52.85 -21.59
N GLU H 146 -85.40 51.90 -21.36
CA GLU H 146 -85.03 50.54 -20.94
C GLU H 146 -84.19 49.82 -22.01
N ALA H 147 -84.43 50.11 -23.29
CA ALA H 147 -83.59 49.66 -24.40
C ALA H 147 -82.24 50.41 -24.51
N GLY H 148 -81.97 51.40 -23.66
CA GLY H 148 -80.69 52.11 -23.61
C GLY H 148 -80.45 53.09 -24.78
N ILE H 149 -81.51 53.48 -25.49
CA ILE H 149 -81.43 54.46 -26.60
C ILE H 149 -81.13 55.86 -26.04
N SER H 150 -80.31 56.68 -26.72
CA SER H 150 -79.95 58.01 -26.19
C SER H 150 -81.11 59.01 -26.26
N SER H 151 -81.09 60.04 -25.40
CA SER H 151 -82.16 61.03 -25.31
C SER H 151 -82.41 61.75 -26.64
N GLU H 152 -81.36 62.13 -27.37
CA GLU H 152 -81.50 62.77 -28.68
C GLU H 152 -82.14 61.81 -29.69
N GLU H 153 -81.72 60.54 -29.69
CA GLU H 153 -82.33 59.53 -30.56
C GLU H 153 -83.81 59.36 -30.23
N ILE H 154 -84.17 59.23 -28.95
CA ILE H 154 -85.57 59.15 -28.55
C ILE H 154 -86.31 60.39 -29.06
N LYS H 155 -85.77 61.59 -28.82
CA LYS H 155 -86.43 62.83 -29.21
C LYS H 155 -86.67 62.86 -30.72
N GLU H 156 -85.66 62.54 -31.50
CA GLU H 156 -85.80 62.47 -32.94
C GLU H 156 -86.79 61.38 -33.36
N LEU H 157 -86.79 60.23 -32.71
CA LEU H 157 -87.76 59.18 -33.00
C LEU H 157 -89.18 59.67 -32.71
N LEU H 158 -89.41 60.25 -31.54
CA LEU H 158 -90.71 60.80 -31.20
C LEU H 158 -91.10 61.87 -32.21
N ARG H 159 -90.17 62.75 -32.59
CA ARG H 159 -90.41 63.74 -33.64
C ARG H 159 -90.85 63.05 -34.91
N ALA H 160 -90.09 62.07 -35.39
CA ALA H 160 -90.43 61.35 -36.60
C ALA H 160 -91.81 60.68 -36.49
N ALA H 161 -92.12 60.05 -35.35
CA ALA H 161 -93.41 59.42 -35.16
C ALA H 161 -94.54 60.44 -35.33
N HIS H 162 -94.41 61.62 -34.73
CA HIS H 162 -95.37 62.70 -34.88
C HIS H 162 -95.41 63.26 -36.32
N GLU H 163 -94.26 63.43 -36.97
CA GLU H 163 -94.17 63.87 -38.37
C GLU H 163 -94.91 62.90 -39.30
N LEU H 164 -94.94 61.62 -38.93
CA LEU H 164 -95.62 60.55 -39.65
C LEU H 164 -97.04 60.25 -39.12
N GLY H 165 -97.51 60.92 -38.07
CA GLY H 165 -98.82 60.66 -37.46
C GLY H 165 -98.95 59.28 -36.80
N LEU H 166 -97.83 58.68 -36.40
CA LEU H 166 -97.74 57.33 -35.83
C LEU H 166 -98.06 57.35 -34.33
N ASP H 167 -99.19 56.76 -33.98
CA ASP H 167 -99.74 56.73 -32.63
C ASP H 167 -98.91 55.87 -31.63
N PRO H 168 -99.18 55.94 -30.31
CA PRO H 168 -98.39 55.25 -29.30
C PRO H 168 -98.21 53.73 -29.49
N ASP H 169 -99.15 53.00 -30.10
CA ASP H 169 -98.89 51.57 -30.38
C ASP H 169 -97.78 51.41 -31.41
N CYS H 170 -97.67 52.36 -32.34
CA CYS H 170 -96.57 52.40 -33.28
C CYS H 170 -95.26 52.67 -32.53
N ILE H 171 -95.29 53.61 -31.58
CA ILE H 171 -94.12 53.91 -30.75
C ILE H 171 -93.76 52.68 -29.89
N ALA H 172 -94.73 51.91 -29.41
CA ALA H 172 -94.46 50.66 -28.71
C ALA H 172 -93.77 49.65 -29.65
N ALA H 173 -94.26 49.50 -30.88
CA ALA H 173 -93.55 48.69 -31.86
C ALA H 173 -92.14 49.24 -32.17
N ALA H 174 -91.95 50.56 -32.17
CA ALA H 174 -90.62 51.14 -32.27
C ALA H 174 -89.75 50.76 -31.07
N ALA H 175 -90.31 50.76 -29.86
CA ALA H 175 -89.61 50.28 -28.67
C ALA H 175 -89.31 48.77 -28.74
N ASP H 176 -90.13 47.98 -29.43
CA ASP H 176 -89.80 46.58 -29.70
C ASP H 176 -88.60 46.46 -30.65
N LEU H 177 -88.53 47.28 -31.70
CA LEU H 177 -87.34 47.36 -32.56
C LEU H 177 -86.11 47.86 -31.77
N GLY H 178 -86.31 48.76 -30.81
CA GLY H 178 -85.26 49.19 -29.88
C GLY H 178 -84.75 48.03 -29.04
N GLN H 179 -85.65 47.22 -28.48
CA GLN H 179 -85.29 46.00 -27.74
C GLN H 179 -84.61 44.96 -28.64
N ALA H 180 -84.94 44.93 -29.93
CA ALA H 180 -84.22 44.14 -30.93
C ALA H 180 -82.83 44.70 -31.30
N GLY H 181 -82.44 45.87 -30.77
CA GLY H 181 -81.11 46.47 -30.98
C GLY H 181 -80.94 47.17 -32.34
N ILE H 182 -82.04 47.42 -33.06
CA ILE H 182 -82.03 48.11 -34.36
C ILE H 182 -81.57 49.56 -34.17
N SER H 183 -80.75 50.12 -35.07
CA SER H 183 -80.24 51.49 -34.91
C SER H 183 -81.36 52.53 -35.02
N SER H 184 -81.18 53.73 -34.45
CA SER H 184 -82.19 54.80 -34.55
C SER H 184 -82.53 55.12 -36.01
N SER H 185 -81.51 55.25 -36.86
CA SER H 185 -81.72 55.48 -38.29
C SER H 185 -82.43 54.29 -38.95
N GLU H 186 -82.08 53.05 -38.59
CA GLU H 186 -82.77 51.87 -39.11
C GLU H 186 -84.23 51.81 -38.66
N ILE H 187 -84.52 52.09 -37.39
CA ILE H 187 -85.90 52.20 -36.93
C ILE H 187 -86.60 53.29 -37.74
N THR H 188 -85.97 54.45 -37.90
CA THR H 188 -86.55 55.56 -38.65
C THR H 188 -86.90 55.13 -40.06
N ALA H 189 -85.99 54.43 -40.73
CA ALA H 189 -86.25 53.87 -42.04
C ALA H 189 -87.42 52.90 -41.99
N LEU H 190 -87.43 51.95 -41.05
CA LEU H 190 -88.50 50.97 -40.95
C LEU H 190 -89.85 51.65 -40.70
N LEU H 191 -89.87 52.68 -39.87
CA LEU H 191 -91.07 53.48 -39.65
C LEU H 191 -91.49 54.12 -40.96
N LEU H 192 -90.58 54.81 -41.65
CA LEU H 192 -90.89 55.46 -42.92
C LEU H 192 -91.44 54.46 -43.93
N ALA H 193 -90.79 53.30 -44.05
CA ALA H 193 -91.18 52.25 -44.98
C ALA H 193 -92.56 51.71 -44.61
N ALA H 194 -92.75 51.30 -43.37
CA ALA H 194 -94.01 50.75 -42.93
C ALA H 194 -95.13 51.77 -43.11
N ALA H 195 -94.88 53.04 -42.80
CA ALA H 195 -95.85 54.10 -42.99
C ALA H 195 -96.18 54.25 -44.48
N ALA H 196 -95.17 54.36 -45.34
CA ALA H 196 -95.37 54.46 -46.77
C ALA H 196 -96.16 53.26 -47.30
N ILE H 197 -95.87 52.05 -46.82
CA ILE H 197 -96.57 50.84 -47.22
C ILE H 197 -98.02 50.89 -46.75
N GLU H 198 -98.26 51.17 -45.48
CA GLU H 198 -99.62 51.23 -44.95
C GLU H 198 -100.46 52.24 -45.73
N LEU H 199 -99.91 53.42 -45.98
CA LEU H 199 -100.53 54.44 -46.81
C LEU H 199 -100.71 53.96 -48.24
N ALA H 200 -99.73 53.34 -48.87
CA ALA H 200 -99.82 52.87 -50.25
C ALA H 200 -100.86 51.77 -50.41
N LYS H 201 -100.99 50.90 -49.39
CA LYS H 201 -102.05 49.91 -49.26
C LYS H 201 -103.41 50.55 -48.97
N ARG H 202 -103.44 51.88 -48.87
CA ARG H 202 -104.59 52.75 -48.63
C ARG H 202 -104.58 53.93 -49.64
N ALA H 203 -103.81 53.78 -50.72
CA ALA H 203 -103.58 54.74 -51.79
C ALA H 203 -103.12 53.94 -53.03
N ASP H 204 -104.07 53.18 -53.57
CA ASP H 204 -103.76 51.96 -54.33
C ASP H 204 -103.31 52.19 -55.79
N ASP H 205 -103.25 53.45 -56.23
CA ASP H 205 -102.89 53.85 -57.59
C ASP H 205 -101.56 53.22 -58.02
N LYS H 206 -101.58 52.47 -59.13
CA LYS H 206 -100.41 51.80 -59.68
C LYS H 206 -99.19 52.72 -59.82
N ASP H 207 -99.35 54.01 -60.10
CA ASP H 207 -98.22 54.94 -60.15
C ASP H 207 -97.58 55.17 -58.78
N VAL H 208 -98.39 55.33 -57.73
CA VAL H 208 -97.91 55.37 -56.35
C VAL H 208 -97.29 54.02 -55.99
N ARG H 209 -97.92 52.91 -56.37
CA ARG H 209 -97.36 51.57 -56.14
C ARG H 209 -96.01 51.41 -56.82
N GLU H 210 -95.84 51.87 -58.05
CA GLU H 210 -94.55 51.88 -58.75
C GLU H 210 -93.52 52.68 -57.97
N ILE H 211 -93.85 53.91 -57.59
CA ILE H 211 -92.93 54.76 -56.84
C ILE H 211 -92.51 54.06 -55.55
N VAL H 212 -93.47 53.54 -54.80
CA VAL H 212 -93.21 52.89 -53.52
C VAL H 212 -92.38 51.62 -53.72
N ARG H 213 -92.69 50.81 -54.73
CA ARG H 213 -91.84 49.67 -55.14
C ARG H 213 -90.41 50.15 -55.36
N ASP H 214 -90.23 51.15 -56.20
CA ASP H 214 -88.90 51.61 -56.59
C ASP H 214 -88.14 52.19 -55.41
N ALA H 215 -88.80 52.95 -54.54
CA ALA H 215 -88.19 53.45 -53.33
C ALA H 215 -87.79 52.29 -52.39
N LEU H 216 -88.68 51.31 -52.19
CA LEU H 216 -88.39 50.15 -51.35
C LEU H 216 -87.26 49.31 -51.95
N GLU H 217 -87.23 49.13 -53.27
CA GLU H 217 -86.10 48.47 -53.93
C GLU H 217 -84.81 49.23 -53.67
N LEU H 218 -84.78 50.54 -53.95
CA LEU H 218 -83.59 51.35 -53.73
C LEU H 218 -83.14 51.29 -52.27
N ALA H 219 -84.07 51.38 -51.32
CA ALA H 219 -83.78 51.27 -49.89
C ALA H 219 -83.26 49.88 -49.52
N SER H 220 -83.76 48.82 -50.16
CA SER H 220 -83.27 47.45 -49.95
C SER H 220 -81.87 47.25 -50.51
N ARG H 221 -81.58 47.79 -51.70
CA ARG H 221 -80.30 47.60 -52.41
C ARG H 221 -79.16 48.49 -51.91
N SER H 222 -79.46 49.74 -51.54
CA SER H 222 -78.46 50.70 -51.07
C SER H 222 -78.00 50.43 -49.62
N THR H 223 -76.89 51.06 -49.20
CA THR H 223 -76.24 50.84 -47.90
C THR H 223 -75.79 52.16 -47.23
N ASN H 224 -76.52 53.25 -47.45
CA ASN H 224 -76.26 54.56 -46.84
C ASN H 224 -77.53 55.18 -46.23
N ASP H 225 -77.46 55.61 -44.97
CA ASP H 225 -78.63 56.06 -44.21
C ASP H 225 -79.28 57.33 -44.80
N GLU H 226 -78.49 58.25 -45.35
CA GLU H 226 -79.03 59.48 -45.96
C GLU H 226 -79.83 59.14 -47.22
N VAL H 227 -79.28 58.30 -48.10
CA VAL H 227 -80.00 57.82 -49.29
C VAL H 227 -81.28 57.08 -48.88
N ILE H 228 -81.20 56.18 -47.90
CA ILE H 228 -82.35 55.40 -47.43
C ILE H 228 -83.43 56.34 -46.87
N ARG H 229 -83.07 57.26 -45.96
CA ARG H 229 -84.02 58.22 -45.40
C ARG H 229 -84.62 59.07 -46.50
N LEU H 230 -83.80 59.63 -47.39
CA LEU H 230 -84.29 60.42 -48.52
C LEU H 230 -85.31 59.63 -49.35
N ALA H 231 -84.98 58.40 -49.72
CA ALA H 231 -85.86 57.59 -50.55
C ALA H 231 -87.19 57.28 -49.84
N LEU H 232 -87.14 56.83 -48.58
CA LEU H 232 -88.35 56.45 -47.87
C LEU H 232 -89.17 57.67 -47.46
N GLU H 233 -88.53 58.79 -47.14
CA GLU H 233 -89.22 60.06 -46.98
C GLU H 233 -89.88 60.48 -48.30
N ALA H 234 -89.19 60.36 -49.43
CA ALA H 234 -89.81 60.61 -50.73
C ALA H 234 -91.00 59.69 -50.97
N ALA H 235 -90.95 58.43 -50.52
CA ALA H 235 -92.09 57.52 -50.62
C ALA H 235 -93.28 58.01 -49.80
N VAL H 236 -93.04 58.44 -48.55
CA VAL H 236 -94.10 59.06 -47.74
C VAL H 236 -94.62 60.34 -48.39
N LEU H 237 -93.74 61.19 -48.91
CA LEU H 237 -94.13 62.43 -49.58
C LEU H 237 -94.94 62.14 -50.84
N ALA H 238 -94.59 61.12 -51.60
CA ALA H 238 -95.40 60.67 -52.73
C ALA H 238 -96.78 60.22 -52.26
N ALA H 239 -96.85 59.40 -51.21
CA ALA H 239 -98.13 58.96 -50.63
C ALA H 239 -98.98 60.12 -50.07
N ARG H 240 -98.35 61.20 -49.60
CA ARG H 240 -99.04 62.43 -49.18
C ARG H 240 -99.39 63.37 -50.34
N SER H 241 -98.64 63.32 -51.44
CA SER H 241 -98.96 64.07 -52.66
C SER H 241 -100.17 63.49 -53.40
N THR H 242 -100.81 64.28 -54.24
CA THR H 242 -101.93 63.86 -55.09
C THR H 242 -101.78 64.26 -56.56
N ASP H 243 -100.68 64.91 -56.93
CA ASP H 243 -100.48 65.50 -58.25
C ASP H 243 -99.53 64.67 -59.09
N SER H 244 -100.00 64.26 -60.28
CA SER H 244 -99.21 63.51 -61.26
C SER H 244 -97.90 64.21 -61.63
N ASP H 245 -97.81 65.54 -61.59
CA ASP H 245 -96.52 66.24 -61.78
C ASP H 245 -95.50 65.87 -60.70
N VAL H 246 -95.93 65.77 -59.44
CA VAL H 246 -95.05 65.31 -58.36
C VAL H 246 -94.70 63.83 -58.57
N LEU H 247 -95.66 63.01 -58.98
CA LEU H 247 -95.41 61.60 -59.30
C LEU H 247 -94.37 61.46 -60.43
N GLU H 248 -94.50 62.21 -61.52
CA GLU H 248 -93.53 62.22 -62.61
C GLU H 248 -92.14 62.65 -62.14
N ILE H 249 -92.04 63.73 -61.36
CA ILE H 249 -90.76 64.22 -60.84
C ILE H 249 -90.11 63.15 -59.96
N VAL H 250 -90.87 62.53 -59.08
CA VAL H 250 -90.37 61.43 -58.25
C VAL H 250 -89.98 60.23 -59.12
N LYS H 251 -90.78 59.85 -60.13
CA LYS H 251 -90.41 58.76 -61.05
C LYS H 251 -89.12 59.09 -61.80
N ASP H 252 -88.98 60.30 -62.32
CA ASP H 252 -87.76 60.73 -63.00
C ASP H 252 -86.56 60.65 -62.05
N ALA H 253 -86.71 61.13 -60.82
CA ALA H 253 -85.65 61.07 -59.83
C ALA H 253 -85.29 59.62 -59.48
N LEU H 254 -86.27 58.75 -59.26
CA LEU H 254 -86.04 57.34 -58.96
C LEU H 254 -85.46 56.58 -60.17
N GLU H 255 -85.89 56.89 -61.39
CA GLU H 255 -85.29 56.31 -62.60
C GLU H 255 -83.82 56.75 -62.73
N LEU H 256 -83.55 58.05 -62.61
CA LEU H 256 -82.19 58.58 -62.65
C LEU H 256 -81.33 57.96 -61.54
N ALA H 257 -81.86 57.82 -60.33
CA ALA H 257 -81.16 57.18 -59.22
C ALA H 257 -80.88 55.70 -59.49
N LYS H 258 -81.84 54.93 -60.02
CA LYS H 258 -81.65 53.51 -60.35
C LYS H 258 -80.64 53.32 -61.49
N GLN H 259 -80.58 54.26 -62.44
CA GLN H 259 -79.58 54.29 -63.51
C GLN H 259 -78.18 54.73 -63.04
N SER H 260 -78.10 55.60 -62.03
CA SER H 260 -76.84 56.19 -61.55
C SER H 260 -75.97 55.23 -60.72
N THR H 261 -74.65 55.37 -60.82
CA THR H 261 -73.65 54.64 -60.00
C THR H 261 -72.91 55.55 -59.00
N ASN H 262 -73.28 56.83 -58.90
CA ASN H 262 -72.65 57.82 -58.02
C ASN H 262 -73.63 58.25 -56.91
N GLU H 263 -73.23 58.07 -55.64
CA GLU H 263 -74.07 58.41 -54.48
C GLU H 263 -74.36 59.90 -54.34
N GLU H 264 -73.47 60.79 -54.79
CA GLU H 264 -73.73 62.24 -54.75
C GLU H 264 -74.84 62.61 -55.74
N VAL H 265 -74.84 62.04 -56.95
CA VAL H 265 -75.92 62.23 -57.92
C VAL H 265 -77.24 61.71 -57.36
N ILE H 266 -77.23 60.52 -56.73
CA ILE H 266 -78.43 59.95 -56.10
C ILE H 266 -78.95 60.88 -55.00
N LYS H 267 -78.09 61.30 -54.06
CA LYS H 267 -78.50 62.22 -52.98
C LYS H 267 -79.03 63.54 -53.52
N LEU H 268 -78.35 64.16 -54.48
CA LEU H 268 -78.80 65.41 -55.11
C LEU H 268 -80.15 65.23 -55.81
N ALA H 269 -80.32 64.19 -56.61
CA ALA H 269 -81.57 63.93 -57.33
C ALA H 269 -82.73 63.69 -56.35
N LEU H 270 -82.53 62.84 -55.35
CA LEU H 270 -83.53 62.62 -54.31
C LEU H 270 -83.82 63.91 -53.53
N LYS H 271 -82.81 64.70 -53.18
CA LYS H 271 -83.01 65.98 -52.50
C LYS H 271 -83.84 66.93 -53.36
N ALA H 272 -83.52 67.07 -54.64
CA ALA H 272 -84.28 67.91 -55.56
C ALA H 272 -85.75 67.46 -55.62
N ALA H 273 -86.00 66.16 -55.75
CA ALA H 273 -87.35 65.61 -55.75
C ALA H 273 -88.08 65.80 -54.41
N VAL H 274 -87.39 65.64 -53.27
CA VAL H 274 -87.95 65.87 -51.93
C VAL H 274 -88.36 67.33 -51.79
N LEU H 275 -87.48 68.26 -52.18
CA LEU H 275 -87.79 69.70 -52.15
C LEU H 275 -88.97 70.02 -53.07
N ALA H 276 -89.01 69.47 -54.29
CA ALA H 276 -90.15 69.62 -55.18
C ALA H 276 -91.45 69.08 -54.55
N ALA H 277 -91.43 67.89 -53.97
CA ALA H 277 -92.60 67.30 -53.32
C ALA H 277 -93.04 68.08 -52.07
N LYS H 278 -92.12 68.75 -51.37
CA LYS H 278 -92.42 69.68 -50.28
C LYS H 278 -92.88 71.08 -50.74
N SER H 279 -92.59 71.48 -51.98
CA SER H 279 -92.98 72.78 -52.55
C SER H 279 -94.48 72.87 -52.85
N THR H 280 -94.97 74.11 -53.04
CA THR H 280 -96.35 74.39 -53.49
C THR H 280 -96.32 75.43 -54.62
N ASP H 281 -95.51 75.19 -55.65
CA ASP H 281 -95.36 76.10 -56.79
C ASP H 281 -95.05 75.32 -58.08
N GLU H 282 -95.98 75.37 -59.04
CA GLU H 282 -95.87 74.68 -60.32
C GLU H 282 -94.64 75.12 -61.14
N GLU H 283 -94.16 76.35 -60.96
CA GLU H 283 -92.93 76.81 -61.63
C GLU H 283 -91.67 76.19 -61.00
N VAL H 284 -91.67 75.93 -59.69
CA VAL H 284 -90.59 75.18 -59.03
C VAL H 284 -90.64 73.71 -59.48
N LEU H 285 -91.83 73.11 -59.53
CA LEU H 285 -91.99 71.77 -60.09
C LEU H 285 -91.46 71.70 -61.52
N GLU H 286 -91.86 72.62 -62.40
CA GLU H 286 -91.42 72.63 -63.80
C GLU H 286 -89.92 72.88 -63.96
N GLU H 287 -89.31 73.82 -63.22
CA GLU H 287 -87.86 74.01 -63.30
C GLU H 287 -87.11 72.79 -62.78
N VAL H 288 -87.54 72.20 -61.67
CA VAL H 288 -86.92 70.96 -61.18
C VAL H 288 -87.10 69.84 -62.20
N LYS H 289 -88.30 69.69 -62.80
CA LYS H 289 -88.55 68.70 -63.85
C LYS H 289 -87.62 68.94 -65.06
N GLU H 290 -87.44 70.19 -65.47
CA GLU H 290 -86.53 70.52 -66.56
C GLU H 290 -85.07 70.28 -66.17
N ALA H 291 -84.64 70.61 -64.96
CA ALA H 291 -83.30 70.27 -64.49
C ALA H 291 -83.06 68.76 -64.49
N LEU H 292 -84.04 67.98 -64.01
CA LEU H 292 -84.01 66.51 -64.10
C LEU H 292 -83.97 66.05 -65.56
N ARG H 293 -84.75 66.65 -66.46
CA ARG H 293 -84.71 66.31 -67.89
C ARG H 293 -83.34 66.58 -68.49
N ARG H 294 -82.79 67.78 -68.26
CA ARG H 294 -81.41 68.12 -68.67
C ARG H 294 -80.43 67.08 -68.14
N ALA H 295 -80.54 66.74 -66.86
CA ALA H 295 -79.68 65.74 -66.24
C ALA H 295 -79.83 64.37 -66.91
N LYS H 296 -81.06 63.87 -67.09
CA LYS H 296 -81.33 62.55 -67.67
C LYS H 296 -80.97 62.47 -69.16
N GLU H 297 -81.01 63.59 -69.88
CA GLU H 297 -80.51 63.71 -71.25
C GLU H 297 -78.98 63.85 -71.33
N SER H 298 -78.31 64.26 -70.26
CA SER H 298 -76.85 64.46 -70.22
C SER H 298 -76.05 63.17 -69.99
N THR H 299 -74.79 63.14 -70.45
CA THR H 299 -73.85 62.03 -70.21
C THR H 299 -72.87 62.30 -69.04
N ASP H 300 -72.39 63.53 -68.89
CA ASP H 300 -71.37 63.89 -67.91
C ASP H 300 -71.93 64.05 -66.49
N GLU H 301 -71.39 63.30 -65.51
CA GLU H 301 -71.75 63.41 -64.09
C GLU H 301 -71.52 64.83 -63.53
N GLU H 302 -70.53 65.58 -64.04
CA GLU H 302 -70.30 66.95 -63.59
C GLU H 302 -71.43 67.89 -64.02
N GLU H 303 -71.92 67.78 -65.26
CA GLU H 303 -73.06 68.58 -65.72
C GLU H 303 -74.37 68.17 -65.03
N ILE H 304 -74.56 66.87 -64.79
CA ILE H 304 -75.68 66.34 -63.98
C ILE H 304 -75.65 66.96 -62.57
N LYS H 305 -74.51 66.91 -61.87
CA LYS H 305 -74.36 67.51 -60.54
C LYS H 305 -74.60 69.03 -60.58
N GLU H 306 -74.14 69.74 -61.59
CA GLU H 306 -74.39 71.19 -61.70
C GLU H 306 -75.86 71.54 -61.93
N GLU H 307 -76.58 70.87 -62.82
CA GLU H 307 -78.02 71.11 -62.99
C GLU H 307 -78.80 70.81 -61.69
N LEU H 308 -78.52 69.67 -61.05
CA LEU H 308 -79.16 69.34 -59.78
C LEU H 308 -78.77 70.32 -58.67
N ARG H 309 -77.51 70.77 -58.60
CA ARG H 309 -77.06 71.77 -57.63
C ARG H 309 -77.80 73.09 -57.83
N LYS H 310 -77.88 73.62 -59.05
CA LYS H 310 -78.60 74.87 -59.33
C LYS H 310 -80.07 74.75 -58.94
N ALA H 311 -80.72 73.64 -59.28
CA ALA H 311 -82.11 73.40 -58.89
C ALA H 311 -82.28 73.35 -57.36
N VAL H 312 -81.41 72.63 -56.64
CA VAL H 312 -81.44 72.57 -55.17
C VAL H 312 -81.17 73.96 -54.57
N GLU H 313 -80.19 74.71 -55.07
CA GLU H 313 -79.92 76.08 -54.59
C GLU H 313 -81.06 77.07 -54.87
N GLU H 314 -81.91 76.81 -55.87
CA GLU H 314 -83.14 77.58 -56.09
C GLU H 314 -84.30 77.12 -55.18
N ALA H 315 -84.42 75.82 -54.90
CA ALA H 315 -85.57 75.22 -54.20
C ALA H 315 -85.45 75.13 -52.66
N GLU H 316 -84.23 75.11 -52.09
CA GLU H 316 -83.97 74.94 -50.65
C GLU H 316 -84.41 76.11 -49.75
N CYS I 3 -112.01 -0.37 -32.88
CA CYS I 3 -112.04 -1.66 -33.59
C CYS I 3 -111.61 -2.77 -32.63
N ASP I 4 -112.56 -3.43 -31.96
CA ASP I 4 -112.37 -4.19 -30.71
C ASP I 4 -111.18 -5.17 -30.73
N ALA I 5 -111.20 -6.17 -31.61
CA ALA I 5 -110.21 -7.24 -31.60
C ALA I 5 -108.83 -6.74 -32.04
N ILE I 6 -108.77 -5.71 -32.88
CA ILE I 6 -107.50 -5.06 -33.23
C ILE I 6 -106.98 -4.30 -32.01
N GLN I 7 -107.84 -3.59 -31.28
CA GLN I 7 -107.39 -2.87 -30.08
C GLN I 7 -106.95 -3.83 -28.98
N ALA I 8 -107.63 -4.97 -28.84
CA ALA I 8 -107.17 -6.03 -27.95
C ALA I 8 -105.79 -6.56 -28.39
N ALA I 9 -105.56 -6.76 -29.69
CA ALA I 9 -104.24 -7.12 -30.19
C ALA I 9 -103.21 -6.02 -29.90
N ALA I 10 -103.57 -4.75 -30.02
CA ALA I 10 -102.69 -3.64 -29.65
C ALA I 10 -102.37 -3.65 -28.15
N ALA I 11 -103.34 -3.96 -27.29
CA ALA I 11 -103.09 -4.11 -25.85
C ALA I 11 -102.09 -5.25 -25.57
N LEU I 12 -102.22 -6.38 -26.26
CA LEU I 12 -101.23 -7.48 -26.19
C LEU I 12 -99.86 -7.06 -26.75
N GLY I 13 -99.84 -6.18 -27.76
CA GLY I 13 -98.61 -5.58 -28.29
C GLY I 13 -97.92 -4.68 -27.28
N GLU I 14 -98.67 -3.85 -26.54
CA GLU I 14 -98.13 -3.05 -25.42
C GLU I 14 -97.61 -3.94 -24.27
N ALA I 15 -98.26 -5.08 -24.01
CA ALA I 15 -97.76 -6.10 -23.09
C ALA I 15 -96.55 -6.89 -23.64
N GLY I 16 -96.15 -6.68 -24.89
CA GLY I 16 -94.96 -7.29 -25.50
C GLY I 16 -95.12 -8.77 -25.87
N ILE I 17 -96.36 -9.27 -26.01
CA ILE I 17 -96.64 -10.69 -26.27
C ILE I 17 -96.18 -11.11 -27.67
N SER I 18 -95.60 -12.30 -27.81
CA SER I 18 -95.15 -12.85 -29.10
C SER I 18 -96.34 -13.04 -30.05
N SER I 19 -96.18 -12.74 -31.35
CA SER I 19 -97.28 -12.77 -32.32
C SER I 19 -97.94 -14.15 -32.44
N ASN I 20 -97.17 -15.24 -32.36
CA ASN I 20 -97.76 -16.58 -32.31
C ASN I 20 -98.64 -16.78 -31.07
N GLU I 21 -98.21 -16.29 -29.90
CA GLU I 21 -99.02 -16.34 -28.68
C GLU I 21 -100.22 -15.39 -28.75
N ILE I 22 -100.10 -14.22 -29.40
CA ILE I 22 -101.26 -13.37 -29.66
C ILE I 22 -102.27 -14.15 -30.50
N LEU I 23 -101.82 -14.79 -31.57
CA LEU I 23 -102.69 -15.60 -32.42
C LEU I 23 -103.30 -16.76 -31.63
N GLU I 24 -102.55 -17.40 -30.73
CA GLU I 24 -103.13 -18.41 -29.86
C GLU I 24 -104.19 -17.81 -28.93
N LEU I 25 -103.93 -16.65 -28.33
CA LEU I 25 -104.91 -15.98 -27.46
C LEU I 25 -106.14 -15.56 -28.25
N LEU I 26 -105.97 -15.18 -29.52
CA LEU I 26 -107.07 -14.94 -30.43
C LEU I 26 -107.80 -16.25 -30.77
N ALA I 27 -107.10 -17.37 -30.94
CA ALA I 27 -107.72 -18.67 -31.14
C ALA I 27 -108.57 -19.04 -29.92
N ALA I 28 -108.03 -18.83 -28.72
CA ALA I 28 -108.79 -19.00 -27.48
C ALA I 28 -109.97 -18.03 -27.43
N ALA I 29 -109.80 -16.78 -27.88
CA ALA I 29 -110.89 -15.84 -27.94
C ALA I 29 -112.02 -16.33 -28.85
N ALA I 30 -111.69 -16.99 -29.96
CA ALA I 30 -112.71 -17.65 -30.78
C ALA I 30 -113.31 -18.86 -30.04
N GLU I 31 -112.48 -19.75 -29.51
CA GLU I 31 -112.94 -21.02 -28.93
C GLU I 31 -113.79 -20.85 -27.68
N LEU I 32 -113.31 -20.04 -26.72
CA LEU I 32 -114.03 -19.72 -25.49
C LEU I 32 -114.99 -18.55 -25.66
N GLY I 33 -114.91 -17.80 -26.76
CA GLY I 33 -115.71 -16.59 -26.96
C GLY I 33 -115.25 -15.42 -26.07
N LEU I 34 -113.94 -15.28 -25.80
CA LEU I 34 -113.42 -14.24 -24.91
C LEU I 34 -113.77 -12.83 -25.41
N ASP I 35 -114.09 -11.94 -24.48
CA ASP I 35 -114.28 -10.51 -24.76
C ASP I 35 -112.97 -9.72 -24.57
N PRO I 36 -112.87 -8.47 -25.07
CA PRO I 36 -111.66 -7.66 -24.95
C PRO I 36 -111.17 -7.49 -23.51
N ASP I 37 -112.06 -7.45 -22.53
CA ASP I 37 -111.67 -7.39 -21.12
C ASP I 37 -111.01 -8.70 -20.66
N ALA I 38 -111.55 -9.85 -21.05
CA ALA I 38 -110.90 -11.14 -20.79
C ALA I 38 -109.56 -11.27 -21.53
N ILE I 39 -109.46 -10.75 -22.76
CA ILE I 39 -108.19 -10.68 -23.47
C ILE I 39 -107.21 -9.72 -22.77
N GLN I 40 -107.69 -8.61 -22.19
CA GLN I 40 -106.87 -7.72 -21.37
C GLN I 40 -106.42 -8.42 -20.07
N ALA I 41 -107.27 -9.23 -19.46
CA ALA I 41 -106.87 -10.06 -18.34
C ALA I 41 -105.76 -11.04 -18.76
N ALA I 42 -105.86 -11.65 -19.94
CA ALA I 42 -104.77 -12.46 -20.50
C ALA I 42 -103.49 -11.63 -20.69
N ALA I 43 -103.58 -10.39 -21.19
CA ALA I 43 -102.42 -9.51 -21.31
C ALA I 43 -101.77 -9.24 -19.94
N GLN I 44 -102.56 -8.96 -18.92
CA GLN I 44 -102.07 -8.73 -17.55
C GLN I 44 -101.48 -10.00 -16.92
N LEU I 45 -102.03 -11.19 -17.20
CA LEU I 45 -101.40 -12.45 -16.82
C LEU I 45 -100.09 -12.71 -17.59
N GLY I 46 -99.99 -12.21 -18.82
CA GLY I 46 -98.73 -12.17 -19.57
C GLY I 46 -97.68 -11.25 -18.94
N GLU I 47 -98.10 -10.08 -18.44
CA GLU I 47 -97.23 -9.21 -17.62
C GLU I 47 -96.83 -9.87 -16.29
N ALA I 48 -97.68 -10.72 -15.71
CA ALA I 48 -97.33 -11.58 -14.57
C ALA I 48 -96.42 -12.78 -14.94
N GLY I 49 -96.10 -12.98 -16.22
CA GLY I 49 -95.16 -14.00 -16.70
C GLY I 49 -95.77 -15.39 -16.97
N ILE I 50 -97.09 -15.53 -16.94
CA ILE I 50 -97.79 -16.79 -17.24
C ILE I 50 -97.77 -17.06 -18.77
N SER I 51 -97.57 -18.31 -19.22
CA SER I 51 -97.65 -18.60 -20.67
C SER I 51 -99.08 -18.51 -21.19
N SER I 52 -99.26 -18.21 -22.47
CA SER I 52 -100.60 -18.26 -23.09
C SER I 52 -101.24 -19.65 -22.94
N GLU I 53 -100.45 -20.72 -22.87
CA GLU I 53 -100.96 -22.08 -22.67
C GLU I 53 -101.67 -22.18 -21.31
N GLU I 54 -100.96 -21.79 -20.25
CA GLU I 54 -101.49 -21.84 -18.90
C GLU I 54 -102.68 -20.88 -18.78
N ILE I 55 -102.55 -19.67 -19.32
CA ILE I 55 -103.66 -18.72 -19.36
C ILE I 55 -104.88 -19.36 -20.01
N LYS I 56 -104.70 -20.02 -21.15
CA LYS I 56 -105.81 -20.62 -21.90
C LYS I 56 -106.50 -21.68 -21.07
N GLU I 57 -105.74 -22.56 -20.43
CA GLU I 57 -106.33 -23.53 -19.53
C GLU I 57 -107.05 -22.84 -18.36
N LEU I 58 -106.45 -21.81 -17.78
CA LEU I 58 -107.06 -21.10 -16.65
C LEU I 58 -108.36 -20.42 -17.08
N LEU I 59 -108.36 -19.76 -18.23
CA LEU I 59 -109.57 -19.17 -18.78
C LEU I 59 -110.58 -20.24 -19.12
N ARG I 60 -110.16 -21.40 -19.64
CA ARG I 60 -111.06 -22.53 -19.87
C ARG I 60 -111.69 -22.96 -18.56
N ALA I 61 -110.90 -23.07 -17.49
CA ALA I 61 -111.46 -23.37 -16.18
C ALA I 61 -112.44 -22.28 -15.73
N ALA I 62 -112.09 -21.00 -15.85
CA ALA I 62 -112.97 -19.90 -15.46
C ALA I 62 -114.31 -19.93 -16.24
N HIS I 63 -114.25 -20.26 -17.53
CA HIS I 63 -115.43 -20.49 -18.36
C HIS I 63 -116.23 -21.71 -17.88
N GLU I 64 -115.57 -22.83 -17.65
CA GLU I 64 -116.19 -24.05 -17.12
C GLU I 64 -116.74 -23.90 -15.70
N LEU I 65 -116.28 -22.89 -14.95
CA LEU I 65 -116.81 -22.49 -13.65
C LEU I 65 -118.02 -21.54 -13.74
N GLY I 66 -118.29 -20.93 -14.89
CA GLY I 66 -119.45 -20.05 -15.09
C GLY I 66 -119.42 -18.77 -14.24
N LEU I 67 -118.23 -18.22 -14.00
CA LEU I 67 -117.98 -17.09 -13.08
C LEU I 67 -118.59 -15.75 -13.53
N ASP I 68 -118.74 -14.82 -12.59
CA ASP I 68 -119.04 -13.42 -12.90
C ASP I 68 -117.85 -12.73 -13.61
N PRO I 69 -118.09 -11.87 -14.61
CA PRO I 69 -117.03 -11.15 -15.33
C PRO I 69 -116.06 -10.39 -14.41
N ASP I 70 -116.56 -9.82 -13.31
CA ASP I 70 -115.73 -9.13 -12.32
C ASP I 70 -114.73 -10.09 -11.64
N ALA I 71 -115.15 -11.31 -11.31
CA ALA I 71 -114.24 -12.32 -10.79
C ALA I 71 -113.20 -12.72 -11.84
N ILE I 72 -113.64 -12.90 -13.09
CA ILE I 72 -112.72 -13.25 -14.19
C ILE I 72 -111.67 -12.15 -14.37
N ALA I 73 -112.08 -10.88 -14.35
CA ALA I 73 -111.14 -9.76 -14.37
C ALA I 73 -110.23 -9.77 -13.13
N ALA I 74 -110.80 -10.00 -11.95
CA ALA I 74 -110.04 -10.10 -10.72
C ALA I 74 -109.01 -11.24 -10.75
N ALA I 75 -109.16 -12.25 -11.61
CA ALA I 75 -108.12 -13.26 -11.79
C ALA I 75 -106.78 -12.64 -12.23
N ALA I 76 -106.81 -11.60 -13.07
CA ALA I 76 -105.62 -10.85 -13.41
C ALA I 76 -105.11 -9.98 -12.25
N ASP I 77 -105.97 -9.53 -11.35
CA ASP I 77 -105.54 -8.85 -10.13
C ASP I 77 -104.84 -9.83 -9.17
N LEU I 78 -105.33 -11.07 -9.05
CA LEU I 78 -104.60 -12.14 -8.35
C LEU I 78 -103.24 -12.43 -9.03
N GLY I 79 -103.17 -12.33 -10.36
CA GLY I 79 -101.92 -12.38 -11.11
C GLY I 79 -100.96 -11.25 -10.73
N GLN I 80 -101.42 -10.00 -10.70
CA GLN I 80 -100.64 -8.84 -10.29
C GLN I 80 -100.19 -8.93 -8.82
N ALA I 81 -101.02 -9.52 -7.95
CA ALA I 81 -100.67 -9.82 -6.56
C ALA I 81 -99.60 -10.92 -6.39
N GLY I 82 -99.21 -11.61 -7.47
CA GLY I 82 -98.16 -12.64 -7.45
C GLY I 82 -98.60 -14.02 -6.95
N VAL I 83 -99.91 -14.32 -6.97
CA VAL I 83 -100.47 -15.62 -6.58
C VAL I 83 -99.96 -16.74 -7.52
N SER I 84 -99.69 -17.94 -6.99
CA SER I 84 -99.22 -19.08 -7.78
C SER I 84 -100.24 -19.48 -8.86
N PRO I 85 -99.83 -19.96 -10.04
CA PRO I 85 -100.76 -20.15 -11.16
C PRO I 85 -101.98 -21.01 -10.81
N VAL I 86 -101.75 -22.16 -10.16
CA VAL I 86 -102.84 -23.00 -9.67
C VAL I 86 -103.63 -22.28 -8.57
N GLU I 87 -102.95 -21.57 -7.67
CA GLU I 87 -103.63 -20.88 -6.57
C GLU I 87 -104.61 -19.82 -7.05
N ILE I 88 -104.39 -19.21 -8.21
CA ILE I 88 -105.42 -18.35 -8.80
C ILE I 88 -106.69 -19.17 -8.99
N LEU I 89 -106.59 -20.31 -9.66
CA LEU I 89 -107.73 -21.17 -9.88
C LEU I 89 -108.34 -21.65 -8.58
N ALA I 90 -107.50 -21.97 -7.60
CA ALA I 90 -107.99 -22.35 -6.30
C ALA I 90 -108.83 -21.22 -5.70
N LEU I 91 -108.34 -19.98 -5.70
CA LEU I 91 -109.08 -18.87 -5.14
C LEU I 91 -110.37 -18.60 -5.92
N LEU I 92 -110.34 -18.73 -7.25
CA LEU I 92 -111.56 -18.61 -8.04
C LEU I 92 -112.57 -19.68 -7.65
N ILE I 93 -112.15 -20.95 -7.63
CA ILE I 93 -113.03 -22.04 -7.22
C ILE I 93 -113.56 -21.75 -5.83
N ALA I 94 -112.69 -21.36 -4.90
CA ALA I 94 -113.04 -21.14 -3.52
C ALA I 94 -114.12 -20.07 -3.40
N ALA I 95 -113.91 -18.91 -4.00
CA ALA I 95 -114.89 -17.84 -3.94
C ALA I 95 -116.23 -18.34 -4.49
N SER I 96 -116.19 -19.04 -5.64
CA SER I 96 -117.39 -19.51 -6.29
C SER I 96 -118.16 -20.52 -5.44
N VAL I 97 -117.46 -21.47 -4.82
CA VAL I 97 -118.12 -22.51 -4.02
C VAL I 97 -118.57 -21.97 -2.67
N LEU I 98 -117.90 -20.95 -2.15
CA LEU I 98 -118.36 -20.23 -0.95
C LEU I 98 -119.54 -19.30 -1.26
N GLY I 99 -119.85 -19.04 -2.53
CA GLY I 99 -120.94 -18.13 -2.91
C GLY I 99 -120.66 -16.66 -2.55
N LEU I 100 -119.37 -16.29 -2.50
CA LEU I 100 -118.89 -14.94 -2.15
C LEU I 100 -119.04 -13.94 -3.33
N ASP I 101 -118.40 -12.77 -3.24
CA ASP I 101 -118.50 -11.68 -4.21
C ASP I 101 -117.10 -11.10 -4.55
N PRO I 102 -116.97 -10.31 -5.62
CA PRO I 102 -115.69 -9.75 -6.05
C PRO I 102 -114.98 -8.90 -4.99
N ASP I 103 -115.67 -8.32 -4.02
CA ASP I 103 -115.00 -7.57 -2.95
C ASP I 103 -114.32 -8.54 -1.98
N ALA I 104 -114.95 -9.69 -1.69
CA ALA I 104 -114.27 -10.76 -0.98
C ALA I 104 -113.06 -11.27 -1.79
N ILE I 105 -113.17 -11.34 -3.12
CA ILE I 105 -112.01 -11.66 -3.96
C ILE I 105 -110.95 -10.57 -3.86
N GLN I 106 -111.31 -9.29 -3.81
CA GLN I 106 -110.34 -8.21 -3.61
C GLN I 106 -109.66 -8.33 -2.24
N ALA I 107 -110.38 -8.74 -1.20
CA ALA I 107 -109.75 -9.07 0.09
C ALA I 107 -108.78 -10.24 -0.06
N ALA I 108 -109.13 -11.28 -0.82
CA ALA I 108 -108.19 -12.36 -1.13
C ALA I 108 -106.97 -11.83 -1.91
N ALA I 109 -107.14 -10.88 -2.82
CA ALA I 109 -106.03 -10.27 -3.54
C ALA I 109 -105.11 -9.51 -2.57
N ALA I 110 -105.67 -8.74 -1.63
CA ALA I 110 -104.88 -8.10 -0.58
C ALA I 110 -104.12 -9.11 0.28
N LEU I 111 -104.76 -10.22 0.68
CA LEU I 111 -104.07 -11.30 1.38
C LEU I 111 -102.98 -11.96 0.51
N GLY I 112 -103.19 -12.00 -0.81
CA GLY I 112 -102.20 -12.43 -1.79
C GLY I 112 -100.98 -11.49 -1.84
N GLU I 113 -101.19 -10.18 -1.84
CA GLU I 113 -100.10 -9.20 -1.71
C GLU I 113 -99.37 -9.33 -0.37
N ALA I 114 -100.08 -9.69 0.70
CA ALA I 114 -99.49 -10.00 2.00
C ALA I 114 -98.74 -11.36 2.03
N GLY I 115 -98.78 -12.15 0.95
CA GLY I 115 -98.07 -13.42 0.83
C GLY I 115 -98.72 -14.62 1.52
N ILE I 116 -99.99 -14.49 1.92
CA ILE I 116 -100.75 -15.55 2.60
C ILE I 116 -101.08 -16.70 1.61
N SER I 117 -100.98 -17.97 2.03
CA SER I 117 -101.28 -19.11 1.14
C SER I 117 -102.78 -19.22 0.84
N ALA I 118 -103.14 -19.85 -0.29
CA ALA I 118 -104.55 -20.06 -0.61
C ALA I 118 -105.26 -20.88 0.48
N GLU I 119 -104.59 -21.84 1.12
CA GLU I 119 -105.19 -22.59 2.22
C GLU I 119 -105.54 -21.67 3.40
N GLU I 120 -104.63 -20.78 3.78
CA GLU I 120 -104.90 -19.82 4.84
C GLU I 120 -106.03 -18.87 4.43
N ILE I 121 -106.05 -18.40 3.18
CA ILE I 121 -107.14 -17.54 2.72
C ILE I 121 -108.46 -18.31 2.80
N ILE I 122 -108.50 -19.52 2.27
CA ILE I 122 -109.69 -20.37 2.29
C ILE I 122 -110.13 -20.57 3.73
N GLU I 123 -109.20 -20.87 4.62
CA GLU I 123 -109.50 -21.04 6.04
C GLU I 123 -110.09 -19.76 6.62
N LEU I 124 -109.48 -18.61 6.33
CA LEU I 124 -109.98 -17.33 6.83
C LEU I 124 -111.41 -17.08 6.32
N LEU I 125 -111.64 -17.31 5.04
CA LEU I 125 -112.97 -17.12 4.46
C LEU I 125 -113.96 -18.10 5.08
N THR I 126 -113.53 -19.35 5.28
CA THR I 126 -114.34 -20.36 5.93
C THR I 126 -114.68 -19.93 7.34
N ALA I 127 -113.72 -19.43 8.10
CA ALA I 127 -113.93 -18.97 9.46
C ALA I 127 -114.90 -17.79 9.49
N ALA I 128 -114.74 -16.81 8.59
CA ALA I 128 -115.65 -15.67 8.53
C ALA I 128 -117.09 -16.13 8.24
N ARG I 129 -117.24 -17.07 7.30
CA ARG I 129 -118.50 -17.73 6.98
C ARG I 129 -119.07 -18.45 8.20
N ASP I 130 -118.27 -19.24 8.89
CA ASP I 130 -118.69 -19.98 10.08
C ASP I 130 -119.08 -19.05 11.25
N LEU I 131 -118.40 -17.92 11.41
CA LEU I 131 -118.74 -16.88 12.38
C LEU I 131 -119.94 -16.02 11.95
N GLY I 132 -120.39 -16.13 10.70
CA GLY I 132 -121.50 -15.34 10.18
C GLY I 132 -121.17 -13.86 10.03
N LEU I 133 -119.90 -13.53 9.76
CA LEU I 133 -119.44 -12.15 9.59
C LEU I 133 -119.91 -11.52 8.27
N ASP I 134 -119.93 -10.19 8.23
CA ASP I 134 -120.10 -9.41 6.98
C ASP I 134 -118.76 -9.25 6.21
N PRO I 135 -118.80 -8.88 4.92
CA PRO I 135 -117.61 -8.67 4.11
C PRO I 135 -116.65 -7.58 4.61
N ASP I 136 -117.14 -6.55 5.31
CA ASP I 136 -116.25 -5.50 5.82
C ASP I 136 -115.38 -6.02 6.96
N ALA I 137 -115.88 -6.96 7.76
CA ALA I 137 -115.03 -7.68 8.70
C ALA I 137 -113.92 -8.44 7.95
N ILE I 138 -114.20 -9.02 6.79
CA ILE I 138 -113.18 -9.68 5.96
C ILE I 138 -112.18 -8.65 5.42
N GLN I 139 -112.64 -7.47 5.00
CA GLN I 139 -111.75 -6.39 4.59
C GLN I 139 -110.82 -5.95 5.74
N ALA I 140 -111.35 -5.83 6.96
CA ALA I 140 -110.53 -5.54 8.12
C ALA I 140 -109.57 -6.70 8.43
N ALA I 141 -110.00 -7.95 8.24
CA ALA I 141 -109.11 -9.10 8.37
C ALA I 141 -107.96 -9.02 7.36
N ALA I 142 -108.20 -8.55 6.14
CA ALA I 142 -107.12 -8.32 5.19
C ALA I 142 -106.14 -7.26 5.71
N GLN I 143 -106.60 -6.22 6.40
CA GLN I 143 -105.70 -5.29 7.09
C GLN I 143 -104.88 -5.98 8.19
N LEU I 144 -105.47 -6.89 8.97
CA LEU I 144 -104.69 -7.71 9.92
C LEU I 144 -103.66 -8.60 9.20
N GLY I 145 -103.99 -9.08 8.00
CA GLY I 145 -103.06 -9.77 7.12
C GLY I 145 -101.90 -8.87 6.68
N GLU I 146 -102.19 -7.63 6.28
CA GLU I 146 -101.16 -6.63 5.98
C GLU I 146 -100.30 -6.30 7.21
N ALA I 147 -100.86 -6.39 8.42
CA ALA I 147 -100.10 -6.26 9.67
C ALA I 147 -99.23 -7.49 10.00
N GLY I 148 -99.27 -8.57 9.21
CA GLY I 148 -98.41 -9.75 9.37
C GLY I 148 -98.79 -10.69 10.52
N ILE I 149 -100.00 -10.54 11.07
CA ILE I 149 -100.53 -11.42 12.13
C ILE I 149 -100.73 -12.84 11.57
N SER I 150 -100.47 -13.90 12.35
CA SER I 150 -100.65 -15.27 11.85
C SER I 150 -102.14 -15.63 11.66
N SER I 151 -102.43 -16.57 10.76
CA SER I 151 -103.82 -16.93 10.41
C SER I 151 -104.63 -17.37 11.64
N GLU I 152 -104.06 -18.21 12.50
CA GLU I 152 -104.74 -18.65 13.73
C GLU I 152 -104.96 -17.48 14.70
N GLU I 153 -104.00 -16.56 14.83
CA GLU I 153 -104.19 -15.36 15.63
C GLU I 153 -105.33 -14.51 15.08
N ILE I 154 -105.40 -14.30 13.77
CA ILE I 154 -106.52 -13.58 13.17
C ILE I 154 -107.83 -14.31 13.49
N LYS I 155 -107.86 -15.64 13.33
CA LYS I 155 -109.06 -16.43 13.60
C LYS I 155 -109.51 -16.25 15.06
N GLU I 156 -108.58 -16.33 15.99
CA GLU I 156 -108.87 -16.08 17.39
C GLU I 156 -109.32 -14.63 17.63
N LEU I 157 -108.70 -13.65 16.98
CA LEU I 157 -109.11 -12.25 17.11
C LEU I 157 -110.54 -12.07 16.61
N LEU I 158 -110.87 -12.61 15.45
CA LEU I 158 -112.23 -12.58 14.94
C LEU I 158 -113.18 -13.29 15.90
N ARG I 159 -112.79 -14.45 16.43
CA ARG I 159 -113.60 -15.16 17.42
C ARG I 159 -113.87 -14.29 18.64
N ALA I 160 -112.84 -13.67 19.19
CA ALA I 160 -112.98 -12.76 20.31
C ALA I 160 -113.87 -11.57 19.97
N ALA I 161 -113.69 -10.96 18.79
CA ALA I 161 -114.48 -9.83 18.36
C ALA I 161 -115.97 -10.18 18.28
N HIS I 162 -116.28 -11.36 17.74
CA HIS I 162 -117.65 -11.88 17.67
C HIS I 162 -118.22 -12.19 19.05
N GLU I 163 -117.43 -12.83 19.93
CA GLU I 163 -117.83 -13.10 21.32
C GLU I 163 -118.08 -11.82 22.13
N LEU I 164 -117.40 -10.72 21.78
CA LEU I 164 -117.59 -9.40 22.37
C LEU I 164 -118.65 -8.55 21.66
N GLY I 165 -119.27 -9.03 20.57
CA GLY I 165 -120.28 -8.26 19.84
C GLY I 165 -119.75 -6.98 19.19
N LEU I 166 -118.48 -6.98 18.78
CA LEU I 166 -117.83 -5.87 18.10
C LEU I 166 -118.39 -5.66 16.67
N ASP I 167 -117.83 -4.67 15.97
CA ASP I 167 -118.13 -4.37 14.57
C ASP I 167 -116.82 -4.05 13.80
N PRO I 168 -116.85 -4.01 12.45
CA PRO I 168 -115.65 -3.84 11.63
C PRO I 168 -114.77 -2.62 11.97
N ASP I 169 -115.30 -1.51 12.48
CA ASP I 169 -114.45 -0.39 12.89
C ASP I 169 -113.63 -0.76 14.13
N CYS I 170 -114.17 -1.63 15.00
CA CYS I 170 -113.42 -2.16 16.12
C CYS I 170 -112.28 -3.03 15.60
N ILE I 171 -112.55 -3.87 14.59
CA ILE I 171 -111.52 -4.69 13.96
C ILE I 171 -110.48 -3.79 13.27
N ALA I 172 -110.87 -2.67 12.67
CA ALA I 172 -109.93 -1.70 12.13
C ALA I 172 -109.04 -1.12 13.23
N ALA I 173 -109.62 -0.74 14.37
CA ALA I 173 -108.83 -0.32 15.53
C ALA I 173 -107.91 -1.45 16.03
N ALA I 174 -108.35 -2.70 15.99
CA ALA I 174 -107.50 -3.84 16.29
C ALA I 174 -106.34 -3.95 15.28
N ALA I 175 -106.59 -3.71 14.00
CA ALA I 175 -105.55 -3.66 12.99
C ALA I 175 -104.60 -2.47 13.18
N ASP I 176 -105.07 -1.35 13.75
CA ASP I 176 -104.20 -0.25 14.14
C ASP I 176 -103.27 -0.65 15.29
N LEU I 177 -103.78 -1.37 16.30
CA LEU I 177 -102.93 -1.96 17.35
C LEU I 177 -101.96 -3.01 16.78
N GLY I 178 -102.38 -3.76 15.76
CA GLY I 178 -101.51 -4.69 15.03
C GLY I 178 -100.37 -3.96 14.31
N GLN I 179 -100.66 -2.85 13.65
CA GLN I 179 -99.64 -1.99 13.02
C GLN I 179 -98.72 -1.32 14.06
N ALA I 180 -99.22 -1.03 15.26
CA ALA I 180 -98.41 -0.61 16.40
C ALA I 180 -97.55 -1.76 17.00
N GLY I 181 -97.69 -3.00 16.52
CA GLY I 181 -96.88 -4.15 16.94
C GLY I 181 -97.33 -4.84 18.22
N ILE I 182 -98.53 -4.52 18.72
CA ILE I 182 -99.10 -5.12 19.93
C ILE I 182 -99.37 -6.62 19.70
N SER I 183 -99.00 -7.49 20.64
CA SER I 183 -99.23 -8.94 20.48
C SER I 183 -100.72 -9.28 20.48
N SER I 184 -101.11 -10.39 19.84
CA SER I 184 -102.53 -10.78 19.73
C SER I 184 -103.22 -10.91 21.10
N SER I 185 -102.54 -11.50 22.08
CA SER I 185 -103.03 -11.58 23.44
C SER I 185 -103.21 -10.19 24.06
N GLU I 186 -102.27 -9.27 23.87
CA GLU I 186 -102.40 -7.90 24.35
C GLU I 186 -103.52 -7.14 23.65
N ILE I 187 -103.68 -7.30 22.33
CA ILE I 187 -104.85 -6.75 21.63
C ILE I 187 -106.11 -7.32 22.26
N THR I 188 -106.17 -8.63 22.48
CA THR I 188 -107.33 -9.29 23.07
C THR I 188 -107.64 -8.71 24.44
N ALA I 189 -106.62 -8.51 25.26
CA ALA I 189 -106.79 -7.82 26.55
C ALA I 189 -107.34 -6.42 26.35
N LEU I 190 -106.77 -5.62 25.45
CA LEU I 190 -107.25 -4.26 25.20
C LEU I 190 -108.70 -4.25 24.71
N LEU I 191 -109.09 -5.23 23.89
CA LEU I 191 -110.48 -5.39 23.49
C LEU I 191 -111.34 -5.69 24.71
N LEU I 192 -110.97 -6.67 25.51
CA LEU I 192 -111.72 -7.04 26.71
C LEU I 192 -111.88 -5.85 27.64
N ALA I 193 -110.80 -5.09 27.85
CA ALA I 193 -110.80 -3.90 28.68
C ALA I 193 -111.74 -2.84 28.10
N ALA I 194 -111.57 -2.48 26.83
CA ALA I 194 -112.40 -1.47 26.21
C ALA I 194 -113.88 -1.86 26.25
N ALA I 195 -114.17 -3.13 26.00
CA ALA I 195 -115.52 -3.66 26.08
C ALA I 195 -116.06 -3.53 27.51
N ALA I 196 -115.33 -4.04 28.51
CA ALA I 196 -115.73 -3.90 29.91
C ALA I 196 -115.95 -2.43 30.29
N ILE I 197 -115.10 -1.53 29.77
CA ILE I 197 -115.18 -0.11 30.08
C ILE I 197 -116.43 0.50 29.48
N GLU I 198 -116.75 0.30 28.20
CA GLU I 198 -118.01 0.88 27.72
C GLU I 198 -119.23 0.17 28.29
N LEU I 199 -119.14 -1.12 28.61
CA LEU I 199 -120.19 -1.78 29.40
C LEU I 199 -120.34 -1.11 30.77
N ALA I 200 -119.25 -0.64 31.38
CA ALA I 200 -119.31 0.14 32.61
C ALA I 200 -119.80 1.57 32.36
N LYS I 201 -119.52 2.18 31.21
CA LYS I 201 -120.21 3.42 30.78
C LYS I 201 -121.72 3.18 30.72
N ARG I 202 -122.09 1.97 30.30
CA ARG I 202 -123.46 1.44 30.23
C ARG I 202 -123.90 0.72 31.52
N ALA I 203 -123.16 0.87 32.61
CA ALA I 203 -123.48 0.35 33.94
C ALA I 203 -122.93 1.30 35.02
N ASP I 204 -123.74 2.28 35.41
CA ASP I 204 -123.42 3.29 36.43
C ASP I 204 -123.21 2.71 37.85
N ASP I 205 -123.49 1.42 38.05
CA ASP I 205 -123.43 0.74 39.34
C ASP I 205 -122.02 0.74 39.94
N LYS I 206 -121.92 1.30 41.16
CA LYS I 206 -120.71 1.25 41.98
C LYS I 206 -120.18 -0.17 42.16
N ASP I 207 -121.03 -1.19 42.34
CA ASP I 207 -120.55 -2.57 42.52
C ASP I 207 -119.86 -3.11 41.27
N VAL I 208 -120.50 -2.93 40.10
CA VAL I 208 -119.89 -3.25 38.81
C VAL I 208 -118.59 -2.47 38.65
N ARG I 209 -118.61 -1.18 38.99
CA ARG I 209 -117.45 -0.31 38.84
C ARG I 209 -116.32 -0.67 39.79
N GLU I 210 -116.60 -1.14 41.00
CA GLU I 210 -115.59 -1.70 41.89
C GLU I 210 -114.97 -2.96 41.28
N ILE I 211 -115.79 -3.87 40.76
CA ILE I 211 -115.29 -5.07 40.09
C ILE I 211 -114.38 -4.66 38.91
N VAL I 212 -114.88 -3.78 38.05
CA VAL I 212 -114.15 -3.33 36.87
C VAL I 212 -112.85 -2.64 37.28
N ARG I 213 -112.88 -1.75 38.27
CA ARG I 213 -111.69 -1.14 38.84
C ARG I 213 -110.70 -2.21 39.27
N ASP I 214 -111.15 -3.16 40.08
CA ASP I 214 -110.27 -4.19 40.61
C ASP I 214 -109.67 -5.05 39.50
N ALA I 215 -110.46 -5.41 38.49
CA ALA I 215 -109.97 -6.15 37.35
C ALA I 215 -108.95 -5.33 36.55
N LEU I 216 -109.24 -4.06 36.27
CA LEU I 216 -108.32 -3.18 35.54
C LEU I 216 -107.04 -2.94 36.34
N GLU I 217 -107.14 -2.78 37.66
CA GLU I 217 -105.96 -2.70 38.53
C GLU I 217 -105.13 -3.97 38.42
N LEU I 218 -105.75 -5.14 38.61
CA LEU I 218 -105.05 -6.42 38.52
C LEU I 218 -104.39 -6.59 37.14
N ALA I 219 -105.11 -6.24 36.07
CA ALA I 219 -104.59 -6.30 34.71
C ALA I 219 -103.43 -5.30 34.49
N SER I 220 -103.48 -4.13 35.12
CA SER I 220 -102.41 -3.14 35.05
C SER I 220 -101.16 -3.58 35.83
N ARG I 221 -101.34 -4.20 37.01
CA ARG I 221 -100.24 -4.63 37.90
C ARG I 221 -99.56 -5.92 37.46
N SER I 222 -100.33 -6.91 36.99
CA SER I 222 -99.82 -8.22 36.58
C SER I 222 -99.14 -8.20 35.20
N THR I 223 -98.42 -9.28 34.86
CA THR I 223 -97.64 -9.42 33.61
C THR I 223 -97.79 -10.81 32.95
N ASN I 224 -98.87 -11.53 33.23
CA ASN I 224 -99.18 -12.84 32.63
C ASN I 224 -100.46 -12.78 31.79
N ASP I 225 -100.38 -13.16 30.51
CA ASP I 225 -101.49 -12.99 29.56
C ASP I 225 -102.72 -13.81 29.93
N GLU I 226 -102.59 -14.98 30.56
CA GLU I 226 -103.73 -15.77 31.01
C GLU I 226 -104.45 -15.08 32.17
N VAL I 227 -103.70 -14.64 33.20
CA VAL I 227 -104.27 -13.87 34.32
C VAL I 227 -104.98 -12.63 33.80
N ILE I 228 -104.35 -11.87 32.90
CA ILE I 228 -104.92 -10.64 32.34
C ILE I 228 -106.21 -10.97 31.58
N ARG I 229 -106.19 -11.92 30.65
CA ARG I 229 -107.38 -12.29 29.87
C ARG I 229 -108.48 -12.80 30.78
N LEU I 230 -108.18 -13.68 31.73
CA LEU I 230 -109.15 -14.16 32.71
C LEU I 230 -109.79 -12.99 33.45
N ALA I 231 -109.00 -12.07 33.98
CA ALA I 231 -109.52 -10.96 34.77
C ALA I 231 -110.43 -10.05 33.93
N LEU I 232 -110.01 -9.67 32.72
CA LEU I 232 -110.79 -8.78 31.88
C LEU I 232 -112.01 -9.49 31.30
N GLU I 233 -111.92 -10.78 31.01
CA GLU I 233 -113.09 -11.59 30.68
C GLU I 233 -114.05 -11.64 31.88
N ALA I 234 -113.55 -11.84 33.10
CA ALA I 234 -114.40 -11.83 34.28
C ALA I 234 -115.12 -10.48 34.43
N ALA I 235 -114.46 -9.37 34.10
CA ALA I 235 -115.09 -8.06 34.12
C ALA I 235 -116.24 -7.96 33.09
N VAL I 236 -116.01 -8.45 31.86
CA VAL I 236 -117.07 -8.54 30.85
C VAL I 236 -118.20 -9.46 31.33
N LEU I 237 -117.87 -10.63 31.88
CA LEU I 237 -118.85 -11.60 32.37
C LEU I 237 -119.69 -11.01 33.50
N ALA I 238 -119.07 -10.29 34.44
CA ALA I 238 -119.79 -9.61 35.51
C ALA I 238 -120.78 -8.59 34.92
N ALA I 239 -120.34 -7.76 33.97
CA ALA I 239 -121.23 -6.82 33.29
C ALA I 239 -122.35 -7.50 32.48
N ARG I 240 -122.12 -8.74 32.01
CA ARG I 240 -123.13 -9.61 31.37
C ARG I 240 -124.00 -10.40 32.36
N SER I 241 -123.71 -10.36 33.67
CA SER I 241 -124.42 -11.16 34.69
C SER I 241 -124.39 -10.48 36.07
N THR I 242 -124.89 -9.24 36.12
CA THR I 242 -124.93 -8.38 37.32
C THR I 242 -125.97 -8.84 38.34
N ASP I 243 -125.79 -10.03 38.90
CA ASP I 243 -126.67 -10.62 39.92
C ASP I 243 -125.89 -10.96 41.19
N SER I 244 -126.55 -10.87 42.35
CA SER I 244 -125.90 -10.75 43.67
C SER I 244 -124.86 -11.83 43.95
N ASP I 245 -125.20 -13.12 43.78
CA ASP I 245 -124.23 -14.20 44.00
C ASP I 245 -123.04 -14.12 43.05
N VAL I 246 -123.26 -13.75 41.78
CA VAL I 246 -122.17 -13.60 40.82
C VAL I 246 -121.29 -12.41 41.21
N LEU I 247 -121.90 -11.29 41.58
CA LEU I 247 -121.19 -10.10 42.05
C LEU I 247 -120.37 -10.42 43.30
N GLU I 248 -120.95 -11.08 44.30
CA GLU I 248 -120.22 -11.51 45.50
C GLU I 248 -119.05 -12.44 45.16
N ILE I 249 -119.28 -13.49 44.35
CA ILE I 249 -118.23 -14.44 43.97
C ILE I 249 -117.08 -13.73 43.24
N VAL I 250 -117.41 -12.88 42.28
CA VAL I 250 -116.38 -12.12 41.56
C VAL I 250 -115.65 -11.18 42.50
N LYS I 251 -116.36 -10.44 43.37
CA LYS I 251 -115.71 -9.57 44.36
C LYS I 251 -114.82 -10.38 45.29
N ASP I 252 -115.30 -11.50 45.80
CA ASP I 252 -114.53 -12.37 46.68
C ASP I 252 -113.29 -12.90 45.98
N ALA I 253 -113.43 -13.34 44.73
CA ALA I 253 -112.30 -13.85 43.96
C ALA I 253 -111.27 -12.74 43.71
N LEU I 254 -111.71 -11.53 43.35
CA LEU I 254 -110.79 -10.40 43.14
C LEU I 254 -110.16 -9.94 44.45
N GLU I 255 -110.90 -9.92 45.55
CA GLU I 255 -110.39 -9.60 46.88
C GLU I 255 -109.34 -10.63 47.32
N LEU I 256 -109.59 -11.92 47.10
CA LEU I 256 -108.62 -12.97 47.35
C LEU I 256 -107.40 -12.81 46.45
N ALA I 257 -107.60 -12.60 45.15
CA ALA I 257 -106.52 -12.49 44.17
C ALA I 257 -105.60 -11.30 44.48
N LYS I 258 -106.16 -10.12 44.79
CA LYS I 258 -105.36 -8.92 45.10
C LYS I 258 -104.48 -9.12 46.33
N GLN I 259 -104.94 -9.91 47.31
CA GLN I 259 -104.18 -10.28 48.51
C GLN I 259 -103.22 -11.46 48.32
N SER I 260 -103.42 -12.30 47.29
CA SER I 260 -102.65 -13.53 47.07
C SER I 260 -101.23 -13.25 46.54
N THR I 261 -100.22 -13.89 47.15
CA THR I 261 -98.81 -13.82 46.72
C THR I 261 -98.42 -14.88 45.68
N ASN I 262 -99.30 -15.85 45.38
CA ASN I 262 -99.04 -16.97 44.47
C ASN I 262 -99.92 -16.88 43.20
N GLU I 263 -99.30 -16.88 42.01
CA GLU I 263 -100.01 -16.80 40.74
C GLU I 263 -100.88 -18.02 40.44
N GLU I 264 -100.57 -19.21 40.98
CA GLU I 264 -101.45 -20.38 40.83
C GLU I 264 -102.77 -20.18 41.57
N VAL I 265 -102.73 -19.62 42.79
CA VAL I 265 -103.94 -19.28 43.55
C VAL I 265 -104.75 -18.21 42.81
N ILE I 266 -104.10 -17.19 42.23
CA ILE I 266 -104.77 -16.18 41.41
C ILE I 266 -105.46 -16.84 40.21
N LYS I 267 -104.75 -17.65 39.42
CA LYS I 267 -105.31 -18.33 38.25
C LYS I 267 -106.47 -19.25 38.64
N LEU I 268 -106.33 -20.05 39.69
CA LEU I 268 -107.40 -20.91 40.18
C LEU I 268 -108.62 -20.10 40.62
N ALA I 269 -108.44 -19.05 41.44
CA ALA I 269 -109.54 -18.23 41.91
C ALA I 269 -110.26 -17.53 40.76
N LEU I 270 -109.51 -16.94 39.82
CA LEU I 270 -110.08 -16.35 38.61
C LEU I 270 -110.82 -17.41 37.79
N LYS I 271 -110.24 -18.59 37.58
CA LYS I 271 -110.91 -19.67 36.85
C LYS I 271 -112.21 -20.08 37.54
N ALA I 272 -112.19 -20.28 38.85
CA ALA I 272 -113.38 -20.63 39.62
C ALA I 272 -114.48 -19.56 39.45
N ALA I 273 -114.14 -18.28 39.58
CA ALA I 273 -115.08 -17.18 39.39
C ALA I 273 -115.59 -17.08 37.94
N VAL I 274 -114.72 -17.28 36.95
CA VAL I 274 -115.10 -17.29 35.53
C VAL I 274 -116.08 -18.43 35.25
N LEU I 275 -115.78 -19.65 35.72
CA LEU I 275 -116.69 -20.78 35.60
C LEU I 275 -118.02 -20.52 36.32
N ALA I 276 -117.99 -19.96 37.52
CA ALA I 276 -119.20 -19.56 38.23
C ALA I 276 -120.03 -18.55 37.42
N ALA I 277 -119.40 -17.49 36.90
CA ALA I 277 -120.10 -16.48 36.09
C ALA I 277 -120.63 -17.04 34.75
N LYS I 278 -119.98 -18.06 34.16
CA LYS I 278 -120.50 -18.81 33.00
C LYS I 278 -121.63 -19.79 33.37
N SER I 279 -121.65 -20.30 34.59
CA SER I 279 -122.63 -21.30 35.07
C SER I 279 -124.03 -20.70 35.35
N THR I 280 -125.06 -21.56 35.36
CA THR I 280 -126.43 -21.18 35.75
C THR I 280 -126.82 -21.70 37.14
N ASP I 281 -126.21 -22.79 37.62
CA ASP I 281 -126.64 -23.50 38.82
C ASP I 281 -126.22 -22.79 40.13
N GLU I 282 -127.19 -22.31 40.90
CA GLU I 282 -126.96 -21.66 42.20
C GLU I 282 -126.25 -22.56 43.21
N GLU I 283 -126.33 -23.89 43.10
CA GLU I 283 -125.56 -24.78 43.97
C GLU I 283 -124.07 -24.83 43.56
N VAL I 284 -123.74 -24.65 42.28
CA VAL I 284 -122.36 -24.48 41.84
C VAL I 284 -121.84 -23.11 42.28
N LEU I 285 -122.66 -22.06 42.16
CA LEU I 285 -122.34 -20.76 42.73
C LEU I 285 -122.05 -20.87 44.23
N GLU I 286 -122.94 -21.50 45.00
CA GLU I 286 -122.75 -21.68 46.44
C GLU I 286 -121.53 -22.54 46.77
N GLU I 287 -121.28 -23.65 46.08
CA GLU I 287 -120.06 -24.43 46.36
C GLU I 287 -118.80 -23.62 46.05
N VAL I 288 -118.77 -22.88 44.95
CA VAL I 288 -117.65 -21.99 44.66
C VAL I 288 -117.54 -20.92 45.75
N LYS I 289 -118.65 -20.33 46.21
CA LYS I 289 -118.64 -19.29 47.25
C LYS I 289 -118.18 -19.83 48.61
N GLU I 290 -118.59 -21.05 48.94
CA GLU I 290 -118.10 -21.73 50.14
C GLU I 290 -116.65 -22.17 50.01
N ALA I 291 -116.20 -22.63 48.85
CA ALA I 291 -114.78 -22.87 48.59
C ALA I 291 -113.96 -21.58 48.71
N LEU I 292 -114.45 -20.45 48.21
CA LEU I 292 -113.83 -19.14 48.42
C LEU I 292 -113.83 -18.76 49.91
N ARG I 293 -114.91 -19.01 50.66
CA ARG I 293 -114.89 -18.80 52.11
C ARG I 293 -113.79 -19.64 52.76
N ARG I 294 -113.69 -20.93 52.44
CA ARG I 294 -112.59 -21.78 52.90
C ARG I 294 -111.25 -21.17 52.52
N ALA I 295 -111.11 -20.68 51.29
CA ALA I 295 -109.88 -20.03 50.83
C ALA I 295 -109.55 -18.72 51.59
N LYS I 296 -110.55 -17.97 52.07
CA LYS I 296 -110.33 -16.81 52.96
C LYS I 296 -109.97 -17.24 54.39
N GLU I 297 -110.68 -18.22 54.95
CA GLU I 297 -110.58 -18.59 56.36
C GLU I 297 -109.40 -19.53 56.67
N SER I 298 -108.93 -20.30 55.68
CA SER I 298 -107.66 -21.07 55.77
C SER I 298 -106.43 -20.17 55.55
N THR I 299 -105.27 -20.62 56.03
CA THR I 299 -103.99 -19.87 55.91
C THR I 299 -102.98 -20.53 54.95
N ASP I 300 -102.94 -21.87 54.90
CA ASP I 300 -101.96 -22.62 54.09
C ASP I 300 -102.29 -22.62 52.59
N GLU I 301 -101.34 -22.21 51.74
CA GLU I 301 -101.49 -22.29 50.28
C GLU I 301 -101.81 -23.71 49.79
N GLU I 302 -101.31 -24.74 50.47
CA GLU I 302 -101.57 -26.14 50.12
C GLU I 302 -103.01 -26.58 50.45
N GLU I 303 -103.73 -25.87 51.33
CA GLU I 303 -105.18 -26.06 51.52
C GLU I 303 -105.99 -25.19 50.56
N ILE I 304 -105.58 -23.93 50.36
CA ILE I 304 -106.24 -22.97 49.46
C ILE I 304 -106.29 -23.52 48.02
N LYS I 305 -105.15 -23.99 47.48
CA LYS I 305 -105.08 -24.56 46.13
C LYS I 305 -105.98 -25.79 45.99
N GLU I 306 -106.04 -26.66 46.99
CA GLU I 306 -106.87 -27.88 46.93
C GLU I 306 -108.38 -27.57 46.99
N GLU I 307 -108.84 -26.65 47.83
CA GLU I 307 -110.25 -26.24 47.83
C GLU I 307 -110.66 -25.60 46.50
N LEU I 308 -109.84 -24.68 45.98
CA LEU I 308 -110.10 -24.09 44.66
C LEU I 308 -110.02 -25.14 43.54
N ARG I 309 -109.08 -26.11 43.59
CA ARG I 309 -108.99 -27.20 42.62
C ARG I 309 -110.25 -28.06 42.64
N LYS I 310 -110.72 -28.50 43.80
CA LYS I 310 -111.96 -29.29 43.91
C LYS I 310 -113.16 -28.53 43.36
N ALA I 311 -113.29 -27.24 43.68
CA ALA I 311 -114.35 -26.40 43.15
C ALA I 311 -114.28 -26.25 41.61
N VAL I 312 -113.08 -26.02 41.05
CA VAL I 312 -112.88 -25.97 39.60
C VAL I 312 -113.20 -27.32 38.95
N GLU I 313 -112.74 -28.44 39.52
CA GLU I 313 -113.04 -29.78 39.01
C GLU I 313 -114.53 -30.16 39.11
N GLU I 314 -115.29 -29.54 40.03
CA GLU I 314 -116.75 -29.67 40.08
C GLU I 314 -117.46 -28.77 39.03
N ALA I 315 -116.94 -27.57 38.78
CA ALA I 315 -117.59 -26.55 37.93
C ALA I 315 -117.24 -26.61 36.42
N GLU I 316 -116.10 -27.17 36.02
CA GLU I 316 -115.59 -27.20 34.64
C GLU I 316 -116.41 -28.07 33.66
N CYS J 3 99.32 -57.23 24.32
CA CYS J 3 97.98 -57.88 24.27
C CYS J 3 97.40 -57.93 22.83
N ASP J 4 98.09 -58.55 21.86
CA ASP J 4 97.70 -58.52 20.44
C ASP J 4 96.32 -59.17 20.18
N ALA J 5 96.02 -60.28 20.83
CA ALA J 5 94.76 -61.00 20.64
C ALA J 5 93.55 -60.12 21.04
N ILE J 6 93.64 -59.40 22.16
CA ILE J 6 92.57 -58.48 22.57
C ILE J 6 92.58 -57.22 21.70
N GLN J 7 93.73 -56.76 21.20
CA GLN J 7 93.78 -55.65 20.25
C GLN J 7 93.00 -55.99 18.96
N ALA J 8 93.13 -57.22 18.46
CA ALA J 8 92.29 -57.69 17.36
C ALA J 8 90.81 -57.74 17.77
N ALA J 9 90.49 -58.28 18.95
CA ALA J 9 89.10 -58.29 19.44
C ALA J 9 88.52 -56.88 19.53
N ALA J 10 89.28 -55.89 20.00
CA ALA J 10 88.87 -54.50 20.05
C ALA J 10 88.68 -53.91 18.64
N ALA J 11 89.52 -54.28 17.67
CA ALA J 11 89.31 -53.88 16.28
C ALA J 11 87.99 -54.46 15.72
N LEU J 12 87.65 -55.72 16.04
CA LEU J 12 86.34 -56.30 15.71
C LEU J 12 85.20 -55.59 16.44
N GLY J 13 85.42 -55.13 17.68
CA GLY J 13 84.48 -54.29 18.40
C GLY J 13 84.25 -52.93 17.73
N GLU J 14 85.30 -52.28 17.24
CA GLU J 14 85.20 -51.04 16.44
C GLU J 14 84.49 -51.28 15.11
N ALA J 15 84.68 -52.45 14.48
CA ALA J 15 83.89 -52.89 13.33
C ALA J 15 82.43 -53.27 13.68
N GLY J 16 82.06 -53.25 14.96
CA GLY J 16 80.69 -53.51 15.42
C GLY J 16 80.29 -54.99 15.39
N ILE J 17 81.25 -55.91 15.34
CA ILE J 17 80.97 -57.35 15.25
C ILE J 17 80.32 -57.87 16.53
N SER J 18 79.25 -58.64 16.43
CA SER J 18 78.57 -59.28 17.57
C SER J 18 79.50 -60.24 18.31
N SER J 19 79.42 -60.29 19.65
CA SER J 19 80.35 -61.08 20.47
C SER J 19 80.36 -62.57 20.10
N ASN J 20 79.21 -63.17 19.78
CA ASN J 20 79.16 -64.54 19.29
C ASN J 20 79.95 -64.72 17.98
N GLU J 21 79.87 -63.74 17.08
CA GLU J 21 80.64 -63.76 15.83
C GLU J 21 82.11 -63.43 16.04
N ILE J 22 82.47 -62.60 17.03
CA ILE J 22 83.87 -62.45 17.44
C ILE J 22 84.38 -63.82 17.90
N LEU J 23 83.65 -64.50 18.78
CA LEU J 23 84.02 -65.82 19.25
C LEU J 23 84.10 -66.83 18.10
N GLU J 24 83.24 -66.73 17.09
CA GLU J 24 83.35 -67.57 15.90
C GLU J 24 84.63 -67.23 15.11
N LEU J 25 84.94 -65.95 14.89
CA LEU J 25 86.17 -65.55 14.20
C LEU J 25 87.42 -65.97 14.98
N LEU J 26 87.34 -65.95 16.31
CA LEU J 26 88.36 -66.51 17.16
C LEU J 26 88.41 -68.04 17.04
N ALA J 27 87.27 -68.73 16.92
CA ALA J 27 87.26 -70.17 16.67
C ALA J 27 87.93 -70.49 15.32
N ALA J 28 87.67 -69.68 14.29
CA ALA J 28 88.37 -69.77 13.03
C ALA J 28 89.87 -69.50 13.21
N ALA J 29 90.24 -68.51 14.03
CA ALA J 29 91.63 -68.26 14.36
C ALA J 29 92.28 -69.48 15.01
N ALA J 30 91.57 -70.21 15.86
CA ALA J 30 92.06 -71.47 16.41
C ALA J 30 92.17 -72.57 15.33
N GLU J 31 91.14 -72.76 14.50
CA GLU J 31 91.13 -73.80 13.47
C GLU J 31 92.24 -73.60 12.44
N LEU J 32 92.31 -72.39 11.86
CA LEU J 32 93.21 -72.06 10.76
C LEU J 32 94.56 -71.50 11.24
N GLY J 33 94.68 -71.18 12.53
CA GLY J 33 95.86 -70.50 13.07
C GLY J 33 95.98 -69.04 12.60
N LEU J 34 94.86 -68.32 12.46
CA LEU J 34 94.84 -66.97 11.86
C LEU J 34 95.75 -65.99 12.59
N ASP J 35 96.54 -65.23 11.83
CA ASP J 35 97.29 -64.08 12.35
C ASP J 35 96.36 -62.90 12.63
N PRO J 36 96.75 -61.98 13.54
CA PRO J 36 96.02 -60.72 13.76
C PRO J 36 95.77 -59.94 12.45
N ASP J 37 96.69 -60.00 11.49
CA ASP J 37 96.51 -59.39 10.18
C ASP J 37 95.36 -60.05 9.40
N ALA J 38 95.25 -61.38 9.43
CA ALA J 38 94.14 -62.10 8.80
C ALA J 38 92.81 -61.84 9.53
N ILE J 39 92.84 -61.73 10.86
CA ILE J 39 91.67 -61.33 11.64
C ILE J 39 91.29 -59.88 11.29
N GLN J 40 92.26 -58.98 11.04
CA GLN J 40 91.99 -57.61 10.60
C GLN J 40 91.47 -57.56 9.15
N ALA J 41 91.85 -58.50 8.30
CA ALA J 41 91.19 -58.69 7.01
C ALA J 41 89.71 -59.10 7.22
N ALA J 42 89.43 -60.05 8.13
CA ALA J 42 88.06 -60.39 8.50
C ALA J 42 87.30 -59.18 9.06
N ALA J 43 87.93 -58.34 9.87
CA ALA J 43 87.32 -57.11 10.38
C ALA J 43 86.91 -56.17 9.24
N GLN J 44 87.80 -55.92 8.28
CA GLN J 44 87.50 -55.08 7.12
C GLN J 44 86.46 -55.71 6.18
N LEU J 45 86.42 -57.04 6.04
CA LEU J 45 85.31 -57.73 5.36
C LEU J 45 83.99 -57.56 6.12
N GLY J 46 84.04 -57.48 7.45
CA GLY J 46 82.90 -57.13 8.29
C GLY J 46 82.46 -55.66 8.13
N GLU J 47 83.40 -54.72 7.96
CA GLU J 47 83.09 -53.34 7.56
C GLU J 47 82.49 -53.26 6.14
N ALA J 48 82.88 -54.16 5.24
CA ALA J 48 82.22 -54.38 3.95
C ALA J 48 80.87 -55.13 4.07
N GLY J 49 80.47 -55.55 5.28
CA GLY J 49 79.17 -56.17 5.58
C GLY J 49 79.08 -57.68 5.30
N ILE J 50 80.19 -58.35 4.98
CA ILE J 50 80.20 -59.78 4.64
C ILE J 50 79.96 -60.64 5.90
N SER J 51 79.20 -61.74 5.77
CA SER J 51 78.94 -62.70 6.84
C SER J 51 80.21 -63.42 7.31
N SER J 52 80.36 -63.55 8.63
CA SER J 52 81.50 -64.25 9.24
C SER J 52 81.60 -65.70 8.79
N GLU J 53 80.49 -66.38 8.49
CA GLU J 53 80.53 -67.75 8.01
C GLU J 53 81.25 -67.82 6.66
N GLU J 54 80.82 -67.01 5.71
CA GLU J 54 81.42 -66.98 4.39
C GLU J 54 82.86 -66.48 4.48
N ILE J 55 83.16 -65.50 5.34
CA ILE J 55 84.55 -65.10 5.59
C ILE J 55 85.34 -66.31 6.05
N LYS J 56 84.83 -67.10 7.00
CA LYS J 56 85.50 -68.28 7.54
C LYS J 56 85.76 -69.29 6.42
N GLU J 57 84.76 -69.60 5.61
CA GLU J 57 84.97 -70.49 4.49
C GLU J 57 85.99 -69.91 3.50
N LEU J 58 85.96 -68.60 3.23
CA LEU J 58 86.92 -67.98 2.31
C LEU J 58 88.34 -68.06 2.86
N LEU J 59 88.52 -67.77 4.14
CA LEU J 59 89.81 -67.94 4.78
C LEU J 59 90.22 -69.41 4.76
N ARG J 60 89.29 -70.35 4.97
CA ARG J 60 89.57 -71.78 4.86
C ARG J 60 90.01 -72.13 3.44
N ALA J 61 89.39 -71.57 2.42
CA ALA J 61 89.83 -71.75 1.06
C ALA J 61 91.22 -71.13 0.83
N ALA J 62 91.50 -69.92 1.31
CA ALA J 62 92.81 -69.30 1.20
C ALA J 62 93.90 -70.14 1.87
N HIS J 63 93.57 -70.76 3.01
CA HIS J 63 94.45 -71.69 3.72
C HIS J 63 94.66 -73.00 2.95
N GLU J 64 93.61 -73.58 2.35
CA GLU J 64 93.73 -74.75 1.48
C GLU J 64 94.54 -74.44 0.20
N LEU J 65 94.44 -73.23 -0.32
CA LEU J 65 95.22 -72.74 -1.45
C LEU J 65 96.70 -72.47 -1.09
N GLY J 66 96.98 -72.16 0.17
CA GLY J 66 98.32 -71.77 0.62
C GLY J 66 98.74 -70.39 0.09
N LEU J 67 97.81 -69.43 0.05
CA LEU J 67 98.05 -68.08 -0.50
C LEU J 67 99.08 -67.26 0.31
N ASP J 68 99.70 -66.28 -0.36
CA ASP J 68 100.59 -65.31 0.29
C ASP J 68 99.80 -64.30 1.16
N PRO J 69 100.31 -63.93 2.35
CA PRO J 69 99.59 -63.06 3.29
C PRO J 69 99.16 -61.71 2.72
N ASP J 70 99.90 -61.14 1.77
CA ASP J 70 99.55 -59.89 1.12
C ASP J 70 98.30 -60.03 0.24
N ALA J 71 98.18 -61.11 -0.53
CA ALA J 71 96.96 -61.42 -1.25
C ALA J 71 95.80 -61.66 -0.28
N ILE J 72 96.04 -62.37 0.82
CA ILE J 72 95.01 -62.58 1.84
C ILE J 72 94.53 -61.24 2.42
N ALA J 73 95.44 -60.31 2.71
CA ALA J 73 95.06 -58.96 3.11
C ALA J 73 94.29 -58.24 2.00
N ALA J 74 94.77 -58.33 0.76
CA ALA J 74 94.12 -57.72 -0.39
C ALA J 74 92.69 -58.26 -0.61
N ALA J 75 92.36 -59.46 -0.12
CA ALA J 75 90.99 -59.96 -0.17
C ALA J 75 90.01 -59.01 0.52
N ALA J 76 90.43 -58.35 1.61
CA ALA J 76 89.60 -57.34 2.26
C ALA J 76 89.55 -56.01 1.49
N ASP J 77 90.57 -55.70 0.68
CA ASP J 77 90.50 -54.56 -0.23
C ASP J 77 89.50 -54.83 -1.36
N LEU J 78 89.50 -56.05 -1.91
CA LEU J 78 88.45 -56.50 -2.85
C LEU J 78 87.05 -56.45 -2.20
N GLY J 79 86.95 -56.79 -0.92
CA GLY J 79 85.72 -56.63 -0.14
C GLY J 79 85.27 -55.17 -0.06
N GLN J 80 86.17 -54.24 0.28
CA GLN J 80 85.88 -52.81 0.33
C GLN J 80 85.54 -52.24 -1.06
N ALA J 81 86.13 -52.78 -2.12
CA ALA J 81 85.76 -52.48 -3.51
C ALA J 81 84.36 -53.00 -3.92
N GLY J 82 83.72 -53.83 -3.09
CA GLY J 82 82.38 -54.36 -3.32
C GLY J 82 82.33 -55.61 -4.22
N VAL J 83 83.45 -56.31 -4.41
CA VAL J 83 83.51 -57.55 -5.20
C VAL J 83 82.67 -58.65 -4.54
N SER J 84 81.96 -59.47 -5.33
CA SER J 84 81.15 -60.56 -4.80
C SER J 84 82.00 -61.57 -4.01
N PRO J 85 81.50 -62.17 -2.92
CA PRO J 85 82.27 -63.11 -2.12
C PRO J 85 82.90 -64.23 -2.94
N VAL J 86 82.13 -64.81 -3.87
CA VAL J 86 82.67 -65.82 -4.78
C VAL J 86 83.72 -65.18 -5.70
N GLU J 87 83.45 -63.99 -6.23
CA GLU J 87 84.41 -63.31 -7.11
C GLU J 87 85.72 -62.98 -6.40
N ILE J 88 85.71 -62.72 -5.10
CA ILE J 88 86.95 -62.60 -4.35
C ILE J 88 87.73 -63.91 -4.50
N LEU J 89 87.09 -65.05 -4.23
CA LEU J 89 87.75 -66.34 -4.35
C LEU J 89 88.23 -66.59 -5.78
N ALA J 90 87.44 -66.21 -6.76
CA ALA J 90 87.84 -66.35 -8.14
C ALA J 90 89.10 -65.52 -8.41
N LEU J 91 89.12 -64.25 -8.01
CA LEU J 91 90.29 -63.40 -8.24
C LEU J 91 91.50 -63.92 -7.48
N LEU J 92 91.32 -64.38 -6.25
CA LEU J 92 92.41 -64.99 -5.50
C LEU J 92 92.95 -66.22 -6.23
N ILE J 93 92.07 -67.14 -6.62
CA ILE J 93 92.49 -68.34 -7.33
C ILE J 93 93.19 -67.94 -8.62
N ALA J 94 92.61 -67.06 -9.41
CA ALA J 94 93.18 -66.65 -10.67
C ALA J 94 94.57 -66.04 -10.48
N ALA J 95 94.69 -65.11 -9.55
CA ALA J 95 95.98 -64.51 -9.25
C ALA J 95 97.01 -65.57 -8.90
N SER J 96 96.63 -66.51 -8.02
CA SER J 96 97.54 -67.57 -7.59
C SER J 96 97.93 -68.48 -8.74
N VAL J 97 96.98 -68.81 -9.62
CA VAL J 97 97.23 -69.73 -10.74
C VAL J 97 98.10 -69.05 -11.79
N LEU J 98 97.82 -67.79 -12.11
CA LEU J 98 98.64 -67.02 -13.03
C LEU J 98 100.02 -66.65 -12.44
N GLY J 99 100.21 -66.83 -11.13
CA GLY J 99 101.45 -66.49 -10.46
C GLY J 99 101.75 -64.99 -10.47
N LEU J 100 100.71 -64.15 -10.31
CA LEU J 100 100.83 -62.69 -10.42
C LEU J 100 101.74 -62.06 -9.36
N ASP J 101 102.35 -60.94 -9.72
CA ASP J 101 102.93 -60.02 -8.74
C ASP J 101 101.82 -59.36 -7.91
N PRO J 102 102.03 -59.09 -6.61
CA PRO J 102 101.08 -58.35 -5.78
C PRO J 102 100.67 -56.99 -6.37
N ASP J 103 101.55 -56.34 -7.13
CA ASP J 103 101.22 -55.10 -7.85
C ASP J 103 100.14 -55.34 -8.92
N ALA J 104 100.22 -56.44 -9.66
CA ALA J 104 99.18 -56.83 -10.60
C ALA J 104 97.89 -57.23 -9.87
N ILE J 105 98.00 -57.83 -8.68
CA ILE J 105 96.83 -58.09 -7.83
C ILE J 105 96.17 -56.76 -7.42
N GLN J 106 96.95 -55.77 -6.99
CA GLN J 106 96.41 -54.46 -6.64
C GLN J 106 95.78 -53.77 -7.87
N ALA J 107 96.36 -53.91 -9.05
CA ALA J 107 95.74 -53.41 -10.28
C ALA J 107 94.43 -54.13 -10.59
N ALA J 108 94.34 -55.44 -10.36
CA ALA J 108 93.07 -56.17 -10.42
C ALA J 108 92.08 -55.62 -9.38
N ALA J 109 92.52 -55.27 -8.18
CA ALA J 109 91.64 -54.63 -7.21
C ALA J 109 91.15 -53.26 -7.70
N ALA J 110 92.01 -52.47 -8.34
CA ALA J 110 91.59 -51.21 -8.96
C ALA J 110 90.56 -51.43 -10.08
N LEU J 111 90.71 -52.46 -10.92
CA LEU J 111 89.66 -52.85 -11.88
C LEU J 111 88.37 -53.27 -11.16
N GLY J 112 88.49 -53.90 -9.99
CA GLY J 112 87.35 -54.19 -9.10
C GLY J 112 86.66 -52.93 -8.61
N GLU J 113 87.40 -51.90 -8.19
CA GLU J 113 86.84 -50.59 -7.84
C GLU J 113 86.18 -49.91 -9.05
N ALA J 114 86.73 -50.11 -10.25
CA ALA J 114 86.12 -49.64 -11.50
C ALA J 114 84.85 -50.42 -11.88
N GLY J 115 84.48 -51.48 -11.13
CA GLY J 115 83.26 -52.26 -11.34
C GLY J 115 83.35 -53.32 -12.44
N ILE J 116 84.55 -53.63 -12.94
CA ILE J 116 84.78 -54.65 -13.97
C ILE J 116 84.51 -56.06 -13.40
N SER J 117 83.86 -56.96 -14.14
CA SER J 117 83.55 -58.31 -13.64
C SER J 117 84.81 -59.16 -13.47
N ALA J 118 84.78 -60.15 -12.58
CA ALA J 118 85.94 -61.03 -12.40
C ALA J 118 86.32 -61.75 -13.69
N GLU J 119 85.36 -62.12 -14.54
CA GLU J 119 85.68 -62.72 -15.83
C GLU J 119 86.43 -61.74 -16.74
N GLU J 120 85.98 -60.49 -16.83
CA GLU J 120 86.70 -59.48 -17.59
C GLU J 120 88.10 -59.24 -17.01
N ILE J 121 88.23 -59.19 -15.69
CA ILE J 121 89.54 -59.02 -15.06
C ILE J 121 90.43 -60.21 -15.41
N ILE J 122 89.94 -61.44 -15.25
CA ILE J 122 90.70 -62.64 -15.55
C ILE J 122 91.08 -62.66 -17.02
N GLU J 123 90.17 -62.27 -17.92
CA GLU J 123 90.46 -62.14 -19.33
C GLU J 123 91.57 -61.12 -19.56
N LEU J 124 91.47 -59.94 -18.96
CA LEU J 124 92.49 -58.90 -19.08
C LEU J 124 93.83 -59.41 -18.58
N LEU J 125 93.85 -60.13 -17.45
CA LEU J 125 95.07 -60.71 -16.91
C LEU J 125 95.63 -61.77 -17.86
N THR J 126 94.75 -62.58 -18.45
CA THR J 126 95.14 -63.59 -19.42
C THR J 126 95.76 -62.92 -20.64
N ALA J 127 95.14 -61.86 -21.16
CA ALA J 127 95.67 -61.10 -22.27
C ALA J 127 97.02 -60.47 -21.91
N ALA J 128 97.16 -59.90 -20.71
CA ALA J 128 98.42 -59.33 -20.27
C ALA J 128 99.53 -60.41 -20.24
N ARG J 129 99.22 -61.60 -19.72
CA ARG J 129 100.13 -62.75 -19.74
C ARG J 129 100.48 -63.16 -21.17
N ASP J 130 99.49 -63.24 -22.06
CA ASP J 130 99.72 -63.59 -23.46
C ASP J 130 100.62 -62.58 -24.19
N LEU J 131 100.39 -61.29 -23.97
CA LEU J 131 101.24 -60.22 -24.52
C LEU J 131 102.61 -60.11 -23.83
N GLY J 132 102.78 -60.74 -22.66
CA GLY J 132 104.00 -60.62 -21.86
C GLY J 132 104.18 -59.24 -21.21
N LEU J 133 103.08 -58.54 -20.93
CA LEU J 133 103.08 -57.21 -20.32
C LEU J 133 103.43 -57.23 -18.82
N ASP J 134 103.82 -56.06 -18.29
CA ASP J 134 104.23 -55.86 -16.90
C ASP J 134 103.09 -55.27 -16.02
N PRO J 135 103.21 -55.30 -14.68
CA PRO J 135 102.22 -54.71 -13.79
C PRO J 135 101.92 -53.23 -14.06
N ASP J 136 102.90 -52.45 -14.53
CA ASP J 136 102.68 -51.04 -14.88
C ASP J 136 101.70 -50.90 -16.06
N ALA J 137 101.80 -51.75 -17.09
CA ALA J 137 100.80 -51.78 -18.15
C ALA J 137 99.41 -52.16 -17.59
N ILE J 138 99.35 -53.12 -16.67
CA ILE J 138 98.06 -53.49 -16.03
C ILE J 138 97.51 -52.32 -15.19
N GLN J 139 98.36 -51.54 -14.52
CA GLN J 139 97.96 -50.33 -13.82
C GLN J 139 97.40 -49.27 -14.78
N ALA J 140 98.07 -49.04 -15.91
CA ALA J 140 97.54 -48.15 -16.94
C ALA J 140 96.21 -48.68 -17.51
N ALA J 141 96.07 -50.00 -17.65
CA ALA J 141 94.79 -50.58 -18.03
C ALA J 141 93.72 -50.32 -16.97
N ALA J 142 94.05 -50.38 -15.68
CA ALA J 142 93.11 -49.99 -14.63
C ALA J 142 92.70 -48.51 -14.76
N GLN J 143 93.62 -47.62 -15.13
CA GLN J 143 93.27 -46.23 -15.43
C GLN J 143 92.34 -46.12 -16.66
N LEU J 144 92.54 -46.92 -17.71
CA LEU J 144 91.56 -47.00 -18.81
C LEU J 144 90.20 -47.53 -18.33
N GLY J 145 90.20 -48.44 -17.36
CA GLY J 145 88.98 -48.89 -16.68
C GLY J 145 88.30 -47.75 -15.90
N GLU J 146 89.06 -46.92 -15.19
CA GLU J 146 88.53 -45.71 -14.55
C GLU J 146 87.99 -44.69 -15.57
N ALA J 147 88.57 -44.64 -16.77
CA ALA J 147 88.03 -43.89 -17.90
C ALA J 147 86.80 -44.55 -18.56
N GLY J 148 86.37 -45.74 -18.11
CA GLY J 148 85.17 -46.42 -18.59
C GLY J 148 85.32 -47.14 -19.93
N ILE J 149 86.55 -47.32 -20.43
CA ILE J 149 86.84 -48.02 -21.69
C ILE J 149 86.47 -49.51 -21.54
N SER J 150 85.86 -50.13 -22.56
CA SER J 150 85.44 -51.54 -22.46
C SER J 150 86.61 -52.53 -22.51
N SER J 151 86.42 -53.74 -21.97
CA SER J 151 87.45 -54.78 -21.92
C SER J 151 88.06 -55.09 -23.29
N GLU J 152 87.22 -55.27 -24.32
CA GLU J 152 87.71 -55.54 -25.68
C GLU J 152 88.49 -54.35 -26.24
N GLU J 153 88.03 -53.12 -25.98
CA GLU J 153 88.77 -51.92 -26.39
C GLU J 153 90.14 -51.87 -25.69
N ILE J 154 90.21 -52.13 -24.38
CA ILE J 154 91.49 -52.18 -23.67
C ILE J 154 92.38 -53.26 -24.30
N LYS J 155 91.83 -54.46 -24.55
CA LYS J 155 92.58 -55.57 -25.14
C LYS J 155 93.15 -55.17 -26.49
N GLU J 156 92.35 -54.56 -27.34
CA GLU J 156 92.82 -54.06 -28.64
C GLU J 156 93.85 -52.94 -28.48
N LEU J 157 93.66 -52.01 -27.54
CA LEU J 157 94.64 -50.95 -27.30
C LEU J 157 95.98 -51.54 -26.86
N LEU J 158 95.96 -52.45 -25.90
CA LEU J 158 97.17 -53.14 -25.46
C LEU J 158 97.79 -53.91 -26.62
N ARG J 159 96.99 -54.61 -27.44
CA ARG J 159 97.48 -55.30 -28.62
C ARG J 159 98.18 -54.34 -29.58
N ALA J 160 97.54 -53.21 -29.88
CA ALA J 160 98.13 -52.21 -30.76
C ALA J 160 99.44 -51.64 -30.17
N ALA J 161 99.44 -51.32 -28.88
CA ALA J 161 100.62 -50.80 -28.19
C ALA J 161 101.79 -51.80 -28.25
N HIS J 162 101.51 -53.09 -28.04
CA HIS J 162 102.50 -54.17 -28.12
C HIS J 162 103.01 -54.37 -29.56
N GLU J 163 102.11 -54.34 -30.56
CA GLU J 163 102.50 -54.43 -31.98
C GLU J 163 103.34 -53.23 -32.42
N LEU J 164 103.08 -52.04 -31.87
CA LEU J 164 103.90 -50.84 -32.04
C LEU J 164 105.18 -50.85 -31.19
N GLY J 165 105.31 -51.76 -30.21
CA GLY J 165 106.47 -51.82 -29.32
C GLY J 165 106.60 -50.61 -28.38
N LEU J 166 105.48 -50.04 -27.95
CA LEU J 166 105.43 -48.84 -27.12
C LEU J 166 105.90 -49.07 -25.68
N ASP J 167 106.41 -48.03 -25.03
CA ASP J 167 106.79 -48.05 -23.61
C ASP J 167 105.55 -47.96 -22.68
N PRO J 168 105.61 -48.42 -21.41
CA PRO J 168 104.52 -48.27 -20.45
C PRO J 168 104.03 -46.82 -20.29
N ASP J 169 104.92 -45.84 -20.35
CA ASP J 169 104.55 -44.41 -20.33
C ASP J 169 103.65 -44.03 -21.52
N CYS J 170 103.78 -44.70 -22.66
CA CYS J 170 102.91 -44.48 -23.80
C CYS J 170 101.51 -45.00 -23.51
N ILE J 171 101.39 -46.12 -22.80
CA ILE J 171 100.08 -46.62 -22.33
C ILE J 171 99.48 -45.63 -21.33
N ALA J 172 100.29 -45.02 -20.46
CA ALA J 172 99.81 -43.93 -19.61
C ALA J 172 99.35 -42.72 -20.44
N ALA J 173 100.06 -42.36 -21.51
CA ALA J 173 99.60 -41.33 -22.44
C ALA J 173 98.28 -41.74 -23.14
N ALA J 174 98.10 -43.01 -23.47
CA ALA J 174 96.81 -43.50 -23.96
C ALA J 174 95.73 -43.36 -22.89
N ALA J 175 96.04 -43.62 -21.62
CA ALA J 175 95.11 -43.37 -20.52
C ALA J 175 94.81 -41.88 -20.37
N ASP J 176 95.76 -40.98 -20.60
CA ASP J 176 95.50 -39.53 -20.63
C ASP J 176 94.52 -39.16 -21.75
N LEU J 177 94.66 -39.74 -22.94
CA LEU J 177 93.67 -39.56 -24.02
C LEU J 177 92.31 -40.18 -23.65
N GLY J 178 92.31 -41.26 -22.86
CA GLY J 178 91.10 -41.83 -22.27
C GLY J 178 90.42 -40.87 -21.30
N GLN J 179 91.19 -40.22 -20.42
CA GLN J 179 90.68 -39.17 -19.53
C GLN J 179 90.17 -37.95 -20.31
N ALA J 180 90.77 -37.64 -21.46
CA ALA J 180 90.25 -36.64 -22.40
C ALA J 180 88.99 -37.10 -23.18
N GLY J 181 88.55 -38.36 -23.01
CA GLY J 181 87.32 -38.89 -23.61
C GLY J 181 87.43 -39.26 -25.09
N ILE J 182 88.65 -39.39 -25.62
CA ILE J 182 88.91 -39.77 -27.01
C ILE J 182 88.47 -41.23 -27.24
N SER J 183 87.83 -41.55 -28.37
CA SER J 183 87.41 -42.94 -28.66
C SER J 183 88.62 -43.86 -28.83
N SER J 184 88.48 -45.14 -28.48
CA SER J 184 89.57 -46.13 -28.62
C SER J 184 90.14 -46.16 -30.05
N SER J 185 89.27 -46.05 -31.05
CA SER J 185 89.68 -45.97 -32.45
C SER J 185 90.54 -44.73 -32.71
N GLU J 186 90.13 -43.56 -32.23
CA GLU J 186 90.90 -42.34 -32.39
C GLU J 186 92.19 -42.36 -31.56
N ILE J 187 92.20 -42.93 -30.36
CA ILE J 187 93.43 -43.17 -29.62
C ILE J 187 94.36 -44.03 -30.48
N THR J 188 93.85 -45.11 -31.05
CA THR J 188 94.64 -46.02 -31.89
C THR J 188 95.25 -45.28 -33.07
N ALA J 189 94.46 -44.43 -33.73
CA ALA J 189 94.98 -43.56 -34.77
C ALA J 189 96.08 -42.65 -34.24
N LEU J 190 95.87 -41.98 -33.12
CA LEU J 190 96.87 -41.08 -32.54
C LEU J 190 98.13 -41.83 -32.15
N LEU J 191 98.01 -43.06 -31.65
CA LEU J 191 99.17 -43.91 -31.38
C LEU J 191 99.93 -44.18 -32.68
N LEU J 192 99.22 -44.63 -33.72
CA LEU J 192 99.84 -44.91 -35.02
C LEU J 192 100.53 -43.66 -35.56
N ALA J 193 99.88 -42.50 -35.47
CA ALA J 193 100.41 -41.24 -35.94
C ALA J 193 101.66 -40.84 -35.16
N ALA J 194 101.59 -40.84 -33.83
CA ALA J 194 102.70 -40.46 -32.99
C ALA J 194 103.90 -41.37 -33.24
N ALA J 195 103.66 -42.68 -33.34
CA ALA J 195 104.69 -43.66 -33.64
C ALA J 195 105.28 -43.40 -35.03
N ALA J 196 104.44 -43.24 -36.04
CA ALA J 196 104.90 -42.96 -37.40
C ALA J 196 105.76 -41.70 -37.42
N ILE J 197 105.33 -40.62 -36.77
CA ILE J 197 106.08 -39.36 -36.74
C ILE J 197 107.42 -39.53 -36.05
N GLU J 198 107.45 -40.14 -34.86
CA GLU J 198 108.69 -40.30 -34.13
C GLU J 198 109.70 -41.12 -34.95
N LEU J 199 109.23 -42.20 -35.57
CA LEU J 199 110.06 -42.98 -36.48
C LEU J 199 110.42 -42.21 -37.75
N ALA J 200 109.52 -41.42 -38.32
CA ALA J 200 109.77 -40.67 -39.55
C ALA J 200 110.71 -39.47 -39.33
N LYS J 201 110.76 -38.95 -38.11
CA LYS J 201 111.81 -38.02 -37.67
C LYS J 201 113.13 -38.76 -37.59
N ARG J 202 113.13 -39.97 -37.04
CA ARG J 202 114.31 -40.83 -36.88
C ARG J 202 114.83 -41.42 -38.21
N ALA J 203 113.97 -41.49 -39.23
CA ALA J 203 114.37 -41.67 -40.62
C ALA J 203 114.82 -40.33 -41.21
N ASP J 204 116.01 -40.26 -41.79
CA ASP J 204 116.50 -39.03 -42.46
C ASP J 204 115.80 -38.75 -43.81
N ASP J 205 115.19 -39.77 -44.41
CA ASP J 205 114.78 -39.73 -45.81
C ASP J 205 113.59 -38.80 -46.07
N LYS J 206 113.82 -37.78 -46.91
CA LYS J 206 112.80 -36.87 -47.43
C LYS J 206 111.60 -37.59 -48.04
N ASP J 207 111.78 -38.71 -48.74
CA ASP J 207 110.67 -39.43 -49.38
C ASP J 207 109.85 -40.24 -48.38
N VAL J 208 110.49 -40.83 -47.36
CA VAL J 208 109.75 -41.40 -46.22
C VAL J 208 108.95 -40.29 -45.54
N ARG J 209 109.59 -39.13 -45.34
CA ARG J 209 108.94 -37.96 -44.75
C ARG J 209 107.77 -37.47 -45.62
N GLU J 210 107.91 -37.43 -46.94
CA GLU J 210 106.81 -37.12 -47.85
C GLU J 210 105.68 -38.15 -47.73
N ILE J 211 106.00 -39.44 -47.76
CA ILE J 211 105.00 -40.49 -47.62
C ILE J 211 104.21 -40.28 -46.33
N VAL J 212 104.91 -40.09 -45.21
CA VAL J 212 104.26 -39.93 -43.91
C VAL J 212 103.47 -38.62 -43.87
N ARG J 213 104.00 -37.51 -44.41
CA ARG J 213 103.25 -36.27 -44.54
C ARG J 213 101.96 -36.49 -45.33
N ASP J 214 102.04 -37.14 -46.48
CA ASP J 214 100.87 -37.38 -47.31
C ASP J 214 99.85 -38.28 -46.61
N ALA J 215 100.31 -39.28 -45.86
CA ALA J 215 99.43 -40.06 -45.01
C ALA J 215 98.79 -39.19 -43.93
N LEU J 216 99.53 -38.27 -43.32
CA LEU J 216 99.00 -37.36 -42.31
C LEU J 216 98.02 -36.35 -42.90
N GLU J 217 98.23 -35.87 -44.12
CA GLU J 217 97.23 -35.10 -44.85
C GLU J 217 95.94 -35.92 -44.98
N LEU J 218 96.04 -37.12 -45.55
CA LEU J 218 94.88 -37.98 -45.74
C LEU J 218 94.17 -38.26 -44.42
N ALA J 219 94.92 -38.58 -43.36
CA ALA J 219 94.38 -38.87 -42.04
C ALA J 219 93.69 -37.63 -41.42
N SER J 220 94.22 -36.44 -41.67
CA SER J 220 93.60 -35.19 -41.19
C SER J 220 92.33 -34.86 -41.97
N ARG J 221 92.33 -35.09 -43.29
CA ARG J 221 91.28 -34.66 -44.23
C ARG J 221 90.11 -35.64 -44.38
N SER J 222 90.37 -36.94 -44.33
CA SER J 222 89.34 -37.99 -44.40
C SER J 222 88.51 -38.08 -43.12
N THR J 223 87.37 -38.78 -43.18
CA THR J 223 86.39 -38.90 -42.07
C THR J 223 85.90 -40.35 -41.89
N ASN J 224 86.79 -41.35 -42.07
CA ASN J 224 86.48 -42.76 -41.83
C ASN J 224 87.62 -43.48 -41.09
N ASP J 225 87.28 -44.18 -40.00
CA ASP J 225 88.25 -44.84 -39.13
C ASP J 225 89.13 -45.85 -39.86
N GLU J 226 88.56 -46.67 -40.74
CA GLU J 226 89.31 -47.70 -41.45
C GLU J 226 90.31 -47.08 -42.44
N VAL J 227 89.89 -46.07 -43.20
CA VAL J 227 90.80 -45.30 -44.06
C VAL J 227 91.93 -44.68 -43.24
N ILE J 228 91.60 -44.02 -42.12
CA ILE J 228 92.59 -43.37 -41.26
C ILE J 228 93.58 -44.41 -40.71
N ARG J 229 93.08 -45.50 -40.16
CA ARG J 229 93.91 -46.54 -39.53
C ARG J 229 94.77 -47.25 -40.59
N LEU J 230 94.21 -47.55 -41.76
CA LEU J 230 95.00 -48.07 -42.89
C LEU J 230 96.11 -47.10 -43.27
N ALA J 231 95.80 -45.81 -43.42
CA ALA J 231 96.78 -44.82 -43.84
C ALA J 231 97.92 -44.70 -42.81
N LEU J 232 97.58 -44.63 -41.53
CA LEU J 232 98.58 -44.48 -40.48
C LEU J 232 99.35 -45.79 -40.25
N GLU J 233 98.73 -46.95 -40.45
CA GLU J 233 99.45 -48.21 -40.49
C GLU J 233 100.43 -48.24 -41.67
N ALA J 234 100.01 -47.81 -42.85
CA ALA J 234 100.91 -47.71 -44.00
C ALA J 234 102.07 -46.74 -43.70
N ALA J 235 101.80 -45.63 -43.00
CA ALA J 235 102.84 -44.71 -42.55
C ALA J 235 103.83 -45.40 -41.60
N VAL J 236 103.35 -46.16 -40.61
CA VAL J 236 104.22 -46.96 -39.74
C VAL J 236 105.01 -47.99 -40.56
N LEU J 237 104.41 -48.66 -41.53
CA LEU J 237 105.10 -49.64 -42.37
C LEU J 237 106.20 -48.98 -43.22
N ALA J 238 105.94 -47.81 -43.79
CA ALA J 238 106.94 -47.03 -44.51
C ALA J 238 108.03 -46.44 -43.60
N ALA J 239 107.77 -46.32 -42.28
CA ALA J 239 108.77 -45.93 -41.30
C ALA J 239 109.61 -47.13 -40.79
N ARG J 240 109.01 -48.32 -40.69
CA ARG J 240 109.67 -49.57 -40.30
C ARG J 240 110.45 -50.24 -41.43
N SER J 241 109.91 -50.27 -42.63
CA SER J 241 110.49 -50.87 -43.83
C SER J 241 110.99 -49.79 -44.79
N THR J 242 112.16 -49.99 -45.39
CA THR J 242 112.88 -48.95 -46.16
C THR J 242 113.27 -49.41 -47.57
N ASP J 243 112.69 -50.50 -48.07
CA ASP J 243 112.91 -50.96 -49.44
C ASP J 243 112.31 -49.93 -50.43
N SER J 244 113.12 -49.41 -51.33
CA SER J 244 112.69 -48.39 -52.29
C SER J 244 111.51 -48.86 -53.15
N ASP J 245 111.39 -50.15 -53.45
CA ASP J 245 110.22 -50.66 -54.18
C ASP J 245 108.94 -50.58 -53.34
N VAL J 246 109.03 -50.91 -52.05
CA VAL J 246 107.91 -50.73 -51.11
C VAL J 246 107.58 -49.25 -50.96
N LEU J 247 108.59 -48.38 -50.86
CA LEU J 247 108.37 -46.95 -50.77
C LEU J 247 107.71 -46.39 -52.05
N GLU J 248 108.14 -46.83 -53.24
CA GLU J 248 107.44 -46.51 -54.48
C GLU J 248 105.98 -46.99 -54.45
N ILE J 249 105.72 -48.24 -54.08
CA ILE J 249 104.37 -48.82 -54.01
C ILE J 249 103.49 -48.02 -53.06
N VAL J 250 103.97 -47.72 -51.87
CA VAL J 250 103.22 -46.92 -50.90
C VAL J 250 102.98 -45.51 -51.45
N LYS J 251 104.00 -44.85 -52.04
CA LYS J 251 103.85 -43.50 -52.58
C LYS J 251 102.88 -43.47 -53.76
N ASP J 252 102.93 -44.48 -54.62
CA ASP J 252 101.95 -44.67 -55.69
C ASP J 252 100.55 -44.86 -55.12
N ALA J 253 100.40 -45.68 -54.09
CA ALA J 253 99.10 -45.90 -53.47
C ALA J 253 98.56 -44.63 -52.83
N LEU J 254 99.38 -43.86 -52.13
CA LEU J 254 98.97 -42.58 -51.54
C LEU J 254 98.67 -41.52 -52.61
N GLU J 255 99.43 -41.48 -53.70
CA GLU J 255 99.12 -40.59 -54.81
C GLU J 255 97.76 -40.95 -55.42
N LEU J 256 97.51 -42.23 -55.70
CA LEU J 256 96.22 -42.71 -56.19
C LEU J 256 95.10 -42.38 -55.18
N ALA J 257 95.34 -42.56 -53.89
CA ALA J 257 94.36 -42.27 -52.85
C ALA J 257 94.00 -40.77 -52.78
N LYS J 258 94.96 -39.87 -52.98
CA LYS J 258 94.68 -38.43 -53.02
C LYS J 258 94.04 -38.00 -54.35
N GLN J 259 94.39 -38.66 -55.46
CA GLN J 259 93.81 -38.38 -56.79
C GLN J 259 92.36 -38.89 -56.93
N SER J 260 92.06 -40.08 -56.40
CA SER J 260 90.72 -40.69 -56.46
C SER J 260 89.76 -40.14 -55.39
N THR J 261 88.45 -40.22 -55.64
CA THR J 261 87.40 -39.76 -54.70
C THR J 261 86.78 -40.88 -53.87
N ASN J 262 86.66 -42.10 -54.41
CA ASN J 262 85.94 -43.21 -53.78
C ASN J 262 86.71 -43.85 -52.62
N GLU J 263 86.11 -43.91 -51.43
CA GLU J 263 86.72 -44.51 -50.24
C GLU J 263 87.02 -46.01 -50.41
N GLU J 264 86.24 -46.75 -51.19
CA GLU J 264 86.54 -48.16 -51.45
C GLU J 264 87.85 -48.33 -52.24
N VAL J 265 88.10 -47.47 -53.23
CA VAL J 265 89.37 -47.45 -53.97
C VAL J 265 90.53 -47.08 -53.04
N ILE J 266 90.34 -46.10 -52.15
CA ILE J 266 91.34 -45.73 -51.14
C ILE J 266 91.65 -46.94 -50.23
N LYS J 267 90.62 -47.59 -49.68
CA LYS J 267 90.81 -48.78 -48.83
C LYS J 267 91.53 -49.89 -49.57
N LEU J 268 91.11 -50.21 -50.80
CA LEU J 268 91.75 -51.25 -51.61
C LEU J 268 93.22 -50.91 -51.91
N ALA J 269 93.51 -49.69 -52.35
CA ALA J 269 94.88 -49.27 -52.66
C ALA J 269 95.78 -49.34 -51.41
N LEU J 270 95.30 -48.80 -50.29
CA LEU J 270 96.03 -48.89 -49.02
C LEU J 270 96.21 -50.34 -48.58
N LYS J 271 95.18 -51.18 -48.65
CA LYS J 271 95.29 -52.60 -48.30
C LYS J 271 96.30 -53.33 -49.17
N ALA J 272 96.27 -53.12 -50.49
CA ALA J 272 97.24 -53.69 -51.41
C ALA J 272 98.68 -53.29 -51.04
N ALA J 273 98.91 -51.99 -50.79
CA ALA J 273 100.21 -51.49 -50.36
C ALA J 273 100.64 -52.04 -48.98
N VAL J 274 99.71 -52.18 -48.03
CA VAL J 274 99.97 -52.77 -46.71
C VAL J 274 100.40 -54.23 -46.86
N LEU J 275 99.67 -55.03 -47.64
CA LEU J 275 100.03 -56.42 -47.91
C LEU J 275 101.39 -56.52 -48.60
N ALA J 276 101.66 -55.67 -49.60
CA ALA J 276 102.97 -55.60 -50.25
C ALA J 276 104.08 -55.25 -49.25
N ALA J 277 103.93 -54.22 -48.43
CA ALA J 277 104.92 -53.82 -47.43
C ALA J 277 105.17 -54.91 -46.36
N LYS J 278 104.15 -55.71 -46.03
CA LYS J 278 104.28 -56.87 -45.15
C LYS J 278 104.89 -58.11 -45.84
N SER J 279 104.86 -58.18 -47.16
CA SER J 279 105.42 -59.31 -47.93
C SER J 279 106.95 -59.22 -48.07
N THR J 280 107.63 -60.36 -48.09
CA THR J 280 109.06 -60.47 -48.45
C THR J 280 109.25 -60.66 -49.96
N ASP J 281 108.24 -61.18 -50.65
CA ASP J 281 108.34 -61.65 -52.04
C ASP J 281 108.34 -60.49 -53.06
N GLU J 282 109.47 -60.30 -53.74
CA GLU J 282 109.62 -59.28 -54.79
C GLU J 282 108.63 -59.47 -55.95
N GLU J 283 108.16 -60.69 -56.22
CA GLU J 283 107.11 -60.92 -57.22
C GLU J 283 105.74 -60.43 -56.72
N VAL J 284 105.49 -60.49 -55.41
CA VAL J 284 104.29 -59.85 -54.82
C VAL J 284 104.43 -58.34 -54.92
N LEU J 285 105.62 -57.79 -54.67
CA LEU J 285 105.86 -56.36 -54.89
C LEU J 285 105.62 -55.98 -56.36
N GLU J 286 106.18 -56.71 -57.32
CA GLU J 286 105.96 -56.44 -58.74
C GLU J 286 104.50 -56.61 -59.17
N GLU J 287 103.78 -57.64 -58.69
CA GLU J 287 102.37 -57.80 -59.02
C GLU J 287 101.52 -56.63 -58.50
N VAL J 288 101.70 -56.25 -57.23
CA VAL J 288 100.98 -55.11 -56.67
C VAL J 288 101.39 -53.81 -57.36
N LYS J 289 102.68 -53.63 -57.68
CA LYS J 289 103.14 -52.46 -58.46
C LYS J 289 102.49 -52.43 -59.85
N GLU J 290 102.38 -53.56 -60.53
CA GLU J 290 101.64 -53.64 -61.78
C GLU J 290 100.14 -53.43 -61.61
N ALA J 291 99.55 -53.84 -60.48
CA ALA J 291 98.15 -53.55 -60.18
C ALA J 291 97.92 -52.05 -59.97
N LEU J 292 98.81 -51.36 -59.24
CA LEU J 292 98.77 -49.91 -59.11
C LEU J 292 99.02 -49.21 -60.45
N ARG J 293 99.93 -49.72 -61.29
CA ARG J 293 100.15 -49.19 -62.65
C ARG J 293 98.87 -49.32 -63.48
N ARG J 294 98.24 -50.50 -63.49
CA ARG J 294 96.93 -50.70 -64.12
C ARG J 294 95.90 -49.72 -63.56
N ALA J 295 95.82 -49.57 -62.24
CA ALA J 295 94.88 -48.64 -61.60
C ALA J 295 95.13 -47.17 -61.96
N LYS J 296 96.38 -46.76 -62.19
CA LYS J 296 96.74 -45.37 -62.54
C LYS J 296 96.71 -45.08 -64.05
N GLU J 297 96.95 -46.07 -64.90
CA GLU J 297 96.77 -45.95 -66.36
C GLU J 297 95.30 -46.00 -66.78
N SER J 298 94.48 -46.80 -66.09
CA SER J 298 93.01 -46.75 -66.20
C SER J 298 92.42 -45.53 -65.47
N THR J 299 91.08 -45.38 -65.48
CA THR J 299 90.38 -44.26 -64.83
C THR J 299 88.96 -44.62 -64.35
N ASP J 300 88.30 -45.61 -64.97
CA ASP J 300 87.00 -46.11 -64.50
C ASP J 300 87.13 -46.86 -63.16
N GLU J 301 86.40 -46.41 -62.13
CA GLU J 301 86.39 -47.04 -60.80
C GLU J 301 85.99 -48.53 -60.87
N GLU J 302 85.14 -48.92 -61.82
CA GLU J 302 84.71 -50.31 -61.99
C GLU J 302 85.80 -51.22 -62.56
N GLU J 303 86.83 -50.68 -63.21
CA GLU J 303 88.06 -51.42 -63.54
C GLU J 303 89.07 -51.37 -62.37
N ILE J 304 89.27 -50.18 -61.79
CA ILE J 304 90.25 -49.96 -60.70
C ILE J 304 89.96 -50.86 -59.50
N LYS J 305 88.70 -50.91 -59.03
CA LYS J 305 88.30 -51.76 -57.90
C LYS J 305 88.59 -53.24 -58.17
N GLU J 306 88.28 -53.74 -59.36
CA GLU J 306 88.49 -55.16 -59.69
C GLU J 306 89.98 -55.52 -59.84
N GLU J 307 90.78 -54.68 -60.50
CA GLU J 307 92.23 -54.93 -60.61
C GLU J 307 92.90 -54.92 -59.22
N LEU J 308 92.58 -53.95 -58.36
CA LEU J 308 93.08 -53.93 -56.98
C LEU J 308 92.54 -55.11 -56.16
N ARG J 309 91.25 -55.47 -56.29
CA ARG J 309 90.64 -56.61 -55.57
C ARG J 309 91.32 -57.92 -55.93
N LYS J 310 91.58 -58.19 -57.21
CA LYS J 310 92.28 -59.42 -57.64
C LYS J 310 93.69 -59.50 -57.05
N ALA J 311 94.44 -58.39 -57.04
CA ALA J 311 95.75 -58.34 -56.40
C ALA J 311 95.67 -58.57 -54.87
N VAL J 312 94.71 -57.95 -54.19
CA VAL J 312 94.48 -58.14 -52.75
C VAL J 312 94.11 -59.60 -52.44
N GLU J 313 93.18 -60.19 -53.17
CA GLU J 313 92.77 -61.59 -52.95
C GLU J 313 93.86 -62.61 -53.28
N GLU J 314 94.86 -62.26 -54.11
CA GLU J 314 96.06 -63.08 -54.32
C GLU J 314 97.10 -62.90 -53.20
N ALA J 315 97.22 -61.70 -52.63
CA ALA J 315 98.23 -61.36 -51.61
C ALA J 315 97.82 -61.63 -50.14
N GLU J 316 96.52 -61.65 -49.81
CA GLU J 316 95.98 -61.80 -48.44
C GLU J 316 96.25 -63.18 -47.80
N CYS K 3 -8.11 -115.11 13.20
CA CYS K 3 -7.84 -115.25 14.65
C CYS K 3 -8.78 -114.35 15.45
N ASP K 4 -9.97 -114.83 15.79
CA ASP K 4 -11.09 -113.99 16.26
C ASP K 4 -10.78 -113.19 17.52
N ALA K 5 -10.00 -113.76 18.44
CA ALA K 5 -9.58 -113.10 19.67
C ALA K 5 -8.79 -111.80 19.42
N ILE K 6 -8.07 -111.72 18.30
CA ILE K 6 -7.44 -110.47 17.84
C ILE K 6 -8.42 -109.69 16.95
N GLN K 7 -9.24 -110.36 16.12
CA GLN K 7 -10.14 -109.68 15.19
C GLN K 7 -11.05 -108.67 15.89
N ALA K 8 -11.57 -109.03 17.06
CA ALA K 8 -12.34 -108.10 17.88
C ALA K 8 -11.48 -106.87 18.28
N ALA K 9 -10.25 -107.09 18.76
CA ALA K 9 -9.33 -106.00 19.07
C ALA K 9 -9.02 -105.14 17.83
N ALA K 10 -8.85 -105.76 16.66
CA ALA K 10 -8.64 -105.04 15.42
C ALA K 10 -9.86 -104.17 15.08
N ALA K 11 -11.07 -104.70 15.20
CA ALA K 11 -12.28 -103.93 15.00
C ALA K 11 -12.38 -102.76 16.01
N LEU K 12 -12.07 -103.00 17.28
CA LEU K 12 -12.03 -101.95 18.30
C LEU K 12 -10.96 -100.88 17.99
N GLY K 13 -9.81 -101.29 17.45
CA GLY K 13 -8.77 -100.40 16.99
C GLY K 13 -9.22 -99.54 15.80
N GLU K 14 -9.95 -100.12 14.85
CA GLU K 14 -10.59 -99.36 13.76
C GLU K 14 -11.66 -98.39 14.28
N ALA K 15 -12.36 -98.75 15.37
CA ALA K 15 -13.25 -97.85 16.09
C ALA K 15 -12.51 -96.81 16.96
N GLY K 16 -11.18 -96.84 17.02
CA GLY K 16 -10.37 -95.87 17.76
C GLY K 16 -10.37 -96.06 19.28
N ILE K 17 -10.83 -97.22 19.77
CA ILE K 17 -10.88 -97.54 21.20
C ILE K 17 -9.45 -97.70 21.75
N SER K 18 -9.15 -97.10 22.91
CA SER K 18 -7.79 -97.14 23.46
C SER K 18 -7.39 -98.52 23.96
N SER K 19 -6.09 -98.79 24.06
CA SER K 19 -5.58 -100.09 24.51
C SER K 19 -6.09 -100.47 25.91
N ASN K 20 -6.12 -99.52 26.85
CA ASN K 20 -6.68 -99.78 28.18
C ASN K 20 -8.16 -100.16 28.08
N GLU K 21 -8.93 -99.49 27.23
CA GLU K 21 -10.34 -99.81 27.04
C GLU K 21 -10.54 -101.16 26.33
N ILE K 22 -9.69 -101.51 25.37
CA ILE K 22 -9.74 -102.84 24.75
C ILE K 22 -9.47 -103.90 25.83
N LEU K 23 -8.43 -103.71 26.64
CA LEU K 23 -8.10 -104.65 27.72
C LEU K 23 -9.24 -104.75 28.72
N GLU K 24 -9.92 -103.63 29.01
CA GLU K 24 -11.10 -103.66 29.87
C GLU K 24 -12.22 -104.48 29.22
N LEU K 25 -12.48 -104.27 27.92
CA LEU K 25 -13.50 -105.02 27.20
C LEU K 25 -13.13 -106.51 27.13
N LEU K 26 -11.85 -106.83 27.03
CA LEU K 26 -11.41 -108.20 27.14
C LEU K 26 -11.62 -108.74 28.56
N ALA K 27 -11.37 -107.95 29.60
CA ALA K 27 -11.63 -108.39 30.97
C ALA K 27 -13.12 -108.73 31.15
N ALA K 28 -14.00 -107.86 30.64
CA ALA K 28 -15.43 -108.14 30.60
C ALA K 28 -15.73 -109.39 29.77
N ALA K 29 -15.07 -109.55 28.62
CA ALA K 29 -15.26 -110.72 27.80
C ALA K 29 -14.87 -111.99 28.54
N ALA K 30 -13.84 -111.95 29.39
CA ALA K 30 -13.49 -113.08 30.24
C ALA K 30 -14.58 -113.31 31.30
N GLU K 31 -15.02 -112.25 31.98
CA GLU K 31 -15.99 -112.37 33.07
C GLU K 31 -17.34 -112.92 32.59
N LEU K 32 -17.91 -112.30 31.55
CA LEU K 32 -19.22 -112.67 31.01
C LEU K 32 -19.12 -113.78 29.95
N GLY K 33 -17.91 -114.13 29.51
CA GLY K 33 -17.71 -115.06 28.40
C GLY K 33 -18.15 -114.48 27.06
N LEU K 34 -17.98 -113.17 26.83
CA LEU K 34 -18.49 -112.50 25.63
C LEU K 34 -17.93 -113.11 24.35
N ASP K 35 -18.80 -113.42 23.40
CA ASP K 35 -18.40 -113.86 22.07
C ASP K 35 -17.95 -112.66 21.20
N PRO K 36 -17.21 -112.90 20.10
CA PRO K 36 -16.70 -111.84 19.25
C PRO K 36 -17.77 -110.91 18.68
N ASP K 37 -18.98 -111.41 18.40
CA ASP K 37 -20.06 -110.55 17.91
C ASP K 37 -20.65 -109.71 19.04
N ALA K 38 -20.72 -110.23 20.26
CA ALA K 38 -21.06 -109.41 21.43
C ALA K 38 -20.01 -108.33 21.67
N ILE K 39 -18.72 -108.66 21.51
CA ILE K 39 -17.66 -107.65 21.59
C ILE K 39 -17.77 -106.67 20.40
N GLN K 40 -18.19 -107.11 19.22
CA GLN K 40 -18.45 -106.21 18.09
C GLN K 40 -19.62 -105.27 18.39
N ALA K 41 -20.68 -105.76 19.05
CA ALA K 41 -21.74 -104.90 19.53
C ALA K 41 -21.19 -103.86 20.53
N ALA K 42 -20.30 -104.27 21.44
CA ALA K 42 -19.60 -103.34 22.31
C ALA K 42 -18.79 -102.31 21.50
N ALA K 43 -18.12 -102.72 20.43
CA ALA K 43 -17.39 -101.81 19.55
C ALA K 43 -18.34 -100.78 18.92
N GLN K 44 -19.48 -101.21 18.41
CA GLN K 44 -20.45 -100.30 17.81
C GLN K 44 -21.15 -99.41 18.85
N LEU K 45 -21.34 -99.87 20.09
CA LEU K 45 -21.73 -98.99 21.21
C LEU K 45 -20.62 -97.98 21.56
N GLY K 46 -19.37 -98.36 21.35
CA GLY K 46 -18.22 -97.45 21.40
C GLY K 46 -18.24 -96.41 20.27
N GLU K 47 -18.64 -96.80 19.05
CA GLU K 47 -18.91 -95.84 17.97
C GLU K 47 -20.09 -94.91 18.30
N ALA K 48 -21.10 -95.40 19.05
CA ALA K 48 -22.15 -94.59 19.64
C ALA K 48 -21.68 -93.71 20.83
N GLY K 49 -20.42 -93.84 21.26
CA GLY K 49 -19.79 -93.02 22.28
C GLY K 49 -20.07 -93.42 23.74
N ILE K 50 -20.72 -94.57 23.98
CA ILE K 50 -20.99 -95.09 25.33
C ILE K 50 -19.68 -95.60 25.96
N SER K 51 -19.46 -95.41 27.28
CA SER K 51 -18.23 -95.94 27.91
C SER K 51 -18.26 -97.45 28.00
N SER K 52 -17.07 -98.05 27.96
CA SER K 52 -16.90 -99.48 28.23
C SER K 52 -17.49 -99.87 29.58
N GLU K 53 -17.47 -98.96 30.56
CA GLU K 53 -18.01 -99.20 31.89
C GLU K 53 -19.52 -99.44 31.80
N GLU K 54 -20.22 -98.50 31.17
CA GLU K 54 -21.67 -98.61 31.00
C GLU K 54 -21.98 -99.83 30.13
N ILE K 55 -21.24 -100.03 29.05
CA ILE K 55 -21.42 -101.19 28.21
C ILE K 55 -21.27 -102.47 29.02
N LYS K 56 -20.29 -102.53 29.94
CA LYS K 56 -20.09 -103.70 30.80
C LYS K 56 -21.34 -103.94 31.61
N GLU K 57 -21.84 -102.92 32.28
CA GLU K 57 -23.07 -103.08 33.03
C GLU K 57 -24.24 -103.48 32.11
N LEU K 58 -24.31 -102.93 30.90
CA LEU K 58 -25.40 -103.27 29.97
C LEU K 58 -25.30 -104.73 29.56
N LEU K 59 -24.13 -105.19 29.17
CA LEU K 59 -23.94 -106.58 28.82
C LEU K 59 -24.16 -107.48 30.04
N ARG K 60 -23.74 -107.04 31.22
CA ARG K 60 -24.00 -107.74 32.48
C ARG K 60 -25.50 -107.87 32.68
N ALA K 61 -26.26 -106.82 32.45
CA ALA K 61 -27.71 -106.90 32.49
C ALA K 61 -28.23 -107.85 31.40
N ALA K 62 -27.75 -107.76 30.16
CA ALA K 62 -28.20 -108.63 29.08
C ALA K 62 -27.99 -110.11 29.40
N HIS K 63 -26.86 -110.42 30.05
CA HIS K 63 -26.55 -111.74 30.58
C HIS K 63 -27.50 -112.13 31.72
N GLU K 64 -27.71 -111.26 32.69
CA GLU K 64 -28.66 -111.49 33.79
C GLU K 64 -30.13 -111.59 33.34
N LEU K 65 -30.45 -111.02 32.17
CA LEU K 65 -31.74 -111.13 31.48
C LEU K 65 -31.83 -112.39 30.62
N GLY K 66 -30.71 -113.03 30.29
CA GLY K 66 -30.68 -114.19 29.39
C GLY K 66 -31.06 -113.87 27.95
N LEU K 67 -30.77 -112.65 27.46
CA LEU K 67 -31.12 -112.21 26.11
C LEU K 67 -30.40 -113.02 25.01
N ASP K 68 -31.04 -113.20 23.86
CA ASP K 68 -30.41 -113.85 22.70
C ASP K 68 -29.42 -112.91 21.98
N PRO K 69 -28.41 -113.47 21.29
CA PRO K 69 -27.36 -112.68 20.62
C PRO K 69 -27.90 -111.67 19.61
N ASP K 70 -29.02 -111.95 18.95
CA ASP K 70 -29.59 -111.06 17.93
C ASP K 70 -30.18 -109.80 18.57
N ALA K 71 -30.91 -109.94 19.68
CA ALA K 71 -31.32 -108.79 20.46
C ALA K 71 -30.12 -108.01 20.99
N ILE K 72 -29.10 -108.70 21.50
CA ILE K 72 -27.88 -108.03 21.99
C ILE K 72 -27.18 -107.26 20.86
N ALA K 73 -27.09 -107.84 19.66
CA ALA K 73 -26.58 -107.11 18.50
C ALA K 73 -27.47 -105.92 18.16
N ALA K 74 -28.79 -106.10 18.19
CA ALA K 74 -29.72 -105.01 17.97
C ALA K 74 -29.55 -103.89 19.01
N ALA K 75 -29.00 -104.16 20.20
CA ALA K 75 -28.67 -103.10 21.15
C ALA K 75 -27.67 -102.10 20.54
N ALA K 76 -26.73 -102.57 19.73
CA ALA K 76 -25.82 -101.67 19.03
C ALA K 76 -26.55 -100.84 17.97
N ASP K 77 -27.56 -101.40 17.31
CA ASP K 77 -28.40 -100.63 16.39
C ASP K 77 -29.17 -99.53 17.14
N LEU K 78 -29.71 -99.82 18.32
CA LEU K 78 -30.32 -98.81 19.19
C LEU K 78 -29.31 -97.72 19.59
N GLY K 79 -28.05 -98.10 19.83
CA GLY K 79 -26.96 -97.16 20.04
C GLY K 79 -26.71 -96.26 18.83
N GLN K 80 -26.65 -96.84 17.63
CA GLN K 80 -26.51 -96.08 16.38
C GLN K 80 -27.71 -95.16 16.11
N ALA K 81 -28.91 -95.59 16.50
CA ALA K 81 -30.11 -94.75 16.50
C ALA K 81 -30.08 -93.60 17.53
N GLY K 82 -29.08 -93.57 18.43
CA GLY K 82 -28.88 -92.49 19.41
C GLY K 82 -29.70 -92.61 20.70
N VAL K 83 -30.26 -93.79 20.99
CA VAL K 83 -31.06 -94.04 22.20
C VAL K 83 -30.20 -93.90 23.47
N SER K 84 -30.75 -93.35 24.55
CA SER K 84 -30.05 -93.24 25.84
C SER K 84 -29.60 -94.61 26.35
N PRO K 85 -28.46 -94.73 27.03
CA PRO K 85 -27.94 -96.03 27.46
C PRO K 85 -28.91 -96.72 28.41
N VAL K 86 -29.51 -95.96 29.32
CA VAL K 86 -30.60 -96.51 30.14
C VAL K 86 -31.77 -96.91 29.25
N GLU K 87 -32.16 -96.07 28.29
CA GLU K 87 -33.29 -96.39 27.40
C GLU K 87 -33.02 -97.64 26.56
N ILE K 88 -31.78 -97.93 26.20
CA ILE K 88 -31.47 -99.20 25.56
C ILE K 88 -31.85 -100.32 26.52
N LEU K 89 -31.43 -100.23 27.78
CA LEU K 89 -31.75 -101.24 28.77
C LEU K 89 -33.25 -101.38 28.94
N ALA K 90 -33.96 -100.26 28.96
CA ALA K 90 -35.40 -100.28 29.05
C ALA K 90 -36.00 -101.03 27.86
N LEU K 91 -35.62 -100.66 26.64
CA LEU K 91 -36.13 -101.30 25.44
C LEU K 91 -35.83 -102.79 25.44
N LEU K 92 -34.61 -103.17 25.79
CA LEU K 92 -34.24 -104.57 25.88
C LEU K 92 -35.11 -105.29 26.91
N ILE K 93 -35.17 -104.78 28.13
CA ILE K 93 -35.95 -105.42 29.19
C ILE K 93 -37.39 -105.55 28.72
N ALA K 94 -37.99 -104.47 28.27
CA ALA K 94 -39.39 -104.46 27.91
C ALA K 94 -39.69 -105.42 26.77
N ALA K 95 -38.90 -105.38 25.70
CA ALA K 95 -39.10 -106.29 24.59
C ALA K 95 -39.04 -107.73 25.08
N SER K 96 -38.04 -108.05 25.90
CA SER K 96 -37.87 -109.40 26.43
C SER K 96 -39.04 -109.82 27.31
N VAL K 97 -39.53 -108.92 28.16
CA VAL K 97 -40.65 -109.22 29.06
C VAL K 97 -41.93 -109.41 28.28
N LEU K 98 -42.15 -108.61 27.25
CA LEU K 98 -43.29 -108.74 26.34
C LEU K 98 -43.21 -109.99 25.44
N GLY K 99 -42.05 -110.65 25.37
CA GLY K 99 -41.84 -111.79 24.47
C GLY K 99 -41.75 -111.40 22.99
N LEU K 100 -41.40 -110.15 22.71
CA LEU K 100 -41.23 -109.61 21.35
C LEU K 100 -39.87 -110.02 20.72
N ASP K 101 -39.59 -109.54 19.51
CA ASP K 101 -38.52 -110.07 18.65
C ASP K 101 -37.67 -108.95 18.01
N PRO K 102 -36.51 -109.29 17.42
CA PRO K 102 -35.61 -108.31 16.83
C PRO K 102 -36.24 -107.43 15.75
N ASP K 103 -37.30 -107.87 15.06
CA ASP K 103 -38.04 -106.99 14.15
C ASP K 103 -38.80 -105.91 14.92
N ALA K 104 -39.45 -106.25 16.04
CA ALA K 104 -40.00 -105.25 16.93
C ALA K 104 -38.91 -104.33 17.48
N ILE K 105 -37.71 -104.85 17.78
CA ILE K 105 -36.60 -104.00 18.20
C ILE K 105 -36.14 -103.08 17.04
N GLN K 106 -36.09 -103.56 15.80
CA GLN K 106 -35.76 -102.72 14.66
C GLN K 106 -36.81 -101.61 14.46
N ALA K 107 -38.08 -101.91 14.68
CA ALA K 107 -39.12 -100.88 14.70
C ALA K 107 -38.87 -99.89 15.84
N ALA K 108 -38.47 -100.36 17.03
CA ALA K 108 -38.05 -99.46 18.10
C ALA K 108 -36.84 -98.60 17.67
N ALA K 109 -35.88 -99.15 16.95
CA ALA K 109 -34.75 -98.38 16.44
C ALA K 109 -35.24 -97.27 15.50
N ALA K 110 -36.15 -97.58 14.58
CA ALA K 110 -36.75 -96.57 13.72
C ALA K 110 -37.50 -95.49 14.53
N LEU K 111 -38.29 -95.88 15.53
CA LEU K 111 -38.97 -94.93 16.41
C LEU K 111 -37.96 -94.10 17.22
N GLY K 112 -36.82 -94.67 17.57
CA GLY K 112 -35.69 -93.99 18.21
C GLY K 112 -35.05 -92.95 17.29
N GLU K 113 -34.84 -93.27 16.02
CA GLU K 113 -34.42 -92.28 15.01
C GLU K 113 -35.48 -91.18 14.84
N ALA K 114 -36.76 -91.52 14.95
CA ALA K 114 -37.87 -90.56 14.94
C ALA K 114 -37.96 -89.72 16.24
N GLY K 115 -37.11 -89.98 17.24
CA GLY K 115 -37.04 -89.21 18.49
C GLY K 115 -38.11 -89.55 19.53
N ILE K 116 -38.85 -90.65 19.35
CA ILE K 116 -39.89 -91.12 20.28
C ILE K 116 -39.23 -91.65 21.58
N SER K 117 -39.77 -91.33 22.76
CA SER K 117 -39.20 -91.82 24.03
C SER K 117 -39.42 -93.33 24.18
N ALA K 118 -38.56 -94.01 24.95
CA ALA K 118 -38.75 -95.43 25.21
C ALA K 118 -40.11 -95.70 25.87
N GLU K 119 -40.60 -94.80 26.74
CA GLU K 119 -41.93 -94.94 27.33
C GLU K 119 -43.01 -94.96 26.25
N GLU K 120 -42.97 -94.03 25.30
CA GLU K 120 -43.91 -94.04 24.19
C GLU K 120 -43.76 -95.30 23.34
N ILE K 121 -42.54 -95.74 23.05
CA ILE K 121 -42.33 -96.96 22.26
C ILE K 121 -42.95 -98.14 22.99
N ILE K 122 -42.60 -98.34 24.26
CA ILE K 122 -43.11 -99.48 25.01
C ILE K 122 -44.61 -99.36 25.18
N GLU K 123 -45.15 -98.16 25.35
CA GLU K 123 -46.60 -97.96 25.34
C GLU K 123 -47.18 -98.43 24.01
N LEU K 124 -46.62 -98.01 22.88
CA LEU K 124 -47.10 -98.42 21.57
C LEU K 124 -47.01 -99.94 21.41
N LEU K 125 -45.92 -100.56 21.84
CA LEU K 125 -45.80 -102.01 21.78
C LEU K 125 -46.81 -102.69 22.70
N THR K 126 -47.06 -102.12 23.87
CA THR K 126 -48.08 -102.62 24.79
C THR K 126 -49.46 -102.51 24.15
N ALA K 127 -49.77 -101.39 23.51
CA ALA K 127 -51.02 -101.22 22.79
C ALA K 127 -51.15 -102.24 21.65
N ALA K 128 -50.09 -102.46 20.87
CA ALA K 128 -50.11 -103.44 19.80
C ALA K 128 -50.41 -104.85 20.35
N ARG K 129 -49.75 -105.22 21.45
CA ARG K 129 -49.99 -106.46 22.20
C ARG K 129 -51.44 -106.54 22.67
N ASP K 130 -51.96 -105.48 23.28
CA ASP K 130 -53.34 -105.44 23.77
C ASP K 130 -54.38 -105.51 22.65
N LEU K 131 -54.09 -104.94 21.48
CA LEU K 131 -54.94 -105.02 20.30
C LEU K 131 -54.84 -106.37 19.58
N GLY K 132 -53.83 -107.20 19.90
CA GLY K 132 -53.57 -108.45 19.18
C GLY K 132 -52.98 -108.24 17.79
N LEU K 133 -52.28 -107.12 17.57
CA LEU K 133 -51.57 -106.79 16.33
C LEU K 133 -50.25 -107.59 16.18
N ASP K 134 -49.51 -107.33 15.10
CA ASP K 134 -48.36 -108.12 14.65
C ASP K 134 -47.17 -107.22 14.21
N PRO K 135 -45.96 -107.79 14.00
CA PRO K 135 -44.78 -107.02 13.60
C PRO K 135 -44.97 -106.17 12.33
N ASP K 136 -45.80 -106.60 11.38
CA ASP K 136 -46.09 -105.80 10.19
C ASP K 136 -46.89 -104.54 10.55
N ALA K 137 -47.91 -104.66 11.41
CA ALA K 137 -48.60 -103.48 11.94
C ALA K 137 -47.63 -102.56 12.71
N ILE K 138 -46.74 -103.14 13.52
CA ILE K 138 -45.74 -102.37 14.27
C ILE K 138 -44.77 -101.65 13.30
N GLN K 139 -44.36 -102.30 12.21
CA GLN K 139 -43.51 -101.65 11.20
C GLN K 139 -44.26 -100.51 10.48
N ALA K 140 -45.53 -100.70 10.15
CA ALA K 140 -46.33 -99.62 9.59
C ALA K 140 -46.49 -98.47 10.60
N ALA K 141 -46.61 -98.78 11.89
CA ALA K 141 -46.58 -97.75 12.92
C ALA K 141 -45.23 -97.03 12.93
N ALA K 142 -44.11 -97.74 12.76
CA ALA K 142 -42.82 -97.10 12.62
C ALA K 142 -42.78 -96.17 11.39
N GLN K 143 -43.43 -96.53 10.28
CA GLN K 143 -43.58 -95.62 9.15
C GLN K 143 -44.42 -94.38 9.51
N LEU K 144 -45.49 -94.51 10.31
CA LEU K 144 -46.20 -93.33 10.83
C LEU K 144 -45.30 -92.48 11.74
N GLY K 145 -44.40 -93.13 12.49
CA GLY K 145 -43.34 -92.45 13.24
C GLY K 145 -42.37 -91.69 12.33
N GLU K 146 -41.95 -92.28 11.21
CA GLU K 146 -41.14 -91.59 10.20
C GLU K 146 -41.89 -90.42 9.55
N ALA K 147 -43.22 -90.50 9.45
CA ALA K 147 -44.09 -89.39 9.06
C ALA K 147 -44.30 -88.33 10.17
N GLY K 148 -43.74 -88.53 11.37
CA GLY K 148 -43.79 -87.56 12.48
C GLY K 148 -45.14 -87.49 13.21
N ILE K 149 -46.03 -88.46 13.00
CA ILE K 149 -47.34 -88.53 13.67
C ILE K 149 -47.14 -88.72 15.18
N SER K 150 -47.91 -88.05 16.04
CA SER K 150 -47.73 -88.18 17.49
C SER K 150 -48.15 -89.55 18.03
N SER K 151 -47.61 -89.96 19.19
CA SER K 151 -47.89 -91.28 19.78
C SER K 151 -49.39 -91.51 20.01
N GLU K 152 -50.09 -90.52 20.56
CA GLU K 152 -51.53 -90.63 20.79
C GLU K 152 -52.29 -90.77 19.47
N GLU K 153 -51.92 -90.01 18.45
CA GLU K 153 -52.51 -90.15 17.12
C GLU K 153 -52.28 -91.55 16.56
N ILE K 154 -51.06 -92.08 16.65
CA ILE K 154 -50.80 -93.46 16.21
C ILE K 154 -51.67 -94.43 17.00
N LYS K 155 -51.77 -94.28 18.32
CA LYS K 155 -52.55 -95.17 19.17
C LYS K 155 -54.02 -95.16 18.75
N GLU K 156 -54.59 -93.99 18.55
CA GLU K 156 -55.96 -93.88 18.03
C GLU K 156 -56.07 -94.44 16.61
N LEU K 157 -55.11 -94.19 15.73
CA LEU K 157 -55.14 -94.72 14.36
C LEU K 157 -55.11 -96.25 14.37
N LEU K 158 -54.24 -96.85 15.17
CA LEU K 158 -54.20 -98.30 15.30
C LEU K 158 -55.54 -98.81 15.86
N ARG K 159 -56.09 -98.14 16.88
CA ARG K 159 -57.41 -98.52 17.43
C ARG K 159 -58.47 -98.46 16.34
N ALA K 160 -58.51 -97.38 15.57
CA ALA K 160 -59.47 -97.25 14.48
C ALA K 160 -59.27 -98.35 13.43
N ALA K 161 -58.04 -98.60 13.00
CA ALA K 161 -57.75 -99.63 12.00
C ALA K 161 -58.23 -101.00 12.48
N HIS K 162 -57.95 -101.35 13.73
CA HIS K 162 -58.40 -102.58 14.37
C HIS K 162 -59.92 -102.68 14.46
N GLU K 163 -60.61 -101.62 14.93
CA GLU K 163 -62.07 -101.59 14.99
C GLU K 163 -62.73 -101.70 13.61
N LEU K 164 -62.08 -101.18 12.58
CA LEU K 164 -62.50 -101.30 11.19
C LEU K 164 -62.04 -102.61 10.50
N GLY K 165 -61.24 -103.44 11.17
CA GLY K 165 -60.72 -104.69 10.60
C GLY K 165 -59.71 -104.48 9.45
N LEU K 166 -59.10 -103.30 9.39
CA LEU K 166 -58.14 -102.89 8.35
C LEU K 166 -56.75 -103.46 8.65
N ASP K 167 -56.31 -104.40 7.82
CA ASP K 167 -55.09 -105.18 8.01
C ASP K 167 -53.79 -104.35 7.79
N PRO K 168 -52.59 -104.89 8.11
CA PRO K 168 -51.34 -104.14 8.03
C PRO K 168 -51.04 -103.44 6.70
N ASP K 169 -51.48 -103.96 5.55
CA ASP K 169 -51.32 -103.23 4.28
C ASP K 169 -52.22 -102.00 4.22
N CYS K 170 -53.37 -102.04 4.90
CA CYS K 170 -54.21 -100.87 5.06
C CYS K 170 -53.53 -99.85 5.99
N ILE K 171 -52.86 -100.31 7.05
CA ILE K 171 -52.06 -99.43 7.91
C ILE K 171 -50.90 -98.82 7.10
N ALA K 172 -50.28 -99.57 6.17
CA ALA K 172 -49.30 -99.01 5.25
C ALA K 172 -49.94 -97.95 4.33
N ALA K 173 -51.15 -98.18 3.83
CA ALA K 173 -51.88 -97.14 3.10
C ALA K 173 -52.16 -95.91 3.99
N ALA K 174 -52.46 -96.11 5.28
CA ALA K 174 -52.57 -95.01 6.22
C ALA K 174 -51.23 -94.29 6.39
N ALA K 175 -50.11 -95.02 6.40
CA ALA K 175 -48.78 -94.41 6.42
C ALA K 175 -48.50 -93.62 5.14
N ASP K 176 -48.97 -94.06 3.98
CA ASP K 176 -48.88 -93.27 2.75
C ASP K 176 -49.63 -91.94 2.88
N LEU K 177 -50.85 -91.95 3.46
CA LEU K 177 -51.59 -90.72 3.75
C LEU K 177 -50.88 -89.84 4.80
N GLY K 178 -50.19 -90.46 5.78
CA GLY K 178 -49.34 -89.75 6.73
C GLY K 178 -48.16 -89.07 6.03
N GLN K 179 -47.48 -89.75 5.11
CA GLN K 179 -46.41 -89.16 4.30
C GLN K 179 -46.94 -88.07 3.35
N ALA K 180 -48.20 -88.16 2.91
CA ALA K 180 -48.89 -87.08 2.21
C ALA K 180 -49.29 -85.89 3.13
N GLY K 181 -49.06 -85.97 4.44
CA GLY K 181 -49.30 -84.89 5.39
C GLY K 181 -50.75 -84.71 5.81
N ILE K 182 -51.61 -85.70 5.55
CA ILE K 182 -53.04 -85.69 5.92
C ILE K 182 -53.17 -85.74 7.46
N SER K 183 -54.05 -84.93 8.06
CA SER K 183 -54.24 -84.95 9.52
C SER K 183 -54.87 -86.27 10.00
N SER K 184 -54.62 -86.66 11.25
CA SER K 184 -55.06 -87.96 11.78
C SER K 184 -56.58 -88.17 11.65
N SER K 185 -57.37 -87.14 11.96
CA SER K 185 -58.81 -87.18 11.77
C SER K 185 -59.18 -87.34 10.29
N GLU K 186 -58.51 -86.66 9.37
CA GLU K 186 -58.73 -86.83 7.93
C GLU K 186 -58.31 -88.22 7.44
N ILE K 187 -57.19 -88.77 7.91
CA ILE K 187 -56.84 -90.16 7.63
C ILE K 187 -57.98 -91.05 8.12
N THR K 188 -58.43 -90.85 9.35
CA THR K 188 -59.51 -91.65 9.94
C THR K 188 -60.77 -91.60 9.09
N ALA K 189 -61.13 -90.40 8.63
CA ALA K 189 -62.24 -90.23 7.70
C ALA K 189 -62.01 -91.03 6.41
N LEU K 190 -60.84 -90.90 5.79
CA LEU K 190 -60.55 -91.63 4.56
C LEU K 190 -60.57 -93.14 4.76
N LEU K 191 -60.08 -93.62 5.90
CA LEU K 191 -60.18 -95.04 6.25
C LEU K 191 -61.65 -95.45 6.36
N LEU K 192 -62.46 -94.68 7.10
CA LEU K 192 -63.88 -94.96 7.23
C LEU K 192 -64.55 -94.99 5.86
N ALA K 193 -64.24 -94.01 5.01
CA ALA K 193 -64.81 -93.90 3.68
C ALA K 193 -64.45 -95.12 2.83
N ALA K 194 -63.17 -95.44 2.72
CA ALA K 194 -62.72 -96.57 1.92
C ALA K 194 -63.36 -97.88 2.40
N ALA K 195 -63.44 -98.06 3.72
CA ALA K 195 -64.07 -99.23 4.31
C ALA K 195 -65.56 -99.31 3.96
N ALA K 196 -66.30 -98.22 4.16
CA ALA K 196 -67.72 -98.17 3.82
C ALA K 196 -67.93 -98.44 2.32
N ILE K 197 -67.07 -97.89 1.45
CA ILE K 197 -67.20 -98.04 0.01
C ILE K 197 -67.04 -99.49 -0.41
N GLU K 198 -65.95 -100.17 -0.03
CA GLU K 198 -65.79 -101.55 -0.51
C GLU K 198 -66.85 -102.49 0.08
N LEU K 199 -67.24 -102.31 1.34
CA LEU K 199 -68.37 -103.07 1.90
C LEU K 199 -69.67 -102.81 1.12
N ALA K 200 -69.97 -101.55 0.77
CA ALA K 200 -71.14 -101.20 -0.03
C ALA K 200 -71.04 -101.62 -1.49
N LYS K 201 -69.84 -101.90 -2.01
CA LYS K 201 -69.62 -102.58 -3.29
C LYS K 201 -69.83 -104.08 -3.19
N ARG K 202 -69.39 -104.70 -2.08
CA ARG K 202 -69.55 -106.14 -1.81
C ARG K 202 -71.01 -106.51 -1.51
N ALA K 203 -71.71 -105.68 -0.76
CA ALA K 203 -73.18 -105.66 -0.71
C ALA K 203 -73.76 -105.08 -2.01
N ASP K 204 -75.00 -105.43 -2.36
CA ASP K 204 -75.73 -104.89 -3.51
C ASP K 204 -76.83 -103.87 -3.12
N ASP K 205 -77.04 -103.64 -1.84
CA ASP K 205 -78.22 -102.92 -1.33
C ASP K 205 -78.24 -101.44 -1.70
N LYS K 206 -79.28 -101.03 -2.44
CA LYS K 206 -79.53 -99.63 -2.83
C LYS K 206 -79.65 -98.70 -1.63
N ASP K 207 -80.25 -99.11 -0.52
CA ASP K 207 -80.34 -98.25 0.68
C ASP K 207 -78.96 -97.99 1.28
N VAL K 208 -78.12 -99.02 1.44
CA VAL K 208 -76.74 -98.87 1.91
C VAL K 208 -75.94 -97.97 0.96
N ARG K 209 -76.09 -98.20 -0.36
CA ARG K 209 -75.40 -97.42 -1.39
C ARG K 209 -75.84 -95.95 -1.41
N GLU K 210 -77.13 -95.67 -1.24
CA GLU K 210 -77.62 -94.31 -1.02
C GLU K 210 -77.06 -93.70 0.26
N ILE K 211 -77.06 -94.44 1.37
CA ILE K 211 -76.49 -93.94 2.63
C ILE K 211 -75.02 -93.56 2.42
N VAL K 212 -74.23 -94.44 1.79
CA VAL K 212 -72.81 -94.16 1.54
C VAL K 212 -72.65 -92.95 0.62
N ARG K 213 -73.45 -92.81 -0.44
CA ARG K 213 -73.46 -91.59 -1.28
C ARG K 213 -73.73 -90.36 -0.42
N ASP K 214 -74.81 -90.38 0.35
CA ASP K 214 -75.24 -89.22 1.13
C ASP K 214 -74.23 -88.86 2.22
N ALA K 215 -73.65 -89.86 2.88
CA ALA K 215 -72.61 -89.64 3.88
C ALA K 215 -71.35 -89.06 3.24
N LEU K 216 -70.89 -89.59 2.10
CA LEU K 216 -69.72 -89.06 1.40
C LEU K 216 -69.99 -87.65 0.89
N GLU K 217 -71.19 -87.36 0.40
CA GLU K 217 -71.59 -85.99 0.06
C GLU K 217 -71.51 -85.09 1.29
N LEU K 218 -72.15 -85.47 2.40
CA LEU K 218 -72.12 -84.68 3.63
C LEU K 218 -70.69 -84.46 4.11
N ALA K 219 -69.86 -85.49 4.09
CA ALA K 219 -68.44 -85.40 4.47
C ALA K 219 -67.63 -84.52 3.50
N SER K 220 -68.00 -84.48 2.23
CA SER K 220 -67.39 -83.58 1.24
C SER K 220 -67.80 -82.13 1.46
N ARG K 221 -69.08 -81.87 1.74
CA ARG K 221 -69.64 -80.50 1.88
C ARG K 221 -69.35 -79.86 3.23
N SER K 222 -69.43 -80.62 4.32
CA SER K 222 -69.16 -80.14 5.68
C SER K 222 -67.66 -79.96 5.95
N THR K 223 -67.33 -79.28 7.06
CA THR K 223 -65.94 -78.91 7.44
C THR K 223 -65.65 -79.12 8.94
N ASN K 224 -66.40 -79.98 9.63
CA ASN K 224 -66.22 -80.32 11.05
C ASN K 224 -65.87 -81.79 11.24
N ASP K 225 -64.73 -82.07 11.89
CA ASP K 225 -64.21 -83.44 12.01
C ASP K 225 -65.13 -84.38 12.82
N GLU K 226 -65.89 -83.86 13.79
CA GLU K 226 -66.86 -84.69 14.54
C GLU K 226 -68.04 -85.07 13.65
N VAL K 227 -68.62 -84.11 12.92
CA VAL K 227 -69.68 -84.40 11.94
C VAL K 227 -69.19 -85.41 10.90
N ILE K 228 -67.99 -85.22 10.36
CA ILE K 228 -67.41 -86.12 9.36
C ILE K 228 -67.25 -87.53 9.94
N ARG K 229 -66.60 -87.66 11.11
CA ARG K 229 -66.40 -88.97 11.73
C ARG K 229 -67.73 -89.64 12.07
N LEU K 230 -68.67 -88.91 12.66
CA LEU K 230 -70.01 -89.43 12.93
C LEU K 230 -70.67 -89.96 11.67
N ALA K 231 -70.67 -89.17 10.59
CA ALA K 231 -71.32 -89.56 9.36
C ALA K 231 -70.66 -90.81 8.75
N LEU K 232 -69.33 -90.83 8.64
CA LEU K 232 -68.65 -91.94 7.99
C LEU K 232 -68.64 -93.19 8.89
N GLU K 233 -68.63 -93.03 10.20
CA GLU K 233 -68.88 -94.14 11.12
C GLU K 233 -70.30 -94.69 10.93
N ALA K 234 -71.32 -93.82 10.83
CA ALA K 234 -72.66 -94.28 10.51
C ALA K 234 -72.69 -95.01 9.16
N ALA K 235 -71.93 -94.56 8.17
CA ALA K 235 -71.84 -95.22 6.87
C ALA K 235 -71.23 -96.62 7.00
N VAL K 236 -70.15 -96.78 7.77
CA VAL K 236 -69.59 -98.11 8.07
C VAL K 236 -70.60 -98.98 8.82
N LEU K 237 -71.31 -98.42 9.81
CA LEU K 237 -72.32 -99.17 10.56
C LEU K 237 -73.49 -99.61 9.65
N ALA K 238 -73.92 -98.76 8.72
CA ALA K 238 -74.93 -99.12 7.74
C ALA K 238 -74.44 -100.20 6.75
N ALA K 239 -73.15 -100.21 6.42
CA ALA K 239 -72.55 -101.24 5.57
C ALA K 239 -72.30 -102.58 6.30
N ARG K 240 -72.02 -102.56 7.61
CA ARG K 240 -71.85 -103.76 8.45
C ARG K 240 -73.17 -104.41 8.86
N SER K 241 -74.14 -103.61 9.32
CA SER K 241 -75.48 -104.08 9.70
C SER K 241 -76.37 -104.34 8.47
N THR K 242 -77.55 -104.93 8.67
CA THR K 242 -78.60 -105.07 7.64
C THR K 242 -79.96 -105.17 8.34
N ASP K 243 -80.65 -104.04 8.48
CA ASP K 243 -81.95 -103.95 9.14
C ASP K 243 -82.68 -102.70 8.65
N SER K 244 -83.91 -102.87 8.12
CA SER K 244 -84.70 -101.75 7.63
C SER K 244 -84.95 -100.67 8.69
N ASP K 245 -85.07 -101.03 9.98
CA ASP K 245 -85.20 -100.00 11.04
C ASP K 245 -83.96 -99.12 11.15
N VAL K 246 -82.76 -99.70 11.11
CA VAL K 246 -81.50 -98.94 11.13
C VAL K 246 -81.35 -98.11 9.85
N LEU K 247 -81.62 -98.71 8.68
CA LEU K 247 -81.53 -98.02 7.40
C LEU K 247 -82.51 -96.84 7.31
N GLU K 248 -83.76 -97.01 7.73
CA GLU K 248 -84.76 -95.94 7.80
C GLU K 248 -84.30 -94.83 8.75
N ILE K 249 -83.87 -95.16 9.97
CA ILE K 249 -83.41 -94.18 10.96
C ILE K 249 -82.20 -93.40 10.42
N VAL K 250 -81.21 -94.09 9.84
CA VAL K 250 -80.05 -93.43 9.25
C VAL K 250 -80.47 -92.54 8.08
N LYS K 251 -81.36 -93.01 7.18
CA LYS K 251 -81.83 -92.19 6.05
C LYS K 251 -82.66 -90.99 6.52
N ASP K 252 -83.51 -91.14 7.53
CA ASP K 252 -84.20 -90.02 8.16
C ASP K 252 -83.19 -89.03 8.76
N ALA K 253 -82.18 -89.51 9.48
CA ALA K 253 -81.18 -88.65 10.08
C ALA K 253 -80.35 -87.90 9.02
N LEU K 254 -79.92 -88.59 7.95
CA LEU K 254 -79.19 -87.96 6.85
C LEU K 254 -80.06 -86.99 6.06
N GLU K 255 -81.34 -87.31 5.84
CA GLU K 255 -82.28 -86.38 5.22
C GLU K 255 -82.45 -85.12 6.09
N LEU K 256 -82.68 -85.28 7.39
CA LEU K 256 -82.75 -84.17 8.33
C LEU K 256 -81.46 -83.35 8.33
N ALA K 257 -80.29 -84.01 8.32
CA ALA K 257 -78.98 -83.35 8.26
C ALA K 257 -78.75 -82.59 6.93
N LYS K 258 -79.36 -83.03 5.82
CA LYS K 258 -79.29 -82.35 4.52
C LYS K 258 -80.32 -81.22 4.40
N GLN K 259 -81.49 -81.35 5.03
CA GLN K 259 -82.53 -80.31 5.05
C GLN K 259 -82.23 -79.16 6.03
N SER K 260 -81.71 -79.47 7.23
CA SER K 260 -81.30 -78.48 8.23
C SER K 260 -79.91 -77.89 7.94
N THR K 261 -79.58 -76.77 8.60
CA THR K 261 -78.31 -76.03 8.40
C THR K 261 -77.65 -75.62 9.72
N ASN K 262 -77.68 -76.52 10.73
CA ASN K 262 -77.09 -76.29 12.05
C ASN K 262 -76.29 -77.52 12.53
N GLU K 263 -75.06 -77.30 13.00
CA GLU K 263 -74.14 -78.38 13.37
C GLU K 263 -74.59 -79.17 14.60
N GLU K 264 -75.28 -78.56 15.57
CA GLU K 264 -75.79 -79.29 16.74
C GLU K 264 -76.96 -80.20 16.35
N VAL K 265 -77.87 -79.74 15.49
CA VAL K 265 -78.93 -80.59 14.91
C VAL K 265 -78.31 -81.77 14.15
N ILE K 266 -77.31 -81.52 13.31
CA ILE K 266 -76.61 -82.57 12.54
C ILE K 266 -75.93 -83.57 13.50
N LYS K 267 -75.14 -83.11 14.46
CA LYS K 267 -74.45 -83.98 15.43
C LYS K 267 -75.44 -84.80 16.26
N LEU K 268 -76.51 -84.19 16.78
CA LEU K 268 -77.53 -84.91 17.53
C LEU K 268 -78.24 -85.96 16.67
N ALA K 269 -78.63 -85.62 15.44
CA ALA K 269 -79.30 -86.56 14.55
C ALA K 269 -78.38 -87.76 14.22
N LEU K 270 -77.13 -87.48 13.85
CA LEU K 270 -76.14 -88.52 13.58
C LEU K 270 -75.87 -89.36 14.84
N LYS K 271 -75.74 -88.74 16.02
CA LYS K 271 -75.55 -89.47 17.28
C LYS K 271 -76.73 -90.39 17.56
N ALA K 272 -77.96 -89.89 17.44
CA ALA K 272 -79.16 -90.69 17.63
C ALA K 272 -79.17 -91.89 16.66
N ALA K 273 -78.85 -91.68 15.39
CA ALA K 273 -78.74 -92.76 14.41
C ALA K 273 -77.61 -93.75 14.73
N VAL K 274 -76.45 -93.29 15.20
CA VAL K 274 -75.34 -94.17 15.63
C VAL K 274 -75.76 -95.02 16.83
N LEU K 275 -76.42 -94.43 17.83
CA LEU K 275 -76.94 -95.18 18.98
C LEU K 275 -78.00 -96.20 18.54
N ALA K 276 -78.90 -95.85 17.62
CA ALA K 276 -79.84 -96.79 17.02
C ALA K 276 -79.13 -97.93 16.25
N ALA K 277 -78.04 -97.64 15.53
CA ALA K 277 -77.28 -98.66 14.81
C ALA K 277 -76.46 -99.59 15.74
N LYS K 278 -75.97 -99.09 16.88
CA LYS K 278 -75.19 -99.87 17.86
C LYS K 278 -76.06 -100.65 18.86
N SER K 279 -77.22 -100.12 19.26
CA SER K 279 -78.19 -100.82 20.11
C SER K 279 -79.02 -101.87 19.33
N THR K 280 -79.74 -102.74 20.06
CA THR K 280 -80.54 -103.84 19.47
C THR K 280 -82.03 -103.77 19.81
N ASP K 281 -82.43 -103.01 20.83
CA ASP K 281 -83.81 -102.99 21.34
C ASP K 281 -84.80 -102.30 20.39
N GLU K 282 -85.84 -103.02 19.97
CA GLU K 282 -86.92 -102.51 19.10
C GLU K 282 -87.66 -101.31 19.72
N GLU K 283 -87.76 -101.21 21.04
CA GLU K 283 -88.39 -100.05 21.69
C GLU K 283 -87.51 -98.80 21.63
N VAL K 284 -86.18 -98.95 21.70
CA VAL K 284 -85.23 -97.84 21.50
C VAL K 284 -85.23 -97.41 20.03
N LEU K 285 -85.24 -98.38 19.10
CA LEU K 285 -85.39 -98.11 17.67
C LEU K 285 -86.69 -97.33 17.40
N GLU K 286 -87.84 -97.78 17.92
CA GLU K 286 -89.09 -97.06 17.75
C GLU K 286 -89.08 -95.67 18.40
N GLU K 287 -88.54 -95.49 19.61
CA GLU K 287 -88.47 -94.15 20.20
C GLU K 287 -87.56 -93.22 19.40
N VAL K 288 -86.40 -93.68 18.93
CA VAL K 288 -85.53 -92.88 18.06
C VAL K 288 -86.25 -92.56 16.75
N LYS K 289 -86.93 -93.54 16.13
CA LYS K 289 -87.69 -93.31 14.89
C LYS K 289 -88.82 -92.31 15.11
N GLU K 290 -89.53 -92.40 16.23
CA GLU K 290 -90.58 -91.45 16.58
C GLU K 290 -90.01 -90.06 16.91
N ALA K 291 -88.88 -89.96 17.59
CA ALA K 291 -88.20 -88.68 17.80
C ALA K 291 -87.80 -88.02 16.47
N LEU K 292 -87.26 -88.80 15.53
CA LEU K 292 -87.01 -88.32 14.16
C LEU K 292 -88.31 -87.95 13.43
N ARG K 293 -89.40 -88.71 13.60
CA ARG K 293 -90.70 -88.35 13.02
C ARG K 293 -91.20 -87.03 13.57
N ARG K 294 -91.14 -86.83 14.89
CA ARG K 294 -91.44 -85.53 15.53
C ARG K 294 -90.54 -84.44 14.94
N ALA K 295 -89.25 -84.70 14.78
CA ALA K 295 -88.30 -83.75 14.19
C ALA K 295 -88.64 -83.41 12.71
N LYS K 296 -89.12 -84.36 11.93
CA LYS K 296 -89.53 -84.16 10.52
C LYS K 296 -90.92 -83.51 10.37
N GLU K 297 -91.85 -83.78 11.28
CA GLU K 297 -93.20 -83.17 11.26
C GLU K 297 -93.24 -81.75 11.87
N SER K 298 -92.41 -81.46 12.87
CA SER K 298 -92.26 -80.11 13.44
C SER K 298 -91.40 -79.19 12.56
N THR K 299 -91.36 -77.89 12.88
CA THR K 299 -90.69 -76.85 12.07
C THR K 299 -89.83 -75.87 12.89
N ASP K 300 -89.51 -76.20 14.14
CA ASP K 300 -88.63 -75.42 15.03
C ASP K 300 -87.34 -76.20 15.34
N GLU K 301 -86.18 -75.63 15.02
CA GLU K 301 -84.87 -76.23 15.32
C GLU K 301 -84.67 -76.53 16.82
N GLU K 302 -85.29 -75.74 17.71
CA GLU K 302 -85.20 -75.96 19.15
C GLU K 302 -86.02 -77.19 19.59
N GLU K 303 -87.18 -77.45 18.97
CA GLU K 303 -87.95 -78.67 19.20
C GLU K 303 -87.25 -79.90 18.62
N ILE K 304 -86.62 -79.76 17.43
CA ILE K 304 -85.77 -80.79 16.83
C ILE K 304 -84.62 -81.14 17.77
N LYS K 305 -83.90 -80.15 18.30
CA LYS K 305 -82.83 -80.35 19.30
C LYS K 305 -83.35 -81.04 20.56
N GLU K 306 -84.48 -80.62 21.13
CA GLU K 306 -85.02 -81.21 22.35
C GLU K 306 -85.51 -82.66 22.17
N GLU K 307 -86.20 -82.99 21.07
CA GLU K 307 -86.61 -84.38 20.81
C GLU K 307 -85.40 -85.30 20.60
N LEU K 308 -84.41 -84.87 19.80
CA LEU K 308 -83.18 -85.64 19.62
C LEU K 308 -82.37 -85.73 20.93
N ARG K 309 -82.32 -84.67 21.75
CA ARG K 309 -81.67 -84.71 23.06
C ARG K 309 -82.33 -85.73 23.98
N LYS K 310 -83.67 -85.72 24.11
CA LYS K 310 -84.38 -86.70 24.93
C LYS K 310 -84.14 -88.13 24.45
N ALA K 311 -84.20 -88.36 23.13
CA ALA K 311 -83.90 -89.68 22.55
C ALA K 311 -82.45 -90.12 22.85
N VAL K 312 -81.46 -89.24 22.68
CA VAL K 312 -80.05 -89.54 23.02
C VAL K 312 -79.89 -89.81 24.52
N GLU K 313 -80.50 -89.01 25.39
CA GLU K 313 -80.46 -89.24 26.84
C GLU K 313 -81.18 -90.53 27.27
N GLU K 314 -82.12 -91.05 26.49
CA GLU K 314 -82.71 -92.38 26.69
C GLU K 314 -81.82 -93.51 26.14
N ALA K 315 -81.16 -93.31 25.00
CA ALA K 315 -80.43 -94.36 24.28
C ALA K 315 -78.93 -94.54 24.66
N GLU K 316 -78.27 -93.51 25.20
CA GLU K 316 -76.82 -93.50 25.50
C GLU K 316 -76.40 -94.47 26.63
N CYS L 3 46.29 105.69 -10.13
CA CYS L 3 46.89 105.61 -11.47
C CYS L 3 45.81 105.31 -12.52
N ASP L 4 45.11 106.34 -13.02
CA ASP L 4 43.85 106.20 -13.78
C ASP L 4 43.97 105.29 -15.00
N ALA L 5 45.09 105.38 -15.74
CA ALA L 5 45.33 104.59 -16.94
C ALA L 5 45.34 103.08 -16.65
N ILE L 6 45.73 102.67 -15.45
CA ILE L 6 45.64 101.28 -15.00
C ILE L 6 44.29 101.04 -14.32
N GLN L 7 43.73 102.02 -13.61
CA GLN L 7 42.51 101.85 -12.81
C GLN L 7 41.34 101.29 -13.64
N ALA L 8 41.20 101.76 -14.87
CA ALA L 8 40.22 101.21 -15.80
C ALA L 8 40.49 99.73 -16.10
N ALA L 9 41.74 99.35 -16.39
CA ALA L 9 42.11 97.95 -16.60
C ALA L 9 41.88 97.12 -15.33
N ALA L 10 42.16 97.66 -14.15
CA ALA L 10 41.86 97.00 -12.89
C ALA L 10 40.35 96.76 -12.72
N ALA L 11 39.52 97.77 -12.99
CA ALA L 11 38.08 97.60 -12.96
C ALA L 11 37.59 96.55 -13.98
N LEU L 12 38.14 96.55 -15.20
CA LEU L 12 37.84 95.52 -16.21
C LEU L 12 38.28 94.12 -15.76
N GLY L 13 39.39 94.03 -15.02
CA GLY L 13 39.84 92.80 -14.38
C GLY L 13 38.89 92.33 -13.27
N GLU L 14 38.38 93.25 -12.45
CA GLU L 14 37.34 92.95 -11.45
C GLU L 14 36.04 92.49 -12.12
N ALA L 15 35.69 93.04 -13.28
CA ALA L 15 34.58 92.58 -14.11
C ALA L 15 34.86 91.23 -14.81
N GLY L 16 36.09 90.72 -14.78
CA GLY L 16 36.47 89.44 -15.38
C GLY L 16 36.64 89.48 -16.90
N ILE L 17 36.88 90.64 -17.49
CA ILE L 17 37.09 90.78 -18.94
C ILE L 17 38.41 90.13 -19.38
N SER L 18 38.41 89.42 -20.50
CA SER L 18 39.61 88.69 -20.98
C SER L 18 40.73 89.64 -21.40
N SER L 19 41.99 89.23 -21.24
CA SER L 19 43.15 90.13 -21.39
C SER L 19 43.28 90.72 -22.79
N ASN L 20 43.11 89.95 -23.86
CA ASN L 20 43.10 90.48 -25.22
C ASN L 20 41.97 91.50 -25.42
N GLU L 21 40.81 91.29 -24.80
CA GLU L 21 39.70 92.25 -24.89
C GLU L 21 39.94 93.49 -24.03
N ILE L 22 40.60 93.36 -22.88
CA ILE L 22 41.06 94.55 -22.14
C ILE L 22 42.02 95.33 -23.03
N LEU L 23 42.98 94.66 -23.66
CA LEU L 23 43.90 95.30 -24.60
C LEU L 23 43.14 95.96 -25.75
N GLU L 24 42.11 95.33 -26.30
CA GLU L 24 41.29 95.97 -27.32
C GLU L 24 40.55 97.19 -26.77
N LEU L 25 39.97 97.12 -25.57
CA LEU L 25 39.25 98.25 -24.98
C LEU L 25 40.20 99.40 -24.68
N LEU L 26 41.41 99.09 -24.25
CA LEU L 26 42.49 100.05 -24.15
C LEU L 26 42.87 100.60 -25.54
N ALA L 27 42.96 99.75 -26.55
CA ALA L 27 43.26 100.20 -27.91
C ALA L 27 42.18 101.16 -28.42
N ALA L 28 40.91 100.86 -28.15
CA ALA L 28 39.79 101.73 -28.45
C ALA L 28 39.89 103.04 -27.66
N ALA L 29 40.20 102.96 -26.38
CA ALA L 29 40.40 104.15 -25.57
C ALA L 29 41.47 105.05 -26.17
N ALA L 30 42.59 104.49 -26.61
CA ALA L 30 43.64 105.23 -27.29
C ALA L 30 43.18 105.76 -28.66
N GLU L 31 42.48 104.95 -29.44
CA GLU L 31 41.97 105.29 -30.77
C GLU L 31 41.03 106.49 -30.72
N LEU L 32 40.08 106.48 -29.77
CA LEU L 32 39.06 107.50 -29.64
C LEU L 32 39.44 108.62 -28.65
N GLY L 33 40.43 108.38 -27.78
CA GLY L 33 40.75 109.27 -26.66
C GLY L 33 39.73 109.19 -25.52
N LEU L 34 39.21 107.99 -25.21
CA LEU L 34 38.18 107.82 -24.17
C LEU L 34 38.68 108.19 -22.77
N ASP L 35 37.82 108.82 -21.97
CA ASP L 35 38.11 109.10 -20.56
C ASP L 35 37.83 107.86 -19.67
N PRO L 36 38.42 107.79 -18.46
CA PRO L 36 38.28 106.66 -17.57
C PRO L 36 36.83 106.30 -17.21
N ASP L 37 35.93 107.27 -17.09
CA ASP L 37 34.54 106.99 -16.77
C ASP L 37 33.77 106.48 -18.00
N ALA L 38 34.12 106.95 -19.19
CA ALA L 38 33.61 106.35 -20.43
C ALA L 38 34.07 104.89 -20.54
N ILE L 39 35.32 104.60 -20.18
CA ILE L 39 35.81 103.23 -20.14
C ILE L 39 35.14 102.44 -19.00
N GLN L 40 34.81 103.06 -17.87
CA GLN L 40 34.04 102.40 -16.79
C GLN L 40 32.63 102.04 -17.27
N ALA L 41 31.97 102.90 -18.03
CA ALA L 41 30.71 102.56 -18.66
C ALA L 41 30.87 101.37 -19.62
N ALA L 42 31.96 101.35 -20.40
CA ALA L 42 32.28 100.18 -21.24
C ALA L 42 32.46 98.92 -20.38
N ALA L 43 33.14 99.00 -19.24
CA ALA L 43 33.27 97.88 -18.31
C ALA L 43 31.90 97.40 -17.81
N GLN L 44 30.99 98.31 -17.50
CA GLN L 44 29.64 97.97 -17.07
C GLN L 44 28.80 97.35 -18.22
N LEU L 45 28.99 97.75 -19.48
CA LEU L 45 28.44 97.01 -20.62
C LEU L 45 29.06 95.60 -20.75
N GLY L 46 30.32 95.45 -20.37
CA GLY L 46 30.98 94.16 -20.22
C GLY L 46 30.36 93.31 -19.11
N GLU L 47 30.00 93.91 -17.97
CA GLU L 47 29.20 93.25 -16.92
C GLU L 47 27.79 92.88 -17.42
N ALA L 48 27.20 93.69 -18.31
CA ALA L 48 25.98 93.33 -19.03
C ALA L 48 26.18 92.23 -20.10
N GLY L 49 27.42 91.76 -20.31
CA GLY L 49 27.75 90.66 -21.20
C GLY L 49 27.86 91.02 -22.69
N ILE L 50 27.81 92.30 -23.04
CA ILE L 50 27.91 92.76 -24.44
C ILE L 50 29.32 92.47 -25.00
N SER L 51 29.46 92.16 -26.29
CA SER L 51 30.79 91.92 -26.87
C SER L 51 31.64 93.19 -26.82
N SER L 52 32.94 93.03 -26.56
CA SER L 52 33.91 94.12 -26.71
C SER L 52 33.85 94.77 -28.10
N GLU L 53 33.59 94.01 -29.16
CA GLU L 53 33.44 94.57 -30.50
C GLU L 53 32.21 95.47 -30.58
N GLU L 54 31.07 94.96 -30.09
CA GLU L 54 29.82 95.71 -30.10
C GLU L 54 29.97 96.97 -29.24
N ILE L 55 30.57 96.83 -28.07
CA ILE L 55 30.90 97.95 -27.20
C ILE L 55 31.73 98.95 -27.99
N LYS L 56 32.77 98.51 -28.70
CA LYS L 56 33.64 99.42 -29.45
C LYS L 56 32.84 100.20 -30.48
N GLU L 57 32.03 99.52 -31.27
CA GLU L 57 31.18 100.21 -32.22
C GLU L 57 30.24 101.18 -31.51
N LEU L 58 29.64 100.78 -30.39
CA LEU L 58 28.71 101.64 -29.66
C LEU L 58 29.43 102.86 -29.08
N LEU L 59 30.62 102.68 -28.54
CA LEU L 59 31.47 103.78 -28.11
C LEU L 59 31.75 104.70 -29.29
N ARG L 60 32.13 104.13 -30.44
CA ARG L 60 32.38 104.94 -31.64
C ARG L 60 31.14 105.72 -32.03
N ALA L 61 29.97 105.10 -31.98
CA ALA L 61 28.74 105.78 -32.26
C ALA L 61 28.50 106.92 -31.24
N ALA L 62 28.63 106.66 -29.94
CA ALA L 62 28.42 107.66 -28.90
C ALA L 62 29.36 108.85 -29.07
N HIS L 63 30.61 108.57 -29.42
CA HIS L 63 31.64 109.55 -29.74
C HIS L 63 31.25 110.37 -30.99
N GLU L 64 30.81 109.69 -32.05
CA GLU L 64 30.32 110.35 -33.27
C GLU L 64 29.03 111.17 -33.06
N LEU L 65 28.19 110.82 -32.08
CA LEU L 65 27.02 111.63 -31.70
C LEU L 65 27.42 112.93 -30.98
N GLY L 66 28.59 112.98 -30.33
CA GLY L 66 29.01 114.14 -29.55
C GLY L 66 28.14 114.39 -28.31
N LEU L 67 27.56 113.34 -27.73
CA LEU L 67 26.71 113.42 -26.52
C LEU L 67 27.49 113.83 -25.26
N ASP L 68 26.77 114.30 -24.25
CA ASP L 68 27.35 114.65 -22.95
C ASP L 68 27.77 113.41 -22.14
N PRO L 69 28.77 113.53 -21.25
CA PRO L 69 29.26 112.43 -20.44
C PRO L 69 28.18 111.73 -19.60
N ASP L 70 27.19 112.44 -19.08
CA ASP L 70 26.16 111.84 -18.23
C ASP L 70 25.25 110.90 -19.03
N ALA L 71 24.81 111.30 -20.22
CA ALA L 71 24.08 110.41 -21.12
C ALA L 71 24.95 109.20 -21.50
N ILE L 72 26.22 109.42 -21.86
CA ILE L 72 27.10 108.32 -22.25
C ILE L 72 27.31 107.36 -21.07
N ALA L 73 27.48 107.87 -19.85
CA ALA L 73 27.51 107.04 -18.65
C ALA L 73 26.20 106.29 -18.45
N ALA L 74 25.05 106.97 -18.64
CA ALA L 74 23.75 106.35 -18.53
C ALA L 74 23.54 105.20 -19.52
N ALA L 75 24.33 105.09 -20.59
CA ALA L 75 24.31 103.90 -21.44
C ALA L 75 24.60 102.63 -20.64
N ALA L 76 25.46 102.71 -19.62
CA ALA L 76 25.70 101.57 -18.73
C ALA L 76 24.44 101.21 -17.92
N ASP L 77 23.66 102.20 -17.49
CA ASP L 77 22.38 101.93 -16.83
C ASP L 77 21.39 101.27 -17.78
N LEU L 78 21.35 101.68 -19.05
CA LEU L 78 20.55 100.98 -20.06
C LEU L 78 21.04 99.53 -20.24
N GLY L 79 22.36 99.29 -20.12
CA GLY L 79 22.94 97.96 -20.05
C GLY L 79 22.47 97.17 -18.82
N GLN L 80 22.46 97.79 -17.64
CA GLN L 80 21.92 97.16 -16.41
C GLN L 80 20.43 96.83 -16.55
N ALA L 81 19.68 97.66 -17.27
CA ALA L 81 18.29 97.41 -17.61
C ALA L 81 18.09 96.31 -18.68
N GLY L 82 19.17 95.76 -19.25
CA GLY L 82 19.11 94.67 -20.24
C GLY L 82 18.65 95.09 -21.63
N VAL L 83 18.67 96.39 -21.94
CA VAL L 83 18.24 96.95 -23.23
C VAL L 83 19.08 96.38 -24.38
N SER L 84 18.49 96.16 -25.57
CA SER L 84 19.25 95.66 -26.73
C SER L 84 20.39 96.62 -27.09
N PRO L 85 21.53 96.14 -27.59
CA PRO L 85 22.67 97.00 -27.88
C PRO L 85 22.31 98.06 -28.93
N VAL L 86 21.57 97.67 -29.96
CA VAL L 86 21.04 98.66 -30.90
C VAL L 86 20.07 99.59 -30.18
N GLU L 87 19.19 99.08 -29.33
CA GLU L 87 18.23 99.92 -28.60
C GLU L 87 18.93 100.94 -27.69
N ILE L 88 20.08 100.61 -27.12
CA ILE L 88 20.86 101.60 -26.39
C ILE L 88 21.17 102.75 -27.33
N LEU L 89 21.72 102.45 -28.51
CA LEU L 89 22.03 103.47 -29.48
C LEU L 89 20.77 104.23 -29.90
N ALA L 90 19.66 103.53 -30.04
CA ALA L 90 18.42 104.16 -30.39
C ALA L 90 18.02 105.18 -29.31
N LEU L 91 18.05 104.79 -28.04
CA LEU L 91 17.69 105.69 -26.95
C LEU L 91 18.67 106.85 -26.87
N LEU L 92 19.96 106.60 -27.08
CA LEU L 92 20.94 107.67 -27.14
C LEU L 92 20.61 108.64 -28.27
N ILE L 93 20.35 108.14 -29.47
CA ILE L 93 19.98 108.99 -30.59
C ILE L 93 18.70 109.76 -30.25
N ALA L 94 17.70 109.09 -29.69
CA ALA L 94 16.45 109.72 -29.36
C ALA L 94 16.67 110.88 -28.40
N ALA L 95 17.40 110.65 -27.33
CA ALA L 95 17.75 111.69 -26.40
C ALA L 95 18.45 112.85 -27.13
N SER L 96 19.41 112.53 -27.99
CA SER L 96 20.18 113.55 -28.73
C SER L 96 19.28 114.41 -29.62
N VAL L 97 18.27 113.81 -30.26
CA VAL L 97 17.36 114.54 -31.14
C VAL L 97 16.38 115.36 -30.31
N LEU L 98 15.80 114.75 -29.29
CA LEU L 98 14.78 115.38 -28.45
C LEU L 98 15.36 116.53 -27.60
N GLY L 99 16.66 116.49 -27.29
CA GLY L 99 17.26 117.41 -26.34
C GLY L 99 16.89 117.08 -24.88
N LEU L 100 16.80 115.79 -24.54
CA LEU L 100 16.49 115.33 -23.18
C LEU L 100 17.58 115.69 -22.15
N ASP L 101 17.22 115.64 -20.88
CA ASP L 101 18.15 115.62 -19.76
C ASP L 101 18.42 114.17 -19.27
N PRO L 102 19.50 113.94 -18.51
CA PRO L 102 19.80 112.63 -17.93
C PRO L 102 18.67 112.05 -17.07
N ASP L 103 17.83 112.89 -16.46
CA ASP L 103 16.66 112.42 -15.72
C ASP L 103 15.65 111.75 -16.65
N ALA L 104 15.31 112.37 -17.79
CA ALA L 104 14.45 111.71 -18.77
C ALA L 104 15.11 110.45 -19.33
N ILE L 105 16.44 110.43 -19.49
CA ILE L 105 17.14 109.20 -19.86
C ILE L 105 17.01 108.15 -18.75
N GLN L 106 17.14 108.50 -17.48
CA GLN L 106 16.94 107.57 -16.38
C GLN L 106 15.50 107.06 -16.35
N ALA L 107 14.53 107.90 -16.67
CA ALA L 107 13.14 107.46 -16.81
C ALA L 107 13.00 106.45 -17.96
N ALA L 108 13.66 106.69 -19.09
CA ALA L 108 13.75 105.69 -20.15
C ALA L 108 14.40 104.39 -19.64
N ALA L 109 15.46 104.48 -18.84
CA ALA L 109 16.07 103.29 -18.26
C ALA L 109 15.07 102.53 -17.37
N ALA L 110 14.31 103.23 -16.54
CA ALA L 110 13.26 102.61 -15.75
C ALA L 110 12.18 101.96 -16.63
N LEU L 111 11.77 102.59 -17.73
CA LEU L 111 10.86 101.97 -18.69
C LEU L 111 11.50 100.72 -19.35
N GLY L 112 12.82 100.74 -19.52
CA GLY L 112 13.60 99.58 -19.95
C GLY L 112 13.55 98.44 -18.92
N GLU L 113 13.69 98.74 -17.63
CA GLU L 113 13.49 97.75 -16.56
C GLU L 113 12.05 97.22 -16.54
N ALA L 114 11.06 98.06 -16.89
CA ALA L 114 9.68 97.65 -17.09
C ALA L 114 9.44 96.86 -18.40
N GLY L 115 10.47 96.63 -19.21
CA GLY L 115 10.41 95.81 -20.44
C GLY L 115 9.78 96.51 -21.64
N ILE L 116 9.57 97.83 -21.58
CA ILE L 116 8.98 98.62 -22.67
C ILE L 116 9.96 98.71 -23.85
N SER L 117 9.50 98.56 -25.10
CA SER L 117 10.39 98.65 -26.27
C SER L 117 10.90 100.07 -26.49
N ALA L 118 12.06 100.23 -27.13
CA ALA L 118 12.57 101.56 -27.47
C ALA L 118 11.59 102.33 -28.36
N GLU L 119 10.82 101.66 -29.23
CA GLU L 119 9.76 102.33 -29.99
C GLU L 119 8.70 102.92 -29.08
N GLU L 120 8.21 102.14 -28.12
CA GLU L 120 7.24 102.64 -27.16
C GLU L 120 7.83 103.74 -26.30
N ILE L 121 9.10 103.63 -25.89
CA ILE L 121 9.75 104.70 -25.13
C ILE L 121 9.82 105.96 -25.99
N ILE L 122 10.28 105.85 -27.23
CA ILE L 122 10.34 106.99 -28.15
C ILE L 122 8.95 107.59 -28.32
N GLU L 123 7.93 106.76 -28.48
CA GLU L 123 6.55 107.23 -28.57
C GLU L 123 6.13 107.98 -27.31
N LEU L 124 6.41 107.41 -26.13
CA LEU L 124 6.09 108.06 -24.86
C LEU L 124 6.83 109.39 -24.73
N LEU L 125 8.10 109.44 -25.11
CA LEU L 125 8.87 110.66 -25.10
C LEU L 125 8.29 111.68 -26.08
N THR L 126 7.87 111.22 -27.25
CA THR L 126 7.23 112.06 -28.26
C THR L 126 5.94 112.64 -27.71
N ALA L 127 5.11 111.82 -27.07
CA ALA L 127 3.88 112.27 -26.46
C ALA L 127 4.15 113.28 -25.35
N ALA L 128 5.14 113.03 -24.49
CA ALA L 128 5.51 113.96 -23.44
C ALA L 128 5.94 115.31 -24.03
N ARG L 129 6.76 115.29 -25.08
CA ARG L 129 7.18 116.49 -25.84
C ARG L 129 5.98 117.21 -26.46
N ASP L 130 5.05 116.49 -27.06
CA ASP L 130 3.84 117.07 -27.65
C ASP L 130 2.94 117.73 -26.60
N LEU L 131 2.76 117.09 -25.43
CA LEU L 131 1.99 117.64 -24.32
C LEU L 131 2.73 118.74 -23.56
N GLY L 132 4.05 118.85 -23.73
CA GLY L 132 4.90 119.76 -22.96
C GLY L 132 5.11 119.33 -21.50
N LEU L 133 5.03 118.02 -21.22
CA LEU L 133 5.20 117.44 -19.88
C LEU L 133 6.67 117.44 -19.42
N ASP L 134 6.87 117.48 -18.10
CA ASP L 134 8.19 117.46 -17.46
C ASP L 134 8.66 116.03 -17.09
N PRO L 135 9.95 115.84 -16.76
CA PRO L 135 10.49 114.52 -16.41
C PRO L 135 9.79 113.77 -15.27
N ASP L 136 9.20 114.45 -14.28
CA ASP L 136 8.51 113.73 -13.20
C ASP L 136 7.22 113.05 -13.71
N ALA L 137 6.58 113.61 -14.74
CA ALA L 137 5.50 112.90 -15.42
C ALA L 137 6.03 111.59 -16.04
N ILE L 138 7.22 111.63 -16.64
CA ILE L 138 7.86 110.44 -17.20
C ILE L 138 8.23 109.45 -16.09
N GLN L 139 8.66 109.93 -14.92
CA GLN L 139 8.92 109.06 -13.77
C GLN L 139 7.63 108.39 -13.26
N ALA L 140 6.53 109.13 -13.16
CA ALA L 140 5.24 108.54 -12.84
C ALA L 140 4.80 107.54 -13.93
N ALA L 141 5.07 107.84 -15.20
CA ALA L 141 4.82 106.89 -16.27
C ALA L 141 5.64 105.61 -16.09
N ALA L 142 6.91 105.71 -15.68
CA ALA L 142 7.70 104.54 -15.34
C ALA L 142 7.07 103.74 -14.19
N GLN L 143 6.53 104.41 -13.18
CA GLN L 143 5.78 103.72 -12.11
C GLN L 143 4.51 103.04 -12.67
N LEU L 144 3.79 103.65 -13.61
CA LEU L 144 2.68 102.99 -14.30
C LEU L 144 3.18 101.78 -15.12
N GLY L 145 4.38 101.87 -15.69
CA GLY L 145 5.04 100.75 -16.35
C GLY L 145 5.38 99.62 -15.38
N GLU L 146 5.86 99.93 -14.18
CA GLU L 146 6.07 98.93 -13.11
C GLU L 146 4.73 98.31 -12.65
N ALA L 147 3.63 99.07 -12.70
CA ALA L 147 2.28 98.55 -12.52
C ALA L 147 1.74 97.76 -13.75
N GLY L 148 2.52 97.64 -14.82
CA GLY L 148 2.17 96.85 -16.02
C GLY L 148 1.17 97.52 -16.96
N ILE L 149 0.89 98.81 -16.80
CA ILE L 149 -0.04 99.56 -17.67
C ILE L 149 0.59 99.71 -19.07
N SER L 150 -0.19 99.50 -20.14
CA SER L 150 0.34 99.57 -21.51
C SER L 150 0.63 101.00 -21.97
N SER L 151 1.47 101.13 -23.01
CA SER L 151 1.90 102.44 -23.53
C SER L 151 0.72 103.31 -23.96
N GLU L 152 -0.24 102.77 -24.72
CA GLU L 152 -1.40 103.53 -25.15
C GLU L 152 -2.28 103.94 -23.95
N GLU L 153 -2.43 103.08 -22.95
CA GLU L 153 -3.14 103.44 -21.72
C GLU L 153 -2.43 104.59 -21.01
N ILE L 154 -1.11 104.54 -20.85
CA ILE L 154 -0.35 105.64 -20.26
C ILE L 154 -0.56 106.90 -21.10
N LYS L 155 -0.46 106.82 -22.43
CA LYS L 155 -0.61 107.96 -23.32
C LYS L 155 -1.99 108.60 -23.14
N GLU L 156 -3.03 107.80 -23.15
CA GLU L 156 -4.38 108.29 -22.90
C GLU L 156 -4.52 108.87 -21.50
N LEU L 157 -3.92 108.26 -20.48
CA LEU L 157 -3.96 108.79 -19.12
C LEU L 157 -3.28 110.16 -19.07
N LEU L 158 -2.08 110.29 -19.63
CA LEU L 158 -1.40 111.57 -19.69
C LEU L 158 -2.22 112.58 -20.48
N ARG L 159 -2.82 112.18 -21.59
CA ARG L 159 -3.71 113.06 -22.37
C ARG L 159 -4.87 113.55 -21.52
N ALA L 160 -5.55 112.64 -20.82
CA ALA L 160 -6.64 113.00 -19.93
C ALA L 160 -6.15 113.95 -18.82
N ALA L 161 -5.00 113.65 -18.21
CA ALA L 161 -4.44 114.48 -17.15
C ALA L 161 -4.16 115.89 -17.65
N HIS L 162 -3.62 116.03 -18.86
CA HIS L 162 -3.36 117.32 -19.49
C HIS L 162 -4.66 118.06 -19.84
N GLU L 163 -5.66 117.37 -20.38
CA GLU L 163 -6.98 117.95 -20.66
C GLU L 163 -7.71 118.40 -19.38
N LEU L 164 -7.48 117.71 -18.27
CA LEU L 164 -7.92 118.11 -16.94
C LEU L 164 -7.04 119.20 -16.30
N GLY L 165 -5.83 119.44 -16.81
CA GLY L 165 -4.89 120.39 -16.22
C GLY L 165 -4.34 119.93 -14.86
N LEU L 166 -4.13 118.63 -14.68
CA LEU L 166 -3.63 118.04 -13.43
C LEU L 166 -2.16 118.38 -13.15
N ASP L 167 -1.80 118.49 -11.88
CA ASP L 167 -0.41 118.63 -11.43
C ASP L 167 0.37 117.31 -11.53
N PRO L 168 1.72 117.34 -11.63
CA PRO L 168 2.55 116.13 -11.61
C PRO L 168 2.31 115.22 -10.40
N ASP L 169 2.03 115.79 -9.22
CA ASP L 169 1.66 115.02 -8.03
C ASP L 169 0.36 114.23 -8.25
N CYS L 170 -0.56 114.73 -9.07
CA CYS L 170 -1.76 114.02 -9.42
C CYS L 170 -1.42 112.80 -10.28
N ILE L 171 -0.44 112.92 -11.18
CA ILE L 171 0.04 111.78 -11.97
C ILE L 171 0.68 110.74 -11.05
N ALA L 172 1.38 111.15 -9.99
CA ALA L 172 1.84 110.21 -8.96
C ALA L 172 0.66 109.55 -8.23
N ALA L 173 -0.40 110.30 -7.93
CA ALA L 173 -1.62 109.71 -7.38
C ALA L 173 -2.28 108.73 -8.37
N ALA L 174 -2.23 109.02 -9.68
CA ALA L 174 -2.68 108.07 -10.70
C ALA L 174 -1.81 106.81 -10.68
N ALA L 175 -0.50 106.97 -10.53
CA ALA L 175 0.40 105.83 -10.35
C ALA L 175 0.09 105.05 -9.07
N ASP L 176 -0.35 105.70 -7.99
CA ASP L 176 -0.81 105.00 -6.79
C ASP L 176 -2.09 104.18 -7.04
N LEU L 177 -3.03 104.67 -7.85
CA LEU L 177 -4.16 103.83 -8.31
C LEU L 177 -3.66 102.66 -9.18
N GLY L 178 -2.57 102.86 -9.93
CA GLY L 178 -1.83 101.79 -10.58
C GLY L 178 -1.24 100.78 -9.58
N GLN L 179 -0.63 101.23 -8.50
CA GLN L 179 -0.15 100.36 -7.41
C GLN L 179 -1.30 99.56 -6.78
N ALA L 180 -2.49 100.15 -6.69
CA ALA L 180 -3.72 99.49 -6.25
C ALA L 180 -4.33 98.53 -7.30
N GLY L 181 -3.74 98.42 -8.50
CA GLY L 181 -4.20 97.49 -9.55
C GLY L 181 -5.50 97.91 -10.24
N ILE L 182 -5.89 99.17 -10.12
CA ILE L 182 -7.09 99.72 -10.75
C ILE L 182 -6.92 99.71 -12.29
N SER L 183 -7.96 99.35 -13.05
CA SER L 183 -7.87 99.38 -14.52
C SER L 183 -7.68 100.82 -15.04
N SER L 184 -7.02 101.02 -16.17
CA SER L 184 -6.84 102.36 -16.75
C SER L 184 -8.16 103.12 -16.92
N SER L 185 -9.22 102.41 -17.33
CA SER L 185 -10.56 102.98 -17.44
C SER L 185 -11.03 103.54 -16.08
N GLU L 186 -10.87 102.78 -15.01
CA GLU L 186 -11.28 103.18 -13.67
C GLU L 186 -10.35 104.24 -13.09
N ILE L 187 -9.04 104.20 -13.36
CA ILE L 187 -8.16 105.32 -13.03
C ILE L 187 -8.71 106.57 -13.71
N THR L 188 -9.01 106.50 -15.00
CA THR L 188 -9.51 107.64 -15.77
C THR L 188 -10.80 108.17 -15.15
N ALA L 189 -11.74 107.29 -14.83
CA ALA L 189 -12.95 107.66 -14.13
C ALA L 189 -12.64 108.34 -12.81
N LEU L 190 -11.80 107.74 -11.96
CA LEU L 190 -11.47 108.31 -10.66
C LEU L 190 -10.76 109.66 -10.80
N LEU L 191 -9.91 109.82 -11.80
CA LEU L 191 -9.32 111.12 -12.11
C LEU L 191 -10.41 112.13 -12.47
N LEU L 192 -11.31 111.79 -13.39
CA LEU L 192 -12.41 112.67 -13.77
C LEU L 192 -13.25 113.04 -12.54
N ALA L 193 -13.59 112.05 -11.71
CA ALA L 193 -14.42 112.24 -10.53
C ALA L 193 -13.71 113.13 -9.51
N ALA L 194 -12.48 112.81 -9.15
CA ALA L 194 -11.72 113.58 -8.19
C ALA L 194 -11.53 115.01 -8.68
N ALA L 195 -11.25 115.20 -9.96
CA ALA L 195 -11.14 116.53 -10.54
C ALA L 195 -12.46 117.28 -10.44
N ALA L 196 -13.57 116.65 -10.85
CA ALA L 196 -14.89 117.26 -10.72
C ALA L 196 -15.18 117.65 -9.27
N ILE L 197 -14.83 116.82 -8.30
CA ILE L 197 -15.06 117.10 -6.87
C ILE L 197 -14.18 118.25 -6.40
N GLU L 198 -12.88 118.21 -6.68
CA GLU L 198 -11.96 119.25 -6.28
C GLU L 198 -12.43 120.61 -6.83
N LEU L 199 -12.80 120.65 -8.12
CA LEU L 199 -13.37 121.84 -8.75
C LEU L 199 -14.72 122.22 -8.17
N ALA L 200 -15.62 121.26 -7.92
CA ALA L 200 -16.93 121.54 -7.32
C ALA L 200 -16.82 122.07 -5.90
N LYS L 201 -15.76 121.70 -5.17
CA LYS L 201 -15.41 122.32 -3.89
C LYS L 201 -14.90 123.76 -4.05
N ARG L 202 -14.30 124.10 -5.20
CA ARG L 202 -13.95 125.50 -5.53
C ARG L 202 -15.14 126.29 -6.05
N ALA L 203 -16.13 125.65 -6.67
CA ALA L 203 -17.41 126.27 -7.04
C ALA L 203 -18.28 126.52 -5.80
N ASP L 204 -18.92 127.69 -5.70
CA ASP L 204 -19.84 128.02 -4.59
C ASP L 204 -21.29 127.56 -4.85
N ASP L 205 -21.69 127.43 -6.11
CA ASP L 205 -23.10 127.27 -6.49
C ASP L 205 -23.68 125.89 -6.11
N LYS L 206 -24.74 125.89 -5.30
CA LYS L 206 -25.45 124.66 -4.94
C LYS L 206 -25.95 123.89 -6.15
N ASP L 207 -26.41 124.54 -7.22
CA ASP L 207 -26.94 123.81 -8.39
C ASP L 207 -25.82 123.06 -9.12
N VAL L 208 -24.64 123.65 -9.26
CA VAL L 208 -23.46 122.94 -9.76
C VAL L 208 -23.14 121.75 -8.84
N ARG L 209 -23.13 121.98 -7.52
CA ARG L 209 -22.87 120.93 -6.53
C ARG L 209 -23.89 119.80 -6.60
N GLU L 210 -25.18 120.11 -6.75
CA GLU L 210 -26.24 119.11 -6.93
C GLU L 210 -26.08 118.35 -8.24
N ILE L 211 -25.78 119.04 -9.35
CA ILE L 211 -25.52 118.36 -10.63
C ILE L 211 -24.35 117.39 -10.47
N VAL L 212 -23.24 117.83 -9.87
CA VAL L 212 -22.07 116.99 -9.67
C VAL L 212 -22.40 115.81 -8.75
N ARG L 213 -23.15 116.02 -7.66
CA ARG L 213 -23.65 114.94 -6.81
C ARG L 213 -24.45 113.93 -7.63
N ASP L 214 -25.40 114.39 -8.43
CA ASP L 214 -26.26 113.51 -9.21
C ASP L 214 -25.45 112.72 -10.25
N ALA L 215 -24.47 113.35 -10.88
CA ALA L 215 -23.56 112.65 -11.79
C ALA L 215 -22.72 111.60 -11.04
N LEU L 216 -22.20 111.94 -9.86
CA LEU L 216 -21.45 110.99 -9.03
C LEU L 216 -22.32 109.83 -8.55
N GLU L 217 -23.58 110.10 -8.21
CA GLU L 217 -24.53 109.02 -7.96
C GLU L 217 -24.70 108.15 -9.20
N LEU L 218 -25.01 108.72 -10.37
CA LEU L 218 -25.18 107.95 -11.59
C LEU L 218 -23.94 107.10 -11.90
N ALA L 219 -22.74 107.66 -11.75
CA ALA L 219 -21.48 106.93 -11.91
C ALA L 219 -21.31 105.82 -10.85
N SER L 220 -21.79 106.03 -9.63
CA SER L 220 -21.78 105.00 -8.58
C SER L 220 -22.78 103.87 -8.86
N ARG L 221 -23.99 104.20 -9.35
CA ARG L 221 -25.09 103.25 -9.61
C ARG L 221 -24.87 102.41 -10.87
N SER L 222 -24.43 103.04 -11.95
CA SER L 222 -24.24 102.39 -13.25
C SER L 222 -22.97 101.51 -13.30
N THR L 223 -22.88 100.66 -14.33
CA THR L 223 -21.79 99.70 -14.55
C THR L 223 -21.31 99.66 -16.01
N ASN L 224 -21.55 100.71 -16.79
CA ASN L 224 -21.10 100.84 -18.19
C ASN L 224 -20.02 101.94 -18.31
N ASP L 225 -18.86 101.58 -18.88
CA ASP L 225 -17.71 102.48 -18.94
C ASP L 225 -18.00 103.80 -19.67
N GLU L 226 -18.75 103.75 -20.78
CA GLU L 226 -19.06 104.94 -21.56
C GLU L 226 -20.04 105.85 -20.82
N VAL L 227 -21.07 105.29 -20.19
CA VAL L 227 -21.96 106.06 -19.30
C VAL L 227 -21.15 106.73 -18.18
N ILE L 228 -20.22 106.00 -17.57
CA ILE L 228 -19.37 106.54 -16.51
C ILE L 228 -18.49 107.68 -17.04
N ARG L 229 -17.80 107.48 -18.17
CA ARG L 229 -16.99 108.53 -18.81
C ARG L 229 -17.85 109.75 -19.11
N LEU L 230 -18.98 109.58 -19.77
CA LEU L 230 -19.89 110.67 -20.11
C LEU L 230 -20.36 111.41 -18.86
N ALA L 231 -20.81 110.69 -17.83
CA ALA L 231 -21.33 111.32 -16.63
C ALA L 231 -20.25 112.12 -15.90
N LEU L 232 -19.06 111.56 -15.74
CA LEU L 232 -17.98 112.25 -15.02
C LEU L 232 -17.39 113.38 -15.87
N GLU L 233 -17.32 113.24 -17.18
CA GLU L 233 -17.01 114.35 -18.07
C GLU L 233 -18.08 115.45 -17.95
N ALA L 234 -19.36 115.10 -17.92
CA ALA L 234 -20.42 116.06 -17.70
C ALA L 234 -20.28 116.75 -16.34
N ALA L 235 -19.82 116.05 -15.29
CA ALA L 235 -19.54 116.65 -14.00
C ALA L 235 -18.39 117.67 -14.10
N VAL L 236 -17.31 117.34 -14.80
CA VAL L 236 -16.23 118.32 -15.09
C VAL L 236 -16.77 119.50 -15.88
N LEU L 237 -17.62 119.28 -16.89
CA LEU L 237 -18.21 120.35 -17.69
C LEU L 237 -19.15 121.22 -16.85
N ALA L 238 -19.91 120.65 -15.92
CA ALA L 238 -20.72 121.43 -14.97
C ALA L 238 -19.84 122.28 -14.04
N ALA L 239 -18.65 121.82 -13.69
CA ALA L 239 -17.69 122.61 -12.90
C ALA L 239 -16.95 123.69 -13.74
N ARG L 240 -16.73 123.46 -15.04
CA ARG L 240 -16.05 124.40 -15.96
C ARG L 240 -16.96 125.46 -16.57
N SER L 241 -18.21 125.11 -16.92
CA SER L 241 -19.21 126.02 -17.50
C SER L 241 -19.87 126.91 -16.43
N THR L 242 -20.55 127.98 -16.87
CA THR L 242 -21.20 128.96 -15.98
C THR L 242 -22.67 129.26 -16.35
N ASP L 243 -23.05 129.11 -17.61
CA ASP L 243 -24.40 129.47 -18.08
C ASP L 243 -25.49 128.53 -17.52
N SER L 244 -26.53 129.10 -16.91
CA SER L 244 -27.65 128.35 -16.36
C SER L 244 -28.35 127.49 -17.41
N ASP L 245 -28.41 127.89 -18.69
CA ASP L 245 -28.98 127.03 -19.74
C ASP L 245 -28.19 125.73 -19.91
N VAL L 246 -26.85 125.78 -19.85
CA VAL L 246 -26.02 124.56 -19.91
C VAL L 246 -26.27 123.70 -18.67
N LEU L 247 -26.30 124.32 -17.48
CA LEU L 247 -26.58 123.60 -16.24
C LEU L 247 -27.98 122.96 -16.25
N GLU L 248 -29.00 123.66 -16.74
CA GLU L 248 -30.36 123.15 -16.88
C GLU L 248 -30.43 122.00 -17.89
N ILE L 249 -29.76 122.11 -19.05
CA ILE L 249 -29.68 121.03 -20.03
C ILE L 249 -29.03 119.80 -19.41
N VAL L 250 -27.90 119.97 -18.71
CA VAL L 250 -27.24 118.86 -17.99
C VAL L 250 -28.17 118.29 -16.92
N LYS L 251 -28.85 119.12 -16.12
CA LYS L 251 -29.76 118.67 -15.07
C LYS L 251 -30.94 117.90 -15.66
N ASP L 252 -31.54 118.39 -16.73
CA ASP L 252 -32.62 117.70 -17.43
C ASP L 252 -32.13 116.38 -18.03
N ALA L 253 -30.93 116.35 -18.61
CA ALA L 253 -30.36 115.11 -19.11
C ALA L 253 -30.10 114.10 -17.99
N LEU L 254 -29.58 114.54 -16.84
CA LEU L 254 -29.40 113.69 -15.65
C LEU L 254 -30.74 113.21 -15.09
N GLU L 255 -31.75 114.07 -15.05
CA GLU L 255 -33.10 113.68 -14.64
C GLU L 255 -33.67 112.61 -15.58
N LEU L 256 -33.61 112.82 -16.90
CA LEU L 256 -34.02 111.82 -17.87
C LEU L 256 -33.22 110.53 -17.71
N ALA L 257 -31.91 110.61 -17.48
CA ALA L 257 -31.05 109.45 -17.27
C ALA L 257 -31.38 108.69 -15.97
N LYS L 258 -31.87 109.37 -14.94
CA LYS L 258 -32.31 108.74 -13.68
C LYS L 258 -33.74 108.19 -13.76
N GLN L 259 -34.61 108.82 -14.56
CA GLN L 259 -35.99 108.37 -14.78
C GLN L 259 -36.10 107.20 -15.76
N SER L 260 -35.33 107.21 -16.84
CA SER L 260 -35.26 106.11 -17.82
C SER L 260 -34.36 104.95 -17.35
N THR L 261 -34.47 103.80 -18.00
CA THR L 261 -33.76 102.56 -17.63
C THR L 261 -33.03 101.89 -18.81
N ASN L 262 -32.68 102.66 -19.84
CA ASN L 262 -31.99 102.19 -21.04
C ASN L 262 -30.65 102.93 -21.25
N GLU L 263 -29.54 102.20 -21.31
CA GLU L 263 -28.20 102.79 -21.50
C GLU L 263 -28.06 103.57 -22.81
N GLU L 264 -28.78 103.23 -23.87
CA GLU L 264 -28.74 104.02 -25.12
C GLU L 264 -29.38 105.40 -24.93
N VAL L 265 -30.52 105.48 -24.24
CA VAL L 265 -31.15 106.76 -23.87
C VAL L 265 -30.22 107.57 -22.97
N ILE L 266 -29.60 106.94 -21.97
CA ILE L 266 -28.64 107.61 -21.08
C ILE L 266 -27.45 108.15 -21.87
N LYS L 267 -26.80 107.33 -22.69
CA LYS L 267 -25.65 107.74 -23.51
C LYS L 267 -26.03 108.87 -24.47
N LEU L 268 -27.16 108.76 -25.17
CA LEU L 268 -27.62 109.82 -26.07
C LEU L 268 -27.91 111.13 -25.32
N ALA L 269 -28.63 111.07 -24.20
CA ALA L 269 -28.97 112.26 -23.41
C ALA L 269 -27.69 112.93 -22.87
N LEU L 270 -26.79 112.17 -22.27
CA LEU L 270 -25.52 112.70 -21.80
C LEU L 270 -24.67 113.24 -22.96
N LYS L 271 -24.61 112.55 -24.10
CA LYS L 271 -23.90 113.06 -25.28
C LYS L 271 -24.50 114.38 -25.76
N ALA L 272 -25.83 114.48 -25.86
CA ALA L 272 -26.49 115.72 -26.26
C ALA L 272 -26.15 116.87 -25.29
N ALA L 273 -26.18 116.61 -23.98
CA ALA L 273 -25.78 117.59 -22.98
C ALA L 273 -24.29 117.95 -23.04
N VAL L 274 -23.40 116.99 -23.31
CA VAL L 274 -21.97 117.23 -23.50
C VAL L 274 -21.73 118.12 -24.72
N LEU L 275 -22.39 117.82 -25.84
CA LEU L 275 -22.32 118.66 -27.05
C LEU L 275 -22.87 120.07 -26.79
N ALA L 276 -23.98 120.20 -26.07
CA ALA L 276 -24.50 121.50 -25.64
C ALA L 276 -23.51 122.27 -24.74
N ALA L 277 -22.81 121.58 -23.83
CA ALA L 277 -21.82 122.20 -22.96
C ALA L 277 -20.52 122.62 -23.70
N LYS L 278 -20.08 121.84 -24.69
CA LYS L 278 -18.86 122.12 -25.48
C LYS L 278 -19.07 123.13 -26.61
N SER L 279 -20.22 123.09 -27.30
CA SER L 279 -20.55 124.03 -28.39
C SER L 279 -21.00 125.41 -27.85
N THR L 280 -20.86 126.44 -28.68
CA THR L 280 -21.24 127.83 -28.32
C THR L 280 -22.65 128.22 -28.79
N ASP L 281 -23.22 127.50 -29.76
CA ASP L 281 -24.43 127.92 -30.47
C ASP L 281 -25.71 127.82 -29.61
N GLU L 282 -26.34 128.96 -29.32
CA GLU L 282 -27.61 129.02 -28.57
C GLU L 282 -28.76 128.29 -29.28
N GLU L 283 -28.75 128.17 -30.61
CA GLU L 283 -29.76 127.40 -31.33
C GLU L 283 -29.57 125.88 -31.14
N VAL L 284 -28.32 125.42 -30.92
CA VAL L 284 -28.06 124.03 -30.49
C VAL L 284 -28.47 123.84 -29.04
N LEU L 285 -28.23 124.83 -28.16
CA LEU L 285 -28.76 124.79 -26.79
C LEU L 285 -30.29 124.64 -26.82
N GLU L 286 -31.00 125.51 -27.53
CA GLU L 286 -32.46 125.43 -27.61
C GLU L 286 -32.95 124.13 -28.27
N GLU L 287 -32.34 123.67 -29.36
CA GLU L 287 -32.76 122.40 -29.98
C GLU L 287 -32.53 121.22 -29.04
N VAL L 288 -31.40 121.16 -28.34
CA VAL L 288 -31.15 120.10 -27.34
C VAL L 288 -32.15 120.21 -26.19
N LYS L 289 -32.39 121.42 -25.66
CA LYS L 289 -33.35 121.66 -24.57
C LYS L 289 -34.78 121.29 -25.00
N GLU L 290 -35.15 121.59 -26.24
CA GLU L 290 -36.43 121.18 -26.80
C GLU L 290 -36.48 119.66 -27.06
N ALA L 291 -35.42 119.02 -27.55
CA ALA L 291 -35.39 117.58 -27.69
C ALA L 291 -35.54 116.87 -26.33
N LEU L 292 -34.88 117.36 -25.29
CA LEU L 292 -35.08 116.90 -23.91
C LEU L 292 -36.51 117.15 -23.44
N ARG L 293 -37.12 118.31 -23.75
CA ARG L 293 -38.52 118.59 -23.41
C ARG L 293 -39.45 117.60 -24.12
N ARG L 294 -39.29 117.41 -25.42
CA ARG L 294 -40.03 116.42 -26.21
C ARG L 294 -39.88 115.03 -25.60
N ALA L 295 -38.66 114.64 -25.23
CA ALA L 295 -38.39 113.36 -24.58
C ALA L 295 -39.11 113.23 -23.23
N LYS L 296 -39.05 114.26 -22.38
CA LYS L 296 -39.71 114.30 -21.06
C LYS L 296 -41.24 114.30 -21.15
N GLU L 297 -41.80 114.94 -22.18
CA GLU L 297 -43.24 114.89 -22.48
C GLU L 297 -43.68 113.56 -23.13
N SER L 298 -42.75 112.83 -23.75
CA SER L 298 -42.97 111.50 -24.34
C SER L 298 -42.87 110.37 -23.31
N THR L 299 -43.11 109.12 -23.74
CA THR L 299 -42.96 107.91 -22.90
C THR L 299 -42.33 106.72 -23.65
N ASP L 300 -42.51 106.62 -24.97
CA ASP L 300 -41.89 105.58 -25.79
C ASP L 300 -40.37 105.81 -25.98
N GLU L 301 -39.55 104.83 -25.60
CA GLU L 301 -38.09 104.88 -25.77
C GLU L 301 -37.66 105.07 -27.22
N GLU L 302 -38.43 104.59 -28.21
CA GLU L 302 -38.11 104.77 -29.63
C GLU L 302 -38.20 106.25 -30.05
N GLU L 303 -39.24 106.97 -29.63
CA GLU L 303 -39.40 108.40 -29.92
C GLU L 303 -38.39 109.25 -29.12
N ILE L 304 -38.10 108.87 -27.87
CA ILE L 304 -37.04 109.50 -27.07
C ILE L 304 -35.68 109.37 -27.76
N LYS L 305 -35.30 108.16 -28.19
CA LYS L 305 -34.05 107.93 -28.94
C LYS L 305 -34.01 108.71 -30.25
N GLU L 306 -35.09 108.77 -31.01
CA GLU L 306 -35.13 109.52 -32.27
C GLU L 306 -34.99 111.04 -32.08
N GLU L 307 -35.67 111.65 -31.10
CA GLU L 307 -35.48 113.08 -30.82
C GLU L 307 -34.04 113.39 -30.39
N LEU L 308 -33.48 112.60 -29.47
CA LEU L 308 -32.09 112.77 -29.07
C LEU L 308 -31.11 112.50 -30.23
N ARG L 309 -31.37 111.50 -31.08
CA ARG L 309 -30.55 111.22 -32.27
C ARG L 309 -30.56 112.40 -33.23
N LYS L 310 -31.74 112.95 -33.57
CA LYS L 310 -31.83 114.10 -34.47
C LYS L 310 -31.08 115.31 -33.90
N ALA L 311 -31.24 115.60 -32.61
CA ALA L 311 -30.49 116.67 -31.96
C ALA L 311 -28.98 116.43 -32.01
N VAL L 312 -28.51 115.22 -31.68
CA VAL L 312 -27.07 114.86 -31.75
C VAL L 312 -26.54 114.97 -33.18
N GLU L 313 -27.29 114.49 -34.18
CA GLU L 313 -26.89 114.61 -35.58
C GLU L 313 -26.89 116.06 -36.10
N GLU L 314 -27.62 116.97 -35.45
CA GLU L 314 -27.53 118.42 -35.71
C GLU L 314 -26.36 119.08 -34.96
N ALA L 315 -26.03 118.60 -33.75
CA ALA L 315 -25.06 119.22 -32.84
C ALA L 315 -23.59 118.75 -33.01
N GLU L 316 -23.34 117.52 -33.47
CA GLU L 316 -22.00 116.89 -33.54
C GLU L 316 -21.05 117.52 -34.58
N CYS M 3 107.36 -40.71 -23.88
CA CYS M 3 106.61 -40.92 -25.13
C CYS M 3 106.05 -39.59 -25.69
N ASP M 4 106.94 -38.65 -26.02
CA ASP M 4 106.58 -37.24 -26.25
C ASP M 4 105.62 -37.05 -27.43
N ALA M 5 105.76 -37.84 -28.50
CA ALA M 5 104.92 -37.75 -29.68
C ALA M 5 103.44 -38.02 -29.37
N ILE M 6 103.17 -38.91 -28.40
CA ILE M 6 101.81 -39.12 -27.89
C ILE M 6 101.47 -38.05 -26.86
N GLN M 7 102.40 -37.69 -25.96
CA GLN M 7 102.11 -36.77 -24.87
C GLN M 7 101.72 -35.38 -25.36
N ALA M 8 102.28 -34.93 -26.49
CA ALA M 8 101.83 -33.70 -27.13
C ALA M 8 100.37 -33.82 -27.60
N ALA M 9 99.97 -34.95 -28.17
CA ALA M 9 98.56 -35.20 -28.50
C ALA M 9 97.69 -35.26 -27.23
N ALA M 10 98.19 -35.82 -26.14
CA ALA M 10 97.48 -35.82 -24.86
C ALA M 10 97.30 -34.38 -24.33
N ALA M 11 98.31 -33.53 -24.43
CA ALA M 11 98.20 -32.12 -24.06
C ALA M 11 97.15 -31.40 -24.92
N LEU M 12 97.13 -31.65 -26.24
CA LEU M 12 96.10 -31.11 -27.12
C LEU M 12 94.69 -31.66 -26.79
N GLY M 13 94.60 -32.92 -26.35
CA GLY M 13 93.36 -33.51 -25.85
C GLY M 13 92.87 -32.84 -24.57
N GLU M 14 93.76 -32.54 -23.62
CA GLU M 14 93.43 -31.76 -22.42
C GLU M 14 93.00 -30.32 -22.77
N ALA M 15 93.59 -29.73 -23.81
CA ALA M 15 93.15 -28.45 -24.36
C ALA M 15 91.82 -28.54 -25.15
N GLY M 16 91.26 -29.74 -25.34
CA GLY M 16 89.97 -29.97 -26.01
C GLY M 16 90.02 -29.89 -27.54
N ILE M 17 91.20 -30.00 -28.16
CA ILE M 17 91.36 -29.95 -29.61
C ILE M 17 90.77 -31.22 -30.26
N SER M 18 90.02 -31.09 -31.36
CA SER M 18 89.38 -32.26 -32.01
C SER M 18 90.40 -33.15 -32.74
N SER M 19 90.07 -34.42 -32.95
CA SER M 19 91.02 -35.39 -33.50
C SER M 19 91.55 -35.01 -34.89
N ASN M 20 90.70 -34.52 -35.80
CA ASN M 20 91.17 -34.02 -37.09
C ASN M 20 92.13 -32.84 -36.94
N GLU M 21 91.86 -31.93 -36.00
CA GLU M 21 92.76 -30.80 -35.71
C GLU M 21 94.07 -31.26 -35.08
N ILE M 22 94.04 -32.23 -34.17
CA ILE M 22 95.26 -32.82 -33.62
C ILE M 22 96.07 -33.43 -34.78
N LEU M 23 95.43 -34.22 -35.64
CA LEU M 23 96.10 -34.83 -36.79
C LEU M 23 96.68 -33.77 -37.74
N GLU M 24 95.98 -32.66 -37.95
CA GLU M 24 96.54 -31.55 -38.72
C GLU M 24 97.75 -30.93 -38.01
N LEU M 25 97.69 -30.70 -36.70
CA LEU M 25 98.82 -30.16 -35.95
C LEU M 25 100.00 -31.13 -35.96
N LEU M 26 99.73 -32.42 -35.93
CA LEU M 26 100.74 -33.45 -36.13
C LEU M 26 101.28 -33.43 -37.57
N ALA M 27 100.44 -33.19 -38.57
CA ALA M 27 100.91 -33.03 -39.95
C ALA M 27 101.85 -31.83 -40.06
N ALA M 28 101.48 -30.70 -39.44
CA ALA M 28 102.36 -29.55 -39.32
C ALA M 28 103.65 -29.91 -38.57
N ALA M 29 103.55 -30.70 -37.51
CA ALA M 29 104.73 -31.16 -36.79
C ALA M 29 105.67 -31.95 -37.68
N ALA M 30 105.14 -32.81 -38.56
CA ALA M 30 105.96 -33.48 -39.56
C ALA M 30 106.53 -32.48 -40.58
N GLU M 31 105.70 -31.59 -41.13
CA GLU M 31 106.13 -30.64 -42.17
C GLU M 31 107.24 -29.72 -41.70
N LEU M 32 107.03 -29.04 -40.56
CA LEU M 32 107.95 -28.05 -40.01
C LEU M 32 108.98 -28.68 -39.06
N GLY M 33 108.82 -29.94 -38.70
CA GLY M 33 109.66 -30.60 -37.70
C GLY M 33 109.40 -30.08 -36.27
N LEU M 34 108.15 -29.73 -35.93
CA LEU M 34 107.81 -29.12 -34.65
C LEU M 34 108.20 -30.01 -33.46
N ASP M 35 108.77 -29.40 -32.42
CA ASP M 35 109.04 -30.08 -31.16
C ASP M 35 107.83 -29.97 -30.20
N PRO M 36 107.77 -30.81 -29.14
CA PRO M 36 106.65 -30.82 -28.22
C PRO M 36 106.38 -29.45 -27.58
N ASP M 37 107.40 -28.62 -27.36
CA ASP M 37 107.21 -27.28 -26.83
C ASP M 37 106.53 -26.35 -27.86
N ALA M 38 106.91 -26.42 -29.13
CA ALA M 38 106.20 -25.69 -30.18
C ALA M 38 104.75 -26.19 -30.33
N ILE M 39 104.52 -27.49 -30.22
CA ILE M 39 103.17 -28.05 -30.21
C ILE M 39 102.40 -27.61 -28.95
N GLN M 40 103.06 -27.47 -27.80
CA GLN M 40 102.45 -26.93 -26.59
C GLN M 40 102.09 -25.44 -26.76
N ALA M 41 102.92 -24.66 -27.46
CA ALA M 41 102.56 -23.30 -27.85
C ALA M 41 101.31 -23.30 -28.74
N ALA M 42 101.21 -24.23 -29.70
CA ALA M 42 99.98 -24.42 -30.48
C ALA M 42 98.79 -24.78 -29.56
N ALA M 43 98.98 -25.64 -28.56
CA ALA M 43 97.93 -25.96 -27.60
C ALA M 43 97.45 -24.71 -26.83
N GLN M 44 98.38 -23.88 -26.34
CA GLN M 44 98.00 -22.65 -25.63
C GLN M 44 97.37 -21.60 -26.55
N LEU M 45 97.76 -21.52 -27.82
CA LEU M 45 97.04 -20.73 -28.82
C LEU M 45 95.63 -21.30 -29.08
N GLY M 46 95.48 -22.62 -29.00
CA GLY M 46 94.17 -23.30 -29.02
C GLY M 46 93.32 -22.98 -27.78
N GLU M 47 93.92 -22.88 -26.60
CA GLU M 47 93.23 -22.38 -25.39
C GLU M 47 92.84 -20.91 -25.51
N ALA M 48 93.64 -20.11 -26.23
CA ALA M 48 93.26 -18.75 -26.65
C ALA M 48 92.20 -18.73 -27.78
N GLY M 49 91.76 -19.89 -28.27
CA GLY M 49 90.70 -20.05 -29.27
C GLY M 49 91.13 -19.86 -30.71
N ILE M 50 92.43 -19.72 -30.99
CA ILE M 50 92.95 -19.53 -32.35
C ILE M 50 92.83 -20.83 -33.16
N SER M 51 92.40 -20.76 -34.43
CA SER M 51 92.32 -21.95 -35.28
C SER M 51 93.69 -22.50 -35.65
N SER M 52 93.75 -23.83 -35.81
CA SER M 52 94.95 -24.55 -36.21
C SER M 52 95.51 -24.04 -37.54
N GLU M 53 94.68 -23.52 -38.44
CA GLU M 53 95.13 -23.04 -39.73
C GLU M 53 96.03 -21.82 -39.55
N GLU M 54 95.55 -20.81 -38.82
CA GLU M 54 96.34 -19.63 -38.48
C GLU M 54 97.58 -20.05 -37.71
N ILE M 55 97.43 -20.93 -36.73
CA ILE M 55 98.59 -21.40 -35.97
C ILE M 55 99.63 -22.00 -36.92
N LYS M 56 99.20 -22.82 -37.87
CA LYS M 56 100.09 -23.47 -38.84
C LYS M 56 100.80 -22.43 -39.68
N GLU M 57 100.08 -21.46 -40.23
CA GLU M 57 100.71 -20.38 -40.96
C GLU M 57 101.64 -19.55 -40.07
N LEU M 58 101.29 -19.34 -38.80
CA LEU M 58 102.13 -18.59 -37.88
C LEU M 58 103.42 -19.35 -37.58
N LEU M 59 103.32 -20.63 -37.29
CA LEU M 59 104.50 -21.46 -37.09
C LEU M 59 105.32 -21.53 -38.37
N ARG M 60 104.68 -21.62 -39.54
CA ARG M 60 105.35 -21.57 -40.84
C ARG M 60 106.11 -20.26 -40.99
N ALA M 61 105.51 -19.14 -40.63
CA ALA M 61 106.19 -17.87 -40.62
C ALA M 61 107.36 -17.85 -39.62
N ALA M 62 107.16 -18.33 -38.39
CA ALA M 62 108.22 -18.38 -37.38
C ALA M 62 109.41 -19.22 -37.85
N HIS M 63 109.13 -20.33 -38.54
CA HIS M 63 110.12 -21.20 -39.17
C HIS M 63 110.84 -20.49 -40.32
N GLU M 64 110.10 -19.82 -41.22
CA GLU M 64 110.68 -19.03 -42.30
C GLU M 64 111.52 -17.85 -41.79
N LEU M 65 111.13 -17.26 -40.66
CA LEU M 65 111.89 -16.23 -39.96
C LEU M 65 113.15 -16.79 -39.26
N GLY M 66 113.17 -18.08 -38.96
CA GLY M 66 114.24 -18.68 -38.16
C GLY M 66 114.27 -18.17 -36.71
N LEU M 67 113.10 -17.95 -36.10
CA LEU M 67 112.99 -17.43 -34.74
C LEU M 67 113.59 -18.39 -33.69
N ASP M 68 114.06 -17.83 -32.58
CA ASP M 68 114.54 -18.62 -31.44
C ASP M 68 113.38 -19.24 -30.63
N PRO M 69 113.62 -20.36 -29.93
CA PRO M 69 112.60 -21.04 -29.16
C PRO M 69 111.92 -20.16 -28.09
N ASP M 70 112.64 -19.22 -27.48
CA ASP M 70 112.06 -18.40 -26.42
C ASP M 70 111.01 -17.44 -26.99
N ALA M 71 111.27 -16.80 -28.13
CA ALA M 71 110.27 -16.03 -28.83
C ALA M 71 109.08 -16.91 -29.26
N ILE M 72 109.34 -18.08 -29.82
CA ILE M 72 108.28 -18.98 -30.25
C ILE M 72 107.41 -19.39 -29.05
N ALA M 73 108.01 -19.69 -27.91
CA ALA M 73 107.28 -19.95 -26.68
C ALA M 73 106.51 -18.70 -26.22
N ALA M 74 107.14 -17.53 -26.25
CA ALA M 74 106.50 -16.28 -25.87
C ALA M 74 105.29 -15.97 -26.75
N ALA M 75 105.21 -16.49 -27.97
CA ALA M 75 104.01 -16.36 -28.79
C ALA M 75 102.77 -16.93 -28.08
N ALA M 76 102.93 -17.96 -27.26
CA ALA M 76 101.83 -18.48 -26.46
C ALA M 76 101.35 -17.48 -25.40
N ASP M 77 102.26 -16.71 -24.80
CA ASP M 77 101.88 -15.63 -23.89
C ASP M 77 101.20 -14.48 -24.63
N LEU M 78 101.67 -14.13 -25.83
CA LEU M 78 100.96 -13.17 -26.68
C LEU M 78 99.54 -13.66 -27.02
N GLY M 79 99.37 -14.98 -27.21
CA GLY M 79 98.08 -15.62 -27.33
C GLY M 79 97.20 -15.46 -26.08
N GLN M 80 97.75 -15.74 -24.90
CA GLN M 80 97.03 -15.57 -23.62
C GLN M 80 96.64 -14.10 -23.37
N ALA M 81 97.47 -13.15 -23.82
CA ALA M 81 97.19 -11.73 -23.78
C ALA M 81 96.08 -11.29 -24.76
N GLY M 82 95.60 -12.18 -25.64
CA GLY M 82 94.51 -11.88 -26.59
C GLY M 82 94.93 -11.06 -27.81
N VAL M 83 96.24 -10.99 -28.11
CA VAL M 83 96.78 -10.25 -29.26
C VAL M 83 96.23 -10.83 -30.56
N SER M 84 95.90 -9.98 -31.55
CA SER M 84 95.41 -10.45 -32.85
C SER M 84 96.42 -11.40 -33.52
N PRO M 85 95.97 -12.44 -34.24
CA PRO M 85 96.88 -13.39 -34.88
C PRO M 85 97.95 -12.70 -35.72
N VAL M 86 97.54 -11.72 -36.51
CA VAL M 86 98.48 -10.90 -37.29
C VAL M 86 99.39 -10.14 -36.34
N GLU M 87 98.85 -9.50 -35.30
CA GLU M 87 99.65 -8.72 -34.36
C GLU M 87 100.69 -9.57 -33.63
N ILE M 88 100.40 -10.84 -33.36
CA ILE M 88 101.44 -11.74 -32.83
C ILE M 88 102.59 -11.75 -33.81
N LEU M 89 102.31 -12.02 -35.09
CA LEU M 89 103.34 -12.08 -36.09
C LEU M 89 104.07 -10.75 -36.23
N ALA M 90 103.33 -9.65 -36.13
CA ALA M 90 103.94 -8.34 -36.17
C ALA M 90 104.93 -8.18 -35.00
N LEU M 91 104.51 -8.49 -33.78
CA LEU M 91 105.39 -8.37 -32.62
C LEU M 91 106.61 -9.28 -32.76
N LEU M 92 106.40 -10.51 -33.22
CA LEU M 92 107.51 -11.42 -33.45
C LEU M 92 108.47 -10.85 -34.49
N ILE M 93 107.96 -10.44 -35.65
CA ILE M 93 108.81 -9.88 -36.70
C ILE M 93 109.55 -8.68 -36.15
N ALA M 94 108.84 -7.75 -35.52
CA ALA M 94 109.45 -6.53 -35.05
C ALA M 94 110.55 -6.80 -34.04
N ALA M 95 110.27 -7.63 -33.05
CA ALA M 95 111.27 -7.98 -32.07
C ALA M 95 112.48 -8.59 -32.77
N SER M 96 112.25 -9.52 -33.69
CA SER M 96 113.33 -10.22 -34.38
C SER M 96 114.16 -9.25 -35.23
N VAL M 97 113.52 -8.31 -35.91
CA VAL M 97 114.20 -7.35 -36.76
C VAL M 97 115.02 -6.40 -35.91
N LEU M 98 114.44 -5.92 -34.81
CA LEU M 98 115.15 -5.08 -33.85
C LEU M 98 116.23 -5.85 -33.08
N GLY M 99 116.22 -7.19 -33.13
CA GLY M 99 117.18 -8.04 -32.44
C GLY M 99 117.02 -8.00 -30.90
N LEU M 100 115.78 -7.85 -30.42
CA LEU M 100 115.50 -7.70 -28.98
C LEU M 100 115.74 -8.96 -28.15
N ASP M 101 115.91 -8.78 -26.84
CA ASP M 101 115.87 -9.87 -25.88
C ASP M 101 114.45 -10.45 -25.73
N PRO M 102 114.30 -11.76 -25.49
CA PRO M 102 113.01 -12.35 -25.13
C PRO M 102 112.35 -11.66 -23.93
N ASP M 103 113.13 -11.07 -23.03
CA ASP M 103 112.60 -10.26 -21.93
C ASP M 103 111.80 -9.07 -22.46
N ALA M 104 112.27 -8.40 -23.52
CA ALA M 104 111.51 -7.33 -24.14
C ALA M 104 110.24 -7.87 -24.81
N ILE M 105 110.28 -9.10 -25.34
CA ILE M 105 109.06 -9.76 -25.83
C ILE M 105 108.09 -10.01 -24.66
N GLN M 106 108.58 -10.44 -23.51
CA GLN M 106 107.74 -10.59 -22.32
C GLN M 106 107.14 -9.25 -21.89
N ALA M 107 107.90 -8.16 -22.00
CA ALA M 107 107.38 -6.82 -21.75
C ALA M 107 106.32 -6.44 -22.79
N ALA M 108 106.50 -6.82 -24.06
CA ALA M 108 105.46 -6.66 -25.06
C ALA M 108 104.20 -7.45 -24.67
N ALA M 109 104.35 -8.66 -24.14
CA ALA M 109 103.20 -9.41 -23.64
C ALA M 109 102.49 -8.66 -22.50
N ALA M 110 103.24 -8.08 -21.57
CA ALA M 110 102.66 -7.25 -20.52
C ALA M 110 101.94 -6.02 -21.09
N LEU M 111 102.50 -5.35 -22.09
CA LEU M 111 101.82 -4.24 -22.79
C LEU M 111 100.56 -4.74 -23.53
N GLY M 112 100.57 -5.97 -24.03
CA GLY M 112 99.42 -6.65 -24.60
C GLY M 112 98.32 -6.89 -23.56
N GLU M 113 98.68 -7.34 -22.36
CA GLU M 113 97.73 -7.47 -21.23
C GLU M 113 97.20 -6.09 -20.79
N ALA M 114 98.01 -5.03 -20.92
CA ALA M 114 97.57 -3.65 -20.73
C ALA M 114 96.70 -3.11 -21.90
N GLY M 115 96.50 -3.89 -22.97
CA GLY M 115 95.64 -3.53 -24.10
C GLY M 115 96.25 -2.55 -25.11
N ILE M 116 97.56 -2.32 -25.06
CA ILE M 116 98.28 -1.44 -25.99
C ILE M 116 98.33 -2.07 -27.40
N SER M 117 98.14 -1.30 -28.47
CA SER M 117 98.20 -1.86 -29.84
C SER M 117 99.62 -2.27 -30.23
N ALA M 118 99.77 -3.23 -31.14
CA ALA M 118 101.11 -3.63 -31.59
C ALA M 118 101.87 -2.45 -32.21
N GLU M 119 101.18 -1.53 -32.90
CA GLU M 119 101.83 -0.33 -33.42
C GLU M 119 102.42 0.52 -32.29
N GLU M 120 101.65 0.77 -31.24
CA GLU M 120 102.16 1.49 -30.09
C GLU M 120 103.31 0.75 -29.43
N ILE M 121 103.22 -0.57 -29.29
CA ILE M 121 104.31 -1.36 -28.71
C ILE M 121 105.56 -1.22 -29.58
N ILE M 122 105.43 -1.43 -30.89
CA ILE M 122 106.56 -1.35 -31.80
C ILE M 122 107.15 0.06 -31.77
N GLU M 123 106.31 1.09 -31.74
CA GLU M 123 106.77 2.46 -31.59
C GLU M 123 107.54 2.62 -30.29
N LEU M 124 106.99 2.16 -29.16
CA LEU M 124 107.66 2.24 -27.88
C LEU M 124 108.99 1.51 -27.91
N LEU M 125 109.05 0.33 -28.52
CA LEU M 125 110.29 -0.42 -28.62
C LEU M 125 111.30 0.33 -29.51
N THR M 126 110.82 0.91 -30.60
CA THR M 126 111.66 1.71 -31.48
C THR M 126 112.23 2.90 -30.72
N ALA M 127 111.39 3.62 -29.99
CA ALA M 127 111.82 4.74 -29.17
C ALA M 127 112.81 4.28 -28.10
N ALA M 128 112.56 3.16 -27.44
CA ALA M 128 113.46 2.62 -26.45
C ALA M 128 114.84 2.35 -27.07
N ARG M 129 114.88 1.76 -28.26
CA ARG M 129 116.11 1.52 -29.00
C ARG M 129 116.78 2.83 -29.41
N ASP M 130 116.02 3.82 -29.85
CA ASP M 130 116.55 5.14 -30.17
C ASP M 130 117.20 5.82 -28.94
N LEU M 131 116.57 5.72 -27.78
CA LEU M 131 117.10 6.23 -26.51
C LEU M 131 118.24 5.34 -25.96
N GLY M 132 118.42 4.14 -26.48
CA GLY M 132 119.38 3.17 -25.94
C GLY M 132 118.97 2.60 -24.57
N LEU M 133 117.67 2.57 -24.27
CA LEU M 133 117.13 2.04 -23.02
C LEU M 133 117.21 0.51 -22.91
N ASP M 134 117.25 0.02 -21.67
CA ASP M 134 117.36 -1.39 -21.34
C ASP M 134 115.99 -2.06 -21.08
N PRO M 135 115.91 -3.40 -21.05
CA PRO M 135 114.67 -4.13 -20.78
C PRO M 135 113.99 -3.79 -19.45
N ASP M 136 114.71 -3.42 -18.39
CA ASP M 136 114.08 -3.07 -17.12
C ASP M 136 113.40 -1.69 -17.22
N ALA M 137 113.99 -0.74 -17.95
CA ALA M 137 113.30 0.49 -18.30
C ALA M 137 112.02 0.20 -19.11
N ILE M 138 112.10 -0.72 -20.07
CA ILE M 138 110.92 -1.16 -20.83
C ILE M 138 109.89 -1.83 -19.90
N GLN M 139 110.32 -2.60 -18.90
CA GLN M 139 109.40 -3.18 -17.92
C GLN M 139 108.74 -2.11 -17.05
N ALA M 140 109.48 -1.08 -16.63
CA ALA M 140 108.88 0.06 -15.94
C ALA M 140 107.88 0.79 -16.86
N ALA M 141 108.16 0.88 -18.16
CA ALA M 141 107.18 1.38 -19.11
C ALA M 141 105.94 0.49 -19.16
N ALA M 142 106.10 -0.84 -19.12
CA ALA M 142 104.96 -1.75 -19.01
C ALA M 142 104.17 -1.48 -17.72
N GLN M 143 104.82 -1.17 -16.61
CA GLN M 143 104.13 -0.75 -15.38
C GLN M 143 103.39 0.58 -15.55
N LEU M 144 103.92 1.56 -16.30
CA LEU M 144 103.15 2.75 -16.68
C LEU M 144 101.94 2.37 -17.55
N GLY M 145 102.08 1.35 -18.40
CA GLY M 145 100.97 0.75 -19.14
C GLY M 145 99.92 0.12 -18.22
N GLU M 146 100.34 -0.58 -17.17
CA GLU M 146 99.43 -1.11 -16.14
C GLU M 146 98.72 0.03 -15.38
N ALA M 147 99.39 1.17 -15.20
CA ALA M 147 98.79 2.41 -14.69
C ALA M 147 97.89 3.13 -15.74
N GLY M 148 97.79 2.63 -16.97
CA GLY M 148 96.91 3.17 -18.01
C GLY M 148 97.39 4.47 -18.65
N ILE M 149 98.67 4.82 -18.48
CA ILE M 149 99.26 6.03 -19.06
C ILE M 149 99.33 5.90 -20.60
N SER M 150 99.03 6.96 -21.35
CA SER M 150 98.99 6.88 -22.82
C SER M 150 100.39 6.75 -23.45
N SER M 151 100.46 6.21 -24.66
CA SER M 151 101.72 5.92 -25.35
C SER M 151 102.63 7.16 -25.46
N GLU M 152 102.09 8.30 -25.91
CA GLU M 152 102.87 9.52 -26.03
C GLU M 152 103.34 10.03 -24.67
N GLU M 153 102.50 9.92 -23.63
CA GLU M 153 102.91 10.27 -22.28
C GLU M 153 104.07 9.38 -21.81
N ILE M 154 103.99 8.07 -22.01
CA ILE M 154 105.11 7.17 -21.69
C ILE M 154 106.34 7.61 -22.48
N LYS M 155 106.21 7.84 -23.79
CA LYS M 155 107.34 8.22 -24.65
C LYS M 155 108.00 9.49 -24.14
N GLU M 156 107.21 10.52 -23.85
CA GLU M 156 107.71 11.76 -23.30
C GLU M 156 108.33 11.55 -21.92
N LEU M 157 107.73 10.73 -21.06
CA LEU M 157 108.31 10.41 -19.76
C LEU M 157 109.67 9.73 -19.94
N LEU M 158 109.76 8.73 -20.80
CA LEU M 158 111.03 8.08 -21.07
C LEU M 158 112.04 9.08 -21.64
N ARG M 159 111.61 9.96 -22.54
CA ARG M 159 112.47 11.02 -23.07
C ARG M 159 112.99 11.89 -21.95
N ALA M 160 112.11 12.37 -21.07
CA ALA M 160 112.51 13.16 -19.93
C ALA M 160 113.47 12.39 -19.02
N ALA M 161 113.19 11.12 -18.76
CA ALA M 161 114.02 10.27 -17.91
C ALA M 161 115.43 10.15 -18.47
N HIS M 162 115.55 9.94 -19.79
CA HIS M 162 116.82 9.87 -20.48
C HIS M 162 117.54 11.23 -20.51
N GLU M 163 116.81 12.32 -20.74
CA GLU M 163 117.36 13.68 -20.69
C GLU M 163 117.87 14.05 -19.29
N LEU M 164 117.20 13.56 -18.24
CA LEU M 164 117.67 13.65 -16.86
C LEU M 164 118.81 12.67 -16.54
N GLY M 165 119.03 11.63 -17.33
CA GLY M 165 119.98 10.57 -17.02
C GLY M 165 119.57 9.73 -15.81
N LEU M 166 118.27 9.45 -15.66
CA LEU M 166 117.73 8.64 -14.56
C LEU M 166 118.20 7.18 -14.59
N ASP M 167 118.35 6.59 -13.41
CA ASP M 167 118.48 5.14 -13.26
C ASP M 167 117.12 4.44 -13.47
N PRO M 168 117.09 3.16 -13.87
CA PRO M 168 115.86 2.38 -14.02
C PRO M 168 115.00 2.36 -12.73
N ASP M 169 115.63 2.31 -11.55
CA ASP M 169 114.91 2.40 -10.27
C ASP M 169 114.11 3.70 -10.17
N CYS M 170 114.62 4.79 -10.72
CA CYS M 170 113.91 6.06 -10.75
C CYS M 170 112.68 5.93 -11.64
N ILE M 171 112.82 5.29 -12.80
CA ILE M 171 111.70 5.05 -13.71
C ILE M 171 110.66 4.13 -13.05
N ALA M 172 111.07 3.15 -12.25
CA ALA M 172 110.15 2.34 -11.46
C ALA M 172 109.40 3.21 -10.44
N ALA M 173 110.09 4.09 -9.72
CA ALA M 173 109.44 5.05 -8.85
C ALA M 173 108.51 6.00 -9.64
N ALA M 174 108.86 6.37 -10.86
CA ALA M 174 107.97 7.14 -11.73
C ALA M 174 106.71 6.33 -12.09
N ALA M 175 106.86 5.05 -12.38
CA ALA M 175 105.73 4.15 -12.57
C ALA M 175 104.87 4.05 -11.31
N ASP M 176 105.47 4.10 -10.11
CA ASP M 176 104.72 4.15 -8.86
C ASP M 176 103.97 5.47 -8.64
N LEU M 177 104.49 6.61 -9.11
CA LEU M 177 103.68 7.84 -9.20
C LEU M 177 102.53 7.67 -10.20
N GLY M 178 102.73 6.88 -11.25
CA GLY M 178 101.66 6.41 -12.13
C GLY M 178 100.63 5.56 -11.38
N GLN M 179 101.06 4.63 -10.53
CA GLN M 179 100.16 3.84 -9.67
C GLN M 179 99.38 4.74 -8.69
N ALA M 180 100.00 5.83 -8.22
CA ALA M 180 99.34 6.87 -7.42
C ALA M 180 98.38 7.76 -8.24
N GLY M 181 98.29 7.59 -9.57
CA GLY M 181 97.37 8.35 -10.43
C GLY M 181 97.80 9.78 -10.73
N ILE M 182 99.08 10.11 -10.50
CA ILE M 182 99.64 11.44 -10.77
C ILE M 182 99.65 11.70 -12.29
N SER M 183 99.28 12.91 -12.73
CA SER M 183 99.30 13.24 -14.17
C SER M 183 100.72 13.28 -14.73
N SER M 184 100.89 12.98 -16.02
CA SER M 184 102.22 12.88 -16.65
C SER M 184 103.06 14.14 -16.45
N SER M 185 102.46 15.32 -16.63
CA SER M 185 103.13 16.59 -16.38
C SER M 185 103.54 16.71 -14.91
N GLU M 186 102.70 16.32 -13.96
CA GLU M 186 103.06 16.33 -12.54
C GLU M 186 104.15 15.31 -12.21
N ILE M 187 104.12 14.12 -12.78
CA ILE M 187 105.24 13.18 -12.64
C ILE M 187 106.51 13.85 -13.17
N THR M 188 106.44 14.45 -14.34
CA THR M 188 107.58 15.12 -14.97
C THR M 188 108.12 16.21 -14.06
N ALA M 189 107.24 17.04 -13.51
CA ALA M 189 107.62 18.05 -12.54
C ALA M 189 108.31 17.43 -11.33
N LEU M 190 107.71 16.40 -10.72
CA LEU M 190 108.30 15.74 -9.56
C LEU M 190 109.66 15.15 -9.88
N LEU M 191 109.83 14.56 -11.07
CA LEU M 191 111.12 14.06 -11.51
C LEU M 191 112.12 15.21 -11.62
N LEU M 192 111.78 16.28 -12.32
CA LEU M 192 112.64 17.45 -12.46
C LEU M 192 113.04 17.98 -11.08
N ALA M 193 112.06 18.11 -10.19
CA ALA M 193 112.27 18.63 -8.85
C ALA M 193 113.21 17.72 -8.06
N ALA M 194 112.88 16.44 -7.94
CA ALA M 194 113.67 15.51 -7.18
C ALA M 194 115.11 15.43 -7.71
N ALA M 195 115.26 15.44 -9.03
CA ALA M 195 116.56 15.46 -9.65
C ALA M 195 117.31 16.75 -9.28
N ALA M 196 116.70 17.92 -9.48
CA ALA M 196 117.33 19.18 -9.14
C ALA M 196 117.73 19.22 -7.65
N ILE M 197 116.89 18.67 -6.77
CA ILE M 197 117.17 18.61 -5.34
C ILE M 197 118.39 17.74 -5.08
N GLU M 198 118.37 16.50 -5.53
CA GLU M 198 119.49 15.62 -5.17
C GLU M 198 120.79 16.09 -5.81
N LEU M 199 120.72 16.65 -7.02
CA LEU M 199 121.86 17.33 -7.62
C LEU M 199 122.31 18.52 -6.76
N ALA M 200 121.40 19.37 -6.31
CA ALA M 200 121.75 20.51 -5.47
C ALA M 200 122.20 20.11 -4.06
N LYS M 201 121.87 18.89 -3.61
CA LYS M 201 122.45 18.28 -2.41
C LYS M 201 123.86 17.77 -2.68
N ARG M 202 124.07 17.16 -3.86
CA ARG M 202 125.35 16.56 -4.27
C ARG M 202 126.38 17.62 -4.69
N ALA M 203 125.94 18.75 -5.22
CA ALA M 203 126.67 20.00 -5.24
C ALA M 203 126.64 20.67 -3.85
N ASP M 204 127.69 21.39 -3.46
CA ASP M 204 127.75 22.09 -2.16
C ASP M 204 127.10 23.49 -2.15
N ASP M 205 126.88 24.08 -3.34
CA ASP M 205 126.71 25.53 -3.46
C ASP M 205 125.38 26.08 -2.91
N LYS M 206 125.47 26.99 -1.93
CA LYS M 206 124.34 27.72 -1.37
C LYS M 206 123.55 28.49 -2.44
N ASP M 207 124.18 29.10 -3.45
CA ASP M 207 123.44 29.81 -4.49
C ASP M 207 122.59 28.86 -5.35
N VAL M 208 123.12 27.69 -5.71
CA VAL M 208 122.34 26.64 -6.38
C VAL M 208 121.19 26.19 -5.48
N ARG M 209 121.44 26.01 -4.19
CA ARG M 209 120.42 25.61 -3.21
C ARG M 209 119.34 26.69 -3.02
N GLU M 210 119.69 27.98 -3.01
CA GLU M 210 118.74 29.08 -3.01
C GLU M 210 117.92 29.14 -4.31
N ILE M 211 118.56 28.98 -5.46
CA ILE M 211 117.87 28.90 -6.75
C ILE M 211 116.84 27.76 -6.71
N VAL M 212 117.24 26.57 -6.24
CA VAL M 212 116.32 25.43 -6.13
C VAL M 212 115.20 25.72 -5.13
N ARG M 213 115.48 26.33 -3.98
CA ARG M 213 114.42 26.79 -3.05
C ARG M 213 113.44 27.70 -3.78
N ASP M 214 113.94 28.72 -4.47
CA ASP M 214 113.09 29.70 -5.13
C ASP M 214 112.25 29.06 -6.22
N ALA M 215 112.83 28.17 -7.01
CA ALA M 215 112.09 27.43 -8.02
C ALA M 215 111.03 26.53 -7.38
N LEU M 216 111.35 25.79 -6.31
CA LEU M 216 110.38 24.93 -5.64
C LEU M 216 109.28 25.75 -4.96
N GLU M 217 109.61 26.90 -4.39
CA GLU M 217 108.60 27.84 -3.89
C GLU M 217 107.67 28.26 -5.01
N LEU M 218 108.21 28.77 -6.12
CA LEU M 218 107.40 29.19 -7.26
C LEU M 218 106.54 28.04 -7.78
N ALA M 219 107.10 26.84 -7.90
CA ALA M 219 106.38 25.65 -8.35
C ALA M 219 105.29 25.23 -7.35
N SER M 220 105.51 25.43 -6.05
CA SER M 220 104.51 25.16 -5.02
C SER M 220 103.37 26.18 -5.05
N ARG M 221 103.70 27.48 -5.24
CA ARG M 221 102.74 28.59 -5.24
C ARG M 221 101.90 28.67 -6.51
N SER M 222 102.53 28.48 -7.67
CA SER M 222 101.87 28.55 -8.99
C SER M 222 101.02 27.31 -9.30
N THR M 223 100.21 27.38 -10.35
CA THR M 223 99.23 26.35 -10.75
C THR M 223 99.20 26.02 -12.25
N ASN M 224 100.14 26.55 -13.04
CA ASN M 224 100.23 26.31 -14.49
C ASN M 224 101.44 25.43 -14.84
N ASP M 225 101.18 24.28 -15.48
CA ASP M 225 102.22 23.30 -15.81
C ASP M 225 103.34 23.88 -16.70
N GLU M 226 103.07 24.88 -17.53
CA GLU M 226 104.12 25.55 -18.33
C GLU M 226 105.10 26.30 -17.42
N VAL M 227 104.59 27.15 -16.53
CA VAL M 227 105.42 27.86 -15.55
C VAL M 227 106.19 26.86 -14.68
N ILE M 228 105.52 25.81 -14.20
CA ILE M 228 106.12 24.80 -13.35
C ILE M 228 107.25 24.09 -14.09
N ARG M 229 107.01 23.60 -15.31
CA ARG M 229 108.04 22.92 -16.10
C ARG M 229 109.19 23.86 -16.41
N LEU M 230 108.92 25.09 -16.83
CA LEU M 230 109.97 26.09 -17.08
C LEU M 230 110.83 26.31 -15.84
N ALA M 231 110.20 26.53 -14.68
CA ALA M 231 110.93 26.78 -13.45
C ALA M 231 111.77 25.57 -13.05
N LEU M 232 111.20 24.37 -13.04
CA LEU M 232 111.92 23.18 -12.61
C LEU M 232 112.97 22.76 -13.63
N GLU M 233 112.75 23.00 -14.92
CA GLU M 233 113.80 22.83 -15.92
C GLU M 233 114.95 23.81 -15.68
N ALA M 234 114.65 25.08 -15.40
CA ALA M 234 115.69 26.03 -15.01
C ALA M 234 116.43 25.55 -13.76
N ALA M 235 115.72 25.00 -12.77
CA ALA M 235 116.34 24.46 -11.57
C ALA M 235 117.27 23.27 -11.89
N VAL M 236 116.83 22.34 -12.73
CA VAL M 236 117.68 21.24 -13.21
C VAL M 236 118.91 21.79 -13.93
N LEU M 237 118.74 22.73 -14.85
CA LEU M 237 119.86 23.32 -15.60
C LEU M 237 120.84 24.05 -14.67
N ALA M 238 120.34 24.80 -13.69
CA ALA M 238 121.18 25.48 -12.70
C ALA M 238 121.89 24.50 -11.74
N ALA M 239 121.34 23.30 -11.52
CA ALA M 239 121.99 22.25 -10.74
C ALA M 239 123.03 21.46 -11.55
N ARG M 240 122.86 21.35 -12.88
CA ARG M 240 123.79 20.65 -13.79
C ARG M 240 124.94 21.53 -14.28
N SER M 241 124.65 22.80 -14.59
CA SER M 241 125.65 23.83 -14.90
C SER M 241 126.26 24.45 -13.63
N THR M 242 127.40 25.14 -13.76
CA THR M 242 128.13 25.75 -12.62
C THR M 242 128.69 27.15 -12.91
N ASP M 243 128.40 27.73 -14.08
CA ASP M 243 128.94 29.03 -14.50
C ASP M 243 128.31 30.19 -13.71
N SER M 244 129.13 31.03 -13.08
CA SER M 244 128.69 32.20 -12.33
C SER M 244 127.81 33.16 -13.15
N ASP M 245 128.07 33.34 -14.45
CA ASP M 245 127.19 34.14 -15.31
C ASP M 245 125.80 33.54 -15.46
N VAL M 246 125.71 32.21 -15.63
CA VAL M 246 124.42 31.50 -15.66
C VAL M 246 123.73 31.59 -14.30
N LEU M 247 124.46 31.42 -13.20
CA LEU M 247 123.90 31.53 -11.85
C LEU M 247 123.37 32.94 -11.56
N GLU M 248 124.09 34.00 -11.93
CA GLU M 248 123.56 35.37 -11.86
C GLU M 248 122.29 35.55 -12.71
N ILE M 249 122.31 35.11 -13.97
CA ILE M 249 121.16 35.23 -14.88
C ILE M 249 119.93 34.50 -14.32
N VAL M 250 120.09 33.25 -13.87
CA VAL M 250 119.01 32.48 -13.27
C VAL M 250 118.51 33.15 -11.99
N LYS M 251 119.39 33.62 -11.10
CA LYS M 251 118.98 34.26 -9.85
C LYS M 251 118.27 35.60 -10.11
N ASP M 252 118.73 36.39 -11.06
CA ASP M 252 118.01 37.59 -11.52
C ASP M 252 116.64 37.23 -12.10
N ALA M 253 116.56 36.22 -12.96
CA ALA M 253 115.30 35.82 -13.55
C ALA M 253 114.30 35.31 -12.50
N LEU M 254 114.75 34.52 -11.52
CA LEU M 254 113.90 34.08 -10.41
C LEU M 254 113.52 35.21 -9.47
N GLU M 255 114.41 36.17 -9.20
CA GLU M 255 114.07 37.37 -8.43
C GLU M 255 112.98 38.18 -9.15
N LEU M 256 113.16 38.44 -10.44
CA LEU M 256 112.17 39.12 -11.27
C LEU M 256 110.84 38.35 -11.31
N ALA M 257 110.88 37.02 -11.45
CA ALA M 257 109.68 36.19 -11.45
C ALA M 257 108.96 36.19 -10.09
N LYS M 258 109.68 36.27 -8.96
CA LYS M 258 109.07 36.36 -7.62
C LYS M 258 108.47 37.75 -7.37
N GLN M 259 109.13 38.81 -7.85
CA GLN M 259 108.68 40.20 -7.66
C GLN M 259 107.54 40.63 -8.60
N SER M 260 107.56 40.19 -9.86
CA SER M 260 106.52 40.54 -10.86
C SER M 260 105.25 39.69 -10.71
N THR M 261 104.10 40.22 -11.15
CA THR M 261 102.78 39.53 -11.08
C THR M 261 102.39 38.82 -12.38
N ASN M 262 102.79 39.34 -13.54
CA ASN M 262 102.33 38.87 -14.86
C ASN M 262 102.95 37.52 -15.27
N GLU M 263 102.12 36.52 -15.58
CA GLU M 263 102.59 35.18 -15.98
C GLU M 263 103.37 35.18 -17.30
N GLU M 264 103.11 36.09 -18.23
CA GLU M 264 103.90 36.20 -19.47
C GLU M 264 105.33 36.70 -19.18
N VAL M 265 105.48 37.66 -18.26
CA VAL M 265 106.81 38.11 -17.79
C VAL M 265 107.56 36.97 -17.10
N ILE M 266 106.88 36.21 -16.24
CA ILE M 266 107.47 35.02 -15.59
C ILE M 266 107.94 34.00 -16.64
N LYS M 267 107.07 33.62 -17.58
CA LYS M 267 107.41 32.65 -18.63
C LYS M 267 108.56 33.12 -19.52
N LEU M 268 108.53 34.38 -19.99
CA LEU M 268 109.62 34.92 -20.82
C LEU M 268 110.94 34.98 -20.04
N ALA M 269 110.94 35.43 -18.78
CA ALA M 269 112.14 35.49 -17.97
C ALA M 269 112.73 34.09 -17.72
N LEU M 270 111.89 33.11 -17.35
CA LEU M 270 112.33 31.72 -17.21
C LEU M 270 112.84 31.15 -18.53
N LYS M 271 112.17 31.41 -19.66
CA LYS M 271 112.62 30.96 -20.97
C LYS M 271 113.98 31.56 -21.33
N ALA M 272 114.18 32.85 -21.12
CA ALA M 272 115.47 33.51 -21.33
C ALA M 272 116.56 32.87 -20.46
N ALA M 273 116.30 32.61 -19.19
CA ALA M 273 117.24 31.95 -18.29
C ALA M 273 117.56 30.50 -18.70
N VAL M 274 116.56 29.73 -19.15
CA VAL M 274 116.75 28.38 -19.71
C VAL M 274 117.66 28.42 -20.94
N LEU M 275 117.38 29.32 -21.89
CA LEU M 275 118.20 29.48 -23.09
C LEU M 275 119.63 29.93 -22.76
N ALA M 276 119.80 30.85 -21.79
CA ALA M 276 121.12 31.24 -21.30
C ALA M 276 121.88 30.05 -20.67
N ALA M 277 121.24 29.26 -19.81
CA ALA M 277 121.86 28.09 -19.20
C ALA M 277 122.24 27.00 -20.23
N LYS M 278 121.51 26.90 -21.34
CA LYS M 278 121.81 26.03 -22.50
C LYS M 278 122.84 26.61 -23.49
N SER M 279 123.18 27.90 -23.39
CA SER M 279 124.10 28.58 -24.31
C SER M 279 125.58 28.21 -24.10
N THR M 280 126.46 28.65 -24.99
CA THR M 280 127.94 28.61 -24.82
C THR M 280 128.57 29.80 -25.57
N ASP M 281 128.14 31.01 -25.25
CA ASP M 281 128.64 32.26 -25.85
C ASP M 281 128.53 33.44 -24.87
N GLU M 282 129.67 33.98 -24.44
CA GLU M 282 129.74 35.08 -23.48
C GLU M 282 129.03 36.36 -23.96
N GLU M 283 128.98 36.64 -25.27
CA GLU M 283 128.27 37.80 -25.78
C GLU M 283 126.74 37.64 -25.67
N VAL M 284 126.24 36.41 -25.84
CA VAL M 284 124.83 36.08 -25.60
C VAL M 284 124.51 36.17 -24.11
N LEU M 285 125.39 35.65 -23.25
CA LEU M 285 125.23 35.76 -21.80
C LEU M 285 125.22 37.22 -21.34
N GLU M 286 126.12 38.08 -21.84
CA GLU M 286 126.11 39.51 -21.50
C GLU M 286 124.85 40.24 -22.00
N GLU M 287 124.39 40.02 -23.23
CA GLU M 287 123.15 40.66 -23.71
C GLU M 287 121.92 40.16 -22.96
N VAL M 288 121.79 38.86 -22.67
CA VAL M 288 120.68 38.34 -21.87
C VAL M 288 120.71 38.90 -20.45
N LYS M 289 121.90 38.97 -19.81
CA LYS M 289 122.05 39.59 -18.48
C LYS M 289 121.65 41.07 -18.52
N GLU M 290 122.08 41.82 -19.52
CA GLU M 290 121.70 43.23 -19.68
C GLU M 290 120.20 43.39 -19.99
N ALA M 291 119.60 42.54 -20.81
CA ALA M 291 118.16 42.56 -21.06
C ALA M 291 117.37 42.27 -19.76
N LEU M 292 117.80 41.30 -18.95
CA LEU M 292 117.25 41.06 -17.63
C LEU M 292 117.46 42.26 -16.70
N ARG M 293 118.61 42.93 -16.73
CA ARG M 293 118.84 44.16 -15.96
C ARG M 293 117.88 45.27 -16.37
N ARG M 294 117.67 45.50 -17.67
CA ARG M 294 116.65 46.43 -18.17
C ARG M 294 115.27 46.03 -17.66
N ALA M 295 114.91 44.76 -17.74
CA ALA M 295 113.64 44.25 -17.25
C ALA M 295 113.45 44.39 -15.72
N LYS M 296 114.54 44.31 -14.93
CA LYS M 296 114.48 44.45 -13.46
C LYS M 296 114.53 45.91 -13.00
N GLU M 297 115.18 46.81 -13.75
CA GLU M 297 115.23 48.26 -13.45
C GLU M 297 113.97 49.02 -13.95
N SER M 298 113.41 48.64 -15.10
CA SER M 298 112.20 49.27 -15.66
C SER M 298 110.91 48.88 -14.91
N THR M 299 109.85 49.67 -15.08
CA THR M 299 108.56 49.49 -14.37
C THR M 299 107.40 49.04 -15.29
N ASP M 300 107.37 49.50 -16.55
CA ASP M 300 106.29 49.19 -17.49
C ASP M 300 106.37 47.75 -18.02
N GLU M 301 105.31 46.94 -17.80
CA GLU M 301 105.24 45.55 -18.27
C GLU M 301 105.43 45.41 -19.78
N GLU M 302 105.06 46.41 -20.59
CA GLU M 302 105.28 46.37 -22.04
C GLU M 302 106.76 46.50 -22.42
N GLU M 303 107.53 47.36 -21.73
CA GLU M 303 108.99 47.45 -21.91
C GLU M 303 109.70 46.19 -21.39
N ILE M 304 109.25 45.66 -20.25
CA ILE M 304 109.74 44.40 -19.68
C ILE M 304 109.55 43.24 -20.66
N LYS M 305 108.33 43.05 -21.19
CA LYS M 305 108.04 41.99 -22.18
C LYS M 305 108.87 42.15 -23.45
N GLU M 306 109.08 43.36 -23.96
CA GLU M 306 109.91 43.57 -25.16
C GLU M 306 111.39 43.26 -24.94
N GLU M 307 111.99 43.66 -23.82
CA GLU M 307 113.38 43.29 -23.51
C GLU M 307 113.53 41.77 -23.30
N LEU M 308 112.61 41.12 -22.58
CA LEU M 308 112.64 39.66 -22.42
C LEU M 308 112.35 38.92 -23.74
N ARG M 309 111.49 39.45 -24.62
CA ARG M 309 111.26 38.91 -25.97
C ARG M 309 112.54 38.95 -26.79
N LYS M 310 113.28 40.07 -26.79
CA LYS M 310 114.60 40.16 -27.44
C LYS M 310 115.61 39.21 -26.82
N ALA M 311 115.63 39.06 -25.48
CA ALA M 311 116.50 38.09 -24.81
C ALA M 311 116.23 36.62 -25.23
N VAL M 312 114.96 36.27 -25.47
CA VAL M 312 114.58 34.97 -26.04
C VAL M 312 114.97 34.86 -27.52
N GLU M 313 114.59 35.83 -28.36
CA GLU M 313 114.85 35.78 -29.81
C GLU M 313 116.34 35.83 -30.18
N GLU M 314 117.19 36.37 -29.31
CA GLU M 314 118.65 36.33 -29.46
C GLU M 314 119.26 34.93 -29.26
N ALA M 315 118.56 34.01 -28.58
CA ALA M 315 119.13 32.74 -28.09
C ALA M 315 118.33 31.47 -28.45
N GLU M 316 117.07 31.58 -28.90
CA GLU M 316 116.22 30.43 -29.30
C GLU M 316 116.72 29.69 -30.56
N CYS N 3 7.64 -112.30 -35.13
CA CYS N 3 8.38 -111.02 -35.18
C CYS N 3 8.80 -110.50 -33.78
N ASP N 4 8.87 -111.34 -32.75
CA ASP N 4 9.00 -110.93 -31.34
C ASP N 4 10.25 -110.10 -31.05
N ALA N 5 11.38 -110.41 -31.69
CA ALA N 5 12.62 -109.66 -31.52
C ALA N 5 12.47 -108.18 -31.88
N ILE N 6 11.78 -107.88 -32.99
CA ILE N 6 11.50 -106.50 -33.38
C ILE N 6 10.46 -105.91 -32.43
N GLN N 7 9.47 -106.69 -31.97
CA GLN N 7 8.48 -106.18 -31.02
C GLN N 7 9.13 -105.81 -29.68
N ALA N 8 10.14 -106.53 -29.22
CA ALA N 8 10.93 -106.14 -28.06
C ALA N 8 11.67 -104.82 -28.33
N ALA N 9 12.28 -104.65 -29.52
CA ALA N 9 12.87 -103.38 -29.90
C ALA N 9 11.83 -102.24 -29.90
N ALA N 10 10.61 -102.50 -30.39
CA ALA N 10 9.52 -101.54 -30.32
C ALA N 10 9.12 -101.21 -28.87
N ALA N 11 9.10 -102.20 -27.98
CA ALA N 11 8.84 -101.96 -26.56
C ALA N 11 9.93 -101.07 -25.93
N LEU N 12 11.21 -101.28 -26.30
CA LEU N 12 12.30 -100.38 -25.88
C LEU N 12 12.14 -98.97 -26.47
N GLY N 13 11.65 -98.85 -27.69
CA GLY N 13 11.29 -97.57 -28.30
C GLY N 13 10.15 -96.86 -27.55
N GLU N 14 9.11 -97.60 -27.15
CA GLU N 14 8.02 -97.06 -26.31
C GLU N 14 8.52 -96.66 -24.91
N ALA N 15 9.51 -97.38 -24.36
CA ALA N 15 10.21 -97.00 -23.13
C ALA N 15 11.15 -95.78 -23.33
N GLY N 16 11.30 -95.26 -24.55
CA GLY N 16 12.09 -94.07 -24.85
C GLY N 16 13.61 -94.31 -24.92
N ILE N 17 14.04 -95.57 -25.05
CA ILE N 17 15.46 -95.92 -25.17
C ILE N 17 16.00 -95.44 -26.51
N SER N 18 17.16 -94.77 -26.52
CA SER N 18 17.74 -94.24 -27.78
C SER N 18 18.31 -95.37 -28.66
N SER N 19 18.45 -95.13 -29.96
CA SER N 19 18.82 -96.18 -30.91
C SER N 19 20.16 -96.87 -30.58
N ASN N 20 21.21 -96.11 -30.23
CA ASN N 20 22.47 -96.72 -29.80
C ASN N 20 22.30 -97.58 -28.55
N GLU N 21 21.45 -97.16 -27.61
CA GLU N 21 21.14 -97.94 -26.41
C GLU N 21 20.31 -99.19 -26.74
N ILE N 22 19.35 -99.11 -27.65
CA ILE N 22 18.62 -100.30 -28.11
C ILE N 22 19.62 -101.27 -28.73
N LEU N 23 20.48 -100.78 -29.64
CA LEU N 23 21.51 -101.60 -30.27
C LEU N 23 22.45 -102.21 -29.22
N GLU N 24 22.82 -101.47 -28.19
CA GLU N 24 23.62 -102.04 -27.11
C GLU N 24 22.85 -103.14 -26.36
N LEU N 25 21.57 -102.93 -26.05
CA LEU N 25 20.77 -103.95 -25.36
C LEU N 25 20.57 -105.18 -26.25
N LEU N 26 20.43 -104.98 -27.55
CA LEU N 26 20.45 -106.07 -28.52
C LEU N 26 21.82 -106.75 -28.56
N ALA N 27 22.92 -105.99 -28.50
CA ALA N 27 24.26 -106.58 -28.42
C ALA N 27 24.40 -107.42 -27.16
N ALA N 28 23.93 -106.93 -26.01
CA ALA N 28 23.88 -107.69 -24.78
C ALA N 28 23.01 -108.94 -24.94
N ALA N 29 21.85 -108.83 -25.58
CA ALA N 29 21.00 -109.97 -25.86
C ALA N 29 21.74 -111.02 -26.70
N ALA N 30 22.52 -110.61 -27.70
CA ALA N 30 23.34 -111.51 -28.50
C ALA N 30 24.51 -112.11 -27.70
N GLU N 31 25.14 -111.33 -26.80
CA GLU N 31 26.22 -111.83 -25.93
C GLU N 31 25.70 -112.90 -24.97
N LEU N 32 24.64 -112.58 -24.22
CA LEU N 32 24.15 -113.41 -23.11
C LEU N 32 23.08 -114.42 -23.55
N GLY N 33 22.54 -114.27 -24.76
CA GLY N 33 21.41 -115.08 -25.25
C GLY N 33 20.08 -114.70 -24.60
N LEU N 34 19.84 -113.40 -24.34
CA LEU N 34 18.63 -112.94 -23.63
C LEU N 34 17.35 -113.24 -24.41
N ASP N 35 16.31 -113.68 -23.70
CA ASP N 35 14.97 -113.87 -24.24
C ASP N 35 14.16 -112.56 -24.21
N PRO N 36 13.06 -112.45 -24.98
CA PRO N 36 12.23 -111.25 -25.03
C PRO N 36 11.69 -110.78 -23.67
N ASP N 37 11.41 -111.67 -22.72
CA ASP N 37 10.95 -111.25 -21.40
C ASP N 37 12.11 -110.70 -20.56
N ALA N 38 13.32 -111.26 -20.67
CA ALA N 38 14.50 -110.66 -20.07
C ALA N 38 14.82 -109.29 -20.69
N ILE N 39 14.64 -109.15 -22.00
CA ILE N 39 14.75 -107.85 -22.67
C ILE N 39 13.63 -106.90 -22.19
N GLN N 40 12.41 -107.39 -21.95
CA GLN N 40 11.33 -106.58 -21.38
C GLN N 40 11.66 -106.15 -19.93
N ALA N 41 12.29 -107.01 -19.13
CA ALA N 41 12.79 -106.63 -17.83
C ALA N 41 13.84 -105.51 -17.95
N ALA N 42 14.75 -105.61 -18.92
CA ALA N 42 15.67 -104.52 -19.22
C ALA N 42 14.92 -103.24 -19.61
N ALA N 43 13.86 -103.33 -20.40
CA ALA N 43 13.01 -102.18 -20.73
C ALA N 43 12.38 -101.56 -19.47
N GLN N 44 11.93 -102.38 -18.52
CA GLN N 44 11.37 -101.91 -17.26
C GLN N 44 12.44 -101.27 -16.35
N LEU N 45 13.69 -101.75 -16.35
CA LEU N 45 14.80 -101.03 -15.73
C LEU N 45 15.08 -99.70 -16.45
N GLY N 46 14.87 -99.65 -17.77
CA GLY N 46 14.90 -98.43 -18.55
C GLY N 46 13.80 -97.44 -18.16
N GLU N 47 12.58 -97.91 -17.90
CA GLU N 47 11.51 -97.10 -17.32
C GLU N 47 11.83 -96.63 -15.89
N ALA N 48 12.58 -97.43 -15.13
CA ALA N 48 13.16 -97.01 -13.84
C ALA N 48 14.36 -96.03 -13.99
N GLY N 49 14.76 -95.69 -15.22
CA GLY N 49 15.79 -94.69 -15.53
C GLY N 49 17.24 -95.18 -15.39
N ILE N 50 17.46 -96.48 -15.22
CA ILE N 50 18.80 -97.08 -15.04
C ILE N 50 19.61 -96.96 -16.36
N SER N 51 20.92 -96.71 -16.31
CA SER N 51 21.75 -96.60 -17.52
C SER N 51 21.81 -97.92 -18.27
N SER N 52 21.91 -97.88 -19.60
CA SER N 52 22.18 -99.07 -20.42
C SER N 52 23.43 -99.81 -19.95
N GLU N 53 24.48 -99.09 -19.54
CA GLU N 53 25.70 -99.69 -18.99
C GLU N 53 25.38 -100.45 -17.69
N GLU N 54 24.68 -99.80 -16.78
CA GLU N 54 24.31 -100.40 -15.49
C GLU N 54 23.40 -101.61 -15.71
N ILE N 55 22.43 -101.48 -16.60
CA ILE N 55 21.57 -102.60 -17.00
C ILE N 55 22.43 -103.72 -17.56
N LYS N 56 23.43 -103.42 -18.41
CA LYS N 56 24.29 -104.46 -18.98
C LYS N 56 25.05 -105.18 -17.89
N GLU N 57 25.64 -104.46 -16.95
CA GLU N 57 26.26 -105.11 -15.81
C GLU N 57 25.23 -105.93 -15.02
N LEU N 58 24.01 -105.43 -14.82
CA LEU N 58 22.99 -106.15 -14.06
C LEU N 58 22.60 -107.44 -14.77
N LEU N 59 22.37 -107.39 -16.07
CA LEU N 59 22.08 -108.56 -16.88
C LEU N 59 23.26 -109.54 -16.83
N ARG N 60 24.48 -109.04 -16.98
CA ARG N 60 25.71 -109.84 -16.89
C ARG N 60 25.78 -110.54 -15.54
N ALA N 61 25.48 -109.82 -14.47
CA ALA N 61 25.43 -110.40 -13.14
C ALA N 61 24.30 -111.42 -13.00
N ALA N 62 23.11 -111.14 -13.54
CA ALA N 62 21.99 -112.08 -13.51
C ALA N 62 22.35 -113.38 -14.23
N HIS N 63 23.06 -113.28 -15.34
CA HIS N 63 23.58 -114.42 -16.10
C HIS N 63 24.67 -115.17 -15.32
N GLU N 64 25.60 -114.46 -14.68
CA GLU N 64 26.61 -115.07 -13.82
C GLU N 64 26.03 -115.69 -12.53
N LEU N 65 24.84 -115.24 -12.10
CA LEU N 65 24.03 -115.88 -11.06
C LEU N 65 23.17 -117.03 -11.60
N GLY N 66 23.04 -117.17 -12.91
CA GLY N 66 22.18 -118.18 -13.54
C GLY N 66 20.69 -117.99 -13.24
N LEU N 67 20.23 -116.74 -13.07
CA LEU N 67 18.84 -116.44 -12.69
C LEU N 67 17.83 -116.91 -13.74
N ASP N 68 16.69 -117.44 -13.28
CA ASP N 68 15.56 -117.81 -14.14
C ASP N 68 14.72 -116.56 -14.54
N PRO N 69 13.89 -116.66 -15.59
CA PRO N 69 13.09 -115.53 -16.07
C PRO N 69 12.18 -114.90 -15.01
N ASP N 70 11.69 -115.69 -14.04
CA ASP N 70 10.85 -115.18 -12.95
C ASP N 70 11.68 -114.32 -11.97
N ALA N 71 12.88 -114.76 -11.59
CA ALA N 71 13.80 -113.94 -10.83
C ALA N 71 14.22 -112.68 -11.59
N ILE N 72 14.47 -112.77 -12.90
CA ILE N 72 14.81 -111.61 -13.72
C ILE N 72 13.61 -110.64 -13.79
N ALA N 73 12.39 -111.14 -13.94
CA ALA N 73 11.20 -110.29 -13.84
C ALA N 73 11.09 -109.68 -12.44
N ALA N 74 11.38 -110.43 -11.39
CA ALA N 74 11.42 -109.89 -10.05
C ALA N 74 12.49 -108.78 -9.93
N ALA N 75 13.61 -108.85 -10.66
CA ALA N 75 14.57 -107.76 -10.72
C ALA N 75 13.93 -106.48 -11.28
N ALA N 76 13.09 -106.60 -12.31
CA ALA N 76 12.33 -105.47 -12.82
C ALA N 76 11.25 -105.00 -11.83
N ASP N 77 10.69 -105.88 -11.02
CA ASP N 77 9.81 -105.46 -9.91
C ASP N 77 10.59 -104.63 -8.89
N LEU N 78 11.78 -105.07 -8.47
CA LEU N 78 12.64 -104.28 -7.58
C LEU N 78 13.05 -102.93 -8.22
N GLY N 79 13.23 -102.91 -9.53
CA GLY N 79 13.45 -101.67 -10.29
C GLY N 79 12.24 -100.73 -10.21
N GLN N 80 11.02 -101.25 -10.41
CA GLN N 80 9.79 -100.47 -10.26
C GLN N 80 9.57 -100.00 -8.81
N ALA N 81 10.03 -100.78 -7.83
CA ALA N 81 10.06 -100.38 -6.42
C ALA N 81 11.12 -99.31 -6.09
N GLY N 82 11.98 -98.92 -7.05
CA GLY N 82 12.99 -97.86 -6.88
C GLY N 82 14.23 -98.26 -6.08
N VAL N 83 14.49 -99.57 -5.94
CA VAL N 83 15.65 -100.11 -5.19
C VAL N 83 16.97 -99.70 -5.87
N SER N 84 18.02 -99.41 -5.09
CA SER N 84 19.32 -99.02 -5.63
C SER N 84 19.92 -100.11 -6.53
N PRO N 85 20.66 -99.79 -7.61
CA PRO N 85 21.13 -100.79 -8.56
C PRO N 85 21.90 -101.93 -7.90
N VAL N 86 22.83 -101.58 -7.02
CA VAL N 86 23.53 -102.58 -6.23
C VAL N 86 22.55 -103.34 -5.35
N GLU N 87 21.63 -102.66 -4.68
CA GLU N 87 20.66 -103.32 -3.78
C GLU N 87 19.78 -104.31 -4.53
N ILE N 88 19.43 -104.04 -5.79
CA ILE N 88 18.71 -105.02 -6.60
C ILE N 88 19.57 -106.29 -6.64
N LEU N 89 20.82 -106.14 -7.06
CA LEU N 89 21.73 -107.27 -7.17
C LEU N 89 21.88 -107.97 -5.83
N ALA N 90 21.98 -107.21 -4.75
CA ALA N 90 22.09 -107.79 -3.44
C ALA N 90 20.86 -108.63 -3.12
N LEU N 91 19.65 -108.11 -3.35
CA LEU N 91 18.44 -108.86 -3.07
C LEU N 91 18.35 -110.10 -3.95
N LEU N 92 18.77 -110.00 -5.20
CA LEU N 92 18.82 -111.17 -6.07
C LEU N 92 19.79 -112.21 -5.53
N ILE N 93 21.00 -111.80 -5.17
CA ILE N 93 21.97 -112.72 -4.58
C ILE N 93 21.37 -113.32 -3.31
N ALA N 94 20.76 -112.50 -2.47
CA ALA N 94 20.19 -112.96 -1.23
C ALA N 94 19.14 -114.02 -1.48
N ALA N 95 18.17 -113.76 -2.34
CA ALA N 95 17.16 -114.73 -2.68
C ALA N 95 17.81 -116.03 -3.17
N SER N 96 18.81 -115.92 -4.05
CA SER N 96 19.51 -117.10 -4.60
C SER N 96 20.18 -117.93 -3.51
N VAL N 97 20.70 -117.30 -2.46
CA VAL N 97 21.30 -118.00 -1.32
C VAL N 97 20.24 -118.51 -0.35
N LEU N 98 19.18 -117.74 -0.12
CA LEU N 98 18.11 -118.09 0.81
C LEU N 98 17.30 -119.31 0.34
N GLY N 99 17.15 -119.48 -0.97
CA GLY N 99 16.35 -120.57 -1.56
C GLY N 99 14.84 -120.41 -1.37
N LEU N 100 14.37 -119.22 -0.97
CA LEU N 100 12.94 -118.88 -0.87
C LEU N 100 12.31 -118.67 -2.25
N ASP N 101 10.99 -118.80 -2.34
CA ASP N 101 10.23 -118.53 -3.57
C ASP N 101 10.27 -117.04 -3.97
N PRO N 102 10.08 -116.71 -5.26
CA PRO N 102 9.95 -115.33 -5.73
C PRO N 102 8.89 -114.50 -5.02
N ASP N 103 7.91 -115.11 -4.35
CA ASP N 103 6.98 -114.40 -3.47
C ASP N 103 7.73 -113.62 -2.38
N ALA N 104 8.82 -114.17 -1.84
CA ALA N 104 9.67 -113.43 -0.92
C ALA N 104 10.29 -112.20 -1.58
N ILE N 105 10.59 -112.25 -2.88
CA ILE N 105 11.10 -111.09 -3.62
C ILE N 105 9.97 -110.09 -3.88
N GLN N 106 8.74 -110.55 -4.16
CA GLN N 106 7.59 -109.64 -4.23
C GLN N 106 7.39 -108.91 -2.89
N ALA N 107 7.55 -109.62 -1.77
CA ALA N 107 7.53 -108.97 -0.46
C ALA N 107 8.71 -108.01 -0.28
N ALA N 108 9.90 -108.37 -0.76
CA ALA N 108 11.04 -107.45 -0.76
C ALA N 108 10.72 -106.18 -1.56
N ALA N 109 10.05 -106.29 -2.70
CA ALA N 109 9.64 -105.13 -3.48
C ALA N 109 8.68 -104.25 -2.66
N ALA N 110 7.72 -104.85 -1.97
CA ALA N 110 6.83 -104.11 -1.08
C ALA N 110 7.62 -103.41 0.06
N LEU N 111 8.58 -104.10 0.68
CA LEU N 111 9.44 -103.50 1.70
C LEU N 111 10.32 -102.37 1.11
N GLY N 112 10.71 -102.50 -0.15
CA GLY N 112 11.41 -101.45 -0.91
C GLY N 112 10.53 -100.22 -1.14
N GLU N 113 9.25 -100.40 -1.50
CA GLU N 113 8.29 -99.29 -1.56
C GLU N 113 8.05 -98.67 -0.18
N ALA N 114 8.12 -99.46 0.89
CA ALA N 114 8.10 -98.98 2.27
C ALA N 114 9.44 -98.30 2.71
N GLY N 115 10.46 -98.26 1.85
CA GLY N 115 11.72 -97.57 2.10
C GLY N 115 12.72 -98.34 2.98
N ILE N 116 12.47 -99.62 3.25
CA ILE N 116 13.35 -100.48 4.04
C ILE N 116 14.63 -100.80 3.25
N SER N 117 15.81 -100.76 3.89
CA SER N 117 17.07 -101.07 3.19
C SER N 117 17.16 -102.54 2.81
N ALA N 118 17.92 -102.87 1.77
CA ALA N 118 18.15 -104.27 1.41
C ALA N 118 18.79 -105.05 2.57
N GLU N 119 19.63 -104.40 3.38
CA GLU N 119 20.20 -105.02 4.58
C GLU N 119 19.11 -105.40 5.58
N GLU N 120 18.19 -104.50 5.87
CA GLU N 120 17.06 -104.82 6.74
C GLU N 120 16.19 -105.92 6.12
N ILE N 121 15.95 -105.88 4.81
CA ILE N 121 15.18 -106.94 4.16
C ILE N 121 15.90 -108.28 4.33
N ILE N 122 17.19 -108.33 4.04
CA ILE N 122 17.98 -109.55 4.16
C ILE N 122 17.92 -110.04 5.60
N GLU N 123 18.09 -109.16 6.57
CA GLU N 123 17.97 -109.49 7.97
C GLU N 123 16.59 -110.08 8.25
N LEU N 124 15.52 -109.40 7.83
CA LEU N 124 14.16 -109.85 8.06
C LEU N 124 13.92 -111.22 7.44
N LEU N 125 14.38 -111.44 6.21
CA LEU N 125 14.25 -112.74 5.56
C LEU N 125 15.04 -113.80 6.30
N THR N 126 16.24 -113.46 6.75
CA THR N 126 17.06 -114.37 7.54
C THR N 126 16.34 -114.74 8.83
N ALA N 127 15.80 -113.75 9.54
CA ALA N 127 15.05 -113.98 10.76
C ALA N 127 13.81 -114.86 10.49
N ALA N 128 13.08 -114.59 9.42
CA ALA N 128 11.92 -115.40 9.05
C ALA N 128 12.32 -116.87 8.83
N ARG N 129 13.43 -117.07 8.11
CA ARG N 129 14.00 -118.40 7.87
C ARG N 129 14.41 -119.08 9.17
N ASP N 130 15.05 -118.35 10.07
CA ASP N 130 15.44 -118.83 11.39
C ASP N 130 14.24 -119.21 12.27
N LEU N 131 13.16 -118.42 12.22
CA LEU N 131 11.92 -118.72 12.94
C LEU N 131 11.11 -119.86 12.29
N GLY N 132 11.43 -120.26 11.06
CA GLY N 132 10.65 -121.23 10.31
C GLY N 132 9.30 -120.67 9.81
N LEU N 133 9.22 -119.35 9.63
CA LEU N 133 8.07 -118.64 9.05
C LEU N 133 7.98 -118.85 7.53
N ASP N 134 6.95 -118.28 6.90
CA ASP N 134 6.56 -118.54 5.51
C ASP N 134 6.21 -117.24 4.76
N PRO N 135 6.10 -117.29 3.41
CA PRO N 135 5.76 -116.10 2.60
C PRO N 135 4.48 -115.38 3.04
N ASP N 136 3.49 -116.07 3.61
CA ASP N 136 2.29 -115.40 4.15
C ASP N 136 2.63 -114.56 5.38
N ALA N 137 3.41 -115.10 6.32
CA ALA N 137 3.91 -114.29 7.44
C ALA N 137 4.75 -113.11 6.93
N ILE N 138 5.62 -113.33 5.94
CA ILE N 138 6.45 -112.28 5.35
C ILE N 138 5.57 -111.22 4.64
N GLN N 139 4.48 -111.62 3.99
CA GLN N 139 3.53 -110.67 3.39
C GLN N 139 2.85 -109.81 4.46
N ALA N 140 2.45 -110.40 5.59
CA ALA N 140 1.93 -109.63 6.70
C ALA N 140 3.01 -108.72 7.30
N ALA N 141 4.27 -109.16 7.33
CA ALA N 141 5.38 -108.30 7.74
C ALA N 141 5.52 -107.11 6.78
N ALA N 142 5.34 -107.32 5.47
CA ALA N 142 5.32 -106.21 4.53
C ALA N 142 4.16 -105.23 4.82
N GLN N 143 3.01 -105.72 5.27
CA GLN N 143 1.95 -104.82 5.74
C GLN N 143 2.39 -104.02 6.98
N LEU N 144 3.10 -104.62 7.94
CA LEU N 144 3.70 -103.85 9.04
C LEU N 144 4.71 -102.82 8.52
N GLY N 145 5.45 -103.16 7.47
CA GLY N 145 6.33 -102.24 6.76
C GLY N 145 5.56 -101.06 6.14
N GLU N 146 4.43 -101.32 5.48
CA GLU N 146 3.56 -100.26 4.96
C GLU N 146 2.93 -99.41 6.08
N ALA N 147 2.71 -100.00 7.25
CA ALA N 147 2.34 -99.27 8.47
C ALA N 147 3.51 -98.49 9.10
N GLY N 148 4.72 -98.55 8.53
CA GLY N 148 5.90 -97.79 8.98
C GLY N 148 6.56 -98.32 10.25
N ILE N 149 6.24 -99.55 10.67
CA ILE N 149 6.83 -100.18 11.86
C ILE N 149 8.32 -100.46 11.61
N SER N 150 9.20 -100.20 12.58
CA SER N 150 10.65 -100.37 12.38
C SER N 150 11.07 -101.84 12.29
N SER N 151 12.23 -102.10 11.69
CA SER N 151 12.74 -103.47 11.48
C SER N 151 12.84 -104.27 12.78
N GLU N 152 13.39 -103.66 13.84
CA GLU N 152 13.49 -104.32 15.15
C GLU N 152 12.10 -104.62 15.72
N GLU N 153 11.17 -103.66 15.63
CA GLU N 153 9.79 -103.88 16.08
C GLU N 153 9.13 -105.03 15.31
N ILE N 154 9.30 -105.09 13.99
CA ILE N 154 8.80 -106.24 13.21
C ILE N 154 9.45 -107.52 13.70
N LYS N 155 10.78 -107.54 13.84
CA LYS N 155 11.51 -108.75 14.25
C LYS N 155 11.02 -109.25 15.61
N GLU N 156 10.93 -108.37 16.58
CA GLU N 156 10.41 -108.72 17.88
C GLU N 156 8.94 -109.15 17.81
N LEU N 157 8.11 -108.48 17.01
CA LEU N 157 6.72 -108.90 16.83
C LEU N 157 6.65 -110.30 16.25
N LEU N 158 7.40 -110.59 15.20
CA LEU N 158 7.41 -111.92 14.61
C LEU N 158 7.89 -112.93 15.65
N ARG N 159 8.94 -112.62 16.42
CA ARG N 159 9.42 -113.49 17.49
C ARG N 159 8.30 -113.76 18.48
N ALA N 160 7.62 -112.73 18.95
CA ALA N 160 6.52 -112.89 19.88
C ALA N 160 5.41 -113.75 19.28
N ALA N 161 5.01 -113.48 18.03
CA ALA N 161 3.97 -114.22 17.35
C ALA N 161 4.32 -115.71 17.28
N HIS N 162 5.57 -116.03 16.93
CA HIS N 162 6.08 -117.40 16.91
C HIS N 162 6.08 -118.05 18.30
N GLU N 163 6.55 -117.35 19.33
CA GLU N 163 6.54 -117.86 20.71
C GLU N 163 5.13 -118.09 21.25
N LEU N 164 4.14 -117.33 20.76
CA LEU N 164 2.73 -117.50 21.06
C LEU N 164 2.01 -118.47 20.12
N GLY N 165 2.65 -118.96 19.06
CA GLY N 165 2.03 -119.83 18.05
C GLY N 165 0.98 -119.14 17.18
N LEU N 166 1.00 -117.81 17.12
CA LEU N 166 0.05 -117.00 16.36
C LEU N 166 0.35 -117.06 14.86
N ASP N 167 -0.61 -117.54 14.09
CA ASP N 167 -0.46 -117.85 12.66
C ASP N 167 -0.48 -116.58 11.77
N PRO N 168 -0.19 -116.69 10.44
CA PRO N 168 -0.15 -115.54 9.54
C PRO N 168 -1.42 -114.68 9.50
N ASP N 169 -2.62 -115.23 9.72
CA ASP N 169 -3.82 -114.39 9.81
C ASP N 169 -3.84 -113.62 11.13
N CYS N 170 -3.28 -114.19 12.19
CA CYS N 170 -3.06 -113.47 13.43
C CYS N 170 -2.06 -112.33 13.20
N ILE N 171 -0.96 -112.58 12.47
CA ILE N 171 -0.01 -111.53 12.11
C ILE N 171 -0.68 -110.48 11.21
N ALA N 172 -1.61 -110.85 10.32
CA ALA N 172 -2.39 -109.88 9.57
C ALA N 172 -3.25 -109.02 10.50
N ALA N 173 -3.91 -109.62 11.48
CA ALA N 173 -4.60 -108.85 12.50
C ALA N 173 -3.64 -107.95 13.30
N ALA N 174 -2.42 -108.39 13.57
CA ALA N 174 -1.39 -107.55 14.17
C ALA N 174 -1.05 -106.37 13.25
N ALA N 175 -0.92 -106.60 11.95
CA ALA N 175 -0.73 -105.53 10.98
C ALA N 175 -1.94 -104.60 10.87
N ASP N 176 -3.15 -105.07 11.17
CA ASP N 176 -4.33 -104.22 11.27
C ASP N 176 -4.27 -103.30 12.48
N LEU N 177 -3.78 -103.78 13.63
CA LEU N 177 -3.45 -102.91 14.77
C LEU N 177 -2.31 -101.92 14.42
N GLY N 178 -1.38 -102.35 13.58
CA GLY N 178 -0.36 -101.47 13.00
C GLY N 178 -0.97 -100.36 12.16
N GLN N 179 -1.91 -100.68 11.28
CA GLN N 179 -2.66 -99.69 10.50
C GLN N 179 -3.50 -98.77 11.39
N ALA N 180 -3.99 -99.27 12.52
CA ALA N 180 -4.63 -98.45 13.56
C ALA N 180 -3.65 -97.55 14.35
N GLY N 181 -2.34 -97.62 14.09
CA GLY N 181 -1.33 -96.76 14.71
C GLY N 181 -0.98 -97.16 16.15
N ILE N 182 -1.35 -98.37 16.57
CA ILE N 182 -1.03 -98.90 17.90
C ILE N 182 0.50 -99.09 18.02
N SER N 183 1.10 -98.72 19.15
CA SER N 183 2.54 -98.93 19.34
C SER N 183 2.91 -100.42 19.32
N SER N 184 4.12 -100.77 18.89
CA SER N 184 4.57 -102.18 18.88
C SER N 184 4.43 -102.85 20.25
N SER N 185 4.72 -102.10 21.32
CA SER N 185 4.47 -102.54 22.70
C SER N 185 3.01 -102.91 22.91
N GLU N 186 2.09 -101.99 22.58
CA GLU N 186 0.66 -102.24 22.76
C GLU N 186 0.12 -103.33 21.83
N ILE N 187 0.62 -103.45 20.60
CA ILE N 187 0.30 -104.60 19.77
C ILE N 187 0.72 -105.86 20.51
N THR N 188 1.95 -105.91 21.02
CA THR N 188 2.46 -107.08 21.73
C THR N 188 1.58 -107.43 22.91
N ALA N 189 1.18 -106.42 23.69
CA ALA N 189 0.23 -106.60 24.78
C ALA N 189 -1.08 -107.18 24.28
N LEU N 190 -1.68 -106.60 23.23
CA LEU N 190 -2.94 -107.08 22.70
C LEU N 190 -2.82 -108.51 22.16
N LEU N 191 -1.70 -108.85 21.53
CA LEU N 191 -1.45 -110.22 21.10
C LEU N 191 -1.38 -111.16 22.30
N LEU N 192 -0.64 -110.78 23.35
CA LEU N 192 -0.61 -111.57 24.58
C LEU N 192 -2.01 -111.74 25.15
N ALA N 193 -2.80 -110.67 25.16
CA ALA N 193 -4.15 -110.68 25.71
C ALA N 193 -5.06 -111.60 24.90
N ALA N 194 -5.07 -111.47 23.58
CA ALA N 194 -5.87 -112.31 22.71
C ALA N 194 -5.51 -113.79 22.88
N ALA N 195 -4.20 -114.08 22.98
CA ALA N 195 -3.73 -115.44 23.21
C ALA N 195 -4.22 -115.95 24.57
N ALA N 196 -4.02 -115.16 25.63
CA ALA N 196 -4.44 -115.54 26.97
C ALA N 196 -5.94 -115.81 27.01
N ILE N 197 -6.77 -114.90 26.50
CA ILE N 197 -8.22 -115.05 26.63
C ILE N 197 -8.73 -116.23 25.82
N GLU N 198 -8.21 -116.47 24.61
CA GLU N 198 -8.64 -117.62 23.82
C GLU N 198 -8.28 -118.92 24.55
N LEU N 199 -7.04 -119.07 25.01
CA LEU N 199 -6.63 -120.25 25.76
C LEU N 199 -7.43 -120.39 27.06
N ALA N 200 -7.74 -119.29 27.75
CA ALA N 200 -8.55 -119.29 28.97
C ALA N 200 -10.02 -119.63 28.70
N LYS N 201 -10.50 -119.44 27.47
CA LYS N 201 -11.80 -119.96 27.01
C LYS N 201 -11.70 -121.45 26.66
N ARG N 202 -10.59 -121.88 26.06
CA ARG N 202 -10.35 -123.29 25.71
C ARG N 202 -10.16 -124.17 26.95
N ALA N 203 -9.52 -123.64 28.00
CA ALA N 203 -9.57 -124.18 29.35
C ALA N 203 -10.90 -123.84 30.03
N ASP N 204 -11.45 -124.75 30.84
CA ASP N 204 -12.66 -124.50 31.64
C ASP N 204 -12.37 -123.83 33.01
N ASP N 205 -11.11 -123.85 33.45
CA ASP N 205 -10.76 -123.68 34.85
C ASP N 205 -11.04 -122.27 35.40
N LYS N 206 -11.91 -122.20 36.41
CA LYS N 206 -12.23 -120.97 37.14
C LYS N 206 -10.99 -120.28 37.71
N ASP N 207 -10.00 -121.00 38.25
CA ASP N 207 -8.81 -120.34 38.81
C ASP N 207 -7.95 -119.68 37.74
N VAL N 208 -7.74 -120.36 36.60
CA VAL N 208 -7.06 -119.75 35.44
C VAL N 208 -7.86 -118.54 34.97
N ARG N 209 -9.18 -118.68 34.85
CA ARG N 209 -10.07 -117.60 34.41
C ARG N 209 -10.05 -116.41 35.37
N GLU N 210 -10.01 -116.66 36.68
CA GLU N 210 -9.79 -115.62 37.68
C GLU N 210 -8.45 -114.92 37.46
N ILE N 211 -7.37 -115.68 37.31
CA ILE N 211 -6.04 -115.10 37.10
C ILE N 211 -6.04 -114.24 35.85
N VAL N 212 -6.58 -114.75 34.74
CA VAL N 212 -6.61 -114.01 33.47
C VAL N 212 -7.50 -112.77 33.58
N ARG N 213 -8.64 -112.85 34.26
CA ARG N 213 -9.46 -111.68 34.59
C ARG N 213 -8.65 -110.67 35.37
N ASP N 214 -8.00 -111.10 36.44
CA ASP N 214 -7.23 -110.21 37.32
C ASP N 214 -6.06 -109.57 36.57
N ALA N 215 -5.38 -110.32 35.70
CA ALA N 215 -4.33 -109.79 34.87
C ALA N 215 -4.89 -108.77 33.87
N LEU N 216 -5.99 -109.06 33.19
CA LEU N 216 -6.60 -108.12 32.25
C LEU N 216 -7.08 -106.87 32.99
N GLU N 217 -7.63 -107.00 34.19
CA GLU N 217 -7.94 -105.84 35.04
C GLU N 217 -6.68 -105.04 35.33
N LEU N 218 -5.64 -105.68 35.88
CA LEU N 218 -4.41 -104.98 36.26
C LEU N 218 -3.79 -104.30 35.03
N ALA N 219 -3.77 -104.97 33.88
CA ALA N 219 -3.26 -104.42 32.62
C ALA N 219 -4.13 -103.28 32.09
N SER N 220 -5.45 -103.28 32.36
CA SER N 220 -6.33 -102.17 32.03
C SER N 220 -6.08 -100.96 32.96
N ARG N 221 -5.91 -101.20 34.26
CA ARG N 221 -5.75 -100.15 35.29
C ARG N 221 -4.37 -99.51 35.29
N SER N 222 -3.31 -100.31 35.16
CA SER N 222 -1.92 -99.84 35.13
C SER N 222 -1.55 -99.17 33.78
N THR N 223 -0.40 -98.48 33.75
CA THR N 223 0.06 -97.67 32.60
C THR N 223 1.56 -97.84 32.28
N ASN N 224 2.22 -98.90 32.77
CA ASN N 224 3.63 -99.18 32.53
C ASN N 224 3.84 -100.44 31.67
N ASP N 225 4.57 -100.31 30.56
CA ASP N 225 4.75 -101.39 29.59
C ASP N 225 5.40 -102.65 30.16
N GLU N 226 6.33 -102.53 31.11
CA GLU N 226 6.95 -103.72 31.74
C GLU N 226 5.95 -104.45 32.64
N VAL N 227 5.23 -103.72 33.50
CA VAL N 227 4.15 -104.30 34.31
C VAL N 227 3.10 -104.97 33.42
N ILE N 228 2.68 -104.29 32.35
CA ILE N 228 1.66 -104.82 31.42
C ILE N 228 2.17 -106.09 30.75
N ARG N 229 3.37 -106.06 30.16
CA ARG N 229 3.93 -107.25 29.49
C ARG N 229 4.12 -108.39 30.48
N LEU N 230 4.68 -108.12 31.67
CA LEU N 230 4.80 -109.14 32.71
C LEU N 230 3.45 -109.75 33.05
N ALA N 231 2.43 -108.93 33.31
CA ALA N 231 1.13 -109.41 33.70
C ALA N 231 0.49 -110.26 32.59
N LEU N 232 0.49 -109.77 31.35
CA LEU N 232 -0.14 -110.49 30.24
C LEU N 232 0.67 -111.73 29.84
N GLU N 233 1.99 -111.69 29.95
CA GLU N 233 2.81 -112.89 29.81
C GLU N 233 2.46 -113.89 30.91
N ALA N 234 2.35 -113.46 32.16
CA ALA N 234 1.92 -114.33 33.24
C ALA N 234 0.53 -114.91 32.96
N ALA N 235 -0.38 -114.13 32.38
CA ALA N 235 -1.70 -114.61 31.99
C ALA N 235 -1.60 -115.71 30.93
N VAL N 236 -0.79 -115.51 29.89
CA VAL N 236 -0.50 -116.55 28.90
C VAL N 236 0.11 -117.79 29.58
N LEU N 237 1.07 -117.62 30.48
CA LEU N 237 1.71 -118.75 31.17
C LEU N 237 0.71 -119.50 32.06
N ALA N 238 -0.18 -118.79 32.74
CA ALA N 238 -1.25 -119.41 33.53
C ALA N 238 -2.26 -120.17 32.66
N ALA N 239 -2.46 -119.74 31.40
CA ALA N 239 -3.30 -120.46 30.45
C ALA N 239 -2.60 -121.66 29.78
N ARG N 240 -1.27 -121.62 29.59
CA ARG N 240 -0.48 -122.69 28.95
C ARG N 240 0.00 -123.77 29.92
N SER N 241 0.36 -123.40 31.16
CA SER N 241 0.71 -124.34 32.24
C SER N 241 -0.54 -124.89 32.96
N THR N 242 -0.39 -126.00 33.69
CA THR N 242 -1.52 -126.67 34.38
C THR N 242 -1.35 -126.73 35.92
N ASP N 243 -0.15 -126.53 36.45
CA ASP N 243 0.16 -126.79 37.86
C ASP N 243 -0.51 -125.80 38.83
N SER N 244 -1.35 -126.33 39.73
CA SER N 244 -2.03 -125.56 40.77
C SER N 244 -1.07 -124.78 41.69
N ASP N 245 0.15 -125.27 41.92
CA ASP N 245 1.16 -124.50 42.68
C ASP N 245 1.55 -123.20 41.97
N VAL N 246 1.68 -123.22 40.64
CA VAL N 246 1.91 -122.00 39.86
C VAL N 246 0.69 -121.09 39.92
N LEU N 247 -0.53 -121.64 39.84
CA LEU N 247 -1.75 -120.84 39.98
C LEU N 247 -1.83 -120.16 41.36
N GLU N 248 -1.55 -120.87 42.45
CA GLU N 248 -1.47 -120.25 43.78
C GLU N 248 -0.42 -119.15 43.85
N ILE N 249 0.80 -119.42 43.37
CA ILE N 249 1.89 -118.43 43.35
C ILE N 249 1.49 -117.19 42.55
N VAL N 250 0.90 -117.38 41.37
CA VAL N 250 0.43 -116.27 40.55
C VAL N 250 -0.71 -115.53 41.24
N LYS N 251 -1.70 -116.22 41.83
CA LYS N 251 -2.82 -115.56 42.50
C LYS N 251 -2.34 -114.80 43.75
N ASP N 252 -1.41 -115.36 44.51
CA ASP N 252 -0.74 -114.66 45.60
C ASP N 252 0.02 -113.43 45.10
N ALA N 253 0.77 -113.56 44.01
CA ALA N 253 1.50 -112.43 43.45
C ALA N 253 0.54 -111.33 42.98
N LEU N 254 -0.57 -111.69 42.33
CA LEU N 254 -1.60 -110.74 41.91
C LEU N 254 -2.33 -110.12 43.11
N GLU N 255 -2.63 -110.91 44.15
CA GLU N 255 -3.23 -110.41 45.39
C GLU N 255 -2.33 -109.39 46.08
N LEU N 256 -1.02 -109.64 46.14
CA LEU N 256 -0.05 -108.67 46.63
C LEU N 256 0.02 -107.45 45.70
N ALA N 257 0.15 -107.67 44.40
CA ALA N 257 0.36 -106.62 43.42
C ALA N 257 -0.83 -105.65 43.27
N LYS N 258 -2.06 -106.15 43.29
CA LYS N 258 -3.25 -105.31 43.13
C LYS N 258 -3.56 -104.51 44.39
N GLN N 259 -3.19 -105.02 45.56
CA GLN N 259 -3.34 -104.30 46.84
C GLN N 259 -2.22 -103.29 47.09
N SER N 260 -0.96 -103.64 46.82
CA SER N 260 0.19 -102.75 47.04
C SER N 260 0.29 -101.63 45.99
N THR N 261 0.87 -100.48 46.37
CA THR N 261 0.99 -99.30 45.48
C THR N 261 2.33 -99.25 44.71
N ASN N 262 3.40 -99.82 45.27
CA ASN N 262 4.76 -99.67 44.75
C ASN N 262 5.02 -100.50 43.47
N GLU N 263 5.37 -99.82 42.36
CA GLU N 263 5.65 -100.48 41.07
C GLU N 263 6.83 -101.46 41.13
N GLU N 264 7.83 -101.22 41.98
CA GLU N 264 8.96 -102.15 42.13
C GLU N 264 8.49 -103.46 42.79
N VAL N 265 7.63 -103.38 43.81
CA VAL N 265 7.01 -104.58 44.43
C VAL N 265 6.17 -105.33 43.40
N ILE N 266 5.38 -104.62 42.58
CA ILE N 266 4.59 -105.23 41.51
C ILE N 266 5.52 -105.96 40.52
N LYS N 267 6.54 -105.29 39.98
CA LYS N 267 7.47 -105.87 39.02
C LYS N 267 8.21 -107.07 39.61
N LEU N 268 8.72 -106.97 40.84
CA LEU N 268 9.39 -108.07 41.52
C LEU N 268 8.45 -109.25 41.75
N ALA N 269 7.24 -109.03 42.24
CA ALA N 269 6.27 -110.09 42.49
C ALA N 269 5.89 -110.80 41.18
N LEU N 270 5.57 -110.03 40.13
CA LEU N 270 5.28 -110.61 38.82
C LEU N 270 6.50 -111.36 38.27
N LYS N 271 7.72 -110.82 38.39
CA LYS N 271 8.94 -111.52 37.97
C LYS N 271 9.10 -112.83 38.73
N ALA N 272 8.96 -112.84 40.04
CA ALA N 272 9.05 -114.05 40.85
C ALA N 272 8.02 -115.09 40.41
N ALA N 273 6.77 -114.67 40.17
CA ALA N 273 5.72 -115.56 39.67
C ALA N 273 6.02 -116.09 38.25
N VAL N 274 6.56 -115.26 37.36
CA VAL N 274 6.98 -115.68 36.02
C VAL N 274 8.12 -116.69 36.10
N LEU N 275 9.10 -116.47 36.97
CA LEU N 275 10.19 -117.43 37.21
C LEU N 275 9.65 -118.76 37.77
N ALA N 276 8.68 -118.72 38.68
CA ALA N 276 7.99 -119.93 39.14
C ALA N 276 7.22 -120.64 37.99
N ALA N 277 6.58 -119.88 37.10
CA ALA N 277 5.87 -120.45 35.95
C ALA N 277 6.80 -121.05 34.89
N LYS N 278 8.01 -120.51 34.72
CA LYS N 278 9.02 -121.00 33.74
C LYS N 278 9.94 -122.10 34.27
N SER N 279 10.24 -122.11 35.56
CA SER N 279 11.01 -123.18 36.24
C SER N 279 10.15 -124.42 36.53
N THR N 280 10.78 -125.54 36.91
CA THR N 280 10.11 -126.85 37.14
C THR N 280 10.30 -127.42 38.55
N ASP N 281 11.36 -127.04 39.27
CA ASP N 281 11.72 -127.64 40.56
C ASP N 281 10.75 -127.25 41.70
N GLU N 282 10.10 -128.25 42.31
CA GLU N 282 9.14 -128.06 43.40
C GLU N 282 9.76 -127.39 44.63
N GLU N 283 11.07 -127.51 44.87
CA GLU N 283 11.74 -126.80 45.97
C GLU N 283 11.88 -125.29 45.68
N VAL N 284 12.05 -124.91 44.41
CA VAL N 284 12.03 -123.50 44.00
C VAL N 284 10.61 -122.94 44.08
N LEU N 285 9.60 -123.73 43.67
CA LEU N 285 8.19 -123.35 43.86
C LEU N 285 7.87 -123.12 45.33
N GLU N 286 8.25 -124.03 46.23
CA GLU N 286 8.04 -123.86 47.67
C GLU N 286 8.81 -122.65 48.23
N GLU N 287 10.06 -122.42 47.88
CA GLU N 287 10.77 -121.22 48.36
C GLU N 287 10.15 -119.93 47.84
N VAL N 288 9.74 -119.88 46.56
CA VAL N 288 9.03 -118.71 46.03
C VAL N 288 7.69 -118.53 46.73
N LYS N 289 6.92 -119.61 46.95
CA LYS N 289 5.64 -119.54 47.68
C LYS N 289 5.85 -119.07 49.12
N GLU N 290 6.89 -119.54 49.79
CA GLU N 290 7.24 -119.08 51.13
C GLU N 290 7.72 -117.63 51.14
N ALA N 291 8.52 -117.20 50.16
CA ALA N 291 8.89 -115.79 50.02
C ALA N 291 7.66 -114.89 49.83
N LEU N 292 6.70 -115.31 48.99
CA LEU N 292 5.41 -114.63 48.87
C LEU N 292 4.60 -114.67 50.17
N ARG N 293 4.58 -115.80 50.90
CA ARG N 293 3.90 -115.87 52.21
C ARG N 293 4.51 -114.88 53.19
N ARG N 294 5.84 -114.85 53.32
CA ARG N 294 6.56 -113.84 54.10
C ARG N 294 6.18 -112.45 53.64
N ALA N 295 6.11 -112.21 52.34
CA ALA N 295 5.72 -110.91 51.79
C ALA N 295 4.28 -110.52 52.19
N LYS N 296 3.29 -111.39 52.00
CA LYS N 296 1.89 -111.09 52.41
C LYS N 296 1.74 -110.94 53.93
N GLU N 297 2.53 -111.66 54.73
CA GLU N 297 2.57 -111.50 56.18
C GLU N 297 3.30 -110.23 56.64
N SER N 298 4.13 -109.61 55.79
CA SER N 298 4.88 -108.39 56.09
C SER N 298 4.07 -107.11 55.84
N THR N 299 4.37 -106.05 56.60
CA THR N 299 3.81 -104.70 56.39
C THR N 299 4.78 -103.76 55.64
N ASP N 300 6.10 -103.88 55.88
CA ASP N 300 7.12 -102.99 55.32
C ASP N 300 7.49 -103.34 53.86
N GLU N 301 7.39 -102.37 52.96
CA GLU N 301 7.81 -102.52 51.55
C GLU N 301 9.29 -102.90 51.41
N GLU N 302 10.17 -102.49 52.34
CA GLU N 302 11.59 -102.87 52.30
C GLU N 302 11.77 -104.37 52.57
N GLU N 303 11.05 -104.94 53.54
CA GLU N 303 11.10 -106.38 53.82
C GLU N 303 10.46 -107.20 52.69
N ILE N 304 9.36 -106.71 52.11
CA ILE N 304 8.73 -107.30 50.91
C ILE N 304 9.71 -107.32 49.73
N LYS N 305 10.34 -106.18 49.42
CA LYS N 305 11.34 -106.10 48.34
C LYS N 305 12.54 -107.02 48.60
N GLU N 306 13.04 -107.11 49.83
CA GLU N 306 14.17 -108.00 50.14
C GLU N 306 13.82 -109.49 50.02
N GLU N 307 12.67 -109.94 50.52
CA GLU N 307 12.26 -111.34 50.32
C GLU N 307 12.08 -111.67 48.83
N LEU N 308 11.38 -110.81 48.07
CA LEU N 308 11.24 -111.00 46.64
C LEU N 308 12.59 -110.93 45.91
N ARG N 309 13.49 -110.02 46.29
CA ARG N 309 14.84 -109.93 45.71
C ARG N 309 15.62 -111.22 45.95
N LYS N 310 15.67 -111.71 47.19
CA LYS N 310 16.38 -112.97 47.50
C LYS N 310 15.81 -114.14 46.71
N ALA N 311 14.49 -114.26 46.63
CA ALA N 311 13.85 -115.30 45.82
C ALA N 311 14.21 -115.18 44.34
N VAL N 312 14.14 -113.97 43.75
CA VAL N 312 14.53 -113.74 42.36
C VAL N 312 16.02 -114.05 42.14
N GLU N 313 16.90 -113.63 43.04
CA GLU N 313 18.33 -113.94 42.95
C GLU N 313 18.64 -115.43 43.12
N GLU N 314 17.75 -116.22 43.74
CA GLU N 314 17.86 -117.68 43.78
C GLU N 314 17.28 -118.35 42.51
N ALA N 315 16.19 -117.82 41.95
CA ALA N 315 15.43 -118.43 40.85
C ALA N 315 15.86 -118.04 39.42
N GLU N 316 16.50 -116.87 39.22
CA GLU N 316 16.87 -116.34 37.89
C GLU N 316 17.95 -117.15 37.14
N CYS O 3 50.91 97.41 39.09
CA CYS O 3 52.09 96.76 39.70
C CYS O 3 52.86 95.98 38.63
N ASP O 4 53.78 96.63 37.91
CA ASP O 4 54.23 96.18 36.58
C ASP O 4 54.80 94.76 36.55
N ALA O 5 55.67 94.41 37.50
CA ALA O 5 56.26 93.07 37.55
C ALA O 5 55.20 91.97 37.72
N ILE O 6 54.17 92.24 38.51
CA ILE O 6 53.05 91.30 38.70
C ILE O 6 52.14 91.33 37.47
N GLN O 7 51.93 92.48 36.84
CA GLN O 7 51.17 92.58 35.60
C GLN O 7 51.80 91.73 34.49
N ALA O 8 53.13 91.76 34.38
CA ALA O 8 53.85 90.89 33.46
C ALA O 8 53.62 89.40 33.82
N ALA O 9 53.68 89.05 35.11
CA ALA O 9 53.37 87.68 35.53
C ALA O 9 51.92 87.31 35.17
N ALA O 10 50.97 88.22 35.36
CA ALA O 10 49.57 87.99 35.00
C ALA O 10 49.41 87.80 33.49
N ALA O 11 50.12 88.57 32.67
CA ALA O 11 50.13 88.37 31.23
C ALA O 11 50.64 86.96 30.86
N LEU O 12 51.71 86.50 31.49
CA LEU O 12 52.23 85.14 31.29
C LEU O 12 51.25 84.06 31.81
N GLY O 13 50.51 84.35 32.87
CA GLY O 13 49.42 83.49 33.35
C GLY O 13 48.26 83.41 32.37
N GLU O 14 47.85 84.53 31.77
CA GLU O 14 46.83 84.56 30.72
C GLU O 14 47.29 83.84 29.44
N ALA O 15 48.58 83.91 29.12
CA ALA O 15 49.20 83.11 28.06
C ALA O 15 49.31 81.61 28.39
N GLY O 16 48.98 81.20 29.63
CA GLY O 16 48.97 79.79 30.04
C GLY O 16 50.37 79.20 30.27
N ILE O 17 51.37 80.04 30.51
CA ILE O 17 52.76 79.60 30.70
C ILE O 17 52.89 78.78 32.00
N SER O 18 53.63 77.67 31.96
CA SER O 18 53.91 76.85 33.16
C SER O 18 54.69 77.64 34.21
N SER O 19 54.41 77.46 35.49
CA SER O 19 54.99 78.30 36.57
C SER O 19 56.51 78.29 36.58
N ASN O 20 57.17 77.16 36.38
CA ASN O 20 58.64 77.12 36.28
C ASN O 20 59.13 77.93 35.06
N GLU O 21 58.39 77.90 33.96
CA GLU O 21 58.72 78.68 32.76
C GLU O 21 58.40 80.18 32.95
N ILE O 22 57.37 80.52 33.74
CA ILE O 22 57.18 81.91 34.17
C ILE O 22 58.40 82.33 34.97
N LEU O 23 58.83 81.53 35.95
CA LEU O 23 60.01 81.85 36.75
C LEU O 23 61.25 81.97 35.87
N GLU O 24 61.39 81.16 34.84
CA GLU O 24 62.49 81.32 33.90
C GLU O 24 62.36 82.64 33.12
N LEU O 25 61.20 82.97 32.59
CA LEU O 25 61.02 84.21 31.83
C LEU O 25 61.20 85.43 32.73
N LEU O 26 60.79 85.33 34.00
CA LEU O 26 61.13 86.31 35.00
C LEU O 26 62.64 86.34 35.26
N ALA O 27 63.32 85.20 35.35
CA ALA O 27 64.76 85.17 35.51
C ALA O 27 65.45 85.90 34.33
N ALA O 28 65.01 85.61 33.11
CA ALA O 28 65.50 86.30 31.92
C ALA O 28 65.20 87.79 32.00
N ALA O 29 63.99 88.17 32.41
CA ALA O 29 63.64 89.56 32.60
C ALA O 29 64.57 90.24 33.59
N ALA O 30 64.89 89.60 34.70
CA ALA O 30 65.82 90.12 35.70
C ALA O 30 67.25 90.20 35.17
N GLU O 31 67.71 89.19 34.42
CA GLU O 31 69.05 89.17 33.84
C GLU O 31 69.23 90.28 32.80
N LEU O 32 68.33 90.35 31.82
CA LEU O 32 68.42 91.29 30.71
C LEU O 32 67.87 92.68 31.08
N GLY O 33 67.08 92.78 32.14
CA GLY O 33 66.32 93.99 32.45
C GLY O 33 65.14 94.22 31.49
N LEU O 34 64.44 93.16 31.09
CA LEU O 34 63.32 93.26 30.13
C LEU O 34 62.21 94.17 30.67
N ASP O 35 61.73 95.09 29.84
CA ASP O 35 60.56 95.90 30.16
C ASP O 35 59.26 95.10 29.97
N PRO O 36 58.13 95.52 30.57
CA PRO O 36 56.87 94.79 30.50
C PRO O 36 56.37 94.52 29.09
N ASP O 37 56.62 95.40 28.12
CA ASP O 37 56.21 95.15 26.74
C ASP O 37 57.14 94.12 26.07
N ALA O 38 58.43 94.10 26.40
CA ALA O 38 59.32 93.03 25.98
C ALA O 38 58.88 91.68 26.59
N ILE O 39 58.45 91.68 27.85
CA ILE O 39 57.87 90.47 28.44
C ILE O 39 56.52 90.13 27.79
N GLN O 40 55.71 91.11 27.37
CA GLN O 40 54.49 90.84 26.60
C GLN O 40 54.82 90.20 25.25
N ALA O 41 55.88 90.64 24.57
CA ALA O 41 56.35 89.98 23.37
C ALA O 41 56.78 88.53 23.68
N ALA O 42 57.46 88.28 24.80
CA ALA O 42 57.75 86.92 25.25
C ALA O 42 56.46 86.12 25.45
N ALA O 43 55.43 86.70 26.07
CA ALA O 43 54.14 86.04 26.24
C ALA O 43 53.51 85.69 24.88
N GLN O 44 53.55 86.59 23.91
CA GLN O 44 53.02 86.34 22.57
C GLN O 44 53.83 85.28 21.80
N LEU O 45 55.16 85.22 21.97
CA LEU O 45 55.95 84.10 21.45
C LEU O 45 55.60 82.79 22.17
N GLY O 46 55.24 82.86 23.44
CA GLY O 46 54.69 81.73 24.20
C GLY O 46 53.33 81.26 23.67
N GLU O 47 52.45 82.18 23.26
CA GLU O 47 51.21 81.85 22.54
C GLU O 47 51.52 81.23 21.16
N ALA O 48 52.60 81.65 20.49
CA ALA O 48 53.13 80.98 19.31
C ALA O 48 53.83 79.63 19.62
N GLY O 49 53.85 79.19 20.88
CA GLY O 49 54.34 77.87 21.31
C GLY O 49 55.87 77.77 21.46
N ILE O 50 56.61 78.87 21.30
CA ILE O 50 58.08 78.90 21.41
C ILE O 50 58.51 78.60 22.86
N SER O 51 59.57 77.81 23.08
CA SER O 51 60.01 77.54 24.46
C SER O 51 60.63 78.77 25.11
N SER O 52 60.61 78.78 26.44
CA SER O 52 61.31 79.79 27.25
C SER O 52 62.79 79.87 26.85
N GLU O 53 63.45 78.74 26.63
CA GLU O 53 64.85 78.73 26.22
C GLU O 53 65.05 79.48 24.92
N GLU O 54 64.25 79.14 23.91
CA GLU O 54 64.35 79.76 22.60
C GLU O 54 64.04 81.25 22.69
N ILE O 55 62.98 81.62 23.41
CA ILE O 55 62.67 83.02 23.66
C ILE O 55 63.87 83.70 24.31
N LYS O 56 64.48 83.06 25.31
CA LYS O 56 65.58 83.63 26.06
C LYS O 56 66.75 83.90 25.15
N GLU O 57 67.17 82.91 24.37
CA GLU O 57 68.22 83.12 23.41
C GLU O 57 67.83 84.19 22.39
N LEU O 58 66.56 84.23 21.95
CA LEU O 58 66.13 85.24 20.97
C LEU O 58 66.23 86.63 21.56
N LEU O 59 65.68 86.86 22.74
CA LEU O 59 65.76 88.16 23.38
C LEU O 59 67.21 88.50 23.74
N ARG O 60 68.00 87.51 24.13
CA ARG O 60 69.44 87.69 24.35
C ARG O 60 70.11 88.17 23.07
N ALA O 61 69.77 87.58 21.93
CA ALA O 61 70.27 88.05 20.66
C ALA O 61 69.75 89.46 20.35
N ALA O 62 68.48 89.76 20.58
CA ALA O 62 67.93 91.09 20.35
C ALA O 62 68.65 92.17 21.18
N HIS O 63 69.00 91.82 22.42
CA HIS O 63 69.79 92.63 23.32
C HIS O 63 71.23 92.79 22.83
N GLU O 64 71.88 91.70 22.41
CA GLU O 64 73.22 91.75 21.82
C GLU O 64 73.27 92.53 20.50
N LEU O 65 72.20 92.51 19.71
CA LEU O 65 72.02 93.31 18.51
C LEU O 65 71.80 94.80 18.83
N GLY O 66 71.35 95.14 20.03
CA GLY O 66 70.97 96.50 20.39
C GLY O 66 69.76 97.00 19.60
N LEU O 67 68.77 96.12 19.35
CA LEU O 67 67.58 96.46 18.56
C LEU O 67 66.73 97.56 19.20
N ASP O 68 66.02 98.33 18.36
CA ASP O 68 65.00 99.28 18.82
C ASP O 68 63.74 98.54 19.34
N PRO O 69 63.09 99.05 20.40
CA PRO O 69 61.94 98.39 21.02
C PRO O 69 60.79 98.06 20.07
N ASP O 70 60.59 98.87 19.03
CA ASP O 70 59.55 98.62 18.02
C ASP O 70 59.84 97.35 17.21
N ALA O 71 61.08 97.13 16.77
CA ALA O 71 61.46 95.87 16.15
C ALA O 71 61.32 94.70 17.14
N ILE O 72 61.72 94.88 18.40
CA ILE O 72 61.55 93.84 19.42
C ILE O 72 60.07 93.49 19.59
N ALA O 73 59.19 94.47 19.66
CA ALA O 73 57.75 94.22 19.69
C ALA O 73 57.29 93.53 18.40
N ALA O 74 57.76 93.99 17.25
CA ALA O 74 57.43 93.39 15.96
C ALA O 74 57.91 91.92 15.87
N ALA O 75 58.86 91.47 16.69
CA ALA O 75 59.18 90.05 16.74
C ALA O 75 57.95 89.20 17.12
N ALA O 76 57.06 89.72 17.95
CA ALA O 76 55.81 89.03 18.25
C ALA O 76 54.84 89.02 17.06
N ASP O 77 54.90 90.02 16.17
CA ASP O 77 54.14 89.96 14.91
C ASP O 77 54.70 88.88 14.00
N LEU O 78 56.02 88.76 13.88
CA LEU O 78 56.66 87.66 13.14
C LEU O 78 56.31 86.29 13.76
N GLY O 79 56.19 86.22 15.08
CA GLY O 79 55.69 85.04 15.80
C GLY O 79 54.25 84.70 15.45
N GLN O 80 53.35 85.69 15.45
CA GLN O 80 51.95 85.51 15.04
C GLN O 80 51.82 85.12 13.57
N ALA O 81 52.72 85.61 12.71
CA ALA O 81 52.84 85.21 11.31
C ALA O 81 53.37 83.77 11.12
N GLY O 82 53.80 83.08 12.19
CA GLY O 82 54.27 81.70 12.15
C GLY O 82 55.68 81.51 11.56
N VAL O 83 56.49 82.57 11.52
CA VAL O 83 57.86 82.53 11.00
C VAL O 83 58.74 81.58 11.83
N SER O 84 59.62 80.82 11.19
CA SER O 84 60.48 79.85 11.89
C SER O 84 61.38 80.56 12.92
N PRO O 85 61.70 79.96 14.08
CA PRO O 85 62.37 80.67 15.16
C PRO O 85 63.68 81.33 14.73
N VAL O 86 64.51 80.57 14.01
CA VAL O 86 65.72 81.11 13.41
C VAL O 86 65.38 82.22 12.42
N GLU O 87 64.37 82.02 11.57
CA GLU O 87 63.98 83.03 10.58
C GLU O 87 63.50 84.32 11.23
N ILE O 88 62.88 84.27 12.42
CA ILE O 88 62.57 85.49 13.15
C ILE O 88 63.88 86.23 13.38
N LEU O 89 64.88 85.53 13.93
CA LEU O 89 66.16 86.15 14.21
C LEU O 89 66.79 86.67 12.93
N ALA O 90 66.69 85.92 11.85
CA ALA O 90 67.22 86.35 10.59
C ALA O 90 66.56 87.65 10.14
N LEU O 91 65.23 87.73 10.20
CA LEU O 91 64.52 88.93 9.79
C LEU O 91 64.88 90.10 10.70
N LEU O 92 65.03 89.86 12.01
CA LEU O 92 65.47 90.91 12.92
C LEU O 92 66.87 91.39 12.56
N ILE O 93 67.80 90.46 12.34
CA ILE O 93 69.16 90.83 11.94
C ILE O 93 69.09 91.60 10.63
N ALA O 94 68.31 91.12 9.68
CA ALA O 94 68.19 91.75 8.38
C ALA O 94 67.68 93.16 8.52
N ALA O 95 66.60 93.37 9.26
CA ALA O 95 66.06 94.70 9.49
C ALA O 95 67.15 95.61 10.05
N SER O 96 67.92 95.12 11.04
CA SER O 96 68.99 95.93 11.64
C SER O 96 70.05 96.31 10.60
N VAL O 97 70.45 95.38 9.72
CA VAL O 97 71.45 95.63 8.70
C VAL O 97 70.91 96.54 7.60
N LEU O 98 69.65 96.36 7.23
CA LEU O 98 69.01 97.17 6.20
C LEU O 98 68.79 98.61 6.67
N GLY O 99 68.58 98.82 7.97
CA GLY O 99 68.25 100.13 8.54
C GLY O 99 66.84 100.62 8.18
N LEU O 100 65.96 99.73 7.71
CA LEU O 100 64.56 100.03 7.38
C LEU O 100 63.66 100.17 8.62
N ASP O 101 62.47 100.71 8.42
CA ASP O 101 61.48 100.96 9.47
C ASP O 101 60.66 99.71 9.88
N PRO O 102 59.94 99.75 11.01
CA PRO O 102 59.04 98.68 11.43
C PRO O 102 57.93 98.36 10.43
N ASP O 103 57.55 99.30 9.56
CA ASP O 103 56.58 98.99 8.51
C ASP O 103 57.17 97.99 7.50
N ALA O 104 58.47 98.07 7.18
CA ALA O 104 59.12 97.01 6.43
C ALA O 104 59.07 95.67 7.18
N ILE O 105 59.15 95.67 8.52
CA ILE O 105 58.97 94.45 9.31
C ILE O 105 57.51 93.96 9.25
N GLN O 106 56.52 94.86 9.30
CA GLN O 106 55.12 94.47 9.12
C GLN O 106 54.89 93.87 7.72
N ALA O 107 55.53 94.42 6.69
CA ALA O 107 55.50 93.84 5.36
C ALA O 107 56.15 92.46 5.35
N ALA O 108 57.28 92.29 6.06
CA ALA O 108 57.87 90.96 6.24
C ALA O 108 56.88 90.01 6.93
N ALA O 109 56.15 90.46 7.95
CA ALA O 109 55.14 89.64 8.60
C ALA O 109 54.06 89.21 7.60
N ALA O 110 53.55 90.14 6.79
CA ALA O 110 52.59 89.82 5.74
C ALA O 110 53.16 88.82 4.72
N LEU O 111 54.41 88.99 4.29
CA LEU O 111 55.07 88.04 3.39
C LEU O 111 55.25 86.67 4.07
N GLY O 112 55.46 86.65 5.39
CA GLY O 112 55.48 85.44 6.20
C GLY O 112 54.12 84.73 6.23
N GLU O 113 53.02 85.47 6.38
CA GLU O 113 51.66 84.92 6.22
C GLU O 113 51.42 84.40 4.79
N ALA O 114 52.02 85.04 3.79
CA ALA O 114 52.03 84.55 2.40
C ALA O 114 52.97 83.34 2.16
N GLY O 115 53.70 82.88 3.18
CA GLY O 115 54.57 81.71 3.11
C GLY O 115 55.93 81.94 2.44
N ILE O 116 56.31 83.20 2.20
CA ILE O 116 57.58 83.57 1.58
C ILE O 116 58.75 83.31 2.57
N SER O 117 59.87 82.75 2.11
CA SER O 117 61.03 82.48 2.99
C SER O 117 61.73 83.76 3.42
N ALA O 118 62.44 83.72 4.55
CA ALA O 118 63.23 84.87 4.98
C ALA O 118 64.27 85.27 3.92
N GLU O 119 64.86 84.31 3.20
CA GLU O 119 65.76 84.62 2.10
C GLU O 119 65.06 85.44 1.01
N GLU O 120 63.88 85.03 0.60
CA GLU O 120 63.10 85.78 -0.38
C GLU O 120 62.71 87.15 0.15
N ILE O 121 62.31 87.26 1.42
CA ILE O 121 62.00 88.57 2.00
C ILE O 121 63.23 89.45 1.97
N ILE O 122 64.36 88.94 2.43
CA ILE O 122 65.62 89.68 2.46
C ILE O 122 65.98 90.12 1.05
N GLU O 123 65.87 89.21 0.08
CA GLU O 123 66.12 89.51 -1.32
C GLU O 123 65.19 90.62 -1.80
N LEU O 124 63.89 90.51 -1.52
CA LEU O 124 62.93 91.51 -1.93
C LEU O 124 63.26 92.87 -1.31
N LEU O 125 63.61 92.91 -0.03
CA LEU O 125 64.00 94.15 0.62
C LEU O 125 65.30 94.69 0.02
N THR O 126 66.24 93.80 -0.30
CA THR O 126 67.49 94.16 -0.94
C THR O 126 67.22 94.81 -2.29
N ALA O 127 66.40 94.16 -3.12
CA ALA O 127 65.99 94.71 -4.40
C ALA O 127 65.29 96.06 -4.21
N ALA O 128 64.40 96.18 -3.22
CA ALA O 128 63.68 97.42 -2.98
C ALA O 128 64.64 98.58 -2.69
N ARG O 129 65.60 98.40 -1.77
CA ARG O 129 66.59 99.46 -1.48
C ARG O 129 67.48 99.73 -2.68
N ASP O 130 67.86 98.70 -3.44
CA ASP O 130 68.71 98.84 -4.62
C ASP O 130 68.00 99.61 -5.76
N LEU O 131 66.70 99.40 -5.93
CA LEU O 131 65.86 100.22 -6.83
C LEU O 131 65.56 101.61 -6.26
N GLY O 132 65.75 101.82 -4.96
CA GLY O 132 65.35 103.05 -4.28
C GLY O 132 63.84 103.17 -4.07
N LEU O 133 63.13 102.04 -4.01
CA LEU O 133 61.69 101.98 -3.71
C LEU O 133 61.39 102.31 -2.24
N ASP O 134 60.13 102.65 -1.96
CA ASP O 134 59.67 103.15 -0.65
C ASP O 134 58.76 102.13 0.09
N PRO O 135 58.44 102.38 1.38
CA PRO O 135 57.56 101.50 2.15
C PRO O 135 56.17 101.27 1.55
N ASP O 136 55.61 102.23 0.80
CA ASP O 136 54.32 102.02 0.14
C ASP O 136 54.45 101.04 -1.04
N ALA O 137 55.53 101.14 -1.82
CA ALA O 137 55.84 100.14 -2.83
C ALA O 137 56.03 98.76 -2.18
N ILE O 138 56.73 98.69 -1.04
CA ILE O 138 56.89 97.46 -0.28
C ILE O 138 55.54 96.93 0.22
N GLN O 139 54.63 97.80 0.68
CA GLN O 139 53.28 97.40 1.07
C GLN O 139 52.50 96.82 -0.11
N ALA O 140 52.59 97.43 -1.29
CA ALA O 140 51.98 96.88 -2.49
C ALA O 140 52.65 95.56 -2.90
N ALA O 141 53.95 95.40 -2.68
CA ALA O 141 54.61 94.13 -2.90
C ALA O 141 54.05 93.05 -1.95
N ALA O 142 53.78 93.40 -0.70
CA ALA O 142 53.10 92.48 0.21
C ALA O 142 51.69 92.13 -0.31
N GLN O 143 50.97 93.05 -0.94
CA GLN O 143 49.72 92.73 -1.61
C GLN O 143 49.91 91.78 -2.81
N LEU O 144 51.00 91.90 -3.58
CA LEU O 144 51.34 90.87 -4.60
C LEU O 144 51.61 89.51 -3.93
N GLY O 145 52.19 89.52 -2.73
CA GLY O 145 52.33 88.34 -1.89
C GLY O 145 50.97 87.76 -1.48
N GLU O 146 50.02 88.61 -1.07
CA GLU O 146 48.64 88.18 -0.78
C GLU O 146 47.95 87.60 -2.02
N ALA O 147 48.27 88.12 -3.22
CA ALA O 147 47.84 87.55 -4.49
C ALA O 147 48.61 86.25 -4.88
N GLY O 148 49.58 85.80 -4.08
CA GLY O 148 50.31 84.55 -4.32
C GLY O 148 51.32 84.60 -5.47
N ILE O 149 51.70 85.80 -5.93
CA ILE O 149 52.68 85.99 -7.01
C ILE O 149 54.07 85.54 -6.54
N SER O 150 54.86 84.86 -7.37
CA SER O 150 56.17 84.36 -6.95
C SER O 150 57.21 85.48 -6.78
N SER O 151 58.25 85.24 -5.97
CA SER O 151 59.27 86.26 -5.66
C SER O 151 59.94 86.84 -6.90
N GLU O 152 60.33 85.98 -7.86
CA GLU O 152 60.93 86.44 -9.11
C GLU O 152 59.96 87.31 -9.90
N GLU O 153 58.69 86.90 -10.00
CA GLU O 153 57.67 87.71 -10.66
C GLU O 153 57.51 89.06 -9.97
N ILE O 154 57.44 89.10 -8.64
CA ILE O 154 57.40 90.38 -7.93
C ILE O 154 58.64 91.20 -8.27
N LYS O 155 59.84 90.62 -8.23
CA LYS O 155 61.08 91.34 -8.49
C LYS O 155 61.07 91.95 -9.89
N GLU O 156 60.72 91.17 -10.89
CA GLU O 156 60.61 91.68 -12.25
C GLU O 156 59.50 92.74 -12.37
N LEU O 157 58.36 92.54 -11.71
CA LEU O 157 57.29 93.54 -11.71
C LEU O 157 57.76 94.85 -11.10
N LEU O 158 58.41 94.79 -9.94
CA LEU O 158 58.95 95.98 -9.32
C LEU O 158 59.97 96.64 -10.23
N ARG O 159 60.86 95.87 -10.86
CA ARG O 159 61.82 96.41 -11.83
C ARG O 159 61.11 97.14 -12.96
N ALA O 160 60.11 96.51 -13.56
CA ALA O 160 59.33 97.13 -14.62
C ALA O 160 58.63 98.40 -14.12
N ALA O 161 58.04 98.36 -12.92
CA ALA O 161 57.35 99.50 -12.34
C ALA O 161 58.30 100.68 -12.16
N HIS O 162 59.52 100.42 -11.71
CA HIS O 162 60.57 101.43 -11.59
C HIS O 162 61.01 101.98 -12.96
N GLU O 163 61.22 101.10 -13.95
CA GLU O 163 61.59 101.52 -15.31
C GLU O 163 60.49 102.36 -15.99
N LEU O 164 59.23 102.12 -15.63
CA LEU O 164 58.08 102.91 -16.05
C LEU O 164 57.79 104.13 -15.14
N GLY O 165 58.49 104.27 -14.01
CA GLY O 165 58.27 105.37 -13.07
C GLY O 165 56.90 105.38 -12.39
N LEU O 166 56.32 104.19 -12.15
CA LEU O 166 54.98 104.04 -11.59
C LEU O 166 54.89 104.44 -10.12
N ASP O 167 53.74 104.95 -9.71
CA ASP O 167 53.40 105.19 -8.30
C ASP O 167 53.06 103.88 -7.58
N PRO O 168 53.18 103.81 -6.23
CA PRO O 168 52.75 102.65 -5.44
C PRO O 168 51.29 102.25 -5.68
N ASP O 169 50.39 103.20 -5.90
CA ASP O 169 48.99 102.91 -6.23
C ASP O 169 48.87 102.10 -7.53
N CYS O 170 49.80 102.28 -8.46
CA CYS O 170 49.85 101.52 -9.69
C CYS O 170 50.19 100.06 -9.38
N ILE O 171 51.14 99.86 -8.46
CA ILE O 171 51.50 98.51 -8.00
C ILE O 171 50.32 97.89 -7.24
N ALA O 172 49.55 98.68 -6.48
CA ALA O 172 48.33 98.19 -5.86
C ALA O 172 47.32 97.73 -6.94
N ALA O 173 47.13 98.51 -7.99
CA ALA O 173 46.33 98.08 -9.13
C ALA O 173 46.90 96.82 -9.79
N ALA O 174 48.23 96.68 -9.88
CA ALA O 174 48.84 95.46 -10.36
C ALA O 174 48.51 94.26 -9.44
N ALA O 175 48.50 94.46 -8.13
CA ALA O 175 48.06 93.43 -7.19
C ALA O 175 46.56 93.13 -7.32
N ASP O 176 45.73 94.08 -7.75
CA ASP O 176 44.33 93.81 -8.07
C ASP O 176 44.18 92.96 -9.33
N LEU O 177 45.01 93.18 -10.35
CA LEU O 177 45.10 92.26 -11.50
C LEU O 177 45.63 90.88 -11.06
N GLY O 178 46.52 90.85 -10.07
CA GLY O 178 46.96 89.61 -9.43
C GLY O 178 45.80 88.88 -8.74
N GLN O 179 44.95 89.60 -8.01
CA GLN O 179 43.73 89.03 -7.42
C GLN O 179 42.75 88.54 -8.49
N ALA O 180 42.71 89.21 -9.66
CA ALA O 180 41.97 88.73 -10.83
C ALA O 180 42.62 87.52 -11.53
N GLY O 181 43.77 87.02 -11.06
CA GLY O 181 44.44 85.84 -11.60
C GLY O 181 45.18 86.08 -12.91
N ILE O 182 45.42 87.34 -13.28
CA ILE O 182 46.16 87.72 -14.49
C ILE O 182 47.64 87.31 -14.32
N SER O 183 48.26 86.74 -15.36
CA SER O 183 49.67 86.35 -15.29
C SER O 183 50.60 87.55 -15.13
N SER O 184 51.77 87.38 -14.52
CA SER O 184 52.78 88.45 -14.40
C SER O 184 53.12 89.06 -15.76
N SER O 185 53.22 88.22 -16.80
CA SER O 185 53.40 88.67 -18.18
C SER O 185 52.28 89.62 -18.60
N GLU O 186 51.03 89.21 -18.46
CA GLU O 186 49.88 90.04 -18.85
C GLU O 186 49.74 91.28 -17.97
N ILE O 187 50.03 91.21 -16.67
CA ILE O 187 50.12 92.39 -15.83
C ILE O 187 51.17 93.34 -16.42
N THR O 188 52.36 92.83 -16.73
CA THR O 188 53.44 93.64 -17.28
C THR O 188 53.01 94.30 -18.58
N ALA O 189 52.35 93.56 -19.46
CA ALA O 189 51.77 94.09 -20.67
C ALA O 189 50.78 95.22 -20.36
N LEU O 190 49.84 94.99 -19.45
CA LEU O 190 48.86 96.01 -19.07
C LEU O 190 49.52 97.25 -18.49
N LEU O 191 50.57 97.07 -17.68
CA LEU O 191 51.34 98.20 -17.17
C LEU O 191 52.00 98.97 -18.31
N LEU O 192 52.68 98.27 -19.22
CA LEU O 192 53.29 98.90 -20.39
C LEU O 192 52.23 99.66 -21.19
N ALA O 193 51.09 99.05 -21.43
CA ALA O 193 50.00 99.62 -22.19
C ALA O 193 49.46 100.89 -21.51
N ALA O 194 49.11 100.81 -20.24
CA ALA O 194 48.60 101.97 -19.51
C ALA O 194 49.59 103.11 -19.53
N ALA O 195 50.88 102.81 -19.35
CA ALA O 195 51.93 103.81 -19.40
C ALA O 195 52.01 104.45 -20.79
N ALA O 196 52.08 103.63 -21.85
CA ALA O 196 52.12 104.14 -23.21
C ALA O 196 50.88 105.02 -23.50
N ILE O 197 49.71 104.61 -23.04
CA ILE O 197 48.46 105.33 -23.28
C ILE O 197 48.48 106.68 -22.56
N GLU O 198 48.81 106.72 -21.27
CA GLU O 198 48.87 107.97 -20.54
C GLU O 198 49.88 108.92 -21.18
N LEU O 199 51.07 108.42 -21.52
CA LEU O 199 52.08 109.20 -22.24
C LEU O 199 51.58 109.66 -23.61
N ALA O 200 50.80 108.84 -24.32
CA ALA O 200 50.19 109.23 -25.60
C ALA O 200 49.09 110.29 -25.43
N LYS O 201 48.56 110.50 -24.23
CA LYS O 201 47.79 111.72 -23.91
C LYS O 201 48.73 112.91 -23.79
N ARG O 202 49.85 112.73 -23.10
CA ARG O 202 50.82 113.80 -22.79
C ARG O 202 51.53 114.31 -24.05
N ALA O 203 51.90 113.41 -24.95
CA ALA O 203 52.25 113.74 -26.32
C ALA O 203 50.99 114.13 -27.10
N ASP O 204 51.04 115.22 -27.87
CA ASP O 204 49.93 115.66 -28.74
C ASP O 204 49.93 114.99 -30.13
N ASP O 205 51.07 114.44 -30.56
CA ASP O 205 51.32 114.08 -31.95
C ASP O 205 50.45 112.93 -32.46
N LYS O 206 49.65 113.21 -33.49
CA LYS O 206 48.85 112.20 -34.19
C LYS O 206 49.69 111.03 -34.70
N ASP O 207 50.93 111.22 -35.14
CA ASP O 207 51.76 110.09 -35.62
C ASP O 207 52.19 109.17 -34.47
N VAL O 208 52.57 109.73 -33.32
CA VAL O 208 52.81 108.94 -32.11
C VAL O 208 51.54 108.19 -31.74
N ARG O 209 50.40 108.88 -31.75
CA ARG O 209 49.11 108.30 -31.40
C ARG O 209 48.71 107.17 -32.37
N GLU O 210 48.93 107.35 -33.67
CA GLU O 210 48.75 106.30 -34.68
C GLU O 210 49.63 105.10 -34.37
N ILE O 211 50.92 105.32 -34.13
CA ILE O 211 51.87 104.26 -33.79
C ILE O 211 51.41 103.51 -32.54
N VAL O 212 51.06 104.23 -31.49
CA VAL O 212 50.62 103.62 -30.23
C VAL O 212 49.33 102.83 -30.45
N ARG O 213 48.37 103.37 -31.21
CA ARG O 213 47.16 102.62 -31.56
C ARG O 213 47.51 101.36 -32.34
N ASP O 214 48.36 101.45 -33.35
CA ASP O 214 48.77 100.29 -34.14
C ASP O 214 49.45 99.22 -33.29
N ALA O 215 50.30 99.63 -32.35
CA ALA O 215 50.91 98.70 -31.42
C ALA O 215 49.84 98.06 -30.52
N LEU O 216 48.91 98.84 -29.98
CA LEU O 216 47.83 98.32 -29.12
C LEU O 216 46.91 97.39 -29.91
N GLU O 217 46.62 97.69 -31.17
CA GLU O 217 45.90 96.78 -32.05
C GLU O 217 46.67 95.49 -32.23
N LEU O 218 47.95 95.55 -32.62
CA LEU O 218 48.77 94.38 -32.83
C LEU O 218 48.87 93.53 -31.56
N ALA O 219 49.02 94.16 -30.40
CA ALA O 219 49.03 93.50 -29.09
C ALA O 219 47.67 92.89 -28.74
N SER O 220 46.56 93.50 -29.16
CA SER O 220 45.22 92.94 -28.98
C SER O 220 44.97 91.75 -29.91
N ARG O 221 45.49 91.78 -31.15
CA ARG O 221 45.33 90.73 -32.17
C ARG O 221 46.21 89.51 -31.91
N SER O 222 47.47 89.73 -31.55
CA SER O 222 48.46 88.67 -31.31
C SER O 222 48.29 87.99 -29.94
N THR O 223 48.98 86.85 -29.73
CA THR O 223 48.86 86.00 -28.53
C THR O 223 50.19 85.48 -27.98
N ASN O 224 51.34 86.06 -28.39
CA ASN O 224 52.68 85.67 -27.94
C ASN O 224 53.31 86.72 -27.01
N ASP O 225 53.78 86.30 -25.84
CA ASP O 225 54.29 87.21 -24.81
C ASP O 225 55.49 88.06 -25.26
N GLU O 226 56.39 87.53 -26.08
CA GLU O 226 57.52 88.31 -26.60
C GLU O 226 57.04 89.36 -27.59
N VAL O 227 56.21 88.98 -28.56
CA VAL O 227 55.64 89.92 -29.54
C VAL O 227 54.84 91.02 -28.82
N ILE O 228 54.02 90.65 -27.82
CA ILE O 228 53.23 91.59 -27.04
C ILE O 228 54.15 92.55 -26.29
N ARG O 229 55.12 92.03 -25.52
CA ARG O 229 56.01 92.89 -24.74
C ARG O 229 56.84 93.78 -25.65
N LEU O 230 57.38 93.26 -26.75
CA LEU O 230 58.08 94.06 -27.75
C LEU O 230 57.19 95.18 -28.28
N ALA O 231 55.97 94.87 -28.69
CA ALA O 231 55.07 95.88 -29.26
C ALA O 231 54.73 96.97 -28.22
N LEU O 232 54.39 96.58 -26.99
CA LEU O 232 54.00 97.55 -25.97
C LEU O 232 55.22 98.33 -25.43
N GLU O 233 56.38 97.70 -25.36
CA GLU O 233 57.62 98.40 -25.09
C GLU O 233 57.91 99.40 -26.21
N ALA O 234 57.76 98.99 -27.47
CA ALA O 234 57.89 99.91 -28.59
C ALA O 234 56.89 101.07 -28.50
N ALA O 235 55.67 100.82 -28.01
CA ALA O 235 54.70 101.88 -27.77
C ALA O 235 55.18 102.86 -26.69
N VAL O 236 55.69 102.36 -25.56
CA VAL O 236 56.30 103.22 -24.53
C VAL O 236 57.49 104.00 -25.13
N LEU O 237 58.36 103.35 -25.89
CA LEU O 237 59.51 104.00 -26.50
C LEU O 237 59.08 105.07 -27.49
N ALA O 238 58.09 104.80 -28.34
CA ALA O 238 57.53 105.78 -29.25
C ALA O 238 56.98 106.99 -28.47
N ALA O 239 56.21 106.75 -27.40
CA ALA O 239 55.67 107.82 -26.56
C ALA O 239 56.76 108.61 -25.80
N ARG O 240 57.92 108.00 -25.52
CA ARG O 240 59.11 108.67 -24.96
C ARG O 240 59.97 109.38 -26.01
N SER O 241 59.93 108.97 -27.27
CA SER O 241 60.76 109.48 -28.37
C SER O 241 60.31 110.88 -28.86
N THR O 242 61.21 111.57 -29.59
CA THR O 242 60.96 112.91 -30.15
C THR O 242 61.47 113.07 -31.60
N ASP O 243 62.00 112.02 -32.22
CA ASP O 243 62.68 112.06 -33.53
C ASP O 243 61.89 111.35 -34.63
N SER O 244 61.62 112.06 -35.73
CA SER O 244 60.93 111.51 -36.90
C SER O 244 61.60 110.26 -37.47
N ASP O 245 62.94 110.13 -37.43
CA ASP O 245 63.61 108.92 -37.89
C ASP O 245 63.18 107.67 -37.10
N VAL O 246 63.08 107.77 -35.78
CA VAL O 246 62.60 106.68 -34.94
C VAL O 246 61.13 106.39 -35.23
N LEU O 247 60.29 107.43 -35.33
CA LEU O 247 58.88 107.27 -35.63
C LEU O 247 58.66 106.63 -37.01
N GLU O 248 59.40 107.05 -38.03
CA GLU O 248 59.37 106.44 -39.36
C GLU O 248 59.77 104.96 -39.31
N ILE O 249 60.88 104.63 -38.65
CA ILE O 249 61.36 103.25 -38.52
C ILE O 249 60.31 102.39 -37.80
N VAL O 250 59.76 102.89 -36.69
CA VAL O 250 58.70 102.18 -35.97
C VAL O 250 57.46 102.03 -36.85
N LYS O 251 57.03 103.08 -37.55
CA LYS O 251 55.85 103.04 -38.43
C LYS O 251 56.06 102.05 -39.58
N ASP O 252 57.23 102.06 -40.21
CA ASP O 252 57.59 101.09 -41.23
C ASP O 252 57.61 99.67 -40.67
N ALA O 253 58.19 99.47 -39.48
CA ALA O 253 58.21 98.16 -38.85
C ALA O 253 56.78 97.68 -38.55
N LEU O 254 55.91 98.56 -38.05
CA LEU O 254 54.50 98.22 -37.81
C LEU O 254 53.74 97.98 -39.11
N GLU O 255 54.01 98.75 -40.17
CA GLU O 255 53.40 98.54 -41.48
C GLU O 255 53.79 97.17 -42.06
N LEU O 256 55.05 96.76 -41.91
CA LEU O 256 55.49 95.42 -42.28
C LEU O 256 54.84 94.36 -41.37
N ALA O 257 54.93 94.55 -40.06
CA ALA O 257 54.52 93.55 -39.08
C ALA O 257 53.01 93.31 -39.07
N LYS O 258 52.19 94.36 -38.99
CA LYS O 258 50.72 94.23 -38.86
C LYS O 258 50.08 93.61 -40.11
N GLN O 259 50.74 93.74 -41.27
CA GLN O 259 50.34 93.08 -42.52
C GLN O 259 50.92 91.66 -42.70
N SER O 260 51.93 91.26 -41.92
CA SER O 260 52.58 89.94 -42.04
C SER O 260 51.82 88.83 -41.30
N THR O 261 51.97 87.58 -41.75
CA THR O 261 51.31 86.38 -41.19
C THR O 261 52.27 85.41 -40.47
N ASN O 262 53.58 85.65 -40.49
CA ASN O 262 54.61 84.84 -39.83
C ASN O 262 55.19 85.59 -38.61
N GLU O 263 55.20 84.96 -37.44
CA GLU O 263 55.76 85.54 -36.21
C GLU O 263 57.26 85.85 -36.31
N GLU O 264 58.03 85.11 -37.12
CA GLU O 264 59.49 85.30 -37.23
C GLU O 264 59.85 86.72 -37.70
N VAL O 265 59.25 87.18 -38.80
CA VAL O 265 59.48 88.55 -39.31
C VAL O 265 58.90 89.60 -38.37
N ILE O 266 57.82 89.31 -37.65
CA ILE O 266 57.26 90.22 -36.63
C ILE O 266 58.25 90.38 -35.47
N LYS O 267 58.74 89.27 -34.91
CA LYS O 267 59.74 89.26 -33.83
C LYS O 267 60.98 90.06 -34.25
N LEU O 268 61.54 89.76 -35.43
CA LEU O 268 62.72 90.44 -35.94
C LEU O 268 62.46 91.94 -36.22
N ALA O 269 61.37 92.29 -36.89
CA ALA O 269 61.07 93.70 -37.20
C ALA O 269 60.84 94.51 -35.93
N LEU O 270 60.05 93.99 -34.98
CA LEU O 270 59.85 94.65 -33.70
C LEU O 270 61.17 94.77 -32.92
N LYS O 271 62.00 93.72 -32.90
CA LYS O 271 63.33 93.80 -32.28
C LYS O 271 64.19 94.88 -32.93
N ALA O 272 64.25 94.91 -34.26
CA ALA O 272 64.99 95.93 -34.99
C ALA O 272 64.49 97.34 -34.65
N ALA O 273 63.17 97.55 -34.61
CA ALA O 273 62.57 98.83 -34.25
C ALA O 273 62.85 99.23 -32.79
N VAL O 274 62.78 98.29 -31.84
CA VAL O 274 63.13 98.54 -30.44
C VAL O 274 64.61 98.90 -30.30
N LEU O 275 65.49 98.17 -30.96
CA LEU O 275 66.93 98.47 -30.97
C LEU O 275 67.20 99.84 -31.59
N ALA O 276 66.56 100.17 -32.71
CA ALA O 276 66.66 101.50 -33.31
C ALA O 276 66.19 102.60 -32.35
N ALA O 277 65.03 102.44 -31.71
CA ALA O 277 64.51 103.40 -30.73
C ALA O 277 65.39 103.56 -29.48
N LYS O 278 66.13 102.52 -29.07
CA LYS O 278 67.13 102.59 -27.99
C LYS O 278 68.51 103.11 -28.44
N SER O 279 68.84 103.05 -29.73
CA SER O 279 70.11 103.49 -30.30
C SER O 279 70.28 105.02 -30.31
N THR O 280 71.51 105.48 -30.56
CA THR O 280 71.88 106.92 -30.63
C THR O 280 72.71 107.28 -31.86
N ASP O 281 72.84 106.37 -32.85
CA ASP O 281 73.67 106.56 -34.04
C ASP O 281 72.84 106.60 -35.32
N GLU O 282 72.92 107.71 -36.07
CA GLU O 282 72.21 107.90 -37.34
C GLU O 282 72.59 106.84 -38.39
N GLU O 283 73.80 106.29 -38.35
CA GLU O 283 74.22 105.23 -39.28
C GLU O 283 73.47 103.92 -39.02
N VAL O 284 73.19 103.60 -37.75
CA VAL O 284 72.38 102.42 -37.38
C VAL O 284 70.92 102.65 -37.72
N LEU O 285 70.38 103.85 -37.46
CA LEU O 285 69.02 104.22 -37.88
C LEU O 285 68.88 104.08 -39.41
N GLU O 286 69.79 104.64 -40.18
CA GLU O 286 69.76 104.54 -41.64
C GLU O 286 69.93 103.10 -42.14
N GLU O 287 70.81 102.28 -41.55
CA GLU O 287 70.90 100.87 -41.95
C GLU O 287 69.63 100.08 -41.58
N VAL O 288 68.99 100.37 -40.45
CA VAL O 288 67.69 99.76 -40.12
C VAL O 288 66.61 100.24 -41.09
N LYS O 289 66.56 101.54 -41.42
CA LYS O 289 65.62 102.09 -42.42
C LYS O 289 65.87 101.45 -43.80
N GLU O 290 67.13 101.22 -44.14
CA GLU O 290 67.53 100.44 -45.31
C GLU O 290 67.05 98.99 -45.23
N ALA O 291 67.26 98.28 -44.12
CA ALA O 291 66.81 96.89 -43.99
C ALA O 291 65.28 96.78 -44.13
N LEU O 292 64.53 97.74 -43.58
CA LEU O 292 63.09 97.85 -43.80
C LEU O 292 62.76 98.18 -45.27
N ARG O 293 63.49 99.08 -45.94
CA ARG O 293 63.30 99.33 -47.38
C ARG O 293 63.54 98.07 -48.20
N ARG O 294 64.63 97.36 -47.93
CA ARG O 294 64.93 96.05 -48.53
C ARG O 294 63.80 95.06 -48.25
N ALA O 295 63.24 95.05 -47.04
CA ALA O 295 62.10 94.19 -46.70
C ALA O 295 60.80 94.56 -47.42
N LYS O 296 60.56 95.85 -47.74
CA LYS O 296 59.42 96.28 -48.57
C LYS O 296 59.62 95.96 -50.07
N GLU O 297 60.83 96.14 -50.59
CA GLU O 297 61.13 95.95 -52.02
C GLU O 297 61.35 94.48 -52.42
N SER O 298 61.82 93.64 -51.50
CA SER O 298 61.87 92.17 -51.67
C SER O 298 60.53 91.51 -51.30
N THR O 299 60.39 90.20 -51.56
CA THR O 299 59.14 89.44 -51.31
C THR O 299 59.34 88.10 -50.58
N ASP O 300 60.53 87.48 -50.69
CA ASP O 300 60.84 86.23 -49.99
C ASP O 300 61.06 86.46 -48.48
N GLU O 301 60.31 85.76 -47.63
CA GLU O 301 60.47 85.84 -46.17
C GLU O 301 61.88 85.47 -45.70
N GLU O 302 62.61 84.60 -46.40
CA GLU O 302 64.00 84.28 -46.05
C GLU O 302 64.93 85.48 -46.27
N GLU O 303 64.72 86.28 -47.32
CA GLU O 303 65.50 87.50 -47.56
C GLU O 303 65.10 88.61 -46.57
N ILE O 304 63.81 88.74 -46.25
CA ILE O 304 63.32 89.68 -45.22
C ILE O 304 63.96 89.35 -43.85
N LYS O 305 63.93 88.08 -43.44
CA LYS O 305 64.56 87.63 -42.18
C LYS O 305 66.06 87.88 -42.17
N GLU O 306 66.78 87.60 -43.26
CA GLU O 306 68.23 87.83 -43.31
C GLU O 306 68.60 89.33 -43.26
N GLU O 307 67.93 90.20 -44.01
CA GLU O 307 68.23 91.64 -43.94
C GLU O 307 67.90 92.23 -42.56
N LEU O 308 66.79 91.82 -41.94
CA LEU O 308 66.50 92.19 -40.56
C LEU O 308 67.55 91.60 -39.60
N ARG O 309 67.99 90.35 -39.78
CA ARG O 309 69.05 89.74 -38.95
C ARG O 309 70.36 90.51 -39.04
N LYS O 310 70.80 90.90 -40.25
CA LYS O 310 72.01 91.71 -40.44
C LYS O 310 71.93 93.01 -39.64
N ALA O 311 70.82 93.75 -39.77
CA ALA O 311 70.62 94.99 -39.02
C ALA O 311 70.56 94.77 -37.51
N VAL O 312 69.86 93.73 -37.04
CA VAL O 312 69.81 93.37 -35.61
C VAL O 312 71.20 93.01 -35.07
N GLU O 313 71.98 92.20 -35.79
CA GLU O 313 73.34 91.86 -35.37
C GLU O 313 74.32 93.05 -35.42
N GLU O 314 74.03 94.09 -36.20
CA GLU O 314 74.76 95.37 -36.15
C GLU O 314 74.32 96.25 -34.96
N ALA O 315 73.04 96.23 -34.59
CA ALA O 315 72.45 97.13 -33.58
C ALA O 315 72.44 96.60 -32.13
N GLU O 316 72.45 95.28 -31.90
CA GLU O 316 72.34 94.62 -30.58
C GLU O 316 73.54 94.86 -29.64
N CYS P 3 -115.80 2.62 17.47
CA CYS P 3 -115.78 1.86 18.75
C CYS P 3 -114.91 2.62 19.78
N ASP P 4 -115.45 3.66 20.41
CA ASP P 4 -114.68 4.73 21.09
C ASP P 4 -113.72 4.20 22.17
N ALA P 5 -114.16 3.25 22.99
CA ALA P 5 -113.33 2.70 24.06
C ALA P 5 -112.08 1.99 23.52
N ILE P 6 -112.19 1.36 22.35
CA ILE P 6 -111.04 0.76 21.66
C ILE P 6 -110.24 1.87 20.96
N GLN P 7 -110.91 2.86 20.37
CA GLN P 7 -110.25 3.96 19.65
C GLN P 7 -109.28 4.73 20.56
N ALA P 8 -109.64 4.92 21.82
CA ALA P 8 -108.72 5.50 22.80
C ALA P 8 -107.45 4.64 22.97
N ALA P 9 -107.59 3.32 23.07
CA ALA P 9 -106.45 2.41 23.11
C ALA P 9 -105.64 2.48 21.81
N ALA P 10 -106.29 2.56 20.65
CA ALA P 10 -105.60 2.70 19.37
C ALA P 10 -104.78 4.01 19.31
N ALA P 11 -105.34 5.12 19.78
CA ALA P 11 -104.61 6.38 19.87
C ALA P 11 -103.40 6.27 20.80
N LEU P 12 -103.55 5.61 21.97
CA LEU P 12 -102.43 5.35 22.87
C LEU P 12 -101.38 4.39 22.25
N GLY P 13 -101.81 3.47 21.40
CA GLY P 13 -100.94 2.59 20.63
C GLY P 13 -100.11 3.36 19.60
N GLU P 14 -100.72 4.31 18.88
CA GLU P 14 -99.98 5.23 18.01
C GLU P 14 -98.99 6.11 18.79
N ALA P 15 -99.35 6.50 20.02
CA ALA P 15 -98.44 7.19 20.95
C ALA P 15 -97.34 6.29 21.55
N GLY P 16 -97.34 4.98 21.27
CA GLY P 16 -96.29 4.05 21.71
C GLY P 16 -96.31 3.71 23.21
N ILE P 17 -97.42 3.94 23.89
CA ILE P 17 -97.59 3.69 25.32
C ILE P 17 -97.57 2.16 25.60
N SER P 18 -96.96 1.69 26.69
CA SER P 18 -96.87 0.25 26.97
C SER P 18 -98.24 -0.35 27.31
N SER P 19 -98.42 -1.66 27.14
CA SER P 19 -99.71 -2.30 27.44
C SER P 19 -100.11 -2.15 28.91
N ASN P 20 -99.18 -2.31 29.85
CA ASN P 20 -99.46 -2.04 31.26
C ASN P 20 -99.80 -0.56 31.49
N GLU P 21 -99.10 0.36 30.85
CA GLU P 21 -99.38 1.80 30.96
C GLU P 21 -100.77 2.15 30.38
N ILE P 22 -101.14 1.60 29.23
CA ILE P 22 -102.47 1.77 28.66
C ILE P 22 -103.50 1.23 29.66
N LEU P 23 -103.29 0.03 30.19
CA LEU P 23 -104.23 -0.55 31.16
C LEU P 23 -104.36 0.31 32.40
N GLU P 24 -103.28 0.90 32.90
CA GLU P 24 -103.39 1.86 34.01
C GLU P 24 -104.17 3.11 33.59
N LEU P 25 -103.91 3.68 32.41
CA LEU P 25 -104.64 4.84 31.93
C LEU P 25 -106.13 4.52 31.73
N LEU P 26 -106.43 3.31 31.30
CA LEU P 26 -107.79 2.81 31.24
C LEU P 26 -108.37 2.62 32.65
N ALA P 27 -107.59 2.13 33.61
CA ALA P 27 -108.04 2.01 34.99
C ALA P 27 -108.40 3.39 35.56
N ALA P 28 -107.56 4.39 35.30
CA ALA P 28 -107.86 5.77 35.64
C ALA P 28 -109.12 6.25 34.90
N ALA P 29 -109.25 5.93 33.61
CA ALA P 29 -110.43 6.29 32.86
C ALA P 29 -111.70 5.72 33.48
N ALA P 30 -111.66 4.49 34.00
CA ALA P 30 -112.77 3.94 34.76
C ALA P 30 -112.96 4.69 36.09
N GLU P 31 -111.90 4.82 36.89
CA GLU P 31 -111.98 5.37 38.25
C GLU P 31 -112.49 6.81 38.26
N LEU P 32 -111.99 7.65 37.34
CA LEU P 32 -112.40 9.04 37.19
C LEU P 32 -113.54 9.22 36.17
N GLY P 33 -113.93 8.16 35.47
CA GLY P 33 -114.97 8.22 34.43
C GLY P 33 -114.58 9.05 33.20
N LEU P 34 -113.29 9.08 32.84
CA LEU P 34 -112.75 9.97 31.80
C LEU P 34 -113.39 9.76 30.42
N ASP P 35 -113.47 10.82 29.64
CA ASP P 35 -113.91 10.77 28.24
C ASP P 35 -112.72 10.55 27.29
N PRO P 36 -112.95 10.07 26.05
CA PRO P 36 -111.90 9.82 25.07
C PRO P 36 -110.98 11.01 24.77
N ASP P 37 -111.47 12.25 24.84
CA ASP P 37 -110.63 13.41 24.61
C ASP P 37 -109.74 13.70 25.83
N ALA P 38 -110.24 13.49 27.06
CA ALA P 38 -109.40 13.54 28.25
C ALA P 38 -108.34 12.43 28.24
N ILE P 39 -108.71 11.23 27.77
CA ILE P 39 -107.75 10.14 27.60
C ILE P 39 -106.76 10.47 26.48
N GLN P 40 -107.18 11.15 25.41
CA GLN P 40 -106.28 11.66 24.38
C GLN P 40 -105.33 12.74 24.94
N ALA P 41 -105.80 13.60 25.83
CA ALA P 41 -104.94 14.54 26.53
C ALA P 41 -103.89 13.80 27.36
N ALA P 42 -104.26 12.69 28.03
CA ALA P 42 -103.31 11.82 28.69
C ALA P 42 -102.29 11.22 27.69
N ALA P 43 -102.74 10.79 26.50
CA ALA P 43 -101.84 10.32 25.45
C ALA P 43 -100.86 11.42 25.00
N GLN P 44 -101.33 12.65 24.84
CA GLN P 44 -100.50 13.79 24.45
C GLN P 44 -99.53 14.21 25.56
N LEU P 45 -99.90 14.08 26.84
CA LEU P 45 -98.94 14.21 27.95
C LEU P 45 -97.90 13.08 27.94
N GLY P 46 -98.28 11.89 27.47
CA GLY P 46 -97.34 10.79 27.18
C GLY P 46 -96.38 11.12 26.04
N GLU P 47 -96.86 11.74 24.96
CA GLU P 47 -96.01 12.27 23.87
C GLU P 47 -95.07 13.39 24.36
N ALA P 48 -95.52 14.21 25.32
CA ALA P 48 -94.68 15.17 26.04
C ALA P 48 -93.67 14.52 27.02
N GLY P 49 -93.74 13.20 27.23
CA GLY P 49 -92.81 12.44 28.07
C GLY P 49 -93.13 12.45 29.57
N ILE P 50 -94.32 12.92 29.98
CA ILE P 50 -94.73 12.93 31.38
C ILE P 50 -95.03 11.49 31.88
N SER P 51 -94.66 11.17 33.11
CA SER P 51 -94.98 9.88 33.74
C SER P 51 -96.48 9.65 33.86
N SER P 52 -96.93 8.43 33.55
CA SER P 52 -98.32 8.02 33.66
C SER P 52 -98.89 8.23 35.07
N GLU P 53 -98.09 8.01 36.10
CA GLU P 53 -98.53 8.18 37.48
C GLU P 53 -98.86 9.65 37.74
N GLU P 54 -97.94 10.56 37.44
CA GLU P 54 -98.21 11.99 37.55
C GLU P 54 -99.34 12.43 36.63
N ILE P 55 -99.48 11.87 35.44
CA ILE P 55 -100.64 12.14 34.61
C ILE P 55 -101.92 11.78 35.37
N LYS P 56 -101.95 10.60 36.02
CA LYS P 56 -103.09 10.18 36.82
C LYS P 56 -103.35 11.14 37.96
N GLU P 57 -102.29 11.57 38.65
CA GLU P 57 -102.41 12.61 39.66
C GLU P 57 -103.00 13.89 39.07
N LEU P 58 -102.51 14.33 37.91
CA LEU P 58 -103.00 15.54 37.26
C LEU P 58 -104.47 15.39 36.91
N LEU P 59 -104.87 14.22 36.42
CA LEU P 59 -106.26 13.97 36.09
C LEU P 59 -107.13 14.03 37.34
N ARG P 60 -106.75 13.37 38.44
CA ARG P 60 -107.56 13.46 39.66
C ARG P 60 -107.54 14.86 40.26
N ALA P 61 -106.44 15.59 40.10
CA ALA P 61 -106.42 16.99 40.46
C ALA P 61 -107.41 17.80 39.61
N ALA P 62 -107.39 17.64 38.29
CA ALA P 62 -108.32 18.32 37.39
C ALA P 62 -109.79 18.01 37.73
N HIS P 63 -110.06 16.76 38.12
CA HIS P 63 -111.36 16.32 38.61
C HIS P 63 -111.73 17.01 39.94
N GLU P 64 -110.82 17.01 40.91
CA GLU P 64 -111.02 17.69 42.20
C GLU P 64 -111.11 19.22 42.08
N LEU P 65 -110.57 19.79 41.00
CA LEU P 65 -110.69 21.21 40.66
C LEU P 65 -112.04 21.55 39.98
N GLY P 66 -112.78 20.57 39.46
CA GLY P 66 -114.07 20.81 38.82
C GLY P 66 -113.99 21.67 37.55
N LEU P 67 -112.90 21.54 36.79
CA LEU P 67 -112.58 22.39 35.64
C LEU P 67 -113.59 22.29 34.48
N ASP P 68 -113.64 23.34 33.65
CA ASP P 68 -114.14 23.22 32.27
C ASP P 68 -113.20 22.31 31.45
N PRO P 69 -113.74 21.47 30.56
CA PRO P 69 -112.93 20.49 29.83
C PRO P 69 -111.91 21.15 28.89
N ASP P 70 -112.17 22.39 28.47
CA ASP P 70 -111.24 23.18 27.67
C ASP P 70 -109.89 23.35 28.37
N ALA P 71 -109.88 23.53 29.69
CA ALA P 71 -108.64 23.59 30.45
C ALA P 71 -107.92 22.24 30.46
N ILE P 72 -108.67 21.14 30.57
CA ILE P 72 -108.09 19.80 30.55
C ILE P 72 -107.46 19.51 29.18
N ALA P 73 -108.13 19.89 28.09
CA ALA P 73 -107.54 19.85 26.76
C ALA P 73 -106.29 20.76 26.69
N ALA P 74 -106.39 21.98 27.18
CA ALA P 74 -105.26 22.89 27.23
C ALA P 74 -104.08 22.33 28.05
N ALA P 75 -104.31 21.44 29.01
CA ALA P 75 -103.22 20.79 29.73
C ALA P 75 -102.31 20.00 28.79
N ALA P 76 -102.86 19.38 27.75
CA ALA P 76 -102.06 18.73 26.72
C ALA P 76 -101.26 19.74 25.88
N ASP P 77 -101.80 20.94 25.65
CA ASP P 77 -101.06 22.02 25.00
C ASP P 77 -99.90 22.49 25.89
N LEU P 78 -100.14 22.66 27.20
CA LEU P 78 -99.08 22.98 28.17
C LEU P 78 -98.00 21.89 28.21
N GLY P 79 -98.39 20.62 28.07
CA GLY P 79 -97.47 19.49 27.90
C GLY P 79 -96.61 19.63 26.65
N GLN P 80 -97.23 19.86 25.49
CA GLN P 80 -96.52 20.06 24.22
C GLN P 80 -95.63 21.31 24.23
N ALA P 81 -96.03 22.35 24.95
CA ALA P 81 -95.21 23.55 25.20
C ALA P 81 -93.97 23.30 26.09
N GLY P 82 -93.88 22.15 26.76
CA GLY P 82 -92.75 21.78 27.61
C GLY P 82 -92.79 22.33 29.03
N VAL P 83 -93.97 22.74 29.53
CA VAL P 83 -94.16 23.20 30.93
C VAL P 83 -93.85 22.06 31.91
N SER P 84 -93.18 22.34 33.02
CA SER P 84 -92.80 21.29 33.98
C SER P 84 -94.02 20.68 34.68
N PRO P 85 -93.95 19.43 35.18
CA PRO P 85 -95.14 18.67 35.58
C PRO P 85 -96.00 19.40 36.61
N VAL P 86 -95.37 19.88 37.67
CA VAL P 86 -96.08 20.69 38.67
C VAL P 86 -96.59 21.98 38.05
N GLU P 87 -95.81 22.65 37.20
CA GLU P 87 -96.22 23.93 36.63
C GLU P 87 -97.46 23.82 35.75
N ILE P 88 -97.70 22.66 35.13
CA ILE P 88 -98.99 22.45 34.48
C ILE P 88 -100.09 22.62 35.52
N LEU P 89 -99.99 21.93 36.64
CA LEU P 89 -100.97 22.03 37.71
C LEU P 89 -101.06 23.44 38.26
N ALA P 90 -99.93 24.12 38.36
CA ALA P 90 -99.93 25.50 38.79
C ALA P 90 -100.77 26.33 37.83
N LEU P 91 -100.51 26.25 36.52
CA LEU P 91 -101.24 27.04 35.55
C LEU P 91 -102.72 26.67 35.55
N LEU P 92 -103.05 25.39 35.68
CA LEU P 92 -104.43 24.95 35.80
C LEU P 92 -105.09 25.59 37.03
N ILE P 93 -104.49 25.42 38.20
CA ILE P 93 -105.05 25.97 39.42
C ILE P 93 -105.18 27.48 39.28
N ALA P 94 -104.14 28.14 38.80
CA ALA P 94 -104.10 29.58 38.67
C ALA P 94 -105.26 30.06 37.80
N ALA P 95 -105.39 29.50 36.61
CA ALA P 95 -106.48 29.85 35.73
C ALA P 95 -107.83 29.67 36.43
N SER P 96 -107.98 28.55 37.14
CA SER P 96 -109.24 28.23 37.80
C SER P 96 -109.58 29.26 38.88
N VAL P 97 -108.63 29.64 39.74
CA VAL P 97 -108.92 30.62 40.81
C VAL P 97 -109.06 32.03 40.24
N LEU P 98 -108.36 32.34 39.15
CA LEU P 98 -108.54 33.59 38.43
C LEU P 98 -109.90 33.67 37.73
N GLY P 99 -110.59 32.55 37.54
CA GLY P 99 -111.86 32.52 36.83
C GLY P 99 -111.71 32.86 35.34
N LEU P 100 -110.58 32.50 34.74
CA LEU P 100 -110.29 32.79 33.33
C LEU P 100 -111.27 32.10 32.37
N ASP P 101 -111.58 32.76 31.26
CA ASP P 101 -112.17 32.10 30.10
C ASP P 101 -111.12 31.27 29.33
N PRO P 102 -111.54 30.28 28.52
CA PRO P 102 -110.64 29.44 27.75
C PRO P 102 -109.66 30.18 26.83
N ASP P 103 -110.01 31.35 26.29
CA ASP P 103 -109.10 32.09 25.42
C ASP P 103 -107.98 32.76 26.24
N ALA P 104 -108.30 33.29 27.43
CA ALA P 104 -107.28 33.74 28.37
C ALA P 104 -106.39 32.57 28.81
N ILE P 105 -106.97 31.38 29.01
CA ILE P 105 -106.17 30.16 29.24
C ILE P 105 -105.26 29.88 28.04
N GLN P 106 -105.78 29.93 26.82
CA GLN P 106 -104.97 29.74 25.62
C GLN P 106 -103.84 30.78 25.53
N ALA P 107 -104.07 32.02 25.94
CA ALA P 107 -103.02 33.03 26.00
C ALA P 107 -101.97 32.68 27.07
N ALA P 108 -102.39 32.18 28.23
CA ALA P 108 -101.45 31.67 29.22
C ALA P 108 -100.65 30.49 28.66
N ALA P 109 -101.27 29.60 27.88
CA ALA P 109 -100.55 28.54 27.20
C ALA P 109 -99.56 29.08 26.16
N ALA P 110 -99.90 30.15 25.44
CA ALA P 110 -98.97 30.81 24.54
C ALA P 110 -97.76 31.41 25.29
N LEU P 111 -97.96 32.00 26.47
CA LEU P 111 -96.84 32.39 27.32
C LEU P 111 -96.01 31.15 27.76
N GLY P 112 -96.67 30.01 27.95
CA GLY P 112 -96.01 28.73 28.17
C GLY P 112 -95.13 28.33 26.97
N GLU P 113 -95.62 28.46 25.75
CA GLU P 113 -94.83 28.22 24.54
C GLU P 113 -93.66 29.22 24.41
N ALA P 114 -93.83 30.45 24.88
CA ALA P 114 -92.77 31.44 24.96
C ALA P 114 -91.72 31.15 26.06
N GLY P 115 -91.90 30.08 26.86
CA GLY P 115 -90.96 29.65 27.89
C GLY P 115 -91.01 30.48 29.19
N ILE P 116 -92.06 31.28 29.40
CA ILE P 116 -92.25 32.10 30.61
C ILE P 116 -92.57 31.20 31.82
N SER P 117 -92.00 31.45 32.99
CA SER P 117 -92.24 30.61 34.18
C SER P 117 -93.66 30.76 34.73
N ALA P 118 -94.20 29.75 35.42
CA ALA P 118 -95.56 29.82 35.92
C ALA P 118 -95.78 31.01 36.87
N GLU P 119 -94.79 31.35 37.71
CA GLU P 119 -94.87 32.52 38.57
C GLU P 119 -94.96 33.83 37.75
N GLU P 120 -94.18 33.95 36.69
CA GLU P 120 -94.27 35.11 35.80
C GLU P 120 -95.62 35.13 35.10
N ILE P 121 -96.13 33.99 34.64
CA ILE P 121 -97.44 33.96 34.00
C ILE P 121 -98.50 34.39 35.00
N ILE P 122 -98.47 33.85 36.21
CA ILE P 122 -99.40 34.23 37.28
C ILE P 122 -99.31 35.74 37.52
N GLU P 123 -98.10 36.27 37.62
CA GLU P 123 -97.91 37.70 37.82
C GLU P 123 -98.51 38.49 36.65
N LEU P 124 -98.23 38.08 35.41
CA LEU P 124 -98.75 38.75 34.23
C LEU P 124 -100.28 38.71 34.20
N LEU P 125 -100.87 37.57 34.55
CA LEU P 125 -102.32 37.44 34.62
C LEU P 125 -102.89 38.34 35.72
N THR P 126 -102.21 38.39 36.85
CA THR P 126 -102.59 39.27 37.96
C THR P 126 -102.54 40.72 37.50
N ALA P 127 -101.48 41.12 36.80
CA ALA P 127 -101.36 42.47 36.27
C ALA P 127 -102.47 42.78 35.27
N ALA P 128 -102.80 41.86 34.37
CA ALA P 128 -103.88 42.06 33.40
C ALA P 128 -105.22 42.29 34.11
N ARG P 129 -105.49 41.49 35.15
CA ARG P 129 -106.65 41.68 36.03
C ARG P 129 -106.62 43.07 36.66
N ASP P 130 -105.51 43.43 37.29
CA ASP P 130 -105.37 44.68 38.02
C ASP P 130 -105.51 45.93 37.13
N LEU P 131 -105.03 45.85 35.89
CA LEU P 131 -105.18 46.92 34.91
C LEU P 131 -106.58 46.96 34.28
N GLY P 132 -107.45 45.98 34.55
CA GLY P 132 -108.79 45.91 33.94
C GLY P 132 -108.75 45.66 32.44
N LEU P 133 -107.74 44.93 31.97
CA LEU P 133 -107.52 44.58 30.56
C LEU P 133 -108.42 43.40 30.12
N ASP P 134 -108.16 42.88 28.91
CA ASP P 134 -108.96 41.84 28.24
C ASP P 134 -108.04 40.76 27.60
N PRO P 135 -108.58 39.60 27.16
CA PRO P 135 -107.78 38.53 26.59
C PRO P 135 -106.93 38.96 25.38
N ASP P 136 -107.38 39.92 24.57
CA ASP P 136 -106.58 40.44 23.46
C ASP P 136 -105.33 41.17 23.97
N ALA P 137 -105.43 41.94 25.05
CA ALA P 137 -104.25 42.51 25.69
C ALA P 137 -103.31 41.41 26.20
N ILE P 138 -103.84 40.34 26.79
CA ILE P 138 -103.01 39.21 27.23
C ILE P 138 -102.33 38.54 26.02
N GLN P 139 -103.02 38.41 24.89
CA GLN P 139 -102.43 37.88 23.66
C GLN P 139 -101.33 38.81 23.13
N ALA P 140 -101.51 40.13 23.20
CA ALA P 140 -100.47 41.07 22.85
C ALA P 140 -99.28 40.94 23.83
N ALA P 141 -99.52 40.69 25.11
CA ALA P 141 -98.46 40.37 26.05
C ALA P 141 -97.74 39.06 25.65
N ALA P 142 -98.45 38.05 25.16
CA ALA P 142 -97.81 36.86 24.61
C ALA P 142 -96.92 37.21 23.41
N GLN P 143 -97.33 38.13 22.55
CA GLN P 143 -96.44 38.65 21.50
C GLN P 143 -95.20 39.36 22.07
N LEU P 144 -95.32 40.14 23.16
CA LEU P 144 -94.14 40.69 23.85
C LEU P 144 -93.25 39.58 24.43
N GLY P 145 -93.85 38.48 24.89
CA GLY P 145 -93.13 37.27 25.31
C GLY P 145 -92.37 36.62 24.14
N GLU P 146 -92.99 36.52 22.97
CA GLU P 146 -92.32 36.07 21.74
C GLU P 146 -91.20 37.02 21.30
N ALA P 147 -91.35 38.32 21.57
CA ALA P 147 -90.29 39.32 21.39
C ALA P 147 -89.17 39.25 22.45
N GLY P 148 -89.30 38.38 23.48
CA GLY P 148 -88.27 38.15 24.50
C GLY P 148 -88.15 39.24 25.58
N ILE P 149 -89.13 40.13 25.68
CA ILE P 149 -89.17 41.22 26.67
C ILE P 149 -89.31 40.64 28.10
N SER P 150 -88.65 41.22 29.11
CA SER P 150 -88.76 40.70 30.49
C SER P 150 -90.13 40.98 31.12
N SER P 151 -90.54 40.15 32.08
CA SER P 151 -91.85 40.28 32.74
C SER P 151 -92.09 41.66 33.35
N GLU P 152 -91.07 42.22 34.02
CA GLU P 152 -91.17 43.56 34.59
C GLU P 152 -91.34 44.62 33.50
N GLU P 153 -90.56 44.54 32.43
CA GLU P 153 -90.73 45.45 31.29
C GLU P 153 -92.12 45.33 30.69
N ILE P 154 -92.64 44.12 30.50
CA ILE P 154 -94.01 43.93 30.02
C ILE P 154 -94.98 44.61 30.99
N LYS P 155 -94.84 44.39 32.30
CA LYS P 155 -95.75 44.96 33.29
C LYS P 155 -95.75 46.49 33.21
N GLU P 156 -94.57 47.09 33.16
CA GLU P 156 -94.47 48.53 32.99
C GLU P 156 -95.04 48.98 31.65
N LEU P 157 -94.79 48.24 30.56
CA LEU P 157 -95.32 48.60 29.24
C LEU P 157 -96.84 48.54 29.25
N LEU P 158 -97.43 47.48 29.78
CA LEU P 158 -98.88 47.39 29.88
C LEU P 158 -99.41 48.53 30.74
N ARG P 159 -98.75 48.82 31.87
CA ARG P 159 -99.14 49.94 32.73
C ARG P 159 -99.11 51.25 31.95
N ALA P 160 -98.04 51.51 31.21
CA ALA P 160 -97.94 52.71 30.39
C ALA P 160 -99.04 52.73 29.32
N ALA P 161 -99.27 51.62 28.62
CA ALA P 161 -100.29 51.55 27.59
C ALA P 161 -101.66 51.90 28.16
N HIS P 162 -102.02 51.32 29.31
CA HIS P 162 -103.26 51.62 30.02
C HIS P 162 -103.33 53.08 30.49
N GLU P 163 -102.25 53.61 31.07
CA GLU P 163 -102.19 55.01 31.49
C GLU P 163 -102.33 55.99 30.32
N LEU P 164 -101.94 55.57 29.12
CA LEU P 164 -102.09 56.32 27.87
C LEU P 164 -103.38 55.99 27.10
N GLY P 165 -104.19 55.03 27.56
CA GLY P 165 -105.43 54.63 26.89
C GLY P 165 -105.20 53.92 25.55
N LEU P 166 -104.11 53.16 25.44
CA LEU P 166 -103.64 52.53 24.20
C LEU P 166 -104.05 51.07 24.09
N ASP P 167 -104.64 50.73 22.94
CA ASP P 167 -105.32 49.47 22.64
C ASP P 167 -104.40 48.25 22.52
N PRO P 168 -104.92 47.02 22.57
CA PRO P 168 -104.18 45.80 22.23
C PRO P 168 -103.45 45.87 20.88
N ASP P 169 -104.04 46.52 19.87
CA ASP P 169 -103.36 46.77 18.59
C ASP P 169 -102.13 47.66 18.76
N CYS P 170 -102.20 48.63 19.66
CA CYS P 170 -101.07 49.48 19.99
C CYS P 170 -99.98 48.65 20.69
N ILE P 171 -100.38 47.77 21.61
CA ILE P 171 -99.44 46.85 22.27
C ILE P 171 -98.84 45.89 21.24
N ALA P 172 -99.58 45.46 20.22
CA ALA P 172 -99.02 44.67 19.12
C ALA P 172 -97.98 45.49 18.32
N ALA P 173 -98.26 46.75 18.03
CA ALA P 173 -97.25 47.64 17.44
C ALA P 173 -96.03 47.82 18.37
N ALA P 174 -96.23 47.84 19.69
CA ALA P 174 -95.13 47.83 20.65
C ALA P 174 -94.34 46.52 20.58
N ALA P 175 -94.99 45.38 20.37
CA ALA P 175 -94.32 44.10 20.14
C ALA P 175 -93.58 44.07 18.79
N ASP P 176 -94.03 44.79 17.77
CA ASP P 176 -93.28 44.99 16.53
C ASP P 176 -92.00 45.81 16.78
N LEU P 177 -92.08 46.89 17.57
CA LEU P 177 -90.90 47.64 18.01
C LEU P 177 -89.97 46.78 18.89
N GLY P 178 -90.52 45.89 19.71
CA GLY P 178 -89.76 44.92 20.49
C GLY P 178 -89.00 43.92 19.60
N GLN P 179 -89.64 43.41 18.55
CA GLN P 179 -88.98 42.56 17.54
C GLN P 179 -87.92 43.32 16.74
N ALA P 180 -88.10 44.63 16.51
CA ALA P 180 -87.06 45.52 15.99
C ALA P 180 -85.92 45.82 16.98
N GLY P 181 -85.98 45.31 18.22
CA GLY P 181 -84.94 45.45 19.23
C GLY P 181 -84.94 46.77 20.00
N ILE P 182 -86.00 47.59 19.86
CA ILE P 182 -86.12 48.88 20.54
C ILE P 182 -86.30 48.68 22.06
N SER P 183 -85.60 49.45 22.90
CA SER P 183 -85.68 49.27 24.36
C SER P 183 -87.03 49.70 24.94
N SER P 184 -87.39 49.18 26.12
CA SER P 184 -88.68 49.47 26.75
C SER P 184 -88.91 50.98 26.96
N SER P 185 -87.87 51.70 27.41
CA SER P 185 -87.92 53.15 27.54
C SER P 185 -88.13 53.82 26.18
N GLU P 186 -87.44 53.39 25.13
CA GLU P 186 -87.63 53.94 23.78
C GLU P 186 -89.02 53.63 23.23
N ILE P 187 -89.53 52.41 23.42
CA ILE P 187 -90.91 52.09 23.09
C ILE P 187 -91.83 53.05 23.84
N THR P 188 -91.63 53.21 25.14
CA THR P 188 -92.45 54.10 25.96
C THR P 188 -92.43 55.52 25.41
N ALA P 189 -91.26 56.02 25.04
CA ALA P 189 -91.14 57.31 24.40
C ALA P 189 -91.94 57.36 23.10
N LEU P 190 -91.81 56.36 22.23
CA LEU P 190 -92.54 56.32 20.97
C LEU P 190 -94.05 56.26 21.20
N LEU P 191 -94.49 55.52 22.21
CA LEU P 191 -95.90 55.52 22.60
C LEU P 191 -96.33 56.92 23.02
N LEU P 192 -95.59 57.54 23.94
CA LEU P 192 -95.89 58.88 24.42
C LEU P 192 -95.96 59.87 23.26
N ALA P 193 -95.00 59.80 22.35
CA ALA P 193 -94.93 60.68 21.20
C ALA P 193 -96.14 60.46 20.28
N ALA P 194 -96.41 59.23 19.90
CA ALA P 194 -97.53 58.92 19.02
C ALA P 194 -98.86 59.38 19.64
N ALA P 195 -99.04 59.14 20.93
CA ALA P 195 -100.23 59.57 21.65
C ALA P 195 -100.32 61.10 21.69
N ALA P 196 -99.23 61.77 22.06
CA ALA P 196 -99.18 63.23 22.06
C ALA P 196 -99.47 63.79 20.67
N ILE P 197 -99.03 63.12 19.61
CA ILE P 197 -99.27 63.56 18.23
C ILE P 197 -100.74 63.47 17.89
N GLU P 198 -101.42 62.36 18.15
CA GLU P 198 -102.87 62.31 17.92
C GLU P 198 -103.60 63.40 18.70
N LEU P 199 -103.27 63.58 19.97
CA LEU P 199 -103.86 64.67 20.74
C LEU P 199 -103.50 66.04 20.17
N ALA P 200 -102.30 66.24 19.65
CA ALA P 200 -101.88 67.50 19.05
C ALA P 200 -102.56 67.74 17.69
N LYS P 201 -102.99 66.69 17.00
CA LYS P 201 -103.94 66.83 15.89
C LYS P 201 -105.29 67.28 16.44
N ARG P 202 -105.76 66.58 17.48
CA ARG P 202 -107.14 66.66 17.97
C ARG P 202 -107.42 67.91 18.80
N ALA P 203 -106.37 68.55 19.32
CA ALA P 203 -106.34 69.95 19.66
C ALA P 203 -105.98 70.76 18.41
N ASP P 204 -106.81 71.72 18.00
CA ASP P 204 -106.49 72.64 16.90
C ASP P 204 -105.37 73.63 17.27
N ASP P 205 -105.09 73.78 18.57
CA ASP P 205 -104.34 74.90 19.11
C ASP P 205 -102.85 74.90 18.73
N LYS P 206 -102.43 75.95 18.01
CA LYS P 206 -101.04 76.23 17.69
C LYS P 206 -100.14 76.27 18.93
N ASP P 207 -100.60 76.74 20.08
CA ASP P 207 -99.78 76.75 21.31
C ASP P 207 -99.55 75.33 21.85
N VAL P 208 -100.58 74.50 21.89
CA VAL P 208 -100.43 73.07 22.26
C VAL P 208 -99.49 72.40 21.26
N ARG P 209 -99.69 72.65 19.98
CA ARG P 209 -98.86 72.12 18.90
C ARG P 209 -97.41 72.60 19.02
N GLU P 210 -97.18 73.85 19.38
CA GLU P 210 -95.85 74.38 19.66
C GLU P 210 -95.21 73.67 20.85
N ILE P 211 -95.93 73.53 21.95
CA ILE P 211 -95.43 72.81 23.13
C ILE P 211 -95.00 71.40 22.72
N VAL P 212 -95.87 70.69 22.00
CA VAL P 212 -95.56 69.34 21.55
C VAL P 212 -94.37 69.35 20.57
N ARG P 213 -94.29 70.32 19.65
CA ARG P 213 -93.14 70.47 18.75
C ARG P 213 -91.86 70.62 19.57
N ASP P 214 -91.85 71.52 20.55
CA ASP P 214 -90.68 71.73 21.40
C ASP P 214 -90.32 70.47 22.17
N ALA P 215 -91.30 69.75 22.70
CA ALA P 215 -91.04 68.50 23.40
C ALA P 215 -90.46 67.46 22.44
N LEU P 216 -91.01 67.31 21.23
CA LEU P 216 -90.50 66.38 20.22
C LEU P 216 -89.09 66.78 19.77
N GLU P 217 -88.83 68.07 19.60
CA GLU P 217 -87.47 68.53 19.31
C GLU P 217 -86.53 68.15 20.45
N LEU P 218 -86.88 68.47 21.69
CA LEU P 218 -86.05 68.15 22.84
C LEU P 218 -85.80 66.64 22.93
N ALA P 219 -86.84 65.83 22.73
CA ALA P 219 -86.72 64.37 22.72
C ALA P 219 -85.85 63.86 21.56
N SER P 220 -85.90 64.51 20.41
CA SER P 220 -85.05 64.18 19.26
C SER P 220 -83.59 64.55 19.51
N ARG P 221 -83.32 65.70 20.14
CA ARG P 221 -81.97 66.22 20.39
C ARG P 221 -81.25 65.58 21.58
N SER P 222 -81.97 65.33 22.66
CA SER P 222 -81.40 64.77 23.90
C SER P 222 -81.08 63.26 23.79
N THR P 223 -80.31 62.75 24.76
CA THR P 223 -79.80 61.35 24.77
C THR P 223 -79.92 60.65 26.14
N ASN P 224 -80.76 61.16 27.04
CA ASN P 224 -81.02 60.57 28.37
C ASN P 224 -82.49 60.15 28.50
N ASP P 225 -82.74 58.86 28.76
CA ASP P 225 -84.09 58.31 28.86
C ASP P 225 -84.94 59.01 29.92
N GLU P 226 -84.35 59.49 31.01
CA GLU P 226 -85.06 60.23 32.06
C GLU P 226 -85.62 61.54 31.49
N VAL P 227 -84.77 62.32 30.82
CA VAL P 227 -85.18 63.57 30.18
C VAL P 227 -86.22 63.31 29.10
N ILE P 228 -86.03 62.27 28.28
CA ILE P 228 -86.97 61.94 27.21
C ILE P 228 -88.34 61.56 27.79
N ARG P 229 -88.35 60.65 28.79
CA ARG P 229 -89.59 60.26 29.47
C ARG P 229 -90.26 61.46 30.09
N LEU P 230 -89.53 62.26 30.86
CA LEU P 230 -90.06 63.48 31.48
C LEU P 230 -90.67 64.41 30.43
N ALA P 231 -89.96 64.66 29.33
CA ALA P 231 -90.41 65.58 28.31
C ALA P 231 -91.68 65.08 27.63
N LEU P 232 -91.71 63.81 27.20
CA LEU P 232 -92.86 63.30 26.46
C LEU P 232 -94.04 63.02 27.40
N GLU P 233 -93.78 62.69 28.65
CA GLU P 233 -94.82 62.70 29.68
C GLU P 233 -95.38 64.12 29.84
N ALA P 234 -94.52 65.14 29.94
CA ALA P 234 -94.98 66.52 29.99
C ALA P 234 -95.78 66.88 28.73
N ALA P 235 -95.42 66.36 27.55
CA ALA P 235 -96.16 66.60 26.33
C ALA P 235 -97.58 66.01 26.42
N VAL P 236 -97.70 64.76 26.89
CA VAL P 236 -99.02 64.16 27.11
C VAL P 236 -99.78 64.90 28.20
N LEU P 237 -99.14 65.28 29.30
CA LEU P 237 -99.78 66.02 30.39
C LEU P 237 -100.28 67.39 29.90
N ALA P 238 -99.49 68.09 29.08
CA ALA P 238 -99.93 69.33 28.44
C ALA P 238 -101.15 69.07 27.56
N ALA P 239 -101.10 68.03 26.72
CA ALA P 239 -102.21 67.67 25.85
C ALA P 239 -103.47 67.22 26.62
N ARG P 240 -103.32 66.70 27.83
CA ARG P 240 -104.44 66.40 28.75
C ARG P 240 -104.91 67.62 29.55
N SER P 241 -104.05 68.60 29.80
CA SER P 241 -104.45 69.89 30.37
C SER P 241 -105.26 70.72 29.36
N THR P 242 -106.04 71.68 29.85
CA THR P 242 -106.87 72.56 29.01
C THR P 242 -106.69 74.05 29.34
N ASP P 243 -105.85 74.39 30.30
CA ASP P 243 -105.69 75.76 30.81
C ASP P 243 -104.45 76.40 30.20
N SER P 244 -104.65 77.55 29.56
CA SER P 244 -103.57 78.38 29.02
C SER P 244 -102.49 78.69 30.07
N ASP P 245 -102.84 78.84 31.35
CA ASP P 245 -101.85 79.05 32.41
C ASP P 245 -100.95 77.82 32.61
N VAL P 246 -101.54 76.62 32.58
CA VAL P 246 -100.77 75.37 32.65
C VAL P 246 -99.91 75.22 31.40
N LEU P 247 -100.47 75.54 30.23
CA LEU P 247 -99.72 75.54 28.98
C LEU P 247 -98.56 76.56 29.00
N GLU P 248 -98.75 77.75 29.56
CA GLU P 248 -97.68 78.71 29.77
C GLU P 248 -96.61 78.15 30.70
N ILE P 249 -96.97 77.53 31.83
CA ILE P 249 -95.98 76.95 32.75
C ILE P 249 -95.15 75.89 32.01
N VAL P 250 -95.79 75.01 31.27
CA VAL P 250 -95.08 74.01 30.48
C VAL P 250 -94.21 74.69 29.42
N LYS P 251 -94.73 75.67 28.69
CA LYS P 251 -93.94 76.36 27.65
C LYS P 251 -92.75 77.08 28.25
N ASP P 252 -92.92 77.76 29.38
CA ASP P 252 -91.84 78.41 30.10
C ASP P 252 -90.80 77.40 30.56
N ALA P 253 -91.25 76.27 31.09
CA ALA P 253 -90.34 75.21 31.50
C ALA P 253 -89.56 74.65 30.30
N LEU P 254 -90.24 74.39 29.18
CA LEU P 254 -89.59 73.94 27.95
C LEU P 254 -88.65 74.99 27.38
N GLU P 255 -89.01 76.26 27.43
CA GLU P 255 -88.13 77.36 27.01
C GLU P 255 -86.85 77.36 27.86
N LEU P 256 -86.99 77.35 29.19
CA LEU P 256 -85.85 77.29 30.10
C LEU P 256 -85.00 76.05 29.84
N ALA P 257 -85.63 74.88 29.69
CA ALA P 257 -84.94 73.63 29.44
C ALA P 257 -84.18 73.66 28.10
N LYS P 258 -84.81 74.11 27.02
CA LYS P 258 -84.19 74.15 25.69
C LYS P 258 -83.10 75.22 25.59
N GLN P 259 -83.18 76.28 26.40
CA GLN P 259 -82.08 77.25 26.58
C GLN P 259 -80.94 76.70 27.45
N SER P 260 -81.22 75.80 28.38
CA SER P 260 -80.22 75.19 29.28
C SER P 260 -79.36 74.12 28.59
N THR P 261 -78.19 73.84 29.15
CA THR P 261 -77.25 72.81 28.65
C THR P 261 -76.78 71.82 29.74
N ASN P 262 -77.43 71.80 30.90
CA ASN P 262 -77.14 70.90 32.03
C ASN P 262 -78.29 69.91 32.27
N GLU P 263 -78.00 68.61 32.31
CA GLU P 263 -79.03 67.57 32.44
C GLU P 263 -79.79 67.64 33.77
N GLU P 264 -79.14 67.95 34.88
CA GLU P 264 -79.82 68.03 36.19
C GLU P 264 -80.78 69.23 36.24
N VAL P 265 -80.38 70.38 35.69
CA VAL P 265 -81.29 71.53 35.53
C VAL P 265 -82.50 71.16 34.68
N ILE P 266 -82.28 70.46 33.56
CA ILE P 266 -83.37 70.01 32.67
C ILE P 266 -84.29 69.02 33.42
N LYS P 267 -83.73 68.01 34.11
CA LYS P 267 -84.51 67.06 34.93
C LYS P 267 -85.35 67.81 35.95
N LEU P 268 -84.75 68.71 36.73
CA LEU P 268 -85.46 69.48 37.76
C LEU P 268 -86.56 70.35 37.14
N ALA P 269 -86.27 71.09 36.08
CA ALA P 269 -87.24 71.97 35.44
C ALA P 269 -88.43 71.15 34.89
N LEU P 270 -88.14 70.06 34.16
CA LEU P 270 -89.19 69.19 33.65
C LEU P 270 -89.95 68.53 34.80
N LYS P 271 -89.30 68.09 35.88
CA LYS P 271 -89.98 67.53 37.04
C LYS P 271 -90.92 68.57 37.67
N ALA P 272 -90.45 69.78 37.89
CA ALA P 272 -91.28 70.85 38.43
C ALA P 272 -92.51 71.10 37.55
N ALA P 273 -92.32 71.15 36.22
CA ALA P 273 -93.42 71.30 35.28
C ALA P 273 -94.37 70.09 35.28
N VAL P 274 -93.86 68.86 35.37
CA VAL P 274 -94.67 67.65 35.46
C VAL P 274 -95.51 67.68 36.73
N LEU P 275 -94.91 68.00 37.88
CA LEU P 275 -95.62 68.15 39.14
C LEU P 275 -96.69 69.23 39.03
N ALA P 276 -96.37 70.39 38.46
CA ALA P 276 -97.36 71.45 38.22
C ALA P 276 -98.52 70.95 37.34
N ALA P 277 -98.24 70.35 36.19
CA ALA P 277 -99.27 69.85 35.28
C ALA P 277 -100.10 68.71 35.90
N LYS P 278 -99.54 67.94 36.83
CA LYS P 278 -100.26 66.93 37.64
C LYS P 278 -101.08 67.54 38.77
N SER P 279 -100.67 68.70 39.30
CA SER P 279 -101.33 69.38 40.43
C SER P 279 -102.65 70.06 40.04
N THR P 280 -103.58 70.17 40.98
CA THR P 280 -104.82 70.97 40.83
C THR P 280 -104.67 72.38 41.42
N ASP P 281 -103.80 72.56 42.41
CA ASP P 281 -103.73 73.80 43.20
C ASP P 281 -103.04 74.96 42.46
N GLU P 282 -103.80 76.01 42.18
CA GLU P 282 -103.30 77.22 41.52
C GLU P 282 -102.17 77.91 42.30
N GLU P 283 -102.07 77.74 43.61
CA GLU P 283 -100.93 78.26 44.37
C GLU P 283 -99.66 77.42 44.16
N VAL P 284 -99.79 76.10 43.94
CA VAL P 284 -98.65 75.26 43.54
C VAL P 284 -98.23 75.61 42.12
N LEU P 285 -99.20 75.78 41.20
CA LEU P 285 -98.93 76.28 39.86
C LEU P 285 -98.17 77.62 39.93
N GLU P 286 -98.68 78.60 40.66
CA GLU P 286 -98.07 79.92 40.75
C GLU P 286 -96.71 79.92 41.46
N GLU P 287 -96.51 79.13 42.51
CA GLU P 287 -95.17 79.02 43.13
C GLU P 287 -94.19 78.38 42.16
N VAL P 288 -94.57 77.32 41.46
CA VAL P 288 -93.71 76.74 40.43
C VAL P 288 -93.43 77.77 39.33
N LYS P 289 -94.45 78.52 38.88
CA LYS P 289 -94.29 79.56 37.86
C LYS P 289 -93.33 80.66 38.33
N GLU P 290 -93.45 81.08 39.58
CA GLU P 290 -92.54 82.06 40.16
C GLU P 290 -91.13 81.49 40.37
N ALA P 291 -90.98 80.25 40.81
CA ALA P 291 -89.69 79.60 40.89
C ALA P 291 -89.02 79.48 39.51
N LEU P 292 -89.77 79.13 38.46
CA LEU P 292 -89.30 79.14 37.08
C LEU P 292 -88.91 80.55 36.65
N ARG P 293 -89.70 81.58 37.00
CA ARG P 293 -89.36 82.97 36.69
C ARG P 293 -88.06 83.38 37.37
N ARG P 294 -87.93 83.13 38.69
CA ARG P 294 -86.68 83.34 39.43
C ARG P 294 -85.53 82.63 38.75
N ALA P 295 -85.70 81.37 38.37
CA ALA P 295 -84.69 80.60 37.68
C ALA P 295 -84.29 81.25 36.35
N LYS P 296 -85.25 81.61 35.49
CA LYS P 296 -84.96 82.23 34.20
C LYS P 296 -84.35 83.64 34.33
N GLU P 297 -84.66 84.36 35.41
CA GLU P 297 -84.03 85.64 35.74
C GLU P 297 -82.63 85.49 36.38
N SER P 298 -82.27 84.32 36.91
CA SER P 298 -81.00 84.08 37.61
C SER P 298 -79.80 83.90 36.66
N THR P 299 -78.62 84.37 37.08
CA THR P 299 -77.35 84.21 36.34
C THR P 299 -76.61 82.91 36.69
N ASP P 300 -76.80 82.36 37.90
CA ASP P 300 -76.03 81.22 38.42
C ASP P 300 -76.83 79.91 38.41
N GLU P 301 -76.27 78.85 37.82
CA GLU P 301 -76.85 77.51 37.79
C GLU P 301 -77.10 76.94 39.19
N GLU P 302 -76.33 77.33 40.20
CA GLU P 302 -76.57 76.91 41.59
C GLU P 302 -77.86 77.52 42.16
N GLU P 303 -78.15 78.79 41.86
CA GLU P 303 -79.41 79.43 42.28
C GLU P 303 -80.62 78.89 41.49
N ILE P 304 -80.42 78.56 40.20
CA ILE P 304 -81.42 77.86 39.39
C ILE P 304 -81.77 76.50 40.01
N LYS P 305 -80.76 75.67 40.32
CA LYS P 305 -80.98 74.36 40.95
C LYS P 305 -81.64 74.50 42.33
N GLU P 306 -81.25 75.47 43.14
CA GLU P 306 -81.88 75.68 44.45
C GLU P 306 -83.35 76.14 44.36
N GLU P 307 -83.71 77.11 43.52
CA GLU P 307 -85.12 77.51 43.39
C GLU P 307 -85.98 76.38 42.82
N LEU P 308 -85.47 75.63 41.83
CA LEU P 308 -86.17 74.44 41.34
C LEU P 308 -86.27 73.36 42.43
N ARG P 309 -85.23 73.15 43.25
CA ARG P 309 -85.27 72.21 44.38
C ARG P 309 -86.33 72.61 45.40
N LYS P 310 -86.39 73.88 45.81
CA LYS P 310 -87.42 74.38 46.72
C LYS P 310 -88.82 74.08 46.18
N ALA P 311 -89.07 74.42 44.92
CA ALA P 311 -90.36 74.18 44.28
C ALA P 311 -90.70 72.68 44.19
N VAL P 312 -89.74 71.82 43.83
CA VAL P 312 -89.93 70.36 43.80
C VAL P 312 -90.20 69.82 45.21
N GLU P 313 -89.46 70.28 46.22
CA GLU P 313 -89.70 69.88 47.61
C GLU P 313 -91.04 70.42 48.17
N GLU P 314 -91.60 71.48 47.60
CA GLU P 314 -92.95 71.97 47.91
C GLU P 314 -94.05 71.16 47.18
N ALA P 315 -93.82 70.78 45.92
CA ALA P 315 -94.83 70.20 45.02
C ALA P 315 -94.92 68.65 45.02
N GLU P 316 -93.89 67.91 45.46
CA GLU P 316 -93.86 66.44 45.51
C GLU P 316 -94.91 65.83 46.47
N CYS Q 3 108.71 -10.73 40.99
CA CYS Q 3 108.38 -10.38 42.39
C CYS Q 3 107.21 -11.26 42.87
N ASP Q 4 107.50 -12.50 43.27
CA ASP Q 4 106.51 -13.58 43.35
C ASP Q 4 105.37 -13.29 44.34
N ALA Q 5 105.67 -12.68 45.49
CA ALA Q 5 104.64 -12.36 46.49
C ALA Q 5 103.58 -11.39 45.95
N ILE Q 6 103.94 -10.51 45.00
CA ILE Q 6 102.97 -9.67 44.30
C ILE Q 6 102.29 -10.50 43.19
N GLN Q 7 103.05 -11.25 42.39
CA GLN Q 7 102.49 -11.96 41.25
C GLN Q 7 101.50 -13.06 41.65
N ALA Q 8 101.67 -13.68 42.81
CA ALA Q 8 100.66 -14.57 43.38
C ALA Q 8 99.34 -13.82 43.67
N ALA Q 9 99.41 -12.60 44.22
CA ALA Q 9 98.23 -11.76 44.36
C ALA Q 9 97.65 -11.37 42.99
N ALA Q 10 98.48 -11.12 41.98
CA ALA Q 10 98.01 -10.87 40.63
C ALA Q 10 97.29 -12.09 40.02
N ALA Q 11 97.78 -13.31 40.28
CA ALA Q 11 97.10 -14.54 39.87
C ALA Q 11 95.73 -14.67 40.57
N LEU Q 12 95.64 -14.35 41.87
CA LEU Q 12 94.35 -14.28 42.57
C LEU Q 12 93.45 -13.17 42.00
N GLY Q 13 94.03 -12.07 41.51
CA GLY Q 13 93.32 -11.02 40.78
C GLY Q 13 92.75 -11.51 39.45
N GLU Q 14 93.49 -12.32 38.68
CA GLU Q 14 92.97 -12.98 37.47
C GLU Q 14 91.85 -13.98 37.80
N ALA Q 15 91.94 -14.68 38.94
CA ALA Q 15 90.86 -15.51 39.47
C ALA Q 15 89.68 -14.69 40.03
N GLY Q 16 89.78 -13.36 40.10
CA GLY Q 16 88.71 -12.46 40.54
C GLY Q 16 88.46 -12.46 42.04
N ILE Q 17 89.42 -12.89 42.85
CA ILE Q 17 89.27 -13.03 44.31
C ILE Q 17 89.15 -11.65 44.97
N SER Q 18 88.23 -11.51 45.93
CA SER Q 18 88.04 -10.28 46.71
C SER Q 18 89.30 -9.90 47.49
N SER Q 19 89.66 -8.62 47.55
CA SER Q 19 90.90 -8.17 48.19
C SER Q 19 91.01 -8.58 49.66
N ASN Q 20 89.90 -8.58 50.42
CA ASN Q 20 89.90 -9.11 51.78
C ASN Q 20 90.27 -10.60 51.82
N GLU Q 21 89.77 -11.39 50.88
CA GLU Q 21 90.12 -12.82 50.78
C GLU Q 21 91.54 -13.03 50.23
N ILE Q 22 92.04 -12.16 49.35
CA ILE Q 22 93.45 -12.18 48.98
C ILE Q 22 94.29 -11.93 50.24
N LEU Q 23 93.95 -10.93 51.04
CA LEU Q 23 94.64 -10.64 52.28
C LEU Q 23 94.54 -11.83 53.26
N GLU Q 24 93.41 -12.52 53.31
CA GLU Q 24 93.32 -13.74 54.11
C GLU Q 24 94.24 -14.84 53.55
N LEU Q 25 94.28 -15.06 52.25
CA LEU Q 25 95.16 -16.05 51.64
C LEU Q 25 96.62 -15.68 51.85
N LEU Q 26 96.93 -14.38 51.87
CA LEU Q 26 98.24 -13.89 52.26
C LEU Q 26 98.50 -14.11 53.75
N ALA Q 27 97.50 -13.92 54.63
CA ALA Q 27 97.64 -14.24 56.04
C ALA Q 27 97.95 -15.73 56.22
N ALA Q 28 97.27 -16.60 55.47
CA ALA Q 28 97.58 -18.01 55.42
C ALA Q 28 99.00 -18.24 54.87
N ALA Q 29 99.40 -17.51 53.83
CA ALA Q 29 100.75 -17.61 53.31
C ALA Q 29 101.81 -17.25 54.36
N ALA Q 30 101.51 -16.37 55.30
CA ALA Q 30 102.35 -16.20 56.48
C ALA Q 30 102.21 -17.41 57.44
N GLU Q 31 101.00 -17.68 57.92
CA GLU Q 31 100.75 -18.63 59.00
C GLU Q 31 101.20 -20.05 58.67
N LEU Q 32 100.81 -20.53 57.48
CA LEU Q 32 101.20 -21.83 56.94
C LEU Q 32 102.48 -21.75 56.11
N GLY Q 33 103.04 -20.55 55.90
CA GLY Q 33 104.26 -20.38 55.11
C GLY Q 33 104.08 -20.68 53.62
N LEU Q 34 102.86 -20.54 53.07
CA LEU Q 34 102.53 -20.97 51.71
C LEU Q 34 103.47 -20.37 50.66
N ASP Q 35 103.89 -21.19 49.70
CA ASP Q 35 104.66 -20.76 48.53
C ASP Q 35 103.75 -20.38 47.35
N PRO Q 36 104.26 -19.69 46.32
CA PRO Q 36 103.46 -19.27 45.17
C PRO Q 36 102.72 -20.42 44.47
N ASP Q 37 103.27 -21.63 44.46
CA ASP Q 37 102.58 -22.80 43.90
C ASP Q 37 101.38 -23.22 44.76
N ALA Q 38 101.50 -23.25 46.09
CA ALA Q 38 100.36 -23.51 46.97
C ALA Q 38 99.30 -22.39 46.86
N ILE Q 39 99.73 -21.14 46.74
CA ILE Q 39 98.80 -20.03 46.50
C ILE Q 39 98.16 -20.14 45.10
N GLN Q 40 98.87 -20.62 44.08
CA GLN Q 40 98.30 -20.90 42.76
C GLN Q 40 97.26 -22.02 42.82
N ALA Q 41 97.51 -23.07 43.62
CA ALA Q 41 96.50 -24.09 43.88
C ALA Q 41 95.26 -23.47 44.56
N ALA Q 42 95.45 -22.57 45.54
CA ALA Q 42 94.34 -21.82 46.12
C ALA Q 42 93.60 -20.99 45.06
N ALA Q 43 94.31 -20.35 44.12
CA ALA Q 43 93.68 -19.61 43.03
C ALA Q 43 92.83 -20.53 42.14
N GLN Q 44 93.33 -21.69 41.74
CA GLN Q 44 92.58 -22.66 40.93
C GLN Q 44 91.39 -23.27 41.70
N LEU Q 45 91.51 -23.50 43.01
CA LEU Q 45 90.37 -23.86 43.85
C LEU Q 45 89.35 -22.72 43.96
N GLY Q 46 89.80 -21.46 43.90
CA GLY Q 46 88.96 -20.28 43.78
C GLY Q 46 88.22 -20.20 42.42
N GLU Q 47 88.88 -20.56 41.32
CA GLU Q 47 88.23 -20.73 40.01
C GLU Q 47 87.22 -21.89 40.02
N ALA Q 48 87.47 -22.95 40.80
CA ALA Q 48 86.49 -24.01 41.08
C ALA Q 48 85.37 -23.57 42.06
N GLY Q 49 85.41 -22.33 42.57
CA GLY Q 49 84.37 -21.72 43.41
C GLY Q 49 84.45 -22.04 44.90
N ILE Q 50 85.53 -22.68 45.38
CA ILE Q 50 85.69 -23.05 46.79
C ILE Q 50 86.02 -21.83 47.65
N SER Q 51 85.46 -21.74 48.87
CA SER Q 51 85.77 -20.64 49.81
C SER Q 51 87.23 -20.68 50.26
N SER Q 52 87.85 -19.50 50.36
CA SER Q 52 89.20 -19.36 50.92
C SER Q 52 89.30 -19.93 52.34
N GLU Q 53 88.22 -19.92 53.13
CA GLU Q 53 88.21 -20.52 54.45
C GLU Q 53 88.49 -22.01 54.35
N GLU Q 54 87.73 -22.70 53.50
CA GLU Q 54 87.87 -24.14 53.34
C GLU Q 54 89.24 -24.47 52.75
N ILE Q 55 89.67 -23.70 51.76
CA ILE Q 55 91.00 -23.86 51.18
C ILE Q 55 92.05 -23.74 52.29
N LYS Q 56 91.93 -22.74 53.16
CA LYS Q 56 92.87 -22.52 54.25
C LYS Q 56 92.87 -23.71 55.19
N GLU Q 57 91.71 -24.19 55.61
CA GLU Q 57 91.67 -25.39 56.44
C GLU Q 57 92.24 -26.61 55.71
N LEU Q 58 92.03 -26.73 54.40
CA LEU Q 58 92.58 -27.84 53.63
C LEU Q 58 94.09 -27.74 53.56
N LEU Q 59 94.63 -26.57 53.27
CA LEU Q 59 96.07 -26.37 53.28
C LEU Q 59 96.63 -26.60 54.68
N ARG Q 60 95.90 -26.17 55.72
CA ARG Q 60 96.27 -26.44 57.12
C ARG Q 60 96.34 -27.93 57.36
N ALA Q 61 95.36 -28.69 56.88
CA ALA Q 61 95.42 -30.14 56.98
C ALA Q 61 96.61 -30.70 56.18
N ALA Q 62 96.85 -30.25 54.94
CA ALA Q 62 97.97 -30.70 54.13
C ALA Q 62 99.31 -30.46 54.83
N HIS Q 63 99.44 -29.32 55.49
CA HIS Q 63 100.59 -28.93 56.30
C HIS Q 63 100.74 -29.79 57.56
N GLU Q 64 99.64 -30.04 58.28
CA GLU Q 64 99.64 -30.94 59.45
C GLU Q 64 99.94 -32.40 59.07
N LEU Q 65 99.52 -32.83 57.88
CA LEU Q 65 99.84 -34.14 57.29
C LEU Q 65 101.30 -34.23 56.80
N GLY Q 66 101.92 -33.11 56.46
CA GLY Q 66 103.24 -33.08 55.83
C GLY Q 66 103.23 -33.66 54.40
N LEU Q 67 102.19 -33.35 53.61
CA LEU Q 67 102.04 -33.86 52.23
C LEU Q 67 103.13 -33.36 51.28
N ASP Q 68 103.39 -34.14 50.23
CA ASP Q 68 104.29 -33.74 49.13
C ASP Q 68 103.68 -32.63 48.26
N PRO Q 69 104.45 -31.61 47.86
CA PRO Q 69 103.95 -30.46 47.09
C PRO Q 69 103.22 -30.82 45.79
N ASP Q 70 103.60 -31.91 45.14
CA ASP Q 70 102.94 -32.38 43.92
C ASP Q 70 101.49 -32.83 44.19
N ALA Q 71 101.24 -33.56 45.27
CA ALA Q 71 99.88 -33.88 45.69
C ALA Q 71 99.11 -32.60 46.03
N ILE Q 72 99.74 -31.65 46.75
CA ILE Q 72 99.10 -30.38 47.08
C ILE Q 72 98.71 -29.63 45.80
N ALA Q 73 99.59 -29.59 44.80
CA ALA Q 73 99.25 -29.03 43.50
C ALA Q 73 98.12 -29.83 42.82
N ALA Q 74 98.19 -31.15 42.84
CA ALA Q 74 97.15 -32.01 42.28
C ALA Q 74 95.78 -31.80 42.92
N ALA Q 75 95.70 -31.24 44.13
CA ALA Q 75 94.41 -30.86 44.71
C ALA Q 75 93.65 -29.86 43.82
N ALA Q 76 94.36 -29.02 43.06
CA ALA Q 76 93.72 -28.13 42.09
C ALA Q 76 93.03 -28.91 40.96
N ASP Q 77 93.64 -29.99 40.48
CA ASP Q 77 93.00 -30.88 39.50
C ASP Q 77 91.76 -31.53 40.11
N LEU Q 78 91.84 -32.02 41.35
CA LEU Q 78 90.67 -32.59 42.04
C LEU Q 78 89.54 -31.56 42.21
N GLY Q 79 89.89 -30.30 42.49
CA GLY Q 79 88.93 -29.20 42.52
C GLY Q 79 88.29 -28.94 41.16
N GLN Q 80 89.08 -28.91 40.09
CA GLN Q 80 88.58 -28.74 38.71
C GLN Q 80 87.72 -29.93 38.26
N ALA Q 81 88.00 -31.14 38.76
CA ALA Q 81 87.16 -32.32 38.58
C ALA Q 81 85.84 -32.28 39.39
N GLY Q 82 85.65 -31.29 40.27
CA GLY Q 82 84.41 -31.10 41.04
C GLY Q 82 84.30 -31.94 42.32
N VAL Q 83 85.42 -32.51 42.81
CA VAL Q 83 85.46 -33.32 44.03
C VAL Q 83 85.06 -32.47 45.25
N SER Q 84 84.30 -33.02 46.20
CA SER Q 84 83.91 -32.28 47.41
C SER Q 84 85.14 -31.85 48.21
N PRO Q 85 85.13 -30.67 48.88
CA PRO Q 85 86.26 -30.22 49.68
C PRO Q 85 86.75 -31.29 50.66
N VAL Q 86 85.83 -31.92 51.37
CA VAL Q 86 86.18 -33.03 52.27
C VAL Q 86 86.76 -34.19 51.47
N GLU Q 87 86.18 -34.53 50.33
CA GLU Q 87 86.66 -35.62 49.49
C GLU Q 87 88.05 -35.36 48.92
N ILE Q 88 88.42 -34.11 48.68
CA ILE Q 88 89.81 -33.80 48.35
C ILE Q 88 90.69 -34.27 49.49
N LEU Q 89 90.35 -33.89 50.72
CA LEU Q 89 91.13 -34.29 51.89
C LEU Q 89 91.16 -35.81 52.05
N ALA Q 90 90.03 -36.46 51.78
CA ALA Q 90 89.97 -37.91 51.80
C ALA Q 90 90.96 -38.48 50.78
N LEU Q 91 90.90 -38.06 49.52
CA LEU Q 91 91.76 -38.58 48.48
C LEU Q 91 93.23 -38.31 48.79
N LEU Q 92 93.53 -37.11 49.29
CA LEU Q 92 94.89 -36.79 49.71
C LEU Q 92 95.33 -37.73 50.82
N ILE Q 93 94.56 -37.84 51.89
CA ILE Q 93 94.93 -38.69 53.02
C ILE Q 93 95.09 -40.12 52.53
N ALA Q 94 94.15 -40.61 51.74
CA ALA Q 94 94.18 -41.97 51.26
C ALA Q 94 95.44 -42.23 50.44
N ALA Q 95 95.71 -41.39 49.45
CA ALA Q 95 96.88 -41.54 48.61
C ALA Q 95 98.14 -41.56 49.48
N SER Q 96 98.22 -40.63 50.43
CA SER Q 96 99.38 -40.53 51.32
C SER Q 96 99.54 -41.77 52.20
N VAL Q 97 98.44 -42.28 52.75
CA VAL Q 97 98.47 -43.46 53.61
C VAL Q 97 98.85 -44.69 52.81
N LEU Q 98 98.25 -44.86 51.63
CA LEU Q 98 98.60 -45.96 50.74
C LEU Q 98 100.03 -45.82 50.18
N GLY Q 99 100.61 -44.62 50.23
CA GLY Q 99 101.95 -44.33 49.74
C GLY Q 99 102.06 -44.34 48.21
N LEU Q 100 100.96 -44.04 47.51
CA LEU Q 100 100.88 -44.12 46.05
C LEU Q 100 101.49 -42.89 45.34
N ASP Q 101 101.83 -43.06 44.05
CA ASP Q 101 102.36 -42.00 43.21
C ASP Q 101 101.33 -40.90 42.92
N PRO Q 102 101.77 -39.66 42.63
CA PRO Q 102 100.90 -38.59 42.15
C PRO Q 102 100.09 -38.99 40.92
N ASP Q 103 100.60 -39.90 40.09
CA ASP Q 103 99.86 -40.46 38.95
C ASP Q 103 98.58 -41.17 39.40
N ALA Q 104 98.59 -41.81 40.58
CA ALA Q 104 97.37 -42.38 41.13
C ALA Q 104 96.38 -41.27 41.51
N ILE Q 105 96.86 -40.11 41.96
CA ILE Q 105 96.00 -38.95 42.21
C ILE Q 105 95.46 -38.41 40.88
N GLN Q 106 96.28 -38.36 39.82
CA GLN Q 106 95.81 -37.96 38.50
C GLN Q 106 94.73 -38.91 37.97
N ALA Q 107 94.91 -40.21 38.19
CA ALA Q 107 93.87 -41.20 37.90
C ALA Q 107 92.62 -40.96 38.77
N ALA Q 108 92.77 -40.61 40.04
CA ALA Q 108 91.65 -40.23 40.88
C ALA Q 108 90.93 -38.99 40.31
N ALA Q 109 91.65 -38.01 39.78
CA ALA Q 109 91.03 -36.86 39.12
C ALA Q 109 90.21 -37.31 37.90
N ALA Q 110 90.75 -38.19 37.06
CA ALA Q 110 89.99 -38.75 35.95
C ALA Q 110 88.74 -39.53 36.42
N LEU Q 111 88.87 -40.36 37.46
CA LEU Q 111 87.72 -41.07 38.05
C LEU Q 111 86.70 -40.10 38.64
N GLY Q 112 87.15 -38.97 39.18
CA GLY Q 112 86.31 -37.88 39.65
C GLY Q 112 85.53 -37.21 38.52
N GLU Q 113 86.18 -36.93 37.38
CA GLU Q 113 85.50 -36.47 36.17
C GLU Q 113 84.49 -37.52 35.66
N ALA Q 114 84.80 -38.81 35.81
CA ALA Q 114 83.87 -39.90 35.51
C ALA Q 114 82.72 -40.04 36.51
N GLY Q 115 82.72 -39.25 37.61
CA GLY Q 115 81.65 -39.22 38.61
C GLY Q 115 81.70 -40.35 39.65
N ILE Q 116 82.82 -41.09 39.73
CA ILE Q 116 83.02 -42.18 40.68
C ILE Q 116 83.11 -41.63 42.12
N SER Q 117 82.51 -42.30 43.11
CA SER Q 117 82.60 -41.85 44.51
C SER Q 117 84.02 -41.94 45.04
N ALA Q 118 84.45 -41.00 45.88
CA ALA Q 118 85.78 -41.08 46.49
C ALA Q 118 85.97 -42.40 47.26
N GLU Q 119 84.91 -42.94 47.88
CA GLU Q 119 84.99 -44.26 48.50
C GLU Q 119 85.28 -45.35 47.48
N GLU Q 120 84.62 -45.31 46.33
CA GLU Q 120 84.88 -46.25 45.26
C GLU Q 120 86.31 -46.10 44.75
N ILE Q 121 86.81 -44.87 44.60
CA ILE Q 121 88.20 -44.65 44.18
C ILE Q 121 89.13 -45.29 45.22
N ILE Q 122 88.94 -44.96 46.49
CA ILE Q 122 89.79 -45.46 47.56
C ILE Q 122 89.75 -46.99 47.58
N GLU Q 123 88.56 -47.57 47.44
CA GLU Q 123 88.39 -49.01 47.35
C GLU Q 123 89.16 -49.57 46.16
N LEU Q 124 89.02 -48.97 44.99
CA LEU Q 124 89.72 -49.42 43.80
C LEU Q 124 91.23 -49.34 44.00
N LEU Q 125 91.72 -48.25 44.57
CA LEU Q 125 93.14 -48.11 44.86
C LEU Q 125 93.59 -49.17 45.86
N THR Q 126 92.78 -49.43 46.88
CA THR Q 126 93.06 -50.46 47.86
C THR Q 126 93.15 -51.82 47.18
N ALA Q 127 92.17 -52.17 46.36
CA ALA Q 127 92.15 -53.42 45.63
C ALA Q 127 93.36 -53.53 44.70
N ALA Q 128 93.71 -52.46 43.99
CA ALA Q 128 94.88 -52.47 43.10
C ALA Q 128 96.14 -52.77 43.91
N ARG Q 129 96.31 -52.12 45.06
CA ARG Q 129 97.43 -52.34 45.97
C ARG Q 129 97.45 -53.78 46.48
N ASP Q 130 96.29 -54.31 46.85
CA ASP Q 130 96.14 -55.70 47.31
C ASP Q 130 96.50 -56.72 46.21
N LEU Q 131 96.07 -56.48 44.98
CA LEU Q 131 96.44 -57.30 43.82
C LEU Q 131 97.91 -57.13 43.42
N GLY Q 132 98.58 -56.08 43.90
CA GLY Q 132 99.93 -55.72 43.47
C GLY Q 132 99.96 -55.15 42.03
N LEU Q 133 98.85 -54.58 41.57
CA LEU Q 133 98.77 -53.88 40.29
C LEU Q 133 99.53 -52.54 40.30
N ASP Q 134 99.89 -52.05 39.12
CA ASP Q 134 100.75 -50.88 38.93
C ASP Q 134 99.96 -49.61 38.51
N PRO Q 135 100.59 -48.42 38.55
CA PRO Q 135 99.96 -47.18 38.10
C PRO Q 135 99.43 -47.24 36.66
N ASP Q 136 100.05 -48.02 35.78
CA ASP Q 136 99.54 -48.23 34.43
C ASP Q 136 98.18 -48.94 34.45
N ALA Q 137 98.03 -50.02 35.23
CA ALA Q 137 96.74 -50.65 35.43
C ALA Q 137 95.73 -49.68 36.04
N ILE Q 138 96.14 -48.86 37.01
CA ILE Q 138 95.26 -47.86 37.61
C ILE Q 138 94.81 -46.82 36.56
N GLN Q 139 95.71 -46.37 35.69
CA GLN Q 139 95.36 -45.46 34.60
C GLN Q 139 94.40 -46.12 33.61
N ALA Q 140 94.64 -47.38 33.25
CA ALA Q 140 93.71 -48.11 32.40
C ALA Q 140 92.36 -48.32 33.11
N ALA Q 141 92.34 -48.48 34.43
CA ALA Q 141 91.10 -48.50 35.18
C ALA Q 141 90.38 -47.14 35.09
N ALA Q 142 91.11 -46.03 35.09
CA ALA Q 142 90.49 -44.73 34.80
C ALA Q 142 89.89 -44.71 33.39
N GLN Q 143 90.51 -45.35 32.40
CA GLN Q 143 89.88 -45.54 31.09
C GLN Q 143 88.60 -46.41 31.16
N LEU Q 144 88.55 -47.45 32.00
CA LEU Q 144 87.28 -48.16 32.25
C LEU Q 144 86.23 -47.23 32.89
N GLY Q 145 86.68 -46.29 33.71
CA GLY Q 145 85.85 -45.20 34.23
C GLY Q 145 85.34 -44.28 33.12
N GLU Q 146 86.20 -43.91 32.16
CA GLU Q 146 85.77 -43.15 30.96
C GLU Q 146 84.78 -43.95 30.10
N ALA Q 147 84.90 -45.28 30.09
CA ALA Q 147 83.94 -46.20 29.49
C ALA Q 147 82.66 -46.40 30.34
N GLY Q 148 82.55 -45.78 31.52
CA GLY Q 148 81.37 -45.81 32.38
C GLY Q 148 81.12 -47.13 33.11
N ILE Q 149 82.10 -48.02 33.16
CA ILE Q 149 81.99 -49.33 33.84
C ILE Q 149 81.85 -49.13 35.35
N SER Q 150 80.99 -49.90 36.04
CA SER Q 150 80.79 -49.73 37.49
C SER Q 150 81.99 -50.23 38.31
N SER Q 151 82.15 -49.72 39.54
CA SER Q 151 83.28 -50.05 40.42
C SER Q 151 83.43 -51.55 40.64
N GLU Q 152 82.34 -52.26 40.96
CA GLU Q 152 82.40 -53.71 41.18
C GLU Q 152 82.80 -54.46 39.90
N GLU Q 153 82.26 -54.04 38.75
CA GLU Q 153 82.69 -54.59 37.48
C GLU Q 153 84.17 -54.36 37.24
N ILE Q 154 84.68 -53.15 37.46
CA ILE Q 154 86.11 -52.88 37.34
C ILE Q 154 86.89 -53.80 38.29
N LYS Q 155 86.47 -53.95 39.54
CA LYS Q 155 87.18 -54.78 40.53
C LYS Q 155 87.25 -56.23 40.05
N GLU Q 156 86.13 -56.79 39.61
CA GLU Q 156 86.15 -58.13 39.04
C GLU Q 156 86.99 -58.21 37.76
N LEU Q 157 86.91 -57.21 36.89
CA LEU Q 157 87.71 -57.18 35.66
C LEU Q 157 89.20 -57.16 35.97
N LEU Q 158 89.62 -56.31 36.89
CA LEU Q 158 91.01 -56.27 37.33
C LEU Q 158 91.39 -57.61 37.95
N ARG Q 159 90.53 -58.20 38.78
CA ARG Q 159 90.79 -59.52 39.35
C ARG Q 159 91.02 -60.56 38.26
N ALA Q 160 90.13 -60.60 37.27
CA ALA Q 160 90.28 -61.52 36.14
C ALA Q 160 91.58 -61.25 35.37
N ALA Q 161 91.87 -59.98 35.08
CA ALA Q 161 93.07 -59.59 34.34
C ALA Q 161 94.34 -60.04 35.09
N HIS Q 162 94.36 -59.88 36.40
CA HIS Q 162 95.46 -60.33 37.26
C HIS Q 162 95.58 -61.86 37.31
N GLU Q 163 94.46 -62.58 37.46
CA GLU Q 163 94.44 -64.04 37.45
C GLU Q 163 94.92 -64.61 36.11
N LEU Q 164 94.61 -63.92 35.01
CA LEU Q 164 95.09 -64.24 33.67
C LEU Q 164 96.50 -63.70 33.37
N GLY Q 165 97.07 -62.86 34.23
CA GLY Q 165 98.41 -62.28 34.03
C GLY Q 165 98.51 -61.32 32.85
N LEU Q 166 97.42 -60.61 32.52
CA LEU Q 166 97.33 -59.73 31.37
C LEU Q 166 98.18 -58.47 31.51
N ASP Q 167 98.77 -57.99 30.41
CA ASP Q 167 99.44 -56.68 30.41
C ASP Q 167 98.42 -55.52 30.29
N PRO Q 168 98.76 -54.29 30.70
CA PRO Q 168 97.83 -53.16 30.73
C PRO Q 168 97.12 -52.85 29.41
N ASP Q 169 97.68 -53.15 28.25
CA ASP Q 169 97.00 -52.91 26.97
C ASP Q 169 95.75 -53.78 26.84
N CYS Q 170 95.68 -54.92 27.54
CA CYS Q 170 94.45 -55.69 27.64
C CYS Q 170 93.36 -54.87 28.31
N ILE Q 171 93.70 -54.17 29.39
CA ILE Q 171 92.75 -53.30 30.11
C ILE Q 171 92.37 -52.12 29.21
N ALA Q 172 93.30 -51.56 28.45
CA ALA Q 172 92.99 -50.53 27.45
C ALA Q 172 92.00 -51.06 26.40
N ALA Q 173 92.27 -52.25 25.86
CA ALA Q 173 91.35 -52.90 24.94
C ALA Q 173 89.99 -53.20 25.59
N ALA Q 174 89.96 -53.55 26.88
CA ALA Q 174 88.71 -53.70 27.63
C ALA Q 174 87.94 -52.37 27.72
N ALA Q 175 88.62 -51.24 27.92
CA ALA Q 175 87.98 -49.92 27.86
C ALA Q 175 87.51 -49.56 26.45
N ASP Q 176 88.20 -50.00 25.40
CA ASP Q 176 87.74 -49.83 24.02
C ASP Q 176 86.47 -50.66 23.75
N LEU Q 177 86.44 -51.91 24.21
CA LEU Q 177 85.25 -52.77 24.15
C LEU Q 177 84.10 -52.19 24.99
N GLY Q 178 84.41 -51.58 26.14
CA GLY Q 178 83.44 -50.86 26.95
C GLY Q 178 82.84 -49.66 26.20
N GLN Q 179 83.67 -48.89 25.50
CA GLN Q 179 83.20 -47.80 24.62
C GLN Q 179 82.39 -48.33 23.42
N ALA Q 180 82.67 -49.54 22.94
CA ALA Q 180 81.84 -50.25 21.97
C ALA Q 180 80.52 -50.81 22.58
N GLY Q 181 80.30 -50.67 23.90
CA GLY Q 181 79.09 -51.09 24.60
C GLY Q 181 79.05 -52.56 25.00
N ILE Q 182 80.16 -53.29 24.85
CA ILE Q 182 80.29 -54.70 25.22
C ILE Q 182 80.18 -54.85 26.74
N SER Q 183 79.44 -55.84 27.25
CA SER Q 183 79.25 -55.98 28.70
C SER Q 183 80.54 -56.40 29.42
N SER Q 184 80.60 -56.20 30.75
CA SER Q 184 81.70 -56.69 31.57
C SER Q 184 81.90 -58.21 31.44
N SER Q 185 80.81 -58.97 31.46
CA SER Q 185 80.88 -60.42 31.28
C SER Q 185 81.35 -60.79 29.86
N GLU Q 186 80.89 -60.09 28.83
CA GLU Q 186 81.36 -60.31 27.46
C GLU Q 186 82.84 -59.97 27.31
N ILE Q 187 83.29 -58.84 27.86
CA ILE Q 187 84.71 -58.52 27.94
C ILE Q 187 85.44 -59.67 28.64
N THR Q 188 84.93 -60.13 29.78
CA THR Q 188 85.56 -61.22 30.54
C THR Q 188 85.71 -62.47 29.71
N ALA Q 189 84.68 -62.84 28.95
CA ALA Q 189 84.75 -63.95 28.01
C ALA Q 189 85.86 -63.70 26.98
N LEU Q 190 85.91 -62.50 26.39
CA LEU Q 190 86.95 -62.16 25.43
C LEU Q 190 88.35 -62.21 26.07
N LEU Q 191 88.50 -61.81 27.33
CA LEU Q 191 89.76 -61.97 28.05
C LEU Q 191 90.14 -63.45 28.07
N LEU Q 192 89.23 -64.28 28.55
CA LEU Q 192 89.48 -65.72 28.68
C LEU Q 192 89.81 -66.33 27.31
N ALA Q 193 89.06 -65.97 26.28
CA ALA Q 193 89.24 -66.49 24.93
C ALA Q 193 90.62 -66.10 24.38
N ALA Q 194 90.94 -64.82 24.40
CA ALA Q 194 92.21 -64.34 23.89
C ALA Q 194 93.38 -64.99 24.64
N ALA Q 195 93.25 -65.12 25.96
CA ALA Q 195 94.25 -65.78 26.77
C ALA Q 195 94.39 -67.26 26.37
N ALA Q 196 93.28 -68.00 26.29
CA ALA Q 196 93.32 -69.40 25.92
C ALA Q 196 93.97 -69.59 24.55
N ILE Q 197 93.62 -68.76 23.56
CA ILE Q 197 94.17 -68.84 22.21
C ILE Q 197 95.67 -68.57 22.24
N GLU Q 198 96.09 -67.46 22.81
CA GLU Q 198 97.51 -67.10 22.82
C GLU Q 198 98.34 -68.18 23.54
N LEU Q 199 97.84 -68.69 24.67
CA LEU Q 199 98.48 -69.80 25.36
C LEU Q 199 98.51 -71.06 24.48
N ALA Q 200 97.41 -71.40 23.83
CA ALA Q 200 97.35 -72.56 22.94
C ALA Q 200 98.14 -72.38 21.64
N LYS Q 201 98.50 -71.15 21.28
CA LYS Q 201 99.47 -70.84 20.22
C LYS Q 201 100.91 -71.01 20.72
N ARG Q 202 101.19 -70.64 21.98
CA ARG Q 202 102.51 -70.77 22.61
C ARG Q 202 102.84 -72.22 22.99
N ALA Q 203 101.85 -72.98 23.45
CA ALA Q 203 101.87 -74.44 23.45
C ALA Q 203 101.72 -74.97 22.01
N ASP Q 204 102.29 -76.13 21.70
CA ASP Q 204 102.18 -76.79 20.39
C ASP Q 204 101.05 -77.85 20.32
N ASP Q 205 100.47 -78.22 21.47
CA ASP Q 205 99.67 -79.44 21.61
C ASP Q 205 98.32 -79.39 20.86
N LYS Q 206 98.13 -80.33 19.94
CA LYS Q 206 96.86 -80.53 19.23
C LYS Q 206 95.69 -80.79 20.18
N ASP Q 207 95.87 -81.50 21.29
CA ASP Q 207 94.76 -81.71 22.25
C ASP Q 207 94.33 -80.40 22.92
N VAL Q 208 95.28 -79.55 23.32
CA VAL Q 208 94.96 -78.21 23.83
C VAL Q 208 94.25 -77.39 22.76
N ARG Q 209 94.74 -77.48 21.51
CA ARG Q 209 94.14 -76.76 20.37
C ARG Q 209 92.74 -77.28 20.01
N GLU Q 210 92.48 -78.58 20.12
CA GLU Q 210 91.14 -79.15 20.02
C GLU Q 210 90.23 -78.65 21.12
N ILE Q 211 90.70 -78.66 22.37
CA ILE Q 211 89.93 -78.15 23.50
C ILE Q 211 89.57 -76.68 23.26
N VAL Q 212 90.53 -75.85 22.83
CA VAL Q 212 90.27 -74.45 22.49
C VAL Q 212 89.26 -74.32 21.36
N ARG Q 213 89.38 -75.09 20.27
CA ARG Q 213 88.38 -75.12 19.19
C ARG Q 213 87.00 -75.41 19.77
N ASP Q 214 86.88 -76.47 20.54
CA ASP Q 214 85.60 -76.94 21.06
C ASP Q 214 85.00 -75.96 22.08
N ALA Q 215 85.81 -75.38 22.95
CA ALA Q 215 85.37 -74.35 23.87
C ALA Q 215 84.91 -73.10 23.11
N LEU Q 216 85.66 -72.63 22.12
CA LEU Q 216 85.28 -71.47 21.32
C LEU Q 216 84.03 -71.75 20.49
N GLU Q 217 83.86 -72.96 19.95
CA GLU Q 217 82.62 -73.35 19.30
C GLU Q 217 81.45 -73.27 20.29
N LEU Q 218 81.57 -73.93 21.45
CA LEU Q 218 80.51 -73.92 22.45
C LEU Q 218 80.19 -72.49 22.90
N ALA Q 219 81.21 -71.65 23.12
CA ALA Q 219 81.04 -70.25 23.48
C ALA Q 219 80.41 -69.42 22.34
N SER Q 220 80.68 -69.75 21.08
CA SER Q 220 80.06 -69.10 19.92
C SER Q 220 78.60 -69.50 19.76
N ARG Q 221 78.27 -70.78 19.99
CA ARG Q 221 76.90 -71.32 19.82
C ARG Q 221 75.96 -70.98 20.99
N SER Q 222 76.45 -71.06 22.22
CA SER Q 222 75.66 -70.81 23.44
C SER Q 222 75.43 -69.31 23.72
N THR Q 223 74.53 -69.01 24.65
CA THR Q 223 74.11 -67.63 25.01
C THR Q 223 74.04 -67.39 26.53
N ASN Q 224 74.73 -68.22 27.34
CA ASN Q 224 74.76 -68.10 28.80
C ASN Q 224 76.18 -67.77 29.31
N ASP Q 225 76.31 -66.67 30.04
CA ASP Q 225 77.62 -66.16 30.47
C ASP Q 225 78.37 -67.09 31.43
N GLU Q 226 77.66 -67.87 32.26
CA GLU Q 226 78.31 -68.86 33.13
C GLU Q 226 78.87 -70.03 32.32
N VAL Q 227 78.09 -70.60 31.40
CA VAL Q 227 78.57 -71.64 30.49
C VAL Q 227 79.79 -71.14 29.71
N ILE Q 228 79.72 -69.92 29.17
CA ILE Q 228 80.81 -69.32 28.41
C ILE Q 228 82.06 -69.19 29.30
N ARG Q 229 81.93 -68.57 30.48
CA ARG Q 229 83.07 -68.41 31.39
C ARG Q 229 83.65 -69.76 31.79
N LEU Q 230 82.81 -70.73 32.17
CA LEU Q 230 83.27 -72.07 32.51
C LEU Q 230 84.05 -72.69 31.36
N ALA Q 231 83.52 -72.65 30.14
CA ALA Q 231 84.16 -73.27 28.99
C ALA Q 231 85.52 -72.62 28.70
N LEU Q 232 85.56 -71.29 28.66
CA LEU Q 232 86.79 -70.58 28.32
C LEU Q 232 87.80 -70.64 29.47
N GLU Q 233 87.37 -70.67 30.73
CA GLU Q 233 88.27 -70.96 31.85
C GLU Q 233 88.81 -72.38 31.75
N ALA Q 234 87.99 -73.38 31.43
CA ALA Q 234 88.48 -74.73 31.21
C ALA Q 234 89.54 -74.75 30.10
N ALA Q 235 89.34 -73.98 29.03
CA ALA Q 235 90.33 -73.85 27.96
C ALA Q 235 91.64 -73.21 28.46
N VAL Q 236 91.57 -72.13 29.25
CA VAL Q 236 92.76 -71.56 29.89
C VAL Q 236 93.46 -72.58 30.78
N LEU Q 237 92.71 -73.33 31.59
CA LEU Q 237 93.28 -74.34 32.49
C LEU Q 237 93.91 -75.50 31.72
N ALA Q 238 93.30 -75.95 30.62
CA ALA Q 238 93.89 -76.95 29.74
C ALA Q 238 95.18 -76.45 29.06
N ALA Q 239 95.27 -75.14 28.77
CA ALA Q 239 96.48 -74.53 28.23
C ALA Q 239 97.58 -74.28 29.29
N ARG Q 240 97.21 -74.05 30.56
CA ARG Q 240 98.13 -73.88 31.69
C ARG Q 240 98.66 -75.22 32.25
N SER Q 241 97.80 -76.23 32.37
CA SER Q 241 98.16 -77.59 32.78
C SER Q 241 98.78 -78.39 31.63
N THR Q 242 99.44 -79.52 31.95
CA THR Q 242 100.20 -80.34 30.98
C THR Q 242 99.98 -81.85 31.17
N ASP Q 243 98.83 -82.25 31.74
CA ASP Q 243 98.56 -83.63 32.15
C ASP Q 243 97.55 -84.31 31.23
N SER Q 244 97.93 -85.47 30.67
CA SER Q 244 97.06 -86.28 29.82
C SER Q 244 95.73 -86.65 30.50
N ASP Q 245 95.70 -86.91 31.81
CA ASP Q 245 94.44 -87.17 32.52
C ASP Q 245 93.51 -85.95 32.51
N VAL Q 246 94.05 -84.74 32.70
CA VAL Q 246 93.27 -83.50 32.61
C VAL Q 246 92.80 -83.28 31.17
N LEU Q 247 93.66 -83.51 30.17
CA LEU Q 247 93.29 -83.39 28.77
C LEU Q 247 92.18 -84.37 28.38
N GLU Q 248 92.24 -85.62 28.84
CA GLU Q 248 91.15 -86.58 28.67
C GLU Q 248 89.86 -86.15 29.37
N ILE Q 249 89.93 -85.72 30.65
CA ILE Q 249 88.75 -85.29 31.42
C ILE Q 249 88.08 -84.07 30.78
N VAL Q 250 88.85 -83.06 30.38
CA VAL Q 250 88.31 -81.87 29.72
C VAL Q 250 87.72 -82.24 28.35
N LYS Q 251 88.38 -83.09 27.56
CA LYS Q 251 87.82 -83.53 26.27
C LYS Q 251 86.55 -84.36 26.47
N ASP Q 252 86.50 -85.26 27.45
CA ASP Q 252 85.29 -86.00 27.80
C ASP Q 252 84.14 -85.08 28.22
N ALA Q 253 84.43 -84.07 29.05
CA ALA Q 253 83.44 -83.09 29.44
C ALA Q 253 82.92 -82.26 28.24
N LEU Q 254 83.80 -81.90 27.30
CA LEU Q 254 83.39 -81.21 26.07
C LEU Q 254 82.63 -82.11 25.09
N GLU Q 255 82.99 -83.38 24.95
CA GLU Q 255 82.19 -84.36 24.19
C GLU Q 255 80.79 -84.52 24.78
N LEU Q 256 80.67 -84.58 26.11
CA LEU Q 256 79.37 -84.61 26.78
C LEU Q 256 78.62 -83.28 26.58
N ALA Q 257 79.29 -82.14 26.73
CA ALA Q 257 78.68 -80.82 26.64
C ALA Q 257 78.13 -80.51 25.23
N LYS Q 258 78.94 -80.63 24.17
CA LYS Q 258 78.50 -80.29 22.79
C LYS Q 258 77.36 -81.18 22.28
N GLN Q 259 77.23 -82.41 22.80
CA GLN Q 259 76.15 -83.35 22.46
C GLN Q 259 74.90 -83.21 23.36
N SER Q 260 75.00 -82.55 24.52
CA SER Q 260 73.87 -82.37 25.45
C SER Q 260 72.93 -81.23 25.05
N THR Q 261 71.64 -81.36 25.38
CA THR Q 261 70.60 -80.33 25.16
C THR Q 261 70.13 -79.65 26.45
N ASN Q 262 70.80 -79.89 27.58
CA ASN Q 262 70.46 -79.35 28.91
C ASN Q 262 71.62 -78.52 29.50
N GLU Q 263 71.36 -77.25 29.81
CA GLU Q 263 72.37 -76.33 30.37
C GLU Q 263 72.89 -76.75 31.75
N GLU Q 264 72.09 -77.45 32.57
CA GLU Q 264 72.55 -77.94 33.87
C GLU Q 264 73.60 -79.05 33.73
N VAL Q 265 73.40 -79.97 32.77
CA VAL Q 265 74.40 -80.99 32.43
C VAL Q 265 75.68 -80.34 31.91
N ILE Q 266 75.58 -79.34 31.03
CA ILE Q 266 76.74 -78.60 30.51
C ILE Q 266 77.50 -77.90 31.65
N LYS Q 267 76.81 -77.14 32.51
CA LYS Q 267 77.45 -76.45 33.65
C LYS Q 267 78.11 -77.44 34.61
N LEU Q 268 77.44 -78.51 35.00
CA LEU Q 268 78.01 -79.53 35.90
C LEU Q 268 79.22 -80.24 35.28
N ALA Q 269 79.15 -80.62 34.00
CA ALA Q 269 80.27 -81.28 33.31
C ALA Q 269 81.49 -80.36 33.22
N LEU Q 270 81.30 -79.10 32.80
CA LEU Q 270 82.38 -78.13 32.77
C LEU Q 270 82.92 -77.82 34.18
N LYS Q 271 82.06 -77.69 35.20
CA LYS Q 271 82.49 -77.48 36.58
C LYS Q 271 83.34 -78.64 37.10
N ALA Q 272 82.93 -79.89 36.87
CA ALA Q 272 83.71 -81.06 37.24
C ALA Q 272 85.10 -81.06 36.56
N ALA Q 273 85.15 -80.78 35.26
CA ALA Q 273 86.42 -80.70 34.53
C ALA Q 273 87.31 -79.52 34.98
N VAL Q 274 86.73 -78.36 35.28
CA VAL Q 274 87.45 -77.20 35.85
C VAL Q 274 88.08 -77.56 37.19
N LEU Q 275 87.33 -78.20 38.10
CA LEU Q 275 87.85 -78.63 39.39
C LEU Q 275 88.95 -79.71 39.25
N ALA Q 276 88.79 -80.65 38.32
CA ALA Q 276 89.83 -81.64 38.00
C ALA Q 276 91.09 -81.00 37.38
N ALA Q 277 90.97 -79.90 36.64
CA ALA Q 277 92.10 -79.17 36.08
C ALA Q 277 92.81 -78.25 37.11
N LYS Q 278 92.07 -77.69 38.08
CA LYS Q 278 92.63 -76.92 39.21
C LYS Q 278 93.34 -77.80 40.24
N SER Q 279 92.76 -78.95 40.57
CA SER Q 279 93.34 -79.94 41.50
C SER Q 279 94.37 -80.86 40.82
N THR Q 280 95.08 -81.67 41.61
CA THR Q 280 96.18 -82.55 41.14
C THR Q 280 96.17 -83.96 41.75
N ASP Q 281 95.13 -84.32 42.52
CA ASP Q 281 95.01 -85.63 43.17
C ASP Q 281 94.62 -86.73 42.16
N GLU Q 282 95.46 -87.74 41.99
CA GLU Q 282 95.24 -88.86 41.06
C GLU Q 282 93.95 -89.65 41.35
N GLU Q 283 93.54 -89.77 42.62
CA GLU Q 283 92.28 -90.44 42.97
C GLU Q 283 91.06 -89.60 42.57
N VAL Q 284 91.17 -88.27 42.67
CA VAL Q 284 90.14 -87.34 42.17
C VAL Q 284 90.10 -87.38 40.65
N LEU Q 285 91.25 -87.41 39.98
CA LEU Q 285 91.31 -87.58 38.52
C LEU Q 285 90.68 -88.91 38.07
N GLU Q 286 90.95 -90.02 38.76
CA GLU Q 286 90.27 -91.29 38.47
C GLU Q 286 88.75 -91.22 38.71
N GLU Q 287 88.27 -90.71 39.85
CA GLU Q 287 86.84 -90.63 40.12
C GLU Q 287 86.10 -89.69 39.16
N VAL Q 288 86.65 -88.52 38.83
CA VAL Q 288 86.03 -87.61 37.86
C VAL Q 288 86.00 -88.24 36.46
N LYS Q 289 87.09 -88.90 36.02
CA LYS Q 289 87.10 -89.61 34.73
C LYS Q 289 86.08 -90.74 34.70
N GLU Q 290 85.97 -91.53 35.77
CA GLU Q 290 84.97 -92.60 35.86
C GLU Q 290 83.55 -92.05 35.95
N ALA Q 291 83.29 -90.97 36.68
CA ALA Q 291 81.99 -90.30 36.68
C ALA Q 291 81.59 -89.81 35.28
N LEU Q 292 82.52 -89.19 34.55
CA LEU Q 292 82.29 -88.83 33.14
C LEU Q 292 82.07 -90.05 32.25
N ARG Q 293 82.78 -91.17 32.47
CA ARG Q 293 82.52 -92.43 31.75
C ARG Q 293 81.10 -92.95 32.03
N ARG Q 294 80.66 -92.99 33.29
CA ARG Q 294 79.28 -93.33 33.66
C ARG Q 294 78.28 -92.41 32.96
N ALA Q 295 78.54 -91.10 32.95
CA ALA Q 295 77.69 -90.12 32.27
C ALA Q 295 77.68 -90.29 30.73
N LYS Q 296 78.78 -90.74 30.11
CA LYS Q 296 78.84 -91.02 28.66
C LYS Q 296 78.14 -92.35 28.29
N GLU Q 297 78.27 -93.37 29.13
CA GLU Q 297 77.65 -94.69 28.91
C GLU Q 297 76.13 -94.71 29.22
N SER Q 298 75.69 -93.98 30.24
CA SER Q 298 74.26 -93.79 30.56
C SER Q 298 73.58 -92.81 29.59
N THR Q 299 72.23 -92.83 29.57
CA THR Q 299 71.40 -91.98 28.68
C THR Q 299 70.45 -91.04 29.44
N ASP Q 300 69.99 -91.40 30.64
CA ASP Q 300 69.06 -90.58 31.44
C ASP Q 300 69.76 -89.33 32.03
N GLU Q 301 69.21 -88.14 31.74
CA GLU Q 301 69.71 -86.87 32.28
C GLU Q 301 69.76 -86.83 33.81
N GLU Q 302 68.86 -87.54 34.51
CA GLU Q 302 68.88 -87.61 35.97
C GLU Q 302 70.05 -88.45 36.52
N GLU Q 303 70.42 -89.54 35.83
CA GLU Q 303 71.62 -90.32 36.19
C GLU Q 303 72.90 -89.55 35.86
N ILE Q 304 72.93 -88.86 34.72
CA ILE Q 304 74.04 -87.97 34.32
C ILE Q 304 74.25 -86.87 35.37
N LYS Q 305 73.19 -86.15 35.76
CA LYS Q 305 73.29 -85.10 36.78
C LYS Q 305 73.74 -85.64 38.14
N GLU Q 306 73.30 -86.82 38.56
CA GLU Q 306 73.77 -87.42 39.82
C GLU Q 306 75.24 -87.83 39.80
N GLU Q 307 75.75 -88.44 38.72
CA GLU Q 307 77.18 -88.74 38.61
C GLU Q 307 78.03 -87.47 38.55
N LEU Q 308 77.62 -86.46 37.79
CA LEU Q 308 78.32 -85.17 37.76
C LEU Q 308 78.23 -84.43 39.11
N ARG Q 309 77.11 -84.52 39.84
CA ARG Q 309 76.97 -83.98 41.20
C ARG Q 309 77.98 -84.64 42.15
N LYS Q 310 78.07 -85.97 42.14
CA LYS Q 310 79.07 -86.69 42.94
C LYS Q 310 80.51 -86.33 42.55
N ALA Q 311 80.81 -86.17 41.25
CA ALA Q 311 82.11 -85.69 40.79
C ALA Q 311 82.46 -84.29 41.32
N VAL Q 312 81.50 -83.34 41.26
CA VAL Q 312 81.68 -81.99 41.82
C VAL Q 312 81.83 -82.02 43.34
N GLU Q 313 80.98 -82.76 44.06
CA GLU Q 313 81.07 -82.87 45.52
C GLU Q 313 82.34 -83.57 46.02
N GLU Q 314 82.97 -84.43 45.21
CA GLU Q 314 84.28 -85.01 45.49
C GLU Q 314 85.43 -84.01 45.22
N ALA Q 315 85.36 -83.26 44.12
CA ALA Q 315 86.46 -82.42 43.63
C ALA Q 315 86.52 -80.98 44.21
N GLU Q 316 85.41 -80.40 44.69
CA GLU Q 316 85.34 -79.00 45.17
C GLU Q 316 85.97 -78.75 46.55
N CYS R 3 -2.62 116.48 -4.60
CA CYS R 3 -3.94 116.51 -5.26
C CYS R 3 -4.95 115.72 -4.42
N ASP R 4 -5.53 116.34 -3.39
CA ASP R 4 -6.17 115.62 -2.28
C ASP R 4 -7.38 114.78 -2.72
N ALA R 5 -8.23 115.27 -3.61
CA ALA R 5 -9.38 114.51 -4.09
C ALA R 5 -8.98 113.18 -4.73
N ILE R 6 -7.85 113.16 -5.44
CA ILE R 6 -7.31 111.91 -6.01
C ILE R 6 -6.65 111.10 -4.90
N GLN R 7 -5.86 111.71 -4.01
CA GLN R 7 -5.13 110.96 -2.99
C GLN R 7 -6.08 110.25 -2.01
N ALA R 8 -7.24 110.84 -1.72
CA ALA R 8 -8.30 110.16 -0.99
C ALA R 8 -8.78 108.91 -1.74
N ALA R 9 -9.01 109.01 -3.06
CA ALA R 9 -9.35 107.84 -3.86
C ALA R 9 -8.22 106.80 -3.86
N ALA R 10 -6.96 107.23 -3.90
CA ALA R 10 -5.81 106.33 -3.79
C ALA R 10 -5.78 105.62 -2.42
N ALA R 11 -6.08 106.34 -1.33
CA ALA R 11 -6.18 105.73 -0.01
C ALA R 11 -7.31 104.68 0.04
N LEU R 12 -8.46 104.95 -0.57
CA LEU R 12 -9.55 103.97 -0.68
C LEU R 12 -9.18 102.78 -1.57
N GLY R 13 -8.37 103.00 -2.60
CA GLY R 13 -7.79 101.92 -3.41
C GLY R 13 -6.82 101.04 -2.62
N GLU R 14 -5.94 101.65 -1.80
CA GLU R 14 -5.07 100.91 -0.88
C GLU R 14 -5.87 100.15 0.20
N ALA R 15 -7.00 100.69 0.65
CA ALA R 15 -7.96 99.99 1.50
C ALA R 15 -8.74 98.88 0.78
N GLY R 16 -8.56 98.72 -0.54
CA GLY R 16 -9.19 97.67 -1.34
C GLY R 16 -10.67 97.90 -1.65
N ILE R 17 -11.15 99.14 -1.53
CA ILE R 17 -12.55 99.48 -1.82
C ILE R 17 -12.84 99.33 -3.32
N SER R 18 -13.97 98.72 -3.69
CA SER R 18 -14.36 98.56 -5.10
C SER R 18 -14.72 99.89 -5.74
N SER R 19 -14.50 100.05 -7.05
CA SER R 19 -14.62 101.34 -7.72
C SER R 19 -16.01 101.98 -7.57
N ASN R 20 -17.10 101.21 -7.66
CA ASN R 20 -18.44 101.73 -7.41
C ASN R 20 -18.59 102.26 -5.97
N GLU R 21 -18.01 101.59 -4.97
CA GLU R 21 -18.06 102.09 -3.59
C GLU R 21 -17.09 103.25 -3.36
N ILE R 22 -15.95 103.32 -4.07
CA ILE R 22 -15.14 104.53 -4.06
C ILE R 22 -15.98 105.68 -4.61
N LEU R 23 -16.65 105.49 -5.74
CA LEU R 23 -17.51 106.50 -6.34
C LEU R 23 -18.65 106.89 -5.39
N GLU R 24 -19.24 105.95 -4.66
CA GLU R 24 -20.22 106.28 -3.63
C GLU R 24 -19.60 107.12 -2.51
N LEU R 25 -18.42 106.75 -1.99
CA LEU R 25 -17.77 107.51 -0.92
C LEU R 25 -17.34 108.90 -1.40
N LEU R 26 -16.95 109.01 -2.66
CA LEU R 26 -16.73 110.28 -3.32
C LEU R 26 -18.05 111.06 -3.46
N ALA R 27 -19.16 110.41 -3.82
CA ALA R 27 -20.47 111.06 -3.87
C ALA R 27 -20.88 111.56 -2.48
N ALA R 28 -20.63 110.78 -1.43
CA ALA R 28 -20.86 111.19 -0.05
C ALA R 28 -19.97 112.40 0.31
N ALA R 29 -18.70 112.38 -0.11
CA ALA R 29 -17.83 113.52 0.06
C ALA R 29 -18.41 114.77 -0.61
N ALA R 30 -18.95 114.63 -1.82
CA ALA R 30 -19.63 115.73 -2.52
C ALA R 30 -20.93 116.17 -1.84
N GLU R 31 -21.68 115.25 -1.22
CA GLU R 31 -22.87 115.60 -0.45
C GLU R 31 -22.52 116.40 0.81
N LEU R 32 -21.71 115.82 1.68
CA LEU R 32 -21.43 116.37 3.01
C LEU R 32 -20.32 117.42 3.00
N GLY R 33 -19.54 117.50 1.93
CA GLY R 33 -18.30 118.26 1.89
C GLY R 33 -17.22 117.62 2.75
N LEU R 34 -17.07 116.29 2.71
CA LEU R 34 -16.10 115.56 3.55
C LEU R 34 -14.68 116.04 3.28
N ASP R 35 -13.95 116.37 4.34
CA ASP R 35 -12.52 116.66 4.27
C ASP R 35 -11.70 115.36 4.08
N PRO R 36 -10.48 115.44 3.51
CA PRO R 36 -9.67 114.26 3.21
C PRO R 36 -9.42 113.35 4.42
N ASP R 37 -9.28 113.91 5.61
CA ASP R 37 -9.16 113.13 6.84
C ASP R 37 -10.50 112.47 7.23
N ALA R 38 -11.64 113.10 6.99
CA ALA R 38 -12.94 112.45 7.16
C ALA R 38 -13.12 111.30 6.15
N ILE R 39 -12.68 111.47 4.91
CA ILE R 39 -12.66 110.38 3.94
C ILE R 39 -11.65 109.30 4.39
N GLN R 40 -10.52 109.66 4.99
CA GLN R 40 -9.58 108.68 5.55
C GLN R 40 -10.21 107.90 6.70
N ALA R 41 -11.03 108.53 7.54
CA ALA R 41 -11.80 107.81 8.55
C ALA R 41 -12.76 106.81 7.89
N ALA R 42 -13.43 107.20 6.80
CA ALA R 42 -14.22 106.25 6.01
C ALA R 42 -13.36 105.09 5.49
N ALA R 43 -12.16 105.37 4.98
CA ALA R 43 -11.24 104.33 4.53
C ALA R 43 -10.87 103.38 5.67
N GLN R 44 -10.56 103.90 6.85
CA GLN R 44 -10.22 103.08 8.02
C GLN R 44 -11.42 102.26 8.52
N LEU R 45 -12.63 102.80 8.46
CA LEU R 45 -13.84 102.00 8.72
C LEU R 45 -14.05 100.91 7.65
N GLY R 46 -13.64 101.19 6.41
CA GLY R 46 -13.56 100.19 5.33
C GLY R 46 -12.52 99.10 5.60
N GLU R 47 -11.35 99.45 6.13
CA GLU R 47 -10.35 98.46 6.61
C GLU R 47 -10.88 97.65 7.81
N ALA R 48 -11.72 98.25 8.66
CA ALA R 48 -12.49 97.54 9.69
C ALA R 48 -13.66 96.70 9.12
N GLY R 49 -13.86 96.70 7.79
CA GLY R 49 -14.84 95.88 7.08
C GLY R 49 -16.26 96.44 7.06
N ILE R 50 -16.49 97.66 7.55
CA ILE R 50 -17.82 98.29 7.58
C ILE R 50 -18.23 98.68 6.15
N SER R 51 -19.49 98.46 5.76
CA SER R 51 -19.99 98.90 4.45
C SER R 51 -20.09 100.42 4.34
N SER R 52 -19.81 100.92 3.13
CA SER R 52 -19.88 102.35 2.83
C SER R 52 -21.26 102.95 3.11
N GLU R 53 -22.34 102.17 3.03
CA GLU R 53 -23.67 102.67 3.31
C GLU R 53 -23.80 103.09 4.77
N GLU R 54 -23.46 102.19 5.70
CA GLU R 54 -23.44 102.50 7.12
C GLU R 54 -22.47 103.64 7.40
N ILE R 55 -21.28 103.61 6.81
CA ILE R 55 -20.31 104.70 7.01
C ILE R 55 -20.94 106.03 6.60
N LYS R 56 -21.60 106.07 5.45
CA LYS R 56 -22.24 107.28 4.93
C LYS R 56 -23.31 107.75 5.90
N GLU R 57 -24.18 106.87 6.34
CA GLU R 57 -25.19 107.23 7.32
C GLU R 57 -24.54 107.72 8.63
N LEU R 58 -23.47 107.07 9.09
CA LEU R 58 -22.79 107.44 10.32
C LEU R 58 -22.16 108.82 10.18
N LEU R 59 -21.51 109.09 9.06
CA LEU R 59 -21.00 110.43 8.78
C LEU R 59 -22.15 111.43 8.70
N ARG R 60 -23.29 111.06 8.11
CA ARG R 60 -24.47 111.91 8.08
C ARG R 60 -24.95 112.21 9.49
N ALA R 61 -24.95 111.23 10.37
CA ALA R 61 -25.27 111.45 11.78
C ALA R 61 -24.23 112.36 12.45
N ALA R 62 -22.94 112.14 12.23
CA ALA R 62 -21.88 112.99 12.78
C ALA R 62 -22.03 114.45 12.32
N HIS R 63 -22.45 114.65 11.07
CA HIS R 63 -22.78 115.96 10.50
C HIS R 63 -24.02 116.56 11.14
N GLU R 64 -25.10 115.79 11.30
CA GLU R 64 -26.32 116.24 12.01
C GLU R 64 -26.08 116.51 13.50
N LEU R 65 -25.06 115.90 14.10
CA LEU R 65 -24.59 116.18 15.46
C LEU R 65 -23.65 117.40 15.53
N GLY R 66 -23.01 117.77 14.43
CA GLY R 66 -21.99 118.82 14.41
C GLY R 66 -20.74 118.44 15.22
N LEU R 67 -20.30 117.17 15.16
CA LEU R 67 -19.18 116.66 15.95
C LEU R 67 -17.83 117.31 15.59
N ASP R 68 -16.91 117.31 16.56
CA ASP R 68 -15.53 117.76 16.35
C ASP R 68 -14.74 116.78 15.46
N PRO R 69 -13.91 117.27 14.52
CA PRO R 69 -13.15 116.41 13.60
C PRO R 69 -12.28 115.35 14.27
N ASP R 70 -11.74 115.62 15.46
CA ASP R 70 -10.95 114.65 16.22
C ASP R 70 -11.81 113.51 16.79
N ALA R 71 -13.02 113.79 17.26
CA ALA R 71 -13.98 112.74 17.59
C ALA R 71 -14.37 111.94 16.34
N ILE R 72 -14.59 112.61 15.20
CA ILE R 72 -14.90 111.92 13.94
C ILE R 72 -13.72 111.01 13.54
N ALA R 73 -12.48 111.47 13.67
CA ALA R 73 -11.33 110.61 13.47
C ALA R 73 -11.30 109.45 14.48
N ALA R 74 -11.57 109.73 15.75
CA ALA R 74 -11.65 108.70 16.77
C ALA R 74 -12.74 107.66 16.48
N ALA R 75 -13.76 107.99 15.68
CA ALA R 75 -14.73 106.99 15.24
C ALA R 75 -14.05 105.85 14.46
N ALA R 76 -13.00 106.15 13.69
CA ALA R 76 -12.22 105.11 13.04
C ALA R 76 -11.44 104.27 14.06
N ASP R 77 -10.94 104.86 15.14
CA ASP R 77 -10.32 104.10 16.24
C ASP R 77 -11.33 103.15 16.88
N LEU R 78 -12.56 103.61 17.13
CA LEU R 78 -13.64 102.74 17.61
C LEU R 78 -13.93 101.60 16.62
N GLY R 79 -13.84 101.89 15.31
CA GLY R 79 -13.90 100.87 14.26
C GLY R 79 -12.77 99.84 14.35
N GLN R 80 -11.52 100.29 14.53
CA GLN R 80 -10.37 99.40 14.73
C GLN R 80 -10.49 98.57 16.01
N ALA R 81 -11.08 99.15 17.06
CA ALA R 81 -11.43 98.43 18.30
C ALA R 81 -12.57 97.40 18.13
N GLY R 82 -13.22 97.36 16.97
CA GLY R 82 -14.29 96.40 16.66
C GLY R 82 -15.66 96.73 17.25
N VAL R 83 -15.87 97.97 17.71
CA VAL R 83 -17.17 98.43 18.24
C VAL R 83 -18.26 98.29 17.18
N SER R 84 -19.44 97.81 17.55
CA SER R 84 -20.50 97.58 16.56
C SER R 84 -20.99 98.90 15.95
N PRO R 85 -21.53 98.88 14.72
CA PRO R 85 -21.74 100.10 13.94
C PRO R 85 -22.58 101.14 14.68
N VAL R 86 -23.71 100.72 15.25
CA VAL R 86 -24.55 101.61 16.02
C VAL R 86 -23.82 102.08 17.28
N GLU R 87 -23.07 101.20 17.95
CA GLU R 87 -22.37 101.56 19.19
C GLU R 87 -21.34 102.64 18.96
N ILE R 88 -20.74 102.72 17.79
CA ILE R 88 -19.88 103.86 17.47
C ILE R 88 -20.70 105.14 17.63
N LEU R 89 -21.87 105.20 16.99
CA LEU R 89 -22.73 106.37 17.06
C LEU R 89 -23.19 106.63 18.49
N ALA R 90 -23.51 105.59 19.22
CA ALA R 90 -23.89 105.74 20.61
C ALA R 90 -22.76 106.39 21.41
N LEU R 91 -21.54 105.89 21.28
CA LEU R 91 -20.39 106.45 21.99
C LEU R 91 -20.15 107.89 21.56
N LEU R 92 -20.24 108.18 20.27
CA LEU R 92 -20.11 109.54 19.79
C LEU R 92 -21.18 110.45 20.40
N ILE R 93 -22.44 110.04 20.36
CA ILE R 93 -23.51 110.83 20.94
C ILE R 93 -23.24 111.04 22.42
N ALA R 94 -22.91 109.98 23.15
CA ALA R 94 -22.69 110.08 24.58
C ALA R 94 -21.56 111.04 24.91
N ALA R 95 -20.42 110.90 24.23
CA ALA R 95 -19.31 111.81 24.41
C ALA R 95 -19.77 113.25 24.15
N SER R 96 -20.49 113.47 23.05
CA SER R 96 -20.95 114.81 22.67
C SER R 96 -21.90 115.40 23.72
N VAL R 97 -22.77 114.58 24.31
CA VAL R 97 -23.72 115.04 25.33
C VAL R 97 -22.98 115.33 26.63
N LEU R 98 -22.12 114.42 27.08
CA LEU R 98 -21.35 114.61 28.31
C LEU R 98 -20.34 115.76 28.19
N GLY R 99 -19.91 116.11 26.98
CA GLY R 99 -18.94 117.17 26.73
C GLY R 99 -17.50 116.80 27.11
N LEU R 100 -17.19 115.50 27.21
CA LEU R 100 -15.85 115.00 27.56
C LEU R 100 -14.84 115.16 26.42
N ASP R 101 -13.55 115.17 26.77
CA ASP R 101 -12.45 115.24 25.79
C ASP R 101 -12.38 113.99 24.91
N PRO R 102 -11.84 114.07 23.69
CA PRO R 102 -11.56 112.92 22.83
C PRO R 102 -10.71 111.84 23.50
N ASP R 103 -9.91 112.18 24.50
CA ASP R 103 -9.19 111.19 25.31
C ASP R 103 -10.15 110.20 25.98
N ALA R 104 -11.33 110.64 26.42
CA ALA R 104 -12.36 109.75 26.92
C ALA R 104 -12.86 108.80 25.82
N ILE R 105 -12.92 109.26 24.56
CA ILE R 105 -13.25 108.38 23.43
C ILE R 105 -12.11 107.39 23.19
N GLN R 106 -10.85 107.80 23.32
CA GLN R 106 -9.72 106.88 23.20
C GLN R 106 -9.77 105.81 24.32
N ALA R 107 -10.14 106.21 25.53
CA ALA R 107 -10.41 105.27 26.61
C ALA R 107 -11.59 104.35 26.28
N ALA R 108 -12.65 104.88 25.67
CA ALA R 108 -13.74 104.04 25.17
C ALA R 108 -13.23 103.04 24.13
N ALA R 109 -12.30 103.41 23.25
CA ALA R 109 -11.71 102.47 22.32
C ALA R 109 -10.96 101.36 23.06
N ALA R 110 -10.17 101.69 24.08
CA ALA R 110 -9.51 100.69 24.91
C ALA R 110 -10.53 99.77 25.63
N LEU R 111 -11.61 100.33 26.19
CA LEU R 111 -12.67 99.54 26.81
C LEU R 111 -13.39 98.66 25.76
N GLY R 112 -13.49 99.12 24.52
CA GLY R 112 -14.00 98.36 23.39
C GLY R 112 -13.10 97.17 23.03
N GLU R 113 -11.77 97.36 23.01
CA GLU R 113 -10.83 96.24 22.88
C GLU R 113 -10.94 95.26 24.06
N ALA R 114 -11.21 95.77 25.27
CA ALA R 114 -11.49 94.95 26.45
C ALA R 114 -12.87 94.25 26.40
N GLY R 115 -13.68 94.49 25.36
CA GLY R 115 -14.97 93.83 25.15
C GLY R 115 -16.13 94.40 25.97
N ILE R 116 -15.96 95.56 26.60
CA ILE R 116 -16.98 96.22 27.41
C ILE R 116 -18.09 96.79 26.50
N SER R 117 -19.37 96.61 26.85
CA SER R 117 -20.47 97.14 26.03
C SER R 117 -20.54 98.66 26.06
N ALA R 118 -21.10 99.29 25.03
CA ALA R 118 -21.26 100.74 25.03
C ALA R 118 -22.11 101.20 26.23
N GLU R 119 -23.10 100.43 26.67
CA GLU R 119 -23.87 100.79 27.87
C GLU R 119 -22.98 100.84 29.11
N GLU R 120 -22.12 99.84 29.30
CA GLU R 120 -21.17 99.86 30.41
C GLU R 120 -20.21 101.04 30.28
N ILE R 121 -19.71 101.33 29.08
CA ILE R 121 -18.82 102.48 28.90
C ILE R 121 -19.57 103.76 29.26
N ILE R 122 -20.75 103.97 28.71
CA ILE R 122 -21.55 105.17 28.95
C ILE R 122 -21.86 105.28 30.44
N GLU R 123 -22.22 104.18 31.08
CA GLU R 123 -22.44 104.14 32.52
C GLU R 123 -21.19 104.56 33.26
N LEU R 124 -20.04 103.98 32.92
CA LEU R 124 -18.78 104.33 33.57
C LEU R 124 -18.47 105.82 33.38
N LEU R 125 -18.65 106.34 32.17
CA LEU R 125 -18.42 107.75 31.90
C LEU R 125 -19.38 108.61 32.72
N THR R 126 -20.65 108.18 32.82
CA THR R 126 -21.65 108.87 33.61
C THR R 126 -21.24 108.88 35.08
N ALA R 127 -20.81 107.74 35.61
CA ALA R 127 -20.36 107.64 36.98
C ALA R 127 -19.13 108.53 37.22
N ALA R 128 -18.16 108.53 36.32
CA ALA R 128 -16.97 109.37 36.45
C ALA R 128 -17.36 110.85 36.49
N ARG R 129 -18.25 111.26 35.58
CA ARG R 129 -18.83 112.62 35.53
C ARG R 129 -19.53 112.95 36.84
N ASP R 130 -20.38 112.05 37.34
CA ASP R 130 -21.11 112.25 38.59
C ASP R 130 -20.19 112.34 39.81
N LEU R 131 -19.12 111.55 39.86
CA LEU R 131 -18.10 111.62 40.92
C LEU R 131 -17.20 112.86 40.78
N GLY R 132 -17.17 113.51 39.62
CA GLY R 132 -16.23 114.59 39.34
C GLY R 132 -14.79 114.09 39.12
N LEU R 133 -14.64 112.86 38.64
CA LEU R 133 -13.36 112.29 38.19
C LEU R 133 -12.92 112.87 36.83
N ASP R 134 -11.79 112.41 36.31
CA ASP R 134 -11.09 112.99 35.16
C ASP R 134 -10.62 111.93 34.15
N PRO R 135 -10.21 112.35 32.93
CA PRO R 135 -9.72 111.42 31.90
C PRO R 135 -8.58 110.50 32.36
N ASP R 136 -7.72 110.95 33.28
CA ASP R 136 -6.67 110.09 33.85
C ASP R 136 -7.27 108.95 34.68
N ALA R 137 -8.24 109.24 35.54
CA ALA R 137 -8.98 108.20 36.24
C ALA R 137 -9.68 107.27 35.25
N ILE R 138 -10.29 107.80 34.20
CA ILE R 138 -10.94 107.00 33.17
C ILE R 138 -9.92 106.11 32.44
N GLN R 139 -8.70 106.59 32.18
CA GLN R 139 -7.65 105.78 31.58
C GLN R 139 -7.19 104.66 32.53
N ALA R 140 -7.04 104.95 33.81
CA ALA R 140 -6.76 103.90 34.79
C ALA R 140 -7.92 102.90 34.86
N ALA R 141 -9.17 103.35 34.72
CA ALA R 141 -10.30 102.45 34.61
C ALA R 141 -10.19 101.57 33.35
N ALA R 142 -9.71 102.09 32.23
CA ALA R 142 -9.45 101.28 31.05
C ALA R 142 -8.39 100.20 31.35
N GLN R 143 -7.37 100.49 32.15
CA GLN R 143 -6.45 99.46 32.63
C GLN R 143 -7.14 98.42 33.50
N LEU R 144 -8.06 98.80 34.40
CA LEU R 144 -8.89 97.83 35.14
C LEU R 144 -9.76 96.98 34.20
N GLY R 145 -10.24 97.57 33.11
CA GLY R 145 -10.94 96.86 32.04
C GLY R 145 -10.04 95.84 31.34
N GLU R 146 -8.80 96.21 31.02
CA GLU R 146 -7.80 95.28 30.47
C GLU R 146 -7.45 94.16 31.48
N ALA R 147 -7.52 94.43 32.79
CA ALA R 147 -7.41 93.43 33.84
C ALA R 147 -8.67 92.55 33.99
N GLY R 148 -9.74 92.80 33.23
CA GLY R 148 -10.96 91.99 33.22
C GLY R 148 -11.90 92.25 34.40
N ILE R 149 -11.68 93.33 35.16
CA ILE R 149 -12.56 93.71 36.28
C ILE R 149 -13.94 94.11 35.74
N SER R 150 -15.04 93.64 36.36
CA SER R 150 -16.38 93.94 35.85
C SER R 150 -16.79 95.40 36.08
N SER R 151 -17.77 95.89 35.32
CA SER R 151 -18.20 97.30 35.37
C SER R 151 -18.60 97.75 36.78
N GLU R 152 -19.42 96.96 37.49
CA GLU R 152 -19.82 97.32 38.86
C GLU R 152 -18.63 97.30 39.81
N GLU R 153 -17.71 96.36 39.65
CA GLU R 153 -16.47 96.35 40.44
C GLU R 153 -15.65 97.61 40.18
N ILE R 154 -15.47 98.01 38.91
CA ILE R 154 -14.78 99.26 38.60
C ILE R 154 -15.54 100.43 39.25
N LYS R 155 -16.86 100.49 39.12
CA LYS R 155 -17.66 101.57 39.68
C LYS R 155 -17.46 101.67 41.19
N GLU R 156 -17.52 100.56 41.88
CA GLU R 156 -17.25 100.51 43.31
C GLU R 156 -15.80 100.88 43.63
N LEU R 157 -14.83 100.44 42.84
CA LEU R 157 -13.43 100.79 43.05
C LEU R 157 -13.23 102.30 42.89
N LEU R 158 -13.77 102.88 41.83
CA LEU R 158 -13.73 104.33 41.64
C LEU R 158 -14.42 105.03 42.79
N ARG R 159 -15.58 104.55 43.22
CA ARG R 159 -16.29 105.11 44.38
C ARG R 159 -15.41 105.09 45.62
N ALA R 160 -14.79 103.95 45.92
CA ALA R 160 -13.90 103.83 47.06
C ALA R 160 -12.70 104.77 46.93
N ALA R 161 -12.09 104.84 45.75
CA ALA R 161 -10.96 105.72 45.51
C ALA R 161 -11.33 107.18 45.76
N HIS R 162 -12.50 107.61 45.27
CA HIS R 162 -13.02 108.95 45.48
C HIS R 162 -13.36 109.23 46.95
N GLU R 163 -14.00 108.28 47.65
CA GLU R 163 -14.31 108.40 49.08
C GLU R 163 -13.06 108.49 49.94
N LEU R 164 -11.96 107.83 49.53
CA LEU R 164 -10.64 107.96 50.15
C LEU R 164 -9.86 109.20 49.67
N GLY R 165 -10.29 109.86 48.60
CA GLY R 165 -9.55 110.97 47.99
C GLY R 165 -8.26 110.55 47.27
N LEU R 166 -8.17 109.29 46.82
CA LEU R 166 -7.01 108.75 46.11
C LEU R 166 -6.91 109.30 44.69
N ASP R 167 -5.76 109.86 44.33
CA ASP R 167 -5.45 110.39 43.01
C ASP R 167 -5.27 109.29 41.94
N PRO R 168 -5.37 109.61 40.63
CA PRO R 168 -5.32 108.62 39.55
C PRO R 168 -4.12 107.68 39.54
N ASP R 169 -2.93 108.10 39.98
CA ASP R 169 -1.77 107.20 40.11
C ASP R 169 -2.04 106.06 41.10
N CYS R 170 -2.87 106.31 42.12
CA CYS R 170 -3.30 105.29 43.05
C CYS R 170 -4.18 104.26 42.32
N ILE R 171 -5.08 104.73 41.45
CA ILE R 171 -5.92 103.86 40.63
C ILE R 171 -5.05 103.05 39.65
N ALA R 172 -3.98 103.63 39.12
CA ALA R 172 -3.01 102.88 38.32
C ALA R 172 -2.34 101.77 39.15
N ALA R 173 -1.92 102.07 40.39
CA ALA R 173 -1.45 101.04 41.29
C ALA R 173 -2.54 99.99 41.61
N ALA R 174 -3.80 100.39 41.72
CA ALA R 174 -4.91 99.45 41.85
C ALA R 174 -5.02 98.54 40.60
N ALA R 175 -4.84 99.10 39.41
CA ALA R 175 -4.81 98.32 38.18
C ALA R 175 -3.58 97.38 38.13
N ASP R 176 -2.44 97.77 38.69
CA ASP R 176 -1.30 96.88 38.83
C ASP R 176 -1.62 95.68 39.75
N LEU R 177 -2.34 95.90 40.85
CA LEU R 177 -2.85 94.79 41.68
C LEU R 177 -3.88 93.93 40.92
N GLY R 178 -4.67 94.55 40.03
CA GLY R 178 -5.54 93.83 39.09
C GLY R 178 -4.74 92.94 38.14
N GLN R 179 -3.64 93.44 37.57
CA GLN R 179 -2.74 92.64 36.74
C GLN R 179 -2.01 91.55 37.54
N ALA R 180 -1.77 91.77 38.83
CA ALA R 180 -1.32 90.73 39.77
C ALA R 180 -2.42 89.69 40.11
N GLY R 181 -3.65 89.86 39.62
CA GLY R 181 -4.76 88.91 39.80
C GLY R 181 -5.47 89.01 41.15
N ILE R 182 -5.21 90.07 41.92
CA ILE R 182 -5.85 90.31 43.22
C ILE R 182 -7.36 90.56 43.01
N SER R 183 -8.22 89.95 43.84
CA SER R 183 -9.67 90.16 43.72
C SER R 183 -10.08 91.60 44.05
N SER R 184 -11.20 92.09 43.51
CA SER R 184 -11.65 93.48 43.71
C SER R 184 -11.78 93.85 45.18
N SER R 185 -12.36 92.95 46.00
CA SER R 185 -12.46 93.17 47.44
C SER R 185 -11.08 93.24 48.08
N GLU R 186 -10.13 92.37 47.72
CA GLU R 186 -8.77 92.44 48.25
C GLU R 186 -8.02 93.69 47.78
N ILE R 187 -8.18 94.13 46.53
CA ILE R 187 -7.66 95.42 46.10
C ILE R 187 -8.26 96.51 46.98
N THR R 188 -9.57 96.49 47.18
CA THR R 188 -10.26 97.50 48.00
C THR R 188 -9.70 97.52 49.41
N ALA R 189 -9.49 96.35 50.02
CA ALA R 189 -8.86 96.23 51.31
C ALA R 189 -7.45 96.83 51.29
N LEU R 190 -6.62 96.48 50.31
CA LEU R 190 -5.27 97.01 50.21
C LEU R 190 -5.27 98.53 50.05
N LEU R 191 -6.21 99.07 49.27
CA LEU R 191 -6.38 100.51 49.15
C LEU R 191 -6.75 101.11 50.50
N LEU R 192 -7.76 100.57 51.17
CA LEU R 192 -8.18 101.05 52.49
C LEU R 192 -7.00 101.02 53.46
N ALA R 193 -6.26 99.93 53.48
CA ALA R 193 -5.13 99.74 54.37
C ALA R 193 -4.02 100.75 54.07
N ALA R 194 -3.59 100.86 52.82
CA ALA R 194 -2.54 101.78 52.44
C ALA R 194 -2.93 103.22 52.78
N ALA R 195 -4.19 103.59 52.54
CA ALA R 195 -4.70 104.90 52.88
C ALA R 195 -4.66 105.12 54.40
N ALA R 196 -5.18 104.16 55.18
CA ALA R 196 -5.14 104.26 56.63
C ALA R 196 -3.69 104.36 57.14
N ILE R 197 -2.75 103.64 56.53
CA ILE R 197 -1.33 103.67 56.92
C ILE R 197 -0.71 105.02 56.61
N GLU R 198 -0.91 105.54 55.40
CA GLU R 198 -0.35 106.84 55.03
C GLU R 198 -0.90 107.93 55.94
N LEU R 199 -2.20 107.90 56.22
CA LEU R 199 -2.81 108.81 57.19
C LEU R 199 -2.25 108.60 58.60
N ALA R 200 -2.07 107.36 59.05
CA ALA R 200 -1.51 107.06 60.36
C ALA R 200 -0.03 107.44 60.48
N LYS R 201 0.70 107.52 59.36
CA LYS R 201 2.03 108.12 59.30
C LYS R 201 1.95 109.64 59.39
N ARG R 202 0.98 110.25 58.69
CA ARG R 202 0.80 111.72 58.66
C ARG R 202 0.24 112.28 59.98
N ALA R 203 -0.59 111.52 60.68
CA ALA R 203 -0.92 111.75 62.09
C ALA R 203 0.22 111.28 63.01
N ASP R 204 0.50 112.00 64.10
CA ASP R 204 1.57 111.63 65.05
C ASP R 204 1.15 110.56 66.08
N ASP R 205 -0.14 110.41 66.34
CA ASP R 205 -0.63 109.83 67.59
C ASP R 205 -0.39 108.31 67.71
N LYS R 206 0.38 107.91 68.73
CA LYS R 206 0.62 106.52 69.11
C LYS R 206 -0.67 105.72 69.36
N ASP R 207 -1.73 106.32 69.91
CA ASP R 207 -3.00 105.60 70.12
C ASP R 207 -3.72 105.30 68.80
N VAL R 208 -3.76 106.26 67.88
CA VAL R 208 -4.30 106.01 66.52
C VAL R 208 -3.44 104.96 65.82
N ARG R 209 -2.12 105.08 65.91
CA ARG R 209 -1.18 104.12 65.33
C ARG R 209 -1.35 102.72 65.94
N GLU R 210 -1.60 102.62 67.24
CA GLU R 210 -1.95 101.37 67.91
C GLU R 210 -3.27 100.81 67.37
N ILE R 211 -4.31 101.63 67.28
CA ILE R 211 -5.59 101.20 66.73
C ILE R 211 -5.39 100.64 65.31
N VAL R 212 -4.66 101.36 64.47
CA VAL R 212 -4.36 100.92 63.10
C VAL R 212 -3.52 99.64 63.11
N ARG R 213 -2.54 99.51 64.01
CA ARG R 213 -1.78 98.26 64.19
C ARG R 213 -2.73 97.11 64.51
N ASP R 214 -3.61 97.29 65.49
CA ASP R 214 -4.57 96.25 65.90
C ASP R 214 -5.49 95.88 64.74
N ALA R 215 -5.98 96.86 63.98
CA ALA R 215 -6.78 96.60 62.81
C ALA R 215 -5.98 95.82 61.76
N LEU R 216 -4.72 96.18 61.51
CA LEU R 216 -3.88 95.48 60.54
C LEU R 216 -3.49 94.08 61.00
N GLU R 217 -3.28 93.85 62.29
CA GLU R 217 -3.18 92.49 62.84
C GLU R 217 -4.44 91.71 62.53
N LEU R 218 -5.60 92.23 62.91
CA LEU R 218 -6.88 91.55 62.68
C LEU R 218 -7.09 91.26 61.18
N ALA R 219 -6.81 92.23 60.31
CA ALA R 219 -6.93 92.08 58.87
C ALA R 219 -5.95 91.05 58.31
N SER R 220 -4.73 90.97 58.85
CA SER R 220 -3.74 89.97 58.45
C SER R 220 -4.16 88.55 58.90
N ARG R 221 -4.72 88.43 60.11
CA ARG R 221 -5.03 87.15 60.77
C ARG R 221 -6.38 86.56 60.37
N SER R 222 -7.39 87.40 60.19
CA SER R 222 -8.73 86.97 59.73
C SER R 222 -8.75 86.63 58.23
N THR R 223 -9.83 85.99 57.77
CA THR R 223 -9.98 85.45 56.40
C THR R 223 -11.37 85.66 55.80
N ASN R 224 -12.05 86.77 56.14
CA ASN R 224 -13.39 87.11 55.62
C ASN R 224 -13.46 88.56 55.15
N ASP R 225 -13.97 88.78 53.93
CA ASP R 225 -14.01 90.09 53.30
C ASP R 225 -14.84 91.11 54.08
N GLU R 226 -15.97 90.71 54.66
CA GLU R 226 -16.85 91.62 55.41
C GLU R 226 -16.18 92.08 56.71
N VAL R 227 -15.56 91.14 57.45
CA VAL R 227 -14.72 91.47 58.61
C VAL R 227 -13.62 92.44 58.21
N ILE R 228 -12.86 92.14 57.15
CA ILE R 228 -11.73 92.95 56.71
C ILE R 228 -12.20 94.35 56.30
N ARG R 229 -13.24 94.46 55.48
CA ARG R 229 -13.76 95.75 55.04
C ARG R 229 -14.27 96.57 56.21
N LEU R 230 -15.01 95.97 57.14
CA LEU R 230 -15.45 96.66 58.35
C LEU R 230 -14.26 97.14 59.18
N ALA R 231 -13.28 96.28 59.40
CA ALA R 231 -12.10 96.62 60.19
C ALA R 231 -11.33 97.78 59.54
N LEU R 232 -11.10 97.72 58.24
CA LEU R 232 -10.31 98.75 57.56
C LEU R 232 -11.11 100.04 57.39
N GLU R 233 -12.44 99.97 57.23
CA GLU R 233 -13.29 101.16 57.34
C GLU R 233 -13.18 101.78 58.74
N ALA R 234 -13.20 100.97 59.80
CA ALA R 234 -12.94 101.47 61.14
C ALA R 234 -11.54 102.07 61.26
N ALA R 235 -10.52 101.49 60.61
CA ALA R 235 -9.17 102.04 60.63
C ALA R 235 -9.09 103.41 59.94
N VAL R 236 -9.74 103.54 58.78
CA VAL R 236 -9.86 104.83 58.09
C VAL R 236 -10.62 105.84 58.96
N LEU R 237 -11.70 105.43 59.61
CA LEU R 237 -12.45 106.30 60.52
C LEU R 237 -11.63 106.71 61.75
N ALA R 238 -10.80 105.82 62.30
CA ALA R 238 -9.87 106.16 63.36
C ALA R 238 -8.83 107.19 62.89
N ALA R 239 -8.38 107.09 61.63
CA ALA R 239 -7.48 108.07 61.04
C ALA R 239 -8.15 109.43 60.71
N ARG R 240 -9.45 109.44 60.36
CA ARG R 240 -10.22 110.65 60.02
C ARG R 240 -10.84 111.36 61.24
N SER R 241 -11.26 110.63 62.26
CA SER R 241 -11.71 111.17 63.56
C SER R 241 -10.52 111.54 64.46
N THR R 242 -10.76 112.05 65.67
CA THR R 242 -9.70 112.46 66.63
C THR R 242 -10.14 112.43 68.10
N ASP R 243 -11.43 112.63 68.39
CA ASP R 243 -11.92 112.75 69.78
C ASP R 243 -11.69 111.47 70.59
N SER R 244 -11.19 111.60 71.82
CA SER R 244 -10.65 110.48 72.61
C SER R 244 -11.70 109.40 72.88
N ASP R 245 -12.94 109.77 73.19
CA ASP R 245 -14.03 108.81 73.41
C ASP R 245 -14.28 107.91 72.19
N VAL R 246 -14.17 108.45 70.97
CA VAL R 246 -14.32 107.65 69.74
C VAL R 246 -13.16 106.66 69.63
N LEU R 247 -11.93 107.10 69.86
CA LEU R 247 -10.75 106.23 69.83
C LEU R 247 -10.83 105.15 70.93
N GLU R 248 -11.28 105.51 72.13
CA GLU R 248 -11.48 104.57 73.23
C GLU R 248 -12.56 103.52 72.91
N ILE R 249 -13.69 103.94 72.34
CA ILE R 249 -14.75 103.02 71.88
C ILE R 249 -14.20 102.09 70.80
N VAL R 250 -13.44 102.61 69.83
CA VAL R 250 -12.79 101.78 68.82
C VAL R 250 -11.83 100.80 69.48
N LYS R 251 -10.99 101.25 70.44
CA LYS R 251 -10.03 100.36 71.12
C LYS R 251 -10.74 99.30 71.96
N ASP R 252 -11.83 99.65 72.63
CA ASP R 252 -12.68 98.68 73.32
C ASP R 252 -13.26 97.66 72.34
N ALA R 253 -13.77 98.12 71.19
CA ALA R 253 -14.30 97.22 70.18
C ALA R 253 -13.21 96.28 69.62
N LEU R 254 -12.01 96.81 69.37
CA LEU R 254 -10.87 96.01 68.92
C LEU R 254 -10.35 95.06 70.00
N GLU R 255 -10.37 95.46 71.28
CA GLU R 255 -10.04 94.55 72.39
C GLU R 255 -11.04 93.39 72.42
N LEU R 256 -12.34 93.68 72.38
CA LEU R 256 -13.38 92.66 72.33
C LEU R 256 -13.19 91.77 71.09
N ALA R 257 -12.91 92.35 69.93
CA ALA R 257 -12.69 91.60 68.70
C ALA R 257 -11.44 90.70 68.76
N LYS R 258 -10.37 91.11 69.46
CA LYS R 258 -9.17 90.29 69.62
C LYS R 258 -9.38 89.19 70.67
N GLN R 259 -10.13 89.47 71.74
CA GLN R 259 -10.39 88.52 72.82
C GLN R 259 -11.46 87.47 72.47
N SER R 260 -12.52 87.85 71.75
CA SER R 260 -13.59 86.93 71.31
C SER R 260 -13.18 86.09 70.09
N THR R 261 -13.88 84.97 69.85
CA THR R 261 -13.62 84.06 68.72
C THR R 261 -14.94 83.77 67.95
N ASN R 262 -15.58 84.84 67.47
CA ASN R 262 -16.86 84.78 66.74
C ASN R 262 -16.95 85.95 65.74
N GLU R 263 -17.04 85.65 64.45
CA GLU R 263 -17.06 86.67 63.39
C GLU R 263 -18.29 87.58 63.45
N GLU R 264 -19.46 87.10 63.88
CA GLU R 264 -20.63 87.97 64.03
C GLU R 264 -20.47 88.92 65.21
N VAL R 265 -19.89 88.49 66.32
CA VAL R 265 -19.52 89.37 67.44
C VAL R 265 -18.52 90.44 66.98
N ILE R 266 -17.48 90.03 66.24
CA ILE R 266 -16.49 90.95 65.68
C ILE R 266 -17.18 91.98 64.77
N LYS R 267 -17.99 91.53 63.82
CA LYS R 267 -18.68 92.43 62.89
C LYS R 267 -19.68 93.35 63.60
N LEU R 268 -20.42 92.87 64.60
CA LEU R 268 -21.29 93.71 65.41
C LEU R 268 -20.50 94.77 66.19
N ALA R 269 -19.39 94.38 66.82
CA ALA R 269 -18.54 95.33 67.55
C ALA R 269 -17.95 96.39 66.59
N LEU R 270 -17.45 95.97 65.44
CA LEU R 270 -16.95 96.87 64.41
C LEU R 270 -18.06 97.79 63.89
N LYS R 271 -19.26 97.25 63.60
CA LYS R 271 -20.43 98.06 63.21
C LYS R 271 -20.74 99.11 64.27
N ALA R 272 -20.83 98.71 65.54
CA ALA R 272 -21.12 99.65 66.62
C ALA R 272 -20.06 100.76 66.72
N ALA R 273 -18.77 100.41 66.62
CA ALA R 273 -17.68 101.38 66.61
C ALA R 273 -17.69 102.29 65.36
N VAL R 274 -18.02 101.74 64.19
CA VAL R 274 -18.16 102.51 62.94
C VAL R 274 -19.29 103.53 63.08
N LEU R 275 -20.45 103.12 63.58
CA LEU R 275 -21.57 104.01 63.83
C LEU R 275 -21.20 105.09 64.86
N ALA R 276 -20.54 104.71 65.95
CA ALA R 276 -20.04 105.68 66.93
C ALA R 276 -19.09 106.71 66.28
N ALA R 277 -18.11 106.26 65.49
CA ALA R 277 -17.17 107.16 64.81
C ALA R 277 -17.83 108.08 63.76
N LYS R 278 -18.90 107.62 63.09
CA LYS R 278 -19.70 108.45 62.17
C LYS R 278 -20.68 109.39 62.88
N SER R 279 -21.11 109.05 64.10
CA SER R 279 -22.10 109.83 64.88
C SER R 279 -21.56 111.16 65.40
N THR R 280 -22.48 112.12 65.62
CA THR R 280 -22.22 113.33 66.43
C THR R 280 -22.76 113.20 67.87
N ASP R 281 -23.73 112.31 68.10
CA ASP R 281 -24.47 112.21 69.37
C ASP R 281 -23.69 111.49 70.48
N GLU R 282 -23.28 112.24 71.51
CA GLU R 282 -22.60 111.69 72.69
C GLU R 282 -23.44 110.64 73.43
N GLU R 283 -24.78 110.64 73.33
CA GLU R 283 -25.60 109.60 73.94
C GLU R 283 -25.51 108.27 73.17
N VAL R 284 -25.26 108.30 71.86
CA VAL R 284 -24.93 107.10 71.08
C VAL R 284 -23.53 106.61 71.45
N LEU R 285 -22.56 107.53 71.61
CA LEU R 285 -21.24 107.15 72.12
C LEU R 285 -21.36 106.47 73.50
N GLU R 286 -22.08 107.06 74.44
CA GLU R 286 -22.29 106.49 75.77
C GLU R 286 -23.05 105.15 75.73
N GLU R 287 -24.10 104.99 74.94
CA GLU R 287 -24.80 103.71 74.86
C GLU R 287 -23.91 102.64 74.21
N VAL R 288 -23.15 102.96 73.17
CA VAL R 288 -22.19 102.02 72.58
C VAL R 288 -21.08 101.68 73.58
N LYS R 289 -20.56 102.66 74.30
CA LYS R 289 -19.57 102.47 75.37
C LYS R 289 -20.12 101.55 76.46
N GLU R 290 -21.36 101.77 76.89
CA GLU R 290 -22.02 100.92 77.87
C GLU R 290 -22.31 99.52 77.32
N ALA R 291 -22.74 99.38 76.07
CA ALA R 291 -22.91 98.07 75.44
C ALA R 291 -21.58 97.29 75.39
N LEU R 292 -20.48 97.95 75.04
CA LEU R 292 -19.14 97.35 75.10
C LEU R 292 -18.72 97.03 76.55
N ARG R 293 -19.04 97.89 77.52
CA ARG R 293 -18.77 97.61 78.94
C ARG R 293 -19.54 96.37 79.40
N ARG R 294 -20.84 96.30 79.12
CA ARG R 294 -21.66 95.10 79.35
C ARG R 294 -21.04 93.89 78.66
N ALA R 295 -20.58 94.04 77.41
CA ALA R 295 -19.98 92.95 76.65
C ALA R 295 -18.66 92.43 77.27
N LYS R 296 -17.80 93.28 77.83
CA LYS R 296 -16.56 92.82 78.50
C LYS R 296 -16.76 92.39 79.95
N GLU R 297 -17.78 92.89 80.65
CA GLU R 297 -18.14 92.42 82.00
C GLU R 297 -18.88 91.06 81.97
N SER R 298 -19.71 90.82 80.95
CA SER R 298 -20.33 89.51 80.67
C SER R 298 -19.38 88.56 79.93
N THR R 299 -19.85 87.34 79.64
CA THR R 299 -19.04 86.28 78.98
C THR R 299 -19.81 85.45 77.94
N ASP R 300 -21.14 85.38 78.02
CA ASP R 300 -21.99 84.66 77.05
C ASP R 300 -22.06 85.39 75.70
N GLU R 301 -21.71 84.70 74.60
CA GLU R 301 -21.79 85.25 73.25
C GLU R 301 -23.22 85.70 72.87
N GLU R 302 -24.26 85.07 73.42
CA GLU R 302 -25.64 85.49 73.17
C GLU R 302 -25.95 86.86 73.80
N GLU R 303 -25.46 87.12 75.01
CA GLU R 303 -25.63 88.44 75.67
C GLU R 303 -24.77 89.51 74.97
N ILE R 304 -23.54 89.17 74.58
CA ILE R 304 -22.65 90.07 73.81
C ILE R 304 -23.32 90.47 72.48
N LYS R 305 -23.83 89.50 71.70
CA LYS R 305 -24.56 89.78 70.46
C LYS R 305 -25.79 90.64 70.70
N GLU R 306 -26.62 90.33 71.70
CA GLU R 306 -27.85 91.09 71.96
C GLU R 306 -27.59 92.53 72.43
N GLU R 307 -26.63 92.78 73.32
CA GLU R 307 -26.29 94.15 73.72
C GLU R 307 -25.78 94.98 72.53
N LEU R 308 -24.86 94.43 71.73
CA LEU R 308 -24.39 95.10 70.52
C LEU R 308 -25.52 95.28 69.50
N ARG R 309 -26.39 94.29 69.29
CA ARG R 309 -27.53 94.38 68.37
C ARG R 309 -28.48 95.50 68.80
N LYS R 310 -28.85 95.58 70.07
CA LYS R 310 -29.74 96.64 70.59
C LYS R 310 -29.13 98.02 70.35
N ALA R 311 -27.84 98.21 70.66
CA ALA R 311 -27.16 99.47 70.39
C ALA R 311 -27.13 99.81 68.88
N VAL R 312 -26.82 98.84 68.02
CA VAL R 312 -26.81 99.03 66.56
C VAL R 312 -28.20 99.36 66.02
N GLU R 313 -29.24 98.66 66.45
CA GLU R 313 -30.62 98.94 66.03
C GLU R 313 -31.16 100.28 66.56
N GLU R 314 -30.59 100.83 67.64
CA GLU R 314 -30.87 102.20 68.09
C GLU R 314 -30.08 103.25 67.27
N ALA R 315 -28.88 102.90 66.79
CA ALA R 315 -27.95 103.83 66.13
C ALA R 315 -28.11 103.95 64.59
N GLU R 316 -28.54 102.91 63.88
CA GLU R 316 -28.79 102.95 62.41
C GLU R 316 -30.04 103.74 62.00
N CYS S 3 117.28 5.96 -6.11
CA CYS S 3 117.11 7.38 -6.49
C CYS S 3 116.39 8.13 -5.37
N ASP S 4 117.10 8.55 -4.32
CA ASP S 4 116.51 8.87 -3.02
C ASP S 4 115.45 9.99 -3.08
N ALA S 5 115.74 11.11 -3.75
CA ALA S 5 114.79 12.22 -3.83
C ALA S 5 113.50 11.81 -4.56
N ILE S 6 113.60 10.97 -5.58
CA ILE S 6 112.44 10.46 -6.30
C ILE S 6 111.70 9.44 -5.42
N GLN S 7 112.43 8.58 -4.69
CA GLN S 7 111.83 7.63 -3.76
C GLN S 7 111.02 8.35 -2.67
N ALA S 8 111.55 9.46 -2.16
CA ALA S 8 110.81 10.29 -1.21
C ALA S 8 109.52 10.85 -1.84
N ALA S 9 109.58 11.30 -3.10
CA ALA S 9 108.38 11.72 -3.82
C ALA S 9 107.39 10.54 -3.98
N ALA S 10 107.88 9.34 -4.29
CA ALA S 10 107.03 8.17 -4.42
C ALA S 10 106.36 7.82 -3.08
N ALA S 11 107.08 7.91 -1.96
CA ALA S 11 106.49 7.72 -0.64
C ALA S 11 105.37 8.72 -0.36
N LEU S 12 105.58 10.01 -0.69
CA LEU S 12 104.52 11.03 -0.56
C LEU S 12 103.35 10.79 -1.52
N GLY S 13 103.60 10.21 -2.69
CA GLY S 13 102.57 9.76 -3.62
C GLY S 13 101.74 8.60 -3.06
N GLU S 14 102.37 7.60 -2.45
CA GLU S 14 101.67 6.51 -1.77
C GLU S 14 100.85 7.00 -0.57
N ALA S 15 101.33 8.01 0.15
CA ALA S 15 100.58 8.69 1.20
C ALA S 15 99.41 9.56 0.67
N GLY S 16 99.31 9.76 -0.65
CA GLY S 16 98.22 10.52 -1.26
C GLY S 16 98.32 12.04 -1.09
N ILE S 17 99.52 12.57 -0.87
CA ILE S 17 99.73 14.02 -0.65
C ILE S 17 99.49 14.82 -1.94
N SER S 18 98.87 15.99 -1.83
CA SER S 18 98.62 16.89 -2.97
C SER S 18 99.93 17.39 -3.59
N SER S 19 100.03 17.45 -4.91
CA SER S 19 101.28 17.76 -5.61
C SER S 19 101.89 19.10 -5.23
N ASN S 20 101.10 20.16 -5.05
CA ASN S 20 101.61 21.44 -4.56
C ASN S 20 102.21 21.30 -3.15
N GLU S 21 101.59 20.50 -2.27
CA GLU S 21 102.14 20.24 -0.94
C GLU S 21 103.36 19.30 -1.00
N ILE S 22 103.44 18.37 -1.95
CA ILE S 22 104.67 17.61 -2.18
C ILE S 22 105.78 18.60 -2.55
N LEU S 23 105.51 19.51 -3.49
CA LEU S 23 106.50 20.52 -3.88
C LEU S 23 106.89 21.40 -2.70
N GLU S 24 105.96 21.76 -1.83
CA GLU S 24 106.31 22.50 -0.62
C GLU S 24 107.18 21.65 0.32
N LEU S 25 106.83 20.37 0.54
CA LEU S 25 107.62 19.48 1.40
C LEU S 25 109.00 19.25 0.82
N LEU S 26 109.11 19.20 -0.51
CA LEU S 26 110.38 19.19 -1.20
C LEU S 26 111.12 20.52 -1.03
N ALA S 27 110.44 21.65 -1.07
CA ALA S 27 111.06 22.95 -0.79
C ALA S 27 111.62 22.98 0.64
N ALA S 28 110.84 22.49 1.61
CA ALA S 28 111.30 22.33 2.98
C ALA S 28 112.49 21.37 3.04
N ALA S 29 112.46 20.27 2.29
CA ALA S 29 113.57 19.34 2.24
C ALA S 29 114.83 20.02 1.73
N ALA S 30 114.73 20.91 0.75
CA ALA S 30 115.87 21.72 0.33
C ALA S 30 116.29 22.71 1.42
N GLU S 31 115.35 23.45 2.01
CA GLU S 31 115.66 24.50 2.98
C GLU S 31 116.29 23.96 4.26
N LEU S 32 115.66 22.95 4.88
CA LEU S 32 116.14 22.32 6.10
C LEU S 32 117.18 21.23 5.83
N GLY S 33 117.34 20.80 4.57
CA GLY S 33 118.21 19.68 4.22
C GLY S 33 117.66 18.32 4.67
N LEU S 34 116.33 18.14 4.64
CA LEU S 34 115.67 16.92 5.14
C LEU S 34 116.17 15.67 4.41
N ASP S 35 116.56 14.64 5.16
CA ASP S 35 116.88 13.33 4.60
C ASP S 35 115.60 12.51 4.31
N PRO S 36 115.67 11.43 3.51
CA PRO S 36 114.50 10.64 3.14
C PRO S 36 113.71 10.08 4.33
N ASP S 37 114.34 9.78 5.45
CA ASP S 37 113.61 9.32 6.64
C ASP S 37 112.91 10.48 7.34
N ALA S 38 113.51 11.68 7.37
CA ALA S 38 112.82 12.88 7.83
C ALA S 38 111.63 13.23 6.92
N ILE S 39 111.78 13.08 5.60
CA ILE S 39 110.66 13.23 4.67
C ILE S 39 109.63 12.10 4.89
N GLN S 40 110.04 10.88 5.22
CA GLN S 40 109.11 9.80 5.57
C GLN S 40 108.33 10.12 6.85
N ALA S 41 108.97 10.73 7.85
CA ALA S 41 108.26 11.24 9.02
C ALA S 41 107.24 12.32 8.62
N ALA S 42 107.59 13.22 7.69
CA ALA S 42 106.62 14.17 7.13
C ALA S 42 105.45 13.44 6.43
N ALA S 43 105.73 12.39 5.65
CA ALA S 43 104.68 11.59 5.01
C ALA S 43 103.76 10.94 6.05
N GLN S 44 104.32 10.36 7.11
CA GLN S 44 103.54 9.76 8.19
C GLN S 44 102.73 10.80 8.98
N LEU S 45 103.24 12.01 9.20
CA LEU S 45 102.45 13.11 9.76
C LEU S 45 101.34 13.55 8.80
N GLY S 46 101.56 13.45 7.48
CA GLY S 46 100.53 13.62 6.47
C GLY S 46 99.45 12.54 6.53
N GLU S 47 99.82 11.27 6.77
CA GLU S 47 98.87 10.19 7.04
C GLU S 47 98.10 10.41 8.35
N ALA S 48 98.74 11.02 9.36
CA ALA S 48 98.07 11.50 10.58
C ALA S 48 97.19 12.75 10.37
N GLY S 49 97.16 13.31 9.15
CA GLY S 49 96.29 14.43 8.76
C GLY S 49 96.84 15.83 9.08
N ILE S 50 98.09 15.94 9.51
CA ILE S 50 98.73 17.24 9.80
C ILE S 50 99.05 17.98 8.49
N SER S 51 98.79 19.29 8.39
CA SER S 51 99.14 20.06 7.18
C SER S 51 100.66 20.24 7.03
N SER S 52 101.12 20.31 5.79
CA SER S 52 102.54 20.53 5.48
C SER S 52 103.08 21.81 6.13
N GLU S 53 102.25 22.83 6.37
CA GLU S 53 102.70 24.06 7.01
C GLU S 53 103.15 23.76 8.44
N GLU S 54 102.30 23.13 9.23
CA GLU S 54 102.63 22.75 10.60
C GLU S 54 103.81 21.80 10.59
N ILE S 55 103.82 20.79 9.70
CA ILE S 55 104.94 19.87 9.60
C ILE S 55 106.23 20.66 9.38
N LYS S 56 106.22 21.63 8.45
CA LYS S 56 107.40 22.43 8.13
C LYS S 56 107.86 23.20 9.35
N GLU S 57 106.95 23.90 10.02
CA GLU S 57 107.32 24.60 11.25
C GLU S 57 107.81 23.63 12.34
N LEU S 58 107.23 22.43 12.44
CA LEU S 58 107.63 21.46 13.44
C LEU S 58 109.04 20.96 13.14
N LEU S 59 109.31 20.58 11.90
CA LEU S 59 110.65 20.18 11.50
C LEU S 59 111.63 21.34 11.67
N ARG S 60 111.21 22.56 11.36
CA ARG S 60 112.00 23.78 11.61
C ARG S 60 112.33 23.90 13.09
N ALA S 61 111.37 23.66 13.97
CA ALA S 61 111.65 23.65 15.40
C ALA S 61 112.60 22.51 15.79
N ALA S 62 112.40 21.30 15.29
CA ALA S 62 113.28 20.17 15.55
C ALA S 62 114.72 20.47 15.12
N HIS S 63 114.87 21.13 13.96
CA HIS S 63 116.15 21.62 13.44
C HIS S 63 116.74 22.74 14.32
N GLU S 64 115.92 23.68 14.79
CA GLU S 64 116.35 24.72 15.74
C GLU S 64 116.72 24.18 17.13
N LEU S 65 116.25 22.98 17.50
CA LEU S 65 116.73 22.24 18.66
C LEU S 65 117.94 21.34 18.35
N GLY S 66 118.19 21.01 17.09
CA GLY S 66 119.20 20.03 16.69
C GLY S 66 118.86 18.60 17.17
N LEU S 67 117.58 18.22 17.12
CA LEU S 67 117.11 16.91 17.59
C LEU S 67 117.72 15.74 16.79
N ASP S 68 117.86 14.58 17.44
CA ASP S 68 118.34 13.35 16.82
C ASP S 68 117.27 12.70 15.91
N PRO S 69 117.69 11.93 14.88
CA PRO S 69 116.78 11.26 13.96
C PRO S 69 115.75 10.35 14.64
N ASP S 70 116.09 9.68 15.74
CA ASP S 70 115.15 8.79 16.42
C ASP S 70 114.00 9.58 17.07
N ALA S 71 114.29 10.69 17.74
CA ALA S 71 113.24 11.59 18.22
C ALA S 71 112.43 12.17 17.05
N ILE S 72 113.06 12.57 15.96
CA ILE S 72 112.35 13.12 14.80
C ILE S 72 111.42 12.05 14.20
N ALA S 73 111.86 10.82 14.06
CA ALA S 73 110.99 9.72 13.65
C ALA S 73 109.88 9.50 14.68
N ALA S 74 110.21 9.51 15.97
CA ALA S 74 109.23 9.39 17.03
C ALA S 74 108.19 10.53 17.00
N ALA S 75 108.50 11.69 16.42
CA ALA S 75 107.49 12.73 16.21
C ALA S 75 106.34 12.23 15.34
N ALA S 76 106.63 11.42 14.32
CA ALA S 76 105.59 10.78 13.53
C ALA S 76 104.87 9.66 14.31
N ASP S 77 105.53 9.03 15.27
CA ASP S 77 104.85 8.09 16.18
C ASP S 77 103.89 8.82 17.12
N LEU S 78 104.27 9.99 17.66
CA LEU S 78 103.35 10.86 18.38
C LEU S 78 102.18 11.32 17.47
N GLY S 79 102.45 11.52 16.18
CA GLY S 79 101.42 11.75 15.16
C GLY S 79 100.44 10.58 15.03
N GLN S 80 100.95 9.35 14.92
CA GLN S 80 100.11 8.13 14.88
C GLN S 80 99.31 7.94 16.19
N ALA S 81 99.87 8.35 17.33
CA ALA S 81 99.18 8.38 18.62
C ALA S 81 98.09 9.48 18.73
N GLY S 82 97.95 10.36 17.72
CA GLY S 82 96.91 11.40 17.68
C GLY S 82 97.18 12.62 18.56
N VAL S 83 98.43 12.84 18.98
CA VAL S 83 98.84 13.98 19.83
C VAL S 83 98.62 15.32 19.11
N SER S 84 98.23 16.38 19.84
CA SER S 84 98.04 17.72 19.26
C SER S 84 99.33 18.23 18.61
N PRO S 85 99.24 18.99 17.50
CA PRO S 85 100.42 19.47 16.79
C PRO S 85 101.41 20.18 17.70
N VAL S 86 100.91 21.08 18.55
CA VAL S 86 101.75 21.74 19.54
C VAL S 86 102.27 20.72 20.55
N GLU S 87 101.43 19.81 21.03
CA GLU S 87 101.84 18.83 22.04
C GLU S 87 102.95 17.92 21.54
N ILE S 88 103.01 17.62 20.24
CA ILE S 88 104.17 16.91 19.69
C ILE S 88 105.42 17.72 20.03
N LEU S 89 105.43 19.00 19.68
CA LEU S 89 106.58 19.85 19.95
C LEU S 89 106.86 19.95 21.44
N ALA S 90 105.82 20.05 22.25
CA ALA S 90 106.00 20.08 23.68
C ALA S 90 106.72 18.82 24.14
N LEU S 91 106.23 17.64 23.74
CA LEU S 91 106.84 16.39 24.16
C LEU S 91 108.26 16.27 23.65
N LEU S 92 108.52 16.68 22.41
CA LEU S 92 109.88 16.69 21.87
C LEU S 92 110.78 17.59 22.73
N ILE S 93 110.37 18.84 22.94
CA ILE S 93 111.16 19.78 23.72
C ILE S 93 111.38 19.20 25.10
N ALA S 94 110.34 18.72 25.75
CA ALA S 94 110.44 18.22 27.09
C ALA S 94 111.41 17.05 27.17
N ALA S 95 111.23 16.04 26.33
CA ALA S 95 112.10 14.88 26.33
C ALA S 95 113.55 15.33 26.14
N SER S 96 113.78 16.22 25.17
CA SER S 96 115.12 16.68 24.84
C SER S 96 115.74 17.45 26.01
N VAL S 97 114.96 18.31 26.67
CA VAL S 97 115.44 19.11 27.79
C VAL S 97 115.71 18.22 29.00
N LEU S 98 114.86 17.22 29.24
CA LEU S 98 115.09 16.21 30.26
C LEU S 98 116.27 15.29 29.91
N GLY S 99 116.76 15.33 28.66
CA GLY S 99 117.85 14.49 28.19
C GLY S 99 117.47 13.01 28.06
N LEU S 100 116.19 12.71 27.90
CA LEU S 100 115.65 11.35 27.84
C LEU S 100 115.94 10.65 26.50
N ASP S 101 115.97 9.32 26.54
CA ASP S 101 116.04 8.44 25.37
C ASP S 101 114.72 8.40 24.57
N PRO S 102 114.73 7.96 23.32
CA PRO S 102 113.53 7.89 22.49
C PRO S 102 112.52 6.82 22.93
N ASP S 103 112.91 5.81 23.72
CA ASP S 103 111.93 4.87 24.26
C ASP S 103 111.03 5.55 25.30
N ALA S 104 111.53 6.55 26.04
CA ALA S 104 110.67 7.41 26.83
C ALA S 104 109.68 8.18 25.94
N ILE S 105 110.07 8.56 24.72
CA ILE S 105 109.14 9.17 23.76
C ILE S 105 108.12 8.13 23.27
N GLN S 106 108.53 6.88 23.05
CA GLN S 106 107.55 5.82 22.76
C GLN S 106 106.59 5.60 23.93
N ALA S 107 107.05 5.70 25.18
CA ALA S 107 106.18 5.67 26.33
C ALA S 107 105.21 6.86 26.34
N ALA S 108 105.68 8.05 25.96
CA ALA S 108 104.81 9.20 25.76
C ALA S 108 103.78 8.92 24.66
N ALA S 109 104.16 8.25 23.57
CA ALA S 109 103.21 7.87 22.53
C ALA S 109 102.16 6.90 23.07
N ALA S 110 102.54 5.90 23.86
CA ALA S 110 101.61 5.00 24.53
C ALA S 110 100.67 5.75 25.48
N LEU S 111 101.18 6.70 26.26
CA LEU S 111 100.36 7.56 27.11
C LEU S 111 99.42 8.45 26.26
N GLY S 112 99.85 8.85 25.07
CA GLY S 112 99.02 9.55 24.08
C GLY S 112 97.87 8.68 23.56
N GLU S 113 98.13 7.40 23.25
CA GLU S 113 97.06 6.44 22.92
C GLU S 113 96.10 6.20 24.10
N ALA S 114 96.60 6.26 25.33
CA ALA S 114 95.79 6.26 26.55
C ALA S 114 95.04 7.58 26.83
N GLY S 115 95.26 8.62 26.01
CA GLY S 115 94.54 9.90 26.09
C GLY S 115 95.06 10.88 27.16
N ILE S 116 96.23 10.63 27.72
CA ILE S 116 96.87 11.47 28.76
C ILE S 116 97.39 12.79 28.15
N SER S 117 97.20 13.94 28.81
CA SER S 117 97.70 15.22 28.29
C SER S 117 99.21 15.33 28.33
N ALA S 118 99.81 16.14 27.46
CA ALA S 118 101.27 16.34 27.49
C ALA S 118 101.74 16.88 28.84
N GLU S 119 100.95 17.71 29.52
CA GLU S 119 101.31 18.18 30.87
C GLU S 119 101.39 17.02 31.85
N GLU S 120 100.40 16.12 31.84
CA GLU S 120 100.46 14.93 32.68
C GLU S 120 101.66 14.07 32.32
N ILE S 121 101.94 13.88 31.02
CA ILE S 121 103.11 13.10 30.61
C ILE S 121 104.37 13.76 31.14
N ILE S 122 104.54 15.06 30.92
CA ILE S 122 105.74 15.78 31.34
C ILE S 122 105.87 15.72 32.86
N GLU S 123 104.78 15.86 33.58
CA GLU S 123 104.76 15.69 35.02
C GLU S 123 105.21 14.29 35.40
N LEU S 124 104.66 13.27 34.76
CA LEU S 124 105.05 11.89 35.01
C LEU S 124 106.54 11.70 34.73
N LEU S 125 107.05 12.27 33.64
CA LEU S 125 108.47 12.18 33.31
C LEU S 125 109.30 12.93 34.35
N THR S 126 108.81 14.05 34.84
CA THR S 126 109.48 14.81 35.89
C THR S 126 109.54 13.98 37.17
N ALA S 127 108.44 13.35 37.56
CA ALA S 127 108.42 12.46 38.70
C ALA S 127 109.37 11.27 38.49
N ALA S 128 109.38 10.70 37.28
CA ALA S 128 110.27 9.59 36.96
C ALA S 128 111.74 10.02 37.08
N ARG S 129 112.08 11.25 36.67
CA ARG S 129 113.40 11.84 36.86
C ARG S 129 113.72 11.94 38.35
N ASP S 130 112.81 12.52 39.13
CA ASP S 130 112.99 12.71 40.57
C ASP S 130 113.20 11.39 41.32
N LEU S 131 112.41 10.37 41.00
CA LEU S 131 112.51 9.03 41.58
C LEU S 131 113.72 8.23 41.03
N GLY S 132 114.30 8.64 39.89
CA GLY S 132 115.39 7.93 39.24
C GLY S 132 114.96 6.63 38.56
N LEU S 133 113.75 6.58 37.99
CA LEU S 133 113.21 5.40 37.31
C LEU S 133 113.93 5.10 35.98
N ASP S 134 113.78 3.86 35.50
CA ASP S 134 114.30 3.39 34.21
C ASP S 134 113.17 3.22 33.16
N PRO S 135 113.51 3.01 31.87
CA PRO S 135 112.50 2.84 30.81
C PRO S 135 111.51 1.70 31.04
N ASP S 136 111.90 0.61 31.71
CA ASP S 136 110.99 -0.50 32.00
C ASP S 136 109.93 -0.10 33.04
N ALA S 137 110.31 0.59 34.11
CA ALA S 137 109.35 1.15 35.07
C ALA S 137 108.44 2.20 34.39
N ILE S 138 109.00 3.06 33.53
CA ILE S 138 108.22 4.03 32.76
C ILE S 138 107.22 3.34 31.81
N GLN S 139 107.61 2.24 31.16
CA GLN S 139 106.68 1.45 30.34
C GLN S 139 105.57 0.80 31.18
N ALA S 140 105.91 0.26 32.35
CA ALA S 140 104.89 -0.25 33.26
C ALA S 140 103.94 0.87 33.74
N ALA S 141 104.44 2.09 33.96
CA ALA S 141 103.59 3.25 34.21
C ALA S 141 102.68 3.57 33.00
N ALA S 142 103.17 3.44 31.77
CA ALA S 142 102.32 3.56 30.60
C ALA S 142 101.22 2.48 30.57
N GLN S 143 101.51 1.25 31.00
CA GLN S 143 100.48 0.22 31.17
C GLN S 143 99.45 0.59 32.25
N LEU S 144 99.84 1.20 33.38
CA LEU S 144 98.88 1.76 34.35
C LEU S 144 98.04 2.89 33.73
N GLY S 145 98.62 3.69 32.85
CA GLY S 145 97.89 4.69 32.06
C GLY S 145 96.85 4.05 31.13
N GLU S 146 97.21 2.99 30.41
CA GLU S 146 96.27 2.21 29.59
C GLU S 146 95.16 1.56 30.43
N ALA S 147 95.45 1.17 31.67
CA ALA S 147 94.46 0.69 32.63
C ALA S 147 93.52 1.81 33.18
N GLY S 148 93.75 3.07 32.82
CA GLY S 148 92.91 4.20 33.21
C GLY S 148 93.16 4.74 34.63
N ILE S 149 94.27 4.35 35.26
CA ILE S 149 94.69 4.88 36.56
C ILE S 149 95.09 6.36 36.42
N SER S 150 94.69 7.24 37.33
CA SER S 150 95.00 8.68 37.19
C SER S 150 96.48 8.99 37.37
N SER S 151 96.94 10.10 36.79
CA SER S 151 98.34 10.55 36.91
C SER S 151 98.78 10.68 38.37
N GLU S 152 97.94 11.27 39.22
CA GLU S 152 98.23 11.39 40.65
C GLU S 152 98.34 10.02 41.32
N GLU S 153 97.42 9.10 41.03
CA GLU S 153 97.50 7.73 41.55
C GLU S 153 98.78 7.05 41.08
N ILE S 154 99.15 7.18 39.80
CA ILE S 154 100.41 6.61 39.30
C ILE S 154 101.59 7.23 40.06
N LYS S 155 101.60 8.54 40.26
CA LYS S 155 102.69 9.22 40.97
C LYS S 155 102.81 8.69 42.40
N GLU S 156 101.70 8.59 43.11
CA GLU S 156 101.69 8.00 44.44
C GLU S 156 102.11 6.53 44.42
N LEU S 157 101.66 5.74 43.44
CA LEU S 157 102.05 4.34 43.31
C LEU S 157 103.54 4.22 43.09
N LEU S 158 104.10 4.98 42.16
CA LEU S 158 105.53 4.97 41.91
C LEU S 158 106.29 5.43 43.14
N ARG S 159 105.78 6.45 43.86
CA ARG S 159 106.38 6.87 45.13
C ARG S 159 106.40 5.71 46.14
N ALA S 160 105.26 5.05 46.32
CA ALA S 160 105.18 3.90 47.23
C ALA S 160 106.15 2.79 46.81
N ALA S 161 106.21 2.47 45.51
CA ALA S 161 107.09 1.45 44.98
C ALA S 161 108.57 1.77 45.25
N HIS S 162 108.96 3.04 45.07
CA HIS S 162 110.31 3.52 45.35
C HIS S 162 110.63 3.48 46.85
N GLU S 163 109.69 3.89 47.70
CA GLU S 163 109.84 3.81 49.16
C GLU S 163 109.94 2.35 49.67
N LEU S 164 109.23 1.42 49.01
CA LEU S 164 109.35 -0.01 49.24
C LEU S 164 110.64 -0.63 48.65
N GLY S 165 111.35 0.07 47.76
CA GLY S 165 112.52 -0.48 47.07
C GLY S 165 112.18 -1.60 46.08
N LEU S 166 111.02 -1.51 45.44
CA LEU S 166 110.58 -2.45 44.40
C LEU S 166 111.41 -2.31 43.10
N ASP S 167 111.11 -3.16 42.11
CA ASP S 167 111.79 -3.17 40.81
C ASP S 167 110.76 -3.18 39.64
N PRO S 168 111.19 -2.98 38.39
CA PRO S 168 110.27 -2.89 37.24
C PRO S 168 109.35 -4.10 37.05
N ASP S 169 109.77 -5.32 37.41
CA ASP S 169 108.87 -6.49 37.35
C ASP S 169 107.80 -6.42 38.45
N CYS S 170 108.15 -5.87 39.63
CA CYS S 170 107.15 -5.60 40.65
C CYS S 170 106.14 -4.55 40.16
N ILE S 171 106.61 -3.49 39.51
CA ILE S 171 105.73 -2.45 38.95
C ILE S 171 104.88 -3.04 37.81
N ALA S 172 105.42 -3.95 36.99
CA ALA S 172 104.62 -4.68 36.02
C ALA S 172 103.54 -5.56 36.69
N ALA S 173 103.84 -6.21 37.81
CA ALA S 173 102.84 -6.91 38.60
C ALA S 173 101.78 -5.94 39.19
N ALA S 174 102.18 -4.72 39.58
CA ALA S 174 101.23 -3.68 39.97
C ALA S 174 100.33 -3.28 38.78
N ALA S 175 100.89 -3.16 37.57
CA ALA S 175 100.10 -2.92 36.37
C ALA S 175 99.17 -4.11 36.03
N ASP S 176 99.59 -5.34 36.33
CA ASP S 176 98.76 -6.54 36.18
C ASP S 176 97.52 -6.48 37.11
N LEU S 177 97.71 -6.08 38.37
CA LEU S 177 96.60 -5.79 39.30
C LEU S 177 95.74 -4.62 38.81
N GLY S 178 96.34 -3.59 38.21
CA GLY S 178 95.61 -2.48 37.58
C GLY S 178 94.71 -2.94 36.43
N GLN S 179 95.21 -3.80 35.54
CA GLN S 179 94.43 -4.41 34.46
C GLN S 179 93.35 -5.39 34.99
N ALA S 180 93.58 -6.01 36.15
CA ALA S 180 92.54 -6.75 36.87
C ALA S 180 91.47 -5.83 37.53
N GLY S 181 91.60 -4.50 37.45
CA GLY S 181 90.62 -3.53 37.95
C GLY S 181 90.73 -3.22 39.44
N ILE S 182 91.80 -3.64 40.11
CA ILE S 182 92.05 -3.37 41.53
C ILE S 182 92.30 -1.86 41.74
N SER S 183 91.73 -1.26 42.80
CA SER S 183 91.94 0.17 43.07
C SER S 183 93.39 0.48 43.44
N SER S 184 93.86 1.70 43.19
CA SER S 184 95.22 2.14 43.57
C SER S 184 95.49 1.90 45.06
N SER S 185 94.49 2.16 45.92
CA SER S 185 94.57 1.88 47.34
C SER S 185 94.82 0.39 47.61
N GLU S 186 94.02 -0.48 46.98
CA GLU S 186 94.18 -1.93 47.16
C GLU S 186 95.47 -2.46 46.54
N ILE S 187 95.92 -1.93 45.40
CA ILE S 187 97.25 -2.24 44.88
C ILE S 187 98.28 -1.87 45.94
N THR S 188 98.20 -0.66 46.50
CA THR S 188 99.16 -0.20 47.51
C THR S 188 99.17 -1.14 48.71
N ALA S 189 97.99 -1.53 49.19
CA ALA S 189 97.86 -2.51 50.25
C ALA S 189 98.55 -3.83 49.86
N LEU S 190 98.26 -4.37 48.69
CA LEU S 190 98.84 -5.63 48.24
C LEU S 190 100.36 -5.53 48.09
N LEU S 191 100.87 -4.39 47.63
CA LEU S 191 102.31 -4.15 47.59
C LEU S 191 102.89 -4.19 48.99
N LEU S 192 102.31 -3.43 49.93
CA LEU S 192 102.76 -3.42 51.32
C LEU S 192 102.74 -4.84 51.90
N ALA S 193 101.66 -5.58 51.66
CA ALA S 193 101.49 -6.93 52.17
C ALA S 193 102.54 -7.88 51.58
N ALA S 194 102.68 -7.90 50.25
CA ALA S 194 103.64 -8.76 49.59
C ALA S 194 105.06 -8.48 50.10
N ALA S 195 105.42 -7.20 50.22
CA ALA S 195 106.71 -6.80 50.74
C ALA S 195 106.88 -7.25 52.20
N ALA S 196 105.89 -6.97 53.05
CA ALA S 196 105.95 -7.38 54.45
C ALA S 196 106.12 -8.90 54.57
N ILE S 197 105.44 -9.68 53.72
CA ILE S 197 105.54 -11.15 53.75
C ILE S 197 106.93 -11.60 53.31
N GLU S 198 107.45 -11.08 52.20
CA GLU S 198 108.81 -11.41 51.79
C GLU S 198 109.79 -11.12 52.92
N LEU S 199 109.71 -9.93 53.51
CA LEU S 199 110.56 -9.57 54.64
C LEU S 199 110.34 -10.50 55.83
N ALA S 200 109.11 -10.82 56.20
CA ALA S 200 108.80 -11.69 57.34
C ALA S 200 109.19 -13.14 57.12
N LYS S 201 109.29 -13.57 55.86
CA LYS S 201 109.87 -14.86 55.48
C LYS S 201 111.39 -14.83 55.51
N ARG S 202 111.98 -13.69 55.12
CA ARG S 202 113.43 -13.53 54.96
C ARG S 202 114.13 -13.21 56.28
N ALA S 203 113.45 -12.53 57.20
CA ALA S 203 113.69 -12.65 58.63
C ALA S 203 113.13 -13.99 59.15
N ASP S 204 113.77 -14.60 60.15
CA ASP S 204 113.28 -15.82 60.81
C ASP S 204 112.31 -15.54 61.97
N ASP S 205 112.19 -14.28 62.40
CA ASP S 205 111.68 -13.94 63.72
C ASP S 205 110.18 -14.23 63.89
N LYS S 206 109.86 -15.12 64.84
CA LYS S 206 108.50 -15.41 65.27
C LYS S 206 107.71 -14.14 65.61
N ASP S 207 108.31 -13.12 66.22
CA ASP S 207 107.58 -11.93 66.67
C ASP S 207 107.23 -11.03 65.49
N VAL S 208 108.15 -10.87 64.53
CA VAL S 208 107.83 -10.23 63.25
C VAL S 208 106.71 -11.01 62.57
N ARG S 209 106.81 -12.34 62.56
CA ARG S 209 105.81 -13.21 61.94
C ARG S 209 104.45 -13.08 62.62
N GLU S 210 104.41 -13.03 63.95
CA GLU S 210 103.19 -12.74 64.70
C GLU S 210 102.61 -11.37 64.35
N ILE S 211 103.45 -10.33 64.34
CA ILE S 211 103.01 -8.98 64.00
C ILE S 211 102.40 -8.96 62.60
N VAL S 212 103.10 -9.53 61.62
CA VAL S 212 102.64 -9.55 60.24
C VAL S 212 101.37 -10.40 60.10
N ARG S 213 101.28 -11.54 60.79
CA ARG S 213 100.04 -12.32 60.88
C ARG S 213 98.91 -11.44 61.41
N ASP S 214 99.11 -10.79 62.54
CA ASP S 214 98.09 -9.99 63.19
C ASP S 214 97.66 -8.81 62.30
N ALA S 215 98.61 -8.16 61.64
CA ALA S 215 98.31 -7.09 60.70
C ALA S 215 97.53 -7.62 59.50
N LEU S 216 97.92 -8.75 58.91
CA LEU S 216 97.21 -9.35 57.78
C LEU S 216 95.81 -9.81 58.20
N GLU S 217 95.65 -10.34 59.41
CA GLU S 217 94.34 -10.63 59.97
C GLU S 217 93.50 -9.35 60.07
N LEU S 218 94.02 -8.30 60.71
CA LEU S 218 93.30 -7.05 60.86
C LEU S 218 92.93 -6.46 59.50
N ALA S 219 93.85 -6.48 58.54
CA ALA S 219 93.62 -6.01 57.18
C ALA S 219 92.59 -6.86 56.42
N SER S 220 92.53 -8.17 56.70
CA SER S 220 91.52 -9.06 56.13
C SER S 220 90.14 -8.83 56.76
N ARG S 221 90.07 -8.59 58.08
CA ARG S 221 88.80 -8.40 58.83
C ARG S 221 88.18 -7.02 58.65
N SER S 222 89.00 -5.97 58.68
CA SER S 222 88.55 -4.58 58.57
C SER S 222 88.16 -4.18 57.14
N THR S 223 87.50 -3.03 56.99
CA THR S 223 86.94 -2.54 55.70
C THR S 223 87.18 -1.04 55.45
N ASN S 224 88.13 -0.40 56.16
CA ASN S 224 88.50 1.01 55.97
C ASN S 224 89.93 1.14 55.44
N ASP S 225 90.10 1.75 54.26
CA ASP S 225 91.41 1.92 53.62
C ASP S 225 92.43 2.63 54.52
N GLU S 226 92.01 3.60 55.33
CA GLU S 226 92.94 4.32 56.21
C GLU S 226 93.55 3.37 57.25
N VAL S 227 92.72 2.59 57.92
CA VAL S 227 93.18 1.55 58.86
C VAL S 227 94.03 0.51 58.14
N ILE S 228 93.60 0.04 56.96
CA ILE S 228 94.32 -0.98 56.21
C ILE S 228 95.72 -0.48 55.82
N ARG S 229 95.82 0.72 55.23
CA ARG S 229 97.12 1.28 54.83
C ARG S 229 97.99 1.52 56.06
N LEU S 230 97.44 2.10 57.13
CA LEU S 230 98.18 2.26 58.39
C LEU S 230 98.72 0.92 58.91
N ALA S 231 97.88 -0.11 58.94
CA ALA S 231 98.27 -1.41 59.45
C ALA S 231 99.36 -2.04 58.60
N LEU S 232 99.20 -2.04 57.27
CA LEU S 232 100.17 -2.68 56.39
C LEU S 232 101.47 -1.86 56.29
N GLU S 233 101.39 -0.54 56.41
CA GLU S 233 102.59 0.29 56.60
C GLU S 233 103.29 -0.08 57.89
N ALA S 234 102.56 -0.20 59.00
CA ALA S 234 103.14 -0.66 60.27
C ALA S 234 103.76 -2.05 60.12
N ALA S 235 103.13 -2.95 59.35
CA ALA S 235 103.66 -4.28 59.10
C ALA S 235 104.99 -4.21 58.35
N VAL S 236 105.07 -3.42 57.29
CA VAL S 236 106.33 -3.19 56.57
C VAL S 236 107.38 -2.58 57.49
N LEU S 237 107.03 -1.57 58.29
CA LEU S 237 107.97 -0.94 59.21
C LEU S 237 108.48 -1.91 60.25
N ALA S 238 107.60 -2.72 60.84
CA ALA S 238 107.99 -3.75 61.79
C ALA S 238 108.91 -4.79 61.12
N ALA S 239 108.59 -5.23 59.91
CA ALA S 239 109.42 -6.18 59.17
C ALA S 239 110.77 -5.59 58.70
N ARG S 240 110.87 -4.26 58.55
CA ARG S 240 112.13 -3.54 58.34
C ARG S 240 112.93 -3.34 59.64
N SER S 241 112.26 -3.19 60.78
CA SER S 241 112.88 -3.04 62.10
C SER S 241 113.57 -4.32 62.59
N THR S 242 114.43 -4.21 63.61
CA THR S 242 114.98 -5.35 64.37
C THR S 242 115.30 -4.85 65.78
N ASP S 243 114.26 -4.63 66.59
CA ASP S 243 114.36 -4.02 67.91
C ASP S 243 113.23 -4.50 68.82
N SER S 244 113.59 -5.11 69.95
CA SER S 244 112.64 -5.60 70.95
C SER S 244 111.63 -4.53 71.39
N ASP S 245 112.04 -3.26 71.55
CA ASP S 245 111.09 -2.20 71.91
C ASP S 245 110.07 -1.94 70.81
N VAL S 246 110.48 -1.92 69.55
CA VAL S 246 109.55 -1.74 68.42
C VAL S 246 108.64 -2.96 68.32
N LEU S 247 109.17 -4.18 68.47
CA LEU S 247 108.39 -5.40 68.47
C LEU S 247 107.36 -5.40 69.60
N GLU S 248 107.75 -5.03 70.82
CA GLU S 248 106.81 -4.87 71.93
C GLU S 248 105.74 -3.82 71.60
N ILE S 249 106.12 -2.60 71.24
CA ILE S 249 105.18 -1.49 71.02
C ILE S 249 104.20 -1.82 69.91
N VAL S 250 104.68 -2.35 68.78
CA VAL S 250 103.81 -2.72 67.68
C VAL S 250 102.89 -3.88 68.08
N LYS S 251 103.39 -4.94 68.73
CA LYS S 251 102.54 -6.06 69.16
C LYS S 251 101.51 -5.60 70.19
N ASP S 252 101.91 -4.79 71.14
CA ASP S 252 101.05 -4.20 72.16
C ASP S 252 99.95 -3.36 71.52
N ALA S 253 100.32 -2.51 70.55
CA ALA S 253 99.38 -1.69 69.79
C ALA S 253 98.43 -2.54 68.94
N LEU S 254 98.92 -3.56 68.23
CA LEU S 254 98.07 -4.44 67.43
C LEU S 254 97.12 -5.24 68.33
N GLU S 255 97.59 -5.69 69.50
CA GLU S 255 96.72 -6.33 70.48
C GLU S 255 95.64 -5.35 70.96
N LEU S 256 95.98 -4.10 71.27
CA LEU S 256 95.00 -3.09 71.63
C LEU S 256 94.00 -2.85 70.49
N ALA S 257 94.46 -2.79 69.24
CA ALA S 257 93.62 -2.62 68.07
C ALA S 257 92.66 -3.81 67.86
N LYS S 258 93.10 -5.03 68.17
CA LYS S 258 92.26 -6.23 68.12
C LYS S 258 91.27 -6.29 69.28
N GLN S 259 91.66 -5.81 70.46
CA GLN S 259 90.82 -5.77 71.66
C GLN S 259 89.73 -4.69 71.60
N SER S 260 90.09 -3.50 71.12
CA SER S 260 89.17 -2.35 70.97
C SER S 260 88.29 -2.48 69.70
N THR S 261 87.23 -1.66 69.62
CA THR S 261 86.21 -1.73 68.55
C THR S 261 85.87 -0.36 67.92
N ASN S 262 86.71 0.66 68.11
CA ASN S 262 86.54 2.00 67.54
C ASN S 262 87.63 2.29 66.49
N GLU S 263 87.24 2.63 65.26
CA GLU S 263 88.19 2.88 64.16
C GLU S 263 89.16 4.03 64.47
N GLU S 264 88.71 5.11 65.14
CA GLU S 264 89.60 6.23 65.47
C GLU S 264 90.64 5.84 66.53
N VAL S 265 90.28 4.99 67.50
CA VAL S 265 91.24 4.42 68.45
C VAL S 265 92.26 3.55 67.70
N ILE S 266 91.80 2.71 66.77
CA ILE S 266 92.69 1.87 65.96
C ILE S 266 93.65 2.75 65.14
N LYS S 267 93.14 3.76 64.44
CA LYS S 267 93.97 4.72 63.68
C LYS S 267 95.01 5.38 64.58
N LEU S 268 94.60 5.92 65.72
CA LEU S 268 95.52 6.59 66.65
C LEU S 268 96.58 5.62 67.19
N ALA S 269 96.18 4.40 67.60
CA ALA S 269 97.12 3.41 68.10
C ALA S 269 98.12 3.00 67.01
N LEU S 270 97.65 2.73 65.79
CA LEU S 270 98.52 2.44 64.65
C LEU S 270 99.43 3.64 64.36
N LYS S 271 98.92 4.87 64.36
CA LYS S 271 99.74 6.07 64.12
C LYS S 271 100.83 6.22 65.19
N ALA S 272 100.49 6.05 66.45
CA ALA S 272 101.48 6.09 67.54
C ALA S 272 102.56 5.01 67.35
N ALA S 273 102.17 3.78 67.03
CA ALA S 273 103.11 2.70 66.74
C ALA S 273 103.95 2.97 65.48
N VAL S 274 103.38 3.56 64.43
CA VAL S 274 104.10 3.97 63.22
C VAL S 274 105.14 5.03 63.54
N LEU S 275 104.78 6.07 64.30
CA LEU S 275 105.72 7.10 64.73
C LEU S 275 106.83 6.51 65.62
N ALA S 276 106.50 5.58 66.51
CA ALA S 276 107.49 4.86 67.31
C ALA S 276 108.43 3.98 66.44
N ALA S 277 107.94 3.41 65.34
CA ALA S 277 108.75 2.61 64.42
C ALA S 277 109.61 3.48 63.48
N LYS S 278 109.12 4.66 63.07
CA LYS S 278 109.87 5.60 62.20
C LYS S 278 110.92 6.42 62.96
N SER S 279 110.62 6.85 64.20
CA SER S 279 111.57 7.54 65.09
C SER S 279 112.59 6.56 65.70
N THR S 280 113.64 7.12 66.33
CA THR S 280 114.74 6.35 66.96
C THR S 280 115.07 6.86 68.38
N ASP S 281 114.11 7.51 69.05
CA ASP S 281 114.30 8.12 70.36
C ASP S 281 113.69 7.24 71.47
N GLU S 282 114.53 6.81 72.42
CA GLU S 282 114.13 5.97 73.55
C GLU S 282 113.06 6.64 74.42
N GLU S 283 113.05 7.97 74.53
CA GLU S 283 112.01 8.67 75.29
C GLU S 283 110.67 8.69 74.55
N VAL S 284 110.68 8.74 73.20
CA VAL S 284 109.45 8.60 72.40
C VAL S 284 108.96 7.15 72.46
N LEU S 285 109.87 6.18 72.36
CA LEU S 285 109.55 4.76 72.52
C LEU S 285 108.91 4.50 73.90
N GLU S 286 109.53 4.97 74.99
CA GLU S 286 108.95 4.82 76.32
C GLU S 286 107.64 5.60 76.51
N GLU S 287 107.51 6.84 76.03
CA GLU S 287 106.25 7.58 76.17
C GLU S 287 105.12 6.92 75.38
N VAL S 288 105.37 6.44 74.17
CA VAL S 288 104.36 5.69 73.41
C VAL S 288 104.02 4.40 74.13
N LYS S 289 105.01 3.64 74.64
CA LYS S 289 104.77 2.41 75.41
C LYS S 289 103.93 2.69 76.66
N GLU S 290 104.24 3.76 77.39
CA GLU S 290 103.49 4.15 78.57
C GLU S 290 102.10 4.68 78.22
N ALA S 291 101.93 5.45 77.14
CA ALA S 291 100.62 5.86 76.66
C ALA S 291 99.75 4.65 76.27
N LEU S 292 100.31 3.66 75.58
CA LEU S 292 99.64 2.39 75.31
C LEU S 292 99.31 1.64 76.61
N ARG S 293 100.23 1.60 77.58
CA ARG S 293 99.96 0.99 78.89
C ARG S 293 98.79 1.68 79.60
N ARG S 294 98.79 3.02 79.66
CA ARG S 294 97.66 3.81 80.17
C ARG S 294 96.38 3.44 79.42
N ALA S 295 96.43 3.40 78.10
CA ALA S 295 95.28 3.07 77.26
C ALA S 295 94.75 1.64 77.51
N LYS S 296 95.62 0.67 77.81
CA LYS S 296 95.22 -0.71 78.08
C LYS S 296 94.80 -0.96 79.53
N GLU S 297 95.36 -0.21 80.49
CA GLU S 297 94.95 -0.26 81.90
C GLU S 297 93.63 0.49 82.16
N SER S 298 93.39 1.60 81.45
CA SER S 298 92.10 2.33 81.49
C SER S 298 91.00 1.66 80.66
N THR S 299 89.75 2.11 80.82
CA THR S 299 88.55 1.46 80.24
C THR S 299 87.58 2.42 79.53
N ASP S 300 88.00 3.66 79.23
CA ASP S 300 87.20 4.67 78.54
C ASP S 300 87.83 5.08 77.20
N GLU S 301 87.09 4.96 76.09
CA GLU S 301 87.54 5.36 74.76
C GLU S 301 87.95 6.84 74.69
N GLU S 302 87.36 7.72 75.49
CA GLU S 302 87.73 9.14 75.53
C GLU S 302 89.12 9.35 76.15
N GLU S 303 89.46 8.65 77.24
CA GLU S 303 90.80 8.70 77.83
C GLU S 303 91.84 8.00 76.94
N ILE S 304 91.48 6.90 76.28
CA ILE S 304 92.32 6.22 75.30
C ILE S 304 92.66 7.16 74.14
N LYS S 305 91.66 7.80 73.52
CA LYS S 305 91.88 8.78 72.44
C LYS S 305 92.76 9.93 72.90
N GLU S 306 92.53 10.49 74.09
CA GLU S 306 93.35 11.59 74.60
C GLU S 306 94.80 11.19 74.89
N GLU S 307 95.07 10.07 75.56
CA GLU S 307 96.45 9.64 75.80
C GLU S 307 97.20 9.33 74.50
N LEU S 308 96.55 8.67 73.53
CA LEU S 308 97.14 8.46 72.21
C LEU S 308 97.32 9.78 71.46
N ARG S 309 96.40 10.74 71.57
CA ARG S 309 96.53 12.07 70.97
C ARG S 309 97.74 12.82 71.54
N LYS S 310 97.91 12.83 72.87
CA LYS S 310 99.10 13.43 73.53
C LYS S 310 100.39 12.83 72.97
N ALA S 311 100.48 11.50 72.93
CA ALA S 311 101.65 10.81 72.41
C ALA S 311 101.92 11.13 70.93
N VAL S 312 100.90 11.13 70.09
CA VAL S 312 101.02 11.49 68.67
C VAL S 312 101.45 12.95 68.49
N GLU S 313 100.83 13.90 69.20
CA GLU S 313 101.19 15.32 69.10
C GLU S 313 102.61 15.61 69.63
N GLU S 314 103.15 14.78 70.53
CA GLU S 314 104.55 14.86 70.97
C GLU S 314 105.52 14.19 69.98
N ALA S 315 105.10 13.12 69.28
CA ALA S 315 105.96 12.30 68.42
C ALA S 315 106.07 12.74 66.95
N GLU S 316 105.12 13.52 66.40
CA GLU S 316 105.17 14.06 65.02
C GLU S 316 106.38 14.97 64.74
N CYS T 3 1.56 107.20 44.70
CA CYS T 3 0.87 106.91 45.98
C CYS T 3 1.65 105.84 46.76
N ASP T 4 2.69 106.23 47.50
CA ASP T 4 3.76 105.32 47.94
C ASP T 4 3.27 104.16 48.83
N ALA T 5 2.31 104.42 49.72
CA ALA T 5 1.75 103.38 50.59
C ALA T 5 1.09 102.25 49.80
N ILE T 6 0.49 102.57 48.65
CA ILE T 6 -0.05 101.56 47.73
C ILE T 6 1.10 101.00 46.88
N GLN T 7 2.06 101.82 46.46
CA GLN T 7 3.18 101.37 45.62
C GLN T 7 3.97 100.23 46.27
N ALA T 8 4.15 100.27 47.58
CA ALA T 8 4.74 99.16 48.32
C ALA T 8 3.91 97.87 48.18
N ALA T 9 2.59 97.96 48.33
CA ALA T 9 1.71 96.81 48.10
C ALA T 9 1.74 96.35 46.64
N ALA T 10 1.81 97.27 45.67
CA ALA T 10 1.95 96.93 44.26
C ALA T 10 3.26 96.19 43.99
N ALA T 11 4.37 96.63 44.60
CA ALA T 11 5.64 95.93 44.50
C ALA T 11 5.54 94.51 45.09
N LEU T 12 4.89 94.35 46.24
CA LEU T 12 4.65 93.02 46.83
C LEU T 12 3.73 92.16 45.95
N GLY T 13 2.78 92.78 45.25
CA GLY T 13 1.94 92.11 44.25
C GLY T 13 2.75 91.63 43.04
N GLU T 14 3.70 92.44 42.56
CA GLU T 14 4.64 92.02 41.51
C GLU T 14 5.57 90.90 42.00
N ALA T 15 5.95 90.89 43.28
CA ALA T 15 6.64 89.77 43.92
C ALA T 15 5.74 88.55 44.20
N GLY T 16 4.43 88.64 43.93
CA GLY T 16 3.50 87.53 44.07
C GLY T 16 3.13 87.18 45.51
N ILE T 17 3.33 88.09 46.46
CA ILE T 17 3.06 87.86 47.88
C ILE T 17 1.55 87.71 48.13
N SER T 18 1.13 86.76 48.96
CA SER T 18 -0.29 86.55 49.28
C SER T 18 -0.88 87.70 50.09
N SER T 19 -2.17 87.98 49.92
CA SER T 19 -2.80 89.17 50.51
C SER T 19 -2.67 89.23 52.03
N ASN T 20 -2.83 88.13 52.75
CA ASN T 20 -2.61 88.09 54.19
C ASN T 20 -1.15 88.44 54.57
N GLU T 21 -0.15 87.98 53.81
CA GLU T 21 1.25 88.35 54.07
C GLU T 21 1.56 89.78 53.61
N ILE T 22 0.91 90.29 52.57
CA ILE T 22 0.99 91.73 52.25
C ILE T 22 0.45 92.52 53.44
N LEU T 23 -0.72 92.15 53.95
CA LEU T 23 -1.31 92.81 55.11
C LEU T 23 -0.40 92.69 56.34
N GLU T 24 0.27 91.56 56.53
CA GLU T 24 1.25 91.44 57.60
C GLU T 24 2.44 92.39 57.38
N LEU T 25 2.98 92.47 56.16
CA LEU T 25 4.10 93.37 55.88
C LEU T 25 3.69 94.83 56.00
N LEU T 26 2.45 95.15 55.64
CA LEU T 26 1.85 96.44 55.92
C LEU T 26 1.70 96.65 57.44
N ALA T 27 1.30 95.63 58.21
CA ALA T 27 1.23 95.74 59.66
C ALA T 27 2.62 96.03 60.24
N ALA T 28 3.65 95.33 59.76
CA ALA T 28 5.03 95.59 60.14
C ALA T 28 5.43 97.03 59.78
N ALA T 29 5.06 97.50 58.58
CA ALA T 29 5.30 98.86 58.20
C ALA T 29 4.65 99.85 59.17
N ALA T 30 3.41 99.60 59.59
CA ALA T 30 2.71 100.43 60.55
C ALA T 30 3.32 100.34 61.96
N GLU T 31 3.84 99.18 62.37
CA GLU T 31 4.54 99.03 63.65
C GLU T 31 5.86 99.81 63.66
N LEU T 32 6.73 99.52 62.69
CA LEU T 32 8.11 99.99 62.69
C LEU T 32 8.26 101.38 62.02
N GLY T 33 7.27 101.80 61.25
CA GLY T 33 7.40 102.94 60.35
C GLY T 33 8.28 102.64 59.14
N LEU T 34 8.15 101.45 58.52
CA LEU T 34 9.02 101.03 57.42
C LEU T 34 8.95 101.98 56.22
N ASP T 35 10.11 102.23 55.61
CA ASP T 35 10.19 102.90 54.31
C ASP T 35 9.73 101.97 53.19
N PRO T 36 9.17 102.51 52.09
CA PRO T 36 8.89 101.73 50.88
C PRO T 36 10.12 100.97 50.39
N ASP T 37 11.33 101.52 50.54
CA ASP T 37 12.57 100.83 50.20
C ASP T 37 12.83 99.63 51.12
N ALA T 38 12.53 99.75 52.41
CA ALA T 38 12.63 98.61 53.33
C ALA T 38 11.59 97.54 53.01
N ILE T 39 10.38 97.95 52.64
CA ILE T 39 9.35 97.01 52.16
C ILE T 39 9.79 96.38 50.82
N GLN T 40 10.47 97.10 49.94
CA GLN T 40 11.04 96.54 48.71
C GLN T 40 12.13 95.51 49.02
N ALA T 41 12.95 95.75 50.05
CA ALA T 41 13.87 94.73 50.52
C ALA T 41 13.09 93.49 51.02
N ALA T 42 12.00 93.68 51.77
CA ALA T 42 11.13 92.57 52.14
C ALA T 42 10.57 91.84 50.91
N ALA T 43 10.16 92.57 49.87
CA ALA T 43 9.70 91.97 48.62
C ALA T 43 10.80 91.11 47.97
N GLN T 44 12.02 91.62 47.88
CA GLN T 44 13.15 90.86 47.31
C GLN T 44 13.58 89.68 48.19
N LEU T 45 13.41 89.75 49.52
CA LEU T 45 13.54 88.60 50.41
C LEU T 45 12.42 87.58 50.22
N GLY T 46 11.22 88.04 49.86
CA GLY T 46 10.10 87.19 49.43
C GLY T 46 10.36 86.51 48.08
N GLU T 47 11.00 87.20 47.14
CA GLU T 47 11.51 86.58 45.90
C GLU T 47 12.63 85.57 46.18
N ALA T 48 13.43 85.77 47.24
CA ALA T 48 14.36 84.76 47.77
C ALA T 48 13.65 83.62 48.55
N GLY T 49 12.32 83.67 48.70
CA GLY T 49 11.49 82.63 49.29
C GLY T 49 11.32 82.69 50.82
N ILE T 50 11.83 83.72 51.49
CA ILE T 50 11.74 83.84 52.96
C ILE T 50 10.32 84.26 53.39
N SER T 51 9.74 83.62 54.40
CA SER T 51 8.42 83.99 54.93
C SER T 51 8.45 85.32 55.69
N SER T 52 7.35 86.07 55.59
CA SER T 52 7.29 87.44 56.10
C SER T 52 7.53 87.54 57.60
N GLU T 53 7.20 86.51 58.38
CA GLU T 53 7.40 86.54 59.82
C GLU T 53 8.89 86.69 60.16
N GLU T 54 9.73 85.88 59.54
CA GLU T 54 11.17 85.97 59.74
C GLU T 54 11.69 87.30 59.21
N ILE T 55 11.19 87.74 58.06
CA ILE T 55 11.59 89.04 57.53
C ILE T 55 11.24 90.13 58.55
N LYS T 56 10.05 90.07 59.15
CA LYS T 56 9.58 91.04 60.13
C LYS T 56 10.48 91.04 61.34
N GLU T 57 10.80 89.87 61.88
CA GLU T 57 11.74 89.80 62.97
C GLU T 57 13.10 90.35 62.55
N LEU T 58 13.58 90.07 61.34
CA LEU T 58 14.87 90.57 60.87
C LEU T 58 14.84 92.08 60.73
N LEU T 59 13.78 92.64 60.16
CA LEU T 59 13.61 94.08 60.10
C LEU T 59 13.53 94.66 61.51
N ARG T 60 12.86 93.98 62.44
CA ARG T 60 12.84 94.42 63.84
C ARG T 60 14.24 94.41 64.40
N ALA T 61 15.04 93.38 64.13
CA ALA T 61 16.42 93.38 64.56
C ALA T 61 17.20 94.54 63.92
N ALA T 62 17.04 94.80 62.63
CA ALA T 62 17.73 95.89 61.96
C ALA T 62 17.36 97.26 62.55
N HIS T 63 16.08 97.43 62.90
CA HIS T 63 15.57 98.62 63.58
C HIS T 63 16.13 98.73 65.00
N GLU T 64 16.14 97.64 65.76
CA GLU T 64 16.72 97.58 67.10
C GLU T 64 18.25 97.81 67.10
N LEU T 65 18.94 97.43 66.03
CA LEU T 65 20.36 97.73 65.81
C LEU T 65 20.60 99.19 65.41
N GLY T 66 19.57 99.92 64.96
CA GLY T 66 19.73 101.29 64.44
C GLY T 66 20.59 101.35 63.18
N LEU T 67 20.51 100.32 62.32
CA LEU T 67 21.36 100.18 61.13
C LEU T 67 21.08 101.23 60.04
N ASP T 68 22.09 101.47 59.20
CA ASP T 68 22.00 102.37 58.05
C ASP T 68 21.13 101.76 56.93
N PRO T 69 20.21 102.54 56.32
CA PRO T 69 19.27 102.04 55.30
C PRO T 69 19.94 101.35 54.12
N ASP T 70 21.15 101.74 53.74
CA ASP T 70 21.89 101.12 52.63
C ASP T 70 22.29 99.68 52.97
N ALA T 71 22.80 99.42 54.17
CA ALA T 71 23.04 98.06 54.63
C ALA T 71 21.71 97.28 54.70
N ILE T 72 20.64 97.89 55.18
CA ILE T 72 19.33 97.25 55.23
C ILE T 72 18.87 96.87 53.81
N ALA T 73 19.06 97.75 52.83
CA ALA T 73 18.79 97.41 51.44
C ALA T 73 19.71 96.28 50.97
N ALA T 74 20.99 96.32 51.32
CA ALA T 74 21.93 95.25 50.98
C ALA T 74 21.53 93.90 51.57
N ALA T 75 20.68 93.85 52.60
CA ALA T 75 20.14 92.58 53.07
C ALA T 75 19.37 91.84 51.96
N ALA T 76 18.72 92.57 51.05
CA ALA T 76 18.07 91.96 49.90
C ALA T 76 19.09 91.35 48.92
N ASP T 77 20.23 92.02 48.71
CA ASP T 77 21.32 91.44 47.91
C ASP T 77 21.84 90.15 48.55
N LEU T 78 22.04 90.15 49.88
CA LEU T 78 22.46 88.96 50.61
C LEU T 78 21.42 87.83 50.51
N GLY T 79 20.13 88.16 50.54
CA GLY T 79 19.05 87.21 50.30
C GLY T 79 19.09 86.62 48.88
N GLN T 80 19.29 87.46 47.87
CA GLN T 80 19.43 87.03 46.48
C GLN T 80 20.70 86.21 46.23
N ALA T 81 21.79 86.50 46.97
CA ALA T 81 22.99 85.67 47.02
C ALA T 81 22.78 84.31 47.74
N GLY T 82 21.65 84.11 48.42
CA GLY T 82 21.29 82.85 49.07
C GLY T 82 21.82 82.68 50.51
N VAL T 83 22.24 83.77 51.17
CA VAL T 83 22.74 83.74 52.56
C VAL T 83 21.63 83.32 53.53
N SER T 84 21.96 82.50 54.53
CA SER T 84 20.98 82.05 55.54
C SER T 84 20.35 83.23 56.28
N PRO T 85 19.06 83.19 56.65
CA PRO T 85 18.39 84.30 57.32
C PRO T 85 19.14 84.77 58.56
N VAL T 86 19.58 83.83 59.39
CA VAL T 86 20.41 84.16 60.55
C VAL T 86 21.74 84.75 60.08
N GLU T 87 22.37 84.18 59.05
CA GLU T 87 23.66 84.68 58.56
C GLU T 87 23.53 86.11 58.01
N ILE T 88 22.39 86.49 57.43
CA ILE T 88 22.18 87.87 57.07
C ILE T 88 22.29 88.72 58.32
N LEU T 89 21.59 88.34 59.40
CA LEU T 89 21.67 89.08 60.65
C LEU T 89 23.08 89.10 61.21
N ALA T 90 23.81 87.99 61.08
CA ALA T 90 25.18 87.94 61.52
C ALA T 90 26.02 88.96 60.74
N LEU T 91 25.91 88.98 59.41
CA LEU T 91 26.66 89.91 58.58
C LEU T 91 26.27 91.35 58.90
N LEU T 92 24.98 91.60 59.09
CA LEU T 92 24.51 92.92 59.49
C LEU T 92 25.10 93.33 60.84
N ILE T 93 25.04 92.46 61.84
CA ILE T 93 25.62 92.77 63.15
C ILE T 93 27.11 92.98 63.00
N ALA T 94 27.81 92.14 62.26
CA ALA T 94 29.23 92.25 62.07
C ALA T 94 29.57 93.60 61.45
N ALA T 95 28.89 93.97 60.36
CA ALA T 95 29.09 95.27 59.74
C ALA T 95 28.88 96.39 60.75
N SER T 96 27.82 96.30 61.56
CA SER T 96 27.53 97.32 62.58
C SER T 96 28.65 97.44 63.62
N VAL T 97 29.25 96.32 64.02
CA VAL T 97 30.35 96.33 64.99
C VAL T 97 31.62 96.86 64.35
N LEU T 98 31.94 96.37 63.16
CA LEU T 98 33.17 96.71 62.45
C LEU T 98 33.19 98.17 61.95
N GLY T 99 32.02 98.75 61.69
CA GLY T 99 31.91 100.08 61.07
C GLY T 99 32.27 100.07 59.57
N LEU T 100 31.84 99.04 58.83
CA LEU T 100 32.18 98.87 57.41
C LEU T 100 31.58 99.94 56.49
N ASP T 101 32.24 100.18 55.36
CA ASP T 101 31.60 100.82 54.22
C ASP T 101 30.57 99.88 53.58
N PRO T 102 29.44 100.38 53.06
CA PRO T 102 28.50 99.59 52.27
C PRO T 102 29.15 98.88 51.09
N ASP T 103 30.21 99.45 50.50
CA ASP T 103 31.00 98.79 49.47
C ASP T 103 31.68 97.51 49.99
N ALA T 104 32.21 97.54 51.21
CA ALA T 104 32.75 96.35 51.85
C ALA T 104 31.65 95.34 52.18
N ILE T 105 30.45 95.81 52.55
CA ILE T 105 29.30 94.93 52.69
C ILE T 105 28.94 94.30 51.33
N GLN T 106 28.97 95.05 50.24
CA GLN T 106 28.67 94.52 48.92
C GLN T 106 29.73 93.51 48.46
N ALA T 107 31.00 93.75 48.75
CA ALA T 107 32.05 92.76 48.52
C ALA T 107 31.84 91.51 49.39
N ALA T 108 31.39 91.67 50.63
CA ALA T 108 30.95 90.53 51.44
C ALA T 108 29.76 89.81 50.80
N ALA T 109 28.82 90.52 50.18
CA ALA T 109 27.75 89.88 49.43
C ALA T 109 28.30 89.08 48.24
N ALA T 110 29.33 89.57 47.55
CA ALA T 110 30.01 88.78 46.53
C ALA T 110 30.69 87.53 47.11
N LEU T 111 31.32 87.61 48.29
CA LEU T 111 31.80 86.41 48.99
C LEU T 111 30.63 85.46 49.33
N GLY T 112 29.46 86.01 49.63
CA GLY T 112 28.22 85.26 49.79
C GLY T 112 27.79 84.53 48.50
N GLU T 113 27.86 85.20 47.35
CA GLU T 113 27.63 84.56 46.05
C GLU T 113 28.67 83.47 45.77
N ALA T 114 29.91 83.66 46.21
CA ALA T 114 30.96 82.65 46.14
C ALA T 114 30.74 81.46 47.10
N GLY T 115 29.71 81.51 47.96
CA GLY T 115 29.36 80.42 48.88
C GLY T 115 30.19 80.39 50.18
N ILE T 116 30.95 81.44 50.48
CA ILE T 116 31.76 81.55 51.70
C ILE T 116 30.86 81.72 52.94
N SER T 117 31.15 81.03 54.04
CA SER T 117 30.32 81.14 55.25
C SER T 117 30.43 82.52 55.91
N ALA T 118 29.41 82.91 56.68
CA ALA T 118 29.48 84.18 57.41
C ALA T 118 30.67 84.19 58.39
N GLU T 119 31.04 83.05 58.98
CA GLU T 119 32.23 82.98 59.82
C GLU T 119 33.49 83.29 59.04
N GLU T 120 33.67 82.68 57.87
CA GLU T 120 34.81 82.99 57.03
C GLU T 120 34.80 84.44 56.58
N ILE T 121 33.64 84.99 56.21
CA ILE T 121 33.54 86.40 55.85
C ILE T 121 33.94 87.27 57.04
N ILE T 122 33.40 87.02 58.21
CA ILE T 122 33.71 87.78 59.41
C ILE T 122 35.19 87.66 59.72
N GLU T 123 35.77 86.47 59.60
CA GLU T 123 37.20 86.28 59.78
C GLU T 123 37.98 87.11 58.77
N LEU T 124 37.63 87.05 57.49
CA LEU T 124 38.30 87.82 56.46
C LEU T 124 38.20 89.31 56.74
N LEU T 125 37.04 89.79 57.18
CA LEU T 125 36.86 91.19 57.55
C LEU T 125 37.71 91.54 58.77
N THR T 126 37.80 90.62 59.74
CA THR T 126 38.62 90.81 60.92
C THR T 126 40.09 90.94 60.52
N ALA T 127 40.57 90.02 59.66
CA ALA T 127 41.92 90.07 59.14
C ALA T 127 42.17 91.37 58.35
N ALA T 128 41.21 91.80 57.52
CA ALA T 128 41.34 93.04 56.78
C ALA T 128 41.51 94.23 57.72
N ARG T 129 40.71 94.29 58.80
CA ARG T 129 40.83 95.32 59.83
C ARG T 129 42.18 95.24 60.55
N ASP T 130 42.61 94.05 60.93
CA ASP T 130 43.91 93.82 61.58
C ASP T 130 45.09 94.28 60.71
N LEU T 131 45.05 93.97 59.42
CA LEU T 131 46.08 94.39 58.45
C LEU T 131 45.96 95.88 58.06
N GLY T 132 44.83 96.53 58.36
CA GLY T 132 44.56 97.90 57.93
C GLY T 132 44.29 98.02 56.42
N LEU T 133 43.76 96.96 55.81
CA LEU T 133 43.35 96.91 54.40
C LEU T 133 42.05 97.71 54.13
N ASP T 134 41.60 97.71 52.88
CA ASP T 134 40.55 98.59 52.37
C ASP T 134 39.52 97.84 51.50
N PRO T 135 38.36 98.46 51.19
CA PRO T 135 37.33 97.81 50.37
C PRO T 135 37.84 97.30 49.02
N ASP T 136 38.83 97.96 48.41
CA ASP T 136 39.42 97.48 47.16
C ASP T 136 40.15 96.15 47.38
N ALA T 137 40.93 96.01 48.45
CA ALA T 137 41.51 94.72 48.82
C ALA T 137 40.43 93.69 49.10
N ILE T 138 39.35 94.06 49.79
CA ILE T 138 38.24 93.14 50.05
C ILE T 138 37.55 92.72 48.73
N GLN T 139 37.42 93.61 47.76
CA GLN T 139 36.89 93.27 46.44
C GLN T 139 37.82 92.30 45.70
N ALA T 140 39.14 92.55 45.73
CA ALA T 140 40.09 91.62 45.16
C ALA T 140 40.01 90.26 45.87
N ALA T 141 39.80 90.25 47.19
CA ALA T 141 39.56 89.02 47.92
C ALA T 141 38.28 88.34 47.44
N ALA T 142 37.21 89.08 47.16
CA ALA T 142 36.01 88.50 46.57
C ALA T 142 36.32 87.87 45.21
N GLN T 143 37.19 88.47 44.39
CA GLN T 143 37.64 87.84 43.15
C GLN T 143 38.44 86.55 43.42
N LEU T 144 39.28 86.49 44.45
CA LEU T 144 39.92 85.23 44.87
C LEU T 144 38.88 84.20 45.34
N GLY T 145 37.80 84.65 45.97
CA GLY T 145 36.65 83.83 46.30
C GLY T 145 35.94 83.28 45.06
N GLU T 146 35.74 84.11 44.03
CA GLU T 146 35.23 83.65 42.74
C GLU T 146 36.16 82.65 42.06
N ALA T 147 37.48 82.78 42.27
CA ALA T 147 38.48 81.78 41.88
C ALA T 147 38.50 80.51 42.77
N GLY T 148 37.65 80.43 43.80
CA GLY T 148 37.52 79.27 44.67
C GLY T 148 38.65 79.08 45.69
N ILE T 149 39.50 80.09 45.87
CA ILE T 149 40.61 80.03 46.84
C ILE T 149 40.04 79.99 48.27
N SER T 150 40.58 79.15 49.16
CA SER T 150 40.04 79.00 50.52
C SER T 150 40.33 80.21 51.41
N SER T 151 39.56 80.38 52.48
CA SER T 151 39.69 81.52 53.40
C SER T 151 41.11 81.65 53.98
N GLU T 152 41.70 80.55 54.45
CA GLU T 152 43.06 80.59 55.00
C GLU T 152 44.09 80.96 53.92
N GLU T 153 43.95 80.41 52.72
CA GLU T 153 44.80 80.79 51.59
C GLU T 153 44.69 82.28 51.28
N ILE T 154 43.47 82.82 51.21
CA ILE T 154 43.28 84.26 51.04
C ILE T 154 43.96 85.02 52.19
N LYS T 155 43.78 84.58 53.44
CA LYS T 155 44.37 85.26 54.60
C LYS T 155 45.89 85.30 54.49
N GLU T 156 46.51 84.18 54.17
CA GLU T 156 47.95 84.15 53.94
C GLU T 156 48.35 85.01 52.74
N LEU T 157 47.60 85.00 51.64
CA LEU T 157 47.89 85.84 50.48
C LEU T 157 47.83 87.32 50.85
N LEU T 158 46.78 87.73 51.54
CA LEU T 158 46.66 89.11 52.01
C LEU T 158 47.81 89.45 52.96
N ARG T 159 48.15 88.54 53.88
CA ARG T 159 49.30 88.75 54.77
C ARG T 159 50.57 88.97 53.96
N ALA T 160 50.84 88.12 52.98
CA ALA T 160 52.00 88.25 52.13
C ALA T 160 51.98 89.59 51.36
N ALA T 161 50.84 89.96 50.77
CA ALA T 161 50.69 91.20 50.04
C ALA T 161 51.02 92.41 50.93
N HIS T 162 50.47 92.43 52.15
CA HIS T 162 50.72 93.48 53.14
C HIS T 162 52.19 93.51 53.59
N GLU T 163 52.79 92.35 53.88
CA GLU T 163 54.20 92.27 54.26
C GLU T 163 55.14 92.75 53.14
N LEU T 164 54.77 92.50 51.88
CA LEU T 164 55.46 93.02 50.71
C LEU T 164 55.12 94.48 50.39
N GLY T 165 54.11 95.08 51.03
CA GLY T 165 53.64 96.42 50.72
C GLY T 165 52.96 96.56 49.35
N LEU T 166 52.43 95.46 48.82
CA LEU T 166 51.75 95.41 47.52
C LEU T 166 50.34 96.02 47.63
N ASP T 167 50.04 96.96 46.76
CA ASP T 167 48.74 97.66 46.74
C ASP T 167 47.61 96.80 46.13
N PRO T 168 46.32 97.22 46.27
CA PRO T 168 45.19 96.44 45.80
C PRO T 168 45.19 96.08 44.29
N ASP T 169 45.80 96.86 43.40
CA ASP T 169 45.90 96.45 42.00
C ASP T 169 46.83 95.24 41.85
N CYS T 170 47.82 95.14 42.73
CA CYS T 170 48.67 93.96 42.81
C CYS T 170 47.83 92.76 43.23
N ILE T 171 46.95 92.94 44.23
CA ILE T 171 46.04 91.88 44.67
C ILE T 171 45.06 91.52 43.54
N ALA T 172 44.60 92.48 42.74
CA ALA T 172 43.77 92.19 41.58
C ALA T 172 44.53 91.33 40.57
N ALA T 173 45.78 91.67 40.28
CA ALA T 173 46.63 90.82 39.45
C ALA T 173 46.86 89.44 40.10
N ALA T 174 46.98 89.36 41.42
CA ALA T 174 47.03 88.08 42.11
C ALA T 174 45.74 87.28 41.91
N ALA T 175 44.58 87.94 41.97
CA ALA T 175 43.31 87.31 41.66
C ALA T 175 43.24 86.84 40.20
N ASP T 176 43.90 87.55 39.27
CA ASP T 176 44.02 87.09 37.89
C ASP T 176 44.92 85.86 37.73
N LEU T 177 45.97 85.71 38.54
CA LEU T 177 46.69 84.42 38.64
C LEU T 177 45.77 83.33 39.23
N GLY T 178 44.84 83.70 40.11
CA GLY T 178 43.74 82.86 40.54
C GLY T 178 42.82 82.46 39.38
N GLN T 179 42.45 83.40 38.51
CA GLN T 179 41.68 83.12 37.29
C GLN T 179 42.45 82.18 36.35
N ALA T 180 43.78 82.29 36.30
CA ALA T 180 44.66 81.35 35.59
C ALA T 180 44.80 79.98 36.28
N GLY T 181 44.20 79.76 37.46
CA GLY T 181 44.20 78.49 38.17
C GLY T 181 45.52 78.15 38.88
N ILE T 182 46.40 79.14 39.06
CA ILE T 182 47.68 78.96 39.74
C ILE T 182 47.43 78.64 41.22
N SER T 183 48.17 77.67 41.80
CA SER T 183 48.00 77.31 43.22
C SER T 183 48.43 78.46 44.15
N SER T 184 47.86 78.54 45.35
CA SER T 184 48.13 79.64 46.28
C SER T 184 49.62 79.83 46.58
N SER T 185 50.35 78.73 46.82
CA SER T 185 51.79 78.79 47.04
C SER T 185 52.51 79.30 45.79
N GLU T 186 52.12 78.87 44.60
CA GLU T 186 52.71 79.38 43.35
C GLU T 186 52.37 80.87 43.13
N ILE T 187 51.14 81.31 43.41
CA ILE T 187 50.83 82.74 43.38
C ILE T 187 51.74 83.46 44.35
N THR T 188 51.90 82.93 45.57
CA THR T 188 52.74 83.54 46.60
C THR T 188 54.18 83.66 46.11
N ALA T 189 54.71 82.60 45.52
CA ALA T 189 56.03 82.63 44.91
C ALA T 189 56.09 83.70 43.82
N LEU T 190 55.14 83.75 42.90
CA LEU T 190 55.14 84.74 41.84
C LEU T 190 55.06 86.16 42.40
N LEU T 191 54.30 86.38 43.46
CA LEU T 191 54.26 87.67 44.14
C LEU T 191 55.63 87.99 44.73
N LEU T 192 56.22 87.06 45.48
CA LEU T 192 57.54 87.26 46.07
C LEU T 192 58.57 87.60 44.97
N ALA T 193 58.53 86.85 43.88
CA ALA T 193 59.43 87.03 42.74
C ALA T 193 59.23 88.41 42.11
N ALA T 194 58.01 88.74 41.72
CA ALA T 194 57.72 90.00 41.07
C ALA T 194 58.10 91.18 41.96
N ALA T 195 57.85 91.06 43.27
CA ALA T 195 58.26 92.07 44.22
C ALA T 195 59.79 92.19 44.27
N ALA T 196 60.51 91.08 44.43
CA ALA T 196 61.96 91.09 44.44
C ALA T 196 62.52 91.70 43.14
N ILE T 197 61.91 91.39 41.99
CA ILE T 197 62.34 91.92 40.69
C ILE T 197 62.11 93.42 40.64
N GLU T 198 60.91 93.91 40.93
CA GLU T 198 60.62 95.33 40.87
C GLU T 198 61.51 96.12 41.83
N LEU T 199 61.74 95.59 43.04
CA LEU T 199 62.67 96.18 43.99
C LEU T 199 64.10 96.17 43.45
N ALA T 200 64.57 95.05 42.90
CA ALA T 200 65.91 94.94 42.34
C ALA T 200 66.09 95.75 41.05
N LYS T 201 65.00 96.14 40.39
CA LYS T 201 65.00 97.14 39.32
C LYS T 201 65.08 98.56 39.86
N ARG T 202 64.38 98.84 40.97
CA ARG T 202 64.36 100.16 41.63
C ARG T 202 65.66 100.46 42.37
N ALA T 203 66.26 99.44 43.00
CA ALA T 203 67.67 99.44 43.35
C ALA T 203 68.52 99.30 42.08
N ASP T 204 69.70 99.93 42.05
CA ASP T 204 70.65 99.81 40.93
C ASP T 204 71.63 98.63 41.08
N ASP T 205 71.68 98.00 42.26
CA ASP T 205 72.81 97.16 42.66
C ASP T 205 72.92 95.83 41.89
N LYS T 206 74.02 95.68 41.13
CA LYS T 206 74.37 94.45 40.44
C LYS T 206 74.45 93.23 41.37
N ASP T 207 74.88 93.37 42.61
CA ASP T 207 74.95 92.23 43.54
C ASP T 207 73.56 91.73 43.94
N VAL T 208 72.63 92.63 44.24
CA VAL T 208 71.22 92.27 44.47
C VAL T 208 70.64 91.64 43.21
N ARG T 209 70.96 92.19 42.03
CA ARG T 209 70.52 91.65 40.74
C ARG T 209 71.09 90.25 40.47
N GLU T 210 72.35 89.99 40.84
CA GLU T 210 72.94 88.65 40.82
C GLU T 210 72.20 87.70 41.75
N ILE T 211 71.92 88.13 42.98
CA ILE T 211 71.17 87.32 43.94
C ILE T 211 69.80 86.98 43.33
N VAL T 212 69.09 87.96 42.79
CA VAL T 212 67.78 87.74 42.17
C VAL T 212 67.87 86.81 40.96
N ARG T 213 68.90 86.94 40.11
CA ARG T 213 69.17 85.96 39.04
C ARG T 213 69.27 84.57 39.64
N ASP T 214 70.18 84.38 40.59
CA ASP T 214 70.47 83.06 41.14
C ASP T 214 69.27 82.47 41.87
N ALA T 215 68.49 83.30 42.56
CA ALA T 215 67.26 82.87 43.18
C ALA T 215 66.24 82.43 42.11
N LEU T 216 66.01 83.23 41.07
CA LEU T 216 65.02 82.88 40.04
C LEU T 216 65.47 81.68 39.22
N GLU T 217 66.76 81.56 38.94
CA GLU T 217 67.35 80.33 38.38
C GLU T 217 67.00 79.13 39.27
N LEU T 218 67.38 79.17 40.56
CA LEU T 218 67.13 78.08 41.47
C LEU T 218 65.63 77.76 41.56
N ALA T 219 64.79 78.78 41.63
CA ALA T 219 63.34 78.62 41.71
C ALA T 219 62.75 78.03 40.42
N SER T 220 63.30 78.35 39.25
CA SER T 220 62.88 77.77 37.98
C SER T 220 63.34 76.31 37.86
N ARG T 221 64.56 76.00 38.32
CA ARG T 221 65.22 74.69 38.17
C ARG T 221 64.73 73.65 39.18
N SER T 222 64.57 74.06 40.43
CA SER T 222 63.96 73.23 41.48
C SER T 222 62.44 73.15 41.32
N THR T 223 61.77 72.31 42.10
CA THR T 223 60.29 72.27 42.23
C THR T 223 59.91 71.76 43.63
N ASN T 224 60.00 72.65 44.62
CA ASN T 224 59.54 72.43 45.99
C ASN T 224 59.16 73.77 46.64
N ASP T 225 57.92 73.88 47.11
CA ASP T 225 57.36 75.16 47.56
C ASP T 225 58.11 75.76 48.76
N GLU T 226 58.69 74.93 49.65
CA GLU T 226 59.49 75.43 50.76
C GLU T 226 60.82 75.99 50.26
N VAL T 227 61.56 75.26 49.43
CA VAL T 227 62.80 75.74 48.80
C VAL T 227 62.53 77.05 48.04
N ILE T 228 61.46 77.09 47.26
CA ILE T 228 61.10 78.27 46.46
C ILE T 228 60.79 79.44 47.39
N ARG T 229 59.91 79.26 48.37
CA ARG T 229 59.56 80.36 49.29
C ARG T 229 60.77 80.83 50.08
N LEU T 230 61.62 79.92 50.57
CA LEU T 230 62.87 80.28 51.23
C LEU T 230 63.74 81.14 50.32
N ALA T 231 63.98 80.68 49.09
CA ALA T 231 64.82 81.39 48.15
C ALA T 231 64.26 82.78 47.84
N LEU T 232 62.98 82.87 47.52
CA LEU T 232 62.39 84.15 47.13
C LEU T 232 62.22 85.08 48.33
N GLU T 233 61.97 84.55 49.52
CA GLU T 233 62.00 85.33 50.75
C GLU T 233 63.41 85.89 50.99
N ALA T 234 64.45 85.08 50.81
CA ALA T 234 65.82 85.58 50.85
C ALA T 234 66.04 86.66 49.78
N ALA T 235 65.51 86.49 48.57
CA ALA T 235 65.65 87.49 47.51
C ALA T 235 64.98 88.81 47.88
N VAL T 236 63.76 88.76 48.45
CA VAL T 236 63.08 89.94 48.98
C VAL T 236 63.90 90.58 50.10
N LEU T 237 64.42 89.78 51.05
CA LEU T 237 65.21 90.30 52.16
C LEU T 237 66.52 90.94 51.66
N ALA T 238 67.17 90.37 50.65
CA ALA T 238 68.32 90.97 50.01
C ALA T 238 67.94 92.31 49.37
N ALA T 239 66.83 92.36 48.62
CA ALA T 239 66.31 93.60 48.05
C ALA T 239 65.91 94.64 49.12
N ARG T 240 65.65 94.21 50.37
CA ARG T 240 65.35 95.05 51.54
C ARG T 240 66.55 95.33 52.47
N SER T 241 67.79 95.00 52.07
CA SER T 241 68.98 95.19 52.91
C SER T 241 70.22 95.62 52.10
N THR T 242 71.22 96.19 52.79
CA THR T 242 72.35 96.90 52.15
C THR T 242 73.73 96.46 52.67
N ASP T 243 73.79 95.84 53.85
CA ASP T 243 75.06 95.46 54.48
C ASP T 243 75.80 94.36 53.71
N SER T 244 77.09 94.57 53.44
CA SER T 244 77.91 93.63 52.67
C SER T 244 77.96 92.24 53.31
N ASP T 245 77.96 92.15 54.64
CA ASP T 245 77.91 90.88 55.36
C ASP T 245 76.68 90.04 55.01
N VAL T 246 75.50 90.67 54.91
CA VAL T 246 74.27 89.97 54.51
C VAL T 246 74.35 89.53 53.05
N LEU T 247 74.84 90.40 52.16
CA LEU T 247 75.02 90.07 50.74
C LEU T 247 76.00 88.91 50.55
N GLU T 248 77.14 88.93 51.24
CA GLU T 248 78.13 87.86 51.26
C GLU T 248 77.51 86.54 51.74
N ILE T 249 76.79 86.56 52.87
CA ILE T 249 76.13 85.38 53.43
C ILE T 249 75.11 84.81 52.43
N VAL T 250 74.28 85.67 51.83
CA VAL T 250 73.31 85.23 50.83
C VAL T 250 74.02 84.65 49.61
N LYS T 251 75.07 85.31 49.08
CA LYS T 251 75.84 84.78 47.95
C LYS T 251 76.52 83.46 48.29
N ASP T 252 77.10 83.33 49.47
CA ASP T 252 77.68 82.06 49.93
C ASP T 252 76.61 80.97 50.03
N ALA T 253 75.44 81.28 50.58
CA ALA T 253 74.35 80.32 50.67
C ALA T 253 73.87 79.88 49.29
N LEU T 254 73.71 80.83 48.35
CA LEU T 254 73.31 80.52 46.97
C LEU T 254 74.41 79.78 46.22
N GLU T 255 75.69 80.09 46.43
CA GLU T 255 76.80 79.34 45.85
C GLU T 255 76.82 77.90 46.37
N LEU T 256 76.70 77.72 47.69
CA LEU T 256 76.58 76.39 48.29
C LEU T 256 75.36 75.63 47.73
N ALA T 257 74.22 76.30 47.58
CA ALA T 257 73.02 75.70 47.00
C ALA T 257 73.19 75.35 45.51
N LYS T 258 74.01 76.10 44.77
CA LYS T 258 74.34 75.81 43.35
C LYS T 258 75.34 74.66 43.22
N GLN T 259 76.32 74.56 44.13
CA GLN T 259 77.35 73.52 44.10
C GLN T 259 76.89 72.17 44.68
N SER T 260 76.11 72.18 45.77
CA SER T 260 75.56 70.97 46.41
C SER T 260 74.30 70.45 45.69
N THR T 261 73.91 69.20 45.97
CA THR T 261 72.79 68.51 45.30
C THR T 261 71.79 67.87 46.29
N ASN T 262 71.77 68.32 47.56
CA ASN T 262 70.86 67.81 48.59
C ASN T 262 69.88 68.91 49.04
N GLU T 263 68.58 68.64 48.97
CA GLU T 263 67.53 69.62 49.33
C GLU T 263 67.56 70.02 50.81
N GLU T 264 68.01 69.14 51.72
CA GLU T 264 68.16 69.51 53.14
C GLU T 264 69.28 70.53 53.34
N VAL T 265 70.40 70.37 52.63
CA VAL T 265 71.49 71.35 52.62
C VAL T 265 71.01 72.68 52.05
N ILE T 266 70.27 72.65 50.93
CA ILE T 266 69.70 73.87 50.32
C ILE T 266 68.77 74.57 51.32
N LYS T 267 67.81 73.85 51.90
CA LYS T 267 66.86 74.42 52.88
C LYS T 267 67.60 75.00 54.10
N LEU T 268 68.55 74.26 54.68
CA LEU T 268 69.32 74.75 55.83
C LEU T 268 70.14 76.00 55.48
N ALA T 269 70.85 76.00 54.34
CA ALA T 269 71.66 77.13 53.91
C ALA T 269 70.79 78.38 53.69
N LEU T 270 69.67 78.24 52.96
CA LEU T 270 68.71 79.33 52.77
C LEU T 270 68.11 79.78 54.10
N LYS T 271 67.74 78.86 55.00
CA LYS T 271 67.22 79.21 56.33
C LYS T 271 68.25 80.00 57.14
N ALA T 272 69.51 79.57 57.15
CA ALA T 272 70.59 80.30 57.83
C ALA T 272 70.75 81.72 57.26
N ALA T 273 70.75 81.87 55.93
CA ALA T 273 70.80 83.17 55.29
C ALA T 273 69.57 84.05 55.58
N VAL T 274 68.36 83.48 55.59
CA VAL T 274 67.13 84.18 55.95
C VAL T 274 67.20 84.68 57.39
N LEU T 275 67.62 83.84 58.34
CA LEU T 275 67.78 84.25 59.73
C LEU T 275 68.85 85.33 59.89
N ALA T 276 69.97 85.23 59.19
CA ALA T 276 71.00 86.28 59.15
C ALA T 276 70.47 87.61 58.57
N ALA T 277 69.59 87.55 57.56
CA ALA T 277 69.00 88.75 56.96
C ALA T 277 67.86 89.37 57.80
N LYS T 278 67.08 88.55 58.53
CA LYS T 278 66.01 89.02 59.44
C LYS T 278 66.54 89.57 60.76
N SER T 279 67.54 88.92 61.36
CA SER T 279 68.23 89.39 62.56
C SER T 279 69.18 90.56 62.26
N THR T 280 69.78 91.15 63.30
CA THR T 280 70.78 92.22 63.17
C THR T 280 71.80 92.15 64.32
N ASP T 281 72.38 90.96 64.52
CA ASP T 281 73.45 90.70 65.48
C ASP T 281 74.71 90.27 64.73
N GLU T 282 75.78 91.07 64.82
CA GLU T 282 77.03 90.80 64.10
C GLU T 282 77.72 89.50 64.54
N GLU T 283 77.48 89.01 65.76
CA GLU T 283 78.00 87.71 66.18
C GLU T 283 77.25 86.55 65.52
N VAL T 284 75.94 86.72 65.27
CA VAL T 284 75.14 85.77 64.47
C VAL T 284 75.57 85.84 63.00
N LEU T 285 75.79 87.05 62.45
CA LEU T 285 76.32 87.20 61.09
C LEU T 285 77.67 86.48 60.94
N GLU T 286 78.62 86.73 61.86
CA GLU T 286 79.93 86.07 61.80
C GLU T 286 79.84 84.55 61.99
N GLU T 287 79.05 84.04 62.95
CA GLU T 287 78.93 82.58 63.11
C GLU T 287 78.22 81.94 61.91
N VAL T 288 77.19 82.57 61.34
CA VAL T 288 76.57 82.07 60.11
C VAL T 288 77.57 82.10 58.95
N LYS T 289 78.34 83.19 58.78
CA LYS T 289 79.35 83.29 57.73
C LYS T 289 80.45 82.22 57.91
N GLU T 290 80.89 82.00 59.14
CA GLU T 290 81.87 80.95 59.45
C GLU T 290 81.29 79.55 59.28
N ALA T 291 80.05 79.29 59.67
CA ALA T 291 79.38 78.01 59.41
C ALA T 291 79.25 77.74 57.90
N LEU T 292 78.88 78.75 57.11
CA LEU T 292 78.90 78.67 55.65
C LEU T 292 80.32 78.46 55.11
N ARG T 293 81.35 79.12 55.67
CA ARG T 293 82.74 78.90 55.26
C ARG T 293 83.18 77.46 55.56
N ARG T 294 82.90 76.94 56.74
CA ARG T 294 83.12 75.53 57.09
C ARG T 294 82.40 74.62 56.08
N ALA T 295 81.14 74.91 55.78
CA ALA T 295 80.36 74.14 54.81
C ALA T 295 80.90 74.22 53.37
N LYS T 296 81.46 75.36 52.95
CA LYS T 296 82.00 75.56 51.59
C LYS T 296 83.43 75.03 51.42
N GLU T 297 84.23 75.02 52.50
CA GLU T 297 85.57 74.41 52.51
C GLU T 297 85.54 72.88 52.67
N SER T 298 84.62 72.34 53.48
CA SER T 298 84.44 70.88 53.64
C SER T 298 83.66 70.24 52.48
N THR T 299 83.66 68.90 52.42
CA THR T 299 82.98 68.11 51.37
C THR T 299 81.82 67.24 51.88
N ASP T 300 81.85 66.79 53.14
CA ASP T 300 80.86 65.88 53.72
C ASP T 300 79.50 66.58 54.00
N GLU T 301 78.42 66.07 53.42
CA GLU T 301 77.06 66.58 53.65
C GLU T 301 76.64 66.50 55.12
N GLU T 302 77.16 65.55 55.90
CA GLU T 302 76.86 65.48 57.34
C GLU T 302 77.53 66.63 58.12
N GLU T 303 78.77 67.01 57.78
CA GLU T 303 79.43 68.17 58.37
C GLU T 303 78.76 69.48 57.94
N ILE T 304 78.37 69.60 56.66
CA ILE T 304 77.62 70.75 56.13
C ILE T 304 76.31 70.93 56.91
N LYS T 305 75.50 69.87 57.04
CA LYS T 305 74.24 69.90 57.79
C LYS T 305 74.46 70.23 59.27
N GLU T 306 75.42 69.60 59.94
CA GLU T 306 75.65 69.84 61.37
C GLU T 306 76.22 71.23 61.71
N GLU T 307 77.00 71.85 60.84
CA GLU T 307 77.42 73.25 61.02
C GLU T 307 76.25 74.22 60.80
N LEU T 308 75.51 74.05 59.70
CA LEU T 308 74.34 74.89 59.42
C LEU T 308 73.25 74.70 60.49
N ARG T 309 73.04 73.48 61.01
CA ARG T 309 72.08 73.20 62.09
C ARG T 309 72.44 73.98 63.36
N LYS T 310 73.69 73.92 63.82
CA LYS T 310 74.10 74.67 65.02
C LYS T 310 73.93 76.18 64.83
N ALA T 311 74.30 76.72 63.68
CA ALA T 311 74.08 78.13 63.37
C ALA T 311 72.58 78.51 63.36
N VAL T 312 71.72 77.69 62.76
CA VAL T 312 70.26 77.89 62.75
C VAL T 312 69.68 77.80 64.17
N GLU T 313 70.07 76.80 64.97
CA GLU T 313 69.59 76.66 66.35
C GLU T 313 70.06 77.78 67.29
N GLU T 314 71.18 78.45 66.98
CA GLU T 314 71.62 79.67 67.67
C GLU T 314 70.85 80.93 67.18
N ALA T 315 70.51 81.02 65.90
CA ALA T 315 69.93 82.21 65.27
C ALA T 315 68.39 82.32 65.33
N GLU T 316 67.65 81.20 65.40
CA GLU T 316 66.17 81.17 65.34
C GLU T 316 65.46 81.71 66.59
N CYS U 3 -36.92 10.84 109.67
CA CYS U 3 -38.10 11.72 109.53
C CYS U 3 -39.08 11.07 108.55
N ASP U 4 -40.01 10.24 109.05
CA ASP U 4 -40.70 9.20 108.25
C ASP U 4 -41.38 9.72 106.97
N ALA U 5 -42.19 10.78 107.05
CA ALA U 5 -42.89 11.30 105.87
C ALA U 5 -41.92 11.81 104.78
N ILE U 6 -40.75 12.31 105.17
CA ILE U 6 -39.70 12.71 104.22
C ILE U 6 -38.96 11.47 103.72
N GLN U 7 -38.70 10.48 104.59
CA GLN U 7 -38.06 9.22 104.19
C GLN U 7 -38.87 8.49 103.12
N ALA U 8 -40.19 8.50 103.23
CA ALA U 8 -41.06 7.97 102.18
C ALA U 8 -40.89 8.75 100.86
N ALA U 9 -40.87 10.09 100.92
CA ALA U 9 -40.62 10.90 99.72
C ALA U 9 -39.24 10.60 99.11
N ALA U 10 -38.21 10.43 99.93
CA ALA U 10 -36.88 10.07 99.47
C ALA U 10 -36.87 8.68 98.81
N ALA U 11 -37.56 7.70 99.39
CA ALA U 11 -37.68 6.38 98.78
C ALA U 11 -38.39 6.45 97.42
N LEU U 12 -39.47 7.23 97.31
CA LEU U 12 -40.17 7.47 96.05
C LEU U 12 -39.29 8.21 95.02
N GLY U 13 -38.45 9.13 95.48
CA GLY U 13 -37.45 9.81 94.65
C GLY U 13 -36.39 8.85 94.12
N GLU U 14 -35.89 7.93 94.96
CA GLU U 14 -34.99 6.86 94.52
C GLU U 14 -35.67 5.90 93.53
N ALA U 15 -36.98 5.67 93.68
CA ALA U 15 -37.79 4.94 92.70
C ALA U 15 -38.09 5.75 91.42
N GLY U 16 -37.68 7.02 91.34
CA GLY U 16 -37.86 7.87 90.16
C GLY U 16 -39.28 8.39 89.96
N ILE U 17 -40.13 8.35 90.99
CA ILE U 17 -41.52 8.83 90.93
C ILE U 17 -41.53 10.36 90.79
N SER U 18 -42.37 10.91 89.90
CA SER U 18 -42.42 12.36 89.69
C SER U 18 -43.07 13.11 90.86
N SER U 19 -42.75 14.39 91.04
CA SER U 19 -43.20 15.16 92.20
C SER U 19 -44.73 15.20 92.34
N ASN U 20 -45.48 15.38 91.25
CA ASN U 20 -46.94 15.33 91.31
C ASN U 20 -47.44 13.95 91.76
N GLU U 21 -46.80 12.87 91.31
CA GLU U 21 -47.15 11.51 91.73
C GLU U 21 -46.77 11.26 93.19
N ILE U 22 -45.62 11.77 93.66
CA ILE U 22 -45.27 11.70 95.07
C ILE U 22 -46.34 12.42 95.89
N LEU U 23 -46.71 13.64 95.49
CA LEU U 23 -47.72 14.41 96.19
C LEU U 23 -49.07 13.69 96.19
N GLU U 24 -49.45 13.01 95.10
CA GLU U 24 -50.65 12.19 95.11
C GLU U 24 -50.51 11.01 96.07
N LEU U 25 -49.37 10.31 96.07
CA LEU U 25 -49.16 9.18 96.98
C LEU U 25 -49.14 9.62 98.43
N LEU U 26 -48.62 10.81 98.70
CA LEU U 26 -48.74 11.46 99.99
C LEU U 26 -50.20 11.83 100.29
N ALA U 27 -50.96 12.32 99.32
CA ALA U 27 -52.38 12.60 99.51
C ALA U 27 -53.14 11.32 99.88
N ALA U 28 -52.86 10.21 99.19
CA ALA U 28 -53.39 8.91 99.52
C ALA U 28 -52.96 8.48 100.93
N ALA U 29 -51.69 8.69 101.28
CA ALA U 29 -51.19 8.36 102.61
C ALA U 29 -51.96 9.12 103.69
N ALA U 30 -52.28 10.39 103.47
CA ALA U 30 -53.13 11.15 104.38
C ALA U 30 -54.57 10.60 104.38
N GLU U 31 -55.18 10.41 103.21
CA GLU U 31 -56.58 10.01 103.09
C GLU U 31 -56.85 8.64 103.71
N LEU U 32 -56.03 7.64 103.41
CA LEU U 32 -56.13 6.30 103.97
C LEU U 32 -55.46 6.18 105.34
N GLY U 33 -54.65 7.15 105.75
CA GLY U 33 -53.85 7.07 106.98
C GLY U 33 -52.77 5.98 106.89
N LEU U 34 -52.08 5.87 105.76
CA LEU U 34 -51.09 4.81 105.52
C LEU U 34 -49.90 4.92 106.48
N ASP U 35 -49.48 3.77 107.02
CA ASP U 35 -48.20 3.65 107.74
C ASP U 35 -47.01 3.77 106.78
N PRO U 36 -45.83 4.21 107.22
CA PRO U 36 -44.65 4.33 106.37
C PRO U 36 -44.32 3.05 105.60
N ASP U 37 -44.49 1.88 106.22
CA ASP U 37 -44.31 0.60 105.55
C ASP U 37 -45.34 0.39 104.44
N ALA U 38 -46.59 0.80 104.63
CA ALA U 38 -47.62 0.73 103.59
C ALA U 38 -47.33 1.73 102.46
N ILE U 39 -46.84 2.92 102.78
CA ILE U 39 -46.36 3.86 101.76
C ILE U 39 -45.15 3.26 101.03
N GLN U 40 -44.25 2.56 101.71
CA GLN U 40 -43.13 1.87 101.09
C GLN U 40 -43.61 0.76 100.16
N ALA U 41 -44.63 -0.01 100.55
CA ALA U 41 -45.25 -0.98 99.65
C ALA U 41 -45.82 -0.27 98.40
N ALA U 42 -46.45 0.90 98.56
CA ALA U 42 -46.87 1.71 97.42
C ALA U 42 -45.68 2.09 96.53
N ALA U 43 -44.57 2.53 97.13
CA ALA U 43 -43.35 2.83 96.40
C ALA U 43 -42.83 1.62 95.62
N GLN U 44 -42.85 0.43 96.22
CA GLN U 44 -42.41 -0.79 95.56
C GLN U 44 -43.37 -1.26 94.46
N LEU U 45 -44.67 -0.98 94.55
CA LEU U 45 -45.59 -1.14 93.41
C LEU U 45 -45.26 -0.13 92.30
N GLY U 46 -44.73 1.04 92.67
CA GLY U 46 -44.12 1.99 91.74
C GLY U 46 -42.84 1.45 91.10
N GLU U 47 -41.99 0.74 91.85
CA GLU U 47 -40.83 0.02 91.29
C GLU U 47 -41.27 -1.12 90.36
N ALA U 48 -42.41 -1.76 90.63
CA ALA U 48 -43.06 -2.69 89.71
C ALA U 48 -43.69 -1.99 88.47
N GLY U 49 -43.64 -0.65 88.40
CA GLY U 49 -44.10 0.14 87.27
C GLY U 49 -45.60 0.38 87.21
N ILE U 50 -46.35 0.02 88.26
CA ILE U 50 -47.82 0.20 88.29
C ILE U 50 -48.16 1.70 88.41
N SER U 51 -49.20 2.16 87.70
CA SER U 51 -49.67 3.54 87.81
C SER U 51 -50.26 3.84 89.19
N SER U 52 -49.91 5.02 89.72
CA SER U 52 -50.22 5.44 91.08
C SER U 52 -51.71 5.42 91.40
N GLU U 53 -52.56 5.75 90.44
CA GLU U 53 -54.00 5.81 90.68
C GLU U 53 -54.55 4.41 90.97
N GLU U 54 -54.16 3.43 90.17
CA GLU U 54 -54.48 2.03 90.44
C GLU U 54 -53.87 1.59 91.77
N ILE U 55 -52.62 1.94 92.06
CA ILE U 55 -52.04 1.63 93.37
C ILE U 55 -52.94 2.18 94.48
N LYS U 56 -53.40 3.43 94.35
CA LYS U 56 -54.27 4.07 95.32
C LYS U 56 -55.56 3.29 95.49
N GLU U 57 -56.22 2.94 94.40
CA GLU U 57 -57.42 2.11 94.50
C GLU U 57 -57.11 0.73 95.09
N LEU U 58 -55.93 0.15 94.81
CA LEU U 58 -55.57 -1.14 95.37
C LEU U 58 -55.35 -1.03 96.88
N LEU U 59 -54.66 0.00 97.33
CA LEU U 59 -54.50 0.26 98.76
C LEU U 59 -55.87 0.53 99.38
N ARG U 60 -56.74 1.29 98.71
CA ARG U 60 -58.11 1.53 99.13
C ARG U 60 -58.87 0.22 99.26
N ALA U 61 -58.71 -0.70 98.32
CA ALA U 61 -59.30 -2.02 98.43
C ALA U 61 -58.71 -2.79 99.62
N ALA U 62 -57.39 -2.79 99.81
CA ALA U 62 -56.75 -3.46 100.95
C ALA U 62 -57.27 -2.92 102.29
N HIS U 63 -57.51 -1.61 102.37
CA HIS U 63 -58.13 -0.95 103.50
C HIS U 63 -59.59 -1.35 103.67
N GLU U 64 -60.40 -1.35 102.60
CA GLU U 64 -61.79 -1.80 102.62
C GLU U 64 -61.94 -3.31 102.92
N LEU U 65 -60.89 -4.10 102.68
CA LEU U 65 -60.79 -5.51 103.07
C LEU U 65 -60.31 -5.70 104.52
N GLY U 66 -59.68 -4.69 105.13
CA GLY U 66 -59.10 -4.81 106.47
C GLY U 66 -57.91 -5.78 106.53
N LEU U 67 -57.09 -5.83 105.48
CA LEU U 67 -55.96 -6.77 105.36
C LEU U 67 -54.87 -6.53 106.42
N ASP U 68 -54.12 -7.59 106.74
CA ASP U 68 -52.96 -7.52 107.63
C ASP U 68 -51.77 -6.81 106.95
N PRO U 69 -50.96 -6.01 107.68
CA PRO U 69 -49.85 -5.24 107.11
C PRO U 69 -48.82 -6.09 106.35
N ASP U 70 -48.58 -7.33 106.79
CA ASP U 70 -47.66 -8.25 106.12
C ASP U 70 -48.24 -8.78 104.81
N ALA U 71 -49.55 -9.06 104.73
CA ALA U 71 -50.19 -9.31 103.46
C ALA U 71 -50.11 -8.08 102.54
N ILE U 72 -50.30 -6.87 103.07
CA ILE U 72 -50.16 -5.65 102.26
C ILE U 72 -48.73 -5.48 101.76
N ALA U 73 -47.72 -5.77 102.56
CA ALA U 73 -46.34 -5.81 102.10
C ALA U 73 -46.16 -6.89 101.02
N ALA U 74 -46.71 -8.08 101.25
CA ALA U 74 -46.69 -9.15 100.26
C ALA U 74 -47.38 -8.73 98.96
N ALA U 75 -48.31 -7.78 98.97
CA ALA U 75 -48.89 -7.25 97.74
C ALA U 75 -47.81 -6.60 96.87
N ALA U 76 -46.85 -5.90 97.47
CA ALA U 76 -45.71 -5.39 96.73
C ALA U 76 -44.78 -6.53 96.25
N ASP U 77 -44.71 -7.64 96.97
CA ASP U 77 -43.99 -8.82 96.48
C ASP U 77 -44.68 -9.45 95.27
N LEU U 78 -46.02 -9.52 95.26
CA LEU U 78 -46.76 -9.90 94.06
C LEU U 78 -46.51 -8.91 92.90
N GLY U 79 -46.33 -7.62 93.23
CA GLY U 79 -45.87 -6.61 92.28
C GLY U 79 -44.50 -6.93 91.69
N GLN U 80 -43.52 -7.25 92.53
CA GLN U 80 -42.18 -7.66 92.07
C GLN U 80 -42.23 -8.94 91.22
N ALA U 81 -43.14 -9.87 91.54
CA ALA U 81 -43.41 -11.06 90.74
C ALA U 81 -44.08 -10.77 89.38
N GLY U 82 -44.50 -9.52 89.10
CA GLY U 82 -45.07 -9.11 87.83
C GLY U 82 -46.54 -9.50 87.63
N VAL U 83 -47.26 -9.83 88.70
CA VAL U 83 -48.68 -10.22 88.66
C VAL U 83 -49.56 -9.08 88.11
N SER U 84 -50.65 -9.39 87.42
CA SER U 84 -51.61 -8.36 86.97
C SER U 84 -52.14 -7.55 88.14
N PRO U 85 -52.41 -6.24 87.97
CA PRO U 85 -52.81 -5.40 89.08
C PRO U 85 -54.12 -5.88 89.71
N VAL U 86 -55.09 -6.28 88.89
CA VAL U 86 -56.29 -6.93 89.41
C VAL U 86 -55.93 -8.25 90.08
N GLU U 87 -55.06 -9.05 89.47
CA GLU U 87 -54.69 -10.36 90.02
C GLU U 87 -54.02 -10.24 91.39
N ILE U 88 -53.31 -9.16 91.67
CA ILE U 88 -52.84 -8.92 93.03
C ILE U 88 -54.04 -8.89 93.95
N LEU U 89 -55.04 -8.07 93.64
CA LEU U 89 -56.22 -7.95 94.48
C LEU U 89 -56.98 -9.27 94.56
N ALA U 90 -57.03 -10.03 93.48
CA ALA U 90 -57.61 -11.34 93.51
C ALA U 90 -56.88 -12.22 94.53
N LEU U 91 -55.56 -12.31 94.44
CA LEU U 91 -54.78 -13.14 95.35
C LEU U 91 -54.93 -12.67 96.79
N LEU U 92 -54.94 -11.37 97.01
CA LEU U 92 -55.21 -10.83 98.34
C LEU U 92 -56.59 -11.26 98.83
N ILE U 93 -57.62 -11.05 98.02
CA ILE U 93 -58.97 -11.43 98.41
C ILE U 93 -59.02 -12.93 98.70
N ALA U 94 -58.41 -13.74 97.85
CA ALA U 94 -58.40 -15.18 98.04
C ALA U 94 -57.76 -15.56 99.36
N ALA U 95 -56.57 -15.06 99.64
CA ALA U 95 -55.92 -15.31 100.91
C ALA U 95 -56.81 -14.88 102.07
N SER U 96 -57.42 -13.68 101.96
CA SER U 96 -58.27 -13.14 103.02
C SER U 96 -59.49 -14.02 103.29
N VAL U 97 -60.07 -14.62 102.25
CA VAL U 97 -61.19 -15.55 102.39
C VAL U 97 -60.71 -16.87 102.98
N LEU U 98 -59.60 -17.40 102.47
CA LEU U 98 -59.09 -18.71 102.89
C LEU U 98 -58.60 -18.70 104.35
N GLY U 99 -58.11 -17.56 104.85
CA GLY U 99 -57.57 -17.45 106.21
C GLY U 99 -56.19 -18.10 106.39
N LEU U 100 -55.47 -18.37 105.29
CA LEU U 100 -54.11 -18.91 105.29
C LEU U 100 -53.08 -17.88 105.79
N ASP U 101 -51.90 -18.35 106.18
CA ASP U 101 -50.76 -17.49 106.50
C ASP U 101 -50.24 -16.75 105.24
N PRO U 102 -49.62 -15.56 105.40
CA PRO U 102 -48.92 -14.87 104.32
C PRO U 102 -47.85 -15.70 103.60
N ASP U 103 -47.36 -16.78 104.20
CA ASP U 103 -46.49 -17.74 103.50
C ASP U 103 -47.19 -18.35 102.28
N ALA U 104 -48.50 -18.55 102.33
CA ALA U 104 -49.26 -18.94 101.16
C ALA U 104 -49.22 -17.85 100.08
N ILE U 105 -49.20 -16.57 100.47
CA ILE U 105 -49.04 -15.46 99.52
C ILE U 105 -47.62 -15.47 98.95
N GLN U 106 -46.60 -15.76 99.74
CA GLN U 106 -45.24 -15.92 99.21
C GLN U 106 -45.20 -17.08 98.19
N ALA U 107 -45.90 -18.18 98.46
CA ALA U 107 -46.01 -19.26 97.49
C ALA U 107 -46.77 -18.78 96.24
N ALA U 108 -47.82 -17.98 96.39
CA ALA U 108 -48.48 -17.36 95.27
C ALA U 108 -47.51 -16.47 94.47
N ALA U 109 -46.60 -15.75 95.13
CA ALA U 109 -45.60 -14.96 94.44
C ALA U 109 -44.67 -15.86 93.61
N ALA U 110 -44.22 -16.98 94.18
CA ALA U 110 -43.43 -17.95 93.43
C ALA U 110 -44.21 -18.51 92.23
N LEU U 111 -45.48 -18.87 92.41
CA LEU U 111 -46.34 -19.33 91.32
C LEU U 111 -46.53 -18.22 90.27
N GLY U 112 -46.58 -16.97 90.70
CA GLY U 112 -46.64 -15.79 89.84
C GLY U 112 -45.38 -15.62 88.99
N GLU U 113 -44.19 -15.81 89.58
CA GLU U 113 -42.94 -15.88 88.82
C GLU U 113 -42.94 -17.07 87.85
N ALA U 114 -43.54 -18.18 88.23
CA ALA U 114 -43.76 -19.32 87.34
C ALA U 114 -44.85 -19.08 86.25
N GLY U 115 -45.48 -17.90 86.23
CA GLY U 115 -46.45 -17.51 85.20
C GLY U 115 -47.84 -18.14 85.36
N ILE U 116 -48.12 -18.76 86.50
CA ILE U 116 -49.40 -19.41 86.80
C ILE U 116 -50.51 -18.37 86.99
N SER U 117 -51.71 -18.58 86.45
CA SER U 117 -52.83 -17.63 86.58
C SER U 117 -53.40 -17.61 88.00
N ALA U 118 -54.07 -16.52 88.39
CA ALA U 118 -54.77 -16.47 89.67
C ALA U 118 -55.82 -17.58 89.80
N GLU U 119 -56.52 -17.94 88.72
CA GLU U 119 -57.44 -19.09 88.75
C GLU U 119 -56.71 -20.35 89.20
N GLU U 120 -55.59 -20.66 88.57
CA GLU U 120 -54.82 -21.84 88.92
C GLU U 120 -54.28 -21.74 90.35
N ILE U 121 -53.76 -20.59 90.77
CA ILE U 121 -53.25 -20.45 92.13
C ILE U 121 -54.39 -20.69 93.12
N ILE U 122 -55.51 -20.00 92.93
CA ILE U 122 -56.64 -20.11 93.85
C ILE U 122 -57.15 -21.54 93.87
N GLU U 123 -57.23 -22.17 92.71
CA GLU U 123 -57.60 -23.58 92.63
C GLU U 123 -56.62 -24.45 93.41
N LEU U 124 -55.32 -24.24 93.23
CA LEU U 124 -54.31 -25.00 93.94
C LEU U 124 -54.45 -24.78 95.45
N LEU U 125 -54.67 -23.54 95.89
CA LEU U 125 -54.89 -23.26 97.30
C LEU U 125 -56.16 -23.94 97.81
N THR U 126 -57.21 -23.93 97.01
CA THR U 126 -58.47 -24.61 97.34
C THR U 126 -58.24 -26.10 97.48
N ALA U 127 -57.54 -26.71 96.52
CA ALA U 127 -57.22 -28.12 96.58
C ALA U 127 -56.38 -28.45 97.82
N ALA U 128 -55.37 -27.65 98.12
CA ALA U 128 -54.54 -27.86 99.30
C ALA U 128 -55.38 -27.81 100.59
N ARG U 129 -56.27 -26.82 100.69
CA ARG U 129 -57.24 -26.73 101.79
C ARG U 129 -58.07 -28.01 101.87
N ASP U 130 -58.66 -28.42 100.75
CA ASP U 130 -59.55 -29.58 100.70
C ASP U 130 -58.84 -30.90 101.04
N LEU U 131 -57.57 -31.04 100.67
CA LEU U 131 -56.75 -32.19 101.04
C LEU U 131 -56.26 -32.13 102.50
N GLY U 132 -56.36 -30.99 103.17
CA GLY U 132 -55.78 -30.79 104.50
C GLY U 132 -54.25 -30.65 104.48
N LEU U 133 -53.69 -30.20 103.35
CA LEU U 133 -52.27 -29.86 103.19
C LEU U 133 -51.94 -28.51 103.84
N ASP U 134 -50.69 -28.06 103.71
CA ASP U 134 -50.12 -26.91 104.41
C ASP U 134 -49.23 -26.04 103.49
N PRO U 135 -48.87 -24.81 103.92
CA PRO U 135 -47.99 -23.93 103.14
C PRO U 135 -46.67 -24.56 102.71
N ASP U 136 -46.08 -25.48 103.48
CA ASP U 136 -44.88 -26.20 103.06
C ASP U 136 -45.15 -27.10 101.85
N ALA U 137 -46.24 -27.86 101.87
CA ALA U 137 -46.66 -28.64 100.70
C ALA U 137 -46.93 -27.72 99.51
N ILE U 138 -47.61 -26.60 99.71
CA ILE U 138 -47.89 -25.62 98.65
C ILE U 138 -46.58 -25.05 98.08
N GLN U 139 -45.61 -24.72 98.93
CA GLN U 139 -44.31 -24.22 98.49
C GLN U 139 -43.53 -25.27 97.70
N ALA U 140 -43.54 -26.53 98.15
CA ALA U 140 -42.95 -27.61 97.37
C ALA U 140 -43.66 -27.74 96.01
N ALA U 141 -44.99 -27.63 95.97
CA ALA U 141 -45.72 -27.64 94.72
C ALA U 141 -45.33 -26.46 93.82
N ALA U 142 -44.98 -25.30 94.38
CA ALA U 142 -44.50 -24.18 93.57
C ALA U 142 -43.22 -24.55 92.78
N GLN U 143 -42.40 -25.46 93.28
CA GLN U 143 -41.27 -25.98 92.50
C GLN U 143 -41.73 -26.80 91.29
N LEU U 144 -42.79 -27.62 91.42
CA LEU U 144 -43.40 -28.28 90.25
C LEU U 144 -43.98 -27.24 89.27
N GLY U 145 -44.52 -26.14 89.80
CA GLY U 145 -44.93 -24.99 88.99
C GLY U 145 -43.76 -24.39 88.20
N GLU U 146 -42.63 -24.15 88.85
CA GLU U 146 -41.39 -23.70 88.19
C GLU U 146 -40.89 -24.71 87.15
N ALA U 147 -41.12 -26.02 87.38
CA ALA U 147 -40.80 -27.07 86.40
C ALA U 147 -41.78 -27.10 85.20
N GLY U 148 -42.82 -26.27 85.18
CA GLY U 148 -43.78 -26.21 84.07
C GLY U 148 -44.82 -27.33 84.07
N ILE U 149 -44.95 -28.09 85.15
CA ILE U 149 -45.99 -29.11 85.31
C ILE U 149 -47.36 -28.41 85.35
N SER U 150 -48.37 -28.94 84.65
CA SER U 150 -49.68 -28.28 84.63
C SER U 150 -50.39 -28.32 85.98
N SER U 151 -51.32 -27.39 86.20
CA SER U 151 -52.10 -27.33 87.44
C SER U 151 -52.81 -28.65 87.75
N GLU U 152 -53.45 -29.27 86.76
CA GLU U 152 -54.13 -30.54 86.96
C GLU U 152 -53.15 -31.66 87.31
N GLU U 153 -51.98 -31.70 86.65
CA GLU U 153 -50.94 -32.66 87.00
C GLU U 153 -50.46 -32.45 88.44
N ILE U 154 -50.23 -31.22 88.87
CA ILE U 154 -49.87 -30.93 90.26
C ILE U 154 -51.00 -31.39 91.18
N LYS U 155 -52.24 -31.06 90.86
CA LYS U 155 -53.41 -31.42 91.69
C LYS U 155 -53.49 -32.93 91.84
N GLU U 156 -53.36 -33.67 90.75
CA GLU U 156 -53.32 -35.12 90.79
C GLU U 156 -52.11 -35.62 91.59
N LEU U 157 -50.93 -35.02 91.43
CA LEU U 157 -49.76 -35.41 92.20
C LEU U 157 -50.02 -35.21 93.69
N LEU U 158 -50.51 -34.05 94.09
CA LEU U 158 -50.84 -33.79 95.48
C LEU U 158 -51.90 -34.77 95.96
N ARG U 159 -52.94 -35.04 95.17
CA ARG U 159 -53.96 -36.01 95.51
C ARG U 159 -53.35 -37.37 95.75
N ALA U 160 -52.49 -37.83 94.85
CA ALA U 160 -51.79 -39.09 95.02
C ALA U 160 -50.91 -39.09 96.28
N ALA U 161 -50.14 -38.02 96.50
CA ALA U 161 -49.27 -37.91 97.66
C ALA U 161 -50.08 -38.03 98.96
N HIS U 162 -51.23 -37.36 99.03
CA HIS U 162 -52.16 -37.45 100.16
C HIS U 162 -52.76 -38.85 100.31
N GLU U 163 -53.24 -39.46 99.21
CA GLU U 163 -53.77 -40.83 99.23
C GLU U 163 -52.74 -41.87 99.67
N LEU U 164 -51.46 -41.59 99.43
CA LEU U 164 -50.31 -42.40 99.87
C LEU U 164 -49.74 -41.97 101.24
N GLY U 165 -50.21 -40.86 101.83
CA GLY U 165 -49.68 -40.32 103.10
C GLY U 165 -48.25 -39.78 103.03
N LEU U 166 -47.76 -39.44 101.84
CA LEU U 166 -46.40 -38.98 101.60
C LEU U 166 -46.21 -37.52 102.01
N ASP U 167 -45.24 -37.26 102.90
CA ASP U 167 -45.00 -35.94 103.48
C ASP U 167 -44.23 -34.99 102.52
N PRO U 168 -44.14 -33.68 102.81
CA PRO U 168 -43.52 -32.70 101.91
C PRO U 168 -42.10 -32.99 101.43
N ASP U 169 -41.27 -33.78 102.13
CA ASP U 169 -39.97 -34.17 101.58
C ASP U 169 -40.14 -35.04 100.33
N CYS U 170 -41.18 -35.87 100.30
CA CYS U 170 -41.53 -36.64 99.11
C CYS U 170 -41.97 -35.70 97.98
N ILE U 171 -42.74 -34.65 98.30
CA ILE U 171 -43.13 -33.65 97.30
C ILE U 171 -41.89 -32.93 96.76
N ALA U 172 -40.93 -32.57 97.61
CA ALA U 172 -39.67 -31.96 97.16
C ALA U 172 -38.90 -32.92 96.23
N ALA U 173 -38.80 -34.19 96.61
CA ALA U 173 -38.22 -35.20 95.74
C ALA U 173 -39.00 -35.36 94.42
N ALA U 174 -40.33 -35.28 94.45
CA ALA U 174 -41.14 -35.29 93.24
C ALA U 174 -40.83 -34.08 92.35
N ALA U 175 -40.65 -32.89 92.95
CA ALA U 175 -40.20 -31.72 92.23
C ALA U 175 -38.80 -31.90 91.63
N ASP U 176 -37.89 -32.62 92.30
CA ASP U 176 -36.58 -32.95 91.74
C ASP U 176 -36.67 -33.95 90.57
N LEU U 177 -37.61 -34.90 90.58
CA LEU U 177 -37.90 -35.69 89.38
C LEU U 177 -38.49 -34.80 88.25
N GLY U 178 -39.21 -33.74 88.62
CA GLY U 178 -39.60 -32.67 87.71
C GLY U 178 -38.38 -31.92 87.15
N GLN U 179 -37.37 -31.60 87.97
CA GLN U 179 -36.10 -31.03 87.50
C GLN U 179 -35.38 -31.98 86.55
N ALA U 180 -35.48 -33.29 86.77
CA ALA U 180 -34.99 -34.32 85.85
C ALA U 180 -35.86 -34.49 84.58
N GLY U 181 -36.98 -33.78 84.45
CA GLY U 181 -37.85 -33.82 83.26
C GLY U 181 -38.71 -35.07 83.15
N ILE U 182 -38.86 -35.83 84.22
CA ILE U 182 -39.68 -37.05 84.27
C ILE U 182 -41.16 -36.68 84.06
N SER U 183 -41.91 -37.44 83.25
CA SER U 183 -43.33 -37.15 83.02
C SER U 183 -44.15 -37.31 84.31
N SER U 184 -45.25 -36.56 84.45
CA SER U 184 -46.07 -36.58 85.67
C SER U 184 -46.57 -38.00 86.02
N SER U 185 -46.98 -38.77 85.02
CA SER U 185 -47.35 -40.17 85.20
C SER U 185 -46.16 -40.99 85.70
N GLU U 186 -44.96 -40.83 85.14
CA GLU U 186 -43.78 -41.54 85.62
C GLU U 186 -43.38 -41.11 87.05
N ILE U 187 -43.47 -39.83 87.38
CA ILE U 187 -43.28 -39.39 88.76
C ILE U 187 -44.30 -40.10 89.66
N THR U 188 -45.56 -40.14 89.24
CA THR U 188 -46.62 -40.78 90.00
C THR U 188 -46.33 -42.26 90.21
N ALA U 189 -45.90 -42.95 89.15
CA ALA U 189 -45.48 -44.34 89.23
C ALA U 189 -44.33 -44.50 90.21
N LEU U 190 -43.30 -43.67 90.12
CA LEU U 190 -42.15 -43.74 91.02
C LEU U 190 -42.57 -43.51 92.47
N LEU U 191 -43.47 -42.55 92.71
CA LEU U 191 -44.04 -42.33 94.03
C LEU U 191 -44.79 -43.59 94.50
N LEU U 192 -45.67 -44.14 93.68
CA LEU U 192 -46.41 -45.35 94.02
C LEU U 192 -45.46 -46.49 94.36
N ALA U 193 -44.45 -46.71 93.53
CA ALA U 193 -43.48 -47.79 93.71
C ALA U 193 -42.69 -47.59 95.01
N ALA U 194 -42.13 -46.41 95.20
CA ALA U 194 -41.36 -46.11 96.40
C ALA U 194 -42.22 -46.27 97.65
N ALA U 195 -43.47 -45.82 97.61
CA ALA U 195 -44.40 -45.99 98.71
C ALA U 195 -44.68 -47.48 98.97
N ALA U 196 -44.97 -48.25 97.92
CA ALA U 196 -45.19 -49.67 98.06
C ALA U 196 -43.97 -50.37 98.67
N ILE U 197 -42.75 -50.00 98.24
CA ILE U 197 -41.51 -50.57 98.76
C ILE U 197 -41.33 -50.21 100.23
N GLU U 198 -41.50 -48.94 100.58
CA GLU U 198 -41.34 -48.48 101.96
C GLU U 198 -42.28 -49.25 102.91
N LEU U 199 -43.56 -49.36 102.53
CA LEU U 199 -44.54 -50.13 103.27
C LEU U 199 -44.19 -51.62 103.29
N ALA U 200 -43.84 -52.21 102.15
CA ALA U 200 -43.56 -53.64 102.06
C ALA U 200 -42.33 -54.03 102.86
N LYS U 201 -41.31 -53.16 102.93
CA LYS U 201 -40.14 -53.34 103.81
C LYS U 201 -40.53 -53.31 105.28
N ARG U 202 -41.59 -52.56 105.62
CA ARG U 202 -42.05 -52.33 106.99
C ARG U 202 -43.11 -53.34 107.43
N ALA U 203 -43.82 -53.94 106.49
CA ALA U 203 -44.40 -55.26 106.63
C ALA U 203 -43.28 -56.33 106.61
N ASP U 204 -43.57 -57.55 107.06
CA ASP U 204 -42.60 -58.66 107.10
C ASP U 204 -43.15 -60.02 106.62
N ASP U 205 -44.37 -60.06 106.10
CA ASP U 205 -44.94 -61.25 105.47
C ASP U 205 -44.23 -61.56 104.13
N LYS U 206 -43.45 -62.64 104.07
CA LYS U 206 -42.69 -63.02 102.88
C LYS U 206 -43.56 -63.27 101.64
N ASP U 207 -44.83 -63.63 101.81
CA ASP U 207 -45.78 -63.73 100.69
C ASP U 207 -46.09 -62.34 100.10
N VAL U 208 -46.29 -61.32 100.95
CA VAL U 208 -46.44 -59.93 100.51
C VAL U 208 -45.15 -59.45 99.85
N ARG U 209 -43.99 -59.74 100.45
CA ARG U 209 -42.67 -59.45 99.86
C ARG U 209 -42.57 -60.03 98.44
N GLU U 210 -42.92 -61.29 98.28
CA GLU U 210 -42.91 -61.99 96.98
C GLU U 210 -43.90 -61.37 95.99
N ILE U 211 -45.14 -61.08 96.41
CA ILE U 211 -46.13 -60.44 95.55
C ILE U 211 -45.60 -59.08 95.08
N VAL U 212 -45.10 -58.27 96.00
CA VAL U 212 -44.59 -56.93 95.66
C VAL U 212 -43.39 -57.04 94.74
N ARG U 213 -42.48 -57.98 94.97
CA ARG U 213 -41.38 -58.28 94.04
C ARG U 213 -41.92 -58.53 92.64
N ASP U 214 -42.89 -59.43 92.51
CA ASP U 214 -43.45 -59.78 91.20
C ASP U 214 -44.16 -58.60 90.55
N ALA U 215 -44.86 -57.78 91.33
CA ALA U 215 -45.45 -56.55 90.84
C ALA U 215 -44.37 -55.59 90.34
N LEU U 216 -43.28 -55.42 91.09
CA LEU U 216 -42.17 -54.55 90.70
C LEU U 216 -41.44 -55.09 89.47
N GLU U 217 -41.31 -56.40 89.32
CA GLU U 217 -40.84 -56.99 88.07
C GLU U 217 -41.76 -56.60 86.92
N LEU U 218 -43.07 -56.82 87.05
CA LEU U 218 -44.03 -56.47 86.00
C LEU U 218 -43.96 -54.97 85.65
N ALA U 219 -43.87 -54.11 86.66
CA ALA U 219 -43.73 -52.67 86.48
C ALA U 219 -42.41 -52.31 85.77
N SER U 220 -41.33 -53.03 86.07
CA SER U 220 -40.03 -52.83 85.41
C SER U 220 -40.06 -53.30 83.96
N ARG U 221 -40.72 -54.43 83.66
CA ARG U 221 -40.77 -55.03 82.31
C ARG U 221 -41.76 -54.36 81.37
N SER U 222 -42.92 -53.94 81.87
CA SER U 222 -43.97 -53.30 81.08
C SER U 222 -43.60 -51.84 80.69
N THR U 223 -44.34 -51.28 79.73
CA THR U 223 -44.04 -49.97 79.09
C THR U 223 -45.29 -49.15 78.76
N ASN U 224 -46.37 -49.27 79.54
CA ASN U 224 -47.62 -48.51 79.36
C ASN U 224 -48.14 -47.94 80.69
N ASP U 225 -48.51 -46.66 80.69
CA ASP U 225 -48.86 -45.95 81.94
C ASP U 225 -50.14 -46.47 82.61
N GLU U 226 -51.10 -47.01 81.86
CA GLU U 226 -52.30 -47.62 82.45
C GLU U 226 -51.91 -48.92 83.17
N VAL U 227 -51.17 -49.80 82.48
CA VAL U 227 -50.65 -51.05 83.09
C VAL U 227 -49.84 -50.73 84.34
N ILE U 228 -48.89 -49.79 84.23
CA ILE U 228 -47.97 -49.45 85.33
C ILE U 228 -48.76 -48.89 86.52
N ARG U 229 -49.64 -47.91 86.30
CA ARG U 229 -50.41 -47.33 87.41
C ARG U 229 -51.34 -48.36 88.03
N LEU U 230 -52.02 -49.19 87.24
CA LEU U 230 -52.84 -50.27 87.78
C LEU U 230 -52.00 -51.24 88.61
N ALA U 231 -50.85 -51.67 88.10
CA ALA U 231 -49.99 -52.61 88.79
C ALA U 231 -49.49 -52.01 90.11
N LEU U 232 -49.02 -50.76 90.11
CA LEU U 232 -48.46 -50.17 91.31
C LEU U 232 -49.55 -49.77 92.31
N GLU U 233 -50.73 -49.39 91.85
CA GLU U 233 -51.90 -49.24 92.73
C GLU U 233 -52.26 -50.59 93.36
N ALA U 234 -52.26 -51.67 92.59
CA ALA U 234 -52.41 -53.00 93.15
C ALA U 234 -51.28 -53.34 94.14
N ALA U 235 -50.05 -52.91 93.90
CA ALA U 235 -48.93 -53.15 94.81
C ALA U 235 -49.13 -52.42 96.15
N VAL U 236 -49.56 -51.16 96.12
CA VAL U 236 -49.92 -50.42 97.33
C VAL U 236 -51.08 -51.09 98.05
N LEU U 237 -52.14 -51.47 97.32
CA LEU U 237 -53.28 -52.17 97.91
C LEU U 237 -52.87 -53.52 98.52
N ALA U 238 -51.97 -54.27 97.88
CA ALA U 238 -51.42 -55.50 98.45
C ALA U 238 -50.69 -55.21 99.76
N ALA U 239 -49.82 -54.19 99.79
CA ALA U 239 -49.10 -53.79 100.99
C ALA U 239 -50.02 -53.28 102.14
N ARG U 240 -51.19 -52.73 101.81
CA ARG U 240 -52.24 -52.33 102.78
C ARG U 240 -53.15 -53.48 103.22
N SER U 241 -53.34 -54.49 102.38
CA SER U 241 -54.18 -55.67 102.67
C SER U 241 -53.52 -56.65 103.66
N THR U 242 -54.32 -57.54 104.25
CA THR U 242 -53.83 -58.64 105.11
C THR U 242 -54.50 -60.00 104.82
N ASP U 243 -55.61 -60.02 104.08
CA ASP U 243 -56.33 -61.26 103.77
C ASP U 243 -55.61 -62.09 102.70
N SER U 244 -55.31 -63.36 103.02
CA SER U 244 -54.68 -64.29 102.08
C SER U 244 -55.51 -64.47 100.81
N ASP U 245 -56.84 -64.37 100.84
CA ASP U 245 -57.64 -64.42 99.61
C ASP U 245 -57.33 -63.24 98.69
N VAL U 246 -57.21 -62.01 99.22
CA VAL U 246 -56.83 -60.85 98.42
C VAL U 246 -55.42 -61.01 97.85
N LEU U 247 -54.48 -61.48 98.68
CA LEU U 247 -53.11 -61.75 98.25
C LEU U 247 -53.06 -62.83 97.15
N GLU U 248 -53.79 -63.94 97.31
CA GLU U 248 -53.87 -64.99 96.31
C GLU U 248 -54.51 -64.50 95.01
N ILE U 249 -55.59 -63.72 95.09
CA ILE U 249 -56.23 -63.12 93.90
C ILE U 249 -55.23 -62.21 93.18
N VAL U 250 -54.53 -61.34 93.91
CA VAL U 250 -53.49 -60.50 93.32
C VAL U 250 -52.39 -61.35 92.71
N LYS U 251 -51.91 -62.39 93.40
CA LYS U 251 -50.85 -63.26 92.90
C LYS U 251 -51.28 -64.01 91.65
N ASP U 252 -52.50 -64.55 91.63
CA ASP U 252 -53.05 -65.20 90.46
C ASP U 252 -53.20 -64.22 89.29
N ALA U 253 -53.65 -62.99 89.56
CA ALA U 253 -53.73 -61.96 88.53
C ALA U 253 -52.35 -61.58 88.00
N LEU U 254 -51.34 -61.44 88.86
CA LEU U 254 -49.96 -61.20 88.45
C LEU U 254 -49.39 -62.38 87.67
N GLU U 255 -49.67 -63.61 88.07
CA GLU U 255 -49.24 -64.79 87.34
C GLU U 255 -49.88 -64.82 85.94
N LEU U 256 -51.20 -64.60 85.84
CA LEU U 256 -51.88 -64.47 84.56
C LEU U 256 -51.27 -63.35 83.72
N ALA U 257 -51.00 -62.19 84.31
CA ALA U 257 -50.40 -61.06 83.61
C ALA U 257 -48.98 -61.36 83.12
N LYS U 258 -48.19 -62.15 83.86
CA LYS U 258 -46.85 -62.57 83.47
C LYS U 258 -46.89 -63.64 82.38
N GLN U 259 -47.87 -64.56 82.43
CA GLN U 259 -48.04 -65.62 81.44
C GLN U 259 -48.63 -65.10 80.11
N SER U 260 -49.57 -64.16 80.17
CA SER U 260 -50.21 -63.56 79.00
C SER U 260 -49.37 -62.45 78.37
N THR U 261 -49.73 -62.02 77.15
CA THR U 261 -48.98 -61.04 76.34
C THR U 261 -49.84 -59.88 75.80
N ASN U 262 -51.12 -59.80 76.19
CA ASN U 262 -52.08 -58.78 75.73
C ASN U 262 -52.33 -57.74 76.83
N GLU U 263 -52.09 -56.46 76.53
CA GLU U 263 -52.24 -55.39 77.51
C GLU U 263 -53.69 -55.21 78.00
N GLU U 264 -54.70 -55.51 77.20
CA GLU U 264 -56.09 -55.43 77.66
C GLU U 264 -56.41 -56.55 78.66
N VAL U 265 -55.92 -57.76 78.43
CA VAL U 265 -56.01 -58.86 79.40
C VAL U 265 -55.30 -58.48 80.70
N ILE U 266 -54.09 -57.92 80.60
CA ILE U 266 -53.32 -57.48 81.78
C ILE U 266 -54.11 -56.41 82.54
N LYS U 267 -54.59 -55.36 81.87
CA LYS U 267 -55.34 -54.27 82.51
C LYS U 267 -56.64 -54.79 83.14
N LEU U 268 -57.39 -55.66 82.46
CA LEU U 268 -58.59 -56.28 83.01
C LEU U 268 -58.28 -57.12 84.25
N ALA U 269 -57.25 -57.97 84.20
CA ALA U 269 -56.85 -58.79 85.34
C ALA U 269 -56.44 -57.93 86.53
N LEU U 270 -55.60 -56.92 86.31
CA LEU U 270 -55.21 -55.97 87.34
C LEU U 270 -56.42 -55.21 87.89
N LYS U 271 -57.35 -54.76 87.03
CA LYS U 271 -58.58 -54.10 87.49
C LYS U 271 -59.43 -55.02 88.35
N ALA U 272 -59.62 -56.27 87.94
CA ALA U 272 -60.36 -57.26 88.72
C ALA U 272 -59.72 -57.46 90.10
N ALA U 273 -58.39 -57.59 90.16
CA ALA U 273 -57.66 -57.69 91.43
C ALA U 273 -57.76 -56.41 92.28
N VAL U 274 -57.71 -55.23 91.66
CA VAL U 274 -57.91 -53.95 92.35
C VAL U 274 -59.31 -53.87 92.95
N LEU U 275 -60.35 -54.25 92.21
CA LEU U 275 -61.72 -54.28 92.73
C LEU U 275 -61.89 -55.30 93.86
N ALA U 276 -61.25 -56.47 93.77
CA ALA U 276 -61.21 -57.42 94.88
C ALA U 276 -60.51 -56.83 96.12
N ALA U 277 -59.40 -56.10 95.94
CA ALA U 277 -58.68 -55.48 97.05
C ALA U 277 -59.42 -54.27 97.66
N LYS U 278 -60.18 -53.50 96.87
CA LYS U 278 -60.98 -52.35 97.34
C LYS U 278 -62.33 -52.74 97.97
N SER U 279 -62.97 -53.80 97.46
CA SER U 279 -64.18 -54.38 98.07
C SER U 279 -63.87 -55.21 99.32
N THR U 280 -64.91 -55.70 100.01
CA THR U 280 -64.78 -56.42 101.30
C THR U 280 -65.79 -57.56 101.48
N ASP U 281 -66.31 -58.11 100.38
CA ASP U 281 -67.30 -59.20 100.39
C ASP U 281 -66.68 -60.50 99.89
N GLU U 282 -66.69 -61.55 100.73
CA GLU U 282 -66.14 -62.87 100.40
C GLU U 282 -66.78 -63.52 99.17
N GLU U 283 -68.04 -63.20 98.86
CA GLU U 283 -68.68 -63.70 97.63
C GLU U 283 -68.15 -63.01 96.37
N VAL U 284 -67.79 -61.71 96.46
CA VAL U 284 -67.13 -60.99 95.37
C VAL U 284 -65.69 -61.49 95.21
N LEU U 285 -64.97 -61.71 96.31
CA LEU U 285 -63.66 -62.35 96.28
C LEU U 285 -63.75 -63.73 95.60
N GLU U 286 -64.67 -64.59 96.01
CA GLU U 286 -64.84 -65.91 95.38
C GLU U 286 -65.20 -65.81 93.89
N GLU U 287 -66.12 -64.95 93.47
CA GLU U 287 -66.41 -64.82 92.03
C GLU U 287 -65.20 -64.33 91.24
N VAL U 288 -64.45 -63.35 91.75
CA VAL U 288 -63.21 -62.91 91.09
C VAL U 288 -62.18 -64.05 91.06
N LYS U 289 -62.03 -64.81 92.15
CA LYS U 289 -61.09 -65.94 92.25
C LYS U 289 -61.47 -67.06 91.28
N GLU U 290 -62.77 -67.35 91.15
CA GLU U 290 -63.28 -68.31 90.19
C GLU U 290 -63.16 -67.79 88.75
N ALA U 291 -63.41 -66.51 88.49
CA ALA U 291 -63.17 -65.91 87.17
C ALA U 291 -61.68 -66.00 86.78
N LEU U 292 -60.76 -65.75 87.72
CA LEU U 292 -59.33 -65.97 87.51
C LEU U 292 -59.02 -67.45 87.29
N ARG U 293 -59.64 -68.39 88.02
CA ARG U 293 -59.47 -69.83 87.74
C ARG U 293 -59.91 -70.15 86.31
N ARG U 294 -61.10 -69.69 85.89
CA ARG U 294 -61.56 -69.85 84.50
C ARG U 294 -60.54 -69.28 83.53
N ALA U 295 -60.03 -68.08 83.79
CA ALA U 295 -59.01 -67.44 82.96
C ALA U 295 -57.65 -68.17 82.94
N LYS U 296 -57.30 -68.88 84.02
CA LYS U 296 -56.06 -69.68 84.12
C LYS U 296 -56.20 -71.06 83.47
N GLU U 297 -57.35 -71.70 83.60
CA GLU U 297 -57.61 -73.04 83.04
C GLU U 297 -58.00 -73.01 81.56
N SER U 298 -58.60 -71.91 81.06
CA SER U 298 -58.78 -71.65 79.63
C SER U 298 -57.51 -71.07 78.98
N THR U 299 -57.48 -71.00 77.64
CA THR U 299 -56.33 -70.48 76.85
C THR U 299 -56.70 -69.34 75.89
N ASP U 300 -57.95 -69.26 75.42
CA ASP U 300 -58.41 -68.24 74.47
C ASP U 300 -58.51 -66.84 75.11
N GLU U 301 -57.82 -65.85 74.53
CA GLU U 301 -57.87 -64.45 74.98
C GLU U 301 -59.31 -63.88 74.98
N GLU U 302 -60.19 -64.33 74.09
CA GLU U 302 -61.58 -63.86 74.06
C GLU U 302 -62.38 -64.39 75.26
N GLU U 303 -62.18 -65.65 75.67
CA GLU U 303 -62.81 -66.20 76.88
C GLU U 303 -62.23 -65.56 78.16
N ILE U 304 -60.91 -65.33 78.19
CA ILE U 304 -60.24 -64.64 79.29
C ILE U 304 -60.80 -63.22 79.45
N LYS U 305 -60.86 -62.44 78.36
CA LYS U 305 -61.45 -61.08 78.38
C LYS U 305 -62.91 -61.10 78.82
N GLU U 306 -63.73 -62.02 78.33
CA GLU U 306 -65.14 -62.09 78.73
C GLU U 306 -65.35 -62.48 80.20
N GLU U 307 -64.63 -63.46 80.74
CA GLU U 307 -64.73 -63.78 82.17
C GLU U 307 -64.27 -62.61 83.05
N LEU U 308 -63.13 -62.00 82.73
CA LEU U 308 -62.66 -60.82 83.47
C LEU U 308 -63.63 -59.63 83.32
N ARG U 309 -64.19 -59.39 82.13
CA ARG U 309 -65.21 -58.35 81.92
C ARG U 309 -66.45 -58.59 82.77
N LYS U 310 -67.00 -59.80 82.77
CA LYS U 310 -68.18 -60.14 83.59
C LYS U 310 -67.89 -59.94 85.07
N ALA U 311 -66.73 -60.39 85.56
CA ALA U 311 -66.33 -60.17 86.95
C ALA U 311 -66.18 -58.67 87.28
N VAL U 312 -65.55 -57.88 86.41
CA VAL U 312 -65.43 -56.42 86.58
C VAL U 312 -66.81 -55.75 86.57
N GLU U 313 -67.69 -56.10 85.63
CA GLU U 313 -69.05 -55.55 85.56
C GLU U 313 -69.93 -55.96 86.76
N GLU U 314 -69.62 -57.07 87.43
CA GLU U 314 -70.25 -57.45 88.71
C GLU U 314 -69.66 -56.67 89.92
N ALA U 315 -68.35 -56.43 89.94
CA ALA U 315 -67.63 -55.88 91.09
C ALA U 315 -67.50 -54.34 91.13
N GLU U 316 -67.58 -53.64 89.99
CA GLU U 316 -67.38 -52.17 89.89
C GLU U 316 -68.46 -51.31 90.55
N CYS V 3 -38.97 -39.82 104.07
CA CYS V 3 -39.26 -40.18 102.66
C CYS V 3 -38.09 -40.96 102.02
N ASP V 4 -37.65 -42.07 102.60
CA ASP V 4 -36.35 -42.70 102.23
C ASP V 4 -36.41 -43.43 100.88
N ALA V 5 -37.43 -44.25 100.64
CA ALA V 5 -37.60 -44.94 99.36
C ALA V 5 -37.74 -43.95 98.18
N ILE V 6 -38.44 -42.85 98.42
CA ILE V 6 -38.58 -41.78 97.42
C ILE V 6 -37.22 -41.10 97.21
N GLN V 7 -36.47 -40.81 98.28
CA GLN V 7 -35.14 -40.20 98.18
C GLN V 7 -34.17 -41.08 97.38
N ALA V 8 -34.24 -42.40 97.54
CA ALA V 8 -33.45 -43.32 96.73
C ALA V 8 -33.80 -43.17 95.22
N ALA V 9 -35.09 -43.07 94.89
CA ALA V 9 -35.49 -42.78 93.51
C ALA V 9 -34.99 -41.40 93.04
N ALA V 10 -35.02 -40.39 93.91
CA ALA V 10 -34.49 -39.07 93.58
C ALA V 10 -32.98 -39.10 93.30
N ALA V 11 -32.21 -39.89 94.04
CA ALA V 11 -30.79 -40.07 93.76
C ALA V 11 -30.58 -40.67 92.35
N LEU V 12 -31.35 -41.71 91.98
CA LEU V 12 -31.29 -42.28 90.63
C LEU V 12 -31.78 -41.30 89.54
N GLY V 13 -32.73 -40.43 89.88
CA GLY V 13 -33.18 -39.35 89.01
C GLY V 13 -32.09 -38.30 88.77
N GLU V 14 -31.37 -37.90 89.82
CA GLU V 14 -30.20 -37.02 89.69
C GLU V 14 -29.08 -37.66 88.86
N ALA V 15 -28.91 -38.98 88.96
CA ALA V 15 -28.01 -39.74 88.10
C ALA V 15 -28.52 -39.91 86.65
N GLY V 16 -29.74 -39.45 86.34
CA GLY V 16 -30.30 -39.49 84.98
C GLY V 16 -30.69 -40.88 84.50
N ILE V 17 -30.94 -41.83 85.41
CA ILE V 17 -31.28 -43.22 85.07
C ILE V 17 -32.65 -43.30 84.39
N SER V 18 -32.79 -44.13 83.36
CA SER V 18 -34.06 -44.35 82.64
C SER V 18 -35.12 -44.98 83.55
N SER V 19 -36.39 -44.59 83.41
CA SER V 19 -37.43 -44.97 84.37
C SER V 19 -37.63 -46.47 84.52
N ASN V 20 -37.60 -47.25 83.43
CA ASN V 20 -37.66 -48.70 83.53
C ASN V 20 -36.45 -49.27 84.30
N GLU V 21 -35.26 -48.69 84.14
CA GLU V 21 -34.08 -49.10 84.91
C GLU V 21 -34.15 -48.63 86.37
N ILE V 22 -34.75 -47.46 86.65
CA ILE V 22 -35.03 -47.08 88.03
C ILE V 22 -35.94 -48.13 88.65
N LEU V 23 -37.04 -48.48 87.97
CA LEU V 23 -37.97 -49.50 88.45
C LEU V 23 -37.26 -50.84 88.63
N GLU V 24 -36.38 -51.23 87.72
CA GLU V 24 -35.60 -52.45 87.91
C GLU V 24 -34.69 -52.34 89.14
N LEU V 25 -33.99 -51.23 89.34
CA LEU V 25 -33.11 -51.06 90.50
C LEU V 25 -33.91 -51.04 91.79
N LEU V 26 -35.10 -50.46 91.77
CA LEU V 26 -36.04 -50.56 92.87
C LEU V 26 -36.49 -52.00 93.07
N ALA V 27 -36.78 -52.75 92.01
CA ALA V 27 -37.16 -54.14 92.11
C ALA V 27 -36.03 -54.97 92.73
N ALA V 28 -34.79 -54.73 92.30
CA ALA V 28 -33.61 -55.33 92.91
C ALA V 28 -33.48 -54.94 94.39
N ALA V 29 -33.74 -53.68 94.71
CA ALA V 29 -33.74 -53.24 96.09
C ALA V 29 -34.78 -54.01 96.92
N ALA V 30 -35.96 -54.24 96.37
CA ALA V 30 -36.98 -55.05 97.02
C ALA V 30 -36.57 -56.54 97.12
N GLU V 31 -35.91 -57.09 96.11
CA GLU V 31 -35.41 -58.47 96.13
C GLU V 31 -34.38 -58.66 97.23
N LEU V 32 -33.31 -57.87 97.20
CA LEU V 32 -32.15 -58.04 98.08
C LEU V 32 -32.33 -57.34 99.43
N GLY V 33 -33.30 -56.44 99.55
CA GLY V 33 -33.42 -55.52 100.68
C GLY V 33 -32.36 -54.42 100.67
N LEU V 34 -31.99 -53.89 99.49
CA LEU V 34 -30.93 -52.86 99.39
C LEU V 34 -31.30 -51.59 100.18
N ASP V 35 -30.33 -51.06 100.91
CA ASP V 35 -30.45 -49.77 101.58
C ASP V 35 -30.15 -48.60 100.61
N PRO V 36 -30.56 -47.36 100.94
CA PRO V 36 -30.35 -46.20 100.08
C PRO V 36 -28.90 -45.94 99.69
N ASP V 37 -27.91 -46.28 100.51
CA ASP V 37 -26.50 -46.11 100.15
C ASP V 37 -26.03 -47.24 99.21
N ALA V 38 -26.57 -48.45 99.34
CA ALA V 38 -26.38 -49.49 98.33
C ALA V 38 -27.04 -49.09 97.00
N ILE V 39 -28.20 -48.44 97.04
CA ILE V 39 -28.78 -47.85 95.83
C ILE V 39 -27.91 -46.69 95.32
N GLN V 40 -27.27 -45.91 96.19
CA GLN V 40 -26.29 -44.91 95.74
C GLN V 40 -25.05 -45.56 95.10
N ALA V 41 -24.65 -46.75 95.53
CA ALA V 41 -23.63 -47.52 94.82
C ALA V 41 -24.11 -47.87 93.39
N ALA V 42 -25.38 -48.28 93.23
CA ALA V 42 -25.95 -48.43 91.89
C ALA V 42 -25.92 -47.11 91.10
N ALA V 43 -26.23 -45.96 91.74
CA ALA V 43 -26.15 -44.66 91.08
C ALA V 43 -24.70 -44.34 90.62
N GLN V 44 -23.70 -44.59 91.46
CA GLN V 44 -22.29 -44.36 91.10
C GLN V 44 -21.80 -45.34 90.02
N LEU V 45 -22.25 -46.59 90.01
CA LEU V 45 -22.01 -47.50 88.88
C LEU V 45 -22.75 -47.05 87.62
N GLY V 46 -23.89 -46.35 87.77
CA GLY V 46 -24.57 -45.65 86.69
C GLY V 46 -23.77 -44.46 86.15
N GLU V 47 -23.07 -43.71 87.00
CA GLU V 47 -22.09 -42.71 86.55
C GLU V 47 -20.92 -43.36 85.78
N ALA V 48 -20.52 -44.57 86.17
CA ALA V 48 -19.57 -45.39 85.41
C ALA V 48 -20.17 -46.02 84.12
N GLY V 49 -21.46 -45.82 83.84
CA GLY V 49 -22.14 -46.26 82.62
C GLY V 49 -22.56 -47.73 82.60
N ILE V 50 -22.48 -48.44 83.72
CA ILE V 50 -22.82 -49.88 83.83
C ILE V 50 -24.36 -50.07 83.76
N SER V 51 -24.86 -51.13 83.10
CA SER V 51 -26.31 -51.36 83.04
C SER V 51 -26.86 -51.78 84.41
N SER V 52 -28.14 -51.50 84.65
CA SER V 52 -28.84 -52.02 85.84
C SER V 52 -28.75 -53.55 85.91
N GLU V 53 -28.72 -54.25 84.78
CA GLU V 53 -28.58 -55.71 84.77
C GLU V 53 -27.27 -56.14 85.42
N GLU V 54 -26.17 -55.58 84.93
CA GLU V 54 -24.85 -55.91 85.44
C GLU V 54 -24.73 -55.47 86.90
N ILE V 55 -25.20 -54.27 87.21
CA ILE V 55 -25.22 -53.78 88.59
C ILE V 55 -25.96 -54.78 89.45
N LYS V 56 -27.12 -55.25 89.01
CA LYS V 56 -27.96 -56.17 89.79
C LYS V 56 -27.19 -57.43 90.08
N GLU V 57 -26.61 -58.06 89.08
CA GLU V 57 -25.81 -59.24 89.32
C GLU V 57 -24.62 -58.93 90.24
N LEU V 58 -23.99 -57.77 90.11
CA LEU V 58 -22.84 -57.42 90.94
C LEU V 58 -23.27 -57.22 92.39
N LEU V 59 -24.30 -56.42 92.64
CA LEU V 59 -24.82 -56.23 93.97
C LEU V 59 -25.33 -57.56 94.53
N ARG V 60 -25.97 -58.39 93.70
CA ARG V 60 -26.36 -59.74 94.08
C ARG V 60 -25.13 -60.52 94.53
N ALA V 61 -24.04 -60.47 93.80
CA ALA V 61 -22.83 -61.13 94.21
C ALA V 61 -22.32 -60.57 95.55
N ALA V 62 -22.28 -59.25 95.72
CA ALA V 62 -21.85 -58.63 96.97
C ALA V 62 -22.71 -59.07 98.16
N HIS V 63 -24.02 -59.18 97.94
CA HIS V 63 -24.99 -59.67 98.92
C HIS V 63 -24.78 -61.16 99.22
N GLU V 64 -24.62 -61.98 98.19
CA GLU V 64 -24.36 -63.42 98.33
C GLU V 64 -22.99 -63.70 98.97
N LEU V 65 -22.01 -62.80 98.81
CA LEU V 65 -20.73 -62.82 99.51
C LEU V 65 -20.85 -62.45 101.00
N GLY V 66 -21.95 -61.82 101.42
CA GLY V 66 -22.13 -61.39 102.81
C GLY V 66 -21.15 -60.29 103.24
N LEU V 67 -20.76 -59.41 102.32
CA LEU V 67 -19.81 -58.32 102.58
C LEU V 67 -20.35 -57.31 103.63
N ASP V 68 -19.45 -56.71 104.41
CA ASP V 68 -19.79 -55.62 105.32
C ASP V 68 -20.08 -54.31 104.55
N PRO V 69 -20.85 -53.38 105.13
CA PRO V 69 -21.33 -52.22 104.38
C PRO V 69 -20.22 -51.22 104.03
N ASP V 70 -19.10 -51.18 104.76
CA ASP V 70 -17.96 -50.34 104.39
C ASP V 70 -17.23 -50.92 103.18
N ALA V 71 -17.12 -52.25 103.09
CA ALA V 71 -16.65 -52.88 101.85
C ALA V 71 -17.60 -52.59 100.68
N ILE V 72 -18.91 -52.62 100.88
CA ILE V 72 -19.86 -52.29 99.81
C ILE V 72 -19.78 -50.80 99.45
N ALA V 73 -19.54 -49.91 100.40
CA ALA V 73 -19.24 -48.52 100.09
C ALA V 73 -17.95 -48.40 99.29
N ALA V 74 -16.91 -49.14 99.67
CA ALA V 74 -15.71 -49.21 98.86
C ALA V 74 -16.00 -49.77 97.47
N ALA V 75 -16.98 -50.67 97.30
CA ALA V 75 -17.40 -51.13 95.99
C ALA V 75 -17.96 -49.97 95.17
N ALA V 76 -18.73 -49.09 95.78
CA ALA V 76 -19.18 -47.87 95.12
C ALA V 76 -17.98 -47.02 94.66
N ASP V 77 -16.99 -46.84 95.53
CA ASP V 77 -15.81 -46.05 95.20
C ASP V 77 -14.94 -46.70 94.10
N LEU V 78 -14.83 -48.04 94.08
CA LEU V 78 -14.22 -48.76 92.95
C LEU V 78 -14.99 -48.49 91.64
N GLY V 79 -16.30 -48.30 91.73
CA GLY V 79 -17.13 -47.81 90.63
C GLY V 79 -16.71 -46.41 90.19
N GLN V 80 -16.53 -45.47 91.13
CA GLN V 80 -16.04 -44.12 90.82
C GLN V 80 -14.63 -44.14 90.21
N ALA V 81 -13.77 -45.06 90.66
CA ALA V 81 -12.45 -45.28 90.10
C ALA V 81 -12.47 -45.84 88.66
N GLY V 82 -13.61 -46.31 88.16
CA GLY V 82 -13.75 -46.83 86.79
C GLY V 82 -13.11 -48.21 86.56
N VAL V 83 -12.96 -49.02 87.61
CA VAL V 83 -12.42 -50.39 87.54
C VAL V 83 -13.31 -51.30 86.66
N SER V 84 -12.72 -52.27 85.96
CA SER V 84 -13.47 -53.17 85.08
C SER V 84 -14.55 -53.95 85.85
N PRO V 85 -15.74 -54.22 85.28
CA PRO V 85 -16.88 -54.66 86.06
C PRO V 85 -16.61 -55.91 86.88
N VAL V 86 -16.07 -56.94 86.25
CA VAL V 86 -15.67 -58.15 86.96
C VAL V 86 -14.55 -57.84 87.94
N GLU V 87 -13.59 -56.99 87.59
CA GLU V 87 -12.46 -56.69 88.47
C GLU V 87 -12.91 -56.08 89.79
N ILE V 88 -14.01 -55.34 89.81
CA ILE V 88 -14.57 -54.90 91.09
C ILE V 88 -14.87 -56.14 91.93
N LEU V 89 -15.61 -57.09 91.38
CA LEU V 89 -16.00 -58.29 92.09
C LEU V 89 -14.77 -59.08 92.52
N ALA V 90 -13.78 -59.18 91.64
CA ALA V 90 -12.54 -59.83 91.98
C ALA V 90 -11.90 -59.14 93.18
N LEU V 91 -11.74 -57.81 93.16
CA LEU V 91 -11.11 -57.10 94.25
C LEU V 91 -11.88 -57.27 95.55
N LEU V 92 -13.20 -57.21 95.49
CA LEU V 92 -14.01 -57.45 96.68
C LEU V 92 -13.78 -58.85 97.21
N ILE V 93 -13.90 -59.86 96.34
CA ILE V 93 -13.66 -61.24 96.72
C ILE V 93 -12.29 -61.34 97.35
N ALA V 94 -11.27 -60.82 96.70
CA ALA V 94 -9.91 -60.93 97.17
C ALA V 94 -9.75 -60.32 98.56
N ALA V 95 -10.15 -59.07 98.73
CA ALA V 95 -10.01 -58.41 100.01
C ALA V 95 -10.71 -59.22 101.11
N SER V 96 -11.93 -59.65 100.82
CA SER V 96 -12.73 -60.41 101.77
C SER V 96 -12.09 -61.75 102.11
N VAL V 97 -11.53 -62.44 101.11
CA VAL V 97 -10.87 -63.72 101.32
C VAL V 97 -9.59 -63.53 102.12
N LEU V 98 -8.85 -62.46 101.85
CA LEU V 98 -7.65 -62.11 102.60
C LEU V 98 -7.97 -61.61 104.02
N GLY V 99 -9.23 -61.33 104.33
CA GLY V 99 -9.66 -60.80 105.63
C GLY V 99 -9.17 -59.37 105.90
N LEU V 100 -8.83 -58.62 104.84
CA LEU V 100 -8.33 -57.25 104.94
C LEU V 100 -9.46 -56.25 105.26
N ASP V 101 -9.14 -55.18 105.99
CA ASP V 101 -10.10 -54.11 106.26
C ASP V 101 -10.28 -53.16 105.04
N PRO V 102 -11.37 -52.37 105.00
CA PRO V 102 -11.69 -51.52 103.85
C PRO V 102 -10.63 -50.52 103.42
N ASP V 103 -9.71 -50.09 104.28
CA ASP V 103 -8.66 -49.15 103.84
C ASP V 103 -7.67 -49.82 102.89
N ALA V 104 -7.51 -51.15 102.97
CA ALA V 104 -6.79 -51.88 101.95
C ALA V 104 -7.55 -51.80 100.61
N ILE V 105 -8.88 -51.83 100.64
CA ILE V 105 -9.69 -51.63 99.44
C ILE V 105 -9.54 -50.18 98.96
N GLN V 106 -9.42 -49.21 99.86
CA GLN V 106 -9.15 -47.83 99.47
C GLN V 106 -7.81 -47.72 98.74
N ALA V 107 -6.79 -48.44 99.20
CA ALA V 107 -5.53 -48.54 98.47
C ALA V 107 -5.72 -49.22 97.11
N ALA V 108 -6.53 -50.28 97.05
CA ALA V 108 -6.87 -50.90 95.77
C ALA V 108 -7.56 -49.90 94.83
N ALA V 109 -8.43 -49.02 95.34
CA ALA V 109 -9.05 -48.00 94.53
C ALA V 109 -8.00 -47.03 93.98
N ALA V 110 -7.06 -46.58 94.81
CA ALA V 110 -5.96 -45.76 94.33
C ALA V 110 -5.11 -46.46 93.27
N LEU V 111 -4.79 -47.74 93.47
CA LEU V 111 -4.07 -48.53 92.45
C LEU V 111 -4.92 -48.71 91.18
N GLY V 112 -6.24 -48.76 91.31
CA GLY V 112 -7.18 -48.79 90.20
C GLY V 112 -7.17 -47.48 89.41
N GLU V 113 -7.13 -46.32 90.09
CA GLU V 113 -6.91 -45.04 89.43
C GLU V 113 -5.54 -44.97 88.75
N ALA V 114 -4.52 -45.60 89.33
CA ALA V 114 -3.21 -45.75 88.72
C ALA V 114 -3.19 -46.73 87.52
N GLY V 115 -4.29 -47.42 87.24
CA GLY V 115 -4.43 -48.34 86.09
C GLY V 115 -3.79 -49.72 86.29
N ILE V 116 -3.46 -50.10 87.53
CA ILE V 116 -2.89 -51.41 87.87
C ILE V 116 -3.97 -52.51 87.71
N SER V 117 -3.63 -53.68 87.16
CA SER V 117 -4.61 -54.78 87.00
C SER V 117 -4.98 -55.41 88.35
N ALA V 118 -6.16 -56.03 88.44
CA ALA V 118 -6.57 -56.70 89.67
C ALA V 118 -5.57 -57.80 90.07
N GLU V 119 -5.00 -58.54 89.11
CA GLU V 119 -3.99 -59.54 89.42
C GLU V 119 -2.78 -58.91 90.10
N GLU V 120 -2.28 -57.79 89.58
CA GLU V 120 -1.18 -57.09 90.21
C GLU V 120 -1.56 -56.57 91.58
N ILE V 121 -2.76 -56.00 91.75
CA ILE V 121 -3.20 -55.53 93.06
C ILE V 121 -3.25 -56.71 94.03
N ILE V 122 -3.89 -57.80 93.64
CA ILE V 122 -4.04 -58.97 94.49
C ILE V 122 -2.67 -59.52 94.84
N GLU V 123 -1.76 -59.58 93.88
CA GLU V 123 -0.39 -59.99 94.12
C GLU V 123 0.27 -59.06 95.14
N LEU V 124 0.12 -57.75 94.97
CA LEU V 124 0.67 -56.79 95.92
C LEU V 124 0.07 -56.98 97.31
N LEU V 125 -1.24 -57.20 97.41
CA LEU V 125 -1.87 -57.46 98.70
C LEU V 125 -1.34 -58.76 99.30
N THR V 126 -1.14 -59.78 98.47
CA THR V 126 -0.56 -61.04 98.90
C THR V 126 0.85 -60.81 99.42
N ALA V 127 1.65 -60.03 98.71
CA ALA V 127 3.01 -59.71 99.14
C ALA V 127 3.00 -58.94 100.46
N ALA V 128 2.12 -57.95 100.63
CA ALA V 128 2.02 -57.20 101.87
C ALA V 128 1.70 -58.12 103.04
N ARG V 129 0.77 -59.06 102.83
CA ARG V 129 0.44 -60.12 103.80
C ARG V 129 1.67 -60.96 104.10
N ASP V 130 2.35 -61.45 103.07
CA ASP V 130 3.53 -62.30 103.21
C ASP V 130 4.69 -61.61 103.95
N LEU V 131 4.88 -60.32 103.75
CA LEU V 131 5.88 -59.53 104.46
C LEU V 131 5.44 -59.17 105.90
N GLY V 132 4.17 -59.36 106.25
CA GLY V 132 3.64 -59.01 107.57
C GLY V 132 3.64 -57.50 107.84
N LEU V 133 3.50 -56.69 106.78
CA LEU V 133 3.52 -55.22 106.87
C LEU V 133 2.24 -54.66 107.50
N ASP V 134 2.35 -53.48 108.11
CA ASP V 134 1.17 -52.66 108.45
C ASP V 134 0.52 -52.06 107.19
N PRO V 135 -0.82 -51.91 107.14
CA PRO V 135 -1.54 -51.41 105.96
C PRO V 135 -1.04 -50.07 105.40
N ASP V 136 -0.44 -49.21 106.24
CA ASP V 136 0.17 -47.95 105.81
C ASP V 136 1.23 -48.16 104.71
N ALA V 137 1.94 -49.29 104.72
CA ALA V 137 2.87 -49.64 103.66
C ALA V 137 2.15 -49.74 102.30
N ILE V 138 0.94 -50.29 102.29
CA ILE V 138 0.12 -50.40 101.07
C ILE V 138 -0.30 -49.01 100.59
N GLN V 139 -0.64 -48.11 101.52
CA GLN V 139 -0.97 -46.72 101.19
C GLN V 139 0.23 -46.01 100.52
N ALA V 140 1.43 -46.17 101.09
CA ALA V 140 2.63 -45.64 100.47
C ALA V 140 2.90 -46.30 99.11
N ALA V 141 2.68 -47.62 99.00
CA ALA V 141 2.85 -48.33 97.74
C ALA V 141 1.93 -47.78 96.66
N ALA V 142 0.72 -47.34 97.00
CA ALA V 142 -0.16 -46.71 96.02
C ALA V 142 0.49 -45.49 95.36
N GLN V 143 1.30 -44.72 96.11
CA GLN V 143 2.06 -43.62 95.53
C GLN V 143 3.14 -44.11 94.57
N LEU V 144 3.81 -45.23 94.85
CA LEU V 144 4.73 -45.86 93.89
C LEU V 144 3.99 -46.33 92.63
N GLY V 145 2.76 -46.81 92.80
CA GLY V 145 1.86 -47.13 91.69
C GLY V 145 1.53 -45.91 90.85
N GLU V 146 1.18 -44.78 91.49
CA GLU V 146 0.97 -43.51 90.79
C GLU V 146 2.24 -43.03 90.08
N ALA V 147 3.42 -43.31 90.63
CA ALA V 147 4.70 -43.03 89.99
C ALA V 147 5.02 -43.95 88.79
N GLY V 148 4.19 -44.95 88.49
CA GLY V 148 4.37 -45.86 87.34
C GLY V 148 5.47 -46.91 87.54
N ILE V 149 5.92 -47.14 88.77
CA ILE V 149 6.87 -48.22 89.10
C ILE V 149 6.19 -49.57 88.83
N SER V 150 6.90 -50.55 88.24
CA SER V 150 6.27 -51.85 87.94
C SER V 150 5.98 -52.65 89.20
N SER V 151 5.02 -53.58 89.12
CA SER V 151 4.61 -54.39 90.27
C SER V 151 5.79 -55.16 90.89
N GLU V 152 6.63 -55.80 90.08
CA GLU V 152 7.79 -56.52 90.58
C GLU V 152 8.81 -55.58 91.22
N GLU V 153 9.01 -54.39 90.65
CA GLU V 153 9.86 -53.38 91.29
C GLU V 153 9.30 -52.97 92.64
N ILE V 154 8.00 -52.69 92.75
CA ILE V 154 7.39 -52.39 94.04
C ILE V 154 7.60 -53.56 95.00
N LYS V 155 7.35 -54.79 94.55
CA LYS V 155 7.50 -55.99 95.39
C LYS V 155 8.92 -56.10 95.91
N GLU V 156 9.91 -55.94 95.04
CA GLU V 156 11.30 -55.94 95.45
C GLU V 156 11.60 -54.77 96.37
N LEU V 157 11.06 -53.58 96.13
CA LEU V 157 11.27 -52.43 97.00
C LEU V 157 10.70 -52.70 98.38
N LEU V 158 9.48 -53.20 98.47
CA LEU V 158 8.89 -53.57 99.75
C LEU V 158 9.73 -54.65 100.42
N ARG V 159 10.18 -55.65 99.67
CA ARG V 159 11.05 -56.71 100.20
C ARG V 159 12.32 -56.12 100.77
N ALA V 160 12.98 -55.23 100.03
CA ALA V 160 14.18 -54.56 100.49
C ALA V 160 13.89 -53.73 101.75
N ALA V 161 12.81 -52.95 101.75
CA ALA V 161 12.46 -52.11 102.89
C ALA V 161 12.28 -52.96 104.16
N HIS V 162 11.55 -54.08 104.05
CA HIS V 162 11.35 -55.02 105.15
C HIS V 162 12.66 -55.71 105.59
N GLU V 163 13.50 -56.15 104.65
CA GLU V 163 14.81 -56.71 104.95
C GLU V 163 15.74 -55.71 105.64
N LEU V 164 15.57 -54.42 105.35
CA LEU V 164 16.28 -53.32 106.01
C LEU V 164 15.59 -52.81 107.28
N GLY V 165 14.40 -53.32 107.63
CA GLY V 165 13.64 -52.86 108.80
C GLY V 165 13.11 -51.43 108.69
N LEU V 166 12.97 -50.92 107.45
CA LEU V 166 12.54 -49.56 107.14
C LEU V 166 11.01 -49.44 107.21
N ASP V 167 10.53 -48.75 108.24
CA ASP V 167 9.10 -48.54 108.54
C ASP V 167 8.37 -47.71 107.45
N PRO V 168 7.02 -47.71 107.40
CA PRO V 168 6.25 -47.14 106.28
C PRO V 168 6.58 -45.70 105.89
N ASP V 169 6.96 -44.82 106.82
CA ASP V 169 7.39 -43.46 106.45
C ASP V 169 8.65 -43.48 105.57
N CYS V 170 9.49 -44.50 105.70
CA CYS V 170 10.62 -44.70 104.82
C CYS V 170 10.15 -45.09 103.42
N ILE V 171 9.07 -45.85 103.30
CA ILE V 171 8.44 -46.15 102.01
C ILE V 171 7.87 -44.85 101.41
N ALA V 172 7.31 -43.95 102.23
CA ALA V 172 6.91 -42.63 101.74
C ALA V 172 8.13 -41.84 101.23
N ALA V 173 9.26 -41.89 101.94
CA ALA V 173 10.50 -41.31 101.43
C ALA V 173 10.94 -41.97 100.11
N ALA V 174 10.79 -43.28 99.97
CA ALA V 174 11.02 -43.96 98.70
C ALA V 174 10.07 -43.47 97.62
N ALA V 175 8.80 -43.20 97.95
CA ALA V 175 7.84 -42.62 97.02
C ALA V 175 8.19 -41.16 96.66
N ASP V 176 8.85 -40.41 97.53
CA ASP V 176 9.40 -39.10 97.17
C ASP V 176 10.49 -39.25 96.11
N LEU V 177 11.40 -40.22 96.26
CA LEU V 177 12.40 -40.54 95.22
C LEU V 177 11.73 -41.08 93.93
N GLY V 178 10.63 -41.80 94.06
CA GLY V 178 9.80 -42.22 92.92
C GLY V 178 9.21 -41.04 92.16
N GLN V 179 8.68 -40.04 92.89
CA GLN V 179 8.20 -38.79 92.28
C GLN V 179 9.35 -37.99 91.65
N ALA V 180 10.56 -38.08 92.18
CA ALA V 180 11.76 -37.55 91.56
C ALA V 180 12.25 -38.35 90.32
N GLY V 181 11.59 -39.47 89.97
CA GLY V 181 11.91 -40.28 88.78
C GLY V 181 13.17 -41.15 88.92
N ILE V 182 13.64 -41.36 90.14
CA ILE V 182 14.82 -42.19 90.44
C ILE V 182 14.50 -43.67 90.11
N SER V 183 15.42 -44.41 89.47
CA SER V 183 15.18 -45.83 89.16
C SER V 183 15.05 -46.67 90.43
N SER V 184 14.29 -47.77 90.38
CA SER V 184 14.16 -48.70 91.52
C SER V 184 15.51 -49.15 92.06
N SER V 185 16.46 -49.42 91.15
CA SER V 185 17.84 -49.71 91.51
C SER V 185 18.45 -48.58 92.34
N GLU V 186 18.38 -47.35 91.85
CA GLU V 186 18.95 -46.20 92.56
C GLU V 186 18.21 -45.90 93.87
N ILE V 187 16.89 -46.06 93.92
CA ILE V 187 16.16 -45.97 95.18
C ILE V 187 16.73 -47.02 96.14
N THR V 188 16.88 -48.26 95.69
CA THR V 188 17.39 -49.34 96.53
C THR V 188 18.77 -49.00 97.07
N ALA V 189 19.64 -48.49 96.21
CA ALA V 189 20.95 -48.01 96.61
C ALA V 189 20.83 -46.92 97.69
N LEU V 190 19.99 -45.92 97.48
CA LEU V 190 19.81 -44.84 98.44
C LEU V 190 19.24 -45.36 99.77
N LEU V 191 18.32 -46.32 99.73
CA LEU V 191 17.81 -46.95 100.93
C LEU V 191 18.96 -47.66 101.67
N LEU V 192 19.75 -48.47 100.96
CA LEU V 192 20.89 -49.15 101.54
C LEU V 192 21.85 -48.15 102.17
N ALA V 193 22.14 -47.06 101.46
CA ALA V 193 23.04 -46.02 101.93
C ALA V 193 22.52 -45.35 103.20
N ALA V 194 21.29 -44.85 103.18
CA ALA V 194 20.71 -44.19 104.33
C ALA V 194 20.67 -45.12 105.55
N ALA V 195 20.32 -46.39 105.32
CA ALA V 195 20.28 -47.38 106.38
C ALA V 195 21.69 -47.62 106.96
N ALA V 196 22.67 -47.85 106.09
CA ALA V 196 24.04 -48.05 106.53
C ALA V 196 24.54 -46.82 107.31
N ILE V 197 24.26 -45.61 106.83
CA ILE V 197 24.70 -44.38 107.47
C ILE V 197 24.08 -44.25 108.85
N GLU V 198 22.76 -44.37 108.98
CA GLU V 198 22.12 -44.16 110.29
C GLU V 198 22.59 -45.19 111.32
N LEU V 199 22.71 -46.46 110.92
CA LEU V 199 23.28 -47.50 111.76
C LEU V 199 24.74 -47.21 112.11
N ALA V 200 25.57 -46.79 111.15
CA ALA V 200 26.96 -46.47 111.39
C ALA V 200 27.17 -45.16 112.17
N LYS V 201 26.14 -44.31 112.24
CA LYS V 201 26.08 -43.18 113.17
C LYS V 201 25.72 -43.65 114.57
N ARG V 202 24.83 -44.64 114.68
CA ARG V 202 24.40 -45.22 115.97
C ARG V 202 25.48 -46.11 116.60
N ALA V 203 26.18 -46.89 115.79
CA ALA V 203 27.48 -47.46 116.13
C ALA V 203 28.55 -46.34 116.16
N ASP V 204 29.60 -46.50 116.95
CA ASP V 204 30.73 -45.55 117.05
C ASP V 204 31.98 -45.98 116.27
N ASP V 205 32.01 -47.21 115.74
CA ASP V 205 33.24 -47.86 115.30
C ASP V 205 33.88 -47.22 114.06
N LYS V 206 35.12 -46.73 114.22
CA LYS V 206 35.95 -46.20 113.15
C LYS V 206 36.11 -47.18 111.98
N ASP V 207 36.28 -48.48 112.22
CA ASP V 207 36.43 -49.45 111.12
C ASP V 207 35.15 -49.57 110.28
N VAL V 208 34.00 -49.68 110.92
CA VAL V 208 32.70 -49.66 110.24
C VAL V 208 32.53 -48.36 109.46
N ARG V 209 32.84 -47.23 110.11
CA ARG V 209 32.69 -45.90 109.51
C ARG V 209 33.61 -45.72 108.30
N GLU V 210 34.85 -46.20 108.38
CA GLU V 210 35.75 -46.25 107.21
C GLU V 210 35.16 -47.13 106.10
N ILE V 211 34.68 -48.32 106.43
CA ILE V 211 34.08 -49.21 105.42
C ILE V 211 32.90 -48.52 104.75
N VAL V 212 32.00 -47.92 105.52
CA VAL V 212 30.83 -47.22 104.99
C VAL V 212 31.26 -46.05 104.11
N ARG V 213 32.25 -45.26 104.53
CA ARG V 213 32.84 -44.20 103.71
C ARG V 213 33.34 -44.78 102.40
N ASP V 214 34.16 -45.81 102.46
CA ASP V 214 34.79 -46.39 101.27
C ASP V 214 33.75 -47.00 100.33
N ALA V 215 32.71 -47.61 100.88
CA ALA V 215 31.60 -48.12 100.08
C ALA V 215 30.86 -46.96 99.40
N LEU V 216 30.54 -45.88 100.12
CA LEU V 216 29.86 -44.72 99.53
C LEU V 216 30.75 -44.06 98.47
N GLU V 217 32.05 -43.97 98.70
CA GLU V 217 33.01 -43.52 97.71
C GLU V 217 32.95 -44.40 96.46
N LEU V 218 33.12 -45.72 96.63
CA LEU V 218 33.09 -46.66 95.51
C LEU V 218 31.76 -46.60 94.76
N ALA V 219 30.64 -46.50 95.47
CA ALA V 219 29.31 -46.38 94.88
C ALA V 219 29.13 -45.04 94.13
N SER V 220 29.80 -43.98 94.56
CA SER V 220 29.81 -42.69 93.86
C SER V 220 30.72 -42.72 92.62
N ARG V 221 31.87 -43.41 92.71
CA ARG V 221 32.88 -43.54 91.63
C ARG V 221 32.41 -44.47 90.50
N SER V 222 31.94 -45.66 90.87
CA SER V 222 31.48 -46.69 89.91
C SER V 222 30.11 -46.34 89.31
N THR V 223 29.73 -47.05 88.24
CA THR V 223 28.48 -46.82 87.48
C THR V 223 27.73 -48.12 87.12
N ASN V 224 27.99 -49.22 87.81
CA ASN V 224 27.33 -50.52 87.59
C ASN V 224 26.43 -50.88 88.78
N ASP V 225 25.14 -51.06 88.53
CA ASP V 225 24.13 -51.35 89.55
C ASP V 225 24.47 -52.58 90.41
N GLU V 226 25.09 -53.61 89.85
CA GLU V 226 25.49 -54.79 90.63
C GLU V 226 26.61 -54.44 91.61
N VAL V 227 27.66 -53.75 91.15
CA VAL V 227 28.73 -53.27 92.03
C VAL V 227 28.17 -52.36 93.11
N ILE V 228 27.29 -51.43 92.74
CA ILE V 228 26.68 -50.48 93.69
C ILE V 228 25.87 -51.23 94.74
N ARG V 229 24.97 -52.12 94.33
CA ARG V 229 24.15 -52.88 95.28
C ARG V 229 25.02 -53.77 96.16
N LEU V 230 25.99 -54.49 95.59
CA LEU V 230 26.93 -55.29 96.37
C LEU V 230 27.65 -54.43 97.42
N ALA V 231 28.20 -53.29 97.02
CA ALA V 231 28.95 -52.43 97.91
C ALA V 231 28.06 -51.89 99.04
N LEU V 232 26.88 -51.38 98.72
CA LEU V 232 26.01 -50.78 99.73
C LEU V 232 25.33 -51.84 100.59
N GLU V 233 25.08 -53.04 100.06
CA GLU V 233 24.70 -54.18 100.88
C GLU V 233 25.84 -54.54 101.85
N ALA V 234 27.08 -54.60 101.37
CA ALA V 234 28.23 -54.82 102.24
C ALA V 234 28.32 -53.72 103.31
N ALA V 235 28.01 -52.48 102.97
CA ALA V 235 27.97 -51.38 103.94
C ALA V 235 26.90 -51.61 105.01
N VAL V 236 25.69 -52.03 104.63
CA VAL V 236 24.66 -52.43 105.60
C VAL V 236 25.13 -53.60 106.45
N LEU V 237 25.76 -54.61 105.85
CA LEU V 237 26.26 -55.78 106.59
C LEU V 237 27.37 -55.41 107.56
N ALA V 238 28.26 -54.48 107.19
CA ALA V 238 29.27 -53.94 108.09
C ALA V 238 28.66 -53.11 109.22
N ALA V 239 27.55 -52.42 108.98
CA ALA V 239 26.83 -51.67 110.00
C ALA V 239 25.99 -52.56 110.96
N ARG V 240 25.50 -53.73 110.48
CA ARG V 240 24.75 -54.71 111.27
C ARG V 240 25.64 -55.68 112.07
N SER V 241 26.69 -56.22 111.45
CA SER V 241 27.63 -57.14 112.10
C SER V 241 28.66 -56.40 112.98
N THR V 242 29.37 -57.13 113.83
CA THR V 242 30.31 -56.57 114.84
C THR V 242 31.65 -57.32 114.93
N ASP V 243 31.95 -58.19 113.96
CA ASP V 243 33.11 -59.08 114.01
C ASP V 243 34.26 -58.57 113.15
N SER V 244 35.44 -58.39 113.75
CA SER V 244 36.65 -57.93 113.06
C SER V 244 37.03 -58.83 111.88
N ASP V 245 36.76 -60.14 111.91
CA ASP V 245 37.03 -61.01 110.75
C ASP V 245 36.20 -60.59 109.53
N VAL V 246 34.91 -60.28 109.71
CA VAL V 246 34.05 -59.80 108.62
C VAL V 246 34.49 -58.42 108.15
N LEU V 247 34.78 -57.50 109.08
CA LEU V 247 35.22 -56.15 108.75
C LEU V 247 36.56 -56.14 108.01
N GLU V 248 37.54 -56.95 108.44
CA GLU V 248 38.81 -57.13 107.73
C GLU V 248 38.59 -57.67 106.31
N ILE V 249 37.77 -58.71 106.15
CA ILE V 249 37.44 -59.27 104.83
C ILE V 249 36.80 -58.21 103.93
N VAL V 250 35.83 -57.46 104.45
CA VAL V 250 35.20 -56.37 103.68
C VAL V 250 36.22 -55.28 103.33
N LYS V 251 37.06 -54.85 104.28
CA LYS V 251 38.05 -53.80 104.02
C LYS V 251 39.11 -54.27 103.02
N ASP V 252 39.57 -55.51 103.11
CA ASP V 252 40.45 -56.12 102.11
C ASP V 252 39.78 -56.15 100.74
N ALA V 253 38.50 -56.55 100.67
CA ALA V 253 37.78 -56.56 99.41
C ALA V 253 37.62 -55.15 98.81
N LEU V 254 37.31 -54.14 99.63
CA LEU V 254 37.22 -52.75 99.18
C LEU V 254 38.58 -52.19 98.75
N GLU V 255 39.65 -52.52 99.47
CA GLU V 255 41.01 -52.13 99.07
C GLU V 255 41.39 -52.78 97.74
N LEU V 256 41.19 -54.09 97.60
CA LEU V 256 41.42 -54.81 96.35
C LEU V 256 40.57 -54.22 95.22
N ALA V 257 39.30 -53.89 95.47
CA ALA V 257 38.40 -53.29 94.49
C ALA V 257 38.92 -51.92 94.01
N LYS V 258 39.35 -51.05 94.92
CA LYS V 258 39.89 -49.73 94.56
C LYS V 258 41.27 -49.81 93.90
N GLN V 259 42.07 -50.84 94.21
CA GLN V 259 43.32 -51.13 93.50
C GLN V 259 43.10 -51.74 92.10
N SER V 260 41.99 -52.42 91.86
CA SER V 260 41.67 -53.11 90.60
C SER V 260 41.14 -52.17 89.51
N THR V 261 41.21 -52.62 88.25
CA THR V 261 40.72 -51.88 87.06
C THR V 261 39.75 -52.71 86.20
N ASN V 262 39.09 -53.71 86.78
CA ASN V 262 38.15 -54.60 86.10
C ASN V 262 36.89 -54.84 86.96
N GLU V 263 35.70 -54.65 86.38
CA GLU V 263 34.42 -54.83 87.08
C GLU V 263 34.19 -56.29 87.50
N GLU V 264 34.71 -57.27 86.78
CA GLU V 264 34.55 -58.68 87.17
C GLU V 264 35.28 -58.99 88.48
N VAL V 265 36.52 -58.49 88.62
CA VAL V 265 37.29 -58.62 89.87
C VAL V 265 36.57 -57.90 91.01
N ILE V 266 36.07 -56.69 90.77
CA ILE V 266 35.33 -55.92 91.78
C ILE V 266 34.08 -56.69 92.23
N LYS V 267 33.26 -57.16 91.29
CA LYS V 267 32.05 -57.95 91.59
C LYS V 267 32.40 -59.21 92.36
N LEU V 268 33.40 -59.98 91.92
CA LEU V 268 33.81 -61.21 92.60
C LEU V 268 34.33 -60.93 94.01
N ALA V 269 35.17 -59.93 94.21
CA ALA V 269 35.71 -59.58 95.51
C ALA V 269 34.59 -59.16 96.47
N LEU V 270 33.70 -58.25 96.03
CA LEU V 270 32.56 -57.85 96.83
C LEU V 270 31.62 -59.03 97.11
N LYS V 271 31.35 -59.90 96.13
CA LYS V 271 30.54 -61.10 96.34
C LYS V 271 31.15 -62.02 97.38
N ALA V 272 32.45 -62.29 97.28
CA ALA V 272 33.15 -63.12 98.26
C ALA V 272 33.02 -62.53 99.68
N ALA V 273 33.21 -61.21 99.83
CA ALA V 273 33.04 -60.53 101.11
C ALA V 273 31.58 -60.56 101.62
N VAL V 274 30.58 -60.37 100.76
CA VAL V 274 29.16 -60.44 101.12
C VAL V 274 28.79 -61.85 101.57
N LEU V 275 29.23 -62.88 100.85
CA LEU V 275 29.02 -64.28 101.25
C LEU V 275 29.70 -64.59 102.58
N ALA V 276 30.94 -64.13 102.79
CA ALA V 276 31.60 -64.25 104.09
C ALA V 276 30.81 -63.54 105.20
N ALA V 277 30.35 -62.30 104.98
CA ALA V 277 29.55 -61.57 105.96
C ALA V 277 28.20 -62.24 106.31
N LYS V 278 27.62 -63.01 105.38
CA LYS V 278 26.41 -63.83 105.61
C LYS V 278 26.71 -65.23 106.20
N SER V 279 27.95 -65.71 106.11
CA SER V 279 28.36 -67.02 106.64
C SER V 279 28.49 -67.05 108.17
N THR V 280 28.55 -68.25 108.77
CA THR V 280 28.76 -68.45 110.21
C THR V 280 30.09 -69.13 110.56
N ASP V 281 30.62 -70.00 109.69
CA ASP V 281 31.80 -70.81 109.97
C ASP V 281 33.11 -70.00 109.90
N GLU V 282 33.85 -69.94 111.01
CA GLU V 282 35.15 -69.27 111.10
C GLU V 282 36.19 -69.85 110.12
N GLU V 283 36.10 -71.13 109.77
CA GLU V 283 37.00 -71.73 108.77
C GLU V 283 36.71 -71.24 107.34
N VAL V 284 35.44 -70.92 107.03
CA VAL V 284 35.07 -70.28 105.76
C VAL V 284 35.53 -68.83 105.75
N LEU V 285 35.39 -68.11 106.87
CA LEU V 285 35.97 -66.76 106.99
C LEU V 285 37.49 -66.79 106.77
N GLU V 286 38.22 -67.70 107.42
CA GLU V 286 39.67 -67.83 107.22
C GLU V 286 40.05 -68.20 105.79
N GLU V 287 39.36 -69.15 105.13
CA GLU V 287 39.66 -69.46 103.72
C GLU V 287 39.36 -68.28 102.80
N VAL V 288 38.24 -67.56 103.00
CA VAL V 288 37.95 -66.36 102.21
C VAL V 288 39.00 -65.28 102.46
N LYS V 289 39.41 -65.07 103.71
CA LYS V 289 40.49 -64.11 104.06
C LYS V 289 41.80 -64.52 103.40
N GLU V 290 42.15 -65.81 103.40
CA GLU V 290 43.33 -66.31 102.71
C GLU V 290 43.22 -66.19 101.18
N ALA V 291 42.06 -66.47 100.58
CA ALA V 291 41.84 -66.24 99.16
C ALA V 291 42.02 -64.75 98.78
N LEU V 292 41.47 -63.84 99.59
CA LEU V 292 41.71 -62.40 99.43
C LEU V 292 43.20 -62.07 99.63
N ARG V 293 43.90 -62.66 100.60
CA ARG V 293 45.33 -62.45 100.79
C ARG V 293 46.13 -62.90 99.57
N ARG V 294 45.84 -64.09 99.02
CA ARG V 294 46.42 -64.56 97.75
C ARG V 294 46.14 -63.54 96.64
N ALA V 295 44.90 -63.08 96.52
CA ALA V 295 44.52 -62.09 95.51
C ALA V 295 45.21 -60.73 95.68
N LYS V 296 45.49 -60.30 96.92
CA LYS V 296 46.14 -59.01 97.22
C LYS V 296 47.68 -59.07 97.16
N GLU V 297 48.27 -60.24 97.42
CA GLU V 297 49.72 -60.47 97.25
C GLU V 297 50.11 -60.74 95.80
N SER V 298 49.25 -61.41 95.02
CA SER V 298 49.41 -61.57 93.55
C SER V 298 48.94 -60.31 92.78
N THR V 299 49.04 -60.34 91.44
CA THR V 299 48.72 -59.18 90.58
C THR V 299 48.03 -59.53 89.25
N ASP V 300 48.15 -60.76 88.76
CA ASP V 300 47.47 -61.22 87.53
C ASP V 300 45.94 -61.36 87.76
N GLU V 301 45.14 -60.65 86.96
CA GLU V 301 43.67 -60.72 87.04
C GLU V 301 43.14 -62.15 86.86
N GLU V 302 43.80 -63.01 86.09
CA GLU V 302 43.35 -64.40 85.91
C GLU V 302 43.54 -65.24 87.19
N GLU V 303 44.65 -65.06 87.91
CA GLU V 303 44.88 -65.73 89.19
C GLU V 303 43.95 -65.16 90.29
N ILE V 304 43.73 -63.84 90.29
CA ILE V 304 42.79 -63.16 91.19
C ILE V 304 41.37 -63.69 90.97
N LYS V 305 40.88 -63.73 89.72
CA LYS V 305 39.55 -64.26 89.40
C LYS V 305 39.43 -65.73 89.80
N GLU V 306 40.44 -66.57 89.58
CA GLU V 306 40.37 -67.99 89.97
C GLU V 306 40.37 -68.23 91.48
N GLU V 307 41.17 -67.51 92.28
CA GLU V 307 41.09 -67.62 93.75
C GLU V 307 39.75 -67.12 94.28
N LEU V 308 39.26 -65.98 93.79
CA LEU V 308 37.94 -65.49 94.17
C LEU V 308 36.82 -66.44 93.70
N ARG V 309 36.95 -67.07 92.52
CA ARG V 309 35.99 -68.09 92.05
C ARG V 309 35.95 -69.29 92.98
N LYS V 310 37.09 -69.86 93.38
CA LYS V 310 37.11 -70.97 94.34
C LYS V 310 36.48 -70.57 95.68
N ALA V 311 36.78 -69.38 96.19
CA ALA V 311 36.18 -68.87 97.41
C ALA V 311 34.65 -68.71 97.29
N VAL V 312 34.15 -68.14 96.19
CA VAL V 312 32.71 -68.00 95.93
C VAL V 312 32.04 -69.37 95.76
N GLU V 313 32.64 -70.30 95.01
CA GLU V 313 32.09 -71.65 94.83
C GLU V 313 32.09 -72.47 96.12
N GLU V 314 32.96 -72.17 97.08
CA GLU V 314 32.92 -72.76 98.43
C GLU V 314 31.85 -72.11 99.33
N ALA V 315 31.66 -70.79 99.24
CA ALA V 315 30.82 -70.01 100.15
C ALA V 315 29.33 -69.83 99.73
N GLU V 316 29.00 -69.93 98.44
CA GLU V 316 27.64 -69.67 97.90
C GLU V 316 26.58 -70.70 98.31
N CYS W 3 13.03 8.65 114.98
CA CYS W 3 13.74 9.95 115.10
C CYS W 3 12.99 11.03 114.31
N ASP W 4 11.91 11.58 114.87
CA ASP W 4 10.95 12.43 114.16
C ASP W 4 11.58 13.69 113.53
N ALA W 5 12.60 14.26 114.17
CA ALA W 5 13.33 15.42 113.67
C ALA W 5 13.91 15.18 112.26
N ILE W 6 14.30 13.94 111.96
CA ILE W 6 14.66 13.54 110.60
C ILE W 6 13.41 13.05 109.86
N GLN W 7 12.54 12.28 110.50
CA GLN W 7 11.45 11.59 109.78
C GLN W 7 10.49 12.55 109.08
N ALA W 8 10.30 13.76 109.61
CA ALA W 8 9.58 14.80 108.91
C ALA W 8 10.28 15.19 107.59
N ALA W 9 11.60 15.37 107.60
CA ALA W 9 12.37 15.57 106.38
C ALA W 9 12.31 14.34 105.46
N ALA W 10 12.30 13.13 106.00
CA ALA W 10 12.11 11.93 105.20
C ALA W 10 10.74 11.92 104.51
N ALA W 11 9.68 12.33 105.21
CA ALA W 11 8.36 12.47 104.60
C ALA W 11 8.36 13.53 103.49
N LEU W 12 9.03 14.68 103.69
CA LEU W 12 9.22 15.68 102.63
C LEU W 12 10.03 15.12 101.45
N GLY W 13 10.99 14.25 101.70
CA GLY W 13 11.71 13.50 100.67
C GLY W 13 10.81 12.55 99.90
N GLU W 14 9.92 11.82 100.58
CA GLU W 14 8.91 10.97 99.93
C GLU W 14 7.90 11.78 99.11
N ALA W 15 7.58 13.00 99.54
CA ALA W 15 6.80 13.95 98.77
C ALA W 15 7.59 14.58 97.59
N GLY W 16 8.89 14.33 97.48
CA GLY W 16 9.73 14.83 96.40
C GLY W 16 10.15 16.29 96.52
N ILE W 17 10.11 16.87 97.72
CA ILE W 17 10.46 18.29 97.95
C ILE W 17 11.96 18.51 97.76
N SER W 18 12.33 19.60 97.09
CA SER W 18 13.74 19.97 96.85
C SER W 18 14.49 20.20 98.17
N SER W 19 15.74 19.76 98.26
CA SER W 19 16.54 19.86 99.49
C SER W 19 16.69 21.30 100.00
N ASN W 20 16.86 22.29 99.11
CA ASN W 20 16.88 23.69 99.54
C ASN W 20 15.55 24.11 100.17
N GLU W 21 14.42 23.67 99.60
CA GLU W 21 13.11 23.94 100.20
C GLU W 21 12.89 23.14 101.48
N ILE W 22 13.41 21.92 101.60
CA ILE W 22 13.38 21.19 102.87
C ILE W 22 14.15 22.00 103.91
N LEU W 23 15.34 22.48 103.58
CA LEU W 23 16.13 23.29 104.49
C LEU W 23 15.40 24.59 104.86
N GLU W 24 14.70 25.21 103.92
CA GLU W 24 13.86 26.36 104.24
C GLU W 24 12.73 25.96 105.20
N LEU W 25 12.04 24.85 104.94
CA LEU W 25 10.96 24.38 105.80
C LEU W 25 11.48 24.01 107.18
N LEU W 26 12.71 23.52 107.26
CA LEU W 26 13.39 23.30 108.52
C LEU W 26 13.75 24.63 109.18
N ALA W 27 14.19 25.65 108.44
CA ALA W 27 14.42 26.98 109.00
C ALA W 27 13.13 27.54 109.59
N ALA W 28 12.02 27.40 108.88
CA ALA W 28 10.70 27.76 109.38
C ALA W 28 10.32 26.92 110.60
N ALA W 29 10.61 25.62 110.58
CA ALA W 29 10.34 24.76 111.72
C ALA W 29 11.09 25.23 112.96
N ALA W 30 12.34 25.65 112.83
CA ALA W 30 13.09 26.25 113.93
C ALA W 30 12.44 27.58 114.37
N GLU W 31 12.10 28.45 113.43
CA GLU W 31 11.54 29.77 113.73
C GLU W 31 10.20 29.69 114.47
N LEU W 32 9.26 28.93 113.92
CA LEU W 32 7.91 28.81 114.47
C LEU W 32 7.81 27.69 115.54
N GLY W 33 8.83 26.85 115.67
CA GLY W 33 8.78 25.67 116.53
C GLY W 33 7.83 24.59 115.99
N LEU W 34 7.78 24.38 114.67
CA LEU W 34 6.81 23.46 114.05
C LEU W 34 6.99 22.03 114.56
N ASP W 35 5.88 21.38 114.91
CA ASP W 35 5.85 19.97 115.26
C ASP W 35 5.84 19.08 113.99
N PRO W 36 6.20 17.79 114.10
CA PRO W 36 6.26 16.89 112.95
C PRO W 36 4.96 16.76 112.16
N ASP W 37 3.80 16.88 112.80
CA ASP W 37 2.52 16.84 112.08
C ASP W 37 2.24 18.17 111.38
N ALA W 38 2.68 19.30 111.95
CA ALA W 38 2.64 20.59 111.24
C ALA W 38 3.58 20.56 110.02
N ILE W 39 4.76 19.96 110.14
CA ILE W 39 5.62 19.75 108.98
C ILE W 39 4.98 18.76 107.99
N GLN W 40 4.27 17.72 108.46
CA GLN W 40 3.50 16.85 107.58
C GLN W 40 2.38 17.60 106.85
N ALA W 41 1.72 18.56 107.50
CA ALA W 41 0.78 19.45 106.84
C ALA W 41 1.48 20.28 105.76
N ALA W 42 2.69 20.79 106.04
CA ALA W 42 3.51 21.44 105.02
C ALA W 42 3.82 20.48 103.86
N ALA W 43 4.16 19.21 104.13
CA ALA W 43 4.37 18.21 103.10
C ALA W 43 3.11 17.99 102.25
N GLN W 44 1.94 17.89 102.87
CA GLN W 44 0.67 17.72 102.16
C GLN W 44 0.30 18.97 101.34
N LEU W 45 0.60 20.18 101.81
CA LEU W 45 0.51 21.40 100.99
C LEU W 45 1.52 21.40 99.84
N GLY W 46 2.69 20.81 100.03
CA GLY W 46 3.66 20.55 98.97
C GLY W 46 3.16 19.54 97.93
N GLU W 47 2.46 18.49 98.35
CA GLU W 47 1.75 17.57 97.44
C GLU W 47 0.59 18.27 96.71
N ALA W 48 -0.07 19.24 97.33
CA ALA W 48 -1.01 20.14 96.67
C ALA W 48 -0.33 21.17 95.73
N GLY W 49 1.01 21.17 95.64
CA GLY W 49 1.80 21.98 94.72
C GLY W 49 2.13 23.40 95.21
N ILE W 50 1.82 23.73 96.47
CA ILE W 50 2.07 25.07 97.03
C ILE W 50 3.56 25.25 97.35
N SER W 51 4.16 26.41 97.05
CA SER W 51 5.57 26.66 97.38
C SER W 51 5.79 26.80 98.89
N SER W 52 6.98 26.42 99.35
CA SER W 52 7.36 26.57 100.75
C SER W 52 7.26 28.02 101.22
N GLU W 53 7.40 29.02 100.34
CA GLU W 53 7.30 30.42 100.73
C GLU W 53 5.89 30.73 101.21
N GLU W 54 4.88 30.42 100.41
CA GLU W 54 3.49 30.64 100.79
C GLU W 54 3.17 29.78 102.02
N ILE W 55 3.60 28.53 102.05
CA ILE W 55 3.35 27.67 103.20
C ILE W 55 3.91 28.34 104.45
N LYS W 56 5.15 28.84 104.40
CA LYS W 56 5.82 29.50 105.52
C LYS W 56 5.03 30.71 105.98
N GLU W 57 4.61 31.56 105.05
CA GLU W 57 3.78 32.70 105.41
C GLU W 57 2.44 32.25 106.00
N LEU W 58 1.83 31.21 105.45
CA LEU W 58 0.55 30.72 105.94
C LEU W 58 0.68 30.14 107.34
N LEU W 59 1.71 29.34 107.58
CA LEU W 59 2.00 28.85 108.92
C LEU W 59 2.31 30.02 109.84
N ARG W 60 3.05 31.04 109.38
CA ARG W 60 3.26 32.24 110.18
C ARG W 60 1.93 32.92 110.51
N ALA W 61 1.02 33.00 109.56
CA ALA W 61 -0.30 33.54 109.84
C ALA W 61 -1.05 32.67 110.87
N ALA W 62 -1.03 31.35 110.72
CA ALA W 62 -1.67 30.43 111.68
C ALA W 62 -1.09 30.59 113.10
N HIS W 63 0.23 30.81 113.20
CA HIS W 63 0.92 31.11 114.44
C HIS W 63 0.53 32.48 115.00
N GLU W 64 0.50 33.53 114.18
CA GLU W 64 0.06 34.87 114.58
C GLU W 64 -1.45 34.93 114.91
N LEU W 65 -2.25 33.98 114.42
CA LEU W 65 -3.64 33.75 114.78
C LEU W 65 -3.78 32.90 116.06
N GLY W 66 -2.74 32.17 116.47
CA GLY W 66 -2.78 31.29 117.64
C GLY W 66 -3.75 30.10 117.47
N LEU W 67 -3.87 29.56 116.26
CA LEU W 67 -4.83 28.50 115.95
C LEU W 67 -4.56 27.17 116.69
N ASP W 68 -5.61 26.38 116.91
CA ASP W 68 -5.50 25.04 117.50
C ASP W 68 -4.81 24.05 116.54
N PRO W 69 -3.98 23.11 117.05
CA PRO W 69 -3.20 22.19 116.21
C PRO W 69 -4.05 21.36 115.24
N ASP W 70 -5.27 20.99 115.62
CA ASP W 70 -6.20 20.23 114.77
C ASP W 70 -6.76 21.09 113.63
N ALA W 71 -7.07 22.36 113.87
CA ALA W 71 -7.37 23.29 112.80
C ALA W 71 -6.16 23.47 111.86
N ILE W 72 -4.94 23.59 112.41
CA ILE W 72 -3.73 23.70 111.60
C ILE W 72 -3.54 22.44 110.75
N ALA W 73 -3.74 21.25 111.32
CA ALA W 73 -3.72 20.02 110.53
C ALA W 73 -4.81 20.03 109.47
N ALA W 74 -6.02 20.48 109.81
CA ALA W 74 -7.11 20.62 108.85
C ALA W 74 -6.78 21.60 107.72
N ALA W 75 -5.80 22.50 107.87
CA ALA W 75 -5.34 23.30 106.74
C ALA W 75 -4.81 22.43 105.60
N ALA W 76 -4.21 21.27 105.90
CA ALA W 76 -3.82 20.31 104.87
C ALA W 76 -5.03 19.58 104.27
N ASP W 77 -6.13 19.43 105.00
CA ASP W 77 -7.39 18.97 104.39
C ASP W 77 -7.93 20.01 103.41
N LEU W 78 -7.90 21.30 103.77
CA LEU W 78 -8.25 22.38 102.84
C LEU W 78 -7.29 22.40 101.63
N GLY W 79 -6.02 22.04 101.83
CA GLY W 79 -5.04 21.82 100.76
C GLY W 79 -5.43 20.67 99.82
N GLN W 80 -5.79 19.51 100.38
CA GLN W 80 -6.26 18.36 99.59
C GLN W 80 -7.59 18.66 98.86
N ALA W 81 -8.44 19.50 99.45
CA ALA W 81 -9.66 20.01 98.81
C ALA W 81 -9.39 21.02 97.67
N GLY W 82 -8.14 21.44 97.45
CA GLY W 82 -7.76 22.32 96.34
C GLY W 82 -8.09 23.80 96.55
N VAL W 83 -8.33 24.24 97.80
CA VAL W 83 -8.65 25.63 98.13
C VAL W 83 -7.47 26.57 97.79
N SER W 84 -7.75 27.77 97.29
CA SER W 84 -6.71 28.74 96.93
C SER W 84 -5.88 29.16 98.16
N PRO W 85 -4.57 29.44 98.05
CA PRO W 85 -3.71 29.66 99.21
C PRO W 85 -4.24 30.71 100.17
N VAL W 86 -4.64 31.87 99.64
CA VAL W 86 -5.27 32.91 100.45
C VAL W 86 -6.58 32.39 101.04
N GLU W 87 -7.39 31.68 100.27
CA GLU W 87 -8.68 31.17 100.72
C GLU W 87 -8.55 30.17 101.86
N ILE W 88 -7.45 29.41 101.93
CA ILE W 88 -7.20 28.59 103.12
C ILE W 88 -7.16 29.52 104.34
N LEU W 89 -6.36 30.57 104.27
CA LEU W 89 -6.24 31.52 105.37
C LEU W 89 -7.58 32.18 105.68
N ALA W 90 -8.35 32.51 104.65
CA ALA W 90 -9.68 33.04 104.84
C ALA W 90 -10.54 32.06 105.64
N LEU W 91 -10.61 30.79 105.23
CA LEU W 91 -11.42 29.81 105.91
C LEU W 91 -10.95 29.60 107.35
N LEU W 92 -9.64 29.54 107.56
CA LEU W 92 -9.10 29.42 108.92
C LEU W 92 -9.50 30.63 109.77
N ILE W 93 -9.29 31.84 109.25
CA ILE W 93 -9.66 33.05 109.98
C ILE W 93 -11.15 33.01 110.28
N ALA W 94 -11.97 32.71 109.29
CA ALA W 94 -13.41 32.70 109.46
C ALA W 94 -13.83 31.72 110.55
N ALA W 95 -13.37 30.47 110.48
CA ALA W 95 -13.70 29.49 111.48
C ALA W 95 -13.31 29.98 112.87
N SER W 96 -12.09 30.51 112.99
CA SER W 96 -11.56 30.98 114.28
C SER W 96 -12.38 32.14 114.83
N VAL W 97 -12.75 33.11 113.99
CA VAL W 97 -13.54 34.27 114.40
C VAL W 97 -14.96 33.85 114.77
N LEU W 98 -15.57 32.94 114.00
CA LEU W 98 -16.89 32.40 114.30
C LEU W 98 -16.88 31.50 115.56
N GLY W 99 -15.70 31.13 116.07
CA GLY W 99 -15.57 30.27 117.25
C GLY W 99 -15.99 28.82 116.99
N LEU W 100 -15.96 28.38 115.73
CA LEU W 100 -16.40 27.06 115.30
C LEU W 100 -15.36 25.97 115.60
N ASP W 101 -15.82 24.72 115.69
CA ASP W 101 -14.96 23.55 115.88
C ASP W 101 -14.31 23.04 114.57
N PRO W 102 -13.27 22.20 114.64
CA PRO W 102 -12.64 21.61 113.47
C PRO W 102 -13.58 20.77 112.60
N ASP W 103 -14.68 20.24 113.15
CA ASP W 103 -15.66 19.53 112.32
C ASP W 103 -16.35 20.49 111.34
N ALA W 104 -16.64 21.73 111.74
CA ALA W 104 -17.07 22.75 110.79
C ALA W 104 -15.98 23.02 109.73
N ILE W 105 -14.70 22.98 110.11
CA ILE W 105 -13.61 23.10 109.12
C ILE W 105 -13.61 21.88 108.18
N GLN W 106 -13.87 20.68 108.68
CA GLN W 106 -13.99 19.50 107.85
C GLN W 106 -15.18 19.63 106.88
N ALA W 107 -16.28 20.22 107.32
CA ALA W 107 -17.40 20.55 106.44
C ALA W 107 -16.98 21.59 105.39
N ALA W 108 -16.19 22.59 105.75
CA ALA W 108 -15.61 23.51 104.79
C ALA W 108 -14.72 22.77 103.77
N ALA W 109 -13.93 21.80 104.20
CA ALA W 109 -13.14 20.99 103.28
C ALA W 109 -14.04 20.22 102.31
N ALA W 110 -15.12 19.59 102.81
CA ALA W 110 -16.08 18.92 101.96
C ALA W 110 -16.77 19.89 100.96
N LEU W 111 -17.13 21.09 101.40
CA LEU W 111 -17.66 22.13 100.52
C LEU W 111 -16.61 22.59 99.48
N GLY W 112 -15.32 22.57 99.86
CA GLY W 112 -14.20 22.80 98.95
C GLY W 112 -14.08 21.70 97.89
N GLU W 113 -14.20 20.43 98.27
CA GLU W 113 -14.25 19.31 97.33
C GLU W 113 -15.49 19.37 96.41
N ALA W 114 -16.61 19.91 96.91
CA ALA W 114 -17.79 20.21 96.11
C ALA W 114 -17.63 21.46 95.20
N GLY W 115 -16.53 22.21 95.33
CA GLY W 115 -16.21 23.37 94.48
C GLY W 115 -16.91 24.68 94.88
N ILE W 116 -17.49 24.76 96.08
CA ILE W 116 -18.17 25.96 96.60
C ILE W 116 -17.14 27.09 96.89
N SER W 117 -17.48 28.35 96.60
CA SER W 117 -16.56 29.48 96.89
C SER W 117 -16.35 29.68 98.38
N ALA W 118 -15.15 30.07 98.82
CA ALA W 118 -14.91 30.36 100.22
C ALA W 118 -15.86 31.44 100.76
N GLU W 119 -16.23 32.44 99.95
CA GLU W 119 -17.23 33.43 100.35
C GLU W 119 -18.59 32.78 100.60
N GLU W 120 -19.01 31.86 99.73
CA GLU W 120 -20.23 31.10 99.93
C GLU W 120 -20.14 30.25 101.19
N ILE W 121 -19.00 29.59 101.44
CA ILE W 121 -18.83 28.81 102.67
C ILE W 121 -18.97 29.71 103.88
N ILE W 122 -18.26 30.83 103.90
CA ILE W 122 -18.28 31.77 105.02
C ILE W 122 -19.71 32.28 105.23
N GLU W 123 -20.40 32.62 104.15
CA GLU W 123 -21.80 33.04 104.20
C GLU W 123 -22.66 31.92 104.80
N LEU W 124 -22.51 30.69 104.31
CA LEU W 124 -23.27 29.56 104.80
C LEU W 124 -23.01 29.31 106.28
N LEU W 125 -21.74 29.37 106.72
CA LEU W 125 -21.40 29.21 108.12
C LEU W 125 -22.01 30.34 108.95
N THR W 126 -21.98 31.56 108.43
CA THR W 126 -22.60 32.71 109.09
C THR W 126 -24.10 32.48 109.24
N ALA W 127 -24.77 32.07 108.16
CA ALA W 127 -26.19 31.79 108.18
C ALA W 127 -26.53 30.66 109.16
N ALA W 128 -25.75 29.58 109.18
CA ALA W 128 -25.97 28.47 110.10
C ALA W 128 -25.86 28.92 111.56
N ARG W 129 -24.87 29.77 111.86
CA ARG W 129 -24.68 30.38 113.18
C ARG W 129 -25.87 31.27 113.54
N ASP W 130 -26.33 32.09 112.60
CA ASP W 130 -27.50 32.97 112.78
C ASP W 130 -28.80 32.18 112.99
N LEU W 131 -28.98 31.05 112.30
CA LEU W 131 -30.12 30.16 112.48
C LEU W 131 -30.06 29.35 113.79
N GLY W 132 -28.90 29.28 114.45
CA GLY W 132 -28.71 28.45 115.64
C GLY W 132 -28.67 26.94 115.33
N LEU W 133 -28.14 26.58 114.17
CA LEU W 133 -27.94 25.19 113.75
C LEU W 133 -26.77 24.51 114.50
N ASP W 134 -26.42 23.29 114.09
CA ASP W 134 -25.38 22.45 114.68
C ASP W 134 -24.51 21.78 113.58
N PRO W 135 -23.35 21.20 113.94
CA PRO W 135 -22.44 20.57 112.97
C PRO W 135 -23.08 19.48 112.11
N ASP W 136 -24.07 18.74 112.61
CA ASP W 136 -24.78 17.74 111.82
C ASP W 136 -25.60 18.41 110.70
N ALA W 137 -26.33 19.48 111.00
CA ALA W 137 -27.00 20.26 109.96
C ALA W 137 -26.00 20.83 108.95
N ILE W 138 -24.86 21.32 109.41
CA ILE W 138 -23.81 21.83 108.52
C ILE W 138 -23.23 20.71 107.64
N GLN W 139 -23.07 19.49 108.16
CA GLN W 139 -22.64 18.35 107.36
C GLN W 139 -23.69 17.95 106.33
N ALA W 140 -24.98 17.96 106.70
CA ALA W 140 -26.04 17.75 105.73
C ALA W 140 -26.05 18.85 104.66
N ALA W 141 -25.73 20.09 105.01
CA ALA W 141 -25.54 21.15 104.03
C ALA W 141 -24.34 20.83 103.12
N ALA W 142 -23.25 20.29 103.65
CA ALA W 142 -22.16 19.81 102.79
C ALA W 142 -22.63 18.71 101.84
N GLN W 143 -23.52 17.82 102.26
CA GLN W 143 -24.14 16.85 101.36
C GLN W 143 -25.03 17.52 100.30
N LEU W 144 -25.77 18.59 100.61
CA LEU W 144 -26.44 19.40 99.58
C LEU W 144 -25.43 20.02 98.60
N GLY W 145 -24.25 20.41 99.10
CA GLY W 145 -23.13 20.82 98.27
C GLY W 145 -22.65 19.69 97.35
N GLU W 146 -22.50 18.48 97.87
CA GLU W 146 -22.18 17.30 97.04
C GLU W 146 -23.27 17.00 96.00
N ALA W 147 -24.53 17.31 96.30
CA ALA W 147 -25.64 17.27 95.35
C ALA W 147 -25.63 18.44 94.33
N GLY W 148 -24.68 19.38 94.42
CA GLY W 148 -24.52 20.49 93.49
C GLY W 148 -25.55 21.62 93.65
N ILE W 149 -26.25 21.67 94.77
CA ILE W 149 -27.27 22.71 95.06
C ILE W 149 -26.57 24.06 95.30
N SER W 150 -27.13 25.17 94.80
CA SER W 150 -26.49 26.50 94.95
C SER W 150 -26.60 27.06 96.38
N SER W 151 -25.73 28.00 96.73
CA SER W 151 -25.66 28.60 98.07
C SER W 151 -27.01 29.21 98.50
N GLU W 152 -27.65 29.99 97.64
CA GLU W 152 -28.95 30.58 97.95
C GLU W 152 -30.02 29.51 98.17
N GLU W 153 -30.04 28.48 97.33
CA GLU W 153 -30.97 27.36 97.50
C GLU W 153 -30.73 26.66 98.84
N ILE W 154 -29.49 26.36 99.22
CA ILE W 154 -29.19 25.79 100.52
C ILE W 154 -29.68 26.73 101.63
N LYS W 155 -29.39 28.04 101.54
CA LYS W 155 -29.75 29.00 102.57
C LYS W 155 -31.26 29.05 102.77
N GLU W 156 -32.02 29.13 101.68
CA GLU W 156 -33.48 29.08 101.76
C GLU W 156 -33.97 27.72 102.28
N LEU W 157 -33.36 26.61 101.86
CA LEU W 157 -33.74 25.29 102.36
C LEU W 157 -33.51 25.19 103.86
N LEU W 158 -32.37 25.62 104.36
CA LEU W 158 -32.10 25.63 105.79
C LEU W 158 -33.11 26.53 106.52
N ARG W 159 -33.41 27.71 105.97
CA ARG W 159 -34.43 28.60 106.55
C ARG W 159 -35.77 27.88 106.62
N ALA W 160 -36.20 27.24 105.54
CA ALA W 160 -37.45 26.49 105.53
C ALA W 160 -37.42 25.35 106.57
N ALA W 161 -36.34 24.58 106.63
CA ALA W 161 -36.22 23.48 107.58
C ALA W 161 -36.34 23.97 109.02
N HIS W 162 -35.71 25.10 109.34
CA HIS W 162 -35.79 25.74 110.65
C HIS W 162 -37.21 26.25 110.95
N GLU W 163 -37.88 26.91 109.99
CA GLU W 163 -39.27 27.34 110.15
C GLU W 163 -40.25 26.18 110.31
N LEU W 164 -39.90 25.00 109.81
CA LEU W 164 -40.64 23.75 110.00
C LEU W 164 -40.18 22.93 111.22
N GLY W 165 -39.12 23.35 111.92
CA GLY W 165 -38.57 22.62 113.07
C GLY W 165 -37.99 21.24 112.72
N LEU W 166 -37.55 21.04 111.47
CA LEU W 166 -37.05 19.77 110.96
C LEU W 166 -35.62 19.45 111.43
N ASP W 167 -35.39 18.18 111.75
CA ASP W 167 -34.10 17.68 112.26
C ASP W 167 -33.01 17.57 111.18
N PRO W 168 -31.72 17.54 111.55
CA PRO W 168 -30.62 17.26 110.61
C PRO W 168 -30.81 15.98 109.79
N ASP W 169 -31.44 14.94 110.37
CA ASP W 169 -31.84 13.73 109.65
C ASP W 169 -32.79 14.05 108.48
N CYS W 170 -33.70 14.99 108.68
CA CYS W 170 -34.60 15.45 107.65
C CYS W 170 -33.82 16.20 106.56
N ILE W 171 -32.85 17.03 106.95
CA ILE W 171 -31.98 17.72 105.99
C ILE W 171 -31.16 16.70 105.19
N ALA W 172 -30.70 15.61 105.79
CA ALA W 172 -30.06 14.52 105.06
C ALA W 172 -31.01 13.89 104.03
N ALA W 173 -32.27 13.64 104.41
CA ALA W 173 -33.27 13.21 103.45
C ALA W 173 -33.53 14.27 102.36
N ALA W 174 -33.45 15.56 102.68
CA ALA W 174 -33.50 16.62 101.67
C ALA W 174 -32.30 16.54 100.73
N ALA W 175 -31.10 16.24 101.24
CA ALA W 175 -29.93 15.99 100.41
C ALA W 175 -30.11 14.76 99.53
N ASP W 176 -30.79 13.71 100.01
CA ASP W 176 -31.14 12.55 99.18
C ASP W 176 -32.08 12.92 98.03
N LEU W 177 -33.08 13.79 98.27
CA LEU W 177 -33.90 14.35 97.19
C LEU W 177 -33.07 15.22 96.23
N GLY W 178 -32.05 15.91 96.74
CA GLY W 178 -31.05 16.59 95.91
C GLY W 178 -30.28 15.61 95.02
N GLN W 179 -29.83 14.48 95.56
CA GLN W 179 -29.19 13.42 94.77
C GLN W 179 -30.17 12.79 93.76
N ALA W 180 -31.46 12.75 94.07
CA ALA W 180 -32.51 12.38 93.10
C ALA W 180 -32.79 13.47 92.03
N GLY W 181 -32.12 14.62 92.09
CA GLY W 181 -32.22 15.68 91.08
C GLY W 181 -33.48 16.54 91.18
N ILE W 182 -34.21 16.47 92.31
CA ILE W 182 -35.42 17.24 92.56
C ILE W 182 -35.07 18.74 92.69
N SER W 183 -35.85 19.65 92.09
CA SER W 183 -35.59 21.10 92.21
C SER W 183 -35.74 21.57 93.65
N SER W 184 -35.02 22.63 94.04
CA SER W 184 -35.13 23.21 95.39
C SER W 184 -36.57 23.57 95.75
N SER W 185 -37.33 24.09 94.77
CA SER W 185 -38.77 24.35 94.93
C SER W 185 -39.50 23.06 95.29
N GLU W 186 -39.31 22.00 94.53
CA GLU W 186 -39.99 20.72 94.78
C GLU W 186 -39.52 20.05 96.08
N ILE W 187 -38.25 20.14 96.44
CA ILE W 187 -37.79 19.71 97.76
C ILE W 187 -38.56 20.49 98.81
N THR W 188 -38.63 21.82 98.68
CA THR W 188 -39.32 22.67 99.65
C THR W 188 -40.78 22.26 99.78
N ALA W 189 -41.45 22.02 98.66
CA ALA W 189 -42.82 21.51 98.64
C ALA W 189 -42.91 20.17 99.39
N LEU W 190 -42.03 19.22 99.08
CA LEU W 190 -42.04 17.91 99.74
C LEU W 190 -41.79 18.04 101.23
N LEU W 191 -40.89 18.92 101.66
CA LEU W 191 -40.67 19.20 103.07
C LEU W 191 -41.95 19.77 103.71
N LEU W 192 -42.56 20.78 103.08
CA LEU W 192 -43.81 21.36 103.58
C LEU W 192 -44.89 20.30 103.72
N ALA W 193 -45.06 19.47 102.68
CA ALA W 193 -46.07 18.42 102.64
C ALA W 193 -45.83 17.39 103.74
N ALA W 194 -44.61 16.86 103.82
CA ALA W 194 -44.27 15.88 104.82
C ALA W 194 -44.50 16.43 106.23
N ALA W 195 -44.08 17.67 106.49
CA ALA W 195 -44.28 18.31 107.78
C ALA W 195 -45.77 18.45 108.10
N ALA W 196 -46.57 18.93 107.15
CA ALA W 196 -48.01 19.03 107.35
C ALA W 196 -48.64 17.66 107.65
N ILE W 197 -48.22 16.61 106.93
CA ILE W 197 -48.76 15.25 107.12
C ILE W 197 -48.41 14.74 108.52
N GLU W 198 -47.16 14.84 108.94
CA GLU W 198 -46.74 14.39 110.27
C GLU W 198 -47.56 15.08 111.36
N LEU W 199 -47.65 16.41 111.33
CA LEU W 199 -48.44 17.16 112.29
C LEU W 199 -49.93 16.81 112.22
N ALA W 200 -50.51 16.69 111.03
CA ALA W 200 -51.93 16.36 110.88
C ALA W 200 -52.25 14.91 111.25
N LYS W 201 -51.26 14.02 111.25
CA LYS W 201 -51.37 12.69 111.86
C LYS W 201 -51.26 12.78 113.39
N ARG W 202 -50.36 13.62 113.88
CA ARG W 202 -49.97 13.68 115.29
C ARG W 202 -50.91 14.53 116.14
N ALA W 203 -51.62 15.48 115.51
CA ALA W 203 -52.93 15.95 115.94
C ALA W 203 -54.03 15.04 115.38
N ASP W 204 -55.15 14.90 116.09
CA ASP W 204 -56.26 14.02 115.70
C ASP W 204 -57.19 14.62 114.61
N ASP W 205 -57.07 15.91 114.34
CA ASP W 205 -58.21 16.69 113.85
C ASP W 205 -58.62 16.40 112.39
N LYS W 206 -59.83 15.86 112.23
CA LYS W 206 -60.49 15.63 110.94
C LYS W 206 -60.59 16.90 110.06
N ASP W 207 -60.77 18.09 110.62
CA ASP W 207 -60.82 19.32 109.83
C ASP W 207 -59.45 19.70 109.24
N VAL W 208 -58.38 19.59 110.04
CA VAL W 208 -57.01 19.73 109.53
C VAL W 208 -56.74 18.66 108.48
N ARG W 209 -57.20 17.43 108.70
CA ARG W 209 -57.04 16.32 107.74
C ARG W 209 -57.80 16.57 106.43
N GLU W 210 -59.01 17.15 106.49
CA GLU W 210 -59.69 17.63 105.29
C GLU W 210 -58.88 18.70 104.56
N ILE W 211 -58.37 19.69 105.28
CA ILE W 211 -57.54 20.74 104.69
C ILE W 211 -56.30 20.13 104.03
N VAL W 212 -55.62 19.22 104.71
CA VAL W 212 -54.42 18.55 104.18
C VAL W 212 -54.76 17.72 102.95
N ARG W 213 -55.88 16.99 102.94
CA ARG W 213 -56.37 16.32 101.73
C ARG W 213 -56.49 17.32 100.59
N ASP W 214 -57.26 18.38 100.79
CA ASP W 214 -57.56 19.34 99.73
C ASP W 214 -56.30 20.07 99.25
N ALA W 215 -55.41 20.42 100.16
CA ALA W 215 -54.14 21.05 99.82
C ALA W 215 -53.23 20.09 99.05
N LEU W 216 -53.07 18.84 99.50
CA LEU W 216 -52.24 17.86 98.79
C LEU W 216 -52.85 17.51 97.43
N GLU W 217 -54.17 17.42 97.32
CA GLU W 217 -54.84 17.27 96.04
C GLU W 217 -54.51 18.45 95.12
N LEU W 218 -54.74 19.68 95.57
CA LEU W 218 -54.46 20.87 94.77
C LEU W 218 -52.98 20.92 94.36
N ALA W 219 -52.06 20.63 95.28
CA ALA W 219 -50.63 20.57 94.99
C ALA W 219 -50.26 19.44 94.02
N SER W 220 -51.00 18.33 94.02
CA SER W 220 -50.81 17.24 93.06
C SER W 220 -51.34 17.61 91.67
N ARG W 221 -52.53 18.23 91.59
CA ARG W 221 -53.21 18.56 90.32
C ARG W 221 -52.65 19.79 89.62
N SER W 222 -52.31 20.84 90.37
CA SER W 222 -51.75 22.07 89.82
C SER W 222 -50.26 21.92 89.42
N THR W 223 -49.73 22.91 88.70
CA THR W 223 -48.36 22.89 88.13
C THR W 223 -47.57 24.19 88.36
N ASN W 224 -48.09 25.13 89.17
CA ASN W 224 -47.45 26.42 89.45
C ASN W 224 -46.86 26.44 90.87
N ASP W 225 -45.55 26.68 90.99
CA ASP W 225 -44.84 26.74 92.25
C ASP W 225 -45.48 27.69 93.27
N GLU W 226 -46.05 28.81 92.83
CA GLU W 226 -46.70 29.76 93.75
C GLU W 226 -47.93 29.13 94.41
N VAL W 227 -48.80 28.51 93.61
CA VAL W 227 -49.98 27.80 94.13
C VAL W 227 -49.55 26.65 95.04
N ILE W 228 -48.55 25.87 94.63
CA ILE W 228 -48.05 24.73 95.41
C ILE W 228 -47.51 25.21 96.76
N ARG W 229 -46.58 26.18 96.76
CA ARG W 229 -45.98 26.69 97.99
C ARG W 229 -47.04 27.32 98.89
N LEU W 230 -47.92 28.17 98.34
CA LEU W 230 -49.00 28.76 99.12
C LEU W 230 -49.91 27.69 99.74
N ALA W 231 -50.31 26.68 98.98
CA ALA W 231 -51.21 25.65 99.48
C ALA W 231 -50.54 24.85 100.60
N LEU W 232 -49.30 24.42 100.41
CA LEU W 232 -48.61 23.60 101.40
C LEU W 232 -48.21 24.43 102.63
N GLU W 233 -47.89 25.70 102.45
CA GLU W 233 -47.75 26.64 103.56
C GLU W 233 -49.06 26.76 104.33
N ALA W 234 -50.20 26.93 103.64
CA ALA W 234 -51.50 26.97 104.28
C ALA W 234 -51.79 25.66 105.03
N ALA W 235 -51.37 24.51 104.49
CA ALA W 235 -51.52 23.22 105.16
C ALA W 235 -50.71 23.17 106.46
N VAL W 236 -49.45 23.61 106.44
CA VAL W 236 -48.64 23.75 107.65
C VAL W 236 -49.29 24.72 108.64
N LEU W 237 -49.78 25.87 108.18
CA LEU W 237 -50.45 26.85 109.05
C LEU W 237 -51.75 26.31 109.65
N ALA W 238 -52.51 25.50 108.92
CA ALA W 238 -53.67 24.80 109.47
C ALA W 238 -53.25 23.81 110.56
N ALA W 239 -52.14 23.10 110.37
CA ALA W 239 -51.60 22.18 111.38
C ALA W 239 -51.01 22.90 112.61
N ARG W 240 -50.45 24.11 112.46
CA ARG W 240 -49.95 24.94 113.58
C ARG W 240 -51.05 25.67 114.35
N SER W 241 -52.07 26.16 113.66
CA SER W 241 -53.24 26.83 114.26
C SER W 241 -54.28 25.81 114.79
N THR W 242 -55.41 26.30 115.32
CA THR W 242 -56.49 25.45 115.89
C THR W 242 -57.87 26.12 115.88
N ASP W 243 -57.96 27.45 115.89
CA ASP W 243 -59.23 28.17 115.91
C ASP W 243 -60.11 27.85 114.68
N SER W 244 -61.38 27.50 114.93
CA SER W 244 -62.35 27.21 113.87
C SER W 244 -62.50 28.36 112.89
N ASP W 245 -62.32 29.63 113.28
CA ASP W 245 -62.33 30.74 112.33
C ASP W 245 -61.22 30.59 111.27
N VAL W 246 -60.02 30.20 111.68
CA VAL W 246 -58.91 29.97 110.74
C VAL W 246 -59.19 28.74 109.88
N LEU W 247 -59.66 27.65 110.49
CA LEU W 247 -60.01 26.42 109.77
C LEU W 247 -61.10 26.67 108.72
N GLU W 248 -62.16 27.40 109.08
CA GLU W 248 -63.24 27.79 108.17
C GLU W 248 -62.70 28.66 107.02
N ILE W 249 -61.91 29.69 107.31
CA ILE W 249 -61.34 30.57 106.27
C ILE W 249 -60.45 29.76 105.32
N VAL W 250 -59.56 28.91 105.84
CA VAL W 250 -58.72 28.06 105.00
C VAL W 250 -59.57 27.09 104.18
N LYS W 251 -60.56 26.44 104.78
CA LYS W 251 -61.44 25.50 104.07
C LYS W 251 -62.28 26.22 103.00
N ASP W 252 -62.78 27.41 103.30
CA ASP W 252 -63.47 28.25 102.33
C ASP W 252 -62.55 28.64 101.18
N ALA W 253 -61.31 29.04 101.48
CA ALA W 253 -60.36 29.39 100.44
C ALA W 253 -60.02 28.18 99.57
N LEU W 254 -59.82 26.99 100.15
CA LEU W 254 -59.59 25.76 99.39
C LEU W 254 -60.83 25.33 98.61
N GLU W 255 -62.03 25.50 99.16
CA GLU W 255 -63.27 25.26 98.41
C GLU W 255 -63.36 26.19 97.21
N LEU W 256 -63.13 27.49 97.39
CA LEU W 256 -63.09 28.45 96.30
C LEU W 256 -62.01 28.08 95.27
N ALA W 257 -60.83 27.67 95.71
CA ALA W 257 -59.74 27.26 94.83
C ALA W 257 -60.07 25.98 94.03
N LYS W 258 -60.82 25.04 94.61
CA LYS W 258 -61.28 23.82 93.91
C LYS W 258 -62.47 24.10 92.98
N GLN W 259 -63.34 25.04 93.34
CA GLN W 259 -64.50 25.43 92.51
C GLN W 259 -64.11 26.32 91.32
N SER W 260 -63.21 27.28 91.53
CA SER W 260 -62.69 28.16 90.48
C SER W 260 -61.57 27.50 89.65
N THR W 261 -61.21 28.11 88.51
CA THR W 261 -60.20 27.59 87.57
C THR W 261 -59.16 28.64 87.14
N ASN W 262 -59.05 29.77 87.87
CA ASN W 262 -58.14 30.86 87.56
C ASN W 262 -57.01 30.95 88.60
N GLU W 263 -55.74 30.87 88.17
CA GLU W 263 -54.58 30.89 89.06
C GLU W 263 -54.45 32.19 89.86
N GLU W 264 -54.90 33.33 89.34
CA GLU W 264 -54.88 34.60 90.10
C GLU W 264 -55.87 34.56 91.28
N VAL W 265 -57.08 34.04 91.06
CA VAL W 265 -58.07 33.84 92.13
C VAL W 265 -57.54 32.84 93.17
N ILE W 266 -56.93 31.74 92.73
CA ILE W 266 -56.35 30.74 93.64
C ILE W 266 -55.23 31.36 94.48
N LYS W 267 -54.27 32.06 93.85
CA LYS W 267 -53.17 32.72 94.56
C LYS W 267 -53.68 33.76 95.55
N LEU W 268 -54.60 34.63 95.15
CA LEU W 268 -55.18 35.65 96.03
C LEU W 268 -55.94 35.01 97.20
N ALA W 269 -56.78 34.00 96.96
CA ALA W 269 -57.55 33.34 98.01
C ALA W 269 -56.62 32.64 99.00
N LEU W 270 -55.62 31.88 98.51
CA LEU W 270 -54.64 31.26 99.39
C LEU W 270 -53.82 32.31 100.15
N LYS W 271 -53.40 33.41 99.52
CA LYS W 271 -52.71 34.50 100.22
C LYS W 271 -53.59 35.10 101.32
N ALA W 272 -54.86 35.39 101.04
CA ALA W 272 -55.77 35.91 102.04
C ALA W 272 -55.91 34.94 103.23
N ALA W 273 -56.05 33.64 102.97
CA ALA W 273 -56.11 32.63 104.01
C ALA W 273 -54.78 32.50 104.80
N VAL W 274 -53.63 32.59 104.13
CA VAL W 274 -52.31 32.59 104.78
C VAL W 274 -52.18 33.80 105.71
N LEU W 275 -52.56 35.00 105.25
CA LEU W 275 -52.55 36.21 106.07
C LEU W 275 -53.51 36.09 107.26
N ALA W 276 -54.71 35.54 107.07
CA ALA W 276 -55.63 35.26 108.16
C ALA W 276 -55.04 34.26 109.18
N ALA W 277 -54.38 33.20 108.73
CA ALA W 277 -53.76 32.21 109.62
C ALA W 277 -52.52 32.73 110.36
N LYS W 278 -51.75 33.65 109.76
CA LYS W 278 -50.56 34.28 110.38
C LYS W 278 -50.90 35.46 111.31
N SER W 279 -51.97 36.22 111.01
CA SER W 279 -52.51 37.26 111.91
C SER W 279 -53.39 36.66 113.03
N THR W 280 -53.94 37.49 113.91
CA THR W 280 -54.71 37.04 115.09
C THR W 280 -55.92 37.94 115.44
N ASP W 281 -56.12 39.04 114.74
CA ASP W 281 -57.25 39.95 114.99
C ASP W 281 -58.57 39.40 114.44
N GLU W 282 -59.54 39.13 115.32
CA GLU W 282 -60.86 38.59 114.95
C GLU W 282 -61.61 39.47 113.95
N GLU W 283 -61.38 40.80 113.93
CA GLU W 283 -62.00 41.68 112.94
C GLU W 283 -61.37 41.51 111.54
N VAL W 284 -60.07 41.19 111.46
CA VAL W 284 -59.41 40.83 110.20
C VAL W 284 -59.87 39.45 109.73
N LEU W 285 -60.01 38.48 110.65
CA LEU W 285 -60.61 37.19 110.32
C LEU W 285 -62.04 37.37 109.77
N GLU W 286 -62.88 38.16 110.43
CA GLU W 286 -64.23 38.43 109.93
C GLU W 286 -64.24 39.18 108.59
N GLU W 287 -63.39 40.18 108.36
CA GLU W 287 -63.32 40.83 107.05
C GLU W 287 -62.86 39.87 105.95
N VAL W 288 -61.85 39.02 106.23
CA VAL W 288 -61.43 38.00 105.26
C VAL W 288 -62.56 37.00 105.02
N LYS W 289 -63.26 36.54 106.05
CA LYS W 289 -64.40 35.61 105.92
C LYS W 289 -65.54 36.27 105.12
N GLU W 290 -65.82 37.54 105.34
CA GLU W 290 -66.81 38.28 104.57
C GLU W 290 -66.35 38.53 103.13
N ALA W 291 -65.08 38.83 102.88
CA ALA W 291 -64.56 38.92 101.52
C ALA W 291 -64.67 37.58 100.78
N LEU W 292 -64.38 36.45 101.45
CA LEU W 292 -64.64 35.13 100.89
C LEU W 292 -66.14 34.89 100.68
N ARG W 293 -67.03 35.32 101.58
CA ARG W 293 -68.47 35.22 101.36
C ARG W 293 -68.90 36.01 100.13
N ARG W 294 -68.41 37.24 99.96
CA ARG W 294 -68.59 38.02 98.73
C ARG W 294 -68.06 37.25 97.51
N ALA W 295 -66.90 36.62 97.63
CA ALA W 295 -66.34 35.80 96.56
C ALA W 295 -67.17 34.54 96.23
N LYS W 296 -67.90 33.96 97.20
CA LYS W 296 -68.87 32.88 96.94
C LYS W 296 -70.18 33.39 96.33
N GLU W 297 -70.70 34.52 96.81
CA GLU W 297 -71.98 35.07 96.38
C GLU W 297 -71.93 35.79 95.02
N SER W 298 -70.80 36.40 94.67
CA SER W 298 -70.56 37.02 93.35
C SER W 298 -70.19 35.98 92.28
N THR W 299 -70.47 36.28 91.01
CA THR W 299 -70.20 35.38 89.86
C THR W 299 -68.99 35.81 89.02
N ASP W 300 -68.73 37.11 88.89
CA ASP W 300 -67.66 37.65 88.04
C ASP W 300 -66.25 37.47 88.68
N GLU W 301 -65.32 36.85 87.95
CA GLU W 301 -63.91 36.71 88.38
C GLU W 301 -63.25 38.08 88.67
N GLU W 302 -63.66 39.16 88.00
CA GLU W 302 -63.15 40.50 88.30
C GLU W 302 -63.59 40.99 89.69
N GLU W 303 -64.84 40.76 90.09
CA GLU W 303 -65.32 41.11 91.43
C GLU W 303 -64.71 40.22 92.52
N ILE W 304 -64.52 38.93 92.22
CA ILE W 304 -63.81 37.99 93.11
C ILE W 304 -62.36 38.47 93.36
N LYS W 305 -61.61 38.77 92.30
CA LYS W 305 -60.23 39.29 92.41
C LYS W 305 -60.20 40.61 93.17
N GLU W 306 -61.12 41.54 92.92
CA GLU W 306 -61.15 42.82 93.61
C GLU W 306 -61.49 42.72 95.11
N GLU W 307 -62.47 41.91 95.52
CA GLU W 307 -62.75 41.73 96.96
C GLU W 307 -61.61 41.00 97.69
N LEU W 308 -61.00 39.99 97.06
CA LEU W 308 -59.78 39.38 97.60
C LEU W 308 -58.62 40.39 97.65
N ARG W 309 -58.48 41.28 96.66
CA ARG W 309 -57.48 42.36 96.68
C ARG W 309 -57.72 43.33 97.84
N LYS W 310 -58.95 43.76 98.10
CA LYS W 310 -59.28 44.59 99.28
C LYS W 310 -58.84 43.88 100.58
N ALA W 311 -59.21 42.61 100.74
CA ALA W 311 -58.85 41.84 101.92
C ALA W 311 -57.33 41.68 102.09
N VAL W 312 -56.60 41.38 101.02
CA VAL W 312 -55.13 41.29 101.04
C VAL W 312 -54.50 42.65 101.37
N GLU W 313 -54.95 43.74 100.73
CA GLU W 313 -54.44 45.08 101.02
C GLU W 313 -54.78 45.57 102.44
N GLU W 314 -55.85 45.06 103.06
CA GLU W 314 -56.15 45.32 104.48
C GLU W 314 -55.27 44.46 105.43
N ALA W 315 -55.00 43.20 105.10
CA ALA W 315 -54.36 42.23 105.99
C ALA W 315 -52.81 42.15 105.90
N GLU W 316 -52.18 42.55 104.78
CA GLU W 316 -50.73 42.42 104.54
C GLU W 316 -49.84 43.32 105.43
N CYS X 3 11.74 -40.84 108.28
CA CYS X 3 13.04 -41.54 108.20
C CYS X 3 14.11 -40.58 107.64
N ASP X 4 14.67 -39.71 108.48
CA ASP X 4 15.44 -38.52 108.06
C ASP X 4 16.69 -38.85 107.23
N ALA X 5 17.33 -39.99 107.53
CA ALA X 5 18.51 -40.47 106.80
C ALA X 5 18.21 -40.66 105.30
N ILE X 6 16.99 -41.09 104.96
CA ILE X 6 16.52 -41.12 103.57
C ILE X 6 15.99 -39.73 103.17
N GLN X 7 15.27 -39.04 104.05
CA GLN X 7 14.59 -37.80 103.68
C GLN X 7 15.55 -36.70 103.22
N ALA X 8 16.77 -36.66 103.75
CA ALA X 8 17.81 -35.78 103.22
C ALA X 8 18.13 -36.10 101.74
N ALA X 9 18.25 -37.38 101.38
CA ALA X 9 18.40 -37.79 99.99
C ALA X 9 17.14 -37.46 99.17
N ALA X 10 15.94 -37.60 99.74
CA ALA X 10 14.72 -37.18 99.07
C ALA X 10 14.71 -35.68 98.77
N ALA X 11 15.15 -34.85 99.72
CA ALA X 11 15.28 -33.42 99.50
C ALA X 11 16.29 -33.10 98.39
N LEU X 12 17.44 -33.80 98.35
CA LEU X 12 18.39 -33.67 97.25
C LEU X 12 17.80 -34.14 95.90
N GLY X 13 16.95 -35.16 95.92
CA GLY X 13 16.20 -35.61 94.74
C GLY X 13 15.21 -34.55 94.25
N GLU X 14 14.47 -33.90 95.15
CA GLU X 14 13.61 -32.77 94.82
C GLU X 14 14.40 -31.56 94.30
N ALA X 15 15.62 -31.35 94.79
CA ALA X 15 16.56 -30.37 94.25
C ALA X 15 17.16 -30.77 92.88
N GLY X 16 16.89 -31.98 92.39
CA GLY X 16 17.35 -32.45 91.08
C GLY X 16 18.82 -32.91 91.05
N ILE X 17 19.42 -33.17 92.21
CA ILE X 17 20.80 -33.67 92.31
C ILE X 17 20.89 -35.09 91.77
N SER X 18 21.90 -35.42 90.95
CA SER X 18 22.02 -36.76 90.36
C SER X 18 22.39 -37.81 91.41
N SER X 19 22.03 -39.07 91.18
CA SER X 19 22.25 -40.15 92.16
C SER X 19 23.72 -40.29 92.56
N ASN X 20 24.66 -40.19 91.63
CA ASN X 20 26.08 -40.23 91.95
C ASN X 20 26.50 -39.05 92.85
N GLU X 21 25.97 -37.85 92.58
CA GLU X 21 26.22 -36.69 93.43
C GLU X 21 25.54 -36.82 94.80
N ILE X 22 24.35 -37.39 94.88
CA ILE X 22 23.72 -37.69 96.16
C ILE X 22 24.61 -38.66 96.94
N LEU X 23 25.07 -39.74 96.32
CA LEU X 23 25.97 -40.69 96.98
C LEU X 23 27.27 -40.03 97.41
N GLU X 24 27.81 -39.11 96.62
CA GLU X 24 28.98 -38.34 97.02
C GLU X 24 28.67 -37.47 98.25
N LEU X 25 27.53 -36.77 98.25
CA LEU X 25 27.13 -35.93 99.38
C LEU X 25 26.83 -36.78 100.61
N LEU X 26 26.31 -37.99 100.43
CA LEU X 26 26.16 -38.95 101.51
C LEU X 26 27.53 -39.43 102.00
N ALA X 27 28.50 -39.65 101.12
CA ALA X 27 29.86 -39.98 101.55
C ALA X 27 30.44 -38.85 102.41
N ALA X 28 30.26 -37.60 101.98
CA ALA X 28 30.64 -36.44 102.78
C ALA X 28 29.87 -36.40 104.10
N ALA X 29 28.58 -36.70 104.08
CA ALA X 29 27.77 -36.75 105.29
C ALA X 29 28.32 -37.77 106.27
N ALA X 30 28.73 -38.95 105.81
CA ALA X 30 29.39 -39.94 106.64
C ALA X 30 30.74 -39.41 107.18
N GLU X 31 31.56 -38.80 106.32
CA GLU X 31 32.88 -38.30 106.72
C GLU X 31 32.79 -37.21 107.79
N LEU X 32 32.02 -36.16 107.52
CA LEU X 32 31.90 -35.00 108.41
C LEU X 32 30.85 -35.21 109.51
N GLY X 33 30.04 -36.27 109.42
CA GLY X 33 28.89 -36.48 110.29
C GLY X 33 27.78 -35.44 110.06
N LEU X 34 27.52 -35.07 108.81
CA LEU X 34 26.54 -34.01 108.49
C LEU X 34 25.14 -34.37 109.01
N ASP X 35 24.47 -33.40 109.61
CA ASP X 35 23.05 -33.51 109.98
C ASP X 35 22.15 -33.19 108.77
N PRO X 36 20.87 -33.60 108.79
CA PRO X 36 19.93 -33.37 107.69
C PRO X 36 19.78 -31.90 107.29
N ASP X 37 19.89 -30.95 108.22
CA ASP X 37 19.79 -29.53 107.86
C ASP X 37 21.10 -29.04 107.21
N ALA X 38 22.25 -29.54 107.62
CA ALA X 38 23.50 -29.30 106.89
C ALA X 38 23.45 -29.91 105.48
N ILE X 39 22.86 -31.09 105.33
CA ILE X 39 22.63 -31.66 103.99
C ILE X 39 21.59 -30.82 103.22
N GLN X 40 20.57 -30.25 103.87
CA GLN X 40 19.64 -29.32 103.22
C GLN X 40 20.35 -28.04 102.77
N ALA X 41 21.31 -27.53 103.54
CA ALA X 41 22.15 -26.43 103.11
C ALA X 41 22.97 -26.84 101.87
N ALA X 42 23.51 -28.05 101.82
CA ALA X 42 24.14 -28.58 100.61
C ALA X 42 23.15 -28.63 99.45
N ALA X 43 21.90 -29.04 99.68
CA ALA X 43 20.86 -29.03 98.64
C ALA X 43 20.61 -27.61 98.11
N GLN X 44 20.52 -26.61 99.00
CA GLN X 44 20.33 -25.22 98.61
C GLN X 44 21.55 -24.65 97.87
N LEU X 45 22.78 -25.02 98.22
CA LEU X 45 23.97 -24.71 97.42
C LEU X 45 23.95 -25.42 96.06
N GLY X 46 23.36 -26.61 95.99
CA GLY X 46 23.08 -27.32 94.73
C GLY X 46 22.04 -26.60 93.87
N GLU X 47 21.00 -26.03 94.48
CA GLU X 47 20.05 -25.13 93.78
C GLU X 47 20.74 -23.85 93.29
N ALA X 48 21.73 -23.34 94.03
CA ALA X 48 22.63 -22.28 93.55
C ALA X 48 23.63 -22.75 92.46
N GLY X 49 23.63 -24.02 92.09
CA GLY X 49 24.41 -24.61 90.99
C GLY X 49 25.85 -24.99 91.34
N ILE X 50 26.23 -24.93 92.61
CA ILE X 50 27.61 -25.25 93.07
C ILE X 50 27.85 -26.77 93.01
N SER X 51 29.04 -27.24 92.65
CA SER X 51 29.31 -28.68 92.61
C SER X 51 29.38 -29.28 94.01
N SER X 52 29.04 -30.56 94.13
CA SER X 52 29.23 -31.34 95.35
C SER X 52 30.68 -31.28 95.83
N GLU X 53 31.64 -31.22 94.91
CA GLU X 53 33.06 -31.13 95.24
C GLU X 53 33.35 -29.85 96.02
N GLU X 54 32.95 -28.73 95.46
CA GLU X 54 33.15 -27.43 96.09
C GLU X 54 32.39 -27.37 97.41
N ILE X 55 31.14 -27.85 97.42
CA ILE X 55 30.36 -27.92 98.64
C ILE X 55 31.10 -28.73 99.69
N LYS X 56 31.68 -29.88 99.32
CA LYS X 56 32.42 -30.73 100.25
C LYS X 56 33.57 -29.96 100.85
N GLU X 57 34.39 -29.32 100.03
CA GLU X 57 35.47 -28.52 100.55
C GLU X 57 34.95 -27.38 101.44
N LEU X 58 33.83 -26.76 101.08
CA LEU X 58 33.27 -25.69 101.90
C LEU X 58 32.80 -26.22 103.25
N LEU X 59 32.07 -27.32 103.27
CA LEU X 59 31.63 -27.92 104.52
C LEU X 59 32.83 -28.41 105.32
N ARG X 60 33.86 -28.96 104.66
CA ARG X 60 35.12 -29.35 105.28
C ARG X 60 35.76 -28.14 105.95
N ALA X 61 35.77 -26.99 105.27
CA ALA X 61 36.26 -25.77 105.88
C ALA X 61 35.37 -25.33 107.05
N ALA X 62 34.04 -25.36 106.91
CA ALA X 62 33.13 -24.99 107.98
C ALA X 62 33.31 -25.86 109.23
N HIS X 63 33.57 -27.15 109.02
CA HIS X 63 33.93 -28.10 110.07
C HIS X 63 35.29 -27.77 110.69
N GLU X 64 36.32 -27.53 109.87
CA GLU X 64 37.64 -27.13 110.35
C GLU X 64 37.66 -25.76 111.06
N LEU X 65 36.68 -24.90 110.76
CA LEU X 65 36.42 -23.63 111.45
C LEU X 65 35.63 -23.82 112.75
N GLY X 66 34.92 -24.93 112.92
CA GLY X 66 34.06 -25.17 114.08
C GLY X 66 32.88 -24.20 114.17
N LEU X 67 32.29 -23.82 113.03
CA LEU X 67 31.21 -22.82 112.94
C LEU X 67 29.92 -23.24 113.67
N ASP X 68 29.12 -22.26 114.10
CA ASP X 68 27.77 -22.51 114.62
C ASP X 68 26.85 -23.06 113.52
N PRO X 69 25.95 -24.00 113.84
CA PRO X 69 24.96 -24.51 112.89
C PRO X 69 24.15 -23.41 112.19
N ASP X 70 23.85 -22.31 112.91
CA ASP X 70 23.16 -21.16 112.34
C ASP X 70 23.98 -20.49 111.23
N ALA X 71 25.28 -20.31 111.43
CA ALA X 71 26.16 -19.79 110.40
C ALA X 71 26.28 -20.78 109.23
N ILE X 72 26.38 -22.07 109.51
CA ILE X 72 26.46 -23.09 108.47
C ILE X 72 25.16 -23.08 107.63
N ALA X 73 24.00 -22.98 108.26
CA ALA X 73 22.75 -22.78 107.53
C ALA X 73 22.77 -21.46 106.75
N ALA X 74 23.23 -20.39 107.37
CA ALA X 74 23.36 -19.10 106.70
C ALA X 74 24.30 -19.16 105.49
N ALA X 75 25.20 -20.15 105.38
CA ALA X 75 25.98 -20.33 104.17
C ALA X 75 25.07 -20.56 102.96
N ALA X 76 23.93 -21.24 103.14
CA ALA X 76 22.94 -21.39 102.09
C ALA X 76 22.16 -20.08 101.84
N ASP X 77 22.02 -19.20 102.82
CA ASP X 77 21.51 -17.85 102.56
C ASP X 77 22.48 -17.07 101.68
N LEU X 78 23.78 -17.12 101.98
CA LEU X 78 24.81 -16.52 101.12
C LEU X 78 24.82 -17.15 99.72
N GLY X 79 24.54 -18.45 99.63
CA GLY X 79 24.32 -19.16 98.36
C GLY X 79 23.11 -18.61 97.59
N GLN X 80 21.96 -18.45 98.24
CA GLN X 80 20.77 -17.85 97.63
C GLN X 80 21.00 -16.39 97.21
N ALA X 81 21.83 -15.65 97.96
CA ALA X 81 22.27 -14.31 97.59
C ALA X 81 23.24 -14.29 96.38
N GLY X 82 23.70 -15.44 95.88
CA GLY X 82 24.56 -15.54 94.70
C GLY X 82 26.04 -15.22 94.96
N VAL X 83 26.48 -15.23 96.23
CA VAL X 83 27.87 -14.94 96.61
C VAL X 83 28.84 -15.97 96.00
N SER X 84 30.03 -15.55 95.58
CA SER X 84 31.03 -16.45 95.00
C SER X 84 31.43 -17.55 96.00
N PRO X 85 31.71 -18.78 95.58
CA PRO X 85 31.97 -19.89 96.51
C PRO X 85 33.06 -19.57 97.52
N VAL X 86 34.17 -19.01 97.04
CA VAL X 86 35.23 -18.57 97.93
C VAL X 86 34.71 -17.45 98.83
N GLU X 87 33.99 -16.48 98.29
CA GLU X 87 33.46 -15.37 99.09
C GLU X 87 32.52 -15.83 100.19
N ILE X 88 31.77 -16.91 99.99
CA ILE X 88 30.99 -17.49 101.08
C ILE X 88 31.95 -17.82 102.21
N LEU X 89 33.00 -18.57 101.91
CA LEU X 89 33.97 -18.96 102.91
C LEU X 89 34.62 -17.75 103.54
N ALA X 90 34.92 -16.74 102.74
CA ALA X 90 35.49 -15.52 103.27
C ALA X 90 34.52 -14.90 104.28
N LEU X 91 33.25 -14.73 103.93
CA LEU X 91 32.29 -14.13 104.83
C LEU X 91 32.13 -14.97 106.09
N LEU X 92 32.10 -16.29 105.96
CA LEU X 92 32.01 -17.17 107.11
C LEU X 92 33.23 -16.97 108.00
N ILE X 93 34.43 -17.04 107.43
CA ILE X 93 35.66 -16.81 108.19
C ILE X 93 35.58 -15.46 108.86
N ALA X 94 35.21 -14.42 108.13
CA ALA X 94 35.20 -13.07 108.65
C ALA X 94 34.26 -12.94 109.83
N ALA X 95 33.02 -13.39 109.68
CA ALA X 95 32.06 -13.31 110.76
C ALA X 95 32.61 -14.04 111.98
N SER X 96 33.16 -15.24 111.78
CA SER X 96 33.68 -16.04 112.87
C SER X 96 34.84 -15.35 113.58
N VAL X 97 35.76 -14.76 112.82
CA VAL X 97 36.93 -14.07 113.37
C VAL X 97 36.50 -12.82 114.10
N LEU X 98 35.53 -12.08 113.56
CA LEU X 98 34.98 -10.90 114.21
C LEU X 98 34.12 -11.25 115.43
N GLY X 99 33.79 -12.53 115.65
CA GLY X 99 32.95 -12.97 116.76
C GLY X 99 31.50 -12.50 116.65
N LEU X 100 31.04 -12.21 115.43
CA LEU X 100 29.70 -11.68 115.17
C LEU X 100 28.61 -12.76 115.25
N ASP X 101 27.38 -12.33 115.53
CA ASP X 101 26.20 -13.20 115.55
C ASP X 101 25.66 -13.50 114.13
N PRO X 102 24.80 -14.54 113.98
CA PRO X 102 24.19 -14.87 112.70
C PRO X 102 23.31 -13.76 112.11
N ASP X 103 22.79 -12.84 112.91
CA ASP X 103 22.04 -11.70 112.37
C ASP X 103 22.97 -10.78 111.56
N ALA X 104 24.21 -10.57 112.01
CA ALA X 104 25.19 -9.90 111.17
C ALA X 104 25.43 -10.67 109.86
N ILE X 105 25.41 -12.00 109.89
CA ILE X 105 25.51 -12.79 108.65
C ILE X 105 24.28 -12.61 107.77
N GLN X 106 23.07 -12.58 108.34
CA GLN X 106 21.86 -12.26 107.57
C GLN X 106 21.98 -10.88 106.92
N ALA X 107 22.53 -9.90 107.63
CA ALA X 107 22.78 -8.58 107.07
C ALA X 107 23.84 -8.64 105.96
N ALA X 108 24.89 -9.44 106.12
CA ALA X 108 25.84 -9.70 105.06
C ALA X 108 25.15 -10.33 103.84
N ALA X 109 24.21 -11.26 104.03
CA ALA X 109 23.46 -11.82 102.93
C ALA X 109 22.65 -10.73 102.21
N ALA X 110 22.03 -9.81 102.95
CA ALA X 110 21.35 -8.67 102.32
C ALA X 110 22.32 -7.80 101.52
N LEU X 111 23.51 -7.52 102.04
CA LEU X 111 24.55 -6.81 101.28
C LEU X 111 24.99 -7.60 100.04
N GLY X 112 24.99 -8.93 100.13
CA GLY X 112 25.23 -9.84 99.01
C GLY X 112 24.15 -9.73 97.94
N GLU X 113 22.88 -9.67 98.32
CA GLU X 113 21.78 -9.40 97.38
C GLU X 113 21.91 -8.01 96.75
N ALA X 114 22.43 -7.03 97.50
CA ALA X 114 22.76 -5.70 96.99
C ALA X 114 24.01 -5.69 96.09
N GLY X 115 24.70 -6.84 95.91
CA GLY X 115 25.85 -6.97 95.01
C GLY X 115 27.17 -6.40 95.56
N ILE X 116 27.23 -6.10 96.86
CA ILE X 116 28.42 -5.57 97.54
C ILE X 116 29.51 -6.67 97.60
N SER X 117 30.78 -6.35 97.33
CA SER X 117 31.85 -7.36 97.40
C SER X 117 32.13 -7.81 98.83
N ALA X 118 32.66 -9.02 99.01
CA ALA X 118 33.00 -9.49 100.35
C ALA X 118 34.02 -8.56 101.03
N GLU X 119 34.95 -7.97 100.28
CA GLU X 119 35.88 -6.99 100.85
C GLU X 119 35.15 -5.77 101.41
N GLU X 120 34.22 -5.21 100.65
CA GLU X 120 33.40 -4.11 101.14
C GLU X 120 32.58 -4.55 102.35
N ILE X 121 31.98 -5.73 102.33
CA ILE X 121 31.22 -6.20 103.49
C ILE X 121 32.14 -6.30 104.70
N ILE X 122 33.28 -6.96 104.56
CA ILE X 122 34.23 -7.16 105.65
C ILE X 122 34.67 -5.79 106.17
N GLU X 123 34.98 -4.86 105.28
CA GLU X 123 35.33 -3.50 105.65
C GLU X 123 34.19 -2.86 106.44
N LEU X 124 32.96 -2.95 105.94
CA LEU X 124 31.80 -2.40 106.62
C LEU X 124 31.63 -3.03 107.99
N LEU X 125 31.80 -4.34 108.12
CA LEU X 125 31.71 -5.01 109.40
C LEU X 125 32.83 -4.56 110.34
N THR X 126 34.03 -4.39 109.81
CA THR X 126 35.16 -3.90 110.58
C THR X 126 34.87 -2.49 111.08
N ALA X 127 34.39 -1.62 110.20
CA ALA X 127 34.00 -0.27 110.58
C ALA X 127 32.89 -0.29 111.62
N ALA X 128 31.86 -1.14 111.46
CA ALA X 128 30.77 -1.25 112.40
C ALA X 128 31.28 -1.65 113.79
N ARG X 129 32.18 -2.64 113.85
CA ARG X 129 32.87 -3.05 115.08
C ARG X 129 33.59 -1.86 115.70
N ASP X 130 34.42 -1.19 114.91
CA ASP X 130 35.25 -0.08 115.37
C ASP X 130 34.44 1.12 115.85
N LEU X 131 33.27 1.37 115.26
CA LEU X 131 32.31 2.39 115.69
C LEU X 131 31.45 1.95 116.89
N GLY X 132 31.43 0.67 117.23
CA GLY X 132 30.53 0.13 118.26
C GLY X 132 29.06 0.06 117.84
N LEU X 133 28.80 -0.05 116.53
CA LEU X 133 27.46 -0.21 115.95
C LEU X 133 26.90 -1.63 116.12
N ASP X 134 25.70 -1.88 115.60
CA ASP X 134 24.93 -3.10 115.83
C ASP X 134 24.21 -3.58 114.54
N PRO X 135 23.70 -4.83 114.51
CA PRO X 135 23.00 -5.37 113.35
C PRO X 135 21.83 -4.52 112.86
N ASP X 136 21.14 -3.77 113.72
CA ASP X 136 20.09 -2.85 113.27
C ASP X 136 20.67 -1.70 112.44
N ALA X 137 21.78 -1.11 112.88
CA ALA X 137 22.50 -0.14 112.06
C ALA X 137 22.95 -0.78 110.73
N ILE X 138 23.50 -1.99 110.77
CA ILE X 138 23.94 -2.69 109.56
C ILE X 138 22.74 -3.01 108.64
N GLN X 139 21.57 -3.31 109.17
CA GLN X 139 20.36 -3.54 108.38
C GLN X 139 19.95 -2.25 107.63
N ALA X 140 20.00 -1.11 108.30
CA ALA X 140 19.78 0.16 107.63
C ALA X 140 20.87 0.44 106.59
N ALA X 141 22.12 0.08 106.87
CA ALA X 141 23.18 0.17 105.88
C ALA X 141 22.89 -0.72 104.67
N ALA X 142 22.34 -1.92 104.87
CA ALA X 142 21.93 -2.77 103.77
C ALA X 142 20.82 -2.12 102.93
N GLN X 143 19.90 -1.37 103.54
CA GLN X 143 18.94 -0.57 102.77
C GLN X 143 19.64 0.52 101.95
N LEU X 144 20.67 1.20 102.48
CA LEU X 144 21.48 2.13 101.69
C LEU X 144 22.19 1.40 100.53
N GLY X 145 22.63 0.16 100.77
CA GLY X 145 23.18 -0.71 99.73
C GLY X 145 22.15 -1.03 98.64
N GLU X 146 20.90 -1.36 99.02
CA GLU X 146 19.80 -1.55 98.07
C GLU X 146 19.48 -0.27 97.30
N ALA X 147 19.67 0.91 97.91
CA ALA X 147 19.59 2.21 97.24
C ALA X 147 20.83 2.52 96.35
N GLY X 148 21.82 1.62 96.27
CA GLY X 148 23.00 1.78 95.42
C GLY X 148 24.03 2.79 95.93
N ILE X 149 23.93 3.20 97.20
CA ILE X 149 24.90 4.12 97.82
C ILE X 149 26.26 3.42 97.94
N SER X 150 27.37 4.09 97.65
CA SER X 150 28.69 3.44 97.70
C SER X 150 29.13 3.10 99.12
N SER X 151 30.04 2.13 99.25
CA SER X 151 30.58 1.71 100.55
C SER X 151 31.23 2.88 101.30
N GLU X 152 32.00 3.72 100.61
CA GLU X 152 32.60 4.91 101.21
C GLU X 152 31.51 5.86 101.72
N GLU X 153 30.49 6.15 100.91
CA GLU X 153 29.39 6.99 101.34
C GLU X 153 28.70 6.41 102.57
N ILE X 154 28.40 5.12 102.57
CA ILE X 154 27.81 4.46 103.75
C ILE X 154 28.74 4.64 104.94
N LYS X 155 30.04 4.37 104.79
CA LYS X 155 31.00 4.45 105.89
C LYS X 155 31.04 5.86 106.47
N GLU X 156 31.16 6.87 105.62
CA GLU X 156 31.12 8.24 106.07
C GLU X 156 29.78 8.59 106.70
N LEU X 157 28.66 8.12 106.15
CA LEU X 157 27.35 8.34 106.75
C LEU X 157 27.27 7.72 108.13
N LEU X 158 27.69 6.47 108.28
CA LEU X 158 27.69 5.82 109.57
C LEU X 158 28.60 6.58 110.54
N ARG X 159 29.78 7.01 110.09
CA ARG X 159 30.68 7.83 110.91
C ARG X 159 29.98 9.11 111.36
N ALA X 160 29.32 9.82 110.44
CA ALA X 160 28.59 11.02 110.79
C ALA X 160 27.46 10.72 111.79
N ALA X 161 26.69 9.65 111.57
CA ALA X 161 25.60 9.27 112.46
C ALA X 161 26.12 9.01 113.87
N HIS X 162 27.24 8.30 113.99
CA HIS X 162 27.90 8.06 115.28
C HIS X 162 28.42 9.35 115.91
N GLU X 163 29.07 10.23 115.15
CA GLU X 163 29.54 11.53 115.65
C GLU X 163 28.39 12.44 116.11
N LEU X 164 27.21 12.29 115.52
CA LEU X 164 25.98 12.97 115.93
C LEU X 164 25.18 12.20 116.99
N GLY X 165 25.60 10.99 117.38
CA GLY X 165 24.90 10.16 118.37
C GLY X 165 23.52 9.67 117.90
N LEU X 166 23.30 9.61 116.59
CA LEU X 166 22.02 9.27 115.98
C LEU X 166 21.75 7.75 116.04
N ASP X 167 20.59 7.39 116.59
CA ASP X 167 20.14 6.01 116.83
C ASP X 167 19.92 5.22 115.53
N PRO X 168 19.88 3.87 115.56
CA PRO X 168 19.57 3.05 114.39
C PRO X 168 18.28 3.44 113.66
N ASP X 169 17.23 3.87 114.37
CA ASP X 169 16.02 4.40 113.74
C ASP X 169 16.31 5.67 112.93
N CYS X 170 17.27 6.47 113.36
CA CYS X 170 17.73 7.64 112.62
C CYS X 170 18.48 7.21 111.38
N ILE X 171 19.31 6.16 111.48
CA ILE X 171 19.96 5.57 110.30
C ILE X 171 18.90 5.00 109.35
N ALA X 172 17.79 4.46 109.85
CA ALA X 172 16.67 4.07 109.00
C ALA X 172 16.03 5.29 108.32
N ALA X 173 15.89 6.41 109.02
CA ALA X 173 15.48 7.65 108.38
C ALA X 173 16.50 8.10 107.32
N ALA X 174 17.79 7.94 107.56
CA ALA X 174 18.81 8.19 106.55
C ALA X 174 18.63 7.26 105.34
N ALA X 175 18.32 5.99 105.58
CA ALA X 175 18.00 5.04 104.52
C ALA X 175 16.73 5.45 103.76
N ASP X 176 15.73 6.03 104.43
CA ASP X 176 14.56 6.58 103.75
C ASP X 176 14.94 7.74 102.81
N LEU X 177 15.86 8.62 103.21
CA LEU X 177 16.39 9.66 102.32
C LEU X 177 17.20 9.05 101.16
N GLY X 178 17.93 7.95 101.42
CA GLY X 178 18.60 7.19 100.36
C GLY X 178 17.60 6.57 99.38
N GLN X 179 16.51 6.00 99.88
CA GLN X 179 15.39 5.48 99.08
C GLN X 179 14.73 6.60 98.27
N ALA X 180 14.71 7.83 98.79
CA ALA X 180 14.29 9.03 98.05
C ALA X 180 15.33 9.55 97.04
N GLY X 181 16.51 8.92 96.92
CA GLY X 181 17.55 9.29 95.95
C GLY X 181 18.32 10.56 96.31
N ILE X 182 18.25 10.99 97.57
CA ILE X 182 19.00 12.16 98.08
C ILE X 182 20.50 11.85 98.07
N SER X 183 21.36 12.79 97.65
CA SER X 183 22.81 12.57 97.63
C SER X 183 23.39 12.47 99.04
N SER X 184 24.50 11.76 99.23
CA SER X 184 25.09 11.50 100.55
C SER X 184 25.38 12.80 101.32
N SER X 185 25.94 13.80 100.63
CA SER X 185 26.17 15.11 101.22
C SER X 185 24.86 15.76 101.66
N GLU X 186 23.80 15.69 100.85
CA GLU X 186 22.48 16.21 101.24
C GLU X 186 21.87 15.44 102.40
N ILE X 187 22.00 14.11 102.43
CA ILE X 187 21.59 13.33 103.61
C ILE X 187 22.36 13.86 104.82
N THR X 188 23.68 14.01 104.70
CA THR X 188 24.52 14.47 105.79
C THR X 188 24.07 15.83 106.30
N ALA X 189 23.77 16.75 105.39
CA ALA X 189 23.22 18.04 105.72
C ALA X 189 21.89 17.90 106.48
N LEU X 190 20.97 17.10 105.97
CA LEU X 190 19.68 16.91 106.63
C LEU X 190 19.84 16.29 108.02
N LEU X 191 20.76 15.35 108.18
CA LEU X 191 21.06 14.78 109.47
C LEU X 191 21.61 15.85 110.41
N LEU X 192 22.58 16.65 109.95
CA LEU X 192 23.11 17.75 110.74
C LEU X 192 22.00 18.71 111.15
N ALA X 193 21.13 19.05 110.22
CA ALA X 193 20.04 19.99 110.44
C ALA X 193 19.06 19.44 111.49
N ALA X 194 18.57 18.21 111.29
CA ALA X 194 17.66 17.60 112.23
C ALA X 194 18.27 17.53 113.63
N ALA X 195 19.56 17.18 113.72
CA ALA X 195 20.27 17.12 114.99
C ALA X 195 20.34 18.50 115.65
N ALA X 196 20.80 19.52 114.91
CA ALA X 196 20.86 20.88 115.44
C ALA X 196 19.48 21.35 115.89
N ILE X 197 18.43 21.05 115.12
CA ILE X 197 17.06 21.46 115.42
C ILE X 197 16.57 20.77 116.69
N GLU X 198 16.73 19.46 116.84
CA GLU X 198 16.27 18.80 118.06
C GLU X 198 17.04 19.30 119.29
N LEU X 199 18.34 19.52 119.17
CA LEU X 199 19.12 20.15 120.24
C LEU X 199 18.65 21.58 120.54
N ALA X 200 18.26 22.35 119.53
CA ALA X 200 17.70 23.69 119.72
C ALA X 200 16.29 23.62 120.34
N LYS X 201 15.48 22.62 120.00
CA LYS X 201 14.23 22.34 120.71
C LYS X 201 14.51 21.98 122.17
N ARG X 202 15.68 21.40 122.44
CA ARG X 202 16.22 21.14 123.77
C ARG X 202 17.09 22.29 124.33
N ALA X 203 17.05 23.48 123.72
CA ALA X 203 17.77 24.67 124.18
C ALA X 203 16.98 25.96 123.85
N ASP X 204 16.30 26.53 124.84
CA ASP X 204 15.43 27.70 124.69
C ASP X 204 16.16 29.02 124.31
N ASP X 205 17.49 29.04 124.28
CA ASP X 205 18.29 30.25 124.10
C ASP X 205 18.08 30.91 122.73
N LYS X 206 17.53 32.12 122.76
CA LYS X 206 17.34 32.97 121.57
C LYS X 206 18.62 33.16 120.76
N ASP X 207 19.79 33.23 121.38
CA ASP X 207 21.05 33.50 120.64
C ASP X 207 21.47 32.27 119.83
N VAL X 208 21.43 31.08 120.45
CA VAL X 208 21.61 29.81 119.74
C VAL X 208 20.56 29.69 118.64
N ARG X 209 19.32 30.05 118.92
CA ARG X 209 18.22 29.99 117.94
C ARG X 209 18.46 30.93 116.77
N GLU X 210 18.94 32.14 117.00
CA GLU X 210 19.36 33.03 115.91
C GLU X 210 20.48 32.40 115.09
N ILE X 211 21.49 31.82 115.73
CA ILE X 211 22.58 31.14 115.02
C ILE X 211 22.02 30.00 114.17
N VAL X 212 21.17 29.16 114.74
CA VAL X 212 20.56 28.02 114.03
C VAL X 212 19.71 28.51 112.87
N ARG X 213 18.90 29.56 113.06
CA ARG X 213 18.16 30.19 111.97
C ARG X 213 19.11 30.65 110.88
N ASP X 214 20.13 31.40 111.23
CA ASP X 214 21.07 31.96 110.27
C ASP X 214 21.79 30.85 109.49
N ALA X 215 22.18 29.78 110.17
CA ALA X 215 22.79 28.63 109.51
C ALA X 215 21.80 27.96 108.57
N LEU X 216 20.57 27.68 109.00
CA LEU X 216 19.56 27.04 108.16
C LEU X 216 19.19 27.93 106.97
N GLU X 217 19.10 29.25 107.18
CA GLU X 217 18.92 30.20 106.09
C GLU X 217 20.09 30.13 105.11
N LEU X 218 21.32 30.26 105.59
CA LEU X 218 22.49 30.21 104.72
C LEU X 218 22.55 28.89 103.96
N ALA X 219 22.27 27.77 104.62
CA ALA X 219 22.22 26.45 104.00
C ALA X 219 21.10 26.34 102.96
N SER X 220 19.96 26.99 103.18
CA SER X 220 18.88 27.05 102.20
C SER X 220 19.24 27.91 100.99
N ARG X 221 19.88 29.07 101.21
CA ARG X 221 20.22 30.05 100.16
C ARG X 221 21.43 29.65 99.31
N SER X 222 22.47 29.13 99.94
CA SER X 222 23.71 28.71 99.26
C SER X 222 23.55 27.39 98.48
N THR X 223 24.53 27.07 97.63
CA THR X 223 24.50 25.90 96.72
C THR X 223 25.82 25.10 96.67
N ASN X 224 26.72 25.28 97.65
CA ASN X 224 27.99 24.54 97.75
C ASN X 224 27.98 23.63 98.98
N ASP X 225 28.11 22.33 98.78
CA ASP X 225 28.05 21.33 99.85
C ASP X 225 29.12 21.57 100.93
N GLU X 226 30.27 22.15 100.60
CA GLU X 226 31.29 22.48 101.59
C GLU X 226 30.80 23.58 102.54
N VAL X 227 30.29 24.69 101.99
CA VAL X 227 29.68 25.77 102.78
C VAL X 227 28.52 25.23 103.60
N ILE X 228 27.66 24.41 103.01
CA ILE X 228 26.48 23.85 103.69
C ILE X 228 26.92 22.99 104.88
N ARG X 229 27.84 22.04 104.65
CA ARG X 229 28.32 21.17 105.72
C ARG X 229 29.01 21.99 106.80
N LEU X 230 29.88 22.92 106.43
CA LEU X 230 30.53 23.81 107.39
C LEU X 230 29.50 24.55 108.24
N ALA X 231 28.48 25.15 107.62
CA ALA X 231 27.48 25.91 108.34
C ALA X 231 26.68 25.02 109.29
N LEU X 232 26.19 23.88 108.81
CA LEU X 232 25.35 23.01 109.64
C LEU X 232 26.16 22.30 110.72
N GLU X 233 27.42 21.99 110.45
CA GLU X 233 28.34 21.54 111.48
C GLU X 233 28.55 22.63 112.52
N ALA X 234 28.77 23.89 112.09
CA ALA X 234 28.87 25.00 113.02
C ALA X 234 27.58 25.16 113.85
N ALA X 235 26.40 24.90 113.26
CA ALA X 235 25.14 24.92 114.00
C ALA X 235 25.10 23.84 115.08
N VAL X 236 25.49 22.60 114.77
CA VAL X 236 25.61 21.54 115.77
C VAL X 236 26.64 21.90 116.84
N LEU X 237 27.80 22.45 116.45
CA LEU X 237 28.83 22.87 117.39
C LEU X 237 28.34 24.00 118.30
N ALA X 238 27.59 24.97 117.77
CA ALA X 238 26.97 26.01 118.58
C ALA X 238 25.98 25.39 119.59
N ALA X 239 25.14 24.46 119.16
CA ALA X 239 24.21 23.75 120.04
C ALA X 239 24.91 22.87 121.12
N ARG X 240 26.14 22.39 120.85
CA ARG X 240 27.00 21.70 121.83
C ARG X 240 27.82 22.64 122.72
N SER X 241 28.06 23.88 122.31
CA SER X 241 28.80 24.89 123.09
C SER X 241 28.01 25.39 124.31
N THR X 242 28.71 25.95 125.30
CA THR X 242 28.09 26.49 126.54
C THR X 242 28.73 27.84 126.93
N ASP X 243 29.19 28.63 125.97
CA ASP X 243 29.91 29.89 126.22
C ASP X 243 29.54 30.97 125.20
N SER X 244 29.17 32.16 125.68
CA SER X 244 28.88 33.32 124.85
C SER X 244 30.04 33.70 123.94
N ASP X 245 31.30 33.46 124.31
CA ASP X 245 32.43 33.72 123.41
C ASP X 245 32.33 32.89 122.12
N VAL X 246 32.02 31.60 122.22
CA VAL X 246 31.86 30.73 121.04
C VAL X 246 30.65 31.18 120.22
N LEU X 247 29.53 31.48 120.90
CA LEU X 247 28.32 31.96 120.24
C LEU X 247 28.56 33.28 119.50
N GLU X 248 29.21 34.26 120.13
CA GLU X 248 29.57 35.53 119.51
C GLU X 248 30.46 35.32 118.29
N ILE X 249 31.50 34.50 118.38
CA ILE X 249 32.40 34.22 117.26
C ILE X 249 31.63 33.58 116.10
N VAL X 250 30.81 32.57 116.38
CA VAL X 250 29.98 31.94 115.35
C VAL X 250 29.01 32.96 114.76
N LYS X 251 28.35 33.78 115.57
CA LYS X 251 27.37 34.77 115.12
C LYS X 251 28.03 35.86 114.29
N ASP X 252 29.20 36.32 114.71
CA ASP X 252 30.00 37.26 113.94
C ASP X 252 30.42 36.66 112.61
N ALA X 253 30.87 35.40 112.59
CA ALA X 253 31.22 34.74 111.35
C ALA X 253 30.00 34.58 110.43
N LEU X 254 28.84 34.20 110.96
CA LEU X 254 27.60 34.11 110.19
C LEU X 254 27.12 35.48 109.71
N GLU X 255 27.27 36.54 110.52
CA GLU X 255 26.97 37.90 110.09
C GLU X 255 27.88 38.32 108.93
N LEU X 256 29.19 38.13 109.07
CA LEU X 256 30.16 38.41 108.01
C LEU X 256 29.83 37.60 106.76
N ALA X 257 29.47 36.31 106.91
CA ALA X 257 29.08 35.46 105.79
C ALA X 257 27.81 35.97 105.09
N LYS X 258 26.77 36.35 105.84
CA LYS X 258 25.54 36.91 105.26
C LYS X 258 25.80 38.26 104.57
N GLN X 259 26.79 39.01 105.07
CA GLN X 259 27.29 40.24 104.46
C GLN X 259 28.23 40.03 103.25
N SER X 260 28.55 38.79 102.87
CA SER X 260 29.57 38.48 101.84
C SER X 260 29.01 37.70 100.64
N THR X 261 29.54 37.98 99.44
CA THR X 261 29.23 37.21 98.22
C THR X 261 30.27 36.11 97.93
N ASN X 262 31.54 36.31 98.30
CA ASN X 262 32.65 35.41 97.98
C ASN X 262 32.64 34.12 98.84
N GLU X 263 32.55 32.95 98.19
CA GLU X 263 32.55 31.66 98.89
C GLU X 263 33.86 31.39 99.65
N GLU X 264 35.00 31.92 99.22
CA GLU X 264 36.27 31.72 99.94
C GLU X 264 36.25 32.43 101.30
N VAL X 265 35.72 33.67 101.33
CA VAL X 265 35.52 34.41 102.59
C VAL X 265 34.56 33.65 103.50
N ILE X 266 33.45 33.14 102.96
CA ILE X 266 32.48 32.37 103.74
C ILE X 266 33.13 31.11 104.32
N LYS X 267 33.81 30.32 103.48
CA LYS X 267 34.50 29.09 103.92
C LYS X 267 35.56 29.40 104.99
N LEU X 268 36.40 30.40 104.78
CA LEU X 268 37.41 30.79 105.77
C LEU X 268 36.78 31.25 107.08
N ALA X 269 35.75 32.10 107.03
CA ALA X 269 35.07 32.57 108.24
C ALA X 269 34.44 31.41 109.01
N LEU X 270 33.71 30.53 108.32
CA LEU X 270 33.14 29.34 108.93
C LEU X 270 34.24 28.43 109.49
N LYS X 271 35.34 28.22 108.76
CA LYS X 271 36.47 27.41 109.25
C LYS X 271 37.06 28.01 110.53
N ALA X 272 37.30 29.32 110.56
CA ALA X 272 37.82 29.99 111.75
C ALA X 272 36.87 29.81 112.94
N ALA X 273 35.57 30.00 112.73
CA ALA X 273 34.56 29.79 113.77
C ALA X 273 34.47 28.33 114.23
N VAL X 274 34.58 27.36 113.30
CA VAL X 274 34.62 25.93 113.63
C VAL X 274 35.83 25.60 114.49
N LEU X 275 37.01 26.10 114.13
CA LEU X 275 38.23 25.90 114.93
C LEU X 275 38.10 26.55 116.31
N ALA X 276 37.52 27.74 116.42
CA ALA X 276 37.21 28.36 117.71
C ALA X 276 36.20 27.53 118.53
N ALA X 277 35.18 26.94 117.90
CA ALA X 277 34.21 26.09 118.59
C ALA X 277 34.79 24.74 119.03
N LYS X 278 35.74 24.17 118.28
CA LYS X 278 36.40 22.88 118.62
C LYS X 278 37.56 23.00 119.61
N SER X 279 38.31 24.11 119.57
CA SER X 279 39.44 24.38 120.50
C SER X 279 38.97 24.94 121.85
N THR X 280 39.81 24.83 122.87
CA THR X 280 39.48 25.23 124.26
C THR X 280 40.08 26.59 124.68
N ASP X 281 41.20 27.00 124.06
CA ASP X 281 42.01 28.12 124.53
C ASP X 281 41.36 29.49 124.32
N GLU X 282 41.09 30.22 125.41
CA GLU X 282 40.51 31.57 125.38
C GLU X 282 41.37 32.58 124.61
N GLU X 283 42.69 32.40 124.52
CA GLU X 283 43.54 33.27 123.70
C GLU X 283 43.34 33.02 122.19
N VAL X 284 43.01 31.78 121.79
CA VAL X 284 42.60 31.47 120.42
C VAL X 284 41.21 32.04 120.13
N LEU X 285 40.28 31.95 121.09
CA LEU X 285 38.98 32.63 120.97
C LEU X 285 39.16 34.14 120.78
N GLU X 286 39.98 34.79 121.60
CA GLU X 286 40.25 36.22 121.47
C GLU X 286 40.94 36.58 120.14
N GLU X 287 41.95 35.82 119.70
CA GLU X 287 42.59 36.09 118.39
C GLU X 287 41.61 35.89 117.23
N VAL X 288 40.77 34.84 117.26
CA VAL X 288 39.75 34.66 116.22
C VAL X 288 38.73 35.79 116.27
N LYS X 289 38.26 36.20 117.46
CA LYS X 289 37.33 37.33 117.61
C LYS X 289 37.95 38.63 117.11
N GLU X 290 39.24 38.86 117.36
CA GLU X 290 39.97 40.00 116.83
C GLU X 290 40.18 39.91 115.32
N ALA X 291 40.48 38.74 114.77
CA ALA X 291 40.55 38.54 113.33
C ALA X 291 39.20 38.84 112.65
N LEU X 292 38.08 38.42 113.25
CA LEU X 292 36.74 38.80 112.80
C LEU X 292 36.50 40.30 112.96
N ARG X 293 36.94 40.95 114.05
CA ARG X 293 36.85 42.41 114.18
C ARG X 293 37.60 43.10 113.03
N ARG X 294 38.84 42.68 112.75
CA ARG X 294 39.61 43.17 111.60
C ARG X 294 38.83 42.94 110.31
N ALA X 295 38.20 41.77 110.14
CA ALA X 295 37.39 41.48 108.96
C ALA X 295 36.13 42.37 108.84
N LYS X 296 35.50 42.78 109.95
CA LYS X 296 34.39 43.74 109.94
C LYS X 296 34.85 45.19 109.68
N GLU X 297 35.95 45.61 110.29
CA GLU X 297 36.42 47.00 110.25
C GLU X 297 37.26 47.34 109.00
N SER X 298 37.86 46.35 108.35
CA SER X 298 38.48 46.50 107.02
C SER X 298 37.44 46.45 105.88
N THR X 299 37.84 46.85 104.66
CA THR X 299 36.93 47.04 103.51
C THR X 299 37.44 46.38 102.22
N ASP X 300 38.27 45.34 102.32
CA ASP X 300 38.83 44.60 101.17
C ASP X 300 38.78 43.08 101.42
N GLU X 301 38.27 42.32 100.44
CA GLU X 301 38.24 40.85 100.50
C GLU X 301 39.65 40.24 100.65
N GLU X 302 40.68 40.87 100.12
CA GLU X 302 42.06 40.38 100.28
C GLU X 302 42.54 40.47 101.74
N GLU X 303 42.25 41.57 102.45
CA GLU X 303 42.59 41.69 103.87
C GLU X 303 41.73 40.75 104.73
N ILE X 304 40.44 40.61 104.42
CA ILE X 304 39.54 39.66 105.09
C ILE X 304 40.07 38.23 104.94
N LYS X 305 40.40 37.79 103.72
CA LYS X 305 40.97 36.47 103.46
C LYS X 305 42.30 36.27 104.21
N GLU X 306 43.22 37.25 104.17
CA GLU X 306 44.51 37.12 104.85
C GLU X 306 44.42 37.06 106.37
N GLU X 307 43.58 37.88 107.02
CA GLU X 307 43.39 37.79 108.47
C GLU X 307 42.77 36.45 108.88
N LEU X 308 41.72 36.00 108.19
CA LEU X 308 41.12 34.70 108.46
C LEU X 308 42.09 33.55 108.14
N ARG X 309 42.89 33.63 107.07
CA ARG X 309 43.92 32.64 106.75
C ARG X 309 44.96 32.55 107.86
N LYS X 310 45.51 33.67 108.33
CA LYS X 310 46.49 33.68 109.44
C LYS X 310 45.90 33.06 110.71
N ALA X 311 44.67 33.44 111.07
CA ALA X 311 43.98 32.87 112.22
C ALA X 311 43.78 31.34 112.07
N VAL X 312 43.33 30.87 110.90
CA VAL X 312 43.17 29.44 110.62
C VAL X 312 44.52 28.71 110.67
N GLU X 313 45.57 29.25 110.05
CA GLU X 313 46.91 28.65 110.09
C GLU X 313 47.54 28.63 111.49
N GLU X 314 47.14 29.55 112.38
CA GLU X 314 47.54 29.52 113.79
C GLU X 314 46.72 28.52 114.63
N ALA X 315 45.41 28.39 114.36
CA ALA X 315 44.47 27.60 115.18
C ALA X 315 44.32 26.11 114.78
N GLU X 316 44.60 25.72 113.53
CA GLU X 316 44.39 24.35 113.02
C GLU X 316 45.33 23.28 113.58
N ASP Y 3 82.80 42.94 -28.35
CA ASP Y 3 84.21 43.33 -28.58
C ASP Y 3 84.41 44.52 -29.52
N ASP Y 4 83.58 44.74 -30.54
CA ASP Y 4 83.88 45.64 -31.66
C ASP Y 4 84.32 47.04 -31.24
N LEU Y 5 83.81 47.54 -30.12
CA LEU Y 5 84.21 48.84 -29.58
C LEU Y 5 85.74 48.97 -29.52
N LEU Y 6 86.45 47.93 -29.09
CA LEU Y 6 87.92 47.96 -29.02
C LEU Y 6 88.49 48.26 -30.40
N LEU Y 7 88.05 47.49 -31.39
CA LEU Y 7 88.47 47.67 -32.77
C LEU Y 7 88.12 49.07 -33.24
N LYS Y 8 86.93 49.56 -32.91
CA LYS Y 8 86.54 50.92 -33.26
C LYS Y 8 87.49 51.95 -32.63
N LEU Y 9 87.90 51.77 -31.38
CA LEU Y 9 88.92 52.66 -30.82
C LEU Y 9 90.20 52.57 -31.62
N LEU Y 10 90.61 51.38 -32.03
CA LEU Y 10 91.80 51.27 -32.87
C LEU Y 10 91.60 52.02 -34.18
N GLU Y 11 90.43 51.93 -34.82
CA GLU Y 11 90.16 52.73 -36.02
C GLU Y 11 90.35 54.21 -35.72
N LEU Y 12 89.73 54.67 -34.64
CA LEU Y 12 89.79 56.07 -34.27
C LEU Y 12 91.23 56.49 -34.05
N LEU Y 13 91.98 55.68 -33.31
CA LEU Y 13 93.38 55.92 -33.09
C LEU Y 13 94.13 55.97 -34.41
N VAL Y 14 93.91 55.00 -35.31
CA VAL Y 14 94.61 54.94 -36.60
C VAL Y 14 94.31 56.21 -37.37
N GLU Y 15 93.06 56.60 -37.45
CA GLU Y 15 92.70 57.78 -38.21
C GLU Y 15 93.33 59.02 -37.59
N GLN Y 16 93.30 59.12 -36.26
CA GLN Y 16 93.96 60.22 -35.58
C GLN Y 16 95.45 60.21 -35.87
N ALA Y 17 96.07 59.03 -35.89
CA ALA Y 17 97.47 58.92 -36.24
C ALA Y 17 97.67 59.43 -37.67
N ARG Y 18 96.79 59.10 -38.62
CA ARG Y 18 96.89 59.62 -39.99
C ARG Y 18 96.81 61.13 -39.99
N VAL Y 19 95.78 61.70 -39.38
CA VAL Y 19 95.59 63.15 -39.38
C VAL Y 19 96.76 63.84 -38.69
N SER Y 20 97.23 63.26 -37.59
CA SER Y 20 98.41 63.74 -36.90
C SER Y 20 99.65 63.62 -37.77
N ALA Y 21 99.79 62.56 -38.57
CA ALA Y 21 100.94 62.40 -39.46
C ALA Y 21 100.91 63.39 -40.62
N GLU Y 22 99.73 63.70 -41.15
CA GLU Y 22 99.60 64.78 -42.13
C GLU Y 22 99.95 66.12 -41.49
N PHE Y 23 99.46 66.38 -40.28
CA PHE Y 23 99.78 67.59 -39.52
C PHE Y 23 101.28 67.69 -39.26
N ALA Y 24 101.91 66.60 -38.83
CA ALA Y 24 103.34 66.51 -38.62
C ALA Y 24 104.12 66.79 -39.91
N ARG Y 25 103.65 66.27 -41.05
CA ARG Y 25 104.26 66.52 -42.36
C ARG Y 25 104.12 67.97 -42.81
N ARG Y 26 103.01 68.62 -42.48
CA ARG Y 26 102.84 70.07 -42.72
C ARG Y 26 103.70 70.93 -41.78
N GLN Y 27 103.90 70.50 -40.53
CA GLN Y 27 104.72 71.21 -39.53
C GLN Y 27 106.22 70.89 -39.57
N GLY Y 28 106.63 69.77 -40.18
CA GLY Y 28 108.01 69.27 -40.11
C GLY Y 28 108.40 68.70 -38.73
N ASP Y 29 107.43 68.27 -37.93
CA ASP Y 29 107.65 67.90 -36.53
C ASP Y 29 108.08 66.44 -36.36
N GLU Y 30 109.39 66.21 -36.28
CA GLU Y 30 109.96 64.88 -36.03
C GLU Y 30 109.47 64.25 -34.72
N LYS Y 31 109.21 65.04 -33.68
CA LYS Y 31 108.69 64.47 -32.42
C LYS Y 31 107.27 63.97 -32.62
N MET Y 32 106.45 64.69 -33.38
CA MET Y 32 105.13 64.17 -33.73
C MET Y 32 105.22 62.96 -34.66
N LEU Y 33 106.18 62.91 -35.60
CA LEU Y 33 106.43 61.71 -36.38
C LEU Y 33 106.80 60.53 -35.46
N GLU Y 34 107.65 60.76 -34.47
CA GLU Y 34 107.97 59.76 -33.47
C GLU Y 34 106.71 59.31 -32.72
N GLU Y 35 105.88 60.25 -32.25
CA GLU Y 35 104.63 59.95 -31.56
C GLU Y 35 103.74 59.05 -32.43
N VAL Y 36 103.43 59.45 -33.66
CA VAL Y 36 102.55 58.65 -34.50
C VAL Y 36 103.20 57.33 -34.84
N ALA Y 37 104.52 57.27 -35.08
CA ALA Y 37 105.19 56.02 -35.42
C ALA Y 37 105.03 55.01 -34.27
N ARG Y 38 105.37 55.43 -33.05
CA ARG Y 38 105.23 54.57 -31.87
C ARG Y 38 103.78 54.18 -31.68
N LYS Y 39 102.87 55.16 -31.68
CA LYS Y 39 101.45 54.92 -31.51
C LYS Y 39 100.95 53.92 -32.54
N ALA Y 40 101.29 54.10 -33.80
CA ALA Y 40 100.81 53.26 -34.88
C ALA Y 40 101.36 51.84 -34.75
N GLU Y 41 102.62 51.68 -34.37
CA GLU Y 41 103.14 50.35 -34.11
C GLU Y 41 102.39 49.68 -32.95
N GLU Y 42 102.20 50.39 -31.84
CA GLU Y 42 101.54 49.82 -30.66
C GLU Y 42 100.07 49.49 -30.95
N VAL Y 43 99.37 50.39 -31.62
CA VAL Y 43 98.01 50.15 -32.07
C VAL Y 43 97.98 48.93 -32.98
N ALA Y 44 98.90 48.82 -33.93
CA ALA Y 44 98.97 47.66 -34.80
C ALA Y 44 99.22 46.38 -33.99
N ARG Y 45 100.07 46.45 -32.96
CA ARG Y 45 100.31 45.32 -32.06
C ARG Y 45 99.01 44.90 -31.39
N LYS Y 46 98.26 45.85 -30.81
CA LYS Y 46 96.95 45.55 -30.22
C LYS Y 46 96.02 44.93 -31.26
N ALA Y 47 95.99 45.49 -32.47
CA ALA Y 47 95.16 44.98 -33.55
C ALA Y 47 95.54 43.54 -33.91
N GLU Y 48 96.82 43.24 -34.07
CA GLU Y 48 97.27 41.89 -34.39
C GLU Y 48 96.86 40.91 -33.29
N GLU Y 49 97.08 41.27 -32.01
CA GLU Y 49 96.68 40.40 -30.91
C GLU Y 49 95.18 40.13 -30.93
N ILE Y 50 94.36 41.17 -31.10
CA ILE Y 50 92.92 40.99 -31.18
C ILE Y 50 92.56 40.14 -32.41
N ALA Y 51 93.23 40.34 -33.55
CA ALA Y 51 92.99 39.56 -34.75
C ALA Y 51 93.26 38.07 -34.52
N ARG Y 52 94.41 37.74 -33.92
CA ARG Y 52 94.74 36.35 -33.61
C ARG Y 52 93.76 35.76 -32.59
N LYS Y 53 93.29 36.56 -31.63
CA LYS Y 53 92.21 36.17 -30.71
C LYS Y 53 90.92 35.83 -31.47
N ALA Y 54 90.48 36.70 -32.38
CA ALA Y 54 89.31 36.43 -33.20
C ALA Y 54 89.48 35.16 -34.03
N ARG Y 55 90.67 34.92 -34.60
CA ARG Y 55 90.97 33.68 -35.33
C ARG Y 55 90.80 32.46 -34.45
N LYS Y 56 91.27 32.51 -33.20
CA LYS Y 56 91.05 31.44 -32.20
C LYS Y 56 89.56 31.24 -31.88
N GLU Y 57 88.80 32.33 -31.72
CA GLU Y 57 87.37 32.24 -31.46
C GLU Y 57 86.54 31.75 -32.65
N GLY Y 58 87.04 31.95 -33.87
CA GLY Y 58 86.35 31.55 -35.10
C GLY Y 58 85.23 32.50 -35.55
N ASN Y 59 85.18 33.74 -35.05
CA ASN Y 59 84.31 34.79 -35.61
C ASN Y 59 84.97 35.44 -36.83
N LEU Y 60 84.61 34.99 -38.02
CA LEU Y 60 85.22 35.48 -39.27
C LEU Y 60 84.98 36.98 -39.47
N GLU Y 61 83.80 37.49 -39.10
CA GLU Y 61 83.50 38.91 -39.28
C GLU Y 61 84.48 39.77 -38.49
N LEU Y 62 84.68 39.44 -37.21
CA LEU Y 62 85.68 40.14 -36.39
C LEU Y 62 87.07 39.97 -36.99
N ALA Y 63 87.44 38.77 -37.42
CA ALA Y 63 88.76 38.56 -37.99
C ALA Y 63 88.99 39.47 -39.20
N LEU Y 64 88.03 39.52 -40.11
CA LEU Y 64 88.12 40.39 -41.27
C LEU Y 64 88.19 41.84 -40.84
N LYS Y 65 87.32 42.28 -39.93
CA LYS Y 65 87.36 43.64 -39.39
C LYS Y 65 88.76 43.96 -38.87
N ALA Y 66 89.29 43.09 -38.03
CA ALA Y 66 90.58 43.30 -37.39
C ALA Y 66 91.70 43.34 -38.42
N LEU Y 67 91.68 42.44 -39.39
CA LEU Y 67 92.65 42.47 -40.48
C LEU Y 67 92.52 43.77 -41.25
N GLU Y 68 91.31 44.20 -41.60
CA GLU Y 68 91.14 45.41 -42.39
C GLU Y 68 91.71 46.60 -41.62
N ILE Y 69 91.45 46.67 -40.32
CA ILE Y 69 92.06 47.67 -39.47
C ILE Y 69 93.58 47.54 -39.52
N LEU Y 70 94.13 46.34 -39.44
CA LEU Y 70 95.56 46.13 -39.52
C LEU Y 70 96.09 46.63 -40.86
N VAL Y 71 95.35 46.46 -41.93
CA VAL Y 71 95.71 46.98 -43.24
C VAL Y 71 95.73 48.51 -43.21
N ARG Y 72 94.74 49.16 -42.59
CA ARG Y 72 94.80 50.63 -42.45
C ARG Y 72 96.04 51.02 -41.66
N ALA Y 73 96.30 50.32 -40.57
CA ALA Y 73 97.43 50.59 -39.71
C ALA Y 73 98.73 50.43 -40.50
N ALA Y 74 98.83 49.38 -41.30
CA ALA Y 74 99.95 49.19 -42.19
C ALA Y 74 100.04 50.36 -43.16
N HIS Y 75 98.92 50.82 -43.73
CA HIS Y 75 98.96 51.91 -44.68
C HIS Y 75 99.57 53.16 -44.08
N VAL Y 76 99.08 53.58 -42.92
CA VAL Y 76 99.66 54.76 -42.28
C VAL Y 76 101.12 54.49 -41.88
N LEU Y 77 101.44 53.30 -41.39
CA LEU Y 77 102.81 52.94 -41.06
C LEU Y 77 103.71 53.06 -42.28
N ALA Y 78 103.21 52.66 -43.45
CA ALA Y 78 103.93 52.74 -44.70
C ALA Y 78 104.12 54.19 -45.14
N GLU Y 79 103.11 55.04 -45.02
CA GLU Y 79 103.30 56.47 -45.28
C GLU Y 79 104.39 57.05 -44.37
N ILE Y 80 104.35 56.71 -43.07
CA ILE Y 80 105.35 57.16 -42.10
C ILE Y 80 106.73 56.67 -42.52
N ALA Y 81 106.86 55.37 -42.78
CA ALA Y 81 108.13 54.78 -43.14
C ALA Y 81 108.71 55.38 -44.44
N ARG Y 82 107.85 55.59 -45.45
CA ARG Y 82 108.24 56.13 -46.77
C ARG Y 82 108.80 57.54 -46.62
N GLU Y 83 108.05 58.44 -46.02
CA GLU Y 83 108.48 59.84 -45.89
C GLU Y 83 109.67 60.00 -44.94
N ARG Y 84 109.72 59.21 -43.85
CA ARG Y 84 110.82 59.23 -42.89
C ARG Y 84 112.07 58.44 -43.37
N GLY Y 85 111.95 57.68 -44.46
CA GLY Y 85 113.05 56.89 -45.02
C GLY Y 85 113.48 55.70 -44.15
N ASN Y 86 112.54 55.04 -43.46
CA ASN Y 86 112.83 53.96 -42.51
C ASN Y 86 112.61 52.58 -43.14
N GLU Y 87 113.66 51.75 -43.17
CA GLU Y 87 113.60 50.42 -43.78
C GLU Y 87 112.97 49.38 -42.85
N GLU Y 88 113.25 49.38 -41.55
CA GLU Y 88 112.74 48.36 -40.63
C GLU Y 88 111.21 48.37 -40.55
N LEU Y 89 110.60 49.55 -40.59
CA LEU Y 89 109.15 49.65 -40.73
C LEU Y 89 108.65 49.08 -42.06
N GLN Y 90 109.34 49.34 -43.19
CA GLN Y 90 108.95 48.75 -44.48
C GLN Y 90 109.05 47.22 -44.45
N LYS Y 91 110.15 46.69 -43.89
CA LYS Y 91 110.38 45.25 -43.72
C LYS Y 91 109.24 44.63 -42.91
N LYS Y 92 108.90 45.25 -41.77
CA LYS Y 92 107.75 44.86 -40.95
C LYS Y 92 106.47 44.88 -41.78
N ALA Y 93 106.14 46.01 -42.38
CA ALA Y 93 104.88 46.19 -43.09
C ALA Y 93 104.74 45.19 -44.24
N HIS Y 94 105.74 45.02 -45.11
CA HIS Y 94 105.62 44.14 -46.27
C HIS Y 94 105.37 42.70 -45.83
N LYS Y 95 106.14 42.21 -44.84
CA LYS Y 95 105.93 40.87 -44.27
C LYS Y 95 104.57 40.75 -43.60
N LEU Y 96 104.18 41.74 -42.79
CA LEU Y 96 102.88 41.75 -42.14
C LEU Y 96 101.76 41.72 -43.17
N ALA Y 97 101.90 42.44 -44.28
CA ALA Y 97 100.91 42.42 -45.35
C ALA Y 97 100.81 41.02 -45.98
N LYS Y 98 101.93 40.35 -46.19
CA LYS Y 98 101.91 38.95 -46.67
C LYS Y 98 101.21 38.05 -45.66
N GLU Y 99 101.52 38.19 -44.38
CA GLU Y 99 100.86 37.46 -43.31
C GLU Y 99 99.36 37.74 -43.31
N ALA Y 100 98.97 38.99 -43.48
CA ALA Y 100 97.57 39.34 -43.59
C ALA Y 100 96.96 38.65 -44.80
N LEU Y 101 97.62 38.70 -45.96
CA LEU Y 101 97.12 38.07 -47.18
C LEU Y 101 96.90 36.58 -46.96
N ARG Y 102 97.88 35.91 -46.36
CA ARG Y 102 97.78 34.50 -46.00
C ARG Y 102 96.55 34.27 -45.13
N GLN Y 103 96.42 35.02 -44.04
CA GLN Y 103 95.27 34.86 -43.14
C GLN Y 103 93.96 35.14 -43.86
N VAL Y 104 93.89 36.17 -44.70
CA VAL Y 104 92.65 36.51 -45.40
C VAL Y 104 92.31 35.42 -46.40
N ILE Y 105 93.30 34.84 -47.07
CA ILE Y 105 93.09 33.73 -47.98
C ILE Y 105 92.52 32.54 -47.22
N GLU Y 106 93.11 32.19 -46.09
CA GLU Y 106 92.59 31.09 -45.26
C GLU Y 106 91.15 31.37 -44.85
N ILE Y 107 90.87 32.60 -44.41
CA ILE Y 107 89.52 32.99 -44.05
C ILE Y 107 88.61 32.84 -45.27
N ALA Y 108 89.05 33.26 -46.45
CA ALA Y 108 88.25 33.15 -47.66
C ALA Y 108 87.95 31.68 -48.00
N ILE Y 109 88.95 30.81 -47.88
CA ILE Y 109 88.75 29.38 -48.06
C ILE Y 109 87.72 28.88 -47.05
N ARG Y 110 87.84 29.24 -45.76
CA ARG Y 110 86.88 28.81 -44.75
C ARG Y 110 85.49 29.38 -45.03
N ALA Y 111 85.39 30.64 -45.43
CA ALA Y 111 84.11 31.28 -45.75
C ALA Y 111 83.43 30.56 -46.92
N ILE Y 112 84.20 30.14 -47.92
CA ILE Y 112 83.69 29.28 -49.00
C ILE Y 112 83.21 27.97 -48.40
N GLN Y 113 84.01 27.32 -47.56
CA GLN Y 113 83.63 26.05 -46.94
C GLN Y 113 82.33 26.15 -46.12
N GLU Y 114 82.13 27.24 -45.40
CA GLU Y 114 80.91 27.50 -44.63
C GLU Y 114 79.74 28.06 -45.48
N GLY Y 115 79.98 28.46 -46.73
CA GLY Y 115 78.95 28.93 -47.66
C GLY Y 115 78.48 30.38 -47.51
N ASN Y 116 79.09 31.19 -46.63
CA ASN Y 116 78.83 32.63 -46.58
C ASN Y 116 79.64 33.36 -47.64
N LEU Y 117 79.13 33.35 -48.87
CA LEU Y 117 79.81 33.94 -50.02
C LEU Y 117 80.03 35.44 -49.85
N GLU Y 118 79.18 36.14 -49.10
CA GLU Y 118 79.40 37.56 -48.80
C GLU Y 118 80.68 37.75 -47.98
N LEU Y 119 80.89 36.97 -46.92
CA LEU Y 119 82.15 37.05 -46.19
C LEU Y 119 83.33 36.77 -47.11
N ALA Y 120 83.22 35.77 -47.99
CA ALA Y 120 84.29 35.48 -48.93
C ALA Y 120 84.57 36.69 -49.83
N ILE Y 121 83.51 37.32 -50.34
CA ILE Y 121 83.64 38.54 -51.14
C ILE Y 121 84.28 39.66 -50.31
N ILE Y 122 83.88 39.86 -49.07
CA ILE Y 122 84.43 40.92 -48.23
C ILE Y 122 85.90 40.66 -47.97
N ALA Y 123 86.26 39.41 -47.65
CA ALA Y 123 87.65 39.01 -47.52
C ALA Y 123 88.41 39.34 -48.80
N LEU Y 124 87.81 39.04 -49.96
CA LEU Y 124 88.44 39.30 -51.23
C LEU Y 124 88.58 40.82 -51.46
N HIS Y 125 87.60 41.61 -51.04
CA HIS Y 125 87.68 43.07 -51.08
C HIS Y 125 88.83 43.58 -50.22
N ILE Y 126 88.96 43.04 -49.01
CA ILE Y 126 90.08 43.35 -48.14
C ILE Y 126 91.38 42.94 -48.82
N SER Y 127 91.41 41.82 -49.53
CA SER Y 127 92.61 41.43 -50.26
C SER Y 127 92.99 42.49 -51.29
N VAL Y 128 92.02 43.12 -51.95
CA VAL Y 128 92.31 44.22 -52.85
C VAL Y 128 92.89 45.40 -52.07
N ARG Y 129 92.39 45.69 -50.87
CA ARG Y 129 93.03 46.70 -50.01
C ARG Y 129 94.47 46.30 -49.70
N ILE Y 130 94.71 45.03 -49.38
CA ILE Y 130 96.07 44.54 -49.15
C ILE Y 130 96.90 44.77 -50.39
N ALA Y 131 96.37 44.47 -51.56
CA ALA Y 131 97.08 44.68 -52.82
C ALA Y 131 97.45 46.15 -52.99
N GLU Y 132 96.55 47.09 -52.71
CA GLU Y 132 96.89 48.51 -52.76
C GLU Y 132 98.04 48.82 -51.81
N VAL Y 133 97.97 48.34 -50.57
CA VAL Y 133 99.04 48.59 -49.60
C VAL Y 133 100.35 47.99 -50.11
N LEU Y 134 100.33 46.74 -50.57
CA LEU Y 134 101.51 46.11 -51.14
C LEU Y 134 102.05 46.93 -52.31
N LEU Y 135 101.17 47.44 -53.18
CA LEU Y 135 101.56 48.20 -54.35
C LEU Y 135 102.24 49.51 -53.94
N GLU Y 136 101.71 50.18 -52.92
CA GLU Y 136 102.38 51.33 -52.33
C GLU Y 136 103.67 50.94 -51.59
N THR Y 137 103.80 49.70 -51.15
CA THR Y 137 104.97 49.23 -50.39
C THR Y 137 106.16 48.89 -51.29
N ARG Y 138 105.96 48.08 -52.33
CA ARG Y 138 107.01 47.62 -53.26
C ARG Y 138 106.47 47.45 -54.70
N PRO Y 139 106.47 48.51 -55.53
CA PRO Y 139 106.12 48.43 -56.96
C PRO Y 139 106.96 47.43 -57.78
N ASP Y 140 108.18 47.12 -57.33
CA ASP Y 140 109.15 46.25 -58.01
C ASP Y 140 109.03 44.75 -57.66
N ASP Y 141 108.29 44.37 -56.62
CA ASP Y 141 108.10 42.97 -56.20
C ASP Y 141 107.05 42.23 -57.06
N ARG Y 142 107.14 42.44 -58.37
CA ARG Y 142 106.06 42.21 -59.34
C ARG Y 142 105.50 40.80 -59.30
N GLU Y 143 106.37 39.82 -59.06
CA GLU Y 143 105.99 38.43 -58.94
C GLU Y 143 105.02 38.20 -57.78
N GLU Y 144 105.24 38.80 -56.61
CA GLU Y 144 104.32 38.65 -55.49
C GLU Y 144 102.95 39.19 -55.88
N ILE Y 145 102.93 40.37 -56.52
CA ILE Y 145 101.69 40.99 -56.97
C ILE Y 145 101.00 40.07 -57.97
N ARG Y 146 101.73 39.60 -58.98
CA ARG Y 146 101.14 38.73 -59.99
C ARG Y 146 100.65 37.43 -59.37
N GLU Y 147 101.35 36.88 -58.39
CA GLU Y 147 100.87 35.71 -57.67
C GLU Y 147 99.55 36.02 -56.96
N GLN Y 148 99.49 37.13 -56.23
CA GLN Y 148 98.25 37.56 -55.61
C GLN Y 148 97.16 37.72 -56.68
N GLN Y 149 97.47 38.28 -57.83
CA GLN Y 149 96.52 38.41 -58.91
C GLN Y 149 96.04 37.04 -59.38
N ALA Y 150 96.95 36.09 -59.60
CA ALA Y 150 96.56 34.76 -60.02
C ALA Y 150 95.67 34.11 -58.96
N ILE Y 151 96.02 34.27 -57.69
CA ILE Y 151 95.23 33.76 -56.58
C ILE Y 151 93.85 34.39 -56.62
N PHE Y 152 93.77 35.70 -56.76
CA PHE Y 152 92.50 36.41 -56.89
C PHE Y 152 91.72 35.90 -58.09
N GLU Y 153 92.35 35.75 -59.25
CA GLU Y 153 91.72 35.27 -60.46
C GLU Y 153 91.12 33.90 -60.25
N LEU Y 154 91.87 33.01 -59.60
CA LEU Y 154 91.39 31.70 -59.25
C LEU Y 154 90.20 31.81 -58.29
N LEU Y 155 90.33 32.60 -57.23
CA LEU Y 155 89.24 32.77 -56.27
C LEU Y 155 87.99 33.30 -56.93
N ILE Y 156 88.13 34.30 -57.79
CA ILE Y 156 87.02 34.83 -58.56
C ILE Y 156 86.45 33.73 -59.43
N ALA Y 157 87.25 32.99 -60.17
CA ALA Y 157 86.72 31.95 -61.02
C ALA Y 157 85.93 30.93 -60.18
N ALA Y 158 86.47 30.55 -59.03
CA ALA Y 158 85.81 29.66 -58.11
C ALA Y 158 84.49 30.26 -57.65
N LEU Y 159 84.49 31.51 -57.23
CA LEU Y 159 83.28 32.18 -56.81
C LEU Y 159 82.29 32.34 -57.96
N GLU Y 160 82.73 32.54 -59.20
CA GLU Y 160 81.85 32.67 -60.36
C GLU Y 160 81.12 31.36 -60.58
N ALA Y 161 81.86 30.26 -60.59
CA ALA Y 161 81.24 28.96 -60.58
C ALA Y 161 80.31 28.83 -59.39
N ALA Y 162 80.77 29.21 -58.19
CA ALA Y 162 80.00 29.03 -56.97
C ALA Y 162 78.65 29.72 -57.05
N ILE Y 163 78.67 31.01 -57.32
CA ILE Y 163 77.48 31.84 -57.34
C ILE Y 163 76.59 31.47 -58.52
N ARG Y 164 77.16 31.14 -59.69
CA ARG Y 164 76.38 30.64 -60.81
C ARG Y 164 75.63 29.38 -60.41
N LEU Y 165 76.35 28.42 -59.87
CA LEU Y 165 75.80 27.12 -59.49
C LEU Y 165 74.79 27.29 -58.35
N GLU Y 166 75.06 28.19 -57.40
CA GLU Y 166 74.15 28.48 -56.29
C GLU Y 166 72.83 29.03 -56.81
N LYS Y 167 72.86 30.00 -57.72
CA LYS Y 167 71.62 30.49 -58.32
C LYS Y 167 70.95 29.41 -59.16
N LEU Y 168 71.72 28.64 -59.92
CA LEU Y 168 71.17 27.56 -60.73
C LEU Y 168 70.45 26.51 -59.84
N LYS Y 169 70.99 26.23 -58.64
CA LYS Y 169 70.37 25.42 -57.59
C LYS Y 169 69.09 26.08 -57.07
N GLU Y 170 69.15 27.37 -56.73
CA GLU Y 170 67.99 28.11 -56.26
C GLU Y 170 66.85 28.16 -57.29
N GLU Y 171 67.19 28.25 -58.57
CA GLU Y 171 66.24 28.20 -59.69
C GLU Y 171 65.63 26.80 -59.93
N GLY Y 172 66.15 25.74 -59.31
CA GLY Y 172 65.62 24.38 -59.45
C GLY Y 172 65.84 23.76 -60.84
N ALA Y 173 66.97 24.09 -61.48
CA ALA Y 173 67.34 23.62 -62.82
C ALA Y 173 67.44 22.09 -62.96
N PRO Y 174 67.36 21.53 -64.19
CA PRO Y 174 67.60 20.11 -64.43
C PRO Y 174 69.04 19.75 -64.01
N PRO Y 175 69.25 18.78 -63.10
CA PRO Y 175 70.56 18.44 -62.57
C PRO Y 175 71.62 18.13 -63.63
N GLU Y 176 71.22 17.66 -64.82
CA GLU Y 176 72.12 17.46 -65.94
C GLU Y 176 72.81 18.78 -66.35
N GLN Y 177 72.07 19.87 -66.44
CA GLN Y 177 72.66 21.18 -66.71
C GLN Y 177 73.59 21.60 -65.58
N ILE Y 178 73.17 21.36 -64.33
CA ILE Y 178 74.00 21.64 -63.15
C ILE Y 178 75.33 20.92 -63.26
N GLU Y 179 75.29 19.63 -63.59
CA GLU Y 179 76.48 18.81 -63.76
C GLU Y 179 77.36 19.30 -64.92
N ARG Y 180 76.78 19.67 -66.07
CA ARG Y 180 77.56 20.25 -67.18
C ARG Y 180 78.26 21.53 -66.77
N VAL Y 181 77.56 22.41 -66.05
CA VAL Y 181 78.17 23.64 -65.52
C VAL Y 181 79.29 23.28 -64.54
N ALA Y 182 79.05 22.36 -63.62
CA ALA Y 182 80.05 21.97 -62.63
C ALA Y 182 81.31 21.41 -63.29
N GLU Y 183 81.16 20.52 -64.28
CA GLU Y 183 82.29 20.02 -65.03
C GLU Y 183 83.03 21.15 -65.71
N HIS Y 184 82.32 22.08 -66.36
CA HIS Y 184 83.01 23.22 -66.97
C HIS Y 184 83.71 24.08 -65.92
N GLY Y 185 83.16 24.18 -64.72
CA GLY Y 185 83.82 24.80 -63.59
C GLY Y 185 85.15 24.11 -63.30
N LEU Y 186 85.12 22.80 -63.07
CA LEU Y 186 86.34 22.03 -62.81
C LEU Y 186 87.32 22.15 -63.98
N GLU Y 187 86.84 22.08 -65.21
CA GLU Y 187 87.66 22.24 -66.42
C GLU Y 187 88.38 23.59 -66.42
N ARG Y 188 87.63 24.68 -66.26
CA ARG Y 188 88.19 26.02 -66.22
C ARG Y 188 89.17 26.15 -65.06
N LEU Y 189 88.82 25.60 -63.90
CA LEU Y 189 89.71 25.61 -62.74
C LEU Y 189 91.02 24.89 -63.07
N LYS Y 190 90.94 23.74 -63.71
CA LYS Y 190 92.12 23.00 -64.14
C LYS Y 190 92.95 23.84 -65.10
N GLU Y 191 92.33 24.50 -66.07
CA GLU Y 191 93.07 25.36 -66.99
C GLU Y 191 93.75 26.51 -66.25
N ILE Y 192 93.07 27.14 -65.29
CA ILE Y 192 93.69 28.18 -64.47
C ILE Y 192 94.84 27.57 -63.68
N ALA Y 193 94.67 26.39 -63.12
CA ALA Y 193 95.73 25.74 -62.38
C ALA Y 193 96.93 25.45 -63.29
N LYS Y 194 96.70 25.03 -64.53
CA LYS Y 194 97.76 24.86 -65.52
C LYS Y 194 98.48 26.17 -65.76
N GLU Y 195 97.76 27.26 -65.99
CA GLU Y 195 98.40 28.56 -66.15
C GLU Y 195 99.20 28.95 -64.90
N ILE Y 196 98.65 28.74 -63.70
CA ILE Y 196 99.39 28.97 -62.46
C ILE Y 196 100.67 28.12 -62.44
N SER Y 197 100.60 26.86 -62.83
CA SER Y 197 101.77 26.00 -62.89
C SER Y 197 102.82 26.50 -63.88
N LYS Y 198 102.41 27.20 -64.94
CA LYS Y 198 103.35 27.88 -65.85
C LYS Y 198 103.94 29.14 -65.18
N GLU Y 199 103.11 29.90 -64.48
CA GLU Y 199 103.53 31.17 -63.90
C GLU Y 199 104.44 31.03 -62.66
N VAL Y 200 104.08 30.19 -61.69
CA VAL Y 200 104.53 30.41 -60.29
C VAL Y 200 105.55 29.38 -59.81
N ASP Y 201 106.50 29.83 -58.97
CA ASP Y 201 107.51 28.98 -58.34
C ASP Y 201 107.63 29.14 -56.80
N SER Y 202 106.88 30.05 -56.15
CA SER Y 202 106.81 30.08 -54.70
C SER Y 202 106.10 28.82 -54.17
N PRO Y 203 106.72 28.05 -53.27
CA PRO Y 203 106.09 26.86 -52.73
C PRO Y 203 104.75 27.19 -52.06
N GLU Y 204 104.74 28.25 -51.26
CA GLU Y 204 103.51 28.69 -50.61
C GLU Y 204 102.44 29.06 -51.63
N SER Y 205 102.83 29.73 -52.72
CA SER Y 205 101.86 30.09 -53.76
C SER Y 205 101.23 28.83 -54.36
N LYS Y 206 102.02 27.81 -54.68
CA LYS Y 206 101.49 26.55 -55.16
C LYS Y 206 100.59 25.93 -54.11
N ARG Y 207 101.01 25.95 -52.84
CA ARG Y 207 100.25 25.37 -51.72
C ARG Y 207 98.88 26.00 -51.62
N ILE Y 208 98.86 27.32 -51.57
CA ILE Y 208 97.64 28.11 -51.59
C ILE Y 208 96.82 27.73 -52.82
N ALA Y 209 97.42 27.72 -54.01
CA ALA Y 209 96.69 27.44 -55.22
C ALA Y 209 96.01 26.09 -55.14
N TYR Y 210 96.75 25.06 -54.76
CA TYR Y 210 96.17 23.73 -54.66
C TYR Y 210 95.06 23.71 -53.62
N LYS Y 211 95.28 24.31 -52.45
CA LYS Y 211 94.25 24.40 -51.42
C LYS Y 211 92.99 25.01 -51.99
N ILE Y 212 93.13 26.12 -52.71
CA ILE Y 212 91.97 26.77 -53.30
C ILE Y 212 91.30 25.83 -54.29
N VAL Y 213 92.06 25.18 -55.16
CA VAL Y 213 91.47 24.25 -56.13
C VAL Y 213 90.70 23.16 -55.39
N ALA Y 214 91.32 22.58 -54.37
CA ALA Y 214 90.69 21.54 -53.58
C ALA Y 214 89.40 22.06 -52.95
N ALA Y 215 89.45 23.25 -52.36
CA ALA Y 215 88.28 23.86 -51.78
C ALA Y 215 87.20 24.07 -52.84
N ALA Y 216 87.57 24.46 -54.05
CA ALA Y 216 86.60 24.68 -55.11
C ALA Y 216 85.90 23.38 -55.48
N ALA Y 217 86.66 22.30 -55.64
CA ALA Y 217 86.05 21.00 -55.89
C ALA Y 217 85.13 20.61 -54.73
N GLU Y 218 85.60 20.76 -53.50
CA GLU Y 218 84.80 20.45 -52.31
C GLU Y 218 83.51 21.26 -52.29
N PHE Y 219 83.59 22.55 -52.63
CA PHE Y 219 82.42 23.40 -52.67
C PHE Y 219 81.44 22.94 -53.73
N LEU Y 220 81.92 22.61 -54.93
CA LEU Y 220 81.05 22.12 -56.00
C LEU Y 220 80.32 20.86 -55.53
N LEU Y 221 81.04 19.95 -54.86
CA LEU Y 221 80.42 18.78 -54.26
C LEU Y 221 79.36 19.21 -53.24
N LYS Y 222 79.69 20.14 -52.34
CA LYS Y 222 78.79 20.60 -51.29
C LYS Y 222 77.49 21.17 -51.89
N ILE Y 223 77.62 22.01 -52.91
CA ILE Y 223 76.48 22.54 -53.65
C ILE Y 223 75.67 21.41 -54.28
N LEU Y 224 76.32 20.52 -55.01
CA LEU Y 224 75.61 19.46 -55.71
C LEU Y 224 74.87 18.54 -54.72
N ALA Y 225 75.46 18.30 -53.55
CA ALA Y 225 74.85 17.53 -52.47
C ALA Y 225 73.61 18.22 -51.90
N GLU Y 226 73.65 19.53 -51.63
CA GLU Y 226 72.43 20.27 -51.26
C GLU Y 226 71.36 20.16 -52.35
N GLY Y 227 71.79 20.18 -53.61
CA GLY Y 227 70.90 20.06 -54.77
C GLY Y 227 70.16 18.72 -54.86
N GLY Y 228 70.53 17.71 -54.07
CA GLY Y 228 69.84 16.41 -54.04
C GLY Y 228 69.94 15.61 -55.35
N ALA Y 229 70.97 15.85 -56.17
CA ALA Y 229 71.21 15.13 -57.41
C ALA Y 229 71.42 13.63 -57.19
N THR Y 230 71.13 12.79 -58.19
CA THR Y 230 71.24 11.33 -58.07
C THR Y 230 72.70 10.93 -57.81
N PRO Y 231 72.97 9.87 -57.03
CA PRO Y 231 74.33 9.56 -56.59
C PRO Y 231 75.27 9.23 -57.75
N GLU Y 232 74.74 8.81 -58.90
CA GLU Y 232 75.51 8.63 -60.13
C GLU Y 232 76.17 9.94 -60.56
N GLN Y 233 75.45 11.06 -60.46
CA GLN Y 233 76.03 12.36 -60.78
C GLN Y 233 77.14 12.69 -59.78
N LEU Y 234 76.89 12.46 -58.49
CA LEU Y 234 77.87 12.72 -57.44
C LEU Y 234 79.14 11.94 -57.71
N GLU Y 235 79.03 10.65 -58.02
CA GLU Y 235 80.15 9.80 -58.35
C GLU Y 235 80.89 10.30 -59.60
N ARG Y 236 80.18 10.63 -60.68
CA ARG Y 236 80.81 11.12 -61.91
C ARG Y 236 81.58 12.40 -61.67
N VAL Y 237 80.97 13.36 -60.99
CA VAL Y 237 81.64 14.60 -60.62
C VAL Y 237 82.83 14.29 -59.71
N THR Y 238 82.66 13.40 -58.74
CA THR Y 238 83.73 13.05 -57.82
C THR Y 238 84.93 12.48 -58.56
N GLU Y 239 84.72 11.57 -59.51
CA GLU Y 239 85.81 11.05 -60.32
C GLU Y 239 86.50 12.20 -61.04
N HIS Y 240 85.74 13.04 -61.74
CA HIS Y 240 86.36 14.12 -62.49
C HIS Y 240 87.15 15.05 -61.56
N ALA Y 241 86.60 15.35 -60.40
CA ALA Y 241 87.24 16.15 -59.38
C ALA Y 241 88.54 15.49 -58.92
N LEU Y 242 88.49 14.24 -58.50
CA LEU Y 242 89.68 13.50 -58.12
C LEU Y 242 90.71 13.51 -59.24
N GLU Y 243 90.28 13.29 -60.48
CA GLU Y 243 91.19 13.25 -61.62
C GLU Y 243 91.89 14.58 -61.81
N VAL Y 244 91.14 15.68 -61.78
CA VAL Y 244 91.72 17.02 -61.81
C VAL Y 244 92.66 17.21 -60.64
N LEU Y 245 92.23 16.84 -59.44
CA LEU Y 245 93.05 17.00 -58.24
C LEU Y 245 94.35 16.25 -58.42
N LYS Y 246 94.30 15.03 -58.97
CA LYS Y 246 95.46 14.21 -59.22
C LYS Y 246 96.39 14.91 -60.19
N GLU Y 247 95.88 15.34 -61.34
CA GLU Y 247 96.73 15.97 -62.33
C GLU Y 247 97.38 17.23 -61.76
N VAL Y 248 96.58 18.10 -61.15
CA VAL Y 248 97.08 19.36 -60.63
C VAL Y 248 98.04 19.10 -59.47
N ALA Y 249 97.79 18.10 -58.63
CA ALA Y 249 98.76 17.71 -57.63
C ALA Y 249 100.06 17.30 -58.29
N LYS Y 250 100.02 16.42 -59.31
CA LYS Y 250 101.24 15.95 -59.98
C LYS Y 250 102.03 17.12 -60.57
N GLU Y 251 101.35 18.13 -61.08
CA GLU Y 251 102.02 19.36 -61.51
C GLU Y 251 102.64 20.08 -60.30
N LEU Y 252 101.83 20.45 -59.31
CA LEU Y 252 102.23 21.40 -58.27
C LEU Y 252 103.11 20.80 -57.17
N ALA Y 253 103.11 19.48 -56.97
CA ALA Y 253 103.81 18.86 -55.85
C ALA Y 253 105.31 18.70 -56.15
N ASP Y 254 106.13 19.36 -55.32
CA ASP Y 254 107.60 19.42 -55.45
C ASP Y 254 108.34 19.54 -54.10
N SER Y 255 107.64 19.46 -52.96
CA SER Y 255 108.20 19.55 -51.61
C SER Y 255 107.53 18.58 -50.64
N PRO Y 256 108.16 18.25 -49.51
CA PRO Y 256 107.63 17.24 -48.60
C PRO Y 256 106.23 17.57 -48.14
N GLU Y 257 106.05 18.77 -47.60
CA GLU Y 257 104.73 19.19 -47.14
C GLU Y 257 103.75 19.26 -48.30
N SER Y 258 104.18 19.61 -49.52
CA SER Y 258 103.24 19.67 -50.65
C SER Y 258 102.56 18.32 -50.86
N VAL Y 259 103.32 17.23 -50.79
CA VAL Y 259 102.72 15.90 -50.93
C VAL Y 259 101.80 15.64 -49.76
N ARG Y 260 102.29 15.87 -48.54
CA ARG Y 260 101.53 15.61 -47.31
C ARG Y 260 100.17 16.31 -47.37
N GLU Y 261 100.20 17.56 -47.74
CA GLU Y 261 99.02 18.38 -47.94
C GLU Y 261 98.16 17.80 -49.06
N ALA Y 262 98.76 17.49 -50.21
CA ALA Y 262 98.00 17.01 -51.36
C ALA Y 262 97.23 15.75 -50.99
N VAL Y 263 97.91 14.80 -50.37
CA VAL Y 263 97.29 13.56 -49.92
C VAL Y 263 96.22 13.89 -48.89
N ARG Y 264 96.52 14.75 -47.91
CA ARG Y 264 95.55 15.11 -46.89
C ARG Y 264 94.28 15.67 -47.53
N LEU Y 265 94.43 16.60 -48.45
CA LEU Y 265 93.31 17.21 -49.15
C LEU Y 265 92.55 16.16 -49.94
N ILE Y 266 93.23 15.34 -50.73
CA ILE Y 266 92.57 14.32 -51.53
C ILE Y 266 91.81 13.39 -50.61
N SER Y 267 92.40 13.02 -49.48
CA SER Y 267 91.75 12.16 -48.51
C SER Y 267 90.49 12.83 -47.98
N LYS Y 268 90.54 14.12 -47.62
CA LYS Y 268 89.36 14.83 -47.16
C LYS Y 268 88.31 14.82 -48.24
N LEU Y 269 88.64 15.17 -49.48
CA LEU Y 269 87.67 15.19 -50.57
C LEU Y 269 87.09 13.81 -50.81
N THR Y 270 87.90 12.77 -50.68
CA THR Y 270 87.42 11.39 -50.75
C THR Y 270 86.43 11.14 -49.63
N GLN Y 271 86.81 11.41 -48.39
CA GLN Y 271 85.98 11.20 -47.21
C GLN Y 271 84.67 11.96 -47.34
N GLU Y 272 84.73 13.20 -47.79
CA GLU Y 272 83.56 14.02 -48.01
C GLU Y 272 82.63 13.33 -49.00
N GLY Y 273 83.14 12.93 -50.16
CA GLY Y 273 82.35 12.23 -51.16
C GLY Y 273 81.68 11.00 -50.57
N LEU Y 274 82.45 10.21 -49.83
CA LEU Y 274 81.94 9.01 -49.16
C LEU Y 274 80.82 9.36 -48.18
N LYS Y 275 81.02 10.40 -47.35
CA LYS Y 275 80.03 10.87 -46.38
C LYS Y 275 78.76 11.32 -47.09
N GLN Y 276 78.88 12.06 -48.19
CA GLN Y 276 77.71 12.49 -48.96
C GLN Y 276 76.98 11.28 -49.57
N LEU Y 277 77.69 10.32 -50.16
CA LEU Y 277 77.08 9.10 -50.68
C LEU Y 277 76.35 8.31 -49.57
N LYS Y 278 76.91 8.26 -48.35
CA LYS Y 278 76.25 7.66 -47.19
C LYS Y 278 74.99 8.44 -46.83
N GLU Y 279 75.09 9.76 -46.73
CA GLU Y 279 73.97 10.60 -46.32
C GLU Y 279 72.80 10.58 -47.31
N ILE Y 280 73.08 10.55 -48.63
CA ILE Y 280 72.03 10.43 -49.65
C ILE Y 280 71.44 9.02 -49.75
N GLY Y 281 72.07 8.02 -49.11
CA GLY Y 281 71.61 6.63 -49.10
C GLY Y 281 71.92 5.86 -50.39
N ALA Y 282 73.06 6.11 -51.03
CA ALA Y 282 73.50 5.38 -52.23
C ALA Y 282 73.72 3.87 -51.93
N PRO Y 283 73.52 2.97 -52.92
CA PRO Y 283 73.81 1.55 -52.72
C PRO Y 283 75.32 1.33 -52.58
N PRO Y 284 75.77 0.42 -51.70
CA PRO Y 284 77.19 0.19 -51.43
C PRO Y 284 78.06 -0.03 -52.66
N GLU Y 285 77.50 -0.51 -53.76
CA GLU Y 285 78.21 -0.67 -55.03
C GLU Y 285 78.88 0.65 -55.47
N GLN Y 286 78.17 1.78 -55.38
CA GLN Y 286 78.75 3.07 -55.68
C GLN Y 286 79.86 3.43 -54.68
N ILE Y 287 79.62 3.15 -53.39
CA ILE Y 287 80.57 3.48 -52.32
C ILE Y 287 81.88 2.73 -52.54
N GLU Y 288 81.80 1.44 -52.84
CA GLU Y 288 82.94 0.59 -53.10
C GLU Y 288 83.72 1.06 -54.34
N ARG Y 289 83.03 1.47 -55.41
CA ARG Y 289 83.68 2.07 -56.56
C ARG Y 289 84.44 3.33 -56.16
N VAL Y 290 83.79 4.26 -55.48
CA VAL Y 290 84.45 5.49 -55.01
C VAL Y 290 85.65 5.15 -54.13
N ALA Y 291 85.51 4.20 -53.20
CA ALA Y 291 86.61 3.80 -52.33
C ALA Y 291 87.81 3.32 -53.14
N GLU Y 292 87.59 2.40 -54.08
CA GLU Y 292 88.66 1.93 -54.95
C GLU Y 292 89.29 3.09 -55.71
N HIS Y 293 88.46 3.92 -56.35
CA HIS Y 293 88.96 5.00 -57.18
C HIS Y 293 89.83 5.95 -56.36
N GLY Y 294 89.36 6.30 -55.16
CA GLY Y 294 90.09 7.14 -54.23
C GLY Y 294 91.42 6.50 -53.87
N LEU Y 295 91.40 5.26 -53.41
CA LEU Y 295 92.62 4.56 -53.05
C LEU Y 295 93.58 4.47 -54.23
N GLU Y 296 93.09 4.21 -55.44
CA GLU Y 296 93.92 4.18 -56.64
C GLU Y 296 94.60 5.52 -56.86
N VAL Y 297 93.84 6.61 -56.85
CA VAL Y 297 94.39 7.96 -56.99
C VAL Y 297 95.42 8.22 -55.90
N LEU Y 298 95.09 7.89 -54.65
CA LEU Y 298 95.98 8.10 -53.53
C LEU Y 298 97.28 7.37 -53.78
N LYS Y 299 97.20 6.11 -54.19
CA LYS Y 299 98.36 5.30 -54.51
C LYS Y 299 99.17 5.95 -55.62
N GLU Y 300 98.54 6.40 -56.70
CA GLU Y 300 99.26 7.08 -57.77
C GLU Y 300 100.00 8.33 -57.28
N ILE Y 301 99.34 9.11 -56.42
CA ILE Y 301 99.95 10.28 -55.84
C ILE Y 301 101.09 9.89 -54.91
N ALA Y 302 100.86 8.94 -54.01
CA ALA Y 302 101.86 8.50 -53.06
C ALA Y 302 103.11 8.02 -53.81
N LYS Y 303 102.88 7.25 -54.88
CA LYS Y 303 103.93 6.81 -55.79
C LYS Y 303 104.68 8.01 -56.33
N TYR Y 304 104.01 8.95 -56.98
CA TYR Y 304 104.67 10.14 -57.50
C TYR Y 304 105.50 10.84 -56.41
N GLY Y 305 104.86 11.11 -55.27
CA GLY Y 305 105.45 11.88 -54.19
C GLY Y 305 106.70 11.22 -53.63
N SER Y 306 106.68 9.89 -53.50
CA SER Y 306 107.84 9.15 -53.00
C SER Y 306 109.09 9.36 -53.84
N LYS Y 307 108.96 9.76 -55.12
CA LYS Y 307 110.11 10.00 -56.00
C LYS Y 307 110.82 11.32 -55.72
N LEU Y 308 110.21 12.24 -54.97
CA LEU Y 308 110.79 13.56 -54.69
C LEU Y 308 111.90 13.53 -53.63
N THR Y 309 111.83 12.62 -52.65
CA THR Y 309 112.70 12.65 -51.46
C THR Y 309 112.75 11.30 -50.74
N ASP Y 310 113.76 11.10 -49.90
CA ASP Y 310 113.91 9.94 -48.99
C ASP Y 310 113.47 10.23 -47.54
N SER Y 311 112.91 11.41 -47.25
CA SER Y 311 112.65 11.91 -45.89
C SER Y 311 111.87 10.91 -45.01
N PRO Y 312 112.44 10.48 -43.88
CA PRO Y 312 111.81 9.51 -42.98
C PRO Y 312 110.43 9.96 -42.54
N GLU Y 313 110.30 11.22 -42.15
CA GLU Y 313 109.03 11.77 -41.71
C GLU Y 313 108.01 11.74 -42.84
N LEU Y 314 108.39 12.10 -44.06
CA LEU Y 314 107.48 12.05 -45.20
C LEU Y 314 106.97 10.63 -45.39
N LYS Y 315 107.88 9.65 -45.45
CA LYS Y 315 107.49 8.26 -45.61
C LYS Y 315 106.53 7.85 -44.49
N ARG Y 316 106.93 8.08 -43.23
CA ARG Y 316 106.12 7.73 -42.05
C ARG Y 316 104.74 8.33 -42.15
N GLU Y 317 104.67 9.64 -42.34
CA GLU Y 317 103.42 10.35 -42.36
C GLU Y 317 102.56 9.92 -43.53
N LEU Y 318 103.12 9.79 -44.72
CA LEU Y 318 102.31 9.39 -45.87
C LEU Y 318 101.72 8.02 -45.63
N TYR Y 319 102.51 7.08 -45.13
CA TYR Y 319 101.98 5.79 -44.79
C TYR Y 319 100.88 5.93 -43.73
N ARG Y 320 101.15 6.68 -42.67
CA ARG Y 320 100.20 6.89 -41.58
C ARG Y 320 98.89 7.41 -42.13
N ILE Y 321 98.93 8.47 -42.90
CA ILE Y 321 97.76 9.09 -43.49
C ILE Y 321 97.05 8.08 -44.39
N ILE Y 322 97.79 7.33 -45.22
CA ILE Y 322 97.16 6.36 -46.11
C ILE Y 322 96.39 5.35 -45.26
N SER Y 323 97.03 4.82 -44.23
CA SER Y 323 96.39 3.86 -43.34
C SER Y 323 95.20 4.47 -42.61
N GLU Y 324 95.32 5.68 -42.09
CA GLU Y 324 94.20 6.38 -41.46
C GLU Y 324 93.05 6.50 -42.46
N THR Y 325 93.38 6.85 -43.70
CA THR Y 325 92.39 7.01 -44.76
C THR Y 325 91.68 5.71 -44.99
N ALA Y 326 92.42 4.62 -45.17
CA ALA Y 326 91.84 3.30 -45.32
C ALA Y 326 90.94 2.98 -44.12
N LYS Y 327 91.40 3.25 -42.90
CA LYS Y 327 90.63 2.95 -41.68
C LYS Y 327 89.32 3.71 -41.70
N GLU Y 328 89.35 5.01 -41.97
CA GLU Y 328 88.13 5.78 -42.06
C GLU Y 328 87.23 5.29 -43.19
N LEU Y 329 87.79 4.92 -44.35
CA LEU Y 329 87.02 4.37 -45.45
C LEU Y 329 86.27 3.12 -45.01
N LEU Y 330 86.94 2.20 -44.33
CA LEU Y 330 86.26 1.02 -43.79
C LEU Y 330 85.20 1.42 -42.76
N LYS Y 331 85.53 2.34 -41.85
CA LYS Y 331 84.61 2.77 -40.79
C LYS Y 331 83.30 3.30 -41.39
N ILE Y 332 83.43 4.16 -42.39
CA ILE Y 332 82.29 4.75 -43.10
C ILE Y 332 81.52 3.65 -43.84
N LEU Y 333 82.21 2.74 -44.53
CA LEU Y 333 81.53 1.67 -45.27
C LEU Y 333 80.72 0.76 -44.32
N ALA Y 334 81.30 0.43 -43.16
CA ALA Y 334 80.62 -0.35 -42.14
C ALA Y 334 79.45 0.41 -41.52
N GLU Y 335 79.61 1.71 -41.24
CA GLU Y 335 78.50 2.55 -40.80
C GLU Y 335 77.39 2.62 -41.87
N GLY Y 336 77.77 2.54 -43.15
CA GLY Y 336 76.85 2.42 -44.29
C GLY Y 336 76.05 1.11 -44.33
N GLY Y 337 76.30 0.16 -43.44
CA GLY Y 337 75.53 -1.09 -43.33
C GLY Y 337 75.75 -2.09 -44.48
N ALA Y 338 76.86 -1.97 -45.21
CA ALA Y 338 77.21 -2.86 -46.32
C ALA Y 338 77.46 -4.32 -45.86
N THR Y 339 77.32 -5.30 -46.77
CA THR Y 339 77.58 -6.71 -46.45
C THR Y 339 79.08 -6.97 -46.22
N PRO Y 340 79.43 -8.01 -45.45
CA PRO Y 340 80.83 -8.40 -45.25
C PRO Y 340 81.61 -8.56 -46.55
N GLU Y 341 80.96 -8.94 -47.65
CA GLU Y 341 81.62 -9.04 -48.96
C GLU Y 341 82.27 -7.72 -49.37
N GLN Y 342 81.55 -6.60 -49.22
CA GLN Y 342 82.12 -5.30 -49.54
C GLN Y 342 83.29 -4.99 -48.59
N LEU Y 343 83.14 -5.31 -47.30
CA LEU Y 343 84.19 -5.10 -46.32
C LEU Y 343 85.46 -5.86 -46.72
N GLU Y 344 85.37 -7.15 -47.03
CA GLU Y 344 86.57 -7.90 -47.43
C GLU Y 344 87.13 -7.37 -48.75
N ARG Y 345 86.29 -7.09 -49.75
CA ARG Y 345 86.74 -6.56 -51.05
C ARG Y 345 87.60 -5.33 -50.85
N VAL Y 346 87.07 -4.36 -50.12
CA VAL Y 346 87.79 -3.12 -49.84
C VAL Y 346 88.99 -3.40 -48.94
N THR Y 347 88.87 -4.26 -47.93
CA THR Y 347 89.99 -4.54 -47.03
C THR Y 347 91.15 -5.10 -47.81
N LYS Y 348 90.88 -6.09 -48.67
CA LYS Y 348 91.89 -6.71 -49.53
C LYS Y 348 92.52 -5.68 -50.42
N HIS Y 349 91.72 -4.88 -51.12
CA HIS Y 349 92.24 -3.83 -51.96
C HIS Y 349 93.13 -2.88 -51.15
N ALA Y 350 92.69 -2.46 -49.98
CA ALA Y 350 93.44 -1.55 -49.14
C ALA Y 350 94.75 -2.18 -48.70
N LEU Y 351 94.74 -3.43 -48.28
CA LEU Y 351 95.98 -4.12 -47.96
C LEU Y 351 96.90 -4.12 -49.17
N GLU Y 352 96.40 -4.43 -50.35
CA GLU Y 352 97.23 -4.42 -51.57
C GLU Y 352 97.78 -3.04 -51.85
N VAL Y 353 96.95 -2.01 -51.73
CA VAL Y 353 97.40 -0.64 -51.88
C VAL Y 353 98.49 -0.34 -50.87
N LEU Y 354 98.28 -0.66 -49.60
CA LEU Y 354 99.29 -0.45 -48.58
C LEU Y 354 100.57 -1.19 -48.95
N LYS Y 355 100.47 -2.41 -49.46
CA LYS Y 355 101.63 -3.18 -49.89
C LYS Y 355 102.36 -2.44 -51.01
N GLU Y 356 101.66 -1.96 -52.01
CA GLU Y 356 102.29 -1.17 -53.07
C GLU Y 356 102.95 0.07 -52.48
N VAL Y 357 102.27 0.75 -51.56
CA VAL Y 357 102.82 1.92 -50.88
C VAL Y 357 104.07 1.54 -50.11
N ALA Y 358 104.08 0.42 -49.41
CA ALA Y 358 105.28 -0.07 -48.75
C ALA Y 358 106.37 -0.31 -49.78
N LYS Y 359 106.08 -0.99 -50.88
CA LYS Y 359 107.04 -1.31 -51.93
C LYS Y 359 107.67 -0.04 -52.50
N GLU Y 360 106.90 1.04 -52.62
CA GLU Y 360 107.48 2.32 -53.02
C GLU Y 360 108.30 2.95 -51.88
N LEU Y 361 107.71 3.10 -50.70
CA LEU Y 361 108.24 3.96 -49.65
C LEU Y 361 109.36 3.30 -48.85
N ALA Y 362 109.21 2.03 -48.50
CA ALA Y 362 110.11 1.37 -47.56
C ALA Y 362 111.47 1.08 -48.22
N ASP Y 363 112.55 1.48 -47.54
CA ASP Y 363 113.94 1.35 -48.00
C ASP Y 363 114.94 1.06 -46.85
N SER Y 364 114.47 1.03 -45.59
CA SER Y 364 115.26 0.71 -44.39
C SER Y 364 114.38 0.02 -43.33
N PRO Y 365 114.88 -0.97 -42.56
CA PRO Y 365 114.02 -1.89 -41.82
C PRO Y 365 112.98 -1.24 -40.89
N GLU Y 366 113.32 -0.15 -40.21
CA GLU Y 366 112.38 0.49 -39.30
C GLU Y 366 111.13 0.97 -40.05
N SER Y 367 111.30 1.48 -41.26
CA SER Y 367 110.17 1.84 -42.12
C SER Y 367 109.36 0.60 -42.51
N GLY Y 368 110.01 -0.53 -42.74
CA GLY Y 368 109.32 -1.80 -42.94
C GLY Y 368 108.48 -2.15 -41.71
N LEU Y 369 109.06 -2.04 -40.52
CA LEU Y 369 108.33 -2.32 -39.29
C LEU Y 369 107.15 -1.39 -39.12
N ALA Y 370 107.33 -0.09 -39.35
CA ALA Y 370 106.23 0.84 -39.29
C ALA Y 370 105.13 0.46 -40.28
N ALA Y 371 105.49 0.16 -41.53
CA ALA Y 371 104.54 -0.22 -42.56
C ALA Y 371 103.79 -1.50 -42.16
N LEU Y 372 104.52 -2.47 -41.64
CA LEU Y 372 103.95 -3.69 -41.10
C LEU Y 372 102.98 -3.34 -39.99
N ALA Y 373 103.39 -2.54 -39.02
CA ALA Y 373 102.56 -2.19 -37.87
C ALA Y 373 101.27 -1.55 -38.34
N ALA Y 374 101.36 -0.66 -39.32
CA ALA Y 374 100.19 -0.06 -39.92
C ALA Y 374 99.31 -1.13 -40.59
N ILE Y 375 99.88 -2.01 -41.40
CA ILE Y 375 99.10 -3.10 -42.03
C ILE Y 375 98.39 -3.90 -40.95
N ALA Y 376 99.11 -4.29 -39.92
CA ALA Y 376 98.55 -5.03 -38.81
C ALA Y 376 97.42 -4.24 -38.17
N SER Y 377 97.58 -2.95 -37.94
CA SER Y 377 96.50 -2.14 -37.37
C SER Y 377 95.29 -2.15 -38.29
N LEU Y 378 95.49 -2.06 -39.61
CA LEU Y 378 94.40 -2.08 -40.57
C LEU Y 378 93.70 -3.42 -40.52
N ALA Y 379 94.46 -4.50 -40.50
CA ALA Y 379 93.91 -5.82 -40.33
C ALA Y 379 93.11 -5.92 -39.02
N LYS Y 380 93.62 -5.35 -37.93
CA LYS Y 380 92.96 -5.34 -36.63
C LYS Y 380 91.61 -4.64 -36.71
N LEU Y 381 91.57 -3.46 -37.31
CA LEU Y 381 90.29 -2.79 -37.50
C LEU Y 381 89.38 -3.63 -38.39
N GLY Y 382 89.89 -4.19 -39.49
CA GLY Y 382 89.09 -5.02 -40.39
C GLY Y 382 88.42 -6.16 -39.64
N LEU Y 383 89.22 -6.90 -38.86
CA LEU Y 383 88.74 -7.99 -38.02
C LEU Y 383 87.73 -7.48 -36.99
N GLU Y 384 88.00 -6.32 -36.38
CA GLU Y 384 87.08 -5.72 -35.41
C GLU Y 384 85.72 -5.40 -36.06
N GLN Y 385 85.72 -4.83 -37.28
CA GLN Y 385 84.46 -4.55 -37.98
C GLN Y 385 83.74 -5.85 -38.39
N LEU Y 386 84.48 -6.85 -38.88
CA LEU Y 386 83.90 -8.14 -39.23
C LEU Y 386 83.28 -8.83 -38.00
N LYS Y 387 83.92 -8.73 -36.84
CA LYS Y 387 83.37 -9.20 -35.56
C LYS Y 387 82.12 -8.41 -35.20
N GLU Y 388 82.17 -7.08 -35.28
CA GLU Y 388 81.06 -6.22 -34.89
C GLU Y 388 79.81 -6.43 -35.75
N ILE Y 389 79.95 -6.62 -37.07
CA ILE Y 389 78.83 -6.95 -37.97
C ILE Y 389 78.38 -8.41 -37.83
N GLY Y 390 79.13 -9.24 -37.10
CA GLY Y 390 78.83 -10.66 -36.91
C GLY Y 390 79.06 -11.50 -38.16
N ALA Y 391 80.06 -11.16 -38.98
CA ALA Y 391 80.42 -11.90 -40.19
C ALA Y 391 80.78 -13.38 -39.86
N PRO Y 392 80.49 -14.34 -40.75
CA PRO Y 392 80.72 -15.75 -40.46
C PRO Y 392 82.21 -16.06 -40.32
N PRO Y 393 82.59 -17.04 -39.47
CA PRO Y 393 83.98 -17.38 -39.23
C PRO Y 393 84.81 -17.59 -40.49
N GLU Y 394 84.24 -18.14 -41.56
CA GLU Y 394 84.97 -18.33 -42.82
C GLU Y 394 85.50 -17.01 -43.39
N GLN Y 395 84.68 -15.95 -43.40
CA GLN Y 395 85.14 -14.63 -43.81
C GLN Y 395 86.27 -14.16 -42.89
N GLN Y 396 86.12 -14.33 -41.58
CA GLN Y 396 87.12 -13.93 -40.60
C GLN Y 396 88.46 -14.63 -40.89
N ARG Y 397 88.43 -15.95 -41.12
CA ARG Y 397 89.61 -16.74 -41.49
C ARG Y 397 90.18 -16.25 -42.81
N ARG Y 398 89.38 -16.14 -43.86
CA ARG Y 398 89.82 -15.69 -45.19
C ARG Y 398 90.58 -14.37 -45.10
N VAL Y 399 89.99 -13.39 -44.44
CA VAL Y 399 90.63 -12.07 -44.27
C VAL Y 399 91.88 -12.19 -43.42
N THR Y 400 91.84 -12.97 -42.34
CA THR Y 400 93.03 -13.13 -41.49
C THR Y 400 94.19 -13.72 -42.28
N LYS Y 401 93.92 -14.78 -43.05
CA LYS Y 401 94.90 -15.40 -43.94
C LYS Y 401 95.44 -14.40 -44.94
N ALA Y 402 94.57 -13.65 -45.61
CA ALA Y 402 95.01 -12.61 -46.51
C ALA Y 402 95.94 -11.62 -45.78
N GLY Y 403 95.61 -11.25 -44.55
CA GLY Y 403 96.45 -10.39 -43.72
C GLY Y 403 97.82 -11.02 -43.49
N ILE Y 404 97.84 -12.28 -43.06
CA ILE Y 404 99.09 -13.00 -42.85
C ILE Y 404 99.89 -13.03 -44.16
N GLU Y 405 99.25 -13.32 -45.29
CA GLU Y 405 99.92 -13.36 -46.59
C GLU Y 405 100.52 -12.00 -46.95
N ALA Y 406 99.77 -10.92 -46.76
CA ALA Y 406 100.31 -9.60 -46.98
C ALA Y 406 101.53 -9.38 -46.08
N VAL Y 407 101.43 -9.71 -44.79
CA VAL Y 407 102.55 -9.59 -43.88
C VAL Y 407 103.74 -10.41 -44.33
N ARG Y 408 103.51 -11.63 -44.83
CA ARG Y 408 104.57 -12.47 -45.37
C ARG Y 408 105.25 -11.76 -46.54
N GLU Y 409 104.49 -11.25 -47.49
CA GLU Y 409 105.04 -10.51 -48.63
C GLU Y 409 105.82 -9.28 -48.18
N ILE Y 410 105.30 -8.56 -47.19
CA ILE Y 410 106.00 -7.43 -46.59
C ILE Y 410 107.32 -7.92 -46.00
N TYR Y 411 107.33 -9.02 -45.26
CA TYR Y 411 108.57 -9.54 -44.73
C TYR Y 411 109.51 -10.01 -45.84
N ARG Y 412 109.00 -10.59 -46.94
CA ARG Y 412 109.85 -10.97 -48.07
C ARG Y 412 110.56 -9.75 -48.65
N TYR Y 413 109.86 -8.63 -48.80
CA TYR Y 413 110.53 -7.38 -49.18
C TYR Y 413 111.50 -6.92 -48.07
N GLY Y 414 111.09 -7.02 -46.81
CA GLY Y 414 111.94 -6.71 -45.65
C GLY Y 414 113.26 -7.49 -45.68
N ARG Y 415 113.22 -8.77 -46.02
CA ARG Y 415 114.39 -9.63 -46.17
C ARG Y 415 115.31 -9.22 -47.32
N LYS Y 416 114.80 -8.53 -48.35
CA LYS Y 416 115.64 -7.91 -49.39
C LYS Y 416 116.31 -6.64 -48.88
N LEU Y 417 115.59 -5.81 -48.11
CA LEU Y 417 116.12 -4.56 -47.57
C LEU Y 417 117.20 -4.78 -46.48
N TYR Y 418 116.97 -5.72 -45.56
CA TYR Y 418 117.80 -5.94 -44.37
C TYR Y 418 119.05 -6.80 -44.67
N ASP Z 3 63.28 66.05 -39.21
CA ASP Z 3 63.57 66.64 -40.56
C ASP Z 3 64.48 65.71 -41.37
N ASP Z 4 64.04 64.46 -41.48
CA ASP Z 4 64.90 63.30 -41.62
C ASP Z 4 65.54 63.23 -43.01
N LEU Z 5 64.69 63.17 -44.04
CA LEU Z 5 65.15 63.22 -45.42
C LEU Z 5 65.69 64.59 -45.80
N LEU Z 6 65.24 65.68 -45.15
CA LEU Z 6 65.71 67.02 -45.49
C LEU Z 6 67.22 67.12 -45.26
N LEU Z 7 67.73 66.52 -44.19
CA LEU Z 7 69.17 66.40 -44.00
C LEU Z 7 69.81 65.74 -45.22
N LYS Z 8 69.24 64.65 -45.70
CA LYS Z 8 69.73 63.98 -46.91
C LYS Z 8 69.66 64.89 -48.13
N LEU Z 9 68.63 65.72 -48.27
CA LEU Z 9 68.61 66.72 -49.34
C LEU Z 9 69.77 67.69 -49.20
N LEU Z 10 70.09 68.11 -47.98
CA LEU Z 10 71.27 68.96 -47.79
C LEU Z 10 72.54 68.21 -48.21
N GLU Z 11 72.63 66.91 -47.95
CA GLU Z 11 73.75 66.12 -48.46
C GLU Z 11 73.82 66.23 -49.98
N LEU Z 12 72.69 66.00 -50.65
CA LEU Z 12 72.67 66.07 -52.11
C LEU Z 12 73.09 67.45 -52.57
N LEU Z 13 72.52 68.49 -51.96
CA LEU Z 13 72.82 69.85 -52.32
C LEU Z 13 74.30 70.14 -52.12
N VAL Z 14 74.87 69.78 -50.98
CA VAL Z 14 76.27 70.13 -50.71
C VAL Z 14 77.18 69.35 -51.64
N GLU Z 15 76.85 68.10 -51.92
CA GLU Z 15 77.63 67.33 -52.88
C GLU Z 15 77.52 67.96 -54.26
N GLN Z 16 76.33 68.39 -54.66
CA GLN Z 16 76.15 69.10 -55.91
C GLN Z 16 76.97 70.38 -55.89
N ALA Z 17 77.02 71.09 -54.77
CA ALA Z 17 77.87 72.27 -54.68
C ALA Z 17 79.34 71.89 -54.90
N ARG Z 18 79.81 70.78 -54.32
CA ARG Z 18 81.18 70.30 -54.54
C ARG Z 18 81.42 70.01 -56.01
N VAL Z 19 80.51 69.30 -56.67
CA VAL Z 19 80.66 69.01 -58.11
C VAL Z 19 80.56 70.28 -58.93
N SER Z 20 79.71 71.21 -58.50
CA SER Z 20 79.65 72.53 -59.10
C SER Z 20 80.95 73.31 -58.89
N ALA Z 21 81.68 73.08 -57.80
CA ALA Z 21 82.98 73.71 -57.60
C ALA Z 21 84.03 73.13 -58.55
N GLU Z 22 84.02 71.82 -58.80
CA GLU Z 22 84.80 71.25 -59.90
C GLU Z 22 84.39 71.84 -61.25
N PHE Z 23 83.08 71.99 -61.50
CA PHE Z 23 82.60 72.59 -62.73
C PHE Z 23 83.11 74.02 -62.84
N ALA Z 24 83.03 74.81 -61.77
CA ALA Z 24 83.56 76.17 -61.72
C ALA Z 24 85.08 76.21 -61.93
N ARG Z 25 85.84 75.27 -61.37
CA ARG Z 25 87.29 75.15 -61.63
C ARG Z 25 87.59 74.92 -63.11
N ARG Z 26 86.72 74.18 -63.81
CA ARG Z 26 86.90 73.81 -65.23
C ARG Z 26 86.33 74.85 -66.21
N GLN Z 27 85.25 75.55 -65.86
CA GLN Z 27 84.64 76.61 -66.69
C GLN Z 27 85.19 78.03 -66.40
N GLY Z 28 85.69 78.30 -65.19
CA GLY Z 28 86.28 79.60 -64.80
C GLY Z 28 85.28 80.72 -64.46
N ASP Z 29 84.00 80.40 -64.19
CA ASP Z 29 82.94 81.38 -63.97
C ASP Z 29 82.89 81.90 -62.52
N GLU Z 30 83.29 83.15 -62.30
CA GLU Z 30 83.26 83.78 -60.97
C GLU Z 30 81.84 84.03 -60.44
N LYS Z 31 80.85 84.24 -61.31
CA LYS Z 31 79.46 84.41 -60.90
C LYS Z 31 78.87 83.08 -60.48
N MET Z 32 79.25 82.00 -61.16
CA MET Z 32 78.94 80.65 -60.70
C MET Z 32 79.54 80.40 -59.31
N LEU Z 33 80.81 80.76 -59.08
CA LEU Z 33 81.42 80.64 -57.76
C LEU Z 33 80.62 81.40 -56.69
N GLU Z 34 80.23 82.64 -56.95
CA GLU Z 34 79.39 83.40 -56.02
C GLU Z 34 78.07 82.66 -55.76
N GLU Z 35 77.36 82.25 -56.81
CA GLU Z 35 76.06 81.60 -56.66
C GLU Z 35 76.16 80.29 -55.88
N VAL Z 36 77.13 79.42 -56.18
CA VAL Z 36 77.29 78.18 -55.43
C VAL Z 36 77.75 78.45 -54.01
N ALA Z 37 78.58 79.47 -53.78
CA ALA Z 37 78.97 79.85 -52.43
C ALA Z 37 77.73 80.28 -51.61
N ARG Z 38 76.84 81.09 -52.19
CA ARG Z 38 75.57 81.42 -51.52
C ARG Z 38 74.71 80.19 -51.32
N LYS Z 39 74.60 79.31 -52.31
CA LYS Z 39 73.84 78.06 -52.16
C LYS Z 39 74.38 77.24 -50.98
N ALA Z 40 75.69 77.12 -50.88
CA ALA Z 40 76.36 76.44 -49.78
C ALA Z 40 76.16 77.17 -48.45
N GLU Z 41 76.20 78.49 -48.43
CA GLU Z 41 75.95 79.28 -47.24
C GLU Z 41 74.50 79.07 -46.74
N GLU Z 42 73.52 79.13 -47.63
CA GLU Z 42 72.12 78.88 -47.26
C GLU Z 42 71.90 77.43 -46.83
N VAL Z 43 72.52 76.47 -47.51
CA VAL Z 43 72.52 75.08 -47.06
C VAL Z 43 73.10 74.98 -45.65
N ALA Z 44 74.21 75.64 -45.38
CA ALA Z 44 74.82 75.63 -44.06
C ALA Z 44 73.87 76.26 -43.03
N ARG Z 45 73.18 77.34 -43.40
CA ARG Z 45 72.17 77.94 -42.55
C ARG Z 45 71.06 76.94 -42.23
N LYS Z 46 70.48 76.31 -43.24
CA LYS Z 46 69.47 75.25 -43.06
C LYS Z 46 70.01 74.19 -42.10
N ALA Z 47 71.23 73.74 -42.34
CA ALA Z 47 71.86 72.71 -41.53
C ALA Z 47 71.99 73.15 -40.07
N GLU Z 48 72.53 74.33 -39.78
CA GLU Z 48 72.69 74.74 -38.39
C GLU Z 48 71.35 74.99 -37.72
N GLU Z 49 70.36 75.54 -38.44
CA GLU Z 49 69.00 75.67 -37.91
C GLU Z 49 68.46 74.30 -37.50
N ILE Z 50 68.57 73.30 -38.38
CA ILE Z 50 68.16 71.94 -38.04
C ILE Z 50 68.99 71.41 -36.87
N ALA Z 51 70.29 71.69 -36.82
CA ALA Z 51 71.15 71.21 -35.74
C ALA Z 51 70.71 71.75 -34.37
N ARG Z 52 70.39 73.05 -34.26
CA ARG Z 52 69.84 73.61 -33.01
C ARG Z 52 68.53 72.89 -32.65
N LYS Z 53 67.67 72.63 -33.63
CA LYS Z 53 66.41 71.91 -33.45
C LYS Z 53 66.66 70.50 -32.90
N ALA Z 54 67.57 69.75 -33.51
CA ALA Z 54 67.95 68.42 -33.04
C ALA Z 54 68.50 68.47 -31.60
N ARG Z 55 69.32 69.47 -31.27
CA ARG Z 55 69.84 69.66 -29.91
C ARG Z 55 68.70 69.82 -28.91
N LYS Z 56 67.68 70.61 -29.25
CA LYS Z 56 66.47 70.76 -28.43
C LYS Z 56 65.68 69.46 -28.31
N GLU Z 57 65.51 68.73 -29.41
CA GLU Z 57 64.79 67.45 -29.42
C GLU Z 57 65.50 66.35 -28.65
N GLY Z 58 66.84 66.40 -28.57
CA GLY Z 58 67.64 65.43 -27.83
C GLY Z 58 67.96 64.12 -28.57
N ASN Z 59 67.74 64.05 -29.90
CA ASN Z 59 68.20 62.92 -30.71
C ASN Z 59 69.68 63.10 -31.11
N LEU Z 60 70.59 62.43 -30.40
CA LEU Z 60 72.03 62.56 -30.62
C LEU Z 60 72.42 62.10 -32.03
N GLU Z 61 71.82 61.03 -32.55
CA GLU Z 61 72.19 60.52 -33.87
C GLU Z 61 71.94 61.58 -34.94
N LEU Z 62 70.76 62.18 -34.94
CA LEU Z 62 70.45 63.24 -35.88
C LEU Z 62 71.38 64.43 -35.67
N ALA Z 63 71.63 64.84 -34.42
CA ALA Z 63 72.52 65.97 -34.15
C ALA Z 63 73.92 65.71 -34.73
N LEU Z 64 74.46 64.52 -34.50
CA LEU Z 64 75.74 64.14 -35.05
C LEU Z 64 75.69 64.16 -36.58
N LYS Z 65 74.64 63.60 -37.18
CA LYS Z 65 74.49 63.64 -38.63
C LYS Z 65 74.44 65.07 -39.14
N ALA Z 66 73.75 65.96 -38.44
CA ALA Z 66 73.67 67.36 -38.81
C ALA Z 66 75.04 68.02 -38.72
N LEU Z 67 75.80 67.72 -37.67
CA LEU Z 67 77.17 68.18 -37.59
C LEU Z 67 78.00 67.62 -38.74
N GLU Z 68 77.80 66.37 -39.13
CA GLU Z 68 78.56 65.78 -40.23
C GLU Z 68 78.24 66.49 -41.55
N ILE Z 69 76.98 66.84 -41.76
CA ILE Z 69 76.60 67.71 -42.87
C ILE Z 69 77.27 69.07 -42.73
N LEU Z 70 77.30 69.65 -41.53
CA LEU Z 70 77.98 70.92 -41.33
C LEU Z 70 79.47 70.79 -41.63
N VAL Z 71 80.08 69.66 -41.34
CA VAL Z 71 81.46 69.38 -41.73
C VAL Z 71 81.58 69.41 -43.24
N ARG Z 72 80.69 68.73 -43.98
CA ARG Z 72 80.76 68.79 -45.45
C ARG Z 72 80.61 70.22 -45.93
N ALA Z 73 79.64 70.94 -45.38
CA ALA Z 73 79.37 72.31 -45.74
C ALA Z 73 80.60 73.18 -45.48
N ALA Z 74 81.20 73.05 -44.31
CA ALA Z 74 82.43 73.75 -43.99
C ALA Z 74 83.51 73.37 -44.99
N HIS Z 75 83.68 72.09 -45.30
CA HIS Z 75 84.72 71.63 -46.21
C HIS Z 75 84.60 72.31 -47.56
N VAL Z 76 83.42 72.26 -48.18
CA VAL Z 76 83.26 72.90 -49.48
C VAL Z 76 83.35 74.43 -49.37
N LEU Z 77 82.79 75.03 -48.31
CA LEU Z 77 82.85 76.48 -48.15
C LEU Z 77 84.28 76.95 -48.04
N ALA Z 78 85.07 76.27 -47.22
CA ALA Z 78 86.48 76.55 -47.02
C ALA Z 78 87.26 76.31 -48.31
N GLU Z 79 86.98 75.23 -49.04
CA GLU Z 79 87.62 74.97 -50.32
C GLU Z 79 87.37 76.11 -51.30
N ILE Z 80 86.11 76.54 -51.45
CA ILE Z 80 85.74 77.66 -52.32
C ILE Z 80 86.43 78.94 -51.85
N ALA Z 81 86.33 79.26 -50.57
CA ALA Z 81 86.89 80.49 -50.03
C ALA Z 81 88.41 80.56 -50.18
N ARG Z 82 89.10 79.44 -49.98
CA ARG Z 82 90.57 79.30 -50.12
C ARG Z 82 91.02 79.52 -51.56
N GLU Z 83 90.34 78.90 -52.53
CA GLU Z 83 90.66 79.09 -53.95
C GLU Z 83 90.27 80.50 -54.45
N ARG Z 84 89.19 81.08 -53.91
CA ARG Z 84 88.76 82.45 -54.21
C ARG Z 84 89.61 83.53 -53.53
N GLY Z 85 90.32 83.19 -52.45
CA GLY Z 85 91.08 84.13 -51.63
C GLY Z 85 90.21 85.05 -50.75
N ASN Z 86 88.98 84.63 -50.43
CA ASN Z 86 88.03 85.43 -49.65
C ASN Z 86 88.34 85.36 -48.13
N GLU Z 87 88.45 86.50 -47.46
CA GLU Z 87 88.72 86.55 -46.01
C GLU Z 87 87.50 86.17 -45.18
N GLU Z 88 86.35 86.82 -45.39
CA GLU Z 88 85.17 86.71 -44.51
C GLU Z 88 84.63 85.28 -44.41
N LEU Z 89 84.56 84.58 -45.54
CA LEU Z 89 84.15 83.17 -45.58
C LEU Z 89 85.14 82.29 -44.79
N GLN Z 90 86.45 82.57 -44.84
CA GLN Z 90 87.42 81.83 -44.03
C GLN Z 90 87.25 82.14 -42.54
N LYS Z 91 86.93 83.38 -42.16
CA LYS Z 91 86.63 83.72 -40.75
C LYS Z 91 85.40 82.95 -40.28
N LYS Z 92 84.32 82.97 -41.08
CA LYS Z 92 83.10 82.19 -40.83
C LYS Z 92 83.45 80.71 -40.66
N ALA Z 93 84.14 80.11 -41.62
CA ALA Z 93 84.47 78.69 -41.59
C ALA Z 93 85.25 78.31 -40.34
N HIS Z 94 86.33 79.02 -40.00
CA HIS Z 94 87.15 78.65 -38.83
C HIS Z 94 86.35 78.77 -37.52
N LYS Z 95 85.60 79.87 -37.34
CA LYS Z 95 84.73 80.03 -36.17
C LYS Z 95 83.65 78.95 -36.10
N LEU Z 96 82.98 78.68 -37.21
CA LEU Z 96 81.95 77.65 -37.29
C LEU Z 96 82.55 76.26 -37.00
N ALA Z 97 83.76 75.98 -37.47
CA ALA Z 97 84.44 74.73 -37.15
C ALA Z 97 84.69 74.62 -35.64
N LYS Z 98 85.14 75.69 -34.99
CA LYS Z 98 85.30 75.68 -33.53
C LYS Z 98 83.96 75.47 -32.83
N GLU Z 99 82.91 76.13 -33.28
CA GLU Z 99 81.56 75.94 -32.75
C GLU Z 99 81.09 74.49 -32.93
N ALA Z 100 81.36 73.89 -34.09
CA ALA Z 100 81.09 72.49 -34.31
C ALA Z 100 81.89 71.63 -33.34
N LEU Z 101 83.18 71.92 -33.14
CA LEU Z 101 84.01 71.18 -32.23
C LEU Z 101 83.45 71.25 -30.81
N ARG Z 102 83.04 72.45 -30.37
CA ARG Z 102 82.34 72.60 -29.08
C ARG Z 102 81.11 71.72 -29.03
N GLN Z 103 80.22 71.83 -30.01
CA GLN Z 103 78.98 71.05 -30.00
C GLN Z 103 79.27 69.54 -30.01
N VAL Z 104 80.21 69.07 -30.81
CA VAL Z 104 80.51 67.64 -30.85
C VAL Z 104 81.11 67.20 -29.52
N ILE Z 105 81.98 68.01 -28.92
CA ILE Z 105 82.52 67.72 -27.61
C ILE Z 105 81.41 67.63 -26.57
N GLU Z 106 80.48 68.58 -26.58
CA GLU Z 106 79.34 68.55 -25.67
C GLU Z 106 78.51 67.29 -25.89
N ILE Z 107 78.25 66.92 -27.14
CA ILE Z 107 77.56 65.67 -27.43
C ILE Z 107 78.39 64.50 -26.93
N ALA Z 108 79.71 64.50 -27.08
CA ALA Z 108 80.56 63.42 -26.60
C ALA Z 108 80.51 63.31 -25.08
N ILE Z 109 80.51 64.44 -24.39
CA ILE Z 109 80.29 64.48 -22.95
C ILE Z 109 78.92 63.88 -22.65
N ARG Z 110 77.85 64.27 -23.36
CA ARG Z 110 76.52 63.73 -23.12
C ARG Z 110 76.47 62.23 -23.39
N ALA Z 111 77.11 61.77 -24.45
CA ALA Z 111 77.16 60.36 -24.80
C ALA Z 111 77.85 59.57 -23.69
N ILE Z 112 78.96 60.08 -23.15
CA ILE Z 112 79.61 59.47 -21.98
C ILE Z 112 78.67 59.52 -20.78
N GLN Z 113 77.98 60.64 -20.56
CA GLN Z 113 77.08 60.83 -19.43
C GLN Z 113 75.91 59.84 -19.44
N GLU Z 114 75.34 59.57 -20.62
CA GLU Z 114 74.30 58.54 -20.81
C GLU Z 114 74.90 57.12 -20.88
N GLY Z 115 76.18 57.01 -21.25
CA GLY Z 115 76.93 55.76 -21.26
C GLY Z 115 76.93 54.95 -22.57
N ASN Z 116 76.35 55.46 -23.67
CA ASN Z 116 76.45 54.79 -24.97
C ASN Z 116 77.79 55.09 -25.66
N LEU Z 117 78.70 54.13 -25.62
CA LEU Z 117 80.05 54.31 -26.14
C LEU Z 117 80.08 54.42 -27.68
N GLU Z 118 79.13 53.80 -28.39
CA GLU Z 118 79.10 53.91 -29.84
C GLU Z 118 78.80 55.33 -30.28
N LEU Z 119 77.81 55.99 -29.67
CA LEU Z 119 77.55 57.39 -29.97
C LEU Z 119 78.80 58.21 -29.67
N ALA Z 120 79.47 57.97 -28.55
CA ALA Z 120 80.71 58.69 -28.23
C ALA Z 120 81.78 58.45 -29.31
N ILE Z 121 81.94 57.22 -29.78
CA ILE Z 121 82.89 56.89 -30.83
C ILE Z 121 82.50 57.59 -32.13
N ILE Z 122 81.24 57.59 -32.51
CA ILE Z 122 80.78 58.24 -33.74
C ILE Z 122 81.05 59.74 -33.64
N ALA Z 123 80.70 60.34 -32.51
CA ALA Z 123 81.02 61.73 -32.25
C ALA Z 123 82.52 61.95 -32.38
N LEU Z 124 83.34 61.05 -31.82
CA LEU Z 124 84.77 61.16 -31.93
C LEU Z 124 85.20 61.08 -33.38
N HIS Z 125 84.59 60.23 -34.19
CA HIS Z 125 84.90 60.11 -35.61
C HIS Z 125 84.64 61.43 -36.31
N ILE Z 126 83.47 62.02 -36.05
CA ILE Z 126 83.14 63.34 -36.57
C ILE Z 126 84.16 64.36 -36.06
N SER Z 127 84.62 64.25 -34.83
CA SER Z 127 85.64 65.16 -34.33
C SER Z 127 86.92 65.05 -35.16
N VAL Z 128 87.31 63.83 -35.55
CA VAL Z 128 88.46 63.66 -36.44
C VAL Z 128 88.17 64.30 -37.80
N ARG Z 129 86.95 64.19 -38.32
CA ARG Z 129 86.60 64.93 -39.54
C ARG Z 129 86.73 66.43 -39.33
N ILE Z 130 86.28 66.95 -38.19
CA ILE Z 130 86.45 68.36 -37.86
C ILE Z 130 87.93 68.69 -37.81
N ALA Z 131 88.76 67.81 -37.27
CA ALA Z 131 90.20 68.02 -37.26
C ALA Z 131 90.74 68.13 -38.68
N GLU Z 132 90.32 67.28 -39.61
CA GLU Z 132 90.71 67.42 -41.02
C GLU Z 132 90.29 68.78 -41.57
N VAL Z 133 89.04 69.19 -41.30
CA VAL Z 133 88.57 70.51 -41.74
C VAL Z 133 89.44 71.62 -41.16
N LEU Z 134 89.70 71.57 -39.86
CA LEU Z 134 90.57 72.54 -39.21
C LEU Z 134 91.96 72.52 -39.85
N LEU Z 135 92.51 71.34 -40.13
CA LEU Z 135 93.86 71.20 -40.69
C LEU Z 135 93.93 71.78 -42.10
N GLU Z 136 92.89 71.62 -42.90
CA GLU Z 136 92.77 72.34 -44.18
C GLU Z 136 92.61 73.84 -43.96
N THR Z 137 91.91 74.24 -42.90
CA THR Z 137 91.57 75.64 -42.66
C THR Z 137 92.78 76.45 -42.18
N ARG Z 138 93.47 76.01 -41.13
CA ARG Z 138 94.62 76.69 -40.50
C ARG Z 138 95.63 75.68 -39.93
N PRO Z 139 96.58 75.16 -40.72
CA PRO Z 139 97.61 74.24 -40.23
C PRO Z 139 98.65 74.92 -39.32
N ASP Z 140 98.67 76.25 -39.27
CA ASP Z 140 99.54 77.09 -38.44
C ASP Z 140 98.96 77.43 -37.05
N ASP Z 141 97.65 77.29 -36.84
CA ASP Z 141 96.95 77.54 -35.55
C ASP Z 141 97.13 76.37 -34.57
N ARG Z 142 98.37 75.88 -34.47
CA ARG Z 142 98.74 74.53 -33.98
C ARG Z 142 98.21 74.23 -32.58
N GLU Z 143 98.13 75.23 -31.71
CA GLU Z 143 97.69 75.02 -30.34
C GLU Z 143 96.25 74.51 -30.30
N GLU Z 144 95.37 75.00 -31.15
CA GLU Z 144 93.99 74.50 -31.25
C GLU Z 144 94.00 73.00 -31.56
N ILE Z 145 94.85 72.59 -32.50
CA ILE Z 145 94.93 71.18 -32.92
C ILE Z 145 95.54 70.37 -31.78
N ARG Z 146 96.60 70.84 -31.14
CA ARG Z 146 97.19 70.12 -30.02
C ARG Z 146 96.21 70.03 -28.84
N GLU Z 147 95.40 71.05 -28.61
CA GLU Z 147 94.31 71.00 -27.64
C GLU Z 147 93.30 69.94 -28.05
N GLN Z 148 92.89 69.92 -29.31
CA GLN Z 148 91.98 68.89 -29.80
C GLN Z 148 92.61 67.51 -29.59
N GLN Z 149 93.89 67.33 -29.89
CA GLN Z 149 94.60 66.08 -29.61
C GLN Z 149 94.53 65.76 -28.13
N ALA Z 150 94.82 66.70 -27.25
CA ALA Z 150 94.74 66.47 -25.81
C ALA Z 150 93.35 66.02 -25.39
N ILE Z 151 92.33 66.70 -25.90
CA ILE Z 151 90.94 66.37 -25.63
C ILE Z 151 90.66 64.95 -26.11
N PHE Z 152 91.04 64.66 -27.34
CA PHE Z 152 90.88 63.35 -27.94
C PHE Z 152 91.59 62.28 -27.13
N GLU Z 153 92.83 62.54 -26.69
CA GLU Z 153 93.58 61.61 -25.86
C GLU Z 153 92.84 61.35 -24.56
N LEU Z 154 92.34 62.40 -23.93
CA LEU Z 154 91.60 62.24 -22.69
C LEU Z 154 90.35 61.39 -22.94
N LEU Z 155 89.62 61.68 -24.01
CA LEU Z 155 88.45 60.92 -24.37
C LEU Z 155 88.82 59.46 -24.63
N ILE Z 156 89.86 59.21 -25.41
CA ILE Z 156 90.32 57.86 -25.70
C ILE Z 156 90.69 57.16 -24.40
N ALA Z 157 91.42 57.81 -23.51
CA ALA Z 157 91.79 57.20 -22.26
C ALA Z 157 90.53 56.80 -21.49
N ALA Z 158 89.56 57.70 -21.43
CA ALA Z 158 88.31 57.44 -20.75
C ALA Z 158 87.62 56.23 -21.39
N LEU Z 159 87.50 56.21 -22.71
CA LEU Z 159 86.87 55.12 -23.42
C LEU Z 159 87.63 53.80 -23.23
N GLU Z 160 88.96 53.80 -23.17
CA GLU Z 160 89.73 52.58 -22.97
C GLU Z 160 89.42 51.99 -21.59
N ALA Z 161 89.40 52.83 -20.57
CA ALA Z 161 88.89 52.38 -19.28
C ALA Z 161 87.44 51.90 -19.43
N ALA Z 162 86.61 52.65 -20.14
CA ALA Z 162 85.19 52.36 -20.24
C ALA Z 162 84.93 50.97 -20.79
N ILE Z 163 85.50 50.66 -21.94
CA ILE Z 163 85.29 49.35 -22.56
C ILE Z 163 85.90 48.26 -21.67
N ARG Z 164 87.06 48.52 -21.05
CA ARG Z 164 87.68 47.53 -20.17
C ARG Z 164 86.74 47.19 -19.02
N LEU Z 165 86.26 48.19 -18.29
CA LEU Z 165 85.29 47.96 -17.21
C LEU Z 165 84.03 47.30 -17.76
N GLU Z 166 83.51 47.76 -18.90
CA GLU Z 166 82.29 47.21 -19.47
C GLU Z 166 82.44 45.70 -19.71
N LYS Z 167 83.55 45.28 -20.34
CA LYS Z 167 83.76 43.85 -20.56
C LYS Z 167 84.04 43.10 -19.26
N LEU Z 168 84.82 43.66 -18.33
CA LEU Z 168 85.02 43.01 -17.04
C LEU Z 168 83.67 42.79 -16.32
N LYS Z 169 82.75 43.75 -16.42
CA LYS Z 169 81.39 43.65 -15.90
C LYS Z 169 80.59 42.58 -16.65
N GLU Z 170 80.68 42.53 -17.98
CA GLU Z 170 80.03 41.49 -18.78
C GLU Z 170 80.55 40.07 -18.44
N GLU Z 171 81.85 39.94 -18.21
CA GLU Z 171 82.50 38.68 -17.81
C GLU Z 171 82.24 38.29 -16.35
N GLY Z 172 81.70 39.18 -15.51
CA GLY Z 172 81.48 38.93 -14.09
C GLY Z 172 82.78 38.88 -13.26
N ALA Z 173 83.77 39.69 -13.62
CA ALA Z 173 85.07 39.76 -12.93
C ALA Z 173 84.93 40.13 -11.42
N PRO Z 174 85.88 39.75 -10.56
CA PRO Z 174 85.85 40.12 -9.15
C PRO Z 174 85.95 41.65 -8.99
N PRO Z 175 85.03 42.31 -8.27
CA PRO Z 175 85.00 43.76 -8.14
C PRO Z 175 86.32 44.38 -7.68
N GLU Z 176 87.14 43.66 -6.91
CA GLU Z 176 88.47 44.11 -6.50
C GLU Z 176 89.38 44.38 -7.72
N GLN Z 177 89.37 43.50 -8.73
CA GLN Z 177 90.13 43.75 -9.95
C GLN Z 177 89.56 44.98 -10.68
N ILE Z 178 88.24 45.11 -10.73
CA ILE Z 178 87.58 46.26 -11.35
C ILE Z 178 88.03 47.55 -10.64
N GLU Z 179 88.07 47.54 -9.32
CA GLU Z 179 88.52 48.68 -8.54
C GLU Z 179 89.99 49.03 -8.82
N ARG Z 180 90.89 48.04 -8.90
CA ARG Z 180 92.29 48.29 -9.26
C ARG Z 180 92.38 48.95 -10.63
N VAL Z 181 91.63 48.45 -11.61
CA VAL Z 181 91.57 49.05 -12.94
C VAL Z 181 91.02 50.48 -12.84
N ALA Z 182 89.94 50.69 -12.08
CA ALA Z 182 89.32 51.99 -11.97
C ALA Z 182 90.29 53.02 -11.37
N GLU Z 183 91.01 52.66 -10.31
CA GLU Z 183 92.05 53.51 -9.76
C GLU Z 183 93.09 53.80 -10.83
N HIS Z 184 93.61 52.78 -11.50
CA HIS Z 184 94.65 52.97 -12.51
C HIS Z 184 94.16 53.95 -13.60
N GLY Z 185 92.91 53.79 -14.03
CA GLY Z 185 92.27 54.70 -14.95
C GLY Z 185 92.24 56.12 -14.40
N LEU Z 186 91.65 56.32 -13.23
CA LEU Z 186 91.55 57.65 -12.63
C LEU Z 186 92.92 58.29 -12.45
N GLU Z 187 93.89 57.55 -11.91
CA GLU Z 187 95.26 58.04 -11.73
C GLU Z 187 95.86 58.45 -13.07
N ARG Z 188 95.80 57.59 -14.08
CA ARG Z 188 96.31 57.91 -15.41
C ARG Z 188 95.60 59.14 -15.96
N LEU Z 189 94.28 59.22 -15.83
CA LEU Z 189 93.51 60.35 -16.31
C LEU Z 189 93.98 61.63 -15.62
N LYS Z 190 94.19 61.58 -14.31
CA LYS Z 190 94.70 62.71 -13.55
C LYS Z 190 96.07 63.11 -14.04
N GLU Z 191 96.98 62.17 -14.23
CA GLU Z 191 98.32 62.49 -14.75
C GLU Z 191 98.22 63.14 -16.13
N ILE Z 192 97.41 62.58 -17.02
CA ILE Z 192 97.17 63.16 -18.34
C ILE Z 192 96.64 64.58 -18.17
N ALA Z 193 95.62 64.78 -17.34
CA ALA Z 193 95.05 66.10 -17.14
C ALA Z 193 96.10 67.07 -16.61
N LYS Z 194 96.97 66.63 -15.71
CA LYS Z 194 98.04 67.46 -15.20
C LYS Z 194 98.98 67.86 -16.32
N GLU Z 195 99.43 66.92 -17.15
CA GLU Z 195 100.27 67.26 -18.30
C GLU Z 195 99.53 68.24 -19.24
N ILE Z 196 98.26 68.00 -19.52
CA ILE Z 196 97.45 68.91 -20.34
C ILE Z 196 97.44 70.30 -19.71
N SER Z 197 97.27 70.39 -18.39
CA SER Z 197 97.26 71.68 -17.70
C SER Z 197 98.61 72.40 -17.79
N LYS Z 198 99.72 71.67 -17.93
CA LYS Z 198 101.04 72.27 -18.18
C LYS Z 198 101.15 72.85 -19.58
N GLU Z 199 100.43 72.28 -20.55
CA GLU Z 199 100.42 72.78 -21.93
C GLU Z 199 99.44 73.93 -22.15
N VAL Z 200 98.17 73.76 -21.78
CA VAL Z 200 97.07 74.59 -22.31
C VAL Z 200 96.81 75.87 -21.50
N ASP Z 201 96.37 76.95 -22.16
CA ASP Z 201 96.03 78.24 -21.54
C ASP Z 201 94.65 78.80 -21.91
N SER Z 202 93.91 78.20 -22.86
CA SER Z 202 92.53 78.61 -23.14
C SER Z 202 91.61 78.24 -21.97
N PRO Z 203 90.85 79.18 -21.39
CA PRO Z 203 89.92 78.88 -20.30
C PRO Z 203 88.90 77.81 -20.72
N GLU Z 204 88.35 77.94 -21.92
CA GLU Z 204 87.39 76.96 -22.44
C GLU Z 204 88.04 75.59 -22.56
N SER Z 205 89.29 75.50 -23.02
CA SER Z 205 89.97 74.22 -23.12
C SER Z 205 90.08 73.54 -21.75
N LYS Z 206 90.50 74.29 -20.72
CA LYS Z 206 90.56 73.77 -19.36
C LYS Z 206 89.17 73.33 -18.92
N ARG Z 207 88.15 74.15 -19.18
CA ARG Z 207 86.77 73.87 -18.78
C ARG Z 207 86.31 72.56 -19.39
N ILE Z 208 86.49 72.42 -20.69
CA ILE Z 208 86.20 71.18 -21.42
C ILE Z 208 86.96 70.03 -20.77
N ALA Z 209 88.27 70.16 -20.58
CA ALA Z 209 89.08 69.08 -20.05
C ALA Z 209 88.54 68.64 -18.70
N TYR Z 210 88.31 69.59 -17.81
CA TYR Z 210 87.78 69.32 -16.50
C TYR Z 210 86.44 68.59 -16.60
N LYS Z 211 85.51 69.14 -17.39
CA LYS Z 211 84.19 68.54 -17.58
C LYS Z 211 84.34 67.10 -18.04
N ILE Z 212 85.20 66.85 -19.01
CA ILE Z 212 85.41 65.51 -19.54
C ILE Z 212 85.86 64.60 -18.40
N VAL Z 213 86.94 64.94 -17.70
CA VAL Z 213 87.46 64.00 -16.71
C VAL Z 213 86.44 63.83 -15.59
N ALA Z 214 85.75 64.89 -15.21
CA ALA Z 214 84.70 64.80 -14.22
C ALA Z 214 83.61 63.84 -14.68
N ALA Z 215 83.16 63.96 -15.92
CA ALA Z 215 82.19 63.04 -16.47
C ALA Z 215 82.75 61.62 -16.47
N ALA Z 216 84.03 61.44 -16.77
CA ALA Z 216 84.65 60.13 -16.76
C ALA Z 216 84.59 59.52 -15.36
N ALA Z 217 84.88 60.31 -14.32
CA ALA Z 217 84.73 59.82 -12.96
C ALA Z 217 83.28 59.39 -12.70
N GLU Z 218 82.30 60.23 -13.01
CA GLU Z 218 80.89 59.88 -12.78
C GLU Z 218 80.53 58.60 -13.52
N PHE Z 219 80.91 58.51 -14.79
CA PHE Z 219 80.65 57.34 -15.60
C PHE Z 219 81.25 56.09 -14.95
N LEU Z 220 82.52 56.13 -14.57
CA LEU Z 220 83.18 54.98 -13.95
C LEU Z 220 82.45 54.57 -12.68
N LEU Z 221 82.05 55.53 -11.86
CA LEU Z 221 81.31 55.26 -10.64
C LEU Z 221 79.98 54.57 -10.96
N LYS Z 222 79.23 55.09 -11.93
CA LYS Z 222 77.94 54.49 -12.32
C LYS Z 222 78.14 53.10 -12.89
N ILE Z 223 79.15 52.89 -13.71
CA ILE Z 223 79.49 51.57 -14.23
C ILE Z 223 79.80 50.60 -13.08
N LEU Z 224 80.60 51.02 -12.11
CA LEU Z 224 80.93 50.18 -10.97
C LEU Z 224 79.67 49.83 -10.16
N ALA Z 225 78.76 50.79 -9.99
CA ALA Z 225 77.50 50.58 -9.27
C ALA Z 225 76.57 49.60 -10.01
N GLU Z 226 76.43 49.74 -11.32
CA GLU Z 226 75.73 48.75 -12.15
C GLU Z 226 76.38 47.37 -12.03
N GLY Z 227 77.71 47.34 -11.87
CA GLY Z 227 78.50 46.13 -11.64
C GLY Z 227 78.25 45.43 -10.29
N GLY Z 228 77.44 46.00 -9.40
CA GLY Z 228 77.03 45.34 -8.16
C GLY Z 228 78.15 45.19 -7.11
N ALA Z 229 79.18 46.04 -7.15
CA ALA Z 229 80.23 46.07 -6.12
C ALA Z 229 79.67 46.38 -4.71
N THR Z 230 80.39 45.97 -3.66
CA THR Z 230 79.92 46.22 -2.28
C THR Z 230 79.90 47.71 -1.94
N PRO Z 231 79.03 48.15 -1.02
CA PRO Z 231 79.04 49.54 -0.55
C PRO Z 231 80.42 50.03 -0.13
N GLU Z 232 81.22 49.16 0.49
CA GLU Z 232 82.59 49.48 0.89
C GLU Z 232 83.46 49.83 -0.33
N GLN Z 233 83.46 49.00 -1.36
CA GLN Z 233 84.22 49.29 -2.58
C GLN Z 233 83.72 50.59 -3.22
N LEU Z 234 82.40 50.78 -3.33
CA LEU Z 234 81.82 51.99 -3.91
C LEU Z 234 82.28 53.22 -3.15
N GLU Z 235 82.22 53.19 -1.83
CA GLU Z 235 82.68 54.29 -0.99
C GLU Z 235 84.18 54.54 -1.20
N ARG Z 236 85.03 53.51 -1.22
CA ARG Z 236 86.47 53.67 -1.44
C ARG Z 236 86.74 54.34 -2.78
N VAL Z 237 86.12 53.84 -3.84
CA VAL Z 237 86.26 54.46 -5.15
C VAL Z 237 85.73 55.88 -5.13
N THR Z 238 84.62 56.13 -4.43
CA THR Z 238 84.07 57.47 -4.36
C THR Z 238 85.06 58.42 -3.70
N GLU Z 239 85.66 58.03 -2.58
CA GLU Z 239 86.66 58.86 -1.92
C GLU Z 239 87.81 59.13 -2.87
N HIS Z 240 88.35 58.09 -3.51
CA HIS Z 240 89.45 58.27 -4.44
C HIS Z 240 89.04 59.23 -5.57
N ALA Z 241 87.85 59.05 -6.11
CA ALA Z 241 87.33 59.90 -7.16
C ALA Z 241 87.20 61.34 -6.69
N LEU Z 242 86.62 61.57 -5.51
CA LEU Z 242 86.54 62.90 -4.96
C LEU Z 242 87.94 63.49 -4.77
N GLU Z 243 88.89 62.71 -4.25
CA GLU Z 243 90.25 63.21 -4.01
C GLU Z 243 90.91 63.63 -5.32
N VAL Z 244 90.83 62.77 -6.33
CA VAL Z 244 91.29 63.10 -7.67
C VAL Z 244 90.56 64.33 -8.18
N LEU Z 245 89.25 64.38 -8.01
CA LEU Z 245 88.45 65.48 -8.52
C LEU Z 245 88.91 66.79 -7.90
N LYS Z 246 89.17 66.76 -6.59
CA LYS Z 246 89.71 67.90 -5.86
C LYS Z 246 91.05 68.29 -6.45
N GLU Z 247 91.95 67.34 -6.64
CA GLU Z 247 93.26 67.67 -7.19
C GLU Z 247 93.12 68.32 -8.57
N VAL Z 248 92.42 67.68 -9.49
CA VAL Z 248 92.33 68.19 -10.85
C VAL Z 248 91.54 69.50 -10.89
N ALA Z 249 90.57 69.69 -9.99
CA ALA Z 249 89.94 70.97 -9.81
C ALA Z 249 90.95 72.03 -9.38
N LYS Z 250 91.75 71.75 -8.34
CA LYS Z 250 92.75 72.70 -7.84
C LYS Z 250 93.73 73.10 -8.93
N GLU Z 251 94.10 72.17 -9.79
CA GLU Z 251 94.92 72.50 -10.95
C GLU Z 251 94.14 73.36 -11.96
N LEU Z 252 93.05 72.84 -12.51
CA LEU Z 252 92.42 73.41 -13.71
C LEU Z 252 91.56 74.65 -13.43
N ALA Z 253 91.08 74.86 -12.21
CA ALA Z 253 90.26 76.03 -11.90
C ALA Z 253 91.12 77.30 -11.76
N ASP Z 254 90.73 78.35 -12.50
CA ASP Z 254 91.40 79.67 -12.53
C ASP Z 254 90.44 80.84 -12.86
N SER Z 255 89.12 80.61 -12.93
CA SER Z 255 88.09 81.60 -13.29
C SER Z 255 86.79 81.41 -12.50
N PRO Z 256 85.93 82.43 -12.39
CA PRO Z 256 84.69 82.33 -11.63
C PRO Z 256 83.81 81.17 -12.10
N GLU Z 257 83.58 81.10 -13.41
CA GLU Z 257 82.82 80.00 -13.99
C GLU Z 257 83.49 78.65 -13.72
N SER Z 258 84.82 78.58 -13.75
CA SER Z 258 85.48 77.30 -13.47
C SER Z 258 85.18 76.83 -12.04
N VAL Z 259 85.14 77.73 -11.07
CA VAL Z 259 84.78 77.37 -9.71
C VAL Z 259 83.32 76.92 -9.67
N ARG Z 260 82.43 77.67 -10.31
CA ARG Z 260 81.01 77.34 -10.38
C ARG Z 260 80.82 75.93 -10.92
N GLU Z 261 81.51 75.65 -12.01
CA GLU Z 261 81.48 74.35 -12.66
C GLU Z 261 82.08 73.27 -11.77
N ALA Z 262 83.19 73.57 -11.09
CA ALA Z 262 83.81 72.64 -10.18
C ALA Z 262 82.81 72.25 -9.09
N VAL Z 263 82.22 73.23 -8.44
CA VAL Z 263 81.23 72.97 -7.40
C VAL Z 263 80.08 72.15 -7.98
N ARG Z 264 79.56 72.55 -9.15
CA ARG Z 264 78.47 71.83 -9.77
C ARG Z 264 78.84 70.37 -10.01
N LEU Z 265 80.03 70.09 -10.51
CA LEU Z 265 80.43 68.72 -10.77
C LEU Z 265 80.72 67.96 -9.47
N ILE Z 266 81.35 68.59 -8.50
CA ILE Z 266 81.64 67.92 -7.22
C ILE Z 266 80.34 67.52 -6.57
N SER Z 267 79.41 68.47 -6.47
CA SER Z 267 78.10 68.23 -5.90
C SER Z 267 77.35 67.19 -6.70
N LYS Z 268 77.36 67.25 -8.03
CA LYS Z 268 76.74 66.24 -8.89
C LYS Z 268 77.28 64.86 -8.54
N LEU Z 269 78.60 64.68 -8.58
CA LEU Z 269 79.21 63.37 -8.30
C LEU Z 269 78.87 62.92 -6.88
N THR Z 270 78.85 63.85 -5.94
CA THR Z 270 78.44 63.56 -4.59
C THR Z 270 77.00 63.03 -4.57
N GLN Z 271 76.07 63.73 -5.22
CA GLN Z 271 74.67 63.33 -5.26
C GLN Z 271 74.51 61.96 -5.88
N GLU Z 272 75.14 61.72 -7.02
CA GLU Z 272 75.10 60.39 -7.64
C GLU Z 272 75.63 59.33 -6.67
N GLY Z 273 76.74 59.61 -5.98
CA GLY Z 273 77.33 58.69 -5.03
C GLY Z 273 76.36 58.33 -3.92
N LEU Z 274 75.76 59.32 -3.27
CA LEU Z 274 74.76 59.07 -2.23
C LEU Z 274 73.59 58.27 -2.81
N LYS Z 275 73.13 58.62 -4.02
CA LYS Z 275 72.04 57.87 -4.66
C LYS Z 275 72.40 56.39 -4.84
N GLN Z 276 73.64 56.06 -5.18
CA GLN Z 276 74.06 54.66 -5.29
C GLN Z 276 73.93 53.95 -3.94
N LEU Z 277 74.49 54.53 -2.87
CA LEU Z 277 74.44 53.93 -1.53
C LEU Z 277 72.99 53.78 -1.05
N LYS Z 278 72.12 54.75 -1.34
CA LYS Z 278 70.69 54.67 -1.05
C LYS Z 278 70.03 53.51 -1.81
N GLU Z 279 70.33 53.37 -3.10
CA GLU Z 279 69.70 52.33 -3.92
C GLU Z 279 70.14 50.91 -3.53
N ILE Z 280 71.41 50.68 -3.18
CA ILE Z 280 71.88 49.37 -2.69
C ILE Z 280 71.39 49.06 -1.26
N GLY Z 281 70.89 50.06 -0.53
CA GLY Z 281 70.38 49.89 0.83
C GLY Z 281 71.49 49.79 1.90
N ALA Z 282 72.60 50.50 1.72
CA ALA Z 282 73.69 50.54 2.69
C ALA Z 282 73.26 51.17 4.04
N PRO Z 283 73.89 50.80 5.18
CA PRO Z 283 73.66 51.50 6.45
C PRO Z 283 73.96 53.00 6.33
N PRO Z 284 73.19 53.86 7.00
CA PRO Z 284 73.43 55.31 6.99
C PRO Z 284 74.86 55.71 7.39
N GLU Z 285 75.59 54.88 8.13
CA GLU Z 285 76.96 55.18 8.55
C GLU Z 285 77.86 55.49 7.35
N GLN Z 286 77.85 54.64 6.33
CA GLN Z 286 78.62 54.90 5.11
C GLN Z 286 78.15 56.18 4.43
N ILE Z 287 76.83 56.42 4.40
CA ILE Z 287 76.25 57.62 3.78
C ILE Z 287 76.78 58.87 4.48
N GLU Z 288 76.77 58.85 5.81
CA GLU Z 288 77.25 59.95 6.63
C GLU Z 288 78.75 60.20 6.41
N ARG Z 289 79.56 59.13 6.29
CA ARG Z 289 80.98 59.29 5.99
C ARG Z 289 81.17 59.99 4.65
N VAL Z 290 80.56 59.49 3.58
CA VAL Z 290 80.73 60.14 2.28
C VAL Z 290 80.12 61.54 2.28
N ALA Z 291 79.05 61.79 3.02
CA ALA Z 291 78.51 63.13 3.15
C ALA Z 291 79.55 64.08 3.77
N GLU Z 292 80.19 63.67 4.86
CA GLU Z 292 81.28 64.44 5.45
C GLU Z 292 82.39 64.65 4.44
N HIS Z 293 82.82 63.59 3.76
CA HIS Z 293 83.91 63.68 2.80
C HIS Z 293 83.58 64.70 1.72
N GLY Z 294 82.38 64.61 1.16
CA GLY Z 294 81.90 65.49 0.12
C GLY Z 294 81.92 66.94 0.62
N LEU Z 295 81.31 67.19 1.77
CA LEU Z 295 81.30 68.53 2.35
C LEU Z 295 82.72 69.03 2.57
N GLU Z 296 83.60 68.20 3.13
CA GLU Z 296 84.96 68.62 3.46
C GLU Z 296 85.73 69.02 2.20
N VAL Z 297 85.69 68.15 1.19
CA VAL Z 297 86.26 68.43 -0.13
C VAL Z 297 85.66 69.71 -0.69
N LEU Z 298 84.33 69.81 -0.63
CA LEU Z 298 83.63 70.94 -1.20
C LEU Z 298 84.12 72.22 -0.53
N LYS Z 299 84.23 72.21 0.78
CA LYS Z 299 84.77 73.32 1.56
C LYS Z 299 86.18 73.65 1.14
N GLU Z 300 87.06 72.67 0.98
CA GLU Z 300 88.42 72.95 0.52
C GLU Z 300 88.44 73.57 -0.87
N ILE Z 301 87.55 73.13 -1.76
CA ILE Z 301 87.44 73.74 -3.08
C ILE Z 301 86.85 75.14 -2.95
N ALA Z 302 85.81 75.34 -2.15
CA ALA Z 302 85.22 76.65 -1.95
C ALA Z 302 86.29 77.64 -1.44
N LYS Z 303 87.11 77.17 -0.50
CA LYS Z 303 88.28 77.88 0.02
C LYS Z 303 89.19 78.29 -1.12
N TYR Z 304 89.66 77.38 -1.96
CA TYR Z 304 90.47 77.76 -3.11
C TYR Z 304 89.73 78.76 -4.01
N GLY Z 305 88.47 78.46 -4.34
CA GLY Z 305 87.64 79.25 -5.24
C GLY Z 305 87.41 80.68 -4.76
N SER Z 306 87.39 80.90 -3.44
CA SER Z 306 87.28 82.24 -2.86
C SER Z 306 88.49 83.12 -3.21
N LYS Z 307 89.65 82.52 -3.46
CA LYS Z 307 90.86 83.24 -3.86
C LYS Z 307 90.79 83.69 -5.31
N LEU Z 308 90.15 82.87 -6.16
CA LEU Z 308 89.95 83.14 -7.60
C LEU Z 308 88.81 84.13 -7.89
N THR Z 309 87.83 84.25 -7.00
CA THR Z 309 86.53 84.90 -7.29
C THR Z 309 86.36 86.20 -6.51
N ASP Z 310 86.08 87.31 -7.20
CA ASP Z 310 85.87 88.63 -6.60
C ASP Z 310 84.47 89.24 -6.86
N SER Z 311 83.74 88.81 -7.89
CA SER Z 311 82.43 89.40 -8.22
C SER Z 311 81.35 88.95 -7.23
N PRO Z 312 80.56 89.89 -6.66
CA PRO Z 312 79.57 89.58 -5.63
C PRO Z 312 78.57 88.52 -6.06
N GLU Z 313 78.09 88.61 -7.30
CA GLU Z 313 77.11 87.67 -7.85
C GLU Z 313 77.62 86.23 -7.74
N LEU Z 314 78.80 85.95 -8.29
CA LEU Z 314 79.33 84.59 -8.31
C LEU Z 314 79.61 84.13 -6.88
N LYS Z 315 80.19 84.98 -6.03
CA LYS Z 315 80.39 84.65 -4.62
C LYS Z 315 79.07 84.21 -3.97
N ARG Z 316 78.02 85.00 -4.12
CA ARG Z 316 76.69 84.69 -3.55
C ARG Z 316 76.15 83.40 -4.12
N GLU Z 317 76.09 83.27 -5.44
CA GLU Z 317 75.53 82.09 -6.07
C GLU Z 317 76.33 80.84 -5.69
N LEU Z 318 77.65 80.93 -5.58
CA LEU Z 318 78.46 79.82 -5.11
C LEU Z 318 77.98 79.38 -3.74
N TYR Z 319 77.90 80.31 -2.80
CA TYR Z 319 77.40 79.98 -1.47
C TYR Z 319 76.00 79.35 -1.56
N ARG Z 320 75.13 79.92 -2.39
CA ARG Z 320 73.78 79.39 -2.56
C ARG Z 320 73.85 77.94 -3.00
N ILE Z 321 74.67 77.63 -3.98
CA ILE Z 321 74.84 76.25 -4.43
C ILE Z 321 75.38 75.37 -3.30
N ILE Z 322 76.29 75.86 -2.45
CA ILE Z 322 76.72 75.08 -1.29
C ILE Z 322 75.50 74.72 -0.46
N SER Z 323 74.66 75.72 -0.18
CA SER Z 323 73.46 75.48 0.60
C SER Z 323 72.50 74.53 -0.11
N GLU Z 324 72.31 74.66 -1.42
CA GLU Z 324 71.49 73.71 -2.16
C GLU Z 324 72.05 72.31 -2.01
N THR Z 325 73.37 72.17 -2.06
CA THR Z 325 74.03 70.88 -1.91
C THR Z 325 73.70 70.30 -0.55
N ALA Z 326 73.83 71.11 0.49
CA ALA Z 326 73.47 70.68 1.83
C ALA Z 326 72.00 70.27 1.88
N LYS Z 327 71.10 71.08 1.35
CA LYS Z 327 69.66 70.80 1.38
C LYS Z 327 69.37 69.48 0.69
N GLU Z 328 69.93 69.28 -0.48
CA GLU Z 328 69.75 68.04 -1.23
C GLU Z 328 70.32 66.85 -0.47
N LEU Z 329 71.56 66.92 0.03
CA LEU Z 329 72.15 65.75 0.68
C LEU Z 329 71.41 65.40 1.97
N LEU Z 330 70.93 66.41 2.69
CA LEU Z 330 70.08 66.20 3.86
C LEU Z 330 68.79 65.51 3.41
N LYS Z 331 68.12 66.03 2.38
CA LYS Z 331 66.88 65.45 1.86
C LYS Z 331 67.07 63.99 1.46
N ILE Z 332 68.17 63.70 0.78
CA ILE Z 332 68.52 62.34 0.35
C ILE Z 332 68.72 61.45 1.57
N LEU Z 333 69.42 61.91 2.61
CA LEU Z 333 69.62 61.12 3.81
C LEU Z 333 68.29 60.83 4.52
N ALA Z 334 67.41 61.83 4.58
CA ALA Z 334 66.07 61.68 5.15
C ALA Z 334 65.21 60.70 4.33
N GLU Z 335 65.24 60.79 3.01
CA GLU Z 335 64.60 59.79 2.13
C GLU Z 335 65.21 58.40 2.36
N GLY Z 336 66.51 58.33 2.66
CA GLY Z 336 67.23 57.12 3.04
C GLY Z 336 66.78 56.49 4.36
N GLY Z 337 65.83 57.10 5.08
CA GLY Z 337 65.24 56.51 6.29
C GLY Z 337 66.18 56.45 7.50
N ALA Z 338 67.24 57.27 7.53
CA ALA Z 338 68.17 57.34 8.66
C ALA Z 338 67.49 57.85 9.95
N THR Z 339 68.00 57.44 11.12
CA THR Z 339 67.45 57.87 12.42
C THR Z 339 67.75 59.36 12.70
N PRO Z 340 66.93 60.04 13.50
CA PRO Z 340 67.21 61.40 13.95
C PRO Z 340 68.62 61.57 14.52
N GLU Z 341 69.15 60.54 15.18
CA GLU Z 341 70.50 60.53 15.75
C GLU Z 341 71.57 60.79 14.68
N GLN Z 342 71.40 60.28 13.47
CA GLN Z 342 72.28 60.62 12.35
C GLN Z 342 71.91 61.99 11.76
N LEU Z 343 70.60 62.26 11.61
CA LEU Z 343 70.15 63.50 10.97
C LEU Z 343 70.69 64.72 11.71
N GLU Z 344 70.67 64.72 13.03
CA GLU Z 344 71.21 65.84 13.80
C GLU Z 344 72.73 65.99 13.58
N ARG Z 345 73.50 64.90 13.61
CA ARG Z 345 74.96 64.94 13.38
C ARG Z 345 75.25 65.61 12.05
N VAL Z 346 74.60 65.12 11.00
CA VAL Z 346 74.79 65.66 9.65
C VAL Z 346 74.32 67.10 9.60
N THR Z 347 73.15 67.42 10.12
CA THR Z 347 72.63 68.79 10.07
C THR Z 347 73.59 69.75 10.74
N LYS Z 348 74.09 69.38 11.92
CA LYS Z 348 75.05 70.18 12.67
C LYS Z 348 76.32 70.37 11.86
N HIS Z 349 76.90 69.28 11.37
CA HIS Z 349 78.09 69.36 10.55
C HIS Z 349 77.87 70.25 9.33
N ALA Z 350 76.74 70.09 8.65
CA ALA Z 350 76.42 70.87 7.47
C ALA Z 350 76.35 72.35 7.81
N LEU Z 351 75.63 72.71 8.87
CA LEU Z 351 75.59 74.08 9.33
C LEU Z 351 76.99 74.57 9.63
N GLU Z 352 77.81 73.79 10.32
CA GLU Z 352 79.15 74.19 10.69
C GLU Z 352 80.04 74.38 9.47
N VAL Z 353 79.95 73.50 8.48
CA VAL Z 353 80.65 73.69 7.23
C VAL Z 353 80.18 74.98 6.58
N LEU Z 354 78.86 75.19 6.51
CA LEU Z 354 78.32 76.41 5.93
C LEU Z 354 78.88 77.62 6.67
N LYS Z 355 78.96 77.56 8.00
CA LYS Z 355 79.51 78.61 8.84
C LYS Z 355 80.96 78.85 8.45
N GLU Z 356 81.77 77.81 8.39
CA GLU Z 356 83.18 77.97 8.02
C GLU Z 356 83.31 78.57 6.62
N VAL Z 357 82.50 78.13 5.67
CA VAL Z 357 82.54 78.68 4.31
C VAL Z 357 82.11 80.14 4.33
N ALA Z 358 81.08 80.49 5.08
CA ALA Z 358 80.66 81.87 5.20
C ALA Z 358 81.81 82.70 5.78
N LYS Z 359 82.43 82.22 6.86
CA LYS Z 359 83.57 82.90 7.50
C LYS Z 359 84.72 83.08 6.53
N GLU Z 360 84.93 82.14 5.62
CA GLU Z 360 85.96 82.28 4.60
C GLU Z 360 85.56 83.34 3.56
N LEU Z 361 84.34 83.31 3.06
CA LEU Z 361 83.93 84.12 1.91
C LEU Z 361 83.54 85.55 2.30
N ALA Z 362 82.78 85.72 3.38
CA ALA Z 362 81.99 86.93 3.59
C ALA Z 362 82.84 88.18 3.80
N ASP Z 363 82.51 89.27 3.09
CA ASP Z 363 83.20 90.56 3.16
C ASP Z 363 82.30 91.80 2.90
N SER Z 364 80.98 91.63 2.78
CA SER Z 364 80.01 92.75 2.79
C SER Z 364 78.67 92.34 3.42
N PRO Z 365 77.93 93.26 4.08
CA PRO Z 365 76.77 92.91 4.87
C PRO Z 365 75.70 92.14 4.09
N GLU Z 366 75.49 92.49 2.82
CA GLU Z 366 74.48 91.87 1.98
C GLU Z 366 74.77 90.39 1.81
N SER Z 367 76.03 90.05 1.50
CA SER Z 367 76.47 88.66 1.43
C SER Z 367 76.32 87.97 2.79
N GLY Z 368 76.58 88.69 3.88
CA GLY Z 368 76.33 88.18 5.23
C GLY Z 368 74.86 87.78 5.39
N LEU Z 369 73.95 88.69 5.07
CA LEU Z 369 72.52 88.40 5.14
C LEU Z 369 72.16 87.23 4.25
N ALA Z 370 72.68 87.16 3.03
CA ALA Z 370 72.39 86.03 2.16
C ALA Z 370 72.85 84.72 2.83
N ALA Z 371 74.09 84.66 3.32
CA ALA Z 371 74.63 83.46 3.94
C ALA Z 371 73.82 83.07 5.17
N LEU Z 372 73.50 84.07 5.99
CA LEU Z 372 72.59 83.91 7.11
C LEU Z 372 71.29 83.29 6.63
N ALA Z 373 70.65 83.87 5.63
CA ALA Z 373 69.35 83.43 5.18
C ALA Z 373 69.41 81.99 4.69
N ALA Z 374 70.46 81.65 3.94
CA ALA Z 374 70.70 80.30 3.51
C ALA Z 374 70.82 79.37 4.72
N ILE Z 375 71.65 79.71 5.69
CA ILE Z 375 71.81 78.93 6.90
C ILE Z 375 70.46 78.74 7.56
N ALA Z 376 69.71 79.81 7.73
CA ALA Z 376 68.40 79.77 8.36
C ALA Z 376 67.47 78.83 7.59
N SER Z 377 67.44 78.93 6.27
CA SER Z 377 66.59 78.05 5.48
C SER Z 377 67.00 76.59 5.66
N LEU Z 378 68.30 76.31 5.77
CA LEU Z 378 68.77 74.96 6.01
C LEU Z 378 68.28 74.47 7.36
N ALA Z 379 68.36 75.31 8.38
CA ALA Z 379 67.78 74.96 9.66
C ALA Z 379 66.28 74.68 9.54
N LYS Z 380 65.54 75.50 8.77
CA LYS Z 380 64.11 75.32 8.55
C LYS Z 380 63.83 73.97 7.91
N LEU Z 381 64.55 73.65 6.84
CA LEU Z 381 64.39 72.37 6.16
C LEU Z 381 64.73 71.21 7.10
N GLY Z 382 65.84 71.31 7.83
CA GLY Z 382 66.30 70.26 8.73
C GLY Z 382 65.27 69.99 9.83
N LEU Z 383 64.78 71.06 10.46
CA LEU Z 383 63.73 70.95 11.46
C LEU Z 383 62.45 70.36 10.85
N GLU Z 384 62.12 70.71 9.61
CA GLU Z 384 60.96 70.11 8.93
C GLU Z 384 61.14 68.60 8.74
N GLN Z 385 62.35 68.12 8.41
CA GLN Z 385 62.60 66.68 8.34
C GLN Z 385 62.49 66.03 9.72
N LEU Z 386 63.11 66.63 10.73
CA LEU Z 386 63.06 66.13 12.11
C LEU Z 386 61.62 66.05 12.63
N LYS Z 387 60.78 67.04 12.28
CA LYS Z 387 59.35 67.03 12.58
C LYS Z 387 58.64 65.90 11.84
N GLU Z 388 58.92 65.70 10.56
CA GLU Z 388 58.28 64.65 9.76
C GLU Z 388 58.61 63.24 10.29
N ILE Z 389 59.87 62.97 10.66
CA ILE Z 389 60.24 61.69 11.30
C ILE Z 389 59.77 61.60 12.76
N GLY Z 390 59.25 62.69 13.33
CA GLY Z 390 58.72 62.72 14.69
C GLY Z 390 59.79 62.69 15.77
N ALA Z 391 60.95 63.30 15.53
CA ALA Z 391 62.02 63.43 16.53
C ALA Z 391 61.51 64.17 17.79
N PRO Z 392 61.99 63.81 19.00
CA PRO Z 392 61.45 64.36 20.23
C PRO Z 392 61.77 65.85 20.37
N PRO Z 393 60.91 66.63 21.05
CA PRO Z 393 61.15 68.05 21.30
C PRO Z 393 62.54 68.35 21.86
N GLU Z 394 63.11 67.46 22.67
CA GLU Z 394 64.50 67.59 23.17
C GLU Z 394 65.51 67.72 22.02
N GLN Z 395 65.44 66.82 21.04
CA GLN Z 395 66.31 66.89 19.86
C GLN Z 395 65.99 68.13 19.03
N GLN Z 396 64.71 68.46 18.86
CA GLN Z 396 64.29 69.67 18.14
C GLN Z 396 64.90 70.92 18.79
N ARG Z 397 64.82 71.06 20.12
CA ARG Z 397 65.44 72.14 20.87
C ARG Z 397 66.94 72.13 20.64
N ARG Z 398 67.63 71.01 20.90
CA ARG Z 398 69.09 70.90 20.74
C ARG Z 398 69.54 71.43 19.39
N VAL Z 399 68.94 70.92 18.32
CA VAL Z 399 69.24 71.35 16.96
C VAL Z 399 68.90 72.82 16.77
N THR Z 400 67.71 73.25 17.18
CA THR Z 400 67.28 74.63 16.92
C THR Z 400 68.20 75.62 17.62
N LYS Z 401 68.54 75.34 18.88
CA LYS Z 401 69.46 76.14 19.66
C LYS Z 401 70.83 76.16 19.00
N ALA Z 402 71.33 75.02 18.55
CA ALA Z 402 72.58 75.02 17.80
C ALA Z 402 72.46 75.89 16.54
N GLY Z 403 71.31 75.87 15.87
CA GLY Z 403 71.04 76.74 14.73
C GLY Z 403 71.09 78.21 15.12
N ILE Z 404 70.39 78.57 16.20
CA ILE Z 404 70.45 79.92 16.73
C ILE Z 404 71.90 80.29 17.05
N GLU Z 405 72.66 79.41 17.67
CA GLU Z 405 74.05 79.66 18.01
C GLU Z 405 74.90 79.84 16.77
N ALA Z 406 74.67 79.05 15.72
CA ALA Z 406 75.36 79.26 14.46
C ALA Z 406 75.04 80.66 13.93
N VAL Z 407 73.77 81.05 13.96
CA VAL Z 407 73.38 82.41 13.58
C VAL Z 407 74.04 83.44 14.48
N ARG Z 408 74.18 83.18 15.77
CA ARG Z 408 74.87 84.09 16.68
C ARG Z 408 76.32 84.24 16.27
N GLU Z 409 77.01 83.15 15.97
CA GLU Z 409 78.39 83.22 15.47
C GLU Z 409 78.45 83.96 14.14
N ILE Z 410 77.48 83.73 13.26
CA ILE Z 410 77.36 84.48 12.02
C ILE Z 410 77.17 85.96 12.33
N TYR Z 411 76.36 86.32 13.33
CA TYR Z 411 76.23 87.71 13.71
C TYR Z 411 77.53 88.26 14.29
N ARG Z 412 78.28 87.48 15.07
CA ARG Z 412 79.60 87.90 15.53
C ARG Z 412 80.52 88.18 14.36
N TYR Z 413 80.41 87.45 13.26
CA TYR Z 413 81.08 87.83 12.01
C TYR Z 413 80.46 89.11 11.42
N GLY Z 414 79.13 89.19 11.35
CA GLY Z 414 78.38 90.34 10.82
C GLY Z 414 78.75 91.65 11.50
N ARG Z 415 79.06 91.63 12.80
CA ARG Z 415 79.55 92.78 13.57
C ARG Z 415 80.85 93.38 13.01
N LYS Z 416 81.64 92.62 12.25
CA LYS Z 416 82.81 93.15 11.52
C LYS Z 416 82.42 94.04 10.34
N LEU Z 417 81.32 93.69 9.67
CA LEU Z 417 80.92 94.24 8.37
C LEU Z 417 80.04 95.50 8.48
N TYR Z 418 79.33 95.67 9.60
CA TYR Z 418 78.29 96.69 9.81
C TYR Z 418 78.37 97.34 11.19
N ASP AA 3 70.89 37.16 -55.28
CA ASP AA 3 71.09 38.09 -56.43
C ASP AA 3 72.30 38.99 -56.26
N ASP AA 4 72.35 39.84 -55.23
CA ASP AA 4 73.38 40.90 -55.12
C ASP AA 4 74.82 40.38 -55.21
N LEU AA 5 75.07 39.14 -54.80
CA LEU AA 5 76.36 38.48 -54.98
C LEU AA 5 76.92 38.68 -56.39
N LEU AA 6 76.08 38.54 -57.42
CA LEU AA 6 76.51 38.75 -58.80
C LEU AA 6 77.07 40.16 -58.97
N LEU AA 7 76.30 41.16 -58.55
CA LEU AA 7 76.73 42.55 -58.62
C LEU AA 7 78.00 42.75 -57.80
N LYS AA 8 78.10 42.16 -56.63
CA LYS AA 8 79.30 42.25 -55.81
C LYS AA 8 80.51 41.66 -56.51
N LEU AA 9 80.36 40.55 -57.23
CA LEU AA 9 81.46 40.04 -58.05
C LEU AA 9 81.86 41.08 -59.08
N LEU AA 10 80.90 41.72 -59.73
CA LEU AA 10 81.23 42.77 -60.68
C LEU AA 10 82.00 43.89 -59.97
N GLU AA 11 81.60 44.30 -58.77
CA GLU AA 11 82.34 45.30 -58.02
C GLU AA 11 83.77 44.86 -57.78
N LEU AA 12 83.97 43.62 -57.33
CA LEU AA 12 85.30 43.12 -57.08
C LEU AA 12 86.12 43.15 -58.37
N LEU AA 13 85.53 42.67 -59.45
CA LEU AA 13 86.17 42.68 -60.74
C LEU AA 13 86.56 44.12 -61.11
N VAL AA 14 85.65 45.06 -60.96
CA VAL AA 14 85.91 46.46 -61.33
C VAL AA 14 87.02 47.03 -60.47
N GLU AA 15 86.95 46.85 -59.16
CA GLU AA 15 87.95 47.42 -58.29
C GLU AA 15 89.31 46.79 -58.58
N GLN AA 16 89.35 45.47 -58.77
CA GLN AA 16 90.59 44.82 -59.14
C GLN AA 16 91.06 45.30 -60.50
N ALA AA 17 90.16 45.57 -61.44
CA ALA AA 17 90.53 46.17 -62.70
C ALA AA 17 91.17 47.54 -62.45
N ARG AA 18 90.65 48.36 -61.53
CA ARG AA 18 91.30 49.63 -61.18
C ARG AA 18 92.70 49.36 -60.65
N VAL AA 19 92.83 48.52 -59.64
CA VAL AA 19 94.13 48.34 -58.97
C VAL AA 19 95.14 47.73 -59.92
N SER AA 20 94.73 46.72 -60.67
CA SER AA 20 95.60 46.14 -61.70
C SER AA 20 95.90 47.14 -62.81
N ALA AA 21 94.99 48.04 -63.18
CA ALA AA 21 95.28 49.09 -64.16
C ALA AA 21 96.21 50.16 -63.59
N GLU AA 22 96.12 50.53 -62.31
CA GLU AA 22 97.13 51.38 -61.69
C GLU AA 22 98.49 50.70 -61.71
N PHE AA 23 98.55 49.43 -61.29
CA PHE AA 23 99.75 48.62 -61.39
C PHE AA 23 100.29 48.61 -62.81
N ALA AA 24 99.45 48.32 -63.81
CA ALA AA 24 99.88 48.26 -65.19
C ALA AA 24 100.37 49.62 -65.71
N ARG AA 25 99.76 50.73 -65.27
CA ARG AA 25 100.26 52.09 -65.54
C ARG AA 25 101.61 52.37 -64.90
N ARG AA 26 101.83 51.85 -63.68
CA ARG AA 26 103.12 51.93 -62.99
C ARG AA 26 104.20 51.04 -63.64
N GLN AA 27 103.83 49.87 -64.19
CA GLN AA 27 104.75 48.96 -64.91
C GLN AA 27 104.97 49.33 -66.39
N GLY AA 28 104.02 49.99 -67.06
CA GLY AA 28 104.00 50.17 -68.52
C GLY AA 28 103.42 48.97 -69.31
N ASP AA 29 102.61 48.12 -68.68
CA ASP AA 29 102.08 46.90 -69.30
C ASP AA 29 100.82 47.16 -70.12
N GLU AA 30 101.00 47.59 -71.37
CA GLU AA 30 99.89 47.87 -72.28
C GLU AA 30 99.02 46.63 -72.55
N LYS AA 31 99.62 45.44 -72.56
CA LYS AA 31 98.87 44.19 -72.78
C LYS AA 31 97.93 43.92 -71.62
N MET AA 32 98.38 44.13 -70.38
CA MET AA 32 97.48 44.06 -69.25
C MET AA 32 96.39 45.11 -69.36
N LEU AA 33 96.72 46.36 -69.72
CA LEU AA 33 95.71 47.40 -69.87
C LEU AA 33 94.64 47.01 -70.89
N GLU AA 34 95.05 46.49 -72.05
CA GLU AA 34 94.13 45.95 -73.05
C GLU AA 34 93.24 44.86 -72.46
N GLU AA 35 93.83 43.87 -71.79
CA GLU AA 35 93.05 42.75 -71.24
C GLU AA 35 92.09 43.20 -70.13
N VAL AA 36 92.52 44.06 -69.21
CA VAL AA 36 91.60 44.53 -68.17
C VAL AA 36 90.55 45.45 -68.76
N ALA AA 37 90.85 46.21 -69.81
CA ALA AA 37 89.83 47.00 -70.50
C ALA AA 37 88.77 46.08 -71.10
N ARG AA 38 89.18 44.97 -71.73
CA ARG AA 38 88.23 43.95 -72.18
C ARG AA 38 87.40 43.44 -71.01
N LYS AA 39 88.05 43.01 -69.92
CA LYS AA 39 87.33 42.51 -68.74
C LYS AA 39 86.31 43.53 -68.22
N ALA AA 40 86.70 44.78 -68.12
CA ALA AA 40 85.84 45.85 -67.66
C ALA AA 40 84.67 46.07 -68.62
N GLU AA 41 84.92 46.11 -69.93
CA GLU AA 41 83.84 46.23 -70.91
C GLU AA 41 82.86 45.05 -70.80
N GLU AA 42 83.38 43.82 -70.72
CA GLU AA 42 82.54 42.63 -70.61
C GLU AA 42 81.73 42.64 -69.31
N VAL AA 43 82.35 43.02 -68.20
CA VAL AA 43 81.66 43.21 -66.94
C VAL AA 43 80.57 44.26 -67.10
N ALA AA 44 80.85 45.38 -67.78
CA ALA AA 44 79.84 46.40 -68.02
C ALA AA 44 78.70 45.85 -68.87
N ARG AA 45 79.00 45.01 -69.86
CA ARG AA 45 77.98 44.34 -70.66
C ARG AA 45 77.09 43.47 -69.77
N LYS AA 46 77.69 42.65 -68.89
CA LYS AA 46 76.94 41.90 -67.88
C LYS AA 46 76.06 42.84 -67.06
N ALA AA 47 76.65 43.91 -66.54
CA ALA AA 47 75.96 44.85 -65.69
C ALA AA 47 74.76 45.47 -66.41
N GLU AA 48 74.92 45.88 -67.67
CA GLU AA 48 73.81 46.44 -68.45
C GLU AA 48 72.70 45.42 -68.61
N GLU AA 49 73.01 44.19 -69.02
CA GLU AA 49 71.99 43.16 -69.17
C GLU AA 49 71.25 42.91 -67.86
N ILE AA 50 72.00 42.79 -66.76
CA ILE AA 50 71.43 42.61 -65.43
C ILE AA 50 70.55 43.81 -65.08
N ALA AA 51 71.00 45.04 -65.35
CA ALA AA 51 70.25 46.25 -65.05
C ALA AA 51 68.93 46.29 -65.82
N ARG AA 52 68.96 46.04 -67.13
CA ARG AA 52 67.74 46.02 -67.95
C ARG AA 52 66.78 44.93 -67.47
N LYS AA 53 67.29 43.76 -67.09
CA LYS AA 53 66.49 42.72 -66.45
C LYS AA 53 65.88 43.21 -65.14
N ALA AA 54 66.66 43.78 -64.24
CA ALA AA 54 66.17 44.30 -62.96
C ALA AA 54 65.06 45.35 -63.16
N ARG AA 55 65.21 46.23 -64.16
CA ARG AA 55 64.17 47.19 -64.51
C ARG AA 55 62.88 46.49 -64.95
N LYS AA 56 62.98 45.45 -65.78
CA LYS AA 56 61.81 44.63 -66.16
C LYS AA 56 61.18 43.92 -64.96
N GLU AA 57 62.00 43.40 -64.05
CA GLU AA 57 61.53 42.75 -62.82
C GLU AA 57 60.86 43.72 -61.83
N GLY AA 58 61.24 45.01 -61.85
CA GLY AA 58 60.85 45.98 -60.83
C GLY AA 58 61.74 45.96 -59.58
N ASN AA 59 62.92 45.32 -59.64
CA ASN AA 59 63.91 45.28 -58.56
C ASN AA 59 64.81 46.54 -58.58
N LEU AA 60 64.22 47.73 -58.43
CA LEU AA 60 64.91 49.00 -58.70
C LEU AA 60 66.12 49.25 -57.80
N GLU AA 61 66.15 48.68 -56.59
CA GLU AA 61 67.36 48.72 -55.77
C GLU AA 61 68.56 48.14 -56.53
N LEU AA 62 68.40 46.94 -57.08
CA LEU AA 62 69.43 46.32 -57.89
C LEU AA 62 69.75 47.18 -59.10
N ALA AA 63 68.75 47.77 -59.75
CA ALA AA 63 68.99 48.61 -60.91
C ALA AA 63 69.91 49.78 -60.55
N LEU AA 64 69.66 50.45 -59.43
CA LEU AA 64 70.53 51.51 -58.96
C LEU AA 64 71.93 50.99 -58.69
N LYS AA 65 72.05 49.86 -57.98
CA LYS AA 65 73.36 49.26 -57.73
C LYS AA 65 74.08 48.98 -59.05
N ALA AA 66 73.38 48.40 -60.00
CA ALA AA 66 73.94 48.05 -61.29
C ALA AA 66 74.35 49.29 -62.07
N LEU AA 67 73.57 50.36 -61.99
CA LEU AA 67 73.99 51.63 -62.56
C LEU AA 67 75.25 52.11 -61.87
N GLU AA 68 75.34 52.05 -60.55
CA GLU AA 68 76.56 52.51 -59.88
C GLU AA 68 77.76 51.69 -60.34
N ILE AA 69 77.59 50.39 -60.50
CA ILE AA 69 78.62 49.53 -61.08
C ILE AA 69 78.96 50.01 -62.49
N LEU AA 70 77.96 50.30 -63.32
CA LEU AA 70 78.21 50.80 -64.66
C LEU AA 70 79.03 52.09 -64.60
N VAL AA 71 78.71 52.97 -63.68
CA VAL AA 71 79.44 54.23 -63.49
C VAL AA 71 80.88 53.95 -63.11
N ARG AA 72 81.09 53.08 -62.11
CA ARG AA 72 82.44 52.72 -61.67
C ARG AA 72 83.22 52.12 -62.84
N ALA AA 73 82.62 51.19 -63.55
CA ALA AA 73 83.22 50.53 -64.69
C ALA AA 73 83.57 51.55 -65.77
N ALA AA 74 82.65 52.46 -66.06
CA ALA AA 74 82.92 53.54 -66.99
C ALA AA 74 84.11 54.36 -66.51
N HIS AA 75 84.20 54.65 -65.21
CA HIS AA 75 85.29 55.49 -64.71
C HIS AA 75 86.65 54.85 -65.01
N VAL AA 76 86.84 53.59 -64.65
CA VAL AA 76 88.11 52.93 -64.95
C VAL AA 76 88.34 52.83 -66.47
N LEU AA 77 87.29 52.51 -67.24
CA LEU AA 77 87.41 52.44 -68.69
C LEU AA 77 87.86 53.79 -69.25
N ALA AA 78 87.30 54.87 -68.73
CA ALA AA 78 87.64 56.22 -69.13
C ALA AA 78 89.09 56.55 -68.76
N GLU AA 79 89.54 56.22 -67.54
CA GLU AA 79 90.95 56.44 -67.18
C GLU AA 79 91.88 55.73 -68.18
N ILE AA 80 91.61 54.46 -68.47
CA ILE AA 80 92.44 53.70 -69.40
C ILE AA 80 92.41 54.33 -70.79
N ALA AA 81 91.21 54.59 -71.31
CA ALA AA 81 91.07 55.15 -72.65
C ALA AA 81 91.70 56.55 -72.79
N ARG AA 82 91.60 57.38 -71.75
CA ARG AA 82 92.16 58.75 -71.69
C ARG AA 82 93.69 58.73 -71.73
N GLU AA 83 94.32 57.88 -70.92
CA GLU AA 83 95.79 57.75 -70.96
C GLU AA 83 96.28 57.04 -72.22
N ARG AA 84 95.50 56.12 -72.77
CA ARG AA 84 95.79 55.44 -74.05
C ARG AA 84 95.58 56.33 -75.29
N GLY AA 85 94.78 57.38 -75.17
CA GLY AA 85 94.40 58.26 -76.28
C GLY AA 85 93.41 57.64 -77.27
N ASN AA 86 92.69 56.58 -76.88
CA ASN AA 86 91.71 55.91 -77.74
C ASN AA 86 90.38 56.66 -77.75
N GLU AA 87 89.97 57.20 -78.89
CA GLU AA 87 88.70 57.94 -79.00
C GLU AA 87 87.47 57.03 -78.91
N GLU AA 88 87.52 55.84 -79.49
CA GLU AA 88 86.33 54.97 -79.62
C GLU AA 88 85.81 54.52 -78.25
N LEU AA 89 86.73 54.12 -77.36
CA LEU AA 89 86.41 53.82 -75.97
C LEU AA 89 85.87 55.05 -75.23
N GLN AA 90 86.44 56.24 -75.43
CA GLN AA 90 85.93 57.45 -74.78
C GLN AA 90 84.51 57.78 -75.26
N LYS AA 91 84.26 57.64 -76.56
CA LYS AA 91 82.92 57.86 -77.16
C LYS AA 91 81.93 56.84 -76.61
N LYS AA 92 82.31 55.55 -76.53
CA LYS AA 92 81.52 54.53 -75.82
C LYS AA 92 81.19 54.96 -74.40
N ALA AA 93 82.20 55.31 -73.61
CA ALA AA 93 82.00 55.71 -72.22
C ALA AA 93 81.04 56.90 -72.11
N HIS AA 94 81.22 57.95 -72.91
CA HIS AA 94 80.36 59.12 -72.86
C HIS AA 94 78.91 58.76 -73.21
N LYS AA 95 78.70 58.01 -74.30
CA LYS AA 95 77.36 57.54 -74.68
C LYS AA 95 76.73 56.67 -73.59
N LEU AA 96 77.48 55.72 -73.06
CA LEU AA 96 77.02 54.86 -71.98
C LEU AA 96 76.65 55.69 -70.75
N ALA AA 97 77.47 56.68 -70.40
CA ALA AA 97 77.17 57.58 -69.29
C ALA AA 97 75.88 58.38 -69.55
N LYS AA 98 75.68 58.88 -70.76
CA LYS AA 98 74.42 59.55 -71.11
C LYS AA 98 73.25 58.60 -70.98
N GLU AA 99 73.38 57.36 -71.45
CA GLU AA 99 72.34 56.34 -71.29
C GLU AA 99 72.08 56.07 -69.81
N ALA AA 100 73.12 55.98 -69.00
CA ALA AA 100 72.97 55.83 -67.56
C ALA AA 100 72.24 57.04 -66.97
N LEU AA 101 72.55 58.25 -67.43
CA LEU AA 101 71.86 59.44 -66.97
C LEU AA 101 70.38 59.35 -67.32
N ARG AA 102 70.05 58.99 -68.55
CA ARG AA 102 68.68 58.79 -68.99
C ARG AA 102 67.99 57.76 -68.09
N GLN AA 103 68.62 56.61 -67.88
CA GLN AA 103 68.10 55.56 -67.01
C GLN AA 103 67.84 56.10 -65.61
N VAL AA 104 68.83 56.74 -64.98
CA VAL AA 104 68.67 57.16 -63.59
C VAL AA 104 67.61 58.25 -63.49
N ILE AA 105 67.50 59.14 -64.48
CA ILE AA 105 66.44 60.14 -64.51
C ILE AA 105 65.09 59.46 -64.53
N GLU AA 106 64.89 58.50 -65.43
CA GLU AA 106 63.63 57.78 -65.50
C GLU AA 106 63.35 57.02 -64.20
N ILE AA 107 64.38 56.42 -63.62
CA ILE AA 107 64.23 55.76 -62.33
C ILE AA 107 63.86 56.79 -61.26
N ALA AA 108 64.41 58.00 -61.29
CA ALA AA 108 64.07 59.04 -60.33
C ALA AA 108 62.60 59.46 -60.49
N ILE AA 109 62.13 59.58 -61.73
CA ILE AA 109 60.71 59.81 -61.99
C ILE AA 109 59.89 58.65 -61.43
N ARG AA 110 60.30 57.40 -61.68
CA ARG AA 110 59.60 56.23 -61.13
C ARG AA 110 59.60 56.24 -59.61
N ALA AA 111 60.70 56.59 -58.98
CA ALA AA 111 60.82 56.65 -57.53
C ALA AA 111 59.91 57.74 -56.95
N ILE AA 112 59.77 58.87 -57.63
CA ILE AA 112 58.78 59.89 -57.27
C ILE AA 112 57.37 59.28 -57.37
N GLN AA 113 57.06 58.57 -58.46
CA GLN AA 113 55.78 57.85 -58.58
C GLN AA 113 55.56 56.85 -57.42
N GLU AA 114 56.57 56.07 -57.05
CA GLU AA 114 56.45 55.06 -55.98
C GLU AA 114 56.43 55.65 -54.56
N GLY AA 115 56.91 56.88 -54.37
CA GLY AA 115 56.80 57.64 -53.11
C GLY AA 115 57.79 57.28 -52.00
N ASN AA 116 58.60 56.21 -52.14
CA ASN AA 116 59.74 55.99 -51.23
C ASN AA 116 60.94 56.84 -51.65
N LEU AA 117 60.89 58.13 -51.30
CA LEU AA 117 61.83 59.13 -51.82
C LEU AA 117 63.29 58.88 -51.42
N GLU AA 118 63.58 57.99 -50.48
CA GLU AA 118 64.96 57.55 -50.26
C GLU AA 118 65.56 56.96 -51.53
N LEU AA 119 64.81 56.17 -52.28
CA LEU AA 119 65.29 55.66 -53.56
C LEU AA 119 65.60 56.82 -54.50
N ALA AA 120 64.69 57.82 -54.56
CA ALA AA 120 64.92 58.99 -55.39
C ALA AA 120 66.19 59.71 -54.96
N ILE AA 121 66.40 59.89 -53.66
CA ILE AA 121 67.60 60.52 -53.12
C ILE AA 121 68.84 59.73 -53.54
N ILE AA 122 68.83 58.41 -53.37
CA ILE AA 122 69.98 57.57 -53.71
C ILE AA 122 70.26 57.67 -55.20
N ALA AA 123 69.22 57.53 -56.02
CA ALA AA 123 69.31 57.70 -57.45
C ALA AA 123 69.90 59.06 -57.78
N LEU AA 124 69.45 60.11 -57.10
CA LEU AA 124 69.91 61.45 -57.36
C LEU AA 124 71.39 61.56 -56.98
N HIS AA 125 71.83 60.92 -55.90
CA HIS AA 125 73.25 60.84 -55.57
C HIS AA 125 74.04 60.11 -56.65
N ILE AA 126 73.52 59.00 -57.15
CA ILE AA 126 74.13 58.31 -58.28
C ILE AA 126 74.20 59.25 -59.47
N SER AA 127 73.18 60.08 -59.69
CA SER AA 127 73.24 61.05 -60.77
C SER AA 127 74.41 62.01 -60.56
N VAL AA 128 74.67 62.42 -59.32
CA VAL AA 128 75.84 63.25 -59.04
C VAL AA 128 77.12 62.48 -59.35
N ARG AA 129 77.20 61.19 -59.01
CA ARG AA 129 78.34 60.37 -59.44
C ARG AA 129 78.46 60.34 -60.97
N ILE AA 130 77.34 60.19 -61.67
CA ILE AA 130 77.32 60.23 -63.13
C ILE AA 130 77.86 61.58 -63.60
N ALA AA 131 77.44 62.67 -62.98
CA ALA AA 131 77.93 63.98 -63.33
C ALA AA 131 79.45 64.07 -63.15
N GLU AA 132 80.00 63.56 -62.06
CA GLU AA 132 81.46 63.54 -61.88
C GLU AA 132 82.14 62.77 -63.01
N VAL AA 133 81.64 61.58 -63.33
CA VAL AA 133 82.23 60.79 -64.41
C VAL AA 133 82.10 61.53 -65.73
N LEU AA 134 80.94 62.08 -66.04
CA LEU AA 134 80.75 62.88 -67.24
C LEU AA 134 81.75 64.05 -67.25
N LEU AA 135 81.96 64.70 -66.12
CA LEU AA 135 82.82 65.88 -66.04
C LEU AA 135 84.29 65.49 -66.27
N GLU AA 136 84.72 64.33 -65.79
CA GLU AA 136 86.02 63.79 -66.19
C GLU AA 136 86.04 63.38 -67.67
N THR AA 137 84.89 62.97 -68.21
CA THR AA 137 84.81 62.49 -69.59
C THR AA 137 84.93 63.64 -70.59
N ARG AA 138 84.13 64.71 -70.44
CA ARG AA 138 84.08 65.86 -71.37
C ARG AA 138 83.85 67.20 -70.63
N PRO AA 139 84.91 67.88 -70.16
CA PRO AA 139 84.82 69.23 -69.58
C PRO AA 139 84.22 70.29 -70.53
N ASP AA 140 84.31 70.08 -71.85
CA ASP AA 140 83.86 71.02 -72.89
C ASP AA 140 82.37 70.87 -73.29
N ASP AA 141 81.74 69.72 -73.04
CA ASP AA 141 80.34 69.43 -73.39
C ASP AA 141 79.33 70.06 -72.39
N ARG AA 142 79.65 71.27 -71.93
CA ARG AA 142 79.13 71.88 -70.69
C ARG AA 142 77.61 72.05 -70.67
N GLU AA 143 76.99 72.15 -71.83
CA GLU AA 143 75.54 72.24 -71.97
C GLU AA 143 74.87 71.01 -71.37
N GLU AA 144 75.39 69.81 -71.63
CA GLU AA 144 74.86 68.58 -71.06
C GLU AA 144 74.90 68.65 -69.53
N ILE AA 145 76.01 69.14 -68.99
CA ILE AA 145 76.20 69.28 -67.55
C ILE AA 145 75.19 70.29 -67.01
N ARG AA 146 75.08 71.46 -67.64
CA ARG AA 146 74.11 72.46 -67.18
C ARG AA 146 72.68 71.93 -67.27
N GLU AA 147 72.34 71.19 -68.32
CA GLU AA 147 71.04 70.54 -68.42
C GLU AA 147 70.85 69.56 -67.26
N GLN AA 148 71.83 68.72 -66.99
CA GLN AA 148 71.75 67.81 -65.86
C GLN AA 148 71.57 68.60 -64.56
N GLN AA 149 72.28 69.71 -64.39
CA GLN AA 149 72.12 70.55 -63.22
C GLN AA 149 70.72 71.13 -63.15
N ALA AA 150 70.16 71.63 -64.24
CA ALA AA 150 68.81 72.13 -64.25
C ALA AA 150 67.82 71.03 -63.86
N ILE AA 151 68.02 69.84 -64.42
CA ILE AA 151 67.20 68.67 -64.11
C ILE AA 151 67.29 68.37 -62.62
N PHE AA 152 68.51 68.29 -62.10
CA PHE AA 152 68.77 68.07 -60.69
C PHE AA 152 68.11 69.15 -59.83
N GLU AA 153 68.25 70.42 -60.20
CA GLU AA 153 67.68 71.54 -59.47
C GLU AA 153 66.17 71.41 -59.41
N LEU AA 154 65.54 71.07 -60.53
CA LEU AA 154 64.11 70.82 -60.57
C LEU AA 154 63.77 69.63 -59.68
N LEU AA 155 64.50 68.54 -59.76
CA LEU AA 155 64.23 67.37 -58.95
C LEU AA 155 64.36 67.70 -57.47
N ILE AA 156 65.41 68.40 -57.06
CA ILE AA 156 65.57 68.84 -55.68
C ILE AA 156 64.42 69.75 -55.28
N ALA AA 157 64.04 70.70 -56.13
CA ALA AA 157 62.92 71.58 -55.80
C ALA AA 157 61.65 70.75 -55.57
N ALA AA 158 61.41 69.77 -56.44
CA ALA AA 158 60.26 68.89 -56.33
C ALA AA 158 60.32 68.10 -55.02
N LEU AA 159 61.46 67.49 -54.73
CA LEU AA 159 61.68 66.76 -53.48
C LEU AA 159 61.51 67.68 -52.26
N GLU AA 160 61.95 68.93 -52.29
CA GLU AA 160 61.79 69.86 -51.17
C GLU AA 160 60.32 70.14 -50.91
N ALA AA 161 59.57 70.46 -51.96
CA ALA AA 161 58.13 70.63 -51.81
C ALA AA 161 57.51 69.33 -51.29
N ALA AA 162 57.90 68.19 -51.87
CA ALA AA 162 57.33 66.90 -51.55
C ALA AA 162 57.57 66.54 -50.08
N ILE AA 163 58.81 66.58 -49.64
CA ILE AA 163 59.17 66.19 -48.28
C ILE AA 163 58.62 67.21 -47.27
N ARG AA 164 58.59 68.51 -47.60
CA ARG AA 164 57.90 69.50 -46.76
C ARG AA 164 56.44 69.12 -46.58
N LEU AA 165 55.74 68.88 -47.68
CA LEU AA 165 54.34 68.50 -47.66
C LEU AA 165 54.15 67.18 -46.88
N GLU AA 166 55.02 66.21 -47.07
CA GLU AA 166 54.97 64.93 -46.35
C GLU AA 166 55.11 65.15 -44.85
N LYS AA 167 56.03 66.03 -44.42
CA LYS AA 167 56.12 66.38 -43.00
C LYS AA 167 54.82 67.02 -42.53
N LEU AA 168 54.29 68.00 -43.25
CA LEU AA 168 53.02 68.61 -42.86
C LEU AA 168 51.89 67.57 -42.79
N LYS AA 169 51.89 66.56 -43.66
CA LYS AA 169 50.96 65.42 -43.60
C LYS AA 169 51.13 64.63 -42.31
N GLU AA 170 52.36 64.30 -41.94
CA GLU AA 170 52.66 63.59 -40.69
C GLU AA 170 52.30 64.43 -39.45
N GLU AA 171 52.53 65.74 -39.50
CA GLU AA 171 52.15 66.71 -38.47
C GLU AA 171 50.63 66.90 -38.34
N GLY AA 172 49.84 66.45 -39.33
CA GLY AA 172 48.40 66.66 -39.35
C GLY AA 172 48.00 68.13 -39.58
N ALA AA 173 48.78 68.87 -40.38
CA ALA AA 173 48.55 70.28 -40.67
C ALA AA 173 47.17 70.55 -41.30
N PRO AA 174 46.56 71.72 -41.07
CA PRO AA 174 45.21 72.00 -41.55
C PRO AA 174 45.18 72.19 -43.07
N PRO AA 175 44.10 71.79 -43.76
CA PRO AA 175 44.03 71.74 -45.21
C PRO AA 175 44.48 73.01 -45.93
N GLU AA 176 44.10 74.20 -45.46
CA GLU AA 176 44.49 75.45 -46.13
C GLU AA 176 46.00 75.70 -46.06
N GLN AA 177 46.68 75.27 -44.99
CA GLN AA 177 48.12 75.43 -44.91
C GLN AA 177 48.81 74.58 -45.98
N ILE AA 178 48.46 73.30 -46.07
CA ILE AA 178 49.02 72.42 -47.10
C ILE AA 178 48.63 72.87 -48.51
N GLU AA 179 47.42 73.41 -48.69
CA GLU AA 179 47.00 73.95 -49.98
C GLU AA 179 47.84 75.17 -50.39
N ARG AA 180 48.07 76.13 -49.48
CA ARG AA 180 48.93 77.29 -49.76
C ARG AA 180 50.35 76.86 -50.08
N VAL AA 181 50.89 75.92 -49.30
CA VAL AA 181 52.22 75.35 -49.56
C VAL AA 181 52.24 74.68 -50.94
N ALA AA 182 51.24 73.89 -51.29
CA ALA AA 182 51.19 73.19 -52.56
C ALA AA 182 51.14 74.18 -53.73
N GLU AA 183 50.29 75.19 -53.66
CA GLU AA 183 50.23 76.21 -54.71
C GLU AA 183 51.59 76.90 -54.84
N HIS AA 184 52.19 77.32 -53.74
CA HIS AA 184 53.50 77.97 -53.79
C HIS AA 184 54.54 77.05 -54.43
N GLY AA 185 54.54 75.77 -54.07
CA GLY AA 185 55.40 74.77 -54.69
C GLY AA 185 55.17 74.69 -56.20
N LEU AA 186 53.92 74.51 -56.61
CA LEU AA 186 53.59 74.43 -58.03
C LEU AA 186 54.01 75.71 -58.77
N GLU AA 187 53.73 76.89 -58.20
CA GLU AA 187 54.14 78.18 -58.77
C GLU AA 187 55.65 78.22 -58.95
N ARG AA 188 56.42 77.93 -57.90
CA ARG AA 188 57.88 77.91 -57.98
C ARG AA 188 58.35 76.91 -59.02
N LEU AA 189 57.77 75.71 -59.06
CA LEU AA 189 58.12 74.70 -60.05
C LEU AA 189 57.86 75.23 -61.46
N LYS AA 190 56.74 75.89 -61.68
CA LYS AA 190 56.43 76.51 -62.96
C LYS AA 190 57.43 77.60 -63.29
N GLU AA 191 57.79 78.46 -62.34
CA GLU AA 191 58.81 79.48 -62.58
C GLU AA 191 60.16 78.84 -62.95
N ILE AA 192 60.56 77.78 -62.24
CA ILE AA 192 61.75 77.02 -62.59
C ILE AA 192 61.62 76.45 -64.00
N ALA AA 193 60.49 75.84 -64.33
CA ALA AA 193 60.31 75.27 -65.66
C ALA AA 193 60.39 76.35 -66.74
N LYS AA 194 59.83 77.52 -66.49
CA LYS AA 194 59.92 78.68 -67.38
C LYS AA 194 61.37 79.09 -67.56
N GLU AA 195 62.13 79.20 -66.48
CA GLU AA 195 63.56 79.49 -66.59
C GLU AA 195 64.31 78.40 -67.37
N ILE AA 196 64.01 77.13 -67.12
CA ILE AA 196 64.59 76.01 -67.89
C ILE AA 196 64.24 76.15 -69.36
N SER AA 197 63.01 76.56 -69.69
CA SER AA 197 62.62 76.79 -71.08
C SER AA 197 63.45 77.89 -71.75
N LYS AA 198 63.92 78.87 -70.98
CA LYS AA 198 64.86 79.90 -71.47
C LYS AA 198 66.28 79.36 -71.61
N GLU AA 199 66.69 78.44 -70.73
CA GLU AA 199 68.00 77.82 -70.83
C GLU AA 199 68.12 76.85 -72.03
N VAL AA 200 67.28 75.82 -72.09
CA VAL AA 200 67.58 74.59 -72.84
C VAL AA 200 67.03 74.59 -74.27
N ASP AA 201 67.68 73.80 -75.16
CA ASP AA 201 67.22 73.57 -76.54
C ASP AA 201 67.22 72.09 -76.98
N SER AA 202 67.73 71.14 -76.18
CA SER AA 202 67.63 69.70 -76.49
C SER AA 202 66.17 69.22 -76.36
N PRO AA 203 65.59 68.57 -77.39
CA PRO AA 203 64.24 68.05 -77.32
C PRO AA 203 64.07 67.08 -76.15
N GLU AA 204 65.02 66.15 -75.98
CA GLU AA 204 64.97 65.19 -74.89
C GLU AA 204 65.04 65.91 -73.54
N SER AA 205 65.85 66.96 -73.42
CA SER AA 205 65.91 67.72 -72.17
C SER AA 205 64.57 68.35 -71.83
N LYS AA 206 63.89 68.98 -72.80
CA LYS AA 206 62.55 69.52 -72.59
C LYS AA 206 61.58 68.41 -72.22
N ARG AA 207 61.65 67.28 -72.91
CA ARG AA 207 60.78 66.11 -72.69
C ARG AA 207 60.93 65.59 -71.27
N ILE AA 208 62.17 65.37 -70.85
CA ILE AA 208 62.51 65.03 -69.47
C ILE AA 208 61.95 66.10 -68.54
N ALA AA 209 62.21 67.37 -68.79
CA ALA AA 209 61.77 68.43 -67.91
C ALA AA 209 60.26 68.39 -67.73
N TYR AA 210 59.50 68.28 -68.82
CA TYR AA 210 58.06 68.22 -68.73
C TYR AA 210 57.63 67.00 -67.94
N LYS AA 211 58.21 65.82 -68.23
CA LYS AA 211 57.90 64.60 -67.50
C LYS AA 211 58.11 64.81 -66.00
N ILE AA 212 59.22 65.42 -65.62
CA ILE AA 212 59.50 65.71 -64.22
C ILE AA 212 58.43 66.62 -63.67
N VAL AA 213 58.12 67.74 -64.34
CA VAL AA 213 57.11 68.67 -63.85
C VAL AA 213 55.79 67.94 -63.66
N ALA AA 214 55.40 67.15 -64.65
CA ALA AA 214 54.15 66.40 -64.60
C ALA AA 214 54.16 65.47 -63.39
N ALA AA 215 55.24 64.72 -63.22
CA ALA AA 215 55.38 63.83 -62.09
C ALA AA 215 55.30 64.61 -60.76
N ALA AA 216 55.88 65.80 -60.70
CA ALA AA 216 55.84 66.61 -59.49
C ALA AA 216 54.41 67.02 -59.16
N ALA AA 217 53.67 67.51 -60.15
CA ALA AA 217 52.27 67.85 -59.95
C ALA AA 217 51.48 66.61 -59.53
N GLU AA 218 51.66 65.50 -60.23
CA GLU AA 218 50.97 64.25 -59.93
C GLU AA 218 51.26 63.80 -58.50
N PHE AA 219 52.51 63.84 -58.07
CA PHE AA 219 52.87 63.43 -56.73
C PHE AA 219 52.24 64.34 -55.69
N LEU AA 220 52.32 65.67 -55.88
CA LEU AA 220 51.68 66.60 -54.96
C LEU AA 220 50.18 66.33 -54.86
N LEU AA 221 49.53 66.03 -55.98
CA LEU AA 221 48.12 65.64 -55.99
C LEU AA 221 47.90 64.37 -55.17
N LYS AA 222 48.70 63.32 -55.39
CA LYS AA 222 48.54 62.07 -54.62
C LYS AA 222 48.75 62.31 -53.13
N ILE AA 223 49.79 63.03 -52.75
CA ILE AA 223 50.08 63.31 -51.34
C ILE AA 223 48.98 64.17 -50.72
N LEU AA 224 48.47 65.17 -51.42
CA LEU AA 224 47.34 65.95 -50.94
C LEU AA 224 46.10 65.06 -50.71
N ALA AA 225 45.84 64.12 -51.62
CA ALA AA 225 44.72 63.19 -51.50
C ALA AA 225 44.90 62.22 -50.32
N GLU AA 226 46.11 61.70 -50.08
CA GLU AA 226 46.39 60.94 -48.85
C GLU AA 226 46.13 61.77 -47.60
N GLY AA 227 46.42 63.08 -47.67
CA GLY AA 227 46.17 64.03 -46.59
C GLY AA 227 44.68 64.25 -46.26
N GLY AA 228 43.76 63.71 -47.06
CA GLY AA 228 42.32 63.75 -46.75
C GLY AA 228 41.66 65.13 -46.84
N ALA AA 229 42.27 66.08 -47.57
CA ALA AA 229 41.71 67.41 -47.80
C ALA AA 229 40.33 67.33 -48.51
N THR AA 230 39.43 68.28 -48.24
CA THR AA 230 38.07 68.25 -48.78
C THR AA 230 38.05 68.43 -50.30
N PRO AA 231 37.06 67.86 -51.02
CA PRO AA 231 37.01 67.88 -52.48
C PRO AA 231 37.23 69.27 -53.11
N GLU AA 232 36.76 70.34 -52.47
CA GLU AA 232 36.98 71.71 -52.93
C GLU AA 232 38.48 72.00 -53.11
N GLN AA 233 39.30 71.64 -52.13
CA GLN AA 233 40.74 71.85 -52.20
C GLN AA 233 41.34 71.02 -53.33
N LEU AA 234 40.93 69.75 -53.44
CA LEU AA 234 41.41 68.86 -54.49
C LEU AA 234 41.10 69.45 -55.87
N GLU AA 235 39.88 69.93 -56.07
CA GLU AA 235 39.46 70.56 -57.32
C GLU AA 235 40.27 71.83 -57.60
N ARG AA 236 40.43 72.73 -56.63
CA ARG AA 236 41.20 73.97 -56.81
C ARG AA 236 42.65 73.67 -57.18
N VAL AA 237 43.29 72.77 -56.45
CA VAL AA 237 44.66 72.35 -56.77
C VAL AA 237 44.69 71.66 -58.14
N THR AA 238 43.68 70.87 -58.48
CA THR AA 238 43.63 70.22 -59.79
C THR AA 238 43.59 71.25 -60.91
N GLU AA 239 42.72 72.25 -60.79
CA GLU AA 239 42.66 73.32 -61.80
C GLU AA 239 44.01 74.01 -61.91
N HIS AA 240 44.59 74.42 -60.78
CA HIS AA 240 45.90 75.08 -60.81
C HIS AA 240 46.95 74.18 -61.46
N ALA AA 241 46.97 72.90 -61.11
CA ALA AA 241 47.87 71.92 -61.69
C ALA AA 241 47.68 71.81 -63.20
N LEU AA 242 46.45 71.61 -63.66
CA LEU AA 242 46.17 71.57 -65.09
C LEU AA 242 46.60 72.87 -65.76
N GLU AA 243 46.33 74.01 -65.15
CA GLU AA 243 46.68 75.31 -65.71
C GLU AA 243 48.19 75.46 -65.89
N VAL AA 244 48.98 75.14 -64.87
CA VAL AA 244 50.44 75.18 -65.04
C VAL AA 244 50.89 74.09 -66.00
N LEU AA 245 50.27 72.91 -66.02
CA LEU AA 245 50.64 71.87 -66.98
C LEU AA 245 50.45 72.41 -68.39
N LYS AA 246 49.34 73.11 -68.64
CA LYS AA 246 49.05 73.76 -69.91
C LYS AA 246 50.10 74.80 -70.21
N GLU AA 247 50.34 75.72 -69.29
CA GLU AA 247 51.29 76.81 -69.50
C GLU AA 247 52.69 76.26 -69.83
N VAL AA 248 53.18 75.33 -69.02
CA VAL AA 248 54.49 74.74 -69.21
C VAL AA 248 54.51 73.90 -70.49
N ALA AA 249 53.42 73.22 -70.86
CA ALA AA 249 53.37 72.53 -72.13
C ALA AA 249 53.47 73.49 -73.31
N LYS AA 250 52.75 74.63 -73.24
CA LYS AA 250 52.79 75.65 -74.30
C LYS AA 250 54.22 76.14 -74.55
N GLU AA 251 55.02 76.25 -73.50
CA GLU AA 251 56.45 76.50 -73.67
C GLU AA 251 57.20 75.27 -74.20
N LEU AA 252 57.17 74.15 -73.47
CA LEU AA 252 58.13 73.05 -73.64
C LEU AA 252 57.82 72.12 -74.82
N ALA AA 253 56.58 72.07 -75.32
CA ALA AA 253 56.24 71.23 -76.46
C ALA AA 253 56.60 71.92 -77.79
N ASP AA 254 57.40 71.27 -78.62
CA ASP AA 254 57.87 71.76 -79.92
C ASP AA 254 58.05 70.66 -80.99
N SER AA 255 57.69 69.42 -80.68
CA SER AA 255 57.58 68.30 -81.63
C SER AA 255 56.26 67.55 -81.45
N PRO AA 256 55.69 66.95 -82.50
CA PRO AA 256 54.46 66.16 -82.37
C PRO AA 256 54.56 65.09 -81.28
N GLU AA 257 55.72 64.45 -81.17
CA GLU AA 257 55.97 63.46 -80.14
C GLU AA 257 55.89 64.09 -78.75
N SER AA 258 56.49 65.28 -78.56
CA SER AA 258 56.40 65.98 -77.29
C SER AA 258 54.95 66.31 -76.95
N VAL AA 259 54.15 66.70 -77.94
CA VAL AA 259 52.72 66.94 -77.73
C VAL AA 259 52.03 65.64 -77.33
N ARG AA 260 52.33 64.53 -78.01
CA ARG AA 260 51.73 63.22 -77.71
C ARG AA 260 51.95 62.86 -76.27
N GLU AA 261 53.18 63.00 -75.79
CA GLU AA 261 53.47 62.78 -74.38
C GLU AA 261 52.79 63.82 -73.49
N ALA AA 262 52.79 65.10 -73.86
CA ALA AA 262 52.17 66.14 -73.04
C ALA AA 262 50.69 65.85 -72.83
N VAL AA 263 49.98 65.54 -73.92
CA VAL AA 263 48.56 65.15 -73.87
C VAL AA 263 48.41 63.92 -73.01
N ARG AA 264 49.24 62.90 -73.24
CA ARG AA 264 49.17 61.66 -72.44
C ARG AA 264 49.30 61.97 -70.96
N LEU AA 265 50.27 62.79 -70.57
CA LEU AA 265 50.49 63.19 -69.19
C LEU AA 265 49.31 64.00 -68.65
N ILE AA 266 48.79 64.95 -69.41
CA ILE AA 266 47.63 65.72 -68.99
C ILE AA 266 46.47 64.76 -68.76
N SER AA 267 46.25 63.81 -69.66
CA SER AA 267 45.20 62.82 -69.52
C SER AA 267 45.40 62.00 -68.26
N LYS AA 268 46.62 61.58 -67.95
CA LYS AA 268 46.95 60.85 -66.74
C LYS AA 268 46.57 61.68 -65.51
N LEU AA 269 47.05 62.92 -65.42
CA LEU AA 269 46.74 63.78 -64.27
C LEU AA 269 45.23 64.04 -64.16
N THR AA 270 44.56 64.15 -65.29
CA THR AA 270 43.10 64.25 -65.32
C THR AA 270 42.47 62.99 -64.74
N GLN AA 271 42.91 61.81 -65.18
CA GLN AA 271 42.41 60.53 -64.69
C GLN AA 271 42.63 60.39 -63.20
N GLU AA 272 43.81 60.72 -62.70
CA GLU AA 272 44.07 60.72 -61.26
C GLU AA 272 43.12 61.64 -60.53
N GLY AA 273 42.91 62.85 -61.05
CA GLY AA 273 41.96 63.80 -60.47
C GLY AA 273 40.57 63.19 -60.30
N LEU AA 274 40.00 62.67 -61.39
CA LEU AA 274 38.68 62.03 -61.32
C LEU AA 274 38.70 60.85 -60.36
N LYS AA 275 39.72 59.98 -60.42
CA LYS AA 275 39.80 58.81 -59.55
C LYS AA 275 39.83 59.21 -58.07
N GLN AA 276 40.56 60.25 -57.70
CA GLN AA 276 40.56 60.73 -56.31
C GLN AA 276 39.20 61.31 -55.89
N LEU AA 277 38.57 62.12 -56.74
CA LEU AA 277 37.22 62.64 -56.44
C LEU AA 277 36.20 61.50 -56.30
N LYS AA 278 36.31 60.45 -57.11
CA LYS AA 278 35.49 59.23 -56.97
C LYS AA 278 35.78 58.53 -55.63
N GLU AA 279 37.04 58.34 -55.29
CA GLU AA 279 37.46 57.62 -54.08
C GLU AA 279 36.99 58.33 -52.80
N ILE AA 280 37.07 59.66 -52.72
CA ILE AA 280 36.59 60.43 -51.56
C ILE AA 280 35.06 60.52 -51.49
N GLY AA 281 34.35 60.11 -52.55
CA GLY AA 281 32.88 60.14 -52.60
C GLY AA 281 32.30 61.54 -52.81
N ALA AA 282 32.98 62.41 -53.57
CA ALA AA 282 32.48 63.75 -53.89
C ALA AA 282 31.16 63.70 -54.71
N PRO AA 283 30.29 64.72 -54.63
CA PRO AA 283 29.11 64.80 -55.48
C PRO AA 283 29.54 64.99 -56.94
N PRO AA 284 28.87 64.34 -57.90
CA PRO AA 284 29.36 64.22 -59.26
C PRO AA 284 29.41 65.55 -60.02
N GLU AA 285 28.79 66.61 -59.50
CA GLU AA 285 28.96 67.97 -60.01
C GLU AA 285 30.44 68.38 -60.03
N GLN AA 286 31.20 68.04 -59.00
CA GLN AA 286 32.64 68.30 -58.97
C GLN AA 286 33.36 67.51 -60.07
N ILE AA 287 32.98 66.24 -60.25
CA ILE AA 287 33.57 65.36 -61.27
C ILE AA 287 33.31 65.94 -62.65
N GLU AA 288 32.07 66.36 -62.92
CA GLU AA 288 31.69 66.94 -64.19
C GLU AA 288 32.45 68.23 -64.48
N ARG AA 289 32.68 69.08 -63.46
CA ARG AA 289 33.52 70.26 -63.60
C ARG AA 289 34.94 69.88 -64.01
N VAL AA 290 35.62 69.02 -63.25
CA VAL AA 290 37.00 68.66 -63.63
C VAL AA 290 37.04 67.95 -64.98
N ALA AA 291 36.02 67.16 -65.34
CA ALA AA 291 35.95 66.52 -66.64
C ALA AA 291 35.91 67.58 -67.75
N GLU AA 292 35.02 68.56 -67.65
CA GLU AA 292 34.97 69.65 -68.62
C GLU AA 292 36.30 70.41 -68.64
N HIS AA 293 36.83 70.77 -67.49
CA HIS AA 293 38.08 71.53 -67.42
C HIS AA 293 39.20 70.75 -68.10
N GLY AA 294 39.26 69.44 -67.89
CA GLY AA 294 40.19 68.55 -68.56
C GLY AA 294 40.00 68.59 -70.06
N LEU AA 295 38.78 68.37 -70.55
CA LEU AA 295 38.49 68.43 -71.97
C LEU AA 295 38.88 69.79 -72.57
N GLU AA 296 38.57 70.89 -71.89
CA GLU AA 296 38.95 72.22 -72.35
C GLU AA 296 40.46 72.36 -72.47
N VAL AA 297 41.21 71.99 -71.44
CA VAL AA 297 42.68 72.03 -71.49
C VAL AA 297 43.21 71.13 -72.60
N LEU AA 298 42.66 69.92 -72.74
CA LEU AA 298 43.06 69.00 -73.79
C LEU AA 298 42.87 69.65 -75.14
N LYS AA 299 41.72 70.28 -75.36
CA LYS AA 299 41.42 71.02 -76.58
C LYS AA 299 42.40 72.17 -76.80
N GLU AA 300 42.72 72.94 -75.78
CA GLU AA 300 43.70 74.03 -75.93
C GLU AA 300 45.07 73.49 -76.34
N ILE AA 301 45.51 72.40 -75.72
CA ILE AA 301 46.78 71.78 -76.09
C ILE AA 301 46.69 71.15 -77.48
N ALA AA 302 45.57 70.52 -77.83
CA ALA AA 302 45.37 69.99 -79.17
C ALA AA 302 45.46 71.10 -80.21
N LYS AA 303 44.88 72.27 -79.92
CA LYS AA 303 44.95 73.46 -80.76
C LYS AA 303 46.40 73.87 -80.98
N TYR AA 304 47.19 74.01 -79.93
CA TYR AA 304 48.63 74.26 -80.10
C TYR AA 304 49.29 73.14 -80.92
N GLY AA 305 48.98 71.89 -80.59
CA GLY AA 305 49.47 70.70 -81.29
C GLY AA 305 49.24 70.75 -82.79
N SER AA 306 48.08 71.25 -83.23
CA SER AA 306 47.77 71.36 -84.65
C SER AA 306 48.77 72.23 -85.42
N LYS AA 307 49.44 73.18 -84.75
CA LYS AA 307 50.49 74.01 -85.35
C LYS AA 307 51.78 73.23 -85.56
N LEU AA 308 52.08 72.30 -84.64
CA LEU AA 308 53.30 71.47 -84.66
C LEU AA 308 53.16 70.21 -85.54
N THR AA 309 51.97 69.63 -85.64
CA THR AA 309 51.73 68.40 -86.41
C THR AA 309 51.93 68.57 -87.92
N ASP AA 310 52.78 67.74 -88.52
CA ASP AA 310 52.95 67.59 -89.96
C ASP AA 310 52.48 66.20 -90.47
N SER AA 311 52.95 65.12 -89.84
CA SER AA 311 52.60 63.74 -90.25
C SER AA 311 51.19 63.33 -89.81
N PRO AA 312 50.45 62.59 -90.67
CA PRO AA 312 49.05 62.27 -90.41
C PRO AA 312 48.92 61.25 -89.29
N GLU AA 313 49.87 60.34 -89.15
CA GLU AA 313 49.82 59.32 -88.10
C GLU AA 313 49.83 59.98 -86.72
N LEU AA 314 50.66 60.99 -86.51
CA LEU AA 314 50.69 61.71 -85.24
C LEU AA 314 49.35 62.41 -84.98
N LYS AA 315 48.73 63.03 -85.98
CA LYS AA 315 47.37 63.55 -85.83
C LYS AA 315 46.42 62.43 -85.41
N ARG AA 316 46.43 61.29 -86.11
CA ARG AA 316 45.55 60.14 -85.85
C ARG AA 316 45.71 59.66 -84.41
N GLU AA 317 46.94 59.41 -83.98
CA GLU AA 317 47.19 58.95 -82.64
C GLU AA 317 46.78 60.01 -81.60
N LEU AA 318 47.04 61.30 -81.86
CA LEU AA 318 46.60 62.35 -80.94
C LEU AA 318 45.07 62.32 -80.80
N TYR AA 319 44.38 62.22 -81.93
CA TYR AA 319 42.93 62.12 -81.90
C TYR AA 319 42.49 60.89 -81.11
N ARG AA 320 43.12 59.74 -81.38
CA ARG AA 320 42.81 58.49 -80.69
C ARG AA 320 43.01 58.63 -79.19
N ILE AA 321 44.11 59.24 -78.75
CA ILE AA 321 44.34 59.47 -77.33
C ILE AA 321 43.21 60.34 -76.77
N ILE AA 322 42.81 61.38 -77.50
CA ILE AA 322 41.76 62.27 -77.02
C ILE AA 322 40.45 61.48 -76.89
N SER AA 323 40.07 60.69 -77.88
CA SER AA 323 38.87 59.86 -77.79
C SER AA 323 38.98 58.85 -76.66
N GLU AA 324 40.13 58.21 -76.51
CA GLU AA 324 40.30 57.22 -75.46
C GLU AA 324 40.16 57.90 -74.10
N THR AA 325 40.69 59.12 -73.99
CA THR AA 325 40.56 59.94 -72.78
C THR AA 325 39.11 60.22 -72.49
N ALA AA 326 38.35 60.69 -73.49
CA ALA AA 326 36.94 60.92 -73.31
C ALA AA 326 36.22 59.64 -72.86
N LYS AA 327 36.53 58.50 -73.49
CA LYS AA 327 35.91 57.22 -73.12
C LYS AA 327 36.24 56.84 -71.68
N GLU AA 328 37.49 57.01 -71.27
CA GLU AA 328 37.89 56.74 -69.90
C GLU AA 328 37.18 57.67 -68.92
N LEU AA 329 37.08 58.96 -69.24
CA LEU AA 329 36.37 59.93 -68.40
C LEU AA 329 34.91 59.53 -68.24
N LEU AA 330 34.24 59.14 -69.32
CA LEU AA 330 32.87 58.62 -69.23
C LEU AA 330 32.83 57.37 -68.38
N LYS AA 331 33.75 56.42 -68.59
CA LYS AA 331 33.79 55.18 -67.82
C LYS AA 331 33.91 55.45 -66.33
N ILE AA 332 34.81 56.35 -65.93
CA ILE AA 332 34.98 56.72 -64.53
C ILE AA 332 33.70 57.39 -63.99
N LEU AA 333 33.10 58.32 -64.74
CA LEU AA 333 31.89 58.99 -64.29
C LEU AA 333 30.73 58.00 -64.09
N ALA AA 334 30.60 57.03 -65.00
CA ALA AA 334 29.61 55.96 -64.91
C ALA AA 334 29.89 55.01 -63.73
N GLU AA 335 31.15 54.64 -63.51
CA GLU AA 335 31.55 53.88 -62.32
C GLU AA 335 31.26 54.67 -61.02
N GLY AA 336 31.35 56.00 -61.08
CA GLY AA 336 30.95 56.91 -60.00
C GLY AA 336 29.45 56.92 -59.69
N GLY AA 337 28.62 56.21 -60.47
CA GLY AA 337 27.18 56.06 -60.21
C GLY AA 337 26.35 57.33 -60.49
N ALA AA 338 26.88 58.28 -61.25
CA ALA AA 338 26.18 59.53 -61.59
C ALA AA 338 24.89 59.29 -62.42
N THR AA 339 23.89 60.15 -62.25
CA THR AA 339 22.62 60.06 -62.99
C THR AA 339 22.80 60.42 -64.48
N PRO AA 340 22.00 59.83 -65.39
CA PRO AA 340 22.29 59.82 -66.82
C PRO AA 340 22.52 61.19 -67.46
N GLU AA 341 21.87 62.24 -66.98
CA GLU AA 341 22.04 63.60 -67.47
C GLU AA 341 23.49 64.10 -67.36
N GLN AA 342 24.26 63.62 -66.38
CA GLN AA 342 25.69 63.94 -66.30
C GLN AA 342 26.43 63.25 -67.45
N LEU AA 343 26.13 61.99 -67.72
CA LEU AA 343 26.68 61.25 -68.85
C LEU AA 343 26.32 61.95 -70.17
N GLU AA 344 25.08 62.40 -70.32
CA GLU AA 344 24.65 63.18 -71.48
C GLU AA 344 25.50 64.44 -71.63
N ARG AA 345 25.54 65.29 -70.59
CA ARG AA 345 26.27 66.56 -70.61
C ARG AA 345 27.71 66.36 -71.04
N VAL AA 346 28.40 65.42 -70.40
CA VAL AA 346 29.80 65.12 -70.73
C VAL AA 346 29.91 64.52 -72.13
N THR AA 347 29.04 63.59 -72.51
CA THR AA 347 29.09 62.99 -73.86
C THR AA 347 28.94 64.06 -74.92
N LYS AA 348 27.98 64.97 -74.73
CA LYS AA 348 27.74 66.10 -75.62
C LYS AA 348 28.98 66.96 -75.72
N HIS AA 349 29.48 67.47 -74.59
CA HIS AA 349 30.63 68.36 -74.62
C HIS AA 349 31.85 67.67 -75.21
N ALA AA 350 32.06 66.39 -74.91
CA ALA AA 350 33.12 65.60 -75.48
C ALA AA 350 32.96 65.49 -77.00
N LEU AA 351 31.78 65.13 -77.49
CA LEU AA 351 31.54 65.11 -78.92
C LEU AA 351 31.84 66.48 -79.53
N GLU AA 352 31.41 67.57 -78.91
CA GLU AA 352 31.70 68.91 -79.43
C GLU AA 352 33.19 69.19 -79.48
N VAL AA 353 33.93 68.88 -78.42
CA VAL AA 353 35.37 69.03 -78.41
C VAL AA 353 35.99 68.17 -79.51
N LEU AA 354 35.65 66.89 -79.57
CA LEU AA 354 36.17 65.98 -80.58
C LEU AA 354 35.88 66.52 -81.98
N LYS AA 355 34.67 67.06 -82.20
CA LYS AA 355 34.27 67.66 -83.47
C LYS AA 355 35.18 68.82 -83.81
N GLU AA 356 35.35 69.77 -82.89
CA GLU AA 356 36.20 70.92 -83.15
C GLU AA 356 37.64 70.50 -83.37
N VAL AA 357 38.15 69.55 -82.59
CA VAL AA 357 39.49 69.03 -82.78
C VAL AA 357 39.62 68.37 -84.15
N ALA AA 358 38.64 67.60 -84.58
CA ALA AA 358 38.66 67.01 -85.91
C ALA AA 358 38.71 68.10 -86.97
N LYS AA 359 37.84 69.10 -86.87
CA LYS AA 359 37.78 70.22 -87.82
C LYS AA 359 39.10 70.97 -87.89
N GLU AA 360 39.81 71.08 -86.77
CA GLU AA 360 41.11 71.72 -86.73
C GLU AA 360 42.22 70.83 -87.29
N LEU AA 361 42.16 69.51 -87.07
CA LEU AA 361 43.22 68.60 -87.50
C LEU AA 361 43.07 68.17 -88.97
N ALA AA 362 41.87 67.84 -89.41
CA ALA AA 362 41.64 67.04 -90.61
C ALA AA 362 42.00 67.79 -91.92
N ASP AA 363 42.77 67.13 -92.79
CA ASP AA 363 43.32 67.69 -94.04
C ASP AA 363 43.30 66.69 -95.23
N SER AA 364 42.79 65.47 -95.01
CA SER AA 364 42.60 64.42 -96.02
C SER AA 364 41.37 63.58 -95.69
N PRO AA 365 40.60 63.09 -96.68
CA PRO AA 365 39.43 62.24 -96.43
C PRO AA 365 39.73 61.04 -95.54
N GLU AA 366 40.92 60.45 -95.63
CA GLU AA 366 41.31 59.33 -94.78
C GLU AA 366 41.28 59.73 -93.30
N SER AA 367 41.85 60.89 -92.97
CA SER AA 367 41.78 61.46 -91.62
C SER AA 367 40.34 61.78 -91.22
N GLY AA 368 39.50 62.21 -92.17
CA GLY AA 368 38.07 62.40 -91.94
C GLY AA 368 37.42 61.08 -91.51
N LEU AA 369 37.64 60.01 -92.27
CA LEU AA 369 37.10 58.71 -91.91
C LEU AA 369 37.61 58.26 -90.55
N ALA AA 370 38.90 58.36 -90.30
CA ALA AA 370 39.46 57.99 -89.00
C ALA AA 370 38.81 58.78 -87.86
N ALA AA 371 38.65 60.09 -88.04
CA ALA AA 371 38.01 60.93 -87.04
C ALA AA 371 36.55 60.52 -86.85
N LEU AA 372 35.81 60.34 -87.94
CA LEU AA 372 34.44 59.85 -87.89
C LEU AA 372 34.39 58.54 -87.14
N ALA AA 373 35.29 57.60 -87.43
CA ALA AA 373 35.29 56.30 -86.81
C ALA AA 373 35.43 56.43 -85.30
N ALA AA 374 36.36 57.26 -84.84
CA ALA AA 374 36.53 57.53 -83.43
C ALA AA 374 35.30 58.24 -82.84
N ILE AA 375 34.72 59.21 -83.55
CA ILE AA 375 33.50 59.87 -83.08
C ILE AA 375 32.41 58.82 -82.88
N ALA AA 376 32.24 57.96 -83.87
CA ALA AA 376 31.24 56.91 -83.84
C ALA AA 376 31.51 55.94 -82.69
N SER AA 377 32.75 55.47 -82.51
CA SER AA 377 33.02 54.52 -81.43
C SER AA 377 32.86 55.19 -80.07
N LEU AA 378 33.22 56.46 -79.92
CA LEU AA 378 32.92 57.25 -78.73
C LEU AA 378 31.41 57.32 -78.51
N ALA AA 379 30.65 57.64 -79.55
CA ALA AA 379 29.20 57.66 -79.46
C ALA AA 379 28.65 56.28 -79.05
N LYS AA 380 29.21 55.20 -79.60
CA LYS AA 380 28.83 53.83 -79.27
C LYS AA 380 29.05 53.55 -77.80
N LEU AA 381 30.20 53.92 -77.24
CA LEU AA 381 30.41 53.78 -75.81
C LEU AA 381 29.42 54.63 -75.03
N GLY AA 382 29.18 55.88 -75.43
CA GLY AA 382 28.23 56.75 -74.74
C GLY AA 382 26.84 56.12 -74.68
N LEU AA 383 26.36 55.63 -75.82
CA LEU AA 383 25.08 54.93 -75.91
C LEU AA 383 25.10 53.65 -75.07
N GLU AA 384 26.20 52.90 -75.09
CA GLU AA 384 26.34 51.69 -74.29
C GLU AA 384 26.28 51.98 -72.79
N GLN AA 385 26.85 53.09 -72.33
CA GLN AA 385 26.74 53.50 -70.93
C GLN AA 385 25.29 53.90 -70.59
N LEU AA 386 24.61 54.66 -71.46
CA LEU AA 386 23.20 54.98 -71.27
C LEU AA 386 22.33 53.71 -71.22
N LYS AA 387 22.64 52.71 -72.07
CA LYS AA 387 21.96 51.41 -72.07
C LYS AA 387 22.21 50.66 -70.76
N GLU AA 388 23.46 50.62 -70.30
CA GLU AA 388 23.82 49.92 -69.06
C GLU AA 388 23.16 50.52 -67.82
N ILE AA 389 23.11 51.85 -67.69
CA ILE AA 389 22.36 52.50 -66.59
C ILE AA 389 20.84 52.43 -66.79
N GLY AA 390 20.37 52.01 -67.96
CA GLY AA 390 18.94 51.89 -68.27
C GLY AA 390 18.23 53.24 -68.46
N ALA AA 391 18.92 54.23 -69.03
CA ALA AA 391 18.37 55.56 -69.30
C ALA AA 391 17.12 55.50 -70.21
N PRO AA 392 16.15 56.42 -70.07
CA PRO AA 392 14.91 56.35 -70.82
C PRO AA 392 15.16 56.54 -72.32
N PRO AA 393 14.37 55.89 -73.19
CA PRO AA 393 14.58 55.93 -74.63
C PRO AA 393 14.74 57.33 -75.22
N GLU AA 394 14.04 58.34 -74.70
CA GLU AA 394 14.19 59.71 -75.22
C GLU AA 394 15.61 60.25 -75.01
N GLN AA 395 16.26 59.98 -73.88
CA GLN AA 395 17.66 60.34 -73.69
C GLN AA 395 18.55 59.60 -74.70
N GLN AA 396 18.30 58.32 -74.94
CA GLN AA 396 19.03 57.55 -75.94
C GLN AA 396 18.89 58.17 -77.33
N ARG AA 397 17.66 58.55 -77.72
CA ARG AA 397 17.38 59.23 -78.98
C ARG AA 397 18.11 60.58 -79.03
N ARG AA 398 17.98 61.42 -78.00
CA ARG AA 398 18.64 62.74 -77.93
C ARG AA 398 20.14 62.62 -78.20
N VAL AA 399 20.82 61.74 -77.48
CA VAL AA 399 22.26 61.52 -77.67
C VAL AA 399 22.54 60.99 -79.09
N THR AA 400 21.75 60.03 -79.56
CA THR AA 400 21.97 59.44 -80.88
C THR AA 400 21.84 60.48 -81.99
N LYS AA 401 20.79 61.32 -81.91
CA LYS AA 401 20.58 62.44 -82.83
C LYS AA 401 21.75 63.41 -82.77
N ALA AA 402 22.20 63.81 -81.59
CA ALA AA 402 23.37 64.66 -81.47
C ALA AA 402 24.59 64.03 -82.15
N GLY AA 403 24.79 62.72 -81.97
CA GLY AA 403 25.86 61.97 -82.63
C GLY AA 403 25.74 62.04 -84.15
N ILE AA 404 24.55 61.75 -84.66
CA ILE AA 404 24.28 61.84 -86.10
C ILE AA 404 24.57 63.26 -86.59
N GLU AA 405 24.11 64.29 -85.88
CA GLU AA 405 24.35 65.67 -86.27
C GLU AA 405 25.84 66.02 -86.29
N ALA AA 406 26.61 65.61 -85.29
CA ALA AA 406 28.04 65.82 -85.31
C ALA AA 406 28.67 65.14 -86.53
N VAL AA 407 28.31 63.87 -86.78
CA VAL AA 407 28.78 63.12 -87.94
C VAL AA 407 28.43 63.84 -89.24
N ARG AA 408 27.21 64.33 -89.35
CA ARG AA 408 26.75 65.07 -90.52
C ARG AA 408 27.58 66.33 -90.72
N GLU AA 409 27.85 67.08 -89.66
CA GLU AA 409 28.67 68.29 -89.77
C GLU AA 409 30.11 67.96 -90.14
N ILE AA 410 30.67 66.86 -89.64
CA ILE AA 410 31.99 66.40 -90.09
C ILE AA 410 31.94 65.95 -91.56
N TYR AA 411 30.85 65.32 -92.02
CA TYR AA 411 30.68 65.06 -93.44
C TYR AA 411 30.66 66.37 -94.24
N ARG AA 412 29.96 67.40 -93.78
CA ARG AA 412 29.97 68.71 -94.43
C ARG AA 412 31.36 69.34 -94.45
N TYR AA 413 32.17 69.15 -93.41
CA TYR AA 413 33.58 69.53 -93.46
C TYR AA 413 34.33 68.70 -94.54
N GLY AA 414 34.14 67.39 -94.53
CA GLY AA 414 34.75 66.47 -95.50
C GLY AA 414 34.42 66.82 -96.95
N ARG AA 415 33.20 67.31 -97.22
CA ARG AA 415 32.75 67.77 -98.54
C ARG AA 415 33.60 68.90 -99.13
N LYS AA 416 34.35 69.66 -98.30
CA LYS AA 416 35.32 70.66 -98.79
C LYS AA 416 36.53 70.01 -99.47
N LEU AA 417 36.91 68.80 -99.03
CA LEU AA 417 38.08 68.06 -99.51
C LEU AA 417 37.74 67.10 -100.66
N TYR AA 418 36.48 66.65 -100.77
CA TYR AA 418 36.08 65.49 -101.58
C TYR AA 418 34.75 65.71 -102.31
N ASP BA 3 36.67 -54.67 -71.90
CA ASP BA 3 37.61 -54.63 -73.05
C ASP BA 3 38.51 -55.85 -73.14
N ASP BA 4 39.36 -56.11 -72.14
CA ASP BA 4 40.44 -57.10 -72.23
C ASP BA 4 39.98 -58.49 -72.68
N LEU BA 5 38.75 -58.89 -72.32
CA LEU BA 5 38.18 -60.17 -72.73
C LEU BA 5 38.29 -60.37 -74.25
N LEU BA 6 38.06 -59.33 -75.06
CA LEU BA 6 38.20 -59.43 -76.51
C LEU BA 6 39.62 -59.86 -76.87
N LEU BA 7 40.59 -59.09 -76.37
CA LEU BA 7 41.99 -59.39 -76.60
C LEU BA 7 42.32 -60.81 -76.12
N LYS BA 8 41.86 -61.19 -74.94
CA LYS BA 8 42.10 -62.52 -74.41
C LYS BA 8 41.49 -63.60 -75.30
N LEU BA 9 40.29 -63.39 -75.85
CA LEU BA 9 39.71 -64.38 -76.75
C LEU BA 9 40.54 -64.47 -78.03
N LEU BA 10 41.09 -63.36 -78.51
CA LEU BA 10 42.04 -63.42 -79.61
C LEU BA 10 43.25 -64.25 -79.19
N GLU BA 11 43.77 -64.10 -77.98
CA GLU BA 11 44.85 -64.97 -77.52
C GLU BA 11 44.43 -66.43 -77.50
N LEU BA 12 43.21 -66.73 -77.07
CA LEU BA 12 42.73 -68.12 -77.10
C LEU BA 12 42.73 -68.63 -78.53
N LEU BA 13 42.25 -67.83 -79.47
CA LEU BA 13 42.30 -68.21 -80.87
C LEU BA 13 43.75 -68.39 -81.33
N VAL BA 14 44.67 -67.52 -80.93
CA VAL BA 14 46.09 -67.65 -81.31
C VAL BA 14 46.63 -68.96 -80.77
N GLU BA 15 46.38 -69.25 -79.50
CA GLU BA 15 46.86 -70.46 -78.88
C GLU BA 15 46.28 -71.68 -79.60
N GLN BA 16 44.98 -71.65 -79.85
CA GLN BA 16 44.31 -72.72 -80.56
C GLN BA 16 44.91 -72.89 -81.94
N ALA BA 17 45.18 -71.79 -82.65
CA ALA BA 17 45.82 -71.85 -83.95
C ALA BA 17 47.18 -72.52 -83.84
N ARG BA 18 47.98 -72.20 -82.82
CA ARG BA 18 49.29 -72.84 -82.63
C ARG BA 18 49.13 -74.35 -82.44
N VAL BA 19 48.28 -74.75 -81.52
CA VAL BA 19 48.13 -76.17 -81.16
C VAL BA 19 47.51 -76.95 -82.31
N SER BA 20 46.45 -76.42 -82.91
CA SER BA 20 45.84 -77.04 -84.08
C SER BA 20 46.80 -77.06 -85.27
N ALA BA 21 47.71 -76.10 -85.43
CA ALA BA 21 48.71 -76.17 -86.48
C ALA BA 21 49.73 -77.29 -86.23
N GLU BA 22 50.19 -77.48 -84.99
CA GLU BA 22 51.01 -78.64 -84.66
C GLU BA 22 50.28 -79.95 -84.95
N PHE BA 23 49.01 -80.06 -84.54
CA PHE BA 23 48.19 -81.21 -84.87
C PHE BA 23 48.09 -81.41 -86.38
N ALA BA 24 47.78 -80.35 -87.14
CA ALA BA 24 47.67 -80.44 -88.59
C ALA BA 24 49.00 -80.85 -89.25
N ARG BA 25 50.16 -80.39 -88.74
CA ARG BA 25 51.47 -80.88 -89.19
C ARG BA 25 51.67 -82.36 -88.90
N ARG BA 26 51.23 -82.82 -87.73
CA ARG BA 26 51.29 -84.25 -87.35
C ARG BA 26 50.35 -85.12 -88.19
N GLN BA 27 49.18 -84.61 -88.59
CA GLN BA 27 48.26 -85.30 -89.51
C GLN BA 27 48.65 -85.16 -91.01
N GLY BA 28 49.40 -84.12 -91.39
CA GLY BA 28 49.61 -83.73 -92.78
C GLY BA 28 48.41 -82.99 -93.41
N ASP BA 29 47.57 -82.35 -92.59
CA ASP BA 29 46.32 -81.71 -93.03
C ASP BA 29 46.57 -80.30 -93.57
N GLU BA 30 46.94 -80.22 -94.85
CA GLU BA 30 47.18 -78.95 -95.55
C GLU BA 30 45.95 -78.03 -95.55
N LYS BA 31 44.74 -78.60 -95.60
CA LYS BA 31 43.50 -77.82 -95.58
C LYS BA 31 43.32 -77.15 -94.22
N MET BA 32 43.53 -77.87 -93.12
CA MET BA 32 43.50 -77.25 -91.80
C MET BA 32 44.57 -76.16 -91.68
N LEU BA 33 45.79 -76.41 -92.17
CA LEU BA 33 46.84 -75.38 -92.16
C LEU BA 33 46.40 -74.11 -92.90
N GLU BA 34 45.82 -74.26 -94.10
CA GLU BA 34 45.27 -73.12 -94.85
C GLU BA 34 44.19 -72.38 -94.03
N GLU BA 35 43.23 -73.11 -93.46
CA GLU BA 35 42.15 -72.50 -92.69
C GLU BA 35 42.67 -71.78 -91.45
N VAL BA 36 43.56 -72.40 -90.66
CA VAL BA 36 44.09 -71.73 -89.47
C VAL BA 36 44.97 -70.56 -89.87
N ALA BA 37 45.69 -70.62 -91.00
CA ALA BA 37 46.45 -69.48 -91.47
C ALA BA 37 45.53 -68.29 -91.76
N ARG BA 38 44.43 -68.53 -92.48
CA ARG BA 38 43.42 -67.48 -92.70
C ARG BA 38 42.89 -66.97 -91.37
N LYS BA 39 42.54 -67.88 -90.45
CA LYS BA 39 41.99 -67.51 -89.14
C LYS BA 39 42.97 -66.66 -88.35
N ALA BA 40 44.25 -67.02 -88.38
CA ALA BA 40 45.31 -66.26 -87.73
C ALA BA 40 45.45 -64.88 -88.35
N GLU BA 41 45.45 -64.77 -89.67
CA GLU BA 41 45.50 -63.47 -90.33
C GLU BA 41 44.30 -62.61 -89.94
N GLU BA 42 43.10 -63.18 -89.93
CA GLU BA 42 41.90 -62.46 -89.52
C GLU BA 42 41.93 -62.03 -88.06
N VAL BA 43 42.39 -62.90 -87.17
CA VAL BA 43 42.61 -62.55 -85.78
C VAL BA 43 43.61 -61.40 -85.69
N ALA BA 44 44.70 -61.44 -86.46
CA ALA BA 44 45.66 -60.36 -86.49
C ALA BA 44 45.03 -59.07 -87.01
N ARG BA 45 44.13 -59.16 -88.00
CA ARG BA 45 43.37 -58.01 -88.50
C ARG BA 45 42.50 -57.42 -87.39
N LYS BA 46 41.77 -58.25 -86.64
CA LYS BA 46 41.01 -57.80 -85.47
C LYS BA 46 41.94 -57.08 -84.49
N ALA BA 47 43.06 -57.71 -84.17
CA ALA BA 47 44.01 -57.15 -83.22
C ALA BA 47 44.58 -55.81 -83.71
N GLU BA 48 44.92 -55.70 -84.98
CA GLU BA 48 45.44 -54.47 -85.57
C GLU BA 48 44.43 -53.34 -85.41
N GLU BA 49 43.17 -53.57 -85.76
CA GLU BA 49 42.13 -52.57 -85.57
C GLU BA 49 41.99 -52.18 -84.10
N ILE BA 50 41.99 -53.16 -83.20
CA ILE BA 50 41.90 -52.90 -81.76
C ILE BA 50 43.11 -52.05 -81.33
N ALA BA 51 44.31 -52.36 -81.82
CA ALA BA 51 45.52 -51.61 -81.47
C ALA BA 51 45.42 -50.15 -81.94
N ARG BA 52 44.98 -49.89 -83.17
CA ARG BA 52 44.77 -48.51 -83.64
C ARG BA 52 43.74 -47.78 -82.78
N LYS BA 53 42.64 -48.45 -82.42
CA LYS BA 53 41.63 -47.92 -81.50
C LYS BA 53 42.26 -47.56 -80.14
N ALA BA 54 43.00 -48.48 -79.54
CA ALA BA 54 43.67 -48.22 -78.27
C ALA BA 54 44.63 -47.02 -78.38
N ARG BA 55 45.40 -46.93 -79.47
CA ARG BA 55 46.30 -45.80 -79.73
C ARG BA 55 45.52 -44.48 -79.76
N LYS BA 56 44.36 -44.45 -80.42
CA LYS BA 56 43.47 -43.28 -80.45
C LYS BA 56 42.93 -42.92 -79.07
N GLU BA 57 42.48 -43.92 -78.29
CA GLU BA 57 41.98 -43.69 -76.94
C GLU BA 57 43.08 -43.31 -75.93
N GLY BA 58 44.33 -43.65 -76.22
CA GLY BA 58 45.47 -43.28 -75.39
C GLY BA 58 45.66 -44.13 -74.12
N ASN BA 59 44.99 -45.28 -73.99
CA ASN BA 59 45.26 -46.23 -72.92
C ASN BA 59 46.51 -47.07 -73.24
N LEU BA 60 47.67 -46.67 -72.71
CA LEU BA 60 48.94 -47.32 -73.01
C LEU BA 60 48.97 -48.79 -72.55
N GLU BA 61 48.33 -49.11 -71.42
CA GLU BA 61 48.30 -50.50 -70.95
C GLU BA 61 47.63 -51.40 -72.00
N LEU BA 62 46.45 -51.00 -72.46
CA LEU BA 62 45.79 -51.72 -73.55
C LEU BA 62 46.64 -51.72 -74.80
N ALA BA 63 47.26 -50.59 -75.17
CA ALA BA 63 48.06 -50.55 -76.38
C ALA BA 63 49.21 -51.55 -76.32
N LEU BA 64 49.92 -51.58 -75.19
CA LEU BA 64 51.00 -52.55 -75.00
C LEU BA 64 50.44 -53.97 -75.01
N LYS BA 65 49.33 -54.23 -74.34
CA LYS BA 65 48.69 -55.55 -74.41
C LYS BA 65 48.40 -55.93 -75.86
N ALA BA 66 47.80 -55.02 -76.60
CA ALA BA 66 47.40 -55.26 -77.97
C ALA BA 66 48.63 -55.50 -78.84
N LEU BA 67 49.69 -54.72 -78.64
CA LEU BA 67 50.94 -54.97 -79.34
C LEU BA 67 51.48 -56.34 -78.97
N GLU BA 68 51.54 -56.69 -77.69
CA GLU BA 68 52.08 -58.00 -77.29
C GLU BA 68 51.30 -59.13 -77.95
N ILE BA 69 49.98 -58.95 -78.03
CA ILE BA 69 49.13 -59.91 -78.70
C ILE BA 69 49.43 -59.90 -80.20
N LEU BA 70 49.64 -58.75 -80.82
CA LEU BA 70 50.06 -58.69 -82.21
C LEU BA 70 51.39 -59.40 -82.40
N VAL BA 71 52.31 -59.29 -81.46
CA VAL BA 71 53.58 -60.00 -81.51
C VAL BA 71 53.33 -61.51 -81.40
N ARG BA 72 52.42 -61.93 -80.52
CA ARG BA 72 52.08 -63.36 -80.42
C ARG BA 72 51.45 -63.83 -81.72
N ALA BA 73 50.55 -63.05 -82.29
CA ALA BA 73 49.93 -63.35 -83.57
C ALA BA 73 51.00 -63.42 -84.66
N ALA BA 74 51.92 -62.47 -84.66
CA ALA BA 74 53.03 -62.49 -85.60
C ALA BA 74 53.85 -63.76 -85.40
N HIS BA 75 54.10 -64.18 -84.16
CA HIS BA 75 54.90 -65.37 -83.89
C HIS BA 75 54.26 -66.60 -84.52
N VAL BA 76 52.97 -66.82 -84.30
CA VAL BA 76 52.32 -67.96 -84.95
C VAL BA 76 52.28 -67.78 -86.47
N LEU BA 77 52.00 -66.58 -86.97
CA LEU BA 77 51.94 -66.35 -88.42
C LEU BA 77 53.29 -66.64 -89.07
N ALA BA 78 54.37 -66.19 -88.46
CA ALA BA 78 55.73 -66.42 -88.91
C ALA BA 78 56.09 -67.91 -88.80
N GLU BA 79 55.65 -68.58 -87.75
CA GLU BA 79 55.88 -70.02 -87.60
C GLU BA 79 55.16 -70.81 -88.70
N ILE BA 80 53.93 -70.43 -89.03
CA ILE BA 80 53.18 -70.97 -90.17
C ILE BA 80 53.93 -70.68 -91.48
N ALA BA 81 54.34 -69.44 -91.69
CA ALA BA 81 55.03 -69.04 -92.90
C ALA BA 81 56.36 -69.78 -93.10
N ARG BA 82 57.12 -69.99 -92.01
CA ARG BA 82 58.42 -70.70 -92.01
C ARG BA 82 58.25 -72.14 -92.46
N GLU BA 83 57.25 -72.85 -91.95
CA GLU BA 83 56.97 -74.23 -92.37
C GLU BA 83 56.37 -74.30 -93.78
N ARG BA 84 55.54 -73.32 -94.17
CA ARG BA 84 54.89 -73.28 -95.49
C ARG BA 84 55.85 -72.91 -96.63
N GLY BA 85 56.84 -72.07 -96.37
CA GLY BA 85 57.81 -71.59 -97.37
C GLY BA 85 57.27 -70.52 -98.35
N ASN BA 86 56.08 -69.99 -98.09
CA ASN BA 86 55.48 -68.92 -98.91
C ASN BA 86 56.16 -67.56 -98.66
N GLU BA 87 56.40 -66.78 -99.70
CA GLU BA 87 57.05 -65.46 -99.57
C GLU BA 87 56.11 -64.36 -99.05
N GLU BA 88 54.86 -64.30 -99.51
CA GLU BA 88 53.92 -63.24 -99.14
C GLU BA 88 53.69 -63.20 -97.62
N LEU BA 89 53.46 -64.35 -96.99
CA LEU BA 89 53.27 -64.44 -95.54
C LEU BA 89 54.52 -63.97 -94.79
N GLN BA 90 55.72 -64.36 -95.22
CA GLN BA 90 56.97 -63.91 -94.59
C GLN BA 90 57.14 -62.39 -94.72
N LYS BA 91 56.89 -61.84 -95.91
CA LYS BA 91 56.98 -60.39 -96.17
C LYS BA 91 55.97 -59.61 -95.33
N LYS BA 92 54.71 -60.09 -95.28
CA LYS BA 92 53.68 -59.55 -94.39
C LYS BA 92 54.16 -59.54 -92.95
N ALA BA 93 54.60 -60.68 -92.42
CA ALA BA 93 55.04 -60.78 -91.05
C ALA BA 93 56.21 -59.84 -90.75
N HIS BA 94 57.25 -59.82 -91.58
CA HIS BA 94 58.43 -58.98 -91.32
C HIS BA 94 58.07 -57.49 -91.33
N LYS BA 95 57.27 -57.04 -92.31
CA LYS BA 95 56.77 -55.66 -92.36
C LYS BA 95 55.92 -55.32 -91.15
N LEU BA 96 54.96 -56.19 -90.80
CA LEU BA 96 54.12 -55.99 -89.63
C LEU BA 96 54.98 -55.91 -88.36
N ALA BA 97 55.99 -56.75 -88.23
CA ALA BA 97 56.90 -56.72 -87.09
C ALA BA 97 57.66 -55.39 -87.01
N LYS BA 98 58.16 -54.89 -88.15
CA LYS BA 98 58.81 -53.57 -88.17
C LYS BA 98 57.82 -52.47 -87.75
N GLU BA 99 56.59 -52.52 -88.25
CA GLU BA 99 55.55 -51.58 -87.84
C GLU BA 99 55.25 -51.69 -86.34
N ALA BA 100 55.21 -52.90 -85.80
CA ALA BA 100 55.07 -53.09 -84.37
C ALA BA 100 56.26 -52.47 -83.64
N LEU BA 101 57.48 -52.66 -84.13
CA LEU BA 101 58.67 -52.10 -83.52
C LEU BA 101 58.56 -50.57 -83.48
N ARG BA 102 58.15 -49.96 -84.59
CA ARG BA 102 57.87 -48.53 -84.63
C ARG BA 102 56.84 -48.16 -83.57
N GLN BA 103 55.69 -48.83 -83.55
CA GLN BA 103 54.63 -48.48 -82.62
C GLN BA 103 55.08 -48.62 -81.16
N VAL BA 104 55.80 -49.69 -80.82
CA VAL BA 104 56.26 -49.87 -79.44
C VAL BA 104 57.30 -48.82 -79.11
N ILE BA 105 58.19 -48.47 -80.03
CA ILE BA 105 59.17 -47.42 -79.83
C ILE BA 105 58.46 -46.10 -79.57
N GLU BA 106 57.47 -45.75 -80.38
CA GLU BA 106 56.69 -44.53 -80.18
C GLU BA 106 56.03 -44.53 -78.80
N ILE BA 107 55.44 -45.65 -78.42
CA ILE BA 107 54.87 -45.77 -77.09
C ILE BA 107 55.96 -45.66 -76.04
N ALA BA 108 57.15 -46.19 -76.27
CA ALA BA 108 58.26 -46.07 -75.33
C ALA BA 108 58.69 -44.61 -75.16
N ILE BA 109 58.73 -43.85 -76.24
CA ILE BA 109 58.96 -42.41 -76.16
C ILE BA 109 57.83 -41.77 -75.33
N ARG BA 110 56.57 -42.12 -75.59
CA ARG BA 110 55.46 -41.59 -74.78
C ARG BA 110 55.56 -42.03 -73.33
N ALA BA 111 56.01 -43.24 -73.04
CA ALA BA 111 56.19 -43.72 -71.68
C ALA BA 111 57.28 -42.90 -70.98
N ILE BA 112 58.37 -42.57 -71.67
CA ILE BA 112 59.37 -41.63 -71.15
C ILE BA 112 58.70 -40.28 -70.88
N GLN BA 113 57.88 -39.79 -71.81
CA GLN BA 113 57.18 -38.52 -71.64
C GLN BA 113 56.26 -38.51 -70.40
N GLU BA 114 55.47 -39.54 -70.22
CA GLU BA 114 54.55 -39.65 -69.08
C GLU BA 114 55.25 -40.06 -67.76
N GLY BA 115 56.46 -40.61 -67.84
CA GLY BA 115 57.35 -40.84 -66.72
C GLY BA 115 57.07 -42.06 -65.83
N ASN BA 116 55.98 -42.81 -66.03
CA ASN BA 116 55.81 -44.11 -65.38
C ASN BA 116 56.66 -45.17 -66.10
N LEU BA 117 57.91 -45.33 -65.66
CA LEU BA 117 58.88 -46.19 -66.32
C LEU BA 117 58.48 -47.67 -66.32
N GLU BA 118 57.50 -48.10 -65.52
CA GLU BA 118 56.99 -49.47 -65.62
C GLU BA 118 56.40 -49.73 -67.01
N LEU BA 119 55.70 -48.75 -67.58
CA LEU BA 119 55.24 -48.87 -68.96
C LEU BA 119 56.44 -48.99 -69.89
N ALA BA 120 57.48 -48.19 -69.69
CA ALA BA 120 58.68 -48.27 -70.52
C ALA BA 120 59.34 -49.66 -70.40
N ILE BA 121 59.39 -50.22 -69.20
CA ILE BA 121 59.88 -51.57 -68.97
C ILE BA 121 59.06 -52.57 -69.78
N ILE BA 122 57.73 -52.51 -69.66
CA ILE BA 122 56.86 -53.46 -70.35
C ILE BA 122 57.04 -53.31 -71.86
N ALA BA 123 57.03 -52.08 -72.34
CA ALA BA 123 57.28 -51.78 -73.74
C ALA BA 123 58.62 -52.37 -74.18
N LEU BA 124 59.67 -52.19 -73.38
CA LEU BA 124 60.97 -52.71 -73.75
C LEU BA 124 60.94 -54.23 -73.75
N HIS BA 125 60.26 -54.86 -72.79
CA HIS BA 125 60.10 -56.30 -72.78
C HIS BA 125 59.45 -56.80 -74.06
N ILE BA 126 58.36 -56.13 -74.47
CA ILE BA 126 57.70 -56.44 -75.74
C ILE BA 126 58.68 -56.22 -76.89
N SER BA 127 59.49 -55.17 -76.85
CA SER BA 127 60.48 -54.96 -77.91
C SER BA 127 61.44 -56.13 -78.00
N VAL BA 128 61.83 -56.72 -76.87
CA VAL BA 128 62.66 -57.93 -76.90
C VAL BA 128 61.89 -59.09 -77.51
N ARG BA 129 60.59 -59.22 -77.23
CA ARG BA 129 59.78 -60.22 -77.94
C ARG BA 129 59.77 -59.97 -79.43
N ILE BA 130 59.66 -58.71 -79.86
CA ILE BA 130 59.75 -58.37 -81.26
C ILE BA 130 61.10 -58.78 -81.81
N ALA BA 131 62.18 -58.53 -81.08
CA ALA BA 131 63.50 -58.95 -81.51
C ALA BA 131 63.56 -60.47 -81.71
N GLU BA 132 63.01 -61.27 -80.81
CA GLU BA 132 62.95 -62.71 -81.01
C GLU BA 132 62.18 -63.07 -82.28
N VAL BA 133 61.03 -62.46 -82.49
CA VAL BA 133 60.22 -62.70 -83.69
C VAL BA 133 61.00 -62.32 -84.94
N LEU BA 134 61.58 -61.13 -84.96
CA LEU BA 134 62.40 -60.69 -86.09
C LEU BA 134 63.54 -61.67 -86.33
N LEU BA 135 64.25 -62.07 -85.27
CA LEU BA 135 65.40 -62.96 -85.37
C LEU BA 135 64.98 -64.30 -85.95
N GLU BA 136 63.81 -64.82 -85.56
CA GLU BA 136 63.28 -66.04 -86.15
C GLU BA 136 62.79 -65.82 -87.59
N THR BA 137 62.41 -64.60 -87.93
CA THR BA 137 61.91 -64.24 -89.26
C THR BA 137 63.04 -64.09 -90.29
N ARG BA 138 64.13 -63.41 -89.92
CA ARG BA 138 65.29 -63.13 -90.79
C ARG BA 138 66.60 -63.10 -89.97
N PRO BA 139 67.27 -64.25 -89.76
CA PRO BA 139 68.60 -64.31 -89.15
C PRO BA 139 69.68 -63.50 -89.88
N ASP BA 140 69.49 -63.22 -91.18
CA ASP BA 140 70.43 -62.55 -92.08
C ASP BA 140 70.24 -61.01 -92.19
N ASP BA 141 69.10 -60.46 -91.77
CA ASP BA 141 68.80 -59.02 -91.83
C ASP BA 141 69.47 -58.22 -90.69
N ARG BA 142 70.75 -58.54 -90.44
CA ARG BA 142 71.49 -58.22 -89.21
C ARG BA 142 71.50 -56.73 -88.90
N GLU BA 143 71.48 -55.86 -89.90
CA GLU BA 143 71.49 -54.42 -89.71
C GLU BA 143 70.23 -53.96 -88.99
N GLU BA 144 69.06 -54.53 -89.30
CA GLU BA 144 67.83 -54.22 -88.56
C GLU BA 144 68.00 -54.60 -87.09
N ILE BA 145 68.57 -55.79 -86.84
CA ILE BA 145 68.79 -56.25 -85.47
C ILE BA 145 69.78 -55.32 -84.78
N ARG BA 146 70.86 -54.94 -85.44
CA ARG BA 146 71.83 -54.02 -84.88
C ARG BA 146 71.22 -52.66 -84.60
N GLU BA 147 70.35 -52.15 -85.47
CA GLU BA 147 69.61 -50.92 -85.18
C GLU BA 147 68.75 -51.10 -83.95
N GLN BA 148 68.01 -52.20 -83.88
CA GLN BA 148 67.22 -52.49 -82.69
C GLN BA 148 68.11 -52.55 -81.45
N GLN BA 149 69.29 -53.16 -81.54
CA GLN BA 149 70.25 -53.17 -80.45
C GLN BA 149 70.61 -51.75 -80.08
N ALA BA 150 71.02 -50.92 -81.03
CA ALA BA 150 71.39 -49.55 -80.76
C ALA BA 150 70.25 -48.80 -80.05
N ILE BA 151 69.04 -48.96 -80.56
CA ILE BA 151 67.87 -48.32 -79.99
C ILE BA 151 67.67 -48.80 -78.57
N PHE BA 152 67.67 -50.11 -78.36
CA PHE BA 152 67.51 -50.72 -77.05
C PHE BA 152 68.59 -50.22 -76.10
N GLU BA 153 69.85 -50.23 -76.52
CA GLU BA 153 70.97 -49.79 -75.72
C GLU BA 153 70.80 -48.34 -75.32
N LEU BA 154 70.38 -47.50 -76.25
CA LEU BA 154 70.10 -46.11 -75.96
C LEU BA 154 68.97 -46.02 -74.95
N LEU BA 155 67.89 -46.75 -75.14
CA LEU BA 155 66.78 -46.74 -74.21
C LEU BA 155 67.23 -47.21 -72.84
N ILE BA 156 68.04 -48.26 -72.76
CA ILE BA 156 68.59 -48.72 -71.50
C ILE BA 156 69.46 -47.64 -70.89
N ALA BA 157 70.33 -47.00 -71.66
CA ALA BA 157 71.14 -45.93 -71.11
C ALA BA 157 70.24 -44.84 -70.54
N ALA BA 158 69.20 -44.47 -71.27
CA ALA BA 158 68.24 -43.48 -70.84
C ALA BA 158 67.57 -43.93 -69.55
N LEU BA 159 67.09 -45.16 -69.49
CA LEU BA 159 66.49 -45.72 -68.31
C LEU BA 159 67.48 -45.78 -67.15
N GLU BA 160 68.76 -46.09 -67.37
CA GLU BA 160 69.74 -46.16 -66.28
C GLU BA 160 69.91 -44.79 -65.67
N ALA BA 161 70.08 -43.76 -66.50
CA ALA BA 161 70.07 -42.41 -66.00
C ALA BA 161 68.74 -42.13 -65.30
N ALA BA 162 67.62 -42.48 -65.91
CA ALA BA 162 66.30 -42.13 -65.43
C ALA BA 162 66.04 -42.71 -64.05
N ILE BA 163 66.17 -44.01 -63.92
CA ILE BA 163 65.93 -44.73 -62.68
C ILE BA 163 66.95 -44.28 -61.63
N ARG BA 164 68.22 -44.11 -61.99
CA ARG BA 164 69.23 -43.61 -61.06
C ARG BA 164 68.81 -42.26 -60.51
N LEU BA 165 68.46 -41.34 -61.39
CA LEU BA 165 68.12 -39.99 -60.99
C LEU BA 165 66.81 -39.98 -60.20
N GLU BA 166 65.83 -40.80 -60.57
CA GLU BA 166 64.57 -40.93 -59.84
C GLU BA 166 64.83 -41.41 -58.42
N LYS BA 167 65.67 -42.44 -58.26
CA LYS BA 167 66.06 -42.95 -56.94
C LYS BA 167 66.81 -41.87 -56.16
N LEU BA 168 67.74 -41.18 -56.80
CA LEU BA 168 68.49 -40.10 -56.19
C LEU BA 168 67.55 -38.97 -55.71
N LYS BA 169 66.52 -38.65 -56.51
CA LYS BA 169 65.46 -37.68 -56.17
C LYS BA 169 64.67 -38.15 -54.96
N GLU BA 170 64.21 -39.39 -54.98
CA GLU BA 170 63.46 -39.97 -53.86
C GLU BA 170 64.28 -39.97 -52.56
N GLU BA 171 65.58 -40.23 -52.66
CA GLU BA 171 66.51 -40.23 -51.53
C GLU BA 171 66.93 -38.82 -51.07
N GLY BA 172 66.47 -37.75 -51.72
CA GLY BA 172 66.62 -36.37 -51.22
C GLY BA 172 68.06 -35.82 -51.30
N ALA BA 173 68.85 -36.26 -52.27
CA ALA BA 173 70.23 -35.81 -52.48
C ALA BA 173 70.35 -34.29 -52.74
N PRO BA 174 71.52 -33.66 -52.53
CA PRO BA 174 71.74 -32.26 -52.88
C PRO BA 174 71.64 -32.08 -54.39
N PRO BA 175 70.92 -31.06 -54.90
CA PRO BA 175 70.75 -30.82 -56.33
C PRO BA 175 72.06 -30.78 -57.12
N GLU BA 176 73.17 -30.36 -56.50
CA GLU BA 176 74.50 -30.41 -57.11
C GLU BA 176 74.89 -31.83 -57.53
N GLN BA 177 74.68 -32.82 -56.67
CA GLN BA 177 74.94 -34.21 -57.03
C GLN BA 177 74.03 -34.66 -58.17
N ILE BA 178 72.74 -34.28 -58.11
CA ILE BA 178 71.77 -34.57 -59.17
C ILE BA 178 72.27 -34.00 -60.50
N GLU BA 179 72.70 -32.74 -60.51
CA GLU BA 179 73.24 -32.08 -61.69
C GLU BA 179 74.50 -32.79 -62.21
N ARG BA 180 75.44 -33.16 -61.34
CA ARG BA 180 76.64 -33.90 -61.77
C ARG BA 180 76.28 -35.21 -62.45
N VAL BA 181 75.39 -35.98 -61.84
CA VAL BA 181 74.92 -37.24 -62.44
C VAL BA 181 74.24 -36.95 -63.78
N ALA BA 182 73.35 -35.96 -63.83
CA ALA BA 182 72.60 -35.65 -65.03
C ALA BA 182 73.53 -35.25 -66.18
N GLU BA 183 74.52 -34.39 -65.92
CA GLU BA 183 75.50 -34.00 -66.92
C GLU BA 183 76.23 -35.23 -67.45
N HIS BA 184 76.72 -36.09 -66.56
CA HIS BA 184 77.43 -37.28 -66.98
C HIS BA 184 76.54 -38.19 -67.83
N GLY BA 185 75.28 -38.35 -67.43
CA GLY BA 185 74.31 -39.11 -68.19
C GLY BA 185 74.11 -38.50 -69.57
N LEU BA 186 73.85 -37.20 -69.66
CA LEU BA 186 73.66 -36.53 -70.93
C LEU BA 186 74.89 -36.68 -71.82
N GLU BA 187 76.09 -36.44 -71.29
CA GLU BA 187 77.33 -36.59 -72.04
C GLU BA 187 77.45 -38.02 -72.59
N ARG BA 188 77.31 -39.01 -71.72
CA ARG BA 188 77.38 -40.42 -72.09
C ARG BA 188 76.35 -40.71 -73.18
N LEU BA 189 75.10 -40.30 -72.99
CA LEU BA 189 74.03 -40.51 -73.96
C LEU BA 189 74.39 -39.92 -75.31
N LYS BA 190 74.84 -38.67 -75.31
CA LYS BA 190 75.20 -37.97 -76.54
C LYS BA 190 76.35 -38.68 -77.24
N GLU BA 191 77.39 -39.06 -76.52
CA GLU BA 191 78.51 -39.76 -77.14
C GLU BA 191 78.08 -41.14 -77.65
N ILE BA 192 77.23 -41.87 -76.91
CA ILE BA 192 76.64 -43.11 -77.41
C ILE BA 192 75.88 -42.82 -78.70
N ALA BA 193 75.06 -41.78 -78.74
CA ALA BA 193 74.31 -41.44 -79.94
C ALA BA 193 75.25 -41.16 -81.11
N LYS BA 194 76.33 -40.41 -80.86
CA LYS BA 194 77.35 -40.14 -81.87
C LYS BA 194 77.97 -41.43 -82.37
N GLU BA 195 78.36 -42.34 -81.48
CA GLU BA 195 78.87 -43.64 -81.90
C GLU BA 195 77.83 -44.43 -82.70
N ILE BA 196 76.57 -44.44 -82.28
CA ILE BA 196 75.49 -45.08 -83.04
C ILE BA 196 75.39 -44.47 -84.44
N SER BA 197 75.52 -43.15 -84.55
CA SER BA 197 75.49 -42.49 -85.85
C SER BA 197 76.62 -42.92 -86.78
N LYS BA 198 77.74 -43.40 -86.24
CA LYS BA 198 78.82 -43.98 -87.07
C LYS BA 198 78.39 -45.29 -87.71
N GLU BA 199 77.50 -46.05 -87.06
CA GLU BA 199 76.98 -47.29 -87.62
C GLU BA 199 75.76 -47.07 -88.51
N VAL BA 200 74.72 -46.40 -88.01
CA VAL BA 200 73.39 -46.43 -88.64
C VAL BA 200 73.24 -45.45 -89.80
N ASP BA 201 72.45 -45.83 -90.81
CA ASP BA 201 72.14 -44.98 -91.98
C ASP BA 201 70.63 -44.87 -92.32
N SER BA 202 69.75 -45.62 -91.66
CA SER BA 202 68.30 -45.45 -91.84
C SER BA 202 67.85 -44.08 -91.32
N PRO BA 203 67.20 -43.25 -92.15
CA PRO BA 203 66.69 -41.96 -91.71
C PRO BA 203 65.74 -42.11 -90.53
N GLU BA 204 64.84 -43.08 -90.59
CA GLU BA 204 63.90 -43.33 -89.51
C GLU BA 204 64.63 -43.72 -88.23
N SER BA 205 65.66 -44.56 -88.32
CA SER BA 205 66.43 -44.94 -87.14
C SER BA 205 67.06 -43.72 -86.48
N LYS BA 206 67.65 -42.84 -87.28
CA LYS BA 206 68.27 -41.60 -86.79
C LYS BA 206 67.20 -40.71 -86.16
N ARG BA 207 66.05 -40.58 -86.81
CA ARG BA 207 64.93 -39.77 -86.32
C ARG BA 207 64.48 -40.28 -84.96
N ILE BA 208 64.23 -41.57 -84.88
CA ILE BA 208 63.91 -42.26 -83.63
C ILE BA 208 65.00 -41.94 -82.61
N ALA BA 209 66.26 -42.17 -82.95
CA ALA BA 209 67.36 -41.99 -82.02
C ALA BA 209 67.34 -40.59 -81.45
N TYR BA 210 67.28 -39.57 -82.30
CA TYR BA 210 67.33 -38.21 -81.79
C TYR BA 210 66.12 -37.93 -80.93
N LYS BA 211 64.92 -38.34 -81.35
CA LYS BA 211 63.71 -38.17 -80.55
C LYS BA 211 63.91 -38.79 -79.18
N ILE BA 212 64.44 -40.00 -79.11
CA ILE BA 212 64.72 -40.66 -77.84
C ILE BA 212 65.65 -39.78 -77.03
N VAL BA 213 66.76 -39.33 -77.60
CA VAL BA 213 67.73 -38.52 -76.86
C VAL BA 213 67.04 -37.27 -76.32
N ALA BA 214 66.32 -36.56 -77.17
CA ALA BA 214 65.67 -35.33 -76.76
C ALA BA 214 64.65 -35.61 -75.65
N ALA BA 215 63.86 -36.66 -75.81
CA ALA BA 215 62.91 -37.05 -74.78
C ALA BA 215 63.65 -37.34 -73.48
N ALA BA 216 64.79 -38.02 -73.54
CA ALA BA 216 65.58 -38.29 -72.36
C ALA BA 216 66.06 -36.99 -71.71
N ALA BA 217 66.55 -36.04 -72.50
CA ALA BA 217 66.90 -34.74 -71.96
C ALA BA 217 65.70 -34.10 -71.27
N GLU BA 218 64.55 -34.05 -71.95
CA GLU BA 218 63.34 -33.46 -71.37
C GLU BA 218 62.99 -34.15 -70.05
N PHE BA 219 62.96 -35.47 -70.03
CA PHE BA 219 62.65 -36.22 -68.83
C PHE BA 219 63.63 -35.87 -67.71
N LEU BA 220 64.93 -35.88 -67.98
CA LEU BA 220 65.93 -35.55 -66.98
C LEU BA 220 65.69 -34.14 -66.45
N LEU BA 221 65.34 -33.21 -67.33
CA LEU BA 221 65.00 -31.86 -66.93
C LEU BA 221 63.74 -31.86 -66.04
N LYS BA 222 62.70 -32.63 -66.41
CA LYS BA 222 61.51 -32.75 -65.56
C LYS BA 222 61.84 -33.34 -64.21
N ILE BA 223 62.68 -34.36 -64.14
CA ILE BA 223 63.15 -34.92 -62.87
C ILE BA 223 63.83 -33.83 -62.05
N LEU BA 224 64.73 -33.06 -62.67
CA LEU BA 224 65.41 -31.97 -61.98
C LEU BA 224 64.41 -30.93 -61.46
N ALA BA 225 63.37 -30.61 -62.25
CA ALA BA 225 62.34 -29.67 -61.87
C ALA BA 225 61.47 -30.17 -60.70
N GLU BA 226 61.04 -31.43 -60.73
CA GLU BA 226 60.39 -32.06 -59.60
C GLU BA 226 61.28 -32.04 -58.35
N GLY BA 227 62.58 -32.22 -58.55
CA GLY BA 227 63.59 -32.18 -57.50
C GLY BA 227 63.80 -30.82 -56.85
N GLY BA 228 63.16 -29.75 -57.34
CA GLY BA 228 63.22 -28.43 -56.72
C GLY BA 228 64.60 -27.76 -56.76
N ALA BA 229 65.42 -28.08 -57.76
CA ALA BA 229 66.74 -27.48 -57.96
C ALA BA 229 66.70 -25.95 -58.13
N THR BA 230 67.82 -25.27 -57.89
CA THR BA 230 67.89 -23.81 -58.05
C THR BA 230 67.67 -23.39 -59.50
N PRO BA 231 67.12 -22.18 -59.74
CA PRO BA 231 67.06 -21.60 -61.08
C PRO BA 231 68.41 -21.64 -61.81
N GLU BA 232 69.51 -21.42 -61.08
CA GLU BA 232 70.86 -21.51 -61.63
C GLU BA 232 71.16 -22.91 -62.16
N GLN BA 233 70.95 -23.96 -61.37
CA GLN BA 233 71.20 -25.32 -61.83
C GLN BA 233 70.28 -25.68 -63.00
N LEU BA 234 69.00 -25.30 -62.94
CA LEU BA 234 68.07 -25.53 -64.03
C LEU BA 234 68.58 -24.91 -65.33
N GLU BA 235 69.01 -23.66 -65.27
CA GLU BA 235 69.59 -22.96 -66.42
C GLU BA 235 70.88 -23.65 -66.89
N ARG BA 236 71.80 -24.05 -66.00
CA ARG BA 236 73.04 -24.73 -66.39
C ARG BA 236 72.74 -26.02 -67.14
N VAL BA 237 71.85 -26.85 -66.59
CA VAL BA 237 71.44 -28.07 -67.27
C VAL BA 237 70.73 -27.74 -68.57
N THR BA 238 69.93 -26.68 -68.61
CA THR BA 238 69.26 -26.28 -69.85
C THR BA 238 70.27 -25.92 -70.94
N GLU BA 239 71.27 -25.11 -70.61
CA GLU BA 239 72.32 -24.77 -71.57
C GLU BA 239 73.02 -26.03 -72.04
N HIS BA 240 73.39 -26.90 -71.11
CA HIS BA 240 74.04 -28.16 -71.47
C HIS BA 240 73.13 -28.99 -72.37
N ALA BA 241 71.83 -29.03 -72.08
CA ALA BA 241 70.87 -29.75 -72.88
C ALA BA 241 70.80 -29.18 -74.29
N LEU BA 242 70.66 -27.87 -74.44
CA LEU BA 242 70.72 -27.23 -75.74
C LEU BA 242 72.03 -27.59 -76.45
N GLU BA 243 73.16 -27.56 -75.74
CA GLU BA 243 74.46 -27.84 -76.33
C GLU BA 243 74.52 -29.28 -76.86
N VAL BA 244 74.11 -30.28 -76.07
CA VAL BA 244 74.12 -31.65 -76.58
C VAL BA 244 73.08 -31.82 -77.68
N LEU BA 245 71.93 -31.15 -77.60
CA LEU BA 245 70.97 -31.18 -78.70
C LEU BA 245 71.64 -30.67 -79.96
N LYS BA 246 72.37 -29.55 -79.86
CA LYS BA 246 73.09 -28.99 -81.00
C LYS BA 246 74.06 -30.00 -81.56
N GLU BA 247 74.84 -30.70 -80.73
CA GLU BA 247 75.73 -31.75 -81.25
C GLU BA 247 74.92 -32.82 -81.99
N VAL BA 248 73.91 -33.40 -81.34
CA VAL BA 248 73.21 -34.55 -81.92
C VAL BA 248 72.48 -34.13 -83.19
N ALA BA 249 71.87 -32.95 -83.21
CA ALA BA 249 71.29 -32.39 -84.41
C ALA BA 249 72.35 -32.25 -85.50
N LYS BA 250 73.51 -31.65 -85.19
CA LYS BA 250 74.56 -31.39 -86.18
C LYS BA 250 75.03 -32.68 -86.85
N GLU BA 251 74.99 -33.80 -86.16
CA GLU BA 251 75.22 -35.09 -86.79
C GLU BA 251 73.97 -35.58 -87.51
N LEU BA 252 72.88 -35.83 -86.77
CA LEU BA 252 71.78 -36.68 -87.23
C LEU BA 252 70.79 -35.98 -88.17
N ALA BA 253 70.66 -34.65 -88.11
CA ALA BA 253 69.57 -33.93 -88.77
C ALA BA 253 69.83 -33.57 -90.25
N ASP BA 254 70.45 -34.47 -91.02
CA ASP BA 254 70.81 -34.26 -92.43
C ASP BA 254 69.68 -34.66 -93.43
N SER BA 255 68.41 -34.41 -93.08
CA SER BA 255 67.25 -34.70 -93.93
C SER BA 255 66.15 -33.64 -93.77
N PRO BA 256 65.25 -33.48 -94.74
CA PRO BA 256 64.24 -32.43 -94.68
C PRO BA 256 63.34 -32.59 -93.47
N GLU BA 257 62.87 -33.80 -93.24
CA GLU BA 257 62.02 -34.12 -92.09
C GLU BA 257 62.79 -33.90 -90.79
N SER BA 258 64.03 -34.40 -90.73
CA SER BA 258 64.79 -34.36 -89.48
C SER BA 258 65.15 -32.94 -89.09
N VAL BA 259 65.36 -32.03 -90.03
CA VAL BA 259 65.50 -30.61 -89.67
C VAL BA 259 64.22 -30.14 -88.99
N ARG BA 260 63.05 -30.39 -89.59
CA ARG BA 260 61.78 -29.94 -89.02
C ARG BA 260 61.57 -30.52 -87.64
N GLU BA 261 61.85 -31.81 -87.50
CA GLU BA 261 61.78 -32.49 -86.22
C GLU BA 261 62.77 -31.88 -85.23
N ALA BA 262 64.01 -31.62 -85.64
CA ALA BA 262 65.01 -31.04 -84.78
C ALA BA 262 64.53 -29.71 -84.24
N VAL BA 263 64.01 -28.85 -85.11
CA VAL BA 263 63.46 -27.57 -84.70
C VAL BA 263 62.34 -27.80 -83.71
N ARG BA 264 61.42 -28.72 -84.00
CA ARG BA 264 60.33 -29.02 -83.07
C ARG BA 264 60.88 -29.41 -81.71
N LEU BA 265 61.86 -30.31 -81.66
CA LEU BA 265 62.48 -30.73 -80.42
C LEU BA 265 63.13 -29.56 -79.69
N ILE BA 266 63.90 -28.74 -80.39
CA ILE BA 266 64.55 -27.60 -79.76
C ILE BA 266 63.50 -26.68 -79.16
N SER BA 267 62.45 -26.38 -79.93
CA SER BA 267 61.37 -25.53 -79.46
C SER BA 267 60.70 -26.12 -78.24
N LYS BA 268 60.43 -27.42 -78.25
CA LYS BA 268 59.80 -28.11 -77.14
C LYS BA 268 60.67 -27.97 -75.89
N LEU BA 269 61.95 -28.27 -75.99
CA LEU BA 269 62.87 -28.16 -74.86
C LEU BA 269 62.88 -26.73 -74.32
N THR BA 270 62.88 -25.76 -75.23
CA THR BA 270 62.84 -24.36 -74.85
C THR BA 270 61.56 -24.05 -74.09
N GLN BA 271 60.42 -24.51 -74.60
CA GLN BA 271 59.12 -24.29 -73.96
C GLN BA 271 59.09 -24.90 -72.58
N GLU BA 272 59.55 -26.13 -72.42
CA GLU BA 272 59.61 -26.76 -71.11
C GLU BA 272 60.48 -25.96 -70.16
N GLY BA 273 61.68 -25.58 -70.60
CA GLY BA 273 62.58 -24.78 -69.78
C GLY BA 273 61.92 -23.49 -69.31
N LEU BA 274 61.31 -22.77 -70.24
CA LEU BA 274 60.62 -21.53 -69.91
C LEU BA 274 59.48 -21.77 -68.92
N LYS BA 275 58.63 -22.78 -69.16
CA LYS BA 275 57.54 -23.11 -68.25
C LYS BA 275 58.06 -23.39 -66.84
N GLN BA 276 59.15 -24.14 -66.74
CA GLN BA 276 59.78 -24.45 -65.45
C GLN BA 276 60.36 -23.21 -64.77
N LEU BA 277 61.05 -22.33 -65.52
CA LEU BA 277 61.58 -21.09 -64.95
C LEU BA 277 60.45 -20.18 -64.44
N LYS BA 278 59.30 -20.15 -65.11
CA LYS BA 278 58.10 -19.48 -64.58
C LYS BA 278 57.60 -20.19 -63.31
N GLU BA 279 57.50 -21.51 -63.33
CA GLU BA 279 56.97 -22.27 -62.19
C GLU BA 279 57.80 -22.08 -60.91
N ILE BA 280 59.14 -22.04 -60.99
CA ILE BA 280 60.00 -21.78 -59.82
C ILE BA 280 60.00 -20.30 -59.39
N GLY BA 281 59.45 -19.40 -60.20
CA GLY BA 281 59.40 -17.96 -59.90
C GLY BA 281 60.74 -17.24 -60.06
N ALA BA 282 61.57 -17.66 -61.02
CA ALA BA 282 62.86 -17.02 -61.30
C ALA BA 282 62.70 -15.56 -61.80
N PRO BA 283 63.70 -14.67 -61.61
CA PRO BA 283 63.67 -13.35 -62.22
C PRO BA 283 63.80 -13.50 -63.74
N PRO BA 284 63.01 -12.74 -64.54
CA PRO BA 284 63.00 -12.86 -66.00
C PRO BA 284 64.37 -12.74 -66.67
N GLU BA 285 65.38 -12.18 -66.01
CA GLU BA 285 66.75 -12.17 -66.52
C GLU BA 285 67.23 -13.58 -66.89
N GLN BA 286 66.88 -14.58 -66.08
CA GLN BA 286 67.22 -15.97 -66.41
C GLN BA 286 66.49 -16.41 -67.68
N ILE BA 287 65.20 -16.09 -67.79
CA ILE BA 287 64.38 -16.44 -68.95
C ILE BA 287 64.99 -15.80 -70.21
N GLU BA 288 65.36 -14.54 -70.12
CA GLU BA 288 65.93 -13.80 -71.25
C GLU BA 288 67.24 -14.44 -71.73
N ARG BA 289 68.11 -14.86 -70.80
CA ARG BA 289 69.33 -15.60 -71.17
C ARG BA 289 68.97 -16.88 -71.89
N VAL BA 290 68.09 -17.69 -71.32
CA VAL BA 290 67.66 -18.94 -71.96
C VAL BA 290 67.03 -18.67 -73.32
N ALA BA 291 66.20 -17.64 -73.45
CA ALA BA 291 65.57 -17.29 -74.70
C ALA BA 291 66.62 -16.96 -75.76
N GLU BA 292 67.61 -16.13 -75.42
CA GLU BA 292 68.71 -15.84 -76.33
C GLU BA 292 69.43 -17.12 -76.73
N HIS BA 293 69.80 -17.94 -75.76
CA HIS BA 293 70.53 -19.17 -76.03
C HIS BA 293 69.74 -20.05 -76.99
N GLY BA 294 68.46 -20.26 -76.70
CA GLY BA 294 67.56 -21.07 -77.48
C GLY BA 294 67.47 -20.54 -78.90
N LEU BA 295 67.15 -19.26 -79.05
CA LEU BA 295 67.02 -18.66 -80.37
C LEU BA 295 68.34 -18.74 -81.14
N GLU BA 296 69.48 -18.45 -80.51
CA GLU BA 296 70.77 -18.51 -81.18
C GLU BA 296 71.05 -19.93 -81.66
N VAL BA 297 70.97 -20.91 -80.78
CA VAL BA 297 71.17 -22.32 -81.14
C VAL BA 297 70.21 -22.71 -82.25
N LEU BA 298 68.94 -22.36 -82.11
CA LEU BA 298 67.91 -22.68 -83.07
C LEU BA 298 68.31 -22.17 -84.44
N LYS BA 299 68.68 -20.89 -84.51
CA LYS BA 299 69.09 -20.27 -85.75
C LYS BA 299 70.35 -20.91 -86.30
N GLU BA 300 71.34 -21.20 -85.48
CA GLU BA 300 72.55 -21.87 -85.96
C GLU BA 300 72.22 -23.25 -86.53
N ILE BA 301 71.31 -23.99 -85.89
CA ILE BA 301 70.81 -25.26 -86.42
C ILE BA 301 70.05 -25.02 -87.72
N ALA BA 302 69.15 -24.05 -87.75
CA ALA BA 302 68.34 -23.77 -88.93
C ALA BA 302 69.25 -23.45 -90.11
N LYS BA 303 70.31 -22.67 -89.87
CA LYS BA 303 71.35 -22.39 -90.86
C LYS BA 303 71.99 -23.68 -91.33
N TYR BA 304 72.50 -24.50 -90.41
CA TYR BA 304 73.11 -25.79 -90.75
C TYR BA 304 72.18 -26.62 -91.64
N GLY BA 305 70.94 -26.80 -91.22
CA GLY BA 305 69.95 -27.58 -91.96
C GLY BA 305 69.71 -26.97 -93.34
N SER BA 306 69.55 -25.65 -93.40
CA SER BA 306 69.22 -24.96 -94.65
C SER BA 306 70.25 -25.19 -95.75
N LYS BA 307 71.52 -25.45 -95.40
CA LYS BA 307 72.57 -25.75 -96.37
C LYS BA 307 72.36 -27.09 -97.08
N LEU BA 308 71.66 -28.01 -96.43
CA LEU BA 308 71.35 -29.34 -96.97
C LEU BA 308 70.00 -29.39 -97.70
N THR BA 309 69.02 -28.58 -97.28
CA THR BA 309 67.65 -28.58 -97.83
C THR BA 309 67.57 -27.94 -99.23
N ASP BA 310 66.61 -28.40 -100.04
CA ASP BA 310 66.29 -27.87 -101.37
C ASP BA 310 64.81 -27.46 -101.57
N SER BA 311 63.99 -27.48 -100.51
CA SER BA 311 62.56 -27.14 -100.57
C SER BA 311 62.27 -25.79 -99.90
N PRO BA 312 61.88 -24.77 -100.68
CA PRO BA 312 61.33 -23.53 -100.14
C PRO BA 312 60.12 -23.79 -99.24
N GLU BA 313 59.31 -24.77 -99.57
CA GLU BA 313 58.09 -25.11 -98.83
C GLU BA 313 58.47 -25.53 -97.40
N LEU BA 314 59.42 -26.45 -97.28
CA LEU BA 314 59.97 -26.82 -95.99
C LEU BA 314 60.51 -25.59 -95.28
N LYS BA 315 61.39 -24.82 -95.93
CA LYS BA 315 61.98 -23.64 -95.30
C LYS BA 315 60.90 -22.66 -94.80
N ARG BA 316 59.82 -22.49 -95.56
CA ARG BA 316 58.67 -21.67 -95.13
C ARG BA 316 58.09 -22.22 -93.84
N GLU BA 317 57.81 -23.51 -93.78
CA GLU BA 317 57.32 -24.12 -92.55
C GLU BA 317 58.32 -23.97 -91.41
N LEU BA 318 59.63 -24.12 -91.67
CA LEU BA 318 60.65 -23.91 -90.65
C LEU BA 318 60.54 -22.49 -90.11
N TYR BA 319 60.49 -21.51 -91.00
CA TYR BA 319 60.32 -20.13 -90.61
C TYR BA 319 59.04 -19.97 -89.79
N ARG BA 320 57.95 -20.59 -90.22
CA ARG BA 320 56.68 -20.50 -89.51
C ARG BA 320 56.86 -21.00 -88.09
N ILE BA 321 57.44 -22.18 -87.91
CA ILE BA 321 57.67 -22.74 -86.59
C ILE BA 321 58.60 -21.83 -85.78
N ILE BA 322 59.64 -21.29 -86.40
CA ILE BA 322 60.54 -20.37 -85.72
C ILE BA 322 59.74 -19.17 -85.22
N SER BA 323 58.87 -18.63 -86.05
CA SER BA 323 58.02 -17.52 -85.65
C SER BA 323 57.05 -17.91 -84.54
N GLU BA 324 56.44 -19.08 -84.61
CA GLU BA 324 55.62 -19.58 -83.51
C GLU BA 324 56.46 -19.65 -82.25
N THR BA 325 57.71 -20.06 -82.36
CA THR BA 325 58.62 -20.15 -81.23
C THR BA 325 58.80 -18.78 -80.64
N ALA BA 326 59.11 -17.79 -81.45
CA ALA BA 326 59.23 -16.43 -80.97
C ALA BA 326 57.93 -15.98 -80.28
N LYS BA 327 56.78 -16.24 -80.90
CA LYS BA 327 55.49 -15.84 -80.37
C LYS BA 327 55.24 -16.49 -79.01
N GLU BA 328 55.51 -17.77 -78.89
CA GLU BA 328 55.37 -18.47 -77.62
C GLU BA 328 56.34 -17.95 -76.59
N LEU BA 329 57.60 -17.73 -76.94
CA LEU BA 329 58.61 -17.19 -76.03
C LEU BA 329 58.14 -15.84 -75.49
N LEU BA 330 57.65 -14.97 -76.36
CA LEU BA 330 57.08 -13.70 -75.94
C LEU BA 330 55.85 -13.92 -75.06
N LYS BA 331 54.93 -14.80 -75.44
CA LYS BA 331 53.71 -15.05 -74.69
C LYS BA 331 54.04 -15.48 -73.27
N ILE BA 332 54.96 -16.42 -73.12
CA ILE BA 332 55.39 -16.90 -71.82
C ILE BA 332 56.12 -15.80 -71.06
N LEU BA 333 56.96 -15.00 -71.72
CA LEU BA 333 57.65 -13.90 -71.04
C LEU BA 333 56.63 -12.90 -70.46
N ALA BA 334 55.60 -12.57 -71.22
CA ALA BA 334 54.51 -11.71 -70.77
C ALA BA 334 53.69 -12.37 -69.65
N GLU BA 335 53.41 -13.67 -69.75
CA GLU BA 335 52.79 -14.44 -68.68
C GLU BA 335 53.70 -14.52 -67.43
N GLY BA 336 55.02 -14.31 -67.61
CA GLY BA 336 56.01 -14.16 -66.55
C GLY BA 336 55.98 -12.79 -65.86
N GLY BA 337 55.17 -11.85 -66.33
CA GLY BA 337 55.05 -10.51 -65.74
C GLY BA 337 56.30 -9.62 -65.89
N ALA BA 338 57.16 -9.89 -66.89
CA ALA BA 338 58.40 -9.15 -67.12
C ALA BA 338 58.16 -7.67 -67.51
N THR BA 339 59.16 -6.80 -67.31
CA THR BA 339 59.05 -5.37 -67.64
C THR BA 339 59.01 -5.15 -69.16
N PRO BA 340 58.41 -4.05 -69.64
CA PRO BA 340 58.49 -3.65 -71.04
C PRO BA 340 59.91 -3.61 -71.58
N GLU BA 341 60.91 -3.28 -70.76
CA GLU BA 341 62.30 -3.31 -71.21
C GLU BA 341 62.74 -4.72 -71.60
N GLN BA 342 62.38 -5.74 -70.82
CA GLN BA 342 62.64 -7.12 -71.21
C GLN BA 342 61.87 -7.47 -72.49
N LEU BA 343 60.61 -7.04 -72.60
CA LEU BA 343 59.82 -7.28 -73.81
C LEU BA 343 60.52 -6.68 -75.03
N GLU BA 344 61.03 -5.45 -74.91
CA GLU BA 344 61.79 -4.82 -75.99
C GLU BA 344 63.05 -5.62 -76.31
N ARG BA 345 63.89 -5.90 -75.30
CA ARG BA 345 65.15 -6.63 -75.47
C ARG BA 345 64.94 -7.92 -76.25
N VAL BA 346 63.99 -8.73 -75.80
CA VAL BA 346 63.66 -10.00 -76.43
C VAL BA 346 63.05 -9.77 -77.80
N THR BA 347 62.06 -8.88 -77.94
CA THR BA 347 61.40 -8.68 -79.24
C THR BA 347 62.40 -8.24 -80.30
N LYS BA 348 63.31 -7.33 -79.94
CA LYS BA 348 64.39 -6.90 -80.82
C LYS BA 348 65.22 -8.11 -81.21
N HIS BA 349 65.74 -8.84 -80.23
CA HIS BA 349 66.57 -10.01 -80.53
C HIS BA 349 65.83 -11.00 -81.43
N ALA BA 350 64.56 -11.24 -81.17
CA ALA BA 350 63.75 -12.14 -81.96
C ALA BA 350 63.65 -11.65 -83.41
N LEU BA 351 63.34 -10.38 -83.62
CA LEU BA 351 63.32 -9.82 -84.96
C LEU BA 351 64.70 -9.97 -85.61
N GLU BA 352 65.78 -9.67 -84.90
CA GLU BA 352 67.14 -9.75 -85.43
C GLU BA 352 67.47 -11.18 -85.84
N VAL BA 353 67.13 -12.15 -85.01
CA VAL BA 353 67.27 -13.56 -85.33
C VAL BA 353 66.42 -13.89 -86.55
N LEU BA 354 65.17 -13.45 -86.60
CA LEU BA 354 64.32 -13.73 -87.75
C LEU BA 354 64.94 -13.16 -89.03
N LYS BA 355 65.54 -11.98 -88.94
CA LYS BA 355 66.25 -11.35 -90.05
C LYS BA 355 67.44 -12.21 -90.46
N GLU BA 356 68.26 -12.66 -89.53
CA GLU BA 356 69.36 -13.57 -89.86
C GLU BA 356 68.83 -14.84 -90.54
N VAL BA 357 67.77 -15.42 -89.99
CA VAL BA 357 67.16 -16.64 -90.55
C VAL BA 357 66.67 -16.36 -91.96
N ALA BA 358 66.01 -15.24 -92.18
CA ALA BA 358 65.56 -14.90 -93.52
C ALA BA 358 66.75 -14.80 -94.47
N LYS BA 359 67.80 -14.07 -94.07
CA LYS BA 359 68.99 -13.87 -94.89
C LYS BA 359 69.67 -15.19 -95.25
N GLU BA 360 69.64 -16.16 -94.35
CA GLU BA 360 70.12 -17.51 -94.69
C GLU BA 360 69.14 -18.21 -95.64
N LEU BA 361 67.87 -18.32 -95.26
CA LEU BA 361 66.95 -19.27 -95.89
C LEU BA 361 66.42 -18.75 -97.24
N ALA BA 362 66.16 -17.46 -97.36
CA ALA BA 362 65.31 -16.93 -98.42
C ALA BA 362 65.96 -17.04 -99.82
N ASP BA 363 65.16 -17.43 -100.81
CA ASP BA 363 65.59 -17.62 -102.21
C ASP BA 363 64.48 -17.34 -103.26
N SER BA 364 63.32 -16.81 -102.88
CA SER BA 364 62.24 -16.41 -103.80
C SER BA 364 61.49 -15.17 -103.30
N PRO BA 365 60.83 -14.40 -104.18
CA PRO BA 365 60.00 -13.29 -103.75
C PRO BA 365 58.92 -13.75 -102.77
N GLU BA 366 58.19 -14.82 -103.08
CA GLU BA 366 57.04 -15.25 -102.28
C GLU BA 366 57.49 -15.71 -100.89
N SER BA 367 58.57 -16.47 -100.82
CA SER BA 367 59.15 -16.87 -99.54
C SER BA 367 59.64 -15.63 -98.77
N GLY BA 368 60.20 -14.64 -99.45
CA GLY BA 368 60.47 -13.33 -98.85
C GLY BA 368 59.22 -12.72 -98.25
N LEU BA 369 58.13 -12.66 -99.01
CA LEU BA 369 56.86 -12.17 -98.52
C LEU BA 369 56.40 -12.94 -97.30
N ALA BA 370 56.50 -14.27 -97.32
CA ALA BA 370 56.11 -15.06 -96.16
C ALA BA 370 56.95 -14.70 -94.94
N ALA BA 371 58.28 -14.63 -95.10
CA ALA BA 371 59.16 -14.28 -94.00
C ALA BA 371 58.82 -12.89 -93.45
N LEU BA 372 58.61 -11.94 -94.36
CA LEU BA 372 58.12 -10.64 -94.00
C LEU BA 372 56.81 -10.75 -93.22
N ALA BA 373 55.84 -11.50 -93.71
CA ALA BA 373 54.54 -11.59 -93.07
C ALA BA 373 54.69 -12.13 -91.64
N ALA BA 374 55.53 -13.16 -91.48
CA ALA BA 374 55.86 -13.67 -90.17
C ALA BA 374 56.45 -12.57 -89.30
N ILE BA 375 57.48 -11.87 -89.78
CA ILE BA 375 58.10 -10.76 -89.05
C ILE BA 375 57.02 -9.78 -88.62
N ALA BA 376 56.17 -9.37 -89.55
CA ALA BA 376 55.15 -8.37 -89.31
C ALA BA 376 54.18 -8.85 -88.24
N SER BA 377 53.73 -10.10 -88.33
CA SER BA 377 52.83 -10.65 -87.33
C SER BA 377 53.51 -10.67 -85.96
N LEU BA 378 54.81 -10.94 -85.90
CA LEU BA 378 55.54 -10.92 -84.65
C LEU BA 378 55.54 -9.51 -84.07
N ALA BA 379 55.76 -8.51 -84.91
CA ALA BA 379 55.63 -7.13 -84.47
C ALA BA 379 54.21 -6.85 -83.98
N LYS BA 380 53.18 -7.40 -84.64
CA LYS BA 380 51.78 -7.22 -84.22
C LYS BA 380 51.57 -7.77 -82.83
N LEU BA 381 52.02 -8.99 -82.57
CA LEU BA 381 51.94 -9.54 -81.22
C LEU BA 381 52.78 -8.73 -80.23
N GLY BA 382 53.97 -8.29 -80.64
CA GLY BA 382 54.85 -7.47 -79.81
C GLY BA 382 54.13 -6.21 -79.33
N LEU BA 383 53.55 -5.47 -80.27
CA LEU BA 383 52.76 -4.28 -79.95
C LEU BA 383 51.56 -4.64 -79.09
N GLU BA 384 50.88 -5.75 -79.39
CA GLU BA 384 49.72 -6.20 -78.62
C GLU BA 384 50.09 -6.45 -77.15
N GLN BA 385 51.23 -7.10 -76.90
CA GLN BA 385 51.72 -7.29 -75.54
C GLN BA 385 52.14 -5.96 -74.91
N LEU BA 386 52.88 -5.12 -75.64
CA LEU BA 386 53.32 -3.81 -75.13
C LEU BA 386 52.14 -2.92 -74.71
N LYS BA 387 51.06 -2.88 -75.49
CA LYS BA 387 49.86 -2.13 -75.08
C LYS BA 387 49.13 -2.81 -73.93
N GLU BA 388 49.14 -4.14 -73.85
CA GLU BA 388 48.52 -4.84 -72.72
C GLU BA 388 49.23 -4.56 -71.39
N ILE BA 389 50.57 -4.52 -71.37
CA ILE BA 389 51.32 -4.05 -70.19
C ILE BA 389 51.27 -2.52 -70.02
N GLY BA 390 50.74 -1.79 -71.01
CA GLY BA 390 50.55 -0.35 -70.96
C GLY BA 390 51.86 0.44 -71.09
N ALA BA 391 52.81 -0.05 -71.89
CA ALA BA 391 54.11 0.58 -72.09
C ALA BA 391 54.00 2.01 -72.67
N PRO BA 392 54.93 2.93 -72.35
CA PRO BA 392 54.92 4.27 -72.91
C PRO BA 392 55.20 4.17 -74.42
N PRO BA 393 54.39 4.80 -75.29
CA PRO BA 393 54.44 4.65 -76.74
C PRO BA 393 55.82 4.73 -77.39
N GLU BA 394 56.79 5.40 -76.76
CA GLU BA 394 58.20 5.36 -77.14
C GLU BA 394 58.70 3.93 -77.45
N GLN BA 395 58.37 2.95 -76.60
CA GLN BA 395 58.72 1.56 -76.85
C GLN BA 395 58.05 1.05 -78.13
N GLN BA 396 56.73 1.20 -78.24
CA GLN BA 396 55.96 0.75 -79.40
C GLN BA 396 56.52 1.35 -80.68
N ARG BA 397 56.85 2.64 -80.65
CA ARG BA 397 57.45 3.35 -81.77
C ARG BA 397 58.83 2.79 -82.08
N ARG BA 398 59.72 2.64 -81.10
CA ARG BA 398 61.05 2.05 -81.31
C ARG BA 398 60.96 0.69 -81.97
N VAL BA 399 60.11 -0.19 -81.43
CA VAL BA 399 59.88 -1.52 -82.00
C VAL BA 399 59.31 -1.39 -83.42
N THR BA 400 58.39 -0.47 -83.65
CA THR BA 400 57.82 -0.27 -84.99
C THR BA 400 58.89 0.15 -85.97
N LYS BA 401 59.75 1.11 -85.61
CA LYS BA 401 60.86 1.57 -86.45
C LYS BA 401 61.84 0.43 -86.73
N ALA BA 402 62.18 -0.35 -85.71
CA ALA BA 402 62.98 -1.54 -85.92
C ALA BA 402 62.29 -2.49 -86.90
N GLY BA 403 60.98 -2.66 -86.77
CA GLY BA 403 60.18 -3.47 -87.70
C GLY BA 403 60.28 -2.93 -89.11
N ILE BA 404 60.14 -1.61 -89.28
CA ILE BA 404 60.31 -0.96 -90.57
C ILE BA 404 61.70 -1.27 -91.12
N GLU BA 405 62.75 -1.10 -90.33
CA GLU BA 405 64.11 -1.40 -90.79
C GLU BA 405 64.27 -2.89 -91.15
N ALA BA 406 63.59 -3.79 -90.44
CA ALA BA 406 63.61 -5.20 -90.80
C ALA BA 406 62.98 -5.42 -92.17
N VAL BA 407 61.75 -4.94 -92.40
CA VAL BA 407 61.13 -5.10 -93.72
C VAL BA 407 61.96 -4.42 -94.80
N ARG BA 408 62.56 -3.28 -94.48
CA ARG BA 408 63.44 -2.57 -95.40
C ARG BA 408 64.63 -3.45 -95.77
N GLU BA 409 65.24 -4.12 -94.80
CA GLU BA 409 66.28 -5.11 -95.07
C GLU BA 409 65.75 -6.28 -95.92
N ILE BA 410 64.54 -6.76 -95.68
CA ILE BA 410 63.96 -7.82 -96.51
C ILE BA 410 63.75 -7.34 -97.95
N TYR BA 411 63.24 -6.13 -98.14
CA TYR BA 411 63.12 -5.54 -99.47
C TYR BA 411 64.50 -5.43 -100.12
N ARG BA 412 65.48 -4.90 -99.40
CA ARG BA 412 66.87 -4.76 -99.86
C ARG BA 412 67.48 -6.12 -100.23
N TYR BA 413 67.11 -7.19 -99.54
CA TYR BA 413 67.49 -8.55 -99.94
C TYR BA 413 66.78 -8.95 -101.24
N GLY BA 414 65.45 -8.82 -101.32
CA GLY BA 414 64.67 -9.24 -102.48
C GLY BA 414 65.04 -8.48 -103.76
N ARG BA 415 65.36 -7.20 -103.63
CA ARG BA 415 65.71 -6.30 -104.75
C ARG BA 415 67.01 -6.66 -105.48
N LYS BA 416 67.79 -7.62 -104.95
CA LYS BA 416 68.92 -8.24 -105.68
C LYS BA 416 68.47 -9.05 -106.90
N LEU BA 417 67.23 -9.54 -106.91
CA LEU BA 417 66.68 -10.41 -107.96
C LEU BA 417 65.34 -9.93 -108.55
N TYR BA 418 64.53 -9.17 -107.79
CA TYR BA 418 63.24 -8.63 -108.26
C TYR BA 418 63.39 -7.30 -109.01
N ASP CA 3 62.88 -48.87 -56.21
CA ASP CA 3 63.85 -49.99 -56.22
C ASP CA 3 63.56 -51.03 -57.30
N ASP CA 4 62.37 -51.61 -57.36
CA ASP CA 4 62.04 -52.73 -58.26
C ASP CA 4 62.39 -52.46 -59.73
N LEU CA 5 62.26 -51.21 -60.17
CA LEU CA 5 62.66 -50.78 -61.51
C LEU CA 5 64.09 -51.23 -61.84
N LEU CA 6 65.04 -51.12 -60.91
CA LEU CA 6 66.43 -51.53 -61.15
C LEU CA 6 66.47 -53.03 -61.43
N LEU CA 7 65.75 -53.81 -60.64
CA LEU CA 7 65.66 -55.25 -60.85
C LEU CA 7 65.10 -55.52 -62.24
N LYS CA 8 64.04 -54.82 -62.64
CA LYS CA 8 63.49 -54.99 -63.98
C LYS CA 8 64.48 -54.59 -65.06
N LEU CA 9 65.25 -53.53 -64.86
CA LEU CA 9 66.27 -53.15 -65.82
C LEU CA 9 67.30 -54.27 -65.97
N LEU CA 10 67.70 -54.88 -64.87
CA LEU CA 10 68.58 -56.04 -64.92
C LEU CA 10 67.91 -57.19 -65.69
N GLU CA 11 66.64 -57.49 -65.42
CA GLU CA 11 65.95 -58.53 -66.19
C GLU CA 11 66.00 -58.23 -67.69
N LEU CA 12 65.68 -56.98 -68.06
CA LEU CA 12 65.66 -56.57 -69.45
C LEU CA 12 67.03 -56.77 -70.07
N LEU CA 13 68.07 -56.33 -69.37
CA LEU CA 13 69.43 -56.55 -69.80
C LEU CA 13 69.70 -58.04 -69.97
N VAL CA 14 69.37 -58.87 -68.98
CA VAL CA 14 69.66 -60.31 -69.05
C VAL CA 14 68.98 -60.91 -70.27
N GLU CA 15 67.71 -60.60 -70.46
CA GLU CA 15 66.98 -61.17 -71.57
C GLU CA 15 67.58 -60.70 -72.89
N GLN CA 16 67.93 -59.41 -72.99
CA GLN CA 16 68.54 -58.91 -74.21
C GLN CA 16 69.91 -59.53 -74.43
N ALA CA 17 70.65 -59.83 -73.37
CA ALA CA 17 71.88 -60.58 -73.48
C ALA CA 17 71.60 -61.97 -74.04
N ARG CA 18 70.55 -62.66 -73.58
CA ARG CA 18 70.16 -63.97 -74.13
C ARG CA 18 69.88 -63.85 -75.62
N VAL CA 19 69.00 -62.94 -76.00
CA VAL CA 19 68.61 -62.78 -77.42
C VAL CA 19 69.83 -62.40 -78.25
N SER CA 20 70.68 -61.53 -77.73
CA SER CA 20 71.92 -61.17 -78.41
C SER CA 20 72.86 -62.37 -78.53
N ALA CA 21 72.94 -63.26 -77.54
CA ALA CA 21 73.78 -64.45 -77.61
C ALA CA 21 73.22 -65.47 -78.61
N GLU CA 22 71.91 -65.59 -78.75
CA GLU CA 22 71.31 -66.38 -79.82
C GLU CA 22 71.64 -65.77 -81.19
N PHE CA 23 71.47 -64.46 -81.34
CA PHE CA 23 71.80 -63.73 -82.57
C PHE CA 23 73.28 -63.89 -82.93
N ALA CA 24 74.17 -63.70 -81.96
CA ALA CA 24 75.61 -63.86 -82.14
C ALA CA 24 75.97 -65.28 -82.56
N ARG CA 25 75.29 -66.32 -82.04
CA ARG CA 25 75.47 -67.70 -82.50
C ARG CA 25 74.95 -67.92 -83.91
N ARG CA 26 73.80 -67.34 -84.26
CA ARG CA 26 73.27 -67.41 -85.64
C ARG CA 26 74.17 -66.67 -86.65
N GLN CA 27 74.87 -65.62 -86.23
CA GLN CA 27 75.83 -64.87 -87.05
C GLN CA 27 77.29 -65.39 -86.96
N GLY CA 28 77.65 -66.17 -85.94
CA GLY CA 28 79.03 -66.59 -85.68
C GLY CA 28 79.96 -65.49 -85.14
N ASP CA 29 79.40 -64.44 -84.53
CA ASP CA 29 80.17 -63.28 -84.08
C ASP CA 29 80.78 -63.49 -82.69
N GLU CA 30 82.00 -64.01 -82.65
CA GLU CA 30 82.74 -64.23 -81.41
C GLU CA 30 83.00 -62.94 -80.62
N LYS CA 31 83.14 -61.78 -81.29
CA LYS CA 31 83.34 -60.51 -80.60
C LYS CA 31 82.06 -60.09 -79.90
N MET CA 32 80.90 -60.29 -80.52
CA MET CA 32 79.64 -60.09 -79.83
C MET CA 32 79.50 -61.06 -78.66
N LEU CA 33 79.90 -62.33 -78.81
CA LEU CA 33 79.88 -63.29 -77.69
C LEU CA 33 80.75 -62.79 -76.53
N GLU CA 34 81.97 -62.33 -76.81
CA GLU CA 34 82.81 -61.71 -75.79
C GLU CA 34 82.12 -60.52 -75.11
N GLU CA 35 81.54 -59.61 -75.90
CA GLU CA 35 80.86 -58.43 -75.35
C GLU CA 35 79.65 -58.80 -74.49
N VAL CA 36 78.79 -59.72 -74.95
CA VAL CA 36 77.64 -60.13 -74.14
C VAL CA 36 78.11 -60.91 -72.91
N ALA CA 37 79.22 -61.66 -72.98
CA ALA CA 37 79.76 -62.32 -71.80
C ALA CA 37 80.18 -61.27 -70.75
N ARG CA 38 80.90 -60.22 -71.18
CA ARG CA 38 81.27 -59.11 -70.29
C ARG CA 38 80.02 -58.47 -69.70
N LYS CA 39 79.04 -58.12 -70.55
CA LYS CA 39 77.75 -57.58 -70.09
C LYS CA 39 77.12 -58.50 -69.06
N ALA CA 40 77.06 -59.79 -69.33
CA ALA CA 40 76.39 -60.75 -68.47
C ALA CA 40 77.09 -60.85 -67.12
N GLU CA 41 78.41 -60.87 -67.10
CA GLU CA 41 79.14 -60.86 -65.84
C GLU CA 41 78.88 -59.55 -65.07
N GLU CA 42 78.95 -58.40 -65.74
CA GLU CA 42 78.75 -57.11 -65.08
C GLU CA 42 77.32 -56.94 -64.56
N VAL CA 43 76.33 -57.34 -65.34
CA VAL CA 43 74.93 -57.36 -64.91
C VAL CA 43 74.78 -58.28 -63.72
N ALA CA 44 75.40 -59.46 -63.75
CA ALA CA 44 75.38 -60.35 -62.59
C ALA CA 44 76.08 -59.70 -61.39
N ARG CA 45 77.16 -58.95 -61.59
CA ARG CA 45 77.85 -58.23 -60.52
C ARG CA 45 76.94 -57.17 -59.90
N LYS CA 46 76.25 -56.38 -60.71
CA LYS CA 46 75.23 -55.43 -60.23
C LYS CA 46 74.19 -56.17 -59.38
N ALA CA 47 73.65 -57.26 -59.93
CA ALA CA 47 72.65 -58.06 -59.24
C ALA CA 47 73.19 -58.62 -57.91
N GLU CA 48 74.41 -59.14 -57.87
CA GLU CA 48 75.03 -59.71 -56.68
C GLU CA 48 75.13 -58.65 -55.57
N GLU CA 49 75.63 -57.47 -55.89
CA GLU CA 49 75.71 -56.38 -54.92
C GLU CA 49 74.32 -55.96 -54.44
N ILE CA 50 73.37 -55.81 -55.37
CA ILE CA 50 72.00 -55.44 -55.00
C ILE CA 50 71.36 -56.53 -54.14
N ALA CA 51 71.61 -57.80 -54.42
CA ALA CA 51 71.10 -58.91 -53.64
C ALA CA 51 71.66 -58.86 -52.21
N ARG CA 52 72.97 -58.63 -52.04
CA ARG CA 52 73.55 -58.50 -50.69
C ARG CA 52 72.99 -57.28 -49.95
N LYS CA 53 72.74 -56.17 -50.65
CA LYS CA 53 72.03 -55.01 -50.09
C LYS CA 53 70.62 -55.41 -49.62
N ALA CA 54 69.84 -56.09 -50.45
CA ALA CA 54 68.52 -56.56 -50.05
C ALA CA 54 68.59 -57.50 -48.83
N ARG CA 55 69.57 -58.40 -48.79
CA ARG CA 55 69.80 -59.29 -47.63
C ARG CA 55 70.05 -58.49 -46.36
N LYS CA 56 70.86 -57.43 -46.44
CA LYS CA 56 71.09 -56.50 -45.32
C LYS CA 56 69.82 -55.78 -44.89
N GLU CA 57 69.02 -55.29 -45.83
CA GLU CA 57 67.74 -54.63 -45.51
C GLU CA 57 66.65 -55.59 -45.01
N GLY CA 58 66.78 -56.88 -45.30
CA GLY CA 58 65.87 -57.93 -44.81
C GLY CA 58 64.54 -58.05 -45.57
N ASN CA 59 64.35 -57.33 -46.69
CA ASN CA 59 63.19 -57.53 -47.55
C ASN CA 59 63.35 -58.82 -48.40
N LEU CA 60 62.72 -59.91 -47.95
CA LEU CA 60 62.90 -61.21 -48.59
C LEU CA 60 62.30 -61.26 -50.00
N GLU CA 61 61.25 -60.50 -50.29
CA GLU CA 61 60.70 -60.46 -51.64
C GLU CA 61 61.74 -59.92 -52.62
N LEU CA 62 62.35 -58.77 -52.29
CA LEU CA 62 63.44 -58.23 -53.09
C LEU CA 62 64.56 -59.25 -53.20
N ALA CA 63 64.99 -59.84 -52.09
CA ALA CA 63 66.11 -60.78 -52.10
C ALA CA 63 65.82 -61.96 -53.03
N LEU CA 64 64.63 -62.55 -52.94
CA LEU CA 64 64.25 -63.65 -53.82
C LEU CA 64 64.20 -63.20 -55.26
N LYS CA 65 63.61 -62.04 -55.56
CA LYS CA 65 63.61 -61.53 -56.93
C LYS CA 65 65.03 -61.33 -57.45
N ALA CA 66 65.91 -60.78 -56.62
CA ALA CA 66 67.30 -60.57 -56.97
C ALA CA 66 68.01 -61.90 -57.22
N LEU CA 67 67.75 -62.90 -56.38
CA LEU CA 67 68.25 -64.24 -56.62
C LEU CA 67 67.69 -64.76 -57.94
N GLU CA 68 66.41 -64.57 -58.24
CA GLU CA 68 65.86 -65.07 -59.49
C GLU CA 68 66.58 -64.43 -60.68
N ILE CA 69 66.86 -63.14 -60.59
CA ILE CA 69 67.69 -62.48 -61.60
C ILE CA 69 69.06 -63.13 -61.65
N LEU CA 70 69.69 -63.39 -60.51
CA LEU CA 70 70.99 -64.05 -60.50
C LEU CA 70 70.92 -65.43 -61.14
N VAL CA 71 69.83 -66.16 -60.93
CA VAL CA 71 69.61 -67.45 -61.55
C VAL CA 71 69.46 -67.29 -63.06
N ARG CA 72 68.68 -66.31 -63.51
CA ARG CA 72 68.52 -66.06 -64.93
C ARG CA 72 69.87 -65.70 -65.56
N ALA CA 73 70.60 -64.81 -64.92
CA ALA CA 73 71.92 -64.40 -65.36
C ALA CA 73 72.86 -65.60 -65.38
N ALA CA 74 72.80 -66.43 -64.35
CA ALA CA 74 73.59 -67.65 -64.30
C ALA CA 74 73.23 -68.56 -65.47
N HIS CA 75 71.95 -68.72 -65.79
CA HIS CA 75 71.53 -69.55 -66.92
C HIS CA 75 72.17 -69.06 -68.21
N VAL CA 76 72.10 -67.76 -68.46
CA VAL CA 76 72.77 -67.16 -69.62
C VAL CA 76 74.27 -67.41 -69.57
N LEU CA 77 74.91 -67.10 -68.44
CA LEU CA 77 76.36 -67.23 -68.30
C LEU CA 77 76.81 -68.66 -68.53
N ALA CA 78 76.09 -69.63 -67.97
CA ALA CA 78 76.36 -71.05 -68.11
C ALA CA 78 76.14 -71.49 -69.55
N GLU CA 79 75.11 -71.00 -70.23
CA GLU CA 79 74.91 -71.32 -71.65
C GLU CA 79 76.06 -70.77 -72.50
N ILE CA 80 76.50 -69.53 -72.23
CA ILE CA 80 77.68 -68.96 -72.88
C ILE CA 80 78.93 -69.81 -72.59
N ALA CA 81 79.17 -70.15 -71.33
CA ALA CA 81 80.34 -70.91 -70.92
C ALA CA 81 80.34 -72.35 -71.48
N ARG CA 82 79.16 -72.94 -71.69
CA ARG CA 82 78.98 -74.26 -72.34
C ARG CA 82 79.32 -74.18 -73.82
N GLU CA 83 78.77 -73.20 -74.54
CA GLU CA 83 79.02 -73.01 -75.96
C GLU CA 83 80.48 -72.66 -76.23
N ARG CA 84 81.07 -71.78 -75.40
CA ARG CA 84 82.47 -71.33 -75.53
C ARG CA 84 83.49 -72.35 -75.01
N GLY CA 85 83.10 -73.23 -74.10
CA GLY CA 85 83.99 -74.20 -73.45
C GLY CA 85 84.98 -73.59 -72.45
N ASN CA 86 84.77 -72.35 -72.00
CA ASN CA 86 85.68 -71.65 -71.11
C ASN CA 86 85.50 -72.11 -69.65
N GLU CA 87 86.48 -72.84 -69.11
CA GLU CA 87 86.39 -73.42 -67.76
C GLU CA 87 86.36 -72.37 -66.64
N GLU CA 88 86.97 -71.19 -66.81
CA GLU CA 88 86.91 -70.15 -65.78
C GLU CA 88 85.50 -69.60 -65.65
N LEU CA 89 84.81 -69.37 -66.77
CA LEU CA 89 83.40 -69.01 -66.76
C LEU CA 89 82.54 -70.15 -66.17
N GLN CA 90 82.80 -71.41 -66.53
CA GLN CA 90 82.06 -72.54 -65.97
C GLN CA 90 82.23 -72.63 -64.45
N LYS CA 91 83.46 -72.49 -63.95
CA LYS CA 91 83.77 -72.50 -62.50
C LYS CA 91 83.12 -71.31 -61.79
N LYS CA 92 83.21 -70.10 -62.36
CA LYS CA 92 82.52 -68.90 -61.86
C LYS CA 92 81.02 -69.18 -61.72
N ALA CA 93 80.37 -69.59 -62.80
CA ALA CA 93 78.93 -69.86 -62.80
C ALA CA 93 78.56 -70.93 -61.76
N HIS CA 94 79.26 -72.06 -61.72
CA HIS CA 94 78.93 -73.13 -60.79
C HIS CA 94 79.06 -72.68 -59.33
N LYS CA 95 80.16 -72.01 -58.97
CA LYS CA 95 80.37 -71.48 -57.62
C LYS CA 95 79.30 -70.45 -57.27
N LEU CA 96 79.01 -69.51 -58.18
CA LEU CA 96 77.94 -68.53 -57.97
C LEU CA 96 76.60 -69.23 -57.76
N ALA CA 97 76.28 -70.25 -58.54
CA ALA CA 97 75.05 -71.01 -58.39
C ALA CA 97 74.99 -71.72 -57.02
N LYS CA 98 76.10 -72.30 -56.55
CA LYS CA 98 76.13 -72.90 -55.22
C LYS CA 98 75.96 -71.86 -54.12
N GLU CA 99 76.57 -70.70 -54.27
CA GLU CA 99 76.36 -69.57 -53.34
C GLU CA 99 74.90 -69.11 -53.37
N ALA CA 100 74.27 -69.05 -54.55
CA ALA CA 100 72.85 -68.77 -54.64
C ALA CA 100 72.05 -69.86 -53.93
N LEU CA 101 72.41 -71.14 -54.10
CA LEU CA 101 71.75 -72.22 -53.40
C LEU CA 101 71.83 -72.03 -51.88
N ARG CA 102 73.02 -71.71 -51.36
CA ARG CA 102 73.18 -71.39 -49.95
C ARG CA 102 72.25 -70.24 -49.55
N GLN CA 103 72.28 -69.14 -50.28
CA GLN CA 103 71.47 -67.98 -49.94
C GLN CA 103 69.97 -68.30 -49.99
N VAL CA 104 69.50 -69.02 -51.01
CA VAL CA 104 68.07 -69.36 -51.07
C VAL CA 104 67.71 -70.32 -49.95
N ILE CA 105 68.58 -71.27 -49.60
CA ILE CA 105 68.35 -72.16 -48.47
C ILE CA 105 68.24 -71.34 -47.20
N GLU CA 106 69.18 -70.43 -46.95
CA GLU CA 106 69.14 -69.57 -45.77
C GLU CA 106 67.86 -68.74 -45.74
N ILE CA 107 67.47 -68.17 -46.88
CA ILE CA 107 66.22 -67.43 -46.96
C ILE CA 107 65.05 -68.36 -46.69
N ALA CA 108 65.05 -69.58 -47.19
CA ALA CA 108 63.97 -70.53 -46.95
C ALA CA 108 63.87 -70.88 -45.46
N ILE CA 109 65.01 -71.10 -44.81
CA ILE CA 109 65.06 -71.26 -43.36
C ILE CA 109 64.48 -70.02 -42.69
N ARG CA 110 64.89 -68.81 -43.09
CA ARG CA 110 64.39 -67.57 -42.48
C ARG CA 110 62.90 -67.39 -42.71
N ALA CA 111 62.41 -67.68 -43.90
CA ALA CA 111 61.00 -67.57 -44.23
C ALA CA 111 60.17 -68.53 -43.36
N ILE CA 112 60.65 -69.76 -43.16
CA ILE CA 112 60.02 -70.71 -42.24
C ILE CA 112 60.09 -70.16 -40.80
N GLN CA 113 61.24 -69.62 -40.40
CA GLN CA 113 61.43 -69.05 -39.06
C GLN CA 113 60.49 -67.88 -38.79
N GLU CA 114 60.25 -67.02 -39.78
CA GLU CA 114 59.26 -65.94 -39.72
C GLU CA 114 57.82 -66.42 -39.97
N GLY CA 115 57.63 -67.65 -40.44
CA GLY CA 115 56.32 -68.23 -40.76
C GLY CA 115 55.69 -67.74 -42.08
N ASN CA 116 56.44 -67.06 -42.95
CA ASN CA 116 55.97 -66.70 -44.29
C ASN CA 116 56.19 -67.86 -45.27
N LEU CA 117 55.34 -68.89 -45.14
CA LEU CA 117 55.45 -70.11 -45.93
C LEU CA 117 55.21 -69.82 -47.42
N GLU CA 118 54.53 -68.73 -47.74
CA GLU CA 118 54.30 -68.28 -49.10
C GLU CA 118 55.63 -67.95 -49.79
N LEU CA 119 56.42 -67.06 -49.19
CA LEU CA 119 57.74 -66.77 -49.70
C LEU CA 119 58.61 -68.03 -49.64
N ALA CA 120 58.47 -68.88 -48.62
CA ALA CA 120 59.24 -70.12 -48.59
C ALA CA 120 58.92 -70.99 -49.82
N ILE CA 121 57.65 -71.12 -50.20
CA ILE CA 121 57.26 -71.85 -51.39
C ILE CA 121 57.88 -71.21 -52.62
N ILE CA 122 57.84 -69.89 -52.73
CA ILE CA 122 58.46 -69.19 -53.86
C ILE CA 122 59.96 -69.43 -53.87
N ALA CA 123 60.61 -69.37 -52.72
CA ALA CA 123 62.02 -69.67 -52.57
C ALA CA 123 62.29 -71.10 -53.04
N LEU CA 124 61.44 -72.05 -52.68
CA LEU CA 124 61.57 -73.41 -53.16
C LEU CA 124 61.43 -73.42 -54.68
N HIS CA 125 60.50 -72.68 -55.27
CA HIS CA 125 60.36 -72.60 -56.71
C HIS CA 125 61.67 -72.11 -57.35
N ILE CA 126 62.24 -71.05 -56.80
CA ILE CA 126 63.55 -70.55 -57.24
C ILE CA 126 64.62 -71.61 -57.03
N SER CA 127 64.55 -72.37 -55.94
CA SER CA 127 65.49 -73.45 -55.72
C SER CA 127 65.38 -74.51 -56.81
N VAL CA 128 64.18 -74.79 -57.30
CA VAL CA 128 64.03 -75.70 -58.44
C VAL CA 128 64.66 -75.08 -59.68
N ARG CA 129 64.52 -73.78 -59.91
CA ARG CA 129 65.24 -73.12 -61.01
C ARG CA 129 66.74 -73.28 -60.82
N ILE CA 130 67.24 -73.12 -59.60
CA ILE CA 130 68.64 -73.35 -59.30
C ILE CA 130 69.01 -74.79 -59.62
N ALA CA 131 68.17 -75.74 -59.24
CA ALA CA 131 68.42 -77.14 -59.56
C ALA CA 131 68.52 -77.34 -61.08
N GLU CA 132 67.64 -76.74 -61.88
CA GLU CA 132 67.76 -76.82 -63.34
C GLU CA 132 69.08 -76.23 -63.82
N VAL CA 133 69.47 -75.05 -63.32
CA VAL CA 133 70.74 -74.44 -63.71
C VAL CA 133 71.91 -75.34 -63.34
N LEU CA 134 71.92 -75.85 -62.11
CA LEU CA 134 72.94 -76.78 -61.66
C LEU CA 134 72.95 -78.03 -62.54
N LEU CA 135 71.79 -78.56 -62.88
CA LEU CA 135 71.66 -79.76 -63.69
C LEU CA 135 72.26 -79.54 -65.09
N GLU CA 136 71.99 -78.40 -65.70
CA GLU CA 136 72.64 -78.03 -66.95
C GLU CA 136 74.11 -77.67 -66.77
N THR CA 137 74.57 -77.40 -65.56
CA THR CA 137 75.97 -77.07 -65.26
C THR CA 137 76.83 -78.33 -65.09
N ARG CA 138 76.42 -79.27 -64.24
CA ARG CA 138 77.13 -80.53 -63.95
C ARG CA 138 76.14 -81.66 -63.65
N PRO CA 139 75.64 -82.39 -64.65
CA PRO CA 139 74.73 -83.53 -64.46
C PRO CA 139 75.42 -84.79 -63.91
N ASP CA 140 76.75 -84.85 -63.94
CA ASP CA 140 77.57 -85.97 -63.45
C ASP CA 140 77.90 -85.89 -61.94
N ASP CA 141 77.91 -84.70 -61.34
CA ASP CA 141 78.21 -84.47 -59.92
C ASP CA 141 76.98 -84.77 -59.02
N ARG CA 142 76.37 -85.94 -59.24
CA ARG CA 142 75.02 -86.29 -58.79
C ARG CA 142 74.82 -86.15 -57.28
N GLU CA 143 75.86 -86.34 -56.47
CA GLU CA 143 75.75 -86.23 -55.02
C GLU CA 143 75.36 -84.81 -54.60
N GLU CA 144 75.86 -83.78 -55.25
CA GLU CA 144 75.44 -82.40 -54.98
C GLU CA 144 73.94 -82.25 -55.24
N ILE CA 145 73.48 -82.79 -56.38
CA ILE CA 145 72.06 -82.75 -56.75
C ILE CA 145 71.25 -83.52 -55.72
N ARG CA 146 71.67 -84.72 -55.35
CA ARG CA 146 70.96 -85.52 -54.36
C ARG CA 146 70.94 -84.84 -53.00
N GLU CA 147 72.02 -84.17 -52.59
CA GLU CA 147 72.00 -83.34 -51.38
C GLU CA 147 70.93 -82.26 -51.49
N GLN CA 148 70.90 -81.54 -52.60
CA GLN CA 148 69.88 -80.53 -52.82
C GLN CA 148 68.49 -81.16 -52.75
N GLN CA 149 68.29 -82.32 -53.39
CA GLN CA 149 67.02 -83.02 -53.34
C GLN CA 149 66.67 -83.40 -51.90
N ALA CA 150 67.61 -83.94 -51.14
CA ALA CA 150 67.37 -84.30 -49.76
C ALA CA 150 66.96 -83.08 -48.94
N ILE CA 151 67.67 -81.97 -49.12
CA ILE CA 151 67.36 -80.72 -48.46
C ILE CA 151 65.95 -80.29 -48.84
N PHE CA 152 65.64 -80.31 -50.13
CA PHE CA 152 64.33 -79.95 -50.62
C PHE CA 152 63.25 -80.88 -50.06
N GLU CA 153 63.50 -82.17 -50.02
CA GLU CA 153 62.58 -83.17 -49.47
C GLU CA 153 62.32 -82.89 -48.01
N LEU CA 154 63.36 -82.55 -47.25
CA LEU CA 154 63.22 -82.16 -45.86
C LEU CA 154 62.38 -80.89 -45.75
N LEU CA 155 62.70 -79.87 -46.55
CA LEU CA 155 61.94 -78.62 -46.53
C LEU CA 155 60.48 -78.87 -46.86
N ILE CA 156 60.21 -79.67 -47.88
CA ILE CA 156 58.86 -80.06 -48.25
C ILE CA 156 58.21 -80.80 -47.08
N ALA CA 157 58.87 -81.78 -46.48
CA ALA CA 157 58.29 -82.50 -45.37
C ALA CA 157 57.93 -81.53 -44.24
N ALA CA 158 58.81 -80.58 -43.94
CA ALA CA 158 58.55 -79.57 -42.95
C ALA CA 158 57.35 -78.71 -43.35
N LEU CA 159 57.32 -78.23 -44.58
CA LEU CA 159 56.20 -77.46 -45.08
C LEU CA 159 54.89 -78.24 -45.06
N GLU CA 160 54.91 -79.55 -45.32
CA GLU CA 160 53.71 -80.39 -45.27
C GLU CA 160 53.16 -80.40 -43.86
N ALA CA 161 54.00 -80.68 -42.88
CA ALA CA 161 53.59 -80.58 -41.49
C ALA CA 161 53.11 -79.15 -41.20
N ALA CA 162 53.84 -78.15 -41.68
CA ALA CA 162 53.55 -76.75 -41.38
C ALA CA 162 52.15 -76.37 -41.87
N ILE CA 163 51.89 -76.57 -43.15
CA ILE CA 163 50.63 -76.18 -43.77
C ILE CA 163 49.50 -77.08 -43.26
N ARG CA 164 49.77 -78.36 -42.96
CA ARG CA 164 48.78 -79.23 -42.31
C ARG CA 164 48.38 -78.66 -40.96
N LEU CA 165 49.35 -78.38 -40.10
CA LEU CA 165 49.10 -77.82 -38.77
C LEU CA 165 48.42 -76.45 -38.90
N GLU CA 166 48.84 -75.61 -39.83
CA GLU CA 166 48.22 -74.31 -40.06
C GLU CA 166 46.74 -74.49 -40.43
N LYS CA 167 46.40 -75.47 -41.28
CA LYS CA 167 45.00 -75.73 -41.59
C LYS CA 167 44.25 -76.30 -40.38
N LEU CA 168 44.84 -77.17 -39.58
CA LEU CA 168 44.21 -77.60 -38.33
C LEU CA 168 43.95 -76.39 -37.41
N LYS CA 169 44.87 -75.42 -37.35
CA LYS CA 169 44.70 -74.17 -36.60
C LYS CA 169 43.54 -73.35 -37.17
N GLU CA 170 43.48 -73.18 -38.48
CA GLU CA 170 42.40 -72.47 -39.16
C GLU CA 170 41.03 -73.16 -38.96
N GLU CA 171 40.99 -74.48 -38.99
CA GLU CA 171 39.79 -75.29 -38.74
C GLU CA 171 39.40 -75.35 -37.26
N GLY CA 172 40.26 -74.91 -36.33
CA GLY CA 172 40.02 -74.99 -34.89
C GLY CA 172 39.99 -76.43 -34.34
N ALA CA 173 40.86 -77.30 -34.86
CA ALA CA 173 40.93 -78.72 -34.51
C ALA CA 173 41.20 -78.96 -33.00
N PRO CA 174 40.79 -80.12 -32.44
CA PRO CA 174 41.05 -80.45 -31.03
C PRO CA 174 42.56 -80.59 -30.79
N PRO CA 175 43.13 -79.91 -29.78
CA PRO CA 175 44.58 -79.90 -29.53
C PRO CA 175 45.22 -81.29 -29.45
N GLU CA 176 44.48 -82.31 -29.00
CA GLU CA 176 44.96 -83.69 -28.98
C GLU CA 176 45.30 -84.19 -30.38
N GLN CA 177 44.44 -83.93 -31.37
CA GLN CA 177 44.74 -84.27 -32.76
C GLN CA 177 45.94 -83.47 -33.27
N ILE CA 178 46.01 -82.19 -32.92
CA ILE CA 178 47.15 -81.34 -33.29
C ILE CA 178 48.44 -81.95 -32.75
N GLU CA 179 48.45 -82.38 -31.48
CA GLU CA 179 49.60 -83.00 -30.86
C GLU CA 179 49.98 -84.32 -31.54
N ARG CA 180 49.01 -85.17 -31.90
CA ARG CA 180 49.29 -86.39 -32.66
C ARG CA 180 49.94 -86.08 -34.00
N VAL CA 181 49.42 -85.09 -34.72
CA VAL CA 181 50.02 -84.63 -35.98
C VAL CA 181 51.43 -84.09 -35.73
N ALA CA 182 51.63 -83.31 -34.66
CA ALA CA 182 52.92 -82.74 -34.34
C ALA CA 182 53.96 -83.83 -34.06
N GLU CA 183 53.62 -84.82 -33.25
CA GLU CA 183 54.49 -85.96 -33.02
C GLU CA 183 54.80 -86.68 -34.33
N HIS CA 184 53.77 -87.00 -35.13
CA HIS CA 184 53.97 -87.68 -36.41
C HIS CA 184 54.92 -86.90 -37.31
N GLY CA 185 54.75 -85.59 -37.37
CA GLY CA 185 55.62 -84.70 -38.12
C GLY CA 185 57.04 -84.77 -37.60
N LEU CA 186 57.25 -84.54 -36.31
CA LEU CA 186 58.58 -84.56 -35.71
C LEU CA 186 59.25 -85.92 -35.91
N GLU CA 187 58.54 -87.03 -35.68
CA GLU CA 187 59.10 -88.37 -35.88
C GLU CA 187 59.48 -88.59 -37.34
N ARG CA 188 58.59 -88.26 -38.28
CA ARG CA 188 58.90 -88.40 -39.70
C ARG CA 188 60.12 -87.56 -40.05
N LEU CA 189 60.18 -86.31 -39.58
CA LEU CA 189 61.32 -85.44 -39.82
C LEU CA 189 62.59 -86.06 -39.27
N LYS CA 190 62.54 -86.60 -38.06
CA LYS CA 190 63.70 -87.22 -37.43
C LYS CA 190 64.17 -88.42 -38.24
N GLU CA 191 63.26 -89.31 -38.63
CA GLU CA 191 63.66 -90.47 -39.44
C GLU CA 191 64.19 -90.03 -40.80
N ILE CA 192 63.60 -89.01 -41.43
CA ILE CA 192 64.17 -88.43 -42.64
C ILE CA 192 65.58 -87.92 -42.34
N ALA CA 193 65.80 -87.19 -41.26
CA ALA CA 193 67.13 -86.68 -40.94
C ALA CA 193 68.14 -87.82 -40.77
N LYS CA 194 67.74 -88.91 -40.11
CA LYS CA 194 68.59 -90.11 -40.02
C LYS CA 194 68.92 -90.63 -41.39
N GLU CA 195 67.95 -90.79 -42.27
CA GLU CA 195 68.23 -91.26 -43.64
C GLU CA 195 69.15 -90.28 -44.37
N ILE CA 196 68.95 -88.98 -44.24
CA ILE CA 196 69.84 -87.97 -44.80
C ILE CA 196 71.26 -88.16 -44.26
N SER CA 197 71.42 -88.44 -42.97
CA SER CA 197 72.74 -88.70 -42.40
C SER CA 197 73.43 -89.92 -43.02
N LYS CA 198 72.67 -90.88 -43.54
CA LYS CA 198 73.22 -92.00 -44.31
C LYS CA 198 73.59 -91.56 -45.72
N GLU CA 199 72.72 -90.77 -46.36
CA GLU CA 199 72.92 -90.32 -47.74
C GLU CA 199 74.12 -89.37 -47.90
N VAL CA 200 74.34 -88.44 -46.96
CA VAL CA 200 75.20 -87.26 -47.19
C VAL CA 200 76.38 -87.19 -46.22
N ASP CA 201 77.51 -86.64 -46.69
CA ASP CA 201 78.72 -86.43 -45.90
C ASP CA 201 79.30 -85.00 -45.96
N SER CA 202 78.73 -84.09 -46.76
CA SER CA 202 79.14 -82.68 -46.77
C SER CA 202 78.83 -82.04 -45.41
N PRO CA 203 79.83 -81.48 -44.70
CA PRO CA 203 79.60 -80.86 -43.40
C PRO CA 203 78.57 -79.75 -43.48
N GLU CA 204 78.66 -78.90 -44.50
CA GLU CA 204 77.70 -77.82 -44.70
C GLU CA 204 76.30 -78.38 -44.94
N SER CA 205 76.17 -79.45 -45.72
CA SER CA 205 74.85 -80.06 -45.95
C SER CA 205 74.25 -80.56 -44.65
N LYS CA 206 75.04 -81.23 -43.81
CA LYS CA 206 74.59 -81.71 -42.50
C LYS CA 206 74.19 -80.54 -41.62
N ARG CA 207 74.99 -79.47 -41.60
CA ARG CA 207 74.71 -78.25 -40.85
C ARG CA 207 73.39 -77.63 -41.28
N ILE CA 208 73.22 -77.44 -42.57
CA ILE CA 208 71.96 -76.99 -43.17
C ILE CA 208 70.82 -77.91 -42.72
N ALA CA 209 70.99 -79.21 -42.82
CA ALA CA 209 69.94 -80.16 -42.47
C ALA CA 209 69.51 -79.95 -41.02
N TYR CA 210 70.46 -79.92 -40.08
CA TYR CA 210 70.08 -79.76 -38.69
C TYR CA 210 69.41 -78.41 -38.46
N LYS CA 211 69.93 -77.34 -39.07
CA LYS CA 211 69.30 -76.01 -38.97
C LYS CA 211 67.85 -76.08 -39.44
N ILE CA 212 67.59 -76.75 -40.56
CA ILE CA 212 66.21 -76.92 -41.04
C ILE CA 212 65.40 -77.68 -40.00
N VAL CA 213 65.91 -78.79 -39.47
CA VAL CA 213 65.16 -79.55 -38.47
C VAL CA 213 64.83 -78.67 -37.29
N ALA CA 214 65.82 -77.93 -36.79
CA ALA CA 214 65.63 -77.05 -35.65
C ALA CA 214 64.56 -76.00 -35.96
N ALA CA 215 64.64 -75.38 -37.14
CA ALA CA 215 63.65 -74.41 -37.57
C ALA CA 215 62.26 -75.06 -37.62
N ALA CA 216 62.15 -76.29 -38.11
CA ALA CA 216 60.87 -76.97 -38.20
C ALA CA 216 60.29 -77.20 -36.80
N ALA CA 217 61.11 -77.64 -35.86
CA ALA CA 217 60.66 -77.79 -34.48
C ALA CA 217 60.22 -76.43 -33.90
N GLU CA 218 61.00 -75.37 -34.08
CA GLU CA 218 60.63 -74.06 -33.55
C GLU CA 218 59.31 -73.59 -34.16
N PHE CA 219 59.18 -73.63 -35.48
CA PHE CA 219 57.96 -73.20 -36.15
C PHE CA 219 56.76 -74.00 -35.63
N LEU CA 220 56.90 -75.32 -35.52
CA LEU CA 220 55.85 -76.18 -35.00
C LEU CA 220 55.43 -75.74 -33.60
N LEU CA 221 56.40 -75.47 -32.73
CA LEU CA 221 56.11 -74.99 -31.39
C LEU CA 221 55.36 -73.66 -31.46
N LYS CA 222 55.81 -72.72 -32.28
CA LYS CA 222 55.15 -71.41 -32.39
C LYS CA 222 53.73 -71.55 -32.93
N ILE CA 223 53.49 -72.41 -33.91
CA ILE CA 223 52.14 -72.72 -34.37
C ILE CA 223 51.30 -73.30 -33.25
N LEU CA 224 51.83 -74.27 -32.51
CA LEU CA 224 51.09 -74.86 -31.40
C LEU CA 224 50.71 -73.79 -30.36
N ALA CA 225 51.63 -72.86 -30.07
CA ALA CA 225 51.41 -71.77 -29.15
C ALA CA 225 50.37 -70.76 -29.67
N GLU CA 226 50.39 -70.40 -30.94
CA GLU CA 226 49.33 -69.59 -31.55
C GLU CA 226 47.96 -70.28 -31.40
N GLY CA 227 47.95 -71.62 -31.51
CA GLY CA 227 46.75 -72.44 -31.32
C GLY CA 227 46.19 -72.42 -29.90
N GLY CA 228 46.90 -71.86 -28.93
CA GLY CA 228 46.43 -71.72 -27.54
C GLY CA 228 46.33 -73.06 -26.78
N ALA CA 229 47.06 -74.10 -27.20
CA ALA CA 229 47.09 -75.40 -26.53
C ALA CA 229 47.58 -75.27 -25.07
N THR CA 230 47.03 -76.08 -24.16
CA THR CA 230 47.33 -75.97 -22.72
C THR CA 230 48.78 -76.35 -22.40
N PRO CA 231 49.40 -75.78 -21.36
CA PRO CA 231 50.84 -75.93 -21.10
C PRO CA 231 51.36 -77.37 -21.08
N GLU CA 232 50.53 -78.33 -20.71
CA GLU CA 232 50.88 -79.75 -20.70
C GLU CA 232 51.24 -80.24 -22.10
N GLN CA 233 50.46 -79.83 -23.10
CA GLN CA 233 50.76 -80.16 -24.49
C GLN CA 233 52.09 -79.50 -24.90
N LEU CA 234 52.26 -78.22 -24.56
CA LEU CA 234 53.48 -77.48 -24.90
C LEU CA 234 54.71 -78.18 -24.32
N GLU CA 235 54.65 -78.56 -23.04
CA GLU CA 235 55.72 -79.27 -22.37
C GLU CA 235 55.99 -80.64 -23.02
N ARG CA 236 54.95 -81.44 -23.29
CA ARG CA 236 55.12 -82.76 -23.93
C ARG CA 236 55.78 -82.63 -25.30
N VAL CA 237 55.28 -81.71 -26.11
CA VAL CA 237 55.88 -81.44 -27.42
C VAL CA 237 57.29 -80.91 -27.25
N THR CA 238 57.54 -80.05 -26.27
CA THR CA 238 58.88 -79.53 -26.03
C THR CA 238 59.86 -80.64 -25.70
N GLU CA 239 59.50 -81.57 -24.81
CA GLU CA 239 60.34 -82.71 -24.50
C GLU CA 239 60.61 -83.52 -25.76
N HIS CA 240 59.57 -83.85 -26.53
CA HIS CA 240 59.75 -84.63 -27.74
C HIS CA 240 60.66 -83.89 -28.74
N ALA CA 241 60.50 -82.58 -28.86
CA ALA CA 241 61.32 -81.76 -29.72
C ALA CA 241 62.78 -81.78 -29.24
N LEU CA 242 63.03 -81.53 -27.96
CA LEU CA 242 64.37 -81.63 -27.41
C LEU CA 242 64.96 -83.02 -27.65
N GLU CA 243 64.17 -84.08 -27.44
CA GLU CA 243 64.63 -85.46 -27.63
C GLU CA 243 65.02 -85.69 -29.09
N VAL CA 244 64.19 -85.26 -30.02
CA VAL CA 244 64.53 -85.29 -31.45
C VAL CA 244 65.79 -84.50 -31.72
N LEU CA 245 65.88 -83.27 -31.20
CA LEU CA 245 67.05 -82.44 -31.45
C LEU CA 245 68.30 -83.13 -30.95
N LYS CA 246 68.24 -83.74 -29.76
CA LYS CA 246 69.34 -84.49 -29.17
C LYS CA 246 69.69 -85.66 -30.08
N GLU CA 247 68.72 -86.47 -30.46
CA GLU CA 247 68.99 -87.64 -31.29
C GLU CA 247 69.63 -87.23 -32.62
N VAL CA 248 69.07 -86.23 -33.29
CA VAL CA 248 69.60 -85.79 -34.59
C VAL CA 248 70.97 -85.14 -34.42
N ALA CA 249 71.19 -84.36 -33.36
CA ALA CA 249 72.53 -83.85 -33.08
C ALA CA 249 73.53 -85.01 -32.86
N LYS CA 250 73.14 -86.04 -32.10
CA LYS CA 250 73.98 -87.21 -31.84
C LYS CA 250 74.33 -88.00 -33.10
N GLU CA 251 73.59 -87.82 -34.19
CA GLU CA 251 74.05 -88.26 -35.50
C GLU CA 251 74.91 -87.17 -36.17
N LEU CA 252 74.33 -85.99 -36.43
CA LEU CA 252 74.85 -85.04 -37.41
C LEU CA 252 76.06 -84.23 -36.91
N ALA CA 253 76.23 -84.03 -35.60
CA ALA CA 253 77.31 -83.20 -35.08
C ALA CA 253 78.58 -84.03 -34.85
N ASP CA 254 79.67 -83.69 -35.54
CA ASP CA 254 80.96 -84.39 -35.50
C ASP CA 254 82.17 -83.50 -35.91
N SER CA 255 81.96 -82.19 -36.03
CA SER CA 255 82.97 -81.17 -36.37
C SER CA 255 82.81 -79.92 -35.49
N PRO CA 256 83.82 -79.06 -35.36
CA PRO CA 256 83.85 -78.10 -34.26
C PRO CA 256 82.71 -77.09 -34.34
N GLU CA 257 82.57 -76.43 -35.49
CA GLU CA 257 81.44 -75.53 -35.69
C GLU CA 257 80.11 -76.28 -35.60
N SER CA 258 80.02 -77.54 -36.06
CA SER CA 258 78.75 -78.27 -35.98
C SER CA 258 78.30 -78.44 -34.54
N VAL CA 259 79.22 -78.73 -33.61
CA VAL CA 259 78.86 -78.84 -32.19
C VAL CA 259 78.44 -77.47 -31.69
N ARG CA 260 79.24 -76.44 -31.95
CA ARG CA 260 78.96 -75.07 -31.50
C ARG CA 260 77.58 -74.61 -31.96
N GLU CA 261 77.29 -74.84 -33.23
CA GLU CA 261 76.00 -74.57 -33.82
C GLU CA 261 74.92 -75.42 -33.17
N ALA CA 262 75.15 -76.72 -32.99
CA ALA CA 262 74.15 -77.60 -32.43
C ALA CA 262 73.75 -77.15 -31.03
N VAL CA 263 74.73 -76.84 -30.19
CA VAL CA 263 74.50 -76.30 -28.87
C VAL CA 263 73.73 -74.99 -28.99
N ARG CA 264 74.15 -74.09 -29.88
CA ARG CA 264 73.43 -72.83 -30.08
C ARG CA 264 71.98 -73.06 -30.47
N LEU CA 265 71.71 -73.97 -31.38
CA LEU CA 265 70.34 -74.30 -31.80
C LEU CA 265 69.54 -74.88 -30.65
N ILE CA 266 70.11 -75.81 -29.90
CA ILE CA 266 69.42 -76.37 -28.74
C ILE CA 266 69.10 -75.25 -27.76
N SER CA 267 70.05 -74.34 -27.54
CA SER CA 267 69.83 -73.21 -26.66
C SER CA 267 68.68 -72.36 -27.17
N LYS CA 268 68.64 -72.08 -28.48
CA LYS CA 268 67.56 -71.31 -29.10
C LYS CA 268 66.23 -71.99 -28.83
N LEU CA 269 66.09 -73.27 -29.17
CA LEU CA 269 64.82 -73.97 -28.97
C LEU CA 269 64.45 -74.02 -27.48
N THR CA 270 65.43 -74.17 -26.61
CA THR CA 270 65.18 -74.12 -25.17
C THR CA 270 64.65 -72.74 -24.77
N GLN CA 271 65.29 -71.67 -25.23
CA GLN CA 271 64.87 -70.31 -24.94
C GLN CA 271 63.45 -70.07 -25.42
N GLU CA 272 63.15 -70.46 -26.66
CA GLU CA 272 61.79 -70.37 -27.18
C GLU CA 272 60.81 -71.15 -26.30
N GLY CA 273 61.19 -72.33 -25.83
CA GLY CA 273 60.38 -73.10 -24.89
C GLY CA 273 60.01 -72.27 -23.67
N LEU CA 274 61.02 -71.69 -23.00
CA LEU CA 274 60.75 -70.83 -21.85
C LEU CA 274 59.90 -69.62 -22.25
N LYS CA 275 60.17 -68.97 -23.38
CA LYS CA 275 59.37 -67.83 -23.85
C LYS CA 275 57.89 -68.21 -23.98
N GLN CA 276 57.58 -69.39 -24.52
CA GLN CA 276 56.19 -69.82 -24.64
C GLN CA 276 55.57 -70.11 -23.28
N LEU CA 277 56.25 -70.85 -22.39
CA LEU CA 277 55.73 -71.11 -21.06
C LEU CA 277 55.51 -69.80 -20.26
N LYS CA 278 56.39 -68.82 -20.45
CA LYS CA 278 56.25 -67.46 -19.91
C LYS CA 278 55.00 -66.78 -20.48
N GLU CA 279 54.88 -66.73 -21.80
CA GLU CA 279 53.80 -66.01 -22.47
C GLU CA 279 52.42 -66.62 -22.21
N ILE CA 280 52.31 -67.95 -22.15
CA ILE CA 280 51.04 -68.63 -21.83
C ILE CA 280 50.65 -68.50 -20.34
N GLY CA 281 51.60 -68.09 -19.48
CA GLY CA 281 51.37 -67.97 -18.03
C GLY CA 281 51.35 -69.30 -17.28
N ALA CA 282 52.18 -70.27 -17.70
CA ALA CA 282 52.29 -71.58 -17.03
C ALA CA 282 52.81 -71.44 -15.58
N PRO CA 283 52.47 -72.37 -14.66
CA PRO CA 283 53.00 -72.36 -13.31
C PRO CA 283 54.50 -72.68 -13.32
N PRO CA 284 55.32 -72.04 -12.46
CA PRO CA 284 56.76 -72.25 -12.41
C PRO CA 284 57.20 -73.72 -12.32
N GLU CA 285 56.35 -74.61 -11.79
CA GLU CA 285 56.61 -76.05 -11.77
C GLU CA 285 56.93 -76.60 -13.17
N GLN CA 286 56.13 -76.22 -14.17
CA GLN CA 286 56.40 -76.62 -15.54
C GLN CA 286 57.71 -75.99 -16.03
N ILE CA 287 57.93 -74.71 -15.73
CA ILE CA 287 59.12 -73.98 -16.19
C ILE CA 287 60.39 -74.65 -15.67
N GLU CA 288 60.41 -74.99 -14.38
CA GLU CA 288 61.53 -75.65 -13.74
C GLU CA 288 61.80 -77.03 -14.35
N ARG CA 289 60.74 -77.82 -14.62
CA ARG CA 289 60.91 -79.11 -15.30
C ARG CA 289 61.54 -78.91 -16.68
N VAL CA 290 60.98 -78.00 -17.48
CA VAL CA 290 61.53 -77.70 -18.81
C VAL CA 290 62.97 -77.21 -18.71
N ALA CA 291 63.28 -76.36 -17.73
CA ALA CA 291 64.63 -75.87 -17.55
C ALA CA 291 65.60 -77.03 -17.28
N GLU CA 292 65.25 -77.93 -16.36
CA GLU CA 292 66.05 -79.13 -16.11
C GLU CA 292 66.20 -79.94 -17.40
N HIS CA 293 65.09 -80.23 -18.08
CA HIS CA 293 65.14 -81.04 -19.30
C HIS CA 293 66.11 -80.42 -20.30
N GLY CA 294 65.99 -79.12 -20.52
CA GLY CA 294 66.84 -78.37 -21.41
C GLY CA 294 68.30 -78.47 -21.00
N LEU CA 295 68.61 -78.11 -19.77
CA LEU CA 295 69.99 -78.11 -19.29
C LEU CA 295 70.57 -79.52 -19.30
N GLU CA 296 69.81 -80.54 -18.94
CA GLU CA 296 70.25 -81.93 -19.00
C GLU CA 296 70.62 -82.31 -20.44
N VAL CA 297 69.72 -82.06 -21.39
CA VAL CA 297 70.01 -82.31 -22.80
C VAL CA 297 71.24 -81.53 -23.24
N LEU CA 298 71.32 -80.26 -22.85
CA LEU CA 298 72.41 -79.38 -23.23
C LEU CA 298 73.73 -79.99 -22.77
N LYS CA 299 73.78 -80.41 -21.51
CA LYS CA 299 74.92 -81.08 -20.91
C LYS CA 299 75.23 -82.39 -21.60
N GLU CA 300 74.23 -83.21 -21.89
CA GLU CA 300 74.48 -84.47 -22.60
C GLU CA 300 75.09 -84.22 -23.97
N ILE CA 301 74.63 -83.19 -24.68
CA ILE CA 301 75.21 -82.84 -25.97
C ILE CA 301 76.59 -82.25 -25.77
N ALA CA 302 76.79 -81.37 -24.80
CA ALA CA 302 78.11 -80.80 -24.52
C ALA CA 302 79.13 -81.91 -24.26
N LYS CA 303 78.74 -82.92 -23.47
CA LYS CA 303 79.52 -84.12 -23.24
C LYS CA 303 79.80 -84.83 -24.57
N TYR CA 304 78.76 -85.19 -25.32
CA TYR CA 304 78.92 -85.88 -26.59
C TYR CA 304 79.91 -85.14 -27.52
N GLY CA 305 79.69 -83.85 -27.73
CA GLY CA 305 80.52 -83.06 -28.64
C GLY CA 305 81.95 -82.93 -28.14
N SER CA 306 82.13 -82.62 -26.86
CA SER CA 306 83.47 -82.51 -26.28
C SER CA 306 84.22 -83.84 -26.35
N LYS CA 307 83.55 -85.00 -26.21
CA LYS CA 307 84.22 -86.31 -26.40
C LYS CA 307 84.76 -86.50 -27.83
N LEU CA 308 84.09 -85.92 -28.82
CA LEU CA 308 84.55 -85.98 -30.22
C LEU CA 308 85.61 -84.93 -30.58
N THR CA 309 86.01 -84.03 -29.66
CA THR CA 309 86.77 -82.82 -30.02
C THR CA 309 87.88 -82.45 -29.02
N ASP CA 310 88.81 -81.60 -29.45
CA ASP CA 310 90.03 -81.25 -28.69
C ASP CA 310 90.48 -79.77 -28.78
N SER CA 311 89.81 -78.91 -29.56
CA SER CA 311 90.23 -77.50 -29.73
C SER CA 311 89.98 -76.65 -28.47
N PRO CA 312 90.97 -75.88 -28.00
CA PRO CA 312 90.82 -75.05 -26.81
C PRO CA 312 89.87 -73.90 -27.07
N GLU CA 313 89.89 -73.32 -28.28
CA GLU CA 313 88.92 -72.30 -28.67
C GLU CA 313 87.50 -72.87 -28.64
N LEU CA 314 87.31 -74.09 -29.14
CA LEU CA 314 86.01 -74.76 -29.05
C LEU CA 314 85.59 -74.93 -27.60
N LYS CA 315 86.47 -75.44 -26.74
CA LYS CA 315 86.12 -75.61 -25.32
C LYS CA 315 85.72 -74.27 -24.70
N ARG CA 316 86.50 -73.22 -24.92
CA ARG CA 316 86.21 -71.87 -24.41
C ARG CA 316 84.86 -71.37 -24.92
N GLU CA 317 84.63 -71.47 -26.22
CA GLU CA 317 83.35 -71.09 -26.80
C GLU CA 317 82.21 -71.90 -26.22
N LEU CA 318 82.35 -73.21 -26.10
CA LEU CA 318 81.30 -74.03 -25.52
C LEU CA 318 81.04 -73.58 -24.10
N TYR CA 319 82.07 -73.37 -23.29
CA TYR CA 319 81.85 -72.93 -21.92
C TYR CA 319 81.11 -71.59 -21.91
N ARG CA 320 81.53 -70.65 -22.75
CA ARG CA 320 80.86 -69.35 -22.90
C ARG CA 320 79.39 -69.57 -23.26
N ILE CA 321 79.12 -70.31 -24.31
CA ILE CA 321 77.74 -70.51 -24.78
C ILE CA 321 76.92 -71.21 -23.69
N ILE CA 322 77.46 -72.23 -23.06
CA ILE CA 322 76.73 -72.98 -22.03
C ILE CA 322 76.38 -72.05 -20.89
N SER CA 323 77.38 -71.34 -20.38
CA SER CA 323 77.17 -70.44 -19.25
C SER CA 323 76.25 -69.29 -19.62
N GLU CA 324 76.42 -68.68 -20.79
CA GLU CA 324 75.48 -67.68 -21.28
C GLU CA 324 74.07 -68.27 -21.36
N THR CA 325 73.93 -69.50 -21.83
CA THR CA 325 72.63 -70.18 -21.92
C THR CA 325 72.03 -70.33 -20.55
N ALA CA 326 72.79 -70.85 -19.59
CA ALA CA 326 72.31 -70.98 -18.23
C ALA CA 326 71.89 -69.62 -17.67
N LYS CA 327 72.73 -68.59 -17.83
CA LYS CA 327 72.46 -67.23 -17.35
C LYS CA 327 71.19 -66.68 -17.97
N GLU CA 328 71.01 -66.89 -19.27
CA GLU CA 328 69.79 -66.49 -19.95
C GLU CA 328 68.58 -67.20 -19.34
N LEU CA 329 68.64 -68.52 -19.17
CA LEU CA 329 67.53 -69.29 -18.59
C LEU CA 329 67.19 -68.78 -17.19
N LEU CA 330 68.20 -68.55 -16.36
CA LEU CA 330 68.02 -68.03 -15.01
C LEU CA 330 67.38 -66.64 -15.07
N LYS CA 331 67.88 -65.76 -15.92
CA LYS CA 331 67.33 -64.40 -16.11
C LYS CA 331 65.87 -64.45 -16.53
N ILE CA 332 65.53 -65.32 -17.47
CA ILE CA 332 64.14 -65.50 -17.93
C ILE CA 332 63.28 -66.00 -16.76
N LEU CA 333 63.75 -66.97 -15.99
CA LEU CA 333 62.99 -67.48 -14.85
C LEU CA 333 62.73 -66.38 -13.81
N ALA CA 334 63.74 -65.56 -13.52
CA ALA CA 334 63.64 -64.46 -12.59
C ALA CA 334 62.70 -63.36 -13.10
N GLU CA 335 62.79 -62.99 -14.38
CA GLU CA 335 61.80 -62.11 -15.01
C GLU CA 335 60.39 -62.73 -15.02
N GLY CA 336 60.31 -64.06 -15.08
CA GLY CA 336 59.10 -64.85 -14.93
C GLY CA 336 58.48 -64.84 -13.53
N GLY CA 337 59.12 -64.21 -12.54
CA GLY CA 337 58.53 -63.96 -11.22
C GLY CA 337 58.37 -65.20 -10.30
N ALA CA 338 59.12 -66.28 -10.56
CA ALA CA 338 59.10 -67.49 -9.73
C ALA CA 338 59.62 -67.23 -8.29
N THR CA 339 59.25 -68.09 -7.33
CA THR CA 339 59.64 -67.93 -5.91
C THR CA 339 61.15 -68.14 -5.70
N PRO CA 340 61.73 -67.59 -4.62
CA PRO CA 340 63.11 -67.85 -4.25
C PRO CA 340 63.46 -69.34 -4.16
N GLU CA 341 62.51 -70.22 -3.83
CA GLU CA 341 62.75 -71.66 -3.82
C GLU CA 341 63.04 -72.19 -5.22
N GLN CA 342 62.27 -71.77 -6.23
CA GLN CA 342 62.54 -72.15 -7.61
C GLN CA 342 63.90 -71.60 -8.06
N LEU CA 343 64.20 -70.34 -7.70
CA LEU CA 343 65.51 -69.76 -8.01
C LEU CA 343 66.63 -70.57 -7.35
N GLU CA 344 66.48 -70.98 -6.10
CA GLU CA 344 67.46 -71.84 -5.42
C GLU CA 344 67.63 -73.17 -6.18
N ARG CA 345 66.53 -73.90 -6.39
CA ARG CA 345 66.53 -75.19 -7.08
C ARG CA 345 67.25 -75.10 -8.41
N VAL CA 346 66.86 -74.13 -9.23
CA VAL CA 346 67.42 -73.95 -10.57
C VAL CA 346 68.87 -73.46 -10.48
N THR CA 347 69.20 -72.51 -9.63
CA THR CA 347 70.58 -72.01 -9.52
C THR CA 347 71.50 -73.14 -9.14
N LYS CA 348 71.12 -73.94 -8.14
CA LYS CA 348 71.88 -75.10 -7.71
C LYS CA 348 72.06 -76.08 -8.86
N HIS CA 349 70.97 -76.43 -9.53
CA HIS CA 349 71.05 -77.31 -10.69
C HIS CA 349 71.98 -76.74 -11.77
N ALA CA 350 71.89 -75.45 -12.06
CA ALA CA 350 72.70 -74.81 -13.07
C ALA CA 350 74.18 -74.86 -12.69
N LEU CA 351 74.51 -74.58 -11.44
CA LEU CA 351 75.88 -74.73 -10.96
C LEU CA 351 76.33 -76.19 -11.13
N GLU CA 352 75.50 -77.16 -10.75
CA GLU CA 352 75.84 -78.58 -10.89
C GLU CA 352 76.11 -78.95 -12.35
N VAL CA 353 75.23 -78.54 -13.25
CA VAL CA 353 75.43 -78.75 -14.68
C VAL CA 353 76.73 -78.09 -15.12
N LEU CA 354 76.95 -76.84 -14.75
CA LEU CA 354 78.12 -76.12 -15.22
C LEU CA 354 79.41 -76.75 -14.70
N LYS CA 355 79.37 -77.25 -13.46
CA LYS CA 355 80.45 -78.01 -12.83
C LYS CA 355 80.67 -79.31 -13.60
N GLU CA 356 79.63 -80.06 -13.92
CA GLU CA 356 79.78 -81.27 -14.74
C GLU CA 356 80.39 -80.93 -16.10
N VAL CA 357 79.99 -79.82 -16.70
CA VAL CA 357 80.55 -79.38 -17.97
C VAL CA 357 82.03 -79.03 -17.81
N ALA CA 358 82.44 -78.41 -16.70
CA ALA CA 358 83.86 -78.24 -16.45
C ALA CA 358 84.54 -79.60 -16.30
N LYS CA 359 83.97 -80.52 -15.52
CA LYS CA 359 84.56 -81.85 -15.27
C LYS CA 359 84.74 -82.64 -16.57
N GLU CA 360 83.87 -82.43 -17.55
CA GLU CA 360 84.09 -82.95 -18.90
C GLU CA 360 85.18 -82.17 -19.63
N LEU CA 361 85.03 -80.84 -19.76
CA LEU CA 361 85.84 -80.08 -20.71
C LEU CA 361 87.25 -79.80 -20.19
N ALA CA 362 87.39 -79.30 -18.97
CA ALA CA 362 88.58 -78.61 -18.51
C ALA CA 362 89.80 -79.54 -18.43
N ASP CA 363 90.96 -79.04 -18.90
CA ASP CA 363 92.20 -79.83 -19.04
C ASP CA 363 93.49 -79.01 -18.82
N SER CA 364 93.38 -77.75 -18.40
CA SER CA 364 94.53 -76.84 -18.26
C SER CA 364 94.26 -75.74 -17.20
N PRO CA 365 95.30 -75.06 -16.69
CA PRO CA 365 95.11 -73.92 -15.81
C PRO CA 365 94.21 -72.85 -16.44
N GLU CA 366 94.45 -72.48 -17.69
CA GLU CA 366 93.72 -71.40 -18.36
C GLU CA 366 92.25 -71.77 -18.53
N SER CA 367 91.99 -72.98 -18.98
CA SER CA 367 90.62 -73.48 -19.15
C SER CA 367 89.93 -73.60 -17.78
N GLY CA 368 90.66 -74.03 -16.75
CA GLY CA 368 90.18 -74.00 -15.38
C GLY CA 368 89.78 -72.59 -14.97
N LEU CA 369 90.65 -71.61 -15.16
CA LEU CA 369 90.33 -70.22 -14.80
C LEU CA 369 89.14 -69.70 -15.57
N ALA CA 370 89.10 -69.90 -16.88
CA ALA CA 370 87.97 -69.47 -17.67
C ALA CA 370 86.67 -70.12 -17.16
N ALA CA 371 86.70 -71.42 -16.87
CA ALA CA 371 85.54 -72.12 -16.34
C ALA CA 371 85.14 -71.54 -14.98
N LEU CA 372 86.10 -71.38 -14.08
CA LEU CA 372 85.85 -70.78 -12.78
C LEU CA 372 85.25 -69.39 -12.93
N ALA CA 373 85.81 -68.57 -13.81
CA ALA CA 373 85.32 -67.22 -14.04
C ALA CA 373 83.87 -67.25 -14.48
N ALA CA 374 83.54 -68.15 -15.39
CA ALA CA 374 82.17 -68.34 -15.81
C ALA CA 374 81.30 -68.82 -14.64
N ILE CA 375 81.73 -69.81 -13.86
CA ILE CA 375 80.98 -70.32 -12.71
C ILE CA 375 80.70 -69.15 -11.76
N ALA CA 376 81.72 -68.39 -11.44
CA ALA CA 376 81.60 -67.21 -10.60
C ALA CA 376 80.60 -66.23 -11.22
N SER CA 377 80.66 -65.99 -12.53
CA SER CA 377 79.71 -65.08 -13.16
C SER CA 377 78.27 -65.61 -12.99
N LEU CA 378 78.06 -66.91 -13.14
CA LEU CA 378 76.73 -67.51 -12.96
C LEU CA 378 76.30 -67.33 -11.52
N ALA CA 379 77.18 -67.63 -10.58
CA ALA CA 379 76.89 -67.42 -9.17
C ALA CA 379 76.52 -65.95 -8.91
N LYS CA 380 77.27 -65.01 -9.48
CA LYS CA 380 77.05 -63.58 -9.33
C LYS CA 380 75.68 -63.18 -9.85
N LEU CA 381 75.37 -63.57 -11.08
CA LEU CA 381 74.06 -63.28 -11.67
C LEU CA 381 72.94 -63.92 -10.85
N GLY CA 382 73.12 -65.17 -10.42
CA GLY CA 382 72.11 -65.90 -9.66
C GLY CA 382 71.83 -65.21 -8.33
N LEU CA 383 72.90 -64.94 -7.57
CA LEU CA 383 72.81 -64.21 -6.30
C LEU CA 383 72.21 -62.82 -6.51
N GLU CA 384 72.52 -62.16 -7.62
CA GLU CA 384 71.90 -60.88 -7.96
C GLU CA 384 70.38 -61.02 -8.14
N GLN CA 385 69.87 -62.14 -8.66
CA GLN CA 385 68.41 -62.36 -8.72
C GLN CA 385 67.82 -62.57 -7.32
N LEU CA 386 68.47 -63.34 -6.46
CA LEU CA 386 68.01 -63.52 -5.08
C LEU CA 386 68.02 -62.17 -4.32
N LYS CA 387 69.00 -61.30 -4.57
CA LYS CA 387 69.02 -59.93 -4.04
C LYS CA 387 67.88 -59.10 -4.59
N GLU CA 388 67.65 -59.14 -5.91
CA GLU CA 388 66.63 -58.32 -6.59
C GLU CA 388 65.21 -58.68 -6.14
N ILE CA 389 64.90 -59.97 -5.97
CA ILE CA 389 63.61 -60.43 -5.44
C ILE CA 389 63.48 -60.19 -3.91
N GLY CA 390 64.55 -59.77 -3.24
CA GLY CA 390 64.56 -59.52 -1.79
C GLY CA 390 64.51 -60.79 -0.94
N ALA CA 391 65.07 -61.90 -1.42
CA ALA CA 391 65.08 -63.17 -0.70
C ALA CA 391 65.86 -63.08 0.63
N PRO CA 392 65.43 -63.80 1.68
CA PRO CA 392 66.02 -63.66 3.01
C PRO CA 392 67.45 -64.23 3.07
N PRO CA 393 68.28 -63.76 4.01
CA PRO CA 393 69.71 -64.05 4.04
C PRO CA 393 70.09 -65.53 3.93
N GLU CA 394 69.31 -66.45 4.49
CA GLU CA 394 69.59 -67.89 4.39
C GLU CA 394 69.68 -68.36 2.93
N GLN CA 395 68.86 -67.83 2.03
CA GLN CA 395 68.94 -68.14 0.61
C GLN CA 395 70.26 -67.62 0.04
N GLN CA 396 70.58 -66.36 0.35
CA GLN CA 396 71.80 -65.69 -0.13
C GLN CA 396 73.04 -66.46 0.32
N ARG CA 397 73.09 -66.85 1.61
CA ARG CA 397 74.18 -67.62 2.19
C ARG CA 397 74.25 -69.00 1.57
N ARG CA 398 73.13 -69.73 1.45
CA ARG CA 398 73.09 -71.04 0.78
C ARG CA 398 73.70 -70.98 -0.61
N VAL CA 399 73.23 -70.04 -1.43
CA VAL CA 399 73.75 -69.87 -2.80
C VAL CA 399 75.24 -69.54 -2.76
N THR CA 400 75.67 -68.65 -1.86
CA THR CA 400 77.08 -68.28 -1.76
C THR CA 400 77.94 -69.49 -1.43
N LYS CA 401 77.53 -70.29 -0.43
CA LYS CA 401 78.22 -71.52 -0.05
C LYS CA 401 78.26 -72.49 -1.23
N ALA CA 402 77.14 -72.73 -1.90
CA ALA CA 402 77.14 -73.58 -3.08
C ALA CA 402 78.13 -73.09 -4.13
N GLY CA 403 78.20 -71.78 -4.35
CA GLY CA 403 79.18 -71.17 -5.25
C GLY CA 403 80.59 -71.49 -4.82
N ILE CA 404 80.91 -71.22 -3.56
CA ILE CA 404 82.23 -71.53 -3.00
C ILE CA 404 82.54 -73.01 -3.17
N GLU CA 405 81.60 -73.90 -2.86
CA GLU CA 405 81.77 -75.34 -2.96
C GLU CA 405 82.09 -75.76 -4.40
N ALA CA 406 81.34 -75.26 -5.38
CA ALA CA 406 81.63 -75.56 -6.77
C ALA CA 406 83.02 -75.07 -7.15
N VAL CA 407 83.35 -73.83 -6.81
CA VAL CA 407 84.64 -73.23 -7.13
C VAL CA 407 85.77 -74.05 -6.53
N ARG CA 408 85.62 -74.43 -5.26
CA ARG CA 408 86.56 -75.28 -4.55
C ARG CA 408 86.73 -76.60 -5.27
N GLU CA 409 85.65 -77.28 -5.60
CA GLU CA 409 85.73 -78.59 -6.25
C GLU CA 409 86.41 -78.52 -7.60
N ILE CA 410 86.09 -77.52 -8.42
CA ILE CA 410 86.76 -77.36 -9.70
C ILE CA 410 88.23 -77.00 -9.50
N TYR CA 411 88.58 -76.23 -8.47
CA TYR CA 411 89.99 -76.02 -8.16
C TYR CA 411 90.66 -77.33 -7.73
N ARG CA 412 90.02 -78.14 -6.88
CA ARG CA 412 90.56 -79.43 -6.45
C ARG CA 412 90.77 -80.39 -7.62
N TYR CA 413 89.91 -80.33 -8.63
CA TYR CA 413 90.16 -81.01 -9.91
C TYR CA 413 91.39 -80.42 -10.62
N GLY CA 414 91.41 -79.10 -10.86
CA GLY CA 414 92.48 -78.45 -11.60
C GLY CA 414 93.86 -78.62 -10.96
N ARG CA 415 93.92 -78.67 -9.63
CA ARG CA 415 95.15 -78.88 -8.84
C ARG CA 415 95.90 -80.18 -9.18
N LYS CA 416 95.21 -81.21 -9.69
CA LYS CA 416 95.83 -82.47 -10.15
C LYS CA 416 96.60 -82.29 -11.46
N LEU CA 417 96.18 -81.34 -12.29
CA LEU CA 417 96.69 -81.13 -13.65
C LEU CA 417 97.88 -80.16 -13.69
N TYR CA 418 97.84 -79.11 -12.86
CA TYR CA 418 98.84 -78.04 -12.80
C TYR CA 418 100.07 -78.41 -11.95
N ASP DA 3 69.94 16.92 66.11
CA ASP DA 3 71.16 17.42 66.80
C ASP DA 3 70.92 18.56 67.78
N ASP DA 4 69.98 19.48 67.52
CA ASP DA 4 69.85 20.77 68.21
C ASP DA 4 69.91 20.67 69.74
N LEU DA 5 69.22 19.69 70.32
CA LEU DA 5 69.16 19.52 71.76
C LEU DA 5 70.54 19.34 72.39
N LEU DA 6 71.51 18.76 71.68
CA LEU DA 6 72.87 18.62 72.20
C LEU DA 6 73.42 19.98 72.60
N LEU DA 7 73.24 20.99 71.74
CA LEU DA 7 73.71 22.33 72.07
C LEU DA 7 73.02 22.81 73.33
N LYS DA 8 71.71 22.60 73.42
CA LYS DA 8 70.95 23.03 74.59
C LYS DA 8 71.47 22.34 75.86
N LEU DA 9 71.71 21.04 75.80
CA LEU DA 9 72.23 20.32 76.96
C LEU DA 9 73.62 20.82 77.31
N LEU DA 10 74.46 21.10 76.32
CA LEU DA 10 75.77 21.64 76.57
C LEU DA 10 75.64 23.02 77.23
N GLU DA 11 74.73 23.87 76.79
CA GLU DA 11 74.49 25.14 77.48
C GLU DA 11 74.10 24.91 78.93
N LEU DA 12 73.18 23.98 79.17
CA LEU DA 12 72.75 23.67 80.53
C LEU DA 12 73.93 23.24 81.38
N LEU DA 13 74.76 22.35 80.84
CA LEU DA 13 75.97 21.95 81.51
C LEU DA 13 76.83 23.16 81.80
N VAL DA 14 77.09 24.00 80.79
CA VAL DA 14 77.98 25.16 80.96
C VAL DA 14 77.45 26.07 82.05
N GLU DA 15 76.16 26.37 82.02
CA GLU DA 15 75.60 27.27 83.01
C GLU DA 15 75.73 26.64 84.40
N GLN DA 16 75.43 25.35 84.53
CA GLN DA 16 75.59 24.71 85.82
C GLN DA 16 77.05 24.67 86.23
N ALA DA 17 77.97 24.51 85.30
CA ALA DA 17 79.38 24.59 85.59
C ALA DA 17 79.70 25.99 86.14
N ARG DA 18 79.15 27.06 85.55
CA ARG DA 18 79.34 28.40 86.08
C ARG DA 18 78.81 28.47 87.51
N VAL DA 19 77.56 28.08 87.72
CA VAL DA 19 76.92 28.24 89.03
C VAL DA 19 77.63 27.41 90.09
N SER DA 20 77.93 26.15 89.77
CA SER DA 20 78.67 25.29 90.67
C SER DA 20 80.08 25.83 90.92
N ALA DA 21 80.75 26.44 89.92
CA ALA DA 21 82.04 27.05 90.14
C ALA DA 21 81.94 28.28 91.06
N GLU DA 22 80.96 29.15 90.88
CA GLU DA 22 80.74 30.27 91.79
C GLU DA 22 80.48 29.77 93.21
N PHE DA 23 79.65 28.74 93.36
CA PHE DA 23 79.43 28.07 94.64
C PHE DA 23 80.76 27.54 95.20
N ALA DA 24 81.55 26.85 94.40
CA ALA DA 24 82.82 26.29 94.84
C ALA DA 24 83.80 27.40 95.27
N ARG DA 25 83.76 28.58 94.65
CA ARG DA 25 84.52 29.76 95.12
C ARG DA 25 84.01 30.28 96.46
N ARG DA 26 82.70 30.26 96.71
CA ARG DA 26 82.15 30.56 98.04
C ARG DA 26 82.54 29.51 99.09
N GLN DA 27 82.64 28.23 98.71
CA GLN DA 27 83.08 27.15 99.62
C GLN DA 27 84.60 27.05 99.82
N GLY DA 28 85.41 27.46 98.84
CA GLY DA 28 86.84 27.12 98.77
C GLY DA 28 87.11 25.66 98.34
N ASP DA 29 86.18 25.02 97.64
CA ASP DA 29 86.28 23.61 97.25
C ASP DA 29 87.14 23.42 96.00
N GLU DA 30 88.45 23.34 96.18
CA GLU DA 30 89.41 23.16 95.09
C GLU DA 30 89.16 21.87 94.30
N LYS DA 31 88.70 20.80 94.96
CA LYS DA 31 88.39 19.53 94.29
C LYS DA 31 87.21 19.70 93.35
N MET DA 32 86.15 20.38 93.79
CA MET DA 32 85.05 20.69 92.89
C MET DA 32 85.52 21.57 91.74
N LEU DA 33 86.33 22.60 92.00
CA LEU DA 33 86.87 23.44 90.93
C LEU DA 33 87.64 22.61 89.90
N GLU DA 34 88.51 21.71 90.35
CA GLU DA 34 89.23 20.78 89.47
C GLU DA 34 88.24 19.95 88.63
N GLU DA 35 87.28 19.31 89.27
CA GLU DA 35 86.32 18.46 88.57
C GLU DA 35 85.48 19.25 87.56
N VAL DA 36 84.92 20.41 87.95
CA VAL DA 36 84.13 21.19 87.01
C VAL DA 36 85.01 21.77 85.92
N ALA DA 37 86.28 22.10 86.18
CA ALA DA 37 87.18 22.55 85.14
C ALA DA 37 87.40 21.44 84.10
N ARG DA 38 87.67 20.21 84.54
CA ARG DA 38 87.75 19.07 83.63
C ARG DA 38 86.45 18.92 82.86
N LYS DA 39 85.32 18.97 83.56
CA LYS DA 39 84.00 18.84 82.93
C LYS DA 39 83.77 19.93 81.90
N ALA DA 40 84.14 21.16 82.21
CA ALA DA 40 84.00 22.29 81.31
C ALA DA 40 84.89 22.12 80.08
N GLU DA 41 86.13 21.66 80.25
CA GLU DA 41 86.99 21.36 79.11
C GLU DA 41 86.35 20.27 78.24
N GLU DA 42 85.86 19.18 78.81
CA GLU DA 42 85.26 18.10 78.03
C GLU DA 42 83.96 18.54 77.35
N VAL DA 43 83.13 19.31 78.03
CA VAL DA 43 81.95 19.93 77.44
C VAL DA 43 82.37 20.80 76.25
N ALA DA 44 83.40 21.62 76.42
CA ALA DA 44 83.92 22.44 75.34
C ALA DA 44 84.43 21.56 74.20
N ARG DA 45 85.11 20.45 74.49
CA ARG DA 45 85.56 19.51 73.47
C ARG DA 45 84.36 18.96 72.69
N LYS DA 46 83.31 18.52 73.38
CA LYS DA 46 82.09 18.05 72.70
C LYS DA 46 81.52 19.14 71.81
N ALA DA 47 81.46 20.38 72.29
CA ALA DA 47 80.99 21.50 71.50
C ALA DA 47 81.89 21.74 70.27
N GLU DA 48 83.21 21.73 70.43
CA GLU DA 48 84.16 21.90 69.33
C GLU DA 48 83.99 20.81 68.28
N GLU DA 49 83.89 19.56 68.71
CA GLU DA 49 83.65 18.43 67.80
C GLU DA 49 82.34 18.62 67.04
N ILE DA 50 81.26 18.99 67.73
CA ILE DA 50 79.97 19.26 67.09
C ILE DA 50 80.10 20.43 66.12
N ALA DA 51 80.82 21.49 66.48
CA ALA DA 51 81.02 22.64 65.59
C ALA DA 51 81.73 22.22 64.30
N ARG DA 52 82.74 21.36 64.39
CA ARG DA 52 83.43 20.86 63.20
C ARG DA 52 82.55 19.94 62.33
N LYS DA 53 81.52 19.29 62.90
CA LYS DA 53 80.43 18.72 62.09
C LYS DA 53 79.58 19.83 61.46
N ALA DA 54 79.12 20.79 62.24
CA ALA DA 54 78.23 21.85 61.77
C ALA DA 54 78.81 22.61 60.57
N ARG DA 55 80.13 22.78 60.50
CA ARG DA 55 80.83 23.31 59.32
C ARG DA 55 80.47 22.56 58.04
N LYS DA 56 80.38 21.23 58.08
CA LYS DA 56 79.97 20.39 56.94
C LYS DA 56 78.50 20.58 56.61
N GLU DA 57 77.65 20.60 57.63
CA GLU DA 57 76.20 20.70 57.48
C GLU DA 57 75.75 22.08 56.98
N GLY DA 58 76.52 23.13 57.24
CA GLY DA 58 76.29 24.48 56.72
C GLY DA 58 75.24 25.32 57.47
N ASN DA 59 74.65 24.84 58.56
CA ASN DA 59 73.80 25.66 59.42
C ASN DA 59 74.67 26.60 60.28
N LEU DA 60 74.89 27.81 59.77
CA LEU DA 60 75.75 28.79 60.42
C LEU DA 60 75.24 29.12 61.82
N GLU DA 61 73.92 29.25 62.01
CA GLU DA 61 73.37 29.57 63.33
C GLU DA 61 73.76 28.53 64.37
N LEU DA 62 73.61 27.24 64.06
CA LEU DA 62 74.05 26.18 64.98
C LEU DA 62 75.54 26.28 65.24
N ALA DA 63 76.36 26.48 64.20
CA ALA DA 63 77.79 26.60 64.38
C ALA DA 63 78.12 27.79 65.29
N LEU DA 64 77.49 28.93 65.05
CA LEU DA 64 77.68 30.13 65.83
C LEU DA 64 77.27 29.86 67.27
N LYS DA 65 76.12 29.21 67.49
CA LYS DA 65 75.72 28.84 68.84
C LYS DA 65 76.76 27.95 69.48
N ALA DA 66 77.34 27.01 68.74
CA ALA DA 66 78.42 26.20 69.26
C ALA DA 66 79.63 27.06 69.62
N LEU DA 67 79.97 28.06 68.81
CA LEU DA 67 80.97 29.02 69.22
C LEU DA 67 80.53 29.75 70.49
N GLU DA 68 79.28 30.14 70.62
CA GLU DA 68 78.84 30.85 71.83
C GLU DA 68 78.97 29.95 73.05
N ILE DA 69 78.63 28.68 72.91
CA ILE DA 69 78.87 27.69 73.96
C ILE DA 69 80.36 27.68 74.27
N LEU DA 70 81.21 27.61 73.26
CA LEU DA 70 82.65 27.62 73.46
C LEU DA 70 83.09 28.89 74.17
N VAL DA 71 82.52 30.04 73.82
CA VAL DA 71 82.83 31.32 74.44
C VAL DA 71 82.45 31.27 75.91
N ARG DA 72 81.23 30.84 76.22
CA ARG DA 72 80.78 30.76 77.60
C ARG DA 72 81.67 29.81 78.38
N ALA DA 73 81.94 28.64 77.82
CA ALA DA 73 82.79 27.64 78.45
C ALA DA 73 84.19 28.18 78.67
N ALA DA 74 84.73 28.89 77.68
CA ALA DA 74 86.00 29.55 77.81
C ALA DA 74 85.94 30.57 78.94
N HIS DA 75 84.87 31.35 79.05
CA HIS DA 75 84.75 32.34 80.10
C HIS DA 75 84.86 31.68 81.47
N VAL DA 76 84.13 30.59 81.66
CA VAL DA 76 84.22 29.81 82.91
C VAL DA 76 85.65 29.30 83.10
N LEU DA 77 86.23 28.65 82.09
CA LEU DA 77 87.55 28.05 82.19
C LEU DA 77 88.60 29.09 82.55
N ALA DA 78 88.54 30.24 81.88
CA ALA DA 78 89.43 31.36 82.11
C ALA DA 78 89.19 31.96 83.51
N GLU DA 79 87.95 32.11 83.94
CA GLU DA 79 87.64 32.64 85.26
C GLU DA 79 88.26 31.74 86.35
N ILE DA 80 88.09 30.42 86.22
CA ILE DA 80 88.71 29.45 87.12
C ILE DA 80 90.24 29.57 87.03
N ALA DA 81 90.79 29.54 85.82
CA ALA DA 81 92.23 29.59 85.61
C ALA DA 81 92.87 30.90 86.08
N ARG DA 82 92.13 32.01 86.12
CA ARG DA 82 92.57 33.30 86.66
C ARG DA 82 92.73 33.22 88.17
N GLU DA 83 91.69 32.77 88.88
CA GLU DA 83 91.74 32.61 90.33
C GLU DA 83 92.78 31.54 90.74
N ARG DA 84 92.91 30.48 89.95
CA ARG DA 84 93.88 29.39 90.17
C ARG DA 84 95.32 29.76 89.77
N GLY DA 85 95.50 30.80 88.95
CA GLY DA 85 96.81 31.18 88.39
C GLY DA 85 97.40 30.16 87.39
N ASN DA 86 96.56 29.30 86.79
CA ASN DA 86 97.02 28.22 85.92
C ASN DA 86 97.28 28.72 84.48
N GLU DA 87 98.55 28.89 84.12
CA GLU DA 87 98.93 29.40 82.79
C GLU DA 87 98.48 28.48 81.65
N GLU DA 88 98.53 27.16 81.81
CA GLU DA 88 98.19 26.23 80.72
C GLU DA 88 96.72 26.39 80.31
N LEU DA 89 95.82 26.45 81.29
CA LEU DA 89 94.41 26.72 81.04
C LEU DA 89 94.20 28.12 80.46
N GLN DA 90 94.89 29.15 80.97
CA GLN DA 90 94.79 30.51 80.40
C GLN DA 90 95.22 30.53 78.93
N LYS DA 91 96.34 29.88 78.60
CA LYS DA 91 96.86 29.78 77.22
C LYS DA 91 95.93 28.97 76.34
N LYS DA 92 95.42 27.84 76.83
CA LYS DA 92 94.36 27.07 76.14
C LYS DA 92 93.19 27.97 75.80
N ALA DA 93 92.64 28.67 76.79
CA ALA DA 93 91.49 29.54 76.57
C ALA DA 93 91.79 30.62 75.53
N HIS DA 94 92.92 31.33 75.64
CA HIS DA 94 93.28 32.37 74.66
C HIS DA 94 93.38 31.79 73.25
N LYS DA 95 94.10 30.69 73.07
CA LYS DA 95 94.25 30.03 71.76
C LYS DA 95 92.91 29.56 71.22
N LEU DA 96 92.10 28.91 72.06
CA LEU DA 96 90.77 28.46 71.66
C LEU DA 96 89.91 29.64 71.24
N ALA DA 97 89.94 30.74 71.99
CA ALA DA 97 89.21 31.94 71.65
C ALA DA 97 89.72 32.55 70.32
N LYS DA 98 91.03 32.54 70.08
CA LYS DA 98 91.59 32.99 68.82
C LYS DA 98 91.10 32.11 67.67
N GLU DA 99 91.07 30.79 67.86
CA GLU DA 99 90.49 29.89 66.87
C GLU DA 99 89.02 30.20 66.66
N ALA DA 100 88.26 30.41 67.73
CA ALA DA 100 86.86 30.79 67.61
C ALA DA 100 86.73 32.09 66.82
N LEU DA 101 87.59 33.07 67.06
CA LEU DA 101 87.58 34.31 66.29
C LEU DA 101 87.87 34.01 64.82
N ARG DA 102 88.86 33.19 64.52
CA ARG DA 102 89.14 32.78 63.14
C ARG DA 102 87.91 32.14 62.52
N GLN DA 103 87.31 31.19 63.20
CA GLN DA 103 86.11 30.51 62.72
C GLN DA 103 84.97 31.50 62.52
N VAL DA 104 84.72 32.41 63.45
CA VAL DA 104 83.61 33.36 63.32
C VAL DA 104 83.88 34.30 62.16
N ILE DA 105 85.11 34.73 61.97
CA ILE DA 105 85.47 35.59 60.85
C ILE DA 105 85.18 34.86 59.55
N GLU DA 106 85.65 33.62 59.44
CA GLU DA 106 85.39 32.81 58.25
C GLU DA 106 83.88 32.61 58.04
N ILE DA 107 83.13 32.34 59.11
CA ILE DA 107 81.69 32.24 59.02
C ILE DA 107 81.11 33.57 58.55
N ALA DA 108 81.60 34.71 59.05
CA ALA DA 108 81.10 36.01 58.68
C ALA DA 108 81.37 36.29 57.19
N ILE DA 109 82.56 35.97 56.73
CA ILE DA 109 82.87 36.04 55.31
C ILE DA 109 81.92 35.13 54.54
N ARG DA 110 81.70 33.89 54.99
CA ARG DA 110 80.77 32.97 54.33
C ARG DA 110 79.36 33.53 54.29
N ALA DA 111 78.87 34.10 55.38
CA ALA DA 111 77.55 34.69 55.44
C ALA DA 111 77.43 35.83 54.43
N ILE DA 112 78.43 36.70 54.34
CA ILE DA 112 78.47 37.76 53.34
C ILE DA 112 78.47 37.14 51.94
N GLN DA 113 79.24 36.09 51.73
CA GLN DA 113 79.34 35.43 50.43
C GLN DA 113 78.02 34.75 50.00
N GLU DA 114 77.30 34.16 50.95
CA GLU DA 114 75.94 33.66 50.73
C GLU DA 114 74.89 34.78 50.64
N GLY DA 115 75.20 35.96 51.17
CA GLY DA 115 74.40 37.17 51.06
C GLY DA 115 73.20 37.27 52.02
N ASN DA 116 73.04 36.35 52.98
CA ASN DA 116 72.02 36.50 54.03
C ASN DA 116 72.50 37.47 55.12
N LEU DA 117 72.07 38.72 55.02
CA LEU DA 117 72.52 39.78 55.92
C LEU DA 117 72.11 39.52 57.37
N GLU DA 118 70.99 38.86 57.62
CA GLU DA 118 70.59 38.55 58.99
C GLU DA 118 71.54 37.54 59.63
N LEU DA 119 71.92 36.48 58.92
CA LEU DA 119 72.95 35.58 59.43
C LEU DA 119 74.24 36.36 59.67
N ALA DA 120 74.63 37.25 58.76
CA ALA DA 120 75.83 38.05 58.95
C ALA DA 120 75.71 38.91 60.22
N ILE DA 121 74.56 39.52 60.45
CA ILE DA 121 74.32 40.30 61.65
C ILE DA 121 74.50 39.42 62.88
N ILE DA 122 73.85 38.25 62.91
CA ILE DA 122 73.93 37.34 64.05
C ILE DA 122 75.37 36.95 64.29
N ALA DA 123 76.08 36.58 63.23
CA ALA DA 123 77.49 36.28 63.30
C ALA DA 123 78.26 37.45 63.90
N LEU DA 124 78.00 38.67 63.44
CA LEU DA 124 78.69 39.83 63.98
C LEU DA 124 78.39 39.95 65.47
N HIS DA 125 77.15 39.81 65.91
CA HIS DA 125 76.82 39.92 67.33
C HIS DA 125 77.60 38.89 68.15
N ILE DA 126 77.64 37.65 67.68
CA ILE DA 126 78.39 36.60 68.35
C ILE DA 126 79.89 36.90 68.29
N SER DA 127 80.38 37.52 67.22
CA SER DA 127 81.76 37.97 67.19
C SER DA 127 82.02 39.03 68.24
N VAL DA 128 81.05 39.92 68.50
CA VAL DA 128 81.19 40.86 69.59
C VAL DA 128 81.29 40.10 70.92
N ARG DA 129 80.47 39.07 71.13
CA ARG DA 129 80.63 38.24 72.32
C ARG DA 129 82.04 37.67 72.42
N ILE DA 130 82.60 37.22 71.29
CA ILE DA 130 83.98 36.71 71.27
C ILE DA 130 84.93 37.82 71.69
N ALA DA 131 84.76 39.01 71.15
CA ALA DA 131 85.58 40.14 71.53
C ALA DA 131 85.48 40.43 73.03
N GLU DA 132 84.28 40.36 73.61
CA GLU DA 132 84.12 40.61 75.04
C GLU DA 132 84.93 39.61 75.87
N VAL DA 133 84.84 38.33 75.54
CA VAL DA 133 85.59 37.33 76.29
C VAL DA 133 87.08 37.48 76.01
N LEU DA 134 87.48 37.79 74.78
CA LEU DA 134 88.88 38.08 74.50
C LEU DA 134 89.36 39.25 75.35
N LEU DA 135 88.58 40.32 75.45
CA LEU DA 135 88.92 41.49 76.24
C LEU DA 135 89.06 41.11 77.71
N GLU DA 136 88.15 40.28 78.22
CA GLU DA 136 88.26 39.75 79.57
C GLU DA 136 89.47 38.81 79.73
N THR DA 137 89.94 38.20 78.63
CA THR DA 137 91.10 37.31 78.64
C THR DA 137 92.40 38.10 78.73
N ARG DA 138 92.60 39.09 77.86
CA ARG DA 138 93.81 39.93 77.80
C ARG DA 138 93.47 41.35 77.28
N PRO DA 139 93.31 42.37 78.16
CA PRO DA 139 93.12 43.75 77.72
C PRO DA 139 94.42 44.42 77.23
N ASP DA 140 95.58 43.84 77.54
CA ASP DA 140 96.92 44.30 77.12
C ASP DA 140 97.39 43.73 75.77
N ASP DA 141 96.69 42.75 75.19
CA ASP DA 141 96.96 42.18 73.85
C ASP DA 141 96.44 43.11 72.72
N ARG DA 142 96.67 44.41 72.91
CA ARG DA 142 95.93 45.49 72.26
C ARG DA 142 95.98 45.43 70.74
N GLU DA 143 97.07 44.92 70.18
CA GLU DA 143 97.22 44.78 68.74
C GLU DA 143 96.17 43.81 68.19
N GLU DA 144 96.01 42.64 68.80
CA GLU DA 144 94.97 41.69 68.40
C GLU DA 144 93.60 42.33 68.54
N ILE DA 145 93.36 43.05 69.63
CA ILE DA 145 92.07 43.71 69.87
C ILE DA 145 91.81 44.73 68.77
N ARG DA 146 92.76 45.64 68.53
CA ARG DA 146 92.59 46.63 67.48
C ARG DA 146 92.44 45.97 66.12
N GLU DA 147 93.20 44.93 65.82
CA GLU DA 147 93.04 44.18 64.57
C GLU DA 147 91.61 43.67 64.44
N GLN DA 148 91.13 42.97 65.46
CA GLN DA 148 89.77 42.46 65.45
C GLN DA 148 88.78 43.61 65.24
N GLN DA 149 88.98 44.71 65.94
CA GLN DA 149 88.09 45.86 65.84
C GLN DA 149 88.16 46.47 64.45
N ALA DA 150 89.34 46.60 63.86
CA ALA DA 150 89.49 47.08 62.52
C ALA DA 150 88.77 46.15 61.53
N ILE DA 151 88.95 44.84 61.71
CA ILE DA 151 88.26 43.84 60.91
C ILE DA 151 86.76 44.03 61.05
N PHE DA 152 86.28 44.17 62.27
CA PHE DA 152 84.87 44.40 62.54
C PHE DA 152 84.40 45.70 61.89
N GLU DA 153 85.16 46.77 62.01
CA GLU DA 153 84.82 48.05 61.40
C GLU DA 153 84.75 47.91 59.89
N LEU DA 154 85.64 47.14 59.29
CA LEU DA 154 85.58 46.86 57.87
C LEU DA 154 84.32 46.06 57.55
N LEU DA 155 84.03 45.02 58.32
CA LEU DA 155 82.82 44.22 58.11
C LEU DA 155 81.58 45.10 58.21
N ILE DA 156 81.53 45.94 59.23
CA ILE DA 156 80.46 46.90 59.42
C ILE DA 156 80.38 47.81 58.21
N ALA DA 157 81.48 48.40 57.78
CA ALA DA 157 81.46 49.29 56.64
C ALA DA 157 80.90 48.57 55.41
N ALA DA 158 81.35 47.33 55.19
CA ALA DA 158 80.85 46.52 54.10
C ALA DA 158 79.35 46.30 54.24
N LEU DA 159 78.90 45.91 55.42
CA LEU DA 159 77.49 45.69 55.68
C LEU DA 159 76.70 46.99 55.57
N GLU DA 160 77.26 48.16 55.88
CA GLU DA 160 76.57 49.44 55.72
C GLU DA 160 76.29 49.68 54.25
N ALA DA 161 77.32 49.52 53.41
CA ALA DA 161 77.10 49.56 51.98
C ALA DA 161 76.09 48.48 51.57
N ALA DA 162 76.19 47.28 52.14
CA ALA DA 162 75.34 46.16 51.76
C ALA DA 162 73.87 46.45 52.04
N ILE DA 163 73.57 46.85 53.27
CA ILE DA 163 72.22 47.13 53.72
C ILE DA 163 71.70 48.38 53.03
N ARG DA 164 72.54 49.39 52.79
CA ARG DA 164 72.15 50.54 51.98
C ARG DA 164 71.76 50.10 50.57
N LEU DA 165 72.56 49.26 49.95
CA LEU DA 165 72.29 48.75 48.61
C LEU DA 165 71.02 47.89 48.60
N GLU DA 166 70.81 47.06 49.62
CA GLU DA 166 69.59 46.28 49.79
C GLU DA 166 68.37 47.21 49.88
N LYS DA 167 68.49 48.33 50.60
CA LYS DA 167 67.44 49.35 50.62
C LYS DA 167 67.21 49.92 49.22
N LEU DA 168 68.26 50.32 48.51
CA LEU DA 168 68.09 50.86 47.15
C LEU DA 168 67.45 49.82 46.21
N LYS DA 169 67.77 48.54 46.36
CA LYS DA 169 67.14 47.43 45.62
C LYS DA 169 65.65 47.36 45.96
N GLU DA 170 65.29 47.37 47.24
CA GLU DA 170 63.88 47.37 47.66
C GLU DA 170 63.13 48.62 47.17
N GLU DA 171 63.77 49.79 47.20
CA GLU DA 171 63.22 51.05 46.70
C GLU DA 171 63.06 51.08 45.17
N GLY DA 172 63.75 50.22 44.43
CA GLY DA 172 63.81 50.27 42.97
C GLY DA 172 64.53 51.52 42.44
N ALA DA 173 65.59 51.96 43.14
CA ALA DA 173 66.33 53.19 42.84
C ALA DA 173 66.94 53.21 41.42
N PRO DA 174 67.18 54.39 40.83
CA PRO DA 174 67.78 54.49 39.50
C PRO DA 174 69.22 53.96 39.52
N PRO DA 175 69.63 53.16 38.51
CA PRO DA 175 70.97 52.56 38.46
C PRO DA 175 72.11 53.56 38.64
N GLU DA 176 71.96 54.80 38.17
CA GLU DA 176 72.99 55.85 38.35
C GLU DA 176 73.24 56.15 39.83
N GLN DA 177 72.18 56.32 40.63
CA GLN DA 177 72.31 56.51 42.06
C GLN DA 177 72.96 55.29 42.71
N ILE DA 178 72.52 54.09 42.31
CA ILE DA 178 73.09 52.84 42.80
C ILE DA 178 74.60 52.79 42.51
N GLU DA 179 75.00 53.13 41.30
CA GLU DA 179 76.40 53.08 40.90
C GLU DA 179 77.23 54.11 41.68
N ARG DA 180 76.72 55.31 41.92
CA ARG DA 180 77.41 56.29 42.78
C ARG DA 180 77.58 55.75 44.19
N VAL DA 181 76.54 55.14 44.75
CA VAL DA 181 76.63 54.49 46.06
C VAL DA 181 77.66 53.36 46.04
N ALA DA 182 77.66 52.53 45.00
CA ALA DA 182 78.59 51.41 44.90
C ALA DA 182 80.04 51.90 44.86
N GLU DA 183 80.33 52.88 44.01
CA GLU DA 183 81.67 53.47 43.96
C GLU DA 183 82.05 54.07 45.30
N HIS DA 184 81.16 54.84 45.93
CA HIS DA 184 81.43 55.39 47.26
C HIS DA 184 81.79 54.28 48.23
N GLY DA 185 81.00 53.20 48.25
CA GLY DA 185 81.27 52.03 49.08
C GLY DA 185 82.65 51.47 48.80
N LEU DA 186 82.96 51.15 47.54
CA LEU DA 186 84.27 50.65 47.17
C LEU DA 186 85.38 51.60 47.60
N GLU DA 187 85.27 52.88 47.29
CA GLU DA 187 86.30 53.88 47.59
C GLU DA 187 86.55 53.98 49.09
N ARG DA 188 85.49 54.12 49.88
CA ARG DA 188 85.62 54.16 51.33
C ARG DA 188 86.26 52.88 51.82
N LEU DA 189 85.79 51.72 51.36
CA LEU DA 189 86.34 50.44 51.78
C LEU DA 189 87.83 50.38 51.46
N LYS DA 190 88.19 50.77 50.25
CA LYS DA 190 89.58 50.75 49.78
C LYS DA 190 90.44 51.64 50.67
N GLU DA 191 90.02 52.86 50.92
CA GLU DA 191 90.79 53.76 51.77
C GLU DA 191 90.87 53.25 53.21
N ILE DA 192 89.76 52.70 53.73
CA ILE DA 192 89.77 52.05 55.05
C ILE DA 192 90.79 50.90 55.04
N ALA DA 193 90.78 50.04 54.03
CA ALA DA 193 91.71 48.94 53.95
C ALA DA 193 93.15 49.44 53.93
N LYS DA 194 93.42 50.52 53.18
CA LYS DA 194 94.73 51.15 53.15
C LYS DA 194 95.12 51.65 54.53
N GLU DA 195 94.25 52.37 55.22
CA GLU DA 195 94.53 52.79 56.59
C GLU DA 195 94.78 51.59 57.51
N ILE DA 196 93.97 50.54 57.42
CA ILE DA 196 94.18 49.31 58.19
C ILE DA 196 95.55 48.72 57.87
N SER DA 197 95.94 48.67 56.61
CA SER DA 197 97.25 48.16 56.22
C SER DA 197 98.39 48.97 56.82
N LYS DA 198 98.19 50.28 57.06
CA LYS DA 198 99.18 51.12 57.74
C LYS DA 198 99.24 50.84 59.23
N GLU DA 199 98.17 50.31 59.83
CA GLU DA 199 98.20 49.85 61.22
C GLU DA 199 98.79 48.44 61.36
N VAL DA 200 98.24 47.47 60.64
CA VAL DA 200 98.41 46.04 60.98
C VAL DA 200 99.65 45.40 60.34
N ASP DA 201 100.16 44.32 60.94
CA ASP DA 201 101.25 43.51 60.38
C ASP DA 201 101.05 41.98 60.49
N SER DA 202 100.00 41.47 61.14
CA SER DA 202 99.72 40.03 61.13
C SER DA 202 99.37 39.57 59.72
N PRO DA 203 100.09 38.58 59.16
CA PRO DA 203 99.81 38.08 57.82
C PRO DA 203 98.38 37.57 57.71
N GLU DA 204 97.92 36.84 58.71
CA GLU DA 204 96.56 36.32 58.73
C GLU DA 204 95.56 37.47 58.76
N SER DA 205 95.81 38.52 59.54
CA SER DA 205 94.91 39.68 59.56
C SER DA 205 94.82 40.32 58.19
N LYS DA 206 95.95 40.47 57.49
CA LYS DA 206 95.99 41.02 56.14
C LYS DA 206 95.22 40.12 55.20
N ARG DA 207 95.41 38.80 55.28
CA ARG DA 207 94.70 37.81 54.46
C ARG DA 207 93.20 37.93 54.64
N ILE DA 208 92.77 37.92 55.89
CA ILE DA 208 91.38 38.15 56.27
C ILE DA 208 90.91 39.46 55.67
N ALA DA 209 91.65 40.55 55.85
CA ALA DA 209 91.23 41.85 55.37
C ALA DA 209 90.99 41.81 53.86
N TYR DA 210 91.95 41.27 53.12
CA TYR DA 210 91.78 41.20 51.68
C TYR DA 210 90.57 40.34 51.32
N LYS DA 211 90.41 39.18 51.96
CA LYS DA 211 89.23 38.33 51.73
C LYS DA 211 87.96 39.12 51.95
N ILE DA 212 87.89 39.90 53.02
CA ILE DA 212 86.71 40.71 53.29
C ILE DA 212 86.51 41.70 52.15
N VAL DA 213 87.54 42.41 51.73
CA VAL DA 213 87.41 43.38 50.65
C VAL DA 213 86.88 42.67 49.40
N ALA DA 214 87.48 41.54 49.05
CA ALA DA 214 87.06 40.78 47.91
C ALA DA 214 85.59 40.38 48.04
N ALA DA 215 85.21 39.87 49.21
CA ALA DA 215 83.84 39.50 49.47
C ALA DA 215 82.91 40.70 49.32
N ALA DA 216 83.32 41.89 49.75
CA ALA DA 216 82.48 43.08 49.63
C ALA DA 216 82.23 43.41 48.16
N ALA DA 217 83.27 43.38 47.34
CA ALA DA 217 83.09 43.56 45.92
C ALA DA 217 82.20 42.46 45.34
N GLU DA 218 82.43 41.20 45.69
CA GLU DA 218 81.66 40.08 45.17
C GLU DA 218 80.18 40.24 45.52
N PHE DA 219 79.88 40.61 46.77
CA PHE DA 219 78.52 40.83 47.21
C PHE DA 219 77.87 41.93 46.38
N LEU DA 220 78.47 43.13 46.32
CA LEU DA 220 77.79 44.23 45.65
C LEU DA 220 77.64 43.94 44.16
N LEU DA 221 78.58 43.22 43.56
CA LEU DA 221 78.44 42.75 42.20
C LEU DA 221 77.20 41.88 42.07
N LYS DA 222 77.04 40.86 42.92
CA LYS DA 222 75.87 40.00 42.85
C LYS DA 222 74.57 40.77 43.08
N ILE DA 223 74.54 41.66 44.06
CA ILE DA 223 73.32 42.43 44.32
C ILE DA 223 73.01 43.37 43.16
N LEU DA 224 74.02 44.04 42.58
CA LEU DA 224 73.82 44.87 41.40
C LEU DA 224 73.25 44.03 40.25
N ALA DA 225 73.73 42.81 40.06
CA ALA DA 225 73.24 41.90 39.03
C ALA DA 225 71.79 41.45 39.29
N GLU DA 226 71.43 41.14 40.54
CA GLU DA 226 70.02 40.90 40.90
C GLU DA 226 69.15 42.12 40.60
N GLY DA 227 69.71 43.32 40.74
CA GLY DA 227 69.06 44.59 40.39
C GLY DA 227 68.76 44.75 38.89
N GLY DA 228 69.30 43.89 38.02
CA GLY DA 228 69.01 43.88 36.59
C GLY DA 228 69.55 45.10 35.82
N ALA DA 229 70.58 45.77 36.33
CA ALA DA 229 71.18 46.95 35.72
C ALA DA 229 71.75 46.66 34.31
N THR DA 230 71.70 47.65 33.41
CA THR DA 230 72.20 47.52 32.03
C THR DA 230 73.71 47.23 32.01
N PRO DA 231 74.21 46.32 31.12
CA PRO DA 231 75.52 45.69 31.27
C PRO DA 231 76.70 46.64 31.50
N GLU DA 232 76.68 47.82 30.89
CA GLU DA 232 77.75 48.81 31.03
C GLU DA 232 77.95 49.27 32.48
N GLN DA 233 76.89 49.26 33.30
CA GLN DA 233 77.01 49.56 34.72
C GLN DA 233 77.81 48.46 35.42
N LEU DA 234 77.41 47.20 35.22
CA LEU DA 234 78.12 46.05 35.77
C LEU DA 234 79.57 46.07 35.31
N GLU DA 235 79.81 46.38 34.05
CA GLU DA 235 81.17 46.46 33.49
C GLU DA 235 81.99 47.53 34.22
N ARG DA 236 81.52 48.79 34.29
CA ARG DA 236 82.33 49.83 34.94
C ARG DA 236 82.52 49.58 36.43
N VAL DA 237 81.50 49.05 37.11
CA VAL DA 237 81.64 48.64 38.50
C VAL DA 237 82.68 47.53 38.59
N THR DA 238 82.65 46.55 37.69
CA THR DA 238 83.65 45.48 37.69
C THR DA 238 85.04 46.03 37.48
N GLU DA 239 85.21 46.94 36.52
CA GLU DA 239 86.51 47.58 36.30
C GLU DA 239 86.98 48.26 37.57
N HIS DA 240 86.12 49.07 38.19
CA HIS DA 240 86.51 49.76 39.42
C HIS DA 240 86.83 48.78 40.53
N ALA DA 241 86.06 47.70 40.63
CA ALA DA 241 86.28 46.64 41.61
C ALA DA 241 87.62 45.97 41.37
N LEU DA 242 87.92 45.56 40.14
CA LEU DA 242 89.22 45.01 39.80
C LEU DA 242 90.32 46.02 40.14
N GLU DA 243 90.15 47.29 39.81
CA GLU DA 243 91.15 48.31 40.10
C GLU DA 243 91.40 48.41 41.60
N VAL DA 244 90.34 48.46 42.40
CA VAL DA 244 90.44 48.44 43.85
C VAL DA 244 91.15 47.17 44.30
N LEU DA 245 90.71 46.01 43.81
CA LEU DA 245 91.30 44.74 44.22
C LEU DA 245 92.78 44.76 43.93
N LYS DA 246 93.17 45.27 42.76
CA LYS DA 246 94.55 45.41 42.36
C LYS DA 246 95.29 46.31 43.32
N GLU DA 247 94.78 47.51 43.58
CA GLU DA 247 95.45 48.45 44.48
C GLU DA 247 95.64 47.83 45.86
N VAL DA 248 94.57 47.30 46.43
CA VAL DA 248 94.64 46.75 47.79
C VAL DA 248 95.50 45.49 47.81
N ALA DA 249 95.48 44.68 46.76
CA ALA DA 249 96.42 43.57 46.66
C ALA DA 249 97.85 44.08 46.63
N LYS DA 250 98.16 45.09 45.82
CA LYS DA 250 99.51 45.64 45.69
C LYS DA 250 100.01 46.18 47.03
N GLU DA 251 99.13 46.73 47.85
CA GLU DA 251 99.50 47.05 49.22
C GLU DA 251 99.69 45.77 50.05
N LEU DA 252 98.66 44.95 50.20
CA LEU DA 252 98.61 43.93 51.26
C LEU DA 252 99.47 42.70 50.96
N ALA DA 253 99.61 42.30 49.71
CA ALA DA 253 100.22 41.02 49.37
C ALA DA 253 101.76 41.05 49.45
N ASP DA 254 102.33 40.03 50.10
CA ASP DA 254 103.78 39.85 50.27
C ASP DA 254 104.16 38.37 50.50
N SER DA 255 103.45 37.65 51.37
CA SER DA 255 103.54 36.19 51.47
C SER DA 255 103.13 35.56 50.15
N PRO DA 256 103.79 34.48 49.69
CA PRO DA 256 103.43 33.88 48.42
C PRO DA 256 102.05 33.26 48.51
N GLU DA 257 101.67 32.71 49.66
CA GLU DA 257 100.30 32.26 49.87
C GLU DA 257 99.32 33.44 49.78
N SER DA 258 99.68 34.62 50.28
CA SER DA 258 98.83 35.80 50.13
C SER DA 258 98.65 36.14 48.65
N VAL DA 259 99.71 36.05 47.84
CA VAL DA 259 99.59 36.27 46.41
C VAL DA 259 98.68 35.22 45.80
N ARG DA 260 98.89 33.95 46.14
CA ARG DA 260 98.09 32.83 45.65
C ARG DA 260 96.61 33.09 45.91
N GLU DA 261 96.31 33.46 47.14
CA GLU DA 261 94.96 33.82 47.53
C GLU DA 261 94.49 35.03 46.72
N ALA DA 262 95.31 36.07 46.58
CA ALA DA 262 94.92 37.27 45.88
C ALA DA 262 94.53 36.94 44.45
N VAL DA 263 95.38 36.19 43.76
CA VAL DA 263 95.10 35.75 42.41
C VAL DA 263 93.83 34.93 42.39
N ARG DA 264 93.69 33.97 43.30
CA ARG DA 264 92.49 33.14 43.38
C ARG DA 264 91.25 34.01 43.50
N LEU DA 265 91.28 34.99 44.39
CA LEU DA 265 90.14 35.89 44.58
C LEU DA 265 89.90 36.72 43.34
N ILE DA 266 90.93 37.29 42.74
CA ILE DA 266 90.75 38.11 41.55
C ILE DA 266 90.13 37.24 40.46
N SER DA 267 90.61 36.00 40.33
CA SER DA 267 90.08 35.06 39.36
C SER DA 267 88.61 34.79 39.65
N LYS DA 268 88.25 34.57 40.91
CA LYS DA 268 86.87 34.33 41.31
C LYS DA 268 86.02 35.51 40.90
N LEU DA 269 86.40 36.72 41.29
CA LEU DA 269 85.65 37.93 40.94
C LEU DA 269 85.56 38.13 39.43
N THR DA 270 86.63 37.79 38.72
CA THR DA 270 86.61 37.82 37.26
C THR DA 270 85.57 36.84 36.73
N GLN DA 271 85.61 35.59 37.20
CA GLN DA 271 84.66 34.56 36.78
C GLN DA 271 83.24 34.99 37.08
N GLU DA 272 82.97 35.47 38.28
CA GLU DA 272 81.66 35.99 38.63
C GLU DA 272 81.24 37.11 37.68
N GLY DA 273 82.14 38.00 37.30
CA GLY DA 273 81.87 39.04 36.33
C GLY DA 273 81.38 38.45 35.02
N LEU DA 274 82.15 37.52 34.45
CA LEU DA 274 81.76 36.88 33.20
C LEU DA 274 80.42 36.13 33.36
N LYS DA 275 80.20 35.45 34.49
CA LYS DA 275 78.93 34.79 34.77
C LYS DA 275 77.78 35.78 34.70
N GLN DA 276 77.93 36.98 35.25
CA GLN DA 276 76.87 37.99 35.17
C GLN DA 276 76.59 38.37 33.72
N LEU DA 277 77.63 38.72 32.96
CA LEU DA 277 77.47 39.11 31.56
C LEU DA 277 76.80 38.00 30.74
N LYS DA 278 77.16 36.73 30.99
CA LYS DA 278 76.51 35.57 30.37
C LYS DA 278 75.04 35.49 30.77
N GLU DA 279 74.75 35.58 32.07
CA GLU DA 279 73.39 35.45 32.60
C GLU DA 279 72.45 36.54 32.06
N ILE DA 280 72.91 37.79 32.01
CA ILE DA 280 72.10 38.91 31.49
C ILE DA 280 72.02 38.95 29.95
N GLY DA 281 72.74 38.08 29.26
CA GLY DA 281 72.74 38.02 27.78
C GLY DA 281 73.46 39.19 27.10
N ALA DA 282 74.50 39.75 27.71
CA ALA DA 282 75.30 40.83 27.12
C ALA DA 282 76.05 40.36 25.85
N PRO DA 283 76.31 41.25 24.86
CA PRO DA 283 77.06 40.88 23.68
C PRO DA 283 78.53 40.63 24.02
N PRO DA 284 79.23 39.73 23.30
CA PRO DA 284 80.65 39.49 23.48
C PRO DA 284 81.51 40.76 23.43
N GLU DA 285 81.03 41.83 22.80
CA GLU DA 285 81.65 43.15 22.81
C GLU DA 285 81.97 43.65 24.22
N GLN DA 286 81.12 43.33 25.20
CA GLN DA 286 81.43 43.58 26.61
C GLN DA 286 82.38 42.50 27.15
N ILE DA 287 82.06 41.23 26.91
CA ILE DA 287 82.74 40.10 27.55
C ILE DA 287 84.23 40.11 27.26
N GLU DA 288 84.59 40.32 25.99
CA GLU DA 288 85.99 40.30 25.56
C GLU DA 288 86.79 41.45 26.20
N ARG DA 289 86.16 42.60 26.42
CA ARG DA 289 86.78 43.70 27.15
C ARG DA 289 87.04 43.29 28.59
N VAL DA 290 86.04 42.75 29.27
CA VAL DA 290 86.21 42.24 30.64
C VAL DA 290 87.30 41.19 30.69
N ALA DA 291 87.33 40.26 29.74
CA ALA DA 291 88.36 39.23 29.69
C ALA DA 291 89.75 39.86 29.59
N GLU DA 292 89.96 40.78 28.66
CA GLU DA 292 91.24 41.48 28.53
C GLU DA 292 91.58 42.20 29.82
N HIS DA 293 90.64 42.95 30.39
CA HIS DA 293 90.90 43.73 31.59
C HIS DA 293 91.30 42.80 32.74
N GLY DA 294 90.59 41.70 32.90
CA GLY DA 294 90.87 40.69 33.92
C GLY DA 294 92.27 40.12 33.72
N LEU DA 295 92.57 39.64 32.52
CA LEU DA 295 93.89 39.12 32.22
C LEU DA 295 94.97 40.18 32.48
N GLU DA 296 94.75 41.42 32.09
CA GLU DA 296 95.73 42.49 32.28
C GLU DA 296 96.00 42.72 33.77
N VAL DA 297 94.94 42.82 34.56
CA VAL DA 297 95.04 42.94 36.01
C VAL DA 297 95.76 41.73 36.59
N LEU DA 298 95.38 40.53 36.18
CA LEU DA 298 96.00 39.31 36.66
C LEU DA 298 97.48 39.36 36.36
N LYS DA 299 97.85 39.71 35.14
CA LYS DA 299 99.24 39.86 34.72
C LYS DA 299 99.96 40.86 35.59
N GLU DA 300 99.37 42.03 35.82
CA GLU DA 300 100.01 43.04 36.67
C GLU DA 300 100.23 42.54 38.09
N ILE DA 301 99.24 41.84 38.65
CA ILE DA 301 99.39 41.27 39.98
C ILE DA 301 100.42 40.16 39.97
N ALA DA 302 100.39 39.27 38.98
CA ALA DA 302 101.37 38.22 38.84
C ALA DA 302 102.77 38.83 38.80
N LYS DA 303 102.94 39.89 38.02
CA LYS DA 303 104.20 40.64 37.91
C LYS DA 303 104.61 41.15 39.29
N TYR DA 304 103.75 41.88 39.98
CA TYR DA 304 104.07 42.40 41.32
C TYR DA 304 104.47 41.26 42.25
N GLY DA 305 103.60 40.27 42.41
CA GLY DA 305 103.75 39.22 43.40
C GLY DA 305 104.97 38.37 43.11
N SER DA 306 105.13 37.93 41.87
CA SER DA 306 106.23 37.05 41.49
C SER DA 306 107.59 37.66 41.81
N LYS DA 307 107.75 38.99 41.73
CA LYS DA 307 109.01 39.65 42.06
C LYS DA 307 109.38 39.58 43.56
N LEU DA 308 108.44 39.23 44.42
CA LEU DA 308 108.72 38.90 45.82
C LEU DA 308 108.99 37.39 46.07
N THR DA 309 108.67 36.51 45.10
CA THR DA 309 108.71 35.05 45.31
C THR DA 309 110.11 34.44 45.24
N ASP DA 310 110.23 33.24 45.82
CA ASP DA 310 111.44 32.39 45.77
C ASP DA 310 111.11 30.91 45.45
N SER DA 311 110.09 30.31 46.08
CA SER DA 311 109.79 28.89 45.95
C SER DA 311 109.31 28.51 44.54
N PRO DA 312 110.00 27.57 43.86
CA PRO DA 312 109.56 27.06 42.57
C PRO DA 312 108.15 26.46 42.64
N GLU DA 313 107.79 25.81 43.75
CA GLU DA 313 106.45 25.25 43.92
C GLU DA 313 105.41 26.36 43.80
N LEU DA 314 105.60 27.45 44.53
CA LEU DA 314 104.66 28.56 44.52
C LEU DA 314 104.65 29.22 43.15
N LYS DA 315 105.81 29.42 42.52
CA LYS DA 315 105.85 29.90 41.14
C LYS DA 315 104.99 29.02 40.23
N ARG DA 316 105.25 27.71 40.21
CA ARG DA 316 104.55 26.77 39.35
C ARG DA 316 103.06 26.78 39.64
N GLU DA 317 102.69 26.74 40.90
CA GLU DA 317 101.28 26.76 41.26
C GLU DA 317 100.63 28.07 40.81
N LEU DA 318 101.30 29.21 40.98
CA LEU DA 318 100.78 30.48 40.48
C LEU DA 318 100.56 30.39 38.97
N TYR DA 319 101.53 29.83 38.27
CA TYR DA 319 101.40 29.65 36.84
C TYR DA 319 100.20 28.76 36.53
N ARG DA 320 100.08 27.64 37.23
CA ARG DA 320 98.98 26.70 37.07
C ARG DA 320 97.68 27.44 37.26
N ILE DA 321 97.56 28.22 38.31
CA ILE DA 321 96.36 28.99 38.59
C ILE DA 321 96.06 29.95 37.45
N ILE DA 322 97.01 30.75 36.97
CA ILE DA 322 96.66 31.67 35.89
C ILE DA 322 96.27 30.89 34.65
N SER DA 323 96.92 29.77 34.38
CA SER DA 323 96.55 28.93 33.25
C SER DA 323 95.14 28.37 33.41
N GLU DA 324 94.80 27.85 34.58
CA GLU DA 324 93.45 27.37 34.85
C GLU DA 324 92.45 28.52 34.68
N THR DA 325 92.83 29.70 35.16
CA THR DA 325 92.00 30.90 35.08
C THR DA 325 91.73 31.24 33.62
N ALA DA 326 92.79 31.27 32.81
CA ALA DA 326 92.64 31.49 31.39
C ALA DA 326 91.75 30.41 30.78
N LYS DA 327 92.01 29.14 31.08
CA LYS DA 327 91.25 28.03 30.51
C LYS DA 327 89.78 28.18 30.83
N GLU DA 328 89.43 28.42 32.08
CA GLU DA 328 88.05 28.65 32.45
C GLU DA 328 87.48 29.89 31.78
N LEU DA 329 88.17 31.02 31.75
CA LEU DA 329 87.56 32.24 31.21
C LEU DA 329 87.33 32.10 29.70
N LEU DA 330 88.25 31.46 28.99
CA LEU DA 330 88.05 31.13 27.58
C LEU DA 330 86.88 30.16 27.42
N LYS DA 331 86.80 29.14 28.27
CA LYS DA 331 85.67 28.21 28.29
C LYS DA 331 84.35 28.95 28.52
N ILE DA 332 84.32 29.91 29.44
CA ILE DA 332 83.12 30.71 29.70
C ILE DA 332 82.78 31.56 28.48
N LEU DA 333 83.77 32.13 27.78
CA LEU DA 333 83.50 32.85 26.55
C LEU DA 333 82.88 31.92 25.48
N ALA DA 334 83.34 30.68 25.43
CA ALA DA 334 82.76 29.66 24.54
C ALA DA 334 81.35 29.26 24.99
N GLU DA 335 81.09 29.10 26.29
CA GLU DA 335 79.73 28.96 26.81
C GLU DA 335 78.85 30.16 26.42
N GLY DA 336 79.44 31.35 26.36
CA GLY DA 336 78.80 32.59 25.89
C GLY DA 336 78.50 32.63 24.39
N GLY DA 337 78.94 31.64 23.61
CA GLY DA 337 78.61 31.52 22.18
C GLY DA 337 79.21 32.59 21.27
N ALA DA 338 80.33 33.22 21.67
CA ALA DA 338 81.02 34.24 20.88
C ALA DA 338 81.60 33.71 19.55
N THR DA 339 81.88 34.60 18.58
CA THR DA 339 82.49 34.21 17.30
C THR DA 339 83.93 33.70 17.49
N PRO DA 340 84.41 32.83 16.59
CA PRO DA 340 85.80 32.37 16.62
C PRO DA 340 86.82 33.51 16.64
N GLU DA 341 86.52 34.68 16.07
CA GLU DA 341 87.40 35.83 16.11
C GLU DA 341 87.64 36.35 17.53
N GLN DA 342 86.59 36.42 18.35
CA GLN DA 342 86.78 36.75 19.76
C GLN DA 342 87.57 35.66 20.48
N LEU DA 343 87.29 34.38 20.19
CA LEU DA 343 88.04 33.28 20.77
C LEU DA 343 89.53 33.40 20.42
N GLU DA 344 89.87 33.68 19.17
CA GLU DA 344 91.26 33.89 18.76
C GLU DA 344 91.87 35.06 19.52
N ARG DA 345 91.22 36.23 19.51
CA ARG DA 345 91.70 37.45 20.15
C ARG DA 345 92.08 37.17 21.61
N VAL DA 346 91.15 36.56 22.34
CA VAL DA 346 91.37 36.22 23.75
C VAL DA 346 92.44 35.13 23.86
N THR DA 347 92.44 34.11 23.01
CA THR DA 347 93.44 33.04 23.08
C THR DA 347 94.84 33.62 22.91
N LYS DA 348 95.02 34.46 21.90
CA LYS DA 348 96.27 35.12 21.59
C LYS DA 348 96.71 35.97 22.77
N HIS DA 349 95.82 36.84 23.26
CA HIS DA 349 96.16 37.66 24.41
C HIS DA 349 96.54 36.80 25.61
N ALA DA 350 95.78 35.74 25.89
CA ALA DA 350 96.06 34.87 27.02
C ALA DA 350 97.41 34.18 26.85
N LEU DA 351 97.72 33.67 25.67
CA LEU DA 351 99.03 33.11 25.42
C LEU DA 351 100.11 34.16 25.66
N GLU DA 352 99.94 35.38 25.17
CA GLU DA 352 100.90 36.46 25.40
C GLU DA 352 101.07 36.76 26.88
N VAL DA 353 99.98 36.89 27.61
CA VAL DA 353 100.04 37.06 29.06
C VAL DA 353 100.80 35.90 29.68
N LEU DA 354 100.44 34.66 29.35
CA LEU DA 354 101.11 33.50 29.90
C LEU DA 354 102.60 33.57 29.59
N LYS DA 355 102.97 33.96 28.38
CA LYS DA 355 104.37 34.08 27.97
C LYS DA 355 105.06 35.13 28.84
N GLU DA 356 104.47 36.29 29.00
CA GLU DA 356 105.04 37.34 29.83
C GLU DA 356 105.21 36.85 31.26
N VAL DA 357 104.18 36.20 31.81
CA VAL DA 357 104.26 35.70 33.18
C VAL DA 357 105.32 34.60 33.27
N ALA DA 358 105.43 33.73 32.28
CA ALA DA 358 106.49 32.74 32.25
C ALA DA 358 107.84 33.43 32.29
N LYS DA 359 108.03 34.47 31.47
CA LYS DA 359 109.27 35.24 31.42
C LYS DA 359 109.58 35.90 32.76
N GLU DA 360 108.57 36.39 33.48
CA GLU DA 360 108.78 36.90 34.84
C GLU DA 360 109.23 35.78 35.79
N LEU DA 361 108.62 34.60 35.68
CA LEU DA 361 108.87 33.52 36.63
C LEU DA 361 110.18 32.78 36.39
N ALA DA 362 110.44 32.40 35.14
CA ALA DA 362 111.26 31.25 34.83
C ALA DA 362 112.77 31.45 35.11
N ASP DA 363 113.35 30.48 35.80
CA ASP DA 363 114.75 30.50 36.27
C ASP DA 363 115.43 29.10 36.20
N SER DA 364 114.75 28.11 35.60
CA SER DA 364 115.25 26.74 35.43
C SER DA 364 114.62 26.07 34.20
N PRO DA 365 115.24 25.04 33.61
CA PRO DA 365 114.60 24.28 32.54
C PRO DA 365 113.33 23.59 33.05
N GLU DA 366 113.31 23.18 34.32
CA GLU DA 366 112.16 22.53 34.93
C GLU DA 366 110.93 23.44 34.89
N SER DA 367 111.10 24.68 35.36
CA SER DA 367 110.04 25.67 35.32
C SER DA 367 109.69 26.06 33.89
N GLY DA 368 110.68 26.14 33.00
CA GLY DA 368 110.43 26.35 31.58
C GLY DA 368 109.52 25.27 31.01
N LEU DA 369 109.84 24.00 31.23
CA LEU DA 369 109.03 22.90 30.75
C LEU DA 369 107.64 22.95 31.34
N ALA DA 370 107.52 23.12 32.65
CA ALA DA 370 106.21 23.19 33.27
C ALA DA 370 105.37 24.32 32.63
N ALA DA 371 105.96 25.50 32.45
CA ALA DA 371 105.27 26.60 31.80
C ALA DA 371 104.89 26.24 30.38
N LEU DA 372 105.82 25.67 29.62
CA LEU DA 372 105.57 25.24 28.26
C LEU DA 372 104.39 24.28 28.24
N ALA DA 373 104.40 23.29 29.12
CA ALA DA 373 103.35 22.30 29.20
C ALA DA 373 102.01 22.96 29.45
N ALA DA 374 101.97 23.93 30.36
CA ALA DA 374 100.76 24.69 30.59
C ALA DA 374 100.35 25.46 29.34
N ILE DA 375 101.28 26.18 28.70
CA ILE DA 375 100.98 26.94 27.49
C ILE DA 375 100.39 26.00 26.44
N ALA DA 376 101.03 24.87 26.21
CA ALA DA 376 100.56 23.86 25.30
C ALA DA 376 99.16 23.39 25.71
N SER DA 377 98.92 23.14 26.99
CA SER DA 377 97.59 22.73 27.41
C SER DA 377 96.55 23.82 27.09
N LEU DA 378 96.89 25.10 27.31
CA LEU DA 378 95.99 26.19 26.99
C LEU DA 378 95.74 26.22 25.49
N ALA DA 379 96.80 26.11 24.69
CA ALA DA 379 96.66 26.05 23.26
C ALA DA 379 95.76 24.88 22.85
N LYS DA 380 95.93 23.71 23.48
CA LYS DA 380 95.14 22.52 23.21
C LYS DA 380 93.67 22.78 23.51
N LEU DA 381 93.37 23.36 24.66
CA LEU DA 381 91.99 23.73 24.97
C LEU DA 381 91.47 24.74 23.95
N GLY DA 382 92.26 25.75 23.57
CA GLY DA 382 91.84 26.73 22.59
C GLY DA 382 91.46 26.07 21.27
N LEU DA 383 92.33 25.20 20.76
CA LEU DA 383 92.08 24.43 19.55
C LEU DA 383 90.86 23.53 19.72
N GLU DA 384 90.68 22.92 20.88
CA GLU DA 384 89.51 22.11 21.18
C GLU DA 384 88.23 22.94 21.12
N GLN DA 385 88.22 24.18 21.64
CA GLN DA 385 87.05 25.05 21.56
C GLN DA 385 86.79 25.47 20.11
N LEU DA 386 87.83 25.79 19.34
CA LEU DA 386 87.67 26.06 17.90
C LEU DA 386 87.08 24.85 17.17
N LYS DA 387 87.54 23.63 17.49
CA LYS DA 387 87.00 22.39 16.91
C LYS DA 387 85.53 22.21 17.30
N GLU DA 388 85.21 22.40 18.57
CA GLU DA 388 83.85 22.21 19.10
C GLU DA 388 82.85 23.19 18.49
N ILE DA 389 83.22 24.47 18.33
CA ILE DA 389 82.36 25.46 17.65
C ILE DA 389 82.35 25.28 16.12
N GLY DA 390 83.18 24.39 15.58
CA GLY DA 390 83.30 24.16 14.13
C GLY DA 390 83.95 25.31 13.38
N ALA DA 391 84.89 26.02 14.00
CA ALA DA 391 85.62 27.12 13.39
C ALA DA 391 86.39 26.67 12.12
N PRO DA 392 86.49 27.51 11.07
CA PRO DA 392 87.02 27.09 9.80
C PRO DA 392 88.54 26.87 9.85
N PRO DA 393 89.09 25.97 9.01
CA PRO DA 393 90.46 25.49 9.15
C PRO DA 393 91.53 26.57 9.26
N GLU DA 394 91.40 27.69 8.55
CA GLU DA 394 92.39 28.78 8.60
C GLU DA 394 92.52 29.35 10.01
N GLN DA 395 91.43 29.46 10.77
CA GLN DA 395 91.51 29.87 12.18
C GLN DA 395 92.28 28.84 12.99
N GLN DA 396 91.99 27.55 12.78
CA GLN DA 396 92.70 26.47 13.47
C GLN DA 396 94.20 26.55 13.20
N ARG DA 397 94.59 26.74 11.93
CA ARG DA 397 95.99 26.91 11.54
C ARG DA 397 96.58 28.16 12.19
N ARG DA 398 95.91 29.31 12.10
CA ARG DA 398 96.37 30.59 12.68
C ARG DA 398 96.68 30.43 14.17
N VAL DA 399 95.73 29.88 14.92
CA VAL DA 399 95.92 29.60 16.35
C VAL DA 399 97.08 28.64 16.56
N THR DA 400 97.16 27.56 15.77
CA THR DA 400 98.23 26.57 15.92
C THR DA 400 99.60 27.22 15.70
N LYS DA 401 99.73 28.04 14.66
CA LYS DA 401 100.96 28.79 14.39
C LYS DA 401 101.30 29.72 15.54
N ALA DA 402 100.33 30.48 16.04
CA ALA DA 402 100.57 31.30 17.21
C ALA DA 402 101.06 30.46 18.39
N GLY DA 403 100.48 29.27 18.59
CA GLY DA 403 100.92 28.34 19.61
C GLY DA 403 102.38 27.95 19.41
N ILE DA 404 102.73 27.53 18.19
CA ILE DA 404 104.10 27.18 17.86
C ILE DA 404 105.02 28.38 18.14
N GLU DA 405 104.65 29.58 17.71
CA GLU DA 405 105.44 30.78 17.93
C GLU DA 405 105.65 31.06 19.42
N ALA DA 406 104.62 30.93 20.24
CA ALA DA 406 104.78 31.06 21.68
C ALA DA 406 105.73 30.00 22.21
N VAL DA 407 105.56 28.74 21.81
CA VAL DA 407 106.44 27.67 22.27
C VAL DA 407 107.88 27.93 21.85
N ARG DA 408 108.09 28.43 20.63
CA ARG DA 408 109.40 28.84 20.14
C ARG DA 408 109.98 29.94 21.02
N GLU DA 409 109.19 30.94 21.36
CA GLU DA 409 109.64 31.99 22.28
C GLU DA 409 110.05 31.40 23.63
N ILE DA 410 109.29 30.44 24.15
CA ILE DA 410 109.63 29.78 25.41
C ILE DA 410 110.94 28.99 25.27
N TYR DA 411 111.12 28.26 24.18
CA TYR DA 411 112.38 27.58 23.92
C TYR DA 411 113.53 28.57 23.87
N ARG DA 412 113.34 29.68 23.15
CA ARG DA 412 114.33 30.74 23.00
C ARG DA 412 114.64 31.43 24.33
N TYR DA 413 113.67 31.57 25.22
CA TYR DA 413 113.94 31.98 26.60
C TYR DA 413 114.77 30.92 27.32
N GLY DA 414 114.35 29.66 27.25
CA GLY DA 414 115.04 28.55 27.92
C GLY DA 414 116.50 28.44 27.52
N ARG DA 415 116.81 28.71 26.24
CA ARG DA 415 118.16 28.71 25.67
C ARG DA 415 119.14 29.68 26.35
N LYS DA 416 118.66 30.68 27.11
CA LYS DA 416 119.51 31.56 27.93
C LYS DA 416 120.20 30.81 29.08
N LEU DA 417 119.60 29.71 29.55
CA LEU DA 417 120.05 28.94 30.72
C LEU DA 417 120.43 27.50 30.38
N TYR DA 418 119.76 26.90 29.39
CA TYR DA 418 119.95 25.50 28.95
C TYR DA 418 120.86 25.39 27.72
N ASP EA 3 44.34 -72.24 -48.08
CA ASP EA 3 44.05 -73.29 -49.08
C ASP EA 3 45.12 -73.41 -50.15
N ASP EA 4 45.34 -72.38 -50.98
CA ASP EA 4 46.17 -72.48 -52.19
C ASP EA 4 47.57 -73.03 -51.94
N LEU EA 5 48.15 -72.79 -50.78
CA LEU EA 5 49.48 -73.30 -50.45
C LEU EA 5 49.57 -74.82 -50.61
N LEU EA 6 48.50 -75.57 -50.28
CA LEU EA 6 48.47 -77.01 -50.50
C LEU EA 6 48.66 -77.32 -51.99
N LEU EA 7 47.89 -76.64 -52.84
CA LEU EA 7 48.03 -76.79 -54.28
C LEU EA 7 49.45 -76.40 -54.71
N LYS EA 8 50.00 -75.32 -54.17
CA LYS EA 8 51.37 -74.92 -54.49
C LYS EA 8 52.39 -75.96 -54.06
N LEU EA 9 52.19 -76.64 -52.93
CA LEU EA 9 53.06 -77.77 -52.59
C LEU EA 9 52.98 -78.84 -53.67
N LEU EA 10 51.77 -79.13 -54.16
CA LEU EA 10 51.65 -80.08 -55.24
C LEU EA 10 52.40 -79.57 -56.48
N GLU EA 11 52.31 -78.28 -56.82
CA GLU EA 11 53.09 -77.74 -57.93
C GLU EA 11 54.58 -77.96 -57.71
N LEU EA 12 55.07 -77.65 -56.52
CA LEU EA 12 56.48 -77.83 -56.20
C LEU EA 12 56.86 -79.29 -56.35
N LEU EA 13 56.05 -80.19 -55.81
CA LEU EA 13 56.27 -81.61 -55.94
C LEU EA 13 56.30 -82.00 -57.43
N VAL EA 14 55.35 -81.53 -58.22
CA VAL EA 14 55.27 -81.88 -59.64
C VAL EA 14 56.51 -81.39 -60.37
N GLU EA 15 56.87 -80.13 -60.16
CA GLU EA 15 58.02 -79.57 -60.85
C GLU EA 15 59.29 -80.28 -60.41
N GLN EA 16 59.42 -80.57 -59.11
CA GLN EA 16 60.55 -81.33 -58.60
C GLN EA 16 60.58 -82.71 -59.22
N ALA EA 17 59.43 -83.36 -59.37
CA ALA EA 17 59.36 -84.63 -60.05
C ALA EA 17 59.83 -84.49 -61.50
N ARG EA 18 59.44 -83.42 -62.21
CA ARG EA 18 59.91 -83.18 -63.58
C ARG EA 18 61.42 -83.06 -63.61
N VAL EA 19 62.00 -82.20 -62.79
CA VAL EA 19 63.46 -82.00 -62.78
C VAL EA 19 64.17 -83.29 -62.38
N SER EA 20 63.63 -84.00 -61.39
CA SER EA 20 64.13 -85.32 -61.00
C SER EA 20 64.06 -86.30 -62.17
N ALA EA 21 62.99 -86.29 -62.95
CA ALA EA 21 62.83 -87.19 -64.08
C ALA EA 21 63.77 -86.83 -65.24
N GLU EA 22 63.98 -85.55 -65.52
CA GLU EA 22 64.97 -85.12 -66.52
C GLU EA 22 66.38 -85.51 -66.08
N PHE EA 23 66.70 -85.37 -64.79
CA PHE EA 23 67.92 -85.89 -64.20
C PHE EA 23 68.01 -87.41 -64.37
N ALA EA 24 66.97 -88.15 -64.00
CA ALA EA 24 66.97 -89.60 -64.08
C ALA EA 24 67.05 -90.11 -65.53
N ARG EA 25 66.50 -89.38 -66.50
CA ARG EA 25 66.66 -89.68 -67.94
C ARG EA 25 68.08 -89.46 -68.44
N ARG EA 26 68.88 -88.61 -67.79
CA ARG EA 26 70.35 -88.59 -67.98
C ARG EA 26 71.05 -89.74 -67.25
N GLN EA 27 70.67 -90.05 -66.00
CA GLN EA 27 71.35 -91.10 -65.21
C GLN EA 27 71.03 -92.55 -65.63
N GLY EA 28 69.86 -92.80 -66.24
CA GLY EA 28 69.32 -94.15 -66.40
C GLY EA 28 68.76 -94.75 -65.09
N ASP EA 29 68.39 -93.92 -64.12
CA ASP EA 29 67.94 -94.37 -62.80
C ASP EA 29 66.46 -94.78 -62.80
N GLU EA 30 66.21 -96.02 -63.22
CA GLU EA 30 64.85 -96.58 -63.27
C GLU EA 30 64.19 -96.61 -61.89
N LYS EA 31 64.96 -96.78 -60.81
CA LYS EA 31 64.42 -96.77 -59.45
C LYS EA 31 63.91 -95.38 -59.10
N MET EA 32 64.67 -94.33 -59.41
CA MET EA 32 64.16 -92.97 -59.23
C MET EA 32 62.93 -92.74 -60.09
N LEU EA 33 62.94 -93.15 -61.37
CA LEU EA 33 61.77 -92.99 -62.23
C LEU EA 33 60.54 -93.66 -61.63
N GLU EA 34 60.67 -94.90 -61.15
CA GLU EA 34 59.59 -95.61 -60.47
C GLU EA 34 59.09 -94.83 -59.26
N GLU EA 35 59.99 -94.39 -58.38
CA GLU EA 35 59.59 -93.66 -57.18
C GLU EA 35 58.91 -92.33 -57.50
N VAL EA 36 59.47 -91.52 -58.41
CA VAL EA 36 58.83 -90.25 -58.76
C VAL EA 36 57.53 -90.50 -59.51
N ALA EA 37 57.41 -91.55 -60.32
CA ALA EA 37 56.15 -91.89 -60.96
C ALA EA 37 55.08 -92.21 -59.91
N ARG EA 38 55.41 -93.04 -58.91
CA ARG EA 38 54.51 -93.31 -57.79
C ARG EA 38 54.13 -92.00 -57.10
N LYS EA 39 55.11 -91.17 -56.77
CA LYS EA 39 54.87 -89.90 -56.08
C LYS EA 39 53.99 -88.98 -56.93
N ALA EA 40 54.21 -88.92 -58.23
CA ALA EA 40 53.41 -88.12 -59.14
C ALA EA 40 51.97 -88.64 -59.23
N GLU EA 41 51.78 -89.96 -59.29
CA GLU EA 41 50.44 -90.54 -59.25
C GLU EA 41 49.76 -90.19 -57.92
N GLU EA 42 50.45 -90.33 -56.79
CA GLU EA 42 49.88 -90.00 -55.48
C GLU EA 42 49.55 -88.52 -55.37
N VAL EA 43 50.43 -87.65 -55.85
CA VAL EA 43 50.14 -86.22 -55.93
C VAL EA 43 48.92 -85.98 -56.79
N ALA EA 44 48.80 -86.65 -57.93
CA ALA EA 44 47.63 -86.52 -58.79
C ALA EA 44 46.36 -87.00 -58.06
N ARG EA 45 46.44 -88.09 -57.30
CA ARG EA 45 45.33 -88.58 -56.47
C ARG EA 45 44.91 -87.50 -55.48
N LYS EA 46 45.87 -86.93 -54.75
CA LYS EA 46 45.60 -85.84 -53.80
C LYS EA 46 44.97 -84.65 -54.50
N ALA EA 47 45.51 -84.26 -55.64
CA ALA EA 47 44.97 -83.17 -56.45
C ALA EA 47 43.53 -83.47 -56.89
N GLU EA 48 43.24 -84.69 -57.33
CA GLU EA 48 41.89 -85.06 -57.73
C GLU EA 48 40.93 -84.97 -56.54
N GLU EA 49 41.28 -85.51 -55.39
CA GLU EA 49 40.44 -85.40 -54.20
C GLU EA 49 40.17 -83.95 -53.83
N ILE EA 50 41.20 -83.10 -53.86
CA ILE EA 50 41.04 -81.66 -53.63
C ILE EA 50 40.11 -81.07 -54.70
N ALA EA 51 40.28 -81.46 -55.97
CA ALA EA 51 39.43 -80.98 -57.05
C ALA EA 51 37.97 -81.37 -56.86
N ARG EA 52 37.67 -82.62 -56.47
CA ARG EA 52 36.29 -83.04 -56.17
C ARG EA 52 35.71 -82.19 -55.04
N LYS EA 53 36.48 -81.95 -53.97
CA LYS EA 53 36.08 -81.09 -52.86
C LYS EA 53 35.79 -79.67 -53.34
N ALA EA 54 36.68 -79.07 -54.13
CA ALA EA 54 36.45 -77.76 -54.72
C ALA EA 54 35.19 -77.73 -55.60
N ARG EA 55 34.94 -78.77 -56.41
CA ARG EA 55 33.74 -78.88 -57.25
C ARG EA 55 32.48 -78.89 -56.40
N LYS EA 56 32.48 -79.61 -55.28
CA LYS EA 56 31.39 -79.60 -54.30
C LYS EA 56 31.20 -78.23 -53.66
N GLU EA 57 32.28 -77.58 -53.24
CA GLU EA 57 32.24 -76.31 -52.52
C GLU EA 57 31.99 -75.09 -53.43
N GLY EA 58 32.18 -75.23 -54.75
CA GLY EA 58 31.83 -74.21 -55.73
C GLY EA 58 32.87 -73.10 -55.94
N ASN EA 59 34.09 -73.23 -55.43
CA ASN EA 59 35.18 -72.32 -55.79
C ASN EA 59 35.82 -72.72 -57.14
N LEU EA 60 35.31 -72.14 -58.23
CA LEU EA 60 35.77 -72.46 -59.58
C LEU EA 60 37.25 -72.13 -59.77
N GLU EA 61 37.77 -71.06 -59.14
CA GLU EA 61 39.17 -70.71 -59.29
C GLU EA 61 40.08 -71.83 -58.76
N LEU EA 62 39.80 -72.31 -57.56
CA LEU EA 62 40.53 -73.47 -57.02
C LEU EA 62 40.35 -74.69 -57.91
N ALA EA 63 39.14 -74.94 -58.41
CA ALA EA 63 38.92 -76.09 -59.28
C ALA EA 63 39.79 -76.01 -60.53
N LEU EA 64 39.82 -74.85 -61.18
CA LEU EA 64 40.66 -74.63 -62.35
C LEU EA 64 42.14 -74.79 -61.99
N LYS EA 65 42.58 -74.20 -60.88
CA LYS EA 65 43.96 -74.38 -60.41
C LYS EA 65 44.28 -75.86 -60.24
N ALA EA 66 43.41 -76.60 -59.57
CA ALA EA 66 43.60 -78.01 -59.32
C ALA EA 66 43.60 -78.81 -60.62
N LEU EA 67 42.75 -78.46 -61.57
CA LEU EA 67 42.80 -79.06 -62.88
C LEU EA 67 44.12 -78.76 -63.56
N GLU EA 68 44.62 -77.53 -63.52
CA GLU EA 68 45.90 -77.23 -64.17
C GLU EA 68 47.02 -78.07 -63.54
N ILE EA 69 46.99 -78.21 -62.22
CA ILE EA 69 47.92 -79.11 -61.54
C ILE EA 69 47.73 -80.54 -62.05
N LEU EA 70 46.50 -81.02 -62.20
CA LEU EA 70 46.26 -82.35 -62.72
C LEU EA 70 46.84 -82.48 -64.13
N VAL EA 71 46.70 -81.46 -64.97
CA VAL EA 71 47.26 -81.46 -66.32
C VAL EA 71 48.78 -81.55 -66.25
N ARG EA 72 49.40 -80.72 -65.41
CA ARG EA 72 50.85 -80.74 -65.24
C ARG EA 72 51.32 -82.11 -64.76
N ALA EA 73 50.63 -82.67 -63.77
CA ALA EA 73 50.94 -83.97 -63.21
C ALA EA 73 50.79 -85.06 -64.26
N ALA EA 74 49.73 -85.02 -65.05
CA ALA EA 74 49.57 -85.92 -66.17
C ALA EA 74 50.73 -85.76 -67.14
N HIS EA 75 51.18 -84.54 -67.42
CA HIS EA 75 52.28 -84.33 -68.36
C HIS EA 75 53.55 -85.02 -67.90
N VAL EA 76 53.96 -84.84 -66.65
CA VAL EA 76 55.16 -85.53 -66.15
C VAL EA 76 54.95 -87.05 -66.12
N LEU EA 77 53.76 -87.53 -65.77
CA LEU EA 77 53.46 -88.96 -65.82
C LEU EA 77 53.61 -89.49 -67.25
N ALA EA 78 53.12 -88.72 -68.23
CA ALA EA 78 53.23 -89.07 -69.63
C ALA EA 78 54.68 -89.03 -70.11
N GLU EA 79 55.46 -88.02 -69.73
CA GLU EA 79 56.88 -87.94 -70.07
C GLU EA 79 57.63 -89.19 -69.61
N ILE EA 80 57.38 -89.62 -68.36
CA ILE EA 80 57.99 -90.84 -67.82
C ILE EA 80 57.48 -92.06 -68.60
N ALA EA 81 56.16 -92.21 -68.75
CA ALA EA 81 55.58 -93.36 -69.41
C ALA EA 81 56.02 -93.49 -70.88
N ARG EA 82 56.21 -92.37 -71.59
CA ARG EA 82 56.63 -92.29 -73.00
C ARG EA 82 58.01 -92.92 -73.20
N GLU EA 83 59.00 -92.50 -72.41
CA GLU EA 83 60.36 -93.05 -72.50
C GLU EA 83 60.46 -94.45 -71.90
N ARG EA 84 59.68 -94.75 -70.85
CA ARG EA 84 59.64 -96.09 -70.23
C ARG EA 84 58.89 -97.13 -71.08
N GLY EA 85 58.02 -96.69 -71.99
CA GLY EA 85 57.15 -97.56 -72.78
C GLY EA 85 56.00 -98.19 -71.97
N ASN EA 86 55.64 -97.60 -70.82
CA ASN EA 86 54.62 -98.16 -69.93
C ASN EA 86 53.20 -97.90 -70.45
N GLU EA 87 52.42 -98.96 -70.66
CA GLU EA 87 51.03 -98.82 -71.16
C GLU EA 87 50.06 -98.32 -70.09
N GLU EA 88 50.10 -98.87 -68.87
CA GLU EA 88 49.07 -98.61 -67.87
C GLU EA 88 49.07 -97.15 -67.39
N LEU EA 89 50.25 -96.54 -67.28
CA LEU EA 89 50.36 -95.10 -67.05
C LEU EA 89 49.75 -94.29 -68.20
N GLN EA 90 49.99 -94.66 -69.46
CA GLN EA 90 49.38 -93.96 -70.60
C GLN EA 90 47.85 -94.12 -70.59
N LYS EA 91 47.35 -95.32 -70.33
CA LYS EA 91 45.90 -95.59 -70.23
C LYS EA 91 45.27 -94.75 -69.12
N LYS EA 92 45.87 -94.75 -67.93
CA LYS EA 92 45.46 -93.88 -66.82
C LYS EA 92 45.47 -92.41 -67.23
N ALA EA 93 46.60 -91.92 -67.74
CA ALA EA 93 46.75 -90.51 -68.11
C ALA EA 93 45.72 -90.08 -69.16
N HIS EA 94 45.51 -90.85 -70.23
CA HIS EA 94 44.56 -90.46 -71.27
C HIS EA 94 43.13 -90.41 -70.73
N LYS EA 95 42.72 -91.42 -69.95
CA LYS EA 95 41.41 -91.42 -69.28
C LYS EA 95 41.26 -90.25 -68.32
N LEU EA 96 42.27 -90.01 -67.49
CA LEU EA 96 42.27 -88.87 -66.56
C LEU EA 96 42.19 -87.56 -67.33
N ALA EA 97 42.91 -87.41 -68.44
CA ALA EA 97 42.85 -86.22 -69.27
C ALA EA 97 41.44 -86.02 -69.85
N LYS EA 98 40.79 -87.09 -70.31
CA LYS EA 98 39.41 -86.99 -70.78
C LYS EA 98 38.46 -86.61 -69.65
N GLU EA 99 38.63 -87.18 -68.46
CA GLU EA 99 37.86 -86.79 -67.28
C GLU EA 99 38.10 -85.32 -66.93
N ALA EA 100 39.34 -84.86 -66.98
CA ALA EA 100 39.67 -83.47 -66.78
C ALA EA 100 39.00 -82.60 -67.85
N LEU EA 101 39.02 -83.04 -69.11
CA LEU EA 101 38.38 -82.31 -70.19
C LEU EA 101 36.89 -82.17 -69.90
N ARG EA 102 36.23 -83.26 -69.54
CA ARG EA 102 34.83 -83.25 -69.15
C ARG EA 102 34.60 -82.28 -67.99
N GLN EA 103 35.39 -82.37 -66.93
CA GLN EA 103 35.23 -81.47 -65.79
C GLN EA 103 35.47 -80.01 -66.17
N VAL EA 104 36.49 -79.71 -66.97
CA VAL EA 104 36.75 -78.31 -67.36
C VAL EA 104 35.64 -77.81 -68.28
N ILE EA 105 35.12 -78.66 -69.17
CA ILE EA 105 33.98 -78.32 -69.99
C ILE EA 105 32.80 -78.00 -69.10
N GLU EA 106 32.51 -78.82 -68.10
CA GLU EA 106 31.43 -78.56 -67.16
C GLU EA 106 31.65 -77.24 -66.42
N ILE EA 107 32.87 -76.99 -65.97
CA ILE EA 107 33.19 -75.71 -65.34
C ILE EA 107 32.97 -74.58 -66.35
N ALA EA 108 33.37 -74.74 -67.60
CA ALA EA 108 33.20 -73.71 -68.62
C ALA EA 108 31.70 -73.44 -68.87
N ILE EA 109 30.91 -74.50 -68.97
CA ILE EA 109 29.46 -74.39 -69.04
C ILE EA 109 28.94 -73.65 -67.82
N ARG EA 110 29.36 -74.04 -66.60
CA ARG EA 110 28.89 -73.38 -65.38
C ARG EA 110 29.28 -71.91 -65.35
N ALA EA 111 30.52 -71.61 -65.68
CA ALA EA 111 31.02 -70.24 -65.73
C ALA EA 111 30.20 -69.41 -66.73
N ILE EA 112 29.92 -69.96 -67.92
CA ILE EA 112 29.05 -69.32 -68.91
C ILE EA 112 27.65 -69.12 -68.32
N GLN EA 113 27.10 -70.14 -67.65
CA GLN EA 113 25.77 -70.08 -67.07
C GLN EA 113 25.67 -69.05 -65.92
N GLU EA 114 26.76 -68.84 -65.18
CA GLU EA 114 26.89 -67.79 -64.17
C GLU EA 114 27.38 -66.44 -64.74
N GLY EA 115 27.69 -66.37 -66.03
CA GLY EA 115 28.16 -65.15 -66.71
C GLY EA 115 29.63 -64.75 -66.45
N ASN EA 116 30.43 -65.63 -65.84
CA ASN EA 116 31.87 -65.43 -65.60
C ASN EA 116 32.71 -65.68 -66.86
N LEU EA 117 32.66 -64.74 -67.81
CA LEU EA 117 33.43 -64.78 -69.07
C LEU EA 117 34.94 -64.95 -68.83
N GLU EA 118 35.43 -64.36 -67.75
CA GLU EA 118 36.82 -64.38 -67.35
C GLU EA 118 37.23 -65.79 -66.96
N LEU EA 119 36.49 -66.40 -66.01
CA LEU EA 119 36.75 -67.79 -65.65
C LEU EA 119 36.60 -68.69 -66.87
N ALA EA 120 35.60 -68.46 -67.72
CA ALA EA 120 35.43 -69.25 -68.93
C ALA EA 120 36.67 -69.15 -69.83
N ILE EA 121 37.21 -67.95 -70.04
CA ILE EA 121 38.43 -67.78 -70.82
C ILE EA 121 39.58 -68.55 -70.17
N ILE EA 122 39.75 -68.45 -68.85
CA ILE EA 122 40.81 -69.17 -68.16
C ILE EA 122 40.62 -70.67 -68.34
N ALA EA 123 39.40 -71.15 -68.18
CA ALA EA 123 39.04 -72.54 -68.38
C ALA EA 123 39.38 -72.97 -69.81
N LEU EA 124 39.08 -72.13 -70.81
CA LEU EA 124 39.43 -72.44 -72.17
C LEU EA 124 40.95 -72.52 -72.30
N HIS EA 125 41.71 -71.60 -71.70
CA HIS EA 125 43.17 -71.69 -71.70
C HIS EA 125 43.63 -73.05 -71.15
N ILE EA 126 43.09 -73.45 -70.00
CA ILE EA 126 43.39 -74.76 -69.44
C ILE EA 126 42.98 -75.86 -70.42
N SER EA 127 41.84 -75.73 -71.08
CA SER EA 127 41.42 -76.73 -72.04
C SER EA 127 42.43 -76.85 -73.17
N VAL EA 128 43.05 -75.75 -73.61
CA VAL EA 128 44.13 -75.84 -74.58
C VAL EA 128 45.32 -76.58 -73.98
N ARG EA 129 45.63 -76.37 -72.69
CA ARG EA 129 46.67 -77.20 -72.05
C ARG EA 129 46.29 -78.67 -72.06
N ILE EA 130 45.02 -78.99 -71.83
CA ILE EA 130 44.55 -80.36 -71.96
C ILE EA 130 44.76 -80.83 -73.40
N ALA EA 131 44.45 -80.00 -74.39
CA ALA EA 131 44.69 -80.36 -75.78
C ALA EA 131 46.18 -80.64 -76.04
N GLU EA 132 47.09 -79.80 -75.53
CA GLU EA 132 48.53 -80.04 -75.67
C GLU EA 132 48.93 -81.38 -75.05
N VAL EA 133 48.44 -81.68 -73.84
CA VAL EA 133 48.74 -82.95 -73.19
C VAL EA 133 48.12 -84.11 -73.95
N LEU EA 134 46.87 -84.00 -74.39
CA LEU EA 134 46.24 -85.02 -75.22
C LEU EA 134 47.05 -85.25 -76.49
N LEU EA 135 47.52 -84.18 -77.13
CA LEU EA 135 48.28 -84.25 -78.37
C LEU EA 135 49.61 -84.96 -78.18
N GLU EA 136 50.29 -84.74 -77.06
CA GLU EA 136 51.43 -85.58 -76.69
C GLU EA 136 50.98 -87.03 -76.40
N THR EA 137 49.86 -87.20 -75.73
CA THR EA 137 49.43 -88.52 -75.21
C THR EA 137 49.07 -89.49 -76.32
N ARG EA 138 48.21 -89.08 -77.27
CA ARG EA 138 47.71 -89.89 -78.40
C ARG EA 138 47.46 -89.01 -79.63
N PRO EA 139 48.49 -88.69 -80.44
CA PRO EA 139 48.31 -87.90 -81.67
C PRO EA 139 47.52 -88.64 -82.77
N ASP EA 140 47.30 -89.94 -82.64
CA ASP EA 140 46.48 -90.77 -83.51
C ASP EA 140 44.97 -90.75 -83.16
N ASP EA 141 44.57 -90.31 -81.96
CA ASP EA 141 43.17 -90.25 -81.50
C ASP EA 141 42.41 -89.02 -82.07
N ARG EA 142 42.58 -88.78 -83.38
CA ARG EA 142 42.25 -87.51 -84.05
C ARG EA 142 40.78 -87.10 -83.90
N GLU EA 143 39.87 -88.06 -83.83
CA GLU EA 143 38.45 -87.77 -83.68
C GLU EA 143 38.17 -87.10 -82.33
N GLU EA 144 38.76 -87.59 -81.24
CA GLU EA 144 38.63 -86.95 -79.93
C GLU EA 144 39.16 -85.50 -79.99
N ILE EA 145 40.30 -85.30 -80.66
CA ILE EA 145 40.87 -83.97 -80.82
C ILE EA 145 39.90 -83.09 -81.61
N ARG EA 146 39.42 -83.55 -82.76
CA ARG EA 146 38.49 -82.75 -83.56
C ARG EA 146 37.21 -82.47 -82.79
N GLU EA 147 36.70 -83.42 -82.01
CA GLU EA 147 35.56 -83.17 -81.14
C GLU EA 147 35.87 -82.06 -80.15
N GLN EA 148 37.01 -82.14 -79.46
CA GLN EA 148 37.41 -81.08 -78.56
C GLN EA 148 37.51 -79.75 -79.30
N GLN EA 149 38.09 -79.74 -80.50
CA GLN EA 149 38.16 -78.53 -81.31
C GLN EA 149 36.77 -78.00 -81.63
N ALA EA 150 35.84 -78.86 -82.04
CA ALA EA 150 34.48 -78.43 -82.33
C ALA EA 150 33.84 -77.82 -81.09
N ILE EA 151 33.99 -78.48 -79.95
CA ILE EA 151 33.48 -77.99 -78.68
C ILE EA 151 34.08 -76.62 -78.38
N PHE EA 152 35.40 -76.50 -78.49
CA PHE EA 152 36.10 -75.25 -78.26
C PHE EA 152 35.62 -74.17 -79.23
N GLU EA 153 35.47 -74.50 -80.50
CA GLU EA 153 35.01 -73.58 -81.54
C GLU EA 153 33.62 -73.07 -81.19
N LEU EA 154 32.73 -73.96 -80.76
CA LEU EA 154 31.41 -73.58 -80.32
C LEU EA 154 31.51 -72.66 -79.10
N LEU EA 155 32.33 -73.02 -78.12
CA LEU EA 155 32.51 -72.18 -76.93
C LEU EA 155 33.01 -70.80 -77.32
N ILE EA 156 34.02 -70.73 -78.20
CA ILE EA 156 34.54 -69.47 -78.69
C ILE EA 156 33.45 -68.69 -79.40
N ALA EA 157 32.67 -69.34 -80.26
CA ALA EA 157 31.59 -68.64 -80.96
C ALA EA 157 30.60 -68.05 -79.95
N ALA EA 158 30.23 -68.85 -78.95
CA ALA EA 158 29.33 -68.41 -77.89
C ALA EA 158 29.93 -67.23 -77.14
N LEU EA 159 31.19 -67.32 -76.74
CA LEU EA 159 31.87 -66.25 -76.06
C LEU EA 159 31.96 -65.01 -76.94
N GLU EA 160 32.22 -65.13 -78.25
CA GLU EA 160 32.29 -63.97 -79.14
C GLU EA 160 30.96 -63.24 -79.16
N ALA EA 161 29.87 -63.97 -79.33
CA ALA EA 161 28.55 -63.39 -79.23
C ALA EA 161 28.36 -62.75 -77.84
N ALA EA 162 28.72 -63.47 -76.78
CA ALA EA 162 28.48 -63.01 -75.43
C ALA EA 162 29.24 -61.73 -75.14
N ILE EA 163 30.54 -61.71 -75.39
CA ILE EA 163 31.39 -60.56 -75.15
C ILE EA 163 30.94 -59.39 -76.03
N ARG EA 164 30.58 -59.65 -77.30
CA ARG EA 164 30.05 -58.59 -78.17
C ARG EA 164 28.79 -57.99 -77.56
N LEU EA 165 27.84 -58.83 -77.21
CA LEU EA 165 26.54 -58.42 -76.67
C LEU EA 165 26.74 -57.70 -75.33
N GLU EA 166 27.65 -58.18 -74.49
CA GLU EA 166 28.01 -57.54 -73.23
C GLU EA 166 28.58 -56.15 -73.49
N LYS EA 167 29.41 -55.98 -74.52
CA LYS EA 167 29.90 -54.65 -74.87
C LYS EA 167 28.79 -53.76 -75.40
N LEU EA 168 27.85 -54.28 -76.20
CA LEU EA 168 26.67 -53.48 -76.57
C LEU EA 168 25.88 -53.05 -75.33
N LYS EA 169 25.76 -53.93 -74.32
CA LYS EA 169 25.11 -53.61 -73.04
C LYS EA 169 25.86 -52.51 -72.30
N GLU EA 170 27.18 -52.61 -72.22
CA GLU EA 170 28.03 -51.59 -71.60
C GLU EA 170 27.95 -50.24 -72.35
N GLU EA 171 27.93 -50.27 -73.67
CA GLU EA 171 27.78 -49.08 -74.53
C GLU EA 171 26.36 -48.49 -74.50
N GLY EA 172 25.37 -49.22 -74.00
CA GLY EA 172 23.96 -48.77 -73.98
C GLY EA 172 23.32 -48.70 -75.37
N ALA EA 173 23.65 -49.66 -76.26
CA ALA EA 173 23.13 -49.74 -77.63
C ALA EA 173 21.58 -49.81 -77.69
N PRO EA 174 20.94 -49.38 -78.80
CA PRO EA 174 19.50 -49.47 -78.95
C PRO EA 174 19.04 -50.94 -78.99
N PRO EA 175 17.95 -51.31 -78.29
CA PRO EA 175 17.49 -52.70 -78.21
C PRO EA 175 17.30 -53.38 -79.57
N GLU EA 176 16.94 -52.63 -80.61
CA GLU EA 176 16.82 -53.16 -81.97
C GLU EA 176 18.16 -53.71 -82.48
N GLN EA 177 19.25 -52.96 -82.33
CA GLN EA 177 20.58 -53.43 -82.72
C GLN EA 177 20.98 -54.65 -81.86
N ILE EA 178 20.70 -54.60 -80.55
CA ILE EA 178 20.96 -55.71 -79.64
C ILE EA 178 20.24 -56.97 -80.14
N GLU EA 179 18.98 -56.85 -80.52
CA GLU EA 179 18.19 -57.97 -81.03
C GLU EA 179 18.75 -58.50 -82.36
N ARG EA 180 19.17 -57.62 -83.28
CA ARG EA 180 19.80 -58.06 -84.53
C ARG EA 180 21.08 -58.86 -84.26
N VAL EA 181 21.91 -58.38 -83.34
CA VAL EA 181 23.10 -59.12 -82.91
C VAL EA 181 22.70 -60.44 -82.26
N ALA EA 182 21.69 -60.44 -81.41
CA ALA EA 182 21.24 -61.65 -80.73
C ALA EA 182 20.77 -62.72 -81.73
N GLU EA 183 19.94 -62.34 -82.70
CA GLU EA 183 19.52 -63.26 -83.77
C GLU EA 183 20.74 -63.78 -84.51
N HIS EA 184 21.62 -62.90 -84.96
CA HIS EA 184 22.82 -63.31 -85.69
C HIS EA 184 23.64 -64.33 -84.90
N GLY EA 185 23.76 -64.11 -83.58
CA GLY EA 185 24.38 -65.04 -82.67
C GLY EA 185 23.66 -66.38 -82.66
N LEU EA 186 22.36 -66.39 -82.34
CA LEU EA 186 21.59 -67.63 -82.29
C LEU EA 186 21.65 -68.38 -83.62
N GLU EA 187 21.44 -67.69 -84.74
CA GLU EA 187 21.48 -68.29 -86.07
C GLU EA 187 22.84 -68.91 -86.35
N ARG EA 188 23.93 -68.16 -86.16
CA ARG EA 188 25.26 -68.70 -86.40
C ARG EA 188 25.55 -69.87 -85.46
N LEU EA 189 25.17 -69.79 -84.19
CA LEU EA 189 25.33 -70.89 -83.24
C LEU EA 189 24.60 -72.12 -83.73
N LYS EA 190 23.37 -71.95 -84.19
CA LYS EA 190 22.57 -73.03 -84.75
C LYS EA 190 23.29 -73.64 -85.95
N GLU EA 191 23.74 -72.84 -86.90
CA GLU EA 191 24.45 -73.36 -88.06
C GLU EA 191 25.71 -74.12 -87.65
N ILE EA 192 26.50 -73.57 -86.73
CA ILE EA 192 27.69 -74.24 -86.21
C ILE EA 192 27.29 -75.57 -85.59
N ALA EA 193 26.30 -75.59 -84.71
CA ALA EA 193 25.87 -76.82 -84.07
C ALA EA 193 25.41 -77.84 -85.11
N LYS EA 194 24.67 -77.39 -86.12
CA LYS EA 194 24.18 -78.25 -87.20
C LYS EA 194 25.32 -78.85 -87.98
N GLU EA 195 26.33 -78.06 -88.34
CA GLU EA 195 27.55 -78.59 -88.95
C GLU EA 195 28.28 -79.56 -88.02
N ILE EA 196 28.40 -79.25 -86.73
CA ILE EA 196 29.02 -80.15 -85.76
C ILE EA 196 28.27 -81.48 -85.70
N SER EA 197 26.94 -81.45 -85.82
CA SER EA 197 26.15 -82.69 -85.86
C SER EA 197 26.51 -83.57 -87.07
N LYS EA 198 26.99 -82.97 -88.16
CA LYS EA 198 27.53 -83.71 -89.32
C LYS EA 198 28.93 -84.22 -89.02
N GLU EA 199 29.74 -83.44 -88.32
CA GLU EA 199 31.12 -83.83 -87.97
C GLU EA 199 31.18 -85.02 -87.00
N VAL EA 200 30.37 -85.03 -85.94
CA VAL EA 200 30.65 -85.87 -84.75
C VAL EA 200 29.54 -86.90 -84.48
N ASP EA 201 29.93 -88.04 -83.89
CA ASP EA 201 29.02 -89.14 -83.52
C ASP EA 201 29.13 -89.62 -82.05
N SER EA 202 30.08 -89.12 -81.25
CA SER EA 202 30.17 -89.47 -79.83
C SER EA 202 28.95 -88.94 -79.06
N PRO EA 203 28.17 -89.80 -78.39
CA PRO EA 203 26.93 -89.38 -77.73
C PRO EA 203 27.20 -88.30 -76.69
N GLU EA 204 28.22 -88.51 -75.85
CA GLU EA 204 28.57 -87.54 -74.82
C GLU EA 204 29.00 -86.21 -75.44
N SER EA 205 29.73 -86.24 -76.56
CA SER EA 205 30.12 -85.00 -77.24
C SER EA 205 28.89 -84.23 -77.71
N LYS EA 206 27.90 -84.91 -78.27
CA LYS EA 206 26.66 -84.30 -78.72
C LYS EA 206 25.89 -83.75 -77.53
N ARG EA 207 25.85 -84.49 -76.41
CA ARG EA 207 25.21 -84.07 -75.16
C ARG EA 207 25.83 -82.78 -74.66
N ILE EA 208 27.15 -82.77 -74.57
CA ILE EA 208 27.94 -81.57 -74.25
C ILE EA 208 27.58 -80.46 -75.22
N ALA EA 209 27.57 -80.73 -76.52
CA ALA EA 209 27.31 -79.70 -77.50
C ALA EA 209 25.94 -79.06 -77.25
N TYR EA 210 24.90 -79.87 -77.07
CA TYR EA 210 23.59 -79.32 -76.82
C TYR EA 210 23.58 -78.51 -75.52
N LYS EA 211 24.19 -79.02 -74.45
CA LYS EA 211 24.31 -78.28 -73.19
C LYS EA 211 24.93 -76.92 -73.45
N ILE EA 212 26.01 -76.87 -74.22
CA ILE EA 212 26.67 -75.61 -74.54
C ILE EA 212 25.70 -74.70 -75.30
N VAL EA 213 25.02 -75.22 -76.32
CA VAL EA 213 24.08 -74.39 -77.10
C VAL EA 213 23.02 -73.83 -76.16
N ALA EA 214 22.43 -74.68 -75.34
CA ALA EA 214 21.39 -74.26 -74.42
C ALA EA 214 21.92 -73.19 -73.47
N ALA EA 215 23.12 -73.40 -72.93
CA ALA EA 215 23.75 -72.42 -72.06
C ALA EA 215 23.93 -71.09 -72.80
N ALA EA 216 24.35 -71.12 -74.06
CA ALA EA 216 24.54 -69.92 -74.84
C ALA EA 216 23.21 -69.17 -75.02
N ALA EA 217 22.13 -69.88 -75.32
CA ALA EA 217 20.82 -69.25 -75.40
C ALA EA 217 20.41 -68.66 -74.04
N GLU EA 218 20.55 -69.41 -72.95
CA GLU EA 218 20.15 -68.92 -71.63
C GLU EA 218 20.95 -67.66 -71.27
N PHE EA 219 22.26 -67.70 -71.46
CA PHE EA 219 23.12 -66.57 -71.15
C PHE EA 219 22.73 -65.36 -71.99
N LEU EA 220 22.51 -65.55 -73.29
CA LEU EA 220 22.06 -64.49 -74.18
C LEU EA 220 20.76 -63.87 -73.67
N LEU EA 221 19.81 -64.71 -73.27
CA LEU EA 221 18.53 -64.24 -72.75
C LEU EA 221 18.75 -63.43 -71.48
N LYS EA 222 19.61 -63.88 -70.57
CA LYS EA 222 19.91 -63.15 -69.34
C LYS EA 222 20.66 -61.85 -69.60
N ILE EA 223 21.59 -61.82 -70.56
CA ILE EA 223 22.25 -60.58 -70.99
C ILE EA 223 21.19 -59.59 -71.48
N LEU EA 224 20.29 -60.04 -72.35
CA LEU EA 224 19.22 -59.19 -72.86
C LEU EA 224 18.32 -58.69 -71.72
N ALA EA 225 18.00 -59.55 -70.76
CA ALA EA 225 17.16 -59.20 -69.63
C ALA EA 225 17.82 -58.14 -68.71
N GLU EA 226 19.11 -58.26 -68.42
CA GLU EA 226 19.86 -57.21 -67.73
C GLU EA 226 19.81 -55.90 -68.52
N GLY EA 227 19.83 -55.98 -69.85
CA GLY EA 227 19.71 -54.85 -70.76
C GLY EA 227 18.35 -54.13 -70.71
N GLY EA 228 17.33 -54.69 -70.06
CA GLY EA 228 16.06 -54.01 -69.80
C GLY EA 228 15.19 -53.72 -71.05
N ALA EA 229 15.35 -54.51 -72.12
CA ALA EA 229 14.57 -54.36 -73.35
C ALA EA 229 13.05 -54.55 -73.12
N THR EA 230 12.21 -53.99 -74.00
CA THR EA 230 10.74 -54.11 -73.90
C THR EA 230 10.30 -55.59 -73.92
N PRO EA 231 9.30 -55.98 -73.12
CA PRO EA 231 8.78 -57.35 -73.09
C PRO EA 231 8.46 -57.93 -74.47
N GLU EA 232 8.03 -57.09 -75.42
CA GLU EA 232 7.79 -57.54 -76.80
C GLU EA 232 9.04 -58.16 -77.43
N GLN EA 233 10.19 -57.50 -77.30
CA GLN EA 233 11.44 -58.06 -77.82
C GLN EA 233 11.86 -59.28 -77.00
N LEU EA 234 11.67 -59.27 -75.68
CA LEU EA 234 11.98 -60.44 -74.85
C LEU EA 234 11.21 -61.68 -75.34
N GLU EA 235 9.92 -61.52 -75.60
CA GLU EA 235 9.08 -62.57 -76.16
C GLU EA 235 9.61 -63.02 -77.52
N ARG EA 236 9.92 -62.10 -78.44
CA ARG EA 236 10.47 -62.46 -79.75
C ARG EA 236 11.74 -63.28 -79.62
N VAL EA 237 12.72 -62.77 -78.87
CA VAL EA 237 13.97 -63.50 -78.66
C VAL EA 237 13.70 -64.84 -77.98
N THR EA 238 12.74 -64.90 -77.06
CA THR EA 238 12.38 -66.17 -76.42
C THR EA 238 11.89 -67.16 -77.45
N GLU EA 239 10.96 -66.77 -78.32
CA GLU EA 239 10.48 -67.65 -79.38
C GLU EA 239 11.65 -68.08 -80.27
N HIS EA 240 12.50 -67.13 -80.68
CA HIS EA 240 13.64 -67.46 -81.53
C HIS EA 240 14.52 -68.51 -80.85
N ALA EA 241 14.81 -68.31 -79.56
CA ALA EA 241 15.61 -69.23 -78.78
C ALA EA 241 14.93 -70.60 -78.69
N LEU EA 242 13.65 -70.64 -78.35
CA LEU EA 242 12.93 -71.91 -78.27
C LEU EA 242 12.95 -72.61 -79.64
N GLU EA 243 12.69 -71.89 -80.72
CA GLU EA 243 12.68 -72.45 -82.06
C GLU EA 243 14.03 -73.06 -82.42
N VAL EA 244 15.12 -72.32 -82.16
CA VAL EA 244 16.47 -72.84 -82.34
C VAL EA 244 16.68 -74.05 -81.45
N LEU EA 245 16.34 -73.98 -80.17
CA LEU EA 245 16.57 -75.08 -79.26
C LEU EA 245 15.84 -76.32 -79.74
N LYS EA 246 14.62 -76.16 -80.25
CA LYS EA 246 13.82 -77.24 -80.81
C LYS EA 246 14.51 -77.83 -82.02
N GLU EA 247 14.93 -77.01 -82.98
CA GLU EA 247 15.63 -77.53 -84.16
C GLU EA 247 16.89 -78.28 -83.75
N VAL EA 248 17.75 -77.64 -82.97
CA VAL EA 248 19.04 -78.23 -82.63
C VAL EA 248 18.84 -79.47 -81.75
N ALA EA 249 17.81 -79.50 -80.90
CA ALA EA 249 17.46 -80.72 -80.19
C ALA EA 249 17.07 -81.81 -81.17
N LYS EA 250 16.15 -81.54 -82.10
CA LYS EA 250 15.68 -82.55 -83.06
C LYS EA 250 16.82 -83.08 -83.91
N GLU EA 251 17.79 -82.25 -84.25
CA GLU EA 251 19.01 -82.72 -84.91
C GLU EA 251 19.84 -83.60 -83.96
N LEU EA 252 20.27 -83.07 -82.81
CA LEU EA 252 21.28 -83.72 -81.97
C LEU EA 252 20.74 -84.92 -81.17
N ALA EA 253 19.44 -85.01 -80.94
CA ALA EA 253 18.86 -86.07 -80.11
C ALA EA 253 18.57 -87.34 -80.92
N ASP EA 254 19.26 -88.43 -80.57
CA ASP EA 254 19.10 -89.78 -81.11
C ASP EA 254 19.50 -90.89 -80.10
N SER EA 255 19.53 -90.56 -78.80
CA SER EA 255 20.00 -91.42 -77.70
C SER EA 255 19.17 -91.18 -76.43
N PRO EA 256 19.09 -92.13 -75.48
CA PRO EA 256 18.02 -92.17 -74.49
C PRO EA 256 17.93 -90.91 -73.63
N GLU EA 257 18.93 -90.64 -72.81
CA GLU EA 257 18.85 -89.51 -71.88
C GLU EA 257 18.82 -88.16 -72.61
N SER EA 258 19.20 -88.09 -73.89
CA SER EA 258 19.26 -86.81 -74.60
C SER EA 258 17.91 -86.10 -74.56
N VAL EA 259 16.81 -86.84 -74.65
CA VAL EA 259 15.49 -86.24 -74.56
C VAL EA 259 15.27 -85.65 -73.18
N ARG EA 260 15.65 -86.39 -72.14
CA ARG EA 260 15.50 -85.95 -70.74
C ARG EA 260 16.28 -84.66 -70.52
N GLU EA 261 17.51 -84.64 -71.01
CA GLU EA 261 18.36 -83.47 -70.97
C GLU EA 261 17.73 -82.32 -71.74
N ALA EA 262 17.27 -82.57 -72.98
CA ALA EA 262 16.70 -81.55 -73.83
C ALA EA 262 15.49 -80.93 -73.15
N VAL EA 263 14.58 -81.75 -72.65
CA VAL EA 263 13.39 -81.27 -71.95
C VAL EA 263 13.83 -80.48 -70.73
N ARG EA 264 14.76 -80.99 -69.93
CA ARG EA 264 15.26 -80.27 -68.75
C ARG EA 264 15.75 -78.88 -69.13
N LEU EA 265 16.55 -78.79 -70.19
CA LEU EA 265 17.09 -77.52 -70.64
C LEU EA 265 15.98 -76.62 -71.17
N ILE EA 266 15.16 -77.10 -72.08
CA ILE EA 266 14.12 -76.31 -72.73
C ILE EA 266 13.17 -75.78 -71.66
N SER EA 267 12.72 -76.65 -70.77
CA SER EA 267 11.86 -76.27 -69.67
C SER EA 267 12.54 -75.24 -68.78
N LYS EA 268 13.79 -75.45 -68.37
CA LYS EA 268 14.49 -74.48 -67.53
C LYS EA 268 14.58 -73.12 -68.23
N LEU EA 269 14.98 -73.09 -69.49
CA LEU EA 269 15.06 -71.84 -70.26
C LEU EA 269 13.68 -71.17 -70.36
N THR EA 270 12.64 -71.97 -70.58
CA THR EA 270 11.27 -71.48 -70.57
C THR EA 270 10.94 -70.84 -69.22
N GLN EA 271 11.22 -71.54 -68.13
CA GLN EA 271 10.94 -71.06 -66.79
C GLN EA 271 11.70 -69.76 -66.51
N GLU EA 272 12.96 -69.70 -66.89
CA GLU EA 272 13.79 -68.53 -66.67
C GLU EA 272 13.22 -67.33 -67.43
N GLY EA 273 12.88 -67.51 -68.70
CA GLY EA 273 12.24 -66.46 -69.50
C GLY EA 273 10.91 -66.02 -68.88
N LEU EA 274 10.11 -66.99 -68.41
CA LEU EA 274 8.85 -66.71 -67.75
C LEU EA 274 9.07 -65.87 -66.49
N LYS EA 275 10.08 -66.21 -65.69
CA LYS EA 275 10.46 -65.43 -64.50
C LYS EA 275 10.91 -64.02 -64.88
N GLN EA 276 11.62 -63.85 -65.99
CA GLN EA 276 11.96 -62.50 -66.46
C GLN EA 276 10.70 -61.71 -66.83
N LEU EA 277 9.75 -62.31 -67.56
CA LEU EA 277 8.48 -61.65 -67.89
C LEU EA 277 7.67 -61.30 -66.62
N LYS EA 278 7.69 -62.17 -65.60
CA LYS EA 278 7.13 -61.87 -64.27
C LYS EA 278 7.83 -60.65 -63.66
N GLU EA 279 9.17 -60.65 -63.63
CA GLU EA 279 9.94 -59.61 -62.96
C GLU EA 279 9.82 -58.23 -63.62
N ILE EA 280 9.79 -58.15 -64.96
CA ILE EA 280 9.56 -56.89 -65.67
C ILE EA 280 8.10 -56.40 -65.58
N GLY EA 281 7.17 -57.25 -65.13
CA GLY EA 281 5.75 -56.91 -65.02
C GLY EA 281 5.03 -56.88 -66.38
N ALA EA 282 5.34 -57.84 -67.27
CA ALA EA 282 4.72 -57.93 -68.59
C ALA EA 282 3.18 -58.17 -68.52
N PRO EA 283 2.41 -57.75 -69.54
CA PRO EA 283 0.99 -58.10 -69.62
C PRO EA 283 0.80 -59.62 -69.55
N PRO EA 284 -0.12 -60.13 -68.71
CA PRO EA 284 -0.41 -61.56 -68.63
C PRO EA 284 -0.73 -62.24 -69.96
N GLU EA 285 -1.19 -61.48 -70.96
CA GLU EA 285 -1.37 -61.97 -72.32
C GLU EA 285 -0.05 -62.49 -72.91
N GLN EA 286 1.03 -61.71 -72.79
CA GLN EA 286 2.35 -62.14 -73.26
C GLN EA 286 2.81 -63.38 -72.48
N ILE EA 287 2.59 -63.38 -71.17
CA ILE EA 287 2.95 -64.50 -70.29
C ILE EA 287 2.28 -65.79 -70.77
N GLU EA 288 0.98 -65.71 -71.00
CA GLU EA 288 0.21 -66.85 -71.47
C GLU EA 288 0.65 -67.31 -72.86
N ARG EA 289 0.99 -66.38 -73.77
CA ARG EA 289 1.51 -66.75 -75.09
C ARG EA 289 2.79 -67.55 -74.95
N VAL EA 290 3.78 -67.05 -74.21
CA VAL EA 290 5.03 -67.83 -74.04
C VAL EA 290 4.76 -69.13 -73.31
N ALA EA 291 3.82 -69.18 -72.36
CA ALA EA 291 3.48 -70.41 -71.69
C ALA EA 291 2.97 -71.45 -72.70
N GLU EA 292 2.03 -71.07 -73.55
CA GLU EA 292 1.53 -71.96 -74.61
C GLU EA 292 2.66 -72.35 -75.55
N HIS EA 293 3.48 -71.41 -76.00
CA HIS EA 293 4.60 -71.71 -76.88
C HIS EA 293 5.50 -72.76 -76.23
N GLY EA 294 5.77 -72.61 -74.94
CA GLY EA 294 6.52 -73.58 -74.17
C GLY EA 294 5.87 -74.96 -74.24
N LEU EA 295 4.59 -75.05 -73.88
CA LEU EA 295 3.88 -76.33 -73.93
C LEU EA 295 3.93 -76.93 -75.33
N GLU EA 296 3.68 -76.14 -76.37
CA GLU EA 296 3.68 -76.63 -77.75
C GLU EA 296 5.05 -77.18 -78.13
N VAL EA 297 6.12 -76.41 -77.88
CA VAL EA 297 7.48 -76.86 -78.14
C VAL EA 297 7.78 -78.13 -77.37
N LEU EA 298 7.43 -78.16 -76.09
CA LEU EA 298 7.68 -79.32 -75.24
C LEU EA 298 7.01 -80.54 -75.84
N LYS EA 299 5.76 -80.40 -76.26
CA LYS EA 299 4.98 -81.46 -76.89
C LYS EA 299 5.64 -81.94 -78.18
N GLU EA 300 6.08 -81.03 -79.04
CA GLU EA 300 6.76 -81.43 -80.28
C GLU EA 300 8.03 -82.23 -79.96
N ILE EA 301 8.81 -81.76 -78.98
CA ILE EA 301 10.01 -82.46 -78.55
C ILE EA 301 9.64 -83.80 -77.94
N ALA EA 302 8.65 -83.86 -77.06
CA ALA EA 302 8.23 -85.09 -76.43
C ALA EA 302 7.84 -86.12 -77.47
N LYS EA 303 7.05 -85.71 -78.46
CA LYS EA 303 6.65 -86.58 -79.56
C LYS EA 303 7.87 -87.07 -80.33
N TYR EA 304 8.76 -86.16 -80.75
CA TYR EA 304 9.98 -86.58 -81.44
C TYR EA 304 10.77 -87.60 -80.59
N GLY EA 305 11.02 -87.25 -79.33
CA GLY EA 305 11.78 -88.06 -78.40
C GLY EA 305 11.17 -89.44 -78.16
N SER EA 306 9.84 -89.54 -78.17
CA SER EA 306 9.15 -90.82 -77.97
C SER EA 306 9.52 -91.86 -79.04
N LYS EA 307 9.99 -91.43 -80.22
CA LYS EA 307 10.46 -92.35 -81.26
C LYS EA 307 11.77 -93.05 -80.90
N LEU EA 308 12.59 -92.44 -80.05
CA LEU EA 308 14.01 -92.77 -79.88
C LEU EA 308 14.30 -93.88 -78.86
N THR EA 309 13.39 -94.16 -77.94
CA THR EA 309 13.59 -95.12 -76.83
C THR EA 309 12.25 -95.67 -76.31
N ASP EA 310 12.25 -96.92 -75.87
CA ASP EA 310 11.08 -97.65 -75.37
C ASP EA 310 11.10 -97.93 -73.86
N SER EA 311 12.19 -97.61 -73.14
CA SER EA 311 12.35 -97.87 -71.71
C SER EA 311 11.21 -97.24 -70.89
N PRO EA 312 10.37 -98.05 -70.21
CA PRO EA 312 9.21 -97.54 -69.48
C PRO EA 312 9.62 -96.50 -68.44
N GLU EA 313 10.68 -96.78 -67.67
CA GLU EA 313 11.23 -95.85 -66.68
C GLU EA 313 11.57 -94.51 -67.33
N LEU EA 314 12.23 -94.52 -68.48
CA LEU EA 314 12.60 -93.29 -69.16
C LEU EA 314 11.37 -92.54 -69.66
N LYS EA 315 10.43 -93.23 -70.31
CA LYS EA 315 9.18 -92.58 -70.73
C LYS EA 315 8.45 -91.97 -69.54
N ARG EA 316 8.35 -92.73 -68.44
CA ARG EA 316 7.71 -92.27 -67.20
C ARG EA 316 8.41 -91.05 -66.64
N GLU EA 317 9.73 -91.04 -66.63
CA GLU EA 317 10.51 -89.86 -66.26
C GLU EA 317 10.19 -88.67 -67.15
N LEU EA 318 10.23 -88.84 -68.48
CA LEU EA 318 9.96 -87.73 -69.41
C LEU EA 318 8.59 -87.15 -69.12
N TYR EA 319 7.60 -88.02 -69.05
CA TYR EA 319 6.24 -87.63 -68.76
C TYR EA 319 6.16 -86.92 -67.41
N ARG EA 320 6.80 -87.47 -66.38
CA ARG EA 320 6.82 -86.87 -65.05
C ARG EA 320 7.37 -85.47 -65.14
N ILE EA 321 8.54 -85.30 -65.74
CA ILE EA 321 9.17 -83.99 -65.89
C ILE EA 321 8.25 -83.05 -66.66
N ILE EA 322 7.58 -83.52 -67.70
CA ILE EA 322 6.67 -82.66 -68.46
C ILE EA 322 5.55 -82.20 -67.54
N SER EA 323 4.97 -83.10 -66.75
CA SER EA 323 3.94 -82.72 -65.79
C SER EA 323 4.47 -81.78 -64.71
N GLU EA 324 5.67 -82.02 -64.19
CA GLU EA 324 6.32 -81.10 -63.26
C GLU EA 324 6.48 -79.73 -63.91
N THR EA 325 6.83 -79.71 -65.19
CA THR EA 325 6.99 -78.48 -65.95
C THR EA 325 5.66 -77.76 -66.01
N ALA EA 326 4.59 -78.44 -66.37
CA ALA EA 326 3.27 -77.83 -66.37
C ALA EA 326 2.93 -77.24 -65.00
N LYS EA 327 3.17 -78.01 -63.93
CA LYS EA 327 2.92 -77.54 -62.56
C LYS EA 327 3.75 -76.30 -62.25
N GLU EA 328 5.02 -76.30 -62.61
CA GLU EA 328 5.89 -75.15 -62.41
C GLU EA 328 5.37 -73.95 -63.19
N LEU EA 329 4.99 -74.12 -64.45
CA LEU EA 329 4.46 -73.05 -65.28
C LEU EA 329 3.21 -72.45 -64.63
N LEU EA 330 2.31 -73.28 -64.12
CA LEU EA 330 1.13 -72.79 -63.41
C LEU EA 330 1.53 -72.02 -62.15
N LYS EA 331 2.45 -72.55 -61.35
CA LYS EA 331 2.89 -71.86 -60.13
C LYS EA 331 3.46 -70.48 -60.46
N ILE EA 332 4.32 -70.39 -61.48
CA ILE EA 332 4.88 -69.10 -61.90
C ILE EA 332 3.77 -68.18 -62.40
N LEU EA 333 2.80 -68.69 -63.17
CA LEU EA 333 1.68 -67.88 -63.64
C LEU EA 333 0.86 -67.33 -62.46
N ALA EA 334 0.64 -68.15 -61.43
CA ALA EA 334 -0.05 -67.75 -60.22
C ALA EA 334 0.75 -66.71 -59.42
N GLU EA 335 2.07 -66.89 -59.28
CA GLU EA 335 2.93 -65.85 -58.72
C GLU EA 335 2.90 -64.56 -59.56
N GLY EA 336 2.67 -64.68 -60.87
CA GLY EA 336 2.45 -63.57 -61.79
C GLY EA 336 1.13 -62.81 -61.55
N GLY EA 337 0.28 -63.28 -60.64
CA GLY EA 337 -0.97 -62.59 -60.27
C GLY EA 337 -2.04 -62.60 -61.37
N ALA EA 338 -1.95 -63.52 -62.33
CA ALA EA 338 -2.91 -63.62 -63.44
C ALA EA 338 -4.34 -63.94 -62.98
N THR EA 339 -5.35 -63.46 -63.71
CA THR EA 339 -6.77 -63.68 -63.38
C THR EA 339 -7.20 -65.14 -63.61
N PRO EA 340 -8.20 -65.64 -62.85
CA PRO EA 340 -8.57 -67.05 -62.87
C PRO EA 340 -8.85 -67.64 -64.25
N GLU EA 341 -9.45 -66.87 -65.16
CA GLU EA 341 -9.71 -67.34 -66.52
C GLU EA 341 -8.42 -67.59 -67.31
N GLN EA 342 -7.36 -66.83 -67.04
CA GLN EA 342 -6.05 -67.13 -67.60
C GLN EA 342 -5.54 -68.46 -67.03
N LEU EA 343 -5.73 -68.68 -65.72
CA LEU EA 343 -5.32 -69.92 -65.07
C LEU EA 343 -6.06 -71.11 -65.69
N GLU EA 344 -7.38 -71.04 -65.83
CA GLU EA 344 -8.14 -72.17 -66.38
C GLU EA 344 -7.79 -72.40 -67.86
N ARG EA 345 -7.64 -71.34 -68.66
CA ARG EA 345 -7.16 -71.44 -70.05
C ARG EA 345 -5.88 -72.26 -70.14
N VAL EA 346 -4.86 -71.84 -69.39
CA VAL EA 346 -3.58 -72.54 -69.39
C VAL EA 346 -3.74 -73.94 -68.82
N THR EA 347 -4.45 -74.09 -67.70
CA THR EA 347 -4.61 -75.40 -67.04
C THR EA 347 -5.23 -76.40 -67.99
N LYS EA 348 -6.27 -76.00 -68.72
CA LYS EA 348 -6.89 -76.87 -69.71
C LYS EA 348 -5.90 -77.21 -70.80
N HIS EA 349 -5.25 -76.21 -71.40
CA HIS EA 349 -4.31 -76.51 -72.47
C HIS EA 349 -3.20 -77.45 -71.99
N ALA EA 350 -2.73 -77.26 -70.76
CA ALA EA 350 -1.73 -78.12 -70.16
C ALA EA 350 -2.24 -79.54 -70.00
N LEU EA 351 -3.46 -79.73 -69.47
CA LEU EA 351 -4.06 -81.05 -69.40
C LEU EA 351 -4.15 -81.66 -70.80
N GLU EA 352 -4.64 -80.92 -71.78
CA GLU EA 352 -4.84 -81.41 -73.14
C GLU EA 352 -3.52 -81.82 -73.78
N VAL EA 353 -2.50 -80.98 -73.65
CA VAL EA 353 -1.16 -81.33 -74.09
C VAL EA 353 -0.68 -82.58 -73.36
N LEU EA 354 -0.82 -82.64 -72.05
CA LEU EA 354 -0.33 -83.76 -71.28
C LEU EA 354 -1.03 -85.05 -71.72
N LYS EA 355 -2.33 -84.97 -71.99
CA LYS EA 355 -3.13 -86.06 -72.53
C LYS EA 355 -2.56 -86.49 -73.89
N GLU EA 356 -2.29 -85.56 -74.78
CA GLU EA 356 -1.69 -85.90 -76.06
C GLU EA 356 -0.34 -86.58 -75.86
N VAL EA 357 0.49 -86.06 -74.95
CA VAL EA 357 1.77 -86.68 -74.64
C VAL EA 357 1.56 -88.08 -74.05
N ALA EA 358 0.58 -88.27 -73.18
CA ALA EA 358 0.24 -89.58 -72.68
C ALA EA 358 -0.12 -90.52 -73.83
N LYS EA 359 -0.93 -90.05 -74.78
CA LYS EA 359 -1.34 -90.83 -75.95
C LYS EA 359 -0.14 -91.20 -76.82
N GLU EA 360 0.88 -90.35 -76.91
CA GLU EA 360 2.14 -90.73 -77.55
C GLU EA 360 2.88 -91.80 -76.72
N LEU EA 361 3.10 -91.55 -75.44
CA LEU EA 361 4.07 -92.31 -74.65
C LEU EA 361 3.51 -93.63 -74.11
N ALA EA 362 2.27 -93.63 -73.61
CA ALA EA 362 1.72 -94.77 -72.89
C ALA EA 362 1.38 -95.93 -73.84
N ASP EA 363 1.72 -97.15 -73.43
CA ASP EA 363 1.49 -98.39 -74.18
C ASP EA 363 1.35 -99.64 -73.28
N SER EA 364 1.04 -99.44 -71.99
CA SER EA 364 0.80 -100.51 -71.01
C SER EA 364 -0.13 -100.03 -69.89
N PRO EA 365 -0.83 -100.93 -69.15
CA PRO EA 365 -1.65 -100.53 -68.02
C PRO EA 365 -0.86 -99.75 -66.98
N GLU EA 366 0.37 -100.19 -66.68
CA GLU EA 366 1.26 -99.54 -65.73
C GLU EA 366 1.52 -98.08 -66.14
N SER EA 367 1.91 -97.86 -67.39
CA SER EA 367 2.16 -96.51 -67.91
C SER EA 367 0.86 -95.71 -68.00
N GLY EA 368 -0.28 -96.34 -68.28
CA GLY EA 368 -1.59 -95.69 -68.18
C GLY EA 368 -1.86 -95.17 -66.77
N LEU EA 369 -1.63 -95.98 -65.75
CA LEU EA 369 -1.85 -95.54 -64.37
C LEU EA 369 -0.89 -94.41 -64.00
N ALA EA 370 0.39 -94.54 -64.34
CA ALA EA 370 1.31 -93.45 -64.13
C ALA EA 370 0.85 -92.18 -64.86
N ALA EA 371 0.35 -92.33 -66.09
CA ALA EA 371 -0.12 -91.21 -66.88
C ALA EA 371 -1.26 -90.49 -66.17
N LEU EA 372 -2.26 -91.28 -65.78
CA LEU EA 372 -3.39 -90.84 -65.01
C LEU EA 372 -2.92 -90.14 -63.74
N ALA EA 373 -2.00 -90.74 -63.00
CA ALA EA 373 -1.57 -90.22 -61.71
C ALA EA 373 -1.06 -88.79 -61.85
N ALA EA 374 -0.24 -88.51 -62.87
CA ALA EA 374 0.21 -87.15 -63.08
C ALA EA 374 -0.95 -86.24 -63.46
N ILE EA 375 -1.82 -86.66 -64.37
CA ILE EA 375 -2.96 -85.84 -64.78
C ILE EA 375 -3.79 -85.47 -63.57
N ALA EA 376 -4.10 -86.45 -62.72
CA ALA EA 376 -4.82 -86.22 -61.49
C ALA EA 376 -4.07 -85.23 -60.60
N SER EA 377 -2.75 -85.38 -60.43
CA SER EA 377 -2.00 -84.43 -59.63
C SER EA 377 -2.08 -83.02 -60.23
N LEU EA 378 -2.05 -82.90 -61.56
CA LEU EA 378 -2.10 -81.62 -62.23
C LEU EA 378 -3.46 -80.98 -62.02
N ALA EA 379 -4.53 -81.76 -62.14
CA ALA EA 379 -5.86 -81.31 -61.80
C ALA EA 379 -5.92 -80.83 -60.35
N LYS EA 380 -5.30 -81.58 -59.42
CA LYS EA 380 -5.26 -81.22 -58.00
C LYS EA 380 -4.58 -79.88 -57.81
N LEU EA 381 -3.40 -79.69 -58.40
CA LEU EA 381 -2.70 -78.41 -58.30
C LEU EA 381 -3.52 -77.29 -58.94
N GLY EA 382 -4.11 -77.52 -60.11
CA GLY EA 382 -4.93 -76.51 -60.77
C GLY EA 382 -6.08 -76.06 -59.89
N LEU EA 383 -6.82 -77.02 -59.32
CA LEU EA 383 -7.91 -76.74 -58.40
C LEU EA 383 -7.39 -76.03 -57.14
N GLU EA 384 -6.22 -76.43 -56.63
CA GLU EA 384 -5.59 -75.77 -55.49
C GLU EA 384 -5.25 -74.30 -55.78
N GLN EA 385 -4.76 -73.98 -56.98
CA GLN EA 385 -4.53 -72.59 -57.37
C GLN EA 385 -5.84 -71.82 -57.50
N LEU EA 386 -6.86 -72.40 -58.13
CA LEU EA 386 -8.20 -71.78 -58.19
C LEU EA 386 -8.77 -71.53 -56.79
N LYS EA 387 -8.57 -72.45 -55.85
CA LYS EA 387 -8.97 -72.29 -54.45
C LYS EA 387 -8.20 -71.14 -53.80
N GLU EA 388 -6.89 -71.08 -54.00
CA GLU EA 388 -6.06 -70.04 -53.39
C GLU EA 388 -6.42 -68.63 -53.86
N ILE EA 389 -6.71 -68.44 -55.15
CA ILE EA 389 -7.22 -67.15 -55.67
C ILE EA 389 -8.70 -66.93 -55.32
N GLY EA 390 -9.40 -67.93 -54.78
CA GLY EA 390 -10.81 -67.86 -54.40
C GLY EA 390 -11.76 -67.77 -55.59
N ALA EA 391 -11.43 -68.42 -56.71
CA ALA EA 391 -12.25 -68.40 -57.93
C ALA EA 391 -13.67 -68.98 -57.69
N PRO EA 392 -14.72 -68.43 -58.31
CA PRO EA 392 -16.08 -68.87 -58.05
C PRO EA 392 -16.32 -70.31 -58.51
N PRO EA 393 -17.29 -71.01 -57.90
CA PRO EA 393 -17.50 -72.44 -58.11
C PRO EA 393 -17.57 -72.88 -59.57
N GLU EA 394 -18.14 -72.08 -60.47
CA GLU EA 394 -18.21 -72.46 -61.89
C GLU EA 394 -16.82 -72.72 -62.47
N GLN EA 395 -15.83 -71.88 -62.15
CA GLN EA 395 -14.46 -72.08 -62.63
C GLN EA 395 -13.92 -73.42 -62.12
N GLN EA 396 -14.16 -73.71 -60.85
CA GLN EA 396 -13.73 -74.95 -60.21
C GLN EA 396 -14.35 -76.15 -60.94
N ARG EA 397 -15.67 -76.10 -61.17
CA ARG EA 397 -16.41 -77.14 -61.87
C ARG EA 397 -15.91 -77.30 -63.30
N ARG EA 398 -15.69 -76.21 -64.04
CA ARG EA 398 -15.12 -76.28 -65.40
C ARG EA 398 -13.85 -77.11 -65.40
N VAL EA 399 -12.92 -76.78 -64.49
CA VAL EA 399 -11.64 -77.46 -64.38
C VAL EA 399 -11.83 -78.93 -64.02
N THR EA 400 -12.60 -79.26 -62.98
CA THR EA 400 -12.75 -80.66 -62.60
C THR EA 400 -13.46 -81.47 -63.67
N LYS EA 401 -14.44 -80.89 -64.37
CA LYS EA 401 -15.09 -81.50 -65.54
C LYS EA 401 -14.06 -81.81 -66.61
N ALA EA 402 -13.29 -80.81 -67.04
CA ALA EA 402 -12.22 -81.05 -67.99
C ALA EA 402 -11.27 -82.14 -67.49
N GLY EA 403 -10.99 -82.15 -66.20
CA GLY EA 403 -10.19 -83.17 -65.54
C GLY EA 403 -10.77 -84.55 -65.77
N ILE EA 404 -11.99 -84.81 -65.32
CA ILE EA 404 -12.58 -86.13 -65.49
C ILE EA 404 -12.76 -86.46 -66.96
N GLU EA 405 -13.02 -85.49 -67.84
CA GLU EA 405 -13.09 -85.74 -69.28
C GLU EA 405 -11.74 -86.25 -69.81
N ALA EA 406 -10.64 -85.59 -69.46
CA ALA EA 406 -9.33 -86.09 -69.82
C ALA EA 406 -9.11 -87.49 -69.25
N VAL EA 407 -9.44 -87.70 -67.97
CA VAL EA 407 -9.30 -89.01 -67.34
C VAL EA 407 -10.12 -90.05 -68.08
N ARG EA 408 -11.32 -89.71 -68.54
CA ARG EA 408 -12.14 -90.62 -69.34
C ARG EA 408 -11.41 -90.97 -70.62
N GLU EA 409 -10.84 -90.00 -71.32
CA GLU EA 409 -10.07 -90.29 -72.52
C GLU EA 409 -8.87 -91.20 -72.22
N ILE EA 410 -8.18 -90.97 -71.11
CA ILE EA 410 -7.10 -91.83 -70.66
C ILE EA 410 -7.64 -93.24 -70.36
N TYR EA 411 -8.81 -93.36 -69.73
CA TYR EA 411 -9.44 -94.66 -69.53
C TYR EA 411 -9.79 -95.31 -70.88
N ARG EA 412 -10.37 -94.58 -71.83
CA ARG EA 412 -10.70 -95.13 -73.15
C ARG EA 412 -9.47 -95.67 -73.84
N TYR EA 413 -8.37 -94.91 -73.84
CA TYR EA 413 -7.11 -95.40 -74.39
C TYR EA 413 -6.59 -96.60 -73.59
N GLY EA 414 -6.60 -96.52 -72.26
CA GLY EA 414 -6.19 -97.61 -71.38
C GLY EA 414 -6.96 -98.91 -71.64
N ARG EA 415 -8.27 -98.81 -71.90
CA ARG EA 415 -9.13 -99.95 -72.25
C ARG EA 415 -8.77 -100.58 -73.60
N LYS EA 416 -8.15 -99.83 -74.51
CA LYS EA 416 -7.57 -100.38 -75.76
C LYS EA 416 -6.19 -101.01 -75.53
N LEU EA 417 -5.39 -100.48 -74.60
CA LEU EA 417 -4.07 -101.02 -74.25
C LEU EA 417 -4.14 -102.32 -73.43
N TYR EA 418 -5.08 -102.41 -72.49
CA TYR EA 418 -5.23 -103.53 -71.54
C TYR EA 418 -6.03 -104.71 -72.12
N ASP FA 3 -34.19 84.93 -35.59
CA ASP FA 3 -34.29 86.30 -36.17
C ASP FA 3 -35.21 86.40 -37.39
N ASP FA 4 -35.18 85.44 -38.31
CA ASP FA 4 -35.70 85.56 -39.67
C ASP FA 4 -37.14 86.11 -39.74
N LEU FA 5 -37.98 85.65 -38.82
CA LEU FA 5 -39.38 86.04 -38.75
C LEU FA 5 -39.55 87.55 -38.71
N LEU FA 6 -38.66 88.28 -38.01
CA LEU FA 6 -38.73 89.74 -37.96
C LEU FA 6 -38.65 90.30 -39.37
N LEU FA 7 -37.65 89.86 -40.13
CA LEU FA 7 -37.50 90.29 -41.51
C LEU FA 7 -38.74 89.92 -42.31
N LYS FA 8 -39.28 88.73 -42.10
CA LYS FA 8 -40.50 88.34 -42.79
C LYS FA 8 -41.66 89.28 -42.45
N LEU FA 9 -41.81 89.69 -41.19
CA LEU FA 9 -42.80 90.71 -40.85
C LEU FA 9 -42.49 92.01 -41.57
N LEU FA 10 -41.22 92.40 -41.65
CA LEU FA 10 -40.89 93.61 -42.39
C LEU FA 10 -41.33 93.46 -43.83
N GLU FA 11 -41.14 92.31 -44.45
CA GLU FA 11 -41.67 92.09 -45.80
C GLU FA 11 -43.16 92.33 -45.83
N LEU FA 12 -43.90 91.70 -44.91
CA LEU FA 12 -45.35 91.88 -44.89
C LEU FA 12 -45.70 93.35 -44.74
N LEU FA 13 -45.03 94.05 -43.83
CA LEU FA 13 -45.25 95.45 -43.65
C LEU FA 13 -44.95 96.22 -44.93
N VAL FA 14 -43.86 95.89 -45.64
CA VAL FA 14 -43.51 96.58 -46.87
C VAL FA 14 -44.58 96.35 -47.91
N GLU FA 15 -44.93 95.10 -48.17
CA GLU FA 15 -45.92 94.81 -49.18
C GLU FA 15 -47.26 95.42 -48.78
N GLN FA 16 -47.63 95.36 -47.51
CA GLN FA 16 -48.89 95.93 -47.05
C GLN FA 16 -48.88 97.44 -47.19
N ALA FA 17 -47.75 98.08 -46.89
CA ALA FA 17 -47.58 99.50 -47.15
C ALA FA 17 -47.74 99.76 -48.65
N ARG FA 18 -47.12 98.95 -49.51
CA ARG FA 18 -47.22 99.13 -50.95
C ARG FA 18 -48.67 99.03 -51.40
N VAL FA 19 -49.37 97.98 -51.01
CA VAL FA 19 -50.77 97.78 -51.41
C VAL FA 19 -51.65 98.90 -50.85
N SER FA 20 -51.37 99.34 -49.62
CA SER FA 20 -52.06 100.48 -49.06
C SER FA 20 -51.78 101.76 -49.85
N ALA FA 21 -50.54 101.97 -50.31
CA ALA FA 21 -50.18 103.13 -51.10
C ALA FA 21 -50.82 103.06 -52.50
N GLU FA 22 -50.87 101.89 -53.13
CA GLU FA 22 -51.62 101.72 -54.37
C GLU FA 22 -53.10 102.04 -54.15
N PHE FA 23 -53.70 101.53 -53.08
CA PHE FA 23 -55.07 101.89 -52.69
C PHE FA 23 -55.22 103.40 -52.49
N ALA FA 24 -54.27 104.03 -51.80
CA ALA FA 24 -54.28 105.47 -51.61
C ALA FA 24 -54.10 106.23 -52.94
N ARG FA 25 -53.45 105.65 -53.95
CA ARG FA 25 -53.41 106.22 -55.31
C ARG FA 25 -54.71 106.01 -56.08
N ARG FA 26 -55.50 104.97 -55.78
CA ARG FA 26 -56.90 104.87 -56.26
C ARG FA 26 -57.82 105.89 -55.56
N GLN FA 27 -57.61 106.12 -54.26
CA GLN FA 27 -58.54 106.85 -53.37
C GLN FA 27 -58.22 108.34 -53.11
N GLY FA 28 -56.96 108.76 -53.26
CA GLY FA 28 -56.49 110.11 -52.91
C GLY FA 28 -56.20 110.35 -51.42
N ASP FA 29 -56.00 109.30 -50.62
CA ASP FA 29 -55.81 109.42 -49.17
C ASP FA 29 -54.38 109.84 -48.79
N GLU FA 30 -54.14 111.16 -48.77
CA GLU FA 30 -52.84 111.74 -48.40
C GLU FA 30 -52.44 111.39 -46.97
N LYS FA 31 -53.39 111.27 -46.03
CA LYS FA 31 -53.10 110.90 -44.65
C LYS FA 31 -52.59 109.47 -44.58
N MET FA 32 -53.20 108.55 -45.34
CA MET FA 32 -52.67 107.19 -45.43
C MET FA 32 -51.26 107.21 -46.02
N LEU FA 33 -51.00 107.99 -47.07
CA LEU FA 33 -49.64 108.09 -47.64
C LEU FA 33 -48.63 108.57 -46.57
N GLU FA 34 -48.97 109.60 -45.81
CA GLU FA 34 -48.14 110.06 -44.70
C GLU FA 34 -47.90 108.94 -43.68
N GLU FA 35 -48.96 108.26 -43.25
CA GLU FA 35 -48.86 107.19 -42.26
C GLU FA 35 -48.01 106.01 -42.76
N VAL FA 36 -48.27 105.53 -43.98
CA VAL FA 36 -47.47 104.43 -44.51
C VAL FA 36 -46.05 104.88 -44.78
N ALA FA 37 -45.79 106.14 -45.14
CA ALA FA 37 -44.44 106.63 -45.28
C ALA FA 37 -43.70 106.55 -43.92
N ARG FA 38 -44.34 106.99 -42.84
CA ARG FA 38 -43.77 106.86 -41.49
C ARG FA 38 -43.49 105.39 -41.17
N LYS FA 39 -44.48 104.52 -41.39
CA LYS FA 39 -44.31 103.06 -41.23
C LYS FA 39 -43.12 102.57 -42.01
N ALA FA 40 -43.01 102.96 -43.28
CA ALA FA 40 -41.97 102.47 -44.16
C ALA FA 40 -40.60 102.96 -43.74
N GLU FA 41 -40.48 104.20 -43.27
CA GLU FA 41 -39.23 104.70 -42.72
C GLU FA 41 -38.87 103.91 -41.46
N GLU FA 42 -39.80 103.69 -40.54
CA GLU FA 42 -39.53 102.93 -39.31
C GLU FA 42 -39.19 101.47 -39.62
N VAL FA 43 -39.88 100.87 -40.57
CA VAL FA 43 -39.54 99.53 -41.06
C VAL FA 43 -38.13 99.54 -41.62
N ALA FA 44 -37.77 100.54 -42.43
CA ALA FA 44 -36.41 100.63 -42.95
C ALA FA 44 -35.40 100.79 -41.82
N ARG FA 45 -35.72 101.55 -40.78
CA ARG FA 45 -34.87 101.66 -39.59
C ARG FA 45 -34.70 100.30 -38.93
N LYS FA 46 -35.79 99.58 -38.67
CA LYS FA 46 -35.74 98.21 -38.13
C LYS FA 46 -34.83 97.35 -38.99
N ALA FA 47 -35.03 97.40 -40.31
CA ALA FA 47 -34.23 96.63 -41.26
C ALA FA 47 -32.75 97.00 -41.16
N GLU FA 48 -32.39 98.28 -41.17
CA GLU FA 48 -31.00 98.70 -41.06
C GLU FA 48 -30.39 98.23 -39.74
N GLU FA 49 -31.09 98.39 -38.62
CA GLU FA 49 -30.60 97.95 -37.33
C GLU FA 49 -30.34 96.45 -37.33
N ILE FA 50 -31.29 95.65 -37.82
CA ILE FA 50 -31.12 94.21 -37.94
C ILE FA 50 -29.95 93.91 -38.89
N ALA FA 51 -29.85 94.61 -40.01
CA ALA FA 51 -28.80 94.38 -41.00
C ALA FA 51 -27.41 94.63 -40.40
N ARG FA 52 -27.23 95.73 -39.66
CA ARG FA 52 -25.94 96.03 -39.03
C ARG FA 52 -25.60 94.99 -37.95
N LYS FA 53 -26.60 94.47 -37.23
CA LYS FA 53 -26.41 93.31 -36.35
C LYS FA 53 -25.95 92.09 -37.14
N ALA FA 54 -26.63 91.74 -38.23
CA ALA FA 54 -26.23 90.62 -39.07
C ALA FA 54 -24.81 90.79 -39.62
N ARG FA 55 -24.41 92.02 -40.00
CA ARG FA 55 -23.05 92.32 -40.46
C ARG FA 55 -22.01 92.00 -39.38
N LYS FA 56 -22.30 92.33 -38.12
CA LYS FA 56 -21.44 91.96 -36.98
C LYS FA 56 -21.36 90.45 -36.79
N GLU FA 57 -22.51 89.77 -36.79
CA GLU FA 57 -22.56 88.33 -36.51
C GLU FA 57 -22.08 87.44 -37.67
N GLY FA 58 -22.08 87.96 -38.90
CA GLY FA 58 -21.48 87.30 -40.06
C GLY FA 58 -22.38 86.32 -40.83
N ASN FA 59 -23.69 86.22 -40.55
CA ASN FA 59 -24.63 85.50 -41.42
C ASN FA 59 -24.94 86.33 -42.66
N LEU FA 60 -24.15 86.12 -43.72
CA LEU FA 60 -24.26 86.93 -44.94
C LEU FA 60 -25.63 86.77 -45.59
N GLU FA 61 -26.22 85.59 -45.55
CA GLU FA 61 -27.54 85.37 -46.14
C GLU FA 61 -28.58 86.29 -45.49
N LEU FA 62 -28.64 86.30 -44.16
CA LEU FA 62 -29.54 87.21 -43.46
C LEU FA 62 -29.22 88.66 -43.80
N ALA FA 63 -27.94 89.05 -43.81
CA ALA FA 63 -27.57 90.43 -44.11
C ALA FA 63 -28.07 90.81 -45.50
N LEU FA 64 -27.81 89.96 -46.49
CA LEU FA 64 -28.25 90.17 -47.86
C LEU FA 64 -29.76 90.31 -47.90
N LYS FA 65 -30.49 89.39 -47.27
CA LYS FA 65 -31.94 89.47 -47.22
C LYS FA 65 -32.38 90.79 -46.62
N ALA FA 66 -31.79 91.19 -45.50
CA ALA FA 66 -32.13 92.42 -44.83
C ALA FA 66 -31.89 93.62 -45.74
N LEU FA 67 -30.77 93.63 -46.46
CA LEU FA 67 -30.53 94.65 -47.46
C LEU FA 67 -31.60 94.61 -48.53
N GLU FA 68 -31.92 93.45 -49.09
CA GLU FA 68 -32.86 93.37 -50.20
C GLU FA 68 -34.24 93.85 -49.77
N ILE FA 69 -34.66 93.47 -48.57
CA ILE FA 69 -35.90 93.96 -47.99
C ILE FA 69 -35.81 95.47 -47.85
N LEU FA 70 -34.70 96.00 -47.32
CA LEU FA 70 -34.50 97.43 -47.20
C LEU FA 70 -34.57 98.10 -48.57
N VAL FA 71 -34.07 97.44 -49.60
CA VAL FA 71 -34.08 97.97 -50.95
C VAL FA 71 -35.51 98.03 -51.47
N ARG FA 72 -36.34 97.01 -51.24
CA ARG FA 72 -37.77 97.13 -51.56
C ARG FA 72 -38.42 98.24 -50.73
N ALA FA 73 -38.07 98.36 -49.46
CA ALA FA 73 -38.61 99.42 -48.61
C ALA FA 73 -38.22 100.80 -49.17
N ALA FA 74 -36.99 100.94 -49.61
CA ALA FA 74 -36.54 102.13 -50.30
C ALA FA 74 -37.35 102.33 -51.57
N HIS FA 75 -37.65 101.28 -52.33
CA HIS FA 75 -38.41 101.42 -53.57
C HIS FA 75 -39.77 102.04 -53.30
N VAL FA 76 -40.53 101.49 -52.37
CA VAL FA 76 -41.83 102.08 -52.04
C VAL FA 76 -41.66 103.48 -51.45
N LEU FA 77 -40.65 103.71 -50.62
CA LEU FA 77 -40.41 105.04 -50.05
C LEU FA 77 -40.17 106.05 -51.17
N ALA FA 78 -39.33 105.70 -52.14
CA ALA FA 78 -39.01 106.54 -53.27
C ALA FA 78 -40.24 106.75 -54.16
N GLU FA 79 -41.04 105.71 -54.39
CA GLU FA 79 -42.27 105.82 -55.16
C GLU FA 79 -43.22 106.83 -54.52
N ILE FA 80 -43.43 106.74 -53.21
CA ILE FA 80 -44.26 107.70 -52.46
C ILE FA 80 -43.62 109.09 -52.53
N ALA FA 81 -42.33 109.21 -52.27
CA ALA FA 81 -41.63 110.48 -52.25
C ALA FA 81 -41.68 111.18 -53.62
N ARG FA 82 -41.62 110.43 -54.73
CA ARG FA 82 -41.74 110.95 -56.09
C ARG FA 82 -43.12 111.55 -56.33
N GLU FA 83 -44.18 110.79 -55.99
CA GLU FA 83 -45.56 111.28 -56.11
C GLU FA 83 -45.79 112.52 -55.24
N ARG FA 84 -45.18 112.56 -54.06
CA ARG FA 84 -45.22 113.70 -53.12
C ARG FA 84 -44.34 114.89 -53.54
N GLY FA 85 -43.36 114.67 -54.42
CA GLY FA 85 -42.34 115.66 -54.78
C GLY FA 85 -41.35 116.00 -53.64
N ASN FA 86 -41.22 115.14 -52.63
CA ASN FA 86 -40.41 115.41 -51.45
C ASN FA 86 -38.92 115.10 -51.68
N GLU FA 87 -38.05 116.11 -51.60
CA GLU FA 87 -36.62 115.93 -51.82
C GLU FA 87 -35.93 115.15 -50.69
N GLU FA 88 -36.28 115.39 -49.43
CA GLU FA 88 -35.57 114.80 -48.29
C GLU FA 88 -35.68 113.28 -48.28
N LEU FA 89 -36.88 112.75 -48.53
CA LEU FA 89 -37.11 111.32 -48.67
C LEU FA 89 -36.39 110.75 -49.90
N GLN FA 90 -36.40 111.44 -51.04
CA GLN FA 90 -35.66 110.96 -52.22
C GLN FA 90 -34.15 110.92 -51.96
N LYS FA 91 -33.60 111.94 -51.29
CA LYS FA 91 -32.18 112.00 -50.91
C LYS FA 91 -31.85 110.90 -49.90
N LYS FA 92 -32.68 110.69 -48.88
CA LYS FA 92 -32.56 109.56 -47.94
C LYS FA 92 -32.49 108.24 -48.70
N ALA FA 93 -33.46 108.00 -49.59
CA ALA FA 93 -33.52 106.75 -50.36
C ALA FA 93 -32.26 106.57 -51.21
N HIS FA 94 -31.83 107.58 -51.97
CA HIS FA 94 -30.62 107.47 -52.80
C HIS FA 94 -29.39 107.16 -51.95
N LYS FA 95 -29.17 107.91 -50.86
CA LYS FA 95 -28.05 107.66 -49.94
C LYS FA 95 -28.10 106.26 -49.36
N LEU FA 96 -29.26 105.83 -48.87
CA LEU FA 96 -29.45 104.49 -48.33
C LEU FA 96 -29.15 103.44 -49.40
N ALA FA 97 -29.61 103.63 -50.63
CA ALA FA 97 -29.36 102.69 -51.72
C ALA FA 97 -27.86 102.62 -52.04
N LYS FA 98 -27.16 103.75 -52.08
CA LYS FA 98 -25.71 103.75 -52.26
C LYS FA 98 -25.01 103.04 -51.10
N GLU FA 99 -25.44 103.28 -49.87
CA GLU FA 99 -24.92 102.57 -48.70
C GLU FA 99 -25.16 101.07 -48.82
N ALA FA 100 -26.33 100.67 -49.30
CA ALA FA 100 -26.62 99.27 -49.55
C ALA FA 100 -25.67 98.73 -50.62
N LEU FA 101 -25.44 99.44 -51.71
CA LEU FA 101 -24.50 99.01 -52.74
C LEU FA 101 -23.11 98.83 -52.15
N ARG FA 102 -22.66 99.78 -51.34
CA ARG FA 102 -21.37 99.68 -50.65
C ARG FA 102 -21.32 98.41 -49.80
N GLN FA 103 -22.33 98.19 -48.97
CA GLN FA 103 -22.38 97.00 -48.13
C GLN FA 103 -22.44 95.72 -48.96
N VAL FA 104 -23.23 95.67 -50.03
CA VAL FA 104 -23.34 94.47 -50.84
C VAL FA 104 -22.01 94.18 -51.52
N ILE FA 105 -21.30 95.20 -51.97
CA ILE FA 105 -19.98 95.03 -52.57
C ILE FA 105 -19.04 94.45 -51.52
N GLU FA 106 -19.03 94.98 -50.30
CA GLU FA 106 -18.21 94.40 -49.23
C GLU FA 106 -18.58 92.95 -48.96
N ILE FA 107 -19.88 92.64 -48.90
CA ILE FA 107 -20.33 91.28 -48.71
C ILE FA 107 -19.82 90.42 -49.88
N ALA FA 108 -19.89 90.89 -51.11
CA ALA FA 108 -19.42 90.15 -52.27
C ALA FA 108 -17.91 89.89 -52.21
N ILE FA 109 -17.14 90.90 -51.82
CA ILE FA 109 -15.71 90.72 -51.60
C ILE FA 109 -15.48 89.67 -50.50
N ARG FA 110 -16.20 89.75 -49.38
CA ARG FA 110 -16.07 88.76 -48.31
C ARG FA 110 -16.46 87.37 -48.79
N ALA FA 111 -17.54 87.22 -49.54
CA ALA FA 111 -17.96 85.94 -50.08
C ALA FA 111 -16.89 85.34 -50.99
N ILE FA 112 -16.23 86.16 -51.80
CA ILE FA 112 -15.06 85.71 -52.59
C ILE FA 112 -13.95 85.27 -51.64
N GLN FA 113 -13.68 86.02 -50.57
CA GLN FA 113 -12.66 85.65 -49.58
C GLN FA 113 -12.96 84.29 -48.93
N GLU FA 114 -14.21 84.01 -48.59
CA GLU FA 114 -14.63 82.74 -48.00
C GLU FA 114 -14.77 81.60 -49.03
N GLY FA 115 -14.92 81.92 -50.31
CA GLY FA 115 -14.90 80.95 -51.42
C GLY FA 115 -16.19 80.17 -51.68
N ASN FA 116 -17.24 80.27 -50.86
CA ASN FA 116 -18.55 79.70 -51.19
C ASN FA 116 -19.32 80.60 -52.17
N LEU FA 117 -18.97 80.49 -53.46
CA LEU FA 117 -19.43 81.42 -54.49
C LEU FA 117 -20.94 81.45 -54.70
N GLU FA 118 -21.69 80.47 -54.18
CA GLU FA 118 -23.16 80.57 -54.11
C GLU FA 118 -23.57 81.87 -53.42
N LEU FA 119 -22.95 82.19 -52.28
CA LEU FA 119 -23.22 83.45 -51.59
C LEU FA 119 -22.85 84.63 -52.49
N ALA FA 120 -21.70 84.57 -53.17
CA ALA FA 120 -21.28 85.64 -54.05
C ALA FA 120 -22.30 85.84 -55.19
N ILE FA 121 -22.80 84.75 -55.76
CA ILE FA 121 -23.84 84.78 -56.78
C ILE FA 121 -25.09 85.44 -56.23
N ILE FA 122 -25.57 85.00 -55.07
CA ILE FA 122 -26.79 85.56 -54.47
C ILE FA 122 -26.59 87.05 -54.21
N ALA FA 123 -25.45 87.40 -53.61
CA ALA FA 123 -25.09 88.79 -53.38
C ALA FA 123 -25.12 89.57 -54.69
N LEU FA 124 -24.54 89.02 -55.75
CA LEU FA 124 -24.50 89.71 -57.02
C LEU FA 124 -25.91 89.86 -57.58
N HIS FA 125 -26.77 88.86 -57.42
CA HIS FA 125 -28.16 88.95 -57.83
C HIS FA 125 -28.85 90.12 -57.12
N ILE FA 126 -28.65 90.21 -55.81
CA ILE FA 126 -29.18 91.33 -55.04
C ILE FA 126 -28.52 92.63 -55.48
N SER FA 127 -27.25 92.62 -55.90
CA SER FA 127 -26.66 93.82 -56.45
C SER FA 127 -27.39 94.26 -57.71
N VAL FA 128 -27.82 93.32 -58.55
CA VAL FA 128 -28.65 93.66 -59.70
C VAL FA 128 -29.98 94.24 -59.23
N ARG FA 129 -30.59 93.71 -58.17
CA ARG FA 129 -31.79 94.32 -57.59
C ARG FA 129 -31.51 95.76 -57.15
N ILE FA 130 -30.38 95.99 -56.50
CA ILE FA 130 -29.96 97.32 -56.11
C ILE FA 130 -29.82 98.20 -57.33
N ALA FA 131 -29.23 97.68 -58.40
CA ALA FA 131 -29.11 98.42 -59.64
C ALA FA 131 -30.49 98.80 -60.18
N GLU FA 132 -31.47 97.90 -60.18
CA GLU FA 132 -32.82 98.24 -60.62
C GLU FA 132 -33.41 99.38 -59.78
N VAL FA 133 -33.28 99.30 -58.46
CA VAL FA 133 -33.83 100.36 -57.60
C VAL FA 133 -33.08 101.66 -57.82
N LEU FA 134 -31.76 101.62 -57.93
CA LEU FA 134 -30.98 102.81 -58.26
C LEU FA 134 -31.42 103.38 -59.60
N LEU FA 135 -31.62 102.53 -60.61
CA LEU FA 135 -32.04 102.93 -61.95
C LEU FA 135 -33.40 103.64 -61.87
N GLU FA 136 -34.34 103.07 -61.14
CA GLU FA 136 -35.63 103.72 -60.95
C GLU FA 136 -35.52 104.99 -60.12
N THR FA 137 -34.52 105.09 -59.25
CA THR FA 137 -34.29 106.25 -58.39
C THR FA 137 -33.74 107.44 -59.17
N ARG FA 138 -32.66 107.24 -59.94
CA ARG FA 138 -32.00 108.29 -60.74
C ARG FA 138 -31.36 107.66 -62.01
N PRO FA 139 -32.08 107.59 -63.14
CA PRO FA 139 -31.53 107.05 -64.39
C PRO FA 139 -30.49 107.97 -65.06
N ASP FA 140 -30.37 109.21 -64.59
CA ASP FA 140 -29.38 110.21 -65.00
C ASP FA 140 -28.07 110.17 -64.17
N ASP FA 141 -27.99 109.37 -63.10
CA ASP FA 141 -26.77 109.19 -62.27
C ASP FA 141 -25.74 108.26 -62.97
N ARG FA 142 -25.54 108.50 -64.26
CA ARG FA 142 -24.93 107.56 -65.21
C ARG FA 142 -23.54 107.09 -64.80
N GLU FA 143 -22.77 107.95 -64.13
CA GLU FA 143 -21.44 107.60 -63.67
C GLU FA 143 -21.51 106.49 -62.63
N GLU FA 144 -22.30 106.66 -61.58
CA GLU FA 144 -22.49 105.64 -60.55
C GLU FA 144 -22.98 104.34 -61.18
N ILE FA 145 -23.92 104.44 -62.13
CA ILE FA 145 -24.43 103.26 -62.84
C ILE FA 145 -23.30 102.57 -63.60
N ARG FA 146 -22.58 103.28 -64.45
CA ARG FA 146 -21.52 102.66 -65.25
C ARG FA 146 -20.39 102.15 -64.36
N GLU FA 147 -20.11 102.81 -63.24
CA GLU FA 147 -19.19 102.31 -62.23
C GLU FA 147 -19.69 100.99 -61.68
N GLN FA 148 -20.94 100.92 -61.25
CA GLN FA 148 -21.53 99.68 -60.78
C GLN FA 148 -21.43 98.62 -61.88
N GLN FA 149 -21.71 98.96 -63.13
CA GLN FA 149 -21.58 98.03 -64.24
C GLN FA 149 -20.15 97.52 -64.35
N ALA FA 150 -19.16 98.41 -64.33
CA ALA FA 150 -17.77 98.02 -64.40
C ALA FA 150 -17.41 97.10 -63.24
N ILE FA 151 -17.84 97.46 -62.03
CA ILE FA 151 -17.62 96.65 -60.84
C ILE FA 151 -18.23 95.27 -61.04
N PHE FA 152 -19.49 95.21 -61.44
CA PHE FA 152 -20.18 93.97 -61.73
C PHE FA 152 -19.43 93.16 -62.78
N GLU FA 153 -19.01 93.77 -63.88
CA GLU FA 153 -18.31 93.07 -64.94
C GLU FA 153 -16.99 92.52 -64.44
N LEU FA 154 -16.28 93.28 -63.63
CA LEU FA 154 -15.05 92.79 -63.02
C LEU FA 154 -15.37 91.61 -62.11
N LEU FA 155 -16.41 91.72 -61.28
CA LEU FA 155 -16.80 90.62 -60.41
C LEU FA 155 -17.17 89.39 -61.24
N ILE FA 156 -17.96 89.56 -62.29
CA ILE FA 156 -18.32 88.45 -63.18
C ILE FA 156 -17.06 87.86 -63.78
N ALA FA 157 -16.15 88.67 -64.29
CA ALA FA 157 -14.94 88.15 -64.89
C ALA FA 157 -14.17 87.32 -63.85
N ALA FA 158 -14.07 87.84 -62.63
CA ALA FA 158 -13.39 87.15 -61.55
C ALA FA 158 -14.09 85.82 -61.25
N LEU FA 159 -15.41 85.84 -61.11
CA LEU FA 159 -16.19 84.64 -60.88
C LEU FA 159 -16.04 83.65 -62.05
N GLU FA 160 -16.00 84.11 -63.29
CA GLU FA 160 -15.83 83.22 -64.45
C GLU FA 160 -14.48 82.52 -64.37
N ALA FA 161 -13.42 83.26 -64.13
CA ALA FA 161 -12.11 82.67 -63.91
C ALA FA 161 -12.17 81.69 -62.72
N ALA FA 162 -12.81 82.09 -61.62
CA ALA FA 162 -12.84 81.30 -60.41
C ALA FA 162 -13.59 79.98 -60.63
N ILE FA 163 -14.79 80.04 -61.18
CA ILE FA 163 -15.63 78.87 -61.41
C ILE FA 163 -15.00 77.99 -62.51
N ARG FA 164 -14.39 78.58 -63.53
CA ARG FA 164 -13.61 77.81 -64.51
C ARG FA 164 -12.49 77.05 -63.81
N LEU FA 165 -11.74 77.71 -62.95
CA LEU FA 165 -10.63 77.07 -62.25
C LEU FA 165 -11.15 76.00 -61.29
N GLU FA 166 -12.27 76.23 -60.60
CA GLU FA 166 -12.92 75.23 -59.75
C GLU FA 166 -13.35 74.02 -60.58
N LYS FA 167 -13.87 74.23 -61.79
CA LYS FA 167 -14.19 73.16 -62.73
C LYS FA 167 -12.92 72.37 -63.09
N LEU FA 168 -11.85 73.04 -63.49
CA LEU FA 168 -10.60 72.37 -63.83
C LEU FA 168 -10.04 71.58 -62.62
N LYS FA 169 -10.17 72.12 -61.42
CA LYS FA 169 -9.82 71.46 -60.15
C LYS FA 169 -10.68 70.22 -59.93
N GLU FA 170 -11.99 70.32 -60.09
CA GLU FA 170 -12.91 69.17 -59.97
C GLU FA 170 -12.60 68.09 -61.02
N GLU FA 171 -12.29 68.49 -62.25
CA GLU FA 171 -11.89 67.58 -63.34
C GLU FA 171 -10.50 66.95 -63.15
N GLY FA 172 -9.68 67.45 -62.22
CA GLY FA 172 -8.31 66.96 -62.01
C GLY FA 172 -7.36 67.28 -63.17
N ALA FA 173 -7.56 68.41 -63.85
CA ALA FA 173 -6.75 68.84 -65.00
C ALA FA 173 -5.25 69.00 -64.67
N PRO FA 174 -4.33 68.86 -65.64
CA PRO FA 174 -2.90 68.97 -65.40
C PRO FA 174 -2.53 70.39 -64.95
N PRO FA 175 -1.85 70.58 -63.80
CA PRO FA 175 -1.62 71.89 -63.20
C PRO FA 175 -1.05 72.95 -64.16
N GLU FA 176 -0.19 72.56 -65.10
CA GLU FA 176 0.37 73.50 -66.09
C GLU FA 176 -0.74 74.14 -66.95
N GLN FA 177 -1.73 73.35 -67.38
CA GLN FA 177 -2.86 73.89 -68.13
C GLN FA 177 -3.66 74.87 -67.25
N ILE FA 178 -3.95 74.48 -66.01
CA ILE FA 178 -4.72 75.33 -65.11
C ILE FA 178 -3.96 76.62 -64.78
N GLU FA 179 -2.63 76.55 -64.67
CA GLU FA 179 -1.78 77.72 -64.46
C GLU FA 179 -1.82 78.66 -65.67
N ARG FA 180 -1.76 78.15 -66.90
CA ARG FA 180 -1.92 78.99 -68.09
C ARG FA 180 -3.28 79.66 -68.10
N VAL FA 181 -4.34 78.92 -67.77
CA VAL FA 181 -5.68 79.50 -67.63
C VAL FA 181 -5.68 80.58 -66.54
N ALA FA 182 -5.07 80.32 -65.40
CA ALA FA 182 -5.04 81.25 -64.29
C ALA FA 182 -4.35 82.56 -64.67
N GLU FA 183 -3.18 82.50 -65.30
CA GLU FA 183 -2.51 83.69 -65.80
C GLU FA 183 -3.39 84.42 -66.83
N HIS FA 184 -3.97 83.68 -67.78
CA HIS FA 184 -4.84 84.27 -68.79
C HIS FA 184 -6.07 84.96 -68.16
N GLY FA 185 -6.52 84.46 -67.01
CA GLY FA 185 -7.47 85.16 -66.17
C GLY FA 185 -6.88 86.44 -65.63
N LEU FA 186 -5.79 86.34 -64.86
CA LEU FA 186 -5.17 87.50 -64.21
C LEU FA 186 -4.87 88.62 -65.21
N GLU FA 187 -4.23 88.32 -66.32
CA GLU FA 187 -3.84 89.34 -67.30
C GLU FA 187 -5.06 90.02 -67.91
N ARG FA 188 -6.11 89.26 -68.26
CA ARG FA 188 -7.36 89.84 -68.71
C ARG FA 188 -7.94 90.74 -67.62
N LEU FA 189 -8.01 90.25 -66.39
CA LEU FA 189 -8.56 91.01 -65.28
C LEU FA 189 -7.81 92.33 -65.09
N LYS FA 190 -6.48 92.27 -65.14
CA LYS FA 190 -5.64 93.46 -65.02
C LYS FA 190 -5.94 94.44 -66.13
N GLU FA 191 -5.96 93.99 -67.38
CA GLU FA 191 -6.21 94.89 -68.49
C GLU FA 191 -7.62 95.49 -68.43
N ILE FA 192 -8.61 94.69 -68.03
CA ILE FA 192 -9.96 95.19 -67.76
C ILE FA 192 -9.90 96.26 -66.67
N ALA FA 193 -9.24 95.98 -65.55
CA ALA FA 193 -9.17 96.94 -64.47
C ALA FA 193 -8.51 98.25 -64.93
N LYS FA 194 -7.42 98.14 -65.69
CA LYS FA 194 -6.75 99.30 -66.26
C LYS FA 194 -7.70 100.08 -67.15
N GLU FA 195 -8.38 99.44 -68.07
CA GLU FA 195 -9.35 100.12 -68.93
C GLU FA 195 -10.44 100.81 -68.11
N ILE FA 196 -10.99 100.12 -67.11
CA ILE FA 196 -11.96 100.70 -66.17
C ILE FA 196 -11.38 101.95 -65.51
N SER FA 197 -10.13 101.89 -65.06
CA SER FA 197 -9.50 103.05 -64.43
C SER FA 197 -9.34 104.25 -65.35
N LYS FA 198 -9.38 104.06 -66.67
CA LYS FA 198 -9.39 105.17 -67.64
C LYS FA 198 -10.78 105.77 -67.83
N GLU FA 199 -11.83 104.99 -67.55
CA GLU FA 199 -13.21 105.51 -67.53
C GLU FA 199 -13.55 106.18 -66.20
N VAL FA 200 -13.32 105.51 -65.06
CA VAL FA 200 -13.80 105.93 -63.74
C VAL FA 200 -12.81 106.87 -63.04
N ASP FA 201 -13.32 107.74 -62.15
CA ASP FA 201 -12.49 108.63 -61.32
C ASP FA 201 -12.88 108.70 -59.83
N SER FA 202 -13.99 108.06 -59.40
CA SER FA 202 -14.38 108.07 -57.98
C SER FA 202 -13.33 107.34 -57.12
N PRO FA 203 -12.80 107.97 -56.06
CA PRO FA 203 -11.84 107.33 -55.16
C PRO FA 203 -12.38 106.04 -54.58
N GLU FA 204 -13.64 106.06 -54.15
CA GLU FA 204 -14.33 104.88 -53.63
C GLU FA 204 -14.33 103.77 -54.68
N SER FA 205 -14.71 104.10 -55.92
CA SER FA 205 -14.75 103.10 -56.99
C SER FA 205 -13.37 102.49 -57.23
N LYS FA 206 -12.32 103.32 -57.27
CA LYS FA 206 -10.95 102.85 -57.46
C LYS FA 206 -10.53 101.95 -56.30
N ARG FA 207 -10.86 102.32 -55.07
CA ARG FA 207 -10.57 101.54 -53.87
C ARG FA 207 -11.24 100.18 -53.93
N ILE FA 208 -12.52 100.18 -54.23
CA ILE FA 208 -13.29 98.95 -54.46
C ILE FA 208 -12.62 98.13 -55.56
N ALA FA 209 -12.27 98.74 -56.68
CA ALA FA 209 -11.68 98.03 -57.80
C ALA FA 209 -10.40 97.33 -57.38
N TYR FA 210 -9.51 98.04 -56.68
CA TYR FA 210 -8.29 97.42 -56.20
C TYR FA 210 -8.64 96.25 -55.30
N LYS FA 211 -9.52 96.44 -54.32
CA LYS FA 211 -9.89 95.37 -53.40
C LYS FA 211 -10.40 94.15 -54.16
N ILE FA 212 -11.24 94.36 -55.16
CA ILE FA 212 -11.74 93.27 -55.98
C ILE FA 212 -10.58 92.58 -56.67
N VAL FA 213 -9.68 93.31 -57.31
CA VAL FA 213 -8.55 92.70 -58.00
C VAL FA 213 -7.72 91.89 -57.01
N ALA FA 214 -7.43 92.47 -55.84
CA ALA FA 214 -6.65 91.81 -54.82
C ALA FA 214 -7.34 90.50 -54.40
N ALA FA 215 -8.64 90.56 -54.16
CA ALA FA 215 -9.41 89.38 -53.80
C ALA FA 215 -9.36 88.36 -54.93
N ALA FA 216 -9.40 88.79 -56.19
CA ALA FA 216 -9.35 87.88 -57.32
C ALA FA 216 -8.02 87.14 -57.34
N ALA FA 217 -6.90 87.84 -57.17
CA ALA FA 217 -5.62 87.19 -57.06
C ALA FA 217 -5.59 86.25 -55.84
N GLU FA 218 -6.05 86.72 -54.68
CA GLU FA 218 -5.98 85.95 -53.45
C GLU FA 218 -6.76 84.65 -53.58
N PHE FA 219 -8.01 84.71 -54.04
CA PHE FA 219 -8.82 83.52 -54.19
C PHE FA 219 -8.25 82.60 -55.27
N LEU FA 220 -7.69 83.15 -56.35
CA LEU FA 220 -7.01 82.36 -57.35
C LEU FA 220 -5.85 81.58 -56.74
N LEU FA 221 -5.05 82.23 -55.90
CA LEU FA 221 -3.99 81.55 -55.16
C LEU FA 221 -4.58 80.48 -54.23
N LYS FA 222 -5.66 80.77 -53.51
CA LYS FA 222 -6.31 79.79 -52.63
C LYS FA 222 -6.72 78.55 -53.42
N ILE FA 223 -7.41 78.73 -54.54
CA ILE FA 223 -7.83 77.62 -55.40
C ILE FA 223 -6.60 76.87 -55.93
N LEU FA 224 -5.59 77.59 -56.41
CA LEU FA 224 -4.37 76.96 -56.94
C LEU FA 224 -3.67 76.11 -55.86
N ALA FA 225 -3.63 76.60 -54.63
CA ALA FA 225 -3.04 75.88 -53.50
C ALA FA 225 -3.86 74.65 -53.10
N GLU FA 226 -5.19 74.75 -53.06
CA GLU FA 226 -6.05 73.56 -52.90
C GLU FA 226 -5.81 72.54 -54.00
N GLY FA 227 -5.55 73.02 -55.23
CA GLY FA 227 -5.21 72.19 -56.39
C GLY FA 227 -3.85 71.49 -56.31
N GLY FA 228 -3.03 71.76 -55.29
CA GLY FA 228 -1.77 71.04 -55.05
C GLY FA 228 -0.67 71.28 -56.09
N ALA FA 229 -0.70 72.42 -56.80
CA ALA FA 229 0.35 72.79 -57.76
C ALA FA 229 1.73 72.91 -57.08
N THR FA 230 2.81 72.72 -57.85
CA THR FA 230 4.19 72.74 -57.28
C THR FA 230 4.57 74.13 -56.75
N PRO FA 231 5.49 74.21 -55.78
CA PRO FA 231 6.03 75.48 -55.31
C PRO FA 231 6.52 76.38 -56.44
N GLU FA 232 7.08 75.81 -57.51
CA GLU FA 232 7.52 76.56 -58.68
C GLU FA 232 6.36 77.30 -59.34
N GLN FA 233 5.25 76.60 -59.63
CA GLN FA 233 4.08 77.24 -60.22
C GLN FA 233 3.50 78.28 -59.26
N LEU FA 234 3.39 77.95 -57.96
CA LEU FA 234 2.86 78.87 -56.96
C LEU FA 234 3.67 80.17 -56.95
N GLU FA 235 4.99 80.07 -56.94
CA GLU FA 235 5.87 81.24 -56.97
C GLU FA 235 5.70 82.02 -58.28
N ARG FA 236 5.65 81.36 -59.44
CA ARG FA 236 5.48 82.04 -60.73
C ARG FA 236 4.17 82.82 -60.78
N VAL FA 237 3.08 82.18 -60.36
CA VAL FA 237 1.79 82.87 -60.26
C VAL FA 237 1.87 84.00 -59.24
N THR FA 238 2.55 83.79 -58.12
CA THR FA 238 2.71 84.84 -57.10
C THR FA 238 3.40 86.06 -57.69
N GLU FA 239 4.49 85.87 -58.42
CA GLU FA 239 5.17 86.99 -59.08
C GLU FA 239 4.21 87.68 -60.04
N HIS FA 240 3.50 86.93 -60.88
CA HIS FA 240 2.57 87.54 -61.82
C HIS FA 240 1.50 88.35 -61.07
N ALA FA 241 0.96 87.81 -59.97
CA ALA FA 241 -0.01 88.50 -59.15
C ALA FA 241 0.57 89.77 -58.53
N LEU FA 242 1.77 89.71 -57.97
CA LEU FA 242 2.44 90.89 -57.46
C LEU FA 242 2.66 91.91 -58.57
N GLU FA 243 3.09 91.49 -59.76
CA GLU FA 243 3.30 92.37 -60.90
C GLU FA 243 1.99 93.05 -61.30
N VAL FA 244 0.91 92.29 -61.35
CA VAL FA 244 -0.43 92.83 -61.56
C VAL FA 244 -0.74 93.87 -60.49
N LEU FA 245 -0.57 93.54 -59.22
CA LEU FA 245 -0.90 94.49 -58.16
C LEU FA 245 -0.04 95.75 -58.29
N LYS FA 246 1.23 95.60 -58.66
CA LYS FA 246 2.14 96.71 -58.87
C LYS FA 246 1.64 97.61 -60.00
N GLU FA 247 1.27 97.05 -61.14
CA GLU FA 247 0.72 97.87 -62.22
C GLU FA 247 -0.59 98.53 -61.77
N VAL FA 248 -1.46 97.78 -61.11
CA VAL FA 248 -2.76 98.31 -60.64
C VAL FA 248 -2.54 99.42 -59.61
N ALA FA 249 -1.53 99.34 -58.76
CA ALA FA 249 -1.16 100.47 -57.93
C ALA FA 249 -0.65 101.64 -58.77
N LYS FA 250 0.30 101.40 -59.68
CA LYS FA 250 0.90 102.45 -60.52
C LYS FA 250 -0.15 103.21 -61.34
N GLU FA 251 -1.23 102.54 -61.73
CA GLU FA 251 -2.36 103.19 -62.36
C GLU FA 251 -3.32 103.82 -61.33
N LEU FA 252 -3.91 103.03 -60.42
CA LEU FA 252 -5.06 103.47 -59.63
C LEU FA 252 -4.68 104.30 -58.39
N ALA FA 253 -3.51 104.06 -57.78
CA ALA FA 253 -3.20 104.65 -56.48
C ALA FA 253 -2.71 106.10 -56.61
N ASP FA 254 -3.32 107.01 -55.85
CA ASP FA 254 -2.98 108.45 -55.84
C ASP FA 254 -3.37 109.14 -54.51
N SER FA 255 -4.57 108.88 -53.97
CA SER FA 255 -4.95 109.31 -52.62
C SER FA 255 -4.01 108.68 -51.57
N PRO FA 256 -3.59 109.42 -50.53
CA PRO FA 256 -2.77 108.86 -49.46
C PRO FA 256 -3.41 107.61 -48.85
N GLU FA 257 -4.70 107.67 -48.60
CA GLU FA 257 -5.48 106.57 -48.07
C GLU FA 257 -5.47 105.38 -49.04
N SER FA 258 -5.60 105.65 -50.34
CA SER FA 258 -5.52 104.61 -51.36
C SER FA 258 -4.16 103.93 -51.35
N VAL FA 259 -3.08 104.68 -51.14
CA VAL FA 259 -1.75 104.08 -51.02
C VAL FA 259 -1.71 103.18 -49.80
N ARG FA 260 -2.17 103.67 -48.64
CA ARG FA 260 -2.18 102.89 -47.40
C ARG FA 260 -2.92 101.59 -47.59
N GLU FA 261 -4.08 101.65 -48.24
CA GLU FA 261 -4.83 100.46 -48.60
C GLU FA 261 -4.02 99.58 -49.54
N ALA FA 262 -3.47 100.13 -50.63
CA ALA FA 262 -2.76 99.35 -51.64
C ALA FA 262 -1.58 98.61 -51.01
N VAL FA 263 -0.81 99.30 -50.17
CA VAL FA 263 0.31 98.68 -49.45
C VAL FA 263 -0.23 97.56 -48.58
N ARG FA 264 -1.28 97.82 -47.80
CA ARG FA 264 -1.88 96.80 -46.94
C ARG FA 264 -2.37 95.60 -47.74
N LEU FA 265 -2.89 95.82 -48.93
CA LEU FA 265 -3.33 94.73 -49.79
C LEU FA 265 -2.14 93.97 -50.35
N ILE FA 266 -1.08 94.65 -50.78
CA ILE FA 266 0.10 93.97 -51.28
C ILE FA 266 0.69 93.11 -50.15
N SER FA 267 0.80 93.67 -48.96
CA SER FA 267 1.35 92.92 -47.83
C SER FA 267 0.43 91.75 -47.49
N LYS FA 268 -0.88 91.96 -47.43
CA LYS FA 268 -1.86 90.88 -47.24
C LYS FA 268 -1.60 89.76 -48.24
N LEU FA 269 -1.59 90.07 -49.54
CA LEU FA 269 -1.39 89.06 -50.57
C LEU FA 269 -0.04 88.36 -50.43
N THR FA 270 1.00 89.12 -50.08
CA THR FA 270 2.31 88.55 -49.81
C THR FA 270 2.24 87.56 -48.65
N GLN FA 271 1.61 87.95 -47.55
CA GLN FA 271 1.48 87.11 -46.36
C GLN FA 271 0.76 85.82 -46.69
N GLU FA 272 -0.40 85.89 -47.34
CA GLU FA 272 -1.12 84.67 -47.70
C GLU FA 272 -0.25 83.79 -48.60
N GLY FA 273 0.43 84.37 -49.59
CA GLY FA 273 1.32 83.62 -50.47
C GLY FA 273 2.39 82.89 -49.68
N LEU FA 274 3.00 83.57 -48.71
CA LEU FA 274 3.98 82.96 -47.84
C LEU FA 274 3.39 81.82 -47.01
N LYS FA 275 2.16 81.97 -46.51
CA LYS FA 275 1.48 80.87 -45.81
C LYS FA 275 1.30 79.66 -46.73
N GLN FA 276 1.04 79.85 -48.02
CA GLN FA 276 0.99 78.72 -48.95
C GLN FA 276 2.35 78.03 -49.06
N LEU FA 277 3.44 78.80 -49.21
CA LEU FA 277 4.78 78.22 -49.26
C LEU FA 277 5.12 77.45 -47.96
N LYS FA 278 4.67 77.93 -46.80
CA LYS FA 278 4.76 77.18 -45.54
C LYS FA 278 3.96 75.88 -45.63
N GLU FA 279 2.68 75.97 -45.95
CA GLU FA 279 1.77 74.84 -45.88
C GLU FA 279 2.11 73.73 -46.89
N ILE FA 280 2.58 74.08 -48.09
CA ILE FA 280 3.02 73.09 -49.10
C ILE FA 280 4.36 72.43 -48.73
N GLY FA 281 5.10 72.97 -47.75
CA GLY FA 281 6.42 72.47 -47.36
C GLY FA 281 7.53 72.80 -48.37
N ALA FA 282 7.49 73.98 -48.99
CA ALA FA 282 8.50 74.41 -49.96
C ALA FA 282 9.90 74.58 -49.32
N PRO FA 283 11.00 74.40 -50.07
CA PRO FA 283 12.34 74.70 -49.57
C PRO FA 283 12.50 76.21 -49.36
N PRO FA 284 13.18 76.66 -48.30
CA PRO FA 284 13.36 78.07 -47.98
C PRO FA 284 13.90 78.95 -49.12
N GLU FA 285 14.57 78.36 -50.11
CA GLU FA 285 15.00 79.06 -51.33
C GLU FA 285 13.84 79.79 -52.01
N GLN FA 286 12.68 79.14 -52.11
CA GLN FA 286 11.48 79.77 -52.67
C GLN FA 286 10.99 80.91 -51.77
N ILE FA 287 11.01 80.71 -50.44
CA ILE FA 287 10.56 81.73 -49.49
C ILE FA 287 11.43 82.98 -49.62
N GLU FA 288 12.75 82.80 -49.66
CA GLU FA 288 13.70 83.90 -49.78
C GLU FA 288 13.46 84.70 -51.06
N ARG FA 289 13.19 84.03 -52.19
CA ARG FA 289 12.79 84.70 -53.42
C ARG FA 289 11.51 85.49 -53.23
N VAL FA 290 10.44 84.86 -52.74
CA VAL FA 290 9.15 85.53 -52.53
C VAL FA 290 9.31 86.73 -51.59
N ALA FA 291 10.05 86.57 -50.50
CA ALA FA 291 10.29 87.64 -49.55
C ALA FA 291 10.96 88.84 -50.22
N GLU FA 292 12.06 88.60 -50.94
CA GLU FA 292 12.72 89.67 -51.68
C GLU FA 292 11.75 90.33 -52.66
N HIS FA 293 11.09 89.52 -53.49
CA HIS FA 293 10.25 90.04 -54.55
C HIS FA 293 9.13 90.90 -53.98
N GLY FA 294 8.46 90.42 -52.93
CA GLY FA 294 7.41 91.15 -52.24
C GLY FA 294 7.93 92.45 -51.65
N LEU FA 295 9.02 92.39 -50.90
CA LEU FA 295 9.61 93.59 -50.31
C LEU FA 295 10.05 94.59 -51.39
N GLU FA 296 10.59 94.11 -52.51
CA GLU FA 296 10.96 94.99 -53.62
C GLU FA 296 9.74 95.69 -54.20
N VAL FA 297 8.66 94.96 -54.45
CA VAL FA 297 7.41 95.57 -54.90
C VAL FA 297 6.90 96.57 -53.85
N LEU FA 298 6.93 96.22 -52.58
CA LEU FA 298 6.49 97.11 -51.52
C LEU FA 298 7.33 98.39 -51.55
N LYS FA 299 8.65 98.27 -51.65
CA LYS FA 299 9.54 99.42 -51.77
C LYS FA 299 9.16 100.26 -52.98
N GLU FA 300 9.01 99.65 -54.14
CA GLU FA 300 8.66 100.37 -55.36
C GLU FA 300 7.35 101.14 -55.18
N ILE FA 301 6.33 100.50 -54.62
CA ILE FA 301 5.05 101.15 -54.42
C ILE FA 301 5.14 102.21 -53.33
N ALA FA 302 5.85 101.97 -52.23
CA ALA FA 302 6.04 102.97 -51.20
C ALA FA 302 6.71 104.21 -51.79
N LYS FA 303 7.77 104.00 -52.58
CA LYS FA 303 8.51 105.06 -53.27
C LYS FA 303 7.59 105.83 -54.22
N TYR FA 304 6.82 105.12 -55.05
CA TYR FA 304 5.85 105.76 -55.93
C TYR FA 304 4.83 106.58 -55.14
N GLY FA 305 4.12 105.91 -54.24
CA GLY FA 305 2.95 106.48 -53.57
C GLY FA 305 3.33 107.64 -52.67
N SER FA 306 4.38 107.49 -51.86
CA SER FA 306 4.77 108.51 -50.89
C SER FA 306 5.02 109.88 -51.53
N LYS FA 307 5.55 109.92 -52.76
CA LYS FA 307 5.81 111.17 -53.50
C LYS FA 307 4.53 111.93 -53.87
N LEU FA 308 3.36 111.29 -53.79
CA LEU FA 308 2.04 111.90 -53.95
C LEU FA 308 1.39 112.35 -52.63
N THR FA 309 2.13 112.37 -51.51
CA THR FA 309 1.58 112.57 -50.15
C THR FA 309 2.35 113.60 -49.31
N ASP FA 310 1.70 114.10 -48.26
CA ASP FA 310 2.27 115.03 -47.28
C ASP FA 310 2.30 114.46 -45.85
N SER FA 311 1.20 113.89 -45.35
CA SER FA 311 1.01 113.47 -43.95
C SER FA 311 2.14 112.59 -43.41
N PRO FA 312 2.99 113.12 -42.51
CA PRO FA 312 4.01 112.33 -41.84
C PRO FA 312 3.41 111.14 -41.10
N GLU FA 313 2.20 111.29 -40.59
CA GLU FA 313 1.49 110.25 -39.84
C GLU FA 313 1.19 109.07 -40.77
N LEU FA 314 0.62 109.34 -41.94
CA LEU FA 314 0.36 108.30 -42.92
C LEU FA 314 1.66 107.70 -43.44
N LYS FA 315 2.67 108.51 -43.75
CA LYS FA 315 3.99 108.01 -44.14
C LYS FA 315 4.52 107.04 -43.07
N ARG FA 316 4.46 107.42 -41.80
CA ARG FA 316 4.85 106.58 -40.67
C ARG FA 316 4.05 105.30 -40.61
N GLU FA 317 2.75 105.37 -40.87
CA GLU FA 317 1.94 104.16 -40.99
C GLU FA 317 2.43 103.26 -42.13
N LEU FA 318 2.72 103.79 -43.31
CA LEU FA 318 3.23 102.98 -44.42
C LEU FA 318 4.49 102.25 -43.98
N TYR FA 319 5.39 102.99 -43.36
CA TYR FA 319 6.62 102.44 -42.84
C TYR FA 319 6.34 101.35 -41.80
N ARG FA 320 5.43 101.64 -40.86
CA ARG FA 320 5.04 100.67 -39.84
C ARG FA 320 4.55 99.40 -40.48
N ILE FA 321 3.67 99.50 -41.47
CA ILE FA 321 3.13 98.34 -42.17
C ILE FA 321 4.28 97.53 -42.78
N ILE FA 322 5.21 98.14 -43.50
CA ILE FA 322 6.28 97.33 -44.09
C ILE FA 322 7.14 96.71 -43.00
N SER FA 323 7.36 97.40 -41.89
CA SER FA 323 8.12 96.83 -40.79
C SER FA 323 7.39 95.62 -40.20
N GLU FA 324 6.09 95.71 -39.94
CA GLU FA 324 5.31 94.58 -39.48
C GLU FA 324 5.35 93.45 -40.50
N THR FA 325 5.35 93.80 -41.78
CA THR FA 325 5.46 92.82 -42.87
C THR FA 325 6.78 92.08 -42.75
N ALA FA 326 7.88 92.80 -42.58
CA ALA FA 326 9.17 92.18 -42.36
C ALA FA 326 9.13 91.27 -41.11
N LYS FA 327 8.51 91.72 -40.02
CA LYS FA 327 8.38 90.89 -38.80
C LYS FA 327 7.66 89.58 -39.12
N GLU FA 328 6.52 89.67 -39.80
CA GLU FA 328 5.74 88.49 -40.15
C GLU FA 328 6.53 87.54 -41.06
N LEU FA 329 7.18 88.09 -42.09
CA LEU FA 329 8.00 87.31 -43.03
C LEU FA 329 9.11 86.58 -42.29
N LEU FA 330 9.83 87.28 -41.41
CA LEU FA 330 10.91 86.70 -40.64
C LEU FA 330 10.36 85.59 -39.72
N LYS FA 331 9.27 85.87 -39.01
CA LYS FA 331 8.65 84.92 -38.09
C LYS FA 331 8.26 83.62 -38.79
N ILE FA 332 7.62 83.71 -39.94
CA ILE FA 332 7.22 82.53 -40.70
C ILE FA 332 8.46 81.78 -41.21
N LEU FA 333 9.48 82.47 -41.72
CA LEU FA 333 10.70 81.80 -42.18
C LEU FA 333 11.39 81.04 -41.03
N ALA FA 334 11.48 81.66 -39.86
CA ALA FA 334 12.02 81.04 -38.65
C ALA FA 334 11.18 79.84 -38.20
N GLU FA 335 9.84 79.95 -38.23
CA GLU FA 335 8.95 78.81 -37.96
C GLU FA 335 9.13 77.68 -39.00
N GLY FA 336 9.49 78.04 -40.23
CA GLY FA 336 9.85 77.10 -41.30
C GLY FA 336 11.15 76.34 -41.08
N GLY FA 337 11.89 76.62 -40.00
CA GLY FA 337 13.11 75.89 -39.64
C GLY FA 337 14.34 76.19 -40.52
N ALA FA 338 14.34 77.32 -41.23
CA ALA FA 338 15.45 77.74 -42.09
C ALA FA 338 16.75 78.04 -41.29
N THR FA 339 17.91 78.03 -41.96
CA THR FA 339 19.21 78.25 -41.32
C THR FA 339 19.39 79.72 -40.87
N PRO FA 340 20.24 79.96 -39.86
CA PRO FA 340 20.67 81.33 -39.51
C PRO FA 340 21.20 82.10 -40.73
N GLU FA 341 21.84 81.41 -41.68
CA GLU FA 341 22.36 82.02 -42.91
C GLU FA 341 21.23 82.63 -43.76
N GLN FA 342 20.13 81.91 -43.93
CA GLN FA 342 18.94 82.48 -44.59
C GLN FA 342 18.34 83.63 -43.76
N LEU FA 343 18.29 83.49 -42.43
CA LEU FA 343 17.76 84.56 -41.59
C LEU FA 343 18.59 85.84 -41.75
N GLU FA 344 19.92 85.77 -41.76
CA GLU FA 344 20.71 86.98 -41.96
C GLU FA 344 20.47 87.56 -43.35
N ARG FA 345 20.39 86.74 -44.41
CA ARG FA 345 20.12 87.23 -45.77
C ARG FA 345 18.85 88.08 -45.81
N VAL FA 346 17.74 87.51 -45.33
CA VAL FA 346 16.48 88.27 -45.35
C VAL FA 346 16.51 89.43 -44.38
N THR FA 347 17.13 89.29 -43.21
CA THR FA 347 17.18 90.38 -42.22
C THR FA 347 17.93 91.57 -42.81
N LYS FA 348 19.08 91.31 -43.45
CA LYS FA 348 19.88 92.32 -44.11
C LYS FA 348 19.06 92.99 -45.21
N HIS FA 349 18.44 92.20 -46.08
CA HIS FA 349 17.60 92.75 -47.13
C HIS FA 349 16.49 93.63 -46.54
N ALA FA 350 15.81 93.15 -45.50
CA ALA FA 350 14.73 93.90 -44.88
C ALA FA 350 15.23 95.21 -44.27
N LEU FA 351 16.36 95.18 -43.58
CA LEU FA 351 16.96 96.40 -43.07
C LEU FA 351 17.29 97.34 -44.23
N GLU FA 352 17.87 96.85 -45.32
CA GLU FA 352 18.17 97.68 -46.48
C GLU FA 352 16.92 98.27 -47.09
N VAL FA 353 15.85 97.49 -47.20
CA VAL FA 353 14.56 98.00 -47.69
C VAL FA 353 14.07 99.09 -46.75
N LEU FA 354 14.04 98.85 -45.44
CA LEU FA 354 13.57 99.86 -44.49
C LEU FA 354 14.44 101.10 -44.61
N LYS FA 355 15.76 100.94 -44.70
CA LYS FA 355 16.70 102.05 -44.92
C LYS FA 355 16.29 102.82 -46.16
N GLU FA 356 16.16 102.17 -47.30
CA GLU FA 356 15.86 102.85 -48.56
C GLU FA 356 14.51 103.56 -48.48
N VAL FA 357 13.50 102.90 -47.92
CA VAL FA 357 12.17 103.48 -47.77
C VAL FA 357 12.23 104.66 -46.81
N ALA FA 358 12.95 104.54 -45.69
CA ALA FA 358 13.13 105.66 -44.79
C ALA FA 358 13.82 106.81 -45.51
N LYS FA 359 14.87 106.55 -46.29
CA LYS FA 359 15.61 107.57 -47.03
C LYS FA 359 14.73 108.27 -48.07
N GLU FA 360 13.74 107.59 -48.63
CA GLU FA 360 12.73 108.26 -49.45
C GLU FA 360 11.74 109.06 -48.59
N LEU FA 361 11.15 108.45 -47.58
CA LEU FA 361 9.99 109.01 -46.88
C LEU FA 361 10.36 110.10 -45.88
N ALA FA 362 11.40 109.88 -45.08
CA ALA FA 362 11.66 110.70 -43.90
C ALA FA 362 12.14 112.11 -44.26
N ASP FA 363 11.57 113.11 -43.61
CA ASP FA 363 11.83 114.54 -43.84
C ASP FA 363 11.57 115.40 -42.57
N SER FA 364 11.59 114.78 -41.38
CA SER FA 364 11.44 115.43 -40.08
C SER FA 364 12.19 114.64 -39.00
N PRO FA 365 12.60 115.26 -37.87
CA PRO FA 365 13.29 114.53 -36.83
C PRO FA 365 12.38 113.45 -36.22
N GLU FA 366 11.08 113.71 -36.08
CA GLU FA 366 10.14 112.72 -35.59
C GLU FA 366 10.10 111.49 -36.51
N SER FA 367 10.02 111.70 -37.82
CA SER FA 367 10.03 110.59 -38.78
C SER FA 367 11.39 109.88 -38.80
N GLY FA 368 12.49 110.59 -38.57
CA GLY FA 368 13.80 109.96 -38.35
C GLY FA 368 13.77 109.04 -37.12
N LEU FA 369 13.26 109.52 -36.00
CA LEU FA 369 13.19 108.70 -34.79
C LEU FA 369 12.28 107.50 -34.99
N ALA FA 370 11.13 107.67 -35.64
CA ALA FA 370 10.29 106.54 -35.98
C ALA FA 370 11.03 105.55 -36.89
N ALA FA 371 11.77 106.05 -37.88
CA ALA FA 371 12.51 105.22 -38.81
C ALA FA 371 13.48 104.31 -38.07
N LEU FA 372 14.28 104.95 -37.22
CA LEU FA 372 15.15 104.29 -36.26
C LEU FA 372 14.37 103.28 -35.43
N ALA FA 373 13.26 103.70 -34.82
CA ALA FA 373 12.56 102.89 -33.85
C ALA FA 373 12.14 101.55 -34.46
N ALA FA 374 11.58 101.57 -35.66
CA ALA FA 374 11.20 100.31 -36.30
C ALA FA 374 12.44 99.50 -36.67
N ILE FA 375 13.49 100.13 -37.21
CA ILE FA 375 14.72 99.41 -37.55
C ILE FA 375 15.24 98.68 -36.33
N ALA FA 376 15.38 99.39 -35.22
CA ALA FA 376 15.87 98.82 -33.97
C ALA FA 376 14.96 97.69 -33.52
N SER FA 377 13.65 97.87 -33.60
CA SER FA 377 12.71 96.84 -33.18
C SER FA 377 12.84 95.60 -34.04
N LEU FA 378 12.95 95.77 -35.37
CA LEU FA 378 13.14 94.68 -36.30
C LEU FA 378 14.45 93.95 -36.00
N ALA FA 379 15.51 94.70 -35.76
CA ALA FA 379 16.77 94.11 -35.35
C ALA FA 379 16.60 93.29 -34.07
N LYS FA 380 15.84 93.79 -33.10
CA LYS FA 380 15.57 93.07 -31.84
C LYS FA 380 14.84 91.76 -32.09
N LEU FA 381 13.80 91.77 -32.93
CA LEU FA 381 13.12 90.53 -33.30
C LEU FA 381 14.08 89.57 -34.01
N GLY FA 382 14.86 90.07 -34.97
CA GLY FA 382 15.78 89.22 -35.72
C GLY FA 382 16.78 88.55 -34.79
N LEU FA 383 17.39 89.32 -33.89
CA LEU FA 383 18.30 88.80 -32.88
C LEU FA 383 17.60 87.81 -31.94
N GLU FA 384 16.36 88.10 -31.54
CA GLU FA 384 15.58 87.20 -30.69
C GLU FA 384 15.34 85.84 -31.38
N GLN FA 385 14.99 85.84 -32.67
CA GLN FA 385 14.80 84.59 -33.41
C GLN FA 385 16.13 83.86 -33.63
N LEU FA 386 17.21 84.56 -33.97
CA LEU FA 386 18.55 83.98 -34.09
C LEU FA 386 18.98 83.33 -32.77
N LYS FA 387 18.76 84.00 -31.64
CA LYS FA 387 19.03 83.47 -30.30
C LYS FA 387 18.15 82.25 -30.02
N GLU FA 388 16.87 82.29 -30.35
CA GLU FA 388 15.96 81.16 -30.13
C GLU FA 388 16.38 79.90 -30.89
N ILE FA 389 16.84 80.03 -32.14
CA ILE FA 389 17.42 78.91 -32.90
C ILE FA 389 18.86 78.58 -32.52
N GLY FA 390 19.45 79.29 -31.54
CA GLY FA 390 20.79 79.03 -31.03
C GLY FA 390 21.92 79.36 -32.01
N ALA FA 391 21.72 80.35 -32.89
CA ALA FA 391 22.72 80.78 -33.86
C ALA FA 391 24.03 81.23 -33.17
N PRO FA 392 25.23 80.93 -33.73
CA PRO FA 392 26.49 81.21 -33.06
C PRO FA 392 26.73 82.72 -32.96
N PRO FA 393 27.53 83.17 -31.98
CA PRO FA 393 27.78 84.59 -31.73
C PRO FA 393 28.19 85.39 -32.95
N GLU FA 394 28.94 84.81 -33.90
CA GLU FA 394 29.32 85.53 -35.12
C GLU FA 394 28.10 86.02 -35.90
N GLN FA 395 27.06 85.20 -36.05
CA GLN FA 395 25.81 85.63 -36.71
C GLN FA 395 25.19 86.80 -35.95
N GLN FA 396 25.11 86.68 -34.63
CA GLN FA 396 24.55 87.71 -33.76
C GLN FA 396 25.31 89.04 -33.95
N ARG FA 397 26.65 88.97 -33.96
CA ARG FA 397 27.52 90.12 -34.16
C ARG FA 397 27.35 90.70 -35.56
N ARG FA 398 27.39 89.88 -36.62
CA ARG FA 398 27.19 90.31 -38.01
C ARG FA 398 25.94 91.17 -38.13
N VAL FA 399 24.80 90.63 -37.68
CA VAL FA 399 23.52 91.33 -37.75
C VAL FA 399 23.54 92.58 -36.88
N THR FA 400 24.09 92.51 -35.66
CA THR FA 400 24.12 93.67 -34.76
C THR FA 400 24.92 94.81 -35.37
N LYS FA 401 26.11 94.51 -35.92
CA LYS FA 401 26.96 95.49 -36.59
C LYS FA 401 26.25 96.08 -37.80
N ALA FA 402 25.65 95.26 -38.64
CA ALA FA 402 24.85 95.74 -39.75
C ALA FA 402 23.73 96.67 -39.27
N GLY FA 403 23.05 96.30 -38.17
CA GLY FA 403 22.03 97.13 -37.56
C GLY FA 403 22.58 98.48 -37.14
N ILE FA 404 23.71 98.48 -36.44
CA ILE FA 404 24.39 99.72 -36.06
C ILE FA 404 24.70 100.54 -37.32
N GLU FA 405 25.26 99.94 -38.36
CA GLU FA 405 25.61 100.66 -39.59
C GLU FA 405 24.38 101.27 -40.26
N ALA FA 406 23.26 100.55 -40.31
CA ALA FA 406 22.02 101.12 -40.82
C ALA FA 406 21.60 102.31 -39.96
N VAL FA 407 21.59 102.13 -38.64
CA VAL FA 407 21.24 103.20 -37.70
C VAL FA 407 22.15 104.40 -37.88
N ARG FA 408 23.44 104.17 -38.08
CA ARG FA 408 24.41 105.22 -38.35
C ARG FA 408 24.02 105.99 -39.61
N GLU FA 409 23.69 105.29 -40.69
CA GLU FA 409 23.23 105.97 -41.91
C GLU FA 409 21.94 106.77 -41.67
N ILE FA 410 21.00 106.22 -40.91
CA ILE FA 410 19.78 106.95 -40.55
C ILE FA 410 20.16 108.22 -39.77
N TYR FA 411 21.11 108.15 -38.84
CA TYR FA 411 21.57 109.34 -38.14
C TYR FA 411 22.27 110.31 -39.08
N ARG FA 412 23.12 109.84 -40.00
CA ARG FA 412 23.80 110.70 -40.97
C ARG FA 412 22.80 111.47 -41.82
N TYR FA 413 21.73 110.81 -42.27
CA TYR FA 413 20.65 111.49 -42.96
C TYR FA 413 19.92 112.46 -42.03
N GLY FA 414 19.61 112.04 -40.80
CA GLY FA 414 18.99 112.88 -39.78
C GLY FA 414 19.76 114.18 -39.52
N ARG FA 415 21.09 114.10 -39.49
CA ARG FA 415 21.98 115.26 -39.31
C ARG FA 415 21.88 116.29 -40.44
N LYS FA 416 21.44 115.90 -41.64
CA LYS FA 416 21.12 116.84 -42.74
C LYS FA 416 19.78 117.54 -42.53
N LEU FA 417 18.79 116.81 -42.00
CA LEU FA 417 17.44 117.33 -41.76
C LEU FA 417 17.35 118.27 -40.53
N TYR FA 418 18.19 118.05 -39.51
CA TYR FA 418 18.04 118.61 -38.16
C TYR FA 418 19.35 119.19 -37.62
N ASP GA 3 62.78 48.21 57.07
CA ASP GA 3 64.06 48.77 57.57
C ASP GA 3 64.73 47.93 58.67
N ASP GA 4 64.29 46.70 58.92
CA ASP GA 4 64.70 45.91 60.09
C ASP GA 4 66.22 45.73 60.17
N LEU GA 5 66.85 45.48 59.01
CA LEU GA 5 68.29 45.36 58.92
C LEU GA 5 69.00 46.60 59.48
N LEU GA 6 68.53 47.81 59.16
CA LEU GA 6 69.13 49.05 59.65
C LEU GA 6 69.01 49.13 61.16
N LEU GA 7 67.85 48.77 61.70
CA LEU GA 7 67.67 48.74 63.15
C LEU GA 7 68.71 47.78 63.76
N LYS GA 8 68.82 46.58 63.22
CA LYS GA 8 69.82 45.62 63.70
C LYS GA 8 71.23 46.15 63.52
N LEU GA 9 71.50 46.91 62.47
CA LEU GA 9 72.78 47.56 62.27
C LEU GA 9 73.05 48.53 63.40
N LEU GA 10 72.06 49.36 63.75
CA LEU GA 10 72.19 50.24 64.90
C LEU GA 10 72.48 49.42 66.15
N GLU GA 11 71.79 48.30 66.35
CA GLU GA 11 72.09 47.45 67.51
C GLU GA 11 73.54 47.01 67.50
N LEU GA 12 74.03 46.49 66.37
CA LEU GA 12 75.43 46.09 66.26
C LEU GA 12 76.36 47.25 66.58
N LEU GA 13 76.08 48.40 65.97
CA LEU GA 13 76.88 49.59 66.17
C LEU GA 13 76.90 49.93 67.64
N VAL GA 14 75.73 49.98 68.28
CA VAL GA 14 75.63 50.35 69.69
C VAL GA 14 76.37 49.34 70.54
N GLU GA 15 76.23 48.06 70.26
CA GLU GA 15 76.93 47.06 71.03
C GLU GA 15 78.44 47.22 70.86
N GLN GA 16 78.90 47.45 69.63
CA GLN GA 16 80.31 47.70 69.41
C GLN GA 16 80.73 48.97 70.14
N ALA GA 17 79.89 50.00 70.13
CA ALA GA 17 80.18 51.21 70.88
C ALA GA 17 80.34 50.87 72.36
N ARG GA 18 79.48 50.04 72.93
CA ARG GA 18 79.64 49.57 74.31
C ARG GA 18 80.98 48.89 74.47
N VAL GA 19 81.26 47.87 73.67
CA VAL GA 19 82.44 47.04 73.91
C VAL GA 19 83.73 47.83 73.67
N SER GA 20 83.78 48.62 72.62
CA SER GA 20 84.92 49.51 72.40
C SER GA 20 85.03 50.52 73.53
N ALA GA 21 83.93 51.05 74.07
CA ALA GA 21 83.99 51.91 75.24
C ALA GA 21 84.44 51.16 76.50
N GLU GA 22 84.09 49.90 76.67
CA GLU GA 22 84.65 49.08 77.75
C GLU GA 22 86.15 48.88 77.54
N PHE GA 23 86.60 48.60 76.33
CA PHE GA 23 88.04 48.50 76.03
C PHE GA 23 88.73 49.80 76.36
N ALA GA 24 88.17 50.92 75.93
CA ALA GA 24 88.67 52.25 76.26
C ALA GA 24 88.73 52.46 77.78
N ARG GA 25 87.70 52.01 78.52
CA ARG GA 25 87.69 52.09 79.99
C ARG GA 25 88.71 51.18 80.66
N ARG GA 26 89.17 50.12 79.98
CA ARG GA 26 90.31 49.31 80.44
C ARG GA 26 91.66 49.92 80.08
N GLN GA 27 91.85 50.42 78.84
CA GLN GA 27 93.14 50.95 78.39
C GLN GA 27 93.39 52.44 78.70
N GLY GA 28 92.36 53.22 79.05
CA GLY GA 28 92.46 54.61 79.49
C GLY GA 28 92.73 55.66 78.40
N ASP GA 29 92.60 55.32 77.12
CA ASP GA 29 92.89 56.25 76.02
C ASP GA 29 91.77 57.28 75.79
N GLU GA 30 92.05 58.54 76.10
CA GLU GA 30 91.13 59.65 75.84
C GLU GA 30 90.80 59.83 74.36
N LYS GA 31 91.72 59.50 73.43
CA LYS GA 31 91.45 59.64 72.00
C LYS GA 31 90.40 58.63 71.56
N MET GA 32 90.54 57.36 71.96
CA MET GA 32 89.50 56.37 71.74
C MET GA 32 88.19 56.80 72.42
N LEU GA 33 88.23 57.28 73.66
CA LEU GA 33 87.01 57.75 74.34
C LEU GA 33 86.31 58.85 73.51
N GLU GA 34 87.05 59.84 73.04
CA GLU GA 34 86.52 60.87 72.16
C GLU GA 34 85.92 60.27 70.89
N GLU GA 35 86.63 59.35 70.24
CA GLU GA 35 86.16 58.72 69.00
C GLU GA 35 84.88 57.91 69.22
N VAL GA 36 84.84 57.04 70.25
CA VAL GA 36 83.62 56.28 70.53
C VAL GA 36 82.51 57.21 70.95
N ALA GA 37 82.78 58.29 71.69
CA ALA GA 37 81.76 59.25 72.06
C ALA GA 37 81.14 59.88 70.81
N ARG GA 38 81.98 60.34 69.87
CA ARG GA 38 81.50 60.87 68.58
C ARG GA 38 80.67 59.82 67.87
N LYS GA 39 81.19 58.59 67.75
CA LYS GA 39 80.48 57.50 67.10
C LYS GA 39 79.12 57.27 67.76
N ALA GA 40 79.08 57.23 69.09
CA ALA GA 40 77.87 56.99 69.84
C ALA GA 40 76.85 58.11 69.61
N GLU GA 41 77.29 59.36 69.66
CA GLU GA 41 76.41 60.48 69.37
C GLU GA 41 75.86 60.38 67.93
N GLU GA 42 76.72 60.10 66.95
CA GLU GA 42 76.29 60.00 65.56
C GLU GA 42 75.33 58.83 65.33
N VAL GA 43 75.62 57.66 65.90
CA VAL GA 43 74.72 56.53 65.83
C VAL GA 43 73.40 56.90 66.48
N ALA GA 44 73.41 57.58 67.62
CA ALA GA 44 72.18 58.03 68.26
C ALA GA 44 71.43 59.03 67.39
N ARG GA 45 72.14 59.93 66.69
CA ARG GA 45 71.53 60.87 65.73
C ARG GA 45 70.80 60.09 64.64
N LYS GA 46 71.48 59.13 64.02
CA LYS GA 46 70.88 58.25 63.01
C LYS GA 46 69.66 57.54 63.58
N ALA GA 47 69.79 57.01 64.80
CA ALA GA 47 68.72 56.33 65.48
C ALA GA 47 67.52 57.24 65.69
N GLU GA 48 67.68 58.47 66.19
CA GLU GA 48 66.50 59.29 66.45
C GLU GA 48 65.81 59.71 65.15
N GLU GA 49 66.55 59.95 64.08
CA GLU GA 49 65.93 60.20 62.77
C GLU GA 49 65.11 58.98 62.33
N ILE GA 50 65.70 57.79 62.42
CA ILE GA 50 65.00 56.55 62.06
C ILE GA 50 63.79 56.34 62.97
N ALA GA 51 63.89 56.65 64.25
CA ALA GA 51 62.79 56.56 65.18
C ALA GA 51 61.65 57.51 64.79
N ARG GA 52 61.96 58.77 64.47
CA ARG GA 52 60.95 59.74 64.03
C ARG GA 52 60.32 59.32 62.71
N LYS GA 53 61.09 58.70 61.80
CA LYS GA 53 60.56 58.06 60.58
C LYS GA 53 59.55 56.96 60.93
N ALA GA 54 59.90 56.05 61.83
CA ALA GA 54 58.97 55.02 62.29
C ALA GA 54 57.70 55.63 62.92
N ARG GA 55 57.84 56.69 63.72
CA ARG GA 55 56.71 57.41 64.30
C ARG GA 55 55.79 57.97 63.23
N LYS GA 56 56.35 58.57 62.18
CA LYS GA 56 55.59 59.04 61.01
C LYS GA 56 54.88 57.91 60.28
N GLU GA 57 55.55 56.77 60.09
CA GLU GA 57 54.94 55.58 59.47
C GLU GA 57 53.85 54.94 60.34
N GLY GA 58 53.94 55.09 61.67
CA GLY GA 58 52.96 54.56 62.60
C GLY GA 58 53.07 53.05 62.86
N ASN GA 59 54.18 52.39 62.49
CA ASN GA 59 54.45 51.02 62.92
C ASN GA 59 54.99 51.00 64.36
N LEU GA 60 54.13 50.68 65.33
CA LEU GA 60 54.49 50.71 66.75
C LEU GA 60 55.60 49.73 67.08
N GLU GA 61 55.62 48.54 66.50
CA GLU GA 61 56.66 47.56 66.81
C GLU GA 61 58.04 48.12 66.45
N LEU GA 62 58.19 48.63 65.24
CA LEU GA 62 59.43 49.25 64.82
C LEU GA 62 59.73 50.47 65.69
N ALA GA 63 58.74 51.31 66.00
CA ALA GA 63 58.98 52.49 66.82
C ALA GA 63 59.49 52.11 68.21
N LEU GA 64 58.90 51.09 68.83
CA LEU GA 64 59.36 50.60 70.12
C LEU GA 64 60.77 50.03 69.99
N LYS GA 65 61.06 49.26 68.95
CA LYS GA 65 62.42 48.77 68.72
C LYS GA 65 63.39 49.95 68.58
N ALA GA 66 63.01 50.97 67.85
CA ALA GA 66 63.83 52.15 67.66
C ALA GA 66 64.03 52.90 68.99
N LEU GA 67 62.99 53.00 69.80
CA LEU GA 67 63.14 53.53 71.14
C LEU GA 67 64.09 52.65 71.93
N GLU GA 68 63.96 51.34 71.88
CA GLU GA 68 64.86 50.47 72.64
C GLU GA 68 66.30 50.69 72.22
N ILE GA 69 66.54 50.84 70.92
CA ILE GA 69 67.84 51.22 70.42
C ILE GA 69 68.26 52.56 71.01
N LEU GA 70 67.38 53.56 71.03
CA LEU GA 70 67.71 54.84 71.64
C LEU GA 70 68.04 54.68 73.11
N VAL GA 71 67.34 53.81 73.82
CA VAL GA 71 67.63 53.54 75.22
C VAL GA 71 69.00 52.90 75.35
N ARG GA 72 69.33 51.94 74.49
CA ARG GA 72 70.63 51.29 74.53
C ARG GA 72 71.71 52.34 74.28
N ALA GA 73 71.53 53.13 73.23
CA ALA GA 73 72.45 54.21 72.89
C ALA GA 73 72.57 55.19 74.05
N ALA GA 74 71.46 55.52 74.67
CA ALA GA 74 71.46 56.38 75.84
C ALA GA 74 72.30 55.74 76.94
N HIS GA 75 72.19 54.44 77.20
CA HIS GA 75 72.93 53.81 78.28
C HIS GA 75 74.43 54.01 78.08
N VAL GA 76 74.94 53.72 76.89
CA VAL GA 76 76.37 53.90 76.65
C VAL GA 76 76.71 55.38 76.70
N LEU GA 77 75.90 56.25 76.12
CA LEU GA 77 76.17 57.69 76.15
C LEU GA 77 76.22 58.20 77.58
N ALA GA 78 75.32 57.73 78.43
CA ALA GA 78 75.24 58.12 79.82
C ALA GA 78 76.45 57.60 80.59
N GLU GA 79 76.91 56.38 80.31
CA GLU GA 79 78.14 55.87 80.92
C GLU GA 79 79.34 56.72 80.51
N ILE GA 80 79.42 57.09 79.23
CA ILE GA 80 80.48 57.98 78.73
C ILE GA 80 80.39 59.33 79.44
N ALA GA 81 79.22 59.93 79.48
CA ALA GA 81 78.99 61.24 80.09
C ALA GA 81 79.29 61.24 81.61
N ARG GA 82 78.96 60.16 82.32
CA ARG GA 82 79.23 59.97 83.74
C ARG GA 82 80.73 59.86 84.02
N GLU GA 83 81.41 58.95 83.32
CA GLU GA 83 82.82 58.68 83.61
C GLU GA 83 83.75 59.77 83.07
N ARG GA 84 83.40 60.42 81.95
CA ARG GA 84 84.15 61.57 81.42
C ARG GA 84 83.88 62.86 82.19
N GLY GA 85 82.71 63.00 82.82
CA GLY GA 85 82.32 64.17 83.60
C GLY GA 85 81.89 65.40 82.76
N ASN GA 86 81.67 65.24 81.45
CA ASN GA 86 81.27 66.34 80.58
C ASN GA 86 79.78 66.68 80.75
N GLU GA 87 79.49 67.86 81.28
CA GLU GA 87 78.10 68.25 81.58
C GLU GA 87 77.23 68.41 80.33
N GLU GA 88 77.78 68.81 79.19
CA GLU GA 88 76.97 68.94 77.96
C GLU GA 88 76.50 67.59 77.45
N LEU GA 89 77.35 66.56 77.55
CA LEU GA 89 76.91 65.18 77.31
C LEU GA 89 75.86 64.76 78.34
N GLN GA 90 76.04 65.07 79.62
CA GLN GA 90 75.05 64.71 80.66
C GLN GA 90 73.69 65.38 80.41
N LYS GA 91 73.70 66.67 80.06
CA LYS GA 91 72.50 67.42 79.66
C LYS GA 91 71.83 66.76 78.46
N LYS GA 92 72.59 66.51 77.38
CA LYS GA 92 72.08 65.82 76.18
C LYS GA 92 71.43 64.50 76.55
N ALA GA 93 72.13 63.65 77.31
CA ALA GA 93 71.63 62.35 77.70
C ALA GA 93 70.33 62.47 78.51
N HIS GA 94 70.27 63.31 79.54
CA HIS GA 94 69.06 63.46 80.32
C HIS GA 94 67.89 63.97 79.48
N LYS GA 95 68.12 65.01 78.66
CA LYS GA 95 67.08 65.56 77.77
C LYS GA 95 66.58 64.51 76.79
N LEU GA 96 67.49 63.78 76.15
CA LEU GA 96 67.14 62.70 75.24
C LEU GA 96 66.34 61.62 75.98
N ALA GA 97 66.73 61.25 77.19
CA ALA GA 97 65.99 60.27 77.98
C ALA GA 97 64.58 60.77 78.29
N LYS GA 98 64.42 62.05 78.64
CA LYS GA 98 63.10 62.63 78.89
C LYS GA 98 62.26 62.62 77.61
N GLU GA 99 62.86 62.97 76.48
CA GLU GA 99 62.21 62.87 75.16
C GLU GA 99 61.78 61.43 74.88
N ALA GA 100 62.63 60.46 75.17
CA ALA GA 100 62.28 59.06 75.00
C ALA GA 100 61.10 58.70 75.91
N LEU GA 101 61.13 59.14 77.18
CA LEU GA 101 60.04 58.89 78.09
C LEU GA 101 58.74 59.46 77.55
N ARG GA 102 58.77 60.70 77.07
CA ARG GA 102 57.63 61.34 76.44
C ARG GA 102 57.11 60.49 75.27
N GLN GA 103 57.99 60.14 74.35
CA GLN GA 103 57.60 59.37 73.16
C GLN GA 103 57.05 58.00 73.52
N VAL GA 104 57.68 57.28 74.46
CA VAL GA 104 57.18 55.96 74.83
C VAL GA 104 55.85 56.09 75.54
N ILE GA 105 55.65 57.12 76.36
CA ILE GA 105 54.36 57.37 76.99
C ILE GA 105 53.31 57.59 75.93
N GLU GA 106 53.58 58.43 74.93
CA GLU GA 106 52.63 58.64 73.84
C GLU GA 106 52.32 57.32 73.13
N ILE GA 107 53.35 56.54 72.83
CA ILE GA 107 53.14 55.25 72.20
C ILE GA 107 52.34 54.34 73.13
N ALA GA 108 52.55 54.38 74.44
CA ALA GA 108 51.79 53.56 75.38
C ALA GA 108 50.32 53.96 75.40
N ILE GA 109 50.04 55.26 75.38
CA ILE GA 109 48.69 55.76 75.21
C ILE GA 109 48.13 55.22 73.89
N ARG GA 110 48.86 55.35 72.78
CA ARG GA 110 48.40 54.87 71.48
C ARG GA 110 48.18 53.36 71.47
N ALA GA 111 49.04 52.60 72.12
CA ALA GA 111 48.93 51.15 72.20
C ALA GA 111 47.64 50.75 72.92
N ILE GA 112 47.30 51.42 74.02
CA ILE GA 112 45.99 51.23 74.66
C ILE GA 112 44.89 51.67 73.71
N GLN GA 113 45.05 52.79 73.02
CA GLN GA 113 44.02 53.30 72.11
C GLN GA 113 43.73 52.33 70.95
N GLU GA 114 44.76 51.66 70.43
CA GLU GA 114 44.61 50.60 69.43
C GLU GA 114 44.27 49.23 70.06
N GLY GA 115 44.40 49.10 71.38
CA GLY GA 115 43.97 47.92 72.16
C GLY GA 115 44.92 46.72 72.14
N ASN GA 116 46.11 46.81 71.54
CA ASN GA 116 47.12 45.74 71.61
C ASN GA 116 47.88 45.81 72.95
N LEU GA 117 47.42 45.05 73.94
CA LEU GA 117 48.02 45.09 75.27
C LEU GA 117 49.44 44.54 75.29
N GLU GA 118 49.82 43.66 74.36
CA GLU GA 118 51.21 43.21 74.27
C GLU GA 118 52.14 44.34 73.85
N LEU GA 119 51.76 45.15 72.87
CA LEU GA 119 52.55 46.35 72.57
C LEU GA 119 52.63 47.24 73.79
N ALA GA 120 51.53 47.43 74.53
CA ALA GA 120 51.57 48.23 75.75
C ALA GA 120 52.54 47.63 76.77
N ILE GA 121 52.53 46.31 76.95
CA ILE GA 121 53.46 45.62 77.82
C ILE GA 121 54.90 45.86 77.37
N ILE GA 122 55.19 45.72 76.08
CA ILE GA 122 56.54 45.89 75.55
C ILE GA 122 56.98 47.33 75.77
N ALA GA 123 56.12 48.28 75.44
CA ALA GA 123 56.37 49.68 75.70
C ALA GA 123 56.65 49.90 77.19
N LEU GA 124 55.89 49.25 78.05
CA LEU GA 124 56.06 49.40 79.48
C LEU GA 124 57.40 48.80 79.92
N HIS GA 125 57.81 47.68 79.33
CA HIS GA 125 59.12 47.11 79.58
C HIS GA 125 60.21 48.12 79.21
N ILE GA 126 60.10 48.70 78.01
CA ILE GA 126 61.04 49.73 77.57
C ILE GA 126 60.98 50.92 78.52
N SER GA 127 59.82 51.25 79.03
CA SER GA 127 59.67 52.32 80.01
C SER GA 127 60.45 51.99 81.27
N VAL GA 128 60.40 50.76 81.74
CA VAL GA 128 61.23 50.35 82.87
C VAL GA 128 62.71 50.46 82.52
N ARG GA 129 63.12 50.10 81.30
CA ARG GA 129 64.51 50.33 80.89
C ARG GA 129 64.86 51.82 80.95
N ILE GA 130 63.97 52.67 80.47
CA ILE GA 130 64.14 54.12 80.57
C ILE GA 130 64.27 54.53 82.02
N ALA GA 131 63.48 53.95 82.91
CA ALA GA 131 63.59 54.24 84.32
C ALA GA 131 64.98 53.86 84.84
N GLU GA 132 65.53 52.72 84.48
CA GLU GA 132 66.90 52.35 84.88
C GLU GA 132 67.91 53.39 84.38
N VAL GA 133 67.82 53.76 83.10
CA VAL GA 133 68.74 54.74 82.52
C VAL GA 133 68.60 56.07 83.25
N LEU GA 134 67.37 56.54 83.45
CA LEU GA 134 67.12 57.75 84.19
C LEU GA 134 67.68 57.64 85.60
N LEU GA 135 67.47 56.53 86.29
CA LEU GA 135 67.93 56.35 87.66
C LEU GA 135 69.45 56.45 87.72
N GLU GA 136 70.14 55.81 86.78
CA GLU GA 136 71.58 55.93 86.71
C GLU GA 136 72.03 57.33 86.28
N THR GA 137 71.17 58.10 85.63
CA THR GA 137 71.44 59.49 85.22
C THR GA 137 71.23 60.49 86.37
N ARG GA 138 70.15 60.37 87.15
CA ARG GA 138 69.69 61.35 88.14
C ARG GA 138 69.35 60.68 89.49
N PRO GA 139 70.31 60.58 90.43
CA PRO GA 139 70.04 60.13 91.79
C PRO GA 139 69.38 61.20 92.68
N ASP GA 140 69.36 62.46 92.24
CA ASP GA 140 68.88 63.63 92.96
C ASP GA 140 67.39 63.94 92.73
N ASP GA 141 66.93 63.95 91.47
CA ASP GA 141 65.56 64.31 91.10
C ASP GA 141 64.56 63.16 91.33
N ARG GA 142 64.35 62.83 92.61
CA ARG GA 142 63.36 61.83 93.04
C ARG GA 142 61.95 62.15 92.54
N GLU GA 143 61.66 63.42 92.27
CA GLU GA 143 60.35 63.86 91.84
C GLU GA 143 60.07 63.42 90.41
N GLU GA 144 61.00 63.64 89.48
CA GLU GA 144 60.87 63.11 88.12
C GLU GA 144 60.68 61.59 88.15
N ILE GA 145 61.48 60.91 88.97
CA ILE GA 145 61.37 59.46 89.13
C ILE GA 145 59.99 59.10 89.67
N ARG GA 146 59.54 59.74 90.75
CA ARG GA 146 58.23 59.46 91.32
C ARG GA 146 57.13 59.77 90.32
N GLU GA 147 57.25 60.82 89.53
CA GLU GA 147 56.28 61.09 88.47
C GLU GA 147 56.22 59.93 87.49
N GLN GA 148 57.37 59.48 86.99
CA GLN GA 148 57.41 58.33 86.12
C GLN GA 148 56.79 57.11 86.81
N GLN GA 149 57.10 56.89 88.08
CA GLN GA 149 56.53 55.79 88.84
C GLN GA 149 55.02 55.93 88.97
N ALA GA 150 54.51 57.12 89.23
CA ALA GA 150 53.09 57.36 89.32
C ALA GA 150 52.43 57.07 87.98
N ILE GA 151 53.04 57.53 86.90
CA ILE GA 151 52.56 57.26 85.55
C ILE GA 151 52.53 55.76 85.32
N PHE GA 152 53.60 55.07 85.66
CA PHE GA 152 53.67 53.61 85.58
C PHE GA 152 52.55 52.98 86.39
N GLU GA 153 52.34 53.41 87.64
CA GLU GA 153 51.34 52.82 88.51
C GLU GA 153 49.95 53.02 87.93
N LEU GA 154 49.65 54.21 87.44
CA LEU GA 154 48.39 54.50 86.78
C LEU GA 154 48.24 53.57 85.57
N LEU GA 155 49.28 53.49 84.74
CA LEU GA 155 49.24 52.69 83.53
C LEU GA 155 49.02 51.22 83.88
N ILE GA 156 49.73 50.71 84.87
CA ILE GA 156 49.51 49.35 85.36
C ILE GA 156 48.08 49.19 85.84
N ALA GA 157 47.56 50.12 86.62
CA ALA GA 157 46.19 50.00 87.11
C ALA GA 157 45.23 49.89 85.92
N ALA GA 158 45.43 50.74 84.91
CA ALA GA 158 44.64 50.72 83.70
C ALA GA 158 44.77 49.35 83.01
N LEU GA 159 45.98 48.85 82.86
CA LEU GA 159 46.19 47.55 82.25
C LEU GA 159 45.59 46.41 83.08
N GLU GA 160 45.59 46.48 84.41
CA GLU GA 160 44.98 45.44 85.23
C GLU GA 160 43.48 45.41 85.01
N ALA GA 161 42.84 46.57 84.98
CA ALA GA 161 41.46 46.64 84.54
C ALA GA 161 41.34 46.08 83.12
N ALA GA 162 42.25 46.44 82.22
CA ALA GA 162 42.16 46.06 80.82
C ALA GA 162 42.15 44.54 80.66
N ILE GA 163 43.14 43.87 81.22
CA ILE GA 163 43.23 42.42 81.09
C ILE GA 163 42.09 41.78 81.88
N ARG GA 164 41.66 42.33 83.01
CA ARG GA 164 40.50 41.80 83.72
C ARG GA 164 39.27 41.83 82.84
N LEU GA 165 39.00 42.96 82.17
CA LEU GA 165 37.90 43.04 81.22
C LEU GA 165 38.10 42.05 80.08
N GLU GA 166 39.30 41.96 79.50
CA GLU GA 166 39.57 41.00 78.42
C GLU GA 166 39.27 39.58 78.88
N LYS GA 167 39.67 39.22 80.10
CA LYS GA 167 39.36 37.92 80.71
C LYS GA 167 37.85 37.73 80.82
N LEU GA 168 37.13 38.66 81.41
CA LEU GA 168 35.69 38.54 81.56
C LEU GA 168 35.00 38.44 80.19
N LYS GA 169 35.50 39.16 79.19
CA LYS GA 169 35.04 39.10 77.79
C LYS GA 169 35.29 37.70 77.21
N GLU GA 170 36.49 37.17 77.37
CA GLU GA 170 36.82 35.82 76.91
C GLU GA 170 35.99 34.74 77.61
N GLU GA 171 35.74 34.90 78.91
CA GLU GA 171 34.92 33.99 79.72
C GLU GA 171 33.41 34.13 79.47
N GLY GA 172 32.95 35.18 78.78
CA GLY GA 172 31.53 35.43 78.54
C GLY GA 172 30.73 35.78 79.81
N ALA GA 173 31.35 36.54 80.72
CA ALA GA 173 30.76 36.92 82.02
C ALA GA 173 29.42 37.71 81.87
N PRO GA 174 28.54 37.69 82.90
CA PRO GA 174 27.33 38.51 82.88
C PRO GA 174 27.70 39.99 82.89
N PRO GA 175 27.14 40.82 81.99
CA PRO GA 175 27.50 42.23 81.89
C PRO GA 175 27.39 43.01 83.19
N GLU GA 176 26.50 42.62 84.10
CA GLU GA 176 26.41 43.22 85.44
C GLU GA 176 27.74 43.14 86.20
N GLN GA 177 28.40 41.99 86.20
CA GLN GA 177 29.71 41.85 86.82
C GLN GA 177 30.73 42.74 86.10
N ILE GA 178 30.69 42.77 84.77
CA ILE GA 178 31.59 43.61 83.97
C ILE GA 178 31.42 45.08 84.37
N GLU GA 179 30.18 45.53 84.51
CA GLU GA 179 29.87 46.90 84.90
C GLU GA 179 30.38 47.21 86.32
N ARG GA 180 30.21 46.30 87.29
CA ARG GA 180 30.76 46.49 88.63
C ARG GA 180 32.28 46.62 88.59
N VAL GA 181 32.95 45.76 87.82
CA VAL GA 181 34.39 45.84 87.64
C VAL GA 181 34.77 47.17 86.98
N ALA GA 182 34.07 47.58 85.93
CA ALA GA 182 34.38 48.81 85.21
C ALA GA 182 34.25 50.03 86.15
N GLU GA 183 33.17 50.12 86.91
CA GLU GA 183 33.02 51.17 87.92
C GLU GA 183 34.18 51.12 88.91
N HIS GA 184 34.49 49.95 89.45
CA HIS GA 184 35.59 49.83 90.42
C HIS GA 184 36.91 50.33 89.80
N GLY GA 185 37.15 49.98 88.54
CA GLY GA 185 38.29 50.47 87.78
C GLY GA 185 38.28 51.98 87.68
N LEU GA 186 37.20 52.57 87.17
CA LEU GA 186 37.09 54.01 87.04
C LEU GA 186 37.28 54.71 88.40
N GLU GA 187 36.61 54.24 89.45
CA GLU GA 187 36.75 54.80 90.79
C GLU GA 187 38.19 54.73 91.28
N ARG GA 188 38.81 53.56 91.19
CA ARG GA 188 40.21 53.40 91.58
C ARG GA 188 41.09 54.35 90.78
N LEU GA 189 40.90 54.41 89.47
CA LEU GA 189 41.67 55.30 88.60
C LEU GA 189 41.50 56.76 89.03
N LYS GA 190 40.28 57.16 89.34
CA LYS GA 190 39.98 58.49 89.84
C LYS GA 190 40.72 58.76 91.14
N GLU GA 191 40.69 57.83 92.09
CA GLU GA 191 41.44 57.99 93.34
C GLU GA 191 42.94 58.09 93.06
N ILE GA 192 43.48 57.26 92.17
CA ILE GA 192 44.89 57.36 91.78
C ILE GA 192 45.15 58.76 91.21
N ALA GA 193 44.31 59.23 90.29
CA ALA GA 193 44.50 60.54 89.70
C ALA GA 193 44.47 61.64 90.76
N LYS GA 194 43.56 61.53 91.73
CA LYS GA 194 43.50 62.45 92.86
C LYS GA 194 44.83 62.44 93.61
N GLU GA 195 45.31 61.27 93.99
CA GLU GA 195 46.58 61.17 94.70
C GLU GA 195 47.73 61.74 93.88
N ILE GA 196 47.79 61.45 92.57
CA ILE GA 196 48.78 62.04 91.67
C ILE GA 196 48.67 63.56 91.72
N SER GA 197 47.47 64.11 91.63
CA SER GA 197 47.28 65.56 91.68
C SER GA 197 47.73 66.17 93.02
N LYS GA 198 47.62 65.42 94.12
CA LYS GA 198 48.16 65.85 95.41
C LYS GA 198 49.68 65.85 95.41
N GLU GA 199 50.31 64.90 94.72
CA GLU GA 199 51.75 64.81 94.67
C GLU GA 199 52.38 65.82 93.70
N VAL GA 200 51.97 65.83 92.43
CA VAL GA 200 52.77 66.43 91.35
C VAL GA 200 52.48 67.92 91.12
N ASP GA 201 53.46 68.63 90.56
CA ASP GA 201 53.29 70.02 90.09
C ASP GA 201 53.78 70.27 88.64
N SER GA 202 54.37 69.28 87.96
CA SER GA 202 54.71 69.42 86.53
C SER GA 202 53.43 69.45 85.68
N PRO GA 203 53.23 70.49 84.85
CA PRO GA 203 52.00 70.61 84.07
C PRO GA 203 51.94 69.51 83.02
N GLU GA 204 53.06 69.22 82.35
CA GLU GA 204 53.13 68.13 81.40
C GLU GA 204 52.80 66.80 82.07
N SER GA 205 53.27 66.58 83.30
CA SER GA 205 52.95 65.33 84.01
C SER GA 205 51.44 65.18 84.20
N LYS GA 206 50.75 66.24 84.64
CA LYS GA 206 49.30 66.21 84.78
C LYS GA 206 48.64 66.01 83.42
N ARG GA 207 49.15 66.67 82.38
CA ARG GA 207 48.61 66.57 81.01
C ARG GA 207 48.66 65.12 80.54
N ILE GA 208 49.82 64.50 80.66
CA ILE GA 208 50.02 63.09 80.43
C ILE GA 208 49.03 62.29 81.26
N ALA GA 209 48.96 62.56 82.56
CA ALA GA 209 48.12 61.77 83.44
C ALA GA 209 46.68 61.80 82.97
N TYR GA 210 46.14 62.99 82.71
CA TYR GA 210 44.76 63.09 82.27
C TYR GA 210 44.57 62.34 80.96
N LYS GA 211 45.49 62.48 80.00
CA LYS GA 211 45.40 61.73 78.74
C LYS GA 211 45.36 60.24 78.99
N ILE GA 212 46.19 59.74 79.90
CA ILE GA 212 46.15 58.32 80.26
C ILE GA 212 44.77 57.99 80.82
N VAL GA 213 44.26 58.78 81.77
CA VAL GA 213 42.95 58.50 82.36
C VAL GA 213 41.89 58.46 81.27
N ALA GA 214 41.89 59.46 80.40
CA ALA GA 214 40.94 59.55 79.32
C ALA GA 214 41.03 58.32 78.43
N ALA GA 215 42.23 57.93 78.05
CA ALA GA 215 42.44 56.73 77.26
C ALA GA 215 41.92 55.50 78.01
N ALA GA 216 42.10 55.42 79.32
CA ALA GA 216 41.62 54.29 80.10
C ALA GA 216 40.09 54.21 80.04
N ALA GA 217 39.42 55.33 80.24
CA ALA GA 217 37.97 55.33 80.09
C ALA GA 217 37.56 54.94 78.66
N GLU GA 218 38.20 55.53 77.65
CA GLU GA 218 37.89 55.25 76.25
C GLU GA 218 38.04 53.77 75.95
N PHE GA 219 39.15 53.17 76.37
CA PHE GA 219 39.38 51.74 76.20
C PHE GA 219 38.31 50.91 76.91
N LEU GA 220 38.01 51.22 78.17
CA LEU GA 220 36.97 50.51 78.91
C LEU GA 220 35.67 50.52 78.14
N LEU GA 221 35.27 51.69 77.64
CA LEU GA 221 34.07 51.82 76.84
C LEU GA 221 34.15 50.98 75.58
N LYS GA 222 35.28 51.02 74.84
CA LYS GA 222 35.42 50.21 73.63
C LYS GA 222 35.32 48.72 73.93
N ILE GA 223 35.98 48.23 74.97
CA ILE GA 223 35.90 46.81 75.33
C ILE GA 223 34.50 46.46 75.77
N LEU GA 224 33.83 47.30 76.56
CA LEU GA 224 32.44 47.07 76.94
C LEU GA 224 31.55 46.97 75.71
N ALA GA 225 31.74 47.84 74.72
CA ALA GA 225 30.99 47.83 73.48
C ALA GA 225 31.24 46.57 72.64
N GLU GA 226 32.49 46.12 72.52
CA GLU GA 226 32.80 44.82 71.91
C GLU GA 226 32.12 43.68 72.66
N GLY GA 227 32.00 43.80 73.99
CA GLY GA 227 31.32 42.85 74.86
C GLY GA 227 29.80 42.77 74.62
N GLY GA 228 29.21 43.68 73.85
CA GLY GA 228 27.80 43.63 73.48
C GLY GA 228 26.81 43.89 74.62
N ALA GA 229 27.24 44.58 75.69
CA ALA GA 229 26.35 44.97 76.80
C ALA GA 229 25.18 45.86 76.31
N THR GA 230 24.01 45.76 76.95
CA THR GA 230 22.80 46.44 76.46
C THR GA 230 22.92 47.97 76.62
N PRO GA 231 22.28 48.76 75.75
CA PRO GA 231 22.50 50.20 75.65
C PRO GA 231 22.35 50.96 76.98
N GLU GA 232 21.48 50.52 77.86
CA GLU GA 232 21.26 51.13 79.17
C GLU GA 232 22.56 51.09 79.99
N GLN GA 233 23.25 49.97 79.97
CA GLN GA 233 24.52 49.83 80.66
C GLN GA 233 25.59 50.66 79.97
N LEU GA 234 25.61 50.69 78.64
CA LEU GA 234 26.57 51.50 77.89
C LEU GA 234 26.43 52.97 78.31
N GLU GA 235 25.21 53.50 78.31
CA GLU GA 235 24.95 54.86 78.74
C GLU GA 235 25.33 55.04 80.21
N ARG GA 236 24.98 54.09 81.10
CA ARG GA 236 25.30 54.19 82.53
C ARG GA 236 26.80 54.33 82.75
N VAL GA 237 27.59 53.45 82.12
CA VAL GA 237 29.04 53.55 82.23
C VAL GA 237 29.53 54.82 81.56
N THR GA 238 28.94 55.23 80.44
CA THR GA 238 29.32 56.47 79.77
C THR GA 238 29.12 57.66 80.69
N GLU GA 239 27.97 57.74 81.37
CA GLU GA 239 27.68 58.78 82.32
C GLU GA 239 28.70 58.75 83.44
N HIS GA 240 28.97 57.58 84.01
CA HIS GA 240 29.95 57.47 85.07
C HIS GA 240 31.33 57.92 84.58
N ALA GA 241 31.68 57.58 83.34
CA ALA GA 241 32.94 57.95 82.74
C ALA GA 241 33.01 59.47 82.57
N LEU GA 242 31.98 60.07 81.98
CA LEU GA 242 31.90 61.52 81.86
C LEU GA 242 32.02 62.17 83.24
N GLU GA 243 31.32 61.65 84.24
CA GLU GA 243 31.34 62.20 85.59
C GLU GA 243 32.76 62.16 86.16
N VAL GA 244 33.44 61.02 86.03
CA VAL GA 244 34.84 60.90 86.42
C VAL GA 244 35.69 61.87 85.62
N LEU GA 245 35.52 61.93 84.30
CA LEU GA 245 36.32 62.80 83.47
C LEU GA 245 36.17 64.24 83.94
N LYS GA 246 34.94 64.65 84.24
CA LYS GA 246 34.63 65.98 84.77
C LYS GA 246 35.34 66.20 86.09
N GLU GA 247 35.19 65.26 87.02
CA GLU GA 247 35.79 65.40 88.34
C GLU GA 247 37.31 65.54 88.22
N VAL GA 248 37.94 64.61 87.49
CA VAL GA 248 39.39 64.59 87.36
C VAL GA 248 39.87 65.80 86.55
N ALA GA 249 39.11 66.22 85.54
CA ALA GA 249 39.43 67.46 84.83
C ALA GA 249 39.44 68.63 85.80
N LYS GA 250 38.38 68.81 86.59
CA LYS GA 250 38.32 69.90 87.56
C LYS GA 250 39.48 69.83 88.55
N GLU GA 251 39.78 68.62 89.03
CA GLU GA 251 40.84 68.43 90.02
C GLU GA 251 42.21 68.78 89.45
N LEU GA 252 42.53 68.33 88.23
CA LEU GA 252 43.87 68.48 87.66
C LEU GA 252 44.07 69.80 86.91
N ALA GA 253 43.10 70.21 86.08
CA ALA GA 253 43.33 71.20 85.03
C ALA GA 253 43.52 72.62 85.58
N ASP GA 254 44.50 73.34 85.03
CA ASP GA 254 44.86 74.70 85.41
C ASP GA 254 45.40 75.55 84.25
N SER GA 255 46.39 75.05 83.48
CA SER GA 255 46.86 75.75 82.29
C SER GA 255 45.78 75.76 81.21
N PRO GA 256 45.60 76.84 80.46
CA PRO GA 256 44.50 76.92 79.51
C PRO GA 256 44.68 75.90 78.39
N GLU GA 257 45.91 75.57 78.02
CA GLU GA 257 46.18 74.47 77.11
C GLU GA 257 45.66 73.14 77.67
N SER GA 258 45.81 72.89 78.98
CA SER GA 258 45.25 71.68 79.59
C SER GA 258 43.73 71.67 79.46
N VAL GA 259 43.06 72.82 79.59
CA VAL GA 259 41.62 72.89 79.37
C VAL GA 259 41.31 72.54 77.92
N ARG GA 260 42.04 73.11 76.97
CA ARG GA 260 41.83 72.84 75.54
C ARG GA 260 41.93 71.35 75.24
N GLU GA 261 42.95 70.72 75.80
CA GLU GA 261 43.09 69.27 75.72
C GLU GA 261 41.91 68.57 76.41
N ALA GA 262 41.55 68.99 77.62
CA ALA GA 262 40.52 68.33 78.40
C ALA GA 262 39.19 68.33 77.65
N VAL GA 263 38.80 69.49 77.12
CA VAL GA 263 37.58 69.61 76.33
C VAL GA 263 37.68 68.69 75.12
N ARG GA 264 38.82 68.71 74.41
CA ARG GA 264 39.00 67.83 73.26
C ARG GA 264 38.79 66.37 73.66
N LEU GA 265 39.38 65.93 74.75
CA LEU GA 265 39.24 64.57 75.24
C LEU GA 265 37.79 64.27 75.60
N ILE GA 266 37.12 65.15 76.33
CA ILE GA 266 35.74 64.92 76.72
C ILE GA 266 34.90 64.78 75.46
N SER GA 267 35.13 65.65 74.48
CA SER GA 267 34.43 65.59 73.21
C SER GA 267 34.69 64.25 72.52
N LYS GA 268 35.95 63.79 72.49
CA LYS GA 268 36.30 62.52 71.88
C LYS GA 268 35.53 61.39 72.56
N LEU GA 269 35.57 61.32 73.89
CA LEU GA 269 34.86 60.28 74.63
C LEU GA 269 33.35 60.36 74.38
N THR GA 270 32.83 61.56 74.27
CA THR GA 270 31.43 61.75 73.91
C THR GA 270 31.17 61.18 72.51
N GLN GA 271 32.00 61.52 71.53
CA GLN GA 271 31.86 61.05 70.16
C GLN GA 271 31.89 59.53 70.10
N GLU GA 272 32.83 58.91 70.78
CA GLU GA 272 32.89 57.46 70.84
C GLU GA 272 31.60 56.88 71.43
N GLY GA 273 31.11 57.45 72.53
CA GLY GA 273 29.88 56.98 73.14
C GLY GA 273 28.70 57.06 72.17
N LEU GA 274 28.57 58.19 71.48
CA LEU GA 274 27.51 58.38 70.50
C LEU GA 274 27.66 57.37 69.35
N LYS GA 275 28.88 57.19 68.83
CA LYS GA 275 29.13 56.20 67.77
C LYS GA 275 28.79 54.79 68.23
N GLN GA 276 29.04 54.45 69.49
CA GLN GA 276 28.65 53.15 70.05
C GLN GA 276 27.14 52.99 70.12
N LEU GA 277 26.40 54.01 70.58
CA LEU GA 277 24.94 53.95 70.57
C LEU GA 277 24.37 53.83 69.14
N LYS GA 278 24.99 54.50 68.16
CA LYS GA 278 24.66 54.32 66.74
C LYS GA 278 24.92 52.88 66.31
N GLU GA 279 26.10 52.34 66.61
CA GLU GA 279 26.50 51.00 66.19
C GLU GA 279 25.60 49.90 66.75
N ILE GA 280 25.21 49.98 68.03
CA ILE GA 280 24.31 48.98 68.64
C ILE GA 280 22.85 49.16 68.20
N GLY GA 281 22.50 50.28 67.57
CA GLY GA 281 21.14 50.57 67.11
C GLY GA 281 20.17 50.95 68.24
N ALA GA 282 20.64 51.68 69.25
CA ALA GA 282 19.83 52.13 70.38
C ALA GA 282 18.68 53.08 69.96
N PRO GA 283 17.58 53.15 70.73
CA PRO GA 283 16.54 54.15 70.49
C PRO GA 283 17.12 55.56 70.75
N PRO GA 284 16.91 56.53 69.85
CA PRO GA 284 17.48 57.87 69.96
C PRO GA 284 17.22 58.60 71.27
N GLU GA 285 16.25 58.18 72.08
CA GLU GA 285 16.08 58.69 73.45
C GLU GA 285 17.37 58.59 74.25
N GLN GA 286 18.08 57.47 74.16
CA GLN GA 286 19.39 57.33 74.82
C GLN GA 286 20.42 58.29 74.21
N ILE GA 287 20.39 58.46 72.89
CA ILE GA 287 21.34 59.33 72.18
C ILE GA 287 21.15 60.77 72.66
N GLU GA 288 19.90 61.22 72.73
CA GLU GA 288 19.54 62.55 73.22
C GLU GA 288 19.98 62.73 74.68
N ARG GA 289 19.80 61.71 75.53
CA ARG GA 289 20.32 61.76 76.90
C ARG GA 289 21.83 61.96 76.89
N VAL GA 290 22.58 61.16 76.13
CA VAL GA 290 24.03 61.34 76.02
C VAL GA 290 24.36 62.75 75.51
N ALA GA 291 23.63 63.23 74.49
CA ALA GA 291 23.90 64.54 73.94
C ALA GA 291 23.76 65.61 75.04
N GLU GA 292 22.64 65.60 75.77
CA GLU GA 292 22.46 66.54 76.87
C GLU GA 292 23.56 66.38 77.91
N HIS GA 293 23.80 65.15 78.37
CA HIS GA 293 24.74 64.90 79.45
C HIS GA 293 26.13 65.38 79.04
N GLY GA 294 26.55 65.08 77.82
CA GLY GA 294 27.81 65.52 77.26
C GLY GA 294 27.87 67.04 77.18
N LEU GA 295 26.88 67.67 76.57
CA LEU GA 295 26.86 69.12 76.46
C LEU GA 295 26.87 69.78 77.84
N GLU GA 296 26.13 69.25 78.81
CA GLU GA 296 26.12 69.77 80.18
C GLU GA 296 27.52 69.70 80.78
N VAL GA 297 28.15 68.53 80.71
CA VAL GA 297 29.53 68.37 81.20
C VAL GA 297 30.46 69.33 80.49
N LEU GA 298 30.37 69.42 79.18
CA LEU GA 298 31.22 70.29 78.39
C LEU GA 298 31.06 71.72 78.87
N LYS GA 299 29.83 72.17 79.03
CA LYS GA 299 29.50 73.49 79.55
C LYS GA 299 30.08 73.69 80.94
N GLU GA 300 29.92 72.74 81.84
CA GLU GA 300 30.46 72.87 83.20
C GLU GA 300 31.99 73.00 83.18
N ILE GA 301 32.66 72.19 82.35
CA ILE GA 301 34.11 72.27 82.23
C ILE GA 301 34.50 73.57 81.56
N ALA GA 302 33.83 73.96 80.49
CA ALA GA 302 34.10 75.21 79.81
C ALA GA 302 34.00 76.37 80.79
N LYS GA 303 32.96 76.38 81.61
CA LYS GA 303 32.78 77.36 82.69
C LYS GA 303 33.97 77.32 83.63
N TYR GA 304 34.28 76.17 84.22
CA TYR GA 304 35.40 76.04 85.15
C TYR GA 304 36.68 76.58 84.54
N GLY GA 305 37.03 76.09 83.36
CA GLY GA 305 38.25 76.48 82.67
C GLY GA 305 38.28 77.97 82.38
N SER GA 306 37.15 78.54 81.96
CA SER GA 306 37.06 79.96 81.62
C SER GA 306 37.53 80.84 82.77
N LYS GA 307 37.27 80.46 84.03
CA LYS GA 307 37.70 81.24 85.20
C LYS GA 307 39.22 81.35 85.34
N LEU GA 308 39.98 80.49 84.68
CA LEU GA 308 41.44 80.52 84.64
C LEU GA 308 42.00 81.06 83.29
N THR GA 309 41.15 81.31 82.30
CA THR GA 309 41.61 81.77 80.96
C THR GA 309 42.06 83.23 80.92
N ASP GA 310 42.90 83.55 79.95
CA ASP GA 310 43.34 84.91 79.59
C ASP GA 310 43.36 85.15 78.06
N SER GA 311 43.92 84.23 77.27
CA SER GA 311 44.06 84.38 75.81
C SER GA 311 42.71 84.38 75.09
N PRO GA 312 42.35 85.48 74.40
CA PRO GA 312 41.14 85.52 73.57
C PRO GA 312 41.17 84.45 72.47
N GLU GA 313 42.34 84.20 71.88
CA GLU GA 313 42.47 83.19 70.83
C GLU GA 313 42.16 81.80 71.39
N LEU GA 314 42.63 81.49 72.59
CA LEU GA 314 42.33 80.20 73.20
C LEU GA 314 40.85 80.11 73.58
N LYS GA 315 40.27 81.17 74.16
CA LYS GA 315 38.81 81.23 74.35
C LYS GA 315 38.09 80.91 73.04
N ARG GA 316 38.46 81.58 71.96
CA ARG GA 316 37.86 81.39 70.62
C ARG GA 316 38.00 79.95 70.16
N GLU GA 317 39.17 79.36 70.33
CA GLU GA 317 39.38 77.95 70.03
C GLU GA 317 38.46 77.05 70.86
N LEU GA 318 38.31 77.30 72.16
CA LEU GA 318 37.39 76.52 72.98
C LEU GA 318 35.99 76.61 72.40
N TYR GA 319 35.55 77.81 72.09
CA TYR GA 319 34.24 77.99 71.49
C TYR GA 319 34.13 77.23 70.17
N ARG GA 320 35.15 77.33 69.32
CA ARG GA 320 35.19 76.63 68.04
C ARG GA 320 35.00 75.15 68.27
N ILE GA 321 35.80 74.56 69.16
CA ILE GA 321 35.70 73.13 69.49
C ILE GA 321 34.30 72.81 69.98
N ILE GA 322 33.73 73.63 70.85
CA ILE GA 322 32.40 73.37 71.37
C ILE GA 322 31.39 73.34 70.23
N SER GA 323 31.47 74.32 69.33
CA SER GA 323 30.60 74.36 68.17
C SER GA 323 30.83 73.19 67.22
N GLU GA 324 32.07 72.80 66.96
CA GLU GA 324 32.36 71.61 66.17
C GLU GA 324 31.75 70.39 66.84
N THR GA 325 31.80 70.33 68.16
CA THR GA 325 31.22 69.22 68.93
C THR GA 325 29.72 69.19 68.70
N ALA GA 326 29.05 70.33 68.85
CA ALA GA 326 27.63 70.40 68.58
C ALA GA 326 27.31 69.94 67.15
N LYS GA 327 28.09 70.42 66.17
CA LYS GA 327 27.89 70.04 64.76
C LYS GA 327 28.06 68.55 64.56
N GLU GA 328 29.09 67.97 65.15
CA GLU GA 328 29.30 66.53 65.10
C GLU GA 328 28.14 65.78 65.75
N LEU GA 329 27.68 66.25 66.92
CA LEU GA 329 26.54 65.65 67.63
C LEU GA 329 25.31 65.64 66.75
N LEU GA 330 24.97 66.77 66.13
CA LEU GA 330 23.82 66.84 65.24
C LEU GA 330 24.01 65.93 64.03
N LYS GA 331 25.21 65.90 63.43
CA LYS GA 331 25.49 65.05 62.28
C LYS GA 331 25.24 63.59 62.63
N ILE GA 332 25.78 63.14 63.77
CA ILE GA 332 25.57 61.77 64.24
C ILE GA 332 24.08 61.52 64.50
N LEU GA 333 23.38 62.46 65.14
CA LEU GA 333 21.96 62.29 65.42
C LEU GA 333 21.14 62.15 64.13
N ALA GA 334 21.47 62.93 63.10
CA ALA GA 334 20.86 62.84 61.78
C ALA GA 334 21.20 61.52 61.07
N GLU GA 335 22.44 61.06 61.14
CA GLU GA 335 22.79 59.70 60.68
C GLU GA 335 22.02 58.62 61.47
N GLY GA 336 21.71 58.89 62.74
CA GLY GA 336 20.89 58.05 63.60
C GLY GA 336 19.40 58.01 63.22
N GLY GA 337 18.97 58.80 62.23
CA GLY GA 337 17.59 58.79 61.72
C GLY GA 337 16.54 59.30 62.70
N ALA GA 338 16.93 60.10 63.70
CA ALA GA 338 16.02 60.65 64.71
C ALA GA 338 15.01 61.66 64.12
N THR GA 339 13.91 61.91 64.83
CA THR GA 339 12.86 62.82 64.35
C THR GA 339 13.31 64.28 64.33
N PRO GA 340 12.67 65.14 63.52
CA PRO GA 340 12.83 66.58 63.61
C PRO GA 340 12.65 67.12 65.04
N GLU GA 341 11.80 66.50 65.86
CA GLU GA 341 11.60 66.92 67.25
C GLU GA 341 12.83 66.67 68.13
N GLN GA 342 13.50 65.54 67.96
CA GLN GA 342 14.78 65.31 68.64
C GLN GA 342 15.85 66.29 68.13
N LEU GA 343 15.91 66.51 66.81
CA LEU GA 343 16.86 67.47 66.23
C LEU GA 343 16.61 68.88 66.78
N GLU GA 344 15.36 69.30 66.88
CA GLU GA 344 14.97 70.56 67.53
C GLU GA 344 15.46 70.58 68.97
N ARG GA 345 15.06 69.59 69.79
CA ARG GA 345 15.41 69.53 71.21
C ARG GA 345 16.90 69.71 71.43
N VAL GA 346 17.70 68.94 70.69
CA VAL GA 346 19.16 69.01 70.79
C VAL GA 346 19.68 70.33 70.23
N THR GA 347 19.19 70.80 69.09
CA THR GA 347 19.67 72.06 68.51
C THR GA 347 19.42 73.21 69.48
N LYS GA 348 18.23 73.26 70.06
CA LYS GA 348 17.85 74.26 71.05
C LYS GA 348 18.79 74.19 72.24
N HIS GA 349 18.98 73.00 72.80
CA HIS GA 349 19.89 72.83 73.91
C HIS GA 349 21.30 73.29 73.55
N ALA GA 350 21.78 72.92 72.36
CA ALA GA 350 23.10 73.30 71.92
C ALA GA 350 23.23 74.82 71.79
N LEU GA 351 22.24 75.47 71.18
CA LEU GA 351 22.23 76.92 71.10
C LEU GA 351 22.25 77.52 72.50
N GLU GA 352 21.44 77.01 73.43
CA GLU GA 352 21.42 77.51 74.81
C GLU GA 352 22.77 77.33 75.48
N VAL GA 353 23.39 76.17 75.33
CA VAL GA 353 24.73 75.93 75.86
C VAL GA 353 25.71 76.92 75.25
N LEU GA 354 25.70 77.07 73.93
CA LEU GA 354 26.59 78.01 73.27
C LEU GA 354 26.35 79.41 73.82
N LYS GA 355 25.11 79.81 74.04
CA LYS GA 355 24.77 81.11 74.60
C LYS GA 355 25.35 81.25 75.99
N GLU GA 356 25.12 80.28 76.86
CA GLU GA 356 25.66 80.32 78.22
C GLU GA 356 27.18 80.39 78.20
N VAL GA 357 27.83 79.60 77.35
CA VAL GA 357 29.28 79.62 77.22
C VAL GA 357 29.71 80.99 76.70
N ALA GA 358 29.02 81.57 75.73
CA ALA GA 358 29.37 82.90 75.25
C ALA GA 358 29.26 83.92 76.38
N LYS GA 359 28.19 83.85 77.20
CA LYS GA 359 27.97 84.75 78.33
C LYS GA 359 29.08 84.62 79.37
N GLU GA 360 29.60 83.42 79.61
CA GLU GA 360 30.78 83.24 80.46
C GLU GA 360 32.06 83.77 79.78
N LEU GA 361 32.17 83.61 78.47
CA LEU GA 361 33.38 83.86 77.70
C LEU GA 361 33.63 85.35 77.47
N ALA GA 362 32.62 86.04 76.94
CA ALA GA 362 32.83 87.24 76.13
C ALA GA 362 33.22 88.49 76.93
N ASP GA 363 34.30 89.14 76.50
CA ASP GA 363 34.90 90.35 77.10
C ASP GA 363 35.26 91.44 76.06
N SER GA 364 35.17 91.13 74.77
CA SER GA 364 35.26 92.07 73.63
C SER GA 364 34.20 91.70 72.59
N PRO GA 365 33.58 92.68 71.89
CA PRO GA 365 32.64 92.40 70.81
C PRO GA 365 33.31 91.64 69.65
N GLU GA 366 34.63 91.66 69.54
CA GLU GA 366 35.36 90.85 68.57
C GLU GA 366 35.10 89.36 68.83
N SER GA 367 35.25 88.94 70.09
CA SER GA 367 34.86 87.59 70.52
C SER GA 367 33.35 87.39 70.36
N GLY GA 368 32.55 88.44 70.57
CA GLY GA 368 31.11 88.40 70.33
C GLY GA 368 30.82 87.99 68.89
N LEU GA 369 31.45 88.65 67.92
CA LEU GA 369 31.27 88.31 66.50
C LEU GA 369 31.71 86.88 66.25
N ALA GA 370 32.84 86.44 66.77
CA ALA GA 370 33.25 85.05 66.58
C ALA GA 370 32.20 84.08 67.14
N ALA GA 371 31.72 84.30 68.35
CA ALA GA 371 30.73 83.44 68.98
C ALA GA 371 29.42 83.46 68.18
N LEU GA 372 28.98 84.65 67.80
CA LEU GA 372 27.84 84.83 66.91
C LEU GA 372 28.03 84.02 65.64
N ALA GA 373 29.17 84.13 64.99
CA ALA GA 373 29.42 83.46 63.74
C ALA GA 373 29.31 81.94 63.91
N ALA GA 374 29.90 81.43 64.99
CA ALA GA 374 29.75 80.02 65.31
C ALA GA 374 28.28 79.66 65.54
N ILE GA 375 27.53 80.44 66.33
CA ILE GA 375 26.11 80.19 66.57
C ILE GA 375 25.39 80.14 65.23
N ALA GA 376 25.61 81.13 64.38
CA ALA GA 376 24.99 81.20 63.08
C ALA GA 376 25.33 79.96 62.26
N SER GA 377 26.60 79.54 62.26
CA SER GA 377 26.97 78.34 61.51
C SER GA 377 26.22 77.13 62.04
N LEU GA 378 26.05 77.03 63.36
CA LEU GA 378 25.33 75.92 63.97
C LEU GA 378 23.88 75.94 63.52
N ALA GA 379 23.26 77.12 63.55
CA ALA GA 379 21.92 77.26 63.04
C ALA GA 379 21.85 76.83 61.56
N LYS GA 380 22.83 77.23 60.75
CA LYS GA 380 22.89 76.88 59.33
C LYS GA 380 22.98 75.37 59.14
N LEU GA 381 23.85 74.71 59.91
CA LEU GA 381 23.94 73.26 59.84
C LEU GA 381 22.63 72.63 60.29
N GLY GA 382 22.07 73.05 61.42
CA GLY GA 382 20.83 72.48 61.94
C GLY GA 382 19.70 72.59 60.91
N LEU GA 383 19.57 73.76 60.31
CA LEU GA 383 18.59 73.99 59.24
C LEU GA 383 18.88 73.09 58.03
N GLU GA 384 20.13 72.94 57.63
CA GLU GA 384 20.48 72.03 56.54
C GLU GA 384 20.14 70.56 56.88
N GLN GA 385 20.32 70.13 58.13
CA GLN GA 385 19.90 68.79 58.54
C GLN GA 385 18.38 68.66 58.48
N LEU GA 386 17.61 69.63 58.98
CA LEU GA 386 16.15 69.61 58.86
C LEU GA 386 15.72 69.57 57.38
N LYS GA 387 16.39 70.34 56.52
CA LYS GA 387 16.14 70.35 55.07
C LYS GA 387 16.39 68.98 54.45
N GLU GA 388 17.52 68.35 54.77
CA GLU GA 388 17.86 67.02 54.28
C GLU GA 388 16.85 65.96 54.78
N ILE GA 389 16.41 66.07 56.03
CA ILE GA 389 15.35 65.23 56.62
C ILE GA 389 13.97 65.52 55.97
N GLY GA 390 13.80 66.66 55.31
CA GLY GA 390 12.53 67.09 54.73
C GLY GA 390 11.51 67.50 55.80
N ALA GA 391 11.98 68.03 56.94
CA ALA GA 391 11.12 68.47 58.05
C ALA GA 391 10.13 69.56 57.61
N PRO GA 392 8.93 69.63 58.21
CA PRO GA 392 7.91 70.58 57.77
C PRO GA 392 8.36 72.02 58.05
N PRO GA 393 7.96 73.00 57.21
CA PRO GA 393 8.37 74.39 57.35
C PRO GA 393 8.19 74.96 58.75
N GLU GA 394 7.16 74.55 59.50
CA GLU GA 394 6.98 75.03 60.87
C GLU GA 394 8.18 74.73 61.76
N GLN GA 395 8.76 73.52 61.67
CA GLN GA 395 9.97 73.20 62.41
C GLN GA 395 11.14 74.07 61.94
N GLN GA 396 11.29 74.24 60.63
CA GLN GA 396 12.35 75.08 60.05
C GLN GA 396 12.24 76.52 60.58
N ARG GA 397 11.02 77.05 60.63
CA ARG GA 397 10.71 78.37 61.16
C ARG GA 397 11.01 78.43 62.64
N ARG GA 398 10.52 77.48 63.43
CA ARG GA 398 10.79 77.41 64.89
C ARG GA 398 12.28 77.49 65.16
N VAL GA 399 13.08 76.66 64.47
CA VAL GA 399 14.54 76.69 64.56
C VAL GA 399 15.07 78.07 64.18
N THR GA 400 14.63 78.62 63.05
CA THR GA 400 15.12 79.90 62.56
C THR GA 400 14.86 81.01 63.57
N LYS GA 401 13.63 81.08 64.08
CA LYS GA 401 13.20 82.05 65.09
C LYS GA 401 14.00 81.89 66.37
N ALA GA 402 14.14 80.67 66.87
CA ALA GA 402 15.00 80.42 68.02
C ALA GA 402 16.42 80.90 67.75
N GLY GA 403 16.95 80.67 66.55
CA GLY GA 403 18.27 81.14 66.15
C GLY GA 403 18.34 82.66 66.21
N ILE GA 404 17.37 83.34 65.60
CA ILE GA 404 17.29 84.80 65.65
C ILE GA 404 17.23 85.25 67.11
N GLU GA 405 16.42 84.62 67.95
CA GLU GA 405 16.29 84.97 69.36
C GLU GA 405 17.63 84.80 70.10
N ALA GA 406 18.33 83.69 69.86
CA ALA GA 406 19.64 83.50 70.46
C ALA GA 406 20.57 84.63 70.02
N VAL GA 407 20.62 84.92 68.73
CA VAL GA 407 21.44 86.01 68.20
C VAL GA 407 21.06 87.35 68.81
N ARG GA 408 19.76 87.60 69.00
CA ARG GA 408 19.28 88.81 69.64
C ARG GA 408 19.81 88.90 71.06
N GLU GA 409 19.69 87.82 71.84
CA GLU GA 409 20.23 87.78 73.20
C GLU GA 409 21.74 87.98 73.22
N ILE GA 410 22.45 87.37 72.27
CA ILE GA 410 23.88 87.57 72.10
C ILE GA 410 24.16 89.05 71.83
N TYR GA 411 23.39 89.70 70.98
CA TYR GA 411 23.57 91.14 70.77
C TYR GA 411 23.23 91.94 72.02
N ARG GA 412 22.20 91.56 72.78
CA ARG GA 412 21.89 92.23 74.05
C ARG GA 412 23.06 92.15 75.03
N TYR GA 413 23.79 91.05 75.06
CA TYR GA 413 25.06 91.00 75.78
C TYR GA 413 26.10 91.91 75.12
N GLY GA 414 26.30 91.77 73.81
CA GLY GA 414 27.31 92.53 73.05
C GLY GA 414 27.17 94.05 73.20
N ARG GA 415 25.95 94.55 73.29
CA ARG GA 415 25.61 95.96 73.52
C ARG GA 415 26.25 96.54 74.80
N LYS GA 416 26.56 95.70 75.79
CA LYS GA 416 27.25 96.11 77.03
C LYS GA 416 28.70 96.54 76.80
N LEU GA 417 29.35 95.98 75.78
CA LEU GA 417 30.81 95.98 75.62
C LEU GA 417 31.36 97.17 74.80
N TYR GA 418 30.47 97.89 74.09
CA TYR GA 418 30.84 98.72 72.93
C TYR GA 418 30.01 100.01 72.84
N ASP HA 3 49.78 -74.90 38.75
CA ASP HA 3 50.78 -75.77 39.42
C ASP HA 3 50.17 -76.83 40.34
N ASP HA 4 49.11 -76.53 41.10
CA ASP HA 4 48.64 -77.39 42.21
C ASP HA 4 48.40 -78.85 41.83
N LEU HA 5 47.98 -79.13 40.60
CA LEU HA 5 47.80 -80.49 40.12
C LEU HA 5 49.06 -81.35 40.34
N LEU HA 6 50.25 -80.80 40.06
CA LEU HA 6 51.50 -81.52 40.29
C LEU HA 6 51.64 -81.86 41.76
N LEU HA 7 51.41 -80.88 42.63
CA LEU HA 7 51.47 -81.12 44.07
C LEU HA 7 50.49 -82.21 44.46
N LYS HA 8 49.26 -82.16 43.94
CA LYS HA 8 48.26 -83.16 44.24
C LYS HA 8 48.69 -84.54 43.77
N LEU HA 9 49.28 -84.67 42.59
CA LEU HA 9 49.82 -85.97 42.19
C LEU HA 9 50.90 -86.40 43.16
N LEU HA 10 51.81 -85.50 43.55
CA LEU HA 10 52.84 -85.87 44.50
C LEU HA 10 52.22 -86.34 45.81
N GLU HA 11 51.15 -85.71 46.30
CA GLU HA 11 50.45 -86.21 47.49
C GLU HA 11 49.99 -87.64 47.28
N LEU HA 12 49.27 -87.90 46.20
CA LEU HA 12 48.69 -89.21 46.00
C LEU HA 12 49.77 -90.25 45.71
N LEU HA 13 50.86 -89.83 45.08
CA LEU HA 13 52.03 -90.65 44.95
C LEU HA 13 52.56 -91.00 46.34
N VAL HA 14 52.71 -90.01 47.23
CA VAL HA 14 53.20 -90.28 48.60
C VAL HA 14 52.26 -91.27 49.27
N GLU HA 15 50.96 -91.03 49.19
CA GLU HA 15 50.02 -91.90 49.87
C GLU HA 15 50.10 -93.31 49.28
N GLN HA 16 50.21 -93.43 47.96
CA GLN HA 16 50.37 -94.72 47.33
C GLN HA 16 51.68 -95.36 47.75
N ALA HA 17 52.74 -94.58 47.92
CA ALA HA 17 53.97 -95.11 48.48
C ALA HA 17 53.71 -95.65 49.89
N ARG HA 18 52.94 -94.95 50.72
CA ARG HA 18 52.62 -95.42 52.07
C ARG HA 18 51.86 -96.73 52.00
N VAL HA 19 50.80 -96.78 51.20
CA VAL HA 19 49.94 -97.97 51.11
C VAL HA 19 50.70 -99.14 50.51
N SER HA 20 51.46 -98.90 49.44
CA SER HA 20 52.31 -99.93 48.86
C SER HA 20 53.39 -100.36 49.84
N ALA HA 21 53.91 -99.49 50.70
CA ALA HA 21 54.91 -99.88 51.70
C ALA HA 21 54.28 -100.72 52.84
N GLU HA 22 53.05 -100.42 53.26
CA GLU HA 22 52.30 -101.35 54.11
C GLU HA 22 52.19 -102.72 53.45
N PHE HA 23 51.74 -102.76 52.18
CA PHE HA 23 51.64 -103.99 51.42
C PHE HA 23 52.98 -104.72 51.32
N ALA HA 24 54.04 -104.03 50.94
CA ALA HA 24 55.36 -104.63 50.74
C ALA HA 24 55.91 -105.21 52.05
N ARG HA 25 55.67 -104.54 53.20
CA ARG HA 25 56.01 -105.10 54.52
C ARG HA 25 55.18 -106.34 54.84
N ARG HA 26 53.91 -106.36 54.48
CA ARG HA 26 53.03 -107.52 54.63
C ARG HA 26 53.43 -108.69 53.72
N GLN HA 27 54.00 -108.43 52.54
CA GLN HA 27 54.58 -109.46 51.66
C GLN HA 27 56.03 -109.87 52.04
N GLY HA 28 56.79 -108.99 52.71
CA GLY HA 28 58.25 -109.13 52.85
C GLY HA 28 59.04 -108.75 51.58
N ASP HA 29 58.46 -107.93 50.70
CA ASP HA 29 59.05 -107.56 49.42
C ASP HA 29 60.06 -106.42 49.57
N GLU HA 30 61.29 -106.76 49.94
CA GLU HA 30 62.37 -105.79 50.11
C GLU HA 30 62.68 -105.02 48.82
N LYS HA 31 62.52 -105.67 47.65
CA LYS HA 31 62.75 -105.03 46.36
C LYS HA 31 61.72 -103.93 46.12
N MET HA 32 60.45 -104.19 46.40
CA MET HA 32 59.44 -103.15 46.33
C MET HA 32 59.75 -102.03 47.32
N LEU HA 33 60.15 -102.35 48.56
CA LEU HA 33 60.53 -101.31 49.52
C LEU HA 33 61.65 -100.43 48.99
N GLU HA 34 62.71 -101.02 48.44
CA GLU HA 34 63.79 -100.27 47.79
C GLU HA 34 63.24 -99.37 46.68
N GLU HA 35 62.44 -99.92 45.78
CA GLU HA 35 61.90 -99.16 44.65
C GLU HA 35 60.98 -98.02 45.11
N VAL HA 36 60.06 -98.26 46.04
CA VAL HA 36 59.18 -97.18 46.52
C VAL HA 36 59.97 -96.19 47.36
N ALA HA 37 61.03 -96.59 48.06
CA ALA HA 37 61.89 -95.64 48.75
C ALA HA 37 62.56 -94.70 47.74
N ARG HA 38 63.10 -95.25 46.64
CA ARG HA 38 63.63 -94.41 45.55
C ARG HA 38 62.53 -93.50 45.02
N LYS HA 39 61.34 -94.05 44.74
CA LYS HA 39 60.21 -93.26 44.25
C LYS HA 39 59.86 -92.13 45.20
N ALA HA 40 59.83 -92.40 46.50
CA ALA HA 40 59.52 -91.42 47.53
C ALA HA 40 60.61 -90.35 47.63
N GLU HA 41 61.88 -90.74 47.52
CA GLU HA 41 62.95 -89.76 47.46
C GLU HA 41 62.81 -88.87 46.21
N GLU HA 42 62.53 -89.45 45.05
CA GLU HA 42 62.36 -88.67 43.82
C GLU HA 42 61.14 -87.75 43.89
N VAL HA 43 60.04 -88.25 44.44
CA VAL HA 43 58.85 -87.43 44.71
C VAL HA 43 59.23 -86.28 45.63
N ALA HA 44 60.00 -86.53 46.69
CA ALA HA 44 60.47 -85.47 47.56
C ALA HA 44 61.38 -84.49 46.81
N ARG HA 45 62.24 -84.98 45.91
CA ARG HA 45 63.10 -84.13 45.08
C ARG HA 45 62.26 -83.21 44.19
N LYS HA 46 61.24 -83.74 43.52
CA LYS HA 46 60.28 -82.93 42.76
C LYS HA 46 59.67 -81.86 43.66
N ALA HA 47 59.17 -82.27 44.82
CA ALA HA 47 58.53 -81.36 45.77
C ALA HA 47 59.50 -80.26 46.24
N GLU HA 48 60.74 -80.60 46.56
CA GLU HA 48 61.76 -79.67 46.99
C GLU HA 48 62.03 -78.60 45.93
N GLU HA 49 62.21 -79.02 44.67
CA GLU HA 49 62.40 -78.07 43.58
C GLU HA 49 61.18 -77.16 43.42
N ILE HA 50 59.98 -77.73 43.42
CA ILE HA 50 58.74 -76.95 43.31
C ILE HA 50 58.63 -75.98 44.50
N ALA HA 51 58.99 -76.41 45.70
CA ALA HA 51 58.95 -75.58 46.88
C ALA HA 51 59.87 -74.36 46.75
N ARG HA 52 61.11 -74.56 46.29
CA ARG HA 52 62.04 -73.44 46.07
C ARG HA 52 61.53 -72.51 44.96
N LYS HA 53 60.91 -73.05 43.92
CA LYS HA 53 60.23 -72.24 42.88
C LYS HA 53 59.10 -71.39 43.49
N ALA HA 54 58.25 -72.00 44.31
CA ALA HA 54 57.20 -71.26 45.01
C ALA HA 54 57.78 -70.18 45.93
N ARG HA 55 58.89 -70.47 46.63
CA ARG HA 55 59.59 -69.50 47.48
C ARG HA 55 60.08 -68.31 46.66
N LYS HA 56 60.63 -68.55 45.47
CA LYS HA 56 61.05 -67.49 44.55
C LYS HA 56 59.87 -66.63 44.09
N GLU HA 57 58.73 -67.23 43.77
CA GLU HA 57 57.54 -66.50 43.33
C GLU HA 57 56.75 -65.84 44.47
N GLY HA 58 56.94 -66.28 45.71
CA GLY HA 58 56.29 -65.69 46.88
C GLY HA 58 54.85 -66.13 47.14
N ASN HA 59 54.38 -67.23 46.53
CA ASN HA 59 53.09 -67.83 46.90
C ASN HA 59 53.24 -68.71 48.15
N LEU HA 60 52.96 -68.14 49.32
CA LEU HA 60 53.12 -68.84 50.60
C LEU HA 60 52.25 -70.10 50.66
N GLU HA 61 51.05 -70.08 50.11
CA GLU HA 61 50.18 -71.26 50.16
C GLU HA 61 50.84 -72.44 49.43
N LEU HA 62 51.32 -72.22 48.20
CA LEU HA 62 52.00 -73.28 47.47
C LEU HA 62 53.21 -73.77 48.26
N ALA HA 63 54.04 -72.86 48.76
CA ALA HA 63 55.24 -73.25 49.50
C ALA HA 63 54.85 -74.10 50.71
N LEU HA 64 53.86 -73.67 51.47
CA LEU HA 64 53.39 -74.39 52.63
C LEU HA 64 52.86 -75.76 52.24
N LYS HA 65 52.03 -75.85 51.21
CA LYS HA 65 51.51 -77.13 50.76
C LYS HA 65 52.66 -78.04 50.34
N ALA HA 66 53.64 -77.50 49.62
CA ALA HA 66 54.80 -78.26 49.20
C ALA HA 66 55.61 -78.73 50.40
N LEU HA 67 55.75 -77.88 51.42
CA LEU HA 67 56.37 -78.31 52.66
C LEU HA 67 55.56 -79.43 53.29
N GLU HA 68 54.24 -79.36 53.33
CA GLU HA 68 53.47 -80.47 53.90
C GLU HA 68 53.73 -81.75 53.09
N ILE HA 69 53.77 -81.67 51.77
CA ILE HA 69 54.14 -82.82 50.96
C ILE HA 69 55.50 -83.33 51.38
N LEU HA 70 56.47 -82.44 51.56
CA LEU HA 70 57.79 -82.84 52.01
C LEU HA 70 57.71 -83.52 53.37
N VAL HA 71 56.87 -83.02 54.28
CA VAL HA 71 56.67 -83.64 55.58
C VAL HA 71 56.10 -85.03 55.42
N ARG HA 72 55.04 -85.21 54.64
CA ARG HA 72 54.44 -86.53 54.46
C ARG HA 72 55.44 -87.48 53.82
N ALA HA 73 56.16 -87.00 52.80
CA ALA HA 73 57.18 -87.77 52.11
C ALA HA 73 58.28 -88.18 53.09
N ALA HA 74 58.73 -87.24 53.91
CA ALA HA 74 59.69 -87.54 54.95
C ALA HA 74 59.12 -88.59 55.89
N HIS HA 75 57.84 -88.51 56.26
CA HIS HA 75 57.25 -89.48 57.17
C HIS HA 75 57.38 -90.88 56.61
N VAL HA 76 56.91 -91.10 55.39
CA VAL HA 76 56.99 -92.45 54.81
C VAL HA 76 58.46 -92.87 54.63
N LEU HA 77 59.33 -91.96 54.19
CA LEU HA 77 60.75 -92.27 54.02
C LEU HA 77 61.36 -92.71 55.34
N ALA HA 78 61.11 -91.96 56.40
CA ALA HA 78 61.60 -92.25 57.73
C ALA HA 78 60.98 -93.54 58.28
N GLU HA 79 59.70 -93.77 58.04
CA GLU HA 79 59.03 -94.98 58.51
C GLU HA 79 59.67 -96.22 57.88
N ILE HA 80 59.91 -96.19 56.56
CA ILE HA 80 60.62 -97.27 55.86
C ILE HA 80 62.04 -97.38 56.39
N ALA HA 81 62.77 -96.26 56.45
CA ALA HA 81 64.16 -96.25 56.86
C ALA HA 81 64.35 -96.80 58.29
N ARG HA 82 63.46 -96.46 59.22
CA ARG HA 82 63.47 -96.92 60.62
C ARG HA 82 63.37 -98.43 60.69
N GLU HA 83 62.36 -99.01 60.06
CA GLU HA 83 62.15 -100.47 60.08
C GLU HA 83 63.23 -101.21 59.28
N ARG HA 84 63.81 -100.57 58.26
CA ARG HA 84 64.96 -101.08 57.50
C ARG HA 84 66.30 -100.91 58.23
N GLY HA 85 66.38 -100.01 59.22
CA GLY HA 85 67.63 -99.61 59.88
C GLY HA 85 68.59 -98.79 58.99
N ASN HA 86 68.08 -98.08 57.98
CA ASN HA 86 68.92 -97.36 57.01
C ASN HA 86 69.31 -95.96 57.53
N GLU HA 87 70.53 -95.83 58.06
CA GLU HA 87 71.00 -94.58 58.65
C GLU HA 87 71.17 -93.45 57.63
N GLU HA 88 71.50 -93.73 56.37
CA GLU HA 88 71.62 -92.67 55.35
C GLU HA 88 70.28 -92.01 55.08
N LEU HA 89 69.22 -92.80 54.91
CA LEU HA 89 67.87 -92.27 54.80
C LEU HA 89 67.43 -91.57 56.09
N GLN HA 90 67.75 -92.10 57.28
CA GLN HA 90 67.42 -91.43 58.54
C GLN HA 90 68.10 -90.04 58.64
N LYS HA 91 69.39 -89.96 58.32
CA LYS HA 91 70.15 -88.71 58.31
C LYS HA 91 69.58 -87.73 57.28
N LYS HA 92 69.33 -88.19 56.05
CA LYS HA 92 68.65 -87.38 55.02
C LYS HA 92 67.33 -86.83 55.54
N ALA HA 93 66.47 -87.68 56.07
CA ALA HA 93 65.16 -87.26 56.57
C ALA HA 93 65.28 -86.21 57.67
N HIS HA 94 66.12 -86.43 58.69
CA HIS HA 94 66.27 -85.46 59.77
C HIS HA 94 66.77 -84.11 59.23
N LYS HA 95 67.82 -84.11 58.41
CA LYS HA 95 68.35 -82.88 57.80
C LYS HA 95 67.29 -82.17 56.95
N LEU HA 96 66.58 -82.90 56.10
CA LEU HA 96 65.52 -82.33 55.28
C LEU HA 96 64.42 -81.75 56.17
N ALA HA 97 64.01 -82.45 57.23
CA ALA HA 97 63.01 -81.95 58.16
C ALA HA 97 63.50 -80.68 58.87
N LYS HA 98 64.77 -80.60 59.24
CA LYS HA 98 65.34 -79.39 59.83
C LYS HA 98 65.34 -78.24 58.83
N GLU HA 99 65.68 -78.49 57.58
CA GLU HA 99 65.57 -77.49 56.52
C GLU HA 99 64.11 -77.06 56.34
N ALA HA 100 63.16 -77.98 56.40
CA ALA HA 100 61.75 -77.64 56.36
C ALA HA 100 61.39 -76.77 57.56
N LEU HA 101 61.88 -77.09 58.75
CA LEU HA 101 61.64 -76.28 59.93
C LEU HA 101 62.17 -74.86 59.72
N ARG HA 102 63.39 -74.72 59.19
CA ARG HA 102 63.92 -73.40 58.83
C ARG HA 102 62.97 -72.69 57.88
N GLN HA 103 62.60 -73.34 56.77
CA GLN HA 103 61.76 -72.71 55.77
C GLN HA 103 60.39 -72.32 56.35
N VAL HA 104 59.75 -73.17 57.14
CA VAL HA 104 58.46 -72.83 57.72
C VAL HA 104 58.61 -71.67 58.70
N ILE HA 105 59.69 -71.64 59.48
CA ILE HA 105 59.96 -70.53 60.38
C ILE HA 105 60.10 -69.25 59.58
N GLU HA 106 60.90 -69.26 58.51
CA GLU HA 106 61.05 -68.11 57.64
C GLU HA 106 59.71 -67.69 57.05
N ILE HA 107 58.91 -68.64 56.61
CA ILE HA 107 57.57 -68.34 56.12
C ILE HA 107 56.73 -67.73 57.24
N ALA HA 108 56.82 -68.22 58.47
CA ALA HA 108 56.05 -67.68 59.58
C ALA HA 108 56.47 -66.23 59.88
N ILE HA 109 57.77 -65.96 59.85
CA ILE HA 109 58.26 -64.60 59.96
C ILE HA 109 57.72 -63.76 58.79
N ARG HA 110 57.76 -64.27 57.56
CA ARG HA 110 57.22 -63.55 56.40
C ARG HA 110 55.72 -63.31 56.53
N ALA HA 111 54.98 -64.27 57.05
CA ALA HA 111 53.54 -64.11 57.27
C ALA HA 111 53.28 -63.02 58.30
N ILE HA 112 54.07 -62.94 59.36
CA ILE HA 112 53.99 -61.83 60.32
C ILE HA 112 54.31 -60.52 59.59
N GLN HA 113 55.35 -60.50 58.74
CA GLN HA 113 55.73 -59.33 57.97
C GLN HA 113 54.61 -58.85 57.04
N GLU HA 114 53.96 -59.76 56.32
CA GLU HA 114 52.84 -59.41 55.43
C GLU HA 114 51.52 -59.18 56.19
N GLY HA 115 51.42 -59.61 57.43
CA GLY HA 115 50.35 -59.26 58.38
C GLY HA 115 49.04 -60.03 58.27
N ASN HA 116 48.82 -60.88 57.25
CA ASN HA 116 47.67 -61.79 57.22
C ASN HA 116 47.91 -63.00 58.14
N LEU HA 117 47.44 -62.88 59.38
CA LEU HA 117 47.67 -63.88 60.42
C LEU HA 117 47.09 -65.26 60.08
N GLU HA 118 46.15 -65.38 59.15
CA GLU HA 118 45.67 -66.70 58.74
C GLU HA 118 46.77 -67.50 58.05
N LEU HA 119 47.61 -66.85 57.25
CA LEU HA 119 48.77 -67.53 56.69
C LEU HA 119 49.70 -67.98 57.83
N ALA HA 120 49.92 -67.12 58.82
CA ALA HA 120 50.75 -67.47 59.97
C ALA HA 120 50.15 -68.67 60.72
N ILE HA 121 48.83 -68.71 60.88
CA ILE HA 121 48.13 -69.83 61.49
C ILE HA 121 48.40 -71.10 60.69
N ILE HA 122 48.20 -71.05 59.37
CA ILE HA 122 48.37 -72.23 58.52
C ILE HA 122 49.82 -72.70 58.60
N ALA HA 123 50.76 -71.77 58.50
CA ALA HA 123 52.16 -72.08 58.66
C ALA HA 123 52.41 -72.72 60.02
N LEU HA 124 51.84 -72.18 61.08
CA LEU HA 124 52.08 -72.71 62.41
C LEU HA 124 51.51 -74.13 62.50
N HIS HA 125 50.33 -74.39 61.94
CA HIS HA 125 49.79 -75.74 61.87
C HIS HA 125 50.77 -76.67 61.16
N ILE HA 126 51.31 -76.27 60.02
CA ILE HA 126 52.29 -77.10 59.33
C ILE HA 126 53.54 -77.26 60.17
N SER HA 127 53.94 -76.26 60.94
CA SER HA 127 55.04 -76.41 61.87
C SER HA 127 54.74 -77.47 62.93
N VAL HA 128 53.49 -77.57 63.38
CA VAL HA 128 53.11 -78.69 64.25
C VAL HA 128 53.33 -80.01 63.53
N ARG HA 129 52.93 -80.12 62.26
CA ARG HA 129 53.17 -81.35 61.51
C ARG HA 129 54.66 -81.66 61.41
N ILE HA 130 55.48 -80.64 61.20
CA ILE HA 130 56.93 -80.79 61.21
C ILE HA 130 57.36 -81.30 62.58
N ALA HA 131 56.84 -80.74 63.65
CA ALA HA 131 57.17 -81.19 64.99
C ALA HA 131 56.79 -82.66 65.20
N GLU HA 132 55.62 -83.10 64.74
CA GLU HA 132 55.21 -84.49 64.88
C GLU HA 132 56.19 -85.42 64.16
N VAL HA 133 56.55 -85.10 62.93
CA VAL HA 133 57.49 -85.93 62.18
C VAL HA 133 58.86 -85.88 62.83
N LEU HA 134 59.32 -84.70 63.25
CA LEU HA 134 60.56 -84.59 64.00
C LEU HA 134 60.52 -85.43 65.26
N LEU HA 135 59.41 -85.43 65.99
CA LEU HA 135 59.27 -86.20 67.22
C LEU HA 135 59.42 -87.69 66.92
N GLU HA 136 58.77 -88.16 65.87
CA GLU HA 136 58.95 -89.55 65.45
C GLU HA 136 60.36 -89.82 64.88
N THR HA 137 61.08 -88.77 64.48
CA THR HA 137 62.46 -88.87 64.00
C THR HA 137 63.47 -88.96 65.14
N ARG HA 138 63.36 -88.08 66.15
CA ARG HA 138 64.35 -87.91 67.24
C ARG HA 138 63.70 -87.95 68.63
N PRO HA 139 63.41 -89.13 69.19
CA PRO HA 139 63.06 -89.30 70.60
C PRO HA 139 64.17 -88.86 71.57
N ASP HA 140 65.42 -88.82 71.11
CA ASP HA 140 66.63 -88.57 71.90
C ASP HA 140 66.98 -87.07 72.05
N ASP HA 141 66.99 -86.31 70.96
CA ASP HA 141 67.39 -84.88 70.96
C ASP HA 141 66.26 -83.96 71.45
N ARG HA 142 65.82 -84.20 72.69
CA ARG HA 142 64.79 -83.42 73.37
C ARG HA 142 65.17 -81.94 73.42
N GLU HA 143 66.46 -81.62 73.45
CA GLU HA 143 66.92 -80.24 73.42
C GLU HA 143 66.54 -79.56 72.11
N GLU HA 144 66.84 -80.14 70.95
CA GLU HA 144 66.43 -79.53 69.69
C GLU HA 144 64.90 -79.36 69.63
N ILE HA 145 64.17 -80.39 70.07
CA ILE HA 145 62.71 -80.31 70.13
C ILE HA 145 62.30 -79.16 71.05
N ARG HA 146 62.90 -79.06 72.23
CA ARG HA 146 62.59 -77.98 73.15
C ARG HA 146 62.94 -76.62 72.56
N GLU HA 147 64.03 -76.50 71.81
CA GLU HA 147 64.32 -75.24 71.10
C GLU HA 147 63.20 -74.91 70.12
N GLN HA 148 62.77 -75.89 69.33
CA GLN HA 148 61.63 -75.69 68.46
C GLN HA 148 60.40 -75.27 69.27
N GLN HA 149 60.14 -75.91 70.40
CA GLN HA 149 59.01 -75.55 71.25
C GLN HA 149 59.15 -74.12 71.75
N ALA HA 150 60.33 -73.71 72.17
CA ALA HA 150 60.55 -72.35 72.60
C ALA HA 150 60.23 -71.38 71.47
N ILE HA 151 60.71 -71.67 70.26
CA ILE HA 151 60.42 -70.85 69.09
C ILE HA 151 58.91 -70.80 68.88
N PHE HA 152 58.25 -71.95 68.93
CA PHE HA 152 56.82 -72.04 68.78
C PHE HA 152 56.10 -71.22 69.85
N GLU HA 153 56.53 -71.33 71.10
CA GLU HA 153 55.97 -70.58 72.21
C GLU HA 153 56.14 -69.09 71.99
N LEU HA 154 57.28 -68.67 71.46
CA LEU HA 154 57.50 -67.28 71.13
C LEU HA 154 56.54 -66.86 70.01
N LEU HA 155 56.41 -67.67 68.96
CA LEU HA 155 55.48 -67.37 67.89
C LEU HA 155 54.05 -67.27 68.44
N ILE HA 156 53.67 -68.18 69.32
CA ILE HA 156 52.38 -68.15 69.99
C ILE HA 156 52.23 -66.86 70.78
N ALA HA 157 53.23 -66.46 71.55
CA ALA HA 157 53.13 -65.24 72.30
C ALA HA 157 52.93 -64.06 71.34
N ALA HA 158 53.70 -64.03 70.25
CA ALA HA 158 53.58 -62.99 69.24
C ALA HA 158 52.18 -63.01 68.65
N LEU HA 159 51.65 -64.17 68.32
CA LEU HA 159 50.30 -64.30 67.81
C LEU HA 159 49.27 -63.84 68.84
N GLU HA 160 49.43 -64.14 70.13
CA GLU HA 160 48.49 -63.70 71.15
C GLU HA 160 48.42 -62.18 71.18
N ALA HA 161 49.57 -61.54 71.20
CA ALA HA 161 49.61 -60.09 71.08
C ALA HA 161 48.98 -59.66 69.75
N ALA HA 162 49.32 -60.32 68.66
CA ALA HA 162 48.91 -59.90 67.33
C ALA HA 162 47.39 -59.95 67.18
N ILE HA 163 46.81 -61.09 67.49
CA ILE HA 163 45.38 -61.32 67.38
C ILE HA 163 44.65 -60.43 68.38
N ARG HA 164 45.17 -60.29 69.61
CA ARG HA 164 44.57 -59.39 70.59
C ARG HA 164 44.52 -57.98 70.04
N LEU HA 165 45.64 -57.48 69.52
CA LEU HA 165 45.74 -56.14 68.96
C LEU HA 165 44.80 -55.98 67.76
N GLU HA 166 44.80 -56.94 66.85
CA GLU HA 166 43.95 -56.91 65.66
C GLU HA 166 42.48 -56.74 66.07
N LYS HA 167 42.03 -57.56 67.02
CA LYS HA 167 40.66 -57.43 67.54
C LYS HA 167 40.47 -56.10 68.26
N LEU HA 168 41.40 -55.70 69.11
CA LEU HA 168 41.27 -54.49 69.90
C LEU HA 168 41.13 -53.25 69.01
N LYS HA 169 41.80 -53.23 67.84
CA LYS HA 169 41.61 -52.19 66.83
C LYS HA 169 40.39 -52.39 65.94
N GLU HA 170 39.98 -53.62 65.65
CA GLU HA 170 38.69 -53.87 65.01
C GLU HA 170 37.54 -53.33 65.89
N GLU HA 171 37.64 -53.49 67.21
CA GLU HA 171 36.70 -52.93 68.20
C GLU HA 171 36.84 -51.42 68.40
N GLY HA 172 37.88 -50.77 67.84
CA GLY HA 172 38.06 -49.31 67.90
C GLY HA 172 38.37 -48.75 69.30
N ALA HA 173 39.06 -49.51 70.15
CA ALA HA 173 39.38 -49.13 71.52
C ALA HA 173 40.26 -47.85 71.65
N PRO HA 174 40.31 -47.21 72.85
CA PRO HA 174 41.20 -46.08 73.11
C PRO HA 174 42.67 -46.39 72.77
N PRO HA 175 43.36 -45.52 72.00
CA PRO HA 175 44.78 -45.70 71.68
C PRO HA 175 45.66 -45.91 72.92
N GLU HA 176 45.35 -45.26 74.03
CA GLU HA 176 46.09 -45.44 75.29
C GLU HA 176 45.90 -46.86 75.87
N GLN HA 177 44.68 -47.41 75.84
CA GLN HA 177 44.47 -48.79 76.26
C GLN HA 177 45.24 -49.75 75.35
N ILE HA 178 45.20 -49.50 74.04
CA ILE HA 178 45.97 -50.25 73.06
C ILE HA 178 47.46 -50.18 73.39
N GLU HA 179 47.99 -49.00 73.67
CA GLU HA 179 49.40 -48.83 73.98
C GLU HA 179 49.80 -49.59 75.25
N ARG HA 180 48.97 -49.58 76.30
CA ARG HA 180 49.22 -50.40 77.50
C ARG HA 180 49.28 -51.88 77.16
N VAL HA 181 48.34 -52.37 76.35
CA VAL HA 181 48.37 -53.75 75.87
C VAL HA 181 49.64 -54.02 75.07
N ALA HA 182 50.01 -53.11 74.15
CA ALA HA 182 51.17 -53.30 73.31
C ALA HA 182 52.45 -53.39 74.13
N GLU HA 183 52.63 -52.48 75.09
CA GLU HA 183 53.76 -52.56 76.01
C GLU HA 183 53.74 -53.89 76.76
N HIS HA 184 52.60 -54.30 77.30
CA HIS HA 184 52.53 -55.56 78.03
C HIS HA 184 52.91 -56.74 77.13
N GLY HA 185 52.51 -56.69 75.85
CA GLY HA 185 52.97 -57.64 74.85
C GLY HA 185 54.49 -57.61 74.73
N LEU HA 186 55.05 -56.44 74.42
CA LEU HA 186 56.49 -56.31 74.23
C LEU HA 186 57.27 -56.76 75.47
N GLU HA 187 56.93 -56.29 76.66
CA GLU HA 187 57.69 -56.63 77.87
C GLU HA 187 57.57 -58.12 78.19
N ARG HA 188 56.37 -58.71 78.05
CA ARG HA 188 56.19 -60.14 78.18
C ARG HA 188 57.08 -60.86 77.18
N LEU HA 189 57.03 -60.46 75.92
CA LEU HA 189 57.85 -61.06 74.86
C LEU HA 189 59.32 -60.97 75.23
N LYS HA 190 59.77 -59.81 75.69
CA LYS HA 190 61.16 -59.57 76.01
C LYS HA 190 61.62 -60.48 77.13
N GLU HA 191 60.88 -60.55 78.22
CA GLU HA 191 61.27 -61.42 79.33
C GLU HA 191 61.19 -62.89 78.91
N ILE HA 192 60.18 -63.28 78.12
CA ILE HA 192 60.16 -64.61 77.53
C ILE HA 192 61.43 -64.83 76.71
N ALA HA 193 61.80 -63.89 75.85
CA ALA HA 193 62.98 -64.03 75.01
C ALA HA 193 64.23 -64.21 75.87
N LYS HA 194 64.34 -63.48 76.98
CA LYS HA 194 65.46 -63.64 77.91
C LYS HA 194 65.47 -65.05 78.48
N GLU HA 195 64.35 -65.57 78.95
CA GLU HA 195 64.30 -66.94 79.43
C GLU HA 195 64.65 -67.93 78.32
N ILE HA 196 64.13 -67.73 77.12
CA ILE HA 196 64.50 -68.53 75.94
C ILE HA 196 66.01 -68.46 75.72
N SER HA 197 66.64 -67.30 75.86
CA SER HA 197 68.08 -67.17 75.68
C SER HA 197 68.88 -67.99 76.68
N LYS HA 198 68.31 -68.26 77.87
CA LYS HA 198 68.89 -69.19 78.84
C LYS HA 198 68.66 -70.63 78.40
N GLU HA 199 67.44 -70.92 77.96
CA GLU HA 199 67.01 -72.28 77.64
C GLU HA 199 67.70 -72.87 76.41
N VAL HA 200 67.82 -72.10 75.32
CA VAL HA 200 68.39 -72.55 74.05
C VAL HA 200 69.91 -72.32 74.00
N ASP HA 201 70.61 -72.95 73.05
CA ASP HA 201 72.02 -72.63 72.77
C ASP HA 201 72.42 -72.63 71.28
N SER HA 202 71.56 -73.07 70.35
CA SER HA 202 71.87 -72.97 68.92
C SER HA 202 71.96 -71.50 68.49
N PRO HA 203 73.06 -71.07 67.87
CA PRO HA 203 73.19 -69.70 67.38
C PRO HA 203 72.06 -69.36 66.43
N GLU HA 204 71.76 -70.26 65.50
CA GLU HA 204 70.67 -70.05 64.55
C GLU HA 204 69.33 -69.93 65.29
N SER HA 205 69.09 -70.74 66.32
CA SER HA 205 67.85 -70.63 67.09
C SER HA 205 67.74 -69.24 67.71
N LYS HA 206 68.83 -68.73 68.28
CA LYS HA 206 68.82 -67.38 68.85
C LYS HA 206 68.60 -66.34 67.77
N ARG HA 207 69.22 -66.51 66.59
CA ARG HA 207 69.03 -65.62 65.45
C ARG HA 207 67.57 -65.54 65.05
N ILE HA 208 66.96 -66.71 64.89
CA ILE HA 208 65.53 -66.86 64.65
C ILE HA 208 64.76 -66.13 65.74
N ALA HA 209 65.08 -66.38 67.01
CA ALA HA 209 64.36 -65.77 68.10
C ALA HA 209 64.40 -64.26 67.98
N TYR HA 210 65.58 -63.69 67.75
CA TYR HA 210 65.69 -62.25 67.63
C TYR HA 210 64.87 -61.76 66.44
N LYS HA 211 64.98 -62.42 65.29
CA LYS HA 211 64.19 -62.05 64.11
C LYS HA 211 62.71 -62.03 64.46
N ILE HA 212 62.24 -63.04 65.18
CA ILE HA 212 60.84 -63.09 65.59
C ILE HA 212 60.53 -61.90 66.48
N VAL HA 213 61.36 -61.60 67.46
CA VAL HA 213 61.11 -60.45 68.34
C VAL HA 213 61.03 -59.19 67.51
N ALA HA 214 61.96 -59.00 66.58
CA ALA HA 214 61.98 -57.84 65.73
C ALA HA 214 60.68 -57.76 64.91
N ALA HA 215 60.28 -58.89 64.32
CA ALA HA 215 59.04 -58.95 63.57
C ALA HA 215 57.84 -58.62 64.46
N ALA HA 216 57.84 -59.04 65.72
CA ALA HA 216 56.76 -58.76 66.64
C ALA HA 216 56.65 -57.25 66.89
N ALA HA 217 57.78 -56.59 67.15
CA ALA HA 217 57.77 -55.14 67.25
C ALA HA 217 57.28 -54.51 65.95
N GLU HA 218 57.80 -54.96 64.81
CA GLU HA 218 57.46 -54.40 63.51
C GLU HA 218 55.95 -54.50 63.25
N PHE HA 219 55.36 -55.66 63.51
CA PHE HA 219 53.93 -55.86 63.36
C PHE HA 219 53.15 -54.90 64.26
N LEU HA 220 53.51 -54.83 65.55
CA LEU HA 220 52.86 -53.93 66.49
C LEU HA 220 52.89 -52.50 65.96
N LEU HA 221 54.06 -52.05 65.53
CA LEU HA 221 54.22 -50.73 64.95
C LEU HA 221 53.29 -50.56 63.75
N LYS HA 222 53.33 -51.47 62.79
CA LYS HA 222 52.53 -51.33 61.56
C LYS HA 222 51.04 -51.29 61.88
N ILE HA 223 50.56 -52.22 62.69
CA ILE HA 223 49.13 -52.24 63.02
C ILE HA 223 48.75 -50.99 63.80
N LEU HA 224 49.56 -50.56 64.77
CA LEU HA 224 49.27 -49.36 65.53
C LEU HA 224 49.18 -48.14 64.60
N ALA HA 225 50.13 -48.01 63.68
CA ALA HA 225 50.20 -46.88 62.76
C ALA HA 225 49.04 -46.90 61.75
N GLU HA 226 48.70 -48.06 61.18
CA GLU HA 226 47.51 -48.20 60.33
C GLU HA 226 46.24 -47.92 61.13
N GLY HA 227 46.24 -48.18 62.43
CA GLY HA 227 45.18 -47.83 63.35
C GLY HA 227 45.00 -46.32 63.54
N GLY HA 228 45.92 -45.48 63.07
CA GLY HA 228 45.81 -44.02 63.15
C GLY HA 228 46.08 -43.42 64.53
N ALA HA 229 46.79 -44.13 65.42
CA ALA HA 229 47.20 -43.60 66.71
C ALA HA 229 48.10 -42.35 66.58
N THR HA 230 48.01 -41.40 67.50
CA THR HA 230 48.72 -40.12 67.39
C THR HA 230 50.24 -40.29 67.59
N PRO HA 231 51.08 -39.43 66.97
CA PRO HA 231 52.53 -39.64 66.91
C PRO HA 231 53.21 -39.87 68.25
N GLU HA 232 52.68 -39.30 69.33
CA GLU HA 232 53.21 -39.47 70.69
C GLU HA 232 53.19 -40.94 71.10
N GLN HA 233 52.11 -41.65 70.79
CA GLN HA 233 52.02 -43.08 71.07
C GLN HA 233 53.06 -43.83 70.23
N LEU HA 234 53.18 -43.47 68.94
CA LEU HA 234 54.13 -44.12 68.04
C LEU HA 234 55.55 -43.96 68.57
N GLU HA 235 55.92 -42.76 68.97
CA GLU HA 235 57.22 -42.46 69.55
C GLU HA 235 57.45 -43.26 70.84
N ARG HA 236 56.49 -43.25 71.78
CA ARG HA 236 56.62 -43.99 73.03
C ARG HA 236 56.83 -45.49 72.78
N VAL HA 237 56.00 -46.07 71.93
CA VAL HA 237 56.15 -47.48 71.54
C VAL HA 237 57.50 -47.68 70.87
N THR HA 238 57.91 -46.77 69.99
CA THR HA 238 59.18 -46.92 69.27
C THR HA 238 60.35 -46.98 70.25
N GLU HA 239 60.38 -46.08 71.23
CA GLU HA 239 61.42 -46.11 72.25
C GLU HA 239 61.40 -47.45 72.97
N HIS HA 240 60.22 -47.88 73.44
CA HIS HA 240 60.12 -49.13 74.17
C HIS HA 240 60.60 -50.30 73.32
N ALA HA 241 60.22 -50.33 72.04
CA ALA HA 241 60.62 -51.35 71.11
C ALA HA 241 62.13 -51.34 70.89
N LEU HA 242 62.72 -50.18 70.62
CA LEU HA 242 64.17 -50.06 70.50
C LEU HA 242 64.83 -50.56 71.78
N GLU HA 243 64.35 -50.15 72.95
CA GLU HA 243 64.93 -50.55 74.23
C GLU HA 243 64.88 -52.06 74.39
N VAL HA 244 63.75 -52.68 74.07
CA VAL HA 244 63.60 -54.14 74.06
C VAL HA 244 64.60 -54.76 73.10
N LEU HA 245 64.66 -54.27 71.87
CA LEU HA 245 65.55 -54.84 70.86
C LEU HA 245 66.98 -54.75 71.36
N LYS HA 246 67.34 -53.61 71.94
CA LYS HA 246 68.66 -53.37 72.50
C LYS HA 246 68.95 -54.35 73.62
N GLU HA 247 68.04 -54.51 74.57
CA GLU HA 247 68.28 -55.43 75.69
C GLU HA 247 68.49 -56.85 75.18
N VAL HA 248 67.60 -57.34 74.32
CA VAL HA 248 67.71 -58.72 73.83
C VAL HA 248 68.95 -58.86 72.95
N ALA HA 249 69.27 -57.87 72.13
CA ALA HA 249 70.50 -57.89 71.38
C ALA HA 249 71.71 -57.99 72.30
N LYS HA 250 71.74 -57.25 73.42
CA LYS HA 250 72.87 -57.30 74.34
C LYS HA 250 73.05 -58.69 74.96
N GLU HA 251 72.00 -59.48 75.09
CA GLU HA 251 72.16 -60.90 75.39
C GLU HA 251 72.71 -61.65 74.16
N LEU HA 252 72.08 -61.48 73.01
CA LEU HA 252 72.25 -62.38 71.86
C LEU HA 252 73.45 -62.09 70.93
N ALA HA 253 74.18 -60.99 71.11
CA ALA HA 253 75.21 -60.51 70.17
C ALA HA 253 76.55 -61.31 70.13
N ASP HA 254 76.51 -62.65 70.24
CA ASP HA 254 77.70 -63.50 70.42
C ASP HA 254 78.44 -63.92 69.13
N SER HA 255 77.97 -63.56 67.92
CA SER HA 255 78.58 -63.96 66.65
C SER HA 255 78.59 -62.85 65.59
N PRO HA 256 79.46 -62.94 64.57
CA PRO HA 256 79.58 -61.91 63.55
C PRO HA 256 78.23 -61.58 62.91
N GLU HA 257 77.60 -62.58 62.33
CA GLU HA 257 76.32 -62.37 61.69
C GLU HA 257 75.26 -61.96 62.72
N SER HA 258 75.35 -62.40 63.98
CA SER HA 258 74.38 -61.94 64.99
C SER HA 258 74.42 -60.42 65.12
N VAL HA 259 75.60 -59.81 65.16
CA VAL HA 259 75.68 -58.36 65.26
C VAL HA 259 75.14 -57.76 63.97
N ARG HA 260 75.60 -58.26 62.82
CA ARG HA 260 75.21 -57.74 61.51
C ARG HA 260 73.70 -57.74 61.37
N GLU HA 261 73.08 -58.84 61.76
CA GLU HA 261 71.64 -58.98 61.76
C GLU HA 261 71.02 -58.02 62.76
N ALA HA 262 71.57 -57.93 63.98
CA ALA HA 262 71.02 -57.09 65.01
C ALA HA 262 70.96 -55.65 64.53
N VAL HA 263 72.07 -55.12 64.01
CA VAL HA 263 72.06 -53.76 63.49
C VAL HA 263 71.12 -53.67 62.30
N ARG HA 264 71.10 -54.66 61.41
CA ARG HA 264 70.19 -54.61 60.27
C ARG HA 264 68.75 -54.49 60.74
N LEU HA 265 68.34 -55.29 61.71
CA LEU HA 265 66.99 -55.26 62.24
C LEU HA 265 66.72 -53.95 62.96
N ILE HA 266 67.64 -53.48 63.79
CA ILE HA 266 67.46 -52.19 64.46
C ILE HA 266 67.27 -51.11 63.41
N SER HA 267 68.06 -51.15 62.35
CA SER HA 267 67.95 -50.19 61.26
C SER HA 267 66.58 -50.31 60.62
N LYS HA 268 66.10 -51.53 60.37
CA LYS HA 268 64.78 -51.76 59.77
C LYS HA 268 63.72 -51.12 60.64
N LEU HA 269 63.70 -51.44 61.94
CA LEU HA 269 62.73 -50.87 62.87
C LEU HA 269 62.81 -49.34 62.88
N THR HA 270 64.02 -48.81 62.84
CA THR HA 270 64.22 -47.37 62.81
C THR HA 270 63.63 -46.78 61.53
N GLN HA 271 63.93 -47.39 60.39
CA GLN HA 271 63.45 -46.96 59.09
C GLN HA 271 61.93 -46.98 59.03
N GLU HA 272 61.30 -48.07 59.48
CA GLU HA 272 59.85 -48.12 59.58
C GLU HA 272 59.32 -47.03 60.51
N GLY HA 273 59.99 -46.79 61.63
CA GLY HA 273 59.60 -45.75 62.57
C GLY HA 273 59.51 -44.39 61.87
N LEU HA 274 60.61 -43.96 61.24
CA LEU HA 274 60.62 -42.71 60.50
C LEU HA 274 59.60 -42.74 59.36
N LYS HA 275 59.46 -43.86 58.64
CA LYS HA 275 58.48 -43.98 57.56
C LYS HA 275 57.07 -43.70 58.07
N GLN HA 276 56.67 -44.29 59.19
CA GLN HA 276 55.35 -44.07 59.75
C GLN HA 276 55.18 -42.63 60.24
N LEU HA 277 56.19 -42.06 60.91
CA LEU HA 277 56.13 -40.65 61.33
C LEU HA 277 56.00 -39.70 60.13
N LYS HA 278 56.65 -40.01 59.01
CA LYS HA 278 56.50 -39.29 57.74
C LYS HA 278 55.07 -39.45 57.21
N GLU HA 279 54.58 -40.69 57.16
CA GLU HA 279 53.26 -41.01 56.61
C GLU HA 279 52.12 -40.35 57.39
N ILE HA 280 52.19 -40.34 58.73
CA ILE HA 280 51.17 -39.69 59.58
C ILE HA 280 51.26 -38.15 59.55
N GLY HA 281 52.36 -37.60 59.04
CA GLY HA 281 52.59 -36.15 59.00
C GLY HA 281 52.99 -35.53 60.35
N ALA HA 282 53.77 -36.26 61.16
CA ALA HA 282 54.27 -35.77 62.45
C ALA HA 282 55.20 -34.54 62.29
N PRO HA 283 55.32 -33.65 63.30
CA PRO HA 283 56.27 -32.55 63.25
C PRO HA 283 57.70 -33.09 63.31
N PRO HA 284 58.64 -32.56 62.50
CA PRO HA 284 60.03 -32.98 62.49
C PRO HA 284 60.71 -33.03 63.86
N GLU HA 285 60.21 -32.27 64.84
CA GLU HA 285 60.64 -32.35 66.24
C GLU HA 285 60.64 -33.79 66.75
N GLN HA 286 59.55 -34.53 66.55
CA GLN HA 286 59.49 -35.94 66.94
C GLN HA 286 60.49 -36.76 66.12
N ILE HA 287 60.54 -36.51 64.81
CA ILE HA 287 61.34 -37.31 63.88
C ILE HA 287 62.81 -37.24 64.26
N GLU HA 288 63.31 -36.04 64.52
CA GLU HA 288 64.70 -35.82 64.90
C GLU HA 288 65.03 -36.46 66.24
N ARG HA 289 64.12 -36.41 67.23
CA ARG HA 289 64.34 -37.11 68.50
C ARG HA 289 64.45 -38.60 68.27
N VAL HA 290 63.51 -39.19 67.54
CA VAL HA 290 63.56 -40.62 67.22
C VAL HA 290 64.83 -40.95 66.45
N ALA HA 291 65.26 -40.11 65.50
CA ALA HA 291 66.48 -40.34 64.77
C ALA HA 291 67.67 -40.40 65.72
N GLU HA 292 67.79 -39.43 66.62
CA GLU HA 292 68.85 -39.46 67.63
C GLU HA 292 68.78 -40.74 68.46
N HIS HA 293 67.59 -41.10 68.93
CA HIS HA 293 67.41 -42.30 69.75
C HIS HA 293 67.92 -43.53 69.01
N GLY HA 294 67.46 -43.72 67.78
CA GLY HA 294 67.83 -44.86 66.96
C GLY HA 294 69.33 -44.88 66.72
N LEU HA 295 69.90 -43.74 66.34
CA LEU HA 295 71.32 -43.65 66.10
C LEU HA 295 72.12 -43.94 67.37
N GLU HA 296 71.73 -43.43 68.54
CA GLU HA 296 72.52 -43.68 69.74
C GLU HA 296 72.39 -45.13 70.19
N VAL HA 297 71.21 -45.72 70.09
CA VAL HA 297 71.04 -47.16 70.35
C VAL HA 297 71.93 -47.94 69.40
N LEU HA 298 71.91 -47.58 68.11
CA LEU HA 298 72.74 -48.24 67.11
C LEU HA 298 74.19 -48.15 67.52
N LYS HA 299 74.65 -46.96 67.91
CA LYS HA 299 76.02 -46.74 68.34
C LYS HA 299 76.36 -47.62 69.53
N GLU HA 300 75.53 -47.63 70.57
CA GLU HA 300 75.81 -48.44 71.75
C GLU HA 300 75.82 -49.93 71.42
N ILE HA 301 74.93 -50.38 70.54
CA ILE HA 301 74.96 -51.76 70.08
C ILE HA 301 76.23 -52.01 69.28
N ALA HA 302 76.56 -51.14 68.35
CA ALA HA 302 77.73 -51.30 67.50
C ALA HA 302 78.98 -51.43 68.36
N LYS HA 303 79.11 -50.56 69.36
CA LYS HA 303 80.14 -50.66 70.39
C LYS HA 303 80.09 -52.04 71.02
N TYR HA 304 78.97 -52.40 71.61
CA TYR HA 304 78.85 -53.63 72.39
C TYR HA 304 79.25 -54.85 71.57
N GLY HA 305 78.70 -54.98 70.36
CA GLY HA 305 79.04 -56.07 69.45
C GLY HA 305 80.53 -56.05 69.09
N SER HA 306 81.10 -54.87 68.88
CA SER HA 306 82.53 -54.76 68.60
C SER HA 306 83.37 -55.26 69.77
N LYS HA 307 82.96 -55.01 71.01
CA LYS HA 307 83.70 -55.54 72.18
C LYS HA 307 83.70 -57.06 72.23
N LEU HA 308 82.64 -57.69 71.71
CA LEU HA 308 82.52 -59.15 71.63
C LEU HA 308 83.21 -59.78 70.39
N THR HA 309 83.81 -59.00 69.48
CA THR HA 309 84.21 -59.48 68.14
C THR HA 309 85.54 -58.89 67.64
N ASP HA 310 86.11 -59.50 66.58
CA ASP HA 310 87.45 -59.17 66.08
C ASP HA 310 87.61 -59.08 64.54
N SER HA 311 86.71 -59.66 63.73
CA SER HA 311 86.94 -59.81 62.28
C SER HA 311 87.02 -58.48 61.50
N PRO HA 312 88.07 -58.27 60.70
CA PRO HA 312 88.19 -57.08 59.85
C PRO HA 312 86.99 -56.90 58.92
N GLU HA 313 86.56 -57.97 58.27
CA GLU HA 313 85.42 -57.90 57.36
C GLU HA 313 84.13 -57.58 58.12
N LEU HA 314 83.96 -58.12 59.33
CA LEU HA 314 82.82 -57.74 60.15
C LEU HA 314 82.87 -56.25 60.48
N LYS HA 315 84.01 -55.75 60.94
CA LYS HA 315 84.17 -54.33 61.25
C LYS HA 315 83.80 -53.50 60.02
N ARG HA 316 84.37 -53.85 58.86
CA ARG HA 316 84.11 -53.16 57.58
C ARG HA 316 82.62 -53.15 57.25
N GLU HA 317 81.99 -54.31 57.31
CA GLU HA 317 80.56 -54.42 57.07
C GLU HA 317 79.77 -53.58 58.06
N LEU HA 318 80.08 -53.67 59.35
CA LEU HA 318 79.35 -52.94 60.37
C LEU HA 318 79.46 -51.45 60.08
N TYR HA 319 80.66 -50.97 59.81
CA TYR HA 319 80.83 -49.58 59.46
C TYR HA 319 79.98 -49.23 58.25
N ARG HA 320 80.08 -50.04 57.19
CA ARG HA 320 79.34 -49.79 55.95
C ARG HA 320 77.86 -49.69 56.24
N ILE HA 321 77.31 -50.70 56.91
CA ILE HA 321 75.90 -50.74 57.26
C ILE HA 321 75.53 -49.54 58.11
N ILE HA 322 76.33 -49.19 59.10
CA ILE HA 322 76.03 -48.06 59.97
C ILE HA 322 75.95 -46.80 59.13
N SER HA 323 76.93 -46.59 58.26
CA SER HA 323 76.96 -45.42 57.42
C SER HA 323 75.79 -45.41 56.46
N GLU HA 324 75.49 -46.53 55.80
CA GLU HA 324 74.34 -46.62 54.91
C GLU HA 324 73.06 -46.32 55.68
N THR HA 325 72.97 -46.84 56.90
CA THR HA 325 71.83 -46.61 57.78
C THR HA 325 71.68 -45.13 58.04
N ALA HA 326 72.73 -44.49 58.56
CA ALA HA 326 72.68 -43.07 58.85
C ALA HA 326 72.32 -42.28 57.60
N LYS HA 327 72.96 -42.58 56.47
CA LYS HA 327 72.73 -41.89 55.20
C LYS HA 327 71.27 -42.03 54.78
N GLU HA 328 70.72 -43.23 54.85
CA GLU HA 328 69.33 -43.44 54.52
C GLU HA 328 68.43 -42.66 55.48
N LEU HA 329 68.71 -42.68 56.79
CA LEU HA 329 67.87 -41.96 57.76
C LEU HA 329 67.89 -40.46 57.49
N LEU HA 330 69.05 -39.89 57.19
CA LEU HA 330 69.15 -38.49 56.80
C LEU HA 330 68.38 -38.23 55.50
N LYS HA 331 68.51 -39.12 54.51
CA LYS HA 331 67.79 -39.03 53.23
C LYS HA 331 66.28 -39.07 53.44
N ILE HA 332 65.80 -39.91 54.36
CA ILE HA 332 64.39 -39.96 54.74
C ILE HA 332 63.98 -38.63 55.37
N LEU HA 333 64.78 -38.08 56.30
CA LEU HA 333 64.44 -36.81 56.93
C LEU HA 333 64.38 -35.66 55.90
N ALA HA 334 65.30 -35.66 54.94
CA ALA HA 334 65.34 -34.68 53.86
C ALA HA 334 64.14 -34.83 52.91
N GLU HA 335 63.78 -36.06 52.53
CA GLU HA 335 62.54 -36.34 51.82
C GLU HA 335 61.31 -35.89 52.64
N GLY HA 336 61.38 -36.01 53.96
CA GLY HA 336 60.39 -35.51 54.91
C GLY HA 336 60.26 -33.99 55.01
N GLY HA 337 61.10 -33.22 54.30
CA GLY HA 337 60.94 -31.78 54.14
C GLY HA 337 61.25 -30.93 55.39
N ALA HA 338 62.03 -31.45 56.35
CA ALA HA 338 62.46 -30.71 57.54
C ALA HA 338 63.34 -29.48 57.21
N THR HA 339 63.45 -28.51 58.12
CA THR HA 339 64.32 -27.34 57.92
C THR HA 339 65.81 -27.74 57.92
N PRO HA 340 66.68 -26.96 57.24
CA PRO HA 340 68.11 -27.25 57.18
C PRO HA 340 68.74 -27.45 58.56
N GLU HA 341 68.25 -26.74 59.59
CA GLU HA 341 68.74 -26.88 60.95
C GLU HA 341 68.65 -28.34 61.45
N GLN HA 342 67.53 -29.01 61.21
CA GLN HA 342 67.39 -30.40 61.59
C GLN HA 342 68.39 -31.26 60.82
N LEU HA 343 68.56 -30.99 59.52
CA LEU HA 343 69.50 -31.73 58.68
C LEU HA 343 70.93 -31.60 59.22
N GLU HA 344 71.39 -30.40 59.53
CA GLU HA 344 72.75 -30.25 60.06
C GLU HA 344 72.85 -30.85 61.48
N ARG HA 345 71.84 -30.68 62.35
CA ARG HA 345 71.84 -31.28 63.69
C ARG HA 345 72.04 -32.78 63.60
N VAL HA 346 71.23 -33.44 62.77
CA VAL HA 346 71.34 -34.88 62.54
C VAL HA 346 72.68 -35.20 61.88
N THR HA 347 73.13 -34.42 60.90
CA THR HA 347 74.41 -34.67 60.24
C THR HA 347 75.54 -34.67 61.25
N LYS HA 348 75.56 -33.67 62.13
CA LYS HA 348 76.56 -33.55 63.20
C LYS HA 348 76.50 -34.75 64.12
N HIS HA 349 75.31 -35.10 64.61
CA HIS HA 349 75.16 -36.28 65.45
C HIS HA 349 75.66 -37.53 64.72
N ALA HA 350 75.30 -37.70 63.46
CA ALA HA 350 75.69 -38.86 62.69
C ALA HA 350 77.20 -38.90 62.49
N LEU HA 351 77.83 -37.77 62.19
CA LEU HA 351 79.27 -37.70 62.11
C LEU HA 351 79.87 -38.12 63.45
N GLU HA 352 79.37 -37.60 64.57
CA GLU HA 352 79.86 -37.96 65.89
C GLU HA 352 79.70 -39.46 66.15
N VAL HA 353 78.55 -40.03 65.82
CA VAL HA 353 78.33 -41.47 65.91
C VAL HA 353 79.37 -42.20 65.08
N LEU HA 354 79.53 -41.83 63.82
CA LEU HA 354 80.50 -42.49 62.94
C LEU HA 354 81.90 -42.37 63.51
N LYS HA 355 82.24 -41.23 64.09
CA LYS HA 355 83.55 -41.02 64.73
C LYS HA 355 83.71 -41.94 65.92
N GLU HA 356 82.72 -42.02 66.79
CA GLU HA 356 82.76 -42.94 67.92
C GLU HA 356 82.90 -44.38 67.43
N VAL HA 357 82.14 -44.75 66.40
CA VAL HA 357 82.23 -46.07 65.79
C VAL HA 357 83.63 -46.29 65.25
N ALA HA 358 84.23 -45.32 64.57
CA ALA HA 358 85.60 -45.44 64.13
C ALA HA 358 86.53 -45.66 65.33
N LYS HA 359 86.38 -44.87 66.39
CA LYS HA 359 87.21 -44.97 67.59
C LYS HA 359 87.08 -46.34 68.26
N GLU HA 360 85.92 -46.98 68.19
CA GLU HA 360 85.78 -48.36 68.64
C GLU HA 360 86.42 -49.35 67.67
N LEU HA 361 86.15 -49.22 66.37
CA LEU HA 361 86.48 -50.25 65.39
C LEU HA 361 87.95 -50.21 64.97
N ALA HA 362 88.49 -49.03 64.69
CA ALA HA 362 89.66 -48.89 63.85
C ALA HA 362 90.94 -49.45 64.51
N ASP HA 363 91.64 -50.31 63.76
CA ASP HA 363 92.86 -51.01 64.21
C ASP HA 363 93.88 -51.22 63.08
N SER HA 364 93.63 -50.64 61.89
CA SER HA 364 94.53 -50.67 60.74
C SER HA 364 94.38 -49.39 59.91
N PRO HA 365 95.42 -48.93 59.20
CA PRO HA 365 95.29 -47.80 58.30
C PRO HA 365 94.17 -48.01 57.28
N GLU HA 366 93.99 -49.22 56.77
CA GLU HA 366 92.94 -49.55 55.82
C GLU HA 366 91.56 -49.32 56.42
N SER HA 367 91.32 -49.77 57.65
CA SER HA 367 90.05 -49.53 58.32
C SER HA 367 89.87 -48.04 58.63
N GLY HA 368 90.95 -47.34 58.96
CA GLY HA 368 90.93 -45.87 59.05
C GLY HA 368 90.45 -45.25 57.75
N LEU HA 369 91.07 -45.60 56.63
CA LEU HA 369 90.69 -45.05 55.33
C LEU HA 369 89.25 -45.40 54.99
N ALA HA 370 88.85 -46.64 55.20
CA ALA HA 370 87.47 -47.03 54.93
C ALA HA 370 86.50 -46.18 55.75
N ALA HA 371 86.76 -46.00 57.05
CA ALA HA 371 85.94 -45.16 57.90
C ALA HA 371 85.93 -43.73 57.39
N LEU HA 372 87.10 -43.20 57.05
CA LEU HA 372 87.23 -41.86 56.52
C LEU HA 372 86.37 -41.74 55.27
N ALA HA 373 86.50 -42.68 54.34
CA ALA HA 373 85.75 -42.67 53.10
C ALA HA 373 84.25 -42.69 53.38
N ALA HA 374 83.82 -43.49 54.35
CA ALA HA 374 82.42 -43.49 54.75
C ALA HA 374 82.02 -42.13 55.30
N ILE HA 375 82.80 -41.55 56.22
CA ILE HA 375 82.52 -40.23 56.79
C ILE HA 375 82.41 -39.21 55.66
N ALA HA 376 83.36 -39.22 54.73
CA ALA HA 376 83.33 -38.35 53.57
C ALA HA 376 82.06 -38.59 52.76
N SER HA 377 81.65 -39.83 52.56
CA SER HA 377 80.41 -40.09 51.83
C SER HA 377 79.21 -39.49 52.57
N LEU HA 378 79.18 -39.59 53.91
CA LEU HA 378 78.12 -38.99 54.70
C LEU HA 378 78.14 -37.48 54.53
N ALA HA 379 79.32 -36.88 54.62
CA ALA HA 379 79.47 -35.46 54.40
C ALA HA 379 78.96 -35.08 53.00
N LYS HA 380 79.30 -35.86 51.98
CA LYS HA 380 78.87 -35.61 50.60
C LYS HA 380 77.36 -35.63 50.50
N LEU HA 381 76.73 -36.66 51.04
CA LEU HA 381 75.28 -36.74 51.03
C LEU HA 381 74.67 -35.58 51.81
N GLY HA 382 75.20 -35.26 52.99
CA GLY HA 382 74.68 -34.17 53.81
C GLY HA 382 74.73 -32.84 53.05
N LEU HA 383 75.89 -32.54 52.46
CA LEU HA 383 76.07 -31.36 51.64
C LEU HA 383 75.14 -31.37 50.42
N GLU HA 384 74.94 -32.53 49.80
CA GLU HA 384 74.00 -32.67 48.70
C GLU HA 384 72.57 -32.32 49.13
N GLN HA 385 72.13 -32.79 50.30
CA GLN HA 385 70.79 -32.42 50.79
C GLN HA 385 70.70 -30.93 51.13
N LEU HA 386 71.73 -30.34 51.74
CA LEU HA 386 71.77 -28.89 51.98
C LEU HA 386 71.73 -28.10 50.67
N LYS HA 387 72.38 -28.58 49.61
CA LYS HA 387 72.33 -27.97 48.27
C LYS HA 387 70.92 -28.08 47.67
N GLU HA 388 70.30 -29.24 47.74
CA GLU HA 388 68.94 -29.45 47.20
C GLU HA 388 67.89 -28.58 47.90
N ILE HA 389 67.93 -28.45 49.23
CA ILE HA 389 67.02 -27.53 49.95
C ILE HA 389 67.40 -26.05 49.76
N GLY HA 390 68.61 -25.77 49.26
CA GLY HA 390 69.09 -24.41 49.03
C GLY HA 390 69.46 -23.66 50.32
N ALA HA 391 70.05 -24.37 51.30
CA ALA HA 391 70.42 -23.80 52.60
C ALA HA 391 71.46 -22.66 52.46
N PRO HA 392 71.46 -21.64 53.35
CA PRO HA 392 72.41 -20.54 53.30
C PRO HA 392 73.87 -21.05 53.29
N PRO HA 393 74.76 -20.44 52.49
CA PRO HA 393 76.15 -20.88 52.36
C PRO HA 393 76.88 -21.05 53.70
N GLU HA 394 76.60 -20.23 54.70
CA GLU HA 394 77.22 -20.39 56.02
C GLU HA 394 76.91 -21.77 56.63
N GLN HA 395 75.68 -22.27 56.50
CA GLN HA 395 75.34 -23.61 56.96
C GLN HA 395 76.14 -24.66 56.19
N GLN HA 396 76.25 -24.49 54.88
CA GLN HA 396 77.02 -25.39 54.03
C GLN HA 396 78.49 -25.45 54.51
N ARG HA 397 79.09 -24.28 54.74
CA ARG HA 397 80.45 -24.18 55.27
C ARG HA 397 80.54 -24.81 56.66
N ARG HA 398 79.60 -24.54 57.55
CA ARG HA 398 79.59 -25.14 58.90
C ARG HA 398 79.64 -26.65 58.80
N VAL HA 399 78.84 -27.24 57.92
CA VAL HA 399 78.86 -28.69 57.69
C VAL HA 399 80.22 -29.14 57.15
N THR HA 400 80.76 -28.53 56.10
CA THR HA 400 82.03 -29.00 55.55
C THR HA 400 83.18 -28.83 56.53
N LYS HA 401 83.16 -27.76 57.35
CA LYS HA 401 84.09 -27.58 58.46
C LYS HA 401 83.97 -28.72 59.45
N ALA HA 402 82.76 -29.04 59.90
CA ALA HA 402 82.56 -30.20 60.76
C ALA HA 402 83.11 -31.47 60.11
N GLY HA 403 82.92 -31.61 58.80
CA GLY HA 403 83.48 -32.71 58.02
C GLY HA 403 85.00 -32.74 58.14
N ILE HA 404 85.66 -31.63 57.84
CA ILE HA 404 87.12 -31.54 57.97
C ILE HA 404 87.52 -31.86 59.41
N GLU HA 405 86.86 -31.30 60.41
CA GLU HA 405 87.17 -31.55 61.81
C GLU HA 405 87.07 -33.04 62.15
N ALA HA 406 86.01 -33.71 61.72
CA ALA HA 406 85.90 -35.14 61.90
C ALA HA 406 87.06 -35.85 61.22
N VAL HA 407 87.33 -35.53 59.96
CA VAL HA 407 88.39 -36.19 59.20
C VAL HA 407 89.75 -35.97 59.87
N ARG HA 408 89.99 -34.78 60.39
CA ARG HA 408 91.18 -34.47 61.16
C ARG HA 408 91.26 -35.37 62.39
N GLU HA 409 90.20 -35.49 63.16
CA GLU HA 409 90.19 -36.37 64.32
C GLU HA 409 90.42 -37.83 63.93
N ILE HA 410 89.86 -38.27 62.81
CA ILE HA 410 90.13 -39.60 62.28
C ILE HA 410 91.61 -39.75 61.98
N TYR HA 411 92.23 -38.76 61.33
CA TYR HA 411 93.66 -38.85 61.10
C TYR HA 411 94.45 -38.82 62.41
N ARG HA 412 94.05 -38.00 63.39
CA ARG HA 412 94.72 -37.96 64.70
C ARG HA 412 94.64 -39.30 65.41
N TYR HA 413 93.55 -40.06 65.25
CA TYR HA 413 93.51 -41.44 65.69
C TYR HA 413 94.47 -42.31 64.86
N GLY HA 414 94.37 -42.23 63.53
CA GLY HA 414 95.17 -43.05 62.62
C GLY HA 414 96.68 -42.86 62.78
N ARG HA 415 97.11 -41.66 63.17
CA ARG HA 415 98.51 -41.32 63.43
C ARG HA 415 99.18 -42.19 64.51
N LYS HA 416 98.40 -42.79 65.41
CA LYS HA 416 98.90 -43.77 66.40
C LYS HA 416 99.30 -45.11 65.78
N LEU HA 417 98.61 -45.50 64.69
CA LEU HA 417 98.78 -46.79 64.01
C LEU HA 417 99.82 -46.73 62.89
N TYR HA 418 99.83 -45.64 62.12
CA TYR HA 418 100.67 -45.46 60.92
C TYR HA 418 102.14 -45.15 61.27
N ASP IA 3 -21.89 71.69 -62.22
CA ASP IA 3 -21.90 72.77 -63.25
C ASP IA 3 -22.82 73.94 -62.92
N ASP IA 4 -23.73 73.83 -61.95
CA ASP IA 4 -24.86 74.75 -61.75
C ASP IA 4 -24.45 76.22 -61.67
N LEU IA 5 -23.30 76.50 -61.06
CA LEU IA 5 -22.78 77.85 -60.93
C LEU IA 5 -22.69 78.55 -62.28
N LEU IA 6 -22.27 77.85 -63.34
CA LEU IA 6 -22.18 78.43 -64.67
C LEU IA 6 -23.55 78.89 -65.15
N LEU IA 7 -24.57 78.07 -64.94
CA LEU IA 7 -25.94 78.46 -65.27
C LEU IA 7 -26.31 79.73 -64.50
N LYS IA 8 -26.00 79.77 -63.21
CA LYS IA 8 -26.26 80.96 -62.41
C LYS IA 8 -25.50 82.17 -62.94
N LEU IA 9 -24.26 82.01 -63.40
CA LEU IA 9 -23.55 83.13 -64.02
C LEU IA 9 -24.31 83.62 -65.25
N LEU IA 10 -24.80 82.71 -66.09
CA LEU IA 10 -25.56 83.13 -67.25
C LEU IA 10 -26.83 83.88 -66.81
N GLU IA 11 -27.50 83.43 -65.75
CA GLU IA 11 -28.64 84.18 -65.22
C GLU IA 11 -28.22 85.58 -64.80
N LEU IA 12 -27.14 85.68 -64.03
CA LEU IA 12 -26.66 86.97 -63.56
C LEU IA 12 -26.36 87.88 -64.73
N LEU IA 13 -25.63 87.35 -65.71
CA LEU IA 13 -25.31 88.07 -66.91
C LEU IA 13 -26.58 88.52 -67.58
N VAL IA 14 -27.50 87.62 -67.87
CA VAL IA 14 -28.64 87.96 -68.72
C VAL IA 14 -29.54 88.96 -68.01
N GLU IA 15 -29.72 88.80 -66.71
CA GLU IA 15 -30.50 89.76 -65.95
C GLU IA 15 -29.82 91.12 -65.97
N GLN IA 16 -28.50 91.16 -65.78
CA GLN IA 16 -27.79 92.42 -65.87
C GLN IA 16 -27.87 93.00 -67.27
N ALA IA 17 -27.88 92.16 -68.29
CA ALA IA 17 -28.10 92.60 -69.65
C ALA IA 17 -29.48 93.25 -69.76
N ARG IA 18 -30.52 92.69 -69.15
CA ARG IA 18 -31.85 93.30 -69.13
C ARG IA 18 -31.80 94.67 -68.46
N VAL IA 19 -31.19 94.76 -67.29
CA VAL IA 19 -31.12 96.04 -66.57
C VAL IA 19 -30.34 97.07 -67.38
N SER IA 20 -29.25 96.63 -68.00
CA SER IA 20 -28.48 97.47 -68.91
C SER IA 20 -29.33 97.91 -70.09
N ALA IA 21 -30.13 97.01 -70.67
CA ALA IA 21 -31.00 97.32 -71.80
C ALA IA 21 -32.09 98.31 -71.41
N GLU IA 22 -32.66 98.20 -70.21
CA GLU IA 22 -33.61 99.19 -69.72
C GLU IA 22 -32.92 100.56 -69.55
N PHE IA 23 -31.72 100.62 -68.97
CA PHE IA 23 -30.95 101.87 -68.91
C PHE IA 23 -30.69 102.42 -70.31
N ALA IA 24 -30.26 101.57 -71.24
CA ALA IA 24 -30.01 101.96 -72.62
C ALA IA 24 -31.28 102.51 -73.29
N ARG IA 25 -32.45 101.92 -73.02
CA ARG IA 25 -33.74 102.41 -73.52
C ARG IA 25 -34.18 103.72 -72.86
N ARG IA 26 -33.82 103.95 -71.59
CA ARG IA 26 -34.04 105.26 -70.93
C ARG IA 26 -33.09 106.34 -71.46
N GLN IA 27 -31.85 105.99 -71.80
CA GLN IA 27 -30.82 106.94 -72.27
C GLN IA 27 -30.74 107.12 -73.80
N GLY IA 28 -31.26 106.19 -74.61
CA GLY IA 28 -31.10 106.18 -76.06
C GLY IA 28 -29.71 105.76 -76.55
N ASP IA 29 -28.95 105.01 -75.74
CA ASP IA 29 -27.56 104.64 -76.05
C ASP IA 29 -27.47 103.43 -77.00
N GLU IA 30 -27.35 103.69 -78.30
CA GLU IA 30 -27.23 102.66 -79.32
C GLU IA 30 -25.99 101.77 -79.15
N LYS IA 31 -24.89 102.32 -78.63
CA LYS IA 31 -23.70 101.51 -78.36
C LYS IA 31 -23.98 100.53 -77.23
N MET IA 32 -24.67 100.96 -76.18
CA MET IA 32 -25.08 100.02 -75.14
C MET IA 32 -26.12 99.01 -75.66
N LEU IA 33 -27.00 99.39 -76.57
CA LEU IA 33 -27.87 98.42 -77.24
C LEU IA 33 -27.03 97.35 -77.96
N GLU IA 34 -25.98 97.74 -78.67
CA GLU IA 34 -25.03 96.78 -79.23
C GLU IA 34 -24.37 95.94 -78.14
N GLU IA 35 -23.90 96.55 -77.04
CA GLU IA 35 -23.28 95.81 -75.93
C GLU IA 35 -24.21 94.71 -75.41
N VAL IA 36 -25.46 95.06 -75.06
CA VAL IA 36 -26.40 94.06 -74.55
C VAL IA 36 -26.75 93.06 -75.63
N ALA IA 37 -26.91 93.47 -76.89
CA ALA IA 37 -27.23 92.54 -77.97
C ALA IA 37 -26.15 91.46 -78.07
N ARG IA 38 -24.88 91.86 -78.13
CA ARG IA 38 -23.79 90.89 -78.24
C ARG IA 38 -23.61 90.10 -76.95
N LYS IA 39 -23.72 90.75 -75.79
CA LYS IA 39 -23.67 90.03 -74.51
C LYS IA 39 -24.75 88.93 -74.48
N ALA IA 40 -25.97 89.27 -74.85
CA ALA IA 40 -27.09 88.34 -74.87
C ALA IA 40 -26.89 87.25 -75.93
N GLU IA 41 -26.37 87.60 -77.09
CA GLU IA 41 -26.05 86.63 -78.13
C GLU IA 41 -25.02 85.61 -77.62
N GLU IA 42 -23.91 86.08 -77.05
CA GLU IA 42 -22.88 85.19 -76.52
C GLU IA 42 -23.37 84.37 -75.34
N VAL IA 43 -24.12 84.97 -74.42
CA VAL IA 43 -24.74 84.24 -73.32
C VAL IA 43 -25.63 83.14 -73.86
N ALA IA 44 -26.47 83.45 -74.85
CA ALA IA 44 -27.33 82.45 -75.46
C ALA IA 44 -26.50 81.34 -76.11
N ARG IA 45 -25.39 81.70 -76.76
CA ARG IA 45 -24.48 80.71 -77.34
C ARG IA 45 -23.91 79.79 -76.27
N LYS IA 46 -23.42 80.34 -75.15
CA LYS IA 46 -22.95 79.55 -74.01
C LYS IA 46 -24.06 78.61 -73.53
N ALA IA 47 -25.25 79.16 -73.33
CA ALA IA 47 -26.39 78.39 -72.85
C ALA IA 47 -26.73 77.25 -73.81
N GLU IA 48 -26.78 77.50 -75.11
CA GLU IA 48 -27.10 76.50 -76.11
C GLU IA 48 -26.13 75.32 -76.04
N GLU IA 49 -24.83 75.59 -75.98
CA GLU IA 49 -23.84 74.53 -75.84
C GLU IA 49 -24.02 73.75 -74.53
N ILE IA 50 -24.18 74.46 -73.41
CA ILE IA 50 -24.36 73.80 -72.12
C ILE IA 50 -25.63 72.97 -72.11
N ALA IA 51 -26.72 73.45 -72.72
CA ALA IA 51 -27.96 72.73 -72.82
C ALA IA 51 -27.76 71.41 -73.59
N ARG IA 52 -27.06 71.45 -74.71
CA ARG IA 52 -26.77 70.22 -75.47
C ARG IA 52 -25.87 69.26 -74.68
N LYS IA 53 -24.94 69.75 -73.86
CA LYS IA 53 -24.22 68.90 -72.90
C LYS IA 53 -25.20 68.24 -71.92
N ALA IA 54 -26.07 69.02 -71.28
CA ALA IA 54 -27.04 68.46 -70.34
C ALA IA 54 -27.92 67.39 -71.02
N ARG IA 55 -28.36 67.63 -72.25
CA ARG IA 55 -29.11 66.65 -73.05
C ARG IA 55 -28.32 65.36 -73.24
N LYS IA 56 -27.03 65.47 -73.60
CA LYS IA 56 -26.14 64.30 -73.74
C LYS IA 56 -25.96 63.55 -72.42
N GLU IA 57 -25.79 64.26 -71.31
CA GLU IA 57 -25.62 63.63 -70.00
C GLU IA 57 -26.93 63.06 -69.42
N GLY IA 58 -28.08 63.55 -69.85
CA GLY IA 58 -29.38 63.10 -69.38
C GLY IA 58 -29.80 63.66 -68.01
N ASN IA 59 -29.14 64.69 -67.48
CA ASN IA 59 -29.62 65.40 -66.30
C ASN IA 59 -30.76 66.36 -66.68
N LEU IA 60 -32.00 65.88 -66.53
CA LEU IA 60 -33.18 66.63 -66.96
C LEU IA 60 -33.34 67.95 -66.21
N GLU IA 61 -32.98 67.98 -64.93
CA GLU IA 61 -33.10 69.21 -64.14
C GLU IA 61 -32.22 70.31 -64.74
N LEU IA 62 -30.95 70.01 -64.96
CA LEU IA 62 -30.05 70.97 -65.60
C LEU IA 62 -30.56 71.33 -66.99
N ALA IA 63 -31.03 70.37 -67.77
CA ALA IA 63 -31.51 70.65 -69.11
C ALA IA 63 -32.67 71.65 -69.05
N LEU IA 64 -33.64 71.42 -68.18
CA LEU IA 64 -34.75 72.33 -68.00
C LEU IA 64 -34.25 73.70 -67.55
N LYS IA 65 -33.34 73.75 -66.59
CA LYS IA 65 -32.78 75.03 -66.14
C LYS IA 65 -32.11 75.76 -67.29
N ALA IA 66 -31.34 75.05 -68.10
CA ALA IA 66 -30.66 75.63 -69.24
C ALA IA 66 -31.65 76.11 -70.28
N LEU IA 67 -32.71 75.35 -70.52
CA LEU IA 67 -33.80 75.84 -71.35
C LEU IA 67 -34.39 77.10 -70.75
N GLU IA 68 -34.65 77.15 -69.45
CA GLU IA 68 -35.24 78.34 -68.85
C GLU IA 68 -34.32 79.55 -69.05
N ILE IA 69 -33.02 79.36 -68.91
CA ILE IA 69 -32.06 80.40 -69.25
C ILE IA 69 -32.20 80.78 -70.71
N LEU IA 70 -32.33 79.83 -71.62
CA LEU IA 70 -32.53 80.14 -73.02
C LEU IA 70 -33.82 80.95 -73.21
N VAL IA 71 -34.88 80.64 -72.47
CA VAL IA 71 -36.11 81.42 -72.50
C VAL IA 71 -35.83 82.84 -72.03
N ARG IA 72 -35.14 83.00 -70.91
CA ARG IA 72 -34.81 84.31 -70.38
C ARG IA 72 -34.01 85.10 -71.40
N ALA IA 73 -33.02 84.44 -72.00
CA ALA IA 73 -32.21 85.03 -73.05
C ALA IA 73 -33.07 85.44 -74.23
N ALA IA 74 -33.97 84.56 -74.67
CA ALA IA 74 -34.89 84.88 -75.74
C ALA IA 74 -35.71 86.11 -75.38
N HIS IA 75 -36.19 86.22 -74.14
CA HIS IA 75 -37.03 87.35 -73.73
C HIS IA 75 -36.28 88.66 -73.92
N VAL IA 76 -35.08 88.77 -73.37
CA VAL IA 76 -34.31 90.01 -73.57
C VAL IA 76 -33.91 90.19 -75.03
N LEU IA 77 -33.57 89.12 -75.75
CA LEU IA 77 -33.22 89.21 -77.16
C LEU IA 77 -34.39 89.75 -77.97
N ALA IA 78 -35.61 89.32 -77.66
CA ALA IA 78 -36.81 89.80 -78.33
C ALA IA 78 -37.07 91.26 -78.00
N GLU IA 79 -36.93 91.67 -76.74
CA GLU IA 79 -37.04 93.08 -76.36
C GLU IA 79 -36.05 93.94 -77.16
N ILE IA 80 -34.80 93.50 -77.25
CA ILE IA 80 -33.74 94.18 -78.01
C ILE IA 80 -34.12 94.22 -79.49
N ALA IA 81 -34.44 93.07 -80.09
CA ALA IA 81 -34.71 92.98 -81.51
C ALA IA 81 -35.89 93.86 -81.94
N ARG IA 82 -36.95 93.90 -81.11
CA ARG IA 82 -38.17 94.68 -81.35
C ARG IA 82 -37.87 96.17 -81.39
N GLU IA 83 -37.23 96.69 -80.34
CA GLU IA 83 -36.95 98.13 -80.25
C GLU IA 83 -35.87 98.57 -81.24
N ARG IA 84 -34.90 97.69 -81.58
CA ARG IA 84 -33.92 97.95 -82.65
C ARG IA 84 -34.53 97.79 -84.06
N GLY IA 85 -35.69 97.15 -84.19
CA GLY IA 85 -36.33 96.85 -85.47
C GLY IA 85 -35.56 95.84 -86.34
N ASN IA 86 -34.69 95.03 -85.74
CA ASN IA 86 -33.79 94.13 -86.47
C ASN IA 86 -34.46 92.76 -86.74
N GLU IA 87 -34.88 92.54 -87.98
CA GLU IA 87 -35.57 91.30 -88.35
C GLU IA 87 -34.69 90.06 -88.27
N GLU IA 88 -33.38 90.16 -88.51
CA GLU IA 88 -32.50 88.99 -88.39
C GLU IA 88 -32.41 88.50 -86.94
N LEU IA 89 -32.36 89.42 -85.98
CA LEU IA 89 -32.49 89.05 -84.57
C LEU IA 89 -33.88 88.47 -84.27
N GLN IA 90 -34.97 89.06 -84.77
CA GLN IA 90 -36.31 88.49 -84.55
C GLN IA 90 -36.42 87.07 -85.12
N LYS IA 91 -35.89 86.83 -86.32
CA LYS IA 91 -35.82 85.51 -86.94
C LYS IA 91 -35.03 84.54 -86.07
N LYS IA 92 -33.81 84.91 -85.66
CA LYS IA 92 -32.98 84.07 -84.79
C LYS IA 92 -33.71 83.73 -83.48
N ALA IA 93 -34.29 84.72 -82.82
CA ALA IA 93 -35.04 84.52 -81.60
C ALA IA 93 -36.22 83.55 -81.80
N HIS IA 94 -37.06 83.77 -82.81
CA HIS IA 94 -38.21 82.90 -83.06
C HIS IA 94 -37.77 81.45 -83.37
N LYS IA 95 -36.76 81.28 -84.22
CA LYS IA 95 -36.19 79.96 -84.52
C LYS IA 95 -35.65 79.28 -83.26
N LEU IA 96 -34.88 80.00 -82.46
CA LEU IA 96 -34.37 79.48 -81.19
C LEU IA 96 -35.54 79.08 -80.28
N ALA IA 97 -36.58 79.91 -80.19
CA ALA IA 97 -37.75 79.60 -79.37
C ALA IA 97 -38.48 78.34 -79.87
N LYS IA 98 -38.61 78.17 -81.19
CA LYS IA 98 -39.17 76.94 -81.76
C LYS IA 98 -38.31 75.73 -81.37
N GLU IA 99 -37.00 75.84 -81.49
CA GLU IA 99 -36.09 74.77 -81.08
C GLU IA 99 -36.22 74.49 -79.58
N ALA IA 100 -36.36 75.51 -78.76
CA ALA IA 100 -36.61 75.34 -77.33
C ALA IA 100 -37.92 74.62 -77.12
N LEU IA 101 -38.98 74.98 -77.84
CA LEU IA 101 -40.26 74.30 -77.72
C LEU IA 101 -40.10 72.81 -78.06
N ARG IA 102 -39.42 72.52 -79.17
CA ARG IA 102 -39.13 71.15 -79.57
C ARG IA 102 -38.40 70.41 -78.46
N GLN IA 103 -37.34 71.00 -77.94
CA GLN IA 103 -36.56 70.38 -76.87
C GLN IA 103 -37.38 70.21 -75.59
N VAL IA 104 -38.17 71.20 -75.17
CA VAL IA 104 -38.94 71.05 -73.94
C VAL IA 104 -40.00 69.99 -74.13
N ILE IA 105 -40.62 69.91 -75.30
CA ILE IA 105 -41.57 68.84 -75.61
C ILE IA 105 -40.86 67.50 -75.51
N GLU IA 106 -39.69 67.36 -76.12
CA GLU IA 106 -38.92 66.12 -76.06
C GLU IA 106 -38.62 65.75 -74.60
N ILE IA 107 -38.12 66.72 -73.83
CA ILE IA 107 -37.84 66.50 -72.42
C ILE IA 107 -39.14 66.10 -71.72
N ALA IA 108 -40.28 66.72 -72.02
CA ALA IA 108 -41.54 66.39 -71.38
C ALA IA 108 -41.98 64.96 -71.72
N ILE IA 109 -41.82 64.55 -72.97
CA ILE IA 109 -42.06 63.16 -73.36
C ILE IA 109 -41.13 62.25 -72.57
N ARG IA 110 -39.84 62.58 -72.48
CA ARG IA 110 -38.89 61.77 -71.72
C ARG IA 110 -39.25 61.73 -70.23
N ALA IA 111 -39.65 62.84 -69.65
CA ALA IA 111 -40.04 62.91 -68.25
C ALA IA 111 -41.27 62.04 -67.99
N ILE IA 112 -42.25 62.04 -68.90
CA ILE IA 112 -43.39 61.12 -68.82
C ILE IA 112 -42.88 59.69 -68.94
N GLN IA 113 -41.96 59.42 -69.87
CA GLN IA 113 -41.43 58.07 -70.07
C GLN IA 113 -40.66 57.54 -68.85
N GLU IA 114 -39.91 58.39 -68.16
CA GLU IA 114 -39.24 58.06 -66.90
C GLU IA 114 -40.20 58.10 -65.70
N GLY IA 115 -41.35 58.75 -65.82
CA GLY IA 115 -42.40 58.80 -64.79
C GLY IA 115 -42.20 59.80 -63.65
N ASN IA 116 -41.22 60.71 -63.72
CA ASN IA 116 -41.10 61.82 -62.76
C ASN IA 116 -42.05 62.96 -63.15
N LEU IA 117 -43.27 62.93 -62.63
CA LEU IA 117 -44.30 63.88 -63.05
C LEU IA 117 -44.01 65.30 -62.55
N GLU IA 118 -43.22 65.47 -61.49
CA GLU IA 118 -42.79 66.81 -61.08
C GLU IA 118 -41.93 67.45 -62.16
N LEU IA 119 -40.93 66.73 -62.66
CA LEU IA 119 -40.14 67.25 -63.77
C LEU IA 119 -41.03 67.54 -64.97
N ALA IA 120 -41.99 66.67 -65.28
CA ALA IA 120 -42.92 66.94 -66.37
C ALA IA 120 -43.69 68.25 -66.12
N ILE IA 121 -44.22 68.45 -64.93
CA ILE IA 121 -44.92 69.69 -64.59
C ILE IA 121 -44.00 70.88 -64.74
N ILE IA 122 -42.76 70.81 -64.27
CA ILE IA 122 -41.81 71.91 -64.41
C ILE IA 122 -41.53 72.18 -65.88
N ALA IA 123 -41.34 71.13 -66.66
CA ALA IA 123 -41.18 71.26 -68.09
C ALA IA 123 -42.40 71.96 -68.68
N LEU IA 124 -43.61 71.58 -68.26
CA LEU IA 124 -44.81 72.24 -68.72
C LEU IA 124 -44.78 73.70 -68.32
N HIS IA 125 -44.39 74.04 -67.09
CA HIS IA 125 -44.26 75.43 -66.68
C HIS IA 125 -43.32 76.19 -67.61
N ILE IA 126 -42.15 75.62 -67.89
CA ILE IA 126 -41.21 76.23 -68.83
C ILE IA 126 -41.86 76.35 -70.21
N SER IA 127 -42.65 75.37 -70.63
CA SER IA 127 -43.36 75.48 -71.90
C SER IA 127 -44.33 76.65 -71.87
N VAL IA 128 -44.98 76.91 -70.74
CA VAL IA 128 -45.82 78.11 -70.64
C VAL IA 128 -44.96 79.35 -70.76
N ARG IA 129 -43.78 79.39 -70.15
CA ARG IA 129 -42.89 80.53 -70.35
C ARG IA 129 -42.50 80.67 -71.81
N ILE IA 130 -42.21 79.56 -72.49
CA ILE IA 130 -41.95 79.56 -73.92
C ILE IA 130 -43.16 80.13 -74.64
N ALA IA 131 -44.37 79.74 -74.26
CA ALA IA 131 -45.56 80.28 -74.85
C ALA IA 131 -45.65 81.79 -74.65
N GLU IA 132 -45.35 82.31 -73.46
CA GLU IA 132 -45.36 83.76 -73.23
C GLU IA 132 -44.35 84.47 -74.15
N VAL IA 133 -43.14 83.94 -74.23
CA VAL IA 133 -42.11 84.53 -75.09
C VAL IA 133 -42.56 84.45 -76.55
N LEU IA 134 -43.02 83.29 -77.00
CA LEU IA 134 -43.54 83.13 -78.35
C LEU IA 134 -44.68 84.11 -78.60
N LEU IA 135 -45.59 84.27 -77.65
CA LEU IA 135 -46.76 85.13 -77.80
C LEU IA 135 -46.30 86.55 -78.03
N GLU IA 136 -45.36 87.05 -77.25
CA GLU IA 136 -44.84 88.37 -77.52
C GLU IA 136 -44.01 88.43 -78.81
N THR IA 137 -43.40 87.32 -79.20
CA THR IA 137 -42.59 87.25 -80.43
C THR IA 137 -43.46 87.31 -81.69
N ARG IA 138 -44.58 86.58 -81.71
CA ARG IA 138 -45.51 86.45 -82.85
C ARG IA 138 -46.97 86.44 -82.38
N PRO IA 139 -47.56 87.62 -82.12
CA PRO IA 139 -48.98 87.75 -81.78
C PRO IA 139 -49.98 87.25 -82.85
N ASP IA 140 -49.53 87.10 -84.10
CA ASP IA 140 -50.36 86.85 -85.28
C ASP IA 140 -50.58 85.36 -85.63
N ASP IA 141 -49.66 84.46 -85.27
CA ASP IA 141 -49.75 83.04 -85.68
C ASP IA 141 -50.65 82.22 -84.74
N ARG IA 142 -51.97 82.44 -84.89
CA ARG IA 142 -53.04 81.78 -84.15
C ARG IA 142 -52.86 80.26 -84.19
N GLU IA 143 -52.51 79.73 -85.36
CA GLU IA 143 -52.32 78.29 -85.56
C GLU IA 143 -51.11 77.77 -84.78
N GLU IA 144 -49.95 78.40 -84.86
CA GLU IA 144 -48.78 77.94 -84.09
C GLU IA 144 -49.09 77.93 -82.59
N ILE IA 145 -49.73 79.00 -82.10
CA ILE IA 145 -50.16 79.05 -80.71
C ILE IA 145 -51.11 77.90 -80.44
N ARG IA 146 -52.16 77.74 -81.26
CA ARG IA 146 -53.13 76.67 -81.04
C ARG IA 146 -52.48 75.30 -81.08
N GLU IA 147 -51.50 75.05 -81.93
CA GLU IA 147 -50.76 73.80 -81.93
C GLU IA 147 -50.10 73.57 -80.58
N GLN IA 148 -49.35 74.55 -80.10
CA GLN IA 148 -48.73 74.44 -78.80
C GLN IA 148 -49.80 74.21 -77.73
N GLN IA 149 -50.91 74.93 -77.79
CA GLN IA 149 -51.99 74.75 -76.83
C GLN IA 149 -52.57 73.35 -76.90
N ALA IA 150 -52.81 72.83 -78.10
CA ALA IA 150 -53.33 71.49 -78.27
C ALA IA 150 -52.36 70.47 -77.68
N ILE IA 151 -51.08 70.63 -77.97
CA ILE IA 151 -50.03 69.78 -77.42
C ILE IA 151 -50.09 69.85 -75.90
N PHE IA 152 -50.15 71.05 -75.36
CA PHE IA 152 -50.22 71.25 -73.92
C PHE IA 152 -51.49 70.61 -73.34
N GLU IA 153 -52.64 70.81 -73.98
CA GLU IA 153 -53.89 70.20 -73.54
C GLU IA 153 -53.77 68.69 -73.54
N LEU IA 154 -53.15 68.11 -74.56
CA LEU IA 154 -52.93 66.69 -74.63
C LEU IA 154 -52.03 66.25 -73.47
N LEU IA 155 -50.92 66.94 -73.26
CA LEU IA 155 -50.02 66.62 -72.17
C LEU IA 155 -50.75 66.71 -70.84
N ILE IA 156 -51.52 67.76 -70.63
CA ILE IA 156 -52.32 67.92 -69.43
C ILE IA 156 -53.29 66.76 -69.31
N ALA IA 157 -54.00 66.42 -70.36
CA ALA IA 157 -54.94 65.31 -70.28
C ALA IA 157 -54.21 64.03 -69.90
N ALA IA 158 -53.04 63.79 -70.49
CA ALA IA 158 -52.24 62.63 -70.16
C ALA IA 158 -51.86 62.67 -68.68
N LEU IA 159 -51.39 63.80 -68.21
CA LEU IA 159 -51.04 63.97 -66.82
C LEU IA 159 -52.27 63.83 -65.91
N GLU IA 160 -53.47 64.22 -66.33
CA GLU IA 160 -54.67 64.05 -65.51
C GLU IA 160 -54.91 62.58 -65.27
N ALA IA 161 -54.88 61.79 -66.34
CA ALA IA 161 -54.93 60.35 -66.18
C ALA IA 161 -53.76 59.88 -65.30
N ALA IA 162 -52.56 60.40 -65.53
CA ALA IA 162 -51.38 59.93 -64.84
C ALA IA 162 -51.51 60.11 -63.34
N ILE IA 163 -51.79 61.33 -62.91
CA ILE IA 163 -51.88 61.67 -61.50
C ILE IA 163 -53.09 61.00 -60.88
N ARG IA 164 -54.22 60.92 -61.60
CA ARG IA 164 -55.39 60.17 -61.10
C ARG IA 164 -55.01 58.73 -60.84
N LEU IA 165 -54.41 58.08 -61.82
CA LEU IA 165 -54.02 56.68 -61.75
C LEU IA 165 -52.98 56.47 -60.64
N GLU IA 166 -51.97 57.33 -60.56
CA GLU IA 166 -50.96 57.26 -59.51
C GLU IA 166 -51.61 57.34 -58.13
N LYS IA 167 -52.61 58.21 -57.96
CA LYS IA 167 -53.33 58.27 -56.69
C LYS IA 167 -54.20 57.04 -56.46
N LEU IA 168 -54.89 56.52 -57.46
CA LEU IA 168 -55.61 55.25 -57.30
C LEU IA 168 -54.65 54.13 -56.87
N LYS IA 169 -53.45 54.08 -57.45
CA LYS IA 169 -52.37 53.17 -57.07
C LYS IA 169 -51.95 53.40 -55.62
N GLU IA 170 -51.70 54.64 -55.22
CA GLU IA 170 -51.35 54.96 -53.84
C GLU IA 170 -52.46 54.57 -52.85
N GLU IA 171 -53.72 54.79 -53.22
CA GLU IA 171 -54.90 54.42 -52.43
C GLU IA 171 -55.19 52.91 -52.43
N GLY IA 172 -54.56 52.12 -53.31
CA GLY IA 172 -54.80 50.67 -53.42
C GLY IA 172 -56.18 50.32 -53.98
N ALA IA 173 -56.70 51.11 -54.93
CA ALA IA 173 -58.00 50.89 -55.57
C ALA IA 173 -58.12 49.52 -56.27
N PRO IA 174 -59.34 48.96 -56.43
CA PRO IA 174 -59.51 47.67 -57.10
C PRO IA 174 -59.16 47.78 -58.59
N PRO IA 175 -58.45 46.79 -59.16
CA PRO IA 175 -58.03 46.80 -60.56
C PRO IA 175 -59.16 47.07 -61.55
N GLU IA 176 -60.39 46.64 -61.26
CA GLU IA 176 -61.55 46.90 -62.13
C GLU IA 176 -61.85 48.41 -62.24
N GLN IA 177 -61.89 49.12 -61.12
CA GLN IA 177 -62.08 50.57 -61.13
C GLN IA 177 -60.92 51.25 -61.87
N ILE IA 178 -59.70 50.79 -61.62
CA ILE IA 178 -58.50 51.27 -62.33
C ILE IA 178 -58.67 51.07 -63.83
N GLU IA 179 -59.13 49.91 -64.27
CA GLU IA 179 -59.30 49.62 -65.69
C GLU IA 179 -60.37 50.52 -66.32
N ARG IA 180 -61.48 50.78 -65.63
CA ARG IA 180 -62.48 51.73 -66.13
C ARG IA 180 -61.88 53.12 -66.32
N VAL IA 181 -61.08 53.57 -65.35
CA VAL IA 181 -60.36 54.84 -65.48
C VAL IA 181 -59.38 54.78 -66.64
N ALA IA 182 -58.64 53.68 -66.79
CA ALA IA 182 -57.65 53.53 -67.84
C ALA IA 182 -58.29 53.62 -69.22
N GLU IA 183 -59.39 52.89 -69.44
CA GLU IA 183 -60.14 52.98 -70.68
C GLU IA 183 -60.61 54.40 -70.92
N HIS IA 184 -61.24 55.02 -69.92
CA HIS IA 184 -61.73 56.39 -70.04
C HIS IA 184 -60.62 57.33 -70.47
N GLY IA 185 -59.44 57.19 -69.86
CA GLY IA 185 -58.24 57.92 -70.21
C GLY IA 185 -57.84 57.67 -71.65
N LEU IA 186 -57.64 56.42 -72.03
CA LEU IA 186 -57.22 56.08 -73.38
C LEU IA 186 -58.22 56.62 -74.41
N GLU IA 187 -59.52 56.40 -74.20
CA GLU IA 187 -60.53 56.82 -75.16
C GLU IA 187 -60.67 58.33 -75.23
N ARG IA 188 -60.69 59.05 -74.10
CA ARG IA 188 -60.71 60.51 -74.18
C ARG IA 188 -59.45 60.99 -74.88
N LEU IA 189 -58.29 60.41 -74.60
CA LEU IA 189 -57.05 60.79 -75.29
C LEU IA 189 -57.20 60.55 -76.78
N LYS IA 190 -57.75 59.41 -77.18
CA LYS IA 190 -57.98 59.11 -78.59
C LYS IA 190 -58.85 60.18 -79.23
N GLU IA 191 -59.98 60.48 -78.63
CA GLU IA 191 -60.90 61.47 -79.19
C GLU IA 191 -60.23 62.85 -79.24
N ILE IA 192 -59.51 63.24 -78.19
CA ILE IA 192 -58.75 64.49 -78.20
C ILE IA 192 -57.78 64.47 -79.36
N ALA IA 193 -57.00 63.41 -79.51
CA ALA IA 193 -56.02 63.31 -80.59
C ALA IA 193 -56.73 63.42 -81.94
N LYS IA 194 -57.87 62.77 -82.11
CA LYS IA 194 -58.63 62.86 -83.35
C LYS IA 194 -59.08 64.28 -83.61
N GLU IA 195 -59.63 64.97 -82.62
CA GLU IA 195 -59.98 66.38 -82.78
C GLU IA 195 -58.76 67.22 -83.14
N ILE IA 196 -57.63 67.02 -82.47
CA ILE IA 196 -56.38 67.70 -82.81
C ILE IA 196 -56.00 67.40 -84.26
N SER IA 197 -56.15 66.17 -84.71
CA SER IA 197 -55.86 65.80 -86.10
C SER IA 197 -56.78 66.50 -87.10
N LYS IA 198 -58.00 66.87 -86.71
CA LYS IA 198 -58.87 67.70 -87.55
C LYS IA 198 -58.31 69.12 -87.67
N GLU IA 199 -57.71 69.63 -86.61
CA GLU IA 199 -57.15 70.98 -86.62
C GLU IA 199 -55.81 71.07 -87.36
N VAL IA 200 -54.83 70.25 -86.99
CA VAL IA 200 -53.41 70.52 -87.31
C VAL IA 200 -52.99 69.95 -88.69
N ASP IA 201 -52.03 70.62 -89.34
CA ASP IA 201 -51.42 70.17 -90.60
C ASP IA 201 -49.87 70.15 -90.60
N SER IA 202 -49.19 70.59 -89.53
CA SER IA 202 -47.75 70.40 -89.39
C SER IA 202 -47.43 68.91 -89.18
N PRO IA 203 -46.60 68.29 -90.04
CA PRO IA 203 -46.22 66.89 -89.87
C PRO IA 203 -45.59 66.66 -88.51
N GLU IA 204 -44.67 67.53 -88.11
CA GLU IA 204 -43.99 67.41 -86.82
C GLU IA 204 -44.99 67.52 -85.67
N SER IA 205 -46.00 68.37 -85.78
CA SER IA 205 -47.03 68.46 -84.74
C SER IA 205 -47.74 67.13 -84.57
N LYS IA 206 -48.15 66.48 -85.66
CA LYS IA 206 -48.77 65.16 -85.59
C LYS IA 206 -47.79 64.15 -85.00
N ARG IA 207 -46.52 64.21 -85.40
CA ARG IA 207 -45.47 63.29 -84.92
C ARG IA 207 -45.33 63.39 -83.42
N ILE IA 208 -45.16 64.61 -82.93
CA ILE IA 208 -45.17 64.94 -81.51
C ILE IA 208 -46.43 64.39 -80.88
N ALA IA 209 -47.59 64.69 -81.45
CA ALA IA 209 -48.84 64.28 -80.85
C ALA IA 209 -48.86 62.77 -80.67
N TYR IA 210 -48.56 62.01 -81.72
CA TYR IA 210 -48.64 60.57 -81.60
C TYR IA 210 -47.61 60.07 -80.61
N LYS IA 211 -46.39 60.60 -80.63
CA LYS IA 211 -45.38 60.24 -79.63
C LYS IA 211 -45.92 60.45 -78.23
N ILE IA 212 -46.57 61.59 -77.99
CA ILE IA 212 -47.18 61.86 -76.69
C ILE IA 212 -48.22 60.78 -76.39
N VAL IA 213 -49.12 60.50 -77.33
CA VAL IA 213 -50.16 59.51 -77.08
C VAL IA 213 -49.53 58.17 -76.74
N ALA IA 214 -48.55 57.78 -77.53
CA ALA IA 214 -47.86 56.52 -77.33
C ALA IA 214 -47.22 56.49 -75.95
N ALA IA 215 -46.53 57.56 -75.58
CA ALA IA 215 -45.96 57.66 -74.26
C ALA IA 215 -47.05 57.56 -73.19
N ALA IA 216 -48.21 58.15 -73.41
CA ALA IA 216 -49.31 58.09 -72.44
C ALA IA 216 -49.77 56.65 -72.25
N ALA IA 217 -49.97 55.92 -73.34
CA ALA IA 217 -50.28 54.51 -73.24
C ALA IA 217 -49.15 53.74 -72.52
N GLU IA 218 -47.91 53.97 -72.92
CA GLU IA 218 -46.76 53.27 -72.36
C GLU IA 218 -46.68 53.48 -70.84
N PHE IA 219 -46.73 54.73 -70.42
CA PHE IA 219 -46.72 55.09 -69.01
C PHE IA 219 -47.89 54.41 -68.30
N LEU IA 220 -49.10 54.51 -68.84
CA LEU IA 220 -50.28 53.92 -68.24
C LEU IA 220 -50.07 52.42 -68.01
N LEU IA 221 -49.54 51.75 -69.02
CA LEU IA 221 -49.24 50.33 -68.93
C LEU IA 221 -48.21 50.07 -67.85
N LYS IA 222 -47.13 50.84 -67.79
CA LYS IA 222 -46.12 50.67 -66.75
C LYS IA 222 -46.71 50.88 -65.36
N ILE IA 223 -47.51 51.92 -65.16
CA ILE IA 223 -48.13 52.16 -63.87
C ILE IA 223 -49.08 51.02 -63.52
N LEU IA 224 -49.88 50.55 -64.48
CA LEU IA 224 -50.75 49.40 -64.24
C LEU IA 224 -49.94 48.18 -63.82
N ALA IA 225 -48.79 47.95 -64.45
CA ALA IA 225 -47.91 46.84 -64.13
C ALA IA 225 -47.28 46.99 -62.73
N GLU IA 226 -46.84 48.18 -62.33
CA GLU IA 226 -46.43 48.44 -60.95
C GLU IA 226 -47.57 48.13 -59.98
N GLY IA 227 -48.80 48.42 -60.38
CA GLY IA 227 -50.01 48.14 -59.61
C GLY IA 227 -50.30 46.65 -59.40
N GLY IA 228 -49.60 45.74 -60.08
CA GLY IA 228 -49.73 44.30 -59.87
C GLY IA 228 -51.09 43.70 -60.28
N ALA IA 229 -51.79 44.33 -61.24
CA ALA IA 229 -53.04 43.82 -61.79
C ALA IA 229 -52.89 42.41 -62.44
N THR IA 230 -53.98 41.66 -62.58
CA THR IA 230 -53.92 40.30 -63.12
C THR IA 230 -53.48 40.29 -64.58
N PRO IA 231 -52.85 39.21 -65.07
CA PRO IA 231 -52.54 39.03 -66.49
C PRO IA 231 -53.75 39.28 -67.40
N GLU IA 232 -54.94 38.87 -66.96
CA GLU IA 232 -56.18 39.11 -67.71
C GLU IA 232 -56.43 40.60 -67.91
N GLN IA 233 -56.41 41.38 -66.83
CA GLN IA 233 -56.62 42.83 -66.95
C GLN IA 233 -55.50 43.48 -67.77
N LEU IA 234 -54.24 43.08 -67.54
CA LEU IA 234 -53.10 43.60 -68.29
C LEU IA 234 -53.30 43.37 -69.79
N GLU IA 235 -53.66 42.16 -70.18
CA GLU IA 235 -53.94 41.82 -71.57
C GLU IA 235 -55.11 42.63 -72.12
N ARG IA 236 -56.22 42.76 -71.38
CA ARG IA 236 -57.38 43.55 -71.83
C ARG IA 236 -56.98 44.99 -72.12
N VAL IA 237 -56.28 45.62 -71.18
CA VAL IA 237 -55.78 46.98 -71.38
C VAL IA 237 -54.81 47.00 -72.56
N THR IA 238 -53.93 46.00 -72.67
CA THR IA 238 -52.97 45.95 -73.77
C THR IA 238 -53.67 45.94 -75.11
N GLU IA 239 -54.65 45.05 -75.29
CA GLU IA 239 -55.40 44.96 -76.53
C GLU IA 239 -56.09 46.29 -76.83
N HIS IA 240 -56.79 46.84 -75.84
CA HIS IA 240 -57.48 48.11 -76.01
C HIS IA 240 -56.51 49.21 -76.41
N ALA IA 241 -55.36 49.27 -75.74
CA ALA IA 241 -54.32 50.23 -76.03
C ALA IA 241 -53.81 50.05 -77.45
N LEU IA 242 -53.42 48.84 -77.84
CA LEU IA 242 -52.97 48.59 -79.19
C LEU IA 242 -54.03 48.99 -80.21
N GLU IA 243 -55.29 48.66 -79.97
CA GLU IA 243 -56.38 49.02 -80.88
C GLU IA 243 -56.50 50.53 -81.02
N VAL IA 244 -56.52 51.25 -79.90
CA VAL IA 244 -56.51 52.71 -79.90
C VAL IA 244 -55.30 53.22 -80.66
N LEU IA 245 -54.13 52.70 -80.36
CA LEU IA 245 -52.90 53.18 -80.94
C LEU IA 245 -52.90 52.98 -82.44
N LYS IA 246 -53.43 51.85 -82.90
CA LYS IA 246 -53.64 51.57 -84.31
C LYS IA 246 -54.58 52.60 -84.91
N GLU IA 247 -55.71 52.86 -84.26
CA GLU IA 247 -56.65 53.85 -84.78
C GLU IA 247 -55.98 55.23 -84.90
N VAL IA 248 -55.29 55.68 -83.85
CA VAL IA 248 -54.64 56.98 -83.87
C VAL IA 248 -53.55 57.00 -84.94
N ALA IA 249 -52.77 55.93 -85.07
CA ALA IA 249 -51.80 55.85 -86.14
C ALA IA 249 -52.47 56.00 -87.51
N LYS IA 250 -53.55 55.24 -87.75
CA LYS IA 250 -54.27 55.29 -89.03
C LYS IA 250 -54.79 56.69 -89.32
N GLU IA 251 -55.30 57.37 -88.32
CA GLU IA 251 -55.74 58.75 -88.49
C GLU IA 251 -54.55 59.67 -88.81
N LEU IA 252 -53.50 59.64 -87.99
CA LEU IA 252 -52.46 60.67 -88.03
C LEU IA 252 -51.40 60.45 -89.13
N ALA IA 253 -51.12 59.20 -89.53
CA ALA IA 253 -49.99 58.93 -90.42
C ALA IA 253 -50.23 59.45 -91.85
N ASP IA 254 -49.27 60.23 -92.37
CA ASP IA 254 -49.36 60.89 -93.69
C ASP IA 254 -47.97 61.19 -94.35
N SER IA 255 -46.85 60.72 -93.78
CA SER IA 255 -45.50 61.02 -94.25
C SER IA 255 -44.55 59.83 -94.14
N PRO IA 256 -43.41 59.81 -94.87
CA PRO IA 256 -42.50 58.68 -94.88
C PRO IA 256 -42.08 58.25 -93.48
N GLU IA 257 -41.49 59.18 -92.73
CA GLU IA 257 -41.04 58.85 -91.37
C GLU IA 257 -42.21 58.59 -90.43
N SER IA 258 -43.41 59.12 -90.68
CA SER IA 258 -44.54 58.87 -89.77
C SER IA 258 -44.82 57.38 -89.62
N VAL IA 259 -44.71 56.62 -90.70
CA VAL IA 259 -44.89 55.18 -90.62
C VAL IA 259 -43.77 54.55 -89.82
N ARG IA 260 -42.53 54.95 -90.09
CA ARG IA 260 -41.35 54.42 -89.39
C ARG IA 260 -41.48 54.65 -87.90
N GLU IA 261 -41.87 55.86 -87.53
CA GLU IA 261 -42.14 56.20 -86.15
C GLU IA 261 -43.29 55.35 -85.62
N ALA IA 262 -44.38 55.23 -86.37
CA ALA IA 262 -45.54 54.50 -85.92
C ALA IA 262 -45.17 53.07 -85.59
N VAL IA 263 -44.48 52.37 -86.49
CA VAL IA 263 -44.08 50.99 -86.21
C VAL IA 263 -43.12 50.97 -85.04
N ARG IA 264 -42.18 51.92 -84.95
CA ARG IA 264 -41.25 51.96 -83.81
C ARG IA 264 -42.02 52.06 -82.51
N LEU IA 265 -43.03 52.91 -82.45
CA LEU IA 265 -43.84 53.07 -81.25
C LEU IA 265 -44.64 51.81 -80.98
N ILE IA 266 -45.37 51.32 -81.97
CA ILE IA 266 -46.22 50.14 -81.81
C ILE IA 266 -45.38 48.98 -81.31
N SER IA 267 -44.26 48.74 -81.97
CA SER IA 267 -43.35 47.66 -81.62
C SER IA 267 -42.80 47.88 -80.23
N LYS IA 268 -42.32 49.07 -79.88
CA LYS IA 268 -41.82 49.34 -78.54
C LYS IA 268 -42.89 49.01 -77.49
N LEU IA 269 -44.11 49.50 -77.68
CA LEU IA 269 -45.16 49.23 -76.72
C LEU IA 269 -45.51 47.75 -76.68
N THR IA 270 -45.44 47.08 -77.82
CA THR IA 270 -45.57 45.63 -77.86
C THR IA 270 -44.48 44.97 -77.02
N GLN IA 271 -43.23 45.39 -77.20
CA GLN IA 271 -42.10 44.85 -76.45
C GLN IA 271 -42.30 45.05 -74.96
N GLU IA 272 -42.75 46.22 -74.55
CA GLU IA 272 -43.11 46.45 -73.14
C GLU IA 272 -44.16 45.45 -72.69
N GLY IA 273 -45.28 45.36 -73.41
CA GLY IA 273 -46.35 44.46 -73.04
C GLY IA 273 -45.84 43.03 -72.86
N LEU IA 274 -45.07 42.54 -73.84
CA LEU IA 274 -44.48 41.22 -73.78
C LEU IA 274 -43.57 41.07 -72.56
N LYS IA 275 -42.68 42.04 -72.32
CA LYS IA 275 -41.78 42.00 -71.15
C LYS IA 275 -42.57 41.95 -69.85
N GLN IA 276 -43.62 42.75 -69.70
CA GLN IA 276 -44.45 42.74 -68.51
C GLN IA 276 -45.21 41.41 -68.36
N LEU IA 277 -45.79 40.86 -69.44
CA LEU IA 277 -46.45 39.56 -69.38
C LEU IA 277 -45.48 38.42 -69.03
N LYS IA 278 -44.20 38.51 -69.44
CA LYS IA 278 -43.15 37.59 -68.96
C LYS IA 278 -42.88 37.81 -67.48
N GLU IA 279 -42.69 39.05 -67.06
CA GLU IA 279 -42.33 39.37 -65.67
C GLU IA 279 -43.40 38.93 -64.65
N ILE IA 280 -44.69 39.06 -64.99
CA ILE IA 280 -45.78 38.64 -64.08
C ILE IA 280 -45.91 37.10 -63.96
N GLY IA 281 -45.23 36.32 -64.80
CA GLY IA 281 -45.23 34.86 -64.72
C GLY IA 281 -46.52 34.20 -65.25
N ALA IA 282 -47.21 34.83 -66.19
CA ALA IA 282 -48.42 34.28 -66.83
C ALA IA 282 -48.15 32.97 -67.61
N PRO IA 283 -49.17 32.12 -67.87
CA PRO IA 283 -49.01 31.03 -68.81
C PRO IA 283 -48.75 31.61 -70.22
N PRO IA 284 -47.77 31.09 -70.97
CA PRO IA 284 -47.39 31.60 -72.28
C PRO IA 284 -48.53 31.75 -73.29
N GLU IA 285 -49.66 31.07 -73.08
CA GLU IA 285 -50.88 31.28 -73.86
C GLU IA 285 -51.24 32.78 -73.95
N GLN IA 286 -51.16 33.50 -72.84
CA GLN IA 286 -51.43 34.94 -72.86
C GLN IA 286 -50.41 35.69 -73.72
N ILE IA 287 -49.13 35.32 -73.59
CA ILE IA 287 -48.05 35.92 -74.38
C ILE IA 287 -48.34 35.71 -75.87
N GLU IA 288 -48.72 34.50 -76.24
CA GLU IA 288 -49.03 34.15 -77.62
C GLU IA 288 -50.24 34.93 -78.15
N ARG IA 289 -51.28 35.13 -77.35
CA ARG IA 289 -52.40 36.00 -77.75
C ARG IA 289 -51.90 37.40 -78.06
N VAL IA 290 -51.12 37.98 -77.15
CA VAL IA 290 -50.53 39.30 -77.38
C VAL IA 290 -49.61 39.28 -78.60
N ALA IA 291 -48.86 38.21 -78.83
CA ALA IA 291 -48.00 38.09 -79.98
C ALA IA 291 -48.83 38.16 -81.27
N GLU IA 292 -49.92 37.39 -81.36
CA GLU IA 292 -50.79 37.46 -82.53
C GLU IA 292 -51.36 38.87 -82.67
N HIS IA 293 -51.84 39.47 -81.59
CA HIS IA 293 -52.36 40.83 -81.65
C HIS IA 293 -51.31 41.78 -82.20
N GLY IA 294 -50.08 41.67 -81.70
CA GLY IA 294 -48.96 42.49 -82.15
C GLY IA 294 -48.73 42.29 -83.64
N LEU IA 295 -48.57 41.05 -84.07
CA LEU IA 295 -48.33 40.76 -85.48
C LEU IA 295 -49.47 41.29 -86.35
N GLU IA 296 -50.72 41.06 -85.95
CA GLU IA 296 -51.87 41.56 -86.69
C GLU IA 296 -51.85 43.07 -86.80
N VAL IA 297 -51.66 43.76 -85.68
CA VAL IA 297 -51.58 45.22 -85.68
C VAL IA 297 -50.43 45.67 -86.57
N LEU IA 298 -49.26 45.05 -86.45
CA LEU IA 298 -48.10 45.41 -87.26
C LEU IA 298 -48.45 45.29 -88.73
N LYS IA 299 -49.09 44.19 -89.12
CA LYS IA 299 -49.55 43.97 -90.48
C LYS IA 299 -50.56 45.03 -90.90
N GLU IA 300 -51.51 45.40 -90.05
CA GLU IA 300 -52.45 46.46 -90.39
C GLU IA 300 -51.73 47.80 -90.58
N ILE IA 301 -50.75 48.10 -89.74
CA ILE IA 301 -49.93 49.30 -89.87
C ILE IA 301 -49.17 49.25 -91.18
N ALA IA 302 -48.50 48.14 -91.48
CA ALA IA 302 -47.77 47.98 -92.72
C ALA IA 302 -48.70 48.17 -93.92
N LYS IA 303 -49.90 47.60 -93.86
CA LYS IA 303 -50.93 47.76 -94.90
C LYS IA 303 -51.27 49.24 -95.09
N TYR IA 304 -51.52 49.99 -94.02
CA TYR IA 304 -51.71 51.43 -94.15
C TYR IA 304 -50.47 52.08 -94.78
N GLY IA 305 -49.28 51.71 -94.32
CA GLY IA 305 -48.01 52.18 -94.85
C GLY IA 305 -47.87 51.95 -96.35
N SER IA 306 -48.40 50.86 -96.89
CA SER IA 306 -48.37 50.59 -98.32
C SER IA 306 -49.07 51.68 -99.13
N LYS IA 307 -50.11 52.33 -98.56
CA LYS IA 307 -50.87 53.39 -99.23
C LYS IA 307 -50.01 54.63 -99.44
N LEU IA 308 -49.24 55.01 -98.42
CA LEU IA 308 -48.38 56.19 -98.46
C LEU IA 308 -47.08 55.94 -99.24
N THR IA 309 -46.48 54.77 -99.05
CA THR IA 309 -45.06 54.56 -99.38
C THR IA 309 -44.75 54.49 -100.88
N ASP IA 310 -43.59 55.03 -101.23
CA ASP IA 310 -42.97 54.98 -102.56
C ASP IA 310 -41.48 54.55 -102.48
N SER IA 311 -40.73 55.01 -101.48
CA SER IA 311 -39.35 54.62 -101.20
C SER IA 311 -39.23 53.14 -100.80
N PRO IA 312 -38.52 52.32 -101.59
CA PRO IA 312 -38.15 50.97 -101.18
C PRO IA 312 -37.30 50.98 -99.91
N GLU IA 313 -36.51 52.03 -99.68
CA GLU IA 313 -35.63 52.12 -98.52
C GLU IA 313 -36.46 52.18 -97.23
N LEU IA 314 -37.52 52.99 -97.23
CA LEU IA 314 -38.49 53.02 -96.14
C LEU IA 314 -39.10 51.63 -95.97
N LYS IA 315 -39.62 51.03 -97.04
CA LYS IA 315 -40.19 49.67 -96.95
C LYS IA 315 -39.19 48.69 -96.33
N ARG IA 316 -37.93 48.74 -96.76
CA ARG IA 316 -36.86 47.85 -96.27
C ARG IA 316 -36.64 48.06 -94.79
N GLU IA 317 -36.54 49.32 -94.36
CA GLU IA 317 -36.49 49.65 -92.94
C GLU IA 317 -37.69 49.08 -92.19
N LEU IA 318 -38.91 49.26 -92.70
CA LEU IA 318 -40.11 48.75 -92.03
C LEU IA 318 -39.98 47.25 -91.88
N TYR IA 319 -39.65 46.55 -92.95
CA TYR IA 319 -39.50 45.11 -92.91
C TYR IA 319 -38.44 44.73 -91.89
N ARG IA 320 -37.30 45.43 -91.89
CA ARG IA 320 -36.22 45.18 -90.95
C ARG IA 320 -36.75 45.29 -89.53
N ILE IA 321 -37.43 46.37 -89.20
CA ILE IA 321 -38.00 46.57 -87.88
C ILE IA 321 -38.97 45.43 -87.55
N ILE IA 322 -39.83 45.06 -88.49
CA ILE IA 322 -40.79 43.99 -88.26
C ILE IA 322 -40.03 42.71 -87.93
N SER IA 323 -38.99 42.41 -88.69
CA SER IA 323 -38.17 41.22 -88.46
C SER IA 323 -37.46 41.29 -87.11
N GLU IA 324 -36.91 42.44 -86.73
CA GLU IA 324 -36.34 42.61 -85.39
C GLU IA 324 -37.41 42.33 -84.34
N THR IA 325 -38.64 42.78 -84.58
CA THR IA 325 -39.74 42.56 -83.66
C THR IA 325 -40.02 41.08 -83.52
N ALA IA 326 -40.05 40.36 -84.64
CA ALA IA 326 -40.20 38.93 -84.59
C ALA IA 326 -39.06 38.28 -83.80
N LYS IA 327 -37.81 38.67 -84.08
CA LYS IA 327 -36.65 38.11 -83.37
C LYS IA 327 -36.73 38.39 -81.88
N GLU IA 328 -37.18 39.58 -81.51
CA GLU IA 328 -37.34 39.96 -80.13
C GLU IA 328 -38.46 39.17 -79.46
N LEU IA 329 -39.65 39.11 -80.05
CA LEU IA 329 -40.77 38.40 -79.41
C LEU IA 329 -40.48 36.90 -79.32
N LEU IA 330 -39.76 36.36 -80.29
CA LEU IA 330 -39.21 35.02 -80.21
C LEU IA 330 -38.29 34.89 -78.99
N LYS IA 331 -37.28 35.77 -78.87
CA LYS IA 331 -36.32 35.71 -77.77
C LYS IA 331 -37.03 35.78 -76.42
N ILE IA 332 -37.99 36.68 -76.29
CA ILE IA 332 -38.79 36.84 -75.07
C ILE IA 332 -39.55 35.53 -74.77
N LEU IA 333 -40.24 34.97 -75.75
CA LEU IA 333 -41.01 33.75 -75.53
C LEU IA 333 -40.10 32.58 -75.15
N ALA IA 334 -38.93 32.49 -75.79
CA ALA IA 334 -37.93 31.48 -75.50
C ALA IA 334 -37.35 31.62 -74.08
N GLU IA 335 -37.02 32.84 -73.65
CA GLU IA 335 -36.64 33.09 -72.26
C GLU IA 335 -37.79 32.76 -71.30
N GLY IA 336 -39.03 32.95 -71.74
CA GLY IA 336 -40.25 32.58 -71.02
C GLY IA 336 -40.42 31.06 -70.79
N GLY IA 337 -39.56 30.21 -71.36
CA GLY IA 337 -39.56 28.78 -71.09
C GLY IA 337 -40.77 28.01 -71.63
N ALA IA 338 -41.45 28.56 -72.64
CA ALA IA 338 -42.63 27.94 -73.26
C ALA IA 338 -42.32 26.60 -73.96
N THR IA 339 -43.34 25.77 -74.16
CA THR IA 339 -43.21 24.55 -74.99
C THR IA 339 -42.79 24.91 -76.42
N PRO IA 340 -41.95 24.09 -77.07
CA PRO IA 340 -41.60 24.28 -78.47
C PRO IA 340 -42.83 24.33 -79.37
N GLU IA 341 -43.96 23.75 -78.98
CA GLU IA 341 -45.19 23.84 -79.77
C GLU IA 341 -45.65 25.30 -79.92
N GLN IA 342 -45.64 26.09 -78.85
CA GLN IA 342 -46.00 27.50 -78.94
C GLN IA 342 -44.96 28.25 -79.78
N LEU IA 343 -43.68 27.95 -79.59
CA LEU IA 343 -42.62 28.58 -80.37
C LEU IA 343 -42.78 28.27 -81.87
N GLU IA 344 -43.17 27.05 -82.23
CA GLU IA 344 -43.53 26.71 -83.60
C GLU IA 344 -44.74 27.53 -84.06
N ARG IA 345 -45.86 27.47 -83.34
CA ARG IA 345 -47.11 28.19 -83.69
C ARG IA 345 -46.82 29.65 -83.98
N VAL IA 346 -46.11 30.30 -83.06
CA VAL IA 346 -45.69 31.69 -83.20
C VAL IA 346 -44.74 31.85 -84.37
N THR IA 347 -43.65 31.09 -84.46
CA THR IA 347 -42.64 31.28 -85.51
C THR IA 347 -43.27 31.14 -86.88
N LYS IA 348 -44.12 30.12 -87.05
CA LYS IA 348 -44.85 29.88 -88.28
C LYS IA 348 -45.73 31.08 -88.60
N HIS IA 349 -46.56 31.50 -87.65
CA HIS IA 349 -47.43 32.65 -87.86
C HIS IA 349 -46.63 33.89 -88.21
N ALA IA 350 -45.50 34.12 -87.53
CA ALA IA 350 -44.64 35.25 -87.78
C ALA IA 350 -44.09 35.21 -89.19
N LEU IA 351 -43.54 34.07 -89.61
CA LEU IA 351 -43.07 33.90 -90.97
C LEU IA 351 -44.20 34.19 -91.97
N GLU IA 352 -45.40 33.67 -91.71
CA GLU IA 352 -46.54 33.89 -92.60
C GLU IA 352 -46.98 35.35 -92.63
N VAL IA 353 -46.98 36.03 -91.50
CA VAL IA 353 -47.24 37.46 -91.48
C VAL IA 353 -46.15 38.19 -92.26
N LEU IA 354 -44.88 37.82 -92.08
CA LEU IA 354 -43.80 38.40 -92.86
C LEU IA 354 -44.07 38.18 -94.35
N LYS IA 355 -44.51 36.98 -94.73
CA LYS IA 355 -44.84 36.64 -96.11
C LYS IA 355 -45.94 37.58 -96.61
N GLU IA 356 -47.01 37.73 -95.87
CA GLU IA 356 -48.10 38.64 -96.24
C GLU IA 356 -47.59 40.08 -96.36
N VAL IA 357 -46.76 40.54 -95.43
CA VAL IA 357 -46.21 41.90 -95.49
C VAL IA 357 -45.32 42.06 -96.71
N ALA IA 358 -44.50 41.08 -97.04
CA ALA IA 358 -43.71 41.14 -98.25
C ALA IA 358 -44.64 41.20 -99.47
N LYS IA 359 -45.66 40.35 -99.52
CA LYS IA 359 -46.63 40.33 -100.63
C LYS IA 359 -47.32 41.68 -100.80
N GLU IA 360 -47.62 42.38 -99.70
CA GLU IA 360 -48.12 43.74 -99.78
C GLU IA 360 -47.06 44.69 -100.32
N LEU IA 361 -45.87 44.72 -99.70
CA LEU IA 361 -44.92 45.80 -99.92
C LEU IA 361 -44.16 45.66 -101.25
N ALA IA 362 -43.84 44.44 -101.67
CA ALA IA 362 -42.80 44.21 -102.67
C ALA IA 362 -43.16 44.74 -104.07
N ASP IA 363 -42.23 45.50 -104.67
CA ASP IA 363 -42.37 46.13 -106.00
C ASP IA 363 -41.09 46.05 -106.87
N SER IA 364 -39.95 45.59 -106.33
CA SER IA 364 -38.79 45.11 -107.08
C SER IA 364 -38.18 43.86 -106.41
N PRO IA 365 -37.78 42.84 -107.18
CA PRO IA 365 -37.02 41.69 -106.68
C PRO IA 365 -35.79 42.08 -105.85
N GLU IA 366 -35.20 43.26 -106.09
CA GLU IA 366 -34.08 43.77 -105.31
C GLU IA 366 -34.44 43.80 -103.81
N SER IA 367 -35.56 44.42 -103.49
CA SER IA 367 -36.13 44.37 -102.13
C SER IA 367 -36.58 42.96 -101.76
N GLY IA 368 -37.09 42.19 -102.74
CA GLY IA 368 -37.48 40.81 -102.53
C GLY IA 368 -36.34 40.00 -101.93
N LEU IA 369 -35.12 40.16 -102.42
CA LEU IA 369 -33.97 39.48 -101.85
C LEU IA 369 -33.79 39.83 -100.38
N ALA IA 370 -33.89 41.12 -100.03
CA ALA IA 370 -33.82 41.50 -98.63
C ALA IA 370 -34.94 40.83 -97.83
N ALA IA 371 -36.17 40.82 -98.35
CA ALA IA 371 -37.30 40.21 -97.66
C ALA IA 371 -37.04 38.72 -97.43
N LEU IA 372 -36.57 38.02 -98.46
CA LEU IA 372 -36.11 36.66 -98.34
C LEU IA 372 -35.09 36.57 -97.22
N ALA IA 373 -34.05 37.39 -97.26
CA ALA IA 373 -32.97 37.29 -96.31
C ALA IA 373 -33.48 37.46 -94.88
N ALA IA 374 -34.35 38.44 -94.66
CA ALA IA 374 -34.98 38.64 -93.39
C ALA IA 374 -35.76 37.39 -92.97
N ILE IA 375 -36.64 36.88 -93.83
CA ILE IA 375 -37.39 35.65 -93.56
C ILE IA 375 -36.42 34.56 -93.14
N ALA IA 376 -35.40 34.34 -93.95
CA ALA IA 376 -34.41 33.30 -93.73
C ALA IA 376 -33.73 33.46 -92.38
N SER IA 377 -33.32 34.68 -92.06
CA SER IA 377 -32.65 34.93 -90.79
C SER IA 377 -33.58 34.64 -89.63
N LEU IA 378 -34.88 34.95 -89.76
CA LEU IA 378 -35.85 34.64 -88.74
C LEU IA 378 -35.94 33.12 -88.58
N ALA IA 379 -36.02 32.39 -89.68
CA ALA IA 379 -35.98 30.94 -89.62
C ALA IA 379 -34.69 30.46 -88.95
N LYS IA 380 -33.54 31.09 -89.22
CA LYS IA 380 -32.25 30.72 -88.63
C LYS IA 380 -32.30 30.88 -87.13
N LEU IA 381 -32.74 32.02 -86.64
CA LEU IA 381 -32.86 32.22 -85.20
C LEU IA 381 -33.92 31.29 -84.61
N GLY IA 382 -35.04 31.08 -85.30
CA GLY IA 382 -36.09 30.18 -84.85
C GLY IA 382 -35.56 28.77 -84.64
N LEU IA 383 -34.86 28.25 -85.64
CA LEU IA 383 -34.20 26.96 -85.58
C LEU IA 383 -33.16 26.94 -84.46
N GLU IA 384 -32.37 27.99 -84.31
CA GLU IA 384 -31.36 28.07 -83.26
C GLU IA 384 -31.99 27.99 -81.86
N GLN IA 385 -33.08 28.72 -81.62
CA GLN IA 385 -33.81 28.67 -80.36
C GLN IA 385 -34.44 27.28 -80.14
N LEU IA 386 -35.16 26.75 -81.13
CA LEU IA 386 -35.79 25.43 -81.04
C LEU IA 386 -34.74 24.33 -80.76
N LYS IA 387 -33.59 24.40 -81.42
CA LYS IA 387 -32.47 23.48 -81.21
C LYS IA 387 -31.88 23.64 -79.81
N GLU IA 388 -31.72 24.86 -79.32
CA GLU IA 388 -31.21 25.10 -77.97
C GLU IA 388 -32.13 24.50 -76.90
N ILE IA 389 -33.45 24.60 -77.06
CA ILE IA 389 -34.41 23.92 -76.16
C ILE IA 389 -34.64 22.44 -76.51
N GLY IA 390 -33.88 21.88 -77.46
CA GLY IA 390 -33.90 20.45 -77.78
C GLY IA 390 -35.18 19.96 -78.46
N ALA IA 391 -35.90 20.80 -79.20
CA ALA IA 391 -37.10 20.39 -79.94
C ALA IA 391 -36.78 19.28 -80.96
N PRO IA 392 -37.64 18.26 -81.14
CA PRO IA 392 -37.32 17.14 -82.01
C PRO IA 392 -37.05 17.57 -83.46
N PRO IA 393 -36.22 16.81 -84.20
CA PRO IA 393 -35.94 17.06 -85.60
C PRO IA 393 -37.20 17.25 -86.45
N GLU IA 394 -38.32 16.59 -86.15
CA GLU IA 394 -39.56 16.77 -86.90
C GLU IA 394 -40.03 18.22 -86.90
N GLN IA 395 -40.06 18.87 -85.74
CA GLN IA 395 -40.41 20.29 -85.64
C GLN IA 395 -39.42 21.14 -86.43
N GLN IA 396 -38.12 20.85 -86.31
CA GLN IA 396 -37.08 21.56 -87.05
C GLN IA 396 -37.34 21.46 -88.57
N ARG IA 397 -37.61 20.25 -89.04
CA ARG IA 397 -37.93 19.94 -90.44
C ARG IA 397 -39.18 20.69 -90.86
N ARG IA 398 -40.27 20.58 -90.09
CA ARG IA 398 -41.55 21.27 -90.37
C ARG IA 398 -41.33 22.75 -90.57
N VAL IA 399 -40.65 23.40 -89.62
CA VAL IA 399 -40.36 24.83 -89.71
C VAL IA 399 -39.50 25.11 -90.93
N THR IA 400 -38.47 24.31 -91.18
CA THR IA 400 -37.56 24.55 -92.30
C THR IA 400 -38.31 24.48 -93.63
N LYS IA 401 -39.15 23.45 -93.79
CA LYS IA 401 -40.02 23.27 -94.96
C LYS IA 401 -40.94 24.47 -95.11
N ALA IA 402 -41.61 24.88 -94.05
CA ALA IA 402 -42.45 26.08 -94.11
C ALA IA 402 -41.63 27.29 -94.57
N GLY IA 403 -40.40 27.43 -94.08
CA GLY IA 403 -39.49 28.49 -94.50
C GLY IA 403 -39.21 28.42 -96.01
N ILE IA 404 -38.82 27.23 -96.49
CA ILE IA 404 -38.60 27.02 -97.90
C ILE IA 404 -39.85 27.39 -98.70
N GLU IA 405 -41.02 26.93 -98.26
CA GLU IA 405 -42.28 27.21 -98.94
C GLU IA 405 -42.57 28.70 -99.01
N ALA IA 406 -42.38 29.43 -97.90
CA ALA IA 406 -42.57 30.86 -97.91
C ALA IA 406 -41.61 31.51 -98.91
N VAL IA 407 -40.33 31.14 -98.86
CA VAL IA 407 -39.31 31.69 -99.77
C VAL IA 407 -39.70 31.43 -101.22
N ARG IA 408 -40.12 30.21 -101.51
CA ARG IA 408 -40.60 29.82 -102.84
C ARG IA 408 -41.77 30.70 -103.25
N GLU IA 409 -42.76 30.87 -102.39
CA GLU IA 409 -43.93 31.68 -102.71
C GLU IA 409 -43.56 33.14 -102.99
N ILE IA 410 -42.67 33.73 -102.20
CA ILE IA 410 -42.21 35.08 -102.50
C ILE IA 410 -41.43 35.10 -103.82
N TYR IA 411 -40.64 34.08 -104.12
CA TYR IA 411 -40.02 34.02 -105.44
C TYR IA 411 -41.06 33.89 -106.56
N ARG IA 412 -42.13 33.10 -106.36
CA ARG IA 412 -43.22 33.00 -107.34
C ARG IA 412 -43.90 34.34 -107.58
N TYR IA 413 -44.01 35.19 -106.56
CA TYR IA 413 -44.39 36.59 -106.78
C TYR IA 413 -43.33 37.34 -107.59
N GLY IA 414 -42.07 37.30 -107.14
CA GLY IA 414 -40.97 38.03 -107.77
C GLY IA 414 -40.77 37.69 -109.25
N ARG IA 415 -40.99 36.44 -109.64
CA ARG IA 415 -40.93 35.93 -111.01
C ARG IA 415 -41.86 36.68 -111.99
N LYS IA 416 -42.94 37.30 -111.51
CA LYS IA 416 -43.82 38.15 -112.33
C LYS IA 416 -43.15 39.47 -112.74
N LEU IA 417 -42.29 40.01 -111.88
CA LEU IA 417 -41.61 41.29 -112.04
C LEU IA 417 -40.28 41.16 -112.80
N TYR IA 418 -39.53 40.07 -112.52
CA TYR IA 418 -38.20 39.80 -113.09
C TYR IA 418 -38.26 39.40 -114.57
N ASP JA 3 45.66 34.06 79.12
CA ASP JA 3 46.20 34.23 80.50
C ASP JA 3 47.57 34.91 80.56
N ASP JA 4 48.52 34.58 79.68
CA ASP JA 4 49.93 34.95 79.83
C ASP JA 4 50.16 36.46 80.02
N LEU JA 5 49.30 37.30 79.46
CA LEU JA 5 49.34 38.75 79.67
C LEU JA 5 49.39 39.10 81.16
N LEU JA 6 48.62 38.43 82.01
CA LEU JA 6 48.63 38.68 83.45
C LEU JA 6 50.03 38.43 83.99
N LEU JA 7 50.61 37.30 83.63
CA LEU JA 7 51.96 36.96 84.04
C LEU JA 7 52.93 38.02 83.53
N LYS JA 8 52.77 38.52 82.31
CA LYS JA 8 53.60 39.63 81.82
C LYS JA 8 53.43 40.88 82.68
N LEU JA 9 52.22 41.20 83.13
CA LEU JA 9 52.09 42.30 84.09
C LEU JA 9 52.84 41.97 85.37
N LEU JA 10 52.78 40.74 85.85
CA LEU JA 10 53.52 40.39 87.05
C LEU JA 10 55.02 40.58 86.81
N GLU JA 11 55.54 40.22 85.63
CA GLU JA 11 56.93 40.50 85.29
C GLU JA 11 57.22 41.99 85.40
N LEU JA 12 56.40 42.81 84.75
CA LEU JA 12 56.61 44.24 84.76
C LEU JA 12 56.57 44.77 86.19
N LEU JA 13 55.62 44.27 86.97
CA LEU JA 13 55.51 44.62 88.37
C LEU JA 13 56.79 44.27 89.09
N VAL JA 14 57.25 43.02 89.05
CA VAL JA 14 58.43 42.66 89.86
C VAL JA 14 59.66 43.40 89.36
N GLU JA 15 59.78 43.62 88.06
CA GLU JA 15 60.93 44.35 87.56
C GLU JA 15 60.87 45.79 88.07
N GLN JA 16 59.70 46.41 88.04
CA GLN JA 16 59.56 47.74 88.59
C GLN JA 16 59.79 47.73 90.09
N ALA JA 17 59.40 46.67 90.79
CA ALA JA 17 59.72 46.51 92.19
C ALA JA 17 61.23 46.49 92.38
N ARG JA 18 61.98 45.80 91.51
CA ARG JA 18 63.45 45.81 91.58
C ARG JA 18 63.95 47.23 91.39
N VAL JA 19 63.56 47.89 90.31
CA VAL JA 19 64.09 49.23 89.98
C VAL JA 19 63.74 50.23 91.07
N SER JA 20 62.49 50.22 91.52
CA SER JA 20 62.07 51.07 92.63
C SER JA 20 62.77 50.71 93.93
N ALA JA 21 63.10 49.45 94.18
CA ALA JA 21 63.89 49.07 95.36
C ALA JA 21 65.36 49.49 95.25
N GLU JA 22 65.96 49.45 94.06
CA GLU JA 22 67.29 50.04 93.87
C GLU JA 22 67.25 51.55 94.14
N PHE JA 23 66.24 52.24 93.60
CA PHE JA 23 65.99 53.65 93.89
C PHE JA 23 65.83 53.89 95.38
N ALA JA 24 64.98 53.11 96.05
CA ALA JA 24 64.72 53.26 97.48
C ALA JA 24 66.00 53.03 98.31
N ARG JA 25 66.88 52.10 97.90
CA ARG JA 25 68.20 51.91 98.51
C ARG JA 25 69.13 53.10 98.29
N ARG JA 26 69.09 53.73 97.12
CA ARG JA 26 69.83 55.00 96.88
C ARG JA 26 69.28 56.15 97.73
N GLN JA 27 67.96 56.23 97.92
CA GLN JA 27 67.32 57.30 98.73
C GLN JA 27 67.32 57.04 100.25
N GLY JA 28 67.44 55.79 100.70
CA GLY JA 28 67.25 55.40 102.10
C GLY JA 28 65.78 55.38 102.56
N ASP JA 29 64.83 55.23 101.63
CA ASP JA 29 63.40 55.27 101.94
C ASP JA 29 62.86 53.91 102.40
N GLU JA 30 62.88 53.69 103.72
CA GLU JA 30 62.37 52.46 104.32
C GLU JA 30 60.88 52.25 104.07
N LYS JA 31 60.08 53.32 103.95
CA LYS JA 31 58.65 53.20 103.69
C LYS JA 31 58.42 52.69 102.27
N MET JA 32 59.17 53.21 101.30
CA MET JA 32 59.13 52.68 99.95
C MET JA 32 59.53 51.20 99.95
N LEU JA 33 60.62 50.83 100.63
CA LEU JA 33 61.05 49.43 100.72
C LEU JA 33 59.94 48.55 101.30
N GLU JA 34 59.33 48.97 102.41
CA GLU JA 34 58.21 48.24 103.01
C GLU JA 34 57.08 48.06 102.00
N GLU JA 35 56.66 49.13 101.34
CA GLU JA 35 55.55 49.07 100.39
C GLU JA 35 55.87 48.17 99.19
N VAL JA 36 57.05 48.29 98.58
CA VAL JA 36 57.39 47.42 97.45
C VAL JA 36 57.56 45.99 97.91
N ALA JA 37 58.05 45.74 99.12
CA ALA JA 37 58.13 44.38 99.64
C ALA JA 37 56.74 43.76 99.75
N ARG JA 38 55.77 44.52 100.29
CA ARG JA 38 54.38 44.08 100.32
C ARG JA 38 53.89 43.81 98.91
N LYS JA 39 54.09 44.76 97.99
CA LYS JA 39 53.64 44.64 96.61
C LYS JA 39 54.22 43.39 95.95
N ALA JA 40 55.51 43.15 96.14
CA ALA JA 40 56.20 41.99 95.60
C ALA JA 40 55.66 40.71 96.22
N GLU JA 41 55.44 40.66 97.53
CA GLU JA 41 54.84 39.50 98.15
C GLU JA 41 53.45 39.22 97.58
N GLU JA 42 52.61 40.25 97.45
CA GLU JA 42 51.28 40.09 96.88
C GLU JA 42 51.33 39.63 95.43
N VAL JA 43 52.25 40.16 94.64
CA VAL JA 43 52.48 39.68 93.28
C VAL JA 43 52.90 38.22 93.31
N ALA JA 44 53.76 37.82 94.25
CA ALA JA 44 54.15 36.42 94.40
C ALA JA 44 52.94 35.57 94.76
N ARG JA 45 52.03 36.09 95.59
CA ARG JA 45 50.78 35.41 95.93
C ARG JA 45 49.93 35.21 94.67
N LYS JA 46 49.72 36.27 93.89
CA LYS JA 46 49.04 36.18 92.58
C LYS JA 46 49.70 35.10 91.72
N ALA JA 47 51.02 35.15 91.61
CA ALA JA 47 51.78 34.24 90.79
C ALA JA 47 51.61 32.79 91.26
N GLU JA 48 51.67 32.53 92.56
CA GLU JA 48 51.50 31.17 93.07
C GLU JA 48 50.11 30.64 92.74
N GLU JA 49 49.06 31.44 92.94
CA GLU JA 49 47.71 31.01 92.59
C GLU JA 49 47.61 30.68 91.09
N ILE JA 50 48.17 31.54 90.24
CA ILE JA 50 48.16 31.30 88.81
C ILE JA 50 48.97 30.03 88.50
N ALA JA 51 50.11 29.83 89.14
CA ALA JA 51 50.93 28.64 88.93
C ALA JA 51 50.17 27.36 89.28
N ARG JA 52 49.47 27.36 90.42
CA ARG JA 52 48.65 26.21 90.83
C ARG JA 52 47.48 26.00 89.86
N LYS JA 53 46.87 27.06 89.34
CA LYS JA 53 45.91 26.95 88.23
C LYS JA 53 46.56 26.27 87.02
N ALA JA 54 47.70 26.78 86.55
CA ALA JA 54 48.37 26.22 85.38
C ALA JA 54 48.66 24.72 85.56
N ARG JA 55 49.09 24.31 86.77
CA ARG JA 55 49.29 22.89 87.09
C ARG JA 55 47.98 22.10 86.96
N LYS JA 56 46.87 22.62 87.48
CA LYS JA 56 45.54 21.99 87.33
C LYS JA 56 45.13 21.88 85.87
N GLU JA 57 45.35 22.92 85.08
CA GLU JA 57 45.04 22.95 83.64
C GLU JA 57 45.99 22.08 82.81
N GLY JA 58 47.17 21.75 83.34
CA GLY JA 58 48.17 20.92 82.66
C GLY JA 58 48.99 21.66 81.59
N ASN JA 59 48.97 23.00 81.55
CA ASN JA 59 49.82 23.77 80.63
C ASN JA 59 51.23 23.99 81.22
N LEU JA 60 52.17 23.12 80.84
CA LEU JA 60 53.54 23.16 81.36
C LEU JA 60 54.26 24.46 80.98
N GLU JA 61 54.01 25.01 79.80
CA GLU JA 61 54.65 26.26 79.40
C GLU JA 61 54.29 27.38 80.38
N LEU JA 62 53.00 27.56 80.64
CA LEU JA 62 52.56 28.54 81.63
C LEU JA 62 53.14 28.21 83.00
N ALA JA 63 53.11 26.94 83.42
CA ALA JA 63 53.62 26.59 84.73
C ALA JA 63 55.09 26.99 84.87
N LEU JA 64 55.90 26.66 83.88
CA LEU JA 64 57.31 27.03 83.88
C LEU JA 64 57.45 28.55 83.88
N LYS JA 65 56.70 29.27 83.04
CA LYS JA 65 56.74 30.72 83.05
C LYS JA 65 56.41 31.25 84.44
N ALA JA 66 55.37 30.72 85.06
CA ALA JA 66 54.93 31.16 86.36
C ALA JA 66 55.98 30.87 87.41
N LEU JA 67 56.62 29.71 87.34
CA LEU JA 67 57.74 29.41 88.19
C LEU JA 67 58.84 30.44 87.96
N GLU JA 68 59.21 30.72 86.72
CA GLU JA 68 60.30 31.66 86.45
C GLU JA 68 59.98 33.06 86.96
N ILE JA 69 58.71 33.44 86.94
CA ILE JA 69 58.26 34.65 87.62
C ILE JA 69 58.44 34.50 89.12
N LEU JA 70 57.98 33.40 89.71
CA LEU JA 70 58.11 33.18 91.13
C LEU JA 70 59.56 33.25 91.56
N VAL JA 71 60.46 32.70 90.76
CA VAL JA 71 61.89 32.75 90.99
C VAL JA 71 62.35 34.19 91.04
N ARG JA 72 61.96 35.01 90.06
CA ARG JA 72 62.36 36.41 90.05
C ARG JA 72 61.74 37.16 91.22
N ALA JA 73 60.50 36.86 91.56
CA ALA JA 73 59.81 37.47 92.68
C ALA JA 73 60.54 37.14 93.99
N ALA JA 74 60.90 35.88 94.18
CA ALA JA 74 61.70 35.47 95.30
C ALA JA 74 63.04 36.20 95.28
N HIS JA 75 63.69 36.30 94.12
CA HIS JA 75 64.98 36.96 94.01
C HIS JA 75 64.92 38.39 94.51
N VAL JA 76 63.98 39.19 94.03
CA VAL JA 76 63.86 40.56 94.52
C VAL JA 76 63.48 40.59 95.99
N LEU JA 77 62.56 39.73 96.44
CA LEU JA 77 62.15 39.70 97.84
C LEU JA 77 63.34 39.41 98.75
N ALA JA 78 64.13 38.42 98.37
CA ALA JA 78 65.33 38.01 99.10
C ALA JA 78 66.39 39.11 99.02
N GLU JA 79 66.56 39.78 97.88
CA GLU JA 79 67.51 40.87 97.76
C GLU JA 79 67.14 42.01 98.71
N ILE JA 80 65.85 42.35 98.79
CA ILE JA 80 65.35 43.35 99.76
C ILE JA 80 65.61 42.84 101.18
N ALA JA 81 65.23 41.60 101.48
CA ALA JA 81 65.39 41.05 102.82
C ALA JA 81 66.86 40.99 103.27
N ARG JA 82 67.79 40.69 102.36
CA ARG JA 82 69.24 40.60 102.61
C ARG JA 82 69.81 41.93 103.10
N GLU JA 83 69.52 43.03 102.41
CA GLU JA 83 69.98 44.35 102.82
C GLU JA 83 69.20 44.90 104.03
N ARG JA 84 67.91 44.56 104.15
CA ARG JA 84 67.08 44.94 105.31
C ARG JA 84 67.40 44.16 106.59
N GLY JA 85 68.04 43.00 106.46
CA GLY JA 85 68.30 42.07 107.57
C GLY JA 85 67.05 41.35 108.09
N ASN JA 86 65.97 41.27 107.29
CA ASN JA 86 64.69 40.70 107.72
C ASN JA 86 64.71 39.17 107.70
N GLU JA 87 64.42 38.52 108.82
CA GLU JA 87 64.39 37.06 108.92
C GLU JA 87 63.16 36.43 108.24
N GLU JA 88 61.97 36.95 108.50
CA GLU JA 88 60.73 36.28 108.09
C GLU JA 88 60.58 36.23 106.57
N LEU JA 89 61.02 37.28 105.87
CA LEU JA 89 61.12 37.28 104.41
C LEU JA 89 62.11 36.22 103.92
N GLN JA 90 63.28 36.06 104.56
CA GLN JA 90 64.24 35.02 104.18
C GLN JA 90 63.67 33.61 104.41
N LYS JA 91 63.00 33.40 105.56
CA LYS JA 91 62.34 32.13 105.89
C LYS JA 91 61.26 31.81 104.85
N LYS JA 92 60.38 32.77 104.54
CA LYS JA 92 59.39 32.64 103.47
C LYS JA 92 60.05 32.31 102.14
N ALA JA 93 60.99 33.15 101.70
CA ALA JA 93 61.64 33.01 100.41
C ALA JA 93 62.33 31.65 100.27
N HIS JA 94 63.11 31.22 101.26
CA HIS JA 94 63.83 29.94 101.14
C HIS JA 94 62.87 28.76 101.06
N LYS JA 95 61.84 28.72 101.92
CA LYS JA 95 60.82 27.67 101.84
C LYS JA 95 60.07 27.70 100.51
N LEU JA 96 59.68 28.89 100.05
CA LEU JA 96 59.05 29.04 98.75
C LEU JA 96 59.98 28.57 97.62
N ALA JA 97 61.27 28.86 97.71
CA ALA JA 97 62.25 28.40 96.73
C ALA JA 97 62.38 26.88 96.76
N LYS JA 98 62.35 26.26 97.94
CA LYS JA 98 62.34 24.80 98.07
C LYS JA 98 61.08 24.22 97.43
N GLU JA 99 59.93 24.82 97.69
CA GLU JA 99 58.68 24.43 97.04
C GLU JA 99 58.78 24.60 95.53
N ALA JA 100 59.39 25.68 95.04
CA ALA JA 100 59.61 25.87 93.63
C ALA JA 100 60.54 24.80 93.08
N LEU JA 101 61.58 24.43 93.81
CA LEU JA 101 62.48 23.37 93.40
C LEU JA 101 61.71 22.06 93.26
N ARG JA 102 60.90 21.71 94.26
CA ARG JA 102 60.03 20.55 94.17
C ARG JA 102 59.13 20.65 92.96
N GLN JA 103 58.45 21.78 92.78
CA GLN JA 103 57.54 21.99 91.66
C GLN JA 103 58.26 21.79 90.33
N VAL JA 104 59.40 22.45 90.13
CA VAL JA 104 60.10 22.34 88.85
C VAL JA 104 60.59 20.91 88.65
N ILE JA 105 61.06 20.24 89.70
CA ILE JA 105 61.47 18.86 89.61
C ILE JA 105 60.30 18.00 89.17
N GLU JA 106 59.15 18.16 89.80
CA GLU JA 106 57.96 17.39 89.46
C GLU JA 106 57.52 17.70 88.03
N ILE JA 107 57.53 18.96 87.63
CA ILE JA 107 57.25 19.34 86.26
C ILE JA 107 58.27 18.69 85.34
N ALA JA 108 59.55 18.63 85.70
CA ALA JA 108 60.57 18.01 84.88
C ALA JA 108 60.34 16.50 84.76
N ILE JA 109 59.95 15.85 85.85
CA ILE JA 109 59.54 14.46 85.80
C ILE JA 109 58.35 14.32 84.84
N ARG JA 110 57.35 15.20 84.92
CA ARG JA 110 56.22 15.16 83.98
C ARG JA 110 56.67 15.41 82.55
N ALA JA 111 57.60 16.32 82.33
CA ALA JA 111 58.13 16.59 81.00
C ALA JA 111 58.84 15.35 80.44
N ILE JA 112 59.60 14.64 81.27
CA ILE JA 112 60.20 13.35 80.87
C ILE JA 112 59.08 12.36 80.57
N GLN JA 113 58.03 12.32 81.40
CA GLN JA 113 56.90 11.42 81.22
C GLN JA 113 56.18 11.66 79.89
N GLU JA 114 55.94 12.92 79.52
CA GLU JA 114 55.32 13.29 78.24
C GLU JA 114 56.30 13.22 77.05
N GLY JA 115 57.60 13.28 77.31
CA GLY JA 115 58.66 12.97 76.36
C GLY JA 115 59.18 14.10 75.47
N ASN JA 116 58.57 15.30 75.46
CA ASN JA 116 59.17 16.46 74.78
C ASN JA 116 60.27 17.09 75.65
N LEU JA 117 61.52 16.69 75.40
CA LEU JA 117 62.67 17.09 76.20
C LEU JA 117 62.92 18.60 76.21
N GLU JA 118 62.38 19.37 75.26
CA GLU JA 118 62.55 20.83 75.31
C GLU JA 118 61.93 21.42 76.57
N LEU JA 119 60.76 20.93 76.97
CA LEU JA 119 60.18 21.37 78.24
C LEU JA 119 61.12 21.02 79.39
N ALA JA 120 61.68 19.81 79.40
CA ALA JA 120 62.61 19.41 80.45
C ALA JA 120 63.87 20.29 80.44
N ILE JA 121 64.37 20.65 79.26
CA ILE JA 121 65.50 21.56 79.12
C ILE JA 121 65.16 22.91 79.74
N ILE JA 122 64.01 23.49 79.38
CA ILE JA 122 63.60 24.79 79.90
C ILE JA 122 63.45 24.71 81.41
N ALA JA 123 62.77 23.66 81.88
CA ALA JA 123 62.63 23.41 83.29
C ALA JA 123 64.00 23.34 83.95
N LEU JA 124 64.96 22.64 83.35
CA LEU JA 124 66.27 22.53 83.93
C LEU JA 124 66.95 23.90 83.97
N HIS JA 125 66.78 24.72 82.94
CA HIS JA 125 67.31 26.08 82.94
C HIS JA 125 66.75 26.88 84.12
N ILE JA 126 65.44 26.79 84.30
CA ILE JA 126 64.79 27.40 85.46
C ILE JA 126 65.34 26.80 86.74
N SER JA 127 65.61 25.51 86.78
CA SER JA 127 66.19 24.90 87.97
C SER JA 127 67.56 25.51 88.27
N VAL JA 128 68.35 25.79 87.25
CA VAL JA 128 69.63 26.47 87.46
C VAL JA 128 69.39 27.88 87.97
N ARG JA 129 68.38 28.59 87.46
CA ARG JA 129 68.03 29.89 88.03
C ARG JA 129 67.64 29.74 89.50
N ILE JA 130 66.86 28.71 89.83
CA ILE JA 130 66.52 28.40 91.21
C ILE JA 130 67.78 28.17 92.01
N ALA JA 131 68.75 27.45 91.46
CA ALA JA 131 70.00 27.21 92.15
C ALA JA 131 70.71 28.53 92.45
N GLU JA 132 70.76 29.47 91.50
CA GLU JA 132 71.37 30.78 91.77
C GLU JA 132 70.64 31.51 92.89
N VAL JA 133 69.31 31.50 92.89
CA VAL JA 133 68.53 32.14 93.94
C VAL JA 133 68.83 31.46 95.27
N LEU JA 134 68.76 30.14 95.32
CA LEU JA 134 69.07 29.38 96.52
C LEU JA 134 70.47 29.72 97.01
N LEU JA 135 71.45 29.75 96.11
CA LEU JA 135 72.84 30.03 96.44
C LEU JA 135 72.97 31.40 97.09
N GLU JA 136 72.33 32.41 96.52
CA GLU JA 136 72.36 33.74 97.11
C GLU JA 136 71.55 33.80 98.42
N THR JA 137 70.62 32.88 98.62
CA THR JA 137 69.78 32.82 99.83
C THR JA 137 70.49 32.15 101.01
N ARG JA 138 71.12 31.00 100.77
CA ARG JA 138 71.77 30.13 101.78
C ARG JA 138 73.03 29.47 101.21
N PRO JA 139 74.18 30.17 101.18
CA PRO JA 139 75.45 29.60 100.73
C PRO JA 139 76.09 28.64 101.76
N ASP JA 140 75.57 28.57 102.99
CA ASP JA 140 76.09 27.76 104.09
C ASP JA 140 75.58 26.30 104.08
N ASP JA 141 74.35 26.04 103.65
CA ASP JA 141 73.78 24.67 103.55
C ASP JA 141 74.25 23.97 102.27
N ARG JA 142 75.57 23.75 102.19
CA ARG JA 142 76.21 23.12 101.04
C ARG JA 142 75.67 21.72 100.77
N GLU JA 143 75.20 21.03 101.80
CA GLU JA 143 74.50 19.75 101.65
C GLU JA 143 73.22 19.92 100.84
N GLU JA 144 72.33 20.85 101.18
CA GLU JA 144 71.11 21.05 100.38
C GLU JA 144 71.46 21.41 98.93
N ILE JA 145 72.43 22.29 98.75
CA ILE JA 145 72.91 22.62 97.40
C ILE JA 145 73.41 21.36 96.71
N ARG JA 146 74.24 20.56 97.39
CA ARG JA 146 74.75 19.33 96.80
C ARG JA 146 73.63 18.37 96.47
N GLU JA 147 72.56 18.30 97.26
CA GLU JA 147 71.40 17.50 96.89
C GLU JA 147 70.80 18.00 95.58
N GLN JA 148 70.57 19.30 95.48
CA GLN JA 148 70.10 19.87 94.23
C GLN JA 148 71.05 19.53 93.09
N GLN JA 149 72.36 19.62 93.31
CA GLN JA 149 73.34 19.25 92.30
C GLN JA 149 73.22 17.78 91.94
N ALA JA 150 73.08 16.90 92.91
CA ALA JA 150 72.94 15.49 92.65
C ALA JA 150 71.70 15.23 91.80
N ILE JA 151 70.59 15.86 92.16
CA ILE JA 151 69.35 15.74 91.42
C ILE JA 151 69.58 16.23 90.00
N PHE JA 152 70.18 17.41 89.84
CA PHE JA 152 70.53 17.93 88.53
C PHE JA 152 71.42 16.96 87.76
N GLU JA 153 72.43 16.41 88.39
CA GLU JA 153 73.36 15.48 87.76
C GLU JA 153 72.61 14.24 87.29
N LEU JA 154 71.69 13.74 88.10
CA LEU JA 154 70.86 12.62 87.71
C LEU JA 154 69.99 13.00 86.53
N LEU JA 155 69.33 14.16 86.58
CA LEU JA 155 68.52 14.64 85.47
C LEU JA 155 69.38 14.77 84.22
N ILE JA 156 70.58 15.31 84.35
CA ILE JA 156 71.53 15.42 83.25
C ILE JA 156 71.85 14.04 82.70
N ALA JA 157 72.15 13.08 83.56
CA ALA JA 157 72.49 11.75 83.08
C ALA JA 157 71.31 11.19 82.29
N ALA JA 158 70.11 11.31 82.87
CA ALA JA 158 68.89 10.86 82.23
C ALA JA 158 68.69 11.57 80.90
N LEU JA 159 68.85 12.89 80.86
CA LEU JA 159 68.70 13.65 79.64
C LEU JA 159 69.76 13.25 78.61
N GLU JA 160 71.00 13.02 79.02
CA GLU JA 160 72.08 12.71 78.07
C GLU JA 160 71.80 11.36 77.42
N ALA JA 161 71.39 10.38 78.23
CA ALA JA 161 70.87 9.14 77.71
C ALA JA 161 69.66 9.42 76.81
N ALA JA 162 68.72 10.24 77.25
CA ALA JA 162 67.47 10.47 76.53
C ALA JA 162 67.73 11.07 75.14
N ILE JA 163 68.59 12.08 75.08
CA ILE JA 163 68.96 12.72 73.83
C ILE JA 163 69.76 11.75 72.97
N ARG JA 164 70.65 10.94 73.55
CA ARG JA 164 71.32 9.89 72.79
C ARG JA 164 70.32 8.92 72.18
N LEU JA 165 69.36 8.46 72.99
CA LEU JA 165 68.32 7.54 72.56
C LEU JA 165 67.48 8.16 71.45
N GLU JA 166 66.96 9.37 71.64
CA GLU JA 166 66.09 9.97 70.63
C GLU JA 166 66.88 10.26 69.35
N LYS JA 167 68.17 10.59 69.47
CA LYS JA 167 69.06 10.66 68.32
C LYS JA 167 69.19 9.31 67.63
N LEU JA 168 69.46 8.22 68.35
CA LEU JA 168 69.56 6.91 67.71
C LEU JA 168 68.23 6.52 67.02
N LYS JA 169 67.08 6.94 67.57
CA LYS JA 169 65.79 6.79 66.88
C LYS JA 169 65.74 7.61 65.59
N GLU JA 170 66.11 8.89 65.64
CA GLU JA 170 66.16 9.75 64.46
C GLU JA 170 67.13 9.23 63.39
N GLU JA 171 68.29 8.72 63.80
CA GLU JA 171 69.30 8.12 62.94
C GLU JA 171 68.86 6.78 62.34
N GLY JA 172 67.81 6.14 62.86
CA GLY JA 172 67.36 4.82 62.42
C GLY JA 172 68.37 3.69 62.72
N ALA JA 173 69.06 3.78 63.87
CA ALA JA 173 70.09 2.82 64.28
C ALA JA 173 69.57 1.37 64.42
N PRO JA 174 70.42 0.34 64.30
CA PRO JA 174 70.00 -1.05 64.49
C PRO JA 174 69.58 -1.28 65.95
N PRO JA 175 68.39 -1.83 66.23
CA PRO JA 175 67.84 -1.93 67.59
C PRO JA 175 68.78 -2.56 68.60
N GLU JA 176 69.63 -3.51 68.20
CA GLU JA 176 70.64 -4.11 69.09
C GLU JA 176 71.59 -3.05 69.66
N GLN JA 177 72.10 -2.15 68.81
CA GLN JA 177 72.95 -1.05 69.28
C GLN JA 177 72.16 -0.14 70.23
N ILE JA 178 70.91 0.16 69.88
CA ILE JA 178 70.03 0.97 70.74
C ILE JA 178 69.91 0.33 72.12
N GLU JA 179 69.63 -0.97 72.15
CA GLU JA 179 69.49 -1.72 73.39
C GLU JA 179 70.80 -1.75 74.19
N ARG JA 180 71.95 -1.93 73.55
CA ARG JA 180 73.24 -1.86 74.25
C ARG JA 180 73.47 -0.49 74.87
N VAL JA 181 73.19 0.58 74.12
CA VAL JA 181 73.27 1.94 74.65
C VAL JA 181 72.30 2.10 75.81
N ALA JA 182 71.06 1.60 75.69
CA ALA JA 182 70.07 1.73 76.74
C ALA JA 182 70.53 1.03 78.02
N GLU JA 183 71.03 -0.20 77.92
CA GLU JA 183 71.55 -0.90 79.09
C GLU JA 183 72.73 -0.15 79.69
N HIS JA 184 73.64 0.36 78.87
CA HIS JA 184 74.75 1.17 79.36
C HIS JA 184 74.23 2.41 80.11
N GLY JA 185 73.18 3.04 79.58
CA GLY JA 185 72.51 4.13 80.24
C GLY JA 185 71.93 3.71 81.58
N LEU JA 186 71.16 2.63 81.62
CA LEU JA 186 70.60 2.12 82.87
C LEU JA 186 71.70 1.81 83.88
N GLU JA 187 72.77 1.16 83.44
CA GLU JA 187 73.89 0.80 84.33
C GLU JA 187 74.54 2.07 84.90
N ARG JA 188 74.85 3.04 84.04
CA ARG JA 188 75.35 4.34 84.47
C ARG JA 188 74.39 4.98 85.47
N LEU JA 189 73.09 4.98 85.18
CA LEU JA 189 72.09 5.55 86.06
C LEU JA 189 72.10 4.82 87.41
N LYS JA 190 72.20 3.50 87.40
CA LYS JA 190 72.29 2.71 88.63
C LYS JA 190 73.53 3.13 89.42
N GLU JA 191 74.68 3.22 88.79
CA GLU JA 191 75.90 3.62 89.49
C GLU JA 191 75.77 5.02 90.07
N ILE JA 192 75.23 5.96 89.31
CA ILE JA 192 74.96 7.31 89.81
C ILE JA 192 73.99 7.22 90.98
N ALA JA 193 72.93 6.44 90.89
CA ALA JA 193 72.00 6.29 91.98
C ALA JA 193 72.69 5.73 93.22
N LYS JA 194 73.60 4.76 93.06
CA LYS JA 194 74.37 4.21 94.18
C LYS JA 194 75.23 5.30 94.81
N GLU JA 195 75.93 6.08 94.02
CA GLU JA 195 76.69 7.22 94.56
C GLU JA 195 75.76 8.19 95.30
N ILE JA 196 74.65 8.57 94.69
CA ILE JA 196 73.66 9.45 95.33
C ILE JA 196 73.17 8.85 96.65
N SER JA 197 72.93 7.53 96.69
CA SER JA 197 72.49 6.86 97.91
C SER JA 197 73.52 6.99 99.04
N LYS JA 198 74.80 7.12 98.71
CA LYS JA 198 75.86 7.41 99.68
C LYS JA 198 75.92 8.90 100.01
N GLU JA 199 75.67 9.76 99.05
CA GLU JA 199 75.70 11.20 99.27
C GLU JA 199 74.54 11.71 100.15
N VAL JA 200 73.31 11.21 99.97
CA VAL JA 200 72.10 11.92 100.46
C VAL JA 200 71.31 11.13 101.50
N ASP JA 201 70.70 11.84 102.44
CA ASP JA 201 69.84 11.26 103.50
C ASP JA 201 68.46 11.94 103.65
N SER JA 202 68.13 12.98 102.89
CA SER JA 202 66.76 13.51 102.86
C SER JA 202 65.81 12.48 102.24
N PRO JA 203 64.73 12.09 102.92
CA PRO JA 203 63.76 11.14 102.37
C PRO JA 203 63.20 11.63 101.05
N GLU JA 204 62.81 12.90 100.99
CA GLU JA 204 62.29 13.50 99.78
C GLU JA 204 63.31 13.45 98.66
N SER JA 205 64.59 13.71 98.96
CA SER JA 205 65.63 13.64 97.93
C SER JA 205 65.72 12.23 97.34
N LYS JA 206 65.72 11.20 98.19
CA LYS JA 206 65.70 9.82 97.71
C LYS JA 206 64.45 9.57 96.88
N ARG JA 207 63.30 10.05 97.35
CA ARG JA 207 62.00 9.85 96.68
C ARG JA 207 62.05 10.41 95.28
N ILE JA 208 62.47 11.66 95.18
CA ILE JA 208 62.73 12.35 93.92
C ILE JA 208 63.69 11.51 93.08
N ALA JA 209 64.82 11.10 93.64
CA ALA JA 209 65.81 10.36 92.88
C ALA JA 209 65.18 9.11 92.28
N TYR JA 210 64.49 8.33 93.09
CA TYR JA 210 63.91 7.11 92.58
C TYR JA 210 62.86 7.40 91.52
N LYS JA 211 62.02 8.41 91.71
CA LYS JA 211 61.07 8.82 90.69
C LYS JA 211 61.80 9.11 89.38
N ILE JA 212 62.87 9.88 89.45
CA ILE JA 212 63.64 10.21 88.25
C ILE JA 212 64.17 8.94 87.62
N VAL JA 213 64.75 8.04 88.41
CA VAL JA 213 65.26 6.78 87.88
C VAL JA 213 64.14 6.04 87.16
N ALA JA 214 63.00 5.91 87.82
CA ALA JA 214 61.86 5.20 87.25
C ALA JA 214 61.45 5.85 85.93
N ALA JA 215 61.34 7.18 85.92
CA ALA JA 215 61.00 7.90 84.72
C ALA JA 215 62.02 7.63 83.62
N ALA JA 216 63.31 7.60 83.95
CA ALA JA 216 64.35 7.35 82.96
C ALA JA 216 64.20 5.95 82.35
N ALA JA 217 63.94 4.94 83.18
CA ALA JA 217 63.67 3.63 82.66
C ALA JA 217 62.44 3.64 81.75
N GLU JA 218 61.35 4.27 82.17
CA GLU JA 218 60.16 4.36 81.34
C GLU JA 218 60.44 5.05 80.02
N PHE JA 219 61.21 6.15 80.02
CA PHE JA 219 61.52 6.86 78.79
C PHE JA 219 62.27 5.94 77.84
N LEU JA 220 63.31 5.25 78.32
CA LEU JA 220 64.06 4.31 77.50
C LEU JA 220 63.13 3.26 76.91
N LEU JA 221 62.24 2.70 77.74
CA LEU JA 221 61.26 1.73 77.28
C LEU JA 221 60.40 2.32 76.17
N LYS JA 222 59.80 3.49 76.39
CA LYS JA 222 58.87 4.08 75.43
C LYS JA 222 59.57 4.47 74.14
N ILE JA 223 60.77 5.02 74.20
CA ILE JA 223 61.55 5.29 72.98
C ILE JA 223 61.82 3.98 72.24
N LEU JA 224 62.28 2.94 72.93
CA LEU JA 224 62.58 1.67 72.26
C LEU JA 224 61.31 1.07 71.63
N ALA JA 225 60.17 1.20 72.30
CA ALA JA 225 58.88 0.75 71.79
C ALA JA 225 58.44 1.54 70.55
N GLU JA 226 58.57 2.87 70.57
CA GLU JA 226 58.36 3.69 69.37
C GLU JA 226 59.30 3.29 68.23
N GLY JA 227 60.53 2.89 68.58
CA GLY JA 227 61.52 2.38 67.64
C GLY JA 227 61.16 1.04 66.98
N GLY JA 228 60.08 0.37 67.42
CA GLY JA 228 59.59 -0.86 66.80
C GLY JA 228 60.49 -2.09 67.02
N ALA JA 229 61.32 -2.10 68.05
CA ALA JA 229 62.17 -3.24 68.40
C ALA JA 229 61.35 -4.51 68.73
N THR JA 230 61.89 -5.69 68.41
CA THR JA 230 61.17 -6.96 68.61
C THR JA 230 60.99 -7.27 70.11
N PRO JA 231 59.94 -8.02 70.49
CA PRO JA 231 59.53 -8.17 71.89
C PRO JA 231 60.65 -8.61 72.84
N GLU JA 232 61.57 -9.43 72.36
CA GLU JA 232 62.71 -9.94 73.12
C GLU JA 232 63.57 -8.80 73.66
N GLN JA 233 63.78 -7.76 72.86
CA GLN JA 233 64.56 -6.61 73.29
C GLN JA 233 63.85 -5.89 74.43
N LEU JA 234 62.54 -5.66 74.28
CA LEU JA 234 61.75 -5.02 75.32
C LEU JA 234 61.78 -5.84 76.60
N GLU JA 235 61.64 -7.16 76.50
CA GLU JA 235 61.72 -8.06 77.64
C GLU JA 235 63.09 -7.97 78.32
N ARG JA 236 64.19 -8.05 77.56
CA ARG JA 236 65.54 -7.94 78.13
C ARG JA 236 65.73 -6.62 78.86
N VAL JA 237 65.35 -5.52 78.21
CA VAL JA 237 65.39 -4.21 78.85
C VAL JA 237 64.52 -4.21 80.09
N THR JA 238 63.32 -4.77 80.02
CA THR JA 238 62.40 -4.78 81.16
C THR JA 238 63.02 -5.49 82.34
N GLU JA 239 63.61 -6.65 82.13
CA GLU JA 239 64.28 -7.37 83.20
C GLU JA 239 65.37 -6.49 83.80
N HIS JA 240 66.24 -5.94 82.97
CA HIS JA 240 67.34 -5.11 83.47
C HIS JA 240 66.80 -3.91 84.25
N ALA JA 241 65.75 -3.28 83.73
CA ALA JA 241 65.09 -2.17 84.36
C ALA JA 241 64.53 -2.58 85.72
N LEU JA 242 63.74 -3.65 85.77
CA LEU JA 242 63.21 -4.14 87.02
C LEU JA 242 64.34 -4.44 88.00
N GLU JA 243 65.41 -5.09 87.55
CA GLU JA 243 66.53 -5.44 88.41
C GLU JA 243 67.17 -4.18 89.00
N VAL JA 244 67.45 -3.20 88.16
CA VAL JA 244 67.96 -1.90 88.61
C VAL JA 244 66.97 -1.26 89.57
N LEU JA 245 65.68 -1.26 89.24
CA LEU JA 245 64.68 -0.64 90.07
C LEU JA 245 64.70 -1.30 91.43
N LYS JA 246 64.76 -2.63 91.47
CA LYS JA 246 64.82 -3.39 92.71
C LYS JA 246 66.07 -3.03 93.49
N GLU JA 247 67.22 -3.08 92.85
CA GLU JA 247 68.49 -2.77 93.50
C GLU JA 247 68.43 -1.37 94.13
N VAL JA 248 68.05 -0.38 93.34
CA VAL JA 248 68.04 1.00 93.81
C VAL JA 248 66.98 1.18 94.88
N ALA JA 249 65.81 0.57 94.73
CA ALA JA 249 64.81 0.62 95.78
C ALA JA 249 65.34 0.00 97.08
N LYS JA 250 66.04 -1.13 97.00
CA LYS JA 250 66.57 -1.80 98.20
C LYS JA 250 67.50 -0.88 98.99
N GLU JA 251 68.22 0.00 98.32
CA GLU JA 251 68.94 1.06 99.01
C GLU JA 251 67.97 2.16 99.50
N LEU JA 252 67.24 2.77 98.57
CA LEU JA 252 66.58 4.06 98.80
C LEU JA 252 65.31 3.98 99.68
N ALA JA 253 64.71 2.81 99.84
CA ALA JA 253 63.52 2.66 100.67
C ALA JA 253 63.89 2.48 102.16
N ASP JA 254 63.41 3.41 103.00
CA ASP JA 254 63.71 3.47 104.44
C ASP JA 254 62.56 4.03 105.30
N SER JA 255 61.41 4.34 104.70
CA SER JA 255 60.24 4.94 105.33
C SER JA 255 58.96 4.45 104.65
N PRO JA 256 57.80 4.36 105.32
CA PRO JA 256 56.65 3.65 104.77
C PRO JA 256 56.18 4.20 103.42
N GLU JA 257 56.07 5.52 103.29
CA GLU JA 257 55.70 6.08 101.99
C GLU JA 257 56.73 5.75 100.92
N SER JA 258 58.02 5.71 101.26
CA SER JA 258 59.06 5.41 100.27
C SER JA 258 58.84 4.04 99.63
N VAL JA 259 58.54 3.01 100.42
CA VAL JA 259 58.27 1.71 99.85
C VAL JA 259 56.95 1.72 99.10
N ARG JA 260 55.91 2.37 99.64
CA ARG JA 260 54.61 2.46 98.96
C ARG JA 260 54.77 3.07 97.58
N GLU JA 261 55.51 4.15 97.50
CA GLU JA 261 55.86 4.80 96.26
C GLU JA 261 56.67 3.85 95.38
N ALA JA 262 57.68 3.19 95.94
CA ALA JA 262 58.53 2.30 95.17
C ALA JA 262 57.68 1.21 94.52
N VAL JA 263 56.80 0.59 95.30
CA VAL JA 263 55.87 -0.40 94.79
C VAL JA 263 55.02 0.20 93.70
N ARG JA 264 54.45 1.38 93.93
CA ARG JA 264 53.62 2.05 92.93
C ARG JA 264 54.40 2.21 91.63
N LEU JA 265 55.62 2.72 91.71
CA LEU JA 265 56.46 2.93 90.53
C LEU JA 265 56.79 1.62 89.85
N ILE JA 266 57.19 0.61 90.61
CA ILE JA 266 57.51 -0.69 90.04
C ILE JA 266 56.28 -1.23 89.33
N SER JA 267 55.11 -1.08 89.94
CA SER JA 267 53.87 -1.52 89.34
C SER JA 267 53.64 -0.76 88.04
N LYS JA 268 53.84 0.56 88.01
CA LYS JA 268 53.69 1.33 86.78
C LYS JA 268 54.62 0.79 85.72
N LEU JA 269 55.91 0.63 86.01
CA LEU JA 269 56.86 0.13 85.02
C LEU JA 269 56.46 -1.27 84.54
N THR JA 270 55.98 -2.09 85.45
CA THR JA 270 55.47 -3.41 85.08
C THR JA 270 54.27 -3.28 84.13
N GLN JA 271 53.28 -2.48 84.51
CA GLN JA 271 52.07 -2.26 83.73
C GLN JA 271 52.41 -1.73 82.36
N GLU JA 272 53.29 -0.75 82.31
CA GLU JA 272 53.78 -0.19 81.07
C GLU JA 272 54.39 -1.28 80.21
N GLY JA 273 55.27 -2.10 80.77
CA GLY JA 273 55.92 -3.19 80.06
C GLY JA 273 54.92 -4.10 79.39
N LEU JA 274 53.96 -4.62 80.15
CA LEU JA 274 52.92 -5.48 79.57
C LEU JA 274 52.13 -4.71 78.51
N LYS JA 275 51.72 -3.47 78.79
CA LYS JA 275 50.91 -2.69 77.86
C LYS JA 275 51.65 -2.43 76.54
N GLN JA 276 52.95 -2.19 76.58
CA GLN JA 276 53.76 -2.05 75.38
C GLN JA 276 53.86 -3.38 74.62
N LEU JA 277 54.15 -4.50 75.30
CA LEU JA 277 54.17 -5.82 74.66
C LEU JA 277 52.81 -6.13 73.99
N LYS JA 278 51.71 -5.80 74.66
CA LYS JA 278 50.35 -5.95 74.14
C LYS JA 278 50.16 -5.10 72.88
N GLU JA 279 50.56 -3.83 72.93
CA GLU JA 279 50.42 -2.91 71.81
C GLU JA 279 51.17 -3.40 70.56
N ILE JA 280 52.37 -3.94 70.70
CA ILE JA 280 53.14 -4.50 69.57
C ILE JA 280 52.68 -5.91 69.15
N GLY JA 281 51.68 -6.50 69.81
CA GLY JA 281 51.17 -7.82 69.46
C GLY JA 281 52.14 -8.98 69.76
N ALA JA 282 52.93 -8.87 70.83
CA ALA JA 282 53.87 -9.91 71.25
C ALA JA 282 53.17 -11.26 71.56
N PRO JA 283 53.85 -12.42 71.40
CA PRO JA 283 53.28 -13.72 71.75
C PRO JA 283 53.07 -13.81 73.27
N PRO JA 284 51.89 -14.25 73.73
CA PRO JA 284 51.55 -14.27 75.15
C PRO JA 284 52.57 -14.98 76.06
N GLU JA 285 53.36 -15.91 75.52
CA GLU JA 285 54.44 -16.57 76.26
C GLU JA 285 55.40 -15.53 76.86
N GLN JA 286 55.81 -14.53 76.09
CA GLN JA 286 56.65 -13.46 76.60
C GLN JA 286 55.92 -12.67 77.69
N ILE JA 287 54.64 -12.35 77.46
CA ILE JA 287 53.84 -11.57 78.41
C ILE JA 287 53.75 -12.30 79.74
N GLU JA 288 53.50 -13.61 79.70
CA GLU JA 288 53.41 -14.45 80.88
C GLU JA 288 54.74 -14.50 81.64
N ARG JA 289 55.87 -14.63 80.93
CA ARG JA 289 57.19 -14.58 81.57
C ARG JA 289 57.38 -13.23 82.26
N VAL JA 290 57.12 -12.13 81.56
CA VAL JA 290 57.24 -10.79 82.15
C VAL JA 290 56.31 -10.65 83.35
N ALA JA 291 55.08 -11.16 83.28
CA ALA JA 291 54.15 -11.09 84.38
C ALA JA 291 54.71 -11.79 85.62
N GLU JA 292 55.22 -13.01 85.44
CA GLU JA 292 55.88 -13.74 86.52
C GLU JA 292 57.04 -12.94 87.07
N HIS JA 293 57.92 -12.45 86.20
CA HIS JA 293 59.10 -11.70 86.62
C HIS JA 293 58.69 -10.50 87.46
N GLY JA 294 57.71 -9.74 86.98
CA GLY JA 294 57.21 -8.56 87.66
C GLY JA 294 56.69 -8.93 89.03
N LEU JA 295 55.83 -9.95 89.10
CA LEU JA 295 55.30 -10.40 90.38
C LEU JA 295 56.42 -10.88 91.31
N GLU JA 296 57.41 -11.61 90.80
CA GLU JA 296 58.51 -12.08 91.64
C GLU JA 296 59.32 -10.92 92.19
N VAL JA 297 59.69 -9.98 91.33
CA VAL JA 297 60.38 -8.76 91.75
C VAL JA 297 59.55 -8.04 92.79
N LEU JA 298 58.25 -7.92 92.53
CA LEU JA 298 57.34 -7.25 93.43
C LEU JA 298 57.35 -7.94 94.78
N LYS JA 299 57.27 -9.26 94.79
CA LYS JA 299 57.33 -10.06 96.01
C LYS JA 299 58.62 -9.81 96.75
N GLU JA 300 59.75 -9.82 96.06
CA GLU JA 300 61.03 -9.56 96.71
C GLU JA 300 61.06 -8.16 97.32
N ILE JA 301 60.52 -7.17 96.62
CA ILE JA 301 60.43 -5.82 97.15
C ILE JA 301 59.46 -5.77 98.32
N ALA JA 302 58.31 -6.43 98.24
CA ALA JA 302 57.38 -6.48 99.35
C ALA JA 302 58.06 -7.09 100.57
N LYS JA 303 58.86 -8.14 100.35
CA LYS JA 303 59.64 -8.78 101.40
C LYS JA 303 60.66 -7.80 101.99
N TYR JA 304 61.38 -7.03 101.17
CA TYR JA 304 62.20 -5.95 101.70
C TYR JA 304 61.35 -4.98 102.53
N GLY JA 305 60.20 -4.58 102.01
CA GLY JA 305 59.25 -3.68 102.67
C GLY JA 305 58.86 -4.18 104.05
N SER JA 306 58.65 -5.48 104.20
CA SER JA 306 58.29 -6.08 105.49
C SER JA 306 59.32 -5.77 106.59
N LYS JA 307 60.59 -5.57 106.23
CA LYS JA 307 61.63 -5.19 107.18
C LYS JA 307 61.37 -3.82 107.80
N LEU JA 308 60.83 -2.89 107.01
CA LEU JA 308 60.50 -1.54 107.43
C LEU JA 308 59.17 -1.46 108.19
N THR JA 309 58.17 -2.24 107.77
CA THR JA 309 56.77 -1.99 108.13
C THR JA 309 56.47 -2.14 109.63
N ASP JA 310 55.65 -1.21 110.14
CA ASP JA 310 55.05 -1.24 111.48
C ASP JA 310 53.55 -0.89 111.45
N SER JA 311 53.12 0.14 110.70
CA SER JA 311 51.72 0.52 110.60
C SER JA 311 50.89 -0.53 109.85
N PRO JA 312 49.82 -1.06 110.48
CA PRO JA 312 48.92 -1.98 109.81
C PRO JA 312 48.28 -1.34 108.58
N GLU JA 313 47.96 -0.06 108.63
CA GLU JA 313 47.34 0.63 107.51
C GLU JA 313 48.28 0.61 106.30
N LEU JA 314 49.56 0.90 106.51
CA LEU JA 314 50.54 0.87 105.42
C LEU JA 314 50.68 -0.54 104.87
N LYS JA 315 50.77 -1.56 105.74
CA LYS JA 315 50.72 -2.96 105.27
C LYS JA 315 49.47 -3.20 104.41
N ARG JA 316 48.30 -2.79 104.90
CA ARG JA 316 47.02 -3.00 104.21
C ARG JA 316 47.04 -2.37 102.84
N GLU JA 317 47.40 -1.10 102.76
CA GLU JA 317 47.46 -0.43 101.47
C GLU JA 317 48.48 -1.08 100.55
N LEU JA 318 49.65 -1.47 101.06
CA LEU JA 318 50.65 -2.17 100.27
C LEU JA 318 50.01 -3.42 99.67
N TYR JA 319 49.40 -4.24 100.51
CA TYR JA 319 48.73 -5.44 100.06
C TYR JA 319 47.67 -5.12 99.01
N ARG JA 320 46.88 -4.08 99.25
CA ARG JA 320 45.86 -3.64 98.31
C ARG JA 320 46.49 -3.33 96.98
N ILE JA 321 47.59 -2.60 96.96
CA ILE JA 321 48.29 -2.31 95.72
C ILE JA 321 48.78 -3.60 95.07
N ILE JA 322 49.26 -4.58 95.82
CA ILE JA 322 49.64 -5.85 95.22
C ILE JA 322 48.43 -6.44 94.50
N SER JA 323 47.28 -6.43 95.16
CA SER JA 323 46.06 -6.97 94.58
C SER JA 323 45.63 -6.16 93.35
N GLU JA 324 45.70 -4.84 93.40
CA GLU JA 324 45.42 -4.02 92.22
C GLU JA 324 46.35 -4.42 91.08
N THR JA 325 47.62 -4.64 91.40
CA THR JA 325 48.62 -5.03 90.42
C THR JA 325 48.20 -6.33 89.79
N ALA JA 326 47.90 -7.33 90.60
CA ALA JA 326 47.48 -8.62 90.10
C ALA JA 326 46.24 -8.48 89.21
N LYS JA 327 45.23 -7.73 89.67
CA LYS JA 327 43.99 -7.52 88.92
C LYS JA 327 44.30 -6.92 87.56
N GLU JA 328 45.12 -5.88 87.54
CA GLU JA 328 45.50 -5.24 86.29
C GLU JA 328 46.26 -6.21 85.40
N LEU JA 329 47.22 -6.96 85.95
CA LEU JA 329 48.00 -7.91 85.15
C LEU JA 329 47.10 -8.96 84.50
N LEU JA 330 46.17 -9.52 85.26
CA LEU JA 330 45.19 -10.43 84.69
C LEU JA 330 44.36 -9.73 83.62
N LYS JA 331 43.88 -8.52 83.90
CA LYS JA 331 43.04 -7.77 82.97
C LYS JA 331 43.77 -7.53 81.65
N ILE JA 332 45.04 -7.16 81.70
CA ILE JA 332 45.86 -6.97 80.50
C ILE JA 332 45.98 -8.30 79.75
N LEU JA 333 46.30 -9.40 80.44
CA LEU JA 333 46.48 -10.68 79.76
C LEU JA 333 45.18 -11.14 79.09
N ALA JA 334 44.04 -10.90 79.75
CA ALA JA 334 42.72 -11.18 79.22
C ALA JA 334 42.40 -10.29 78.00
N GLU JA 335 42.69 -8.99 78.09
CA GLU JA 335 42.55 -8.07 76.95
C GLU JA 335 43.49 -8.47 75.79
N GLY JA 336 44.64 -9.06 76.12
CA GLY JA 336 45.58 -9.66 75.16
C GLY JA 336 45.03 -10.89 74.44
N GLY JA 337 43.87 -11.42 74.84
CA GLY JA 337 43.23 -12.56 74.17
C GLY JA 337 43.96 -13.89 74.35
N ALA JA 338 44.81 -14.03 75.37
CA ALA JA 338 45.54 -15.27 75.66
C ALA JA 338 44.61 -16.45 76.02
N THR JA 339 45.05 -17.69 75.77
CA THR JA 339 44.25 -18.88 76.10
C THR JA 339 44.21 -19.13 77.61
N PRO JA 340 43.15 -19.78 78.14
CA PRO JA 340 42.91 -19.88 79.58
C PRO JA 340 44.08 -20.41 80.40
N GLU JA 341 44.92 -21.25 79.83
CA GLU JA 341 46.05 -21.89 80.51
C GLU JA 341 47.04 -20.86 81.04
N GLN JA 342 47.34 -19.83 80.27
CA GLN JA 342 48.23 -18.76 80.74
C GLN JA 342 47.57 -18.04 81.92
N LEU JA 343 46.28 -17.74 81.80
CA LEU JA 343 45.52 -17.07 82.85
C LEU JA 343 45.45 -17.94 84.11
N GLU JA 344 45.32 -19.25 83.99
CA GLU JA 344 45.43 -20.17 85.12
C GLU JA 344 46.82 -20.05 85.76
N ARG JA 345 47.88 -20.24 84.97
CA ARG JA 345 49.27 -20.21 85.44
C ARG JA 345 49.56 -18.94 86.21
N VAL JA 346 49.19 -17.80 85.61
CA VAL JA 346 49.34 -16.50 86.23
C VAL JA 346 48.47 -16.40 87.47
N THR JA 347 47.21 -16.82 87.44
CA THR JA 347 46.33 -16.74 88.61
C THR JA 347 46.94 -17.52 89.76
N LYS JA 348 47.41 -18.73 89.49
CA LYS JA 348 48.06 -19.58 90.48
C LYS JA 348 49.27 -18.87 91.06
N HIS JA 349 50.17 -18.40 90.21
CA HIS JA 349 51.34 -17.69 90.67
C HIS JA 349 50.95 -16.46 91.49
N ALA JA 350 49.95 -15.72 91.04
CA ALA JA 350 49.49 -14.53 91.74
C ALA JA 350 48.97 -14.90 93.13
N LEU JA 351 48.11 -15.89 93.22
CA LEU JA 351 47.64 -16.35 94.51
C LEU JA 351 48.82 -16.76 95.38
N GLU JA 352 49.79 -17.49 94.84
CA GLU JA 352 50.97 -17.88 95.60
C GLU JA 352 51.74 -16.66 96.11
N VAL JA 353 52.02 -15.70 95.24
CA VAL JA 353 52.71 -14.48 95.64
C VAL JA 353 51.90 -13.77 96.71
N LEU JA 354 50.61 -13.55 96.49
CA LEU JA 354 49.74 -12.89 97.45
C LEU JA 354 49.81 -13.62 98.78
N LYS JA 355 49.74 -14.95 98.76
CA LYS JA 355 49.81 -15.76 99.97
C LYS JA 355 51.15 -15.55 100.66
N GLU JA 356 52.25 -15.64 99.93
CA GLU JA 356 53.57 -15.43 100.50
C GLU JA 356 53.66 -14.03 101.12
N VAL JA 357 53.17 -13.02 100.43
CA VAL JA 357 53.20 -11.66 100.94
C VAL JA 357 52.31 -11.54 102.18
N ALA JA 358 51.17 -12.21 102.21
CA ALA JA 358 50.36 -12.23 103.42
C ALA JA 358 51.16 -12.86 104.56
N LYS JA 359 51.80 -13.99 104.30
CA LYS JA 359 52.62 -14.71 105.28
C LYS JA 359 53.77 -13.86 105.79
N GLU JA 360 54.33 -12.99 104.96
CA GLU JA 360 55.28 -11.99 105.44
C GLU JA 360 54.59 -10.96 106.33
N LEU JA 361 53.51 -10.35 105.86
CA LEU JA 361 52.98 -9.14 106.45
C LEU JA 361 52.12 -9.38 107.69
N ALA JA 362 51.22 -10.35 107.64
CA ALA JA 362 50.06 -10.38 108.52
C ALA JA 362 50.42 -10.63 110.00
N ASP JA 363 49.83 -9.82 110.90
CA ASP JA 363 50.17 -9.77 112.33
C ASP JA 363 48.96 -9.49 113.26
N SER JA 364 47.77 -9.25 112.70
CA SER JA 364 46.51 -9.14 113.45
C SER JA 364 45.36 -9.82 112.70
N PRO JA 365 44.29 -10.26 113.39
CA PRO JA 365 43.14 -10.86 112.74
C PRO JA 365 42.58 -9.98 111.62
N GLU JA 366 42.48 -8.68 111.83
CA GLU JA 366 42.00 -7.74 110.81
C GLU JA 366 42.89 -7.80 109.57
N SER JA 367 44.22 -7.82 109.75
CA SER JA 367 45.13 -7.94 108.62
C SER JA 367 44.93 -9.26 107.88
N GLY JA 368 44.68 -10.35 108.62
CA GLY JA 368 44.33 -11.63 108.02
C GLY JA 368 43.07 -11.50 107.18
N LEU JA 369 42.00 -10.94 107.76
CA LEU JA 369 40.75 -10.77 107.04
C LEU JA 369 40.91 -9.89 105.81
N ALA JA 370 41.63 -8.79 105.92
CA ALA JA 370 41.88 -7.93 104.78
C ALA JA 370 42.62 -8.71 103.69
N ALA JA 371 43.67 -9.43 104.05
CA ALA JA 371 44.44 -10.21 103.08
C ALA JA 371 43.56 -11.27 102.43
N LEU JA 372 42.79 -11.98 103.25
CA LEU JA 372 41.81 -12.93 102.77
C LEU JA 372 40.87 -12.25 101.78
N ALA JA 373 40.30 -11.12 102.15
CA ALA JA 373 39.32 -10.44 101.32
C ALA JA 373 39.93 -10.09 99.97
N ALA JA 374 41.16 -9.60 99.97
CA ALA JA 374 41.88 -9.34 98.74
C ALA JA 374 42.07 -10.64 97.94
N ILE JA 375 42.60 -11.70 98.56
CA ILE JA 375 42.83 -12.97 97.88
C ILE JA 375 41.52 -13.43 97.25
N ALA JA 376 40.47 -13.48 98.04
CA ALA JA 376 39.17 -13.96 97.61
C ALA JA 376 38.65 -13.10 96.46
N SER JA 377 38.62 -11.79 96.61
CA SER JA 377 38.08 -10.93 95.58
C SER JA 377 38.91 -11.04 94.31
N LEU JA 378 40.23 -11.09 94.43
CA LEU JA 378 41.13 -11.33 93.31
C LEU JA 378 40.75 -12.62 92.62
N ALA JA 379 40.65 -13.70 93.38
CA ALA JA 379 40.27 -14.99 92.84
C ALA JA 379 38.92 -14.90 92.13
N LYS JA 380 37.94 -14.22 92.73
CA LYS JA 380 36.59 -14.07 92.19
C LYS JA 380 36.63 -13.36 90.84
N LEU JA 381 37.38 -12.27 90.75
CA LEU JA 381 37.53 -11.56 89.49
C LEU JA 381 38.28 -12.44 88.48
N GLY JA 382 39.27 -13.21 88.94
CA GLY JA 382 39.97 -14.19 88.11
C GLY JA 382 38.99 -15.19 87.49
N LEU JA 383 38.09 -15.74 88.30
CA LEU JA 383 37.04 -16.61 87.81
C LEU JA 383 36.07 -15.86 86.90
N GLU JA 384 35.74 -14.62 87.20
CA GLU JA 384 34.78 -13.85 86.43
C GLU JA 384 35.24 -13.69 84.96
N GLN JA 385 36.51 -13.31 84.75
CA GLN JA 385 37.04 -13.23 83.39
C GLN JA 385 37.22 -14.63 82.78
N LEU JA 386 37.60 -15.64 83.57
CA LEU JA 386 37.73 -17.01 83.08
C LEU JA 386 36.40 -17.55 82.53
N LYS JA 387 35.30 -17.23 83.22
CA LYS JA 387 33.94 -17.53 82.78
C LYS JA 387 33.57 -16.70 81.55
N GLU JA 388 33.93 -15.43 81.52
CA GLU JA 388 33.65 -14.55 80.38
C GLU JA 388 34.30 -15.05 79.09
N ILE JA 389 35.54 -15.56 79.14
CA ILE JA 389 36.18 -16.20 77.98
C ILE JA 389 35.66 -17.63 77.70
N GLY JA 390 34.71 -18.12 78.50
CA GLY JA 390 34.03 -19.39 78.25
C GLY JA 390 34.90 -20.64 78.48
N ALA JA 391 35.91 -20.57 79.34
CA ALA JA 391 36.77 -21.72 79.66
C ALA JA 391 35.95 -22.89 80.27
N PRO JA 392 36.33 -24.16 80.05
CA PRO JA 392 35.50 -25.30 80.43
C PRO JA 392 35.36 -25.40 81.95
N PRO JA 393 34.21 -25.91 82.45
CA PRO JA 393 33.93 -26.01 83.87
C PRO JA 393 35.05 -26.64 84.70
N GLU JA 394 35.78 -27.63 84.16
CA GLU JA 394 36.90 -28.25 84.87
C GLU JA 394 37.99 -27.22 85.23
N GLN JA 395 38.34 -26.33 84.32
CA GLN JA 395 39.27 -25.24 84.62
C GLN JA 395 38.72 -24.35 85.73
N GLN JA 396 37.44 -23.99 85.64
CA GLN JA 396 36.78 -23.17 86.65
C GLN JA 396 36.85 -23.85 88.03
N ARG JA 397 36.56 -25.15 88.09
CA ARG JA 397 36.68 -25.94 89.33
C ARG JA 397 38.12 -25.97 89.81
N ARG JA 398 39.08 -26.30 88.95
CA ARG JA 398 40.52 -26.35 89.30
C ARG JA 398 40.95 -25.05 89.97
N VAL JA 399 40.66 -23.92 89.33
CA VAL JA 399 40.99 -22.60 89.87
C VAL JA 399 40.26 -22.38 91.19
N THR JA 400 38.97 -22.70 91.26
CA THR JA 400 38.19 -22.48 92.48
C THR JA 400 38.78 -23.26 93.64
N LYS JA 401 39.10 -24.54 93.41
CA LYS JA 401 39.72 -25.42 94.40
C LYS JA 401 41.05 -24.85 94.85
N ALA JA 402 41.90 -24.45 93.92
CA ALA JA 402 43.15 -23.79 94.29
C ALA JA 402 42.88 -22.56 95.15
N GLY JA 403 41.87 -21.77 94.79
CA GLY JA 403 41.45 -20.61 95.58
C GLY JA 403 41.06 -21.02 97.00
N ILE JA 404 40.22 -22.03 97.12
CA ILE JA 404 39.82 -22.56 98.42
C ILE JA 404 41.06 -23.02 99.18
N GLU JA 405 41.98 -23.74 98.55
CA GLU JA 405 43.20 -24.21 99.21
C GLU JA 405 44.07 -23.06 99.69
N ALA JA 406 44.22 -22.01 98.89
CA ALA JA 406 44.93 -20.81 99.33
C ALA JA 406 44.22 -20.23 100.55
N VAL JA 407 42.89 -20.08 100.48
CA VAL JA 407 42.11 -19.59 101.61
C VAL JA 407 42.28 -20.51 102.82
N ARG JA 408 42.37 -21.82 102.63
CA ARG JA 408 42.61 -22.76 103.73
C ARG JA 408 43.96 -22.50 104.35
N GLU JA 409 45.01 -22.29 103.56
CA GLU JA 409 46.32 -21.93 104.09
C GLU JA 409 46.26 -20.59 104.82
N ILE JA 410 45.51 -19.64 104.29
CA ILE JA 410 45.27 -18.37 104.96
C ILE JA 410 44.52 -18.60 106.28
N TYR JA 411 43.55 -19.51 106.33
CA TYR JA 411 42.91 -19.86 107.59
C TYR JA 411 43.90 -20.53 108.53
N ARG JA 412 44.80 -21.39 108.05
CA ARG JA 412 45.85 -21.98 108.90
C ARG JA 412 46.75 -20.88 109.46
N TYR JA 413 47.06 -19.85 108.69
CA TYR JA 413 47.72 -18.66 109.23
C TYR JA 413 46.81 -17.92 110.22
N GLY JA 414 45.51 -17.83 109.94
CA GLY JA 414 44.49 -17.30 110.83
C GLY JA 414 44.46 -18.00 112.18
N ARG JA 415 44.67 -19.32 112.21
CA ARG JA 415 44.79 -20.11 113.45
C ARG JA 415 46.06 -19.76 114.23
N LYS JA 416 47.12 -19.25 113.59
CA LYS JA 416 48.28 -18.67 114.28
C LYS JA 416 48.00 -17.26 114.81
N LEU JA 417 47.21 -16.46 114.09
CA LEU JA 417 46.84 -15.09 114.50
C LEU JA 417 45.87 -15.06 115.70
N TYR JA 418 44.85 -15.92 115.72
CA TYR JA 418 43.76 -15.91 116.70
C TYR JA 418 44.12 -16.63 118.01
N ASP KA 3 20.55 -82.66 48.34
CA ASP KA 3 21.02 -84.03 48.00
C ASP KA 3 21.99 -84.61 49.02
N ASP KA 4 23.20 -84.05 49.11
CA ASP KA 4 24.34 -84.69 49.78
C ASP KA 4 24.04 -85.15 51.21
N LEU KA 5 23.19 -84.38 51.91
CA LEU KA 5 22.82 -84.63 53.28
C LEU KA 5 22.36 -86.07 53.50
N LEU KA 6 21.70 -86.70 52.53
CA LEU KA 6 21.33 -88.11 52.65
C LEU KA 6 22.57 -88.94 52.96
N LEU KA 7 23.58 -88.81 52.10
CA LEU KA 7 24.85 -89.48 52.29
C LEU KA 7 25.50 -89.02 53.58
N LYS KA 8 25.38 -87.75 53.96
CA LYS KA 8 25.93 -87.31 55.24
C LYS KA 8 25.26 -88.03 56.41
N LEU KA 9 23.96 -88.27 56.36
CA LEU KA 9 23.32 -89.10 57.37
C LEU KA 9 23.93 -90.50 57.34
N LEU KA 10 24.19 -91.03 56.15
CA LEU KA 10 24.86 -92.32 56.07
C LEU KA 10 26.23 -92.24 56.74
N GLU KA 11 27.00 -91.17 56.53
CA GLU KA 11 28.26 -90.99 57.24
C GLU KA 11 28.05 -91.01 58.75
N LEU KA 12 27.05 -90.31 59.24
CA LEU KA 12 26.75 -90.32 60.66
C LEU KA 12 26.42 -91.72 61.12
N LEU KA 13 25.58 -92.42 60.38
CA LEU KA 13 25.23 -93.78 60.72
C LEU KA 13 26.47 -94.67 60.69
N VAL KA 14 27.39 -94.47 59.76
CA VAL KA 14 28.64 -95.24 59.69
C VAL KA 14 29.46 -94.95 60.92
N GLU KA 15 29.64 -93.68 61.24
CA GLU KA 15 30.44 -93.29 62.38
C GLU KA 15 29.82 -93.87 63.66
N GLN KA 16 28.51 -93.75 63.79
CA GLN KA 16 27.76 -94.30 64.90
C GLN KA 16 27.96 -95.80 64.94
N ALA KA 17 27.85 -96.49 63.81
CA ALA KA 17 28.08 -97.92 63.74
C ALA KA 17 29.47 -98.25 64.24
N ARG KA 18 30.51 -97.51 63.84
CA ARG KA 18 31.85 -97.76 64.34
C ARG KA 18 31.89 -97.58 65.85
N VAL KA 19 31.48 -96.42 66.34
CA VAL KA 19 31.65 -96.07 67.76
C VAL KA 19 30.83 -97.00 68.63
N SER KA 20 29.58 -97.26 68.25
CA SER KA 20 28.76 -98.26 68.93
C SER KA 20 29.39 -99.65 68.84
N ALA KA 21 29.99 -100.05 67.73
CA ALA KA 21 30.62 -101.37 67.63
C ALA KA 21 31.90 -101.47 68.47
N GLU KA 22 32.68 -100.40 68.59
CA GLU KA 22 33.79 -100.39 69.53
C GLU KA 22 33.28 -100.49 70.98
N PHE KA 23 32.24 -99.74 71.33
CA PHE KA 23 31.57 -99.85 72.62
C PHE KA 23 31.05 -101.27 72.86
N ALA KA 24 30.39 -101.87 71.87
CA ALA KA 24 29.86 -103.22 71.96
C ALA KA 24 30.98 -104.25 72.09
N ARG KA 25 32.17 -104.01 71.53
CA ARG KA 25 33.36 -104.84 71.75
C ARG KA 25 33.95 -104.67 73.14
N ARG KA 26 33.91 -103.48 73.74
CA ARG KA 26 34.26 -103.29 75.16
C ARG KA 26 33.23 -103.98 76.09
N GLN KA 27 31.95 -104.00 75.72
CA GLN KA 27 30.85 -104.58 76.51
C GLN KA 27 30.57 -106.09 76.26
N GLY KA 28 31.00 -106.64 75.11
CA GLY KA 28 30.63 -107.99 74.66
C GLY KA 28 29.19 -108.11 74.12
N ASP KA 29 28.59 -107.02 73.64
CA ASP KA 29 27.19 -106.98 73.20
C ASP KA 29 27.01 -107.51 71.77
N GLU KA 30 26.94 -108.84 71.64
CA GLU KA 30 26.73 -109.51 70.36
C GLU KA 30 25.42 -109.08 69.67
N LYS KA 31 24.37 -108.80 70.44
CA LYS KA 31 23.09 -108.36 69.89
C LYS KA 31 23.22 -106.99 69.26
N MET KA 32 23.89 -106.04 69.92
CA MET KA 32 24.17 -104.76 69.32
C MET KA 32 25.01 -104.93 68.06
N LEU KA 33 26.06 -105.74 68.10
CA LEU KA 33 26.89 -106.00 66.92
C LEU KA 33 26.05 -106.52 65.74
N GLU KA 34 25.19 -107.50 65.99
CA GLU KA 34 24.26 -108.01 64.96
C GLU KA 34 23.36 -106.89 64.43
N GLU KA 35 22.73 -106.12 65.30
CA GLU KA 35 21.82 -105.05 64.89
C GLU KA 35 22.54 -103.96 64.08
N VAL KA 36 23.70 -103.49 64.55
CA VAL KA 36 24.44 -102.46 63.81
C VAL KA 36 25.01 -103.03 62.53
N ALA KA 37 25.39 -104.31 62.47
CA ALA KA 37 25.81 -104.92 61.21
C ALA KA 37 24.67 -104.90 60.19
N ARG KA 38 23.45 -105.28 60.60
CA ARG KA 38 22.27 -105.16 59.72
C ARG KA 38 22.08 -103.72 59.29
N LYS KA 39 22.16 -102.78 60.23
CA LYS KA 39 22.01 -101.35 59.94
C LYS KA 39 23.07 -100.87 58.95
N ALA KA 40 24.30 -101.35 59.09
CA ALA KA 40 25.39 -101.00 58.19
C ALA KA 40 25.17 -101.58 56.80
N GLU KA 41 24.66 -102.81 56.69
CA GLU KA 41 24.29 -103.34 55.38
C GLU KA 41 23.17 -102.50 54.76
N GLU KA 42 22.15 -102.14 55.53
CA GLU KA 42 21.07 -101.28 55.03
C GLU KA 42 21.56 -99.90 54.61
N VAL KA 43 22.47 -99.32 55.38
CA VAL KA 43 23.15 -98.08 55.00
C VAL KA 43 23.85 -98.28 53.66
N ALA KA 44 24.60 -99.37 53.50
CA ALA KA 44 25.28 -99.64 52.24
C ALA KA 44 24.27 -99.81 51.10
N ARG KA 45 23.12 -100.45 51.36
CA ARG KA 45 22.05 -100.56 50.38
C ARG KA 45 21.54 -99.20 49.94
N LYS KA 46 21.25 -98.31 50.90
CA LYS KA 46 20.87 -96.92 50.59
C LYS KA 46 21.93 -96.25 49.73
N ALA KA 47 23.19 -96.36 50.14
CA ALA KA 47 24.30 -95.75 49.43
C ALA KA 47 24.42 -96.29 48.00
N GLU KA 48 24.31 -97.60 47.80
CA GLU KA 48 24.40 -98.23 46.49
C GLU KA 48 23.32 -97.68 45.57
N GLU KA 49 22.07 -97.62 46.03
CA GLU KA 49 20.99 -97.05 45.22
C GLU KA 49 21.25 -95.59 44.87
N ILE KA 50 21.69 -94.79 45.84
CA ILE KA 50 22.02 -93.39 45.58
C ILE KA 50 23.15 -93.31 44.55
N ALA KA 51 24.17 -94.17 44.66
CA ALA KA 51 25.28 -94.19 43.71
C ALA KA 51 24.81 -94.51 42.29
N ARG KA 52 23.92 -95.48 42.10
CA ARG KA 52 23.31 -95.75 40.79
C ARG KA 52 22.61 -94.50 40.26
N LYS KA 53 21.83 -93.82 41.10
CA LYS KA 53 21.13 -92.58 40.71
C LYS KA 53 22.14 -91.52 40.26
N ALA KA 54 23.19 -91.28 41.04
CA ALA KA 54 24.24 -90.34 40.67
C ALA KA 54 24.87 -90.71 39.32
N ARG KA 55 25.18 -91.99 39.10
CA ARG KA 55 25.74 -92.47 37.83
C ARG KA 55 24.81 -92.18 36.66
N LYS KA 56 23.50 -92.39 36.84
CA LYS KA 56 22.50 -92.06 35.83
C LYS KA 56 22.46 -90.56 35.52
N GLU KA 57 22.43 -89.71 36.55
CA GLU KA 57 22.37 -88.25 36.34
C GLU KA 57 23.69 -87.67 35.82
N GLY KA 58 24.82 -88.35 36.05
CA GLY KA 58 26.13 -87.93 35.55
C GLY KA 58 26.80 -86.81 36.35
N ASN KA 59 26.31 -86.46 37.54
CA ASN KA 59 27.02 -85.56 38.46
C ASN KA 59 28.21 -86.31 39.09
N LEU KA 60 29.41 -86.12 38.53
CA LEU KA 60 30.58 -86.89 38.96
C LEU KA 60 31.01 -86.55 40.38
N GLU KA 61 30.81 -85.31 40.83
CA GLU KA 61 31.12 -84.96 42.22
C GLU KA 61 30.29 -85.81 43.18
N LEU KA 62 28.99 -85.87 42.96
CA LEU KA 62 28.12 -86.75 43.75
C LEU KA 62 28.55 -88.20 43.59
N ALA KA 63 28.85 -88.66 42.37
CA ALA KA 63 29.23 -90.05 42.16
C ALA KA 63 30.47 -90.41 43.00
N LEU KA 64 31.49 -89.57 42.93
CA LEU KA 64 32.70 -89.78 43.71
C LEU KA 64 32.40 -89.71 45.20
N LYS KA 65 31.60 -88.73 45.65
CA LYS KA 65 31.18 -88.67 47.05
C LYS KA 65 30.51 -89.97 47.46
N ALA KA 66 29.58 -90.44 46.65
CA ALA KA 66 28.82 -91.65 46.93
C ALA KA 66 29.74 -92.85 46.98
N LEU KA 67 30.68 -92.96 46.04
CA LEU KA 67 31.66 -94.02 46.08
C LEU KA 67 32.50 -93.91 47.34
N GLU KA 68 33.00 -92.74 47.71
CA GLU KA 68 33.82 -92.62 48.90
C GLU KA 68 33.03 -93.09 50.12
N ILE KA 69 31.78 -92.67 50.21
CA ILE KA 69 30.95 -93.03 51.34
C ILE KA 69 30.64 -94.54 51.27
N LEU KA 70 30.49 -95.11 50.09
CA LEU KA 70 30.39 -96.56 49.95
C LEU KA 70 31.65 -97.23 50.47
N VAL KA 71 32.81 -96.71 50.12
CA VAL KA 71 34.08 -97.25 50.61
C VAL KA 71 34.12 -97.16 52.13
N ARG KA 72 33.66 -96.06 52.70
CA ARG KA 72 33.57 -95.93 54.16
C ARG KA 72 32.64 -96.99 54.73
N ALA KA 73 31.49 -97.19 54.10
CA ALA KA 73 30.53 -98.19 54.55
C ALA KA 73 31.13 -99.59 54.47
N ALA KA 74 31.79 -99.90 53.37
CA ALA KA 74 32.50 -101.16 53.22
C ALA KA 74 33.55 -101.28 54.33
N HIS KA 75 34.30 -100.21 54.61
CA HIS KA 75 35.33 -100.24 55.62
C HIS KA 75 34.75 -100.63 56.97
N VAL KA 76 33.69 -99.96 57.43
CA VAL KA 76 33.10 -100.35 58.72
C VAL KA 76 32.53 -101.76 58.65
N LEU KA 77 31.90 -102.16 57.55
CA LEU KA 77 31.34 -103.50 57.43
C LEU KA 77 32.42 -104.56 57.59
N ALA KA 78 33.54 -104.35 56.90
CA ALA KA 78 34.68 -105.24 56.99
C ALA KA 78 35.30 -105.19 58.39
N GLU KA 79 35.41 -104.00 58.99
CA GLU KA 79 35.99 -103.85 60.32
C GLU KA 79 35.18 -104.62 61.37
N ILE KA 80 33.84 -104.63 61.23
CA ILE KA 80 32.96 -105.47 62.04
C ILE KA 80 33.15 -106.95 61.69
N ALA KA 81 33.10 -107.30 60.41
CA ALA KA 81 33.19 -108.69 59.98
C ALA KA 81 34.52 -109.35 60.40
N ARG KA 82 35.62 -108.59 60.44
CA ARG KA 82 36.98 -109.05 60.81
C ARG KA 82 37.01 -109.64 62.22
N GLU KA 83 36.52 -108.90 63.21
CA GLU KA 83 36.46 -109.40 64.59
C GLU KA 83 35.39 -110.48 64.76
N ARG KA 84 34.28 -110.39 64.02
CA ARG KA 84 33.22 -111.41 64.06
C ARG KA 84 33.63 -112.74 63.43
N GLY KA 85 34.59 -112.72 62.50
CA GLY KA 85 34.96 -113.89 61.69
C GLY KA 85 33.91 -114.27 60.63
N ASN KA 86 33.01 -113.34 60.26
CA ASN KA 86 31.94 -113.61 59.31
C ASN KA 86 32.46 -113.64 57.86
N GLU KA 87 32.21 -114.72 57.12
CA GLU KA 87 32.66 -114.83 55.73
C GLU KA 87 31.82 -114.01 54.75
N GLU KA 88 30.50 -114.07 54.84
CA GLU KA 88 29.61 -113.51 53.81
C GLU KA 88 29.73 -111.99 53.72
N LEU KA 89 29.90 -111.31 54.84
CA LEU KA 89 30.20 -109.88 54.87
C LEU KA 89 31.54 -109.58 54.19
N GLN KA 90 32.59 -110.38 54.41
CA GLN KA 90 33.88 -110.19 53.74
C GLN KA 90 33.76 -110.43 52.23
N LYS KA 91 33.05 -111.48 51.82
CA LYS KA 91 32.80 -111.78 50.40
C LYS KA 91 32.05 -110.62 49.73
N LYS KA 92 30.97 -110.15 50.35
CA LYS KA 92 30.23 -108.96 49.90
C LYS KA 92 31.14 -107.76 49.78
N ALA KA 93 31.87 -107.42 50.84
CA ALA KA 93 32.75 -106.26 50.86
C ALA KA 93 33.82 -106.35 49.76
N HIS KA 94 34.50 -107.48 49.61
CA HIS KA 94 35.51 -107.67 48.56
C HIS KA 94 34.92 -107.44 47.16
N LYS KA 95 33.80 -108.09 46.86
CA LYS KA 95 33.10 -107.93 45.56
C LYS KA 95 32.67 -106.48 45.34
N LEU KA 96 32.04 -105.88 46.34
CA LEU KA 96 31.61 -104.49 46.28
C LEU KA 96 32.80 -103.56 46.06
N ALA KA 97 33.91 -103.79 46.74
CA ALA KA 97 35.11 -102.97 46.59
C ALA KA 97 35.68 -103.09 45.17
N LYS KA 98 35.74 -104.30 44.62
CA LYS KA 98 36.16 -104.48 43.22
C LYS KA 98 35.23 -103.72 42.28
N GLU KA 99 33.92 -103.83 42.50
CA GLU KA 99 32.95 -103.09 41.70
C GLU KA 99 33.13 -101.57 41.86
N ALA KA 100 33.39 -101.10 43.07
CA ALA KA 100 33.68 -99.70 43.29
C ALA KA 100 34.94 -99.29 42.53
N LEU KA 101 35.99 -100.11 42.55
CA LEU KA 101 37.21 -99.83 41.83
C LEU KA 101 36.92 -99.71 40.34
N ARG KA 102 36.16 -100.66 39.80
CA ARG KA 102 35.72 -100.61 38.40
C ARG KA 102 34.99 -99.30 38.12
N GLN KA 103 34.00 -98.95 38.93
CA GLN KA 103 33.23 -97.73 38.73
C GLN KA 103 34.11 -96.48 38.83
N VAL KA 104 35.01 -96.43 39.82
CA VAL KA 104 35.86 -95.25 39.97
C VAL KA 104 36.81 -95.15 38.79
N ILE KA 105 37.31 -96.27 38.28
CA ILE KA 105 38.14 -96.29 37.08
C ILE KA 105 37.36 -95.75 35.90
N GLU KA 106 36.12 -96.20 35.71
CA GLU KA 106 35.28 -95.66 34.64
C GLU KA 106 35.12 -94.16 34.80
N ILE KA 107 34.84 -93.71 36.01
CA ILE KA 107 34.73 -92.28 36.28
C ILE KA 107 36.06 -91.61 35.98
N ALA KA 108 37.20 -92.22 36.29
CA ALA KA 108 38.50 -91.64 36.01
C ALA KA 108 38.72 -91.47 34.50
N ILE KA 109 38.35 -92.49 33.72
CA ILE KA 109 38.37 -92.39 32.27
C ILE KA 109 37.46 -91.25 31.82
N ARG KA 110 36.24 -91.18 32.35
CA ARG KA 110 35.30 -90.11 32.01
C ARG KA 110 35.85 -88.74 32.40
N ALA KA 111 36.48 -88.63 33.55
CA ALA KA 111 37.06 -87.38 34.02
C ALA KA 111 38.22 -86.94 33.12
N ILE KA 112 39.01 -87.88 32.61
CA ILE KA 112 40.01 -87.57 31.59
C ILE KA 112 39.31 -87.01 30.35
N GLN KA 113 38.24 -87.67 29.90
CA GLN KA 113 37.41 -87.16 28.80
C GLN KA 113 36.89 -85.73 29.07
N GLU KA 114 36.34 -85.48 30.26
CA GLU KA 114 35.80 -84.16 30.63
C GLU KA 114 36.86 -83.11 31.00
N GLY KA 115 38.15 -83.46 30.96
CA GLY KA 115 39.27 -82.51 30.98
C GLY KA 115 39.66 -81.90 32.35
N ASN KA 116 38.74 -81.76 33.30
CA ASN KA 116 39.07 -81.29 34.65
C ASN KA 116 39.72 -82.40 35.48
N LEU KA 117 41.05 -82.47 35.44
CA LEU KA 117 41.82 -83.52 36.11
C LEU KA 117 41.66 -83.52 37.63
N GLU KA 118 41.14 -82.47 38.27
CA GLU KA 118 40.86 -82.52 39.70
C GLU KA 118 39.87 -83.64 40.03
N LEU KA 119 38.86 -83.85 39.19
CA LEU KA 119 37.96 -84.99 39.38
C LEU KA 119 38.77 -86.29 39.31
N ALA KA 120 39.67 -86.41 38.32
CA ALA KA 120 40.50 -87.60 38.21
C ALA KA 120 41.40 -87.76 39.43
N ILE KA 121 41.91 -86.68 39.99
CA ILE KA 121 42.70 -86.71 41.22
C ILE KA 121 41.84 -87.20 42.37
N ILE KA 122 40.62 -86.68 42.53
CA ILE KA 122 39.74 -87.12 43.62
C ILE KA 122 39.42 -88.59 43.44
N ALA KA 123 39.11 -89.00 42.21
CA ALA KA 123 38.90 -90.40 41.89
C ALA KA 123 40.14 -91.21 42.27
N LEU KA 124 41.33 -90.71 41.96
CA LEU KA 124 42.56 -91.40 42.28
C LEU KA 124 42.71 -91.52 43.79
N HIS KA 125 42.40 -90.46 44.55
CA HIS KA 125 42.42 -90.51 46.00
C HIS KA 125 41.48 -91.60 46.51
N ILE KA 126 40.27 -91.63 45.99
CA ILE KA 126 39.32 -92.68 46.34
C ILE KA 126 39.91 -94.03 45.98
N SER KA 127 40.58 -94.17 44.84
CA SER KA 127 41.18 -95.44 44.48
C SER KA 127 42.21 -95.86 45.52
N VAL KA 128 42.98 -94.92 46.06
CA VAL KA 128 43.91 -95.24 47.14
C VAL KA 128 43.14 -95.64 48.39
N ARG KA 129 42.02 -94.99 48.71
CA ARG KA 129 41.19 -95.45 49.82
C ARG KA 129 40.69 -96.86 49.57
N ILE KA 130 40.25 -97.16 48.35
CA ILE KA 130 39.85 -98.50 47.98
C ILE KA 130 41.02 -99.45 48.19
N ALA KA 131 42.22 -99.05 47.80
CA ALA KA 131 43.40 -99.88 47.99
C ALA KA 131 43.60 -100.19 49.48
N GLU KA 132 43.48 -99.22 50.38
CA GLU KA 132 43.56 -99.48 51.81
C GLU KA 132 42.49 -100.49 52.25
N VAL KA 133 41.25 -100.30 51.80
CA VAL KA 133 40.16 -101.21 52.16
C VAL KA 133 40.44 -102.60 51.63
N LEU KA 134 40.84 -102.74 50.36
CA LEU KA 134 41.20 -104.02 49.80
C LEU KA 134 42.34 -104.65 50.61
N LEU KA 135 43.36 -103.86 50.94
CA LEU KA 135 44.54 -104.35 51.63
C LEU KA 135 44.18 -104.89 53.01
N GLU KA 136 43.38 -104.15 53.78
CA GLU KA 136 42.96 -104.65 55.08
C GLU KA 136 41.92 -105.78 54.96
N THR KA 137 41.24 -105.87 53.82
CA THR KA 137 40.28 -106.96 53.52
C THR KA 137 40.98 -108.29 53.26
N ARG KA 138 41.93 -108.33 52.32
CA ARG KA 138 42.66 -109.55 51.91
C ARG KA 138 44.09 -109.21 51.45
N PRO KA 139 45.09 -109.17 52.36
CA PRO KA 139 46.47 -108.88 52.01
C PRO KA 139 47.17 -110.02 51.25
N ASP KA 140 46.59 -111.23 51.24
CA ASP KA 140 47.06 -112.40 50.48
C ASP KA 140 46.58 -112.42 49.01
N ASP KA 141 45.57 -111.63 48.64
CA ASP KA 141 45.04 -111.52 47.27
C ASP KA 141 45.93 -110.61 46.36
N ARG KA 142 47.25 -110.80 46.48
CA ARG KA 142 48.27 -109.84 46.04
C ARG KA 142 48.17 -109.46 44.57
N GLU KA 143 47.71 -110.38 43.72
CA GLU KA 143 47.59 -110.13 42.29
C GLU KA 143 46.57 -109.02 42.02
N GLU KA 144 45.44 -109.01 42.74
CA GLU KA 144 44.46 -107.91 42.61
C GLU KA 144 45.12 -106.59 42.98
N ILE KA 145 45.88 -106.58 44.07
CA ILE KA 145 46.57 -105.37 44.53
C ILE KA 145 47.58 -104.94 43.46
N ARG KA 146 48.39 -105.86 42.95
CA ARG KA 146 49.35 -105.52 41.92
C ARG KA 146 48.66 -105.03 40.66
N GLU KA 147 47.51 -105.59 40.28
CA GLU KA 147 46.73 -105.06 39.17
C GLU KA 147 46.27 -103.63 39.46
N GLN KA 148 45.72 -103.38 40.64
CA GLN KA 148 45.37 -102.03 41.02
C GLN KA 148 46.59 -101.11 40.94
N GLN KA 149 47.76 -101.56 41.41
CA GLN KA 149 48.98 -100.79 41.30
C GLN KA 149 49.33 -100.53 39.84
N ALA KA 150 49.23 -101.53 38.97
CA ALA KA 150 49.50 -101.34 37.56
C ALA KA 150 48.57 -100.28 36.98
N ILE KA 151 47.29 -100.38 37.31
CA ILE KA 151 46.29 -99.42 36.85
C ILE KA 151 46.66 -98.02 37.36
N PHE KA 152 46.97 -97.91 38.64
CA PHE KA 152 47.40 -96.66 39.25
C PHE KA 152 48.64 -96.12 38.55
N GLU KA 153 49.64 -96.96 38.32
CA GLU KA 153 50.88 -96.57 37.66
C GLU KA 153 50.58 -96.04 36.27
N LEU KA 154 49.70 -96.72 35.53
CA LEU KA 154 49.30 -96.27 34.21
C LEU KA 154 48.58 -94.93 34.31
N LEU KA 155 47.63 -94.80 35.24
CA LEU KA 155 46.91 -93.55 35.43
C LEU KA 155 47.88 -92.43 35.77
N ILE KA 156 48.84 -92.69 36.66
CA ILE KA 156 49.88 -91.73 37.01
C ILE KA 156 50.64 -91.34 35.76
N ALA KA 157 51.09 -92.31 34.97
CA ALA KA 157 51.86 -91.98 33.78
C ALA KA 157 51.04 -91.08 32.86
N ALA KA 158 49.77 -91.45 32.64
CA ALA KA 158 48.87 -90.67 31.82
C ALA KA 158 48.70 -89.27 32.39
N LEU KA 159 48.41 -89.16 33.68
CA LEU KA 159 48.17 -87.88 34.30
C LEU KA 159 49.44 -87.01 34.31
N GLU KA 160 50.63 -87.58 34.46
CA GLU KA 160 51.86 -86.80 34.41
C GLU KA 160 52.03 -86.19 33.03
N ALA KA 161 51.84 -86.98 31.98
CA ALA KA 161 51.80 -86.41 30.65
C ALA KA 161 50.68 -85.37 30.54
N ALA KA 162 49.50 -85.66 31.09
CA ALA KA 162 48.34 -84.80 30.95
C ALA KA 162 48.60 -83.42 31.55
N ILE KA 163 49.06 -83.38 32.78
CA ILE KA 163 49.36 -82.14 33.48
C ILE KA 163 50.54 -81.44 32.81
N ARG KA 164 51.54 -82.20 32.34
CA ARG KA 164 52.68 -81.60 31.63
C ARG KA 164 52.18 -80.89 30.37
N LEU KA 165 51.35 -81.55 29.56
CA LEU KA 165 50.77 -80.94 28.37
C LEU KA 165 49.91 -79.73 28.75
N GLU KA 166 49.03 -79.86 29.75
CA GLU KA 166 48.20 -78.76 30.24
C GLU KA 166 49.07 -77.54 30.54
N LYS KA 167 50.17 -77.75 31.29
CA LYS KA 167 51.10 -76.68 31.63
C LYS KA 167 51.80 -76.11 30.40
N LEU KA 168 52.36 -76.94 29.52
CA LEU KA 168 53.04 -76.45 28.32
C LEU KA 168 52.07 -75.66 27.42
N LYS KA 169 50.83 -76.11 27.29
CA LYS KA 169 49.78 -75.41 26.55
C LYS KA 169 49.46 -74.07 27.21
N GLU KA 170 49.29 -74.04 28.52
CA GLU KA 170 49.00 -72.79 29.24
C GLU KA 170 50.18 -71.80 29.16
N GLU KA 171 51.41 -72.32 29.20
CA GLU KA 171 52.66 -71.57 29.05
C GLU KA 171 52.86 -71.01 27.62
N GLY KA 172 52.18 -71.59 26.61
CA GLY KA 172 52.34 -71.21 25.21
C GLY KA 172 53.62 -71.76 24.57
N ALA KA 173 54.08 -72.95 24.99
CA ALA KA 173 55.25 -73.63 24.43
C ALA KA 173 55.11 -73.89 22.92
N PRO KA 174 56.22 -74.01 22.15
CA PRO KA 174 56.17 -74.29 20.72
C PRO KA 174 55.59 -75.70 20.48
N PRO KA 175 54.57 -75.85 19.61
CA PRO KA 175 53.89 -77.14 19.41
C PRO KA 175 54.82 -78.32 19.11
N GLU KA 176 55.96 -78.10 18.45
CA GLU KA 176 56.97 -79.13 18.20
C GLU KA 176 57.50 -79.75 19.50
N GLN KA 177 57.78 -78.93 20.52
CA GLN KA 177 58.18 -79.44 21.83
C GLN KA 177 57.03 -80.23 22.47
N ILE KA 178 55.80 -79.71 22.38
CA ILE KA 178 54.62 -80.38 22.93
C ILE KA 178 54.46 -81.76 22.29
N GLU KA 179 54.59 -81.84 20.96
CA GLU KA 179 54.53 -83.08 20.23
C GLU KA 179 55.65 -84.05 20.65
N ARG KA 180 56.87 -83.56 20.86
CA ARG KA 180 57.98 -84.40 21.33
C ARG KA 180 57.65 -85.01 22.70
N VAL KA 181 57.14 -84.18 23.61
CA VAL KA 181 56.70 -84.64 24.92
C VAL KA 181 55.57 -85.65 24.78
N ALA KA 182 54.57 -85.37 23.94
CA ALA KA 182 53.43 -86.26 23.76
C ALA KA 182 53.87 -87.62 23.21
N GLU KA 183 54.72 -87.61 22.19
CA GLU KA 183 55.30 -88.83 21.63
C GLU KA 183 56.03 -89.61 22.71
N HIS KA 184 56.91 -88.96 23.47
CA HIS KA 184 57.62 -89.62 24.55
C HIS KA 184 56.64 -90.20 25.57
N GLY KA 185 55.58 -89.48 25.89
CA GLY KA 185 54.50 -89.95 26.75
C GLY KA 185 53.88 -91.23 26.19
N LEU KA 186 53.44 -91.21 24.93
CA LEU KA 186 52.86 -92.38 24.30
C LEU KA 186 53.85 -93.56 24.29
N GLU KA 187 55.11 -93.35 23.93
CA GLU KA 187 56.10 -94.42 23.92
C GLU KA 187 56.29 -95.00 25.32
N ARG KA 188 56.45 -94.14 26.32
CA ARG KA 188 56.55 -94.57 27.72
C ARG KA 188 55.30 -95.34 28.11
N LEU KA 189 54.12 -94.85 27.77
CA LEU KA 189 52.86 -95.51 28.06
C LEU KA 189 52.85 -96.89 27.41
N LYS KA 190 53.31 -97.01 26.18
CA LYS KA 190 53.35 -98.30 25.49
C LYS KA 190 54.28 -99.26 26.21
N GLU KA 191 55.48 -98.82 26.56
CA GLU KA 191 56.42 -99.69 27.27
C GLU KA 191 55.84 -100.11 28.62
N ILE KA 192 55.18 -99.20 29.34
CA ILE KA 192 54.43 -99.55 30.55
C ILE KA 192 53.36 -100.58 30.22
N ALA KA 193 52.56 -100.35 29.19
CA ALA KA 193 51.48 -101.26 28.83
C ALA KA 193 52.04 -102.65 28.51
N LYS KA 194 53.17 -102.72 27.81
CA LYS KA 194 53.87 -103.98 27.55
C LYS KA 194 54.23 -104.67 28.86
N GLU KA 195 54.90 -103.97 29.77
CA GLU KA 195 55.23 -104.56 31.06
C GLU KA 195 53.98 -105.00 31.81
N ILE KA 196 52.91 -104.20 31.82
CA ILE KA 196 51.65 -104.59 32.43
C ILE KA 196 51.12 -105.87 31.77
N SER KA 197 51.15 -105.96 30.45
CA SER KA 197 50.70 -107.17 29.75
C SER KA 197 51.55 -108.39 30.09
N LYS KA 198 52.83 -108.20 30.42
CA LYS KA 198 53.71 -109.27 30.89
C LYS KA 198 53.37 -109.68 32.33
N GLU KA 199 52.91 -108.75 33.16
CA GLU KA 199 52.46 -109.06 34.52
C GLU KA 199 51.09 -109.75 34.54
N VAL KA 200 50.08 -109.14 33.93
CA VAL KA 200 48.66 -109.46 34.21
C VAL KA 200 48.10 -110.57 33.31
N ASP KA 201 47.05 -111.25 33.78
CA ASP KA 201 46.25 -112.19 32.98
C ASP KA 201 44.72 -111.96 33.07
N SER KA 202 44.23 -111.07 33.93
CA SER KA 202 42.80 -110.73 33.98
C SER KA 202 42.35 -110.04 32.69
N PRO KA 203 41.36 -110.57 31.97
CA PRO KA 203 40.84 -109.93 30.76
C PRO KA 203 40.38 -108.51 31.04
N GLU KA 204 39.62 -108.32 32.13
CA GLU KA 204 39.12 -107.02 32.51
C GLU KA 204 40.26 -106.04 32.80
N SER KA 205 41.33 -106.50 33.43
CA SER KA 205 42.48 -105.62 33.69
C SER KA 205 43.08 -105.11 32.38
N LYS KA 206 43.26 -105.99 31.40
CA LYS KA 206 43.75 -105.57 30.08
C LYS KA 206 42.76 -104.64 29.40
N ARG KA 207 41.46 -104.93 29.51
CA ARG KA 207 40.38 -104.12 28.93
C ARG KA 207 40.45 -102.69 29.46
N ILE KA 208 40.48 -102.58 30.78
CA ILE KA 208 40.69 -101.32 31.48
C ILE KA 208 41.97 -100.68 30.97
N ALA KA 209 43.09 -101.40 30.95
CA ALA KA 209 44.37 -100.83 30.59
C ALA KA 209 44.29 -100.21 29.20
N TYR KA 210 43.79 -100.95 28.22
CA TYR KA 210 43.71 -100.43 26.87
C TYR KA 210 42.81 -99.22 26.81
N LYS KA 211 41.65 -99.25 27.49
CA LYS KA 211 40.76 -98.10 27.54
C LYS KA 211 41.49 -96.88 28.08
N ILE KA 212 42.25 -97.05 29.16
CA ILE KA 212 43.03 -95.96 29.71
C ILE KA 212 44.03 -95.46 28.66
N VAL KA 213 44.75 -96.36 27.99
CA VAL KA 213 45.73 -95.96 26.98
C VAL KA 213 45.04 -95.15 25.89
N ALA KA 214 43.92 -95.66 25.38
CA ALA KA 214 43.18 -94.97 24.35
C ALA KA 214 42.76 -93.59 24.84
N ALA KA 215 42.23 -93.51 26.05
CA ALA KA 215 41.86 -92.23 26.64
C ALA KA 215 43.07 -91.29 26.73
N ALA KA 216 44.26 -91.81 27.05
CA ALA KA 216 45.45 -90.98 27.13
C ALA KA 216 45.77 -90.40 25.75
N ALA KA 217 45.74 -91.22 24.70
CA ALA KA 217 45.93 -90.70 23.36
C ALA KA 217 44.85 -89.65 23.02
N GLU KA 218 43.59 -89.95 23.32
CA GLU KA 218 42.48 -89.04 23.05
C GLU KA 218 42.69 -87.70 23.75
N PHE KA 219 43.09 -87.72 25.02
CA PHE KA 219 43.37 -86.49 25.75
C PHE KA 219 44.51 -85.71 25.11
N LEU KA 220 45.62 -86.39 24.79
CA LEU KA 220 46.76 -85.75 24.15
C LEU KA 220 46.31 -85.06 22.86
N LEU KA 221 45.52 -85.76 22.05
CA LEU KA 221 44.96 -85.21 20.83
C LEU KA 221 44.13 -83.96 21.14
N LYS KA 222 43.17 -84.05 22.05
CA LYS KA 222 42.28 -82.94 22.35
C LYS KA 222 43.05 -81.73 22.85
N ILE KA 223 43.96 -81.91 23.79
CA ILE KA 223 44.76 -80.79 24.32
C ILE KA 223 45.64 -80.20 23.22
N LEU KA 224 46.30 -81.02 22.41
CA LEU KA 224 47.13 -80.48 21.33
C LEU KA 224 46.29 -79.68 20.32
N ALA KA 225 45.09 -80.16 20.01
CA ALA KA 225 44.18 -79.49 19.09
C ALA KA 225 43.64 -78.17 19.67
N GLU KA 226 43.24 -78.15 20.94
CA GLU KA 226 42.89 -76.91 21.64
C GLU KA 226 44.07 -75.94 21.68
N GLY KA 227 45.30 -76.47 21.78
CA GLY KA 227 46.55 -75.72 21.71
C GLY KA 227 46.86 -75.09 20.35
N GLY KA 228 46.04 -75.36 19.31
CA GLY KA 228 46.16 -74.70 18.01
C GLY KA 228 47.36 -75.15 17.17
N ALA KA 229 47.91 -76.34 17.41
CA ALA KA 229 48.98 -76.92 16.60
C ALA KA 229 48.55 -77.08 15.13
N THR KA 230 49.47 -76.90 14.17
CA THR KA 230 49.13 -76.96 12.74
C THR KA 230 48.77 -78.40 12.31
N PRO KA 231 47.90 -78.58 11.31
CA PRO KA 231 47.31 -79.88 10.99
C PRO KA 231 48.32 -81.02 10.77
N GLU KA 232 49.50 -80.69 10.26
CA GLU KA 232 50.58 -81.65 10.03
C GLU KA 232 51.00 -82.32 11.33
N GLN KA 233 51.14 -81.55 12.41
CA GLN KA 233 51.52 -82.11 13.70
C GLN KA 233 50.39 -83.01 14.24
N LEU KA 234 49.14 -82.58 14.09
CA LEU KA 234 47.99 -83.38 14.51
C LEU KA 234 47.98 -84.71 13.76
N GLU KA 235 48.22 -84.69 12.46
CA GLU KA 235 48.30 -85.90 11.65
C GLU KA 235 49.47 -86.79 12.09
N ARG KA 236 50.66 -86.24 12.33
CA ARG KA 236 51.82 -87.02 12.79
C ARG KA 236 51.53 -87.69 14.12
N VAL KA 237 50.98 -86.94 15.08
CA VAL KA 237 50.53 -87.49 16.35
C VAL KA 237 49.47 -88.56 16.11
N THR KA 238 48.52 -88.31 15.21
CA THR KA 238 47.46 -89.27 14.93
C THR KA 238 48.04 -90.57 14.41
N GLU KA 239 48.99 -90.52 13.48
CA GLU KA 239 49.64 -91.74 12.99
C GLU KA 239 50.33 -92.45 14.13
N HIS KA 240 51.12 -91.74 14.94
CA HIS KA 240 51.82 -92.36 16.06
C HIS KA 240 50.81 -93.01 17.02
N ALA KA 241 49.70 -92.31 17.28
CA ALA KA 241 48.63 -92.80 18.12
C ALA KA 241 48.02 -94.06 17.53
N LEU KA 242 47.60 -94.04 16.27
CA LEU KA 242 47.05 -95.22 15.63
C LEU KA 242 48.05 -96.38 15.70
N GLU KA 243 49.30 -96.14 15.36
CA GLU KA 243 50.33 -97.17 15.34
C GLU KA 243 50.53 -97.77 16.73
N VAL KA 244 50.66 -96.93 17.75
CA VAL KA 244 50.85 -97.42 19.11
C VAL KA 244 49.58 -98.11 19.62
N LEU KA 245 48.41 -97.59 19.27
CA LEU KA 245 47.15 -98.24 19.63
C LEU KA 245 47.11 -99.63 19.01
N LYS KA 246 47.54 -99.76 17.75
CA LYS KA 246 47.61 -101.05 17.05
C LYS KA 246 48.54 -101.98 17.79
N GLU KA 247 49.74 -101.51 18.11
CA GLU KA 247 50.72 -102.34 18.80
C GLU KA 247 50.15 -102.84 20.12
N VAL KA 248 49.66 -101.95 20.97
CA VAL KA 248 49.16 -102.34 22.29
C VAL KA 248 47.92 -103.22 22.15
N ALA KA 249 47.03 -102.93 21.21
CA ALA KA 249 45.89 -103.81 20.97
C ALA KA 249 46.35 -105.21 20.63
N LYS KA 250 47.29 -105.36 19.68
CA LYS KA 250 47.79 -106.68 19.26
C LYS KA 250 48.43 -107.42 20.41
N GLU KA 251 49.21 -106.74 21.24
CA GLU KA 251 49.81 -107.36 22.42
C GLU KA 251 48.74 -107.83 23.41
N LEU KA 252 47.75 -106.99 23.72
CA LEU KA 252 46.80 -107.30 24.79
C LEU KA 252 45.70 -108.29 24.36
N ALA KA 253 45.23 -108.23 23.12
CA ALA KA 253 43.95 -108.86 22.75
C ALA KA 253 44.05 -110.38 22.51
N ASP KA 254 43.24 -111.14 23.25
CA ASP KA 254 43.07 -112.60 23.11
C ASP KA 254 41.64 -113.07 23.50
N SER KA 255 40.65 -112.18 23.51
CA SER KA 255 39.26 -112.46 23.92
C SER KA 255 38.25 -111.63 23.13
N PRO KA 256 36.98 -112.05 22.99
CA PRO KA 256 36.11 -111.55 21.93
C PRO KA 256 35.80 -110.06 22.09
N GLU KA 257 35.21 -109.66 23.20
CA GLU KA 257 34.82 -108.27 23.38
C GLU KA 257 36.03 -107.33 23.34
N SER KA 258 37.23 -107.81 23.72
CA SER KA 258 38.43 -106.99 23.65
C SER KA 258 38.68 -106.50 22.23
N VAL KA 259 38.44 -107.33 21.21
CA VAL KA 259 38.57 -106.91 19.82
C VAL KA 259 37.53 -105.86 19.51
N ARG KA 260 36.27 -106.13 19.84
CA ARG KA 260 35.15 -105.23 19.52
C ARG KA 260 35.40 -103.86 20.12
N GLU KA 261 35.80 -103.83 21.38
CA GLU KA 261 36.15 -102.58 22.06
C GLU KA 261 37.39 -101.95 21.42
N ALA KA 262 38.42 -102.72 21.11
CA ALA KA 262 39.63 -102.17 20.52
C ALA KA 262 39.31 -101.47 19.21
N VAL KA 263 38.56 -102.14 18.35
CA VAL KA 263 38.09 -101.58 17.08
C VAL KA 263 37.29 -100.32 17.38
N ARG KA 264 36.34 -100.38 18.32
CA ARG KA 264 35.53 -99.22 18.67
C ARG KA 264 36.40 -98.05 19.08
N LEU KA 265 37.39 -98.27 19.92
CA LEU KA 265 38.31 -97.23 20.38
C LEU KA 265 39.11 -96.67 19.22
N ILE KA 266 39.68 -97.53 18.37
CA ILE KA 266 40.47 -97.05 17.25
C ILE KA 266 39.57 -96.21 16.35
N SER KA 267 38.33 -96.66 16.11
CA SER KA 267 37.37 -95.88 15.35
C SER KA 267 37.11 -94.54 16.02
N LYS KA 268 36.94 -94.50 17.34
CA LYS KA 268 36.72 -93.26 18.07
C LYS KA 268 37.90 -92.31 17.87
N LEU KA 269 39.12 -92.78 18.06
CA LEU KA 269 40.31 -91.95 17.87
C LEU KA 269 40.41 -91.46 16.43
N THR KA 270 40.05 -92.31 15.48
CA THR KA 270 39.98 -91.92 14.08
C THR KA 270 38.96 -90.80 13.90
N GLN KA 271 37.75 -90.96 14.44
CA GLN KA 271 36.69 -89.96 14.35
C GLN KA 271 37.15 -88.65 14.94
N GLU KA 272 37.70 -88.66 16.14
CA GLU KA 272 38.19 -87.45 16.79
C GLU KA 272 39.26 -86.75 15.95
N GLY KA 273 40.20 -87.51 15.40
CA GLY KA 273 41.23 -86.94 14.53
C GLY KA 273 40.62 -86.25 13.33
N LEU KA 274 39.70 -86.93 12.66
CA LEU KA 274 38.99 -86.37 11.51
C LEU KA 274 38.20 -85.12 11.89
N LYS KA 275 37.53 -85.13 13.05
CA LYS KA 275 36.83 -83.93 13.55
C LYS KA 275 37.79 -82.76 13.68
N GLN KA 276 39.00 -82.96 14.21
CA GLN KA 276 39.97 -81.87 14.35
C GLN KA 276 40.34 -81.30 12.99
N LEU KA 277 40.73 -82.17 12.04
CA LEU KA 277 41.11 -81.73 10.69
C LEU KA 277 39.96 -81.00 9.98
N LYS KA 278 38.72 -81.45 10.17
CA LYS KA 278 37.52 -80.78 9.64
C LYS KA 278 37.32 -79.40 10.26
N GLU KA 279 37.39 -79.29 11.59
CA GLU KA 279 37.18 -78.01 12.28
C GLU KA 279 38.29 -76.99 12.01
N ILE KA 280 39.56 -77.41 11.93
CA ILE KA 280 40.68 -76.49 11.65
C ILE KA 280 40.72 -76.02 10.18
N GLY KA 281 39.95 -76.66 9.29
CA GLY KA 281 39.93 -76.33 7.87
C GLY KA 281 41.13 -76.86 7.09
N ALA KA 282 41.66 -78.03 7.46
CA ALA KA 282 42.78 -78.68 6.77
C ALA KA 282 42.43 -79.04 5.30
N PRO KA 283 43.41 -79.13 4.39
CA PRO KA 283 43.16 -79.59 3.03
C PRO KA 283 42.75 -81.06 3.04
N PRO KA 284 41.72 -81.47 2.26
CA PRO KA 284 41.23 -82.84 2.22
C PRO KA 284 42.31 -83.91 1.97
N GLU KA 285 43.46 -83.56 1.39
CA GLU KA 285 44.59 -84.49 1.25
C GLU KA 285 45.00 -85.08 2.61
N GLN KA 286 45.07 -84.26 3.66
CA GLN KA 286 45.36 -84.76 5.01
C GLN KA 286 44.23 -85.67 5.51
N ILE KA 287 42.98 -85.29 5.24
CA ILE KA 287 41.81 -86.06 5.66
C ILE KA 287 41.85 -87.46 5.04
N GLU KA 288 42.12 -87.52 3.74
CA GLU KA 288 42.23 -88.76 2.97
C GLU KA 288 43.37 -89.64 3.50
N ARG KA 289 44.52 -89.05 3.83
CA ARG KA 289 45.61 -89.81 4.47
C ARG KA 289 45.14 -90.41 5.78
N VAL KA 290 44.58 -89.60 6.69
CA VAL KA 290 44.09 -90.11 7.98
C VAL KA 290 43.05 -91.20 7.75
N ALA KA 291 42.10 -91.00 6.84
CA ALA KA 291 41.07 -91.97 6.55
C ALA KA 291 41.68 -93.31 6.11
N GLU KA 292 42.59 -93.28 5.14
CA GLU KA 292 43.28 -94.50 4.70
C GLU KA 292 44.02 -95.13 5.86
N HIS KA 293 44.85 -94.36 6.57
CA HIS KA 293 45.72 -94.92 7.59
C HIS KA 293 44.89 -95.59 8.69
N GLY KA 294 43.81 -94.93 9.11
CA GLY KA 294 42.86 -95.49 10.06
C GLY KA 294 42.26 -96.78 9.55
N LEU KA 295 41.68 -96.78 8.35
CA LEU KA 295 41.09 -97.98 7.79
C LEU KA 295 42.12 -99.11 7.63
N GLU KA 296 43.34 -98.80 7.22
CA GLU KA 296 44.40 -99.78 7.06
C GLU KA 296 44.69 -100.47 8.39
N VAL KA 297 44.89 -99.67 9.44
CA VAL KA 297 45.08 -100.16 10.81
C VAL KA 297 43.88 -100.96 11.26
N LEU KA 298 42.66 -100.46 11.03
CA LEU KA 298 41.45 -101.17 11.42
C LEU KA 298 41.43 -102.54 10.77
N LYS KA 299 41.78 -102.62 9.49
CA LYS KA 299 41.88 -103.89 8.79
C LYS KA 299 42.96 -104.77 9.39
N GLU KA 300 44.12 -104.24 9.76
CA GLU KA 300 45.13 -105.07 10.44
C GLU KA 300 44.58 -105.64 11.74
N ILE KA 301 43.88 -104.83 12.52
CA ILE KA 301 43.29 -105.27 13.78
C ILE KA 301 42.20 -106.29 13.51
N ALA KA 302 41.30 -106.04 12.57
CA ALA KA 302 40.25 -106.97 12.23
C ALA KA 302 40.85 -108.32 11.80
N LYS KA 303 41.91 -108.27 10.98
CA LYS KA 303 42.62 -109.44 10.52
C LYS KA 303 43.21 -110.20 11.72
N TYR KA 304 43.92 -109.51 12.61
CA TYR KA 304 44.43 -110.15 13.83
C TYR KA 304 43.28 -110.78 14.63
N GLY KA 305 42.24 -110.00 14.91
CA GLY KA 305 41.10 -110.42 15.72
C GLY KA 305 40.37 -111.64 15.16
N SER KA 306 40.30 -111.75 13.83
CA SER KA 306 39.65 -112.88 13.16
C SER KA 306 40.26 -114.24 13.55
N LYS KA 307 41.51 -114.26 14.02
CA LYS KA 307 42.17 -115.49 14.47
C LYS KA 307 41.62 -116.03 15.80
N LEU KA 308 41.02 -115.16 16.62
CA LEU KA 308 40.79 -115.44 18.05
C LEU KA 308 39.49 -116.20 18.36
N THR KA 309 38.50 -116.18 17.47
CA THR KA 309 37.16 -116.73 17.75
C THR KA 309 36.39 -117.12 16.47
N ASP KA 310 35.38 -117.97 16.63
CA ASP KA 310 34.42 -118.36 15.60
C ASP KA 310 33.07 -117.61 15.72
N SER KA 311 32.88 -116.71 16.70
CA SER KA 311 31.59 -116.09 16.99
C SER KA 311 31.00 -115.32 15.79
N PRO KA 312 29.89 -115.80 15.20
CA PRO KA 312 29.28 -115.13 14.05
C PRO KA 312 28.80 -113.73 14.43
N GLU KA 313 28.21 -113.61 15.62
CA GLU KA 313 27.75 -112.34 16.17
C GLU KA 313 28.90 -111.34 16.21
N LEU KA 314 30.07 -111.74 16.72
CA LEU KA 314 31.23 -110.87 16.77
C LEU KA 314 31.66 -110.47 15.36
N LYS KA 315 31.81 -111.43 14.44
CA LYS KA 315 32.21 -111.08 13.07
C LYS KA 315 31.23 -110.07 12.47
N ARG KA 316 29.93 -110.30 12.62
CA ARG KA 316 28.90 -109.40 12.11
C ARG KA 316 29.03 -108.02 12.74
N GLU KA 317 29.19 -107.96 14.05
CA GLU KA 317 29.43 -106.70 14.75
C GLU KA 317 30.67 -106.00 14.21
N LEU KA 318 31.79 -106.70 14.03
CA LEU KA 318 32.99 -106.05 13.51
C LEU KA 318 32.72 -105.46 12.15
N TYR KA 319 32.12 -106.24 11.25
CA TYR KA 319 31.79 -105.73 9.93
C TYR KA 319 30.86 -104.53 10.05
N ARG KA 320 29.86 -104.59 10.94
CA ARG KA 320 28.93 -103.49 11.16
C ARG KA 320 29.70 -102.25 11.54
N ILE KA 321 30.56 -102.35 12.54
CA ILE KA 321 31.35 -101.21 13.02
C ILE KA 321 32.24 -100.69 11.88
N ILE KA 322 32.87 -101.57 11.11
CA ILE KA 322 33.68 -101.16 9.98
C ILE KA 322 32.82 -100.34 9.02
N SER KA 323 31.64 -100.84 8.67
CA SER KA 323 30.74 -100.13 7.76
C SER KA 323 30.29 -98.80 8.35
N GLU KA 324 29.93 -98.75 9.63
CA GLU KA 324 29.58 -97.50 10.29
C GLU KA 324 30.76 -96.53 10.21
N THR KA 325 31.97 -97.04 10.38
CA THR KA 325 33.17 -96.22 10.29
C THR KA 325 33.26 -95.62 8.91
N ALA KA 326 33.16 -96.44 7.87
CA ALA KA 326 33.20 -95.94 6.51
C ALA KA 326 32.11 -94.88 6.29
N LYS KA 327 30.88 -95.15 6.74
CA LYS KA 327 29.77 -94.20 6.58
C LYS KA 327 30.08 -92.89 7.28
N GLU KA 328 30.58 -92.94 8.50
CA GLU KA 328 30.95 -91.74 9.23
C GLU KA 328 32.10 -91.01 8.53
N LEU KA 329 33.10 -91.72 8.03
CA LEU KA 329 34.21 -91.14 7.30
C LEU KA 329 33.71 -90.38 6.09
N LEU KA 330 32.81 -90.99 5.30
CA LEU KA 330 32.21 -90.31 4.17
C LEU KA 330 31.40 -89.09 4.64
N LYS KA 331 30.61 -89.22 5.71
CA LYS KA 331 29.80 -88.12 6.23
C LYS KA 331 30.68 -86.93 6.58
N ILE KA 332 31.78 -87.16 7.28
CA ILE KA 332 32.73 -86.11 7.65
C ILE KA 332 33.36 -85.51 6.39
N LEU KA 333 33.80 -86.35 5.45
CA LEU KA 333 34.43 -85.86 4.22
C LEU KA 333 33.50 -84.94 3.43
N ALA KA 334 32.23 -85.33 3.32
CA ALA KA 334 31.19 -84.55 2.66
C ALA KA 334 30.88 -83.24 3.42
N GLU KA 335 30.79 -83.29 4.75
CA GLU KA 335 30.65 -82.08 5.56
C GLU KA 335 31.86 -81.15 5.40
N GLY KA 336 33.05 -81.72 5.18
CA GLY KA 336 34.28 -81.01 4.85
C GLY KA 336 34.27 -80.34 3.46
N GLY KA 337 33.23 -80.54 2.65
CA GLY KA 337 33.10 -79.89 1.34
C GLY KA 337 34.09 -80.36 0.27
N ALA KA 338 34.71 -81.54 0.45
CA ALA KA 338 35.70 -82.09 -0.48
C ALA KA 338 35.11 -82.40 -1.87
N THR KA 339 35.95 -82.41 -2.91
CA THR KA 339 35.50 -82.63 -4.30
C THR KA 339 35.01 -84.06 -4.53
N PRO KA 340 34.14 -84.29 -5.54
CA PRO KA 340 33.77 -85.64 -5.97
C PRO KA 340 34.97 -86.55 -6.27
N GLU KA 341 36.12 -86.00 -6.69
CA GLU KA 341 37.33 -86.80 -6.87
C GLU KA 341 37.79 -87.40 -5.54
N GLN KA 342 37.82 -86.61 -4.47
CA GLN KA 342 38.12 -87.14 -3.14
C GLN KA 342 37.06 -88.15 -2.71
N LEU KA 343 35.77 -87.89 -3.02
CA LEU KA 343 34.71 -88.85 -2.70
C LEU KA 343 34.97 -90.20 -3.36
N GLU KA 344 35.28 -90.24 -4.65
CA GLU KA 344 35.58 -91.52 -5.29
C GLU KA 344 36.87 -92.14 -4.74
N ARG KA 345 37.94 -91.37 -4.53
CA ARG KA 345 39.21 -91.88 -4.00
C ARG KA 345 38.98 -92.61 -2.69
N VAL KA 346 38.29 -91.96 -1.76
CA VAL KA 346 37.96 -92.58 -0.46
C VAL KA 346 36.96 -93.72 -0.63
N THR KA 347 35.88 -93.53 -1.40
CA THR KA 347 34.87 -94.58 -1.54
C THR KA 347 35.47 -95.85 -2.13
N LYS KA 348 36.35 -95.72 -3.12
CA LYS KA 348 37.06 -96.85 -3.72
C LYS KA 348 37.86 -97.59 -2.65
N HIS KA 349 38.66 -96.87 -1.87
CA HIS KA 349 39.39 -97.48 -0.78
C HIS KA 349 38.43 -98.15 0.21
N ALA KA 350 37.30 -97.52 0.52
CA ALA KA 350 36.33 -98.06 1.44
C ALA KA 350 35.76 -99.39 0.94
N LEU KA 351 35.34 -99.44 -0.31
CA LEU KA 351 34.91 -100.69 -0.93
C LEU KA 351 36.04 -101.73 -0.84
N GLU KA 352 37.26 -101.36 -1.20
CA GLU KA 352 38.38 -102.30 -1.22
C GLU KA 352 38.70 -102.83 0.16
N VAL KA 353 38.77 -101.97 1.17
CA VAL KA 353 39.05 -102.45 2.52
C VAL KA 353 37.88 -103.28 3.04
N LEU KA 354 36.63 -102.94 2.71
CA LEU KA 354 35.51 -103.82 3.04
C LEU KA 354 35.70 -105.18 2.37
N LYS KA 355 36.10 -105.21 1.10
CA LYS KA 355 36.37 -106.46 0.39
C LYS KA 355 37.44 -107.26 1.11
N GLU KA 356 38.52 -106.63 1.53
CA GLU KA 356 39.54 -107.31 2.32
C GLU KA 356 38.96 -107.84 3.64
N VAL KA 357 38.17 -107.05 4.33
CA VAL KA 357 37.54 -107.47 5.59
C VAL KA 357 36.62 -108.65 5.34
N ALA KA 358 35.82 -108.64 4.29
CA ALA KA 358 35.01 -109.77 3.91
C ALA KA 358 35.90 -111.00 3.66
N LYS KA 359 36.96 -110.85 2.85
CA LYS KA 359 37.86 -111.94 2.49
C LYS KA 359 38.48 -112.58 3.72
N GLU KA 360 38.85 -111.78 4.71
CA GLU KA 360 39.38 -112.31 5.97
C GLU KA 360 38.27 -112.97 6.81
N LEU KA 361 37.17 -112.26 7.07
CA LEU KA 361 36.21 -112.68 8.09
C LEU KA 361 35.25 -113.76 7.58
N ALA KA 362 34.69 -113.59 6.39
CA ALA KA 362 33.52 -114.37 5.97
C ALA KA 362 33.86 -115.86 5.79
N ASP KA 363 32.95 -116.73 6.21
CA ASP KA 363 33.17 -118.19 6.26
C ASP KA 363 31.88 -119.01 6.06
N SER KA 364 30.76 -118.38 5.72
CA SER KA 364 29.46 -119.02 5.56
C SER KA 364 28.55 -118.23 4.60
N PRO KA 365 27.50 -118.84 4.03
CA PRO KA 365 26.53 -118.11 3.22
C PRO KA 365 25.92 -116.92 3.96
N GLU KA 366 25.55 -117.10 5.23
CA GLU KA 366 24.90 -116.05 6.02
C GLU KA 366 25.85 -114.88 6.25
N SER KA 367 27.10 -115.18 6.64
CA SER KA 367 28.12 -114.14 6.83
C SER KA 367 28.45 -113.45 5.50
N GLY KA 368 28.45 -114.19 4.40
CA GLY KA 368 28.53 -113.62 3.05
C GLY KA 368 27.40 -112.63 2.80
N LEU KA 369 26.15 -113.04 3.04
CA LEU KA 369 25.01 -112.14 2.86
C LEU KA 369 25.12 -110.92 3.76
N ALA KA 370 25.53 -111.07 5.01
CA ALA KA 370 25.72 -109.93 5.88
C ALA KA 370 26.78 -108.97 5.29
N ALA KA 371 27.94 -109.49 4.89
CA ALA KA 371 29.00 -108.67 4.33
C ALA KA 371 28.53 -107.96 3.06
N LEU KA 372 27.86 -108.69 2.19
CA LEU KA 372 27.21 -108.17 1.01
C LEU KA 372 26.27 -107.03 1.40
N ALA KA 373 25.37 -107.28 2.34
CA ALA KA 373 24.36 -106.33 2.73
C ALA KA 373 25.03 -105.04 3.19
N ALA KA 374 26.06 -105.17 4.02
CA ALA KA 374 26.79 -104.01 4.51
C ALA KA 374 27.46 -103.25 3.35
N ILE KA 375 28.19 -103.92 2.45
CA ILE KA 375 28.83 -103.17 1.38
C ILE KA 375 27.79 -102.51 0.49
N ALA KA 376 26.66 -103.18 0.25
CA ALA KA 376 25.56 -102.59 -0.50
C ALA KA 376 25.02 -101.36 0.22
N SER KA 377 24.83 -101.42 1.53
CA SER KA 377 24.42 -100.23 2.28
C SER KA 377 25.45 -99.12 2.12
N LEU KA 378 26.74 -99.45 2.18
CA LEU KA 378 27.78 -98.45 1.99
C LEU KA 378 27.68 -97.85 0.60
N ALA KA 379 27.48 -98.68 -0.42
CA ALA KA 379 27.30 -98.20 -1.77
C ALA KA 379 26.09 -97.26 -1.86
N LYS KA 380 24.99 -97.59 -1.18
CA LYS KA 380 23.80 -96.74 -1.14
C LYS KA 380 24.15 -95.37 -0.57
N LEU KA 381 24.84 -95.32 0.56
CA LEU KA 381 25.25 -94.02 1.10
C LEU KA 381 26.23 -93.32 0.15
N GLY KA 382 27.20 -94.03 -0.41
CA GLY KA 382 28.19 -93.43 -1.31
C GLY KA 382 27.50 -92.76 -2.49
N LEU KA 383 26.57 -93.47 -3.13
CA LEU KA 383 25.77 -92.92 -4.22
C LEU KA 383 24.93 -91.75 -3.73
N GLU KA 384 24.33 -91.84 -2.54
CA GLU KA 384 23.57 -90.73 -1.96
C GLU KA 384 24.44 -89.49 -1.72
N GLN KA 385 25.70 -89.64 -1.31
CA GLN KA 385 26.63 -88.54 -1.18
C GLN KA 385 26.98 -87.93 -2.54
N LEU KA 386 27.32 -88.76 -3.55
CA LEU KA 386 27.58 -88.25 -4.90
C LEU KA 386 26.34 -87.54 -5.47
N LYS KA 387 25.13 -88.05 -5.19
CA LYS KA 387 23.87 -87.40 -5.58
C LYS KA 387 23.71 -86.06 -4.87
N GLU KA 388 23.93 -86.01 -3.55
CA GLU KA 388 23.73 -84.78 -2.77
C GLU KA 388 24.72 -83.68 -3.15
N ILE KA 389 25.99 -84.01 -3.41
CA ILE KA 389 26.96 -83.02 -3.93
C ILE KA 389 26.70 -82.66 -5.41
N GLY KA 390 25.82 -83.40 -6.09
CA GLY KA 390 25.50 -83.18 -7.50
C GLY KA 390 26.64 -83.58 -8.45
N ALA KA 391 27.40 -84.62 -8.12
CA ALA KA 391 28.47 -85.14 -8.98
C ALA KA 391 27.93 -85.59 -10.35
N PRO KA 392 28.68 -85.43 -11.45
CA PRO KA 392 28.17 -85.74 -12.78
C PRO KA 392 27.89 -87.23 -12.94
N PRO KA 393 26.91 -87.61 -13.76
CA PRO KA 393 26.51 -89.01 -13.94
C PRO KA 393 27.66 -89.97 -14.21
N GLU KA 394 28.68 -89.57 -14.96
CA GLU KA 394 29.85 -90.43 -15.22
C GLU KA 394 30.54 -90.85 -13.91
N GLN KA 395 30.73 -89.93 -12.97
CA GLN KA 395 31.32 -90.26 -11.67
C GLN KA 395 30.41 -91.23 -10.91
N GLN KA 396 29.10 -90.96 -10.89
CA GLN KA 396 28.11 -91.85 -10.26
C GLN KA 396 28.20 -93.26 -10.84
N ARG KA 397 28.27 -93.37 -12.17
CA ARG KA 397 28.37 -94.63 -12.90
C ARG KA 397 29.68 -95.34 -12.60
N ARG KA 398 30.81 -94.64 -12.66
CA ARG KA 398 32.14 -95.19 -12.33
C ARG KA 398 32.12 -95.84 -10.96
N VAL KA 399 31.67 -95.10 -9.96
CA VAL KA 399 31.54 -95.62 -8.59
C VAL KA 399 30.55 -96.79 -8.56
N THR KA 400 29.40 -96.67 -9.23
CA THR KA 400 28.39 -97.73 -9.19
C THR KA 400 28.93 -99.02 -9.78
N LYS KA 401 29.60 -98.96 -10.93
CA LYS KA 401 30.25 -100.13 -11.53
C LYS KA 401 31.28 -100.72 -10.58
N ALA KA 402 32.13 -99.88 -9.99
CA ALA KA 402 33.08 -100.38 -9.00
C ALA KA 402 32.35 -101.10 -7.85
N GLY KA 403 31.23 -100.55 -7.39
CA GLY KA 403 30.41 -101.18 -6.36
C GLY KA 403 29.87 -102.53 -6.82
N ILE KA 404 29.33 -102.59 -8.03
CA ILE KA 404 28.86 -103.84 -8.62
C ILE KA 404 30.02 -104.83 -8.70
N GLU KA 405 31.21 -104.40 -9.13
CA GLU KA 405 32.38 -105.28 -9.21
C GLU KA 405 32.82 -105.77 -7.83
N ALA KA 406 32.76 -104.93 -6.80
CA ALA KA 406 33.05 -105.39 -5.44
C ALA KA 406 32.03 -106.46 -5.04
N VAL KA 407 30.75 -106.23 -5.31
CA VAL KA 407 29.71 -107.23 -5.08
C VAL KA 407 29.98 -108.49 -5.90
N ARG KA 408 30.46 -108.36 -7.14
CA ARG KA 408 30.82 -109.49 -7.99
C ARG KA 408 31.93 -110.29 -7.33
N GLU KA 409 32.99 -109.64 -6.86
CA GLU KA 409 34.08 -110.32 -6.14
C GLU KA 409 33.55 -111.03 -4.90
N ILE KA 410 32.68 -110.37 -4.15
CA ILE KA 410 32.06 -110.95 -2.97
C ILE KA 410 31.18 -112.13 -3.36
N TYR KA 411 30.47 -112.07 -4.49
CA TYR KA 411 29.75 -113.21 -5.03
C TYR KA 411 30.70 -114.33 -5.45
N ARG KA 412 31.86 -114.03 -6.05
CA ARG KA 412 32.86 -115.07 -6.38
C ARG KA 412 33.26 -115.84 -5.13
N TYR KA 413 33.48 -115.14 -4.01
CA TYR KA 413 33.73 -115.83 -2.74
C TYR KA 413 32.47 -116.54 -2.23
N GLY KA 414 31.31 -115.89 -2.31
CA GLY KA 414 30.02 -116.45 -1.90
C GLY KA 414 29.68 -117.77 -2.58
N ARG KA 415 30.03 -117.91 -3.87
CA ARG KA 415 29.88 -119.14 -4.65
C ARG KA 415 30.77 -120.28 -4.14
N LYS KA 416 31.86 -119.98 -3.42
CA LYS KA 416 32.68 -120.96 -2.70
C LYS KA 416 32.20 -121.21 -1.26
N LEU KA 417 31.61 -120.21 -0.61
CA LEU KA 417 31.03 -120.36 0.74
C LEU KA 417 29.71 -121.16 0.77
N TYR KA 418 28.93 -121.14 -0.32
CA TYR KA 418 27.66 -121.87 -0.50
C TYR KA 418 27.82 -123.11 -1.38
N ASP LA 3 -54.82 -19.39 -77.88
CA ASP LA 3 -55.39 -19.63 -79.24
C ASP LA 3 -56.70 -20.42 -79.25
N ASP LA 4 -56.93 -21.35 -78.32
CA ASP LA 4 -58.02 -22.33 -78.44
C ASP LA 4 -59.41 -21.72 -78.67
N LEU LA 5 -59.66 -20.49 -78.19
CA LEU LA 5 -60.89 -19.77 -78.50
C LEU LA 5 -61.18 -19.78 -80.00
N LEU LA 6 -60.18 -19.44 -80.83
CA LEU LA 6 -60.35 -19.42 -82.29
C LEU LA 6 -60.68 -20.81 -82.80
N LEU LA 7 -59.98 -21.82 -82.28
CA LEU LA 7 -60.20 -23.18 -82.68
C LEU LA 7 -61.64 -23.57 -82.37
N LYS LA 8 -62.07 -23.35 -81.14
CA LYS LA 8 -63.43 -23.67 -80.72
C LYS LA 8 -64.44 -22.85 -81.51
N LEU LA 9 -64.13 -21.60 -81.84
CA LEU LA 9 -65.01 -20.80 -82.68
C LEU LA 9 -65.18 -21.47 -84.04
N LEU LA 10 -64.10 -21.93 -84.65
CA LEU LA 10 -64.21 -22.65 -85.91
C LEU LA 10 -65.06 -23.91 -85.72
N GLU LA 11 -64.91 -24.62 -84.61
CA GLU LA 11 -65.78 -25.77 -84.34
C GLU LA 11 -67.24 -25.35 -84.26
N LEU LA 12 -67.53 -24.28 -83.52
CA LEU LA 12 -68.90 -23.79 -83.39
C LEU LA 12 -69.45 -23.44 -84.77
N LEU LA 13 -68.68 -22.70 -85.53
CA LEU LA 13 -69.05 -22.31 -86.87
C LEU LA 13 -69.32 -23.56 -87.69
N VAL LA 14 -68.40 -24.50 -87.73
CA VAL LA 14 -68.53 -25.64 -88.64
C VAL LA 14 -69.71 -26.50 -88.24
N GLU LA 15 -69.91 -26.68 -86.95
CA GLU LA 15 -71.06 -27.44 -86.48
C GLU LA 15 -72.35 -26.70 -86.87
N GLN LA 16 -72.39 -25.39 -86.70
CA GLN LA 16 -73.55 -24.63 -87.11
C GLN LA 16 -73.76 -24.75 -88.60
N ALA LA 17 -72.69 -24.76 -89.40
CA ALA LA 17 -72.82 -25.01 -90.82
C ALA LA 17 -73.45 -26.39 -91.05
N ARG LA 18 -73.05 -27.42 -90.32
CA ARG LA 18 -73.62 -28.76 -90.45
C ARG LA 18 -75.11 -28.75 -90.13
N VAL LA 19 -75.50 -28.14 -89.02
CA VAL LA 19 -76.92 -28.08 -88.64
C VAL LA 19 -77.71 -27.23 -89.64
N SER LA 20 -77.12 -26.13 -90.07
CA SER LA 20 -77.70 -25.31 -91.13
C SER LA 20 -77.84 -26.11 -92.43
N ALA LA 21 -76.94 -27.03 -92.73
CA ALA LA 21 -77.05 -27.89 -93.91
C ALA LA 21 -78.18 -28.92 -93.77
N GLU LA 22 -78.44 -29.44 -92.57
CA GLU LA 22 -79.69 -30.16 -92.34
C GLU LA 22 -80.90 -29.26 -92.58
N PHE LA 23 -80.91 -28.03 -92.04
CA PHE LA 23 -82.03 -27.12 -92.23
C PHE LA 23 -82.24 -26.82 -93.71
N ALA LA 24 -81.17 -26.54 -94.45
CA ALA LA 24 -81.20 -26.30 -95.88
C ALA LA 24 -81.79 -27.50 -96.64
N ARG LA 25 -81.43 -28.73 -96.27
CA ARG LA 25 -82.00 -29.94 -96.86
C ARG LA 25 -83.47 -30.12 -96.52
N ARG LA 26 -83.85 -29.82 -95.29
CA ARG LA 26 -85.24 -29.92 -94.82
C ARG LA 26 -86.15 -28.83 -95.43
N GLN LA 27 -85.61 -27.64 -95.73
CA GLN LA 27 -86.34 -26.55 -96.40
C GLN LA 27 -86.29 -26.62 -97.95
N GLY LA 28 -85.20 -27.14 -98.53
CA GLY LA 28 -84.94 -27.13 -99.97
C GLY LA 28 -84.34 -25.82 -100.53
N ASP LA 29 -83.88 -24.91 -99.67
CA ASP LA 29 -83.33 -23.61 -100.09
C ASP LA 29 -81.91 -23.74 -100.66
N GLU LA 30 -81.78 -23.70 -101.99
CA GLU LA 30 -80.47 -23.72 -102.65
C GLU LA 30 -79.61 -22.52 -102.26
N LYS LA 31 -80.23 -21.36 -101.98
CA LYS LA 31 -79.54 -20.20 -101.42
C LYS LA 31 -78.87 -20.54 -100.10
N MET LA 32 -79.55 -21.29 -99.26
CA MET LA 32 -79.00 -21.71 -97.97
C MET LA 32 -77.86 -22.72 -98.15
N LEU LA 33 -77.98 -23.63 -99.13
CA LEU LA 33 -76.87 -24.51 -99.49
C LEU LA 33 -75.65 -23.70 -99.93
N GLU LA 34 -75.84 -22.69 -100.77
CA GLU LA 34 -74.77 -21.79 -101.17
C GLU LA 34 -74.17 -21.06 -99.96
N GLU LA 35 -75.00 -20.54 -99.06
CA GLU LA 35 -74.54 -19.88 -97.83
C GLU LA 35 -73.65 -20.80 -97.00
N VAL LA 36 -74.12 -22.01 -96.67
CA VAL LA 36 -73.31 -22.92 -95.87
C VAL LA 36 -72.07 -23.34 -96.64
N ALA LA 37 -72.15 -23.57 -97.95
CA ALA LA 37 -70.99 -23.96 -98.73
C ALA LA 37 -69.89 -22.89 -98.66
N ARG LA 38 -70.26 -21.62 -98.86
CA ARG LA 38 -69.34 -20.51 -98.72
C ARG LA 38 -68.78 -20.47 -97.31
N LYS LA 39 -69.65 -20.48 -96.30
CA LYS LA 39 -69.23 -20.40 -94.90
C LYS LA 39 -68.25 -21.52 -94.56
N ALA LA 40 -68.56 -22.74 -94.98
CA ALA LA 40 -67.74 -23.91 -94.74
C ALA LA 40 -66.38 -23.77 -95.43
N GLU LA 41 -66.36 -23.31 -96.68
CA GLU LA 41 -65.09 -23.09 -97.36
C GLU LA 41 -64.26 -22.03 -96.64
N GLU LA 42 -64.85 -20.91 -96.25
CA GLU LA 42 -64.11 -19.85 -95.56
C GLU LA 42 -63.61 -20.32 -94.19
N VAL LA 43 -64.45 -21.02 -93.43
CA VAL LA 43 -64.04 -21.65 -92.18
C VAL LA 43 -62.86 -22.58 -92.44
N ALA LA 44 -62.93 -23.40 -93.47
CA ALA LA 44 -61.85 -24.30 -93.81
C ALA LA 44 -60.59 -23.53 -94.18
N ARG LA 45 -60.72 -22.42 -94.89
CA ARG LA 45 -59.59 -21.56 -95.23
C ARG LA 45 -58.94 -21.00 -93.96
N LYS LA 46 -59.74 -20.47 -93.04
CA LYS LA 46 -59.25 -20.01 -91.73
C LYS LA 46 -58.52 -21.14 -91.02
N ALA LA 47 -59.13 -22.32 -90.98
CA ALA LA 47 -58.54 -23.48 -90.34
C ALA LA 47 -57.21 -23.87 -90.99
N GLU LA 48 -57.15 -23.93 -92.32
CA GLU LA 48 -55.93 -24.27 -93.05
C GLU LA 48 -54.82 -23.28 -92.69
N GLU LA 49 -55.08 -21.98 -92.73
CA GLU LA 49 -54.07 -20.99 -92.36
C GLU LA 49 -53.62 -21.18 -90.92
N ILE LA 50 -54.55 -21.36 -89.99
CA ILE LA 50 -54.21 -21.56 -88.59
C ILE LA 50 -53.43 -22.86 -88.42
N ALA LA 51 -53.75 -23.90 -89.17
CA ALA LA 51 -53.01 -25.16 -89.13
C ALA LA 51 -51.57 -24.95 -89.60
N ARG LA 52 -51.34 -24.21 -90.69
CA ARG LA 52 -49.97 -23.87 -91.11
C ARG LA 52 -49.26 -23.09 -90.02
N LYS LA 53 -49.94 -22.16 -89.34
CA LYS LA 53 -49.36 -21.44 -88.19
C LYS LA 53 -48.93 -22.41 -87.10
N ALA LA 54 -49.83 -23.30 -86.67
CA ALA LA 54 -49.51 -24.30 -85.65
C ALA LA 54 -48.32 -25.18 -86.09
N ARG LA 55 -48.27 -25.59 -87.36
CA ARG LA 55 -47.17 -26.38 -87.91
C ARG LA 55 -45.85 -25.63 -87.78
N LYS LA 56 -45.83 -24.34 -88.14
CA LYS LA 56 -44.65 -23.46 -87.98
C LYS LA 56 -44.26 -23.30 -86.51
N GLU LA 57 -45.22 -23.11 -85.62
CA GLU LA 57 -44.99 -22.95 -84.19
C GLU LA 57 -44.57 -24.24 -83.49
N GLY LA 58 -44.87 -25.40 -84.08
CA GLY LA 58 -44.43 -26.71 -83.59
C GLY LA 58 -45.18 -27.23 -82.37
N ASN LA 59 -46.31 -26.62 -81.96
CA ASN LA 59 -47.16 -27.16 -80.90
C ASN LA 59 -48.05 -28.29 -81.44
N LEU LA 60 -47.68 -29.54 -81.16
CA LEU LA 60 -48.38 -30.71 -81.71
C LEU LA 60 -49.83 -30.77 -81.22
N GLU LA 61 -50.12 -30.40 -79.98
CA GLU LA 61 -51.50 -30.44 -79.48
C GLU LA 61 -52.39 -29.52 -80.32
N LEU LA 62 -51.96 -28.27 -80.51
CA LEU LA 62 -52.68 -27.34 -81.37
C LEU LA 62 -52.76 -27.88 -82.79
N ALA LA 63 -51.66 -28.41 -83.33
CA ALA LA 63 -51.67 -28.91 -84.70
C ALA LA 63 -52.69 -30.05 -84.86
N LEU LA 64 -52.74 -30.98 -83.91
CA LEU LA 64 -53.70 -32.05 -83.94
C LEU LA 64 -55.12 -31.51 -83.79
N LYS LA 65 -55.34 -30.56 -82.88
CA LYS LA 65 -56.64 -29.89 -82.77
C LYS LA 65 -57.02 -29.26 -84.11
N ALA LA 66 -56.09 -28.58 -84.76
CA ALA LA 66 -56.33 -27.93 -86.03
C ALA LA 66 -56.65 -28.97 -87.11
N LEU LA 67 -55.91 -30.08 -87.12
CA LEU LA 67 -56.25 -31.18 -87.99
C LEU LA 67 -57.64 -31.68 -87.68
N GLU LA 68 -58.03 -31.81 -86.42
CA GLU LA 68 -59.37 -32.27 -86.11
C GLU LA 68 -60.41 -31.31 -86.67
N ILE LA 69 -60.16 -30.02 -86.57
CA ILE LA 69 -61.03 -29.05 -87.22
C ILE LA 69 -61.03 -29.29 -88.71
N LEU LA 70 -59.87 -29.52 -89.33
CA LEU LA 70 -59.83 -29.82 -90.74
C LEU LA 70 -60.61 -31.09 -91.04
N VAL LA 71 -60.64 -32.07 -90.15
CA VAL LA 71 -61.51 -33.24 -90.29
C VAL LA 71 -62.96 -32.82 -90.26
N ARG LA 72 -63.38 -32.02 -89.27
CA ARG LA 72 -64.77 -31.58 -89.19
C ARG LA 72 -65.14 -30.84 -90.48
N ALA LA 73 -64.28 -29.93 -90.88
CA ALA LA 73 -64.44 -29.15 -92.10
C ALA LA 73 -64.55 -30.07 -93.29
N ALA LA 74 -63.64 -31.02 -93.40
CA ALA LA 74 -63.66 -31.98 -94.48
C ALA LA 74 -64.99 -32.74 -94.48
N HIS LA 75 -65.46 -33.19 -93.32
CA HIS LA 75 -66.72 -33.92 -93.23
C HIS LA 75 -67.83 -33.06 -93.78
N VAL LA 76 -68.02 -31.84 -93.26
CA VAL LA 76 -69.16 -31.05 -93.73
C VAL LA 76 -68.99 -30.72 -95.21
N LEU LA 77 -67.79 -30.39 -95.66
CA LEU LA 77 -67.56 -30.04 -97.05
C LEU LA 77 -67.88 -31.22 -97.95
N ALA LA 78 -67.42 -32.41 -97.57
CA ALA LA 78 -67.68 -33.64 -98.31
C ALA LA 78 -69.17 -33.98 -98.30
N GLU LA 79 -69.86 -33.77 -97.18
CA GLU LA 79 -71.29 -34.00 -97.11
C GLU LA 79 -72.04 -33.01 -98.01
N ILE LA 80 -71.63 -31.75 -98.02
CA ILE LA 80 -72.17 -30.73 -98.92
C ILE LA 80 -71.91 -31.13 -100.37
N ALA LA 81 -70.68 -31.54 -100.69
CA ALA LA 81 -70.32 -31.95 -102.04
C ALA LA 81 -71.13 -33.18 -102.50
N ARG LA 82 -71.33 -34.17 -101.62
CA ARG LA 82 -72.13 -35.38 -101.88
C ARG LA 82 -73.58 -35.01 -102.20
N GLU LA 83 -74.18 -34.12 -101.42
CA GLU LA 83 -75.56 -33.69 -101.63
C GLU LA 83 -75.70 -32.81 -102.89
N ARG LA 84 -74.75 -31.90 -103.13
CA ARG LA 84 -74.81 -30.93 -104.25
C ARG LA 84 -74.40 -31.53 -105.60
N GLY LA 85 -73.54 -32.55 -105.61
CA GLY LA 85 -73.08 -33.23 -106.82
C GLY LA 85 -72.04 -32.48 -107.67
N ASN LA 86 -71.55 -31.32 -107.21
CA ASN LA 86 -70.53 -30.54 -107.91
C ASN LA 86 -69.15 -31.21 -107.85
N GLU LA 87 -68.47 -31.36 -108.98
CA GLU LA 87 -67.19 -32.07 -109.03
C GLU LA 87 -66.02 -31.26 -108.45
N GLU LA 88 -66.00 -29.94 -108.59
CA GLU LA 88 -64.91 -29.12 -108.05
C GLU LA 88 -64.89 -29.14 -106.52
N LEU LA 89 -66.06 -29.17 -105.88
CA LEU LA 89 -66.16 -29.41 -104.44
C LEU LA 89 -65.59 -30.79 -104.08
N GLN LA 90 -65.95 -31.85 -104.81
CA GLN LA 90 -65.45 -33.20 -104.54
C GLN LA 90 -63.93 -33.27 -104.70
N LYS LA 91 -63.39 -32.67 -105.77
CA LYS LA 91 -61.94 -32.57 -106.01
C LYS LA 91 -61.26 -31.86 -104.85
N LYS LA 92 -61.76 -30.68 -104.46
CA LYS LA 92 -61.23 -29.93 -103.30
C LYS LA 92 -61.22 -30.80 -102.06
N ALA LA 93 -62.35 -31.39 -101.70
CA ALA LA 93 -62.46 -32.21 -100.50
C ALA LA 93 -61.45 -33.38 -100.53
N HIS LA 94 -61.42 -34.15 -101.61
CA HIS LA 94 -60.51 -35.30 -101.71
C HIS LA 94 -59.04 -34.86 -101.58
N LYS LA 95 -58.62 -33.84 -102.33
CA LYS LA 95 -57.25 -33.32 -102.27
C LYS LA 95 -56.91 -32.80 -100.87
N LEU LA 96 -57.80 -32.01 -100.27
CA LEU LA 96 -57.60 -31.50 -98.92
C LEU LA 96 -57.47 -32.68 -97.95
N ALA LA 97 -58.31 -33.69 -98.06
CA ALA LA 97 -58.25 -34.85 -97.20
C ALA LA 97 -56.93 -35.59 -97.36
N LYS LA 98 -56.45 -35.77 -98.59
CA LYS LA 98 -55.14 -36.38 -98.82
C LYS LA 98 -54.04 -35.56 -98.18
N GLU LA 99 -54.08 -34.24 -98.34
CA GLU LA 99 -53.12 -33.36 -97.70
C GLU LA 99 -53.20 -33.47 -96.18
N ALA LA 100 -54.40 -33.56 -95.62
CA ALA LA 100 -54.55 -33.77 -94.20
C ALA LA 100 -53.93 -35.11 -93.79
N LEU LA 101 -54.16 -36.17 -94.56
CA LEU LA 101 -53.57 -37.46 -94.28
C LEU LA 101 -52.05 -37.34 -94.26
N ARG LA 102 -51.48 -36.69 -95.26
CA ARG LA 102 -50.05 -36.44 -95.31
C ARG LA 102 -49.60 -35.66 -94.08
N GLN LA 103 -50.27 -34.58 -93.73
CA GLN LA 103 -49.90 -33.78 -92.56
C GLN LA 103 -49.98 -34.58 -91.27
N VAL LA 104 -51.05 -35.36 -91.06
CA VAL LA 104 -51.14 -36.14 -89.84
C VAL LA 104 -50.06 -37.21 -89.84
N ILE LA 105 -49.76 -37.81 -90.98
CA ILE LA 105 -48.69 -38.80 -91.07
C ILE LA 105 -47.38 -38.16 -90.64
N GLU LA 106 -47.05 -36.99 -91.19
CA GLU LA 106 -45.84 -36.27 -90.79
C GLU LA 106 -45.85 -35.99 -89.29
N ILE LA 107 -46.95 -35.49 -88.77
CA ILE LA 107 -47.05 -35.20 -87.36
C ILE LA 107 -46.92 -36.48 -86.55
N ALA LA 108 -47.46 -37.61 -87.01
CA ALA LA 108 -47.35 -38.89 -86.33
C ALA LA 108 -45.90 -39.38 -86.31
N ILE LA 109 -45.20 -39.23 -87.43
CA ILE LA 109 -43.78 -39.49 -87.47
C ILE LA 109 -43.07 -38.58 -86.45
N ARG LA 110 -43.38 -37.29 -86.43
CA ARG LA 110 -42.77 -36.37 -85.47
C ARG LA 110 -43.07 -36.77 -84.03
N ALA LA 111 -44.30 -37.16 -83.74
CA ALA LA 111 -44.69 -37.61 -82.41
C ALA LA 111 -43.88 -38.84 -82.00
N ILE LA 112 -43.70 -39.80 -82.91
CA ILE LA 112 -42.85 -40.95 -82.66
C ILE LA 112 -41.41 -40.49 -82.40
N GLN LA 113 -40.91 -39.56 -83.21
CA GLN LA 113 -39.55 -39.04 -83.05
C GLN LA 113 -39.36 -38.31 -81.71
N GLU LA 114 -40.35 -37.55 -81.24
CA GLU LA 114 -40.30 -36.91 -79.93
C GLU LA 114 -40.59 -37.88 -78.78
N GLY LA 115 -41.23 -39.02 -79.05
CA GLY LA 115 -41.35 -40.15 -78.15
C GLY LA 115 -42.53 -40.14 -77.17
N ASN LA 116 -43.35 -39.08 -77.09
CA ASN LA 116 -44.61 -39.12 -76.33
C ASN LA 116 -45.70 -39.84 -77.13
N LEU LA 117 -45.85 -41.14 -76.89
CA LEU LA 117 -46.76 -41.98 -77.64
C LEU LA 117 -48.23 -41.57 -77.49
N GLU LA 118 -48.62 -40.82 -76.46
CA GLU LA 118 -50.00 -40.36 -76.36
C GLU LA 118 -50.33 -39.38 -77.48
N LEU LA 119 -49.41 -38.49 -77.85
CA LEU LA 119 -49.61 -37.66 -79.03
C LEU LA 119 -49.75 -38.55 -80.26
N ALA LA 120 -48.91 -39.57 -80.39
CA ALA LA 120 -49.01 -40.49 -81.52
C ALA LA 120 -50.36 -41.19 -81.55
N ILE LA 121 -50.89 -41.59 -80.41
CA ILE LA 121 -52.21 -42.18 -80.29
C ILE LA 121 -53.27 -41.18 -80.74
N ILE LA 122 -53.22 -39.95 -80.26
CA ILE LA 122 -54.21 -38.94 -80.64
C ILE LA 122 -54.13 -38.71 -82.15
N ALA LA 123 -52.93 -38.59 -82.68
CA ALA LA 123 -52.73 -38.48 -84.11
C ALA LA 123 -53.32 -39.70 -84.82
N LEU LA 124 -53.09 -40.89 -84.29
CA LEU LA 124 -53.60 -42.10 -84.88
C LEU LA 124 -55.12 -42.06 -84.92
N HIS LA 125 -55.75 -41.65 -83.83
CA HIS LA 125 -57.20 -41.46 -83.78
C HIS LA 125 -57.65 -40.51 -84.89
N ILE LA 126 -57.01 -39.36 -85.01
CA ILE LA 126 -57.35 -38.40 -86.05
C ILE LA 126 -57.16 -39.04 -87.42
N SER LA 127 -56.12 -39.84 -87.61
CA SER LA 127 -55.91 -40.52 -88.88
C SER LA 127 -57.06 -41.47 -89.17
N VAL LA 128 -57.56 -42.18 -88.16
CA VAL LA 128 -58.73 -43.03 -88.34
C VAL LA 128 -59.91 -42.17 -88.75
N ARG LA 129 -60.11 -41.00 -88.14
CA ARG LA 129 -61.18 -40.12 -88.60
C ARG LA 129 -60.98 -39.71 -90.04
N ILE LA 130 -59.75 -39.39 -90.44
CA ILE LA 130 -59.45 -39.07 -91.84
C ILE LA 130 -59.81 -40.26 -92.73
N ALA LA 131 -59.52 -41.47 -92.28
CA ALA LA 131 -59.92 -42.64 -93.03
C ALA LA 131 -61.44 -42.71 -93.19
N GLU LA 132 -62.21 -42.47 -92.12
CA GLU LA 132 -63.68 -42.44 -92.23
C GLU LA 132 -64.13 -41.39 -93.25
N VAL LA 133 -63.54 -40.20 -93.19
CA VAL LA 133 -63.85 -39.14 -94.14
C VAL LA 133 -63.53 -39.59 -95.56
N LEU LA 134 -62.32 -40.09 -95.78
CA LEU LA 134 -61.92 -40.56 -97.10
C LEU LA 134 -62.85 -41.65 -97.59
N LEU LA 135 -63.19 -42.60 -96.73
CA LEU LA 135 -64.05 -43.73 -97.07
C LEU LA 135 -65.41 -43.23 -97.51
N GLU LA 136 -66.00 -42.29 -96.77
CA GLU LA 136 -67.26 -41.71 -97.17
C GLU LA 136 -67.12 -40.83 -98.43
N THR LA 137 -65.92 -40.34 -98.71
CA THR LA 137 -65.65 -39.50 -99.88
C THR LA 137 -65.53 -40.30 -101.17
N ARG LA 138 -64.72 -41.36 -101.18
CA ARG LA 138 -64.46 -42.22 -102.36
C ARG LA 138 -64.17 -43.67 -101.93
N PRO LA 139 -65.20 -44.52 -101.78
CA PRO LA 139 -65.01 -45.93 -101.41
C PRO LA 139 -64.42 -46.79 -102.55
N ASP LA 140 -64.39 -46.28 -103.78
CA ASP LA 140 -63.78 -46.91 -104.95
C ASP LA 140 -62.27 -46.63 -105.09
N ASP LA 141 -61.72 -45.65 -104.37
CA ASP LA 141 -60.29 -45.27 -104.37
C ASP LA 141 -59.44 -46.26 -103.53
N ARG LA 142 -59.71 -47.55 -103.67
CA ARG LA 142 -59.32 -48.62 -102.75
C ARG LA 142 -57.82 -48.67 -102.50
N GLU LA 143 -57.01 -48.31 -103.49
CA GLU LA 143 -55.57 -48.32 -103.36
C GLU LA 143 -55.12 -47.31 -102.30
N GLU LA 144 -55.67 -46.10 -102.31
CA GLU LA 144 -55.37 -45.11 -101.27
C GLU LA 144 -55.75 -45.66 -99.90
N ILE LA 145 -56.93 -46.29 -99.80
CA ILE LA 145 -57.38 -46.87 -98.55
C ILE LA 145 -56.40 -47.95 -98.11
N ARG LA 146 -56.04 -48.86 -99.01
CA ARG LA 146 -55.10 -49.92 -98.68
C ARG LA 146 -53.74 -49.36 -98.30
N GLU LA 147 -53.28 -48.30 -98.94
CA GLU LA 147 -52.07 -47.61 -98.52
C GLU LA 147 -52.22 -47.08 -97.10
N GLN LA 148 -53.32 -46.40 -96.82
CA GLN LA 148 -53.57 -45.94 -95.48
C GLN LA 148 -53.59 -47.12 -94.51
N GLN LA 149 -54.22 -48.25 -94.87
CA GLN LA 149 -54.21 -49.44 -94.05
C GLN LA 149 -52.79 -49.91 -93.79
N ALA LA 150 -51.98 -50.02 -94.84
CA ALA LA 150 -50.61 -50.44 -94.70
C ALA LA 150 -49.86 -49.50 -93.75
N ILE LA 151 -50.03 -48.20 -93.95
CA ILE LA 151 -49.38 -47.19 -93.14
C ILE LA 151 -49.83 -47.35 -91.70
N PHE LA 152 -51.12 -47.44 -91.46
CA PHE LA 152 -51.69 -47.63 -90.14
C PHE LA 152 -51.12 -48.90 -89.51
N GLU LA 153 -51.12 -50.01 -90.24
CA GLU LA 153 -50.63 -51.27 -89.73
C GLU LA 153 -49.16 -51.17 -89.37
N LEU LA 154 -48.38 -50.48 -90.20
CA LEU LA 154 -46.99 -50.25 -89.90
C LEU LA 154 -46.87 -49.41 -88.62
N LEU LA 155 -47.65 -48.34 -88.51
CA LEU LA 155 -47.64 -47.52 -87.31
C LEU LA 155 -48.04 -48.35 -86.11
N ILE LA 156 -49.04 -49.19 -86.24
CA ILE LA 156 -49.47 -50.10 -85.20
C ILE LA 156 -48.32 -51.02 -84.82
N ALA LA 157 -47.64 -51.62 -85.79
CA ALA LA 157 -46.53 -52.50 -85.48
C ALA LA 157 -45.48 -51.72 -84.68
N ALA LA 158 -45.16 -50.51 -85.15
CA ALA LA 158 -44.19 -49.66 -84.49
C ALA LA 158 -44.64 -49.37 -83.07
N LEU LA 159 -45.89 -48.98 -82.90
CA LEU LA 159 -46.45 -48.69 -81.59
C LEU LA 159 -46.46 -49.93 -80.70
N GLU LA 160 -46.75 -51.12 -81.21
CA GLU LA 160 -46.76 -52.33 -80.38
C GLU LA 160 -45.37 -52.57 -79.82
N ALA LA 161 -44.35 -52.51 -80.68
CA ALA LA 161 -42.99 -52.57 -80.22
C ALA LA 161 -42.73 -51.43 -79.23
N ALA LA 162 -43.18 -50.21 -79.54
CA ALA LA 162 -42.86 -49.04 -78.75
C ALA LA 162 -43.42 -49.16 -77.34
N ILE LA 163 -44.70 -49.48 -77.23
CA ILE LA 163 -45.39 -49.60 -75.96
C ILE LA 163 -44.83 -50.79 -75.19
N ARG LA 164 -44.55 -51.92 -75.86
CA ARG LA 164 -43.93 -53.07 -75.22
C ARG LA 164 -42.58 -52.68 -74.64
N LEU LA 165 -41.76 -52.00 -75.42
CA LEU LA 165 -40.45 -51.53 -75.00
C LEU LA 165 -40.55 -50.56 -73.83
N GLU LA 166 -41.46 -49.58 -73.93
CA GLU LA 166 -41.72 -48.62 -72.86
C GLU LA 166 -42.03 -49.37 -71.56
N LYS LA 167 -42.93 -50.35 -71.63
CA LYS LA 167 -43.29 -51.16 -70.47
C LYS LA 167 -42.11 -51.97 -69.95
N LEU LA 168 -41.38 -52.66 -70.81
CA LEU LA 168 -40.20 -53.42 -70.40
C LEU LA 168 -39.19 -52.51 -69.68
N LYS LA 169 -39.00 -51.29 -70.18
CA LYS LA 169 -38.12 -50.29 -69.59
C LYS LA 169 -38.64 -49.78 -68.25
N GLU LA 170 -39.94 -49.53 -68.13
CA GLU LA 170 -40.54 -49.21 -66.83
C GLU LA 170 -40.39 -50.36 -65.83
N GLU LA 171 -40.54 -51.60 -66.29
CA GLU LA 171 -40.36 -52.80 -65.46
C GLU LA 171 -38.90 -53.08 -65.07
N GLY LA 172 -37.93 -52.48 -65.77
CA GLY LA 172 -36.50 -52.79 -65.56
C GLY LA 172 -36.13 -54.20 -65.99
N ALA LA 173 -36.75 -54.72 -67.05
CA ALA LA 173 -36.55 -56.07 -67.58
C ALA LA 173 -35.07 -56.36 -67.97
N PRO LA 174 -34.64 -57.64 -68.00
CA PRO LA 174 -33.28 -57.99 -68.41
C PRO LA 174 -33.03 -57.56 -69.85
N PRO LA 175 -32.04 -56.68 -70.13
CA PRO LA 175 -31.85 -56.09 -71.45
C PRO LA 175 -31.72 -57.11 -72.58
N GLU LA 176 -31.26 -58.33 -72.30
CA GLU LA 176 -31.20 -59.42 -73.26
C GLU LA 176 -32.59 -59.76 -73.81
N GLN LA 177 -33.59 -59.87 -72.92
CA GLN LA 177 -34.97 -60.06 -73.35
C GLN LA 177 -35.45 -58.88 -74.18
N ILE LA 178 -35.05 -57.66 -73.79
CA ILE LA 178 -35.40 -56.44 -74.53
C ILE LA 178 -34.80 -56.51 -75.93
N GLU LA 179 -33.55 -56.90 -76.06
CA GLU LA 179 -32.88 -57.04 -77.34
C GLU LA 179 -33.58 -58.07 -78.23
N ARG LA 180 -33.99 -59.22 -77.67
CA ARG LA 180 -34.77 -60.20 -78.44
C ARG LA 180 -36.07 -59.58 -78.95
N VAL LA 181 -36.75 -58.82 -78.11
CA VAL LA 181 -37.96 -58.08 -78.53
C VAL LA 181 -37.62 -57.06 -79.61
N ALA LA 182 -36.53 -56.31 -79.45
CA ALA LA 182 -36.15 -55.28 -80.41
C ALA LA 182 -35.87 -55.89 -81.78
N GLU LA 183 -35.11 -56.97 -81.83
CA GLU LA 183 -34.90 -57.71 -83.06
C GLU LA 183 -36.23 -58.18 -83.62
N HIS LA 184 -37.07 -58.82 -82.81
CA HIS LA 184 -38.35 -59.32 -83.29
C HIS LA 184 -39.18 -58.20 -83.91
N GLY LA 185 -39.17 -57.02 -83.27
CA GLY LA 185 -39.79 -55.83 -83.79
C GLY LA 185 -39.20 -55.44 -85.13
N LEU LA 186 -37.88 -55.23 -85.20
CA LEU LA 186 -37.23 -54.83 -86.44
C LEU LA 186 -37.51 -55.85 -87.55
N GLU LA 187 -37.33 -57.13 -87.29
CA GLU LA 187 -37.57 -58.19 -88.27
C GLU LA 187 -39.02 -58.16 -88.75
N ARG LA 188 -39.98 -58.14 -87.82
CA ARG LA 188 -41.39 -58.07 -88.17
C ARG LA 188 -41.65 -56.83 -89.02
N LEU LA 189 -41.12 -55.68 -88.61
CA LEU LA 189 -41.29 -54.43 -89.34
C LEU LA 189 -40.75 -54.60 -90.76
N LYS LA 190 -39.56 -55.16 -90.90
CA LYS LA 190 -38.94 -55.36 -92.20
C LYS LA 190 -39.78 -56.28 -93.07
N GLU LA 191 -40.25 -57.40 -92.53
CA GLU LA 191 -41.11 -58.30 -93.29
C GLU LA 191 -42.39 -57.57 -93.72
N ILE LA 192 -43.02 -56.84 -92.80
CA ILE LA 192 -44.19 -56.04 -93.13
C ILE LA 192 -43.85 -55.05 -94.23
N ALA LA 193 -42.74 -54.32 -94.11
CA ALA LA 193 -42.36 -53.33 -95.08
C ALA LA 193 -42.17 -53.97 -96.46
N LYS LA 194 -41.53 -55.13 -96.50
CA LYS LA 194 -41.36 -55.89 -97.73
C LYS LA 194 -42.72 -56.21 -98.34
N GLU LA 195 -43.64 -56.76 -97.56
CA GLU LA 195 -44.97 -57.07 -98.07
C GLU LA 195 -45.70 -55.81 -98.54
N ILE LA 196 -45.60 -54.71 -97.80
CA ILE LA 196 -46.17 -53.43 -98.22
C ILE LA 196 -45.56 -53.02 -99.56
N SER LA 197 -44.25 -53.14 -99.71
CA SER LA 197 -43.58 -52.79 -100.95
C SER LA 197 -44.02 -53.68 -102.12
N LYS LA 198 -44.42 -54.92 -101.86
CA LYS LA 198 -45.00 -55.78 -102.88
C LYS LA 198 -46.38 -55.26 -103.30
N GLU LA 199 -47.17 -54.75 -102.37
CA GLU LA 199 -48.49 -54.22 -102.69
C GLU LA 199 -48.43 -52.85 -103.38
N VAL LA 200 -47.83 -51.85 -102.73
CA VAL LA 200 -48.06 -50.44 -103.07
C VAL LA 200 -47.12 -49.93 -104.18
N ASP LA 201 -47.55 -48.89 -104.90
CA ASP LA 201 -46.77 -48.26 -105.97
C ASP LA 201 -46.67 -46.72 -105.92
N SER LA 202 -47.37 -46.03 -105.00
CA SER LA 202 -47.17 -44.59 -104.82
C SER LA 202 -45.77 -44.33 -104.27
N PRO LA 203 -44.93 -43.52 -104.96
CA PRO LA 203 -43.60 -43.21 -104.47
C PRO LA 203 -43.66 -42.56 -103.10
N GLU LA 204 -44.57 -41.61 -102.92
CA GLU LA 204 -44.75 -40.92 -101.66
C GLU LA 204 -45.14 -41.90 -100.55
N SER LA 205 -46.02 -42.87 -100.84
CA SER LA 205 -46.38 -43.87 -99.84
C SER LA 205 -45.15 -44.66 -99.40
N LYS LA 206 -44.30 -45.06 -100.34
CA LYS LA 206 -43.08 -45.80 -100.05
C LYS LA 206 -42.12 -44.94 -99.24
N ARG LA 207 -42.00 -43.65 -99.59
CA ARG LA 207 -41.19 -42.68 -98.85
C ARG LA 207 -41.68 -42.57 -97.41
N ILE LA 208 -42.98 -42.39 -97.24
CA ILE LA 208 -43.62 -42.39 -95.93
C ILE LA 208 -43.28 -43.69 -95.20
N ALA LA 209 -43.46 -44.83 -95.84
CA ALA LA 209 -43.19 -46.11 -95.20
C ALA LA 209 -41.75 -46.16 -94.71
N TYR LA 210 -40.82 -45.81 -95.58
CA TYR LA 210 -39.42 -45.80 -95.22
C TYR LA 210 -39.19 -44.91 -94.01
N LYS LA 211 -39.69 -43.68 -94.06
CA LYS LA 211 -39.57 -42.72 -92.95
C LYS LA 211 -40.09 -43.34 -91.66
N ILE LA 212 -41.24 -43.97 -91.71
CA ILE LA 212 -41.81 -44.62 -90.53
C ILE LA 212 -40.84 -45.68 -90.04
N VAL LA 213 -40.32 -46.52 -90.91
CA VAL LA 213 -39.40 -47.57 -90.47
C VAL LA 213 -38.18 -46.93 -89.82
N ALA LA 214 -37.61 -45.92 -90.45
CA ALA LA 214 -36.44 -45.25 -89.92
C ALA LA 214 -36.73 -44.70 -88.52
N ALA LA 215 -37.86 -44.01 -88.37
CA ALA LA 215 -38.28 -43.50 -87.09
C ALA LA 215 -38.45 -44.63 -86.07
N ALA LA 216 -39.01 -45.77 -86.48
CA ALA LA 216 -39.21 -46.90 -85.59
C ALA LA 216 -37.87 -47.42 -85.08
N ALA LA 217 -36.89 -47.57 -85.96
CA ALA LA 217 -35.56 -47.93 -85.53
C ALA LA 217 -35.00 -46.87 -84.57
N GLU LA 218 -35.12 -45.58 -84.90
CA GLU LA 218 -34.62 -44.52 -84.04
C GLU LA 218 -35.25 -44.59 -82.65
N PHE LA 219 -36.57 -44.76 -82.57
CA PHE LA 219 -37.24 -44.86 -81.28
C PHE LA 219 -36.67 -46.02 -80.47
N LEU LA 220 -36.57 -47.20 -81.08
CA LEU LA 220 -36.02 -48.39 -80.43
C LEU LA 220 -34.64 -48.05 -79.85
N LEU LA 221 -33.78 -47.49 -80.68
CA LEU LA 221 -32.44 -47.15 -80.27
C LEU LA 221 -32.46 -46.15 -79.11
N LYS LA 222 -33.21 -45.05 -79.23
CA LYS LA 222 -33.20 -44.01 -78.20
C LYS LA 222 -33.74 -44.53 -76.90
N ILE LA 223 -34.86 -45.25 -76.91
CA ILE LA 223 -35.43 -45.77 -75.67
C ILE LA 223 -34.52 -46.85 -75.07
N LEU LA 224 -33.90 -47.71 -75.90
CA LEU LA 224 -32.93 -48.66 -75.39
C LEU LA 224 -31.76 -47.95 -74.70
N ALA LA 225 -31.26 -46.86 -75.30
CA ALA LA 225 -30.17 -46.08 -74.74
C ALA LA 225 -30.57 -45.39 -73.42
N GLU LA 226 -31.76 -44.80 -73.35
CA GLU LA 226 -32.31 -44.28 -72.10
C GLU LA 226 -32.42 -45.39 -71.04
N GLY LA 227 -32.72 -46.61 -71.47
CA GLY LA 227 -32.76 -47.80 -70.62
C GLY LA 227 -31.40 -48.23 -70.06
N GLY LA 228 -30.29 -47.65 -70.50
CA GLY LA 228 -28.96 -47.91 -69.94
C GLY LA 228 -28.38 -49.29 -70.28
N ALA LA 229 -28.76 -49.89 -71.40
CA ALA LA 229 -28.17 -51.14 -71.90
C ALA LA 229 -26.65 -51.02 -72.15
N THR LA 230 -25.92 -52.14 -72.14
CA THR LA 230 -24.46 -52.11 -72.29
C THR LA 230 -24.03 -51.61 -73.67
N PRO LA 231 -22.86 -50.97 -73.79
CA PRO LA 231 -22.33 -50.56 -75.08
C PRO LA 231 -22.32 -51.70 -76.11
N GLU LA 232 -22.02 -52.92 -75.68
CA GLU LA 232 -22.05 -54.09 -76.55
C GLU LA 232 -23.45 -54.33 -77.10
N GLN LA 233 -24.47 -54.40 -76.25
CA GLN LA 233 -25.84 -54.57 -76.73
C GLN LA 233 -26.25 -53.41 -77.65
N LEU LA 234 -25.91 -52.18 -77.29
CA LEU LA 234 -26.23 -51.02 -78.12
C LEU LA 234 -25.63 -51.16 -79.51
N GLU LA 235 -24.36 -51.52 -79.60
CA GLU LA 235 -23.70 -51.79 -80.87
C GLU LA 235 -24.40 -52.92 -81.64
N ARG LA 236 -24.71 -54.03 -80.97
CA ARG LA 236 -25.39 -55.17 -81.62
C ARG LA 236 -26.70 -54.72 -82.25
N VAL LA 237 -27.54 -54.05 -81.47
CA VAL LA 237 -28.81 -53.56 -81.99
C VAL LA 237 -28.56 -52.54 -83.10
N THR LA 238 -27.58 -51.66 -82.92
CA THR LA 238 -27.29 -50.62 -83.90
C THR LA 238 -26.95 -51.22 -85.24
N GLU LA 239 -25.98 -52.12 -85.29
CA GLU LA 239 -25.57 -52.66 -86.57
C GLU LA 239 -26.67 -53.54 -87.16
N HIS LA 240 -27.43 -54.25 -86.32
CA HIS LA 240 -28.60 -54.96 -86.82
C HIS LA 240 -29.61 -54.01 -87.44
N ALA LA 241 -29.84 -52.87 -86.78
CA ALA LA 241 -30.76 -51.87 -87.27
C ALA LA 241 -30.25 -51.29 -88.59
N LEU LA 242 -28.97 -50.97 -88.69
CA LEU LA 242 -28.39 -50.52 -89.94
C LEU LA 242 -28.56 -51.60 -91.02
N GLU LA 243 -28.28 -52.86 -90.71
CA GLU LA 243 -28.42 -53.95 -91.67
C GLU LA 243 -29.85 -54.04 -92.18
N VAL LA 244 -30.81 -54.07 -91.26
CA VAL LA 244 -32.23 -54.04 -91.59
C VAL LA 244 -32.53 -52.82 -92.45
N LEU LA 245 -32.04 -51.65 -92.04
CA LEU LA 245 -32.32 -50.42 -92.75
C LEU LA 245 -31.81 -50.51 -94.17
N LYS LA 246 -30.62 -51.07 -94.36
CA LYS LA 246 -30.04 -51.30 -95.68
C LYS LA 246 -30.93 -52.22 -96.50
N GLU LA 247 -31.43 -53.31 -95.93
CA GLU LA 247 -32.35 -54.17 -96.67
C GLU LA 247 -33.61 -53.38 -97.07
N VAL LA 248 -34.21 -52.67 -96.12
CA VAL LA 248 -35.43 -51.92 -96.38
C VAL LA 248 -35.16 -50.85 -97.43
N ALA LA 249 -34.03 -50.18 -97.37
CA ALA LA 249 -33.64 -49.22 -98.38
C ALA LA 249 -33.52 -49.91 -99.74
N LYS LA 250 -32.82 -51.04 -99.83
CA LYS LA 250 -32.64 -51.76 -101.10
C LYS LA 250 -33.98 -52.10 -101.73
N GLU LA 251 -34.94 -52.54 -100.94
CA GLU LA 251 -36.28 -52.79 -101.45
C GLU LA 251 -36.96 -51.47 -101.85
N LEU LA 252 -37.13 -50.53 -100.92
CA LEU LA 252 -38.04 -49.40 -101.09
C LEU LA 252 -37.48 -48.28 -101.99
N ALA LA 253 -36.17 -48.14 -102.11
CA ALA LA 253 -35.58 -47.08 -102.93
C ALA LA 253 -35.67 -47.41 -104.43
N ASP LA 254 -36.16 -46.46 -105.23
CA ASP LA 254 -36.24 -46.54 -106.69
C ASP LA 254 -36.28 -45.17 -107.40
N SER LA 255 -36.05 -44.07 -106.68
CA SER LA 255 -36.05 -42.70 -107.21
C SER LA 255 -34.92 -41.85 -106.61
N PRO LA 256 -34.48 -40.78 -107.29
CA PRO LA 256 -33.42 -39.92 -106.79
C PRO LA 256 -33.76 -39.36 -105.41
N GLU LA 257 -34.98 -38.88 -105.27
CA GLU LA 257 -35.48 -38.32 -104.02
C GLU LA 257 -35.47 -39.39 -102.95
N SER LA 258 -35.92 -40.61 -103.30
CA SER LA 258 -35.98 -41.70 -102.34
C SER LA 258 -34.59 -42.01 -101.79
N VAL LA 259 -33.57 -42.10 -102.63
CA VAL LA 259 -32.24 -42.42 -102.13
C VAL LA 259 -31.67 -41.24 -101.37
N ARG LA 260 -31.91 -40.01 -101.81
CA ARG LA 260 -31.46 -38.81 -101.08
C ARG LA 260 -32.00 -38.83 -99.67
N GLU LA 261 -33.30 -39.08 -99.54
CA GLU LA 261 -33.92 -39.27 -98.25
C GLU LA 261 -33.31 -40.46 -97.51
N ALA LA 262 -33.13 -41.58 -98.19
CA ALA LA 262 -32.67 -42.81 -97.56
C ALA LA 262 -31.30 -42.59 -96.91
N VAL LA 263 -30.38 -42.03 -97.67
CA VAL LA 263 -29.04 -41.70 -97.19
C VAL LA 263 -29.16 -40.73 -96.05
N ARG LA 264 -29.97 -39.67 -96.20
CA ARG LA 264 -30.14 -38.68 -95.13
C ARG LA 264 -30.56 -39.37 -93.84
N LEU LA 265 -31.55 -40.24 -93.91
CA LEU LA 265 -32.00 -40.97 -92.74
C LEU LA 265 -30.94 -41.94 -92.22
N ILE LA 266 -30.22 -42.64 -93.09
CA ILE LA 266 -29.15 -43.53 -92.65
C ILE LA 266 -28.14 -42.71 -91.86
N SER LA 267 -27.77 -41.55 -92.38
CA SER LA 267 -26.83 -40.67 -91.70
C SER LA 267 -27.39 -40.24 -90.36
N LYS LA 268 -28.64 -39.80 -90.29
CA LYS LA 268 -29.28 -39.39 -89.04
C LYS LA 268 -29.22 -40.52 -88.01
N LEU LA 269 -29.64 -41.72 -88.40
CA LEU LA 269 -29.64 -42.86 -87.50
C LEU LA 269 -28.23 -43.21 -87.05
N THR LA 270 -27.28 -43.12 -87.97
CA THR LA 270 -25.86 -43.31 -87.64
C THR LA 270 -25.42 -42.28 -86.60
N GLN LA 271 -25.71 -41.00 -86.85
CA GLN LA 271 -25.31 -39.90 -85.98
C GLN LA 271 -25.87 -40.08 -84.58
N GLU LA 272 -27.16 -40.41 -84.48
CA GLU LA 272 -27.78 -40.66 -83.19
C GLU LA 272 -27.06 -41.79 -82.45
N GLY LA 273 -26.83 -42.91 -83.13
CA GLY LA 273 -26.12 -44.03 -82.54
C GLY LA 273 -24.76 -43.60 -82.03
N LEU LA 274 -24.02 -42.85 -82.85
CA LEU LA 274 -22.73 -42.31 -82.47
C LEU LA 274 -22.83 -41.44 -81.22
N LYS LA 275 -23.80 -40.51 -81.14
CA LYS LA 275 -23.98 -39.66 -79.97
C LYS LA 275 -24.20 -40.49 -78.71
N GLN LA 276 -25.08 -41.47 -78.76
CA GLN LA 276 -25.34 -42.33 -77.61
C GLN LA 276 -24.09 -43.12 -77.21
N LEU LA 277 -23.41 -43.73 -78.19
CA LEU LA 277 -22.22 -44.52 -77.96
C LEU LA 277 -21.03 -43.69 -77.44
N LYS LA 278 -20.98 -42.39 -77.78
CA LYS LA 278 -20.08 -41.42 -77.16
C LYS LA 278 -20.48 -41.18 -75.70
N GLU LA 279 -21.73 -40.82 -75.46
CA GLU LA 279 -22.17 -40.35 -74.13
C GLU LA 279 -22.19 -41.46 -73.07
N ILE LA 280 -22.35 -42.73 -73.45
CA ILE LA 280 -22.21 -43.86 -72.51
C ILE LA 280 -20.77 -44.09 -72.04
N GLY LA 281 -19.77 -43.48 -72.67
CA GLY LA 281 -18.36 -43.58 -72.27
C GLY LA 281 -17.65 -44.87 -72.71
N ALA LA 282 -18.09 -45.46 -73.83
CA ALA LA 282 -17.49 -46.68 -74.39
C ALA LA 282 -16.04 -46.48 -74.88
N PRO LA 283 -15.23 -47.56 -75.02
CA PRO LA 283 -13.96 -47.47 -75.73
C PRO LA 283 -14.22 -47.15 -77.21
N PRO LA 284 -13.61 -46.10 -77.78
CA PRO LA 284 -13.83 -45.68 -79.16
C PRO LA 284 -13.60 -46.74 -80.22
N GLU LA 285 -12.99 -47.88 -79.89
CA GLU LA 285 -12.94 -49.05 -80.76
C GLU LA 285 -14.33 -49.38 -81.30
N GLN LA 286 -15.34 -49.37 -80.42
CA GLN LA 286 -16.72 -49.58 -80.82
C GLN LA 286 -17.19 -48.49 -81.78
N ILE LA 287 -16.88 -47.23 -81.48
CA ILE LA 287 -17.28 -46.09 -82.31
C ILE LA 287 -16.71 -46.27 -83.71
N GLU LA 288 -15.43 -46.60 -83.81
CA GLU LA 288 -14.77 -46.80 -85.09
C GLU LA 288 -15.39 -47.97 -85.87
N ARG LA 289 -15.73 -49.08 -85.19
CA ARG LA 289 -16.43 -50.19 -85.85
C ARG LA 289 -17.76 -49.72 -86.40
N VAL LA 290 -18.57 -49.05 -85.58
CA VAL LA 290 -19.85 -48.50 -86.04
C VAL LA 290 -19.63 -47.52 -87.18
N ALA LA 291 -18.61 -46.67 -87.11
CA ALA LA 291 -18.33 -45.72 -88.17
C ALA LA 291 -18.06 -46.45 -89.48
N GLU LA 292 -17.20 -47.47 -89.45
CA GLU LA 292 -16.95 -48.29 -90.64
C GLU LA 292 -18.25 -48.92 -91.12
N HIS LA 293 -19.04 -49.51 -90.24
CA HIS LA 293 -20.30 -50.12 -90.64
C HIS LA 293 -21.19 -49.09 -91.35
N GLY LA 294 -21.26 -47.88 -90.80
CA GLY LA 294 -21.99 -46.77 -91.39
C GLY LA 294 -21.46 -46.44 -92.77
N LEU LA 295 -20.16 -46.20 -92.89
CA LEU LA 295 -19.55 -45.91 -94.17
C LEU LA 295 -19.82 -47.03 -95.18
N GLU LA 296 -19.70 -48.29 -94.78
CA GLU LA 296 -19.95 -49.43 -95.65
C GLU LA 296 -21.40 -49.43 -96.13
N VAL LA 297 -22.35 -49.29 -95.21
CA VAL LA 297 -23.76 -49.21 -95.59
C VAL LA 297 -23.98 -48.05 -96.54
N LEU LA 298 -23.43 -46.88 -96.22
CA LEU LA 298 -23.57 -45.70 -97.04
C LEU LA 298 -23.05 -46.00 -98.43
N LYS LA 299 -21.88 -46.61 -98.53
CA LYS LA 299 -21.26 -46.99 -99.79
C LYS LA 299 -22.15 -47.95 -100.56
N GLU LA 300 -22.66 -49.00 -99.92
CA GLU LA 300 -23.51 -49.97 -100.63
C GLU LA 300 -24.78 -49.31 -101.14
N ILE LA 301 -25.40 -48.45 -100.32
CA ILE LA 301 -26.59 -47.73 -100.74
C ILE LA 301 -26.24 -46.74 -101.84
N ALA LA 302 -25.16 -45.99 -101.70
CA ALA LA 302 -24.72 -45.05 -102.72
C ALA LA 302 -24.48 -45.77 -104.05
N LYS LA 303 -23.89 -46.97 -104.00
CA LYS LA 303 -23.68 -47.82 -105.17
C LYS LA 303 -25.01 -48.14 -105.84
N TYR LA 304 -26.03 -48.56 -105.09
CA TYR LA 304 -27.36 -48.71 -105.67
C TYR LA 304 -27.86 -47.37 -106.24
N GLY LA 305 -27.67 -46.29 -105.48
CA GLY LA 305 -28.03 -44.93 -105.85
C GLY LA 305 -27.42 -44.46 -107.17
N SER LA 306 -26.25 -44.97 -107.56
CA SER LA 306 -25.66 -44.66 -108.86
C SER LA 306 -26.56 -45.10 -110.03
N LYS LA 307 -27.37 -46.14 -109.84
CA LYS LA 307 -28.35 -46.58 -110.84
C LYS LA 307 -29.56 -45.68 -110.89
N LEU LA 308 -29.94 -45.11 -109.74
CA LEU LA 308 -31.25 -44.46 -109.53
C LEU LA 308 -31.36 -43.01 -110.02
N THR LA 309 -30.28 -42.39 -110.52
CA THR LA 309 -30.38 -41.06 -111.16
C THR LA 309 -29.34 -40.83 -112.26
N ASP LA 310 -29.74 -40.08 -113.29
CA ASP LA 310 -28.84 -39.49 -114.30
C ASP LA 310 -28.53 -38.01 -114.00
N SER LA 311 -29.20 -37.38 -113.02
CA SER LA 311 -29.08 -35.94 -112.78
C SER LA 311 -27.77 -35.59 -112.08
N PRO LA 312 -26.91 -34.74 -112.67
CA PRO LA 312 -25.68 -34.29 -112.04
C PRO LA 312 -25.95 -33.62 -110.70
N GLU LA 313 -27.05 -32.87 -110.59
CA GLU LA 313 -27.44 -32.21 -109.35
C GLU LA 313 -27.62 -33.26 -108.25
N LEU LA 314 -28.43 -34.28 -108.50
CA LEU LA 314 -28.72 -35.29 -107.50
C LEU LA 314 -27.45 -36.07 -107.14
N LYS LA 315 -26.65 -36.46 -108.14
CA LYS LA 315 -25.34 -37.05 -107.87
C LYS LA 315 -24.51 -36.17 -106.95
N ARG LA 316 -24.35 -34.89 -107.29
CA ARG LA 316 -23.54 -33.94 -106.52
C ARG LA 316 -24.05 -33.83 -105.09
N GLU LA 317 -25.34 -33.62 -104.93
CA GLU LA 317 -25.90 -33.50 -103.59
C GLU LA 317 -25.71 -34.80 -102.80
N LEU LA 318 -25.90 -35.97 -103.42
CA LEU LA 318 -25.64 -37.23 -102.74
C LEU LA 318 -24.19 -37.28 -102.27
N TYR LA 319 -23.27 -36.92 -103.14
CA TYR LA 319 -21.87 -36.88 -102.77
C TYR LA 319 -21.65 -35.93 -101.60
N ARG LA 320 -22.22 -34.73 -101.70
CA ARG LA 320 -22.09 -33.72 -100.66
C ARG LA 320 -22.60 -34.27 -99.35
N ILE LA 321 -23.77 -34.89 -99.35
CA ILE LA 321 -24.33 -35.48 -98.14
C ILE LA 321 -23.38 -36.51 -97.55
N ILE LA 322 -22.83 -37.43 -98.35
CA ILE LA 322 -21.96 -38.43 -97.73
C ILE LA 322 -20.69 -37.75 -97.19
N SER LA 323 -20.20 -36.73 -97.87
CA SER LA 323 -19.06 -35.98 -97.36
C SER LA 323 -19.41 -35.27 -96.05
N GLU LA 324 -20.54 -34.59 -95.96
CA GLU LA 324 -21.00 -33.97 -94.72
C GLU LA 324 -21.12 -35.03 -93.63
N THR LA 325 -21.60 -36.21 -94.00
CA THR LA 325 -21.75 -37.33 -93.07
C THR LA 325 -20.40 -37.70 -92.52
N ALA LA 326 -19.43 -37.92 -93.40
CA ALA LA 326 -18.08 -38.22 -92.97
C ALA LA 326 -17.54 -37.12 -92.06
N LYS LA 327 -17.76 -35.85 -92.42
CA LYS LA 327 -17.28 -34.72 -91.63
C LYS LA 327 -17.91 -34.72 -90.24
N GLU LA 328 -19.20 -35.01 -90.13
CA GLU LA 328 -19.84 -35.11 -88.84
C GLU LA 328 -19.30 -36.29 -88.03
N LEU LA 329 -19.13 -37.46 -88.67
CA LEU LA 329 -18.57 -38.64 -88.02
C LEU LA 329 -17.19 -38.33 -87.45
N LEU LA 330 -16.36 -37.66 -88.24
CA LEU LA 330 -15.07 -37.18 -87.81
C LEU LA 330 -15.23 -36.25 -86.61
N LYS LA 331 -16.09 -35.23 -86.71
CA LYS LA 331 -16.26 -34.23 -85.66
C LYS LA 331 -16.65 -34.88 -84.33
N ILE LA 332 -17.57 -35.83 -84.38
CA ILE LA 332 -18.00 -36.58 -83.20
C ILE LA 332 -16.82 -37.37 -82.64
N LEU LA 333 -16.08 -38.11 -83.48
CA LEU LA 333 -14.97 -38.92 -82.99
C LEU LA 333 -13.87 -38.04 -82.36
N ALA LA 334 -13.62 -36.87 -82.95
CA ALA LA 334 -12.68 -35.88 -82.44
C ALA LA 334 -13.14 -35.32 -81.08
N GLU LA 335 -14.42 -34.96 -80.94
CA GLU LA 335 -14.98 -34.58 -79.64
C GLU LA 335 -14.88 -35.74 -78.62
N GLY LA 336 -15.00 -36.99 -79.11
CA GLY LA 336 -14.85 -38.20 -78.32
C GLY LA 336 -13.45 -38.41 -77.72
N GLY LA 337 -12.44 -37.63 -78.12
CA GLY LA 337 -11.11 -37.64 -77.50
C GLY LA 337 -10.26 -38.89 -77.76
N ALA LA 338 -10.56 -39.65 -78.82
CA ALA LA 338 -9.82 -40.86 -79.21
C ALA LA 338 -8.37 -40.55 -79.66
N THR LA 339 -7.51 -41.57 -79.70
CA THR LA 339 -6.17 -41.44 -80.31
C THR LA 339 -6.30 -41.06 -81.79
N PRO LA 340 -5.45 -40.14 -82.30
CA PRO LA 340 -5.46 -39.76 -83.71
C PRO LA 340 -5.41 -40.94 -84.68
N GLU LA 341 -4.86 -42.09 -84.28
CA GLU LA 341 -4.84 -43.28 -85.13
C GLU LA 341 -6.25 -43.72 -85.57
N GLN LA 342 -7.24 -43.64 -84.68
CA GLN LA 342 -8.61 -43.95 -85.07
C GLN LA 342 -9.08 -42.96 -86.14
N LEU LA 343 -8.80 -41.68 -85.92
CA LEU LA 343 -9.17 -40.63 -86.87
C LEU LA 343 -8.45 -40.81 -88.20
N GLU LA 344 -7.20 -41.27 -88.21
CA GLU LA 344 -6.53 -41.64 -89.46
C GLU LA 344 -7.28 -42.79 -90.14
N ARG LA 345 -7.49 -43.90 -89.43
CA ARG LA 345 -8.16 -45.09 -89.97
C ARG LA 345 -9.48 -44.71 -90.62
N VAL LA 346 -10.29 -43.95 -89.88
CA VAL LA 346 -11.57 -43.45 -90.38
C VAL LA 346 -11.37 -42.53 -91.57
N THR LA 347 -10.47 -41.55 -91.49
CA THR LA 347 -10.27 -40.58 -92.57
C THR LA 347 -9.88 -41.28 -93.85
N LYS LA 348 -8.95 -42.22 -93.74
CA LYS LA 348 -8.50 -43.05 -94.85
C LYS LA 348 -9.69 -43.80 -95.44
N HIS LA 349 -10.41 -44.55 -94.62
CA HIS LA 349 -11.52 -45.34 -95.14
C HIS LA 349 -12.58 -44.44 -95.77
N ALA LA 350 -12.86 -43.29 -95.17
CA ALA LA 350 -13.82 -42.33 -95.69
C ALA LA 350 -13.36 -41.81 -97.05
N LEU LA 351 -12.11 -41.41 -97.18
CA LEU LA 351 -11.58 -41.00 -98.46
C LEU LA 351 -11.73 -42.14 -99.47
N GLU LA 352 -11.39 -43.37 -99.10
CA GLU LA 352 -11.54 -44.51 -100.00
C GLU LA 352 -12.98 -44.70 -100.44
N VAL LA 353 -13.92 -44.68 -99.49
CA VAL LA 353 -15.34 -44.78 -99.80
C VAL LA 353 -15.74 -43.65 -100.74
N LEU LA 354 -15.38 -42.41 -100.42
CA LEU LA 354 -15.70 -41.29 -101.26
C LEU LA 354 -15.14 -41.52 -102.65
N LYS LA 355 -13.91 -42.00 -102.76
CA LYS LA 355 -13.28 -42.29 -104.04
C LYS LA 355 -14.08 -43.34 -104.80
N GLU LA 356 -14.43 -44.44 -104.16
CA GLU LA 356 -15.24 -45.47 -104.80
C GLU LA 356 -16.57 -44.90 -105.27
N VAL LA 357 -17.23 -44.09 -104.44
CA VAL LA 357 -18.51 -43.50 -104.83
C VAL LA 357 -18.31 -42.53 -105.97
N ALA LA 358 -17.24 -41.73 -105.98
CA ALA LA 358 -16.96 -40.86 -107.11
C ALA LA 358 -16.78 -41.70 -108.37
N LYS LA 359 -16.03 -42.80 -108.28
CA LYS LA 359 -15.79 -43.70 -109.40
C LYS LA 359 -17.07 -44.31 -109.94
N GLU LA 360 -18.04 -44.62 -109.09
CA GLU LA 360 -19.37 -45.03 -109.55
C GLU LA 360 -20.13 -43.86 -110.21
N LEU LA 361 -20.07 -42.67 -109.63
CA LEU LA 361 -20.88 -41.54 -110.08
C LEU LA 361 -20.38 -40.92 -111.38
N ALA LA 362 -19.06 -40.83 -111.57
CA ALA LA 362 -18.47 -39.88 -112.51
C ALA LA 362 -18.84 -40.12 -113.99
N ASP LA 363 -19.19 -39.05 -114.71
CA ASP LA 363 -19.60 -39.08 -116.12
C ASP LA 363 -19.28 -37.78 -116.91
N SER LA 364 -18.83 -36.73 -116.23
CA SER LA 364 -18.57 -35.38 -116.80
C SER LA 364 -17.50 -34.65 -115.98
N PRO LA 365 -16.69 -33.74 -116.57
CA PRO LA 365 -15.70 -32.95 -115.82
C PRO LA 365 -16.29 -32.24 -114.60
N GLU LA 366 -17.54 -31.80 -114.67
CA GLU LA 366 -18.26 -31.20 -113.53
C GLU LA 366 -18.22 -32.12 -112.32
N SER LA 367 -18.52 -33.41 -112.53
CA SER LA 367 -18.51 -34.41 -111.47
C SER LA 367 -17.09 -34.63 -110.93
N GLY LA 368 -16.08 -34.53 -111.78
CA GLY LA 368 -14.68 -34.53 -111.34
C GLY LA 368 -14.41 -33.35 -110.43
N LEU LA 369 -14.73 -32.14 -110.88
CA LEU LA 369 -14.55 -30.92 -110.10
C LEU LA 369 -15.20 -31.05 -108.74
N ALA LA 370 -16.48 -31.42 -108.72
CA ALA LA 370 -17.20 -31.61 -107.48
C ALA LA 370 -16.52 -32.67 -106.60
N ALA LA 371 -16.16 -33.81 -107.15
CA ALA LA 371 -15.54 -34.88 -106.38
C ALA LA 371 -14.24 -34.39 -105.76
N LEU LA 372 -13.39 -33.77 -106.56
CA LEU LA 372 -12.16 -33.16 -106.08
C LEU LA 372 -12.46 -32.21 -104.95
N ALA LA 373 -13.38 -31.27 -105.17
CA ALA LA 373 -13.71 -30.26 -104.20
C ALA LA 373 -14.13 -30.88 -102.87
N ALA LA 374 -14.99 -31.89 -102.94
CA ALA LA 374 -15.43 -32.60 -101.76
C ALA LA 374 -14.28 -33.33 -101.08
N ILE LA 375 -13.49 -34.10 -101.82
CA ILE LA 375 -12.33 -34.81 -101.29
C ILE LA 375 -11.44 -33.83 -100.55
N ALA LA 376 -11.11 -32.73 -101.20
CA ALA LA 376 -10.30 -31.68 -100.64
C ALA LA 376 -10.94 -31.14 -99.37
N SER LA 377 -12.24 -30.87 -99.37
CA SER LA 377 -12.89 -30.34 -98.18
C SER LA 377 -12.77 -31.33 -97.02
N LEU LA 378 -12.93 -32.63 -97.28
CA LEU LA 378 -12.78 -33.64 -96.25
C LEU LA 378 -11.34 -33.63 -95.75
N ALA LA 379 -10.38 -33.58 -96.67
CA ALA LA 379 -8.98 -33.49 -96.31
C ALA LA 379 -8.73 -32.25 -95.44
N LYS LA 380 -9.36 -31.12 -95.74
CA LYS LA 380 -9.20 -29.88 -94.98
C LYS LA 380 -9.64 -30.07 -93.55
N LEU LA 381 -10.81 -30.64 -93.33
CA LEU LA 381 -11.24 -30.95 -91.97
C LEU LA 381 -10.31 -31.98 -91.31
N GLY LA 382 -9.83 -32.96 -92.08
CA GLY LA 382 -8.86 -33.94 -91.60
C GLY LA 382 -7.61 -33.27 -91.03
N LEU LA 383 -7.01 -32.37 -91.81
CA LEU LA 383 -5.87 -31.60 -91.37
C LEU LA 383 -6.23 -30.73 -90.16
N GLU LA 384 -7.42 -30.13 -90.17
CA GLU LA 384 -7.89 -29.30 -89.07
C GLU LA 384 -7.99 -30.09 -87.76
N GLN LA 385 -8.51 -31.32 -87.76
CA GLN LA 385 -8.56 -32.10 -86.51
C GLN LA 385 -7.17 -32.53 -86.05
N LEU LA 386 -6.25 -32.89 -86.96
CA LEU LA 386 -4.87 -33.20 -86.55
C LEU LA 386 -4.19 -31.98 -85.94
N LYS LA 387 -4.44 -30.78 -86.50
CA LYS LA 387 -3.95 -29.52 -85.93
C LYS LA 387 -4.55 -29.28 -84.55
N GLU LA 388 -5.87 -29.44 -84.41
CA GLU LA 388 -6.58 -29.21 -83.15
C GLU LA 388 -6.09 -30.14 -82.03
N ILE LA 389 -5.92 -31.43 -82.30
CA ILE LA 389 -5.38 -32.39 -81.31
C ILE LA 389 -3.87 -32.24 -81.12
N GLY LA 390 -3.18 -31.50 -81.98
CA GLY LA 390 -1.73 -31.33 -81.94
C GLY LA 390 -0.95 -32.61 -82.28
N ALA LA 391 -1.45 -33.41 -83.23
CA ALA LA 391 -0.82 -34.67 -83.65
C ALA LA 391 0.60 -34.45 -84.22
N PRO LA 392 1.52 -35.43 -84.11
CA PRO LA 392 2.88 -35.26 -84.58
C PRO LA 392 2.92 -35.08 -86.10
N PRO LA 393 3.86 -34.28 -86.63
CA PRO LA 393 3.94 -33.98 -88.05
C PRO LA 393 3.87 -35.21 -88.96
N GLU LA 394 4.44 -36.35 -88.55
CA GLU LA 394 4.39 -37.56 -89.36
C GLU LA 394 2.95 -37.98 -89.70
N GLN LA 395 2.03 -37.91 -88.72
CA GLN LA 395 0.62 -38.19 -88.99
C GLN LA 395 0.05 -37.20 -90.01
N GLN LA 396 0.36 -35.92 -89.82
CA GLN LA 396 -0.10 -34.85 -90.71
C GLN LA 396 0.36 -35.13 -92.14
N ARG LA 397 1.63 -35.45 -92.30
CA ARG LA 397 2.22 -35.79 -93.60
C ARG LA 397 1.57 -37.05 -94.15
N ARG LA 398 1.44 -38.11 -93.37
CA ARG LA 398 0.83 -39.38 -93.78
C ARG LA 398 -0.54 -39.13 -94.41
N VAL LA 399 -1.45 -38.47 -93.68
CA VAL LA 399 -2.78 -38.23 -94.25
C VAL LA 399 -2.71 -37.28 -95.43
N THR LA 400 -1.82 -36.29 -95.42
CA THR LA 400 -1.72 -35.35 -96.54
C THR LA 400 -1.31 -36.07 -97.81
N LYS LA 401 -0.29 -36.91 -97.71
CA LYS LA 401 0.18 -37.77 -98.81
C LYS LA 401 -0.94 -38.67 -99.28
N ALA LA 402 -1.63 -39.35 -98.37
CA ALA LA 402 -2.79 -40.15 -98.73
C ALA LA 402 -3.84 -39.32 -99.47
N GLY LA 403 -4.10 -38.10 -99.02
CA GLY LA 403 -5.02 -37.17 -99.66
C GLY LA 403 -4.56 -36.86 -101.08
N ILE LA 404 -3.30 -36.49 -101.24
CA ILE LA 404 -2.72 -36.25 -102.55
C ILE LA 404 -2.89 -37.49 -103.43
N GLU LA 405 -2.58 -38.68 -102.92
CA GLU LA 405 -2.73 -39.93 -103.67
C GLU LA 405 -4.17 -40.15 -104.11
N ALA LA 406 -5.14 -39.94 -103.23
CA ALA LA 406 -6.54 -40.05 -103.59
C ALA LA 406 -6.88 -39.04 -104.69
N VAL LA 407 -6.45 -37.80 -104.54
CA VAL LA 407 -6.68 -36.75 -105.54
C VAL LA 407 -6.07 -37.15 -106.87
N ARG LA 408 -4.86 -37.69 -106.85
CA ARG LA 408 -4.18 -38.19 -108.04
C ARG LA 408 -5.00 -39.30 -108.69
N GLU LA 409 -5.51 -40.23 -107.90
CA GLU LA 409 -6.39 -41.28 -108.41
C GLU LA 409 -7.65 -40.69 -109.06
N ILE LA 410 -8.27 -39.69 -108.42
CA ILE LA 410 -9.43 -39.03 -109.00
C ILE LA 410 -9.05 -38.36 -110.32
N TYR LA 411 -7.93 -37.66 -110.39
CA TYR LA 411 -7.46 -37.05 -111.63
C TYR LA 411 -7.26 -38.12 -112.70
N ARG LA 412 -6.56 -39.20 -112.37
CA ARG LA 412 -6.29 -40.31 -113.28
C ARG LA 412 -7.57 -40.98 -113.76
N TYR LA 413 -8.58 -41.10 -112.90
CA TYR LA 413 -9.89 -41.61 -113.31
C TYR LA 413 -10.59 -40.62 -114.25
N GLY LA 414 -10.56 -39.32 -113.93
CA GLY LA 414 -11.15 -38.28 -114.76
C GLY LA 414 -10.52 -38.20 -116.15
N ARG LA 415 -9.21 -38.42 -116.25
CA ARG LA 415 -8.43 -38.45 -117.49
C ARG LA 415 -8.99 -39.43 -118.54
N LYS LA 416 -9.78 -40.44 -118.14
CA LYS LA 416 -10.46 -41.35 -119.07
C LYS LA 416 -11.44 -40.62 -120.02
N LEU LA 417 -12.02 -39.51 -119.56
CA LEU LA 417 -13.10 -38.79 -120.25
C LEU LA 417 -12.69 -37.41 -120.78
N TYR LA 418 -11.54 -36.87 -120.33
CA TYR LA 418 -11.15 -35.47 -120.55
C TYR LA 418 -9.63 -35.30 -120.70
N ASP MA 3 -49.80 64.25 -53.79
CA ASP MA 3 -50.85 65.28 -53.65
C ASP MA 3 -50.56 66.56 -54.43
N ASP MA 4 -49.49 67.28 -54.11
CA ASP MA 4 -49.24 68.63 -54.66
C ASP MA 4 -49.28 68.69 -56.18
N LEU MA 5 -48.88 67.61 -56.86
CA LEU MA 5 -49.00 67.47 -58.31
C LEU MA 5 -50.38 67.91 -58.80
N LEU MA 6 -51.45 67.50 -58.12
CA LEU MA 6 -52.80 67.84 -58.54
C LEU MA 6 -53.01 69.36 -58.50
N LEU MA 7 -52.63 69.97 -57.39
CA LEU MA 7 -52.69 71.42 -57.29
C LEU MA 7 -51.82 72.05 -58.38
N LYS MA 8 -50.65 71.49 -58.65
CA LYS MA 8 -49.79 72.02 -59.69
C LYS MA 8 -50.41 71.87 -61.07
N LEU MA 9 -51.17 70.82 -61.35
CA LEU MA 9 -51.94 70.79 -62.59
C LEU MA 9 -52.88 71.97 -62.63
N LEU MA 10 -53.60 72.23 -61.55
CA LEU MA 10 -54.49 73.38 -61.54
C LEU MA 10 -53.69 74.66 -61.75
N GLU MA 11 -52.53 74.80 -61.13
CA GLU MA 11 -51.69 75.97 -61.32
C GLU MA 11 -51.30 76.12 -62.79
N LEU MA 12 -50.87 75.03 -63.41
CA LEU MA 12 -50.53 75.03 -64.82
C LEU MA 12 -51.73 75.44 -65.65
N LEU MA 13 -52.89 74.87 -65.34
CA LEU MA 13 -54.11 75.22 -66.02
C LEU MA 13 -54.41 76.70 -65.83
N VAL MA 14 -54.25 77.25 -64.63
CA VAL MA 14 -54.51 78.67 -64.39
C VAL MA 14 -53.56 79.51 -65.20
N GLU MA 15 -52.28 79.17 -65.17
CA GLU MA 15 -51.30 79.94 -65.91
C GLU MA 15 -51.64 79.89 -67.41
N GLN MA 16 -51.95 78.70 -67.92
CA GLN MA 16 -52.37 78.54 -69.29
C GLN MA 16 -53.62 79.36 -69.56
N ALA MA 17 -54.58 79.38 -68.64
CA ALA MA 17 -55.78 80.16 -68.79
C ALA MA 17 -55.41 81.64 -68.90
N ARG MA 18 -54.48 82.14 -68.07
CA ARG MA 18 -54.05 83.54 -68.19
C ARG MA 18 -53.42 83.78 -69.55
N VAL MA 19 -52.45 82.97 -69.93
CA VAL MA 19 -51.69 83.19 -71.17
C VAL MA 19 -52.61 83.12 -72.37
N SER MA 20 -53.45 82.09 -72.42
CA SER MA 20 -54.45 81.97 -73.48
C SER MA 20 -55.45 83.12 -73.43
N ALA MA 21 -55.84 83.63 -72.27
CA ALA MA 21 -56.75 84.78 -72.20
C ALA MA 21 -56.07 86.06 -72.71
N GLU MA 22 -54.82 86.31 -72.35
CA GLU MA 22 -54.08 87.45 -72.90
C GLU MA 22 -53.99 87.34 -74.42
N PHE MA 23 -53.67 86.15 -74.92
CA PHE MA 23 -53.70 85.86 -76.36
C PHE MA 23 -55.08 86.13 -76.95
N ALA MA 24 -56.15 85.59 -76.36
CA ALA MA 24 -57.50 85.77 -76.86
C ALA MA 24 -57.93 87.24 -76.84
N ARG MA 25 -57.46 88.04 -75.86
CA ARG MA 25 -57.66 89.49 -75.83
C ARG MA 25 -56.93 90.20 -76.96
N ARG MA 26 -55.74 89.73 -77.36
CA ARG MA 26 -55.09 90.20 -78.59
C ARG MA 26 -55.89 89.81 -79.84
N GLN MA 27 -56.45 88.60 -79.88
CA GLN MA 27 -57.25 88.13 -81.04
C GLN MA 27 -58.67 88.70 -81.12
N GLY MA 28 -59.27 89.13 -80.00
CA GLY MA 28 -60.71 89.39 -79.91
C GLY MA 28 -61.55 88.10 -79.93
N ASP MA 29 -60.98 86.96 -79.54
CA ASP MA 29 -61.65 85.67 -79.59
C ASP MA 29 -62.57 85.46 -78.38
N GLU MA 30 -63.77 86.04 -78.45
CA GLU MA 30 -64.78 85.94 -77.39
C GLU MA 30 -65.16 84.49 -77.09
N LYS MA 31 -65.14 83.61 -78.08
CA LYS MA 31 -65.44 82.19 -77.89
C LYS MA 31 -64.36 81.53 -77.04
N MET MA 32 -63.09 81.79 -77.34
CA MET MA 32 -62.02 81.32 -76.48
C MET MA 32 -62.16 81.91 -75.09
N LEU MA 33 -62.42 83.22 -74.96
CA LEU MA 33 -62.60 83.83 -73.65
C LEU MA 33 -63.70 83.15 -72.84
N GLU MA 34 -64.85 82.89 -73.46
CA GLU MA 34 -65.93 82.12 -72.84
C GLU MA 34 -65.44 80.74 -72.40
N GLU MA 35 -64.78 80.00 -73.29
CA GLU MA 35 -64.33 78.65 -72.99
C GLU MA 35 -63.30 78.63 -71.85
N VAL MA 36 -62.30 79.51 -71.90
CA VAL MA 36 -61.30 79.55 -70.82
C VAL MA 36 -61.93 80.07 -69.55
N ALA MA 37 -62.92 80.97 -69.61
CA ALA MA 37 -63.61 81.40 -68.40
C ALA MA 37 -64.35 80.23 -67.76
N ARG MA 38 -65.07 79.42 -68.56
CA ARG MA 38 -65.69 78.19 -68.05
C ARG MA 38 -64.62 77.32 -67.42
N LYS MA 39 -63.52 77.08 -68.14
CA LYS MA 39 -62.42 76.26 -67.65
C LYS MA 39 -61.87 76.80 -66.33
N ALA MA 40 -61.71 78.11 -66.24
CA ALA MA 40 -61.17 78.75 -65.05
C ALA MA 40 -62.15 78.62 -63.89
N GLU MA 41 -63.45 78.74 -64.12
CA GLU MA 41 -64.42 78.48 -63.06
C GLU MA 41 -64.34 77.02 -62.61
N GLU MA 42 -64.28 76.08 -63.55
CA GLU MA 42 -64.21 74.65 -63.20
C GLU MA 42 -62.92 74.32 -62.47
N VAL MA 43 -61.79 74.87 -62.90
CA VAL MA 43 -60.53 74.73 -62.18
C VAL MA 43 -60.67 75.32 -60.78
N ALA MA 44 -61.28 76.49 -60.65
CA ALA MA 44 -61.52 77.08 -59.35
C ALA MA 44 -62.40 76.16 -58.49
N ARG MA 45 -63.42 75.54 -59.09
CA ARG MA 45 -64.24 74.55 -58.39
C ARG MA 45 -63.38 73.39 -57.92
N LYS MA 46 -62.53 72.82 -58.78
CA LYS MA 46 -61.62 71.75 -58.38
C LYS MA 46 -60.78 72.18 -57.19
N ALA MA 47 -60.19 73.37 -57.27
CA ALA MA 47 -59.38 73.92 -56.18
C ALA MA 47 -60.20 74.05 -54.89
N GLU MA 48 -61.39 74.63 -54.97
CA GLU MA 48 -62.27 74.81 -53.83
C GLU MA 48 -62.63 73.46 -53.21
N GLU MA 49 -63.01 72.48 -54.02
CA GLU MA 49 -63.32 71.14 -53.54
C GLU MA 49 -62.11 70.51 -52.83
N ILE MA 50 -60.92 70.62 -53.43
CA ILE MA 50 -59.70 70.12 -52.80
C ILE MA 50 -59.46 70.85 -51.48
N ALA MA 51 -59.61 72.17 -51.45
CA ALA MA 51 -59.40 72.96 -50.26
C ALA MA 51 -60.35 72.54 -49.12
N ARG MA 52 -61.64 72.36 -49.43
CA ARG MA 52 -62.62 71.88 -48.43
C ARG MA 52 -62.20 70.53 -47.85
N LYS MA 53 -61.67 69.62 -48.69
CA LYS MA 53 -61.10 68.35 -48.20
C LYS MA 53 -59.89 68.61 -47.31
N ALA MA 54 -58.91 69.37 -47.80
CA ALA MA 54 -57.69 69.66 -47.07
C ALA MA 54 -57.95 70.30 -45.70
N ARG MA 55 -59.02 71.10 -45.57
CA ARG MA 55 -59.44 71.70 -44.30
C ARG MA 55 -59.71 70.64 -43.23
N LYS MA 56 -60.21 69.46 -43.62
CA LYS MA 56 -60.35 68.31 -42.71
C LYS MA 56 -59.01 67.67 -42.38
N GLU MA 57 -58.16 67.50 -43.39
CA GLU MA 57 -56.85 66.84 -43.24
C GLU MA 57 -55.87 67.67 -42.39
N GLY MA 58 -56.01 69.00 -42.38
CA GLY MA 58 -55.26 69.90 -41.50
C GLY MA 58 -53.88 70.33 -41.98
N ASN MA 59 -53.44 69.97 -43.20
CA ASN MA 59 -52.23 70.53 -43.80
C ASN MA 59 -52.50 71.97 -44.28
N LEU MA 60 -52.15 72.94 -43.44
CA LEU MA 60 -52.41 74.35 -43.72
C LEU MA 60 -51.67 74.80 -44.99
N GLU MA 61 -50.47 74.31 -45.24
CA GLU MA 61 -49.71 74.69 -46.43
C GLU MA 61 -50.48 74.30 -47.70
N LEU MA 62 -51.01 73.09 -47.77
CA LEU MA 62 -51.83 72.68 -48.90
C LEU MA 62 -53.06 73.58 -49.03
N ALA MA 63 -53.74 73.86 -47.92
CA ALA MA 63 -54.91 74.73 -47.99
C ALA MA 63 -54.52 76.10 -48.54
N LEU MA 64 -53.44 76.68 -48.02
CA LEU MA 64 -52.95 77.95 -48.47
C LEU MA 64 -52.57 77.89 -49.94
N LYS MA 65 -51.88 76.84 -50.38
CA LYS MA 65 -51.57 76.64 -51.80
C LYS MA 65 -52.86 76.67 -52.61
N ALA MA 66 -53.85 75.90 -52.20
CA ALA MA 66 -55.11 75.84 -52.91
C ALA MA 66 -55.80 77.20 -52.94
N LEU MA 67 -55.74 77.93 -51.84
CA LEU MA 67 -56.28 79.27 -51.78
C LEU MA 67 -55.50 80.19 -52.71
N GLU MA 68 -54.19 80.11 -52.76
CA GLU MA 68 -53.38 80.94 -53.65
C GLU MA 68 -53.78 80.67 -55.10
N ILE MA 69 -53.92 79.39 -55.46
CA ILE MA 69 -54.41 79.02 -56.77
C ILE MA 69 -55.79 79.65 -56.97
N LEU MA 70 -56.67 79.55 -55.99
CA LEU MA 70 -58.00 80.14 -56.10
C LEU MA 70 -57.90 81.65 -56.33
N VAL MA 71 -56.99 82.33 -55.66
CA VAL MA 71 -56.81 83.77 -55.82
C VAL MA 71 -56.39 84.07 -57.24
N ARG MA 72 -55.42 83.33 -57.78
CA ARG MA 72 -55.01 83.53 -59.16
C ARG MA 72 -56.17 83.25 -60.11
N ALA MA 73 -56.92 82.18 -59.85
CA ALA MA 73 -58.06 81.82 -60.68
C ALA MA 73 -59.12 82.91 -60.65
N ALA MA 74 -59.40 83.44 -59.48
CA ALA MA 74 -60.28 84.58 -59.33
C ALA MA 74 -59.74 85.75 -60.12
N HIS MA 75 -58.43 86.01 -60.07
CA HIS MA 75 -57.86 87.15 -60.78
C HIS MA 75 -58.16 87.06 -62.27
N VAL MA 76 -57.84 85.92 -62.89
CA VAL MA 76 -58.12 85.80 -64.32
C VAL MA 76 -59.63 85.86 -64.59
N LEU MA 77 -60.45 85.26 -63.73
CA LEU MA 77 -61.89 85.28 -63.93
C LEU MA 77 -62.41 86.72 -63.92
N ALA MA 78 -61.98 87.49 -62.92
CA ALA MA 78 -62.35 88.90 -62.80
C ALA MA 78 -61.78 89.70 -63.97
N GLU MA 79 -60.54 89.45 -64.36
CA GLU MA 79 -59.88 90.17 -65.45
C GLU MA 79 -60.67 90.00 -66.75
N ILE MA 80 -61.15 88.78 -67.04
CA ILE MA 80 -62.01 88.52 -68.19
C ILE MA 80 -63.38 89.20 -67.98
N ALA MA 81 -64.00 88.96 -66.83
CA ALA MA 81 -65.34 89.45 -66.55
C ALA MA 81 -65.45 90.97 -66.64
N ARG MA 82 -64.39 91.70 -66.26
CA ARG MA 82 -64.33 93.16 -66.29
C ARG MA 82 -64.52 93.71 -67.70
N GLU MA 83 -63.69 93.29 -68.64
CA GLU MA 83 -63.82 93.75 -70.04
C GLU MA 83 -65.11 93.23 -70.68
N ARG MA 84 -65.57 92.05 -70.26
CA ARG MA 84 -66.88 91.51 -70.67
C ARG MA 84 -68.07 92.28 -70.08
N GLY MA 85 -67.85 93.09 -69.03
CA GLY MA 85 -68.92 93.74 -68.26
C GLY MA 85 -69.81 92.76 -67.49
N ASN MA 86 -69.32 91.55 -67.21
CA ASN MA 86 -70.08 90.48 -66.57
C ASN MA 86 -70.12 90.66 -65.05
N GLU MA 87 -71.28 90.98 -64.51
CA GLU MA 87 -71.44 91.15 -63.06
C GLU MA 87 -71.41 89.83 -62.30
N GLU MA 88 -72.03 88.77 -62.81
CA GLU MA 88 -72.18 87.50 -62.09
C GLU MA 88 -70.82 86.92 -61.72
N LEU MA 89 -69.88 86.90 -62.66
CA LEU MA 89 -68.51 86.48 -62.42
C LEU MA 89 -67.81 87.40 -61.42
N GLN MA 90 -67.95 88.72 -61.55
CA GLN MA 90 -67.31 89.65 -60.60
C GLN MA 90 -67.86 89.46 -59.19
N LYS MA 91 -69.16 89.23 -59.05
CA LYS MA 91 -69.82 88.93 -57.78
C LYS MA 91 -69.34 87.59 -57.22
N LYS MA 92 -69.34 86.54 -58.05
CA LYS MA 92 -68.79 85.22 -57.70
C LYS MA 92 -67.38 85.35 -57.16
N ALA MA 93 -66.50 85.98 -57.93
CA ALA MA 93 -65.11 86.19 -57.55
C ALA MA 93 -65.00 86.98 -56.25
N HIS MA 94 -65.73 88.09 -56.11
CA HIS MA 94 -65.69 88.88 -54.88
C HIS MA 94 -66.11 88.06 -53.66
N LYS MA 95 -67.24 87.35 -53.75
CA LYS MA 95 -67.72 86.49 -52.67
C LYS MA 95 -66.72 85.39 -52.35
N LEU MA 96 -66.21 84.71 -53.37
CA LEU MA 96 -65.19 83.69 -53.20
C LEU MA 96 -63.97 84.29 -52.52
N ALA MA 97 -63.53 85.48 -52.92
CA ALA MA 97 -62.39 86.14 -52.33
C ALA MA 97 -62.64 86.48 -50.86
N LYS MA 98 -63.85 86.95 -50.51
CA LYS MA 98 -64.20 87.21 -49.12
C LYS MA 98 -64.16 85.91 -48.32
N GLU MA 99 -64.74 84.84 -48.87
CA GLU MA 99 -64.72 83.52 -48.25
C GLU MA 99 -63.29 83.02 -48.09
N ALA MA 100 -62.45 83.25 -49.09
CA ALA MA 100 -61.04 82.93 -49.01
C ALA MA 100 -60.41 83.73 -47.88
N LEU MA 101 -60.69 85.03 -47.79
CA LEU MA 101 -60.13 85.85 -46.73
C LEU MA 101 -60.54 85.31 -45.37
N ARG MA 102 -61.81 84.95 -45.19
CA ARG MA 102 -62.28 84.28 -43.99
C ARG MA 102 -61.47 83.03 -43.72
N GLN MA 103 -61.37 82.13 -44.70
CA GLN MA 103 -60.63 80.89 -44.51
C GLN MA 103 -59.17 81.17 -44.17
N VAL MA 104 -58.53 82.14 -44.83
CA VAL MA 104 -57.16 82.54 -44.54
C VAL MA 104 -57.06 83.05 -43.12
N ILE MA 105 -57.99 83.89 -42.67
CA ILE MA 105 -57.99 84.39 -41.31
C ILE MA 105 -58.12 83.23 -40.34
N GLU MA 106 -59.04 82.31 -40.58
CA GLU MA 106 -59.21 81.14 -39.73
C GLU MA 106 -57.94 80.29 -39.70
N ILE MA 107 -57.32 80.09 -40.86
CA ILE MA 107 -56.04 79.41 -40.95
C ILE MA 107 -55.02 80.18 -40.12
N ALA MA 108 -54.96 81.50 -40.22
CA ALA MA 108 -54.00 82.30 -39.49
C ALA MA 108 -54.22 82.19 -37.98
N ILE MA 109 -55.47 82.23 -37.55
CA ILE MA 109 -55.81 81.99 -36.15
C ILE MA 109 -55.33 80.59 -35.76
N ARG MA 110 -55.64 79.55 -36.54
CA ARG MA 110 -55.22 78.19 -36.22
C ARG MA 110 -53.70 78.07 -36.17
N ALA MA 111 -53.01 78.68 -37.13
CA ALA MA 111 -51.56 78.65 -37.19
C ALA MA 111 -50.95 79.33 -35.96
N ILE MA 112 -51.51 80.45 -35.51
CA ILE MA 112 -51.11 81.07 -34.26
C ILE MA 112 -51.41 80.11 -33.10
N GLN MA 113 -52.58 79.46 -33.12
CA GLN MA 113 -53.01 78.56 -32.05
C GLN MA 113 -52.10 77.34 -31.91
N GLU MA 114 -51.59 76.80 -33.02
CA GLU MA 114 -50.60 75.73 -33.02
C GLU MA 114 -49.17 76.24 -32.78
N GLY MA 115 -48.85 77.45 -33.24
CA GLY MA 115 -47.65 78.20 -32.86
C GLY MA 115 -46.50 78.26 -33.88
N ASN MA 116 -46.55 77.59 -35.03
CA ASN MA 116 -45.54 77.81 -36.09
C ASN MA 116 -45.88 79.05 -36.92
N LEU MA 117 -45.34 80.19 -36.52
CA LEU MA 117 -45.72 81.51 -37.06
C LEU MA 117 -45.44 81.64 -38.56
N GLU MA 118 -44.54 80.85 -39.14
CA GLU MA 118 -44.26 80.93 -40.57
C GLU MA 118 -45.52 80.69 -41.39
N LEU MA 119 -46.34 79.70 -41.01
CA LEU MA 119 -47.58 79.44 -41.71
C LEU MA 119 -48.48 80.67 -41.66
N ALA MA 120 -48.62 81.27 -40.49
CA ALA MA 120 -49.43 82.48 -40.32
C ALA MA 120 -48.87 83.61 -41.19
N ILE MA 121 -47.56 83.80 -41.20
CA ILE MA 121 -46.91 84.83 -42.00
C ILE MA 121 -47.20 84.58 -43.48
N ILE MA 122 -47.05 83.36 -43.95
CA ILE MA 122 -47.32 83.00 -45.34
C ILE MA 122 -48.79 83.28 -45.65
N ALA MA 123 -49.69 82.83 -44.78
CA ALA MA 123 -51.10 83.09 -44.93
C ALA MA 123 -51.35 84.59 -45.01
N LEU MA 124 -50.65 85.38 -44.21
CA LEU MA 124 -50.80 86.81 -44.19
C LEU MA 124 -50.28 87.39 -45.51
N HIS MA 125 -49.20 86.84 -46.08
CA HIS MA 125 -48.77 87.23 -47.42
C HIS MA 125 -49.85 86.93 -48.46
N ILE MA 126 -50.44 85.75 -48.38
CA ILE MA 126 -51.56 85.41 -49.24
C ILE MA 126 -52.68 86.40 -48.98
N SER MA 127 -52.92 86.83 -47.75
CA SER MA 127 -53.94 87.84 -47.50
C SER MA 127 -53.60 89.12 -48.22
N VAL MA 128 -52.33 89.50 -48.31
CA VAL MA 128 -51.95 90.66 -49.11
C VAL MA 128 -52.26 90.40 -50.57
N ARG MA 129 -52.03 89.19 -51.09
CA ARG MA 129 -52.45 88.88 -52.46
C ARG MA 129 -53.96 88.97 -52.59
N ILE MA 130 -54.71 88.47 -51.62
CA ILE MA 130 -56.15 88.63 -51.60
C ILE MA 130 -56.49 90.11 -51.63
N ALA MA 131 -55.79 90.92 -50.85
CA ALA MA 131 -56.00 92.34 -50.85
C ALA MA 131 -55.75 92.93 -52.24
N GLU MA 132 -54.68 92.56 -52.94
CA GLU MA 132 -54.43 93.02 -54.30
C GLU MA 132 -55.60 92.66 -55.23
N VAL MA 133 -56.04 91.41 -55.18
CA VAL MA 133 -57.13 90.97 -56.05
C VAL MA 133 -58.42 91.68 -55.68
N LEU MA 134 -58.75 91.76 -54.39
CA LEU MA 134 -59.90 92.50 -53.91
C LEU MA 134 -59.80 93.95 -54.36
N LEU MA 135 -58.63 94.55 -54.26
CA LEU MA 135 -58.41 95.96 -54.57
C LEU MA 135 -58.74 96.20 -56.04
N GLU MA 136 -58.26 95.36 -56.94
CA GLU MA 136 -58.67 95.52 -58.33
C GLU MA 136 -60.13 95.14 -58.56
N THR MA 137 -60.70 94.24 -57.75
CA THR MA 137 -62.11 93.86 -57.86
C THR MA 137 -63.05 95.01 -57.50
N ARG MA 138 -62.73 95.75 -56.43
CA ARG MA 138 -63.51 96.87 -55.88
C ARG MA 138 -62.56 97.97 -55.37
N PRO MA 139 -62.06 98.86 -56.25
CA PRO MA 139 -61.17 99.95 -55.87
C PRO MA 139 -61.91 101.11 -55.15
N ASP MA 140 -63.24 101.12 -55.17
CA ASP MA 140 -64.12 102.15 -54.62
C ASP MA 140 -64.44 101.97 -53.13
N ASP MA 141 -64.85 100.78 -52.69
CA ASP MA 141 -65.27 100.54 -51.31
C ASP MA 141 -64.10 100.44 -50.33
N ARG MA 142 -63.86 101.51 -49.56
CA ARG MA 142 -62.82 101.54 -48.54
C ARG MA 142 -63.05 100.53 -47.40
N GLU MA 143 -64.30 100.17 -47.11
CA GLU MA 143 -64.64 99.59 -45.81
C GLU MA 143 -64.07 98.18 -45.67
N GLU MA 144 -64.30 97.33 -46.67
CA GLU MA 144 -63.73 95.98 -46.68
C GLU MA 144 -62.21 96.03 -46.54
N ILE MA 145 -61.57 96.94 -47.29
CA ILE MA 145 -60.12 97.13 -47.26
C ILE MA 145 -59.70 97.56 -45.86
N ARG MA 146 -60.37 98.55 -45.27
CA ARG MA 146 -60.03 99.03 -43.95
C ARG MA 146 -60.22 97.93 -42.90
N GLU MA 147 -61.25 97.12 -43.02
CA GLU MA 147 -61.41 95.95 -42.16
C GLU MA 147 -60.22 95.01 -42.31
N GLN MA 148 -59.86 94.67 -43.54
CA GLN MA 148 -58.68 93.85 -43.76
C GLN MA 148 -57.44 94.52 -43.17
N GLN MA 149 -57.29 95.83 -43.30
CA GLN MA 149 -56.17 96.55 -42.70
C GLN MA 149 -56.19 96.39 -41.19
N ALA MA 150 -57.33 96.61 -40.55
CA ALA MA 150 -57.45 96.46 -39.12
C ALA MA 150 -57.06 95.05 -38.69
N ILE MA 151 -57.59 94.06 -39.39
CA ILE MA 151 -57.32 92.65 -39.11
C ILE MA 151 -55.83 92.39 -39.25
N PHE MA 152 -55.24 92.81 -40.37
CA PHE MA 152 -53.82 92.66 -40.62
C PHE MA 152 -52.99 93.32 -39.52
N GLU MA 153 -53.31 94.56 -39.19
CA GLU MA 153 -52.59 95.30 -38.16
C GLU MA 153 -52.66 94.56 -36.84
N LEU MA 154 -53.83 94.07 -36.49
CA LEU MA 154 -54.01 93.31 -35.26
C LEU MA 154 -53.16 92.03 -35.31
N LEU MA 155 -53.20 91.31 -36.42
CA LEU MA 155 -52.39 90.10 -36.56
C LEU MA 155 -50.91 90.43 -36.46
N ILE MA 156 -50.45 91.47 -37.14
CA ILE MA 156 -49.06 91.89 -37.06
C ILE MA 156 -48.71 92.26 -35.63
N ALA MA 157 -49.57 93.00 -34.94
CA ALA MA 157 -49.29 93.36 -33.56
C ALA MA 157 -49.13 92.09 -32.71
N ALA MA 158 -50.04 91.13 -32.91
CA ALA MA 158 -49.95 89.86 -32.22
C ALA MA 158 -48.65 89.15 -32.56
N LEU MA 159 -48.28 89.11 -33.83
CA LEU MA 159 -47.04 88.49 -34.26
C LEU MA 159 -45.82 89.23 -33.69
N GLU MA 160 -45.83 90.56 -33.56
CA GLU MA 160 -44.71 91.29 -32.97
C GLU MA 160 -44.48 90.85 -31.53
N ALA MA 161 -45.57 90.81 -30.76
CA ALA MA 161 -45.49 90.25 -29.43
C ALA MA 161 -45.00 88.80 -29.50
N ALA MA 162 -45.56 88.00 -30.41
CA ALA MA 162 -45.26 86.58 -30.51
C ALA MA 162 -43.78 86.35 -30.74
N ILE MA 163 -43.22 87.01 -31.73
CA ILE MA 163 -41.81 86.88 -32.07
C ILE MA 163 -40.95 87.44 -30.95
N ARG MA 164 -41.34 88.56 -30.32
CA ARG MA 164 -40.57 89.08 -29.19
C ARG MA 164 -40.53 88.06 -28.07
N LEU MA 165 -41.67 87.50 -27.69
CA LEU MA 165 -41.73 86.45 -26.66
C LEU MA 165 -40.88 85.26 -27.08
N GLU MA 166 -41.00 84.79 -28.32
CA GLU MA 166 -40.21 83.65 -28.80
C GLU MA 166 -38.72 83.94 -28.69
N LYS MA 167 -38.29 85.15 -29.06
CA LYS MA 167 -36.89 85.55 -28.95
C LYS MA 167 -36.45 85.64 -27.49
N LEU MA 168 -37.25 86.25 -26.62
CA LEU MA 168 -36.94 86.31 -25.20
C LEU MA 168 -36.85 84.89 -24.61
N LYS MA 169 -37.69 83.96 -25.06
CA LYS MA 169 -37.62 82.54 -24.69
C LYS MA 169 -36.32 81.90 -25.18
N GLU MA 170 -35.95 82.12 -26.44
CA GLU MA 170 -34.69 81.64 -27.00
C GLU MA 170 -33.46 82.21 -26.26
N GLU MA 171 -33.51 83.48 -25.88
CA GLU MA 171 -32.46 84.16 -25.10
C GLU MA 171 -32.46 83.77 -23.61
N GLY MA 172 -33.51 83.14 -23.10
CA GLY MA 172 -33.65 82.81 -21.67
C GLY MA 172 -33.82 84.03 -20.77
N ALA MA 173 -34.51 85.07 -21.24
CA ALA MA 173 -34.69 86.34 -20.53
C ALA MA 173 -35.41 86.19 -19.17
N PRO MA 174 -35.19 87.11 -18.20
CA PRO MA 174 -35.92 87.14 -16.93
C PRO MA 174 -37.45 87.17 -17.15
N PRO MA 175 -38.23 86.27 -16.54
CA PRO MA 175 -39.68 86.22 -16.72
C PRO MA 175 -40.38 87.55 -16.48
N GLU MA 176 -39.84 88.41 -15.60
CA GLU MA 176 -40.38 89.75 -15.34
C GLU MA 176 -40.36 90.63 -16.60
N GLN MA 177 -39.28 90.61 -17.38
CA GLN MA 177 -39.25 91.29 -18.67
C GLN MA 177 -40.33 90.72 -19.59
N ILE MA 178 -40.47 89.40 -19.62
CA ILE MA 178 -41.49 88.74 -20.45
C ILE MA 178 -42.88 89.22 -20.04
N GLU MA 179 -43.15 89.28 -18.74
CA GLU MA 179 -44.43 89.73 -18.20
C GLU MA 179 -44.69 91.20 -18.54
N ARG MA 180 -43.70 92.09 -18.40
CA ARG MA 180 -43.85 93.49 -18.80
C ARG MA 180 -44.18 93.60 -20.29
N VAL MA 181 -43.49 92.82 -21.12
CA VAL MA 181 -43.79 92.77 -22.56
C VAL MA 181 -45.20 92.25 -22.79
N ALA MA 182 -45.62 91.19 -22.11
CA ALA MA 182 -46.94 90.60 -22.31
C ALA MA 182 -48.04 91.60 -21.96
N GLU MA 183 -47.92 92.28 -20.83
CA GLU MA 183 -48.84 93.34 -20.47
C GLU MA 183 -48.85 94.42 -21.55
N HIS MA 184 -47.68 94.93 -21.92
CA HIS MA 184 -47.57 96.02 -22.89
C HIS MA 184 -48.20 95.62 -24.23
N GLY MA 185 -47.95 94.40 -24.67
CA GLY MA 185 -48.54 93.84 -25.87
C GLY MA 185 -50.05 93.76 -25.75
N LEU MA 186 -50.57 93.14 -24.70
CA LEU MA 186 -52.01 93.03 -24.50
C LEU MA 186 -52.66 94.41 -24.41
N GLU MA 187 -52.06 95.36 -23.70
CA GLU MA 187 -52.60 96.72 -23.61
C GLU MA 187 -52.63 97.39 -24.99
N ARG MA 188 -51.52 97.31 -25.74
CA ARG MA 188 -51.48 97.83 -27.11
C ARG MA 188 -52.58 97.19 -27.93
N LEU MA 189 -52.69 95.87 -27.89
CA LEU MA 189 -53.68 95.11 -28.63
C LEU MA 189 -55.08 95.58 -28.25
N LYS MA 190 -55.35 95.69 -26.97
CA LYS MA 190 -56.65 96.05 -26.45
C LYS MA 190 -57.04 97.44 -26.90
N GLU MA 191 -56.16 98.42 -26.75
CA GLU MA 191 -56.48 99.78 -27.18
C GLU MA 191 -56.59 99.87 -28.70
N ILE MA 192 -55.80 99.11 -29.45
CA ILE MA 192 -56.00 98.97 -30.89
C ILE MA 192 -57.39 98.39 -31.16
N ALA MA 193 -57.77 97.31 -30.47
CA ALA MA 193 -59.08 96.71 -30.67
C ALA MA 193 -60.19 97.71 -30.37
N LYS MA 194 -60.01 98.53 -29.33
CA LYS MA 194 -60.93 99.62 -29.00
C LYS MA 194 -61.04 100.58 -30.17
N GLU MA 195 -59.94 101.09 -30.69
CA GLU MA 195 -59.97 101.97 -31.87
C GLU MA 195 -60.59 101.28 -33.09
N ILE MA 196 -60.28 100.00 -33.32
CA ILE MA 196 -60.90 99.22 -34.39
C ILE MA 196 -62.41 99.20 -34.20
N SER MA 197 -62.89 98.92 -33.00
CA SER MA 197 -64.33 98.91 -32.71
C SER MA 197 -64.97 100.29 -32.90
N LYS MA 198 -64.21 101.37 -32.71
CA LYS MA 198 -64.69 102.73 -33.00
C LYS MA 198 -64.82 102.98 -34.50
N GLU MA 199 -64.03 102.29 -35.33
CA GLU MA 199 -64.17 102.36 -36.79
C GLU MA 199 -65.25 101.42 -37.32
N VAL MA 200 -65.12 100.11 -37.08
CA VAL MA 200 -65.85 99.08 -37.83
C VAL MA 200 -67.27 98.83 -37.31
N ASP MA 201 -68.16 98.35 -38.18
CA ASP MA 201 -69.53 97.95 -37.82
C ASP MA 201 -69.93 96.52 -38.28
N SER MA 202 -69.15 95.84 -39.13
CA SER MA 202 -69.48 94.47 -39.55
C SER MA 202 -69.41 93.51 -38.36
N PRO MA 203 -70.50 92.80 -38.04
CA PRO MA 203 -70.51 91.84 -36.94
C PRO MA 203 -69.43 90.78 -37.12
N GLU MA 204 -69.28 90.26 -38.33
CA GLU MA 204 -68.25 89.28 -38.62
C GLU MA 204 -66.86 89.86 -38.38
N SER MA 205 -66.61 91.11 -38.81
CA SER MA 205 -65.32 91.74 -38.56
C SER MA 205 -65.03 91.84 -37.07
N LYS MA 206 -66.02 92.26 -36.28
CA LYS MA 206 -65.90 92.38 -34.83
C LYS MA 206 -65.64 91.01 -34.21
N ARG MA 207 -66.39 90.00 -34.66
CA ARG MA 207 -66.25 88.60 -34.23
C ARG MA 207 -64.85 88.09 -34.49
N ILE MA 208 -64.36 88.29 -35.70
CA ILE MA 208 -62.99 87.99 -36.08
C ILE MA 208 -62.03 88.74 -35.16
N ALA MA 209 -62.21 90.03 -34.97
CA ALA MA 209 -61.29 90.82 -34.16
C ALA MA 209 -61.20 90.25 -32.76
N TYR MA 210 -62.36 89.99 -32.15
CA TYR MA 210 -62.40 89.37 -30.84
C TYR MA 210 -61.64 88.05 -30.84
N LYS MA 211 -61.92 87.18 -31.81
CA LYS MA 211 -61.27 85.87 -31.91
C LYS MA 211 -59.76 86.04 -31.99
N ILE MA 212 -59.28 87.00 -32.78
CA ILE MA 212 -57.86 87.26 -32.88
C ILE MA 212 -57.33 87.68 -31.51
N VAL MA 213 -58.00 88.59 -30.81
CA VAL MA 213 -57.55 89.00 -29.49
C VAL MA 213 -57.48 87.78 -28.58
N ALA MA 214 -58.52 86.96 -28.58
CA ALA MA 214 -58.56 85.77 -27.77
C ALA MA 214 -57.37 84.86 -28.09
N ALA MA 215 -57.11 84.64 -29.37
CA ALA MA 215 -55.98 83.85 -29.80
C ALA MA 215 -54.66 84.47 -29.32
N ALA MA 216 -54.54 85.79 -29.37
CA ALA MA 216 -53.33 86.47 -28.95
C ALA MA 216 -53.08 86.23 -27.45
N ALA MA 217 -54.12 86.40 -26.64
CA ALA MA 217 -54.00 86.09 -25.23
C ALA MA 217 -53.62 84.62 -25.03
N GLU MA 218 -54.29 83.70 -25.71
CA GLU MA 218 -53.98 82.27 -25.57
C GLU MA 218 -52.51 82.00 -25.91
N PHE MA 219 -52.03 82.52 -27.02
CA PHE MA 219 -50.66 82.27 -27.45
C PHE MA 219 -49.68 82.83 -26.42
N LEU MA 220 -49.87 84.08 -25.99
CA LEU MA 220 -49.00 84.68 -24.98
C LEU MA 220 -48.97 83.82 -23.73
N LEU MA 221 -50.14 83.39 -23.26
CA LEU MA 221 -50.23 82.52 -22.10
C LEU MA 221 -49.45 81.23 -22.31
N LYS MA 222 -49.69 80.53 -23.42
CA LYS MA 222 -49.03 79.25 -23.66
C LYS MA 222 -47.52 79.40 -23.79
N ILE MA 223 -47.04 80.42 -24.50
CA ILE MA 223 -45.60 80.65 -24.60
C ILE MA 223 -45.02 81.01 -23.23
N LEU MA 224 -45.71 81.84 -22.44
CA LEU MA 224 -45.23 82.15 -21.09
C LEU MA 224 -45.13 80.88 -20.23
N ALA MA 225 -46.10 79.97 -20.35
CA ALA MA 225 -46.10 78.70 -19.64
C ALA MA 225 -44.97 77.77 -20.11
N GLU MA 226 -44.73 77.66 -21.41
CA GLU MA 226 -43.56 76.95 -21.95
C GLU MA 226 -42.26 77.57 -21.43
N GLY MA 227 -42.23 78.89 -21.25
CA GLY MA 227 -41.12 79.64 -20.68
C GLY MA 227 -40.85 79.38 -19.19
N GLY MA 228 -41.71 78.62 -18.49
CA GLY MA 228 -41.47 78.19 -17.11
C GLY MA 228 -41.55 79.31 -16.07
N ALA MA 229 -42.32 80.38 -16.33
CA ALA MA 229 -42.58 81.44 -15.36
C ALA MA 229 -43.27 80.92 -14.08
N THR MA 230 -43.13 81.62 -12.96
CA THR MA 230 -43.70 81.16 -11.68
C THR MA 230 -45.23 81.13 -11.74
N PRO MA 231 -45.90 80.25 -10.97
CA PRO MA 231 -47.35 80.25 -10.85
C PRO MA 231 -47.92 81.63 -10.52
N GLU MA 232 -47.22 82.42 -9.72
CA GLU MA 232 -47.63 83.79 -9.38
C GLU MA 232 -47.65 84.68 -10.62
N GLN MA 233 -46.59 84.69 -11.42
CA GLN MA 233 -46.58 85.47 -12.66
C GLN MA 233 -47.66 84.97 -13.62
N LEU MA 234 -47.80 83.64 -13.77
CA LEU MA 234 -48.81 83.05 -14.64
C LEU MA 234 -50.21 83.51 -14.23
N GLU MA 235 -50.52 83.45 -12.94
CA GLU MA 235 -51.79 83.92 -12.40
C GLU MA 235 -51.98 85.41 -12.67
N ARG MA 236 -50.98 86.26 -12.42
CA ARG MA 236 -51.08 87.71 -12.65
C ARG MA 236 -51.36 88.01 -14.11
N VAL MA 237 -50.62 87.39 -15.03
CA VAL MA 237 -50.88 87.55 -16.46
C VAL MA 237 -52.25 86.99 -16.80
N THR MA 238 -52.68 85.89 -16.20
CA THR MA 238 -54.01 85.34 -16.44
C THR MA 238 -55.09 86.33 -16.05
N GLU MA 239 -54.99 86.94 -14.87
CA GLU MA 239 -55.94 87.97 -14.48
C GLU MA 239 -55.93 89.10 -15.48
N HIS MA 240 -54.75 89.59 -15.86
CA HIS MA 240 -54.67 90.69 -16.83
C HIS MA 240 -55.32 90.29 -18.15
N ALA MA 241 -55.09 89.07 -18.61
CA ALA MA 241 -55.68 88.54 -19.82
C ALA MA 241 -57.20 88.48 -19.70
N LEU MA 242 -57.72 87.92 -18.61
CA LEU MA 242 -59.15 87.90 -18.36
C LEU MA 242 -59.71 89.32 -18.32
N GLU MA 243 -59.03 90.26 -17.66
CA GLU MA 243 -59.47 91.64 -17.54
C GLU MA 243 -59.54 92.31 -18.91
N VAL MA 244 -58.51 92.10 -19.73
CA VAL MA 244 -58.50 92.55 -21.12
C VAL MA 244 -59.66 91.93 -21.87
N LEU MA 245 -59.84 90.61 -21.78
CA LEU MA 245 -60.93 89.95 -22.47
C LEU MA 245 -62.25 90.56 -22.04
N LYS MA 246 -62.42 90.80 -20.73
CA LYS MA 246 -63.62 91.41 -20.19
C LYS MA 246 -63.85 92.77 -20.81
N GLU MA 247 -62.86 93.64 -20.81
CA GLU MA 247 -63.04 94.98 -21.41
C GLU MA 247 -63.39 94.86 -22.89
N VAL MA 248 -62.66 94.02 -23.63
CA VAL MA 248 -62.88 93.85 -25.06
C VAL MA 248 -64.27 93.27 -25.32
N ALA MA 249 -64.72 92.31 -24.51
CA ALA MA 249 -66.05 91.77 -24.62
C ALA MA 249 -67.11 92.85 -24.34
N LYS MA 250 -66.94 93.62 -23.26
CA LYS MA 250 -67.87 94.68 -22.86
C LYS MA 250 -68.08 95.68 -24.00
N GLU MA 251 -67.06 95.93 -24.80
CA GLU MA 251 -67.21 96.69 -26.03
C GLU MA 251 -67.84 95.85 -27.15
N LEU MA 252 -67.13 94.81 -27.60
CA LEU MA 252 -67.38 94.20 -28.92
C LEU MA 252 -68.62 93.30 -28.96
N ALA MA 253 -69.04 92.71 -27.85
CA ALA MA 253 -70.13 91.72 -27.87
C ALA MA 253 -71.51 92.42 -27.82
N ASP MA 254 -72.34 92.20 -28.85
CA ASP MA 254 -73.64 92.89 -28.99
C ASP MA 254 -74.70 92.12 -29.82
N SER MA 255 -74.48 90.83 -30.09
CA SER MA 255 -75.37 89.99 -30.90
C SER MA 255 -75.34 88.54 -30.41
N PRO MA 256 -76.34 87.72 -30.75
CA PRO MA 256 -76.49 86.37 -30.20
C PRO MA 256 -75.21 85.56 -30.25
N GLU MA 257 -74.71 85.31 -31.45
CA GLU MA 257 -73.52 84.50 -31.62
C GLU MA 257 -72.29 85.20 -31.08
N SER MA 258 -72.19 86.54 -31.15
CA SER MA 258 -71.00 87.21 -30.62
C SER MA 258 -70.91 87.06 -29.12
N VAL MA 259 -72.01 87.22 -28.40
CA VAL MA 259 -72.03 86.98 -26.96
C VAL MA 259 -71.68 85.52 -26.70
N ARG MA 260 -72.36 84.60 -27.39
CA ARG MA 260 -72.17 83.16 -27.20
C ARG MA 260 -70.71 82.78 -27.40
N GLU MA 261 -70.12 83.25 -28.48
CA GLU MA 261 -68.71 83.01 -28.78
C GLU MA 261 -67.82 83.68 -27.75
N ALA MA 262 -68.12 84.92 -27.35
CA ALA MA 262 -67.31 85.62 -26.37
C ALA MA 262 -67.26 84.83 -25.07
N VAL MA 263 -68.43 84.38 -24.61
CA VAL MA 263 -68.54 83.51 -23.45
C VAL MA 263 -67.74 82.24 -23.69
N ARG MA 264 -67.93 81.58 -24.84
CA ARG MA 264 -67.23 80.34 -25.15
C ARG MA 264 -65.73 80.54 -25.07
N LEU MA 265 -65.23 81.63 -25.62
CA LEU MA 265 -63.80 81.93 -25.62
C LEU MA 265 -63.32 82.26 -24.22
N ILE MA 266 -64.08 83.01 -23.44
CA ILE MA 266 -63.71 83.25 -22.05
C ILE MA 266 -63.57 81.91 -21.34
N SER MA 267 -64.52 81.02 -21.56
CA SER MA 267 -64.46 79.69 -20.98
C SER MA 267 -63.20 78.98 -21.44
N LYS MA 268 -62.89 79.05 -22.73
CA LYS MA 268 -61.73 78.37 -23.29
C LYS MA 268 -60.45 78.91 -22.66
N LEU MA 269 -60.29 80.23 -22.61
CA LEU MA 269 -59.10 80.84 -22.02
C LEU MA 269 -59.00 80.51 -20.53
N THR MA 270 -60.14 80.49 -19.84
CA THR MA 270 -60.17 80.05 -18.44
C THR MA 270 -59.71 78.61 -18.33
N GLN MA 271 -60.23 77.72 -19.17
CA GLN MA 271 -59.88 76.30 -19.18
C GLN MA 271 -58.40 76.12 -19.47
N GLU MA 272 -57.85 76.82 -20.46
CA GLU MA 272 -56.41 76.76 -20.71
C GLU MA 272 -55.63 77.24 -19.49
N GLY MA 273 -56.05 78.34 -18.87
CA GLY MA 273 -55.43 78.85 -17.66
C GLY MA 273 -55.39 77.79 -16.56
N LEU MA 274 -56.55 77.18 -16.30
CA LEU MA 274 -56.67 76.12 -15.31
C LEU MA 274 -55.77 74.94 -15.67
N LYS MA 275 -55.80 74.49 -16.91
CA LYS MA 275 -55.01 73.35 -17.37
C LYS MA 275 -53.51 73.63 -17.24
N GLN MA 276 -53.03 74.81 -17.58
CA GLN MA 276 -51.61 75.10 -17.43
C GLN MA 276 -51.20 75.26 -15.96
N LEU MA 277 -52.06 75.83 -15.10
CA LEU MA 277 -51.79 75.84 -13.67
C LEU MA 277 -51.75 74.41 -13.09
N LYS MA 278 -52.60 73.51 -13.59
CA LYS MA 278 -52.55 72.08 -13.24
C LYS MA 278 -51.22 71.47 -13.70
N GLU MA 279 -50.85 71.70 -14.94
CA GLU MA 279 -49.66 71.12 -15.56
C GLU MA 279 -48.36 71.59 -14.88
N ILE MA 280 -48.25 72.87 -14.55
CA ILE MA 280 -47.07 73.43 -13.89
C ILE MA 280 -46.98 73.02 -12.40
N GLY MA 281 -48.03 72.43 -11.84
CA GLY MA 281 -48.07 72.05 -10.42
C GLY MA 281 -48.21 73.24 -9.47
N ALA MA 282 -49.06 74.23 -9.82
CA ALA MA 282 -49.31 75.42 -9.01
C ALA MA 282 -49.88 75.09 -7.61
N PRO MA 283 -49.65 75.93 -6.59
CA PRO MA 283 -50.23 75.75 -5.27
C PRO MA 283 -51.77 75.87 -5.34
N PRO MA 284 -52.55 74.89 -4.85
CA PRO MA 284 -53.98 74.81 -5.08
C PRO MA 284 -54.77 76.07 -4.73
N GLU MA 285 -54.33 76.84 -3.74
CA GLU MA 285 -54.97 78.11 -3.40
C GLU MA 285 -55.02 79.08 -4.58
N GLN MA 286 -53.95 79.19 -5.37
CA GLN MA 286 -53.97 80.01 -6.58
C GLN MA 286 -54.92 79.43 -7.64
N ILE MA 287 -55.08 78.11 -7.68
CA ILE MA 287 -56.01 77.46 -8.59
C ILE MA 287 -57.44 77.86 -8.23
N GLU MA 288 -57.77 77.82 -6.94
CA GLU MA 288 -59.06 78.30 -6.44
C GLU MA 288 -59.27 79.79 -6.75
N ARG MA 289 -58.22 80.62 -6.64
CA ARG MA 289 -58.30 82.02 -7.02
C ARG MA 289 -58.67 82.18 -8.48
N VAL MA 290 -57.94 81.55 -9.41
CA VAL MA 290 -58.32 81.69 -10.84
C VAL MA 290 -59.70 81.11 -11.10
N ALA MA 291 -60.11 80.04 -10.41
CA ALA MA 291 -61.45 79.50 -10.57
C ALA MA 291 -62.50 80.56 -10.23
N GLU MA 292 -62.39 81.18 -9.05
CA GLU MA 292 -63.28 82.26 -8.67
C GLU MA 292 -63.20 83.40 -9.68
N HIS MA 293 -62.00 83.88 -9.99
CA HIS MA 293 -61.83 85.06 -10.82
C HIS MA 293 -62.45 84.83 -12.20
N GLY MA 294 -62.20 83.67 -12.79
CA GLY MA 294 -62.77 83.29 -14.07
C GLY MA 294 -64.29 83.26 -14.00
N LEU MA 295 -64.84 82.59 -13.00
CA LEU MA 295 -66.29 82.54 -12.83
C LEU MA 295 -66.87 83.94 -12.57
N GLU MA 296 -66.16 84.82 -11.87
CA GLU MA 296 -66.62 86.18 -11.64
C GLU MA 296 -66.65 86.98 -12.95
N VAL MA 297 -65.60 86.87 -13.75
CA VAL MA 297 -65.60 87.48 -15.09
C VAL MA 297 -66.72 86.90 -15.92
N LEU MA 298 -66.92 85.59 -15.85
CA LEU MA 298 -67.99 84.92 -16.57
C LEU MA 298 -69.32 85.53 -16.16
N LYS MA 299 -69.56 85.66 -14.86
CA LYS MA 299 -70.76 86.27 -14.32
C LYS MA 299 -70.93 87.69 -14.86
N GLU MA 300 -69.87 88.50 -14.80
CA GLU MA 300 -69.92 89.87 -15.32
C GLU MA 300 -70.33 89.90 -16.80
N ILE MA 301 -69.71 89.05 -17.61
CA ILE MA 301 -70.01 89.04 -19.04
C ILE MA 301 -71.39 88.45 -19.30
N ALA MA 302 -71.75 87.38 -18.61
CA ALA MA 302 -73.06 86.77 -18.72
C ALA MA 302 -74.13 87.82 -18.41
N LYS MA 303 -73.94 88.56 -17.31
CA LYS MA 303 -74.79 89.68 -16.92
C LYS MA 303 -74.86 90.70 -18.05
N TYR MA 304 -73.72 91.22 -18.50
CA TYR MA 304 -73.70 92.21 -19.57
C TYR MA 304 -74.46 91.72 -20.80
N GLY MA 305 -74.10 90.54 -21.30
CA GLY MA 305 -74.73 89.96 -22.47
C GLY MA 305 -76.24 89.82 -22.29
N SER MA 306 -76.65 89.33 -21.12
CA SER MA 306 -78.07 89.13 -20.81
C SER MA 306 -78.88 90.42 -20.99
N LYS MA 307 -78.31 91.61 -20.75
CA LYS MA 307 -79.02 92.88 -20.91
C LYS MA 307 -79.51 93.12 -22.34
N LEU MA 308 -78.83 92.52 -23.32
CA LEU MA 308 -79.18 92.63 -24.73
C LEU MA 308 -80.11 91.51 -25.21
N THR MA 309 -80.34 90.47 -24.40
CA THR MA 309 -81.00 89.24 -24.87
C THR MA 309 -82.51 89.38 -25.10
N ASP MA 310 -83.02 88.51 -25.99
CA ASP MA 310 -84.45 88.34 -26.27
C ASP MA 310 -84.82 86.88 -26.56
N SER MA 311 -84.04 86.16 -27.39
CA SER MA 311 -84.32 84.75 -27.74
C SER MA 311 -84.19 83.80 -26.54
N PRO MA 312 -85.24 83.06 -26.19
CA PRO MA 312 -85.16 82.04 -25.14
C PRO MA 312 -84.11 80.98 -25.45
N GLU MA 313 -83.95 80.61 -26.72
CA GLU MA 313 -82.96 79.61 -27.12
C GLU MA 313 -81.55 80.13 -26.86
N LEU MA 314 -81.28 81.41 -27.16
CA LEU MA 314 -80.01 82.03 -26.82
C LEU MA 314 -79.78 82.01 -25.32
N LYS MA 315 -80.78 82.44 -24.55
CA LYS MA 315 -80.65 82.48 -23.09
C LYS MA 315 -80.36 81.08 -22.55
N ARG MA 316 -81.09 80.06 -23.01
CA ARG MA 316 -80.86 78.66 -22.63
C ARG MA 316 -79.47 78.21 -23.05
N GLU MA 317 -79.03 78.54 -24.25
CA GLU MA 317 -77.66 78.23 -24.67
C GLU MA 317 -76.65 78.87 -23.74
N LEU MA 318 -76.79 80.15 -23.42
CA LEU MA 318 -75.85 80.83 -22.54
C LEU MA 318 -75.82 80.14 -21.19
N TYR MA 319 -76.98 79.83 -20.63
CA TYR MA 319 -77.04 79.07 -19.39
C TYR MA 319 -76.32 77.74 -19.55
N ARG MA 320 -76.63 76.99 -20.61
CA ARG MA 320 -76.07 75.67 -20.85
C ARG MA 320 -74.56 75.77 -20.89
N ILE MA 321 -74.04 76.65 -21.71
CA ILE MA 321 -72.60 76.89 -21.84
C ILE MA 321 -72.02 77.27 -20.48
N ILE MA 322 -72.67 78.14 -19.73
CA ILE MA 322 -72.17 78.55 -18.42
C ILE MA 322 -72.09 77.32 -17.52
N SER MA 323 -73.13 76.51 -17.51
CA SER MA 323 -73.18 75.33 -16.65
C SER MA 323 -72.12 74.33 -17.07
N GLU MA 324 -71.99 74.05 -18.37
CA GLU MA 324 -70.94 73.17 -18.87
C GLU MA 324 -69.58 73.72 -18.49
N THR MA 325 -69.40 75.04 -18.59
CA THR MA 325 -68.16 75.71 -18.21
C THR MA 325 -67.87 75.44 -16.75
N ALA MA 326 -68.79 75.80 -15.86
CA ALA MA 326 -68.58 75.60 -14.44
C ALA MA 326 -68.31 74.12 -14.13
N LYS MA 327 -69.11 73.22 -14.69
CA LYS MA 327 -68.96 71.77 -14.49
C LYS MA 327 -67.58 71.31 -14.91
N GLU MA 328 -67.14 71.70 -16.10
CA GLU MA 328 -65.82 71.32 -16.57
C GLU MA 328 -64.73 71.90 -15.65
N LEU MA 329 -64.85 73.15 -15.24
CA LEU MA 329 -63.85 73.77 -14.36
C LEU MA 329 -63.79 73.02 -13.03
N LEU MA 330 -64.93 72.65 -12.47
CA LEU MA 330 -64.98 71.83 -11.26
C LEU MA 330 -64.35 70.47 -11.51
N LYS MA 331 -64.65 69.82 -12.64
CA LYS MA 331 -64.10 68.50 -12.97
C LYS MA 331 -62.58 68.54 -13.10
N ILE MA 332 -62.06 69.52 -13.82
CA ILE MA 332 -60.62 69.70 -13.97
C ILE MA 332 -60.00 70.06 -12.61
N LEU MA 333 -60.66 70.85 -11.77
CA LEU MA 333 -60.17 71.14 -10.42
C LEU MA 333 -60.08 69.86 -9.58
N ALA MA 334 -61.07 68.98 -9.67
CA ALA MA 334 -61.07 67.71 -8.97
C ALA MA 334 -59.97 66.78 -9.51
N GLU MA 335 -59.76 66.74 -10.83
CA GLU MA 335 -58.62 66.06 -11.43
C GLU MA 335 -57.29 66.66 -10.95
N GLY MA 336 -57.27 67.98 -10.68
CA GLY MA 336 -56.16 68.70 -10.06
C GLY MA 336 -55.91 68.36 -8.59
N GLY MA 337 -56.69 67.47 -7.98
CA GLY MA 337 -56.43 66.95 -6.64
C GLY MA 337 -56.73 67.92 -5.48
N ALA MA 338 -57.58 68.92 -5.70
CA ALA MA 338 -58.01 69.86 -4.64
C ALA MA 338 -58.70 69.14 -3.46
N THR MA 339 -58.54 69.66 -2.24
CA THR MA 339 -59.13 69.07 -1.02
C THR MA 339 -60.66 69.21 -0.98
N PRO MA 340 -61.37 68.31 -0.28
CA PRO MA 340 -62.83 68.34 -0.22
C PRO MA 340 -63.42 69.71 0.17
N GLU MA 341 -62.83 70.41 1.14
CA GLU MA 341 -63.33 71.73 1.54
C GLU MA 341 -63.03 72.81 0.49
N GLN MA 342 -61.95 72.68 -0.27
CA GLN MA 342 -61.72 73.58 -1.39
C GLN MA 342 -62.73 73.32 -2.51
N LEU MA 343 -63.01 72.05 -2.80
CA LEU MA 343 -64.07 71.66 -3.72
C LEU MA 343 -65.43 72.17 -3.24
N GLU MA 344 -65.73 72.11 -1.94
CA GLU MA 344 -66.94 72.68 -1.38
C GLU MA 344 -67.01 74.18 -1.68
N ARG MA 345 -65.97 74.94 -1.31
CA ARG MA 345 -65.92 76.39 -1.50
C ARG MA 345 -66.18 76.76 -2.95
N VAL MA 346 -65.51 76.07 -3.87
CA VAL MA 346 -65.72 76.30 -5.31
C VAL MA 346 -67.12 75.88 -5.73
N THR MA 347 -67.62 74.73 -5.27
CA THR MA 347 -68.96 74.25 -5.64
C THR MA 347 -70.00 75.26 -5.19
N LYS MA 348 -69.89 75.75 -3.97
CA LYS MA 348 -70.77 76.77 -3.41
C LYS MA 348 -70.71 78.02 -4.27
N HIS MA 349 -69.50 78.50 -4.58
CA HIS MA 349 -69.37 79.65 -5.47
C HIS MA 349 -70.04 79.39 -6.82
N ALA MA 350 -69.83 78.22 -7.41
CA ALA MA 350 -70.42 77.89 -8.70
C ALA MA 350 -71.94 77.90 -8.61
N LEU MA 351 -72.50 77.29 -7.57
CA LEU MA 351 -73.94 77.34 -7.34
C LEU MA 351 -74.39 78.80 -7.24
N GLU MA 352 -73.69 79.64 -6.48
CA GLU MA 352 -74.04 81.06 -6.36
C GLU MA 352 -73.98 81.76 -7.71
N VAL MA 353 -72.93 81.53 -8.49
CA VAL MA 353 -72.82 82.12 -9.83
C VAL MA 353 -73.98 81.67 -10.68
N LEU MA 354 -74.27 80.37 -10.73
CA LEU MA 354 -75.39 79.88 -11.50
C LEU MA 354 -76.69 80.50 -11.00
N LYS MA 355 -76.86 80.65 -9.69
CA LYS MA 355 -78.05 81.29 -9.12
C LYS MA 355 -78.15 82.72 -9.61
N GLU MA 356 -77.06 83.47 -9.58
CA GLU MA 356 -77.06 84.83 -10.11
C GLU MA 356 -77.40 84.83 -11.59
N VAL MA 357 -76.87 83.88 -12.35
CA VAL MA 357 -77.17 83.75 -13.78
C VAL MA 357 -78.65 83.45 -13.97
N ALA MA 358 -79.22 82.55 -13.20
CA ALA MA 358 -80.65 82.33 -13.22
C ALA MA 358 -81.40 83.62 -12.90
N LYS MA 359 -80.99 84.34 -11.86
CA LYS MA 359 -81.63 85.59 -11.44
C LYS MA 359 -81.56 86.66 -12.52
N GLU MA 360 -80.51 86.67 -13.35
CA GLU MA 360 -80.48 87.52 -14.53
C GLU MA 360 -81.42 86.99 -15.62
N LEU MA 361 -81.33 85.70 -15.95
CA LEU MA 361 -81.93 85.17 -17.16
C LEU MA 361 -83.43 84.91 -17.01
N ALA MA 362 -83.84 84.24 -15.95
CA ALA MA 362 -85.09 83.50 -15.92
C ALA MA 362 -86.35 84.39 -15.98
N ASP MA 363 -87.28 84.03 -16.86
CA ASP MA 363 -88.51 84.79 -17.19
C ASP MA 363 -89.71 83.91 -17.61
N SER MA 364 -89.54 82.59 -17.68
CA SER MA 364 -90.56 81.61 -18.08
C SER MA 364 -90.41 80.28 -17.32
N PRO MA 365 -91.48 79.48 -17.17
CA PRO MA 365 -91.38 78.14 -16.59
C PRO MA 365 -90.28 77.31 -17.25
N GLU MA 366 -90.16 77.35 -18.57
CA GLU MA 366 -89.11 76.64 -19.29
C GLU MA 366 -87.73 77.09 -18.84
N SER MA 367 -87.51 78.40 -18.69
CA SER MA 367 -86.22 78.91 -18.19
C SER MA 367 -85.97 78.46 -16.75
N GLY MA 368 -87.00 78.41 -15.91
CA GLY MA 368 -86.89 77.87 -14.56
C GLY MA 368 -86.48 76.39 -14.61
N LEU MA 369 -87.18 75.60 -15.42
CA LEU MA 369 -86.90 74.19 -15.60
C LEU MA 369 -85.45 73.99 -16.03
N ALA MA 370 -85.02 74.70 -17.05
CA ALA MA 370 -83.65 74.62 -17.52
C ALA MA 370 -82.67 74.99 -16.41
N ALA MA 371 -82.90 76.11 -15.73
CA ALA MA 371 -82.01 76.59 -14.69
C ALA MA 371 -81.88 75.56 -13.56
N LEU MA 372 -83.01 75.05 -13.12
CA LEU MA 372 -83.09 73.98 -12.15
C LEU MA 372 -82.28 72.79 -12.64
N ALA MA 373 -82.59 72.31 -13.85
CA ALA MA 373 -81.96 71.12 -14.39
C ALA MA 373 -80.45 71.26 -14.40
N ALA MA 374 -79.97 72.42 -14.83
CA ALA MA 374 -78.56 72.72 -14.82
C ALA MA 374 -78.01 72.69 -13.39
N ILE MA 375 -78.60 73.43 -12.48
CA ILE MA 375 -78.09 73.52 -11.11
C ILE MA 375 -78.06 72.13 -10.49
N ALA MA 376 -79.14 71.38 -10.63
CA ALA MA 376 -79.22 70.01 -10.17
C ALA MA 376 -78.10 69.17 -10.78
N SER MA 377 -77.88 69.26 -12.09
CA SER MA 377 -76.81 68.50 -12.70
C SER MA 377 -75.45 68.89 -12.11
N LEU MA 378 -75.21 70.18 -11.87
CA LEU MA 378 -73.95 70.65 -11.30
C LEU MA 378 -73.79 70.12 -9.88
N ALA MA 379 -74.85 70.21 -9.09
CA ALA MA 379 -74.85 69.64 -7.75
C ALA MA 379 -74.55 68.14 -7.82
N LYS MA 380 -75.16 67.43 -8.76
CA LYS MA 380 -74.94 65.99 -8.94
C LYS MA 380 -73.49 65.69 -9.29
N LEU MA 381 -72.89 66.48 -10.18
CA LEU MA 381 -71.46 66.34 -10.45
C LEU MA 381 -70.66 66.59 -9.18
N GLY MA 382 -70.96 67.65 -8.44
CA GLY MA 382 -70.27 67.96 -7.18
C GLY MA 382 -70.33 66.78 -6.21
N LEU MA 383 -71.53 66.21 -6.04
CA LEU MA 383 -71.73 65.04 -5.19
C LEU MA 383 -70.94 63.84 -5.73
N GLU MA 384 -70.92 63.62 -7.03
CA GLU MA 384 -70.11 62.57 -7.64
C GLU MA 384 -68.62 62.78 -7.37
N GLN MA 385 -68.11 64.01 -7.41
CA GLN MA 385 -66.71 64.27 -7.08
C GLN MA 385 -66.43 64.08 -5.59
N LEU MA 386 -67.33 64.48 -4.69
CA LEU MA 386 -67.20 64.16 -3.27
C LEU MA 386 -67.19 62.64 -3.04
N LYS MA 387 -68.01 61.88 -3.78
CA LYS MA 387 -67.99 60.41 -3.73
C LYS MA 387 -66.66 59.85 -4.24
N GLU MA 388 -66.16 60.35 -5.36
CA GLU MA 388 -64.91 59.89 -5.98
C GLU MA 388 -63.68 60.16 -5.09
N ILE MA 389 -63.59 61.33 -4.46
CA ILE MA 389 -62.50 61.64 -3.51
C ILE MA 389 -62.70 60.94 -2.14
N GLY MA 390 -63.87 60.34 -1.91
CA GLY MA 390 -64.20 59.68 -0.64
C GLY MA 390 -64.37 60.66 0.52
N ALA MA 391 -64.96 61.83 0.26
CA ALA MA 391 -65.13 62.89 1.25
C ALA MA 391 -65.97 62.44 2.47
N PRO MA 392 -65.71 62.96 3.68
CA PRO MA 392 -66.49 62.65 4.88
C PRO MA 392 -67.99 62.86 4.69
N PRO MA 393 -68.85 62.07 5.34
CA PRO MA 393 -70.30 62.17 5.17
C PRO MA 393 -70.82 63.54 5.61
N GLU MA 394 -70.18 64.19 6.59
CA GLU MA 394 -70.50 65.57 6.97
C GLU MA 394 -70.36 66.53 5.78
N GLN MA 395 -69.27 66.41 5.00
CA GLN MA 395 -69.09 67.22 3.80
C GLN MA 395 -70.16 66.92 2.76
N GLN MA 396 -70.47 65.63 2.55
CA GLN MA 396 -71.53 65.23 1.63
C GLN MA 396 -72.86 65.88 2.02
N ARG MA 397 -73.23 65.83 3.31
CA ARG MA 397 -74.42 66.49 3.83
C ARG MA 397 -74.34 67.99 3.61
N ARG MA 398 -73.26 68.66 4.00
CA ARG MA 398 -73.08 70.12 3.86
C ARG MA 398 -73.28 70.56 2.42
N VAL MA 399 -72.63 69.89 1.48
CA VAL MA 399 -72.80 70.19 0.05
C VAL MA 399 -74.24 69.94 -0.37
N THR MA 400 -74.83 68.81 0.02
CA THR MA 400 -76.18 68.48 -0.43
C THR MA 400 -77.19 69.49 0.10
N LYS MA 401 -77.06 69.87 1.37
CA LYS MA 401 -77.81 70.95 2.03
C LYS MA 401 -77.70 72.23 1.22
N ALA MA 402 -76.48 72.70 0.98
CA ALA MA 402 -76.29 73.91 0.18
C ALA MA 402 -76.95 73.76 -1.19
N GLY MA 403 -76.84 72.59 -1.81
CA GLY MA 403 -77.46 72.30 -3.10
C GLY MA 403 -78.97 72.46 -3.03
N ILE MA 404 -79.63 71.72 -2.14
CA ILE MA 404 -81.08 71.82 -2.04
C ILE MA 404 -81.51 73.20 -1.59
N GLU MA 405 -80.72 73.91 -0.78
CA GLU MA 405 -81.00 75.30 -0.43
C GLU MA 405 -80.93 76.21 -1.65
N ALA MA 406 -79.92 76.06 -2.50
CA ALA MA 406 -79.87 76.81 -3.74
C ALA MA 406 -81.10 76.49 -4.59
N VAL MA 407 -81.44 75.20 -4.71
CA VAL MA 407 -82.66 74.79 -5.41
C VAL MA 407 -83.89 75.41 -4.77
N ARG MA 408 -83.94 75.54 -3.45
CA ARG MA 408 -85.05 76.23 -2.78
C ARG MA 408 -85.11 77.69 -3.20
N GLU MA 409 -83.99 78.38 -3.24
CA GLU MA 409 -83.96 79.75 -3.76
C GLU MA 409 -84.40 79.81 -5.22
N ILE MA 410 -84.01 78.83 -6.02
CA ILE MA 410 -84.47 78.71 -7.40
C ILE MA 410 -85.98 78.48 -7.41
N TYR MA 411 -86.53 77.66 -6.52
CA TYR MA 411 -87.98 77.52 -6.42
C TYR MA 411 -88.64 78.83 -6.01
N ARG MA 412 -88.06 79.58 -5.05
CA ARG MA 412 -88.58 80.89 -4.67
C ARG MA 412 -88.62 81.84 -5.87
N TYR MA 413 -87.59 81.83 -6.70
CA TYR MA 413 -87.63 82.56 -7.97
C TYR MA 413 -88.70 81.99 -8.89
N GLY MA 414 -88.76 80.66 -9.02
CA GLY MA 414 -89.73 79.95 -9.83
C GLY MA 414 -91.18 80.27 -9.47
N ARG MA 415 -91.44 80.56 -8.19
CA ARG MA 415 -92.76 81.00 -7.71
C ARG MA 415 -93.21 82.33 -8.31
N LYS MA 416 -92.28 83.15 -8.82
CA LYS MA 416 -92.61 84.35 -9.61
C LYS MA 416 -93.11 84.02 -11.02
N LEU MA 417 -92.71 82.87 -11.57
CA LEU MA 417 -92.88 82.50 -12.98
C LEU MA 417 -94.11 81.62 -13.27
N TYR MA 418 -94.68 80.98 -12.23
CA TYR MA 418 -95.71 79.94 -12.35
C TYR MA 418 -96.74 80.01 -11.22
N ASP NA 3 36.42 -62.73 65.06
CA ASP NA 3 36.61 -63.73 66.15
C ASP NA 3 37.41 -64.97 65.72
N ASP NA 4 37.27 -65.47 64.50
CA ASP NA 4 37.74 -66.80 64.09
C ASP NA 4 39.21 -67.07 64.44
N LEU NA 5 40.06 -66.06 64.31
CA LEU NA 5 41.48 -66.15 64.65
C LEU NA 5 41.68 -66.72 66.06
N LEU NA 6 40.89 -66.28 67.05
CA LEU NA 6 41.04 -66.76 68.41
C LEU NA 6 40.74 -68.25 68.49
N LEU NA 7 39.68 -68.70 67.83
CA LEU NA 7 39.38 -70.12 67.79
C LEU NA 7 40.53 -70.88 67.14
N LYS NA 8 41.01 -70.40 66.00
CA LYS NA 8 42.13 -71.04 65.31
C LYS NA 8 43.35 -71.07 66.21
N LEU NA 9 43.62 -70.01 66.96
CA LEU NA 9 44.72 -69.98 67.90
C LEU NA 9 44.51 -71.04 68.98
N LEU NA 10 43.31 -71.15 69.52
CA LEU NA 10 43.02 -72.18 70.51
C LEU NA 10 43.21 -73.57 69.90
N GLU NA 11 42.86 -73.79 68.65
CA GLU NA 11 43.16 -75.07 68.00
C GLU NA 11 44.66 -75.28 67.94
N LEU NA 12 45.41 -74.28 67.51
CA LEU NA 12 46.87 -74.40 67.43
C LEU NA 12 47.42 -74.73 68.81
N LEU NA 13 46.97 -74.00 69.81
CA LEU NA 13 47.37 -74.23 71.19
C LEU NA 13 47.04 -75.65 71.59
N VAL NA 14 45.81 -76.11 71.38
CA VAL NA 14 45.41 -77.41 71.91
C VAL NA 14 46.16 -78.52 71.19
N GLU NA 15 46.38 -78.36 69.89
CA GLU NA 15 47.15 -79.34 69.15
C GLU NA 15 48.60 -79.33 69.64
N GLN NA 16 49.17 -78.15 69.86
CA GLN NA 16 50.49 -78.06 70.44
C GLN NA 16 50.52 -78.74 71.79
N ALA NA 17 49.50 -78.53 72.62
CA ALA NA 17 49.42 -79.20 73.90
C ALA NA 17 49.40 -80.71 73.70
N ARG NA 18 48.67 -81.23 72.72
CA ARG NA 18 48.69 -82.66 72.41
C ARG NA 18 50.10 -83.11 72.08
N VAL NA 19 50.76 -82.44 71.15
CA VAL NA 19 52.09 -82.86 70.71
C VAL NA 19 53.09 -82.77 71.85
N SER NA 20 53.06 -81.67 72.60
CA SER NA 20 53.87 -81.52 73.79
C SER NA 20 53.57 -82.62 74.82
N ALA NA 21 52.31 -83.00 75.00
CA ALA NA 21 51.96 -84.06 75.93
C ALA NA 21 52.46 -85.43 75.46
N GLU NA 22 52.36 -85.74 74.17
CA GLU NA 22 52.95 -86.96 73.62
C GLU NA 22 54.46 -86.96 73.82
N PHE NA 23 55.13 -85.84 73.55
CA PHE NA 23 56.55 -85.68 73.82
C PHE NA 23 56.86 -85.88 75.31
N ALA NA 24 56.14 -85.22 76.19
CA ALA NA 24 56.36 -85.32 77.63
C ALA NA 24 56.11 -86.74 78.14
N ARG NA 25 55.16 -87.48 77.56
CA ARG NA 25 54.96 -88.91 77.84
C ARG NA 25 56.15 -89.74 77.38
N ARG NA 26 56.71 -89.47 76.20
CA ARG NA 26 57.96 -90.14 75.76
C ARG NA 26 59.15 -89.81 76.68
N GLN NA 27 59.26 -88.57 77.17
CA GLN NA 27 60.34 -88.14 78.06
C GLN NA 27 60.14 -88.49 79.55
N GLY NA 28 58.90 -88.78 79.98
CA GLY NA 28 58.56 -88.97 81.39
C GLY NA 28 58.54 -87.68 82.23
N ASP NA 29 58.37 -86.52 81.60
CA ASP NA 29 58.43 -85.22 82.29
C ASP NA 29 57.09 -84.85 82.92
N GLU NA 30 56.90 -85.26 84.17
CA GLU NA 30 55.68 -84.95 84.93
C GLU NA 30 55.46 -83.45 85.11
N LYS NA 31 56.52 -82.65 85.17
CA LYS NA 31 56.40 -81.20 85.34
C LYS NA 31 55.87 -80.58 84.05
N MET NA 32 56.39 -81.01 82.89
CA MET NA 32 55.80 -80.58 81.64
C MET NA 32 54.35 -81.05 81.53
N LEU NA 33 54.05 -82.29 81.90
CA LEU NA 33 52.66 -82.78 81.88
C LEU NA 33 51.75 -81.90 82.73
N GLU NA 34 52.17 -81.56 83.95
CA GLU NA 34 51.43 -80.63 84.81
C GLU NA 34 51.23 -79.28 84.11
N GLU NA 35 52.29 -78.70 83.54
CA GLU NA 35 52.18 -77.40 82.90
C GLU NA 35 51.28 -77.43 81.65
N VAL NA 36 51.40 -78.45 80.81
CA VAL NA 36 50.49 -78.55 79.66
C VAL NA 36 49.08 -78.85 80.14
N ALA NA 37 48.88 -79.57 81.23
CA ALA NA 37 47.55 -79.77 81.79
C ALA NA 37 46.94 -78.42 82.20
N ARG NA 38 47.72 -77.56 82.86
CA ARG NA 38 47.28 -76.19 83.16
C ARG NA 38 46.93 -75.47 81.87
N LYS NA 39 47.81 -75.50 80.87
CA LYS NA 39 47.53 -74.86 79.58
C LYS NA 39 46.25 -75.41 78.96
N ALA NA 40 46.03 -76.72 79.03
CA ALA NA 40 44.86 -77.36 78.46
C ALA NA 40 43.59 -76.93 79.21
N GLU NA 41 43.64 -76.85 80.52
CA GLU NA 41 42.51 -76.33 81.29
C GLU NA 41 42.25 -74.87 80.92
N GLU NA 42 43.28 -74.04 80.85
CA GLU NA 42 43.12 -72.63 80.52
C GLU NA 42 42.62 -72.44 79.09
N VAL NA 43 43.11 -73.22 78.14
CA VAL NA 43 42.58 -73.25 76.78
C VAL NA 43 41.11 -73.61 76.83
N ALA NA 44 40.74 -74.65 77.58
CA ALA NA 44 39.34 -75.03 77.69
C ALA NA 44 38.51 -73.91 78.31
N ARG NA 45 39.05 -73.22 79.32
CA ARG NA 45 38.38 -72.06 79.92
C ARG NA 45 38.18 -70.97 78.89
N LYS NA 46 39.22 -70.60 78.14
CA LYS NA 46 39.12 -69.59 77.08
C LYS NA 46 38.04 -70.01 76.08
N ALA NA 47 38.06 -71.26 75.65
CA ALA NA 47 37.09 -71.79 74.71
C ALA NA 47 35.67 -71.73 75.28
N GLU NA 48 35.46 -72.15 76.52
CA GLU NA 48 34.16 -72.09 77.19
C GLU NA 48 33.67 -70.65 77.28
N GLU NA 49 34.51 -69.73 77.75
CA GLU NA 49 34.16 -68.31 77.84
C GLU NA 49 33.73 -67.76 76.46
N ILE NA 50 34.48 -68.07 75.41
CA ILE NA 50 34.12 -67.67 74.05
C ILE NA 50 32.83 -68.36 73.62
N ALA NA 51 32.65 -69.64 73.94
CA ALA NA 51 31.48 -70.40 73.54
C ALA NA 51 30.19 -69.76 74.08
N ARG NA 52 30.17 -69.33 75.35
CA ARG NA 52 29.00 -68.63 75.89
C ARG NA 52 28.74 -67.32 75.16
N LYS NA 53 29.78 -66.58 74.77
CA LYS NA 53 29.65 -65.37 73.93
C LYS NA 53 29.03 -65.71 72.58
N ALA NA 54 29.53 -66.74 71.91
CA ALA NA 54 28.96 -67.21 70.65
C ALA NA 54 27.48 -67.62 70.82
N ARG NA 55 27.15 -68.31 71.92
CA ARG NA 55 25.78 -68.71 72.24
C ARG NA 55 24.87 -67.50 72.38
N LYS NA 56 25.34 -66.45 73.05
CA LYS NA 56 24.60 -65.18 73.18
C LYS NA 56 24.33 -64.54 71.83
N GLU NA 57 25.32 -64.48 70.95
CA GLU NA 57 25.18 -63.84 69.64
C GLU NA 57 24.47 -64.70 68.59
N GLY NA 58 24.46 -66.02 68.77
CA GLY NA 58 23.74 -66.95 67.89
C GLY NA 58 24.48 -67.39 66.62
N ASN NA 59 25.82 -67.27 66.56
CA ASN NA 59 26.60 -67.90 65.48
C ASN NA 59 26.87 -69.38 65.80
N LEU NA 60 26.02 -70.26 65.28
CA LEU NA 60 26.11 -71.70 65.55
C LEU NA 60 27.44 -72.28 65.07
N GLU NA 61 27.97 -71.83 63.94
CA GLU NA 61 29.23 -72.37 63.42
C GLU NA 61 30.36 -72.15 64.42
N LEU NA 62 30.52 -70.92 64.90
CA LEU NA 62 31.52 -70.62 65.90
C LEU NA 62 31.27 -71.44 67.17
N ALA NA 63 30.02 -71.54 67.61
CA ALA NA 63 29.71 -72.32 68.80
C ALA NA 63 30.14 -73.78 68.64
N LEU NA 64 29.79 -74.39 67.51
CA LEU NA 64 30.18 -75.76 67.23
C LEU NA 64 31.70 -75.88 67.17
N LYS NA 65 32.37 -74.95 66.51
CA LYS NA 65 33.83 -74.96 66.47
C LYS NA 65 34.40 -74.87 67.88
N ALA NA 66 33.83 -74.01 68.72
CA ALA NA 66 34.26 -73.89 70.10
C ALA NA 66 34.03 -75.19 70.86
N LEU NA 67 32.90 -75.85 70.62
CA LEU NA 67 32.68 -77.16 71.17
C LEU NA 67 33.71 -78.16 70.64
N GLU NA 68 34.09 -78.10 69.38
CA GLU NA 68 35.10 -79.02 68.86
C GLU NA 68 36.44 -78.78 69.55
N ILE NA 69 36.79 -77.52 69.75
CA ILE NA 69 37.95 -77.19 70.57
C ILE NA 69 37.79 -77.80 71.95
N LEU NA 70 36.62 -77.66 72.57
CA LEU NA 70 36.39 -78.23 73.88
C LEU NA 70 36.53 -79.75 73.85
N VAL NA 71 36.07 -80.41 72.80
CA VAL NA 71 36.26 -81.85 72.61
C VAL NA 71 37.74 -82.17 72.56
N ARG NA 72 38.48 -81.45 71.75
CA ARG NA 72 39.92 -81.70 71.61
C ARG NA 72 40.60 -81.50 72.96
N ALA NA 73 40.27 -80.42 73.65
CA ALA NA 73 40.83 -80.12 74.96
C ALA NA 73 40.49 -81.21 75.96
N ALA NA 74 39.25 -81.66 75.97
CA ALA NA 74 38.84 -82.77 76.80
C ALA NA 74 39.67 -84.00 76.45
N HIS NA 75 39.90 -84.30 75.17
CA HIS NA 75 40.69 -85.45 74.78
C HIS NA 75 42.08 -85.37 75.37
N VAL NA 76 42.74 -84.23 75.24
CA VAL NA 76 44.05 -84.03 75.86
C VAL NA 76 43.98 -84.22 77.37
N LEU NA 77 43.01 -83.58 78.01
CA LEU NA 77 42.87 -83.67 79.47
C LEU NA 77 42.65 -85.12 79.90
N ALA NA 78 41.86 -85.87 79.15
CA ALA NA 78 41.57 -87.26 79.41
C ALA NA 78 42.82 -88.14 79.19
N GLU NA 79 43.57 -87.91 78.12
CA GLU NA 79 44.82 -88.61 77.87
C GLU NA 79 45.80 -88.39 79.03
N ILE NA 80 45.87 -87.18 79.55
CA ILE NA 80 46.71 -86.87 80.73
C ILE NA 80 46.14 -87.56 81.97
N ALA NA 81 44.85 -87.39 82.25
CA ALA NA 81 44.22 -87.94 83.44
C ALA NA 81 44.28 -89.48 83.50
N ARG NA 82 44.20 -90.16 82.34
CA ARG NA 82 44.28 -91.63 82.22
C ARG NA 82 45.57 -92.17 82.82
N GLU NA 83 46.71 -91.66 82.38
CA GLU NA 83 48.01 -92.15 82.84
C GLU NA 83 48.40 -91.58 84.21
N ARG NA 84 47.99 -90.34 84.51
CA ARG NA 84 48.23 -89.70 85.81
C ARG NA 84 47.36 -90.29 86.94
N GLY NA 85 46.20 -90.88 86.60
CA GLY NA 85 45.22 -91.38 87.56
C GLY NA 85 44.47 -90.28 88.34
N ASN NA 86 44.51 -89.03 87.87
CA ASN NA 86 43.93 -87.90 88.59
C ASN NA 86 42.41 -87.84 88.43
N GLU NA 87 41.69 -88.21 89.49
CA GLU NA 87 40.23 -88.26 89.46
C GLU NA 87 39.58 -86.88 89.28
N GLU NA 88 40.15 -85.81 89.80
CA GLU NA 88 39.58 -84.47 89.62
C GLU NA 88 39.61 -84.01 88.16
N LEU NA 89 40.68 -84.31 87.44
CA LEU NA 89 40.71 -84.12 85.99
C LEU NA 89 39.66 -85.01 85.30
N GLN NA 90 39.54 -86.29 85.67
CA GLN NA 90 38.50 -87.15 85.08
C GLN NA 90 37.10 -86.61 85.33
N LYS NA 91 36.80 -86.18 86.56
CA LYS NA 91 35.53 -85.55 86.93
C LYS NA 91 35.28 -84.31 86.09
N LYS NA 92 36.25 -83.38 86.03
CA LYS NA 92 36.16 -82.16 85.21
C LYS NA 92 35.86 -82.50 83.76
N ALA NA 93 36.66 -83.36 83.13
CA ALA NA 93 36.48 -83.75 81.74
C ALA NA 93 35.10 -84.39 81.53
N HIS NA 94 34.69 -85.33 82.37
CA HIS NA 94 33.39 -85.99 82.23
C HIS NA 94 32.24 -84.98 82.34
N LYS NA 95 32.26 -84.11 83.35
CA LYS NA 95 31.24 -83.05 83.51
C LYS NA 95 31.24 -82.09 82.33
N LEU NA 96 32.41 -81.65 81.89
CA LEU NA 96 32.52 -80.79 80.72
C LEU NA 96 31.95 -81.50 79.49
N ALA NA 97 32.22 -82.79 79.31
CA ALA NA 97 31.68 -83.56 78.20
C ALA NA 97 30.16 -83.64 78.27
N LYS NA 98 29.60 -83.91 79.46
CA LYS NA 98 28.15 -83.85 79.68
C LYS NA 98 27.60 -82.49 79.28
N GLU NA 99 28.22 -81.42 79.75
CA GLU NA 99 27.79 -80.07 79.43
C GLU NA 99 27.88 -79.80 77.93
N ALA NA 100 28.95 -80.26 77.29
CA ALA NA 100 29.09 -80.16 75.86
C ALA NA 100 27.96 -80.91 75.16
N LEU NA 101 27.66 -82.13 75.62
CA LEU NA 101 26.56 -82.89 75.05
C LEU NA 101 25.26 -82.12 75.18
N ARG NA 102 24.99 -81.57 76.36
CA ARG NA 102 23.82 -80.73 76.58
C ARG NA 102 23.81 -79.56 75.60
N GLN NA 103 24.89 -78.79 75.52
CA GLN NA 103 24.96 -77.64 74.65
C GLN NA 103 24.81 -78.02 73.18
N VAL NA 104 25.46 -79.09 72.73
CA VAL NA 104 25.36 -79.50 71.33
C VAL NA 104 23.95 -79.98 71.05
N ILE NA 105 23.30 -80.65 71.98
CA ILE NA 105 21.89 -81.02 71.83
C ILE NA 105 21.05 -79.77 71.71
N GLU NA 106 21.26 -78.77 72.55
CA GLU NA 106 20.53 -77.51 72.43
C GLU NA 106 20.77 -76.87 71.07
N ILE NA 107 22.02 -76.86 70.60
CA ILE NA 107 22.31 -76.37 69.27
C ILE NA 107 21.57 -77.22 68.24
N ALA NA 108 21.50 -78.54 68.40
CA ALA NA 108 20.82 -79.40 67.45
C ALA NA 108 19.33 -79.08 67.40
N ILE NA 109 18.71 -78.90 68.56
CA ILE NA 109 17.33 -78.45 68.63
C ILE NA 109 17.21 -77.08 67.95
N ARG NA 110 18.11 -76.14 68.23
CA ARG NA 110 18.05 -74.80 67.63
C ARG NA 110 18.22 -74.87 66.12
N ALA NA 111 19.13 -75.70 65.62
CA ALA NA 111 19.35 -75.87 64.20
C ALA NA 111 18.08 -76.40 63.52
N ILE NA 112 17.41 -77.37 64.13
CA ILE NA 112 16.12 -77.85 63.64
C ILE NA 112 15.12 -76.70 63.66
N GLN NA 113 15.06 -75.94 64.75
CA GLN NA 113 14.15 -74.81 64.89
C GLN NA 113 14.38 -73.73 63.82
N GLU NA 114 15.63 -73.43 63.49
CA GLU NA 114 15.99 -72.49 62.42
C GLU NA 114 15.89 -73.10 61.02
N GLY NA 115 15.79 -74.43 60.90
CA GLY NA 115 15.50 -75.12 59.65
C GLY NA 115 16.68 -75.38 58.70
N ASN NA 116 17.94 -75.26 59.16
CA ASN NA 116 19.10 -75.77 58.40
C ASN NA 116 19.61 -77.08 59.00
N LEU NA 117 19.63 -78.13 58.18
CA LEU NA 117 19.98 -79.45 58.64
C LEU NA 117 21.49 -79.71 58.63
N GLU NA 118 22.26 -79.00 57.81
CA GLU NA 118 23.71 -79.23 57.72
C GLU NA 118 24.38 -78.90 59.04
N LEU NA 119 24.03 -77.78 59.66
CA LEU NA 119 24.53 -77.45 60.98
C LEU NA 119 24.20 -78.59 61.95
N ALA NA 120 22.96 -79.07 61.95
CA ALA NA 120 22.56 -80.17 62.82
C ALA NA 120 23.39 -81.42 62.55
N ILE NA 121 23.62 -81.76 61.29
CA ILE NA 121 24.42 -82.92 60.92
C ILE NA 121 25.85 -82.75 61.46
N ILE NA 122 26.45 -81.58 61.26
CA ILE NA 122 27.79 -81.29 61.75
C ILE NA 122 27.82 -81.42 63.26
N ALA NA 123 26.84 -80.81 63.92
CA ALA NA 123 26.70 -80.88 65.34
C ALA NA 123 26.62 -82.33 65.80
N LEU NA 124 25.82 -83.13 65.09
CA LEU NA 124 25.62 -84.52 65.43
C LEU NA 124 26.93 -85.27 65.23
N HIS NA 125 27.71 -84.94 64.21
CA HIS NA 125 29.06 -85.47 64.05
C HIS NA 125 29.94 -85.10 65.25
N ILE NA 126 29.91 -83.84 65.67
CA ILE NA 126 30.64 -83.44 66.87
C ILE NA 126 30.11 -84.23 68.06
N SER NA 127 28.82 -84.50 68.14
CA SER NA 127 28.29 -85.30 69.22
C SER NA 127 28.87 -86.71 69.17
N VAL NA 128 29.11 -87.27 67.99
CA VAL NA 128 29.78 -88.56 67.91
C VAL NA 128 31.21 -88.42 68.40
N ARG NA 129 31.90 -87.32 68.11
CA ARG NA 129 33.21 -87.10 68.74
C ARG NA 129 33.08 -87.02 70.26
N ILE NA 130 32.07 -86.34 70.76
CA ILE NA 130 31.78 -86.31 72.19
C ILE NA 130 31.55 -87.72 72.68
N ALA NA 131 30.83 -88.54 71.92
CA ALA NA 131 30.62 -89.93 72.27
C ALA NA 131 31.96 -90.67 72.32
N GLU NA 132 32.87 -90.48 71.39
CA GLU NA 132 34.19 -91.11 71.45
C GLU NA 132 34.94 -90.68 72.72
N VAL NA 133 34.91 -89.40 73.06
CA VAL NA 133 35.54 -88.90 74.27
C VAL NA 133 34.89 -89.54 75.48
N LEU NA 134 33.56 -89.50 75.56
CA LEU NA 134 32.81 -90.12 76.64
C LEU NA 134 33.14 -91.60 76.74
N LEU NA 135 33.21 -92.30 75.61
CA LEU NA 135 33.47 -93.73 75.55
C LEU NA 135 34.84 -94.03 76.15
N GLU NA 136 35.86 -93.25 75.78
CA GLU NA 136 37.15 -93.42 76.42
C GLU NA 136 37.14 -92.97 77.88
N THR NA 137 36.26 -92.05 78.25
CA THR NA 137 36.15 -91.54 79.63
C THR NA 137 35.54 -92.57 80.59
N ARG NA 138 34.40 -93.16 80.21
CA ARG NA 138 33.60 -94.12 81.02
C ARG NA 138 32.84 -95.10 80.09
N PRO NA 139 33.45 -96.24 79.71
CA PRO NA 139 32.81 -97.23 78.85
C PRO NA 139 31.76 -98.10 79.58
N ASP NA 140 31.70 -98.03 80.91
CA ASP NA 140 30.79 -98.80 81.77
C ASP NA 140 29.41 -98.15 81.97
N ASP NA 141 29.25 -96.85 81.74
CA ASP NA 141 27.96 -96.16 81.79
C ASP NA 141 27.16 -96.39 80.49
N ARG NA 142 26.77 -97.65 80.28
CA ARG NA 142 26.02 -98.07 79.10
C ARG NA 142 24.72 -97.26 78.96
N GLU NA 143 24.13 -96.84 80.07
CA GLU NA 143 22.91 -96.04 80.05
C GLU NA 143 23.17 -94.68 79.41
N GLU NA 144 24.20 -93.94 79.82
CA GLU NA 144 24.53 -92.68 79.16
C GLU NA 144 24.75 -92.89 77.67
N ILE NA 145 25.54 -93.90 77.30
CA ILE NA 145 25.80 -94.20 75.91
C ILE NA 145 24.48 -94.45 75.19
N ARG NA 146 23.66 -95.34 75.73
CA ARG NA 146 22.39 -95.68 75.10
C ARG NA 146 21.48 -94.48 75.04
N GLU NA 147 21.47 -93.60 76.03
CA GLU NA 147 20.70 -92.38 75.97
C GLU NA 147 21.17 -91.50 74.83
N GLN NA 148 22.48 -91.29 74.72
CA GLN NA 148 23.02 -90.54 73.60
C GLN NA 148 22.61 -91.23 72.29
N GLN NA 149 22.69 -92.56 72.21
CA GLN NA 149 22.25 -93.28 71.03
C GLN NA 149 20.78 -93.06 70.76
N ALA NA 150 19.92 -93.10 71.77
CA ALA NA 150 18.50 -92.89 71.60
C ALA NA 150 18.27 -91.48 71.05
N ILE NA 151 18.92 -90.50 71.65
CA ILE NA 151 18.79 -89.12 71.23
C ILE NA 151 19.23 -89.00 69.78
N PHE NA 152 20.39 -89.55 69.47
CA PHE NA 152 20.92 -89.59 68.13
C PHE NA 152 19.93 -90.26 67.18
N GLU NA 153 19.40 -91.42 67.54
CA GLU NA 153 18.47 -92.16 66.72
C GLU NA 153 17.24 -91.34 66.43
N LEU NA 154 16.71 -90.67 67.45
CA LEU NA 154 15.57 -89.80 67.28
C LEU NA 154 15.93 -88.66 66.34
N LEU NA 155 17.08 -88.03 66.54
CA LEU NA 155 17.50 -86.94 65.67
C LEU NA 155 17.65 -87.44 64.25
N ILE NA 156 18.27 -88.59 64.04
CA ILE NA 156 18.40 -89.18 62.72
C ILE NA 156 17.03 -89.44 62.12
N ALA NA 157 16.10 -90.00 62.90
CA ALA NA 157 14.77 -90.25 62.38
C ALA NA 157 14.14 -88.92 61.94
N ALA NA 158 14.25 -87.90 62.77
CA ALA NA 158 13.73 -86.58 62.46
C ALA NA 158 14.39 -86.05 61.20
N LEU NA 159 15.69 -86.13 61.10
CA LEU NA 159 16.43 -85.69 59.92
C LEU NA 159 15.99 -86.47 58.68
N GLU NA 160 15.78 -87.78 58.75
CA GLU NA 160 15.39 -88.56 57.59
C GLU NA 160 14.03 -88.09 57.08
N ALA NA 161 13.07 -87.94 57.98
CA ALA NA 161 11.81 -87.34 57.62
C ALA NA 161 12.05 -85.94 57.05
N ALA NA 162 12.92 -85.15 57.68
CA ALA NA 162 13.13 -83.76 57.30
C ALA NA 162 13.65 -83.67 55.87
N ILE NA 163 14.72 -84.39 55.57
CA ILE NA 163 15.30 -84.40 54.23
C ILE NA 163 14.30 -84.96 53.24
N ARG NA 164 13.60 -86.05 53.58
CA ARG NA 164 12.61 -86.64 52.66
C ARG NA 164 11.56 -85.62 52.29
N LEU NA 165 10.99 -84.97 53.30
CA LEU NA 165 9.99 -83.93 53.13
C LEU NA 165 10.57 -82.75 52.33
N GLU NA 166 11.76 -82.29 52.68
CA GLU NA 166 12.39 -81.16 52.00
C GLU NA 166 12.58 -81.45 50.51
N LYS NA 167 13.02 -82.67 50.17
CA LYS NA 167 13.14 -83.06 48.77
C LYS NA 167 11.78 -83.20 48.11
N LEU NA 168 10.78 -83.83 48.74
CA LEU NA 168 9.44 -83.89 48.16
C LEU NA 168 8.89 -82.49 47.88
N LYS NA 169 9.13 -81.54 48.78
CA LYS NA 169 8.77 -80.12 48.59
C LYS NA 169 9.50 -79.55 47.38
N GLU NA 170 10.81 -79.71 47.31
CA GLU NA 170 11.59 -79.16 46.20
C GLU NA 170 11.24 -79.80 44.84
N GLU NA 171 10.92 -81.08 44.84
CA GLU NA 171 10.44 -81.84 43.67
C GLU NA 171 9.00 -81.46 43.27
N GLY NA 172 8.26 -80.73 44.11
CA GLY NA 172 6.88 -80.33 43.83
C GLY NA 172 5.88 -81.50 43.88
N ALA NA 173 6.08 -82.46 44.79
CA ALA NA 173 5.20 -83.62 44.98
C ALA NA 173 3.73 -83.21 45.32
N PRO NA 174 2.73 -84.04 45.00
CA PRO NA 174 1.34 -83.73 45.32
C PRO NA 174 1.14 -83.75 46.84
N PRO NA 175 0.37 -82.80 47.41
CA PRO NA 175 0.14 -82.71 48.85
C PRO NA 175 -0.33 -84.01 49.49
N GLU NA 176 -1.09 -84.84 48.76
CA GLU NA 176 -1.53 -86.16 49.23
C GLU NA 176 -0.35 -87.08 49.56
N GLN NA 177 0.65 -87.16 48.68
CA GLN NA 177 1.86 -87.93 48.97
C GLN NA 177 2.59 -87.32 50.18
N ILE NA 178 2.69 -85.99 50.20
CA ILE NA 178 3.38 -85.28 51.28
C ILE NA 178 2.74 -85.59 52.63
N GLU NA 179 1.43 -85.47 52.75
CA GLU NA 179 0.78 -85.68 54.04
C GLU NA 179 0.82 -87.16 54.46
N ARG NA 180 0.74 -88.11 53.53
CA ARG NA 180 0.98 -89.53 53.87
C ARG NA 180 2.37 -89.74 54.44
N VAL NA 181 3.39 -89.16 53.81
CA VAL NA 181 4.76 -89.22 54.32
C VAL NA 181 4.85 -88.54 55.70
N ALA NA 182 4.24 -87.38 55.86
CA ALA NA 182 4.28 -86.63 57.10
C ALA NA 182 3.68 -87.43 58.26
N GLU NA 183 2.51 -88.01 58.05
CA GLU NA 183 1.87 -88.85 59.05
C GLU NA 183 2.75 -90.06 59.37
N HIS NA 184 3.30 -90.73 58.35
CA HIS NA 184 4.21 -91.85 58.59
C HIS NA 184 5.40 -91.40 59.44
N GLY NA 185 5.93 -90.22 59.18
CA GLY NA 185 6.97 -89.61 59.99
C GLY NA 185 6.53 -89.44 61.43
N LEU NA 186 5.40 -88.74 61.66
CA LEU NA 186 4.88 -88.55 63.01
C LEU NA 186 4.67 -89.90 63.72
N GLU NA 187 4.03 -90.86 63.07
CA GLU NA 187 3.78 -92.17 63.64
C GLU NA 187 5.09 -92.86 64.03
N ARG NA 188 6.04 -92.92 63.11
CA ARG NA 188 7.35 -93.53 63.36
C ARG NA 188 8.03 -92.82 64.53
N LEU NA 189 8.04 -91.48 64.53
CA LEU NA 189 8.64 -90.70 65.60
C LEU NA 189 7.98 -91.04 66.93
N LYS NA 190 6.65 -91.09 66.95
CA LYS NA 190 5.90 -91.45 68.14
C LYS NA 190 6.30 -92.83 68.62
N GLU NA 191 6.34 -93.83 67.75
CA GLU NA 191 6.74 -95.17 68.15
C GLU NA 191 8.16 -95.17 68.73
N ILE NA 192 9.11 -94.52 68.05
CA ILE NA 192 10.48 -94.42 68.53
C ILE NA 192 10.47 -93.76 69.91
N ALA NA 193 9.80 -92.63 70.06
CA ALA NA 193 9.77 -91.92 71.32
C ALA NA 193 9.17 -92.81 72.41
N LYS NA 194 8.10 -93.55 72.09
CA LYS NA 194 7.44 -94.43 73.02
C LYS NA 194 8.39 -95.54 73.47
N GLU NA 195 9.12 -96.14 72.54
CA GLU NA 195 10.15 -97.11 72.90
C GLU NA 195 11.24 -96.46 73.76
N ILE NA 196 11.72 -95.27 73.39
CA ILE NA 196 12.70 -94.55 74.20
C ILE NA 196 12.17 -94.33 75.61
N SER NA 197 10.88 -94.02 75.75
CA SER NA 197 10.27 -93.84 77.07
C SER NA 197 10.30 -95.12 77.90
N LYS NA 198 10.28 -96.30 77.26
CA LYS NA 198 10.50 -97.58 77.95
C LYS NA 198 11.96 -97.72 78.35
N GLU NA 199 12.88 -97.31 77.48
CA GLU NA 199 14.30 -97.44 77.75
C GLU NA 199 14.76 -96.57 78.93
N VAL NA 200 14.51 -95.26 78.87
CA VAL NA 200 15.24 -94.28 79.68
C VAL NA 200 14.58 -93.97 81.03
N ASP NA 201 15.37 -93.45 81.98
CA ASP NA 201 14.86 -92.89 83.24
C ASP NA 201 15.51 -91.55 83.66
N SER NA 202 16.52 -91.02 82.94
CA SER NA 202 17.04 -89.68 83.21
C SER NA 202 15.98 -88.62 82.91
N PRO NA 203 15.62 -87.77 83.87
CA PRO NA 203 14.62 -86.74 83.65
C PRO NA 203 15.02 -85.82 82.50
N GLU NA 204 16.27 -85.38 82.51
CA GLU NA 204 16.77 -84.49 81.47
C GLU NA 204 16.73 -85.19 80.11
N SER NA 205 17.04 -86.48 80.04
CA SER NA 205 16.95 -87.20 78.77
C SER NA 205 15.53 -87.18 78.23
N LYS NA 206 14.53 -87.43 79.08
CA LYS NA 206 13.13 -87.40 78.70
C LYS NA 206 12.76 -85.98 78.24
N ARG NA 207 13.21 -84.98 78.98
CA ARG NA 207 12.96 -83.56 78.68
C ARG NA 207 13.48 -83.21 77.30
N ILE NA 208 14.75 -83.53 77.07
CA ILE NA 208 15.40 -83.42 75.76
C ILE NA 208 14.57 -84.16 74.73
N ALA NA 209 14.20 -85.40 74.99
CA ALA NA 209 13.51 -86.22 74.01
C ALA NA 209 12.22 -85.52 73.59
N TYR NA 210 11.40 -85.12 74.54
CA TYR NA 210 10.15 -84.47 74.19
C TYR NA 210 10.42 -83.20 73.40
N LYS NA 211 11.39 -82.39 73.83
CA LYS NA 211 11.74 -81.17 73.11
C LYS NA 211 12.11 -81.50 71.67
N ILE NA 212 12.90 -82.54 71.45
CA ILE NA 212 13.24 -82.97 70.10
C ILE NA 212 11.96 -83.34 69.34
N VAL NA 213 11.08 -84.13 69.95
CA VAL NA 213 9.84 -84.51 69.27
C VAL NA 213 9.07 -83.26 68.88
N ALA NA 214 8.93 -82.34 69.82
CA ALA NA 214 8.22 -81.10 69.57
C ALA NA 214 8.86 -80.34 68.42
N ALA NA 215 10.19 -80.25 68.42
CA ALA NA 215 10.90 -79.62 67.33
C ALA NA 215 10.61 -80.34 66.01
N ALA NA 216 10.53 -81.67 66.01
CA ALA NA 216 10.24 -82.41 64.79
C ALA NA 216 8.83 -82.09 64.26
N ALA NA 217 7.85 -82.02 65.16
CA ALA NA 217 6.54 -81.57 64.76
C ALA NA 217 6.58 -80.14 64.20
N GLU NA 218 7.28 -79.23 64.89
CA GLU NA 218 7.35 -77.85 64.41
C GLU NA 218 8.04 -77.75 63.05
N PHE NA 219 9.11 -78.51 62.83
CA PHE NA 219 9.79 -78.52 61.54
C PHE NA 219 8.85 -78.99 60.43
N LEU NA 220 8.11 -80.06 60.69
CA LEU NA 220 7.11 -80.55 59.75
C LEU NA 220 6.14 -79.42 59.43
N LEU NA 221 5.59 -78.79 60.47
CA LEU NA 221 4.67 -77.68 60.30
C LEU NA 221 5.30 -76.60 59.41
N LYS NA 222 6.53 -76.19 59.70
CA LYS NA 222 7.21 -75.14 58.92
C LYS NA 222 7.31 -75.53 57.46
N ILE NA 223 7.93 -76.67 57.15
CA ILE NA 223 8.16 -77.04 55.76
C ILE NA 223 6.83 -77.28 55.03
N LEU NA 224 5.87 -77.93 55.69
CA LEU NA 224 4.56 -78.15 55.11
C LEU NA 224 3.88 -76.83 54.76
N ALA NA 225 3.90 -75.87 55.69
CA ALA NA 225 3.29 -74.56 55.48
C ALA NA 225 3.99 -73.77 54.37
N GLU NA 226 5.32 -73.76 54.34
CA GLU NA 226 6.07 -73.14 53.24
C GLU NA 226 5.77 -73.82 51.90
N GLY NA 227 5.45 -75.12 51.92
CA GLY NA 227 5.00 -75.88 50.75
C GLY NA 227 3.66 -75.41 50.18
N GLY NA 228 2.90 -74.59 50.88
CA GLY NA 228 1.69 -73.96 50.36
C GLY NA 228 0.49 -74.90 50.14
N ALA NA 229 0.45 -76.05 50.83
CA ALA NA 229 -0.69 -76.98 50.77
C ALA NA 229 -1.99 -76.32 51.28
N THR NA 230 -3.15 -76.75 50.77
CA THR NA 230 -4.45 -76.14 51.12
C THR NA 230 -4.76 -76.30 52.62
N PRO NA 231 -5.31 -75.28 53.30
CA PRO NA 231 -5.37 -75.23 54.77
C PRO NA 231 -5.97 -76.46 55.45
N GLU NA 232 -6.88 -77.15 54.77
CA GLU NA 232 -7.49 -78.39 55.25
C GLU NA 232 -6.44 -79.45 55.59
N GLN NA 233 -5.41 -79.58 54.74
CA GLN NA 233 -4.33 -80.51 55.00
C GLN NA 233 -3.51 -80.04 56.21
N LEU NA 234 -3.21 -78.74 56.28
CA LEU NA 234 -2.45 -78.17 57.40
C LEU NA 234 -3.17 -78.45 58.71
N GLU NA 235 -4.48 -78.20 58.74
CA GLU NA 235 -5.33 -78.45 59.89
C GLU NA 235 -5.33 -79.93 60.27
N ARG NA 236 -5.54 -80.84 59.31
CA ARG NA 236 -5.53 -82.29 59.58
C ARG NA 236 -4.20 -82.74 60.15
N VAL NA 237 -3.10 -82.36 59.53
CA VAL NA 237 -1.78 -82.68 60.05
C VAL NA 237 -1.60 -82.07 61.43
N THR NA 238 -2.04 -80.83 61.63
CA THR NA 238 -1.91 -80.16 62.93
C THR NA 238 -2.63 -80.94 64.00
N GLU NA 239 -3.88 -81.32 63.76
CA GLU NA 239 -4.63 -82.08 64.75
C GLU NA 239 -3.93 -83.41 65.05
N HIS NA 240 -3.48 -84.12 64.02
CA HIS NA 240 -2.78 -85.38 64.24
C HIS NA 240 -1.51 -85.15 65.06
N ALA NA 241 -0.77 -84.08 64.75
CA ALA NA 241 0.44 -83.73 65.46
C ALA NA 241 0.11 -83.40 66.92
N LEU NA 242 -0.90 -82.59 67.18
CA LEU NA 242 -1.31 -82.29 68.53
C LEU NA 242 -1.70 -83.58 69.27
N GLU NA 243 -2.47 -84.46 68.64
CA GLU NA 243 -2.86 -85.73 69.24
C GLU NA 243 -1.64 -86.57 69.61
N VAL NA 244 -0.70 -86.71 68.67
CA VAL NA 244 0.56 -87.39 68.92
C VAL NA 244 1.30 -86.72 70.07
N LEU NA 245 1.42 -85.40 70.02
CA LEU NA 245 2.15 -84.65 71.03
C LEU NA 245 1.54 -84.88 72.39
N LYS NA 246 0.20 -84.93 72.46
CA LYS NA 246 -0.52 -85.24 73.69
C LYS NA 246 -0.18 -86.65 74.14
N GLU NA 247 -0.23 -87.65 73.28
CA GLU NA 247 0.11 -89.01 73.69
C GLU NA 247 1.54 -89.07 74.21
N VAL NA 248 2.49 -88.53 73.45
CA VAL NA 248 3.90 -88.60 73.82
C VAL NA 248 4.13 -87.80 75.09
N ALA NA 249 3.43 -86.68 75.30
CA ALA NA 249 3.49 -86.00 76.58
C ALA NA 249 2.94 -86.88 77.69
N LYS NA 250 1.79 -87.53 77.48
CA LYS NA 250 1.18 -88.40 78.48
C LYS NA 250 2.09 -89.55 78.87
N GLU NA 251 2.98 -89.98 77.98
CA GLU NA 251 4.07 -90.85 78.37
C GLU NA 251 5.15 -90.07 79.13
N LEU NA 252 5.81 -89.12 78.46
CA LEU NA 252 7.11 -88.58 78.91
C LEU NA 252 7.01 -87.59 80.08
N ALA NA 253 5.88 -86.90 80.25
CA ALA NA 253 5.75 -85.84 81.25
C ALA NA 253 5.29 -86.41 82.60
N ASP NA 254 6.10 -86.22 83.64
CA ASP NA 254 5.84 -86.71 85.01
C ASP NA 254 6.65 -85.92 86.07
N SER NA 255 7.00 -84.67 85.77
CA SER NA 255 7.82 -83.79 86.63
C SER NA 255 7.47 -82.31 86.42
N PRO NA 256 7.81 -81.43 87.37
CA PRO NA 256 7.42 -80.03 87.33
C PRO NA 256 7.79 -79.38 85.99
N GLU NA 257 9.07 -79.43 85.66
CA GLU NA 257 9.58 -78.82 84.45
C GLU NA 257 8.96 -79.47 83.22
N SER NA 258 8.87 -80.81 83.19
CA SER NA 258 8.37 -81.50 81.99
C SER NA 258 6.94 -81.09 81.70
N VAL NA 259 6.07 -80.99 82.70
CA VAL NA 259 4.70 -80.54 82.46
C VAL NA 259 4.72 -79.10 81.95
N ARG NA 260 5.44 -78.22 82.64
CA ARG NA 260 5.48 -76.79 82.28
C ARG NA 260 5.96 -76.61 80.84
N GLU NA 261 7.06 -77.25 80.51
CA GLU NA 261 7.62 -77.21 79.18
C GLU NA 261 6.67 -77.86 78.17
N ALA NA 262 6.03 -78.99 78.52
CA ALA NA 262 5.12 -79.65 77.59
C ALA NA 262 4.00 -78.70 77.20
N VAL NA 263 3.38 -78.05 78.18
CA VAL NA 263 2.36 -77.04 77.90
C VAL NA 263 2.96 -75.95 77.04
N ARG NA 264 4.13 -75.41 77.42
CA ARG NA 264 4.76 -74.34 76.67
C ARG NA 264 4.98 -74.73 75.21
N LEU NA 265 5.40 -75.96 74.97
CA LEU NA 265 5.61 -76.46 73.62
C LEU NA 265 4.28 -76.60 72.90
N ILE NA 266 3.32 -77.28 73.50
CA ILE NA 266 2.07 -77.58 72.80
C ILE NA 266 1.38 -76.25 72.45
N SER NA 267 1.35 -75.32 73.40
CA SER NA 267 0.82 -73.99 73.17
C SER NA 267 1.60 -73.28 72.08
N LYS NA 268 2.94 -73.24 72.15
CA LYS NA 268 3.76 -72.64 71.08
C LYS NA 268 3.37 -73.21 69.72
N LEU NA 269 3.36 -74.53 69.58
CA LEU NA 269 3.06 -75.18 68.31
C LEU NA 269 1.64 -74.88 67.86
N THR NA 270 0.70 -74.87 68.79
CA THR NA 270 -0.67 -74.46 68.48
C THR NA 270 -0.68 -73.05 67.92
N GLN NA 271 -0.01 -72.12 68.61
CA GLN NA 271 0.03 -70.72 68.23
C GLN NA 271 0.67 -70.56 66.85
N GLU NA 272 1.79 -71.23 66.63
CA GLU NA 272 2.47 -71.24 65.35
C GLU NA 272 1.53 -71.71 64.23
N GLY NA 273 0.85 -72.84 64.44
CA GLY NA 273 -0.06 -73.39 63.45
C GLY NA 273 -1.20 -72.43 63.15
N LEU NA 274 -1.78 -71.83 64.19
CA LEU NA 274 -2.84 -70.86 64.01
C LEU NA 274 -2.32 -69.64 63.22
N LYS NA 275 -1.10 -69.19 63.52
CA LYS NA 275 -0.48 -68.09 62.77
C LYS NA 275 -0.28 -68.46 61.31
N GLN NA 276 0.11 -69.69 61.00
CA GLN NA 276 0.17 -70.13 59.60
C GLN NA 276 -1.21 -70.10 58.93
N LEU NA 277 -2.25 -70.61 59.60
CA LEU NA 277 -3.63 -70.54 59.08
C LEU NA 277 -4.06 -69.08 58.83
N LYS NA 278 -3.68 -68.16 59.71
CA LYS NA 278 -3.94 -66.71 59.55
C LYS NA 278 -3.20 -66.16 58.33
N GLU NA 279 -1.91 -66.48 58.16
CA GLU NA 279 -1.12 -66.00 57.02
C GLU NA 279 -1.63 -66.51 55.66
N ILE NA 280 -2.05 -67.77 55.57
CA ILE NA 280 -2.62 -68.31 54.31
C ILE NA 280 -4.03 -67.77 54.01
N GLY NA 281 -4.67 -67.09 54.97
CA GLY NA 281 -6.00 -66.51 54.80
C GLY NA 281 -7.12 -67.55 54.82
N ALA NA 282 -7.00 -68.57 55.67
CA ALA NA 282 -8.02 -69.61 55.85
C ALA NA 282 -9.38 -69.02 56.32
N PRO NA 283 -10.52 -69.66 56.01
CA PRO NA 283 -11.81 -69.22 56.53
C PRO NA 283 -11.85 -69.39 58.05
N PRO NA 284 -12.36 -68.40 58.80
CA PRO NA 284 -12.35 -68.41 60.27
C PRO NA 284 -12.89 -69.68 60.92
N GLU NA 285 -13.81 -70.40 60.26
CA GLU NA 285 -14.32 -71.68 60.77
C GLU NA 285 -13.18 -72.67 61.06
N GLN NA 286 -12.23 -72.82 60.14
CA GLN NA 286 -11.08 -73.68 60.35
C GLN NA 286 -10.24 -73.17 61.52
N ILE NA 287 -10.02 -71.86 61.59
CA ILE NA 287 -9.24 -71.21 62.65
C ILE NA 287 -9.86 -71.53 64.00
N GLU NA 288 -11.17 -71.35 64.10
CA GLU NA 288 -11.93 -71.62 65.32
C GLU NA 288 -11.87 -73.10 65.71
N ARG NA 289 -11.96 -74.04 64.75
CA ARG NA 289 -11.79 -75.46 65.03
C ARG NA 289 -10.42 -75.73 65.62
N VAL NA 290 -9.35 -75.21 65.00
CA VAL NA 290 -8.01 -75.40 65.55
C VAL NA 290 -7.93 -74.79 66.95
N ALA NA 291 -8.47 -73.59 67.14
CA ALA NA 291 -8.42 -72.94 68.44
C ALA NA 291 -9.08 -73.81 69.51
N GLU NA 292 -10.31 -74.25 69.26
CA GLU NA 292 -11.04 -75.10 70.20
C GLU NA 292 -10.27 -76.40 70.44
N HIS NA 293 -9.89 -77.09 69.38
CA HIS NA 293 -9.26 -78.39 69.53
C HIS NA 293 -7.95 -78.26 70.29
N GLY NA 294 -7.19 -77.20 70.02
CA GLY NA 294 -5.99 -76.87 70.76
C GLY NA 294 -6.29 -76.64 72.23
N LEU NA 295 -7.27 -75.80 72.55
CA LEU NA 295 -7.63 -75.57 73.94
C LEU NA 295 -8.07 -76.86 74.62
N GLU NA 296 -8.88 -77.68 73.97
CA GLU NA 296 -9.30 -78.97 74.51
C GLU NA 296 -8.09 -79.85 74.82
N VAL NA 297 -7.18 -80.00 73.86
CA VAL NA 297 -5.93 -80.74 74.06
C VAL NA 297 -5.18 -80.17 75.26
N LEU NA 298 -5.01 -78.84 75.31
CA LEU NA 298 -4.26 -78.20 76.37
C LEU NA 298 -4.88 -78.53 77.71
N LYS NA 299 -6.20 -78.42 77.81
CA LYS NA 299 -6.94 -78.75 79.01
C LYS NA 299 -6.75 -80.21 79.39
N GLU NA 300 -6.84 -81.13 78.45
CA GLU NA 300 -6.60 -82.55 78.74
C GLU NA 300 -5.18 -82.76 79.26
N ILE NA 301 -4.20 -82.06 78.69
CA ILE NA 301 -2.83 -82.13 79.17
C ILE NA 301 -2.73 -81.53 80.56
N ALA NA 302 -3.33 -80.36 80.80
CA ALA NA 302 -3.26 -79.70 82.08
C ALA NA 302 -3.81 -80.64 83.16
N LYS NA 303 -4.96 -81.26 82.86
CA LYS NA 303 -5.57 -82.28 83.70
C LYS NA 303 -4.59 -83.43 83.94
N TYR NA 304 -4.05 -84.03 82.88
CA TYR NA 304 -3.09 -85.11 83.03
C TYR NA 304 -1.93 -84.71 83.94
N GLY NA 305 -1.28 -83.59 83.63
CA GLY NA 305 -0.13 -83.11 84.38
C GLY NA 305 -0.46 -82.90 85.84
N SER NA 306 -1.65 -82.36 86.12
CA SER NA 306 -2.08 -82.06 87.48
C SER NA 306 -2.10 -83.29 88.38
N LYS NA 307 -2.26 -84.51 87.84
CA LYS NA 307 -2.51 -85.72 88.64
C LYS NA 307 -1.44 -85.99 89.71
N LEU NA 308 -0.19 -85.65 89.44
CA LEU NA 308 0.93 -85.87 90.37
C LEU NA 308 1.11 -84.72 91.38
N THR NA 309 0.50 -83.57 91.13
CA THR NA 309 1.03 -82.28 91.61
C THR NA 309 0.87 -82.01 93.10
N ASP NA 310 1.80 -81.22 93.64
CA ASP NA 310 1.84 -80.73 95.03
C ASP NA 310 2.32 -79.25 95.16
N SER NA 311 2.56 -78.55 94.06
CA SER NA 311 3.03 -77.15 94.06
C SER NA 311 1.98 -76.21 93.48
N PRO NA 312 1.33 -75.39 94.34
CA PRO NA 312 0.51 -74.27 93.89
C PRO NA 312 1.28 -73.32 92.97
N GLU NA 313 2.59 -73.21 93.12
CA GLU NA 313 3.43 -72.35 92.31
C GLU NA 313 3.44 -72.83 90.86
N LEU NA 314 3.70 -74.14 90.65
CA LEU NA 314 3.59 -74.74 89.33
C LEU NA 314 2.19 -74.55 88.79
N LYS NA 315 1.16 -74.86 89.58
CA LYS NA 315 -0.23 -74.65 89.15
C LYS NA 315 -0.45 -73.21 88.71
N ARG NA 316 0.04 -72.23 89.47
CA ARG NA 316 -0.10 -70.79 89.16
C ARG NA 316 0.52 -70.49 87.82
N GLU NA 317 1.78 -70.86 87.64
CA GLU NA 317 2.45 -70.60 86.37
C GLU NA 317 1.76 -71.33 85.22
N LEU NA 318 1.33 -72.56 85.42
CA LEU NA 318 0.59 -73.29 84.39
C LEU NA 318 -0.66 -72.54 84.01
N TYR NA 319 -1.46 -72.15 84.99
CA TYR NA 319 -2.66 -71.40 84.73
C TYR NA 319 -2.33 -70.10 84.02
N ARG NA 320 -1.27 -69.41 84.46
CA ARG NA 320 -0.83 -68.17 83.83
C ARG NA 320 -0.54 -68.43 82.37
N ILE NA 321 0.22 -69.46 82.05
CA ILE NA 321 0.51 -69.83 80.66
C ILE NA 321 -0.78 -70.11 79.92
N ILE NA 322 -1.72 -70.85 80.50
CA ILE NA 322 -2.99 -71.11 79.85
C ILE NA 322 -3.67 -69.78 79.53
N SER NA 323 -3.69 -68.85 80.47
CA SER NA 323 -4.29 -67.54 80.24
C SER NA 323 -3.54 -66.75 79.16
N GLU NA 324 -2.21 -66.77 79.16
CA GLU NA 324 -1.43 -66.16 78.09
C GLU NA 324 -1.83 -66.78 76.75
N THR NA 325 -2.03 -68.09 76.73
CA THR NA 325 -2.44 -68.81 75.53
C THR NA 325 -3.77 -68.27 75.07
N ALA NA 326 -4.75 -68.20 75.95
CA ALA NA 326 -6.05 -67.66 75.59
C ALA NA 326 -5.91 -66.23 75.05
N LYS NA 327 -5.13 -65.38 75.72
CA LYS NA 327 -4.93 -64.00 75.29
C LYS NA 327 -4.31 -63.95 73.90
N GLU NA 328 -3.30 -64.78 73.66
CA GLU NA 328 -2.68 -64.88 72.34
C GLU NA 328 -3.69 -65.37 71.31
N LEU NA 329 -4.48 -66.39 71.62
CA LEU NA 329 -5.48 -66.93 70.70
C LEU NA 329 -6.48 -65.87 70.30
N LEU NA 330 -7.03 -65.15 71.27
CA LEU NA 330 -7.96 -64.05 70.98
C LEU NA 330 -7.28 -62.99 70.13
N LYS NA 331 -6.04 -62.60 70.46
CA LYS NA 331 -5.30 -61.62 69.68
C LYS NA 331 -5.13 -62.08 68.23
N ILE NA 332 -4.84 -63.36 68.01
CA ILE NA 332 -4.72 -63.92 66.65
C ILE NA 332 -6.06 -63.81 65.91
N LEU NA 333 -7.17 -64.20 66.53
CA LEU NA 333 -8.48 -64.07 65.88
C LEU NA 333 -8.78 -62.60 65.54
N ALA NA 334 -8.48 -61.68 66.46
CA ALA NA 334 -8.69 -60.25 66.26
C ALA NA 334 -7.82 -59.69 65.12
N GLU NA 335 -6.54 -60.05 65.08
CA GLU NA 335 -5.65 -59.69 63.97
C GLU NA 335 -6.14 -60.32 62.65
N GLY NA 336 -6.70 -61.53 62.72
CA GLY NA 336 -7.36 -62.21 61.60
C GLY NA 336 -8.66 -61.55 61.13
N GLY NA 337 -9.11 -60.46 61.76
CA GLY NA 337 -10.31 -59.73 61.36
C GLY NA 337 -11.62 -60.48 61.64
N ALA NA 338 -11.63 -61.42 62.59
CA ALA NA 338 -12.82 -62.21 62.95
C ALA NA 338 -14.00 -61.33 63.43
N THR NA 339 -15.23 -61.81 63.21
CA THR NA 339 -16.45 -61.14 63.70
C THR NA 339 -16.55 -61.17 65.22
N PRO NA 340 -17.30 -60.24 65.84
CA PRO NA 340 -17.53 -60.30 67.28
C PRO NA 340 -18.25 -61.58 67.70
N GLU NA 341 -19.12 -62.15 66.86
CA GLU NA 341 -19.80 -63.40 67.19
C GLU NA 341 -18.85 -64.60 67.16
N GLN NA 342 -17.86 -64.64 66.27
CA GLN NA 342 -16.80 -65.65 66.40
C GLN NA 342 -16.00 -65.41 67.69
N LEU NA 343 -15.63 -64.16 67.96
CA LEU NA 343 -14.85 -63.83 69.16
C LEU NA 343 -15.60 -64.24 70.43
N GLU NA 344 -16.91 -64.02 70.53
CA GLU NA 344 -17.63 -64.40 71.74
C GLU NA 344 -17.70 -65.93 71.88
N ARG NA 345 -17.91 -66.69 70.79
CA ARG NA 345 -17.88 -68.16 70.84
C ARG NA 345 -16.56 -68.66 71.40
N VAL NA 346 -15.45 -68.14 70.86
CA VAL NA 346 -14.11 -68.49 71.33
C VAL NA 346 -13.93 -68.05 72.78
N THR NA 347 -14.30 -66.82 73.12
CA THR NA 347 -14.12 -66.29 74.47
C THR NA 347 -14.86 -67.13 75.48
N LYS NA 348 -16.09 -67.55 75.15
CA LYS NA 348 -16.90 -68.42 75.99
C LYS NA 348 -16.18 -69.75 76.20
N HIS NA 349 -15.77 -70.41 75.13
CA HIS NA 349 -15.04 -71.67 75.26
C HIS NA 349 -13.77 -71.48 76.10
N ALA NA 350 -13.03 -70.40 75.87
CA ALA NA 350 -11.82 -70.11 76.62
C ALA NA 350 -12.11 -69.96 78.11
N LEU NA 351 -13.11 -69.17 78.46
CA LEU NA 351 -13.53 -69.03 79.84
C LEU NA 351 -13.93 -70.38 80.40
N GLU NA 352 -14.71 -71.18 79.68
CA GLU NA 352 -15.14 -72.49 80.15
C GLU NA 352 -13.96 -73.41 80.39
N VAL NA 353 -13.00 -73.43 79.47
CA VAL NA 353 -11.76 -74.17 79.66
C VAL NA 353 -11.05 -73.66 80.90
N LEU NA 354 -10.90 -72.35 81.06
CA LEU NA 354 -10.23 -71.82 82.23
C LEU NA 354 -10.98 -72.27 83.49
N LYS NA 355 -12.30 -72.24 83.46
CA LYS NA 355 -13.14 -72.66 84.58
C LYS NA 355 -12.86 -74.11 84.90
N GLU NA 356 -12.92 -74.99 83.91
CA GLU NA 356 -12.64 -76.41 84.11
C GLU NA 356 -11.22 -76.62 84.65
N VAL NA 357 -10.24 -75.92 84.09
CA VAL NA 357 -8.86 -76.07 84.53
C VAL NA 357 -8.69 -75.56 85.95
N ALA NA 358 -9.33 -74.45 86.30
CA ALA NA 358 -9.32 -73.99 87.68
C ALA NA 358 -9.97 -75.03 88.58
N LYS NA 359 -11.11 -75.60 88.19
CA LYS NA 359 -11.82 -76.62 88.97
C LYS NA 359 -10.94 -77.85 89.19
N GLU NA 360 -10.17 -78.25 88.20
CA GLU NA 360 -9.19 -79.31 88.38
C GLU NA 360 -8.08 -78.87 89.34
N LEU NA 361 -7.42 -77.74 89.06
CA LEU NA 361 -6.17 -77.39 89.72
C LEU NA 361 -6.39 -76.90 91.15
N ALA NA 362 -7.33 -75.98 91.35
CA ALA NA 362 -7.38 -75.18 92.56
C ALA NA 362 -7.66 -76.02 93.80
N ASP NA 363 -6.94 -75.72 94.88
CA ASP NA 363 -6.97 -76.46 96.16
C ASP NA 363 -6.73 -75.56 97.40
N SER NA 364 -6.66 -74.23 97.24
CA SER NA 364 -6.50 -73.26 98.33
C SER NA 364 -7.17 -71.92 97.97
N PRO NA 365 -7.55 -71.08 98.95
CA PRO NA 365 -8.12 -69.78 98.64
C PRO NA 365 -7.10 -68.89 97.93
N GLU NA 366 -5.83 -68.98 98.32
CA GLU NA 366 -4.77 -68.15 97.75
C GLU NA 366 -4.64 -68.39 96.25
N SER NA 367 -4.54 -69.67 95.86
CA SER NA 367 -4.52 -70.05 94.45
C SER NA 367 -5.85 -69.73 93.78
N GLY NA 368 -6.96 -69.92 94.48
CA GLY NA 368 -8.28 -69.52 94.00
C GLY NA 368 -8.29 -68.07 93.56
N LEU NA 369 -7.83 -67.16 94.41
CA LEU NA 369 -7.75 -65.74 94.06
C LEU NA 369 -6.90 -65.53 92.83
N ALA NA 370 -5.70 -66.10 92.79
CA ALA NA 370 -4.83 -65.92 91.64
C ALA NA 370 -5.52 -66.39 90.35
N ALA NA 371 -6.12 -67.58 90.37
CA ALA NA 371 -6.84 -68.11 89.22
C ALA NA 371 -8.01 -67.21 88.85
N LEU NA 372 -8.76 -66.75 89.84
CA LEU NA 372 -9.86 -65.84 89.63
C LEU NA 372 -9.36 -64.57 88.93
N ALA NA 373 -8.25 -64.02 89.42
CA ALA NA 373 -7.67 -62.82 88.84
C ALA NA 373 -7.29 -63.05 87.38
N ALA NA 374 -6.71 -64.22 87.09
CA ALA NA 374 -6.43 -64.57 85.71
C ALA NA 374 -7.72 -64.62 84.89
N ILE NA 375 -8.77 -65.29 85.37
CA ILE NA 375 -10.05 -65.34 84.66
C ILE NA 375 -10.52 -63.92 84.38
N ALA NA 376 -10.53 -63.08 85.40
CA ALA NA 376 -10.94 -61.70 85.27
C ALA NA 376 -10.11 -60.98 84.23
N SER NA 377 -8.79 -61.16 84.24
CA SER NA 377 -7.94 -60.49 83.27
C SER NA 377 -8.28 -60.95 81.86
N LEU NA 378 -8.60 -62.24 81.68
CA LEU NA 378 -8.99 -62.74 80.38
C LEU NA 378 -10.30 -62.09 79.96
N ALA NA 379 -11.26 -62.02 80.88
CA ALA NA 379 -12.51 -61.34 80.60
C ALA NA 379 -12.25 -59.88 80.18
N LYS NA 380 -11.34 -59.19 80.86
CA LYS NA 380 -10.96 -57.81 80.53
C LYS NA 380 -10.42 -57.73 79.12
N LEU NA 381 -9.47 -58.58 78.77
CA LEU NA 381 -8.91 -58.58 77.42
C LEU NA 381 -9.99 -58.93 76.39
N GLY NA 382 -10.83 -59.91 76.66
CA GLY NA 382 -11.90 -60.33 75.76
C GLY NA 382 -12.88 -59.20 75.49
N LEU NA 383 -13.32 -58.52 76.55
CA LEU NA 383 -14.16 -57.34 76.44
C LEU NA 383 -13.42 -56.24 75.67
N GLU NA 384 -12.12 -56.08 75.88
CA GLU NA 384 -11.33 -55.13 75.12
C GLU NA 384 -11.28 -55.47 73.62
N GLN NA 385 -11.32 -56.75 73.24
CA GLN NA 385 -11.44 -57.13 71.83
C GLN NA 385 -12.82 -56.74 71.28
N LEU NA 386 -13.89 -57.05 72.02
CA LEU NA 386 -15.25 -56.65 71.64
C LEU NA 386 -15.36 -55.12 71.52
N LYS NA 387 -14.72 -54.37 72.41
CA LYS NA 387 -14.64 -52.91 72.35
C LYS NA 387 -13.91 -52.45 71.10
N GLU NA 388 -12.76 -53.04 70.79
CA GLU NA 388 -11.97 -52.66 69.61
C GLU NA 388 -12.73 -52.89 68.30
N ILE NA 389 -13.44 -54.02 68.15
CA ILE NA 389 -14.28 -54.27 66.97
C ILE NA 389 -15.62 -53.49 67.00
N GLY NA 390 -15.92 -52.80 68.10
CA GLY NA 390 -17.14 -52.01 68.25
C GLY NA 390 -18.41 -52.86 68.36
N ALA NA 391 -18.34 -54.02 69.02
CA ALA NA 391 -19.43 -54.99 69.11
C ALA NA 391 -20.72 -54.41 69.75
N PRO NA 392 -21.92 -54.83 69.31
CA PRO NA 392 -23.18 -54.45 69.95
C PRO NA 392 -23.13 -54.65 71.46
N PRO NA 393 -23.69 -53.73 72.26
CA PRO NA 393 -23.70 -53.83 73.71
C PRO NA 393 -24.21 -55.18 74.23
N GLU NA 394 -25.17 -55.82 73.56
CA GLU NA 394 -25.63 -57.16 73.96
C GLU NA 394 -24.47 -58.16 74.03
N GLN NA 395 -23.57 -58.16 73.06
CA GLN NA 395 -22.42 -59.06 73.07
C GLN NA 395 -21.55 -58.80 74.31
N GLN NA 396 -21.32 -57.52 74.60
CA GLN NA 396 -20.54 -57.09 75.76
C GLN NA 396 -21.21 -57.58 77.05
N ARG NA 397 -22.53 -57.43 77.15
CA ARG NA 397 -23.32 -57.89 78.29
C ARG NA 397 -23.25 -59.41 78.41
N ARG NA 398 -23.48 -60.15 77.32
CA ARG NA 398 -23.39 -61.62 77.30
C ARG NA 398 -22.07 -62.08 77.90
N VAL NA 399 -20.97 -61.59 77.36
CA VAL NA 399 -19.62 -61.96 77.82
C VAL NA 399 -19.45 -61.56 79.28
N THR NA 400 -19.86 -60.35 79.66
CA THR NA 400 -19.67 -59.88 81.03
C THR NA 400 -20.42 -60.76 82.02
N LYS NA 401 -21.67 -61.07 81.72
CA LYS NA 401 -22.52 -61.97 82.52
C LYS NA 401 -21.89 -63.34 82.63
N ALA NA 402 -21.45 -63.91 81.51
CA ALA NA 402 -20.74 -65.19 81.54
C ALA NA 402 -19.52 -65.10 82.44
N GLY NA 403 -18.75 -64.00 82.35
CA GLY NA 403 -17.61 -63.76 83.21
C GLY NA 403 -18.00 -63.75 84.68
N ILE NA 404 -19.04 -62.98 85.03
CA ILE NA 404 -19.56 -62.94 86.39
C ILE NA 404 -19.97 -64.34 86.83
N GLU NA 405 -20.70 -65.08 86.01
CA GLU NA 405 -21.16 -66.42 86.34
C GLU NA 405 -19.99 -67.38 86.60
N ALA NA 406 -18.98 -67.37 85.73
CA ALA NA 406 -17.80 -68.19 85.94
C ALA NA 406 -17.13 -67.80 87.25
N VAL NA 407 -16.94 -66.50 87.48
CA VAL NA 407 -16.35 -65.98 88.70
C VAL NA 407 -17.14 -66.44 89.91
N ARG NA 408 -18.47 -66.36 89.85
CA ARG NA 408 -19.33 -66.82 90.93
C ARG NA 408 -19.14 -68.31 91.17
N GLU NA 409 -19.17 -69.12 90.13
CA GLU NA 409 -19.00 -70.56 90.28
C GLU NA 409 -17.65 -70.92 90.86
N ILE NA 410 -16.59 -70.27 90.39
CA ILE NA 410 -15.26 -70.47 90.97
C ILE NA 410 -15.25 -69.98 92.41
N TYR NA 411 -15.94 -68.90 92.74
CA TYR NA 411 -16.07 -68.51 94.14
C TYR NA 411 -16.83 -69.54 94.95
N ARG NA 412 -17.89 -70.16 94.41
CA ARG NA 412 -18.58 -71.25 95.11
C ARG NA 412 -17.64 -72.41 95.39
N TYR NA 413 -16.80 -72.79 94.43
CA TYR NA 413 -15.76 -73.78 94.69
C TYR NA 413 -14.76 -73.25 95.74
N GLY NA 414 -14.37 -71.98 95.68
CA GLY NA 414 -13.52 -71.34 96.66
C GLY NA 414 -14.11 -71.41 98.08
N ARG NA 415 -15.42 -71.19 98.21
CA ARG NA 415 -16.14 -71.32 99.49
C ARG NA 415 -16.16 -72.76 99.99
N LYS NA 416 -16.11 -73.77 99.10
CA LYS NA 416 -15.92 -75.18 99.51
C LYS NA 416 -14.49 -75.45 99.95
N LEU NA 417 -13.49 -74.86 99.28
CA LEU NA 417 -12.07 -75.03 99.61
C LEU NA 417 -11.66 -74.34 100.93
N TYR NA 418 -12.21 -73.17 101.22
CA TYR NA 418 -11.84 -72.31 102.35
C TYR NA 418 -12.57 -72.71 103.65
N ASP OA 3 -32.63 68.57 61.65
CA ASP OA 3 -33.14 69.82 62.27
C ASP OA 3 -34.35 69.63 63.17
N ASP OA 4 -35.32 68.79 62.82
CA ASP OA 4 -36.66 68.76 63.43
C ASP OA 4 -36.66 68.69 64.95
N LEU OA 5 -35.70 67.98 65.53
CA LEU OA 5 -35.54 67.86 66.98
C LEU OA 5 -35.47 69.24 67.65
N LEU OA 6 -34.70 70.18 67.09
CA LEU OA 6 -34.60 71.53 67.65
C LEU OA 6 -35.98 72.18 67.69
N LEU OA 7 -36.70 72.15 66.57
CA LEU OA 7 -38.03 72.72 66.53
C LEU OA 7 -38.91 72.07 67.58
N LYS OA 8 -38.90 70.74 67.66
CA LYS OA 8 -39.78 70.05 68.61
C LYS OA 8 -39.40 70.37 70.05
N LEU OA 9 -38.12 70.43 70.40
CA LEU OA 9 -37.73 70.79 71.75
C LEU OA 9 -38.15 72.23 72.05
N LEU OA 10 -37.99 73.14 71.10
CA LEU OA 10 -38.42 74.51 71.26
C LEU OA 10 -39.94 74.57 71.46
N GLU OA 11 -40.70 73.80 70.68
CA GLU OA 11 -42.14 73.72 70.84
C GLU OA 11 -42.50 73.25 72.25
N LEU OA 12 -41.84 72.22 72.73
CA LEU OA 12 -42.10 71.74 74.08
C LEU OA 12 -41.66 72.75 75.13
N LEU OA 13 -40.61 73.52 74.87
CA LEU OA 13 -40.29 74.65 75.73
C LEU OA 13 -41.42 75.68 75.70
N VAL OA 14 -41.99 76.00 74.55
CA VAL OA 14 -43.11 76.94 74.48
C VAL OA 14 -44.26 76.39 75.31
N GLU OA 15 -44.58 75.12 75.14
CA GLU OA 15 -45.67 74.52 75.87
C GLU OA 15 -45.38 74.54 77.38
N GLN OA 16 -44.15 74.23 77.77
CA GLN OA 16 -43.75 74.31 79.17
C GLN OA 16 -43.89 75.75 79.68
N ALA OA 17 -43.51 76.74 78.87
CA ALA OA 17 -43.72 78.13 79.24
C ALA OA 17 -45.20 78.41 79.43
N ARG OA 18 -46.08 77.89 78.55
CA ARG OA 18 -47.53 78.05 78.73
C ARG OA 18 -47.98 77.45 80.05
N VAL OA 19 -47.62 76.21 80.31
CA VAL OA 19 -48.02 75.53 81.55
C VAL OA 19 -47.50 76.28 82.77
N SER OA 20 -46.24 76.70 82.70
CA SER OA 20 -45.63 77.52 83.74
C SER OA 20 -46.36 78.83 83.94
N ALA OA 21 -46.80 79.50 82.87
CA ALA OA 21 -47.49 80.77 82.95
C ALA OA 21 -48.92 80.62 83.47
N GLU OA 22 -49.62 79.55 83.12
CA GLU OA 22 -50.91 79.23 83.74
C GLU OA 22 -50.74 78.98 85.23
N PHE OA 23 -49.73 78.19 85.62
CA PHE OA 23 -49.38 77.96 87.02
C PHE OA 23 -49.07 79.25 87.75
N ALA OA 24 -48.17 80.08 87.19
CA ALA OA 24 -47.77 81.33 87.79
C ALA OA 24 -48.95 82.30 87.92
N ARG OA 25 -49.88 82.34 86.96
CA ARG OA 25 -51.12 83.12 87.07
C ARG OA 25 -52.04 82.59 88.17
N ARG OA 26 -52.13 81.26 88.34
CA ARG OA 26 -52.84 80.66 89.48
C ARG OA 26 -52.10 80.77 90.83
N GLN OA 27 -50.91 81.39 90.88
CA GLN OA 27 -50.12 81.57 92.12
C GLN OA 27 -49.55 82.98 92.36
N GLY OA 28 -49.71 83.93 91.44
CA GLY OA 28 -49.22 85.31 91.56
C GLY OA 28 -47.70 85.48 91.41
N ASP OA 29 -47.00 84.53 90.79
CA ASP OA 29 -45.54 84.58 90.67
C ASP OA 29 -45.06 85.46 89.51
N GLU OA 30 -45.02 86.77 89.75
CA GLU OA 30 -44.58 87.76 88.77
C GLU OA 30 -43.15 87.52 88.29
N LYS OA 31 -42.27 87.03 89.18
CA LYS OA 31 -40.87 86.73 88.83
C LYS OA 31 -40.81 85.57 87.83
N MET OA 32 -41.58 84.50 88.07
CA MET OA 32 -41.67 83.43 87.09
C MET OA 32 -42.24 83.94 85.77
N LEU OA 33 -43.30 84.75 85.80
CA LEU OA 33 -43.86 85.32 84.56
C LEU OA 33 -42.80 86.12 83.78
N GLU OA 34 -42.05 86.98 84.46
CA GLU OA 34 -40.93 87.71 83.85
C GLU OA 34 -39.90 86.75 83.23
N GLU OA 35 -39.45 85.76 83.99
CA GLU OA 35 -38.43 84.83 83.52
C GLU OA 35 -38.93 83.97 82.35
N VAL OA 36 -40.14 83.41 82.41
CA VAL OA 36 -40.66 82.62 81.30
C VAL OA 36 -40.95 83.52 80.10
N ALA OA 37 -41.35 84.78 80.29
CA ALA OA 37 -41.51 85.69 79.17
C ALA OA 37 -40.17 85.90 78.45
N ARG OA 38 -39.09 86.16 79.20
CA ARG OA 38 -37.74 86.24 78.62
C ARG OA 38 -37.41 84.95 77.89
N LYS OA 39 -37.63 83.80 78.53
CA LYS OA 39 -37.33 82.50 77.95
C LYS OA 39 -38.13 82.26 76.67
N ALA OA 40 -39.41 82.62 76.66
CA ALA OA 40 -40.27 82.49 75.51
C ALA OA 40 -39.84 83.41 74.38
N GLU OA 41 -39.44 84.64 74.68
CA GLU OA 41 -38.89 85.53 73.66
C GLU OA 41 -37.60 84.96 73.07
N GLU OA 42 -36.70 84.44 73.90
CA GLU OA 42 -35.47 83.82 73.41
C GLU OA 42 -35.74 82.56 72.59
N VAL OA 43 -36.67 81.72 73.03
CA VAL OA 43 -37.12 80.57 72.25
C VAL OA 43 -37.67 81.04 70.91
N ALA OA 44 -38.48 82.11 70.90
CA ALA OA 44 -38.99 82.68 69.66
C ALA OA 44 -37.86 83.21 68.79
N ARG OA 45 -36.82 83.82 69.38
CA ARG OA 45 -35.63 84.23 68.64
C ARG OA 45 -34.97 83.02 67.99
N LYS OA 46 -34.71 81.96 68.76
CA LYS OA 46 -34.14 80.72 68.21
C LYS OA 46 -34.98 80.22 67.04
N ALA OA 47 -36.30 80.18 67.22
CA ALA OA 47 -37.22 79.77 66.17
C ALA OA 47 -37.12 80.66 64.94
N GLU OA 48 -37.10 81.98 65.10
CA GLU OA 48 -36.98 82.90 63.97
C GLU OA 48 -35.66 82.69 63.24
N GLU OA 49 -34.54 82.58 63.96
CA GLU OA 49 -33.25 82.33 63.35
C GLU OA 49 -33.26 81.03 62.53
N ILE OA 50 -33.82 79.97 63.09
CA ILE OA 50 -33.97 78.70 62.36
C ILE OA 50 -34.88 78.90 61.15
N ALA OA 51 -36.00 79.60 61.30
CA ALA OA 51 -36.94 79.83 60.22
C ALA OA 51 -36.30 80.58 59.06
N ARG OA 52 -35.53 81.64 59.34
CA ARG OA 52 -34.84 82.40 58.29
C ARG OA 52 -33.78 81.55 57.59
N LYS OA 53 -33.12 80.64 58.30
CA LYS OA 53 -32.25 79.61 57.68
C LYS OA 53 -33.07 78.71 56.75
N ALA OA 54 -34.16 78.15 57.24
CA ALA OA 54 -35.03 77.30 56.45
C ALA OA 54 -35.56 78.00 55.19
N ARG OA 55 -35.86 79.30 55.28
CA ARG OA 55 -36.28 80.12 54.13
C ARG OA 55 -35.21 80.13 53.05
N LYS OA 56 -33.94 80.34 53.42
CA LYS OA 56 -32.81 80.26 52.48
C LYS OA 56 -32.65 78.85 51.91
N GLU OA 57 -32.78 77.83 52.74
CA GLU OA 57 -32.61 76.43 52.34
C GLU OA 57 -33.75 75.89 51.48
N GLY OA 58 -34.94 76.50 51.55
CA GLY OA 58 -36.10 76.14 50.73
C GLY OA 58 -36.91 74.93 51.22
N ASN OA 59 -36.75 74.49 52.47
CA ASN OA 59 -37.66 73.49 53.07
C ASN OA 59 -38.90 74.19 53.66
N LEU OA 60 -39.96 74.27 52.85
CA LEU OA 60 -41.21 74.94 53.24
C LEU OA 60 -41.84 74.30 54.47
N GLU OA 61 -41.79 72.99 54.60
CA GLU OA 61 -42.42 72.31 55.74
C GLU OA 61 -41.78 72.76 57.05
N LEU OA 62 -40.45 72.73 57.13
CA LEU OA 62 -39.75 73.20 58.31
C LEU OA 62 -40.04 74.68 58.56
N ALA OA 63 -40.00 75.51 57.52
CA ALA OA 63 -40.26 76.94 57.69
C ALA OA 63 -41.67 77.17 58.25
N LEU OA 64 -42.66 76.51 57.68
CA LEU OA 64 -44.04 76.60 58.15
C LEU OA 64 -44.14 76.15 59.59
N LYS OA 65 -43.57 74.99 59.92
CA LYS OA 65 -43.58 74.48 61.28
C LYS OA 65 -42.95 75.48 62.23
N ALA OA 66 -41.79 76.01 61.88
CA ALA OA 66 -41.09 76.99 62.69
C ALA OA 66 -41.91 78.27 62.88
N LEU OA 67 -42.57 78.74 61.82
CA LEU OA 67 -43.49 79.85 61.93
C LEU OA 67 -44.63 79.49 62.87
N GLU OA 68 -45.21 78.31 62.76
CA GLU OA 68 -46.36 77.94 63.57
C GLU OA 68 -45.97 77.87 65.05
N ILE OA 69 -44.79 77.32 65.33
CA ILE OA 69 -44.21 77.37 66.67
C ILE OA 69 -44.05 78.83 67.10
N LEU OA 70 -43.50 79.69 66.24
CA LEU OA 70 -43.35 81.11 66.57
C LEU OA 70 -44.69 81.76 66.86
N VAL OA 71 -45.73 81.37 66.14
CA VAL OA 71 -47.09 81.88 66.36
C VAL OA 71 -47.59 81.43 67.73
N ARG OA 72 -47.38 80.17 68.11
CA ARG OA 72 -47.72 79.72 69.47
C ARG OA 72 -46.93 80.51 70.50
N ALA OA 73 -45.63 80.72 70.26
CA ALA OA 73 -44.78 81.49 71.17
C ALA OA 73 -45.30 82.92 71.31
N ALA OA 74 -45.66 83.54 70.20
CA ALA OA 74 -46.29 84.84 70.22
C ALA OA 74 -47.59 84.78 71.01
N HIS OA 75 -48.39 83.73 70.87
CA HIS OA 75 -49.64 83.62 71.61
C HIS OA 75 -49.40 83.67 73.11
N VAL OA 76 -48.53 82.82 73.63
CA VAL OA 76 -48.26 82.84 75.07
C VAL OA 76 -47.65 84.17 75.50
N LEU OA 77 -46.72 84.75 74.70
CA LEU OA 77 -46.13 86.05 75.01
C LEU OA 77 -47.20 87.12 75.11
N ALA OA 78 -48.11 87.16 74.14
CA ALA OA 78 -49.21 88.10 74.12
C ALA OA 78 -50.17 87.85 75.28
N GLU OA 79 -50.49 86.59 75.59
CA GLU OA 79 -51.40 86.26 76.68
C GLU OA 79 -50.83 86.71 78.03
N ILE OA 80 -49.53 86.50 78.27
CA ILE OA 80 -48.84 87.02 79.45
C ILE OA 80 -48.89 88.56 79.44
N ALA OA 81 -48.48 89.17 78.35
CA ALA OA 81 -48.41 90.63 78.25
C ALA OA 81 -49.77 91.31 78.44
N ARG OA 82 -50.85 90.68 77.96
CA ARG OA 82 -52.24 91.14 78.11
C ARG OA 82 -52.65 91.16 79.58
N GLU OA 83 -52.45 90.06 80.29
CA GLU OA 83 -52.75 89.99 81.73
C GLU OA 83 -51.86 90.96 82.54
N ARG OA 84 -50.61 91.13 82.13
CA ARG OA 84 -49.65 92.08 82.72
C ARG OA 84 -49.97 93.55 82.39
N GLY OA 85 -50.75 93.81 81.35
CA GLY OA 85 -50.99 95.15 80.81
C GLY OA 85 -49.78 95.80 80.14
N ASN OA 86 -48.78 95.00 79.73
CA ASN OA 86 -47.54 95.51 79.11
C ASN OA 86 -47.75 95.87 77.63
N GLU OA 87 -47.29 97.06 77.22
CA GLU OA 87 -47.39 97.49 75.82
C GLU OA 87 -46.31 96.91 74.91
N GLU OA 88 -45.03 97.03 75.25
CA GLU OA 88 -43.94 96.72 74.31
C GLU OA 88 -43.92 95.24 73.89
N LEU OA 89 -44.27 94.32 74.79
CA LEU OA 89 -44.47 92.93 74.43
C LEU OA 89 -45.63 92.77 73.43
N GLN OA 90 -46.77 93.42 73.64
CA GLN OA 90 -47.90 93.33 72.70
C GLN OA 90 -47.56 93.99 71.35
N LYS OA 91 -46.83 95.12 71.35
CA LYS OA 91 -46.34 95.79 70.13
C LYS OA 91 -45.43 94.84 69.35
N LYS OA 92 -44.43 94.24 70.01
CA LYS OA 92 -43.54 93.25 69.40
C LYS OA 92 -44.33 92.05 68.88
N ALA OA 93 -45.23 91.48 69.67
CA ALA OA 93 -46.04 90.35 69.26
C ALA OA 93 -46.87 90.67 68.00
N HIS OA 94 -47.57 91.81 67.95
CA HIS OA 94 -48.34 92.19 66.77
C HIS OA 94 -47.43 92.32 65.54
N LYS OA 95 -46.31 93.04 65.65
CA LYS OA 95 -45.34 93.19 64.55
C LYS OA 95 -44.79 91.85 64.10
N LEU OA 96 -44.39 90.98 65.03
CA LEU OA 96 -43.91 89.64 64.73
C LEU OA 96 -44.98 88.83 64.03
N ALA OA 97 -46.22 88.89 64.49
CA ALA OA 97 -47.33 88.18 63.85
C ALA OA 97 -47.58 88.71 62.43
N LYS OA 98 -47.50 90.02 62.21
CA LYS OA 98 -47.63 90.60 60.87
C LYS OA 98 -46.48 90.14 59.98
N GLU OA 99 -45.25 90.08 60.50
CA GLU OA 99 -44.11 89.52 59.79
C GLU OA 99 -44.33 88.05 59.46
N ALA OA 100 -44.86 87.27 60.40
CA ALA OA 100 -45.21 85.89 60.14
C ALA OA 100 -46.28 85.80 59.05
N LEU OA 101 -47.30 86.66 59.08
CA LEU OA 101 -48.30 86.72 58.03
C LEU OA 101 -47.65 87.01 56.68
N ARG OA 102 -46.75 87.98 56.62
CA ARG OA 102 -45.99 88.28 55.39
C ARG OA 102 -45.25 87.03 54.91
N GLN OA 103 -44.51 86.38 55.80
CA GLN OA 103 -43.77 85.18 55.43
C GLN OA 103 -44.69 84.04 54.98
N VAL OA 104 -45.81 83.80 55.68
CA VAL OA 104 -46.71 82.72 55.31
C VAL OA 104 -47.36 83.04 53.96
N ILE OA 105 -47.69 84.30 53.70
CA ILE OA 105 -48.21 84.72 52.41
C ILE OA 105 -47.17 84.44 51.33
N GLU OA 106 -45.92 84.83 51.55
CA GLU OA 106 -44.86 84.54 50.59
C GLU OA 106 -44.72 83.03 50.39
N ILE OA 107 -44.75 82.25 51.45
CA ILE OA 107 -44.70 80.80 51.32
C ILE OA 107 -45.90 80.31 50.53
N ALA OA 108 -47.10 80.85 50.74
CA ALA OA 108 -48.29 80.44 50.01
C ALA OA 108 -48.14 80.75 48.52
N ILE OA 109 -47.64 81.95 48.21
CA ILE OA 109 -47.32 82.30 46.83
C ILE OA 109 -46.27 81.33 46.28
N ARG OA 110 -45.22 81.01 47.04
CA ARG OA 110 -44.19 80.06 46.59
C ARG OA 110 -44.76 78.67 46.36
N ALA OA 111 -45.62 78.20 47.25
CA ALA OA 111 -46.25 76.90 47.12
C ALA OA 111 -47.12 76.84 45.86
N ILE OA 112 -47.88 77.91 45.58
CA ILE OA 112 -48.64 78.03 44.33
C ILE OA 112 -47.68 78.03 43.14
N GLN OA 113 -46.58 78.77 43.23
CA GLN OA 113 -45.58 78.86 42.16
C GLN OA 113 -44.89 77.51 41.87
N GLU OA 114 -44.61 76.72 42.92
CA GLU OA 114 -44.11 75.34 42.79
C GLU OA 114 -45.23 74.34 42.44
N GLY OA 115 -46.50 74.74 42.58
CA GLY OA 115 -47.68 73.94 42.27
C GLY OA 115 -48.05 72.88 43.32
N ASN OA 116 -47.44 72.86 44.51
CA ASN OA 116 -47.81 71.93 45.58
C ASN OA 116 -49.03 72.46 46.38
N LEU OA 117 -50.22 72.04 45.96
CA LEU OA 117 -51.48 72.50 46.55
C LEU OA 117 -51.60 72.09 48.02
N GLU OA 118 -51.04 70.94 48.42
CA GLU OA 118 -51.11 70.52 49.82
C GLU OA 118 -50.27 71.44 50.72
N LEU OA 119 -49.04 71.76 50.32
CA LEU OA 119 -48.27 72.74 51.07
C LEU OA 119 -49.00 74.09 51.10
N ALA OA 120 -49.59 74.51 49.98
CA ALA OA 120 -50.36 75.75 49.95
C ALA OA 120 -51.52 75.70 50.95
N ILE OA 121 -52.27 74.60 50.99
CA ILE OA 121 -53.35 74.39 51.95
C ILE OA 121 -52.81 74.44 53.37
N ILE OA 122 -51.71 73.76 53.65
CA ILE OA 122 -51.13 73.72 54.99
C ILE OA 122 -50.72 75.13 55.41
N ALA OA 123 -50.04 75.84 54.53
CA ALA OA 123 -49.67 77.23 54.77
C ALA OA 123 -50.93 78.06 55.04
N LEU OA 124 -51.98 77.85 54.26
CA LEU OA 124 -53.22 78.59 54.41
C LEU OA 124 -53.87 78.24 55.75
N HIS OA 125 -53.83 76.99 56.18
CA HIS OA 125 -54.27 76.60 57.52
C HIS OA 125 -53.47 77.32 58.59
N ILE OA 126 -52.15 77.37 58.44
CA ILE OA 126 -51.31 78.11 59.39
C ILE OA 126 -51.68 79.58 59.35
N SER OA 127 -52.04 80.11 58.19
CA SER OA 127 -52.54 81.48 58.12
C SER OA 127 -53.81 81.65 58.94
N VAL OA 128 -54.68 80.64 58.99
CA VAL OA 128 -55.83 80.71 59.89
C VAL OA 128 -55.34 80.79 61.33
N ARG OA 129 -54.35 79.99 61.71
CA ARG OA 129 -53.79 80.09 63.06
C ARG OA 129 -53.23 81.49 63.33
N ILE OA 130 -52.53 82.05 62.36
CA ILE OA 130 -52.05 83.42 62.42
C ILE OA 130 -53.23 84.36 62.60
N ALA OA 131 -54.32 84.15 61.86
CA ALA OA 131 -55.50 84.97 62.00
C ALA OA 131 -56.08 84.85 63.41
N GLU OA 132 -56.16 83.65 64.00
CA GLU OA 132 -56.65 83.50 65.37
C GLU OA 132 -55.79 84.29 66.35
N VAL OA 133 -54.47 84.17 66.24
CA VAL OA 133 -53.57 84.88 67.14
C VAL OA 133 -53.67 86.39 66.91
N LEU OA 134 -53.70 86.82 65.66
CA LEU OA 134 -53.91 88.22 65.32
C LEU OA 134 -55.24 88.70 65.90
N LEU OA 135 -56.31 87.92 65.77
CA LEU OA 135 -57.63 88.30 66.25
C LEU OA 135 -57.59 88.53 67.75
N GLU OA 136 -56.99 87.62 68.50
CA GLU OA 136 -56.85 87.81 69.94
C GLU OA 136 -55.91 88.99 70.27
N THR OA 137 -54.97 89.30 69.38
CA THR OA 137 -54.05 90.43 69.55
C THR OA 137 -54.73 91.77 69.28
N ARG OA 138 -55.55 91.87 68.24
CA ARG OA 138 -56.15 93.10 67.68
C ARG OA 138 -57.63 92.89 67.32
N PRO OA 139 -58.56 92.89 68.30
CA PRO OA 139 -60.00 92.86 68.04
C PRO OA 139 -60.55 94.20 67.51
N ASP OA 140 -59.74 95.27 67.55
CA ASP OA 140 -60.10 96.63 67.12
C ASP OA 140 -59.87 96.87 65.60
N ASP OA 141 -58.77 96.40 65.03
CA ASP OA 141 -58.37 96.68 63.65
C ASP OA 141 -59.10 95.81 62.61
N ARG OA 142 -60.42 96.00 62.54
CA ARG OA 142 -61.30 95.29 61.60
C ARG OA 142 -60.83 95.44 60.15
N GLU OA 143 -60.20 96.57 59.81
CA GLU OA 143 -59.65 96.80 58.49
C GLU OA 143 -58.51 95.83 58.20
N GLU OA 144 -57.48 95.74 59.06
CA GLU OA 144 -56.40 94.77 58.88
C GLU OA 144 -56.96 93.34 58.77
N ILE OA 145 -57.90 93.00 59.65
CA ILE OA 145 -58.53 91.69 59.61
C ILE OA 145 -59.22 91.49 58.26
N ARG OA 146 -60.01 92.45 57.80
CA ARG OA 146 -60.69 92.30 56.52
C ARG OA 146 -59.69 92.23 55.38
N GLU OA 147 -58.60 93.00 55.40
CA GLU OA 147 -57.57 92.88 54.37
C GLU OA 147 -57.02 91.46 54.34
N GLN OA 148 -56.69 90.91 55.52
CA GLN OA 148 -56.23 89.54 55.60
C GLN OA 148 -57.30 88.59 55.07
N GLN OA 149 -58.56 88.77 55.44
CA GLN OA 149 -59.65 87.95 54.94
C GLN OA 149 -59.76 88.04 53.42
N ALA OA 150 -59.63 89.24 52.84
CA ALA OA 150 -59.68 89.39 51.41
C ALA OA 150 -58.53 88.62 50.76
N ILE OA 151 -57.32 88.74 51.31
CA ILE OA 151 -56.17 87.98 50.82
C ILE OA 151 -56.46 86.49 50.91
N PHE OA 152 -56.99 86.04 52.04
CA PHE OA 152 -57.36 84.66 52.23
C PHE OA 152 -58.40 84.23 51.19
N GLU OA 153 -59.44 85.02 51.01
CA GLU OA 153 -60.51 84.73 50.06
C GLU OA 153 -59.95 84.66 48.64
N LEU OA 154 -59.02 85.54 48.30
CA LEU OA 154 -58.35 85.50 47.02
C LEU OA 154 -57.57 84.18 46.89
N LEU OA 155 -56.77 83.84 47.89
CA LEU OA 155 -56.02 82.58 47.87
C LEU OA 155 -56.96 81.41 47.72
N ILE OA 156 -58.06 81.40 48.46
CA ILE OA 156 -59.07 80.36 48.37
C ILE OA 156 -59.64 80.32 46.96
N ALA OA 157 -60.00 81.46 46.39
CA ALA OA 157 -60.56 81.47 45.05
C ALA OA 157 -59.56 80.88 44.06
N ALA OA 158 -58.31 81.34 44.15
CA ALA OA 158 -57.24 80.85 43.31
C ALA OA 158 -57.10 79.33 43.48
N LEU OA 159 -57.03 78.86 44.71
CA LEU OA 159 -56.89 77.45 44.98
C LEU OA 159 -58.13 76.67 44.51
N GLU OA 160 -59.34 77.22 44.60
CA GLU OA 160 -60.53 76.49 44.16
C GLU OA 160 -60.46 76.25 42.66
N ALA OA 161 -60.11 77.29 41.92
CA ALA OA 161 -59.80 77.11 40.51
C ALA OA 161 -58.66 76.10 40.35
N ALA OA 162 -57.59 76.21 41.15
CA ALA OA 162 -56.42 75.36 40.99
C ALA OA 162 -56.77 73.89 41.19
N ILE OA 163 -57.51 73.58 42.23
CA ILE OA 163 -57.92 72.23 42.59
C ILE OA 163 -58.93 71.72 41.56
N ARG OA 164 -59.86 72.58 41.09
CA ARG OA 164 -60.76 72.21 40.00
C ARG OA 164 -59.98 71.84 38.76
N LEU OA 165 -58.98 72.64 38.40
CA LEU OA 165 -58.11 72.38 37.27
C LEU OA 165 -57.30 71.09 37.49
N GLU OA 166 -56.75 70.87 38.67
CA GLU OA 166 -56.02 69.65 39.00
C GLU OA 166 -56.93 68.42 38.78
N LYS OA 167 -58.20 68.51 39.21
CA LYS OA 167 -59.20 67.48 38.96
C LYS OA 167 -59.45 67.29 37.47
N LEU OA 168 -59.74 68.36 36.73
CA LEU OA 168 -60.01 68.25 35.29
C LEU OA 168 -58.81 67.66 34.53
N LYS OA 169 -57.58 68.01 34.92
CA LYS OA 169 -56.35 67.42 34.37
C LYS OA 169 -56.27 65.93 34.68
N GLU OA 170 -56.51 65.53 35.93
CA GLU OA 170 -56.51 64.11 36.31
C GLU OA 170 -57.60 63.31 35.57
N GLU OA 171 -58.79 63.89 35.39
CA GLU OA 171 -59.89 63.29 34.63
C GLU OA 171 -59.67 63.28 33.11
N GLY OA 172 -58.67 64.01 32.60
CA GLY OA 172 -58.41 64.13 31.15
C GLY OA 172 -59.50 64.91 30.40
N ALA OA 173 -60.11 65.92 31.04
CA ALA OA 173 -61.22 66.69 30.49
C ALA OA 173 -60.86 67.44 29.18
N PRO OA 174 -61.83 67.74 28.30
CA PRO OA 174 -61.60 68.51 27.08
C PRO OA 174 -60.91 69.86 27.35
N PRO OA 175 -59.85 70.22 26.61
CA PRO OA 175 -59.18 71.52 26.75
C PRO OA 175 -60.13 72.71 26.66
N GLU OA 176 -61.18 72.62 25.84
CA GLU OA 176 -62.20 73.68 25.74
C GLU OA 176 -62.94 73.89 27.07
N GLN OA 177 -63.33 72.81 27.75
CA GLN OA 177 -63.95 72.91 29.07
C GLN OA 177 -62.97 73.52 30.08
N ILE OA 178 -61.71 73.07 30.05
CA ILE OA 178 -60.66 73.63 30.90
C ILE OA 178 -60.53 75.14 30.63
N GLU OA 179 -60.50 75.55 29.37
CA GLU OA 179 -60.37 76.95 29.00
C GLU OA 179 -61.56 77.79 29.51
N ARG OA 180 -62.79 77.28 29.42
CA ARG OA 180 -63.95 77.97 29.99
C ARG OA 180 -63.80 78.13 31.50
N VAL OA 181 -63.35 77.10 32.21
CA VAL OA 181 -63.11 77.19 33.65
C VAL OA 181 -61.97 78.16 33.94
N ALA OA 182 -60.89 78.14 33.16
CA ALA OA 182 -59.76 79.03 33.36
C ALA OA 182 -60.18 80.50 33.20
N GLU OA 183 -60.94 80.80 32.15
CA GLU OA 183 -61.51 82.14 31.99
C GLU OA 183 -62.38 82.48 33.19
N HIS OA 184 -63.30 81.59 33.61
CA HIS OA 184 -64.13 81.86 34.78
C HIS OA 184 -63.28 82.19 35.99
N GLY OA 185 -62.18 81.45 36.19
CA GLY OA 185 -61.19 81.72 37.21
C GLY OA 185 -60.62 83.13 37.08
N LEU OA 186 -60.01 83.45 35.95
CA LEU OA 186 -59.45 84.78 35.72
C LEU OA 186 -60.49 85.89 35.93
N GLU OA 187 -61.69 85.72 35.39
CA GLU OA 187 -62.76 86.70 35.53
C GLU OA 187 -63.12 86.89 37.00
N ARG OA 188 -63.37 85.79 37.72
CA ARG OA 188 -63.67 85.88 39.14
C ARG OA 188 -62.53 86.56 39.88
N LEU OA 189 -61.29 86.18 39.59
CA LEU OA 189 -60.12 86.77 40.22
C LEU OA 189 -60.09 88.27 39.96
N LYS OA 190 -60.34 88.68 38.73
CA LYS OA 190 -60.40 90.09 38.35
C LYS OA 190 -61.49 90.83 39.11
N GLU OA 191 -62.68 90.24 39.23
CA GLU OA 191 -63.71 90.85 40.06
C GLU OA 191 -63.26 90.95 41.51
N ILE OA 192 -62.65 89.90 42.06
CA ILE OA 192 -62.12 89.93 43.41
C ILE OA 192 -61.07 91.02 43.53
N ALA OA 193 -60.19 91.18 42.55
CA ALA OA 193 -59.19 92.23 42.58
C ALA OA 193 -59.85 93.61 42.57
N LYS OA 194 -60.88 93.78 41.74
CA LYS OA 194 -61.66 95.01 41.69
C LYS OA 194 -62.29 95.30 43.05
N GLU OA 195 -62.89 94.31 43.68
CA GLU OA 195 -63.43 94.46 45.03
C GLU OA 195 -62.32 94.77 46.04
N ILE OA 196 -61.18 94.09 45.95
CA ILE OA 196 -60.01 94.35 46.79
C ILE OA 196 -59.59 95.81 46.69
N SER OA 197 -59.61 96.41 45.50
CA SER OA 197 -59.28 97.83 45.35
C SER OA 197 -60.16 98.75 46.20
N LYS OA 198 -61.35 98.29 46.62
CA LYS OA 198 -62.23 98.97 47.57
C LYS OA 198 -61.97 98.49 48.99
N GLU OA 199 -61.88 97.18 49.20
CA GLU OA 199 -61.79 96.57 50.53
C GLU OA 199 -60.46 96.83 51.26
N VAL OA 200 -59.38 97.13 50.53
CA VAL OA 200 -58.02 97.27 51.08
C VAL OA 200 -57.42 98.63 50.71
N ASP OA 201 -56.50 99.14 51.54
CA ASP OA 201 -55.72 100.35 51.21
C ASP OA 201 -54.22 100.26 51.56
N SER OA 202 -53.75 99.21 52.24
CA SER OA 202 -52.31 99.00 52.44
C SER OA 202 -51.63 98.76 51.08
N PRO OA 203 -50.60 99.55 50.73
CA PRO OA 203 -49.85 99.34 49.48
C PRO OA 203 -49.27 97.93 49.41
N GLU OA 204 -48.73 97.43 50.52
CA GLU OA 204 -48.20 96.07 50.58
C GLU OA 204 -49.31 95.04 50.35
N SER OA 205 -50.48 95.23 50.94
CA SER OA 205 -51.60 94.31 50.67
C SER OA 205 -51.96 94.28 49.19
N LYS OA 206 -51.98 95.44 48.54
CA LYS OA 206 -52.27 95.55 47.11
C LYS OA 206 -51.21 94.83 46.31
N ARG OA 207 -49.94 95.03 46.65
CA ARG OA 207 -48.78 94.35 46.04
C ARG OA 207 -48.90 92.85 46.20
N ILE OA 208 -49.21 92.38 47.39
CA ILE OA 208 -49.49 90.98 47.68
C ILE OA 208 -50.62 90.49 46.78
N ALA OA 209 -51.75 91.19 46.74
CA ALA OA 209 -52.89 90.76 45.97
C ALA OA 209 -52.50 90.61 44.50
N TYR OA 210 -51.81 91.59 43.97
CA TYR OA 210 -51.32 91.55 42.61
C TYR OA 210 -50.43 90.32 42.40
N LYS OA 211 -49.45 90.10 43.29
CA LYS OA 211 -48.55 88.95 43.21
C LYS OA 211 -49.36 87.66 43.17
N ILE OA 212 -50.37 87.54 44.02
CA ILE OA 212 -51.21 86.35 44.05
C ILE OA 212 -51.90 86.20 42.70
N VAL OA 213 -52.50 87.25 42.17
CA VAL OA 213 -53.20 87.16 40.88
C VAL OA 213 -52.22 86.70 39.81
N ALA OA 214 -51.04 87.31 39.76
CA ALA OA 214 -50.02 86.92 38.80
C ALA OA 214 -49.68 85.44 38.95
N ALA OA 215 -49.44 84.99 40.18
CA ALA OA 215 -49.16 83.59 40.43
C ALA OA 215 -50.32 82.70 39.98
N ALA OA 216 -51.57 83.14 40.17
CA ALA OA 216 -52.73 82.35 39.76
C ALA OA 216 -52.76 82.19 38.24
N ALA OA 217 -52.50 83.26 37.50
CA ALA OA 217 -52.39 83.13 36.07
C ALA OA 217 -51.23 82.18 35.69
N GLU OA 218 -50.08 82.29 36.35
CA GLU OA 218 -48.97 81.39 36.08
C GLU OA 218 -49.35 79.93 36.35
N PHE OA 219 -50.07 79.66 37.44
CA PHE OA 219 -50.53 78.29 37.72
C PHE OA 219 -51.48 77.79 36.64
N LEU OA 220 -52.43 78.63 36.20
CA LEU OA 220 -53.34 78.27 35.11
C LEU OA 220 -52.53 77.88 33.87
N LEU OA 221 -51.52 78.68 33.54
CA LEU OA 221 -50.62 78.36 32.44
C LEU OA 221 -49.92 77.03 32.67
N LYS OA 222 -49.38 76.80 33.87
CA LYS OA 222 -48.71 75.53 34.18
C LYS OA 222 -49.64 74.35 34.00
N ILE OA 223 -50.88 74.42 34.49
CA ILE OA 223 -51.86 73.36 34.27
C ILE OA 223 -52.07 73.14 32.77
N LEU OA 224 -52.32 74.21 32.03
CA LEU OA 224 -52.66 74.08 30.62
C LEU OA 224 -51.50 73.45 29.83
N ALA OA 225 -50.26 73.79 30.19
CA ALA OA 225 -49.07 73.20 29.62
C ALA OA 225 -48.91 71.71 30.00
N GLU OA 226 -49.08 71.37 31.27
CA GLU OA 226 -49.04 69.97 31.73
C GLU OA 226 -50.10 69.12 31.02
N GLY OA 227 -51.27 69.71 30.76
CA GLY OA 227 -52.37 69.05 30.04
C GLY OA 227 -52.08 68.78 28.56
N GLY OA 228 -51.00 69.32 28.00
CA GLY OA 228 -50.61 69.09 26.61
C GLY OA 228 -51.57 69.67 25.57
N ALA OA 229 -52.36 70.69 25.94
CA ALA OA 229 -53.32 71.34 25.04
C ALA OA 229 -52.64 71.99 23.82
N THR OA 230 -53.35 72.06 22.69
CA THR OA 230 -52.80 72.61 21.45
C THR OA 230 -52.54 74.13 21.57
N PRO OA 231 -51.53 74.69 20.86
CA PRO OA 231 -51.03 76.04 21.10
C PRO OA 231 -52.08 77.15 21.10
N GLU OA 232 -53.18 76.99 20.37
CA GLU OA 232 -54.26 77.97 20.31
C GLU OA 232 -54.87 78.23 21.69
N GLN OA 233 -55.01 77.19 22.51
CA GLN OA 233 -55.53 77.34 23.86
C GLN OA 233 -54.53 78.13 24.72
N LEU OA 234 -53.25 77.74 24.68
CA LEU OA 234 -52.19 78.41 25.42
C LEU OA 234 -52.14 79.90 25.04
N GLU OA 235 -52.17 80.18 23.75
CA GLU OA 235 -52.13 81.54 23.22
C GLU OA 235 -53.37 82.35 23.67
N ARG OA 236 -54.59 81.84 23.45
CA ARG OA 236 -55.81 82.55 23.83
C ARG OA 236 -55.87 82.81 25.32
N VAL OA 237 -55.60 81.80 26.14
CA VAL OA 237 -55.56 81.96 27.58
C VAL OA 237 -54.48 82.96 27.96
N THR OA 238 -53.28 82.87 27.39
CA THR OA 238 -52.21 83.79 27.72
C THR OA 238 -52.60 85.22 27.42
N GLU OA 239 -53.19 85.47 26.25
CA GLU OA 239 -53.66 86.80 25.92
C GLU OA 239 -54.70 87.27 26.92
N HIS OA 240 -55.68 86.42 27.24
CA HIS OA 240 -56.71 86.83 28.21
C HIS OA 240 -56.09 87.12 29.57
N ALA OA 241 -55.12 86.30 29.97
CA ALA OA 241 -54.38 86.47 31.22
C ALA OA 241 -53.61 87.79 31.21
N LEU OA 242 -52.87 88.09 30.15
CA LEU OA 242 -52.19 89.36 30.01
C LEU OA 242 -53.18 90.52 30.07
N GLU OA 243 -54.28 90.43 29.34
CA GLU OA 243 -55.29 91.48 29.28
C GLU OA 243 -55.86 91.75 30.66
N VAL OA 244 -56.30 90.69 31.34
CA VAL OA 244 -56.77 90.77 32.72
C VAL OA 244 -55.69 91.36 33.60
N LEU OA 245 -54.46 90.84 33.51
CA LEU OA 245 -53.40 91.26 34.40
C LEU OA 245 -53.08 92.72 34.19
N LYS OA 246 -53.14 93.21 32.95
CA LYS OA 246 -53.00 94.62 32.62
C LYS OA 246 -54.10 95.43 33.27
N GLU OA 247 -55.36 95.01 33.16
CA GLU OA 247 -56.44 95.74 33.83
C GLU OA 247 -56.22 95.78 35.34
N VAL OA 248 -55.90 94.63 35.93
CA VAL OA 248 -55.65 94.52 37.37
C VAL OA 248 -54.46 95.38 37.77
N ALA OA 249 -53.40 95.42 36.96
CA ALA OA 249 -52.28 96.30 37.20
C ALA OA 249 -52.74 97.76 37.18
N LYS OA 250 -53.50 98.17 36.16
CA LYS OA 250 -53.95 99.56 36.02
C LYS OA 250 -54.82 99.98 37.20
N GLU OA 251 -55.58 99.07 37.79
CA GLU OA 251 -56.26 99.35 39.05
C GLU OA 251 -55.26 99.40 40.23
N LEU OA 252 -54.56 98.30 40.51
CA LEU OA 252 -53.86 98.12 41.80
C LEU OA 252 -52.52 98.86 41.90
N ALA OA 253 -51.88 99.18 40.77
CA ALA OA 253 -50.58 99.87 40.78
C ALA OA 253 -50.77 101.39 40.83
N ASP OA 254 -50.20 102.03 41.86
CA ASP OA 254 -50.23 103.49 42.08
C ASP OA 254 -48.98 104.02 42.81
N SER OA 255 -47.91 103.22 42.88
CA SER OA 255 -46.59 103.59 43.42
C SER OA 255 -45.45 103.07 42.54
N PRO OA 256 -44.27 103.70 42.54
CA PRO OA 256 -43.19 103.31 41.63
C PRO OA 256 -42.80 101.84 41.78
N GLU OA 257 -42.65 101.39 43.01
CA GLU OA 257 -42.34 100.00 43.30
C GLU OA 257 -43.45 99.07 42.80
N SER OA 258 -44.71 99.47 42.96
CA SER OA 258 -45.82 98.65 42.44
C SER OA 258 -45.75 98.53 40.93
N VAL OA 259 -45.40 99.60 40.21
CA VAL OA 259 -45.22 99.53 38.77
C VAL OA 259 -44.06 98.61 38.44
N ARG OA 260 -42.92 98.77 39.12
CA ARG OA 260 -41.73 97.95 38.90
C ARG OA 260 -42.06 96.48 39.06
N GLU OA 261 -42.77 96.14 40.12
CA GLU OA 261 -43.27 94.79 40.33
C GLU OA 261 -44.23 94.40 39.20
N ALA OA 262 -45.16 95.27 38.85
CA ALA OA 262 -46.19 94.96 37.89
C ALA OA 262 -45.59 94.59 36.54
N VAL OA 263 -44.64 95.40 36.07
CA VAL OA 263 -43.95 95.10 34.83
C VAL OA 263 -43.13 93.83 34.99
N ARG OA 264 -42.40 93.67 36.10
CA ARG OA 264 -41.56 92.49 36.32
C ARG OA 264 -42.39 91.21 36.26
N LEU OA 265 -43.58 91.25 36.82
CA LEU OA 265 -44.46 90.10 36.80
C LEU OA 265 -45.07 89.91 35.42
N ILE OA 266 -45.46 90.98 34.73
CA ILE OA 266 -46.00 90.81 33.38
C ILE OA 266 -44.92 90.25 32.46
N SER OA 267 -43.68 90.73 32.58
CA SER OA 267 -42.58 90.19 31.79
C SER OA 267 -42.31 88.76 32.18
N LYS OA 268 -42.30 88.44 33.47
CA LYS OA 268 -42.21 87.04 33.94
C LYS OA 268 -43.28 86.20 33.27
N LEU OA 269 -44.54 86.60 33.33
CA LEU OA 269 -45.63 85.82 32.75
C LEU OA 269 -45.48 85.71 31.23
N THR OA 270 -45.06 86.78 30.58
CA THR OA 270 -44.76 86.74 29.15
C THR OA 270 -43.67 85.71 28.87
N GLN OA 271 -42.61 85.74 29.66
CA GLN OA 271 -41.48 84.83 29.53
C GLN OA 271 -41.94 83.40 29.73
N GLU OA 272 -42.79 83.13 30.72
CA GLU OA 272 -43.39 81.81 30.87
C GLU OA 272 -44.16 81.43 29.61
N GLY OA 273 -45.01 82.31 29.10
CA GLY OA 273 -45.78 82.03 27.90
C GLY OA 273 -44.88 81.61 26.74
N LEU OA 274 -43.85 82.40 26.48
CA LEU OA 274 -42.88 82.11 25.44
C LEU OA 274 -42.16 80.79 25.70
N LYS OA 275 -41.69 80.56 26.93
CA LYS OA 275 -41.01 79.31 27.29
C LYS OA 275 -41.92 78.10 27.05
N GLN OA 276 -43.18 78.19 27.42
CA GLN OA 276 -44.13 77.09 27.19
C GLN OA 276 -44.40 76.88 25.70
N LEU OA 277 -44.63 77.95 24.93
CA LEU OA 277 -44.81 77.82 23.49
C LEU OA 277 -43.56 77.24 22.80
N LYS OA 278 -42.36 77.55 23.28
CA LYS OA 278 -41.12 76.92 22.84
C LYS OA 278 -41.13 75.42 23.17
N GLU OA 279 -41.37 75.09 24.44
CA GLU OA 279 -41.29 73.71 24.93
C GLU OA 279 -42.34 72.78 24.31
N ILE OA 280 -43.56 73.26 24.07
CA ILE OA 280 -44.62 72.49 23.41
C ILE OA 280 -44.37 72.31 21.89
N GLY OA 281 -43.40 73.05 21.32
CA GLY OA 281 -43.10 73.01 19.89
C GLY OA 281 -44.14 73.73 19.02
N ALA OA 282 -44.69 74.86 19.50
CA ALA OA 282 -45.70 75.63 18.77
C ALA OA 282 -45.15 76.23 17.45
N PRO OA 283 -46.00 76.47 16.43
CA PRO OA 283 -45.62 77.24 15.24
C PRO OA 283 -45.08 78.62 15.63
N PRO OA 284 -43.90 79.05 15.14
CA PRO OA 284 -43.29 80.33 15.51
C PRO OA 284 -44.20 81.54 15.29
N GLU OA 285 -45.19 81.45 14.41
CA GLU OA 285 -46.23 82.45 14.22
C GLU OA 285 -46.96 82.77 15.53
N GLN OA 286 -47.29 81.75 16.32
CA GLN OA 286 -47.90 81.94 17.63
C GLN OA 286 -46.95 82.69 18.57
N ILE OA 287 -45.67 82.30 18.56
CA ILE OA 287 -44.64 82.94 19.41
C ILE OA 287 -44.53 84.40 19.02
N GLU OA 288 -44.46 84.70 17.73
CA GLU OA 288 -44.37 86.07 17.22
C GLU OA 288 -45.61 86.90 17.61
N ARG OA 289 -46.81 86.33 17.48
CA ARG OA 289 -48.03 87.01 17.92
C ARG OA 289 -47.97 87.32 19.41
N VAL OA 290 -47.71 86.31 20.25
CA VAL OA 290 -47.65 86.53 21.70
C VAL OA 290 -46.54 87.51 22.04
N ALA OA 291 -45.39 87.44 21.39
CA ALA OA 291 -44.30 88.37 21.62
C ALA OA 291 -44.75 89.80 21.32
N GLU OA 292 -45.34 90.04 20.15
CA GLU OA 292 -45.85 91.36 19.81
C GLU OA 292 -46.89 91.81 20.84
N HIS OA 293 -47.87 90.96 21.12
CA HIS OA 293 -48.97 91.33 21.99
C HIS OA 293 -48.44 91.63 23.40
N GLY OA 294 -47.48 90.85 23.86
CA GLY OA 294 -46.79 91.06 25.12
C GLY OA 294 -46.04 92.38 25.13
N LEU OA 295 -45.26 92.66 24.09
CA LEU OA 295 -44.60 93.96 23.97
C LEU OA 295 -45.61 95.09 23.99
N GLU OA 296 -46.74 94.97 23.29
CA GLU OA 296 -47.75 96.03 23.31
C GLU OA 296 -48.36 96.20 24.70
N VAL OA 297 -48.69 95.12 25.38
CA VAL OA 297 -49.13 95.16 26.78
C VAL OA 297 -48.09 95.86 27.63
N LEU OA 298 -46.82 95.49 27.48
CA LEU OA 298 -45.73 96.10 28.23
C LEU OA 298 -45.65 97.59 27.94
N LYS OA 299 -45.82 98.00 26.68
CA LYS OA 299 -45.85 99.40 26.29
C LYS OA 299 -46.99 100.13 26.98
N GLU OA 300 -48.19 99.58 26.97
CA GLU OA 300 -49.34 100.19 27.64
C GLU OA 300 -49.10 100.29 29.15
N ILE OA 301 -48.50 99.25 29.74
CA ILE OA 301 -48.13 99.26 31.14
C ILE OA 301 -47.12 100.36 31.41
N ALA OA 302 -46.04 100.43 30.64
CA ALA OA 302 -45.02 101.45 30.81
C ALA OA 302 -45.64 102.84 30.67
N LYS OA 303 -46.54 103.04 29.71
CA LYS OA 303 -47.22 104.31 29.50
C LYS OA 303 -48.06 104.68 30.70
N TYR OA 304 -48.85 103.76 31.24
CA TYR OA 304 -49.55 104.00 32.51
C TYR OA 304 -48.53 104.33 33.62
N GLY OA 305 -47.48 103.53 33.73
CA GLY OA 305 -46.43 103.68 34.73
C GLY OA 305 -45.76 105.05 34.71
N SER OA 306 -45.62 105.66 33.54
CA SER OA 306 -45.03 106.99 33.39
C SER OA 306 -45.75 108.06 34.20
N LYS OA 307 -47.04 107.85 34.51
CA LYS OA 307 -47.84 108.77 35.32
C LYS OA 307 -47.44 108.77 36.81
N LEU OA 308 -46.80 107.69 37.28
CA LEU OA 308 -46.71 107.35 38.70
C LEU OA 308 -45.33 107.60 39.34
N THR OA 309 -44.33 108.11 38.60
CA THR OA 309 -43.03 108.49 39.17
C THR OA 309 -42.36 109.63 38.42
N ASP OA 310 -41.56 110.41 39.15
CA ASP OA 310 -40.60 111.39 38.64
C ASP OA 310 -39.13 110.99 38.92
N SER OA 311 -38.88 109.85 39.56
CA SER OA 311 -37.52 109.41 39.91
C SER OA 311 -36.77 108.88 38.68
N PRO OA 312 -35.63 109.47 38.30
CA PRO OA 312 -34.81 108.98 37.20
C PRO OA 312 -34.37 107.53 37.43
N GLU OA 313 -34.09 107.16 38.68
CA GLU OA 313 -33.67 105.81 39.03
C GLU OA 313 -34.77 104.81 38.66
N LEU OA 314 -36.02 105.10 39.04
CA LEU OA 314 -37.15 104.23 38.74
C LEU OA 314 -37.42 104.23 37.24
N LYS OA 315 -37.42 105.38 36.57
CA LYS OA 315 -37.56 105.42 35.11
C LYS OA 315 -36.51 104.53 34.45
N ARG OA 316 -35.23 104.68 34.81
CA ARG OA 316 -34.14 103.90 34.24
C ARG OA 316 -34.30 102.42 34.56
N GLU OA 317 -34.72 102.07 35.77
CA GLU OA 317 -35.05 100.68 36.09
C GLU OA 317 -36.16 100.15 35.17
N LEU OA 318 -37.26 100.88 35.01
CA LEU OA 318 -38.34 100.45 34.15
C LEU OA 318 -37.84 100.24 32.73
N TYR OA 319 -37.02 101.17 32.25
CA TYR OA 319 -36.40 101.06 30.94
C TYR OA 319 -35.54 99.81 30.87
N ARG OA 320 -34.69 99.60 31.88
CA ARG OA 320 -33.82 98.44 31.95
C ARG OA 320 -34.66 97.18 31.87
N ILE OA 321 -35.73 97.08 32.65
CA ILE OA 321 -36.58 95.90 32.66
C ILE OA 321 -37.15 95.65 31.28
N ILE OA 322 -37.75 96.66 30.62
CA ILE OA 322 -38.33 96.38 29.30
C ILE OA 322 -37.23 95.99 28.33
N SER OA 323 -36.07 96.63 28.39
CA SER OA 323 -34.96 96.28 27.52
C SER OA 323 -34.48 94.85 27.77
N GLU OA 324 -34.31 94.44 29.02
CA GLU OA 324 -33.93 93.08 29.35
C GLU OA 324 -35.01 92.11 28.87
N THR OA 325 -36.28 92.49 29.00
CA THR OA 325 -37.39 91.68 28.52
C THR OA 325 -37.26 91.48 27.03
N ALA OA 326 -36.97 92.54 26.29
CA ALA OA 326 -36.70 92.44 24.88
C ALA OA 326 -35.50 91.53 24.62
N LYS OA 327 -34.40 91.67 25.37
CA LYS OA 327 -33.23 90.79 25.20
C LYS OA 327 -33.66 89.34 25.34
N GLU OA 328 -34.37 89.03 26.40
CA GLU OA 328 -34.80 87.67 26.68
C GLU OA 328 -35.72 87.15 25.58
N LEU OA 329 -36.74 87.91 25.17
CA LEU OA 329 -37.69 87.38 24.19
C LEU OA 329 -37.00 87.16 22.85
N LEU OA 330 -36.08 88.04 22.46
CA LEU OA 330 -35.27 87.80 21.26
C LEU OA 330 -34.41 86.55 21.44
N LYS OA 331 -33.77 86.38 22.60
CA LYS OA 331 -32.92 85.21 22.88
C LYS OA 331 -33.74 83.92 22.74
N ILE OA 332 -34.95 83.92 23.31
CA ILE OA 332 -35.86 82.79 23.22
C ILE OA 332 -36.28 82.56 21.77
N LEU OA 333 -36.62 83.61 21.04
CA LEU OA 333 -37.03 83.47 19.64
C LEU OA 333 -35.90 82.86 18.79
N ALA OA 334 -34.66 83.30 19.02
CA ALA OA 334 -33.47 82.76 18.36
C ALA OA 334 -33.19 81.32 18.77
N GLU OA 335 -33.29 81.00 20.06
CA GLU OA 335 -33.20 79.61 20.54
C GLU OA 335 -34.32 78.73 19.95
N GLY OA 336 -35.49 79.31 19.70
CA GLY OA 336 -36.63 78.68 19.04
C GLY OA 336 -36.43 78.43 17.54
N GLY OA 337 -35.32 78.86 16.95
CA GLY OA 337 -34.96 78.55 15.56
C GLY OA 337 -35.83 79.24 14.49
N ALA OA 338 -36.50 80.34 14.83
CA ALA OA 338 -37.31 81.12 13.88
C ALA OA 338 -36.47 81.74 12.74
N THR OA 339 -37.09 82.05 11.59
CA THR OA 339 -36.36 82.60 10.43
C THR OA 339 -35.83 84.02 10.69
N PRO OA 340 -34.79 84.46 9.97
CA PRO OA 340 -34.32 85.84 10.00
C PRO OA 340 -35.43 86.87 9.79
N GLU OA 341 -36.46 86.56 9.00
CA GLU OA 341 -37.61 87.45 8.83
C GLU OA 341 -38.35 87.68 10.15
N GLN OA 342 -38.62 86.62 10.91
CA GLN OA 342 -39.24 86.77 12.22
C GLN OA 342 -38.32 87.57 13.15
N LEU OA 343 -37.01 87.32 13.11
CA LEU OA 343 -36.04 88.08 13.91
C LEU OA 343 -36.15 89.57 13.59
N GLU OA 344 -36.10 89.98 12.32
CA GLU OA 344 -36.19 91.41 12.02
C GLU OA 344 -37.55 91.97 12.40
N ARG OA 345 -38.66 91.28 12.11
CA ARG OA 345 -40.01 91.73 12.43
C ARG OA 345 -40.13 92.07 13.91
N VAL OA 346 -39.76 91.13 14.76
CA VAL OA 346 -39.81 91.31 16.21
C VAL OA 346 -38.78 92.35 16.64
N THR OA 347 -37.56 92.33 16.11
CA THR OA 347 -36.54 93.29 16.50
C THR OA 347 -37.00 94.72 16.23
N LYS OA 348 -37.54 94.96 15.04
CA LYS OA 348 -38.04 96.26 14.63
C LYS OA 348 -39.16 96.70 15.56
N HIS OA 349 -40.15 95.84 15.79
CA HIS OA 349 -41.23 96.17 16.71
C HIS OA 349 -40.69 96.49 18.10
N ALA OA 350 -39.75 95.69 18.60
CA ALA OA 350 -39.16 95.91 19.91
C ALA OA 350 -38.46 97.26 19.96
N LEU OA 351 -37.63 97.58 18.98
CA LEU OA 351 -36.98 98.87 18.94
C LEU OA 351 -38.02 99.99 18.92
N GLU OA 352 -39.08 99.86 18.13
CA GLU OA 352 -40.15 100.85 18.12
C GLU OA 352 -40.82 101.00 19.48
N VAL OA 353 -41.16 99.90 20.14
CA VAL OA 353 -41.72 99.95 21.49
C VAL OA 353 -40.74 100.65 22.43
N LEU OA 354 -39.47 100.26 22.42
CA LEU OA 354 -38.46 100.87 23.27
C LEU OA 354 -38.38 102.37 22.99
N LYS OA 355 -38.45 102.78 21.73
CA LYS OA 355 -38.46 104.19 21.33
C LYS OA 355 -39.69 104.88 21.90
N GLU OA 356 -40.87 104.29 21.76
CA GLU OA 356 -42.09 104.87 22.32
C GLU OA 356 -41.96 105.02 23.83
N VAL OA 357 -41.43 104.01 24.52
CA VAL OA 357 -41.21 104.10 25.96
C VAL OA 357 -40.22 105.20 26.28
N ALA OA 358 -39.16 105.37 25.47
CA ALA OA 358 -38.22 106.46 25.69
C ALA OA 358 -38.95 107.80 25.53
N LYS OA 359 -39.75 107.95 24.49
CA LYS OA 359 -40.52 109.17 24.21
C LYS OA 359 -41.51 109.49 25.33
N GLU OA 360 -42.06 108.49 26.00
CA GLU OA 360 -42.87 108.72 27.19
C GLU OA 360 -42.02 109.14 28.40
N LEU OA 361 -40.89 108.46 28.64
CA LEU OA 361 -40.16 108.61 29.90
C LEU OA 361 -39.19 109.79 29.91
N ALA OA 362 -38.43 110.01 28.84
CA ALA OA 362 -37.20 110.79 28.88
C ALA OA 362 -37.43 112.30 29.08
N ASP OA 363 -36.72 112.90 30.04
CA ASP OA 363 -36.92 114.28 30.50
C ASP OA 363 -35.62 115.04 30.86
N SER OA 364 -34.47 114.35 30.92
CA SER OA 364 -33.13 114.93 31.11
C SER OA 364 -32.09 114.12 30.32
N PRO OA 365 -31.04 114.73 29.75
CA PRO OA 365 -30.15 114.06 28.80
C PRO OA 365 -29.57 112.73 29.29
N GLU OA 366 -29.34 112.56 30.59
CA GLU OA 366 -28.87 111.30 31.17
C GLU OA 366 -29.82 110.15 30.85
N SER OA 367 -31.13 110.38 31.00
CA SER OA 367 -32.16 109.41 30.62
C SER OA 367 -32.16 109.13 29.13
N GLY OA 368 -31.87 110.15 28.30
CA GLY OA 368 -31.67 109.96 26.87
C GLY OA 368 -30.50 109.03 26.60
N LEU OA 369 -29.34 109.30 27.20
CA LEU OA 369 -28.17 108.45 27.03
C LEU OA 369 -28.43 107.03 27.50
N ALA OA 370 -29.05 106.86 28.67
CA ALA OA 370 -29.38 105.53 29.15
C ALA OA 370 -30.30 104.80 28.18
N ALA OA 371 -31.36 105.46 27.71
CA ALA OA 371 -32.28 104.86 26.75
C ALA OA 371 -31.55 104.50 25.46
N LEU OA 372 -30.76 105.44 24.93
CA LEU OA 372 -29.94 105.21 23.77
C LEU OA 372 -29.05 103.99 23.97
N ALA OA 373 -28.33 103.94 25.08
CA ALA OA 373 -27.39 102.88 25.36
C ALA OA 373 -28.11 101.53 25.36
N ALA OA 374 -29.27 101.48 25.99
CA ALA OA 374 -30.10 100.30 25.97
C ALA OA 374 -30.55 99.95 24.54
N ILE OA 375 -31.12 100.91 23.81
CA ILE OA 375 -31.59 100.68 22.44
C ILE OA 375 -30.46 100.13 21.60
N ALA OA 376 -29.31 100.79 21.63
CA ALA OA 376 -28.14 100.35 20.89
C ALA OA 376 -27.74 98.95 21.31
N SER OA 377 -27.69 98.68 22.61
CA SER OA 377 -27.26 97.37 23.08
C SER OA 377 -28.23 96.29 22.62
N LEU OA 378 -29.52 96.57 22.72
CA LEU OA 378 -30.57 95.66 22.26
C LEU OA 378 -30.40 95.41 20.77
N ALA OA 379 -30.22 96.47 20.00
CA ALA OA 379 -29.98 96.35 18.57
C ALA OA 379 -28.75 95.48 18.32
N LYS OA 380 -27.66 95.68 19.07
CA LYS OA 380 -26.43 94.90 18.94
C LYS OA 380 -26.70 93.44 19.22
N LEU OA 381 -27.41 93.13 20.28
CA LEU OA 381 -27.78 91.75 20.58
C LEU OA 381 -28.61 91.14 19.44
N GLY OA 382 -29.59 91.90 18.92
CA GLY OA 382 -30.43 91.43 17.81
C GLY OA 382 -29.61 91.14 16.57
N LEU OA 383 -28.70 92.05 16.22
CA LEU OA 383 -27.75 91.87 15.14
C LEU OA 383 -26.84 90.67 15.39
N GLU OA 384 -26.44 90.43 16.65
CA GLU OA 384 -25.65 89.27 17.00
C GLU OA 384 -26.42 87.96 16.77
N GLN OA 385 -27.73 87.91 17.03
CA GLN OA 385 -28.54 86.73 16.70
C GLN OA 385 -28.58 86.54 15.17
N LEU OA 386 -28.83 87.62 14.45
CA LEU OA 386 -28.95 87.64 13.00
C LEU OA 386 -27.63 87.22 12.31
N LYS OA 387 -26.49 87.58 12.90
CA LYS OA 387 -25.16 87.14 12.49
C LYS OA 387 -24.95 85.66 12.80
N GLU OA 388 -25.30 85.21 14.00
CA GLU OA 388 -25.09 83.82 14.42
C GLU OA 388 -25.91 82.83 13.58
N ILE OA 389 -27.15 83.14 13.23
CA ILE OA 389 -27.97 82.32 12.31
C ILE OA 389 -27.44 82.37 10.86
N GLY OA 390 -26.49 83.25 10.55
CA GLY OA 390 -25.86 83.35 9.23
C GLY OA 390 -26.76 84.00 8.16
N ALA OA 391 -27.64 84.92 8.54
CA ALA OA 391 -28.51 85.64 7.60
C ALA OA 391 -27.69 86.45 6.57
N PRO OA 392 -28.20 86.67 5.34
CA PRO OA 392 -27.43 87.33 4.30
C PRO OA 392 -27.15 88.79 4.65
N PRO OA 393 -26.03 89.36 4.18
CA PRO OA 393 -25.62 90.72 4.50
C PRO OA 393 -26.70 91.78 4.31
N GLU OA 394 -27.58 91.64 3.32
CA GLU OA 394 -28.68 92.60 3.11
C GLU OA 394 -29.60 92.71 4.34
N GLN OA 395 -29.95 91.58 4.97
CA GLN OA 395 -30.74 91.59 6.20
C GLN OA 395 -29.96 92.31 7.31
N GLN OA 396 -28.67 92.00 7.45
CA GLN OA 396 -27.81 92.63 8.44
C GLN OA 396 -27.77 94.15 8.25
N ARG OA 397 -27.61 94.61 7.00
CA ARG OA 397 -27.64 96.03 6.65
C ARG OA 397 -29.00 96.63 6.97
N ARG OA 398 -30.10 96.02 6.53
CA ARG OA 398 -31.47 96.51 6.78
C ARG OA 398 -31.72 96.74 8.26
N VAL OA 399 -31.42 95.74 9.09
CA VAL OA 399 -31.57 95.87 10.54
C VAL OA 399 -30.63 96.92 11.10
N THR OA 400 -29.38 96.97 10.65
CA THR OA 400 -28.43 97.98 11.14
C THR OA 400 -28.91 99.39 10.84
N LYS OA 401 -29.39 99.62 9.62
CA LYS OA 401 -29.98 100.90 9.20
C LYS OA 401 -31.18 101.24 10.07
N ALA OA 402 -32.08 100.30 10.29
CA ALA OA 402 -33.20 100.53 11.20
C ALA OA 402 -32.71 100.93 12.60
N GLY OA 403 -31.64 100.29 13.09
CA GLY OA 403 -31.00 100.66 14.35
C GLY OA 403 -30.50 102.10 14.32
N ILE OA 404 -29.76 102.47 13.28
CA ILE OA 404 -29.27 103.84 13.10
C ILE OA 404 -30.46 104.81 13.07
N GLU OA 405 -31.53 104.49 12.33
CA GLU OA 405 -32.71 105.33 12.24
C GLU OA 405 -33.40 105.51 13.59
N ALA OA 406 -33.51 104.45 14.39
CA ALA OA 406 -34.03 104.57 15.74
C ALA OA 406 -33.14 105.51 16.57
N VAL OA 407 -31.82 105.32 16.51
CA VAL OA 407 -30.88 106.20 17.21
C VAL OA 407 -31.02 107.64 16.74
N ARG OA 408 -31.19 107.87 15.44
CA ARG OA 408 -31.41 109.19 14.87
C ARG OA 408 -32.68 109.82 15.47
N GLU OA 409 -33.76 109.06 15.56
CA GLU OA 409 -34.98 109.54 16.21
C GLU OA 409 -34.75 109.86 17.69
N ILE OA 410 -34.00 109.03 18.39
CA ILE OA 410 -33.65 109.30 19.79
C ILE OA 410 -32.82 110.58 19.90
N TYR OA 411 -31.87 110.82 19.00
CA TYR OA 411 -31.14 112.08 18.97
C TYR OA 411 -32.09 113.24 18.67
N ARG OA 412 -32.97 113.12 17.69
CA ARG OA 412 -33.93 114.18 17.36
C ARG OA 412 -34.90 114.47 18.50
N TYR OA 413 -35.25 113.48 19.32
CA TYR OA 413 -35.93 113.74 20.59
C TYR OA 413 -35.00 114.48 21.57
N GLY OA 414 -33.80 113.96 21.80
CA GLY OA 414 -32.82 114.51 22.74
C GLY OA 414 -32.46 115.96 22.47
N ARG OA 415 -32.45 116.37 21.20
CA ARG OA 415 -32.18 117.75 20.76
C ARG OA 415 -33.12 118.80 21.38
N LYS OA 416 -34.33 118.40 21.82
CA LYS OA 416 -35.27 119.28 22.54
C LYS OA 416 -34.78 119.67 23.95
N LEU OA 417 -33.98 118.82 24.58
CA LEU OA 417 -33.55 118.94 25.98
C LEU OA 417 -32.25 119.73 26.16
N TYR OA 418 -31.41 119.84 25.11
CA TYR OA 418 -29.98 120.15 25.23
C TYR OA 418 -29.45 120.98 24.07
N ASP PA 3 -74.22 -32.03 -56.03
CA ASP PA 3 -75.38 -32.07 -56.95
C ASP PA 3 -75.15 -32.86 -58.23
N ASP PA 4 -74.00 -32.70 -58.91
CA ASP PA 4 -73.77 -33.21 -60.27
C ASP PA 4 -74.15 -34.69 -60.47
N LEU PA 5 -73.91 -35.52 -59.46
CA LEU PA 5 -74.28 -36.94 -59.50
C LEU PA 5 -75.75 -37.15 -59.85
N LEU PA 6 -76.67 -36.31 -59.34
CA LEU PA 6 -78.08 -36.42 -59.68
C LEU PA 6 -78.28 -36.19 -61.17
N LEU PA 7 -77.61 -35.19 -61.73
CA LEU PA 7 -77.66 -34.95 -63.16
C LEU PA 7 -77.17 -36.19 -63.90
N LYS PA 8 -76.07 -36.80 -63.43
CA LYS PA 8 -75.60 -38.04 -64.05
C LYS PA 8 -76.64 -39.15 -63.95
N LEU PA 9 -77.30 -39.32 -62.81
CA LEU PA 9 -78.38 -40.30 -62.72
C LEU PA 9 -79.48 -39.98 -63.72
N LEU PA 10 -79.84 -38.71 -63.85
CA LEU PA 10 -80.86 -38.33 -64.81
C LEU PA 10 -80.39 -38.66 -66.22
N GLU PA 11 -79.12 -38.42 -66.57
CA GLU PA 11 -78.62 -38.87 -67.87
C GLU PA 11 -78.82 -40.36 -68.04
N LEU PA 12 -78.46 -41.16 -67.04
CA LEU PA 12 -78.61 -42.59 -67.12
C LEU PA 12 -80.07 -42.97 -67.27
N LEU PA 13 -80.95 -42.33 -66.51
CA LEU PA 13 -82.36 -42.56 -66.62
C LEU PA 13 -82.85 -42.22 -68.03
N VAL PA 14 -82.40 -41.09 -68.60
CA VAL PA 14 -82.81 -40.70 -69.95
C VAL PA 14 -82.32 -41.75 -70.93
N GLU PA 15 -81.05 -42.11 -70.86
CA GLU PA 15 -80.51 -43.06 -71.82
C GLU PA 15 -81.18 -44.41 -71.65
N GLN PA 16 -81.46 -44.82 -70.42
CA GLN PA 16 -82.22 -46.03 -70.16
C GLN PA 16 -83.59 -45.92 -70.79
N ALA PA 17 -84.28 -44.79 -70.60
CA ALA PA 17 -85.55 -44.56 -71.23
C ALA PA 17 -85.41 -44.68 -72.75
N ARG PA 18 -84.34 -44.16 -73.35
CA ARG PA 18 -84.12 -44.29 -74.78
C ARG PA 18 -83.98 -45.76 -75.16
N VAL PA 19 -83.06 -46.47 -74.53
CA VAL PA 19 -82.76 -47.86 -74.91
C VAL PA 19 -83.97 -48.74 -74.68
N SER PA 20 -84.63 -48.60 -73.54
CA SER PA 20 -85.86 -49.32 -73.28
C SER PA 20 -86.97 -48.93 -74.25
N ALA PA 21 -87.09 -47.66 -74.66
CA ALA PA 21 -88.09 -47.26 -75.66
C ALA PA 21 -87.78 -47.85 -77.03
N GLU PA 22 -86.52 -47.87 -77.45
CA GLU PA 22 -86.14 -48.53 -78.70
C GLU PA 22 -86.47 -50.02 -78.63
N PHE PA 23 -86.16 -50.68 -77.52
CA PHE PA 23 -86.60 -52.05 -77.26
C PHE PA 23 -88.11 -52.18 -77.35
N ALA PA 24 -88.87 -51.31 -76.68
CA ALA PA 24 -90.32 -51.37 -76.68
C ALA PA 24 -90.89 -51.17 -78.09
N ARG PA 25 -90.28 -50.31 -78.92
CA ARG PA 25 -90.65 -50.15 -80.34
C ARG PA 25 -90.32 -51.40 -81.15
N ARG PA 26 -89.23 -52.10 -80.85
CA ARG PA 26 -88.94 -53.42 -81.45
C ARG PA 26 -89.95 -54.49 -81.00
N GLN PA 27 -90.44 -54.44 -79.76
CA GLN PA 27 -91.50 -55.34 -79.26
C GLN PA 27 -92.92 -54.96 -79.72
N GLY PA 28 -93.18 -53.69 -80.03
CA GLY PA 28 -94.53 -53.14 -80.12
C GLY PA 28 -95.21 -52.98 -78.75
N ASP PA 29 -94.44 -52.85 -77.67
CA ASP PA 29 -94.95 -52.83 -76.30
C ASP PA 29 -95.46 -51.44 -75.90
N GLU PA 30 -96.71 -51.15 -76.26
CA GLU PA 30 -97.36 -49.88 -75.93
C GLU PA 30 -97.42 -49.59 -74.43
N LYS PA 31 -97.55 -50.64 -73.60
CA LYS PA 31 -97.58 -50.49 -72.14
C LYS PA 31 -96.22 -50.02 -71.63
N MET PA 32 -95.13 -50.62 -72.10
CA MET PA 32 -93.80 -50.13 -71.74
C MET PA 32 -93.60 -48.71 -72.26
N LEU PA 33 -94.02 -48.39 -73.48
CA LEU PA 33 -93.91 -47.03 -74.02
C LEU PA 33 -94.64 -46.02 -73.12
N GLU PA 34 -95.85 -46.33 -72.68
CA GLU PA 34 -96.56 -45.51 -71.69
C GLU PA 34 -95.73 -45.35 -70.42
N GLU PA 35 -95.26 -46.45 -69.84
CA GLU PA 35 -94.53 -46.41 -68.58
C GLU PA 35 -93.23 -45.59 -68.70
N VAL PA 36 -92.43 -45.82 -69.74
CA VAL PA 36 -91.19 -45.05 -69.91
C VAL PA 36 -91.49 -43.61 -70.25
N ALA PA 37 -92.59 -43.31 -70.96
CA ALA PA 37 -92.98 -41.93 -71.18
C ALA PA 37 -93.28 -41.23 -69.85
N ARG PA 38 -94.04 -41.87 -68.94
CA ARG PA 38 -94.27 -41.32 -67.60
C ARG PA 38 -92.94 -41.09 -66.92
N LYS PA 39 -92.06 -42.09 -66.93
CA LYS PA 39 -90.72 -41.98 -66.34
C LYS PA 39 -89.99 -40.79 -66.93
N ALA PA 40 -90.01 -40.64 -68.24
CA ALA PA 40 -89.30 -39.58 -68.94
C ALA PA 40 -89.88 -38.20 -68.59
N GLU PA 41 -91.19 -38.08 -68.46
CA GLU PA 41 -91.79 -36.83 -68.01
C GLU PA 41 -91.29 -36.49 -66.60
N GLU PA 42 -91.32 -37.45 -65.68
CA GLU PA 42 -90.87 -37.20 -64.30
C GLU PA 42 -89.37 -36.90 -64.25
N VAL PA 43 -88.57 -37.61 -65.03
CA VAL PA 43 -87.15 -37.32 -65.18
C VAL PA 43 -86.97 -35.89 -65.67
N ALA PA 44 -87.71 -35.47 -66.69
CA ALA PA 44 -87.63 -34.11 -67.19
C ALA PA 44 -88.04 -33.12 -66.11
N ARG PA 45 -89.08 -33.42 -65.32
CA ARG PA 45 -89.46 -32.60 -64.19
C ARG PA 45 -88.32 -32.47 -63.20
N LYS PA 46 -87.70 -33.57 -62.79
CA LYS PA 46 -86.56 -33.53 -61.87
C LYS PA 46 -85.44 -32.66 -62.43
N ALA PA 47 -85.13 -32.81 -63.71
CA ALA PA 47 -84.14 -31.98 -64.38
C ALA PA 47 -84.52 -30.49 -64.34
N GLU PA 48 -85.74 -30.13 -64.71
CA GLU PA 48 -86.19 -28.75 -64.71
C GLU PA 48 -86.14 -28.16 -63.29
N GLU PA 49 -86.59 -28.90 -62.29
CA GLU PA 49 -86.54 -28.45 -60.90
C GLU PA 49 -85.09 -28.17 -60.47
N ILE PA 50 -84.15 -29.08 -60.77
CA ILE PA 50 -82.74 -28.84 -60.48
C ILE PA 50 -82.23 -27.64 -61.28
N ALA PA 51 -82.62 -27.51 -62.55
CA ALA PA 51 -82.17 -26.42 -63.40
C ALA PA 51 -82.55 -25.06 -62.82
N ARG PA 52 -83.75 -24.91 -62.26
CA ARG PA 52 -84.14 -23.66 -61.60
C ARG PA 52 -83.23 -23.35 -60.40
N LYS PA 53 -82.84 -24.36 -59.62
CA LYS PA 53 -81.83 -24.18 -58.55
C LYS PA 53 -80.50 -23.71 -59.14
N ALA PA 54 -80.01 -24.38 -60.18
CA ALA PA 54 -78.76 -23.99 -60.83
C ALA PA 54 -78.81 -22.54 -61.34
N ARG PA 55 -79.95 -22.09 -61.89
CA ARG PA 55 -80.16 -20.70 -62.30
C ARG PA 55 -80.06 -19.73 -61.12
N LYS PA 56 -80.62 -20.10 -59.96
CA LYS PA 56 -80.48 -19.31 -58.72
C LYS PA 56 -79.02 -19.23 -58.25
N GLU PA 57 -78.31 -20.35 -58.24
CA GLU PA 57 -76.93 -20.40 -57.74
C GLU PA 57 -75.91 -19.78 -58.71
N GLY PA 58 -76.17 -19.81 -60.02
CA GLY PA 58 -75.36 -19.16 -61.04
C GLY PA 58 -74.15 -19.96 -61.58
N ASN PA 59 -74.09 -21.29 -61.40
CA ASN PA 59 -73.11 -22.12 -62.11
C ASN PA 59 -73.59 -22.43 -63.54
N LEU PA 60 -73.04 -21.72 -64.52
CA LEU PA 60 -73.44 -21.85 -65.92
C LEU PA 60 -73.32 -23.29 -66.40
N GLU PA 61 -72.20 -23.95 -66.12
CA GLU PA 61 -71.96 -25.31 -66.61
C GLU PA 61 -73.03 -26.28 -66.12
N LEU PA 62 -73.33 -26.27 -64.83
CA LEU PA 62 -74.36 -27.15 -64.28
C LEU PA 62 -75.71 -26.83 -64.89
N ALA PA 63 -76.07 -25.55 -64.99
CA ALA PA 63 -77.33 -25.16 -65.59
C ALA PA 63 -77.41 -25.66 -67.04
N LEU PA 64 -76.36 -25.43 -67.81
CA LEU PA 64 -76.28 -25.86 -69.19
C LEU PA 64 -76.42 -27.37 -69.27
N LYS PA 65 -75.70 -28.11 -68.44
CA LYS PA 65 -75.82 -29.56 -68.42
C LYS PA 65 -77.25 -29.97 -68.13
N ALA PA 66 -77.89 -29.32 -67.17
CA ALA PA 66 -79.27 -29.60 -66.84
C ALA PA 66 -80.18 -29.31 -68.03
N LEU PA 67 -79.94 -28.23 -68.76
CA LEU PA 67 -80.63 -27.97 -70.00
C LEU PA 67 -80.34 -29.09 -71.01
N GLU PA 68 -79.11 -29.53 -71.14
CA GLU PA 68 -78.79 -30.58 -72.10
C GLU PA 68 -79.53 -31.87 -71.75
N ILE PA 69 -79.60 -32.20 -70.47
CA ILE PA 69 -80.41 -33.31 -70.02
C ILE PA 69 -81.86 -33.07 -70.41
N LEU PA 70 -82.39 -31.88 -70.16
CA LEU PA 70 -83.76 -31.57 -70.52
C LEU PA 70 -83.94 -31.73 -72.03
N VAL PA 71 -82.98 -31.33 -72.82
CA VAL PA 71 -83.02 -31.43 -74.27
C VAL PA 71 -83.07 -32.88 -74.69
N ARG PA 72 -82.20 -33.71 -74.12
CA ARG PA 72 -82.19 -35.14 -74.42
C ARG PA 72 -83.51 -35.77 -74.00
N ALA PA 73 -84.01 -35.40 -72.82
CA ALA PA 73 -85.27 -35.91 -72.30
C ALA PA 73 -86.43 -35.51 -73.21
N ALA PA 74 -86.45 -34.26 -73.64
CA ALA PA 74 -87.39 -33.80 -74.62
C ALA PA 74 -87.25 -34.62 -75.89
N HIS PA 75 -86.03 -34.90 -76.34
CA HIS PA 75 -85.83 -35.62 -77.58
C HIS PA 75 -86.50 -36.98 -77.53
N VAL PA 76 -86.26 -37.76 -76.48
CA VAL PA 76 -86.93 -39.06 -76.36
C VAL PA 76 -88.44 -38.87 -76.18
N LEU PA 77 -88.88 -37.88 -75.39
CA LEU PA 77 -90.31 -37.65 -75.20
C LEU PA 77 -90.99 -37.39 -76.53
N ALA PA 78 -90.40 -36.52 -77.34
CA ALA PA 78 -90.89 -36.19 -78.66
C ALA PA 78 -90.81 -37.40 -79.59
N GLU PA 79 -89.73 -38.17 -79.55
CA GLU PA 79 -89.58 -39.36 -80.37
C GLU PA 79 -90.71 -40.36 -80.10
N ILE PA 80 -91.06 -40.57 -78.83
CA ILE PA 80 -92.21 -41.40 -78.45
C ILE PA 80 -93.51 -40.74 -78.90
N ALA PA 81 -93.70 -39.47 -78.57
CA ALA PA 81 -94.92 -38.74 -78.86
C ALA PA 81 -95.21 -38.62 -80.37
N ARG PA 82 -94.18 -38.67 -81.23
CA ARG PA 82 -94.29 -38.69 -82.70
C ARG PA 82 -94.97 -39.97 -83.16
N GLU PA 83 -94.40 -41.12 -82.81
CA GLU PA 83 -94.97 -42.42 -83.19
C GLU PA 83 -96.36 -42.62 -82.56
N ARG PA 84 -96.53 -42.17 -81.32
CA ARG PA 84 -97.81 -42.24 -80.60
C ARG PA 84 -98.85 -41.25 -81.12
N GLY PA 85 -98.45 -40.21 -81.86
CA GLY PA 85 -99.31 -39.11 -82.28
C GLY PA 85 -99.85 -38.26 -81.10
N ASN PA 86 -99.16 -38.25 -79.96
CA ASN PA 86 -99.61 -37.56 -78.76
C ASN PA 86 -99.32 -36.05 -78.83
N GLU PA 87 -100.30 -35.27 -79.22
CA GLU PA 87 -100.13 -33.83 -79.40
C GLU PA 87 -99.79 -33.11 -78.10
N GLU PA 88 -100.31 -33.52 -76.95
CA GLU PA 88 -100.02 -32.83 -75.68
C GLU PA 88 -98.55 -32.98 -75.28
N LEU PA 89 -97.96 -34.16 -75.46
CA LEU PA 89 -96.53 -34.34 -75.31
C LEU PA 89 -95.76 -33.54 -76.36
N GLN PA 90 -96.20 -33.51 -77.62
CA GLN PA 90 -95.53 -32.71 -78.66
C GLN PA 90 -95.53 -31.21 -78.32
N LYS PA 91 -96.66 -30.69 -77.83
CA LYS PA 91 -96.81 -29.31 -77.34
C LYS PA 91 -95.87 -29.07 -76.17
N LYS PA 92 -95.91 -29.92 -75.14
CA LYS PA 92 -95.03 -29.83 -73.98
C LYS PA 92 -93.57 -29.77 -74.41
N ALA PA 93 -93.13 -30.70 -75.24
CA ALA PA 93 -91.76 -30.74 -75.73
C ALA PA 93 -91.38 -29.45 -76.47
N HIS PA 94 -92.18 -29.00 -77.43
CA HIS PA 94 -91.88 -27.78 -78.18
C HIS PA 94 -91.78 -26.56 -77.24
N LYS PA 95 -92.76 -26.38 -76.35
CA LYS PA 95 -92.75 -25.27 -75.39
C LYS PA 95 -91.56 -25.35 -74.45
N LEU PA 96 -91.29 -26.53 -73.89
CA LEU PA 96 -90.13 -26.73 -73.02
C LEU PA 96 -88.84 -26.43 -73.77
N ALA PA 97 -88.71 -26.88 -75.01
CA ALA PA 97 -87.54 -26.58 -75.83
C ALA PA 97 -87.40 -25.08 -76.09
N LYS PA 98 -88.49 -24.37 -76.38
CA LYS PA 98 -88.45 -22.92 -76.51
C LYS PA 98 -88.03 -22.26 -75.21
N GLU PA 99 -88.55 -22.71 -74.07
CA GLU PA 99 -88.12 -22.20 -72.77
C GLU PA 99 -86.63 -22.50 -72.54
N ALA PA 100 -86.17 -23.68 -72.93
CA ALA PA 100 -84.76 -24.02 -72.83
C ALA PA 100 -83.93 -23.07 -73.69
N LEU PA 101 -84.35 -22.81 -74.93
CA LEU PA 101 -83.69 -21.83 -75.79
C LEU PA 101 -83.65 -20.48 -75.11
N ARG PA 102 -84.77 -20.03 -74.56
CA ARG PA 102 -84.86 -18.76 -73.86
C ARG PA 102 -83.86 -18.72 -72.71
N GLN PA 103 -83.81 -19.77 -71.90
CA GLN PA 103 -82.84 -19.87 -70.82
C GLN PA 103 -81.41 -19.91 -71.34
N VAL PA 104 -81.13 -20.64 -72.43
CA VAL PA 104 -79.77 -20.69 -72.96
C VAL PA 104 -79.36 -19.33 -73.49
N ILE PA 105 -80.29 -18.57 -74.06
CA ILE PA 105 -80.04 -17.21 -74.46
C ILE PA 105 -79.74 -16.36 -73.24
N GLU PA 106 -80.50 -16.49 -72.16
CA GLU PA 106 -80.17 -15.79 -70.91
C GLU PA 106 -78.76 -16.15 -70.44
N ILE PA 107 -78.41 -17.43 -70.46
CA ILE PA 107 -77.07 -17.88 -70.13
C ILE PA 107 -76.07 -17.26 -71.09
N ALA PA 108 -76.36 -17.17 -72.39
CA ALA PA 108 -75.44 -16.61 -73.37
C ALA PA 108 -75.19 -15.12 -73.11
N ILE PA 109 -76.25 -14.38 -72.83
CA ILE PA 109 -76.13 -12.99 -72.42
C ILE PA 109 -75.31 -12.91 -71.13
N ARG PA 110 -75.59 -13.76 -70.14
CA ARG PA 110 -74.80 -13.77 -68.91
C ARG PA 110 -73.33 -14.09 -69.20
N ALA PA 111 -73.04 -15.03 -70.07
CA ALA PA 111 -71.67 -15.38 -70.39
C ALA PA 111 -70.92 -14.20 -70.99
N ILE PA 112 -71.57 -13.44 -71.89
CA ILE PA 112 -70.98 -12.21 -72.42
C ILE PA 112 -70.77 -11.21 -71.27
N GLN PA 113 -71.76 -11.06 -70.39
CA GLN PA 113 -71.69 -10.13 -69.25
C GLN PA 113 -70.54 -10.48 -68.28
N GLU PA 114 -70.38 -11.76 -67.96
CA GLU PA 114 -69.29 -12.27 -67.12
C GLU PA 114 -67.94 -12.20 -67.84
N GLY PA 115 -67.94 -12.32 -69.17
CA GLY PA 115 -66.79 -12.12 -70.04
C GLY PA 115 -65.83 -13.30 -70.21
N ASN PA 116 -66.03 -14.44 -69.53
CA ASN PA 116 -65.24 -15.65 -69.80
C ASN PA 116 -65.77 -16.38 -71.05
N LEU PA 117 -65.12 -16.13 -72.18
CA LEU PA 117 -65.57 -16.63 -73.49
C LEU PA 117 -65.60 -18.16 -73.58
N GLU PA 118 -64.84 -18.89 -72.76
CA GLU PA 118 -64.92 -20.36 -72.73
C GLU PA 118 -66.33 -20.79 -72.36
N LEU PA 119 -66.92 -20.17 -71.33
CA LEU PA 119 -68.30 -20.46 -70.95
C LEU PA 119 -69.23 -20.11 -72.10
N ALA PA 120 -69.03 -18.95 -72.74
CA ALA PA 120 -69.87 -18.54 -73.85
C ALA PA 120 -69.81 -19.56 -74.99
N ILE PA 121 -68.63 -20.07 -75.29
CA ILE PA 121 -68.43 -21.10 -76.29
C ILE PA 121 -69.22 -22.35 -75.90
N ILE PA 122 -69.06 -22.82 -74.67
CA ILE PA 122 -69.74 -24.04 -74.22
C ILE PA 122 -71.25 -23.84 -74.32
N ALA PA 123 -71.74 -22.71 -73.83
CA ALA PA 123 -73.14 -22.36 -73.94
C ALA PA 123 -73.59 -22.39 -75.39
N LEU PA 124 -72.80 -21.80 -76.29
CA LEU PA 124 -73.17 -21.76 -77.69
C LEU PA 124 -73.23 -23.18 -78.24
N HIS PA 125 -72.27 -24.05 -77.89
CA HIS PA 125 -72.29 -25.44 -78.32
C HIS PA 125 -73.59 -26.12 -77.91
N ILE PA 126 -73.98 -25.96 -76.66
CA ILE PA 126 -75.23 -26.54 -76.19
C ILE PA 126 -76.42 -25.87 -76.87
N SER PA 127 -76.34 -24.60 -77.23
CA SER PA 127 -77.38 -23.97 -78.03
C SER PA 127 -77.50 -24.64 -79.39
N VAL PA 128 -76.40 -25.09 -79.99
CA VAL PA 128 -76.50 -25.90 -81.21
C VAL PA 128 -77.28 -27.18 -80.93
N ARG PA 129 -77.04 -27.84 -79.81
CA ARG PA 129 -77.81 -29.04 -79.46
C ARG PA 129 -79.30 -28.70 -79.38
N ILE PA 130 -79.62 -27.56 -78.76
CA ILE PA 130 -81.00 -27.09 -78.70
C ILE PA 130 -81.54 -26.90 -80.12
N ALA PA 131 -80.77 -26.29 -81.00
CA ALA PA 131 -81.19 -26.11 -82.38
C ALA PA 131 -81.47 -27.46 -83.05
N GLU PA 132 -80.60 -28.45 -82.88
CA GLU PA 132 -80.82 -29.77 -83.48
C GLU PA 132 -82.14 -30.36 -83.02
N VAL PA 133 -82.39 -30.38 -81.71
CA VAL PA 133 -83.61 -30.97 -81.20
C VAL PA 133 -84.82 -30.15 -81.63
N LEU PA 134 -84.74 -28.83 -81.59
CA LEU PA 134 -85.81 -27.98 -82.11
C LEU PA 134 -86.11 -28.33 -83.56
N LEU PA 135 -85.08 -28.47 -84.39
CA LEU PA 135 -85.23 -28.77 -85.80
C LEU PA 135 -85.91 -30.13 -85.96
N GLU PA 136 -85.49 -31.13 -85.19
CA GLU PA 136 -86.15 -32.42 -85.22
C GLU PA 136 -87.58 -32.38 -84.64
N THR PA 137 -87.91 -31.32 -83.88
CA THR PA 137 -89.24 -31.14 -83.30
C THR PA 137 -90.23 -30.60 -84.33
N ARG PA 138 -89.93 -29.48 -84.99
CA ARG PA 138 -90.86 -28.85 -85.97
C ARG PA 138 -90.09 -28.17 -87.13
N PRO PA 139 -89.77 -28.91 -88.21
CA PRO PA 139 -89.18 -28.35 -89.42
C PRO PA 139 -90.02 -27.25 -90.10
N ASP PA 140 -91.34 -27.22 -89.88
CA ASP PA 140 -92.26 -26.23 -90.45
C ASP PA 140 -92.33 -24.90 -89.65
N ASP PA 141 -91.78 -24.84 -88.43
CA ASP PA 141 -91.71 -23.62 -87.60
C ASP PA 141 -90.58 -22.67 -88.05
N ARG PA 142 -90.33 -22.64 -89.36
CA ARG PA 142 -89.07 -22.19 -89.97
C ARG PA 142 -88.69 -20.76 -89.61
N GLU PA 143 -89.68 -19.90 -89.38
CA GLU PA 143 -89.44 -18.52 -88.98
C GLU PA 143 -88.75 -18.48 -87.62
N GLU PA 144 -89.28 -19.20 -86.62
CA GLU PA 144 -88.65 -19.27 -85.30
C GLU PA 144 -87.22 -19.82 -85.43
N ILE PA 145 -87.03 -20.85 -86.25
CA ILE PA 145 -85.70 -21.43 -86.47
C ILE PA 145 -84.78 -20.39 -87.08
N ARG PA 146 -85.19 -19.72 -88.14
CA ARG PA 146 -84.33 -18.72 -88.78
C ARG PA 146 -84.09 -17.53 -87.87
N GLU PA 147 -85.07 -17.14 -87.05
CA GLU PA 147 -84.86 -16.13 -86.00
C GLU PA 147 -83.80 -16.61 -85.02
N GLN PA 148 -83.90 -17.84 -84.53
CA GLN PA 148 -82.89 -18.40 -83.65
C GLN PA 148 -81.53 -18.38 -84.35
N GLN PA 149 -81.48 -18.73 -85.63
CA GLN PA 149 -80.24 -18.67 -86.39
C GLN PA 149 -79.73 -17.24 -86.50
N ALA PA 150 -80.59 -16.26 -86.73
CA ALA PA 150 -80.17 -14.87 -86.73
C ALA PA 150 -79.56 -14.49 -85.38
N ILE PA 151 -80.19 -14.90 -84.28
CA ILE PA 151 -79.64 -14.68 -82.95
C ILE PA 151 -78.28 -15.35 -82.85
N PHE PA 152 -78.17 -16.59 -83.28
CA PHE PA 152 -76.91 -17.31 -83.25
C PHE PA 152 -75.84 -16.59 -84.08
N GLU PA 153 -76.19 -16.14 -85.28
CA GLU PA 153 -75.29 -15.40 -86.15
C GLU PA 153 -74.84 -14.11 -85.49
N LEU PA 154 -75.74 -13.43 -84.80
CA LEU PA 154 -75.39 -12.25 -84.04
C LEU PA 154 -74.42 -12.61 -82.91
N LEU PA 155 -74.71 -13.67 -82.16
CA LEU PA 155 -73.81 -14.12 -81.11
C LEU PA 155 -72.45 -14.47 -81.68
N ILE PA 156 -72.41 -15.15 -82.83
CA ILE PA 156 -71.18 -15.46 -83.53
C ILE PA 156 -70.47 -14.18 -83.92
N ALA PA 157 -71.17 -13.20 -84.46
CA ALA PA 157 -70.52 -11.95 -84.83
C ALA PA 157 -69.91 -11.31 -83.58
N ALA PA 158 -70.66 -11.28 -82.49
CA ALA PA 158 -70.19 -10.76 -81.23
C ALA PA 158 -68.97 -11.54 -80.75
N LEU PA 159 -69.00 -12.85 -80.84
CA LEU PA 159 -67.86 -13.67 -80.48
C LEU PA 159 -66.66 -13.41 -81.39
N GLU PA 160 -66.84 -13.20 -82.69
CA GLU PA 160 -65.73 -12.91 -83.60
C GLU PA 160 -65.05 -11.62 -83.15
N ALA PA 161 -65.84 -10.59 -82.90
CA ALA PA 161 -65.31 -9.37 -82.33
C ALA PA 161 -64.62 -9.66 -81.00
N ALA PA 162 -65.28 -10.40 -80.11
CA ALA PA 162 -64.79 -10.64 -78.76
C ALA PA 162 -63.44 -11.34 -78.80
N ILE PA 163 -63.36 -12.44 -79.51
CA ILE PA 163 -62.16 -13.26 -79.60
C ILE PA 163 -61.08 -12.49 -80.36
N ARG PA 164 -61.42 -11.73 -81.40
CA ARG PA 164 -60.43 -10.90 -82.10
C ARG PA 164 -59.86 -9.86 -81.16
N LEU PA 165 -60.70 -9.16 -80.41
CA LEU PA 165 -60.24 -8.12 -79.49
C LEU PA 165 -59.44 -8.76 -78.35
N GLU PA 166 -59.86 -9.93 -77.86
CA GLU PA 166 -59.10 -10.69 -76.89
C GLU PA 166 -57.71 -11.06 -77.45
N LYS PA 167 -57.62 -11.39 -78.74
CA LYS PA 167 -56.33 -11.62 -79.39
C LYS PA 167 -55.48 -10.34 -79.36
N LEU PA 168 -56.04 -9.20 -79.75
CA LEU PA 168 -55.30 -7.93 -79.68
C LEU PA 168 -54.86 -7.63 -78.24
N LYS PA 169 -55.71 -7.93 -77.24
CA LYS PA 169 -55.39 -7.78 -75.83
C LYS PA 169 -54.21 -8.66 -75.44
N GLU PA 170 -54.24 -9.93 -75.81
CA GLU PA 170 -53.15 -10.86 -75.55
C GLU PA 170 -51.85 -10.43 -76.27
N GLU PA 171 -51.96 -9.94 -77.50
CA GLU PA 171 -50.83 -9.40 -78.26
C GLU PA 171 -50.27 -8.08 -77.69
N GLY PA 172 -51.03 -7.37 -76.86
CA GLY PA 172 -50.66 -6.03 -76.39
C GLY PA 172 -50.66 -4.96 -77.49
N ALA PA 173 -51.59 -5.06 -78.44
CA ALA PA 173 -51.70 -4.16 -79.60
C ALA PA 173 -51.86 -2.66 -79.21
N PRO PA 174 -51.46 -1.71 -80.07
CA PRO PA 174 -51.68 -0.29 -79.81
C PRO PA 174 -53.18 0.02 -79.84
N PRO PA 175 -53.70 0.83 -78.89
CA PRO PA 175 -55.12 1.12 -78.79
C PRO PA 175 -55.79 1.58 -80.08
N GLU PA 176 -55.07 2.26 -80.98
CA GLU PA 176 -55.61 2.68 -82.28
C GLU PA 176 -56.07 1.47 -83.11
N GLN PA 177 -55.29 0.39 -83.16
CA GLN PA 177 -55.74 -0.82 -83.84
C GLN PA 177 -56.95 -1.43 -83.13
N ILE PA 178 -56.94 -1.43 -81.79
CA ILE PA 178 -58.07 -1.92 -81.00
C ILE PA 178 -59.34 -1.13 -81.37
N GLU PA 179 -59.24 0.19 -81.46
CA GLU PA 179 -60.35 1.06 -81.83
C GLU PA 179 -60.82 0.80 -83.26
N ARG PA 180 -59.92 0.63 -84.22
CA ARG PA 180 -60.30 0.31 -85.60
C ARG PA 180 -61.09 -1.00 -85.64
N VAL PA 181 -60.62 -2.02 -84.94
CA VAL PA 181 -61.35 -3.29 -84.84
C VAL PA 181 -62.69 -3.06 -84.15
N ALA PA 182 -62.73 -2.31 -83.05
CA ALA PA 182 -63.96 -2.10 -82.30
C ALA PA 182 -65.03 -1.43 -83.16
N GLU PA 183 -64.66 -0.37 -83.88
CA GLU PA 183 -65.56 0.27 -84.84
C GLU PA 183 -66.02 -0.74 -85.87
N HIS PA 184 -65.10 -1.45 -86.51
CA HIS PA 184 -65.47 -2.42 -87.54
C HIS PA 184 -66.49 -3.43 -86.99
N GLY PA 185 -66.23 -3.95 -85.79
CA GLY PA 185 -67.14 -4.86 -85.12
C GLY PA 185 -68.49 -4.21 -84.88
N LEU PA 186 -68.52 -3.07 -84.21
CA LEU PA 186 -69.77 -2.40 -83.88
C LEU PA 186 -70.56 -2.04 -85.15
N GLU PA 187 -69.91 -1.49 -86.16
CA GLU PA 187 -70.56 -1.16 -87.43
C GLU PA 187 -71.14 -2.42 -88.08
N ARG PA 188 -70.35 -3.49 -88.17
CA ARG PA 188 -70.84 -4.75 -88.71
C ARG PA 188 -72.04 -5.23 -87.89
N LEU PA 189 -71.94 -5.19 -86.57
CA LEU PA 189 -73.02 -5.61 -85.68
C LEU PA 189 -74.27 -4.78 -85.94
N LYS PA 190 -74.11 -3.48 -86.08
CA LYS PA 190 -75.23 -2.56 -86.32
C LYS PA 190 -75.90 -2.91 -87.63
N GLU PA 191 -75.14 -3.06 -88.70
CA GLU PA 191 -75.70 -3.41 -90.00
C GLU PA 191 -76.36 -4.78 -89.97
N ILE PA 192 -75.74 -5.76 -89.31
CA ILE PA 192 -76.34 -7.08 -89.09
C ILE PA 192 -77.66 -6.91 -88.34
N ALA PA 193 -77.68 -6.17 -87.25
CA ALA PA 193 -78.89 -5.97 -86.48
C ALA PA 193 -79.97 -5.33 -87.34
N LYS PA 194 -79.62 -4.36 -88.18
CA LYS PA 194 -80.57 -3.73 -89.08
C LYS PA 194 -81.11 -4.73 -90.10
N GLU PA 195 -80.24 -5.49 -90.76
CA GLU PA 195 -80.65 -6.56 -91.67
C GLU PA 195 -81.60 -7.55 -90.98
N ILE PA 196 -81.23 -8.00 -89.77
CA ILE PA 196 -82.06 -8.89 -88.95
C ILE PA 196 -83.42 -8.24 -88.71
N SER PA 197 -83.45 -6.99 -88.26
CA SER PA 197 -84.68 -6.29 -87.92
C SER PA 197 -85.64 -6.18 -89.12
N LYS PA 198 -85.12 -6.14 -90.35
CA LYS PA 198 -85.95 -6.10 -91.57
C LYS PA 198 -86.61 -7.43 -91.88
N GLU PA 199 -86.18 -8.52 -91.25
CA GLU PA 199 -86.74 -9.85 -91.48
C GLU PA 199 -87.51 -10.38 -90.26
N VAL PA 200 -86.97 -10.26 -89.06
CA VAL PA 200 -87.56 -10.86 -87.85
C VAL PA 200 -88.81 -10.10 -87.38
N ASP PA 201 -89.69 -10.75 -86.61
CA ASP PA 201 -90.88 -10.10 -86.06
C ASP PA 201 -91.27 -10.49 -84.61
N SER PA 202 -90.64 -11.52 -84.00
CA SER PA 202 -90.90 -11.80 -82.58
C SER PA 202 -90.40 -10.64 -81.72
N PRO PA 203 -91.26 -10.00 -80.91
CA PRO PA 203 -90.86 -8.89 -80.06
C PRO PA 203 -89.75 -9.31 -79.11
N GLU PA 204 -89.89 -10.46 -78.49
CA GLU PA 204 -88.89 -10.98 -77.57
C GLU PA 204 -87.57 -11.23 -78.31
N SER PA 205 -87.61 -11.75 -79.55
CA SER PA 205 -86.39 -11.93 -80.33
C SER PA 205 -85.69 -10.59 -80.56
N LYS PA 206 -86.45 -9.55 -80.88
CA LYS PA 206 -85.90 -8.21 -81.10
C LYS PA 206 -85.30 -7.66 -79.80
N ARG PA 207 -85.99 -7.86 -78.68
CA ARG PA 207 -85.50 -7.50 -77.35
C ARG PA 207 -84.17 -8.20 -77.06
N ILE PA 208 -84.15 -9.50 -77.22
CA ILE PA 208 -82.95 -10.32 -77.10
C ILE PA 208 -81.86 -9.75 -77.99
N ALA PA 209 -82.17 -9.48 -79.26
CA ALA PA 209 -81.18 -8.99 -80.20
C ALA PA 209 -80.55 -7.71 -79.67
N TYR PA 210 -81.35 -6.74 -79.26
CA TYR PA 210 -80.77 -5.51 -78.77
C TYR PA 210 -79.96 -5.75 -77.50
N LYS PA 211 -80.44 -6.60 -76.58
CA LYS PA 211 -79.68 -6.95 -75.38
C LYS PA 211 -78.33 -7.50 -75.77
N ILE PA 212 -78.28 -8.39 -76.75
CA ILE PA 212 -77.02 -8.94 -77.23
C ILE PA 212 -76.14 -7.82 -77.77
N VAL PA 213 -76.68 -6.91 -78.58
CA VAL PA 213 -75.88 -5.80 -79.11
C VAL PA 213 -75.30 -4.99 -77.96
N ALA PA 214 -76.13 -4.63 -76.99
CA ALA PA 214 -75.69 -3.86 -75.84
C ALA PA 214 -74.58 -4.62 -75.11
N ALA PA 215 -74.78 -5.92 -74.90
CA ALA PA 215 -73.79 -6.76 -74.28
C ALA PA 215 -72.47 -6.71 -75.04
N ALA PA 216 -72.52 -6.79 -76.37
CA ALA PA 216 -71.33 -6.74 -77.19
C ALA PA 216 -70.62 -5.40 -77.01
N ALA PA 217 -71.37 -4.30 -77.03
CA ALA PA 217 -70.76 -3.00 -76.82
C ALA PA 217 -70.06 -2.93 -75.46
N GLU PA 218 -70.75 -3.29 -74.38
CA GLU PA 218 -70.11 -3.21 -73.06
C GLU PA 218 -68.93 -4.17 -72.96
N PHE PA 219 -68.96 -5.32 -73.64
CA PHE PA 219 -67.81 -6.20 -73.67
C PHE PA 219 -66.62 -5.50 -74.32
N LEU PA 220 -66.84 -4.80 -75.44
CA LEU PA 220 -65.75 -4.08 -76.08
C LEU PA 220 -65.20 -3.03 -75.12
N LEU PA 221 -66.08 -2.31 -74.43
CA LEU PA 221 -65.66 -1.33 -73.43
C LEU PA 221 -64.84 -2.01 -72.32
N LYS PA 222 -65.29 -3.15 -71.82
CA LYS PA 222 -64.58 -3.91 -70.77
C LYS PA 222 -63.18 -4.28 -71.24
N ILE PA 223 -63.08 -4.87 -72.43
CA ILE PA 223 -61.78 -5.24 -73.00
C ILE PA 223 -60.90 -4.00 -73.14
N LEU PA 224 -61.43 -2.93 -73.75
CA LEU PA 224 -60.66 -1.72 -73.99
C LEU PA 224 -60.16 -1.11 -72.69
N ALA PA 225 -61.00 -1.09 -71.65
CA ALA PA 225 -60.67 -0.54 -70.35
C ALA PA 225 -59.57 -1.35 -69.64
N GLU PA 226 -59.69 -2.67 -69.61
CA GLU PA 226 -58.61 -3.51 -69.08
C GLU PA 226 -57.33 -3.37 -69.91
N GLY PA 227 -57.46 -3.09 -71.21
CA GLY PA 227 -56.36 -2.80 -72.11
C GLY PA 227 -55.63 -1.48 -71.82
N GLY PA 228 -56.14 -0.64 -70.91
CA GLY PA 228 -55.44 0.56 -70.46
C GLY PA 228 -55.37 1.69 -71.50
N ALA PA 229 -56.31 1.74 -72.45
CA ALA PA 229 -56.39 2.80 -73.47
C ALA PA 229 -56.59 4.20 -72.85
N THR PA 230 -56.23 5.26 -73.58
CA THR PA 230 -56.35 6.64 -73.08
C THR PA 230 -57.82 7.04 -72.88
N PRO PA 231 -58.10 8.00 -71.98
CA PRO PA 231 -59.43 8.59 -71.84
C PRO PA 231 -60.00 9.06 -73.19
N GLU PA 232 -59.16 9.59 -74.07
CA GLU PA 232 -59.57 10.03 -75.40
C GLU PA 232 -60.13 8.87 -76.22
N GLN PA 233 -59.40 7.76 -76.32
CA GLN PA 233 -59.89 6.58 -77.03
C GLN PA 233 -61.17 6.04 -76.39
N LEU PA 234 -61.18 5.93 -75.05
CA LEU PA 234 -62.34 5.42 -74.32
C LEU PA 234 -63.57 6.27 -74.63
N GLU PA 235 -63.45 7.58 -74.56
CA GLU PA 235 -64.54 8.49 -74.86
C GLU PA 235 -64.98 8.36 -76.32
N ARG PA 236 -64.05 8.31 -77.29
CA ARG PA 236 -64.40 8.17 -78.71
C ARG PA 236 -65.18 6.90 -78.96
N VAL PA 237 -64.68 5.77 -78.45
CA VAL PA 237 -65.41 4.51 -78.56
C VAL PA 237 -66.74 4.61 -77.83
N THR PA 238 -66.79 5.27 -76.68
CA THR PA 238 -68.03 5.42 -75.93
C THR PA 238 -69.07 6.16 -76.75
N GLU PA 239 -68.71 7.30 -77.33
CA GLU PA 239 -69.63 8.07 -78.17
C GLU PA 239 -70.12 7.20 -79.32
N HIS PA 240 -69.19 6.55 -80.02
CA HIS PA 240 -69.54 5.67 -81.12
C HIS PA 240 -70.51 4.57 -80.66
N ALA PA 241 -70.25 3.96 -79.52
CA ALA PA 241 -71.09 2.92 -78.96
C ALA PA 241 -72.47 3.47 -78.62
N LEU PA 242 -72.55 4.60 -77.92
CA LEU PA 242 -73.82 5.23 -77.63
C LEU PA 242 -74.58 5.55 -78.93
N GLU PA 243 -73.90 6.10 -79.93
CA GLU PA 243 -74.51 6.43 -81.21
C GLU PA 243 -75.09 5.20 -81.88
N VAL PA 244 -74.31 4.12 -81.94
CA VAL PA 244 -74.80 2.83 -82.43
C VAL PA 244 -75.98 2.38 -81.60
N LEU PA 245 -75.89 2.42 -80.27
CA LEU PA 245 -76.97 1.97 -79.42
C LEU PA 245 -78.23 2.76 -79.72
N LYS PA 246 -78.11 4.07 -79.90
CA LYS PA 246 -79.22 4.94 -80.25
C LYS PA 246 -79.82 4.50 -81.57
N GLU PA 247 -79.01 4.33 -82.60
CA GLU PA 247 -79.51 3.91 -83.90
C GLU PA 247 -80.24 2.57 -83.78
N VAL PA 248 -79.62 1.57 -83.16
CA VAL PA 248 -80.21 0.24 -83.06
C VAL PA 248 -81.48 0.29 -82.21
N ALA PA 249 -81.50 1.07 -81.13
CA ALA PA 249 -82.73 1.26 -80.38
C ALA PA 249 -83.82 1.87 -81.26
N LYS PA 250 -83.50 2.94 -82.01
CA LYS PA 250 -84.46 3.62 -82.87
C LYS PA 250 -85.05 2.67 -83.89
N GLU PA 251 -84.23 1.82 -84.48
CA GLU PA 251 -84.73 0.80 -85.39
C GLU PA 251 -85.60 -0.23 -84.66
N LEU PA 252 -85.06 -0.89 -83.63
CA LEU PA 252 -85.66 -2.11 -83.08
C LEU PA 252 -86.83 -1.83 -82.13
N ALA PA 253 -86.82 -0.74 -81.37
CA ALA PA 253 -87.85 -0.49 -80.38
C ALA PA 253 -89.19 -0.09 -81.03
N ASP PA 254 -90.29 -0.66 -80.54
CA ASP PA 254 -91.65 -0.43 -81.07
C ASP PA 254 -92.78 -0.70 -80.04
N SER PA 255 -92.45 -0.90 -78.76
CA SER PA 255 -93.41 -1.14 -77.68
C SER PA 255 -92.95 -0.53 -76.36
N PRO PA 256 -93.85 -0.15 -75.44
CA PRO PA 256 -93.45 0.47 -74.19
C PRO PA 256 -92.44 -0.39 -73.42
N GLU PA 257 -92.65 -1.69 -73.41
CA GLU PA 257 -91.77 -2.63 -72.72
C GLU PA 257 -90.38 -2.63 -73.36
N SER PA 258 -90.32 -2.67 -74.70
CA SER PA 258 -89.04 -2.64 -75.38
C SER PA 258 -88.34 -1.31 -75.14
N VAL PA 259 -89.06 -0.19 -75.13
CA VAL PA 259 -88.46 1.10 -74.79
C VAL PA 259 -87.92 1.06 -73.36
N ARG PA 260 -88.70 0.54 -72.41
CA ARG PA 260 -88.32 0.47 -71.00
C ARG PA 260 -87.00 -0.28 -70.85
N GLU PA 261 -86.90 -1.41 -71.54
CA GLU PA 261 -85.64 -2.11 -71.60
C GLU PA 261 -84.57 -1.26 -72.29
N ALA PA 262 -84.89 -0.62 -73.42
CA ALA PA 262 -83.92 0.11 -74.19
C ALA PA 262 -83.28 1.22 -73.38
N VAL PA 263 -84.08 2.02 -72.68
CA VAL PA 263 -83.52 3.05 -71.82
C VAL PA 263 -82.69 2.40 -70.74
N ARG PA 264 -83.18 1.33 -70.13
CA ARG PA 264 -82.45 0.64 -69.06
C ARG PA 264 -81.10 0.14 -69.54
N LEU PA 265 -81.04 -0.36 -70.77
CA LEU PA 265 -79.79 -0.78 -71.37
C LEU PA 265 -78.89 0.42 -71.57
N ILE PA 266 -79.39 1.46 -72.23
CA ILE PA 266 -78.57 2.61 -72.57
C ILE PA 266 -78.03 3.23 -71.29
N SER PA 267 -78.88 3.39 -70.29
CA SER PA 267 -78.48 3.97 -69.02
C SER PA 267 -77.43 3.08 -68.38
N LYS PA 268 -77.66 1.77 -68.30
CA LYS PA 268 -76.67 0.86 -67.73
C LYS PA 268 -75.34 1.00 -68.45
N LEU PA 269 -75.33 0.95 -69.78
CA LEU PA 269 -74.08 1.08 -70.54
C LEU PA 269 -73.43 2.44 -70.31
N THR PA 270 -74.22 3.50 -70.24
CA THR PA 270 -73.71 4.82 -69.90
C THR PA 270 -73.04 4.79 -68.54
N GLN PA 271 -73.71 4.22 -67.53
CA GLN PA 271 -73.19 4.11 -66.18
C GLN PA 271 -71.90 3.32 -66.16
N GLU PA 272 -71.83 2.20 -66.88
CA GLU PA 272 -70.58 1.46 -67.00
C GLU PA 272 -69.48 2.35 -67.58
N GLY PA 273 -69.73 3.03 -68.71
CA GLY PA 273 -68.74 3.89 -69.32
C GLY PA 273 -68.25 4.97 -68.36
N LEU PA 274 -69.18 5.60 -67.66
CA LEU PA 274 -68.89 6.61 -66.66
C LEU PA 274 -68.01 6.04 -65.55
N LYS PA 275 -68.39 4.87 -65.03
CA LYS PA 275 -67.61 4.17 -64.00
C LYS PA 275 -66.22 3.81 -64.49
N GLN PA 276 -66.06 3.42 -65.75
CA GLN PA 276 -64.74 3.15 -66.32
C GLN PA 276 -63.91 4.43 -66.36
N LEU PA 277 -64.43 5.56 -66.86
CA LEU PA 277 -63.68 6.82 -66.85
C LEU PA 277 -63.29 7.22 -65.42
N LYS PA 278 -64.18 7.02 -64.44
CA LYS PA 278 -63.89 7.25 -63.02
C LYS PA 278 -62.75 6.37 -62.53
N GLU PA 279 -62.80 5.06 -62.80
CA GLU PA 279 -61.76 4.12 -62.40
C GLU PA 279 -60.42 4.42 -63.07
N ILE PA 280 -60.44 4.87 -64.33
CA ILE PA 280 -59.26 5.31 -65.09
C ILE PA 280 -58.64 6.59 -64.50
N GLY PA 281 -59.41 7.38 -63.75
CA GLY PA 281 -58.96 8.68 -63.24
C GLY PA 281 -58.90 9.77 -64.31
N ALA PA 282 -59.80 9.71 -65.31
CA ALA PA 282 -59.89 10.70 -66.38
C ALA PA 282 -60.19 12.13 -65.84
N PRO PA 283 -59.77 13.20 -66.54
CA PRO PA 283 -60.08 14.57 -66.13
C PRO PA 283 -61.60 14.83 -66.26
N PRO PA 284 -62.22 15.54 -65.30
CA PRO PA 284 -63.66 15.79 -65.29
C PRO PA 284 -64.23 16.35 -66.59
N GLU PA 285 -63.44 17.05 -67.40
CA GLU PA 285 -63.87 17.53 -68.72
C GLU PA 285 -64.45 16.40 -69.58
N GLN PA 286 -63.76 15.25 -69.63
CA GLN PA 286 -64.26 14.09 -70.36
C GLN PA 286 -65.52 13.53 -69.70
N ILE PA 287 -65.56 13.53 -68.36
CA ILE PA 287 -66.68 13.00 -67.60
C ILE PA 287 -67.94 13.81 -67.92
N GLU PA 288 -67.82 15.12 -67.89
CA GLU PA 288 -68.89 16.04 -68.24
C GLU PA 288 -69.36 15.82 -69.68
N ARG PA 289 -68.43 15.66 -70.63
CA ARG PA 289 -68.77 15.36 -72.02
C ARG PA 289 -69.63 14.11 -72.09
N VAL PA 290 -69.15 12.97 -71.60
CA VAL PA 290 -69.94 11.74 -71.70
C VAL PA 290 -71.24 11.85 -70.93
N ALA PA 291 -71.28 12.53 -69.78
CA ALA PA 291 -72.50 12.72 -69.02
C ALA PA 291 -73.55 13.45 -69.88
N GLU PA 292 -73.17 14.58 -70.46
CA GLU PA 292 -74.05 15.33 -71.33
C GLU PA 292 -74.47 14.47 -72.52
N HIS PA 293 -73.53 13.83 -73.19
CA HIS PA 293 -73.84 13.02 -74.37
C HIS PA 293 -74.84 11.92 -74.01
N GLY PA 294 -74.66 11.30 -72.84
CA GLY PA 294 -75.57 10.31 -72.32
C GLY PA 294 -76.97 10.89 -72.12
N LEU PA 295 -77.07 12.01 -71.41
CA LEU PA 295 -78.34 12.68 -71.23
C LEU PA 295 -78.99 13.01 -72.58
N GLU PA 296 -78.22 13.53 -73.54
CA GLU PA 296 -78.75 13.87 -74.87
C GLU PA 296 -79.32 12.63 -75.54
N VAL PA 297 -78.55 11.54 -75.59
CA VAL PA 297 -79.02 10.28 -76.16
C VAL PA 297 -80.26 9.80 -75.44
N LEU PA 298 -80.26 9.84 -74.11
CA LEU PA 298 -81.41 9.40 -73.33
C LEU PA 298 -82.63 10.21 -73.74
N LYS PA 299 -82.48 11.52 -73.86
CA LYS PA 299 -83.54 12.41 -74.30
C LYS PA 299 -84.01 12.08 -75.70
N GLU PA 300 -83.11 11.83 -76.64
CA GLU PA 300 -83.52 11.44 -77.99
C GLU PA 300 -84.33 10.15 -77.96
N ILE PA 301 -83.89 9.17 -77.19
CA ILE PA 301 -84.61 7.91 -77.07
C ILE PA 301 -85.92 8.12 -76.35
N ALA PA 302 -85.95 8.92 -75.29
CA ALA PA 302 -87.17 9.24 -74.59
C ALA PA 302 -88.17 9.90 -75.55
N LYS PA 303 -87.69 10.79 -76.42
CA LYS PA 303 -88.52 11.41 -77.45
C LYS PA 303 -89.09 10.35 -78.39
N TYR PA 304 -88.27 9.42 -78.88
CA TYR PA 304 -88.82 8.32 -79.67
C TYR PA 304 -89.85 7.53 -78.87
N GLY PA 305 -89.54 7.23 -77.61
CA GLY PA 305 -90.44 6.56 -76.67
C GLY PA 305 -91.78 7.28 -76.52
N SER PA 306 -91.78 8.60 -76.48
CA SER PA 306 -93.03 9.36 -76.39
C SER PA 306 -93.95 9.08 -77.58
N LYS PA 307 -93.40 8.87 -78.79
CA LYS PA 307 -94.21 8.50 -79.96
C LYS PA 307 -94.77 7.11 -79.83
N LEU PA 308 -93.97 6.18 -79.28
CA LEU PA 308 -94.34 4.78 -79.07
C LEU PA 308 -95.30 4.54 -77.90
N THR PA 309 -95.66 5.56 -77.10
CA THR PA 309 -96.31 5.35 -75.79
C THR PA 309 -97.64 6.07 -75.63
N ASP PA 310 -98.52 5.45 -74.82
CA ASP PA 310 -99.84 5.94 -74.44
C ASP PA 310 -100.18 5.65 -72.96
N SER PA 311 -99.86 4.46 -72.43
CA SER PA 311 -100.15 4.11 -71.03
C SER PA 311 -99.44 5.03 -70.03
N PRO PA 312 -100.18 5.75 -69.18
CA PRO PA 312 -99.59 6.63 -68.17
C PRO PA 312 -98.66 5.87 -67.24
N GLU PA 313 -98.98 4.62 -66.91
CA GLU PA 313 -98.16 3.80 -66.01
C GLU PA 313 -96.76 3.61 -66.60
N LEU PA 314 -96.71 3.26 -67.88
CA LEU PA 314 -95.44 3.06 -68.58
C LEU PA 314 -94.72 4.39 -68.72
N LYS PA 315 -95.41 5.46 -69.11
CA LYS PA 315 -94.76 6.77 -69.21
C LYS PA 315 -94.17 7.19 -67.87
N ARG PA 316 -94.91 7.03 -66.78
CA ARG PA 316 -94.42 7.33 -65.42
C ARG PA 316 -93.21 6.48 -65.10
N GLU PA 317 -93.24 5.19 -65.40
CA GLU PA 317 -92.07 4.34 -65.22
C GLU PA 317 -90.89 4.85 -66.04
N LEU PA 318 -91.08 5.20 -67.30
CA LEU PA 318 -89.99 5.72 -68.14
C LEU PA 318 -89.40 6.97 -67.50
N TYR PA 319 -90.24 7.90 -67.11
CA TYR PA 319 -89.75 9.10 -66.48
C TYR PA 319 -89.04 8.78 -65.18
N ARG PA 320 -89.59 7.87 -64.37
CA ARG PA 320 -88.98 7.44 -63.13
C ARG PA 320 -87.59 6.91 -63.42
N ILE PA 321 -87.48 5.98 -64.33
CA ILE PA 321 -86.20 5.39 -64.75
C ILE PA 321 -85.26 6.49 -65.21
N ILE PA 322 -85.74 7.44 -66.00
CA ILE PA 322 -84.88 8.52 -66.49
C ILE PA 322 -84.38 9.35 -65.31
N SER PA 323 -85.26 9.67 -64.37
CA SER PA 323 -84.86 10.42 -63.20
C SER PA 323 -83.89 9.64 -62.34
N GLU PA 324 -84.13 8.35 -62.11
CA GLU PA 324 -83.21 7.49 -61.39
C GLU PA 324 -81.87 7.48 -62.10
N THR PA 325 -81.90 7.42 -63.44
CA THR PA 325 -80.70 7.47 -64.26
C THR PA 325 -79.96 8.75 -64.00
N ALA PA 326 -80.62 9.89 -64.12
CA ALA PA 326 -80.00 11.18 -63.86
C ALA PA 326 -79.41 11.20 -62.45
N LYS PA 327 -80.16 10.75 -61.43
CA LYS PA 327 -79.70 10.72 -60.05
C LYS PA 327 -78.43 9.91 -59.92
N GLU PA 328 -78.40 8.73 -60.52
CA GLU PA 328 -77.19 7.91 -60.51
C GLU PA 328 -76.03 8.62 -61.23
N LEU PA 329 -76.29 9.25 -62.38
CA LEU PA 329 -75.24 9.97 -63.11
C LEU PA 329 -74.65 11.08 -62.23
N LEU PA 330 -75.49 11.83 -61.52
CA LEU PA 330 -75.01 12.81 -60.55
C LEU PA 330 -74.20 12.14 -59.45
N LYS PA 331 -74.70 11.04 -58.89
CA LYS PA 331 -74.04 10.35 -57.78
C LYS PA 331 -72.63 9.92 -58.19
N ILE PA 332 -72.51 9.31 -59.36
CA ILE PA 332 -71.22 8.88 -59.91
C ILE PA 332 -70.33 10.10 -60.16
N LEU PA 333 -70.86 11.19 -60.74
CA LEU PA 333 -70.09 12.40 -60.98
C LEU PA 333 -69.53 12.98 -59.68
N ALA PA 334 -70.36 13.03 -58.63
CA ALA PA 334 -69.97 13.53 -57.32
C ALA PA 334 -68.93 12.62 -56.66
N GLU PA 335 -69.14 11.29 -56.72
CA GLU PA 335 -68.14 10.32 -56.28
C GLU PA 335 -66.82 10.47 -57.08
N GLY PA 336 -66.91 10.89 -58.34
CA GLY PA 336 -65.77 11.23 -59.19
C GLY PA 336 -64.97 12.47 -58.76
N GLY PA 337 -65.40 13.18 -57.72
CA GLY PA 337 -64.62 14.28 -57.12
C GLY PA 337 -64.51 15.55 -57.99
N ALA PA 338 -65.40 15.74 -58.96
CA ALA PA 338 -65.45 16.94 -59.80
C ALA PA 338 -65.76 18.22 -58.99
N THR PA 339 -65.40 19.40 -59.52
CA THR PA 339 -65.65 20.69 -58.85
C THR PA 339 -67.15 20.99 -58.73
N PRO PA 340 -67.57 21.82 -57.76
CA PRO PA 340 -68.93 22.33 -57.70
C PRO PA 340 -69.39 22.97 -59.01
N GLU PA 341 -68.49 23.57 -59.78
CA GLU PA 341 -68.83 24.14 -61.09
C GLU PA 341 -69.33 23.07 -62.06
N GLN PA 342 -68.68 21.92 -62.11
CA GLN PA 342 -69.13 20.82 -62.95
C GLN PA 342 -70.47 20.28 -62.44
N LEU PA 343 -70.64 20.16 -61.12
CA LEU PA 343 -71.93 19.78 -60.57
C LEU PA 343 -73.02 20.76 -61.01
N GLU PA 344 -72.78 22.07 -60.90
CA GLU PA 344 -73.72 23.09 -61.34
C GLU PA 344 -74.04 22.93 -62.84
N ARG PA 345 -73.00 22.89 -63.69
CA ARG PA 345 -73.15 22.75 -65.13
C ARG PA 345 -74.00 21.54 -65.50
N VAL PA 346 -73.65 20.38 -64.93
CA VAL PA 346 -74.37 19.14 -65.23
C VAL PA 346 -75.76 19.15 -64.64
N THR PA 347 -75.92 19.48 -63.35
CA THR PA 347 -77.25 19.46 -62.70
C THR PA 347 -78.22 20.36 -63.44
N LYS PA 348 -77.77 21.54 -63.87
CA LYS PA 348 -78.58 22.45 -64.67
C LYS PA 348 -79.04 21.74 -65.94
N HIS PA 349 -78.10 21.23 -66.73
CA HIS PA 349 -78.47 20.57 -67.98
C HIS PA 349 -79.40 19.39 -67.73
N ALA PA 350 -79.13 18.60 -66.68
CA ALA PA 350 -79.95 17.45 -66.33
C ALA PA 350 -81.38 17.87 -65.99
N LEU PA 351 -81.54 18.90 -65.16
CA LEU PA 351 -82.86 19.42 -64.87
C LEU PA 351 -83.55 19.86 -66.14
N GLU PA 352 -82.85 20.59 -67.02
CA GLU PA 352 -83.44 21.04 -68.28
C GLU PA 352 -83.86 19.87 -69.15
N VAL PA 353 -82.99 18.88 -69.30
CA VAL PA 353 -83.33 17.66 -70.02
C VAL PA 353 -84.57 17.02 -69.43
N LEU PA 354 -84.60 16.86 -68.10
CA LEU PA 354 -85.75 16.28 -67.44
C LEU PA 354 -86.99 17.10 -67.76
N LYS PA 355 -86.92 18.43 -67.67
CA LYS PA 355 -88.05 19.30 -67.97
C LYS PA 355 -88.55 19.06 -69.39
N GLU PA 356 -87.66 19.03 -70.37
CA GLU PA 356 -88.10 18.79 -71.74
C GLU PA 356 -88.73 17.41 -71.86
N VAL PA 357 -88.12 16.39 -71.27
CA VAL PA 357 -88.69 15.04 -71.31
C VAL PA 357 -90.04 15.00 -70.61
N ALA PA 358 -90.18 15.70 -69.49
CA ALA PA 358 -91.46 15.80 -68.81
C ALA PA 358 -92.49 16.39 -69.75
N LYS PA 359 -92.15 17.47 -70.45
CA LYS PA 359 -93.03 18.10 -71.44
C LYS PA 359 -93.38 17.15 -72.57
N GLU PA 360 -92.46 16.29 -73.00
CA GLU PA 360 -92.80 15.28 -74.00
C GLU PA 360 -93.83 14.29 -73.44
N LEU PA 361 -93.63 13.81 -72.21
CA LEU PA 361 -94.40 12.69 -71.68
C LEU PA 361 -95.75 13.13 -71.08
N ALA PA 362 -95.75 14.15 -70.25
CA ALA PA 362 -96.84 14.45 -69.33
C ALA PA 362 -98.07 15.04 -70.03
N ASP PA 363 -99.26 14.62 -69.57
CA ASP PA 363 -100.56 14.92 -70.18
C ASP PA 363 -101.73 14.93 -69.18
N SER PA 364 -101.46 14.84 -67.87
CA SER PA 364 -102.47 14.69 -66.80
C SER PA 364 -101.99 15.25 -65.46
N PRO PA 365 -102.88 15.56 -64.52
CA PRO PA 365 -102.50 15.99 -63.18
C PRO PA 365 -101.51 15.01 -62.53
N GLU PA 366 -101.76 13.72 -62.62
CA GLU PA 366 -100.89 12.70 -62.02
C GLU PA 366 -99.51 12.72 -62.64
N SER PA 367 -99.43 12.82 -63.96
CA SER PA 367 -98.13 12.86 -64.63
C SER PA 367 -97.41 14.17 -64.33
N GLY PA 368 -98.13 15.29 -64.17
CA GLY PA 368 -97.57 16.51 -63.63
C GLY PA 368 -97.00 16.31 -62.23
N LEU PA 369 -97.79 15.73 -61.32
CA LEU PA 369 -97.38 15.44 -59.95
C LEU PA 369 -96.12 14.60 -59.93
N ALA PA 370 -96.12 13.49 -60.67
CA ALA PA 370 -94.96 12.63 -60.74
C ALA PA 370 -93.74 13.39 -61.29
N ALA PA 371 -93.93 14.15 -62.37
CA ALA PA 371 -92.83 14.88 -62.98
C ALA PA 371 -92.24 15.87 -61.98
N LEU PA 372 -93.10 16.64 -61.36
CA LEU PA 372 -92.74 17.56 -60.29
C LEU PA 372 -91.95 16.81 -59.22
N ALA PA 373 -92.52 15.73 -58.69
CA ALA PA 373 -91.94 15.00 -57.58
C ALA PA 373 -90.52 14.53 -57.93
N ALA PA 374 -90.37 14.00 -59.13
CA ALA PA 374 -89.07 13.58 -59.61
C ALA PA 374 -88.12 14.76 -59.74
N ILE PA 375 -88.53 15.83 -60.41
CA ILE PA 375 -87.66 17.00 -60.61
C ILE PA 375 -87.22 17.53 -59.26
N ALA PA 376 -88.15 17.69 -58.34
CA ALA PA 376 -87.87 18.09 -56.98
C ALA PA 376 -86.85 17.14 -56.36
N SER PA 377 -87.05 15.83 -56.47
CA SER PA 377 -86.09 14.90 -55.91
C SER PA 377 -84.71 15.07 -56.54
N LEU PA 378 -84.63 15.32 -57.85
CA LEU PA 378 -83.36 15.51 -58.51
C LEU PA 378 -82.69 16.77 -57.99
N ALA PA 379 -83.46 17.85 -57.89
CA ALA PA 379 -82.97 19.09 -57.31
C ALA PA 379 -82.48 18.85 -55.87
N LYS PA 380 -83.22 18.08 -55.09
CA LYS PA 380 -82.88 17.75 -53.70
C LYS PA 380 -81.55 17.03 -53.64
N LEU PA 381 -81.36 16.02 -54.48
CA LEU PA 381 -80.08 15.34 -54.56
C LEU PA 381 -78.97 16.32 -54.97
N GLY PA 382 -79.21 17.14 -55.99
CA GLY PA 382 -78.20 18.09 -56.48
C GLY PA 382 -77.75 19.03 -55.36
N LEU PA 383 -78.70 19.61 -54.64
CA LEU PA 383 -78.41 20.47 -53.51
C LEU PA 383 -77.71 19.69 -52.39
N GLU PA 384 -78.10 18.46 -52.13
CA GLU PA 384 -77.44 17.60 -51.16
C GLU PA 384 -75.97 17.37 -51.51
N GLN PA 385 -75.64 17.19 -52.79
CA GLN PA 385 -74.25 17.06 -53.22
C GLN PA 385 -73.48 18.37 -53.03
N LEU PA 386 -74.05 19.52 -53.44
CA LEU PA 386 -73.40 20.81 -53.21
C LEU PA 386 -73.21 21.09 -51.72
N LYS PA 387 -74.14 20.67 -50.86
CA LYS PA 387 -74.02 20.77 -49.40
C LYS PA 387 -72.88 19.89 -48.90
N GLU PA 388 -72.82 18.62 -49.32
CA GLU PA 388 -71.80 17.69 -48.83
C GLU PA 388 -70.38 18.10 -49.24
N ILE PA 389 -70.17 18.60 -50.47
CA ILE PA 389 -68.87 19.13 -50.89
C ILE PA 389 -68.55 20.50 -50.24
N GLY PA 390 -69.53 21.14 -49.61
CA GLY PA 390 -69.37 22.45 -48.98
C GLY PA 390 -69.22 23.60 -50.00
N ALA PA 391 -69.96 23.55 -51.12
CA ALA PA 391 -69.92 24.57 -52.16
C ALA PA 391 -70.32 25.98 -51.64
N PRO PA 392 -69.77 27.08 -52.19
CA PRO PA 392 -70.10 28.43 -51.76
C PRO PA 392 -71.62 28.69 -51.75
N PRO PA 393 -72.17 29.36 -50.73
CA PRO PA 393 -73.60 29.63 -50.62
C PRO PA 393 -74.22 30.27 -51.86
N GLU PA 394 -73.48 31.10 -52.60
CA GLU PA 394 -73.99 31.68 -53.85
C GLU PA 394 -74.33 30.58 -54.88
N GLN PA 395 -73.49 29.56 -55.01
CA GLN PA 395 -73.80 28.44 -55.91
C GLN PA 395 -75.06 27.72 -55.43
N GLN PA 396 -75.18 27.51 -54.11
CA GLN PA 396 -76.36 26.89 -53.52
C GLN PA 396 -77.62 27.69 -53.87
N ARG PA 397 -77.58 29.01 -53.71
CA ARG PA 397 -78.69 29.89 -54.12
C ARG PA 397 -78.94 29.75 -55.62
N ARG PA 398 -77.91 29.86 -56.45
CA ARG PA 398 -78.03 29.76 -57.92
C ARG PA 398 -78.75 28.49 -58.33
N VAL PA 399 -78.29 27.32 -57.87
CA VAL PA 399 -78.96 26.07 -58.23
C VAL PA 399 -80.37 26.00 -57.65
N THR PA 400 -80.58 26.51 -56.43
CA THR PA 400 -81.91 26.45 -55.83
C THR PA 400 -82.89 27.28 -56.64
N LYS PA 401 -82.49 28.50 -57.01
CA LYS PA 401 -83.26 29.38 -57.90
C LYS PA 401 -83.53 28.69 -59.22
N ALA PA 402 -82.51 28.13 -59.85
CA ALA PA 402 -82.70 27.38 -61.09
C ALA PA 402 -83.72 26.26 -60.92
N GLY PA 403 -83.65 25.54 -59.80
CA GLY PA 403 -84.61 24.49 -59.47
C GLY PA 403 -86.01 25.06 -59.34
N ILE PA 404 -86.17 26.12 -58.57
CA ILE PA 404 -87.45 26.81 -58.42
C ILE PA 404 -87.96 27.23 -59.80
N GLU PA 405 -87.12 27.84 -60.63
CA GLU PA 405 -87.51 28.28 -61.97
C GLU PA 405 -87.94 27.11 -62.84
N ALA PA 406 -87.20 26.00 -62.84
CA ALA PA 406 -87.61 24.81 -63.57
C ALA PA 406 -88.97 24.33 -63.07
N VAL PA 407 -89.16 24.27 -61.76
CA VAL PA 407 -90.44 23.90 -61.17
C VAL PA 407 -91.52 24.89 -61.56
N ARG PA 408 -91.22 26.18 -61.64
CA ARG PA 408 -92.17 27.20 -62.10
C ARG PA 408 -92.55 26.95 -63.55
N GLU PA 409 -91.61 26.64 -64.42
CA GLU PA 409 -91.91 26.26 -65.79
C GLU PA 409 -92.75 24.98 -65.85
N ILE PA 410 -92.46 24.03 -64.97
CA ILE PA 410 -93.29 22.83 -64.82
C ILE PA 410 -94.69 23.22 -64.36
N TYR PA 411 -94.85 24.16 -63.44
CA TYR PA 411 -96.16 24.66 -63.07
C TYR PA 411 -96.84 25.36 -64.25
N ARG PA 412 -96.11 26.14 -65.07
CA ARG PA 412 -96.70 26.74 -66.27
C ARG PA 412 -97.20 25.67 -67.22
N TYR PA 413 -96.47 24.58 -67.41
CA TYR PA 413 -96.99 23.42 -68.14
C TYR PA 413 -98.18 22.79 -67.41
N GLY PA 414 -98.11 22.69 -66.09
CA GLY PA 414 -99.19 22.22 -65.23
C GLY PA 414 -100.48 23.01 -65.43
N ARG PA 415 -100.39 24.33 -65.62
CA ARG PA 415 -101.54 25.18 -65.94
C ARG PA 415 -102.15 24.88 -67.31
N LYS PA 416 -101.38 24.31 -68.26
CA LYS PA 416 -101.94 23.73 -69.50
C LYS PA 416 -102.62 22.38 -69.25
N LEU PA 417 -102.06 21.55 -68.36
CA LEU PA 417 -102.61 20.22 -68.05
C LEU PA 417 -103.92 20.27 -67.24
N TYR PA 418 -104.04 21.21 -66.30
CA TYR PA 418 -105.16 21.31 -65.35
C TYR PA 418 -106.38 22.04 -65.95
N ASP QA 3 -52.18 44.32 70.22
CA ASP QA 3 -52.53 45.08 71.45
C ASP QA 3 -53.09 46.47 71.19
N ASP QA 4 -52.60 47.24 70.23
CA ASP QA 4 -52.94 48.67 70.04
C ASP QA 4 -54.46 48.96 70.03
N LEU QA 5 -55.24 48.07 69.42
CA LEU QA 5 -56.70 48.17 69.40
C LEU QA 5 -57.29 48.33 70.81
N LEU QA 6 -56.77 47.64 71.81
CA LEU QA 6 -57.27 47.77 73.18
C LEU QA 6 -57.05 49.19 73.67
N LEU QA 7 -55.86 49.75 73.46
CA LEU QA 7 -55.60 51.13 73.85
C LEU QA 7 -56.58 52.05 73.12
N LYS QA 8 -56.76 51.87 71.82
CA LYS QA 8 -57.70 52.69 71.06
C LYS QA 8 -59.12 52.58 71.62
N LEU QA 9 -59.60 51.38 71.90
CA LEU QA 9 -60.95 51.23 72.44
C LEU QA 9 -61.03 51.89 73.81
N LEU QA 10 -59.99 51.77 74.64
CA LEU QA 10 -59.96 52.44 75.92
C LEU QA 10 -60.06 53.95 75.73
N GLU QA 11 -59.39 54.53 74.74
CA GLU QA 11 -59.58 55.96 74.44
C GLU QA 11 -61.04 56.26 74.14
N LEU QA 12 -61.70 55.43 73.35
CA LEU QA 12 -63.11 55.64 73.06
C LEU QA 12 -63.92 55.62 74.36
N LEU QA 13 -63.65 54.63 75.21
CA LEU QA 13 -64.35 54.55 76.48
C LEU QA 13 -64.09 55.80 77.31
N VAL QA 14 -62.85 56.30 77.36
CA VAL QA 14 -62.54 57.53 78.10
C VAL QA 14 -63.33 58.69 77.53
N GLU QA 15 -63.29 58.86 76.21
CA GLU QA 15 -63.96 59.99 75.60
C GLU QA 15 -65.46 59.91 75.84
N GLN QA 16 -66.04 58.71 75.69
CA GLN QA 16 -67.44 58.49 75.97
C GLN QA 16 -67.74 58.81 77.43
N ALA QA 17 -66.89 58.37 78.35
CA ALA QA 17 -67.06 58.68 79.75
C ALA QA 17 -67.07 60.20 79.96
N ARG QA 18 -66.18 60.94 79.29
CA ARG QA 18 -66.20 62.40 79.39
C ARG QA 18 -67.52 62.96 78.89
N VAL QA 19 -67.90 62.62 77.67
CA VAL QA 19 -69.08 63.24 77.04
C VAL QA 19 -70.35 62.88 77.80
N SER QA 20 -70.50 61.61 78.17
CA SER QA 20 -71.61 61.20 79.01
C SER QA 20 -71.56 61.87 80.38
N ALA QA 21 -70.39 62.09 80.99
CA ALA QA 21 -70.31 62.81 82.25
C ALA QA 21 -70.72 64.29 82.09
N GLU QA 22 -70.28 64.97 81.04
CA GLU QA 22 -70.71 66.34 80.79
C GLU QA 22 -72.23 66.40 80.60
N PHE QA 23 -72.80 65.47 79.84
CA PHE QA 23 -74.25 65.31 79.73
C PHE QA 23 -74.89 65.09 81.10
N ALA QA 24 -74.37 64.16 81.91
CA ALA QA 24 -74.90 63.87 83.23
C ALA QA 24 -74.83 65.10 84.15
N ARG QA 25 -73.79 65.95 84.04
CA ARG QA 25 -73.72 67.23 84.77
C ARG QA 25 -74.78 68.22 84.30
N ARG QA 26 -75.06 68.28 83.00
CA ARG QA 26 -76.17 69.11 82.48
C ARG QA 26 -77.53 68.59 82.96
N GLN QA 27 -77.73 67.27 83.03
CA GLN QA 27 -78.98 66.64 83.45
C GLN QA 27 -79.16 66.47 84.97
N GLY QA 28 -78.08 66.54 85.76
CA GLY QA 28 -78.10 66.21 87.19
C GLY QA 28 -78.19 64.70 87.49
N ASP QA 29 -77.77 63.85 86.56
CA ASP QA 29 -77.90 62.39 86.70
C ASP QA 29 -76.77 61.80 87.57
N GLU QA 30 -76.97 61.84 88.88
CA GLU QA 30 -76.00 61.31 89.84
C GLU QA 30 -75.72 59.82 89.65
N LYS QA 31 -76.72 59.05 89.23
CA LYS QA 31 -76.57 57.61 88.98
C LYS QA 31 -75.65 57.38 87.79
N MET QA 32 -75.83 58.12 86.71
CA MET QA 32 -74.90 58.05 85.59
C MET QA 32 -73.51 58.48 86.02
N LEU QA 33 -73.36 59.57 86.79
CA LEU QA 33 -72.04 59.98 87.27
C LEU QA 33 -71.35 58.86 88.06
N GLU QA 34 -72.08 58.21 88.97
CA GLU QA 34 -71.57 57.04 89.68
C GLU QA 34 -71.12 55.94 88.72
N GLU QA 35 -71.99 55.55 87.79
CA GLU QA 35 -71.69 54.46 86.86
C GLU QA 35 -70.50 54.78 85.95
N VAL QA 36 -70.45 55.98 85.37
CA VAL QA 36 -69.32 56.35 84.51
C VAL QA 36 -68.05 56.50 85.33
N ALA QA 37 -68.13 56.96 86.58
CA ALA QA 37 -66.95 56.99 87.44
C ALA QA 37 -66.40 55.58 87.65
N ARG QA 38 -67.26 54.61 87.96
CA ARG QA 38 -66.84 53.21 88.03
C ARG QA 38 -66.22 52.79 86.70
N LYS QA 39 -66.90 53.06 85.60
CA LYS QA 39 -66.42 52.68 84.26
C LYS QA 39 -65.05 53.28 83.98
N ALA QA 40 -64.83 54.53 84.34
CA ALA QA 40 -63.57 55.22 84.18
C ALA QA 40 -62.49 54.59 85.06
N GLU QA 41 -62.81 54.21 86.29
CA GLU QA 41 -61.87 53.48 87.13
C GLU QA 41 -61.50 52.13 86.51
N GLU QA 42 -62.48 51.36 86.03
CA GLU QA 42 -62.21 50.08 85.39
C GLU QA 42 -61.38 50.24 84.11
N VAL QA 43 -61.70 51.25 83.30
CA VAL QA 43 -60.90 51.61 82.14
C VAL QA 43 -59.47 51.92 82.56
N ALA QA 44 -59.28 52.70 83.62
CA ALA QA 44 -57.95 53.00 84.12
C ALA QA 44 -57.25 51.73 84.60
N ARG QA 45 -57.97 50.81 85.25
CA ARG QA 45 -57.41 49.53 85.68
C ARG QA 45 -56.93 48.72 84.48
N LYS QA 46 -57.76 48.58 83.44
CA LYS QA 46 -57.38 47.93 82.19
C LYS QA 46 -56.12 48.56 81.62
N ALA QA 47 -56.10 49.89 81.53
CA ALA QA 47 -54.97 50.64 80.99
C ALA QA 47 -53.70 50.41 81.83
N GLU QA 48 -53.79 50.45 83.15
CA GLU QA 48 -52.65 50.22 84.02
C GLU QA 48 -52.08 48.80 83.82
N GLU QA 49 -52.93 47.78 83.75
CA GLU QA 49 -52.46 46.43 83.50
C GLU QA 49 -51.72 46.33 82.16
N ILE QA 50 -52.28 46.92 81.11
CA ILE QA 50 -51.62 46.93 79.80
C ILE QA 50 -50.30 47.70 79.89
N ALA QA 51 -50.28 48.84 80.57
CA ALA QA 51 -49.06 49.62 80.75
C ALA QA 51 -47.97 48.81 81.47
N ARG QA 52 -48.33 48.10 82.55
CA ARG QA 52 -47.39 47.27 83.30
C ARG QA 52 -46.88 46.07 82.47
N LYS QA 53 -47.67 45.55 81.52
CA LYS QA 53 -47.13 44.66 80.49
C LYS QA 53 -46.11 45.40 79.63
N ALA QA 54 -46.50 46.51 79.01
CA ALA QA 54 -45.64 47.24 78.08
C ALA QA 54 -44.30 47.63 78.71
N ARG QA 55 -44.30 47.99 80.01
CA ARG QA 55 -43.08 48.29 80.78
C ARG QA 55 -42.08 47.13 80.79
N LYS QA 56 -42.58 45.89 80.82
CA LYS QA 56 -41.74 44.68 80.69
C LYS QA 56 -41.33 44.42 79.25
N GLU QA 57 -42.28 44.51 78.31
CA GLU QA 57 -42.03 44.17 76.91
C GLU QA 57 -41.15 45.18 76.17
N GLY QA 58 -41.09 46.43 76.64
CA GLY QA 58 -40.14 47.43 76.15
C GLY QA 58 -40.59 48.29 74.96
N ASN QA 59 -41.87 48.25 74.55
CA ASN QA 59 -42.40 49.18 73.55
C ASN QA 59 -42.76 50.54 74.21
N LEU QA 60 -41.84 51.50 74.14
CA LEU QA 60 -42.02 52.81 74.76
C LEU QA 60 -43.28 53.51 74.23
N GLU QA 61 -43.54 53.44 72.93
CA GLU QA 61 -44.69 54.14 72.34
C GLU QA 61 -46.00 53.66 72.96
N LEU QA 62 -46.20 52.34 73.05
CA LEU QA 62 -47.40 51.78 73.67
C LEU QA 62 -47.47 52.21 75.14
N ALA QA 63 -46.35 52.11 75.87
CA ALA QA 63 -46.36 52.48 77.28
C ALA QA 63 -46.75 53.95 77.45
N LEU QA 64 -46.15 54.83 76.65
CA LEU QA 64 -46.44 56.25 76.68
C LEU QA 64 -47.91 56.51 76.31
N LYS QA 65 -48.42 55.86 75.27
CA LYS QA 65 -49.83 55.98 74.92
C LYS QA 65 -50.71 55.53 76.07
N ALA QA 66 -50.37 54.40 76.70
CA ALA QA 66 -51.13 53.90 77.84
C ALA QA 66 -51.08 54.90 79.01
N LEU QA 67 -49.93 55.52 79.24
CA LEU QA 67 -49.85 56.61 80.20
C LEU QA 67 -50.75 57.76 79.78
N GLU QA 68 -50.78 58.15 78.51
CA GLU QA 68 -51.64 59.24 78.08
C GLU QA 68 -53.11 58.90 78.32
N ILE QA 69 -53.50 57.65 78.03
CA ILE QA 69 -54.82 57.17 78.37
C ILE QA 69 -55.05 57.31 79.87
N LEU QA 70 -54.09 56.88 80.69
CA LEU QA 70 -54.21 57.00 82.14
C LEU QA 70 -54.36 58.46 82.54
N VAL QA 71 -53.63 59.36 81.91
CA VAL QA 71 -53.71 60.80 82.19
C VAL QA 71 -55.11 61.30 81.86
N ARG QA 72 -55.62 60.97 80.68
CA ARG QA 72 -56.94 61.42 80.28
C ARG QA 72 -58.00 60.85 81.22
N ALA QA 73 -57.91 59.57 81.53
CA ALA QA 73 -58.83 58.90 82.43
C ALA QA 73 -58.77 59.54 83.83
N ALA QA 74 -57.57 59.81 84.31
CA ALA QA 74 -57.38 60.51 85.57
C ALA QA 74 -58.05 61.88 85.50
N HIS QA 75 -57.90 62.62 84.40
CA HIS QA 75 -58.55 63.93 84.28
C HIS QA 75 -60.05 63.79 84.45
N VAL QA 76 -60.67 62.84 83.75
CA VAL QA 76 -62.11 62.61 83.89
C VAL QA 76 -62.45 62.26 85.33
N LEU QA 77 -61.72 61.33 85.94
CA LEU QA 77 -61.98 60.90 87.30
C LEU QA 77 -61.89 62.09 88.27
N ALA QA 78 -60.85 62.89 88.13
CA ALA QA 78 -60.62 64.07 88.95
C ALA QA 78 -61.70 65.13 88.71
N GLU QA 79 -62.10 65.35 87.46
CA GLU QA 79 -63.14 66.31 87.12
C GLU QA 79 -64.47 65.93 87.78
N ILE QA 80 -64.83 64.64 87.74
CA ILE QA 80 -66.00 64.12 88.45
C ILE QA 80 -65.81 64.28 89.96
N ALA QA 81 -64.67 63.85 90.49
CA ALA QA 81 -64.38 63.87 91.91
C ALA QA 81 -64.31 65.29 92.50
N ARG QA 82 -64.01 66.32 91.70
CA ARG QA 82 -64.08 67.73 92.09
C ARG QA 82 -65.53 68.13 92.35
N GLU QA 83 -66.40 67.98 91.35
CA GLU QA 83 -67.81 68.37 91.47
C GLU QA 83 -68.55 67.54 92.53
N ARG QA 84 -68.18 66.26 92.66
CA ARG QA 84 -68.72 65.35 93.68
C ARG QA 84 -68.11 65.55 95.08
N GLY QA 85 -66.96 66.22 95.19
CA GLY QA 85 -66.23 66.36 96.44
C GLY QA 85 -65.67 65.05 96.99
N ASN QA 86 -65.45 64.03 96.14
CA ASN QA 86 -65.05 62.69 96.56
C ASN QA 86 -63.54 62.59 96.81
N GLU QA 87 -63.13 62.66 98.07
CA GLU QA 87 -61.70 62.64 98.43
C GLU QA 87 -61.00 61.33 98.08
N GLU QA 88 -61.69 60.19 98.11
CA GLU QA 88 -61.07 58.90 97.78
C GLU QA 88 -60.67 58.85 96.30
N LEU QA 89 -61.54 59.30 95.41
CA LEU QA 89 -61.20 59.46 94.00
C LEU QA 89 -60.12 60.51 93.80
N GLN QA 90 -60.16 61.64 94.51
CA GLN QA 90 -59.10 62.66 94.42
C GLN QA 90 -57.73 62.08 94.83
N LYS QA 91 -57.67 61.35 95.94
CA LYS QA 91 -56.45 60.68 96.42
C LYS QA 91 -55.97 59.64 95.43
N LYS QA 92 -56.87 58.79 94.90
CA LYS QA 92 -56.54 57.83 93.84
C LYS QA 92 -55.95 58.54 92.62
N ALA QA 93 -56.58 59.59 92.12
CA ALA QA 93 -56.09 60.34 90.97
C ALA QA 93 -54.70 60.94 91.23
N HIS QA 94 -54.50 61.58 92.37
CA HIS QA 94 -53.18 62.10 92.76
C HIS QA 94 -52.12 60.99 92.73
N LYS QA 95 -52.37 59.87 93.44
CA LYS QA 95 -51.43 58.75 93.49
C LYS QA 95 -51.13 58.20 92.09
N LEU QA 96 -52.17 57.97 91.29
CA LEU QA 96 -52.03 57.51 89.93
C LEU QA 96 -51.17 58.48 89.11
N ALA QA 97 -51.45 59.78 89.18
CA ALA QA 97 -50.71 60.78 88.44
C ALA QA 97 -49.25 60.85 88.87
N LYS QA 98 -48.98 60.73 90.17
CA LYS QA 98 -47.62 60.68 90.69
C LYS QA 98 -46.88 59.45 90.18
N GLU QA 99 -47.52 58.28 90.22
CA GLU QA 99 -46.97 57.06 89.65
C GLU QA 99 -46.71 57.23 88.14
N ALA QA 100 -47.64 57.86 87.42
CA ALA QA 100 -47.46 58.13 86.01
C ALA QA 100 -46.25 59.03 85.77
N LEU QA 101 -46.09 60.09 86.55
CA LEU QA 101 -44.91 60.95 86.46
C LEU QA 101 -43.64 60.14 86.67
N ARG QA 102 -43.61 59.30 87.71
CA ARG QA 102 -42.45 58.45 87.96
C ARG QA 102 -42.19 57.53 86.77
N GLN QA 103 -43.21 56.87 86.24
CA GLN QA 103 -43.05 56.01 85.07
C GLN QA 103 -42.56 56.79 83.85
N VAL QA 104 -43.11 57.99 83.58
CA VAL QA 104 -42.67 58.75 82.40
C VAL QA 104 -41.22 59.20 82.59
N ILE QA 105 -40.82 59.56 83.81
CA ILE QA 105 -39.44 59.91 84.10
C ILE QA 105 -38.55 58.72 83.82
N GLU QA 106 -38.91 57.53 84.29
CA GLU QA 106 -38.15 56.31 83.99
C GLU QA 106 -38.09 56.06 82.49
N ILE QA 107 -39.19 56.24 81.77
CA ILE QA 107 -39.18 56.12 80.33
C ILE QA 107 -38.24 57.16 79.72
N ALA QA 108 -38.23 58.39 80.21
CA ALA QA 108 -37.35 59.44 79.69
C ALA QA 108 -35.88 59.08 79.93
N ILE QA 109 -35.56 58.57 81.12
CA ILE QA 109 -34.24 58.05 81.40
C ILE QA 109 -33.92 56.90 80.44
N ARG QA 110 -34.86 55.98 80.20
CA ARG QA 110 -34.63 54.87 79.26
C ARG QA 110 -34.41 55.37 77.84
N ALA QA 111 -35.18 56.37 77.40
CA ALA QA 111 -35.02 56.95 76.07
C ALA QA 111 -33.63 57.60 75.93
N ILE QA 112 -33.16 58.28 76.97
CA ILE QA 112 -31.79 58.81 77.02
C ILE QA 112 -30.79 57.65 76.96
N GLN QA 113 -31.02 56.58 77.73
CA GLN QA 113 -30.14 55.42 77.78
C GLN QA 113 -30.02 54.72 76.42
N GLU QA 114 -31.12 54.57 75.69
CA GLU QA 114 -31.13 54.04 74.32
C GLU QA 114 -30.71 55.08 73.27
N GLY QA 115 -30.74 56.36 73.60
CA GLY QA 115 -30.25 57.47 72.79
C GLY QA 115 -31.18 57.95 71.66
N ASN QA 116 -32.42 57.44 71.54
CA ASN QA 116 -33.37 57.91 70.53
C ASN QA 116 -34.05 59.22 70.97
N LEU QA 117 -33.60 60.33 70.39
CA LEU QA 117 -34.06 61.66 70.76
C LEU QA 117 -35.53 61.90 70.40
N GLU QA 118 -36.07 61.28 69.35
CA GLU QA 118 -37.49 61.42 69.04
C GLU QA 118 -38.36 60.76 70.11
N LEU QA 119 -38.04 59.52 70.52
CA LEU QA 119 -38.75 58.90 71.63
C LEU QA 119 -38.61 59.75 72.89
N ALA QA 120 -37.41 60.31 73.15
CA ALA QA 120 -37.22 61.16 74.32
C ALA QA 120 -38.13 62.41 74.24
N ILE QA 121 -38.23 63.05 73.08
CA ILE QA 121 -39.12 64.19 72.89
C ILE QA 121 -40.57 63.75 73.04
N ILE QA 122 -40.99 62.62 72.51
CA ILE QA 122 -42.37 62.15 72.66
C ILE QA 122 -42.68 61.90 74.14
N ALA QA 123 -41.77 61.26 74.85
CA ALA QA 123 -41.91 61.11 76.30
C ALA QA 123 -42.00 62.49 76.96
N LEU QA 124 -41.15 63.43 76.57
CA LEU QA 124 -41.16 64.76 77.12
C LEU QA 124 -42.51 65.44 76.88
N HIS QA 125 -43.07 65.32 75.68
CA HIS QA 125 -44.38 65.86 75.35
C HIS QA 125 -45.45 65.31 76.31
N ILE QA 126 -45.48 63.99 76.48
CA ILE QA 126 -46.45 63.38 77.38
C ILE QA 126 -46.15 63.80 78.82
N SER QA 127 -44.90 64.06 79.19
CA SER QA 127 -44.60 64.62 80.50
C SER QA 127 -45.24 65.99 80.68
N VAL QA 128 -45.30 66.82 79.64
CA VAL QA 128 -46.05 68.08 79.71
C VAL QA 128 -47.53 67.80 79.92
N ARG QA 129 -48.10 66.81 79.25
CA ARG QA 129 -49.50 66.45 79.48
C ARG QA 129 -49.73 66.01 80.92
N ILE QA 130 -48.80 65.24 81.47
CA ILE QA 130 -48.82 64.86 82.88
C ILE QA 130 -48.76 66.11 83.74
N ALA QA 131 -47.88 67.06 83.42
CA ALA QA 131 -47.79 68.31 84.14
C ALA QA 131 -49.11 69.09 84.10
N GLU QA 132 -49.82 69.13 82.97
CA GLU QA 132 -51.11 69.82 82.90
C GLU QA 132 -52.12 69.20 83.87
N VAL QA 133 -52.26 67.88 83.85
CA VAL QA 133 -53.23 67.22 84.73
C VAL QA 133 -52.78 67.33 86.19
N LEU QA 134 -51.50 67.21 86.48
CA LEU QA 134 -50.98 67.45 87.82
C LEU QA 134 -51.31 68.88 88.26
N LEU QA 135 -51.07 69.86 87.41
CA LEU QA 135 -51.34 71.26 87.72
C LEU QA 135 -52.82 71.47 88.02
N GLU QA 136 -53.70 70.88 87.22
CA GLU QA 136 -55.12 70.94 87.53
C GLU QA 136 -55.46 70.20 88.83
N THR QA 137 -54.74 69.12 89.14
CA THR QA 137 -54.97 68.36 90.38
C THR QA 137 -54.60 69.18 91.62
N ARG QA 138 -53.45 69.87 91.60
CA ARG QA 138 -52.91 70.66 92.71
C ARG QA 138 -52.21 71.95 92.22
N PRO QA 139 -52.95 73.04 91.99
CA PRO QA 139 -52.36 74.35 91.66
C PRO QA 139 -51.45 74.94 92.75
N ASP QA 140 -51.59 74.49 94.00
CA ASP QA 140 -50.98 75.08 95.21
C ASP QA 140 -49.64 74.47 95.64
N ASP QA 141 -49.28 73.25 95.21
CA ASP QA 141 -48.01 72.61 95.58
C ASP QA 141 -46.86 73.09 94.69
N ARG QA 142 -46.47 74.36 94.89
CA ARG QA 142 -45.44 75.04 94.09
C ARG QA 142 -44.13 74.26 94.11
N GLU QA 143 -43.77 73.67 95.25
CA GLU QA 143 -42.58 72.84 95.39
C GLU QA 143 -42.65 71.60 94.49
N GLU QA 144 -43.75 70.84 94.49
CA GLU QA 144 -43.88 69.70 93.59
C GLU QA 144 -43.79 70.12 92.13
N ILE QA 145 -44.51 71.19 91.76
CA ILE QA 145 -44.44 71.72 90.41
C ILE QA 145 -43.00 72.10 90.09
N ARG QA 146 -42.31 72.81 90.98
CA ARG QA 146 -40.94 73.22 90.76
C ARG QA 146 -40.02 72.03 90.64
N GLU QA 147 -40.22 70.95 91.39
CA GLU QA 147 -39.44 69.73 91.21
C GLU QA 147 -39.64 69.19 89.79
N GLN QA 148 -40.88 69.10 89.34
CA GLN QA 148 -41.17 68.68 87.98
C GLN QA 148 -40.48 69.62 86.99
N GLN QA 149 -40.55 70.93 87.19
CA GLN QA 149 -39.87 71.90 86.34
C GLN QA 149 -38.36 71.68 86.36
N ALA QA 150 -37.75 71.47 87.52
CA ALA QA 150 -36.32 71.26 87.61
C ALA QA 150 -35.91 70.01 86.82
N ILE QA 151 -36.67 68.95 86.98
CA ILE QA 151 -36.46 67.71 86.23
C ILE QA 151 -36.56 68.01 84.75
N PHE QA 152 -37.62 68.70 84.33
CA PHE QA 152 -37.83 69.06 82.94
C PHE QA 152 -36.70 69.93 82.40
N GLU QA 153 -36.26 70.93 83.17
CA GLU QA 153 -35.18 71.82 82.79
C GLU QA 153 -33.90 71.03 82.61
N LEU QA 154 -33.62 70.08 83.50
CA LEU QA 154 -32.45 69.23 83.39
C LEU QA 154 -32.56 68.35 82.14
N LEU QA 155 -33.73 67.76 81.89
CA LEU QA 155 -33.94 66.97 80.70
C LEU QA 155 -33.74 67.82 79.44
N ILE QA 156 -34.29 69.04 79.44
CA ILE QA 156 -34.09 69.98 78.35
C ILE QA 156 -32.62 70.27 78.17
N ALA QA 157 -31.89 70.54 79.25
CA ALA QA 157 -30.46 70.81 79.13
C ALA QA 157 -29.75 69.62 78.50
N ALA QA 158 -30.05 68.41 78.96
CA ALA QA 158 -29.45 67.20 78.42
C ALA QA 158 -29.78 67.03 76.94
N LEU QA 159 -31.04 67.22 76.57
CA LEU QA 159 -31.46 67.18 75.19
C LEU QA 159 -30.77 68.26 74.37
N GLU QA 160 -30.63 69.49 74.83
CA GLU QA 160 -29.98 70.56 74.08
C GLU QA 160 -28.52 70.21 73.81
N ALA QA 161 -27.82 69.72 74.83
CA ALA QA 161 -26.46 69.23 74.63
C ALA QA 161 -26.45 68.09 73.60
N ALA QA 162 -27.34 67.12 73.76
CA ALA QA 162 -27.37 65.95 72.88
C ALA QA 162 -27.66 66.34 71.43
N ILE QA 163 -28.68 67.15 71.22
CA ILE QA 163 -29.12 67.58 69.90
C ILE QA 163 -28.04 68.48 69.28
N ARG QA 164 -27.39 69.35 70.06
CA ARG QA 164 -26.25 70.11 69.55
C ARG QA 164 -25.14 69.17 69.11
N LEU QA 165 -24.73 68.24 69.97
CA LEU QA 165 -23.59 67.39 69.68
C LEU QA 165 -23.90 66.42 68.53
N GLU QA 166 -25.12 65.90 68.44
CA GLU QA 166 -25.49 65.02 67.33
C GLU QA 166 -25.60 65.81 66.03
N LYS QA 167 -25.92 67.11 66.07
CA LYS QA 167 -25.73 67.97 64.89
C LYS QA 167 -24.26 68.04 64.50
N LEU QA 168 -23.34 68.28 65.44
CA LEU QA 168 -21.91 68.27 65.10
C LEU QA 168 -21.49 66.91 64.53
N LYS QA 169 -22.03 65.79 65.06
CA LYS QA 169 -21.80 64.45 64.52
C LYS QA 169 -22.30 64.34 63.07
N GLU QA 170 -23.52 64.78 62.79
CA GLU QA 170 -24.08 64.78 61.44
C GLU QA 170 -23.27 65.68 60.48
N GLU QA 171 -22.82 66.84 60.95
CA GLU QA 171 -21.96 67.76 60.18
C GLU QA 171 -20.54 67.21 59.94
N GLY QA 172 -20.12 66.17 60.68
CA GLY QA 172 -18.75 65.66 60.63
C GLY QA 172 -17.71 66.65 61.17
N ALA QA 173 -18.09 67.43 62.19
CA ALA QA 173 -17.27 68.50 62.77
C ALA QA 173 -15.92 67.99 63.35
N PRO QA 174 -14.90 68.87 63.50
CA PRO QA 174 -13.64 68.52 64.15
C PRO QA 174 -13.86 67.88 65.53
N PRO QA 175 -13.24 66.73 65.83
CA PRO QA 175 -13.35 66.09 67.15
C PRO QA 175 -13.00 67.03 68.30
N GLU QA 176 -12.05 67.95 68.09
CA GLU QA 176 -11.71 68.98 69.09
C GLU QA 176 -12.88 69.95 69.33
N GLN QA 177 -13.57 70.42 68.29
CA GLN QA 177 -14.76 71.26 68.48
C GLN QA 177 -15.85 70.48 69.24
N ILE QA 178 -16.07 69.22 68.86
CA ILE QA 178 -16.99 68.31 69.53
C ILE QA 178 -16.64 68.22 71.02
N GLU QA 179 -15.37 67.98 71.35
CA GLU QA 179 -14.91 67.91 72.73
C GLU QA 179 -15.10 69.23 73.48
N ARG QA 180 -14.78 70.38 72.87
CA ARG QA 180 -14.98 71.69 73.50
C ARG QA 180 -16.45 71.93 73.81
N VAL QA 181 -17.34 71.61 72.88
CA VAL QA 181 -18.78 71.70 73.11
C VAL QA 181 -19.18 70.75 74.25
N ALA QA 182 -18.72 69.50 74.21
CA ALA QA 182 -19.12 68.50 75.20
C ALA QA 182 -18.68 68.90 76.61
N GLU QA 183 -17.47 69.42 76.78
CA GLU QA 183 -16.98 69.87 78.07
C GLU QA 183 -17.92 70.93 78.66
N HIS QA 184 -18.28 71.93 77.86
CA HIS QA 184 -19.21 72.96 78.30
C HIS QA 184 -20.61 72.39 78.56
N GLY QA 185 -21.02 71.40 77.78
CA GLY QA 185 -22.27 70.68 78.04
C GLY QA 185 -22.27 70.08 79.45
N LEU QA 186 -21.24 69.29 79.77
CA LEU QA 186 -21.10 68.74 81.10
C LEU QA 186 -21.00 69.84 82.16
N GLU QA 187 -20.23 70.89 81.91
CA GLU QA 187 -20.07 72.01 82.85
C GLU QA 187 -21.43 72.64 83.18
N ARG QA 188 -22.18 73.02 82.15
CA ARG QA 188 -23.50 73.60 82.30
C ARG QA 188 -24.42 72.63 83.03
N LEU QA 189 -24.43 71.36 82.64
CA LEU QA 189 -25.22 70.34 83.32
C LEU QA 189 -24.88 70.27 84.80
N LYS QA 190 -23.59 70.27 85.14
CA LYS QA 190 -23.15 70.22 86.53
C LYS QA 190 -23.66 71.45 87.27
N GLU QA 191 -23.48 72.64 86.71
CA GLU QA 191 -23.90 73.87 87.37
C GLU QA 191 -25.43 73.92 87.54
N ILE QA 192 -26.19 73.46 86.55
CA ILE QA 192 -27.64 73.30 86.69
C ILE QA 192 -27.95 72.32 87.82
N ALA QA 193 -27.30 71.15 87.83
CA ALA QA 193 -27.53 70.17 88.87
C ALA QA 193 -27.21 70.75 90.25
N LYS QA 194 -26.14 71.51 90.35
CA LYS QA 194 -25.73 72.19 91.59
C LYS QA 194 -26.83 73.13 92.06
N GLU QA 195 -27.36 73.97 91.19
CA GLU QA 195 -28.48 74.83 91.54
C GLU QA 195 -29.70 74.01 91.96
N ILE QA 196 -30.06 72.95 91.22
CA ILE QA 196 -31.17 72.07 91.58
C ILE QA 196 -30.94 71.45 92.96
N SER QA 197 -29.70 71.08 93.29
CA SER QA 197 -29.38 70.53 94.61
C SER QA 197 -29.65 71.54 95.74
N LYS QA 198 -29.55 72.84 95.45
CA LYS QA 198 -29.92 73.90 96.40
C LYS QA 198 -31.43 74.11 96.45
N GLU QA 199 -32.15 73.86 95.35
CA GLU QA 199 -33.60 73.95 95.33
C GLU QA 199 -34.27 72.81 96.12
N VAL QA 200 -34.04 71.56 95.71
CA VAL QA 200 -34.95 70.44 96.07
C VAL QA 200 -34.59 69.74 97.38
N ASP QA 201 -35.58 69.11 98.02
CA ASP QA 201 -35.37 68.30 99.24
C ASP QA 201 -36.05 66.91 99.24
N SER QA 202 -36.90 66.55 98.26
CA SER QA 202 -37.44 65.19 98.16
C SER QA 202 -36.33 64.19 97.80
N PRO QA 203 -36.10 63.13 98.61
CA PRO QA 203 -35.04 62.17 98.33
C PRO QA 203 -35.19 61.51 96.97
N GLU QA 204 -36.42 61.13 96.61
CA GLU QA 204 -36.70 60.52 95.32
C GLU QA 204 -36.39 61.50 94.19
N SER QA 205 -36.73 62.78 94.37
CA SER QA 205 -36.40 63.81 93.35
C SER QA 205 -34.89 63.94 93.16
N LYS QA 206 -34.10 63.94 94.23
CA LYS QA 206 -32.64 63.95 94.12
C LYS QA 206 -32.16 62.70 93.40
N ARG QA 207 -32.68 61.52 93.76
CA ARG QA 207 -32.32 60.25 93.13
C ARG QA 207 -32.58 60.29 91.63
N ILE QA 208 -33.76 60.74 91.24
CA ILE QA 208 -34.11 60.99 89.86
C ILE QA 208 -33.11 61.95 89.23
N ALA QA 209 -32.85 63.10 89.85
CA ALA QA 209 -31.96 64.10 89.28
C ALA QA 209 -30.58 63.51 89.02
N TYR QA 210 -30.02 62.84 90.01
CA TYR QA 210 -28.74 62.17 89.89
C TYR QA 210 -28.75 61.18 88.72
N LYS QA 211 -29.76 60.32 88.65
CA LYS QA 211 -29.89 59.35 87.57
C LYS QA 211 -29.88 60.06 86.23
N ILE QA 212 -30.64 61.15 86.10
CA ILE QA 212 -30.65 61.92 84.86
C ILE QA 212 -29.25 62.46 84.57
N VAL QA 213 -28.57 63.03 85.55
CA VAL QA 213 -27.21 63.55 85.33
C VAL QA 213 -26.30 62.44 84.84
N ALA QA 214 -26.31 61.29 85.51
CA ALA QA 214 -25.47 60.18 85.12
C ALA QA 214 -25.80 59.73 83.70
N ALA QA 215 -27.09 59.62 83.39
CA ALA QA 215 -27.55 59.29 82.06
C ALA QA 215 -27.01 60.31 81.04
N ALA QA 216 -27.07 61.60 81.36
CA ALA QA 216 -26.59 62.64 80.48
C ALA QA 216 -25.09 62.50 80.23
N ALA QA 217 -24.31 62.18 81.26
CA ALA QA 217 -22.88 61.94 81.07
C ALA QA 217 -22.65 60.77 80.12
N GLU QA 218 -23.23 59.60 80.39
CA GLU QA 218 -22.97 58.45 79.53
C GLU QA 218 -23.51 58.65 78.12
N PHE QA 219 -24.62 59.35 77.95
CA PHE QA 219 -25.18 59.63 76.64
C PHE QA 219 -24.25 60.55 75.85
N LEU QA 220 -23.73 61.60 76.50
CA LEU QA 220 -22.79 62.51 75.85
C LEU QA 220 -21.53 61.74 75.44
N LEU QA 221 -21.05 60.87 76.32
CA LEU QA 221 -19.92 60.00 76.01
C LEU QA 221 -20.23 59.10 74.82
N LYS QA 222 -21.41 58.45 74.80
CA LYS QA 222 -21.83 57.60 73.68
C LYS QA 222 -21.79 58.35 72.37
N ILE QA 223 -22.42 59.53 72.31
CA ILE QA 223 -22.43 60.35 71.09
C ILE QA 223 -20.99 60.67 70.67
N LEU QA 224 -20.16 61.13 71.62
CA LEU QA 224 -18.79 61.54 71.31
C LEU QA 224 -17.95 60.35 70.82
N ALA QA 225 -18.12 59.19 71.45
CA ALA QA 225 -17.41 57.96 71.10
C ALA QA 225 -17.85 57.40 69.73
N GLU QA 226 -19.15 57.42 69.41
CA GLU QA 226 -19.62 57.09 68.08
C GLU QA 226 -19.01 58.02 67.01
N GLY QA 227 -18.74 59.27 67.39
CA GLY QA 227 -18.05 60.25 66.54
C GLY QA 227 -16.59 59.91 66.21
N GLY QA 228 -16.01 58.85 66.79
CA GLY QA 228 -14.68 58.36 66.44
C GLY QA 228 -13.52 59.24 66.94
N ALA QA 229 -13.74 60.07 67.96
CA ALA QA 229 -12.68 60.88 68.58
C ALA QA 229 -11.52 60.02 69.13
N THR QA 230 -10.30 60.57 69.14
CA THR QA 230 -9.10 59.80 69.54
C THR QA 230 -9.15 59.39 71.03
N PRO QA 231 -8.51 58.30 71.43
CA PRO QA 231 -8.58 57.79 72.80
C PRO QA 231 -8.26 58.84 73.88
N GLU QA 232 -7.34 59.77 73.59
CA GLU QA 232 -6.99 60.87 74.49
C GLU QA 232 -8.20 61.75 74.78
N GLN QA 233 -9.03 62.03 73.78
CA GLN QA 233 -10.25 62.80 73.99
C GLN QA 233 -11.21 62.01 74.88
N LEU QA 234 -11.37 60.70 74.60
CA LEU QA 234 -12.25 59.85 75.40
C LEU QA 234 -11.83 59.86 76.86
N GLU QA 235 -10.53 59.74 77.12
CA GLU QA 235 -9.98 59.79 78.47
C GLU QA 235 -10.23 61.15 79.12
N ARG QA 236 -9.95 62.27 78.44
CA ARG QA 236 -10.21 63.62 78.98
C ARG QA 236 -11.68 63.81 79.31
N VAL QA 237 -12.56 63.43 78.40
CA VAL QA 237 -14.01 63.47 78.63
C VAL QA 237 -14.37 62.59 79.81
N THR QA 238 -13.81 61.40 79.89
CA THR QA 238 -14.10 60.47 80.98
C THR QA 238 -13.72 61.07 82.31
N GLU QA 239 -12.53 61.64 82.44
CA GLU QA 239 -12.10 62.29 83.67
C GLU QA 239 -13.06 63.41 84.04
N HIS QA 240 -13.38 64.30 83.09
CA HIS QA 240 -14.30 65.40 83.34
C HIS QA 240 -15.66 64.87 83.80
N ALA QA 241 -16.16 63.82 83.15
CA ALA QA 241 -17.42 63.20 83.50
C ALA QA 241 -17.38 62.58 84.90
N LEU QA 242 -16.34 61.80 85.21
CA LEU QA 242 -16.19 61.26 86.56
C LEU QA 242 -16.09 62.39 87.59
N GLU QA 243 -15.32 63.43 87.31
CA GLU QA 243 -15.12 64.55 88.23
C GLU QA 243 -16.44 65.26 88.51
N VAL QA 244 -17.19 65.57 87.46
CA VAL QA 244 -18.56 66.08 87.59
C VAL QA 244 -19.40 65.11 88.41
N LEU QA 245 -19.36 63.83 88.08
CA LEU QA 245 -20.22 62.86 88.72
C LEU QA 245 -19.93 62.77 90.21
N LYS QA 246 -18.64 62.83 90.57
CA LYS QA 246 -18.17 62.90 91.95
C LYS QA 246 -18.69 64.15 92.63
N GLU QA 247 -18.56 65.31 92.01
CA GLU QA 247 -19.03 66.56 92.63
C GLU QA 247 -20.54 66.50 92.88
N VAL QA 248 -21.32 66.09 91.88
CA VAL QA 248 -22.78 66.00 92.03
C VAL QA 248 -23.13 64.93 93.06
N ALA QA 249 -22.44 63.79 93.06
CA ALA QA 249 -22.65 62.78 94.08
C ALA QA 249 -22.39 63.32 95.48
N LYS QA 250 -21.32 64.11 95.67
CA LYS QA 250 -20.99 64.69 96.98
C LYS QA 250 -22.06 65.65 97.46
N GLU QA 251 -22.66 66.45 96.58
CA GLU QA 251 -23.84 67.22 96.96
C GLU QA 251 -25.00 66.29 97.31
N LEU QA 252 -25.33 65.35 96.42
CA LEU QA 252 -26.46 64.42 96.56
C LEU QA 252 -26.08 63.18 97.39
N ALA QA 253 -25.47 63.39 98.55
CA ALA QA 253 -24.97 62.31 99.43
C ALA QA 253 -25.89 61.96 100.63
N ASP QA 254 -27.05 62.62 100.76
CA ASP QA 254 -27.87 62.62 102.00
C ASP QA 254 -28.77 61.40 102.26
N SER QA 255 -28.75 60.37 101.40
CA SER QA 255 -29.70 59.24 101.44
C SER QA 255 -29.02 57.87 101.32
N PRO QA 256 -29.48 56.83 102.04
CA PRO QA 256 -28.78 55.55 102.13
C PRO QA 256 -28.64 54.87 100.76
N GLU QA 257 -29.75 54.52 100.12
CA GLU QA 257 -29.69 53.89 98.81
C GLU QA 257 -29.08 54.80 97.75
N SER QA 258 -29.10 56.13 97.94
CA SER QA 258 -28.45 57.02 96.98
C SER QA 258 -26.96 56.72 96.85
N VAL QA 259 -26.29 56.31 97.92
CA VAL QA 259 -24.89 55.89 97.82
C VAL QA 259 -24.78 54.66 96.94
N ARG QA 260 -25.65 53.67 97.15
CA ARG QA 260 -25.69 52.44 96.36
C ARG QA 260 -25.90 52.76 94.89
N GLU QA 261 -26.84 53.65 94.61
CA GLU QA 261 -27.09 54.15 93.27
C GLU QA 261 -25.86 54.86 92.70
N ALA QA 262 -25.22 55.71 93.51
CA ALA QA 262 -24.06 56.46 93.09
C ALA QA 262 -22.95 55.53 92.66
N VAL QA 263 -22.55 54.59 93.54
CA VAL QA 263 -21.46 53.67 93.19
C VAL QA 263 -21.88 52.83 91.98
N ARG QA 264 -23.14 52.40 91.90
CA ARG QA 264 -23.63 51.65 90.74
C ARG QA 264 -23.39 52.45 89.47
N LEU QA 265 -23.83 53.70 89.43
CA LEU QA 265 -23.71 54.53 88.24
C LEU QA 265 -22.25 54.88 87.96
N ILE QA 266 -21.45 55.18 88.98
CA ILE QA 266 -20.02 55.42 88.79
C ILE QA 266 -19.38 54.20 88.13
N SER QA 267 -19.68 53.02 88.66
CA SER QA 267 -19.15 51.78 88.11
C SER QA 267 -19.62 51.60 86.68
N LYS QA 268 -20.88 51.90 86.38
CA LYS QA 268 -21.42 51.79 85.04
C LYS QA 268 -20.66 52.71 84.09
N LEU QA 269 -20.53 53.99 84.42
CA LEU QA 269 -19.82 54.95 83.59
C LEU QA 269 -18.37 54.52 83.39
N THR QA 270 -17.75 54.00 84.43
CA THR QA 270 -16.40 53.44 84.33
C THR QA 270 -16.39 52.29 83.33
N GLN QA 271 -17.32 51.35 83.44
CA GLN QA 271 -17.42 50.21 82.53
C GLN QA 271 -17.63 50.66 81.10
N GLU QA 272 -18.54 51.60 80.85
CA GLU QA 272 -18.76 52.09 79.49
C GLU QA 272 -17.47 52.71 78.92
N GLY QA 273 -16.77 53.51 79.72
CA GLY QA 273 -15.51 54.10 79.31
C GLY QA 273 -14.49 53.03 78.92
N LEU QA 274 -14.33 52.02 79.77
CA LEU QA 274 -13.45 50.89 79.51
C LEU QA 274 -13.85 50.17 78.22
N LYS QA 275 -15.15 49.93 78.00
CA LYS QA 275 -15.62 49.30 76.74
C LYS QA 275 -15.20 50.12 75.53
N GLN QA 276 -15.35 51.44 75.57
CA GLN QA 276 -14.97 52.30 74.44
C GLN QA 276 -13.45 52.26 74.20
N LEU QA 277 -12.64 52.40 75.25
CA LEU QA 277 -11.17 52.32 75.13
C LEU QA 277 -10.73 50.95 74.57
N LYS QA 278 -11.40 49.86 74.97
CA LYS QA 278 -11.18 48.52 74.42
C LYS QA 278 -11.56 48.46 72.93
N GLU QA 279 -12.73 48.97 72.57
CA GLU QA 279 -13.26 48.91 71.21
C GLU QA 279 -12.40 49.71 70.22
N ILE QA 280 -11.93 50.90 70.59
CA ILE QA 280 -11.04 51.72 69.73
C ILE QA 280 -9.62 51.13 69.62
N GLY QA 281 -9.27 50.14 70.44
CA GLY QA 281 -7.94 49.53 70.46
C GLY QA 281 -6.85 50.42 71.08
N ALA QA 282 -7.20 51.19 72.11
CA ALA QA 282 -6.25 52.07 72.82
C ALA QA 282 -5.10 51.28 73.48
N PRO QA 283 -3.91 51.89 73.68
CA PRO QA 283 -2.86 51.26 74.47
C PRO QA 283 -3.34 51.15 75.92
N PRO QA 284 -3.20 49.97 76.57
CA PRO QA 284 -3.67 49.74 77.93
C PRO QA 284 -3.17 50.74 78.99
N GLU QA 285 -2.12 51.51 78.70
CA GLU QA 285 -1.70 52.62 79.56
C GLU QA 285 -2.87 53.57 79.86
N GLN QA 286 -3.67 53.89 78.85
CA GLN QA 286 -4.87 54.71 79.04
C GLN QA 286 -5.88 53.99 79.93
N ILE QA 287 -6.09 52.68 79.69
CA ILE QA 287 -7.04 51.88 80.46
C ILE QA 287 -6.64 51.86 81.93
N GLU QA 288 -5.36 51.67 82.22
CA GLU QA 288 -4.82 51.66 83.57
C GLU QA 288 -5.01 53.01 84.27
N ARG QA 289 -4.77 54.12 83.58
CA ARG QA 289 -5.06 55.45 84.13
C ARG QA 289 -6.53 55.59 84.46
N VAL QA 290 -7.42 55.28 83.51
CA VAL QA 290 -8.86 55.36 83.75
C VAL QA 290 -9.28 54.42 84.89
N ALA QA 291 -8.72 53.22 84.97
CA ALA QA 291 -9.03 52.29 86.04
C ALA QA 291 -8.67 52.89 87.41
N GLU QA 292 -7.47 53.45 87.54
CA GLU QA 292 -7.09 54.16 88.77
C GLU QA 292 -8.06 55.30 89.05
N HIS QA 293 -8.35 56.14 88.06
CA HIS QA 293 -9.27 57.27 88.26
C HIS QA 293 -10.61 56.78 88.79
N GLY QA 294 -11.15 55.73 88.18
CA GLY QA 294 -12.40 55.12 88.57
C GLY QA 294 -12.33 54.61 90.00
N LEU QA 295 -11.33 53.81 90.33
CA LEU QA 295 -11.16 53.27 91.67
C LEU QA 295 -10.98 54.39 92.69
N GLU QA 296 -10.18 55.41 92.40
CA GLU QA 296 -9.95 56.53 93.29
C GLU QA 296 -11.27 57.25 93.58
N VAL QA 297 -12.00 57.65 92.53
CA VAL QA 297 -13.30 58.29 92.68
C VAL QA 297 -14.24 57.40 93.47
N LEU QA 298 -14.29 56.12 93.13
CA LEU QA 298 -15.15 55.16 93.78
C LEU QA 298 -14.87 55.14 95.27
N LYS QA 299 -13.60 55.03 95.64
CA LYS QA 299 -13.16 55.04 97.02
C LYS QA 299 -13.51 56.35 97.71
N GLU QA 300 -13.29 57.49 97.06
CA GLU QA 300 -13.62 58.80 97.64
C GLU QA 300 -15.11 58.91 97.93
N ILE QA 301 -15.96 58.48 97.00
CA ILE QA 301 -17.40 58.46 97.24
C ILE QA 301 -17.74 57.44 98.31
N ALA QA 302 -17.19 56.23 98.21
CA ALA QA 302 -17.51 55.14 99.13
C ALA QA 302 -17.21 55.54 100.56
N LYS QA 303 -16.01 56.07 100.82
CA LYS QA 303 -15.63 56.49 102.17
C LYS QA 303 -16.57 57.59 102.66
N TYR QA 304 -16.84 58.60 101.82
CA TYR QA 304 -17.68 59.73 102.20
C TYR QA 304 -19.09 59.26 102.57
N GLY QA 305 -19.73 58.50 101.68
CA GLY QA 305 -21.06 57.94 101.92
C GLY QA 305 -21.08 57.01 103.14
N SER QA 306 -20.05 56.19 103.32
CA SER QA 306 -19.99 55.26 104.46
C SER QA 306 -19.96 55.98 105.80
N LYS QA 307 -19.43 57.22 105.85
CA LYS QA 307 -19.40 58.04 107.07
C LYS QA 307 -20.67 58.85 107.27
N LEU QA 308 -21.41 59.11 106.20
CA LEU QA 308 -22.77 59.67 106.24
C LEU QA 308 -23.86 58.61 106.53
N THR QA 309 -23.49 57.35 106.81
CA THR QA 309 -24.41 56.22 106.98
C THR QA 309 -23.97 55.27 108.11
N ASP QA 310 -24.86 54.38 108.57
CA ASP QA 310 -24.66 53.58 109.78
C ASP QA 310 -25.22 52.13 109.75
N SER QA 311 -25.62 51.60 108.58
CA SER QA 311 -26.20 50.25 108.47
C SER QA 311 -25.20 49.21 107.95
N PRO QA 312 -24.99 48.10 108.68
CA PRO QA 312 -24.14 47.00 108.20
C PRO QA 312 -24.61 46.44 106.86
N GLU QA 313 -25.92 46.41 106.61
CA GLU QA 313 -26.48 45.94 105.36
C GLU QA 313 -25.95 46.78 104.19
N LEU QA 314 -26.05 48.11 104.33
CA LEU QA 314 -25.55 49.03 103.32
C LEU QA 314 -24.06 48.82 103.11
N LYS QA 315 -23.28 48.81 104.19
CA LYS QA 315 -21.82 48.63 104.09
C LYS QA 315 -21.49 47.34 103.33
N ARG QA 316 -22.13 46.22 103.69
CA ARG QA 316 -21.89 44.93 103.04
C ARG QA 316 -22.17 45.01 101.56
N GLU QA 317 -23.37 45.46 101.18
CA GLU QA 317 -23.70 45.51 99.75
C GLU QA 317 -22.80 46.49 99.01
N LEU QA 318 -22.50 47.66 99.58
CA LEU QA 318 -21.60 48.63 98.96
C LEU QA 318 -20.23 48.00 98.71
N TYR QA 319 -19.66 47.37 99.72
CA TYR QA 319 -18.38 46.72 99.56
C TYR QA 319 -18.46 45.60 98.52
N ARG QA 320 -19.54 44.82 98.54
CA ARG QA 320 -19.75 43.77 97.54
C ARG QA 320 -19.72 44.36 96.14
N ILE QA 321 -20.50 45.41 95.89
CA ILE QA 321 -20.52 46.11 94.60
C ILE QA 321 -19.13 46.61 94.25
N ILE QA 322 -18.41 47.20 95.20
CA ILE QA 322 -17.06 47.70 94.95
C ILE QA 322 -16.16 46.54 94.49
N SER QA 323 -16.21 45.42 95.20
CA SER QA 323 -15.45 44.25 94.82
C SER QA 323 -15.88 43.72 93.45
N GLU QA 324 -17.17 43.64 93.16
CA GLU QA 324 -17.65 43.22 91.85
C GLU QA 324 -17.15 44.17 90.77
N THR QA 325 -17.08 45.47 91.07
CA THR QA 325 -16.54 46.47 90.16
C THR QA 325 -15.10 46.16 89.85
N ALA QA 326 -14.30 45.87 90.87
CA ALA QA 326 -12.93 45.45 90.68
C ALA QA 326 -12.87 44.17 89.83
N LYS QA 327 -13.69 43.16 90.14
CA LYS QA 327 -13.71 41.91 89.37
C LYS QA 327 -13.99 42.20 87.90
N GLU QA 328 -14.98 43.03 87.63
CA GLU QA 328 -15.36 43.33 86.26
C GLU QA 328 -14.26 44.12 85.55
N LEU QA 329 -13.66 45.14 86.20
CA LEU QA 329 -12.65 45.93 85.53
C LEU QA 329 -11.39 45.09 85.26
N LEU QA 330 -11.05 44.16 86.15
CA LEU QA 330 -10.01 43.18 85.85
C LEU QA 330 -10.40 42.30 84.66
N LYS QA 331 -11.63 41.78 84.62
CA LYS QA 331 -12.11 40.96 83.50
C LYS QA 331 -11.97 41.72 82.19
N ILE QA 332 -12.40 42.98 82.16
CA ILE QA 332 -12.32 43.82 80.96
C ILE QA 332 -10.85 44.09 80.59
N LEU QA 333 -9.99 44.37 81.57
CA LEU QA 333 -8.57 44.58 81.30
C LEU QA 333 -7.93 43.33 80.68
N ALA QA 334 -8.27 42.15 81.20
CA ALA QA 334 -7.80 40.87 80.66
C ALA QA 334 -8.36 40.61 79.25
N GLU QA 335 -9.64 40.89 79.02
CA GLU QA 335 -10.22 40.84 77.66
C GLU QA 335 -9.53 41.85 76.72
N GLY QA 336 -9.08 42.98 77.25
CA GLY QA 336 -8.27 43.98 76.56
C GLY QA 336 -6.85 43.51 76.19
N GLY QA 337 -6.44 42.31 76.61
CA GLY QA 337 -5.16 41.70 76.20
C GLY QA 337 -3.91 42.38 76.79
N ALA QA 338 -4.04 43.11 77.90
CA ALA QA 338 -2.94 43.78 78.57
C ALA QA 338 -1.89 42.80 79.14
N THR QA 339 -0.64 43.24 79.33
CA THR QA 339 0.46 42.38 79.80
C THR QA 339 0.25 41.91 81.25
N PRO QA 340 0.87 40.79 81.65
CA PRO QA 340 0.89 40.39 83.05
C PRO QA 340 1.33 41.49 84.01
N GLU QA 341 2.25 42.38 83.60
CA GLU QA 341 2.65 43.51 84.42
C GLU QA 341 1.49 44.50 84.66
N GLN QA 342 0.69 44.79 83.64
CA GLN QA 342 -0.50 45.62 83.83
C GLN QA 342 -1.49 44.92 84.76
N LEU QA 343 -1.71 43.61 84.58
CA LEU QA 343 -2.58 42.84 85.47
C LEU QA 343 -2.08 42.91 86.91
N GLU QA 344 -0.78 42.75 87.15
CA GLU QA 344 -0.17 42.87 88.46
C GLU QA 344 -0.40 44.28 89.04
N ARG QA 345 -0.01 45.32 88.30
CA ARG QA 345 -0.17 46.72 88.72
C ARG QA 345 -1.59 47.00 89.17
N VAL QA 346 -2.55 46.72 88.29
CA VAL QA 346 -3.96 46.99 88.57
C VAL QA 346 -4.48 46.10 89.69
N THR QA 347 -4.18 44.80 89.69
CA THR QA 347 -4.68 43.91 90.74
C THR QA 347 -4.20 44.36 92.11
N LYS QA 348 -2.92 44.70 92.22
CA LYS QA 348 -2.34 45.19 93.47
C LYS QA 348 -3.00 46.50 93.88
N HIS QA 349 -3.09 47.46 92.98
CA HIS QA 349 -3.77 48.72 93.26
C HIS QA 349 -5.21 48.49 93.72
N ALA QA 350 -5.94 47.61 93.03
CA ALA QA 350 -7.32 47.30 93.38
C ALA QA 350 -7.42 46.69 94.77
N LEU QA 351 -6.57 45.71 95.09
CA LEU QA 351 -6.53 45.14 96.42
C LEU QA 351 -6.25 46.23 97.45
N GLU QA 352 -5.29 47.12 97.20
CA GLU QA 352 -4.96 48.21 98.13
C GLU QA 352 -6.13 49.17 98.32
N VAL QA 353 -6.80 49.54 97.24
CA VAL QA 353 -8.01 50.36 97.35
C VAL QA 353 -9.06 49.62 98.17
N LEU QA 354 -9.30 48.34 97.89
CA LEU QA 354 -10.25 47.55 98.65
C LEU QA 354 -9.86 47.54 100.11
N LYS QA 355 -8.59 47.33 100.43
CA LYS QA 355 -8.09 47.34 101.81
C LYS QA 355 -8.42 48.67 102.48
N GLU QA 356 -8.13 49.78 101.83
CA GLU QA 356 -8.44 51.10 102.39
C GLU QA 356 -9.95 51.27 102.60
N VAL QA 357 -10.75 50.85 101.63
CA VAL QA 357 -12.21 50.93 101.76
C VAL QA 357 -12.68 50.04 102.91
N ALA QA 358 -12.18 48.82 103.00
CA ALA QA 358 -12.53 47.92 104.09
C ALA QA 358 -12.18 48.55 105.43
N LYS QA 359 -10.98 49.13 105.56
CA LYS QA 359 -10.54 49.82 106.78
C LYS QA 359 -11.44 50.98 107.14
N GLU QA 360 -11.94 51.73 106.16
CA GLU QA 360 -12.91 52.79 106.41
C GLU QA 360 -14.26 52.21 106.85
N LEU QA 361 -14.74 51.15 106.21
CA LEU QA 361 -16.10 50.64 106.43
C LEU QA 361 -16.20 49.81 107.72
N ALA QA 362 -15.35 48.82 107.88
CA ALA QA 362 -15.61 47.69 108.78
C ALA QA 362 -15.65 48.10 110.27
N ASP QA 363 -16.63 47.57 111.00
CA ASP QA 363 -16.93 47.93 112.40
C ASP QA 363 -17.44 46.78 113.28
N SER QA 364 -17.60 45.56 112.72
CA SER QA 364 -17.88 44.33 113.48
C SER QA 364 -17.20 43.12 112.83
N PRO QA 365 -16.88 42.06 113.58
CA PRO QA 365 -16.14 40.91 113.05
C PRO QA 365 -16.77 40.28 111.81
N GLU QA 366 -18.10 40.24 111.76
CA GLU QA 366 -18.84 39.73 110.61
C GLU QA 366 -18.53 40.55 109.35
N SER QA 367 -18.55 41.87 109.47
CA SER QA 367 -18.16 42.76 108.37
C SER QA 367 -16.70 42.56 107.98
N GLY QA 368 -15.82 42.31 108.95
CA GLY QA 368 -14.44 41.94 108.69
C GLY QA 368 -14.35 40.67 107.84
N LEU QA 369 -15.02 39.60 108.27
CA LEU QA 369 -15.02 38.35 107.53
C LEU QA 369 -15.58 38.53 106.13
N ALA QA 370 -16.71 39.20 105.98
CA ALA QA 370 -17.28 39.46 104.67
C ALA QA 370 -16.29 40.22 103.78
N ALA QA 371 -15.67 41.27 104.31
CA ALA QA 371 -14.68 42.04 103.56
C ALA QA 371 -13.49 41.18 103.17
N LEU QA 372 -13.00 40.38 104.11
CA LEU QA 372 -11.90 39.45 103.87
C LEU QA 372 -12.30 38.50 102.75
N ALA QA 373 -13.48 37.89 102.83
CA ALA QA 373 -13.95 36.94 101.85
C ALA QA 373 -13.99 37.57 100.45
N ALA QA 374 -14.47 38.80 100.36
CA ALA QA 374 -14.44 39.54 99.11
C ALA QA 374 -12.99 39.74 98.64
N ILE QA 375 -12.10 40.24 99.49
CA ILE QA 375 -10.70 40.45 99.13
C ILE QA 375 -10.10 39.17 98.60
N ALA QA 376 -10.26 38.08 99.35
CA ALA QA 376 -9.76 36.77 98.97
C ALA QA 376 -10.35 36.34 97.62
N SER QA 377 -11.64 36.53 97.41
CA SER QA 377 -12.24 36.17 96.13
C SER QA 377 -11.62 37.00 95.00
N LEU QA 378 -11.36 38.30 95.23
CA LEU QA 378 -10.74 39.15 94.23
C LEU QA 378 -9.33 38.66 93.95
N ALA QA 379 -8.57 38.35 95.00
CA ALA QA 379 -7.24 37.78 94.84
C ALA QA 379 -7.29 36.50 94.02
N LYS QA 380 -8.27 35.61 94.29
CA LYS QA 380 -8.46 34.37 93.54
C LYS QA 380 -8.75 34.66 92.08
N LEU QA 381 -9.67 35.56 91.79
CA LEU QA 381 -9.98 35.95 90.42
C LEU QA 381 -8.75 36.56 89.73
N GLY QA 382 -8.00 37.41 90.43
CA GLY QA 382 -6.80 38.05 89.89
C GLY QA 382 -5.73 37.01 89.53
N LEU QA 383 -5.45 36.10 90.45
CA LEU QA 383 -4.54 34.98 90.21
C LEU QA 383 -5.06 34.09 89.08
N GLU QA 384 -6.38 33.92 88.95
CA GLU QA 384 -6.96 33.21 87.82
C GLU QA 384 -6.72 33.93 86.48
N GLN QA 385 -6.65 35.26 86.45
CA GLN QA 385 -6.22 35.98 85.24
C GLN QA 385 -4.75 35.69 84.92
N LEU QA 386 -3.88 35.70 85.93
CA LEU QA 386 -2.47 35.34 85.75
C LEU QA 386 -2.32 33.89 85.25
N LYS QA 387 -3.15 32.96 85.74
CA LYS QA 387 -3.20 31.58 85.24
C LYS QA 387 -3.63 31.55 83.78
N GLU QA 388 -4.71 32.26 83.44
CA GLU QA 388 -5.26 32.27 82.08
C GLU QA 388 -4.28 32.85 81.05
N ILE QA 389 -3.58 33.94 81.36
CA ILE QA 389 -2.53 34.50 80.48
C ILE QA 389 -1.24 33.67 80.52
N GLY QA 390 -1.10 32.73 81.46
CA GLY QA 390 0.10 31.91 81.63
C GLY QA 390 1.30 32.69 82.17
N ALA QA 391 1.08 33.65 83.08
CA ALA QA 391 2.13 34.46 83.68
C ALA QA 391 3.15 33.61 84.46
N PRO QA 392 4.46 33.95 84.44
CA PRO QA 392 5.48 33.15 85.13
C PRO QA 392 5.23 33.04 86.64
N PRO QA 393 5.78 32.00 87.28
CA PRO QA 393 5.60 31.75 88.71
C PRO QA 393 5.90 32.95 89.60
N GLU QA 394 6.92 33.76 89.29
CA GLU QA 394 7.26 34.92 90.14
C GLU QA 394 6.07 35.88 90.29
N GLN QA 395 5.41 36.24 89.18
CA GLN QA 395 4.23 37.10 89.21
C GLN QA 395 3.13 36.47 90.05
N GLN QA 396 2.89 35.17 89.88
CA GLN QA 396 1.90 34.43 90.67
C GLN QA 396 2.22 34.55 92.17
N ARG QA 397 3.49 34.32 92.55
CA ARG QA 397 3.95 34.45 93.93
C ARG QA 397 3.80 35.89 94.42
N ARG QA 398 4.23 36.90 93.66
CA ARG QA 398 4.08 38.32 94.02
C ARG QA 398 2.64 38.64 94.40
N VAL QA 399 1.71 38.31 93.51
CA VAL QA 399 0.29 38.56 93.72
C VAL QA 399 -0.20 37.78 94.94
N THR QA 400 0.19 36.50 95.08
CA THR QA 400 -0.25 35.68 96.21
C THR QA 400 0.23 36.29 97.53
N LYS QA 401 1.50 36.67 97.61
CA LYS QA 401 2.09 37.31 98.79
C LYS QA 401 1.38 38.62 99.10
N ALA QA 402 1.15 39.47 98.10
CA ALA QA 402 0.37 40.68 98.31
C ALA QA 402 -1.02 40.35 98.86
N GLY QA 403 -1.65 39.30 98.35
CA GLY QA 403 -2.94 38.83 98.86
C GLY QA 403 -2.86 38.41 100.31
N ILE QA 404 -1.86 37.59 100.66
CA ILE QA 404 -1.64 37.19 102.05
C ILE QA 404 -1.42 38.44 102.92
N GLU QA 405 -0.56 39.36 102.49
CA GLU QA 405 -0.27 40.60 103.22
C GLU QA 405 -1.53 41.45 103.42
N ALA QA 406 -2.36 41.59 102.40
CA ALA QA 406 -3.63 42.27 102.55
C ALA QA 406 -4.49 41.56 103.58
N VAL QA 407 -4.64 40.24 103.50
CA VAL QA 407 -5.41 39.49 104.50
C VAL QA 407 -4.82 39.65 105.89
N ARG QA 408 -3.49 39.70 106.01
CA ARG QA 408 -2.81 39.94 107.28
C ARG QA 408 -3.15 41.33 107.82
N GLU QA 409 -3.16 42.35 106.97
CA GLU QA 409 -3.62 43.68 107.35
C GLU QA 409 -5.08 43.66 107.82
N ILE QA 410 -5.93 42.92 107.11
CA ILE QA 410 -7.34 42.77 107.48
C ILE QA 410 -7.47 42.02 108.80
N TYR QA 411 -6.66 41.00 109.08
CA TYR QA 411 -6.63 40.35 110.39
C TYR QA 411 -6.16 41.33 111.46
N ARG QA 412 -5.10 42.10 111.20
CA ARG QA 412 -4.58 43.10 112.13
C ARG QA 412 -5.60 44.19 112.44
N TYR QA 413 -6.45 44.56 111.48
CA TYR QA 413 -7.62 45.38 111.74
C TYR QA 413 -8.68 44.60 112.53
N GLY QA 414 -9.00 43.37 112.12
CA GLY QA 414 -10.00 42.50 112.75
C GLY QA 414 -9.72 42.21 114.22
N ARG QA 415 -8.45 42.15 114.62
CA ARG QA 415 -8.00 42.04 116.02
C ARG QA 415 -8.45 43.21 116.89
N LYS QA 416 -8.76 44.38 116.30
CA LYS QA 416 -9.39 45.52 117.00
C LYS QA 416 -10.89 45.36 117.17
N LEU QA 417 -11.55 44.62 116.26
CA LEU QA 417 -13.00 44.39 116.28
C LEU QA 417 -13.40 43.26 117.25
N TYR QA 418 -12.59 42.20 117.32
CA TYR QA 418 -12.82 40.99 118.11
C TYR QA 418 -12.43 41.16 119.59
N ASP RA 3 -49.98 -49.00 -68.08
CA ASP RA 3 -50.84 -49.87 -68.91
C ASP RA 3 -51.73 -49.13 -69.91
N ASP RA 4 -52.15 -47.90 -69.62
CA ASP RA 4 -53.20 -47.18 -70.38
C ASP RA 4 -52.96 -47.15 -71.89
N LEU RA 5 -51.71 -46.99 -72.30
CA LEU RA 5 -51.32 -47.01 -73.71
C LEU RA 5 -51.86 -48.26 -74.42
N LEU RA 6 -51.73 -49.44 -73.83
CA LEU RA 6 -52.22 -50.66 -74.45
C LEU RA 6 -53.72 -50.58 -74.66
N LEU RA 7 -54.45 -50.11 -73.64
CA LEU RA 7 -55.89 -49.95 -73.77
C LEU RA 7 -56.20 -49.01 -74.93
N LYS RA 8 -55.54 -47.85 -74.97
CA LYS RA 8 -55.75 -46.89 -76.04
C LYS RA 8 -55.44 -47.51 -77.40
N LEU RA 9 -54.35 -48.26 -77.49
CA LEU RA 9 -53.99 -48.92 -78.74
C LEU RA 9 -55.09 -49.88 -79.15
N LEU RA 10 -55.58 -50.69 -78.21
CA LEU RA 10 -56.65 -51.61 -78.48
C LEU RA 10 -57.90 -50.87 -78.93
N GLU RA 11 -58.24 -49.73 -78.32
CA GLU RA 11 -59.37 -48.94 -78.81
C GLU RA 11 -59.18 -48.58 -80.27
N LEU RA 12 -58.02 -48.00 -80.60
CA LEU RA 12 -57.83 -47.54 -81.97
C LEU RA 12 -57.73 -48.70 -82.94
N LEU RA 13 -57.19 -49.83 -82.50
CA LEU RA 13 -57.28 -51.05 -83.26
C LEU RA 13 -58.74 -51.39 -83.52
N VAL RA 14 -59.57 -51.43 -82.48
CA VAL RA 14 -60.99 -51.78 -82.63
C VAL RA 14 -61.65 -50.82 -83.59
N GLU RA 15 -61.41 -49.54 -83.42
CA GLU RA 15 -62.03 -48.53 -84.26
C GLU RA 15 -61.61 -48.78 -85.71
N GLN RA 16 -60.32 -48.98 -85.95
CA GLN RA 16 -59.84 -49.23 -87.29
C GLN RA 16 -60.43 -50.53 -87.83
N ALA RA 17 -60.61 -51.55 -86.99
CA ALA RA 17 -61.27 -52.75 -87.42
C ALA RA 17 -62.69 -52.43 -87.87
N ARG RA 18 -63.43 -51.60 -87.12
CA ARG RA 18 -64.77 -51.19 -87.52
C ARG RA 18 -64.76 -50.47 -88.85
N VAL RA 19 -63.85 -49.51 -89.01
CA VAL RA 19 -63.72 -48.78 -90.28
C VAL RA 19 -63.39 -49.74 -91.42
N SER RA 20 -62.48 -50.67 -91.16
CA SER RA 20 -62.12 -51.70 -92.12
C SER RA 20 -63.32 -52.56 -92.46
N ALA RA 21 -64.16 -52.90 -91.49
CA ALA RA 21 -65.35 -53.71 -91.72
C ALA RA 21 -66.43 -52.94 -92.50
N GLU RA 22 -66.56 -51.63 -92.30
CA GLU RA 22 -67.35 -50.79 -93.19
C GLU RA 22 -66.79 -50.86 -94.62
N PHE RA 23 -65.49 -50.64 -94.78
CA PHE RA 23 -64.86 -50.71 -96.10
C PHE RA 23 -65.09 -52.09 -96.74
N ALA RA 24 -64.82 -53.17 -96.03
CA ALA RA 24 -64.95 -54.52 -96.54
C ALA RA 24 -66.42 -54.85 -96.89
N ARG RA 25 -67.39 -54.33 -96.14
CA ARG RA 25 -68.82 -54.42 -96.51
C ARG RA 25 -69.13 -53.63 -97.78
N ARG RA 26 -68.53 -52.46 -97.96
CA ARG RA 26 -68.66 -51.69 -99.22
C ARG RA 26 -68.01 -52.41 -100.42
N GLN RA 27 -66.90 -53.12 -100.22
CA GLN RA 27 -66.26 -53.93 -101.27
C GLN RA 27 -66.93 -55.30 -101.51
N GLY RA 28 -67.60 -55.86 -100.51
CA GLY RA 28 -68.03 -57.26 -100.50
C GLY RA 28 -66.87 -58.25 -100.29
N ASP RA 29 -65.78 -57.82 -99.66
CA ASP RA 29 -64.57 -58.64 -99.49
C ASP RA 29 -64.67 -59.57 -98.27
N GLU RA 30 -65.18 -60.78 -98.50
CA GLU RA 30 -65.32 -61.80 -97.46
C GLU RA 30 -63.97 -62.20 -96.85
N LYS RA 31 -62.88 -62.15 -97.62
CA LYS RA 31 -61.55 -62.50 -97.10
C LYS RA 31 -61.06 -61.42 -96.14
N MET RA 32 -61.25 -60.14 -96.48
CA MET RA 32 -60.95 -59.08 -95.53
C MET RA 32 -61.85 -59.19 -94.31
N LEU RA 33 -63.15 -59.47 -94.47
CA LEU RA 33 -64.05 -59.67 -93.33
C LEU RA 33 -63.55 -60.80 -92.42
N GLU RA 34 -63.16 -61.94 -92.98
CA GLU RA 34 -62.57 -63.04 -92.22
C GLU RA 34 -61.31 -62.57 -91.46
N GLU RA 35 -60.40 -61.88 -92.15
CA GLU RA 35 -59.18 -61.38 -91.53
C GLU RA 35 -59.46 -60.41 -90.38
N VAL RA 36 -60.30 -59.40 -90.60
CA VAL RA 36 -60.62 -58.44 -89.54
C VAL RA 36 -61.42 -59.11 -88.45
N ALA RA 37 -62.25 -60.10 -88.73
CA ALA RA 37 -62.96 -60.84 -87.69
C ALA RA 37 -61.95 -61.56 -86.78
N ARG RA 38 -60.98 -62.27 -87.36
CA ARG RA 38 -59.90 -62.89 -86.58
C ARG RA 38 -59.18 -61.82 -85.77
N LYS RA 39 -58.80 -60.72 -86.42
CA LYS RA 39 -58.08 -59.63 -85.76
C LYS RA 39 -58.88 -59.06 -84.61
N ALA RA 40 -60.18 -58.87 -84.79
CA ALA RA 40 -61.08 -58.34 -83.79
C ALA RA 40 -61.23 -59.32 -82.63
N GLU RA 41 -61.38 -60.61 -82.91
CA GLU RA 41 -61.42 -61.62 -81.86
C GLU RA 41 -60.10 -61.61 -81.06
N GLU RA 42 -58.96 -61.57 -81.74
CA GLU RA 42 -57.66 -61.55 -81.06
C GLU RA 42 -57.45 -60.27 -80.26
N VAL RA 43 -57.83 -59.12 -80.80
CA VAL RA 43 -57.83 -57.87 -80.05
C VAL RA 43 -58.73 -58.00 -78.83
N ALA RA 44 -59.92 -58.59 -78.98
CA ALA RA 44 -60.80 -58.82 -77.85
C ALA RA 44 -60.15 -59.78 -76.84
N ARG RA 45 -59.42 -60.79 -77.29
CA ARG RA 45 -58.68 -61.68 -76.40
C ARG RA 45 -57.62 -60.90 -75.63
N LYS RA 46 -56.81 -60.09 -76.31
CA LYS RA 46 -55.83 -59.21 -75.65
C LYS RA 46 -56.51 -58.37 -74.59
N ALA RA 47 -57.64 -57.75 -74.96
CA ALA RA 47 -58.41 -56.95 -74.04
C ALA RA 47 -58.89 -57.78 -72.85
N GLU RA 48 -59.44 -58.97 -73.05
CA GLU RA 48 -59.95 -59.80 -71.96
C GLU RA 48 -58.81 -60.19 -71.02
N GLU RA 49 -57.68 -60.62 -71.54
CA GLU RA 49 -56.52 -60.97 -70.72
C GLU RA 49 -56.10 -59.77 -69.85
N ILE RA 50 -55.98 -58.59 -70.46
CA ILE RA 50 -55.64 -57.38 -69.72
C ILE RA 50 -56.74 -57.04 -68.71
N ALA RA 51 -58.00 -57.19 -69.09
CA ALA RA 51 -59.13 -56.87 -68.24
C ALA RA 51 -59.09 -57.74 -66.99
N ARG RA 52 -58.91 -59.05 -67.12
CA ARG RA 52 -58.84 -59.95 -65.97
C ARG RA 52 -57.63 -59.61 -65.08
N LYS RA 53 -56.50 -59.22 -65.68
CA LYS RA 53 -55.33 -58.71 -64.94
C LYS RA 53 -55.71 -57.47 -64.11
N ALA RA 54 -56.33 -56.47 -64.72
CA ALA RA 54 -56.80 -55.30 -64.00
C ALA RA 54 -57.81 -55.68 -62.89
N ARG RA 55 -58.71 -56.62 -63.18
CA ARG RA 55 -59.73 -57.11 -62.23
C ARG RA 55 -59.12 -57.83 -61.03
N LYS RA 56 -57.94 -58.42 -61.19
CA LYS RA 56 -57.13 -58.92 -60.07
C LYS RA 56 -56.50 -57.77 -59.28
N GLU RA 57 -55.88 -56.81 -59.97
CA GLU RA 57 -55.18 -55.71 -59.30
C GLU RA 57 -56.10 -54.69 -58.64
N GLY RA 58 -57.35 -54.57 -59.08
CA GLY RA 58 -58.35 -53.74 -58.44
C GLY RA 58 -58.35 -52.26 -58.82
N ASN RA 59 -57.79 -51.89 -59.99
CA ASN RA 59 -58.01 -50.55 -60.56
C ASN RA 59 -59.33 -50.52 -61.35
N LEU RA 60 -60.41 -50.02 -60.72
CA LEU RA 60 -61.73 -50.03 -61.35
C LEU RA 60 -61.77 -49.21 -62.64
N GLU RA 61 -61.05 -48.09 -62.70
CA GLU RA 61 -61.08 -47.24 -63.88
C GLU RA 61 -60.55 -48.00 -65.10
N LEU RA 62 -59.38 -48.62 -64.97
CA LEU RA 62 -58.83 -49.45 -66.03
C LEU RA 62 -59.78 -50.61 -66.35
N ALA RA 63 -60.32 -51.27 -65.33
CA ALA RA 63 -61.21 -52.40 -65.57
C ALA RA 63 -62.44 -51.98 -66.39
N LEU RA 64 -63.05 -50.87 -66.02
CA LEU RA 64 -64.18 -50.35 -66.75
C LEU RA 64 -63.78 -49.97 -68.18
N LYS RA 65 -62.65 -49.30 -68.36
CA LYS RA 65 -62.18 -48.99 -69.71
C LYS RA 65 -61.99 -50.27 -70.51
N ALA RA 66 -61.40 -51.29 -69.90
CA ALA RA 66 -61.18 -52.56 -70.57
C ALA RA 66 -62.50 -53.24 -70.92
N LEU RA 67 -63.48 -53.17 -70.03
CA LEU RA 67 -64.81 -53.63 -70.36
C LEU RA 67 -65.37 -52.81 -71.52
N GLU RA 68 -65.20 -51.49 -71.54
CA GLU RA 68 -65.73 -50.69 -72.63
C GLU RA 68 -65.09 -51.09 -73.95
N ILE RA 69 -63.79 -51.36 -73.95
CA ILE RA 69 -63.13 -51.93 -75.11
C ILE RA 69 -63.80 -53.25 -75.48
N LEU RA 70 -64.05 -54.13 -74.51
CA LEU RA 70 -64.69 -55.39 -74.79
C LEU RA 70 -66.07 -55.17 -75.41
N VAL RA 71 -66.82 -54.21 -74.90
CA VAL RA 71 -68.13 -53.85 -75.45
C VAL RA 71 -67.99 -53.38 -76.89
N ARG RA 72 -67.06 -52.47 -77.14
CA ARG RA 72 -66.83 -51.96 -78.50
C ARG RA 72 -66.44 -53.10 -79.42
N ALA RA 73 -65.53 -53.95 -78.97
CA ALA RA 73 -65.06 -55.10 -79.73
C ALA RA 73 -66.21 -56.06 -80.02
N ALA RA 74 -67.02 -56.35 -79.02
CA ALA RA 74 -68.21 -57.14 -79.21
C ALA RA 74 -69.11 -56.47 -80.25
N HIS RA 75 -69.28 -55.15 -80.22
CA HIS RA 75 -70.16 -54.48 -81.15
C HIS RA 75 -69.73 -54.69 -82.59
N VAL RA 76 -68.46 -54.45 -82.91
CA VAL RA 76 -67.99 -54.71 -84.28
C VAL RA 76 -68.09 -56.20 -84.61
N LEU RA 77 -67.75 -57.09 -83.68
CA LEU RA 77 -67.89 -58.53 -83.90
C LEU RA 77 -69.33 -58.89 -84.20
N ALA RA 78 -70.28 -58.27 -83.52
CA ALA RA 78 -71.70 -58.49 -83.70
C ALA RA 78 -72.16 -57.95 -85.05
N GLU RA 79 -71.71 -56.78 -85.49
CA GLU RA 79 -72.04 -56.30 -86.83
C GLU RA 79 -71.56 -57.30 -87.90
N ILE RA 80 -70.33 -57.78 -87.77
CA ILE RA 80 -69.78 -58.77 -88.72
C ILE RA 80 -70.60 -60.06 -88.65
N ALA RA 81 -70.83 -60.58 -87.45
CA ALA RA 81 -71.55 -61.83 -87.26
C ALA RA 81 -73.02 -61.75 -87.70
N ARG RA 82 -73.65 -60.57 -87.63
CA ARG RA 82 -75.01 -60.31 -88.13
C ARG RA 82 -75.06 -60.36 -89.65
N GLU RA 83 -74.22 -59.58 -90.33
CA GLU RA 83 -74.20 -59.53 -91.79
C GLU RA 83 -73.74 -60.85 -92.41
N ARG RA 84 -72.76 -61.52 -91.79
CA ARG RA 84 -72.25 -62.83 -92.22
C ARG RA 84 -73.18 -64.00 -91.85
N GLY RA 85 -74.07 -63.81 -90.88
CA GLY RA 85 -74.93 -64.88 -90.35
C GLY RA 85 -74.19 -65.97 -89.57
N ASN RA 86 -72.99 -65.67 -89.03
CA ASN RA 86 -72.16 -66.66 -88.34
C ASN RA 86 -72.66 -66.92 -86.91
N GLU RA 87 -73.26 -68.09 -86.69
CA GLU RA 87 -73.82 -68.44 -85.38
C GLU RA 87 -72.79 -68.46 -84.26
N GLU RA 88 -71.60 -69.01 -84.49
CA GLU RA 88 -70.63 -69.19 -83.41
C GLU RA 88 -70.06 -67.86 -82.92
N LEU RA 89 -69.85 -66.90 -83.82
CA LEU RA 89 -69.55 -65.53 -83.43
C LEU RA 89 -70.74 -64.88 -82.68
N GLN RA 90 -71.98 -65.08 -83.12
CA GLN RA 90 -73.15 -64.54 -82.40
C GLN RA 90 -73.26 -65.13 -80.98
N LYS RA 91 -73.06 -66.44 -80.84
CA LYS RA 91 -73.07 -67.14 -79.56
C LYS RA 91 -71.94 -66.64 -78.66
N LYS RA 92 -70.72 -66.54 -79.19
CA LYS RA 92 -69.58 -65.94 -78.48
C LYS RA 92 -69.92 -64.54 -78.00
N ALA RA 93 -70.38 -63.66 -78.89
CA ALA RA 93 -70.71 -62.28 -78.54
C ALA RA 93 -71.77 -62.22 -77.43
N HIS RA 94 -72.86 -62.96 -77.53
CA HIS RA 94 -73.90 -62.98 -76.49
C HIS RA 94 -73.33 -63.43 -75.14
N LYS RA 95 -72.61 -64.56 -75.11
CA LYS RA 95 -72.00 -65.07 -73.88
C LYS RA 95 -70.99 -64.09 -73.30
N LEU RA 96 -70.12 -63.53 -74.14
CA LEU RA 96 -69.15 -62.54 -73.72
C LEU RA 96 -69.85 -61.30 -73.17
N ALA RA 97 -70.92 -60.84 -73.80
CA ALA RA 97 -71.68 -59.70 -73.31
C ALA RA 97 -72.31 -60.02 -71.94
N LYS RA 98 -72.84 -61.22 -71.75
CA LYS RA 98 -73.35 -61.63 -70.44
C LYS RA 98 -72.24 -61.66 -69.40
N GLU RA 99 -71.07 -62.19 -69.75
CA GLU RA 99 -69.89 -62.15 -68.88
C GLU RA 99 -69.50 -60.71 -68.55
N ALA RA 100 -69.53 -59.81 -69.52
CA ALA RA 100 -69.26 -58.40 -69.28
C ALA RA 100 -70.31 -57.83 -68.34
N LEU RA 101 -71.58 -58.15 -68.53
CA LEU RA 101 -72.63 -57.70 -67.63
C LEU RA 101 -72.37 -58.20 -66.21
N ARG RA 102 -72.02 -59.48 -66.05
CA ARG RA 102 -71.65 -60.04 -64.76
C ARG RA 102 -70.49 -59.26 -64.15
N GLN RA 103 -69.41 -59.06 -64.89
CA GLN RA 103 -68.26 -58.33 -64.39
C GLN RA 103 -68.60 -56.88 -64.05
N VAL RA 104 -69.37 -56.18 -64.88
CA VAL RA 104 -69.72 -54.79 -64.60
C VAL RA 104 -70.62 -54.72 -63.38
N ILE RA 105 -71.51 -55.69 -63.20
CA ILE RA 105 -72.33 -55.79 -61.99
C ILE RA 105 -71.44 -56.00 -60.78
N GLU RA 106 -70.45 -56.90 -60.86
CA GLU RA 106 -69.51 -57.07 -59.76
C GLU RA 106 -68.80 -55.76 -59.46
N ILE RA 107 -68.36 -55.04 -60.50
CA ILE RA 107 -67.76 -53.74 -60.30
C ILE RA 107 -68.77 -52.79 -59.67
N ALA RA 108 -70.05 -52.82 -60.06
CA ALA RA 108 -71.06 -51.95 -59.49
C ALA RA 108 -71.25 -52.25 -58.00
N ILE RA 109 -71.30 -53.53 -57.64
CA ILE RA 109 -71.33 -53.93 -56.25
C ILE RA 109 -70.07 -53.43 -55.54
N ARG RA 110 -68.89 -53.62 -56.11
CA ARG RA 110 -67.65 -53.12 -55.49
C ARG RA 110 -67.67 -51.61 -55.36
N ALA RA 111 -68.15 -50.88 -56.35
CA ALA RA 111 -68.21 -49.43 -56.33
C ALA RA 111 -69.14 -48.96 -55.20
N ILE RA 112 -70.27 -49.63 -54.98
CA ILE RA 112 -71.12 -49.36 -53.82
C ILE RA 112 -70.33 -49.66 -52.54
N GLN RA 113 -69.61 -50.77 -52.49
CA GLN RA 113 -68.83 -51.17 -51.32
C GLN RA 113 -67.70 -50.17 -50.99
N GLU RA 114 -67.00 -49.68 -52.00
CA GLU RA 114 -65.95 -48.65 -51.86
C GLU RA 114 -66.55 -47.27 -51.55
N GLY RA 115 -67.76 -46.99 -52.05
CA GLY RA 115 -68.55 -45.80 -51.75
C GLY RA 115 -68.36 -44.58 -52.66
N ASN RA 116 -67.37 -44.56 -53.58
CA ASN RA 116 -67.26 -43.50 -54.58
C ASN RA 116 -68.23 -43.73 -55.76
N LEU RA 117 -69.40 -43.10 -55.68
CA LEU RA 117 -70.51 -43.35 -56.60
C LEU RA 117 -70.18 -42.99 -58.06
N GLU RA 118 -69.15 -42.17 -58.32
CA GLU RA 118 -68.71 -41.89 -59.68
C GLU RA 118 -68.39 -43.19 -60.43
N LEU RA 119 -67.66 -44.09 -59.79
CA LEU RA 119 -67.33 -45.37 -60.40
C LEU RA 119 -68.62 -46.13 -60.72
N ALA RA 120 -69.55 -46.19 -59.77
CA ALA RA 120 -70.82 -46.87 -59.98
C ALA RA 120 -71.58 -46.25 -61.15
N ILE RA 121 -71.63 -44.94 -61.24
CA ILE RA 121 -72.31 -44.23 -62.31
C ILE RA 121 -71.66 -44.58 -63.65
N ILE RA 122 -70.33 -44.53 -63.74
CA ILE RA 122 -69.63 -44.85 -64.97
C ILE RA 122 -69.90 -46.30 -65.35
N ALA RA 123 -69.78 -47.20 -64.39
CA ALA RA 123 -70.08 -48.61 -64.60
C ALA RA 123 -71.51 -48.76 -65.12
N LEU RA 124 -72.45 -48.04 -64.53
CA LEU RA 124 -73.83 -48.12 -64.91
C LEU RA 124 -74.02 -47.55 -66.31
N HIS RA 125 -73.27 -46.51 -66.70
CA HIS RA 125 -73.25 -46.03 -68.07
C HIS RA 125 -72.79 -47.13 -69.02
N ILE RA 126 -71.70 -47.80 -68.68
CA ILE RA 126 -71.22 -48.93 -69.47
C ILE RA 126 -72.27 -50.03 -69.49
N SER RA 127 -73.02 -50.22 -68.41
CA SER RA 127 -74.11 -51.19 -68.42
C SER RA 127 -75.14 -50.83 -69.48
N VAL RA 128 -75.44 -49.55 -69.66
CA VAL RA 128 -76.35 -49.14 -70.72
C VAL RA 128 -75.74 -49.45 -72.08
N ARG RA 129 -74.44 -49.24 -72.26
CA ARG RA 129 -73.78 -49.65 -73.50
C ARG RA 129 -73.90 -51.15 -73.70
N ILE RA 130 -73.69 -51.93 -72.64
CA ILE RA 130 -73.88 -53.37 -72.70
C ILE RA 130 -75.32 -53.68 -73.08
N ALA RA 131 -76.28 -52.96 -72.54
CA ALA RA 131 -77.68 -53.15 -72.89
C ALA RA 131 -77.90 -52.88 -74.38
N GLU RA 132 -77.34 -51.82 -74.95
CA GLU RA 132 -77.43 -51.57 -76.39
C GLU RA 132 -76.85 -52.74 -77.19
N VAL RA 133 -75.68 -53.23 -76.81
CA VAL RA 133 -75.06 -54.35 -77.51
C VAL RA 133 -75.91 -55.59 -77.38
N LEU RA 134 -76.39 -55.91 -76.18
CA LEU RA 134 -77.28 -57.04 -75.97
C LEU RA 134 -78.53 -56.91 -76.84
N LEU RA 135 -79.14 -55.73 -76.84
CA LEU RA 135 -80.36 -55.45 -77.59
C LEU RA 135 -80.12 -55.67 -79.08
N GLU RA 136 -79.02 -55.15 -79.60
CA GLU RA 136 -78.69 -55.35 -81.00
C GLU RA 136 -78.30 -56.80 -81.30
N THR RA 137 -77.87 -57.56 -80.29
CA THR RA 137 -77.49 -58.97 -80.44
C THR RA 137 -78.71 -59.89 -80.48
N ARG RA 138 -79.68 -59.73 -79.57
CA ARG RA 138 -80.89 -60.57 -79.46
C ARG RA 138 -82.13 -59.76 -79.07
N PRO RA 139 -82.87 -59.19 -80.04
CA PRO RA 139 -84.15 -58.52 -79.80
C PRO RA 139 -85.23 -59.39 -79.12
N ASP RA 140 -85.13 -60.72 -79.23
CA ASP RA 140 -86.09 -61.69 -78.67
C ASP RA 140 -85.77 -62.15 -77.24
N ASP RA 141 -84.56 -61.90 -76.71
CA ASP RA 141 -84.11 -62.32 -75.37
C ASP RA 141 -84.67 -61.41 -74.24
N ARG RA 142 -85.95 -61.08 -74.33
CA ARG RA 142 -86.63 -60.04 -73.53
C ARG RA 142 -86.48 -60.27 -72.02
N GLU RA 143 -86.39 -61.52 -71.60
CA GLU RA 143 -86.25 -61.88 -70.19
C GLU RA 143 -84.93 -61.33 -69.65
N GLU RA 144 -83.81 -61.60 -70.33
CA GLU RA 144 -82.51 -61.07 -69.94
C GLU RA 144 -82.55 -59.54 -69.91
N ILE RA 145 -83.18 -58.92 -70.91
CA ILE RA 145 -83.32 -57.46 -70.96
C ILE RA 145 -84.07 -56.98 -69.73
N ARG RA 146 -85.23 -57.57 -69.42
CA ARG RA 146 -85.99 -57.14 -68.25
C ARG RA 146 -85.22 -57.42 -66.97
N GLU RA 147 -84.47 -58.51 -66.87
CA GLU RA 147 -83.59 -58.74 -65.73
C GLU RA 147 -82.59 -57.61 -65.59
N GLN RA 148 -81.91 -57.26 -66.67
CA GLN RA 148 -80.97 -56.16 -66.65
C GLN RA 148 -81.69 -54.88 -66.25
N GLN RA 149 -82.90 -54.62 -66.76
CA GLN RA 149 -83.68 -53.47 -66.34
C GLN RA 149 -83.96 -53.51 -64.86
N ALA RA 150 -84.40 -54.65 -64.32
CA ALA RA 150 -84.70 -54.77 -62.92
C ALA RA 150 -83.45 -54.46 -62.09
N ILE RA 151 -82.33 -55.04 -62.46
CA ILE RA 151 -81.05 -54.82 -61.80
C ILE RA 151 -80.70 -53.33 -61.86
N PHE RA 152 -80.82 -52.73 -63.04
CA PHE RA 152 -80.56 -51.31 -63.23
C PHE RA 152 -81.48 -50.47 -62.36
N GLU RA 153 -82.78 -50.73 -62.37
CA GLU RA 153 -83.74 -49.98 -61.60
C GLU RA 153 -83.46 -50.11 -60.10
N LEU RA 154 -83.07 -51.30 -59.66
CA LEU RA 154 -82.65 -51.51 -58.29
C LEU RA 154 -81.41 -50.67 -58.00
N LEU RA 155 -80.39 -50.74 -58.85
CA LEU RA 155 -79.17 -49.96 -58.64
C LEU RA 155 -79.49 -48.48 -58.61
N ILE RA 156 -80.32 -47.99 -59.52
CA ILE RA 156 -80.76 -46.60 -59.52
C ILE RA 156 -81.45 -46.27 -58.22
N ALA RA 157 -82.37 -47.11 -57.75
CA ALA RA 157 -83.04 -46.85 -56.49
C ALA RA 157 -82.01 -46.75 -55.36
N ALA RA 158 -81.06 -47.68 -55.33
CA ALA RA 158 -80.00 -47.68 -54.33
C ALA RA 158 -79.19 -46.39 -54.43
N LEU RA 159 -78.78 -46.01 -55.62
CA LEU RA 159 -78.02 -44.79 -55.84
C LEU RA 159 -78.85 -43.55 -55.48
N GLU RA 160 -80.16 -43.54 -55.70
CA GLU RA 160 -81.00 -42.39 -55.37
C GLU RA 160 -80.99 -42.17 -53.87
N ALA RA 161 -81.20 -43.24 -53.12
CA ALA RA 161 -81.01 -43.20 -51.69
C ALA RA 161 -79.57 -42.77 -51.37
N ALA RA 162 -78.58 -43.33 -52.06
CA ALA RA 162 -77.17 -43.09 -51.74
C ALA RA 162 -76.83 -41.60 -51.85
N ILE RA 163 -77.16 -40.99 -52.98
CA ILE RA 163 -76.88 -39.58 -53.22
C ILE RA 163 -77.73 -38.73 -52.28
N ARG RA 164 -79.00 -39.09 -52.05
CA ARG RA 164 -79.83 -38.34 -51.10
C ARG RA 164 -79.19 -38.33 -49.72
N LEU RA 165 -78.74 -39.49 -49.26
CA LEU RA 165 -78.12 -39.65 -47.95
C LEU RA 165 -76.80 -38.87 -47.90
N GLU RA 166 -75.98 -38.97 -48.96
CA GLU RA 166 -74.74 -38.20 -49.06
C GLU RA 166 -75.03 -36.69 -49.02
N LYS RA 167 -76.10 -36.25 -49.68
CA LYS RA 167 -76.56 -34.86 -49.60
C LYS RA 167 -76.92 -34.48 -48.17
N LEU RA 168 -77.70 -35.29 -47.46
CA LEU RA 168 -77.99 -35.00 -46.06
C LEU RA 168 -76.70 -34.92 -45.23
N LYS RA 169 -75.70 -35.77 -45.52
CA LYS RA 169 -74.39 -35.72 -44.85
C LYS RA 169 -73.67 -34.42 -45.15
N GLU RA 170 -73.62 -34.01 -46.41
CA GLU RA 170 -73.02 -32.75 -46.84
C GLU RA 170 -73.73 -31.53 -46.23
N GLU RA 171 -75.06 -31.55 -46.18
CA GLU RA 171 -75.89 -30.51 -45.57
C GLU RA 171 -75.83 -30.49 -44.03
N GLY RA 172 -75.31 -31.53 -43.39
CA GLY RA 172 -75.25 -31.63 -41.93
C GLY RA 172 -76.63 -31.81 -41.27
N ALA RA 173 -77.53 -32.56 -41.92
CA ALA RA 173 -78.89 -32.80 -41.45
C ALA RA 173 -78.95 -33.47 -40.05
N PRO RA 174 -80.03 -33.28 -39.26
CA PRO RA 174 -80.18 -33.96 -37.99
C PRO RA 174 -80.36 -35.47 -38.21
N PRO RA 175 -79.70 -36.34 -37.41
CA PRO RA 175 -79.73 -37.79 -37.61
C PRO RA 175 -81.13 -38.39 -37.74
N GLU RA 176 -82.14 -37.82 -37.10
CA GLU RA 176 -83.53 -38.27 -37.25
C GLU RA 176 -84.01 -38.18 -38.71
N GLN RA 177 -83.71 -37.11 -39.42
CA GLN RA 177 -84.07 -37.00 -40.84
C GLN RA 177 -83.31 -38.05 -41.66
N ILE RA 178 -82.02 -38.25 -41.34
CA ILE RA 178 -81.19 -39.26 -41.98
C ILE RA 178 -81.84 -40.64 -41.79
N GLU RA 179 -82.28 -40.95 -40.57
CA GLU RA 179 -82.93 -42.21 -40.25
C GLU RA 179 -84.25 -42.37 -41.00
N ARG RA 180 -85.09 -41.33 -41.10
CA ARG RA 180 -86.32 -41.38 -41.89
C ARG RA 180 -86.00 -41.70 -43.34
N VAL RA 181 -85.02 -40.99 -43.93
CA VAL RA 181 -84.57 -41.27 -45.30
C VAL RA 181 -84.09 -42.70 -45.43
N ALA RA 182 -83.28 -43.19 -44.48
CA ALA RA 182 -82.75 -44.54 -44.52
C ALA RA 182 -83.88 -45.58 -44.51
N GLU RA 183 -84.88 -45.41 -43.65
CA GLU RA 183 -86.05 -46.29 -43.64
C GLU RA 183 -86.76 -46.24 -44.99
N HIS RA 184 -87.07 -45.04 -45.49
CA HIS RA 184 -87.74 -44.92 -46.78
C HIS RA 184 -86.96 -45.63 -47.89
N GLY RA 185 -85.64 -45.46 -47.89
CA GLY RA 185 -84.75 -46.16 -48.81
C GLY RA 185 -84.88 -47.67 -48.66
N LEU RA 186 -84.60 -48.19 -47.46
CA LEU RA 186 -84.64 -49.62 -47.22
C LEU RA 186 -86.01 -50.20 -47.58
N GLU RA 187 -87.10 -49.58 -47.16
CA GLU RA 187 -88.43 -50.12 -47.42
C GLU RA 187 -88.77 -50.07 -48.90
N ARG RA 188 -88.47 -48.99 -49.61
CA ARG RA 188 -88.61 -48.99 -51.07
C ARG RA 188 -87.79 -50.12 -51.67
N LEU RA 189 -86.53 -50.25 -51.27
CA LEU RA 189 -85.65 -51.28 -51.80
C LEU RA 189 -86.25 -52.66 -51.56
N LYS RA 190 -86.77 -52.89 -50.36
CA LYS RA 190 -87.39 -54.15 -49.99
C LYS RA 190 -88.58 -54.42 -50.88
N GLU RA 191 -89.47 -53.46 -51.03
CA GLU RA 191 -90.65 -53.64 -51.87
C GLU RA 191 -90.25 -53.87 -53.33
N ILE RA 192 -89.28 -53.13 -53.84
CA ILE RA 192 -88.72 -53.33 -55.18
C ILE RA 192 -88.19 -54.76 -55.27
N ALA RA 193 -87.39 -55.21 -54.32
CA ALA RA 193 -86.83 -56.54 -54.35
C ALA RA 193 -87.94 -57.60 -54.37
N LYS RA 194 -88.99 -57.40 -53.57
CA LYS RA 194 -90.16 -58.27 -53.57
C LYS RA 194 -90.78 -58.30 -54.96
N GLU RA 195 -91.05 -57.15 -55.55
CA GLU RA 195 -91.63 -57.10 -56.89
C GLU RA 195 -90.70 -57.76 -57.92
N ILE RA 196 -89.40 -57.55 -57.84
CA ILE RA 196 -88.43 -58.25 -58.68
C ILE RA 196 -88.56 -59.76 -58.48
N SER RA 197 -88.68 -60.23 -57.24
CA SER RA 197 -88.88 -61.65 -56.98
C SER RA 197 -90.19 -62.16 -57.57
N LYS RA 198 -91.22 -61.33 -57.66
CA LYS RA 198 -92.47 -61.68 -58.36
C LYS RA 198 -92.26 -61.75 -59.87
N GLU RA 199 -91.38 -60.94 -60.43
CA GLU RA 199 -91.04 -61.02 -61.86
C GLU RA 199 -90.17 -62.22 -62.19
N VAL RA 200 -89.18 -62.55 -61.34
CA VAL RA 200 -87.95 -63.22 -61.80
C VAL RA 200 -87.73 -64.61 -61.19
N ASP RA 201 -87.11 -65.50 -61.96
CA ASP RA 201 -86.72 -66.86 -61.54
C ASP RA 201 -85.23 -67.21 -61.78
N SER RA 202 -84.45 -66.38 -62.48
CA SER RA 202 -83.02 -66.64 -62.71
C SER RA 202 -82.24 -66.65 -61.39
N PRO RA 203 -81.59 -67.76 -61.02
CA PRO RA 203 -80.88 -67.88 -59.75
C PRO RA 203 -79.80 -66.81 -59.62
N GLU RA 204 -78.99 -66.64 -60.66
CA GLU RA 204 -77.92 -65.65 -60.64
C GLU RA 204 -78.49 -64.24 -60.50
N SER RA 205 -79.61 -63.94 -61.16
CA SER RA 205 -80.24 -62.63 -61.01
C SER RA 205 -80.64 -62.38 -59.55
N LYS RA 206 -81.25 -63.37 -58.91
CA LYS RA 206 -81.67 -63.27 -57.51
C LYS RA 206 -80.44 -63.10 -56.62
N ARG RA 207 -79.38 -63.85 -56.89
CA ARG RA 207 -78.09 -63.79 -56.17
C ARG RA 207 -77.53 -62.38 -56.24
N ILE RA 208 -77.43 -61.86 -57.44
CA ILE RA 208 -77.03 -60.48 -57.71
C ILE RA 208 -77.93 -59.53 -56.94
N ALA RA 209 -79.24 -59.70 -57.05
CA ALA RA 209 -80.19 -58.78 -56.43
C ALA RA 209 -79.95 -58.71 -54.94
N TYR RA 210 -79.89 -59.86 -54.27
CA TYR RA 210 -79.66 -59.87 -52.84
C TYR RA 210 -78.35 -59.19 -52.50
N LYS RA 211 -77.28 -59.51 -53.23
CA LYS RA 211 -75.97 -58.90 -53.01
C LYS RA 211 -76.07 -57.38 -53.13
N ILE RA 212 -76.76 -56.87 -54.14
CA ILE RA 212 -76.97 -55.44 -54.30
C ILE RA 212 -77.71 -54.90 -53.08
N VAL RA 213 -78.80 -55.54 -52.67
CA VAL RA 213 -79.57 -55.06 -51.52
C VAL RA 213 -78.68 -55.00 -50.30
N ALA RA 214 -77.92 -56.06 -50.05
CA ALA RA 214 -77.04 -56.12 -48.90
C ALA RA 214 -76.00 -55.00 -48.97
N ALA RA 215 -75.42 -54.77 -50.14
CA ALA RA 215 -74.48 -53.69 -50.32
C ALA RA 215 -75.16 -52.35 -50.01
N ALA RA 216 -76.41 -52.16 -50.43
CA ALA RA 216 -77.14 -50.92 -50.17
C ALA RA 216 -77.33 -50.72 -48.66
N ALA RA 217 -77.70 -51.78 -47.94
CA ALA RA 217 -77.79 -51.70 -46.50
C ALA RA 217 -76.44 -51.32 -45.88
N GLU RA 218 -75.34 -51.95 -46.30
CA GLU RA 218 -74.03 -51.61 -45.77
C GLU RA 218 -73.69 -50.15 -46.08
N PHE RA 219 -73.96 -49.68 -47.28
CA PHE RA 219 -73.66 -48.30 -47.64
C PHE RA 219 -74.41 -47.34 -46.71
N LEU RA 220 -75.71 -47.56 -46.50
CA LEU RA 220 -76.51 -46.75 -45.59
C LEU RA 220 -75.88 -46.73 -44.20
N LEU RA 221 -75.48 -47.90 -43.70
CA LEU RA 221 -74.82 -48.01 -42.41
C LEU RA 221 -73.53 -47.19 -42.39
N LYS RA 222 -72.66 -47.36 -43.38
CA LYS RA 222 -71.35 -46.69 -43.36
C LYS RA 222 -71.51 -45.18 -43.50
N ILE RA 223 -72.42 -44.71 -44.33
CA ILE RA 223 -72.72 -43.27 -44.41
C ILE RA 223 -73.26 -42.77 -43.07
N LEU RA 224 -74.21 -43.48 -42.46
CA LEU RA 224 -74.74 -43.08 -41.15
C LEU RA 224 -73.62 -43.01 -40.11
N ALA RA 225 -72.67 -43.95 -40.16
CA ALA RA 225 -71.51 -43.97 -39.27
C ALA RA 225 -70.56 -42.80 -39.51
N GLU RA 226 -70.25 -42.44 -40.77
CA GLU RA 226 -69.52 -41.21 -41.07
C GLU RA 226 -70.26 -39.98 -40.53
N GLY RA 227 -71.60 -40.01 -40.57
CA GLY RA 227 -72.45 -38.97 -40.03
C GLY RA 227 -72.42 -38.83 -38.50
N GLY RA 228 -71.77 -39.74 -37.78
CA GLY RA 228 -71.58 -39.65 -36.33
C GLY RA 228 -72.87 -39.77 -35.50
N ALA RA 229 -73.90 -40.43 -36.02
CA ALA RA 229 -75.18 -40.64 -35.32
C ALA RA 229 -75.02 -41.45 -34.02
N THR RA 230 -75.97 -41.32 -33.09
CA THR RA 230 -75.89 -41.98 -31.78
C THR RA 230 -75.98 -43.51 -31.91
N PRO RA 231 -75.42 -44.27 -30.95
CA PRO RA 231 -75.59 -45.71 -30.88
C PRO RA 231 -77.06 -46.15 -31.00
N GLU RA 232 -77.99 -45.37 -30.43
CA GLU RA 232 -79.42 -45.67 -30.51
C GLU RA 232 -79.92 -45.63 -31.95
N GLN RA 233 -79.59 -44.59 -32.71
CA GLN RA 233 -79.98 -44.53 -34.12
C GLN RA 233 -79.32 -45.66 -34.92
N LEU RA 234 -78.02 -45.90 -34.70
CA LEU RA 234 -77.28 -46.96 -35.38
C LEU RA 234 -77.96 -48.31 -35.12
N GLU RA 235 -78.30 -48.60 -33.88
CA GLU RA 235 -78.99 -49.84 -33.50
C GLU RA 235 -80.36 -49.93 -34.17
N ARG RA 236 -81.18 -48.88 -34.15
CA ARG RA 236 -82.50 -48.89 -34.78
C ARG RA 236 -82.40 -49.18 -36.27
N VAL RA 237 -81.50 -48.49 -36.96
CA VAL RA 237 -81.26 -48.75 -38.38
C VAL RA 237 -80.74 -50.17 -38.57
N THR RA 238 -79.84 -50.63 -37.71
CA THR RA 238 -79.29 -51.98 -37.80
C THR RA 238 -80.39 -53.02 -37.71
N GLU RA 239 -81.30 -52.89 -36.74
CA GLU RA 239 -82.43 -53.81 -36.63
C GLU RA 239 -83.25 -53.77 -37.90
N HIS RA 240 -83.64 -52.58 -38.36
CA HIS RA 240 -84.46 -52.47 -39.56
C HIS RA 240 -83.76 -53.12 -40.75
N ALA RA 241 -82.46 -52.89 -40.89
CA ALA RA 241 -81.65 -53.51 -41.92
C ALA RA 241 -81.65 -55.03 -41.79
N LEU RA 242 -81.37 -55.57 -40.61
CA LEU RA 242 -81.41 -57.01 -40.40
C LEU RA 242 -82.79 -57.56 -40.74
N GLU RA 243 -83.86 -56.92 -40.29
CA GLU RA 243 -85.22 -57.36 -40.57
C GLU RA 243 -85.50 -57.37 -42.07
N VAL RA 244 -85.12 -56.33 -42.79
CA VAL RA 244 -85.22 -56.30 -44.24
C VAL RA 244 -84.39 -57.42 -44.84
N LEU RA 245 -83.14 -57.58 -44.43
CA LEU RA 245 -82.26 -58.60 -44.99
C LEU RA 245 -82.89 -59.97 -44.80
N LYS RA 246 -83.45 -60.22 -43.61
CA LYS RA 246 -84.16 -61.45 -43.30
C LYS RA 246 -85.35 -61.61 -44.22
N GLU RA 247 -86.21 -60.61 -44.31
CA GLU RA 247 -87.43 -60.71 -45.12
C GLU RA 247 -87.09 -60.98 -46.58
N VAL RA 248 -86.14 -60.22 -47.13
CA VAL RA 248 -85.74 -60.40 -48.53
C VAL RA 248 -85.08 -61.75 -48.71
N ALA RA 249 -84.25 -62.20 -47.76
CA ALA RA 249 -83.67 -63.53 -47.86
C ALA RA 249 -84.77 -64.60 -47.86
N LYS RA 250 -85.78 -64.46 -47.00
CA LYS RA 250 -86.91 -65.40 -46.91
C LYS RA 250 -87.75 -65.43 -48.19
N GLU RA 251 -87.62 -64.44 -49.06
CA GLU RA 251 -88.07 -64.58 -50.45
C GLU RA 251 -86.97 -65.21 -51.30
N LEU RA 252 -85.84 -64.53 -51.46
CA LEU RA 252 -84.88 -64.75 -52.55
C LEU RA 252 -84.01 -66.00 -52.39
N ALA RA 253 -83.76 -66.47 -51.16
CA ALA RA 253 -82.84 -67.58 -50.93
C ALA RA 253 -83.59 -68.93 -50.99
N ASP RA 254 -83.21 -69.79 -51.93
CA ASP RA 254 -83.83 -71.10 -52.18
C ASP RA 254 -82.87 -72.12 -52.86
N SER RA 255 -81.58 -71.80 -52.93
CA SER RA 255 -80.53 -72.62 -53.54
C SER RA 255 -79.23 -72.56 -52.74
N PRO RA 256 -78.33 -73.54 -52.85
CA PRO RA 256 -77.20 -73.69 -51.94
C PRO RA 256 -76.38 -72.43 -51.75
N GLU RA 257 -75.86 -71.88 -52.84
CA GLU RA 257 -75.05 -70.67 -52.80
C GLU RA 257 -75.86 -69.51 -52.23
N SER RA 258 -77.14 -69.39 -52.60
CA SER RA 258 -77.96 -68.27 -52.13
C SER RA 258 -78.05 -68.26 -50.62
N VAL RA 259 -78.26 -69.41 -49.99
CA VAL RA 259 -78.34 -69.48 -48.53
C VAL RA 259 -76.99 -69.13 -47.94
N ARG RA 260 -75.92 -69.76 -48.44
CA ARG RA 260 -74.56 -69.55 -47.93
C ARG RA 260 -74.17 -68.09 -47.99
N GLU RA 261 -74.40 -67.47 -49.13
CA GLU RA 261 -74.11 -66.07 -49.35
C GLU RA 261 -75.02 -65.20 -48.49
N ALA RA 262 -76.31 -65.51 -48.37
CA ALA RA 262 -77.22 -64.72 -47.55
C ALA RA 262 -76.73 -64.69 -46.11
N VAL RA 263 -76.40 -65.85 -45.57
CA VAL RA 263 -75.82 -65.96 -44.23
C VAL RA 263 -74.55 -65.14 -44.17
N ARG RA 264 -73.64 -65.31 -45.14
CA ARG RA 264 -72.38 -64.59 -45.14
C ARG RA 264 -72.62 -63.08 -45.10
N LEU RA 265 -73.54 -62.58 -45.91
CA LEU RA 265 -73.86 -61.17 -45.96
C LEU RA 265 -74.47 -60.70 -44.64
N ILE RA 266 -75.39 -61.46 -44.07
CA ILE RA 266 -75.97 -61.08 -42.78
C ILE RA 266 -74.84 -60.99 -41.75
N SER RA 267 -73.93 -61.96 -41.77
CA SER RA 267 -72.78 -61.94 -40.87
C SER RA 267 -71.95 -60.69 -41.13
N LYS RA 268 -71.69 -60.32 -42.38
CA LYS RA 268 -70.91 -59.14 -42.72
C LYS RA 268 -71.59 -57.89 -42.16
N LEU RA 269 -72.89 -57.71 -42.41
CA LEU RA 269 -73.61 -56.55 -41.91
C LEU RA 269 -73.59 -56.51 -40.38
N THR RA 270 -73.71 -57.68 -39.76
CA THR RA 270 -73.58 -57.78 -38.31
C THR RA 270 -72.20 -57.32 -37.86
N GLN RA 271 -71.14 -57.85 -38.48
CA GLN RA 271 -69.76 -57.52 -38.15
C GLN RA 271 -69.51 -56.03 -38.32
N GLU RA 272 -69.99 -55.46 -39.41
CA GLU RA 272 -69.82 -54.05 -39.70
C GLU RA 272 -70.47 -53.19 -38.62
N GLY RA 273 -71.72 -53.52 -38.27
CA GLY RA 273 -72.42 -52.83 -37.19
C GLY RA 273 -71.65 -52.93 -35.88
N LEU RA 274 -71.15 -54.13 -35.57
CA LEU RA 274 -70.34 -54.35 -34.38
C LEU RA 274 -69.10 -53.44 -34.38
N LYS RA 275 -68.36 -53.41 -35.49
CA LYS RA 275 -67.18 -52.54 -35.60
C LYS RA 275 -67.54 -51.08 -35.35
N GLN RA 276 -68.64 -50.60 -35.93
CA GLN RA 276 -69.05 -49.21 -35.72
C GLN RA 276 -69.48 -48.93 -34.28
N LEU RA 277 -70.25 -49.81 -33.66
CA LEU RA 277 -70.64 -49.65 -32.25
C LEU RA 277 -69.43 -49.66 -31.31
N LYS RA 278 -68.41 -50.48 -31.61
CA LYS RA 278 -67.13 -50.46 -30.89
C LYS RA 278 -66.39 -49.14 -31.13
N GLU RA 279 -66.32 -48.67 -32.37
CA GLU RA 279 -65.60 -47.45 -32.72
C GLU RA 279 -66.19 -46.20 -32.06
N ILE RA 280 -67.53 -46.07 -32.00
CA ILE RA 280 -68.18 -44.93 -31.34
C ILE RA 280 -68.10 -45.00 -29.80
N GLY RA 281 -67.65 -46.13 -29.24
CA GLY RA 281 -67.53 -46.32 -27.79
C GLY RA 281 -68.88 -46.52 -27.08
N ALA RA 282 -69.83 -47.20 -27.72
CA ALA RA 282 -71.15 -47.48 -27.15
C ALA RA 282 -71.07 -48.32 -25.85
N PRO RA 283 -72.05 -48.24 -24.93
CA PRO RA 283 -72.14 -49.17 -23.82
C PRO RA 283 -72.38 -50.58 -24.38
N PRO RA 284 -71.58 -51.59 -23.99
CA PRO RA 284 -71.67 -52.94 -24.55
C PRO RA 284 -73.05 -53.60 -24.49
N GLU RA 285 -73.97 -53.10 -23.66
CA GLU RA 285 -75.37 -53.50 -23.69
C GLU RA 285 -75.96 -53.42 -25.10
N GLN RA 286 -75.67 -52.36 -25.84
CA GLN RA 286 -76.12 -52.24 -27.23
C GLN RA 286 -75.50 -53.34 -28.10
N ILE RA 287 -74.21 -53.60 -27.94
CA ILE RA 287 -73.48 -54.61 -28.71
C ILE RA 287 -74.09 -55.99 -28.43
N GLU RA 288 -74.32 -56.31 -27.16
CA GLU RA 288 -74.91 -57.57 -26.74
C GLU RA 288 -76.32 -57.74 -27.31
N ARG RA 289 -77.12 -56.66 -27.32
CA ARG RA 289 -78.44 -56.70 -27.96
C ARG RA 289 -78.32 -57.01 -29.44
N VAL RA 290 -77.57 -56.23 -30.21
CA VAL RA 290 -77.47 -56.53 -31.64
C VAL RA 290 -76.83 -57.89 -31.90
N ALA RA 291 -75.92 -58.35 -31.03
CA ALA RA 291 -75.34 -59.67 -31.17
C ALA RA 291 -76.44 -60.73 -31.07
N GLU RA 292 -77.26 -60.67 -30.02
CA GLU RA 292 -78.40 -61.59 -29.88
C GLU RA 292 -79.33 -61.45 -31.08
N HIS RA 293 -79.68 -60.23 -31.47
CA HIS RA 293 -80.60 -60.03 -32.58
C HIS RA 293 -80.05 -60.68 -33.86
N GLY RA 294 -78.77 -60.43 -34.15
CA GLY RA 294 -78.09 -60.97 -35.31
C GLY RA 294 -78.05 -62.49 -35.26
N LEU RA 295 -77.60 -63.05 -34.14
CA LEU RA 295 -77.54 -64.49 -33.98
C LEU RA 295 -78.94 -65.11 -34.11
N GLU RA 296 -79.98 -64.48 -33.56
CA GLU RA 296 -81.34 -64.99 -33.70
C GLU RA 296 -81.80 -64.94 -35.15
N VAL RA 297 -81.58 -63.83 -35.84
CA VAL RA 297 -81.85 -63.73 -37.27
C VAL RA 297 -81.10 -64.82 -38.02
N LEU RA 298 -79.82 -65.00 -37.72
CA LEU RA 298 -79.01 -66.01 -38.37
C LEU RA 298 -79.61 -67.39 -38.13
N LYS RA 299 -80.03 -67.68 -36.90
CA LYS RA 299 -80.69 -68.94 -36.56
C LYS RA 299 -81.96 -69.11 -37.37
N GLU RA 300 -82.81 -68.09 -37.41
CA GLU RA 300 -84.05 -68.16 -38.18
C GLU RA 300 -83.77 -68.39 -39.66
N ILE RA 301 -82.77 -67.71 -40.21
CA ILE RA 301 -82.38 -67.89 -41.60
C ILE RA 301 -81.82 -69.28 -41.81
N ALA RA 302 -80.93 -69.75 -40.94
CA ALA RA 302 -80.36 -71.08 -41.07
C ALA RA 302 -81.47 -72.13 -41.06
N LYS RA 303 -82.44 -71.97 -40.15
CA LYS RA 303 -83.61 -72.84 -40.08
C LYS RA 303 -84.40 -72.77 -41.38
N TYR RA 304 -84.75 -71.58 -41.84
CA TYR RA 304 -85.43 -71.39 -43.12
C TYR RA 304 -84.68 -72.11 -44.25
N GLY RA 305 -83.38 -71.85 -44.38
CA GLY RA 305 -82.53 -72.44 -45.40
C GLY RA 305 -82.56 -73.96 -45.34
N SER RA 306 -82.46 -74.53 -44.15
CA SER RA 306 -82.44 -75.99 -43.98
C SER RA 306 -83.69 -76.69 -44.54
N LYS RA 307 -84.81 -75.97 -44.67
CA LYS RA 307 -86.02 -76.53 -45.31
C LYS RA 307 -85.82 -76.77 -46.80
N LEU RA 308 -85.12 -75.87 -47.48
CA LEU RA 308 -84.98 -75.83 -48.95
C LEU RA 308 -83.67 -76.45 -49.45
N THR RA 309 -82.59 -76.30 -48.68
CA THR RA 309 -81.24 -76.81 -49.00
C THR RA 309 -80.77 -77.80 -47.95
N ASP RA 310 -80.34 -78.99 -48.36
CA ASP RA 310 -80.11 -80.14 -47.45
C ASP RA 310 -78.81 -80.94 -47.72
N SER RA 311 -77.92 -80.48 -48.60
CA SER RA 311 -76.63 -81.17 -48.84
C SER RA 311 -75.75 -81.18 -47.60
N PRO RA 312 -75.16 -82.33 -47.20
CA PRO RA 312 -74.28 -82.41 -46.04
C PRO RA 312 -73.12 -81.42 -46.12
N GLU RA 313 -72.56 -81.23 -47.31
CA GLU RA 313 -71.47 -80.26 -47.53
C GLU RA 313 -71.94 -78.86 -47.16
N LEU RA 314 -73.08 -78.44 -47.71
CA LEU RA 314 -73.69 -77.16 -47.40
C LEU RA 314 -73.93 -77.03 -45.91
N LYS RA 315 -74.58 -78.02 -45.30
CA LYS RA 315 -74.91 -77.95 -43.88
C LYS RA 315 -73.65 -77.79 -43.05
N ARG RA 316 -72.60 -78.55 -43.33
CA ARG RA 316 -71.31 -78.42 -42.64
C ARG RA 316 -70.77 -77.01 -42.77
N GLU RA 317 -70.65 -76.50 -43.98
CA GLU RA 317 -70.08 -75.17 -44.18
C GLU RA 317 -70.95 -74.10 -43.53
N LEU RA 318 -72.28 -74.21 -43.60
CA LEU RA 318 -73.17 -73.27 -42.93
C LEU RA 318 -72.90 -73.28 -41.44
N TYR RA 319 -72.86 -74.46 -40.84
CA TYR RA 319 -72.55 -74.58 -39.42
C TYR RA 319 -71.22 -73.92 -39.13
N ARG RA 320 -70.20 -74.20 -39.96
CA ARG RA 320 -68.88 -73.62 -39.78
C ARG RA 320 -68.96 -72.11 -39.78
N ILE RA 321 -69.60 -71.52 -40.79
CA ILE RA 321 -69.77 -70.08 -40.90
C ILE RA 321 -70.49 -69.54 -39.67
N ILE RA 322 -71.55 -70.21 -39.21
CA ILE RA 322 -72.28 -69.76 -38.02
C ILE RA 322 -71.32 -69.72 -36.84
N SER RA 323 -70.55 -70.77 -36.64
CA SER RA 323 -69.57 -70.82 -35.56
C SER RA 323 -68.49 -69.76 -35.74
N GLU RA 324 -67.97 -69.54 -36.93
CA GLU RA 324 -67.01 -68.48 -37.18
C GLU RA 324 -67.62 -67.13 -36.82
N THR RA 325 -68.90 -66.93 -37.14
CA THR RA 325 -69.61 -65.70 -36.83
C THR RA 325 -69.65 -65.51 -35.34
N ALA RA 326 -70.10 -66.51 -34.60
CA ALA RA 326 -70.12 -66.44 -33.15
C ALA RA 326 -68.71 -66.13 -32.61
N LYS RA 327 -67.68 -66.81 -33.11
CA LYS RA 327 -66.31 -66.60 -32.67
C LYS RA 327 -65.87 -65.17 -32.94
N GLU RA 328 -66.18 -64.63 -34.11
CA GLU RA 328 -65.88 -63.26 -34.44
C GLU RA 328 -66.59 -62.30 -33.48
N LEU RA 329 -67.88 -62.52 -33.24
CA LEU RA 329 -68.67 -61.72 -32.32
C LEU RA 329 -68.04 -61.71 -30.92
N LEU RA 330 -67.62 -62.87 -30.42
CA LEU RA 330 -66.95 -62.95 -29.13
C LEU RA 330 -65.64 -62.15 -29.15
N LYS RA 331 -64.77 -62.34 -30.15
CA LYS RA 331 -63.48 -61.64 -30.22
C LYS RA 331 -63.68 -60.13 -30.21
N ILE RA 332 -64.64 -59.64 -30.99
CA ILE RA 332 -64.95 -58.22 -31.03
C ILE RA 332 -65.48 -57.75 -29.67
N LEU RA 333 -66.38 -58.50 -29.04
CA LEU RA 333 -66.92 -58.11 -27.74
C LEU RA 333 -65.82 -58.05 -26.67
N ALA RA 334 -64.91 -59.01 -26.69
CA ALA RA 334 -63.75 -59.05 -25.79
C ALA RA 334 -62.79 -57.89 -26.04
N GLU RA 335 -62.48 -57.58 -27.31
CA GLU RA 335 -61.71 -56.37 -27.64
C GLU RA 335 -62.45 -55.10 -27.19
N GLY RA 336 -63.79 -55.11 -27.23
CA GLY RA 336 -64.65 -54.04 -26.73
C GLY RA 336 -64.59 -53.81 -25.22
N GLY RA 337 -63.86 -54.64 -24.46
CA GLY RA 337 -63.63 -54.44 -23.03
C GLY RA 337 -64.85 -54.68 -22.14
N ALA RA 338 -65.86 -55.41 -22.64
CA ALA RA 338 -67.07 -55.76 -21.88
C ALA RA 338 -66.75 -56.68 -20.67
N THR RA 339 -67.64 -56.70 -19.67
CA THR RA 339 -67.48 -57.56 -18.50
C THR RA 339 -67.62 -59.05 -18.88
N PRO RA 340 -67.01 -59.96 -18.10
CA PRO RA 340 -67.21 -61.39 -18.24
C PRO RA 340 -68.68 -61.81 -18.37
N GLU RA 341 -69.60 -61.11 -17.69
CA GLU RA 341 -71.02 -61.42 -17.74
C GLU RA 341 -71.60 -61.36 -19.15
N GLN RA 342 -71.21 -60.35 -19.93
CA GLN RA 342 -71.70 -60.25 -21.31
C GLN RA 342 -71.14 -61.40 -22.14
N LEU RA 343 -69.86 -61.71 -21.98
CA LEU RA 343 -69.25 -62.84 -22.66
C LEU RA 343 -69.92 -64.16 -22.28
N GLU RA 344 -70.28 -64.35 -21.01
CA GLU RA 344 -71.05 -65.52 -20.60
C GLU RA 344 -72.40 -65.56 -21.33
N ARG RA 345 -73.18 -64.48 -21.22
CA ARG RA 345 -74.52 -64.40 -21.82
C ARG RA 345 -74.47 -64.72 -23.31
N VAL RA 346 -73.56 -64.07 -24.02
CA VAL RA 346 -73.36 -64.30 -25.45
C VAL RA 346 -72.86 -65.72 -25.71
N THR RA 347 -71.89 -66.23 -24.95
CA THR RA 347 -71.37 -67.57 -25.17
C THR RA 347 -72.48 -68.59 -25.02
N LYS RA 348 -73.28 -68.48 -23.96
CA LYS RA 348 -74.43 -69.35 -23.72
C LYS RA 348 -75.39 -69.24 -24.88
N HIS RA 349 -75.83 -68.03 -25.20
CA HIS RA 349 -76.77 -67.84 -26.31
C HIS RA 349 -76.23 -68.43 -27.60
N ALA RA 350 -74.95 -68.24 -27.90
CA ALA RA 350 -74.34 -68.76 -29.11
C ALA RA 350 -74.34 -70.28 -29.09
N LEU RA 351 -73.96 -70.89 -27.99
CA LEU RA 351 -74.05 -72.35 -27.86
C LEU RA 351 -75.50 -72.80 -28.07
N GLU RA 352 -76.47 -72.10 -27.48
CA GLU RA 352 -77.88 -72.44 -27.64
C GLU RA 352 -78.30 -72.35 -29.10
N VAL RA 353 -77.89 -71.29 -29.80
CA VAL RA 353 -78.11 -71.17 -31.24
C VAL RA 353 -77.46 -72.33 -31.96
N LEU RA 354 -76.19 -72.61 -31.71
CA LEU RA 354 -75.50 -73.72 -32.38
C LEU RA 354 -76.24 -75.03 -32.11
N LYS RA 355 -76.75 -75.22 -30.89
CA LYS RA 355 -77.53 -76.40 -30.53
C LYS RA 355 -78.82 -76.45 -31.34
N GLU RA 356 -79.56 -75.35 -31.43
CA GLU RA 356 -80.75 -75.30 -32.28
C GLU RA 356 -80.38 -75.61 -33.73
N VAL RA 357 -79.28 -75.04 -34.22
CA VAL RA 357 -78.79 -75.28 -35.57
C VAL RA 357 -78.46 -76.75 -35.74
N ALA RA 358 -77.84 -77.39 -34.77
CA ALA RA 358 -77.62 -78.83 -34.82
C ALA RA 358 -78.95 -79.56 -34.87
N LYS RA 359 -79.88 -79.23 -33.99
CA LYS RA 359 -81.20 -79.89 -33.89
C LYS RA 359 -81.97 -79.80 -35.19
N GLU RA 360 -81.82 -78.71 -35.94
CA GLU RA 360 -82.37 -78.62 -37.29
C GLU RA 360 -81.55 -79.41 -38.31
N LEU RA 361 -80.24 -79.14 -38.40
CA LEU RA 361 -79.44 -79.58 -39.54
C LEU RA 361 -79.00 -81.04 -39.42
N ALA RA 362 -78.59 -81.48 -38.23
CA ALA RA 362 -77.91 -82.76 -38.06
C ALA RA 362 -78.87 -83.95 -38.20
N ASP RA 363 -78.40 -84.98 -38.90
CA ASP RA 363 -79.17 -86.16 -39.36
C ASP RA 363 -78.35 -87.47 -39.41
N SER RA 364 -77.04 -87.42 -39.16
CA SER RA 364 -76.13 -88.57 -39.18
C SER RA 364 -74.98 -88.43 -38.17
N PRO RA 365 -74.30 -89.53 -37.77
CA PRO RA 365 -73.11 -89.47 -36.94
C PRO RA 365 -72.06 -88.47 -37.42
N GLU RA 366 -71.81 -88.38 -38.72
CA GLU RA 366 -70.87 -87.42 -39.31
C GLU RA 366 -71.29 -85.99 -39.02
N SER RA 367 -72.57 -85.67 -39.19
CA SER RA 367 -73.09 -84.34 -38.85
C SER RA 367 -72.99 -84.10 -37.33
N GLY RA 368 -73.15 -85.14 -36.52
CA GLY RA 368 -72.88 -85.08 -35.09
C GLY RA 368 -71.43 -84.70 -34.82
N LEU RA 369 -70.48 -85.39 -35.46
CA LEU RA 369 -69.06 -85.09 -35.31
C LEU RA 369 -68.78 -83.63 -35.64
N ALA RA 370 -69.28 -83.16 -36.77
CA ALA RA 370 -69.12 -81.77 -37.16
C ALA RA 370 -69.70 -80.83 -36.10
N ALA RA 371 -70.91 -81.09 -35.64
CA ALA RA 371 -71.57 -80.25 -34.64
C ALA RA 371 -70.76 -80.24 -33.35
N LEU RA 372 -70.34 -81.40 -32.88
CA LEU RA 372 -69.49 -81.52 -31.70
C LEU RA 372 -68.23 -80.69 -31.90
N ALA RA 373 -67.53 -80.88 -33.01
CA ALA RA 373 -66.29 -80.19 -33.28
C ALA RA 373 -66.50 -78.68 -33.21
N ALA RA 374 -67.56 -78.19 -33.84
CA ALA RA 374 -67.90 -76.78 -33.84
C ALA RA 374 -68.22 -76.30 -32.43
N ILE RA 375 -69.16 -76.94 -31.74
CA ILE RA 375 -69.55 -76.60 -30.37
C ILE RA 375 -68.29 -76.50 -29.51
N ALA RA 376 -67.47 -77.55 -29.54
CA ALA RA 376 -66.24 -77.60 -28.78
C ALA RA 376 -65.33 -76.45 -29.15
N SER RA 377 -65.12 -76.19 -30.43
CA SER RA 377 -64.23 -75.11 -30.83
C SER RA 377 -64.74 -73.77 -30.30
N LEU RA 378 -66.05 -73.54 -30.36
CA LEU RA 378 -66.65 -72.30 -29.85
C LEU RA 378 -66.42 -72.22 -28.35
N ALA RA 379 -66.72 -73.30 -27.64
CA ALA RA 379 -66.49 -73.35 -26.21
C ALA RA 379 -65.02 -73.06 -25.88
N LYS RA 380 -64.10 -73.64 -26.65
CA LYS RA 380 -62.66 -73.48 -26.46
C LYS RA 380 -62.27 -72.02 -26.59
N LEU RA 381 -62.63 -71.38 -27.70
CA LEU RA 381 -62.29 -69.97 -27.87
C LEU RA 381 -62.98 -69.12 -26.82
N GLY RA 382 -64.25 -69.41 -26.50
CA GLY RA 382 -65.04 -68.64 -25.55
C GLY RA 382 -64.38 -68.66 -24.17
N LEU RA 383 -64.06 -69.85 -23.67
CA LEU RA 383 -63.34 -70.02 -22.42
C LEU RA 383 -61.97 -69.33 -22.50
N GLU RA 384 -61.29 -69.41 -23.64
CA GLU RA 384 -60.02 -68.71 -23.84
C GLU RA 384 -60.17 -67.18 -23.70
N GLN RA 385 -61.32 -66.60 -24.06
CA GLN RA 385 -61.54 -65.16 -23.82
C GLN RA 385 -61.60 -64.87 -22.33
N LEU RA 386 -62.40 -65.63 -21.57
CA LEU RA 386 -62.51 -65.45 -20.12
C LEU RA 386 -61.15 -65.66 -19.44
N LYS RA 387 -60.38 -66.65 -19.90
CA LYS RA 387 -59.03 -66.93 -19.40
C LYS RA 387 -58.07 -65.77 -19.69
N GLU RA 388 -58.06 -65.25 -20.90
CA GLU RA 388 -57.23 -64.09 -21.27
C GLU RA 388 -57.61 -62.84 -20.45
N ILE RA 389 -58.91 -62.64 -20.21
CA ILE RA 389 -59.42 -61.56 -19.35
C ILE RA 389 -59.05 -61.78 -17.87
N GLY RA 390 -58.70 -63.00 -17.48
CA GLY RA 390 -58.43 -63.34 -16.08
C GLY RA 390 -59.69 -63.35 -15.21
N ALA RA 391 -60.85 -63.67 -15.80
CA ALA RA 391 -62.13 -63.76 -15.10
C ALA RA 391 -62.06 -64.80 -13.95
N PRO RA 392 -62.83 -64.65 -12.86
CA PRO RA 392 -62.68 -65.48 -11.68
C PRO RA 392 -62.99 -66.94 -11.99
N PRO RA 393 -62.35 -67.90 -11.31
CA PRO RA 393 -62.53 -69.33 -11.55
C PRO RA 393 -63.99 -69.77 -11.58
N GLU RA 394 -64.87 -69.19 -10.75
CA GLU RA 394 -66.29 -69.52 -10.78
C GLU RA 394 -66.92 -69.26 -12.14
N GLN RA 395 -66.62 -68.12 -12.79
CA GLN RA 395 -67.10 -67.85 -14.14
C GLN RA 395 -66.54 -68.88 -15.13
N GLN RA 396 -65.26 -69.21 -15.03
CA GLN RA 396 -64.64 -70.23 -15.88
C GLN RA 396 -65.34 -71.58 -15.72
N ARG RA 397 -65.60 -71.99 -14.48
CA ARG RA 397 -66.33 -73.23 -14.16
C ARG RA 397 -67.74 -73.17 -14.71
N ARG RA 398 -68.51 -72.12 -14.43
CA ARG RA 398 -69.88 -71.94 -14.93
C ARG RA 398 -69.93 -72.11 -16.45
N VAL RA 399 -69.07 -71.39 -17.16
CA VAL RA 399 -68.97 -71.50 -18.63
C VAL RA 399 -68.60 -72.93 -19.04
N THR RA 400 -67.61 -73.52 -18.38
CA THR RA 400 -67.16 -74.87 -18.74
C THR RA 400 -68.28 -75.89 -18.57
N LYS RA 401 -68.97 -75.84 -17.44
CA LYS RA 401 -70.13 -76.70 -17.14
C LYS RA 401 -71.21 -76.49 -18.18
N ALA RA 402 -71.57 -75.25 -18.49
CA ALA RA 402 -72.53 -74.99 -19.55
C ALA RA 402 -72.07 -75.61 -20.87
N GLY RA 403 -70.79 -75.50 -21.20
CA GLY RA 403 -70.21 -76.11 -22.39
C GLY RA 403 -70.37 -77.62 -22.36
N ILE RA 404 -70.02 -78.26 -21.26
CA ILE RA 404 -70.20 -79.69 -21.08
C ILE RA 404 -71.67 -80.05 -21.24
N GLU RA 405 -72.59 -79.30 -20.63
CA GLU RA 405 -74.02 -79.56 -20.73
C GLU RA 405 -74.51 -79.43 -22.17
N ALA RA 406 -74.04 -78.43 -22.91
CA ALA RA 406 -74.37 -78.32 -24.32
C ALA RA 406 -73.89 -79.56 -25.06
N VAL RA 407 -72.63 -79.95 -24.85
CA VAL RA 407 -72.08 -81.16 -25.47
C VAL RA 407 -72.89 -82.39 -25.07
N ARG RA 408 -73.34 -82.48 -23.83
CA ARG RA 408 -74.20 -83.56 -23.36
C ARG RA 408 -75.49 -83.57 -24.15
N GLU RA 409 -76.15 -82.43 -24.33
CA GLU RA 409 -77.35 -82.36 -25.14
C GLU RA 409 -77.09 -82.73 -26.59
N ILE RA 410 -75.95 -82.30 -27.13
CA ILE RA 410 -75.54 -82.70 -28.47
C ILE RA 410 -75.37 -84.21 -28.53
N TYR RA 411 -74.75 -84.82 -27.51
CA TYR RA 411 -74.67 -86.28 -27.43
C TYR RA 411 -76.06 -86.91 -27.32
N ARG RA 412 -76.97 -86.34 -26.52
CA ARG RA 412 -78.32 -86.89 -26.40
C ARG RA 412 -79.02 -86.90 -27.76
N TYR RA 413 -78.89 -85.85 -28.56
CA TYR RA 413 -79.40 -85.90 -29.93
C TYR RA 413 -78.60 -86.88 -30.79
N GLY RA 414 -77.27 -86.90 -30.64
CA GLY RA 414 -76.38 -87.83 -31.34
C GLY RA 414 -76.74 -89.30 -31.11
N ARG RA 415 -77.19 -89.65 -29.91
CA ARG RA 415 -77.68 -91.00 -29.58
C ARG RA 415 -78.99 -91.35 -30.30
N LYS RA 416 -79.78 -90.36 -30.73
CA LYS RA 416 -80.92 -90.57 -31.64
C LYS RA 416 -80.50 -90.66 -33.10
N LEU RA 417 -79.44 -89.93 -33.50
CA LEU RA 417 -78.92 -89.96 -34.88
C LEU RA 417 -78.17 -91.26 -35.23
N TYR RA 418 -77.50 -91.89 -34.26
CA TYR RA 418 -76.68 -93.10 -34.46
C TYR RA 418 -77.48 -94.40 -34.19
N ASP SA 3 -59.02 63.22 45.41
CA ASP SA 3 -60.15 64.05 45.91
C ASP SA 3 -59.84 64.86 47.17
N ASP SA 4 -58.89 64.45 48.01
CA ASP SA 4 -58.68 64.96 49.37
C ASP SA 4 -58.59 66.48 49.45
N LEU SA 5 -57.98 67.11 48.44
CA LEU SA 5 -57.88 68.56 48.31
C LEU SA 5 -59.24 69.25 48.49
N LEU SA 6 -60.31 68.69 47.93
CA LEU SA 6 -61.64 69.27 48.09
C LEU SA 6 -62.04 69.29 49.55
N LEU SA 7 -61.89 68.16 50.23
CA LEU SA 7 -62.20 68.07 51.65
C LEU SA 7 -61.35 69.08 52.42
N LYS SA 8 -60.05 69.13 52.12
CA LYS SA 8 -59.14 70.03 52.81
C LYS SA 8 -59.53 71.49 52.58
N LEU SA 9 -59.86 71.89 51.36
CA LEU SA 9 -60.26 73.27 51.12
C LEU SA 9 -61.58 73.57 51.83
N LEU SA 10 -62.48 72.59 51.90
CA LEU SA 10 -63.70 72.76 52.68
C LEU SA 10 -63.35 72.91 54.16
N GLU SA 11 -62.40 72.16 54.71
CA GLU SA 11 -61.94 72.38 56.08
C GLU SA 11 -61.44 73.81 56.24
N LEU SA 12 -60.66 74.32 55.29
CA LEU SA 12 -60.18 75.69 55.37
C LEU SA 12 -61.36 76.65 55.38
N LEU SA 13 -62.32 76.45 54.49
CA LEU SA 13 -63.51 77.27 54.47
C LEU SA 13 -64.25 77.18 55.80
N VAL SA 14 -64.39 75.99 56.38
CA VAL SA 14 -65.09 75.84 57.66
C VAL SA 14 -64.33 76.59 58.74
N GLU SA 15 -63.03 76.38 58.82
CA GLU SA 15 -62.23 77.00 59.87
C GLU SA 15 -62.29 78.52 59.71
N GLN SA 16 -62.17 79.01 58.48
CA GLN SA 16 -62.30 80.43 58.19
C GLN SA 16 -63.68 80.91 58.59
N ALA SA 17 -64.73 80.16 58.27
CA ALA SA 17 -66.07 80.51 58.68
C ALA SA 17 -66.16 80.62 60.19
N ARG SA 18 -65.55 79.68 60.94
CA ARG SA 18 -65.54 79.78 62.40
C ARG SA 18 -64.83 81.04 62.84
N VAL SA 19 -63.61 81.26 62.39
CA VAL SA 19 -62.79 82.37 62.86
C VAL SA 19 -63.43 83.71 62.51
N SER SA 20 -63.89 83.85 61.26
CA SER SA 20 -64.63 85.02 60.85
C SER SA 20 -65.93 85.18 61.64
N ALA SA 21 -66.64 84.10 61.97
CA ALA SA 21 -67.85 84.20 62.79
C ALA SA 21 -67.53 84.61 64.24
N GLU SA 22 -66.45 84.11 64.83
CA GLU SA 22 -66.01 84.56 66.15
C GLU SA 22 -65.65 86.05 66.11
N PHE SA 23 -64.93 86.48 65.07
CA PHE SA 23 -64.68 87.90 64.83
C PHE SA 23 -65.97 88.68 64.70
N ALA SA 24 -66.92 88.21 63.89
CA ALA SA 24 -68.19 88.90 63.70
C ALA SA 24 -69.00 88.96 65.01
N ARG SA 25 -68.92 87.93 65.86
CA ARG SA 25 -69.49 87.96 67.21
C ARG SA 25 -68.82 88.97 68.13
N ARG SA 26 -67.51 89.19 67.99
CA ARG SA 26 -66.83 90.30 68.69
C ARG SA 26 -67.26 91.67 68.14
N GLN SA 27 -67.45 91.81 66.83
CA GLN SA 27 -67.90 93.06 66.21
C GLN SA 27 -69.41 93.35 66.36
N GLY SA 28 -70.23 92.32 66.60
CA GLY SA 28 -71.69 92.41 66.48
C GLY SA 28 -72.19 92.52 65.03
N ASP SA 29 -71.41 92.04 64.05
CA ASP SA 29 -71.72 92.21 62.62
C ASP SA 29 -72.69 91.14 62.10
N GLU SA 30 -73.99 91.42 62.26
CA GLU SA 30 -75.05 90.53 61.78
C GLU SA 30 -74.99 90.31 60.26
N LYS SA 31 -74.49 91.28 59.48
CA LYS SA 31 -74.39 91.14 58.03
C LYS SA 31 -73.29 90.14 57.68
N MET SA 32 -72.14 90.22 58.34
CA MET SA 32 -71.12 89.20 58.17
C MET SA 32 -71.64 87.85 58.65
N LEU SA 33 -72.32 87.78 59.80
CA LEU SA 33 -72.89 86.52 60.29
C LEU SA 33 -73.83 85.90 59.26
N GLU SA 34 -74.73 86.69 58.68
CA GLU SA 34 -75.59 86.24 57.60
C GLU SA 34 -74.77 85.69 56.42
N GLU SA 35 -73.79 86.46 55.94
CA GLU SA 35 -72.99 86.06 54.80
C GLU SA 35 -72.20 84.77 55.07
N VAL SA 36 -71.52 84.67 56.21
CA VAL SA 36 -70.77 83.46 56.53
C VAL SA 36 -71.71 82.31 56.82
N ALA SA 37 -72.92 82.55 57.36
CA ALA SA 37 -73.89 81.48 57.52
C ALA SA 37 -74.31 80.92 56.15
N ARG SA 38 -74.61 81.79 55.18
CA ARG SA 38 -74.88 81.33 53.80
C ARG SA 38 -73.70 80.53 53.29
N LYS SA 39 -72.49 81.05 53.46
CA LYS SA 39 -71.27 80.35 53.05
C LYS SA 39 -71.16 78.99 53.73
N ALA SA 40 -71.45 78.91 55.02
CA ALA SA 40 -71.36 77.68 55.78
C ALA SA 40 -72.41 76.67 55.33
N GLU SA 41 -73.62 77.11 55.01
CA GLU SA 41 -74.61 76.22 54.42
C GLU SA 41 -74.12 75.70 53.07
N GLU SA 42 -73.59 76.57 52.20
CA GLU SA 42 -73.09 76.15 50.90
C GLU SA 42 -71.90 75.20 51.02
N VAL SA 43 -70.98 75.47 51.93
CA VAL SA 43 -69.88 74.57 52.27
C VAL SA 43 -70.45 73.23 52.70
N ALA SA 44 -71.43 73.22 53.58
CA ALA SA 44 -72.07 71.98 54.00
C ALA SA 44 -72.72 71.27 52.82
N ARG SA 45 -73.34 72.01 51.89
CA ARG SA 45 -73.93 71.43 50.68
C ARG SA 45 -72.85 70.75 49.84
N LYS SA 46 -71.73 71.43 49.60
CA LYS SA 46 -70.58 70.84 48.87
C LYS SA 46 -70.12 69.56 49.57
N ALA SA 47 -69.93 69.63 50.88
CA ALA SA 47 -69.51 68.47 51.66
C ALA SA 47 -70.53 67.32 51.58
N GLU SA 48 -71.82 67.61 51.69
CA GLU SA 48 -72.88 66.60 51.63
C GLU SA 48 -72.88 65.88 50.28
N GLU SA 49 -72.75 66.61 49.17
CA GLU SA 49 -72.64 65.98 47.86
C GLU SA 49 -71.40 65.10 47.76
N ILE SA 50 -70.24 65.61 48.19
CA ILE SA 50 -69.00 64.83 48.16
C ILE SA 50 -69.13 63.61 49.06
N ALA SA 51 -69.76 63.73 50.23
CA ALA SA 51 -69.97 62.62 51.14
C ALA SA 51 -70.79 61.51 50.47
N ARG SA 52 -71.89 61.85 49.79
CA ARG SA 52 -72.69 60.85 49.07
C ARG SA 52 -71.91 60.25 47.90
N LYS SA 53 -71.07 61.03 47.22
CA LYS SA 53 -70.14 60.52 46.20
C LYS SA 53 -69.19 59.47 46.80
N ALA SA 54 -68.54 59.79 47.91
CA ALA SA 54 -67.69 58.85 48.63
C ALA SA 54 -68.47 57.60 49.08
N ARG SA 55 -69.71 57.75 49.56
CA ARG SA 55 -70.56 56.63 49.97
C ARG SA 55 -70.83 55.69 48.81
N LYS SA 56 -71.09 56.22 47.61
CA LYS SA 56 -71.23 55.40 46.40
C LYS SA 56 -69.94 54.65 46.06
N GLU SA 57 -68.79 55.33 46.13
CA GLU SA 57 -67.50 54.72 45.76
C GLU SA 57 -66.91 53.80 46.84
N GLY SA 58 -67.37 53.89 48.09
CA GLY SA 58 -67.02 52.98 49.17
C GLY SA 58 -65.70 53.26 49.90
N ASN SA 59 -65.11 54.46 49.77
CA ASN SA 59 -63.97 54.86 50.60
C ASN SA 59 -64.45 55.40 51.96
N LEU SA 60 -64.38 54.57 53.00
CA LEU SA 60 -64.86 54.94 54.34
C LEU SA 60 -64.12 56.16 54.88
N GLU SA 61 -62.81 56.25 54.71
CA GLU SA 61 -62.03 57.34 55.28
C GLU SA 61 -62.51 58.69 54.74
N LEU SA 62 -62.66 58.81 53.43
CA LEU SA 62 -63.16 60.03 52.83
C LEU SA 62 -64.55 60.35 53.33
N ALA SA 63 -65.45 59.35 53.37
CA ALA SA 63 -66.81 59.57 53.83
C ALA SA 63 -66.80 60.07 55.28
N LEU SA 64 -66.03 59.42 56.15
CA LEU SA 64 -65.90 59.81 57.53
C LEU SA 64 -65.35 61.22 57.66
N LYS SA 65 -64.30 61.55 56.91
CA LYS SA 65 -63.75 62.90 56.92
C LYS SA 65 -64.81 63.90 56.48
N ALA SA 66 -65.55 63.60 55.43
CA ALA SA 66 -66.61 64.45 54.96
C ALA SA 66 -67.69 64.62 56.04
N LEU SA 67 -68.03 63.54 56.73
CA LEU SA 67 -68.93 63.62 57.87
C LEU SA 67 -68.33 64.53 58.95
N GLU SA 68 -67.05 64.43 59.27
CA GLU SA 68 -66.47 65.33 60.26
C GLU SA 68 -66.57 66.77 59.79
N ILE SA 69 -66.27 67.04 58.53
CA ILE SA 69 -66.45 68.37 57.96
C ILE SA 69 -67.89 68.81 58.16
N LEU SA 70 -68.86 67.94 57.89
CA LEU SA 70 -70.25 68.25 58.11
C LEU SA 70 -70.51 68.53 59.59
N VAL SA 71 -69.91 67.78 60.50
CA VAL SA 71 -70.06 68.01 61.94
C VAL SA 71 -69.53 69.37 62.30
N ARG SA 72 -68.33 69.72 61.85
CA ARG SA 72 -67.76 71.04 62.16
C ARG SA 72 -68.62 72.13 61.54
N ALA SA 73 -69.06 71.96 60.30
CA ALA SA 73 -69.91 72.93 59.63
C ALA SA 73 -71.23 73.11 60.38
N ALA SA 74 -71.82 72.00 60.81
CA ALA SA 74 -73.00 72.04 61.64
C ALA SA 74 -72.70 72.79 62.94
N HIS SA 75 -71.55 72.55 63.57
CA HIS SA 75 -71.20 73.24 64.81
C HIS SA 75 -71.21 74.75 64.59
N VAL SA 76 -70.56 75.22 63.53
CA VAL SA 76 -70.56 76.64 63.20
C VAL SA 76 -71.99 77.12 62.96
N LEU SA 77 -72.78 76.38 62.17
CA LEU SA 77 -74.14 76.78 61.88
C LEU SA 77 -74.96 76.88 63.16
N ALA SA 78 -74.80 75.92 64.06
CA ALA SA 78 -75.49 75.89 65.34
C ALA SA 78 -75.03 77.03 66.25
N GLU SA 79 -73.74 77.33 66.31
CA GLU SA 79 -73.22 78.45 67.09
C GLU SA 79 -73.88 79.76 66.67
N ILE SA 80 -73.99 79.99 65.36
CA ILE SA 80 -74.65 81.18 64.81
C ILE SA 80 -76.15 81.12 65.11
N ALA SA 81 -76.81 80.02 64.74
CA ALA SA 81 -78.25 79.90 64.83
C ALA SA 81 -78.78 79.94 66.28
N ARG SA 82 -77.96 79.55 67.27
CA ARG SA 82 -78.28 79.63 68.70
C ARG SA 82 -78.42 81.09 69.13
N GLU SA 83 -77.37 81.89 68.95
CA GLU SA 83 -77.39 83.30 69.35
C GLU SA 83 -78.37 84.11 68.52
N ARG SA 84 -78.50 83.79 67.23
CA ARG SA 84 -79.48 84.41 66.32
C ARG SA 84 -80.92 83.97 66.61
N GLY SA 85 -81.14 82.88 67.34
CA GLY SA 85 -82.46 82.31 67.59
C GLY SA 85 -83.15 81.76 66.33
N ASN SA 86 -82.39 81.42 65.28
CA ASN SA 86 -82.94 80.98 64.00
C ASN SA 86 -83.35 79.49 64.06
N GLU SA 87 -84.65 79.24 64.25
CA GLU SA 87 -85.18 77.88 64.35
C GLU SA 87 -84.91 77.04 63.11
N GLU SA 88 -85.01 77.58 61.90
CA GLU SA 88 -84.89 76.77 60.70
C GLU SA 88 -83.47 76.26 60.49
N LEU SA 89 -82.47 77.09 60.79
CA LEU SA 89 -81.09 76.63 60.87
C LEU SA 89 -80.90 75.62 62.00
N GLN SA 90 -81.48 75.84 63.18
CA GLN SA 90 -81.38 74.86 64.29
C GLN SA 90 -81.97 73.50 63.89
N LYS SA 91 -83.14 73.50 63.26
CA LYS SA 91 -83.83 72.31 62.74
C LYS SA 91 -82.98 71.63 61.68
N LYS SA 92 -82.49 72.38 60.69
CA LYS SA 92 -81.58 71.87 59.66
C LYS SA 92 -80.38 71.19 60.30
N ALA SA 93 -79.68 71.87 61.20
CA ALA SA 93 -78.51 71.32 61.87
C ALA SA 93 -78.85 70.03 62.63
N HIS SA 94 -79.92 70.01 63.43
CA HIS SA 94 -80.27 68.80 64.18
C HIS SA 94 -80.58 67.63 63.24
N LYS SA 95 -81.41 67.86 62.22
CA LYS SA 95 -81.76 66.82 61.24
C LYS SA 95 -80.53 66.34 60.47
N LEU SA 96 -79.68 67.26 60.01
CA LEU SA 96 -78.43 66.91 59.36
C LEU SA 96 -77.54 66.08 60.29
N ALA SA 97 -77.44 66.45 61.56
CA ALA SA 97 -76.67 65.68 62.54
C ALA SA 97 -77.27 64.28 62.74
N LYS SA 98 -78.59 64.15 62.77
CA LYS SA 98 -79.23 62.83 62.87
C LYS SA 98 -78.96 62.00 61.62
N GLU SA 99 -79.00 62.60 60.43
CA GLU SA 99 -78.62 61.93 59.20
C GLU SA 99 -77.15 61.52 59.22
N ALA SA 100 -76.27 62.37 59.74
CA ALA SA 100 -74.88 62.02 59.93
C ALA SA 100 -74.77 60.84 60.90
N LEU SA 101 -75.53 60.85 61.99
CA LEU SA 101 -75.54 59.74 62.93
C LEU SA 101 -75.96 58.44 62.22
N ARG SA 102 -77.01 58.49 61.42
CA ARG SA 102 -77.41 57.34 60.62
C ARG SA 102 -76.26 56.89 59.73
N GLN SA 103 -75.66 57.80 58.98
CA GLN SA 103 -74.58 57.45 58.07
C GLN SA 103 -73.39 56.87 58.82
N VAL SA 104 -72.99 57.45 59.95
CA VAL SA 104 -71.85 56.92 60.70
C VAL SA 104 -72.18 55.55 61.28
N ILE SA 105 -73.41 55.34 61.74
CA ILE SA 105 -73.85 54.04 62.21
C ILE SA 105 -73.77 53.04 61.08
N GLU SA 106 -74.27 53.39 59.90
CA GLU SA 106 -74.20 52.51 58.73
C GLU SA 106 -72.75 52.21 58.38
N ILE SA 107 -71.88 53.22 58.41
CA ILE SA 107 -70.46 53.02 58.19
C ILE SA 107 -69.90 52.10 59.26
N ALA SA 108 -70.30 52.24 60.53
CA ALA SA 108 -69.81 51.40 61.60
C ALA SA 108 -70.24 49.94 61.39
N ILE SA 109 -71.49 49.74 61.00
CA ILE SA 109 -71.97 48.41 60.62
C ILE SA 109 -71.14 47.89 59.44
N ARG SA 110 -70.89 48.70 58.41
CA ARG SA 110 -70.07 48.28 57.27
C ARG SA 110 -68.66 47.91 57.70
N ALA SA 111 -68.04 48.72 58.54
CA ALA SA 111 -66.68 48.48 59.01
C ALA SA 111 -66.60 47.17 59.80
N ILE SA 112 -67.60 46.88 60.64
CA ILE SA 112 -67.70 45.60 61.33
C ILE SA 112 -67.87 44.48 60.30
N GLN SA 113 -68.77 44.66 59.32
CA GLN SA 113 -69.06 43.66 58.30
C GLN SA 113 -67.83 43.32 57.45
N GLU SA 114 -67.04 44.33 57.07
CA GLU SA 114 -65.79 44.16 56.32
C GLU SA 114 -64.59 43.86 57.24
N GLY SA 115 -64.75 43.95 58.55
CA GLY SA 115 -63.80 43.51 59.57
C GLY SA 115 -62.63 44.45 59.88
N ASN SA 116 -62.59 45.69 59.36
CA ASN SA 116 -61.55 46.66 59.75
C ASN SA 116 -61.95 47.39 61.04
N LEU SA 117 -61.45 46.87 62.17
CA LEU SA 117 -61.79 47.40 63.49
C LEU SA 117 -61.25 48.82 63.69
N GLU SA 118 -60.15 49.19 63.06
CA GLU SA 118 -59.61 50.55 63.18
C GLU SA 118 -60.55 51.57 62.53
N LEU SA 119 -61.04 51.30 61.32
CA LEU SA 119 -62.04 52.18 60.71
C LEU SA 119 -63.29 52.24 61.59
N ALA SA 120 -63.74 51.11 62.14
CA ALA SA 120 -64.87 51.11 63.06
C ALA SA 120 -64.61 52.02 64.27
N ILE SA 121 -63.42 51.92 64.87
CA ILE SA 121 -63.03 52.77 65.98
C ILE SA 121 -63.06 54.24 65.55
N ILE SA 122 -62.49 54.57 64.39
CA ILE SA 122 -62.43 55.95 63.91
C ILE SA 122 -63.84 56.49 63.70
N ALA SA 123 -64.67 55.70 63.06
CA ALA SA 123 -66.08 56.04 62.88
C ALA SA 123 -66.73 56.27 64.24
N LEU SA 124 -66.47 55.39 65.20
CA LEU SA 124 -67.07 55.48 66.51
C LEU SA 124 -66.57 56.74 67.22
N HIS SA 125 -65.30 57.11 67.06
CA HIS SA 125 -64.79 58.39 67.53
C HIS SA 125 -65.54 59.56 66.89
N ILE SA 126 -65.74 59.52 65.58
CA ILE SA 126 -66.52 60.56 64.91
C ILE SA 126 -67.95 60.56 65.45
N SER SA 127 -68.50 59.40 65.80
CA SER SA 127 -69.81 59.37 66.44
C SER SA 127 -69.78 60.09 67.77
N VAL SA 128 -68.68 60.04 68.52
CA VAL SA 128 -68.57 60.87 69.72
C VAL SA 128 -68.60 62.34 69.33
N ARG SA 129 -67.92 62.75 68.26
CA ARG SA 129 -68.01 64.15 67.81
C ARG SA 129 -69.44 64.52 67.44
N ILE SA 130 -70.15 63.61 66.77
CA ILE SA 130 -71.56 63.79 66.48
C ILE SA 130 -72.32 63.94 67.79
N ALA SA 131 -72.05 63.09 68.78
CA ALA SA 131 -72.68 63.19 70.07
C ALA SA 131 -72.40 64.54 70.73
N GLU SA 132 -71.18 65.05 70.70
CA GLU SA 132 -70.86 66.36 71.27
C GLU SA 132 -71.69 67.46 70.60
N VAL SA 133 -71.75 67.47 69.27
CA VAL SA 133 -72.54 68.49 68.57
C VAL SA 133 -74.02 68.31 68.86
N LEU SA 134 -74.52 67.07 68.86
CA LEU SA 134 -75.89 66.80 69.24
C LEU SA 134 -76.17 67.30 70.65
N LEU SA 135 -75.27 67.05 71.60
CA LEU SA 135 -75.42 67.46 72.98
C LEU SA 135 -75.48 68.99 73.06
N GLU SA 136 -74.61 69.67 72.34
CA GLU SA 136 -74.67 71.13 72.29
C GLU SA 136 -75.90 71.63 71.54
N THR SA 137 -76.53 70.80 70.71
CA THR SA 137 -77.77 71.13 70.00
C THR SA 137 -79.01 70.98 70.87
N ARG SA 138 -79.13 69.87 71.61
CA ARG SA 138 -80.35 69.46 72.34
C ARG SA 138 -80.09 69.21 73.83
N PRO SA 139 -80.35 70.18 74.73
CA PRO SA 139 -80.29 69.96 76.18
C PRO SA 139 -81.53 69.22 76.73
N ASP SA 140 -82.61 69.15 75.95
CA ASP SA 140 -83.93 68.64 76.33
C ASP SA 140 -84.13 67.15 75.99
N ASP SA 141 -83.82 66.75 74.75
CA ASP SA 141 -84.07 65.39 74.22
C ASP SA 141 -83.02 64.36 74.67
N ARG SA 142 -82.85 64.27 75.98
CA ARG SA 142 -82.04 63.27 76.68
C ARG SA 142 -82.42 61.84 76.29
N GLU SA 143 -83.64 61.62 75.82
CA GLU SA 143 -84.09 60.33 75.34
C GLU SA 143 -83.39 59.96 74.03
N GLU SA 144 -83.39 60.84 73.02
CA GLU SA 144 -82.60 60.62 71.80
C GLU SA 144 -81.13 60.37 72.15
N ILE SA 145 -80.57 61.21 73.02
CA ILE SA 145 -79.18 61.05 73.45
C ILE SA 145 -78.98 59.68 74.09
N ARG SA 146 -79.87 59.26 74.99
CA ARG SA 146 -79.75 57.95 75.61
C ARG SA 146 -79.87 56.84 74.57
N GLU SA 147 -80.75 56.97 73.57
CA GLU SA 147 -80.81 55.98 72.50
C GLU SA 147 -79.47 55.91 71.76
N GLN SA 148 -78.90 57.07 71.42
CA GLN SA 148 -77.60 57.10 70.80
C GLN SA 148 -76.57 56.42 71.71
N GLN SA 149 -76.60 56.69 73.01
CA GLN SA 149 -75.71 56.05 73.96
C GLN SA 149 -75.93 54.54 73.96
N ALA SA 150 -77.17 54.08 73.93
CA ALA SA 150 -77.45 52.66 73.88
C ALA SA 150 -76.82 52.04 72.63
N ILE SA 151 -76.96 52.69 71.48
CA ILE SA 151 -76.37 52.22 70.25
C ILE SA 151 -74.85 52.17 70.40
N PHE SA 152 -74.26 53.24 70.92
CA PHE SA 152 -72.82 53.28 71.16
C PHE SA 152 -72.40 52.14 72.08
N GLU SA 153 -73.12 51.94 73.16
CA GLU SA 153 -72.86 50.90 74.15
C GLU SA 153 -72.90 49.53 73.49
N LEU SA 154 -73.86 49.30 72.61
CA LEU SA 154 -73.90 48.06 71.86
C LEU SA 154 -72.65 47.95 70.98
N LEU SA 155 -72.28 49.02 70.28
CA LEU SA 155 -71.12 48.97 69.39
C LEU SA 155 -69.86 48.65 70.18
N ILE SA 156 -69.61 49.32 71.31
CA ILE SA 156 -68.43 48.99 72.11
C ILE SA 156 -68.52 47.57 72.65
N ALA SA 157 -69.70 47.09 73.03
CA ALA SA 157 -69.81 45.73 73.51
C ALA SA 157 -69.39 44.76 72.41
N ALA SA 158 -69.92 44.97 71.20
CA ALA SA 158 -69.57 44.17 70.04
C ALA SA 158 -68.06 44.28 69.77
N LEU SA 159 -67.52 45.49 69.76
CA LEU SA 159 -66.11 45.67 69.47
C LEU SA 159 -65.22 45.04 70.55
N GLU SA 160 -65.60 45.05 71.83
CA GLU SA 160 -64.79 44.40 72.86
C GLU SA 160 -64.70 42.91 72.59
N ALA SA 161 -65.82 42.27 72.27
CA ALA SA 161 -65.78 40.89 71.82
C ALA SA 161 -64.91 40.76 70.55
N ALA SA 162 -65.09 41.67 69.59
CA ALA SA 162 -64.40 41.59 68.32
C ALA SA 162 -62.89 41.63 68.50
N ILE SA 163 -62.42 42.61 69.25
CA ILE SA 163 -61.00 42.80 69.53
C ILE SA 163 -60.51 41.63 70.39
N ARG SA 164 -61.30 41.14 71.34
CA ARG SA 164 -60.91 39.98 72.14
C ARG SA 164 -60.69 38.76 71.25
N LEU SA 165 -61.62 38.46 70.35
CA LEU SA 165 -61.44 37.33 69.42
C LEU SA 165 -60.27 37.58 68.47
N GLU SA 166 -60.11 38.79 67.94
CA GLU SA 166 -58.97 39.11 67.08
C GLU SA 166 -57.67 38.84 67.81
N LYS SA 167 -57.58 39.21 69.09
CA LYS SA 167 -56.43 38.91 69.94
C LYS SA 167 -56.27 37.41 70.18
N LEU SA 168 -57.33 36.69 70.50
CA LEU SA 168 -57.24 35.24 70.67
C LEU SA 168 -56.73 34.54 69.39
N LYS SA 169 -57.17 35.01 68.22
CA LYS SA 169 -56.68 34.52 66.92
C LYS SA 169 -55.22 34.89 66.70
N GLU SA 170 -54.82 36.13 66.98
CA GLU SA 170 -53.41 36.55 66.90
C GLU SA 170 -52.51 35.72 67.83
N GLU SA 171 -52.97 35.42 69.04
CA GLU SA 171 -52.27 34.58 70.01
C GLU SA 171 -52.32 33.07 69.69
N GLY SA 172 -53.18 32.64 68.76
CA GLY SA 172 -53.33 31.22 68.41
C GLY SA 172 -53.96 30.37 69.52
N ALA SA 173 -54.93 30.91 70.26
CA ALA SA 173 -55.61 30.23 71.37
C ALA SA 173 -56.34 28.93 70.93
N PRO SA 174 -56.57 27.96 71.84
CA PRO SA 174 -57.30 26.74 71.51
C PRO SA 174 -58.76 27.06 71.17
N PRO SA 175 -59.30 26.60 70.03
CA PRO SA 175 -60.62 27.00 69.54
C PRO SA 175 -61.76 26.84 70.56
N GLU SA 176 -61.69 25.85 71.45
CA GLU SA 176 -62.68 25.67 72.51
C GLU SA 176 -62.77 26.89 73.44
N GLN SA 177 -61.63 27.44 73.84
CA GLN SA 177 -61.62 28.67 74.63
C GLN SA 177 -62.25 29.83 73.84
N ILE SA 178 -61.94 29.92 72.55
CA ILE SA 178 -62.51 30.95 71.68
C ILE SA 178 -64.03 30.79 71.62
N GLU SA 179 -64.52 29.57 71.47
CA GLU SA 179 -65.95 29.28 71.45
C GLU SA 179 -66.63 29.66 72.77
N ARG SA 180 -66.02 29.36 73.92
CA ARG SA 180 -66.56 29.80 75.22
C ARG SA 180 -66.64 31.32 75.30
N VAL SA 181 -65.62 32.02 74.83
CA VAL SA 181 -65.64 33.48 74.78
C VAL SA 181 -66.72 33.97 73.81
N ALA SA 182 -66.87 33.35 72.64
CA ALA SA 182 -67.86 33.77 71.66
C ALA SA 182 -69.28 33.63 72.23
N GLU SA 183 -69.59 32.51 72.87
CA GLU SA 183 -70.85 32.35 73.58
C GLU SA 183 -71.01 33.43 74.63
N HIS SA 184 -70.01 33.65 75.49
CA HIS SA 184 -70.12 34.67 76.52
C HIS SA 184 -70.42 36.05 75.92
N GLY SA 185 -69.76 36.38 74.81
CA GLY SA 185 -70.01 37.61 74.07
C GLY SA 185 -71.44 37.66 73.56
N LEU SA 186 -71.89 36.63 72.84
CA LEU SA 186 -73.24 36.61 72.29
C LEU SA 186 -74.29 36.66 73.41
N GLU SA 187 -74.12 35.92 74.50
CA GLU SA 187 -75.04 35.99 75.64
C GLU SA 187 -75.08 37.39 76.22
N ARG SA 188 -73.92 38.00 76.47
CA ARG SA 188 -73.85 39.37 76.95
C ARG SA 188 -74.56 40.31 75.98
N LEU SA 189 -74.32 40.15 74.69
CA LEU SA 189 -74.99 40.95 73.66
C LEU SA 189 -76.49 40.76 73.73
N LYS SA 190 -76.96 39.52 73.91
CA LYS SA 190 -78.38 39.22 74.02
C LYS SA 190 -79.00 39.93 75.21
N GLU SA 191 -78.37 39.85 76.38
CA GLU SA 191 -78.87 40.55 77.56
C GLU SA 191 -78.88 42.07 77.31
N ILE SA 192 -77.80 42.61 76.75
CA ILE SA 192 -77.74 44.02 76.38
C ILE SA 192 -78.89 44.34 75.44
N ALA SA 193 -79.15 43.53 74.43
CA ALA SA 193 -80.23 43.78 73.51
C ALA SA 193 -81.57 43.83 74.23
N LYS SA 194 -81.82 42.91 75.17
CA LYS SA 194 -83.04 42.95 75.97
C LYS SA 194 -83.12 44.24 76.75
N GLU SA 195 -82.07 44.63 77.44
CA GLU SA 195 -82.06 45.88 78.21
C GLU SA 195 -82.31 47.08 77.28
N ILE SA 196 -81.64 47.12 76.13
CA ILE SA 196 -81.84 48.16 75.12
C ILE SA 196 -83.32 48.20 74.70
N SER SA 197 -83.94 47.03 74.49
CA SER SA 197 -85.36 47.00 74.13
C SER SA 197 -86.27 47.60 75.20
N LYS SA 198 -85.84 47.64 76.46
CA LYS SA 198 -86.55 48.38 77.51
C LYS SA 198 -86.33 49.88 77.36
N GLU SA 199 -85.07 50.28 77.17
CA GLU SA 199 -84.70 51.70 77.17
C GLU SA 199 -85.23 52.46 75.96
N VAL SA 200 -85.08 51.92 74.75
CA VAL SA 200 -85.35 52.63 73.49
C VAL SA 200 -86.80 52.46 73.04
N ASP SA 201 -87.30 53.34 72.17
CA ASP SA 201 -88.58 53.16 71.48
C ASP SA 201 -88.59 53.55 69.99
N SER SA 202 -87.54 54.19 69.46
CA SER SA 202 -87.45 54.44 68.02
C SER SA 202 -87.38 53.13 67.26
N PRO SA 203 -88.28 52.86 66.30
CA PRO SA 203 -88.23 51.67 65.48
C PRO SA 203 -86.89 51.57 64.74
N GLU SA 204 -86.43 52.68 64.17
CA GLU SA 204 -85.15 52.71 63.48
C GLU SA 204 -84.01 52.37 64.44
N SER SA 205 -84.02 52.87 65.67
CA SER SA 205 -82.99 52.51 66.65
C SER SA 205 -83.00 51.00 66.92
N LYS SA 206 -84.17 50.40 67.07
CA LYS SA 206 -84.32 48.97 67.32
C LYS SA 206 -83.80 48.18 66.11
N ARG SA 207 -84.17 48.63 64.92
CA ARG SA 207 -83.72 48.05 63.64
C ARG SA 207 -82.19 48.09 63.54
N ILE SA 208 -81.62 49.25 63.77
CA ILE SA 208 -80.18 49.44 63.88
C ILE SA 208 -79.60 48.47 64.90
N ALA SA 209 -80.18 48.39 66.10
CA ALA SA 209 -79.65 47.55 67.15
C ALA SA 209 -79.59 46.11 66.67
N TYR SA 210 -80.69 45.61 66.14
CA TYR SA 210 -80.68 44.24 65.66
C TYR SA 210 -79.66 44.04 64.55
N LYS SA 211 -79.56 44.98 63.60
CA LYS SA 211 -78.55 44.92 62.54
C LYS SA 211 -77.16 44.80 63.13
N ILE SA 212 -76.86 45.59 64.15
CA ILE SA 212 -75.57 45.51 64.82
C ILE SA 212 -75.40 44.12 65.43
N VAL SA 213 -76.41 43.60 66.12
CA VAL SA 213 -76.30 42.27 66.72
C VAL SA 213 -76.01 41.25 65.64
N ALA SA 214 -76.75 41.31 64.53
CA ALA SA 214 -76.56 40.40 63.42
C ALA SA 214 -75.14 40.49 62.89
N ALA SA 215 -74.64 41.70 62.69
CA ALA SA 215 -73.27 41.90 62.26
C ALA SA 215 -72.29 41.31 63.27
N ALA SA 216 -72.55 41.42 64.57
CA ALA SA 216 -71.67 40.88 65.59
C ALA SA 216 -71.61 39.35 65.50
N ALA SA 217 -72.76 38.70 65.35
CA ALA SA 217 -72.78 37.27 65.14
C ALA SA 217 -71.98 36.89 63.87
N GLU SA 218 -72.22 37.59 62.77
CA GLU SA 218 -71.52 37.32 61.52
C GLU SA 218 -70.01 37.47 61.70
N PHE SA 219 -69.56 38.56 62.31
CA PHE SA 219 -68.14 38.79 62.52
C PHE SA 219 -67.53 37.67 63.36
N LEU SA 220 -68.13 37.32 64.49
CA LEU SA 220 -67.65 36.23 65.34
C LEU SA 220 -67.50 34.95 64.53
N LEU SA 221 -68.53 34.62 63.75
CA LEU SA 221 -68.52 33.41 62.95
C LEU SA 221 -67.39 33.46 61.92
N LYS SA 222 -67.28 34.55 61.16
CA LYS SA 222 -66.24 34.68 60.13
C LYS SA 222 -64.85 34.64 60.73
N ILE SA 223 -64.63 35.31 61.86
CA ILE SA 223 -63.35 35.24 62.55
C ILE SA 223 -63.04 33.80 62.97
N LEU SA 224 -63.99 33.11 63.59
CA LEU SA 224 -63.76 31.74 64.03
C LEU SA 224 -63.44 30.84 62.83
N ALA SA 225 -64.15 31.02 61.73
CA ALA SA 225 -63.94 30.25 60.50
C ALA SA 225 -62.56 30.52 59.87
N GLU SA 226 -62.15 31.79 59.78
CA GLU SA 226 -60.80 32.15 59.36
C GLU SA 226 -59.73 31.58 60.30
N GLY SA 227 -60.06 31.45 61.59
CA GLY SA 227 -59.23 30.78 62.58
C GLY SA 227 -59.04 29.27 62.34
N GLY SA 228 -59.77 28.67 61.39
CA GLY SA 228 -59.61 27.27 61.01
C GLY SA 228 -60.17 26.26 62.04
N ALA SA 229 -61.08 26.69 62.91
CA ALA SA 229 -61.74 25.81 63.87
C ALA SA 229 -62.53 24.67 63.18
N THR SA 230 -62.55 23.48 63.78
CA THR SA 230 -63.21 22.30 63.19
C THR SA 230 -64.72 22.49 63.13
N PRO SA 231 -65.42 21.97 62.10
CA PRO SA 231 -66.77 22.41 61.76
C PRO SA 231 -67.82 22.12 62.83
N GLU SA 232 -67.55 21.22 63.77
CA GLU SA 232 -68.40 20.99 64.94
C GLU SA 232 -68.55 22.26 65.76
N GLN SA 233 -67.45 22.98 65.97
CA GLN SA 233 -67.50 24.26 66.67
C GLN SA 233 -68.32 25.27 65.88
N LEU SA 234 -68.11 25.34 64.56
CA LEU SA 234 -68.84 26.27 63.70
C LEU SA 234 -70.34 25.98 63.76
N GLU SA 235 -70.72 24.72 63.70
CA GLU SA 235 -72.12 24.31 63.83
C GLU SA 235 -72.69 24.69 65.20
N ARG SA 236 -71.97 24.40 66.30
CA ARG SA 236 -72.42 24.78 67.65
C ARG SA 236 -72.62 26.27 67.78
N VAL SA 237 -71.64 27.05 67.34
CA VAL SA 237 -71.74 28.51 67.32
C VAL SA 237 -72.90 28.93 66.43
N THR SA 238 -73.08 28.31 65.27
CA THR SA 238 -74.17 28.66 64.36
C THR SA 238 -75.51 28.47 65.05
N GLU SA 239 -75.74 27.31 65.67
CA GLU SA 239 -76.99 27.06 66.38
C GLU SA 239 -77.20 28.11 67.46
N HIS SA 240 -76.18 28.35 68.29
CA HIS SA 240 -76.29 29.34 69.34
C HIS SA 240 -76.60 30.73 68.77
N ALA SA 241 -75.93 31.11 67.69
CA ALA SA 241 -76.12 32.39 67.04
C ALA SA 241 -77.54 32.50 66.49
N LEU SA 242 -78.02 31.50 65.76
CA LEU SA 242 -79.39 31.48 65.28
C LEU SA 242 -80.36 31.54 66.45
N GLU SA 243 -80.13 30.81 67.53
CA GLU SA 243 -81.01 30.81 68.69
C GLU SA 243 -81.09 32.20 69.31
N VAL SA 244 -79.94 32.83 69.53
CA VAL SA 244 -79.88 34.21 70.01
C VAL SA 244 -80.59 35.12 69.04
N LEU SA 245 -80.32 35.00 67.74
CA LEU SA 245 -80.95 35.86 66.75
C LEU SA 245 -82.45 35.70 66.80
N LYS SA 246 -82.94 34.48 66.93
CA LYS SA 246 -84.37 34.17 67.04
C LYS SA 246 -84.95 34.85 68.26
N GLU SA 247 -84.33 34.67 69.42
CA GLU SA 247 -84.84 35.26 70.65
C GLU SA 247 -84.88 36.78 70.51
N VAL SA 248 -83.77 37.39 70.10
CA VAL SA 248 -83.68 38.84 70.04
C VAL SA 248 -84.62 39.38 68.97
N ALA SA 249 -84.78 38.70 67.84
CA ALA SA 249 -85.79 39.06 66.87
C ALA SA 249 -87.18 39.02 67.50
N LYS SA 250 -87.57 37.93 68.15
CA LYS SA 250 -88.90 37.80 68.76
C LYS SA 250 -89.14 38.89 69.79
N GLU SA 251 -88.13 39.25 70.56
CA GLU SA 251 -88.24 40.36 71.50
C GLU SA 251 -88.43 41.70 70.76
N LEU SA 252 -87.52 42.04 69.84
CA LEU SA 252 -87.45 43.40 69.28
C LEU SA 252 -88.50 43.65 68.20
N ALA SA 253 -89.02 42.61 67.54
CA ALA SA 253 -89.94 42.80 66.41
C ALA SA 253 -91.35 43.17 66.89
N ASP SA 254 -91.83 44.35 66.49
CA ASP SA 254 -93.19 44.84 66.76
C ASP SA 254 -93.74 45.79 65.66
N SER SA 255 -93.10 45.85 64.48
CA SER SA 255 -93.57 46.63 63.32
C SER SA 255 -93.26 45.93 61.99
N PRO SA 256 -94.01 46.18 60.91
CA PRO SA 256 -94.04 45.31 59.74
C PRO SA 256 -92.65 45.09 59.13
N GLU SA 257 -92.00 46.16 58.72
CA GLU SA 257 -90.74 46.09 58.00
C GLU SA 257 -89.63 45.52 58.88
N SER SA 258 -89.75 45.64 60.20
CA SER SA 258 -88.76 45.05 61.11
C SER SA 258 -88.70 43.54 60.93
N VAL SA 259 -89.84 42.88 60.70
CA VAL SA 259 -89.85 41.44 60.42
C VAL SA 259 -89.12 41.19 59.11
N ARG SA 260 -89.43 41.97 58.08
CA ARG SA 260 -88.84 41.84 56.74
C ARG SA 260 -87.31 41.91 56.84
N GLU SA 261 -86.82 42.88 57.60
CA GLU SA 261 -85.41 42.99 57.89
C GLU SA 261 -84.93 41.77 58.69
N ALA SA 262 -85.65 41.37 59.73
CA ALA SA 262 -85.22 40.30 60.61
C ALA SA 262 -85.02 39.00 59.83
N VAL SA 263 -85.98 38.62 59.00
CA VAL SA 263 -85.83 37.42 58.19
C VAL SA 263 -84.68 37.60 57.20
N ARG SA 264 -84.53 38.79 56.60
CA ARG SA 264 -83.45 39.04 55.66
C ARG SA 264 -82.10 38.83 56.34
N LEU SA 265 -81.95 39.35 57.55
CA LEU SA 265 -80.73 39.19 58.32
C LEU SA 265 -80.51 37.72 58.68
N ILE SA 266 -81.51 37.07 59.26
CA ILE SA 266 -81.33 35.70 59.73
C ILE SA 266 -80.99 34.80 58.56
N SER SA 267 -81.72 34.94 57.46
CA SER SA 267 -81.45 34.17 56.26
C SER SA 267 -80.06 34.49 55.74
N LYS SA 268 -79.64 35.76 55.68
CA LYS SA 268 -78.29 36.09 55.25
C LYS SA 268 -77.26 35.39 56.12
N LEU SA 269 -77.37 35.47 57.44
CA LEU SA 269 -76.42 34.79 58.32
C LEU SA 269 -76.46 33.28 58.12
N THR SA 270 -77.65 32.72 57.91
CA THR SA 270 -77.79 31.29 57.60
C THR SA 270 -77.00 30.97 56.34
N GLN SA 271 -77.18 31.75 55.27
CA GLN SA 271 -76.50 31.55 54.00
C GLN SA 271 -74.99 31.62 54.19
N GLU SA 272 -74.49 32.65 54.88
CA GLU SA 272 -73.06 32.75 55.16
C GLU SA 272 -72.56 31.52 55.92
N GLY SA 273 -73.27 31.11 56.97
CA GLY SA 273 -72.85 29.97 57.77
C GLY SA 273 -72.79 28.70 56.93
N LEU SA 274 -73.81 28.46 56.11
CA LEU SA 274 -73.83 27.29 55.24
C LEU SA 274 -72.69 27.36 54.22
N LYS SA 275 -72.41 28.55 53.67
CA LYS SA 275 -71.27 28.74 52.75
C LYS SA 275 -69.93 28.50 53.44
N GLN SA 276 -69.78 28.87 54.71
CA GLN SA 276 -68.59 28.50 55.49
C GLN SA 276 -68.48 26.99 55.69
N LEU SA 277 -69.57 26.30 56.02
CA LEU SA 277 -69.57 24.83 56.13
C LEU SA 277 -69.17 24.17 54.80
N LYS SA 278 -69.60 24.72 53.66
CA LYS SA 278 -69.14 24.28 52.33
C LYS SA 278 -67.64 24.55 52.17
N GLU SA 279 -67.18 25.75 52.48
CA GLU SA 279 -65.78 26.15 52.29
C GLU SA 279 -64.80 25.32 53.12
N ILE SA 280 -65.14 25.02 54.38
CA ILE SA 280 -64.30 24.18 55.25
C ILE SA 280 -64.36 22.69 54.87
N GLY SA 281 -65.30 22.28 54.01
CA GLY SA 281 -65.43 20.90 53.55
C GLY SA 281 -66.11 19.96 54.56
N ALA SA 282 -67.06 20.45 55.35
CA ALA SA 282 -67.83 19.63 56.29
C ALA SA 282 -68.68 18.56 55.57
N PRO SA 283 -68.96 17.39 56.18
CA PRO SA 283 -69.82 16.38 55.57
C PRO SA 283 -71.26 16.88 55.50
N PRO SA 284 -72.00 16.58 54.41
CA PRO SA 284 -73.37 17.07 54.20
C PRO SA 284 -74.35 16.81 55.35
N GLU SA 285 -74.08 15.85 56.23
CA GLU SA 285 -74.88 15.64 57.44
C GLU SA 285 -74.98 16.92 58.28
N GLN SA 286 -73.88 17.62 58.47
CA GLN SA 286 -73.89 18.90 59.19
C GLN SA 286 -74.68 19.95 58.41
N ILE SA 287 -74.49 20.00 57.09
CA ILE SA 287 -75.15 20.96 56.20
C ILE SA 287 -76.67 20.80 56.32
N GLU SA 288 -77.15 19.56 56.27
CA GLU SA 288 -78.57 19.22 56.44
C GLU SA 288 -79.08 19.68 57.81
N ARG SA 289 -78.36 19.38 58.90
CA ARG SA 289 -78.78 19.81 60.24
C ARG SA 289 -78.94 21.32 60.30
N VAL SA 290 -77.93 22.06 59.85
CA VAL SA 290 -77.98 23.52 59.83
C VAL SA 290 -79.11 24.01 58.93
N ALA SA 291 -79.33 23.38 57.77
CA ALA SA 291 -80.41 23.79 56.88
C ALA SA 291 -81.77 23.65 57.57
N GLU SA 292 -82.04 22.52 58.22
CA GLU SA 292 -83.26 22.35 58.99
C GLU SA 292 -83.37 23.42 60.06
N HIS SA 293 -82.32 23.61 60.87
CA HIS SA 293 -82.33 24.60 61.94
C HIS SA 293 -82.68 25.99 61.38
N GLY SA 294 -82.01 26.38 60.29
CA GLY SA 294 -82.21 27.67 59.67
C GLY SA 294 -83.65 27.85 59.22
N LEU SA 295 -84.18 26.90 58.46
CA LEU SA 295 -85.55 26.99 58.00
C LEU SA 295 -86.55 26.94 59.16
N GLU SA 296 -86.29 26.14 60.19
CA GLU SA 296 -87.15 26.09 61.38
C GLU SA 296 -87.20 27.44 62.07
N VAL SA 297 -86.04 28.06 62.28
CA VAL SA 297 -85.98 29.42 62.83
C VAL SA 297 -86.73 30.37 61.91
N LEU SA 298 -86.54 30.25 60.60
CA LEU SA 298 -87.19 31.15 59.67
C LEU SA 298 -88.70 31.03 59.78
N LYS SA 299 -89.20 29.80 59.86
CA LYS SA 299 -90.59 29.49 60.13
C LYS SA 299 -91.04 30.09 61.44
N GLU SA 300 -90.27 29.94 62.52
CA GLU SA 300 -90.62 30.52 63.80
C GLU SA 300 -90.80 32.03 63.69
N ILE SA 301 -89.87 32.71 63.03
CA ILE SA 301 -89.94 34.15 62.88
C ILE SA 301 -91.10 34.53 61.97
N ALA SA 302 -91.26 33.84 60.85
CA ALA SA 302 -92.37 34.09 59.96
C ALA SA 302 -93.69 33.96 60.71
N LYS SA 303 -93.83 32.92 61.53
CA LYS SA 303 -95.01 32.70 62.35
C LYS SA 303 -95.19 33.83 63.35
N TYR SA 304 -94.14 34.20 64.08
CA TYR SA 304 -94.21 35.34 65.00
C TYR SA 304 -94.69 36.59 64.27
N GLY SA 305 -94.05 36.95 63.16
CA GLY SA 305 -94.40 38.14 62.39
C GLY SA 305 -95.84 38.08 61.88
N SER SA 306 -96.29 36.89 61.49
CA SER SA 306 -97.66 36.69 61.04
C SER SA 306 -98.68 37.10 62.11
N LYS SA 307 -98.38 36.92 63.40
CA LYS SA 307 -99.29 37.34 64.48
C LYS SA 307 -99.56 38.85 64.45
N LEU SA 308 -98.56 39.63 64.06
CA LEU SA 308 -98.60 41.09 64.08
C LEU SA 308 -99.21 41.72 62.81
N THR SA 309 -99.32 40.96 61.71
CA THR SA 309 -99.27 41.57 60.36
C THR SA 309 -100.47 41.25 59.47
N ASP SA 310 -100.72 42.17 58.52
CA ASP SA 310 -101.82 42.11 57.55
C ASP SA 310 -101.47 42.62 56.13
N SER SA 311 -100.34 43.29 55.91
CA SER SA 311 -100.03 43.93 54.62
C SER SA 311 -99.79 42.90 53.50
N PRO SA 312 -100.53 42.95 52.39
CA PRO SA 312 -100.39 42.01 51.29
C PRO SA 312 -98.97 41.95 50.74
N GLU SA 313 -98.37 43.10 50.48
CA GLU SA 313 -97.02 43.17 49.96
C GLU SA 313 -96.02 42.58 50.97
N LEU SA 314 -96.19 42.87 52.26
CA LEU SA 314 -95.32 42.32 53.28
C LEU SA 314 -95.44 40.79 53.30
N LYS SA 315 -96.66 40.27 53.34
CA LYS SA 315 -96.91 38.83 53.31
C LYS SA 315 -96.24 38.21 52.08
N ARG SA 316 -96.43 38.80 50.90
CA ARG SA 316 -95.80 38.34 49.65
C ARG SA 316 -94.29 38.30 49.79
N GLU SA 317 -93.69 39.40 50.23
CA GLU SA 317 -92.25 39.49 50.39
C GLU SA 317 -91.74 38.48 51.41
N LEU SA 318 -92.41 38.32 52.54
CA LEU SA 318 -92.00 37.37 53.56
C LEU SA 318 -91.96 35.98 52.95
N TYR SA 319 -93.03 35.59 52.25
CA TYR SA 319 -93.06 34.32 51.54
C TYR SA 319 -91.89 34.23 50.58
N ARG SA 320 -91.69 35.28 49.78
CA ARG SA 320 -90.63 35.31 48.77
C ARG SA 320 -89.27 35.10 49.42
N ILE SA 321 -89.03 35.68 50.58
CA ILE SA 321 -87.77 35.45 51.29
C ILE SA 321 -87.66 33.97 51.67
N ILE SA 322 -88.73 33.33 52.12
CA ILE SA 322 -88.65 31.91 52.45
C ILE SA 322 -88.22 31.14 51.21
N SER SA 323 -88.92 31.32 50.10
CA SER SA 323 -88.63 30.59 48.88
C SER SA 323 -87.23 30.89 48.39
N GLU SA 324 -86.82 32.15 48.38
CA GLU SA 324 -85.51 32.50 47.88
C GLU SA 324 -84.45 31.86 48.78
N THR SA 325 -84.69 31.85 50.08
CA THR SA 325 -83.79 31.21 51.04
C THR SA 325 -83.68 29.74 50.72
N ALA SA 326 -84.81 29.05 50.66
CA ALA SA 326 -84.81 27.62 50.38
C ALA SA 326 -84.06 27.32 49.07
N LYS SA 327 -84.34 28.09 48.02
CA LYS SA 327 -83.69 27.93 46.72
C LYS SA 327 -82.18 28.11 46.84
N GLU SA 328 -81.74 29.14 47.55
CA GLU SA 328 -80.32 29.33 47.81
C GLU SA 328 -79.74 28.16 48.60
N LEU SA 329 -80.42 27.67 49.64
CA LEU SA 329 -79.89 26.57 50.46
C LEU SA 329 -79.74 25.30 49.61
N LEU SA 330 -80.71 25.01 48.76
CA LEU SA 330 -80.61 23.89 47.84
C LEU SA 330 -79.44 24.10 46.86
N LYS SA 331 -79.27 25.32 46.31
CA LYS SA 331 -78.16 25.61 45.40
C LYS SA 331 -76.81 25.37 46.08
N ILE SA 332 -76.66 25.81 47.34
CA ILE SA 332 -75.47 25.56 48.15
C ILE SA 332 -75.26 24.05 48.33
N LEU SA 333 -76.30 23.33 48.72
CA LEU SA 333 -76.21 21.89 48.98
C LEU SA 333 -75.80 21.12 47.71
N ALA SA 334 -76.37 21.50 46.56
CA ALA SA 334 -76.06 20.91 45.27
C ALA SA 334 -74.63 21.23 44.81
N GLU SA 335 -74.18 22.49 44.96
CA GLU SA 335 -72.78 22.84 44.72
C GLU SA 335 -71.84 22.08 45.69
N GLY SA 336 -72.30 21.82 46.91
CA GLY SA 336 -71.63 20.98 47.91
C GLY SA 336 -71.53 19.50 47.54
N GLY SA 337 -72.13 19.05 46.44
CA GLY SA 337 -71.97 17.69 45.91
C GLY SA 337 -72.67 16.59 46.73
N ALA SA 338 -73.66 16.93 47.54
CA ALA SA 338 -74.43 15.96 48.34
C ALA SA 338 -75.24 14.97 47.47
N THR SA 339 -75.61 13.81 48.04
CA THR SA 339 -76.39 12.80 47.31
C THR SA 339 -77.82 13.27 47.03
N PRO SA 340 -78.49 12.74 45.99
CA PRO SA 340 -79.90 12.99 45.73
C PRO SA 340 -80.80 12.75 46.95
N GLU SA 341 -80.44 11.82 47.83
CA GLU SA 341 -81.19 11.56 49.06
C GLU SA 341 -81.21 12.78 49.99
N GLN SA 342 -80.08 13.46 50.14
CA GLN SA 342 -80.04 14.73 50.87
C GLN SA 342 -80.89 15.80 50.16
N LEU SA 343 -80.80 15.86 48.82
CA LEU SA 343 -81.61 16.82 48.06
C LEU SA 343 -83.10 16.60 48.31
N GLU SA 344 -83.61 15.37 48.23
CA GLU SA 344 -85.03 15.15 48.48
C GLU SA 344 -85.38 15.46 49.95
N ARG SA 345 -84.56 15.03 50.92
CA ARG SA 345 -84.80 15.29 52.35
C ARG SA 345 -85.02 16.78 52.60
N VAL SA 346 -84.06 17.59 52.14
CA VAL SA 346 -84.14 19.04 52.32
C VAL SA 346 -85.27 19.63 51.49
N THR SA 347 -85.46 19.18 50.24
CA THR SA 347 -86.53 19.73 49.39
C THR SA 347 -87.89 19.51 50.03
N LYS SA 348 -88.13 18.31 50.54
CA LYS SA 348 -89.37 17.94 51.21
C LYS SA 348 -89.57 18.80 52.46
N HIS SA 349 -88.55 18.91 53.30
CA HIS SA 349 -88.62 19.79 54.46
C HIS SA 349 -88.96 21.22 54.04
N ALA SA 350 -88.30 21.73 53.01
CA ALA SA 350 -88.54 23.10 52.55
C ALA SA 350 -89.96 23.26 52.03
N LEU SA 351 -90.46 22.33 51.23
CA LEU SA 351 -91.85 22.37 50.81
C LEU SA 351 -92.78 22.38 52.02
N GLU SA 352 -92.52 21.53 53.01
CA GLU SA 352 -93.33 21.51 54.23
C GLU SA 352 -93.29 22.85 54.95
N VAL SA 353 -92.11 23.44 55.11
CA VAL SA 353 -91.99 24.78 55.69
C VAL SA 353 -92.81 25.77 54.88
N LEU SA 354 -92.67 25.79 53.55
CA LEU SA 354 -93.45 26.68 52.71
C LEU SA 354 -94.95 26.44 52.91
N LYS SA 355 -95.38 25.19 53.06
CA LYS SA 355 -96.78 24.87 53.33
C LYS SA 355 -97.22 25.46 54.66
N GLU SA 356 -96.44 25.28 55.72
CA GLU SA 356 -96.78 25.89 57.00
C GLU SA 356 -96.81 27.41 56.87
N VAL SA 357 -95.89 28.00 56.12
CA VAL SA 357 -95.88 29.43 55.85
C VAL SA 357 -97.14 29.82 55.10
N ALA SA 358 -97.57 29.05 54.11
CA ALA SA 358 -98.85 29.31 53.48
C ALA SA 358 -99.99 29.27 54.50
N LYS SA 359 -100.02 28.26 55.37
CA LYS SA 359 -101.05 28.13 56.40
C LYS SA 359 -101.07 29.34 57.34
N GLU SA 360 -99.90 29.89 57.68
CA GLU SA 360 -99.85 31.12 58.46
C GLU SA 360 -100.35 32.32 57.66
N LEU SA 361 -99.86 32.49 56.42
CA LEU SA 361 -100.04 33.73 55.69
C LEU SA 361 -101.39 33.82 54.98
N ALA SA 362 -101.79 32.76 54.30
CA ALA SA 362 -102.79 32.85 53.25
C ALA SA 362 -104.21 33.06 53.80
N ASP SA 363 -104.91 34.04 53.21
CA ASP SA 363 -106.29 34.44 53.55
C ASP SA 363 -107.06 35.05 52.34
N SER SA 364 -106.49 34.99 51.14
CA SER SA 364 -107.05 35.54 49.89
C SER SA 364 -106.63 34.73 48.66
N PRO SA 365 -107.37 34.76 47.55
CA PRO SA 365 -106.99 34.00 46.36
C PRO SA 365 -105.64 34.48 45.80
N GLU SA 366 -105.36 35.77 45.91
CA GLU SA 366 -104.06 36.33 45.56
C GLU SA 366 -102.94 35.69 46.37
N SER SA 367 -103.13 35.55 47.68
CA SER SA 367 -102.14 34.86 48.53
C SER SA 367 -102.03 33.38 48.17
N GLY SA 368 -103.14 32.73 47.77
CA GLY SA 368 -103.10 31.38 47.24
C GLY SA 368 -102.24 31.32 45.98
N LEU SA 369 -102.48 32.21 45.02
CA LEU SA 369 -101.70 32.31 43.79
C LEU SA 369 -100.23 32.49 44.11
N ALA SA 370 -99.90 33.43 44.99
CA ALA SA 370 -98.52 33.67 45.36
C ALA SA 370 -97.89 32.41 45.98
N ALA SA 371 -98.57 31.80 46.94
CA ALA SA 371 -98.05 30.61 47.61
C ALA SA 371 -97.85 29.48 46.61
N LEU SA 372 -98.84 29.26 45.75
CA LEU SA 372 -98.77 28.28 44.68
C LEU SA 372 -97.55 28.56 43.81
N ALA SA 373 -97.43 29.80 43.34
CA ALA SA 373 -96.33 30.20 42.47
C ALA SA 373 -94.99 29.91 43.15
N ALA SA 374 -94.89 30.22 44.43
CA ALA SA 374 -93.69 29.95 45.20
C ALA SA 374 -93.42 28.45 45.31
N ILE SA 375 -94.39 27.67 45.79
CA ILE SA 375 -94.26 26.22 45.91
C ILE SA 375 -93.80 25.65 44.57
N ALA SA 376 -94.49 26.00 43.50
CA ALA SA 376 -94.16 25.55 42.16
C ALA SA 376 -92.74 25.96 41.80
N SER SA 377 -92.34 27.20 42.04
CA SER SA 377 -90.99 27.62 41.72
C SER SA 377 -89.96 26.80 42.49
N LEU SA 378 -90.23 26.49 43.76
CA LEU SA 378 -89.33 25.68 44.56
C LEU SA 378 -89.26 24.27 43.98
N ALA SA 379 -90.41 23.70 43.66
CA ALA SA 379 -90.47 22.41 43.02
C ALA SA 379 -89.67 22.42 41.71
N LYS SA 380 -89.79 23.47 40.91
CA LYS SA 380 -89.08 23.63 39.63
C LYS SA 380 -87.59 23.60 39.86
N LEU SA 381 -87.08 24.40 40.80
CA LEU SA 381 -85.66 24.36 41.11
C LEU SA 381 -85.25 22.99 41.65
N GLY SA 382 -86.05 22.38 42.53
CA GLY SA 382 -85.76 21.05 43.06
C GLY SA 382 -85.60 20.04 41.92
N LEU SA 383 -86.56 20.01 41.01
CA LEU SA 383 -86.51 19.15 39.82
C LEU SA 383 -85.28 19.47 38.97
N GLU SA 384 -84.96 20.74 38.79
CA GLU SA 384 -83.77 21.16 38.05
C GLU SA 384 -82.48 20.63 38.70
N GLN SA 385 -82.38 20.66 40.04
CA GLN SA 385 -81.21 20.11 40.73
C GLN SA 385 -81.17 18.57 40.65
N LEU SA 386 -82.30 17.90 40.84
CA LEU SA 386 -82.39 16.44 40.69
C LEU SA 386 -82.02 15.99 39.25
N LYS SA 387 -82.39 16.80 38.24
CA LYS SA 387 -81.98 16.59 36.85
C LYS SA 387 -80.49 16.82 36.65
N GLU SA 388 -79.95 17.92 37.18
CA GLU SA 388 -78.54 18.27 37.01
C GLU SA 388 -77.59 17.24 37.66
N ILE SA 389 -77.92 16.72 38.84
CA ILE SA 389 -77.14 15.65 39.47
C ILE SA 389 -77.33 14.29 38.76
N GLY SA 390 -78.30 14.18 37.85
CA GLY SA 390 -78.58 12.95 37.10
C GLY SA 390 -79.22 11.84 37.96
N ALA SA 391 -80.07 12.21 38.92
CA ALA SA 391 -80.70 11.25 39.83
C ALA SA 391 -81.62 10.24 39.08
N PRO SA 392 -81.75 9.00 39.57
CA PRO SA 392 -82.52 7.98 38.87
C PRO SA 392 -84.02 8.31 38.89
N PRO SA 393 -84.80 7.80 37.92
CA PRO SA 393 -86.21 8.15 37.76
C PRO SA 393 -87.05 8.04 39.03
N GLU SA 394 -86.78 7.06 39.90
CA GLU SA 394 -87.53 6.95 41.16
C GLU SA 394 -87.40 8.22 42.02
N GLN SA 395 -86.20 8.79 42.14
CA GLN SA 395 -86.01 10.04 42.88
C GLN SA 395 -86.79 11.17 42.23
N GLN SA 396 -86.76 11.25 40.89
CA GLN SA 396 -87.50 12.27 40.14
C GLN SA 396 -89.01 12.14 40.42
N ARG SA 397 -89.54 10.91 40.36
CA ARG SA 397 -90.95 10.62 40.64
C ARG SA 397 -91.28 10.95 42.10
N ARG SA 398 -90.50 10.48 43.07
CA ARG SA 398 -90.68 10.78 44.50
C ARG SA 398 -90.87 12.28 44.71
N VAL SA 399 -89.90 13.07 44.26
CA VAL SA 399 -89.92 14.53 44.45
C VAL SA 399 -91.11 15.13 43.73
N THR SA 400 -91.37 14.72 42.50
CA THR SA 400 -92.48 15.31 41.72
C THR SA 400 -93.82 15.03 42.39
N LYS SA 401 -94.04 13.79 42.83
CA LYS SA 401 -95.22 13.39 43.60
C LYS SA 401 -95.34 14.22 44.86
N ALA SA 402 -94.29 14.32 45.65
CA ALA SA 402 -94.31 15.15 46.84
C ALA SA 402 -94.70 16.59 46.50
N GLY SA 403 -94.17 17.14 45.40
CA GLY SA 403 -94.51 18.47 44.92
C GLY SA 403 -96.00 18.57 44.59
N ILE SA 404 -96.51 17.62 43.82
CA ILE SA 404 -97.93 17.58 43.49
C ILE SA 404 -98.77 17.49 44.77
N GLU SA 405 -98.40 16.62 45.71
CA GLU SA 405 -99.13 16.46 46.98
C GLU SA 405 -99.13 17.77 47.78
N ALA SA 406 -97.99 18.44 47.87
CA ALA SA 406 -97.94 19.75 48.52
C ALA SA 406 -98.89 20.71 47.82
N VAL SA 407 -98.83 20.77 46.49
CA VAL SA 407 -99.75 21.61 45.72
C VAL SA 407 -101.20 21.22 45.98
N ARG SA 408 -101.50 19.94 46.13
CA ARG SA 408 -102.83 19.49 46.49
C ARG SA 408 -103.22 20.03 47.85
N GLU SA 409 -102.35 19.96 48.85
CA GLU SA 409 -102.65 20.56 50.16
C GLU SA 409 -102.86 22.07 50.05
N ILE SA 410 -102.06 22.75 49.24
CA ILE SA 410 -102.23 24.17 48.96
C ILE SA 410 -103.60 24.40 48.34
N TYR SA 411 -104.01 23.59 47.37
CA TYR SA 411 -105.35 23.68 46.81
C TYR SA 411 -106.41 23.38 47.86
N ARG SA 412 -106.21 22.38 48.75
CA ARG SA 412 -107.18 22.08 49.79
C ARG SA 412 -107.42 23.29 50.68
N TYR SA 413 -106.36 23.98 51.12
CA TYR SA 413 -106.56 25.22 51.87
C TYR SA 413 -107.18 26.29 50.97
N GLY SA 414 -106.73 26.38 49.71
CA GLY SA 414 -107.30 27.30 48.71
C GLY SA 414 -108.81 27.14 48.57
N ARG SA 415 -109.32 25.91 48.57
CA ARG SA 415 -110.75 25.59 48.52
C ARG SA 415 -111.51 26.02 49.77
N LYS SA 416 -110.84 26.16 50.92
CA LYS SA 416 -111.42 26.79 52.13
C LYS SA 416 -111.45 28.31 52.03
N LEU SA 417 -110.44 28.92 51.40
CA LEU SA 417 -110.35 30.37 51.21
C LEU SA 417 -111.28 30.91 50.11
N TYR SA 418 -111.50 30.14 49.03
CA TYR SA 418 -112.31 30.52 47.86
C TYR SA 418 -113.82 30.37 48.12
N ASP TA 3 -73.49 -58.90 26.91
CA ASP TA 3 -74.22 -60.08 27.47
C ASP TA 3 -75.24 -59.73 28.56
N ASP TA 4 -74.90 -58.91 29.55
CA ASP TA 4 -75.70 -58.72 30.78
C ASP TA 4 -77.20 -58.48 30.54
N LEU TA 5 -77.53 -57.72 29.49
CA LEU TA 5 -78.93 -57.46 29.12
C LEU TA 5 -79.74 -58.75 28.96
N LEU TA 6 -79.16 -59.80 28.35
CA LEU TA 6 -79.86 -61.08 28.20
C LEU TA 6 -80.21 -61.65 29.56
N LEU TA 7 -79.25 -61.64 30.49
CA LEU TA 7 -79.50 -62.07 31.85
C LEU TA 7 -80.60 -61.21 32.49
N LYS TA 8 -80.60 -59.91 32.25
CA LYS TA 8 -81.68 -59.07 32.73
C LYS TA 8 -83.03 -59.42 32.11
N LEU TA 9 -83.08 -59.81 30.84
CA LEU TA 9 -84.32 -60.36 30.30
C LEU TA 9 -84.72 -61.59 31.08
N LEU TA 10 -83.78 -62.48 31.40
CA LEU TA 10 -84.14 -63.65 32.20
C LEU TA 10 -84.67 -63.22 33.57
N GLU TA 11 -84.07 -62.21 34.22
CA GLU TA 11 -84.63 -61.70 35.48
C GLU TA 11 -86.07 -61.24 35.28
N LEU TA 12 -86.32 -60.45 34.26
CA LEU TA 12 -87.67 -59.95 33.98
C LEU TA 12 -88.62 -61.12 33.76
N LEU TA 13 -88.20 -62.09 32.96
CA LEU TA 13 -88.98 -63.27 32.68
C LEU TA 13 -89.28 -64.02 33.97
N VAL TA 14 -88.29 -64.19 34.86
CA VAL TA 14 -88.49 -64.91 36.12
C VAL TA 14 -89.47 -64.14 36.98
N GLU TA 15 -89.27 -62.84 37.13
CA GLU TA 15 -90.15 -62.07 37.99
C GLU TA 15 -91.58 -62.11 37.45
N GLN TA 16 -91.72 -61.98 36.13
CA GLN TA 16 -93.00 -62.10 35.47
C GLN TA 16 -93.59 -63.49 35.73
N ALA TA 17 -92.79 -64.54 35.59
CA ALA TA 17 -93.25 -65.89 35.86
C ALA TA 17 -93.75 -66.00 37.30
N ARG TA 18 -93.07 -65.37 38.28
CA ARG TA 18 -93.56 -65.38 39.64
C ARG TA 18 -94.92 -64.68 39.72
N VAL TA 19 -94.99 -63.44 39.29
CA VAL TA 19 -96.19 -62.62 39.48
C VAL TA 19 -97.38 -63.23 38.74
N SER TA 20 -97.16 -63.65 37.51
CA SER TA 20 -98.18 -64.38 36.76
C SER TA 20 -98.55 -65.70 37.44
N ALA TA 21 -97.63 -66.44 38.04
CA ALA TA 21 -97.98 -67.66 38.77
C ALA TA 21 -98.80 -67.36 40.03
N GLU TA 22 -98.45 -66.35 40.81
CA GLU TA 22 -99.25 -65.96 41.97
C GLU TA 22 -100.66 -65.54 41.53
N PHE TA 23 -100.76 -64.75 40.45
CA PHE TA 23 -102.02 -64.42 39.81
C PHE TA 23 -102.78 -65.69 39.39
N ALA TA 24 -102.11 -66.61 38.70
CA ALA TA 24 -102.73 -67.84 38.23
C ALA TA 24 -103.23 -68.70 39.40
N ARG TA 25 -102.54 -68.71 40.55
CA ARG TA 25 -103.06 -69.35 41.76
C ARG TA 25 -104.29 -68.64 42.32
N ARG TA 26 -104.35 -67.31 42.26
CA ARG TA 26 -105.59 -66.57 42.60
C ARG TA 26 -106.73 -66.87 41.61
N GLN TA 27 -106.44 -67.10 40.34
CA GLN TA 27 -107.44 -67.47 39.32
C GLN TA 27 -107.81 -68.96 39.29
N GLY TA 28 -106.93 -69.86 39.76
CA GLY TA 28 -107.02 -71.30 39.52
C GLY TA 28 -106.65 -71.70 38.08
N ASP TA 29 -105.86 -70.90 37.38
CA ASP TA 29 -105.53 -71.11 35.96
C ASP TA 29 -104.39 -72.12 35.77
N GLU TA 30 -104.76 -73.40 35.78
CA GLU TA 30 -103.84 -74.51 35.56
C GLU TA 30 -103.07 -74.38 34.24
N LYS TA 31 -103.73 -73.92 33.18
CA LYS TA 31 -103.10 -73.76 31.87
C LYS TA 31 -102.02 -72.70 31.91
N MET TA 32 -102.29 -71.55 32.55
CA MET TA 32 -101.26 -70.55 32.72
C MET TA 32 -100.11 -71.11 33.55
N LEU TA 33 -100.39 -71.81 34.65
CA LEU TA 33 -99.33 -72.42 35.46
C LEU TA 33 -98.47 -73.37 34.62
N GLU TA 34 -99.08 -74.23 33.81
CA GLU TA 34 -98.36 -75.09 32.88
C GLU TA 34 -97.48 -74.27 31.94
N GLU TA 35 -98.04 -73.25 31.29
CA GLU TA 35 -97.29 -72.45 30.32
C GLU TA 35 -96.14 -71.69 30.98
N VAL TA 36 -96.35 -71.05 32.12
CA VAL TA 36 -95.27 -70.33 32.78
C VAL TA 36 -94.25 -71.30 33.33
N ALA TA 37 -94.65 -72.50 33.79
CA ALA TA 37 -93.68 -73.51 34.20
C ALA TA 37 -92.79 -73.91 33.02
N ARG TA 38 -93.37 -74.15 31.84
CA ARG TA 38 -92.57 -74.38 30.63
C ARG TA 38 -91.63 -73.21 30.37
N LYS TA 39 -92.16 -71.99 30.38
CA LYS TA 39 -91.36 -70.79 30.16
C LYS TA 39 -90.20 -70.70 31.15
N ALA TA 40 -90.47 -70.98 32.41
CA ALA TA 40 -89.48 -70.94 33.48
C ALA TA 40 -88.42 -72.03 33.29
N GLU TA 41 -88.81 -73.24 32.87
CA GLU TA 41 -87.84 -74.27 32.55
C GLU TA 41 -86.95 -73.84 31.39
N GLU TA 42 -87.52 -73.31 30.31
CA GLU TA 42 -86.72 -72.85 29.17
C GLU TA 42 -85.79 -71.70 29.58
N VAL TA 43 -86.30 -70.76 30.38
CA VAL TA 43 -85.47 -69.69 30.92
C VAL TA 43 -84.32 -70.27 31.74
N ALA TA 44 -84.58 -71.25 32.60
CA ALA TA 44 -83.52 -71.87 33.38
C ALA TA 44 -82.50 -72.55 32.47
N ARG TA 45 -82.94 -73.22 31.42
CA ARG TA 45 -82.03 -73.81 30.43
C ARG TA 45 -81.18 -72.72 29.80
N LYS TA 46 -81.79 -71.62 29.33
CA LYS TA 46 -81.06 -70.49 28.74
C LYS TA 46 -80.01 -69.97 29.72
N ALA TA 47 -80.39 -69.80 30.98
CA ALA TA 47 -79.47 -69.37 32.03
C ALA TA 47 -78.30 -70.35 32.16
N GLU TA 48 -78.55 -71.66 32.25
CA GLU TA 48 -77.47 -72.64 32.41
C GLU TA 48 -76.56 -72.68 31.18
N GLU TA 49 -77.12 -72.58 29.97
CA GLU TA 49 -76.33 -72.50 28.75
C GLU TA 49 -75.41 -71.28 28.77
N ILE TA 50 -75.96 -70.10 29.11
CA ILE TA 50 -75.17 -68.89 29.24
C ILE TA 50 -74.11 -69.06 30.34
N ALA TA 51 -74.49 -69.65 31.48
CA ALA TA 51 -73.57 -69.85 32.59
C ALA TA 51 -72.39 -70.73 32.19
N ARG TA 52 -72.60 -71.83 31.47
CA ARG TA 52 -71.49 -72.68 31.01
C ARG TA 52 -70.59 -71.94 30.01
N LYS TA 53 -71.14 -71.06 29.17
CA LYS TA 53 -70.32 -70.16 28.36
C LYS TA 53 -69.47 -69.25 29.24
N ALA TA 54 -70.08 -68.58 30.22
CA ALA TA 54 -69.34 -67.74 31.16
C ALA TA 54 -68.26 -68.52 31.92
N ARG TA 55 -68.53 -69.78 32.29
CA ARG TA 55 -67.57 -70.67 32.95
C ARG TA 55 -66.34 -70.91 32.07
N LYS TA 56 -66.54 -71.12 30.77
CA LYS TA 56 -65.44 -71.21 29.79
C LYS TA 56 -64.70 -69.88 29.66
N GLU TA 57 -65.43 -68.77 29.56
CA GLU TA 57 -64.85 -67.44 29.37
C GLU TA 57 -64.11 -66.90 30.60
N GLY TA 58 -64.46 -67.37 31.81
CA GLY TA 58 -63.81 -66.99 33.06
C GLY TA 58 -64.32 -65.71 33.72
N ASN TA 59 -65.47 -65.15 33.31
CA ASN TA 59 -66.11 -64.04 34.04
C ASN TA 59 -66.95 -64.55 35.22
N LEU TA 60 -66.35 -64.63 36.40
CA LEU TA 60 -67.01 -65.14 37.60
C LEU TA 60 -68.27 -64.34 37.93
N GLU TA 61 -68.24 -63.02 37.77
CA GLU TA 61 -69.39 -62.19 38.13
C GLU TA 61 -70.61 -62.56 37.29
N LEU TA 62 -70.46 -62.65 35.97
CA LEU TA 62 -71.56 -63.07 35.11
C LEU TA 62 -72.01 -64.49 35.47
N ALA TA 63 -71.08 -65.42 35.69
CA ALA TA 63 -71.46 -66.78 36.04
C ALA TA 63 -72.27 -66.82 37.33
N LEU TA 64 -71.82 -66.09 38.35
CA LEU TA 64 -72.52 -65.97 39.61
C LEU TA 64 -73.91 -65.38 39.40
N LYS TA 65 -74.04 -64.31 38.62
CA LYS TA 65 -75.34 -63.73 38.32
C LYS TA 65 -76.23 -64.75 37.64
N ALA TA 66 -75.70 -65.47 36.65
CA ALA TA 66 -76.46 -66.48 35.93
C ALA TA 66 -76.91 -67.60 36.87
N LEU TA 67 -76.05 -68.01 37.79
CA LEU TA 67 -76.43 -68.98 38.81
C LEU TA 67 -77.54 -68.39 39.68
N GLU TA 68 -77.40 -67.17 40.17
CA GLU TA 68 -78.41 -66.53 41.03
C GLU TA 68 -79.76 -66.49 40.30
N ILE TA 69 -79.75 -66.10 39.03
CA ILE TA 69 -80.94 -66.13 38.20
C ILE TA 69 -81.49 -67.55 38.14
N LEU TA 70 -80.65 -68.54 37.87
CA LEU TA 70 -81.09 -69.91 37.82
C LEU TA 70 -81.68 -70.35 39.16
N VAL TA 71 -81.09 -69.91 40.26
CA VAL TA 71 -81.56 -70.25 41.60
C VAL TA 71 -82.94 -69.65 41.81
N ARG TA 72 -83.18 -68.42 41.39
CA ARG TA 72 -84.52 -67.84 41.44
C ARG TA 72 -85.47 -68.60 40.52
N ALA TA 73 -85.03 -68.98 39.32
CA ALA TA 73 -85.85 -69.73 38.39
C ALA TA 73 -86.23 -71.09 38.98
N ALA TA 74 -85.27 -71.77 39.59
CA ALA TA 74 -85.50 -72.98 40.32
C ALA TA 74 -86.49 -72.72 41.45
N HIS TA 75 -86.37 -71.61 42.18
CA HIS TA 75 -87.29 -71.29 43.25
C HIS TA 75 -88.71 -71.22 42.75
N VAL TA 76 -88.98 -70.45 41.69
CA VAL TA 76 -90.36 -70.39 41.17
C VAL TA 76 -90.80 -71.75 40.64
N LEU TA 77 -89.92 -72.49 39.98
CA LEU TA 77 -90.26 -73.82 39.46
C LEU TA 77 -90.69 -74.73 40.59
N ALA TA 78 -89.90 -74.78 41.65
CA ALA TA 78 -90.18 -75.58 42.83
C ALA TA 78 -91.43 -75.07 43.56
N GLU TA 79 -91.61 -73.76 43.66
CA GLU TA 79 -92.73 -73.15 44.37
C GLU TA 79 -94.06 -73.47 43.65
N ILE TA 80 -94.05 -73.49 42.32
CA ILE TA 80 -95.17 -74.02 41.51
C ILE TA 80 -95.30 -75.52 41.75
N ALA TA 81 -94.22 -76.28 41.57
CA ALA TA 81 -94.25 -77.74 41.63
C ALA TA 81 -94.65 -78.29 43.00
N ARG TA 82 -94.45 -77.53 44.09
CA ARG TA 82 -94.88 -77.87 45.46
C ARG TA 82 -96.40 -77.86 45.55
N GLU TA 83 -97.02 -76.74 45.18
CA GLU TA 83 -98.49 -76.62 45.17
C GLU TA 83 -99.13 -77.57 44.16
N ARG TA 84 -98.50 -77.73 42.99
CA ARG TA 84 -98.97 -78.61 41.91
C ARG TA 84 -98.71 -80.09 42.19
N GLY TA 85 -97.87 -80.42 43.18
CA GLY TA 85 -97.51 -81.80 43.51
C GLY TA 85 -96.67 -82.52 42.44
N ASN TA 86 -96.01 -81.79 41.54
CA ASN TA 86 -95.28 -82.38 40.41
C ASN TA 86 -93.88 -82.87 40.83
N GLU TA 87 -93.75 -84.17 41.02
CA GLU TA 87 -92.48 -84.77 41.46
C GLU TA 87 -91.33 -84.52 40.48
N GLU TA 88 -91.56 -84.62 39.17
CA GLU TA 88 -90.46 -84.55 38.20
C GLU TA 88 -89.86 -83.14 38.12
N LEU TA 89 -90.70 -82.10 38.25
CA LEU TA 89 -90.20 -80.74 38.44
C LEU TA 89 -89.46 -80.60 39.77
N GLN TA 90 -89.97 -81.17 40.87
CA GLN TA 90 -89.26 -81.11 42.17
C GLN TA 90 -87.88 -81.78 42.08
N LYS TA 91 -87.81 -82.95 41.45
CA LYS TA 91 -86.55 -83.70 41.21
C LYS TA 91 -85.60 -82.88 40.35
N LYS TA 92 -86.06 -82.37 39.20
CA LYS TA 92 -85.29 -81.48 38.33
C LYS TA 92 -84.73 -80.30 39.11
N ALA TA 93 -85.58 -79.59 39.84
CA ALA TA 93 -85.18 -78.43 40.61
C ALA TA 93 -84.10 -78.79 41.64
N HIS TA 94 -84.28 -79.84 42.45
CA HIS TA 94 -83.27 -80.18 43.45
C HIS TA 94 -81.94 -80.57 42.82
N LYS TA 95 -81.97 -81.39 41.76
CA LYS TA 95 -80.76 -81.76 41.01
C LYS TA 95 -80.06 -80.53 40.45
N LEU TA 96 -80.81 -79.63 39.82
CA LEU TA 96 -80.26 -78.37 39.32
C LEU TA 96 -79.66 -77.56 40.46
N ALA TA 97 -80.33 -77.46 41.60
CA ALA TA 97 -79.82 -76.74 42.76
C ALA TA 97 -78.52 -77.36 43.28
N LYS TA 98 -78.43 -78.69 43.33
CA LYS TA 98 -77.21 -79.39 43.71
C LYS TA 98 -76.09 -79.07 42.72
N GLU TA 99 -76.39 -79.11 41.42
CA GLU TA 99 -75.42 -78.75 40.39
C GLU TA 99 -74.98 -77.29 40.51
N ALA TA 100 -75.91 -76.39 40.84
CA ALA TA 100 -75.59 -75.01 41.12
C ALA TA 100 -74.68 -74.90 42.33
N LEU TA 101 -74.97 -75.62 43.41
CA LEU TA 101 -74.11 -75.65 44.58
C LEU TA 101 -72.71 -76.12 44.20
N ARG TA 102 -72.61 -77.19 43.42
CA ARG TA 102 -71.33 -77.69 42.93
C ARG TA 102 -70.59 -76.58 42.17
N GLN TA 103 -71.25 -75.95 41.21
CA GLN TA 103 -70.63 -74.88 40.43
C GLN TA 103 -70.25 -73.69 41.30
N VAL TA 104 -71.08 -73.28 42.26
CA VAL TA 104 -70.75 -72.15 43.12
C VAL TA 104 -69.57 -72.49 44.01
N ILE TA 105 -69.49 -73.73 44.50
CA ILE TA 105 -68.35 -74.18 45.27
C ILE TA 105 -67.10 -74.11 44.41
N GLU TA 106 -67.16 -74.60 43.17
CA GLU TA 106 -66.01 -74.50 42.27
C GLU TA 106 -65.63 -73.04 42.03
N ILE TA 107 -66.60 -72.17 41.83
CA ILE TA 107 -66.33 -70.74 41.71
C ILE TA 107 -65.70 -70.23 43.00
N ALA TA 108 -66.16 -70.65 44.17
CA ALA TA 108 -65.62 -70.20 45.44
C ALA TA 108 -64.16 -70.64 45.59
N ILE TA 109 -63.86 -71.88 45.24
CA ILE TA 109 -62.49 -72.37 45.20
C ILE TA 109 -61.69 -71.53 44.20
N ARG TA 110 -62.21 -71.26 43.01
CA ARG TA 110 -61.51 -70.45 42.01
C ARG TA 110 -61.27 -69.02 42.50
N ALA TA 111 -62.23 -68.43 43.20
CA ALA TA 111 -62.08 -67.10 43.76
C ALA TA 111 -60.97 -67.09 44.80
N ILE TA 112 -60.89 -68.12 45.66
CA ILE TA 112 -59.77 -68.25 46.59
C ILE TA 112 -58.46 -68.40 45.80
N GLN TA 113 -58.47 -69.21 44.75
CA GLN TA 113 -57.30 -69.47 43.92
C GLN TA 113 -56.77 -68.19 43.25
N GLU TA 114 -57.66 -67.37 42.69
CA GLU TA 114 -57.29 -66.07 42.11
C GLU TA 114 -57.04 -64.99 43.17
N GLY TA 115 -57.56 -65.17 44.38
CA GLY TA 115 -57.22 -64.40 45.57
C GLY TA 115 -57.98 -63.09 45.80
N ASN TA 116 -58.86 -62.65 44.88
CA ASN TA 116 -59.72 -61.48 45.14
C ASN TA 116 -60.91 -61.86 46.04
N LEU TA 117 -60.79 -61.59 47.34
CA LEU TA 117 -61.76 -62.00 48.34
C LEU TA 117 -63.15 -61.36 48.14
N GLU TA 118 -63.26 -60.24 47.42
CA GLU TA 118 -64.56 -59.66 47.09
C GLU TA 118 -65.41 -60.64 46.29
N LEU TA 119 -64.82 -61.28 45.28
CA LEU TA 119 -65.52 -62.29 44.50
C LEU TA 119 -65.90 -63.45 45.42
N ALA TA 120 -64.99 -63.90 46.27
CA ALA TA 120 -65.28 -65.00 47.20
C ALA TA 120 -66.46 -64.63 48.12
N ILE TA 121 -66.49 -63.41 48.61
CA ILE TA 121 -67.58 -62.91 49.44
C ILE TA 121 -68.89 -62.94 48.65
N ILE TA 122 -68.90 -62.39 47.44
CA ILE TA 122 -70.12 -62.34 46.62
C ILE TA 122 -70.60 -63.75 46.33
N ALA TA 123 -69.68 -64.62 45.94
CA ALA TA 123 -69.97 -66.03 45.74
C ALA TA 123 -70.55 -66.63 47.01
N LEU TA 124 -69.97 -66.34 48.16
CA LEU TA 124 -70.47 -66.90 49.40
C LEU TA 124 -71.88 -66.39 49.67
N HIS TA 125 -72.18 -65.12 49.41
CA HIS TA 125 -73.55 -64.62 49.55
C HIS TA 125 -74.51 -65.42 48.67
N ILE TA 126 -74.14 -65.64 47.42
CA ILE TA 126 -74.96 -66.44 46.52
C ILE TA 126 -75.05 -67.88 47.03
N SER TA 127 -74.02 -68.41 47.67
CA SER TA 127 -74.13 -69.70 48.33
C SER TA 127 -75.17 -69.68 49.44
N VAL TA 128 -75.29 -68.58 50.20
CA VAL TA 128 -76.38 -68.44 51.16
C VAL TA 128 -77.72 -68.49 50.41
N ARG TA 129 -77.85 -67.79 49.29
CA ARG TA 129 -79.10 -67.86 48.53
C ARG TA 129 -79.40 -69.27 48.07
N ILE TA 130 -78.38 -70.00 47.63
CA ILE TA 130 -78.51 -71.41 47.29
C ILE TA 130 -78.99 -72.18 48.51
N ALA TA 131 -78.42 -71.93 49.67
CA ALA TA 131 -78.87 -72.58 50.90
C ALA TA 131 -80.33 -72.28 51.20
N GLU TA 132 -80.79 -71.04 51.03
CA GLU TA 132 -82.19 -70.68 51.23
C GLU TA 132 -83.10 -71.51 50.32
N VAL TA 133 -82.78 -71.56 49.02
CA VAL TA 133 -83.61 -72.32 48.07
C VAL TA 133 -83.52 -73.81 48.37
N LEU TA 134 -82.34 -74.33 48.69
CA LEU TA 134 -82.21 -75.72 49.11
C LEU TA 134 -83.09 -76.01 50.33
N LEU TA 135 -83.09 -75.12 51.32
CA LEU TA 135 -83.88 -75.29 52.53
C LEU TA 135 -85.38 -75.33 52.20
N GLU TA 136 -85.83 -74.44 51.33
CA GLU TA 136 -87.20 -74.48 50.83
C GLU TA 136 -87.50 -75.73 50.00
N THR TA 137 -86.46 -76.38 49.47
CA THR TA 137 -86.63 -77.60 48.66
C THR TA 137 -86.70 -78.86 49.51
N ARG TA 138 -85.80 -79.04 50.48
CA ARG TA 138 -85.66 -80.27 51.30
C ARG TA 138 -85.47 -79.96 52.79
N PRO TA 139 -86.54 -79.93 53.61
CA PRO TA 139 -86.44 -79.81 55.07
C PRO TA 139 -86.10 -81.14 55.77
N ASP TA 140 -86.24 -82.27 55.07
CA ASP TA 140 -86.06 -83.63 55.60
C ASP TA 140 -84.60 -84.15 55.49
N ASP TA 141 -83.93 -83.96 54.35
CA ASP TA 141 -82.56 -84.42 54.09
C ASP TA 141 -81.49 -83.51 54.74
N ARG TA 142 -81.64 -83.30 56.05
CA ARG TA 142 -80.87 -82.33 56.84
C ARG TA 142 -79.36 -82.56 56.74
N GLU TA 143 -78.92 -83.80 56.52
CA GLU TA 143 -77.52 -84.13 56.39
C GLU TA 143 -76.89 -83.45 55.17
N GLU TA 144 -77.59 -83.34 54.04
CA GLU TA 144 -77.06 -82.59 52.90
C GLU TA 144 -76.91 -81.10 53.25
N ILE TA 145 -77.89 -80.54 53.96
CA ILE TA 145 -77.79 -79.16 54.44
C ILE TA 145 -76.61 -79.03 55.39
N ARG TA 146 -76.43 -79.98 56.31
CA ARG TA 146 -75.29 -79.97 57.22
C ARG TA 146 -73.98 -80.08 56.46
N GLU TA 147 -73.89 -80.87 55.41
CA GLU TA 147 -72.71 -80.89 54.54
C GLU TA 147 -72.45 -79.51 53.95
N GLN TA 148 -73.49 -78.89 53.40
CA GLN TA 148 -73.35 -77.54 52.87
C GLN TA 148 -72.87 -76.58 53.96
N GLN TA 149 -73.44 -76.67 55.17
CA GLN TA 149 -73.00 -75.86 56.30
C GLN TA 149 -71.55 -76.14 56.65
N ALA TA 150 -71.13 -77.40 56.67
CA ALA TA 150 -69.76 -77.75 56.95
C ALA TA 150 -68.83 -77.10 55.93
N ILE TA 151 -69.19 -77.20 54.65
CA ILE TA 151 -68.41 -76.60 53.58
C ILE TA 151 -68.36 -75.09 53.78
N PHE TA 152 -69.51 -74.47 54.05
CA PHE TA 152 -69.60 -73.05 54.31
C PHE TA 152 -68.74 -72.65 55.51
N GLU TA 153 -68.80 -73.40 56.58
CA GLU TA 153 -68.00 -73.16 57.78
C GLU TA 153 -66.52 -73.25 57.45
N LEU TA 154 -66.12 -74.21 56.64
CA LEU TA 154 -64.74 -74.30 56.19
C LEU TA 154 -64.36 -73.07 55.35
N LEU TA 155 -65.22 -72.67 54.42
CA LEU TA 155 -64.96 -71.47 53.62
C LEU TA 155 -64.86 -70.24 54.52
N ILE TA 156 -65.72 -70.14 55.53
CA ILE TA 156 -65.66 -69.07 56.51
C ILE TA 156 -64.35 -69.13 57.26
N ALA TA 157 -63.90 -70.30 57.68
CA ALA TA 157 -62.63 -70.41 58.37
C ALA TA 157 -61.50 -69.90 57.46
N ALA TA 158 -61.52 -70.34 56.20
CA ALA TA 158 -60.56 -69.89 55.22
C ALA TA 158 -60.63 -68.37 55.07
N LEU TA 159 -61.82 -67.80 54.97
CA LEU TA 159 -61.99 -66.37 54.87
C LEU TA 159 -61.48 -65.64 56.11
N GLU TA 160 -61.73 -66.15 57.32
CA GLU TA 160 -61.27 -65.48 58.54
C GLU TA 160 -59.76 -65.38 58.53
N ALA TA 161 -59.09 -66.49 58.24
CA ALA TA 161 -57.66 -66.47 58.06
C ALA TA 161 -57.30 -65.50 56.93
N ALA TA 162 -57.95 -65.60 55.79
CA ALA TA 162 -57.58 -64.87 54.60
C ALA TA 162 -57.64 -63.36 54.84
N ILE TA 163 -58.77 -62.89 55.33
CA ILE TA 163 -59.00 -61.48 55.57
C ILE TA 163 -58.07 -60.99 56.67
N ARG TA 164 -57.86 -61.79 57.74
CA ARG TA 164 -56.91 -61.39 58.79
C ARG TA 164 -55.51 -61.24 58.22
N LEU TA 165 -55.06 -62.20 57.42
CA LEU TA 165 -53.73 -62.17 56.83
C LEU TA 165 -53.62 -61.01 55.83
N GLU TA 166 -54.66 -60.74 55.05
CA GLU TA 166 -54.69 -59.60 54.14
C GLU TA 166 -54.56 -58.29 54.91
N LYS TA 167 -55.24 -58.18 56.05
CA LYS TA 167 -55.07 -57.02 56.94
C LYS TA 167 -53.64 -56.93 57.46
N LEU TA 168 -53.07 -58.02 57.96
CA LEU TA 168 -51.68 -58.01 58.44
C LEU TA 168 -50.71 -57.61 57.31
N LYS TA 169 -50.98 -58.02 56.07
CA LYS TA 169 -50.22 -57.62 54.88
C LYS TA 169 -50.36 -56.12 54.63
N GLU TA 170 -51.58 -55.60 54.66
CA GLU TA 170 -51.83 -54.16 54.51
C GLU TA 170 -51.13 -53.34 55.61
N GLU TA 171 -51.17 -53.82 56.85
CA GLU TA 171 -50.51 -53.20 58.00
C GLU TA 171 -48.97 -53.33 57.96
N GLY TA 172 -48.42 -54.23 57.15
CA GLY TA 172 -46.98 -54.51 57.11
C GLY TA 172 -46.45 -55.15 58.40
N ALA TA 173 -47.24 -56.03 59.03
CA ALA TA 173 -46.92 -56.64 60.32
C ALA TA 173 -45.61 -57.48 60.33
N PRO TA 174 -44.96 -57.69 61.49
CA PRO TA 174 -43.80 -58.57 61.61
C PRO TA 174 -44.08 -59.96 61.03
N PRO TA 175 -43.24 -60.46 60.10
CA PRO TA 175 -43.44 -61.77 59.47
C PRO TA 175 -43.61 -62.91 60.48
N GLU TA 176 -42.95 -62.84 61.64
CA GLU TA 176 -43.12 -63.83 62.71
C GLU TA 176 -44.56 -63.85 63.25
N GLN TA 177 -45.17 -62.68 63.47
CA GLN TA 177 -46.57 -62.61 63.89
C GLN TA 177 -47.48 -63.17 62.79
N ILE TA 178 -47.20 -62.84 61.53
CA ILE TA 178 -47.93 -63.38 60.39
C ILE TA 178 -47.84 -64.91 60.39
N GLU TA 179 -46.64 -65.46 60.61
CA GLU TA 179 -46.43 -66.90 60.67
C GLU TA 179 -47.20 -67.55 61.82
N ARG TA 180 -47.23 -66.93 63.01
CA ARG TA 180 -48.04 -67.45 64.12
C ARG TA 180 -49.52 -67.50 63.75
N VAL TA 181 -50.03 -66.45 63.11
CA VAL TA 181 -51.41 -66.44 62.63
C VAL TA 181 -51.62 -67.50 61.55
N ALA TA 182 -50.69 -67.67 60.62
CA ALA TA 182 -50.80 -68.67 59.58
C ALA TA 182 -50.87 -70.09 60.17
N GLU TA 183 -50.01 -70.39 61.14
CA GLU TA 183 -50.09 -71.67 61.85
C GLU TA 183 -51.45 -71.82 62.52
N HIS TA 184 -51.91 -70.81 63.27
CA HIS TA 184 -53.22 -70.87 63.90
C HIS TA 184 -54.32 -71.18 62.86
N GLY TA 185 -54.25 -70.55 61.69
CA GLY TA 185 -55.13 -70.83 60.57
C GLY TA 185 -55.05 -72.29 60.15
N LEU TA 186 -53.87 -72.77 59.79
CA LEU TA 186 -53.70 -74.17 59.39
C LEU TA 186 -54.19 -75.13 60.47
N GLU TA 187 -53.82 -74.91 61.72
CA GLU TA 187 -54.24 -75.75 62.84
C GLU TA 187 -55.76 -75.77 62.97
N ARG TA 188 -56.40 -74.61 62.99
CA ARG TA 188 -57.85 -74.54 63.06
C ARG TA 188 -58.46 -75.28 61.87
N LEU TA 189 -57.94 -75.06 60.67
CA LEU TA 189 -58.43 -75.71 59.46
C LEU TA 189 -58.32 -77.22 59.60
N LYS TA 190 -57.18 -77.71 60.08
CA LYS TA 190 -56.95 -79.12 60.31
C LYS TA 190 -57.96 -79.69 61.30
N GLU TA 191 -58.19 -79.00 62.42
CA GLU TA 191 -59.20 -79.45 63.38
C GLU TA 191 -60.58 -79.49 62.73
N ILE TA 192 -60.97 -78.42 62.04
CA ILE TA 192 -62.25 -78.38 61.34
C ILE TA 192 -62.33 -79.54 60.35
N ALA TA 193 -61.29 -79.77 59.55
CA ALA TA 193 -61.30 -80.86 58.60
C ALA TA 193 -61.50 -82.19 59.31
N LYS TA 194 -60.84 -82.40 60.45
CA LYS TA 194 -61.03 -83.61 61.24
C LYS TA 194 -62.47 -83.74 61.69
N GLU TA 195 -63.06 -82.67 62.23
CA GLU TA 195 -64.47 -82.70 62.60
C GLU TA 195 -65.35 -83.02 61.39
N ILE TA 196 -65.13 -82.38 60.26
CA ILE TA 196 -65.89 -82.65 59.03
C ILE TA 196 -65.75 -84.13 58.65
N SER TA 197 -64.55 -84.68 58.74
CA SER TA 197 -64.33 -86.10 58.42
C SER TA 197 -65.10 -87.04 59.34
N LYS TA 198 -65.40 -86.62 60.56
CA LYS TA 198 -66.29 -87.35 61.47
C LYS TA 198 -67.75 -87.13 61.13
N GLU TA 199 -68.12 -85.89 60.77
CA GLU TA 199 -69.50 -85.57 60.43
C GLU TA 199 -69.99 -86.26 59.15
N VAL TA 200 -69.19 -86.27 58.08
CA VAL TA 200 -69.69 -86.48 56.71
C VAL TA 200 -69.08 -87.72 56.05
N ASP TA 201 -69.85 -88.35 55.14
CA ASP TA 201 -69.42 -89.53 54.37
C ASP TA 201 -69.57 -89.38 52.84
N SER TA 202 -70.12 -88.28 52.32
CA SER TA 202 -70.16 -88.04 50.86
C SER TA 202 -68.73 -87.86 50.33
N PRO TA 203 -68.27 -88.71 49.39
CA PRO TA 203 -66.92 -88.61 48.85
C PRO TA 203 -66.68 -87.25 48.22
N GLU TA 204 -67.65 -86.75 47.44
CA GLU TA 204 -67.52 -85.45 46.80
C GLU TA 204 -67.39 -84.34 47.83
N SER TA 205 -68.16 -84.40 48.93
CA SER TA 205 -68.04 -83.39 49.99
C SER TA 205 -66.62 -83.39 50.58
N LYS TA 206 -66.06 -84.58 50.82
CA LYS TA 206 -64.71 -84.71 51.37
C LYS TA 206 -63.68 -84.20 50.36
N ARG TA 207 -63.86 -84.51 49.08
CA ARG TA 207 -63.01 -84.02 47.97
C ARG TA 207 -63.02 -82.50 47.94
N ILE TA 208 -64.20 -81.92 47.94
CA ILE TA 208 -64.39 -80.48 48.05
C ILE TA 208 -63.66 -79.95 49.27
N ALA TA 209 -63.86 -80.56 50.43
CA ALA TA 209 -63.25 -80.08 51.65
C ALA TA 209 -61.73 -80.05 51.49
N TYR TA 210 -61.14 -81.13 51.03
CA TYR TA 210 -59.70 -81.16 50.87
C TYR TA 210 -59.24 -80.10 49.88
N LYS TA 211 -59.92 -79.95 48.75
CA LYS TA 211 -59.59 -78.92 47.77
C LYS TA 211 -59.59 -77.55 48.42
N ILE TA 212 -60.61 -77.26 49.24
CA ILE TA 212 -60.66 -75.99 49.95
C ILE TA 212 -59.45 -75.86 50.87
N VAL TA 213 -59.12 -76.90 51.63
CA VAL TA 213 -57.97 -76.84 52.53
C VAL TA 213 -56.71 -76.54 51.74
N ALA TA 214 -56.51 -77.24 50.63
CA ALA TA 214 -55.35 -77.04 49.79
C ALA TA 214 -55.30 -75.60 49.28
N ALA TA 215 -56.43 -75.08 48.82
CA ALA TA 215 -56.52 -73.70 48.39
C ALA TA 215 -56.18 -72.75 49.54
N ALA TA 216 -56.61 -73.04 50.76
CA ALA TA 216 -56.31 -72.20 51.90
C ALA TA 216 -54.80 -72.17 52.19
N ALA TA 217 -54.14 -73.32 52.14
CA ALA TA 217 -52.69 -73.33 52.25
C ALA TA 217 -52.04 -72.50 51.14
N GLU TA 218 -52.49 -72.67 49.90
CA GLU TA 218 -51.94 -71.90 48.78
C GLU TA 218 -52.14 -70.40 48.99
N PHE TA 219 -53.31 -69.98 49.47
CA PHE TA 219 -53.57 -68.58 49.74
C PHE TA 219 -52.60 -68.04 50.80
N LEU TA 220 -52.42 -68.78 51.90
CA LEU TA 220 -51.46 -68.41 52.94
C LEU TA 220 -50.08 -68.23 52.33
N LEU TA 221 -49.64 -69.18 51.52
CA LEU TA 221 -48.35 -69.11 50.83
C LEU TA 221 -48.27 -67.84 49.97
N LYS TA 222 -49.27 -67.58 49.13
CA LYS TA 222 -49.20 -66.45 48.20
C LYS TA 222 -49.27 -65.12 48.92
N ILE TA 223 -50.07 -65.01 49.98
CA ILE TA 223 -50.05 -63.82 50.84
C ILE TA 223 -48.68 -63.63 51.46
N LEU TA 224 -48.11 -64.67 52.05
CA LEU TA 224 -46.79 -64.57 52.67
C LEU TA 224 -45.73 -64.15 51.64
N ALA TA 225 -45.82 -64.68 50.42
CA ALA TA 225 -44.92 -64.34 49.33
C ALA TA 225 -45.08 -62.88 48.87
N GLU TA 226 -46.30 -62.38 48.72
CA GLU TA 226 -46.53 -60.95 48.47
C GLU TA 226 -45.95 -60.09 49.59
N GLY TA 227 -46.03 -60.59 50.84
CA GLY TA 227 -45.45 -59.94 52.01
C GLY TA 227 -43.91 -59.90 52.01
N GLY TA 228 -43.24 -60.60 51.09
CA GLY TA 228 -41.79 -60.58 50.94
C GLY TA 228 -41.01 -61.17 52.12
N ALA TA 229 -41.62 -62.06 52.90
CA ALA TA 229 -40.98 -62.71 54.05
C ALA TA 229 -39.74 -63.54 53.63
N THR TA 230 -38.71 -63.57 54.47
CA THR TA 230 -37.43 -64.23 54.14
C THR TA 230 -37.59 -65.76 54.05
N PRO TA 231 -36.77 -66.45 53.23
CA PRO TA 231 -36.99 -67.84 52.87
C PRO TA 231 -37.20 -68.82 54.02
N GLU TA 232 -36.64 -68.55 55.20
CA GLU TA 232 -36.81 -69.36 56.39
C GLU TA 232 -38.28 -69.45 56.78
N GLN TA 233 -38.99 -68.33 56.75
CA GLN TA 233 -40.42 -68.31 57.02
C GLN TA 233 -41.17 -69.12 55.97
N LEU TA 234 -40.83 -68.92 54.69
CA LEU TA 234 -41.47 -69.63 53.59
C LEU TA 234 -41.33 -71.13 53.78
N GLU TA 235 -40.11 -71.59 54.04
CA GLU TA 235 -39.81 -72.99 54.26
C GLU TA 235 -40.56 -73.53 55.49
N ARG TA 236 -40.53 -72.83 56.63
CA ARG TA 236 -41.23 -73.28 57.84
C ARG TA 236 -42.72 -73.43 57.59
N VAL TA 237 -43.35 -72.40 57.02
CA VAL TA 237 -44.77 -72.46 56.69
C VAL TA 237 -45.02 -73.58 55.69
N THR TA 238 -44.15 -73.73 54.69
CA THR TA 238 -44.30 -74.78 53.68
C THR TA 238 -44.29 -76.15 54.34
N GLU TA 239 -43.34 -76.43 55.21
CA GLU TA 239 -43.30 -77.71 55.92
C GLU TA 239 -44.60 -77.91 56.68
N HIS TA 240 -45.01 -76.93 57.49
CA HIS TA 240 -46.20 -77.11 58.30
C HIS TA 240 -47.44 -77.34 57.42
N ALA TA 241 -47.52 -76.61 56.31
CA ALA TA 241 -48.59 -76.75 55.35
C ALA TA 241 -48.58 -78.15 54.74
N LEU TA 242 -47.44 -78.61 54.23
CA LEU TA 242 -47.33 -79.95 53.68
C LEU TA 242 -47.69 -81.00 54.74
N GLU TA 243 -47.19 -80.85 55.95
CA GLU TA 243 -47.44 -81.77 57.06
C GLU TA 243 -48.94 -81.87 57.32
N VAL TA 244 -49.60 -80.72 57.49
CA VAL TA 244 -51.04 -80.68 57.63
C VAL TA 244 -51.71 -81.32 56.44
N LEU TA 245 -51.33 -80.94 55.22
CA LEU TA 245 -51.97 -81.46 54.03
C LEU TA 245 -51.85 -82.98 54.00
N LYS TA 246 -50.69 -83.51 54.37
CA LYS TA 246 -50.45 -84.94 54.42
C LYS TA 246 -51.39 -85.60 55.41
N GLU TA 247 -51.41 -85.15 56.66
CA GLU TA 247 -52.24 -85.82 57.65
C GLU TA 247 -53.72 -85.69 57.31
N VAL TA 248 -54.14 -84.50 56.87
CA VAL TA 248 -55.52 -84.27 56.47
C VAL TA 248 -55.86 -85.15 55.26
N ALA TA 249 -54.96 -85.29 54.30
CA ALA TA 249 -55.18 -86.21 53.19
C ALA TA 249 -55.33 -87.64 53.70
N LYS TA 250 -54.44 -88.09 54.61
CA LYS TA 250 -54.48 -89.47 55.11
C LYS TA 250 -55.84 -89.78 55.72
N GLU TA 251 -56.43 -88.83 56.44
CA GLU TA 251 -57.77 -89.01 56.96
C GLU TA 251 -58.83 -88.91 55.85
N LEU TA 252 -58.90 -87.78 55.13
CA LEU TA 252 -60.04 -87.45 54.25
C LEU TA 252 -60.02 -88.21 52.91
N ALA TA 253 -58.84 -88.49 52.35
CA ALA TA 253 -58.70 -89.03 50.99
C ALA TA 253 -58.82 -90.58 50.94
N ASP TA 254 -59.82 -91.13 51.61
CA ASP TA 254 -60.06 -92.59 51.66
C ASP TA 254 -60.70 -93.16 50.37
N SER TA 255 -61.27 -92.32 49.49
CA SER TA 255 -61.54 -92.69 48.10
C SER TA 255 -60.22 -92.84 47.34
N PRO TA 256 -59.92 -94.01 46.75
CA PRO TA 256 -58.70 -94.18 45.96
C PRO TA 256 -58.55 -93.10 44.89
N GLU TA 257 -59.65 -92.77 44.23
CA GLU TA 257 -59.68 -91.75 43.20
C GLU TA 257 -59.27 -90.40 43.77
N SER TA 258 -59.75 -90.07 44.97
CA SER TA 258 -59.38 -88.83 45.65
C SER TA 258 -57.89 -88.77 45.99
N VAL TA 259 -57.19 -89.90 46.12
CA VAL TA 259 -55.75 -89.87 46.31
C VAL TA 259 -55.08 -89.21 45.10
N ARG TA 260 -55.55 -89.51 43.89
CA ARG TA 260 -55.01 -88.91 42.66
C ARG TA 260 -55.09 -87.38 42.75
N GLU TA 261 -56.22 -86.90 43.22
CA GLU TA 261 -56.42 -85.48 43.48
C GLU TA 261 -55.46 -84.99 44.57
N ALA TA 262 -55.40 -85.70 45.70
CA ALA TA 262 -54.59 -85.28 46.84
C ALA TA 262 -53.13 -85.13 46.43
N VAL TA 263 -52.62 -86.11 45.69
CA VAL TA 263 -51.27 -86.08 45.13
C VAL TA 263 -51.13 -84.85 44.26
N ARG TA 264 -52.01 -84.66 43.27
CA ARG TA 264 -51.90 -83.52 42.35
C ARG TA 264 -51.92 -82.19 43.10
N LEU TA 265 -52.73 -82.08 44.14
CA LEU TA 265 -52.79 -80.88 44.96
C LEU TA 265 -51.46 -80.69 45.68
N ILE TA 266 -50.99 -81.70 46.38
CA ILE TA 266 -49.76 -81.60 47.16
C ILE TA 266 -48.61 -81.25 46.23
N SER TA 267 -48.52 -81.92 45.09
CA SER TA 267 -47.45 -81.65 44.14
C SER TA 267 -47.57 -80.23 43.62
N LYS TA 268 -48.75 -79.78 43.21
CA LYS TA 268 -48.93 -78.41 42.72
C LYS TA 268 -48.51 -77.41 43.78
N LEU TA 269 -48.97 -77.57 45.03
CA LEU TA 269 -48.57 -76.69 46.12
C LEU TA 269 -47.06 -76.69 46.30
N THR TA 270 -46.45 -77.88 46.26
CA THR TA 270 -45.00 -78.01 46.34
C THR TA 270 -44.34 -77.21 45.23
N GLN TA 271 -44.81 -77.37 43.99
CA GLN TA 271 -44.27 -76.68 42.84
C GLN TA 271 -44.36 -75.17 43.01
N GLU TA 272 -45.52 -74.65 43.41
CA GLU TA 272 -45.66 -73.22 43.68
C GLU TA 272 -44.71 -72.77 44.78
N GLY TA 273 -44.54 -73.56 45.84
CA GLY TA 273 -43.57 -73.25 46.89
C GLY TA 273 -42.17 -73.10 46.32
N LEU TA 274 -41.73 -74.08 45.53
CA LEU TA 274 -40.42 -74.02 44.88
C LEU TA 274 -40.32 -72.81 43.94
N LYS TA 275 -41.38 -72.50 43.18
CA LYS TA 275 -41.40 -71.30 42.33
C LYS TA 275 -41.18 -70.04 43.16
N GLN TA 276 -41.83 -69.91 44.31
CA GLN TA 276 -41.64 -68.76 45.17
C GLN TA 276 -40.21 -68.69 45.71
N LEU TA 277 -39.65 -69.82 46.19
CA LEU TA 277 -38.26 -69.84 46.65
C LEU TA 277 -37.28 -69.46 45.53
N LYS TA 278 -37.54 -69.89 44.29
CA LYS TA 278 -36.75 -69.48 43.12
C LYS TA 278 -36.90 -67.98 42.86
N GLU TA 279 -38.12 -67.46 42.89
CA GLU TA 279 -38.40 -66.06 42.58
C GLU TA 279 -37.82 -65.09 43.61
N ILE TA 280 -37.85 -65.43 44.91
CA ILE TA 280 -37.21 -64.61 45.96
C ILE TA 280 -35.67 -64.72 45.94
N GLY TA 281 -35.10 -65.66 45.19
CA GLY TA 281 -33.66 -65.87 45.10
C GLY TA 281 -33.06 -66.57 46.33
N ALA TA 282 -33.79 -67.53 46.92
CA ALA TA 282 -33.31 -68.32 48.07
C ALA TA 282 -32.04 -69.13 47.71
N PRO TA 283 -31.16 -69.45 48.69
CA PRO TA 283 -30.02 -70.30 48.45
C PRO TA 283 -30.49 -71.72 48.10
N PRO TA 284 -29.93 -72.37 47.07
CA PRO TA 284 -30.34 -73.71 46.63
C PRO TA 284 -30.40 -74.76 47.74
N GLU TA 285 -29.64 -74.60 48.84
CA GLU TA 285 -29.73 -75.46 50.01
C GLU TA 285 -31.16 -75.55 50.54
N GLN TA 286 -31.82 -74.41 50.72
CA GLN TA 286 -33.23 -74.39 51.13
C GLN TA 286 -34.10 -75.08 50.07
N ILE TA 287 -33.86 -74.77 48.80
CA ILE TA 287 -34.65 -75.32 47.70
C ILE TA 287 -34.59 -76.85 47.71
N GLU TA 288 -33.39 -77.40 47.84
CA GLU TA 288 -33.18 -78.83 47.87
C GLU TA 288 -33.80 -79.46 49.12
N ARG TA 289 -33.72 -78.82 50.28
CA ARG TA 289 -34.41 -79.31 51.47
C ARG TA 289 -35.91 -79.39 51.23
N VAL TA 290 -36.51 -78.32 50.73
CA VAL TA 290 -37.94 -78.32 50.39
C VAL TA 290 -38.22 -79.40 49.34
N ALA TA 291 -37.36 -79.56 48.33
CA ALA TA 291 -37.57 -80.59 47.33
C ALA TA 291 -37.61 -81.98 47.97
N GLU TA 292 -36.64 -82.29 48.82
CA GLU TA 292 -36.63 -83.57 49.53
C GLU TA 292 -37.88 -83.70 50.39
N HIS TA 293 -38.25 -82.67 51.15
CA HIS TA 293 -39.45 -82.72 51.97
C HIS TA 293 -40.67 -83.04 51.10
N GLY TA 294 -40.75 -82.40 49.94
CA GLY TA 294 -41.77 -82.65 48.94
C GLY TA 294 -41.79 -84.12 48.53
N LEU TA 295 -40.65 -84.63 48.08
CA LEU TA 295 -40.55 -86.03 47.69
C LEU TA 295 -40.92 -86.95 48.86
N GLU TA 296 -40.50 -86.65 50.07
CA GLU TA 296 -40.79 -87.47 51.24
C GLU TA 296 -42.29 -87.51 51.51
N VAL TA 297 -42.96 -86.38 51.64
CA VAL TA 297 -44.41 -86.40 51.88
C VAL TA 297 -45.13 -87.03 50.70
N LEU TA 298 -44.66 -86.79 49.48
CA LEU TA 298 -45.23 -87.37 48.28
C LEU TA 298 -45.19 -88.89 48.37
N LYS TA 299 -44.03 -89.41 48.73
CA LYS TA 299 -43.79 -90.83 48.95
C LYS TA 299 -44.67 -91.36 50.07
N GLU TA 300 -44.77 -90.66 51.20
CA GLU TA 300 -45.63 -91.12 52.29
C GLU TA 300 -47.08 -91.22 51.82
N ILE TA 301 -47.55 -90.23 51.06
CA ILE TA 301 -48.90 -90.27 50.52
C ILE TA 301 -49.03 -91.40 49.51
N ALA TA 302 -48.07 -91.57 48.61
CA ALA TA 302 -48.12 -92.64 47.62
C ALA TA 302 -48.22 -94.00 48.32
N LYS TA 303 -47.40 -94.19 49.36
CA LYS TA 303 -47.44 -95.38 50.22
C LYS TA 303 -48.81 -95.53 50.86
N TYR TA 304 -49.39 -94.47 51.41
CA TYR TA 304 -50.74 -94.53 51.95
C TYR TA 304 -51.75 -94.95 50.89
N GLY TA 305 -51.65 -94.37 49.70
CA GLY TA 305 -52.45 -94.73 48.54
C GLY TA 305 -52.34 -96.20 48.17
N SER TA 306 -51.17 -96.80 48.29
CA SER TA 306 -51.00 -98.23 48.03
C SER TA 306 -51.93 -99.10 48.88
N LYS TA 307 -52.27 -98.66 50.10
CA LYS TA 307 -53.18 -99.40 50.99
C LYS TA 307 -54.60 -99.43 50.44
N LEU TA 308 -55.03 -98.29 49.88
CA LEU TA 308 -56.40 -98.09 49.39
C LEU TA 308 -56.61 -98.63 47.96
N THR TA 309 -55.56 -98.59 47.13
CA THR TA 309 -55.67 -98.78 45.67
C THR TA 309 -55.68 -100.24 45.22
N ASP TA 310 -56.29 -100.48 44.05
CA ASP TA 310 -56.38 -101.80 43.41
C ASP TA 310 -56.44 -101.75 41.86
N SER TA 311 -57.14 -100.78 41.25
CA SER TA 311 -57.35 -100.77 39.80
C SER TA 311 -56.08 -100.40 39.00
N PRO TA 312 -55.76 -101.13 37.91
CA PRO TA 312 -54.52 -100.94 37.16
C PRO TA 312 -54.33 -99.51 36.66
N GLU TA 313 -55.37 -98.91 36.09
CA GLU TA 313 -55.27 -97.56 35.54
C GLU TA 313 -54.92 -96.56 36.64
N LEU TA 314 -55.57 -96.64 37.81
CA LEU TA 314 -55.30 -95.70 38.89
C LEU TA 314 -53.87 -95.87 39.41
N LYS TA 315 -53.42 -97.11 39.58
CA LYS TA 315 -52.04 -97.39 39.97
C LYS TA 315 -51.07 -96.79 38.96
N ARG TA 316 -51.29 -97.05 37.67
CA ARG TA 316 -50.48 -96.51 36.56
C ARG TA 316 -50.46 -94.99 36.60
N GLU TA 317 -51.63 -94.38 36.70
CA GLU TA 317 -51.76 -92.93 36.71
C GLU TA 317 -51.06 -92.33 37.92
N LEU TA 318 -51.19 -92.92 39.10
CA LEU TA 318 -50.48 -92.45 40.27
C LEU TA 318 -48.99 -92.48 39.99
N TYR TA 319 -48.47 -93.59 39.49
CA TYR TA 319 -47.06 -93.66 39.17
C TYR TA 319 -46.67 -92.60 38.14
N ARG TA 320 -47.48 -92.42 37.09
CA ARG TA 320 -47.25 -91.43 36.06
C ARG TA 320 -47.15 -90.05 36.68
N ILE TA 321 -48.12 -89.67 37.49
CA ILE TA 321 -48.15 -88.40 38.18
C ILE TA 321 -46.94 -88.26 39.11
N ILE TA 322 -46.54 -89.31 39.81
CA ILE TA 322 -45.36 -89.25 40.66
C ILE TA 322 -44.15 -88.91 39.80
N SER TA 323 -43.99 -89.59 38.67
CA SER TA 323 -42.87 -89.34 37.78
C SER TA 323 -42.94 -87.94 37.17
N GLU TA 324 -44.11 -87.49 36.75
CA GLU TA 324 -44.29 -86.14 36.25
C GLU TA 324 -43.90 -85.14 37.32
N THR TA 325 -44.34 -85.39 38.56
CA THR TA 325 -44.02 -84.53 39.71
C THR TA 325 -42.53 -84.44 39.88
N ALA TA 326 -41.84 -85.58 39.91
CA ALA TA 326 -40.40 -85.58 40.01
C ALA TA 326 -39.78 -84.79 38.85
N LYS TA 327 -40.20 -85.06 37.62
CA LYS TA 327 -39.64 -84.40 36.43
C LYS TA 327 -39.80 -82.89 36.52
N GLU TA 328 -40.97 -82.41 36.91
CA GLU TA 328 -41.16 -80.98 37.12
C GLU TA 328 -40.27 -80.47 38.25
N LEU TA 329 -40.13 -81.20 39.36
CA LEU TA 329 -39.26 -80.80 40.46
C LEU TA 329 -37.82 -80.60 39.96
N LEU TA 330 -37.29 -81.56 39.22
CA LEU TA 330 -35.96 -81.42 38.63
C LEU TA 330 -35.93 -80.26 37.65
N LYS TA 331 -36.94 -80.09 36.80
CA LYS TA 331 -37.00 -78.98 35.84
C LYS TA 331 -36.92 -77.64 36.57
N ILE TA 332 -37.70 -77.46 37.62
CA ILE TA 332 -37.70 -76.25 38.43
C ILE TA 332 -36.33 -76.04 39.06
N LEU TA 333 -35.72 -77.09 39.62
CA LEU TA 333 -34.40 -76.97 40.23
C LEU TA 333 -33.35 -76.55 39.18
N ALA TA 334 -33.42 -77.10 37.98
CA ALA TA 334 -32.53 -76.76 36.87
C ALA TA 334 -32.75 -75.32 36.37
N GLU TA 335 -34.00 -74.88 36.24
CA GLU TA 335 -34.32 -73.46 36.00
C GLU TA 335 -33.83 -72.58 37.16
N GLY TA 336 -33.75 -73.12 38.38
CA GLY TA 336 -33.14 -72.49 39.55
C GLY TA 336 -31.63 -72.32 39.48
N GLY TA 337 -30.95 -72.87 38.46
CA GLY TA 337 -29.53 -72.62 38.20
C GLY TA 337 -28.56 -73.21 39.25
N ALA TA 338 -28.99 -74.20 40.03
CA ALA TA 338 -28.18 -74.82 41.09
C ALA TA 338 -26.94 -75.57 40.56
N THR TA 339 -25.94 -75.80 41.42
CA THR TA 339 -24.79 -76.66 41.10
C THR TA 339 -25.24 -78.10 40.80
N PRO TA 340 -24.62 -78.80 39.83
CA PRO TA 340 -24.92 -80.18 39.50
C PRO TA 340 -24.96 -81.14 40.71
N GLU TA 341 -24.24 -80.83 41.80
CA GLU TA 341 -24.33 -81.61 43.03
C GLU TA 341 -25.78 -81.71 43.55
N GLN TA 342 -26.53 -80.62 43.54
CA GLN TA 342 -27.93 -80.69 43.93
C GLN TA 342 -28.72 -81.54 42.93
N LEU TA 343 -28.43 -81.40 41.63
CA LEU TA 343 -29.09 -82.18 40.60
C LEU TA 343 -28.88 -83.67 40.84
N GLU TA 344 -27.66 -84.14 41.08
CA GLU TA 344 -27.46 -85.56 41.34
C GLU TA 344 -28.13 -86.00 42.64
N ARG TA 345 -27.98 -85.22 43.74
CA ARG TA 345 -28.59 -85.55 45.04
C ARG TA 345 -30.07 -85.78 44.88
N VAL TA 346 -30.75 -84.82 44.28
CA VAL TA 346 -32.19 -84.89 44.07
C VAL TA 346 -32.52 -85.98 43.06
N THR TA 347 -31.79 -86.09 41.95
CA THR TA 347 -32.08 -87.10 40.94
C THR TA 347 -32.05 -88.49 41.55
N LYS TA 348 -30.99 -88.78 42.32
CA LYS TA 348 -30.88 -90.04 43.01
C LYS TA 348 -32.05 -90.22 43.95
N HIS TA 349 -32.28 -89.27 44.85
CA HIS TA 349 -33.34 -89.46 45.83
C HIS TA 349 -34.69 -89.67 45.16
N ALA TA 350 -34.97 -88.93 44.08
CA ALA TA 350 -36.19 -89.08 43.32
C ALA TA 350 -36.28 -90.47 42.72
N LEU TA 351 -35.21 -90.96 42.09
CA LEU TA 351 -35.19 -92.33 41.58
C LEU TA 351 -35.46 -93.31 42.72
N GLU TA 352 -34.83 -93.14 43.87
CA GLU TA 352 -35.02 -94.03 45.02
C GLU TA 352 -36.47 -94.02 45.47
N VAL TA 353 -37.06 -92.84 45.60
CA VAL TA 353 -38.49 -92.72 45.89
C VAL TA 353 -39.29 -93.45 44.84
N LEU TA 354 -39.05 -93.18 43.56
CA LEU TA 354 -39.77 -93.83 42.49
C LEU TA 354 -39.65 -95.34 42.61
N LYS TA 355 -38.47 -95.85 42.94
CA LYS TA 355 -38.23 -97.27 43.11
C LYS TA 355 -39.09 -97.81 44.24
N GLU TA 356 -39.05 -97.18 45.39
CA GLU TA 356 -39.85 -97.63 46.53
C GLU TA 356 -41.33 -97.57 46.19
N VAL TA 357 -41.77 -96.50 45.55
CA VAL TA 357 -43.15 -96.35 45.12
C VAL TA 357 -43.50 -97.45 44.12
N ALA TA 358 -42.59 -97.80 43.22
CA ALA TA 358 -42.84 -98.87 42.28
C ALA TA 358 -43.05 -100.17 43.05
N LYS TA 359 -42.18 -100.46 44.01
CA LYS TA 359 -42.27 -101.67 44.84
C LYS TA 359 -43.58 -101.71 45.61
N GLU TA 360 -44.08 -100.58 46.09
CA GLU TA 360 -45.40 -100.55 46.71
C GLU TA 360 -46.52 -100.83 45.71
N LEU TA 361 -46.51 -100.17 44.54
CA LEU TA 361 -47.65 -100.17 43.63
C LEU TA 361 -47.70 -101.41 42.71
N ALA TA 362 -46.55 -101.94 42.30
CA ALA TA 362 -46.47 -102.87 41.18
C ALA TA 362 -46.66 -104.34 41.61
N ASP TA 363 -47.63 -105.01 40.98
CA ASP TA 363 -47.96 -106.43 41.18
C ASP TA 363 -48.20 -107.21 39.85
N SER TA 364 -47.97 -106.58 38.70
CA SER TA 364 -47.84 -107.23 37.37
C SER TA 364 -46.62 -106.68 36.62
N PRO TA 365 -45.84 -107.53 35.92
CA PRO TA 365 -44.75 -107.07 35.05
C PRO TA 365 -45.17 -105.98 34.07
N GLU TA 366 -46.44 -105.93 33.64
CA GLU TA 366 -46.95 -104.88 32.77
C GLU TA 366 -46.75 -103.50 33.40
N SER TA 367 -47.21 -103.36 34.65
CA SER TA 367 -46.96 -102.16 35.45
C SER TA 367 -45.48 -101.98 35.76
N GLY TA 368 -44.72 -103.07 35.94
CA GLY TA 368 -43.28 -103.02 36.12
C GLY TA 368 -42.62 -102.32 34.94
N LEU TA 369 -42.95 -102.71 33.71
CA LEU TA 369 -42.42 -102.07 32.51
C LEU TA 369 -42.80 -100.61 32.47
N ALA TA 370 -44.06 -100.28 32.72
CA ALA TA 370 -44.47 -98.88 32.74
C ALA TA 370 -43.65 -98.08 33.76
N ALA TA 371 -43.49 -98.60 34.98
CA ALA TA 371 -42.71 -97.96 36.02
C ALA TA 371 -41.25 -97.82 35.59
N LEU TA 372 -40.67 -98.88 35.04
CA LEU TA 372 -39.31 -98.86 34.52
C LEU TA 372 -39.19 -97.76 33.48
N ALA TA 373 -40.11 -97.71 32.53
CA ALA TA 373 -40.08 -96.72 31.47
C ALA TA 373 -40.14 -95.30 32.04
N ALA TA 374 -40.99 -95.10 33.05
CA ALA TA 374 -41.03 -93.82 33.73
C ALA TA 374 -39.70 -93.53 34.42
N ILE TA 375 -39.14 -94.48 35.16
CA ILE TA 375 -37.83 -94.32 35.81
C ILE TA 375 -36.79 -93.93 34.78
N ALA TA 376 -36.75 -94.66 33.67
CA ALA TA 376 -35.86 -94.36 32.57
C ALA TA 376 -36.10 -92.96 32.05
N SER TA 377 -37.35 -92.54 31.89
CA SER TA 377 -37.62 -91.19 31.42
C SER TA 377 -37.08 -90.16 32.41
N LEU TA 378 -37.22 -90.40 33.71
CA LEU TA 378 -36.71 -89.49 34.73
C LEU TA 378 -35.19 -89.45 34.64
N ALA TA 379 -34.56 -90.61 34.55
CA ALA TA 379 -33.13 -90.69 34.38
C ALA TA 379 -32.69 -89.92 33.13
N LYS TA 380 -33.42 -90.06 32.03
CA LYS TA 380 -33.15 -89.37 30.77
C LYS TA 380 -33.24 -87.87 30.95
N LEU TA 381 -34.32 -87.39 31.57
CA LEU TA 381 -34.44 -85.97 31.86
C LEU TA 381 -33.27 -85.50 32.74
N GLY TA 382 -32.93 -86.24 33.78
CA GLY TA 382 -31.79 -85.89 34.64
C GLY TA 382 -30.51 -85.77 33.83
N LEU TA 383 -30.25 -86.74 32.96
CA LEU TA 383 -29.08 -86.72 32.08
C LEU TA 383 -29.12 -85.52 31.13
N GLU TA 384 -30.28 -85.20 30.57
CA GLU TA 384 -30.44 -84.00 29.74
C GLU TA 384 -30.12 -82.73 30.52
N GLN TA 385 -30.51 -82.63 31.80
CA GLN TA 385 -30.15 -81.46 32.61
C GLN TA 385 -28.64 -81.42 32.89
N LEU TA 386 -28.02 -82.54 33.24
CA LEU TA 386 -26.56 -82.60 33.41
C LEU TA 386 -25.82 -82.24 32.11
N LYS TA 387 -26.34 -82.67 30.96
CA LYS TA 387 -25.80 -82.31 29.65
C LYS TA 387 -25.95 -80.81 29.39
N GLU TA 388 -27.13 -80.25 29.63
CA GLU TA 388 -27.42 -78.84 29.38
C GLU TA 388 -26.56 -77.91 30.24
N ILE TA 389 -26.38 -78.22 31.53
CA ILE TA 389 -25.48 -77.45 32.42
C ILE TA 389 -24.00 -77.73 32.13
N GLY TA 390 -23.68 -78.75 31.32
CA GLY TA 390 -22.31 -79.12 30.99
C GLY TA 390 -21.53 -79.73 32.15
N ALA TA 391 -22.19 -80.54 33.00
CA ALA TA 391 -21.58 -81.17 34.16
C ALA TA 391 -20.41 -82.12 33.76
N PRO TA 392 -19.38 -82.30 34.61
CA PRO TA 392 -18.25 -83.17 34.31
C PRO TA 392 -18.70 -84.57 33.87
N PRO TA 393 -18.07 -85.17 32.85
CA PRO TA 393 -18.41 -86.51 32.39
C PRO TA 393 -18.46 -87.55 33.51
N GLU TA 394 -17.60 -87.44 34.53
CA GLU TA 394 -17.66 -88.34 35.69
C GLU TA 394 -19.02 -88.25 36.41
N GLN TA 395 -19.57 -87.05 36.60
CA GLN TA 395 -20.90 -86.89 37.18
C GLN TA 395 -21.94 -87.57 36.28
N GLN TA 396 -21.85 -87.35 34.97
CA GLN TA 396 -22.76 -87.97 34.01
C GLN TA 396 -22.72 -89.50 34.14
N ARG TA 397 -21.52 -90.08 34.19
CA ARG TA 397 -21.33 -91.52 34.38
C ARG TA 397 -21.90 -91.95 35.73
N ARG TA 398 -21.55 -91.27 36.82
CA ARG TA 398 -22.04 -91.60 38.17
C ARG TA 398 -23.55 -91.71 38.19
N VAL TA 399 -24.22 -90.68 37.70
CA VAL TA 399 -25.69 -90.65 37.62
C VAL TA 399 -26.17 -91.78 36.71
N THR TA 400 -25.55 -91.98 35.55
CA THR TA 400 -26.01 -93.00 34.61
C THR TA 400 -25.91 -94.39 35.21
N LYS TA 401 -24.80 -94.69 35.89
CA LYS TA 401 -24.59 -95.93 36.62
C LYS TA 401 -25.63 -96.11 37.69
N ALA TA 402 -25.86 -95.07 38.50
CA ALA TA 402 -26.93 -95.14 39.49
C ALA TA 402 -28.28 -95.43 38.83
N GLY TA 403 -28.56 -94.81 37.68
CA GLY TA 403 -29.77 -95.08 36.92
C GLY TA 403 -29.85 -96.53 36.48
N ILE TA 404 -28.78 -97.05 35.90
CA ILE TA 404 -28.70 -98.45 35.51
C ILE TA 404 -28.94 -99.33 36.75
N GLU TA 405 -28.31 -99.04 37.87
CA GLU TA 405 -28.48 -99.81 39.10
C GLU TA 405 -29.91 -99.79 39.60
N ALA TA 406 -30.57 -98.63 39.56
CA ALA TA 406 -31.98 -98.55 39.91
C ALA TA 406 -32.79 -99.44 38.97
N VAL TA 407 -32.56 -99.33 37.66
CA VAL TA 407 -33.23 -100.19 36.68
C VAL TA 407 -32.94 -101.65 36.94
N ARG TA 408 -31.72 -102.00 37.34
CA ARG TA 408 -31.37 -103.38 37.71
C ARG TA 408 -32.20 -103.82 38.92
N GLU TA 409 -32.34 -102.99 39.94
CA GLU TA 409 -33.22 -103.33 41.06
C GLU TA 409 -34.68 -103.47 40.63
N ILE TA 410 -35.14 -102.61 39.72
CA ILE TA 410 -36.46 -102.76 39.14
C ILE TA 410 -36.57 -104.09 38.39
N TYR TA 411 -35.55 -104.50 37.64
CA TYR TA 411 -35.54 -105.82 37.03
C TYR TA 411 -35.55 -106.92 38.10
N ARG TA 412 -34.78 -106.79 39.19
CA ARG TA 412 -34.79 -107.78 40.27
C ARG TA 412 -36.18 -107.92 40.86
N TYR TA 413 -36.88 -106.81 41.08
CA TYR TA 413 -38.28 -106.87 41.49
C TYR TA 413 -39.16 -107.48 40.38
N GLY TA 414 -38.95 -107.11 39.13
CA GLY TA 414 -39.64 -107.67 37.97
C GLY TA 414 -39.50 -109.19 37.87
N ARG TA 415 -38.31 -109.71 38.19
CA ARG TA 415 -38.04 -111.15 38.24
C ARG TA 415 -38.80 -111.86 39.37
N LYS TA 416 -39.17 -111.14 40.45
CA LYS TA 416 -40.10 -111.66 41.47
C LYS TA 416 -41.56 -111.61 40.98
N LEU TA 417 -41.94 -110.59 40.21
CA LEU TA 417 -43.30 -110.47 39.67
C LEU TA 417 -43.62 -111.52 38.58
N TYR TA 418 -42.68 -111.78 37.66
CA TYR TA 418 -42.89 -112.59 36.46
C TYR TA 418 -42.72 -114.10 36.71
N ASP UA 3 -82.20 -32.40 42.75
CA ASP UA 3 -83.52 -33.09 42.76
C ASP UA 3 -83.52 -34.41 43.54
N ASP UA 4 -82.62 -35.34 43.24
CA ASP UA 4 -82.58 -36.71 43.78
C ASP UA 4 -82.85 -36.80 45.30
N LEU UA 5 -82.24 -35.90 46.07
CA LEU UA 5 -82.44 -35.84 47.52
C LEU UA 5 -83.93 -35.77 47.90
N LEU UA 6 -84.73 -34.97 47.18
CA LEU UA 6 -86.16 -34.87 47.46
C LEU UA 6 -86.85 -36.21 47.26
N LEU UA 7 -86.48 -36.95 46.21
CA LEU UA 7 -87.00 -38.29 46.02
C LEU UA 7 -86.63 -39.15 47.22
N LYS UA 8 -85.39 -39.09 47.68
CA LYS UA 8 -84.99 -39.85 48.86
C LYS UA 8 -85.79 -39.43 50.09
N LEU UA 9 -86.06 -38.15 50.28
CA LEU UA 9 -86.92 -37.71 51.38
C LEU UA 9 -88.30 -38.35 51.25
N LEU UA 10 -88.87 -38.33 50.05
CA LEU UA 10 -90.17 -38.94 49.84
C LEU UA 10 -90.10 -40.44 50.13
N GLU UA 11 -89.04 -41.13 49.72
CA GLU UA 11 -88.87 -42.54 50.08
C GLU UA 11 -88.85 -42.70 51.60
N LEU UA 12 -88.08 -41.88 52.30
CA LEU UA 12 -88.01 -41.95 53.75
C LEU UA 12 -89.39 -41.75 54.36
N LEU UA 13 -90.11 -40.74 53.87
CA LEU UA 13 -91.47 -40.48 54.30
C LEU UA 13 -92.35 -41.69 54.04
N VAL UA 14 -92.26 -42.31 52.87
CA VAL UA 14 -93.09 -43.47 52.54
C VAL UA 14 -92.74 -44.64 53.45
N GLU UA 15 -91.46 -44.89 53.64
CA GLU UA 15 -91.02 -45.97 54.52
C GLU UA 15 -91.57 -45.73 55.93
N GLN UA 16 -91.45 -44.50 56.43
CA GLN UA 16 -92.00 -44.13 57.72
C GLN UA 16 -93.51 -44.32 57.72
N ALA UA 17 -94.20 -43.94 56.65
CA ALA UA 17 -95.63 -44.15 56.55
C ALA UA 17 -95.95 -45.64 56.69
N ARG UA 18 -95.21 -46.53 56.04
CA ARG UA 18 -95.43 -47.96 56.22
C ARG UA 18 -95.23 -48.35 57.67
N VAL UA 19 -94.06 -48.04 58.23
CA VAL UA 19 -93.70 -48.54 59.57
C VAL UA 19 -94.64 -47.98 60.62
N SER UA 20 -94.95 -46.69 60.56
CA SER UA 20 -95.94 -46.09 61.43
C SER UA 20 -97.33 -46.70 61.21
N ALA UA 21 -97.73 -47.03 59.99
CA ALA UA 21 -99.02 -47.69 59.76
C ALA UA 21 -99.05 -49.13 60.30
N GLU UA 22 -97.95 -49.87 60.20
CA GLU UA 22 -97.86 -51.17 60.87
C GLU UA 22 -97.96 -51.01 62.38
N PHE UA 23 -97.25 -50.04 62.96
CA PHE UA 23 -97.36 -49.72 64.38
C PHE UA 23 -98.80 -49.36 64.75
N ALA UA 24 -99.44 -48.46 64.01
CA ALA UA 24 -100.81 -48.04 64.26
C ALA UA 24 -101.78 -49.21 64.17
N ARG UA 25 -101.55 -50.17 63.26
CA ARG UA 25 -102.31 -51.42 63.18
C ARG UA 25 -102.08 -52.33 64.37
N ARG UA 26 -100.87 -52.37 64.94
CA ARG UA 26 -100.64 -53.04 66.23
C ARG UA 26 -101.35 -52.33 67.39
N GLN UA 27 -101.43 -51.00 67.38
CA GLN UA 27 -102.12 -50.21 68.41
C GLN UA 27 -103.65 -50.15 68.24
N GLY UA 28 -104.18 -50.35 67.04
CA GLY UA 28 -105.57 -50.01 66.71
C GLY UA 28 -105.83 -48.50 66.64
N ASP UA 29 -104.80 -47.69 66.38
CA ASP UA 29 -104.90 -46.23 66.42
C ASP UA 29 -105.49 -45.66 65.11
N GLU UA 30 -106.81 -45.62 65.03
CA GLU UA 30 -107.53 -45.11 63.86
C GLU UA 30 -107.19 -43.64 63.56
N LYS UA 31 -106.90 -42.84 64.59
CA LYS UA 31 -106.52 -41.44 64.41
C LYS UA 31 -105.15 -41.32 63.76
N MET UA 32 -104.18 -42.11 64.21
CA MET UA 32 -102.90 -42.17 63.51
C MET UA 32 -103.09 -42.68 62.08
N LEU UA 33 -103.90 -43.71 61.86
CA LEU UA 33 -104.17 -44.20 60.50
C LEU UA 33 -104.73 -43.10 59.60
N GLU UA 34 -105.69 -42.32 60.08
CA GLU UA 34 -106.18 -41.15 59.36
C GLU UA 34 -105.05 -40.17 59.05
N GLU UA 35 -104.26 -39.79 60.05
CA GLU UA 35 -103.18 -38.82 59.87
C GLU UA 35 -102.12 -39.32 58.87
N VAL UA 36 -101.64 -40.56 59.01
CA VAL UA 36 -100.65 -41.09 58.09
C VAL UA 36 -101.26 -41.30 56.71
N ALA UA 37 -102.55 -41.60 56.59
CA ALA UA 37 -103.19 -41.66 55.28
C ALA UA 37 -103.16 -40.28 54.61
N ARG UA 38 -103.52 -39.22 55.34
CA ARG UA 38 -103.40 -37.84 54.81
C ARG UA 38 -101.97 -37.58 54.38
N LYS UA 39 -101.01 -37.89 55.25
CA LYS UA 39 -99.59 -37.73 54.95
C LYS UA 39 -99.23 -38.50 53.69
N ALA UA 40 -99.67 -39.74 53.55
CA ALA UA 40 -99.34 -40.58 52.41
C ALA UA 40 -99.96 -40.04 51.13
N GLU UA 41 -101.19 -39.54 51.18
CA GLU UA 41 -101.77 -38.87 50.03
C GLU UA 41 -100.94 -37.63 49.65
N GLU UA 42 -100.57 -36.80 50.60
CA GLU UA 42 -99.79 -35.60 50.33
C GLU UA 42 -98.39 -35.92 49.81
N VAL UA 43 -97.74 -36.93 50.38
CA VAL UA 43 -96.46 -37.43 49.89
C VAL UA 43 -96.63 -37.92 48.46
N ALA UA 44 -97.69 -38.66 48.16
CA ALA UA 44 -97.97 -39.09 46.80
C ALA UA 44 -98.18 -37.89 45.89
N ARG UA 45 -98.88 -36.85 46.35
CA ARG UA 45 -99.05 -35.61 45.60
C ARG UA 45 -97.69 -34.99 45.30
N LYS UA 46 -96.81 -34.85 46.29
CA LYS UA 46 -95.46 -34.32 46.07
C LYS UA 46 -94.75 -35.15 45.00
N ALA UA 47 -94.80 -36.47 45.11
CA ALA UA 47 -94.19 -37.35 44.12
C ALA UA 47 -94.78 -37.16 42.72
N GLU UA 48 -96.11 -37.08 42.58
CA GLU UA 48 -96.76 -36.86 41.30
C GLU UA 48 -96.35 -35.51 40.71
N GLU UA 49 -96.34 -34.44 41.50
CA GLU UA 49 -95.90 -33.13 41.04
C GLU UA 49 -94.45 -33.17 40.55
N ILE UA 50 -93.56 -33.79 41.32
CA ILE UA 50 -92.17 -33.98 40.90
C ILE UA 50 -92.10 -34.83 39.62
N ALA UA 51 -92.93 -35.86 39.49
CA ALA UA 51 -92.94 -36.72 38.31
C ALA UA 51 -93.33 -35.92 37.05
N ARG UA 52 -94.38 -35.09 37.13
CA ARG UA 52 -94.79 -34.24 36.00
C ARG UA 52 -93.67 -33.27 35.60
N LYS UA 53 -92.96 -32.71 36.58
CA LYS UA 53 -91.75 -31.90 36.34
C LYS UA 53 -90.67 -32.74 35.63
N ALA UA 54 -90.34 -33.90 36.18
CA ALA UA 54 -89.32 -34.77 35.62
C ALA UA 54 -89.64 -35.17 34.17
N ARG UA 55 -90.91 -35.39 33.81
CA ARG UA 55 -91.31 -35.68 32.43
C ARG UA 55 -90.88 -34.57 31.47
N LYS UA 56 -91.04 -33.31 31.86
CA LYS UA 56 -90.61 -32.17 31.05
C LYS UA 56 -89.08 -32.08 30.93
N GLU UA 57 -88.36 -32.37 32.00
CA GLU UA 57 -86.90 -32.38 31.99
C GLU UA 57 -86.30 -33.57 31.22
N GLY UA 58 -87.00 -34.70 31.18
CA GLY UA 58 -86.66 -35.86 30.36
C GLY UA 58 -85.70 -36.89 30.98
N ASN UA 59 -85.30 -36.77 32.25
CA ASN UA 59 -84.55 -37.84 32.93
C ASN UA 59 -85.48 -39.00 33.32
N LEU UA 60 -85.49 -40.06 32.51
CA LEU UA 60 -86.40 -41.18 32.71
C LEU UA 60 -86.15 -41.89 34.05
N GLU UA 61 -84.89 -42.01 34.49
CA GLU UA 61 -84.60 -42.71 35.75
C GLU UA 61 -85.27 -42.01 36.92
N LEU UA 62 -85.17 -40.68 36.99
CA LEU UA 62 -85.83 -39.93 38.06
C LEU UA 62 -87.34 -40.11 37.98
N ALA UA 63 -87.92 -40.05 36.79
CA ALA UA 63 -89.35 -40.27 36.63
C ALA UA 63 -89.74 -41.68 37.08
N LEU UA 64 -88.96 -42.68 36.70
CA LEU UA 64 -89.18 -44.06 37.11
C LEU UA 64 -89.10 -44.18 38.62
N LYS UA 65 -88.09 -43.59 39.24
CA LYS UA 65 -87.99 -43.54 40.70
C LYS UA 65 -89.25 -42.92 41.29
N ALA UA 66 -89.72 -41.83 40.72
CA ALA UA 66 -90.95 -41.20 41.18
C ALA UA 66 -92.15 -42.14 41.03
N LEU UA 67 -92.23 -42.89 39.94
CA LEU UA 67 -93.25 -43.91 39.80
C LEU UA 67 -93.07 -44.99 40.88
N GLU UA 68 -91.85 -45.38 41.21
CA GLU UA 68 -91.65 -46.37 42.26
C GLU UA 68 -92.11 -45.83 43.61
N ILE UA 69 -91.78 -44.58 43.91
CA ILE UA 69 -92.29 -43.92 45.10
C ILE UA 69 -93.81 -43.95 45.07
N LEU UA 70 -94.42 -43.59 43.94
CA LEU UA 70 -95.86 -43.62 43.80
C LEU UA 70 -96.39 -45.02 44.01
N VAL UA 71 -95.70 -46.05 43.51
CA VAL UA 71 -96.06 -47.44 43.72
C VAL UA 71 -96.07 -47.75 45.21
N ARG UA 72 -95.01 -47.43 45.92
CA ARG UA 72 -94.91 -47.76 47.33
C ARG UA 72 -95.97 -47.00 48.11
N ALA UA 73 -96.15 -45.72 47.80
CA ALA UA 73 -97.15 -44.87 48.43
C ALA UA 73 -98.56 -45.42 48.17
N ALA UA 74 -98.85 -45.77 46.93
CA ALA UA 74 -100.08 -46.42 46.58
C ALA UA 74 -100.23 -47.72 47.38
N HIS UA 75 -99.17 -48.49 47.55
CA HIS UA 75 -99.27 -49.76 48.24
C HIS UA 75 -99.74 -49.57 49.67
N VAL UA 76 -99.07 -48.71 50.44
CA VAL UA 76 -99.51 -48.46 51.80
C VAL UA 76 -100.91 -47.84 51.82
N LEU UA 77 -101.21 -46.92 50.89
CA LEU UA 77 -102.55 -46.34 50.80
C LEU UA 77 -103.57 -47.44 50.58
N ALA UA 78 -103.28 -48.40 49.72
CA ALA UA 78 -104.15 -49.51 49.42
C ALA UA 78 -104.31 -50.43 50.62
N GLU UA 79 -103.24 -50.73 51.37
CA GLU UA 79 -103.38 -51.51 52.60
C GLU UA 79 -104.33 -50.82 53.58
N ILE UA 80 -104.14 -49.52 53.79
CA ILE UA 80 -105.00 -48.73 54.70
C ILE UA 80 -106.43 -48.73 54.18
N ALA UA 81 -106.62 -48.40 52.90
CA ALA UA 81 -107.94 -48.31 52.31
C ALA UA 81 -108.67 -49.66 52.28
N ARG UA 82 -107.95 -50.78 52.16
CA ARG UA 82 -108.50 -52.13 52.24
C ARG UA 82 -109.01 -52.42 53.65
N GLU UA 83 -108.15 -52.31 54.66
CA GLU UA 83 -108.52 -52.65 56.04
C GLU UA 83 -109.60 -51.70 56.58
N ARG UA 84 -109.53 -50.42 56.23
CA ARG UA 84 -110.53 -49.40 56.58
C ARG UA 84 -111.81 -49.51 55.75
N GLY UA 85 -111.78 -50.21 54.62
CA GLY UA 85 -112.89 -50.27 53.68
C GLY UA 85 -113.20 -48.94 52.98
N ASN UA 86 -112.22 -48.03 52.89
CA ASN UA 86 -112.42 -46.70 52.30
C ASN UA 86 -112.41 -46.78 50.76
N GLU UA 87 -113.60 -46.80 50.16
CA GLU UA 87 -113.72 -46.95 48.71
C GLU UA 87 -113.12 -45.79 47.92
N GLU UA 88 -113.19 -44.54 48.41
CA GLU UA 88 -112.62 -43.41 47.67
C GLU UA 88 -111.09 -43.49 47.58
N LEU UA 89 -110.42 -43.90 48.66
CA LEU UA 89 -109.01 -44.21 48.59
C LEU UA 89 -108.73 -45.41 47.69
N GLN UA 90 -109.56 -46.46 47.72
CA GLN UA 90 -109.40 -47.60 46.81
C GLN UA 90 -109.51 -47.16 45.33
N LYS UA 91 -110.52 -46.35 45.00
CA LYS UA 91 -110.72 -45.79 43.66
C LYS UA 91 -109.50 -44.95 43.25
N LYS UA 92 -109.07 -44.03 44.09
CA LYS UA 92 -107.87 -43.21 43.87
C LYS UA 92 -106.67 -44.09 43.58
N ALA UA 93 -106.39 -45.05 44.45
CA ALA UA 93 -105.25 -45.95 44.29
C ALA UA 93 -105.29 -46.71 42.96
N HIS UA 94 -106.42 -47.33 42.60
CA HIS UA 94 -106.50 -48.11 41.37
C HIS UA 94 -106.31 -47.23 40.13
N LYS UA 95 -106.96 -46.06 40.10
CA LYS UA 95 -106.79 -45.08 39.02
C LYS UA 95 -105.35 -44.57 38.93
N LEU UA 96 -104.76 -44.20 40.06
CA LEU UA 96 -103.36 -43.75 40.09
C LEU UA 96 -102.43 -44.86 39.61
N ALA UA 97 -102.66 -46.11 40.00
CA ALA UA 97 -101.88 -47.24 39.52
C ALA UA 97 -102.05 -47.42 38.01
N LYS UA 98 -103.26 -47.29 37.48
CA LYS UA 98 -103.49 -47.33 36.03
C LYS UA 98 -102.74 -46.21 35.33
N GLU UA 99 -102.80 -44.99 35.85
CA GLU UA 99 -102.05 -43.86 35.31
C GLU UA 99 -100.55 -44.11 35.38
N ALA UA 100 -100.07 -44.69 36.47
CA ALA UA 100 -98.67 -45.07 36.57
C ALA UA 100 -98.32 -46.10 35.50
N LEU UA 101 -99.14 -47.12 35.29
CA LEU UA 101 -98.92 -48.08 34.22
C LEU UA 101 -98.87 -47.38 32.87
N ARG UA 102 -99.82 -46.49 32.61
CA ARG UA 102 -99.86 -45.72 31.36
C ARG UA 102 -98.56 -44.92 31.18
N GLN UA 103 -98.13 -44.22 32.22
CA GLN UA 103 -96.89 -43.46 32.17
C GLN UA 103 -95.67 -44.37 32.00
N VAL UA 104 -95.60 -45.50 32.69
CA VAL UA 104 -94.47 -46.41 32.54
C VAL UA 104 -94.44 -46.99 31.14
N ILE UA 105 -95.60 -47.25 30.54
CA ILE UA 105 -95.70 -47.68 29.16
C ILE UA 105 -95.16 -46.59 28.26
N GLU UA 106 -95.57 -45.33 28.44
CA GLU UA 106 -95.03 -44.23 27.66
C GLU UA 106 -93.51 -44.13 27.81
N ILE UA 107 -93.01 -44.24 29.04
CA ILE UA 107 -91.58 -44.24 29.30
C ILE UA 107 -90.93 -45.42 28.57
N ALA UA 108 -91.54 -46.61 28.59
CA ALA UA 108 -90.99 -47.79 27.94
C ALA UA 108 -90.94 -47.61 26.43
N ILE UA 109 -92.01 -47.08 25.83
CA ILE UA 109 -92.02 -46.74 24.42
C ILE UA 109 -90.92 -45.72 24.12
N ARG UA 110 -90.81 -44.65 24.92
CA ARG UA 110 -89.76 -43.65 24.71
C ARG UA 110 -88.38 -44.27 24.82
N ALA UA 111 -88.15 -45.11 25.83
CA ALA UA 111 -86.86 -45.73 26.06
C ALA UA 111 -86.44 -46.61 24.87
N ILE UA 112 -87.33 -47.48 24.36
CA ILE UA 112 -86.96 -48.28 23.19
C ILE UA 112 -86.81 -47.40 21.95
N GLN UA 113 -87.60 -46.34 21.81
CA GLN UA 113 -87.49 -45.45 20.65
C GLN UA 113 -86.19 -44.64 20.67
N GLU UA 114 -85.72 -44.22 21.85
CA GLU UA 114 -84.37 -43.65 22.02
C GLU UA 114 -83.28 -44.73 21.97
N GLY UA 115 -83.64 -45.99 22.23
CA GLY UA 115 -82.76 -47.16 22.18
C GLY UA 115 -81.98 -47.48 23.46
N ASN UA 116 -82.32 -46.89 24.62
CA ASN UA 116 -81.69 -47.26 25.89
C ASN UA 116 -82.35 -48.51 26.51
N LEU UA 117 -81.75 -49.67 26.24
CA LEU UA 117 -82.30 -50.96 26.65
C LEU UA 117 -82.31 -51.12 28.17
N GLU UA 118 -81.31 -50.58 28.86
CA GLU UA 118 -81.25 -50.66 30.33
C GLU UA 118 -82.43 -49.94 30.97
N LEU UA 119 -82.69 -48.69 30.56
CA LEU UA 119 -83.83 -47.95 31.08
C LEU UA 119 -85.12 -48.69 30.74
N ALA UA 120 -85.26 -49.22 29.52
CA ALA UA 120 -86.44 -50.00 29.16
C ALA UA 120 -86.61 -51.22 30.09
N ILE UA 121 -85.54 -51.95 30.35
CA ILE UA 121 -85.55 -53.08 31.27
C ILE UA 121 -86.00 -52.61 32.66
N ILE UA 122 -85.40 -51.54 33.17
CA ILE UA 122 -85.71 -51.05 34.52
C ILE UA 122 -87.17 -50.62 34.57
N ALA UA 123 -87.64 -49.89 33.56
CA ALA UA 123 -89.02 -49.51 33.45
C ALA UA 123 -89.91 -50.74 33.47
N LEU UA 124 -89.54 -51.79 32.74
CA LEU UA 124 -90.31 -53.01 32.72
C LEU UA 124 -90.30 -53.65 34.11
N HIS UA 125 -89.18 -53.63 34.82
CA HIS UA 125 -89.11 -54.16 36.18
C HIS UA 125 -90.09 -53.41 37.09
N ILE UA 126 -90.09 -52.09 37.02
CA ILE UA 126 -91.06 -51.28 37.74
C ILE UA 126 -92.47 -51.61 37.26
N SER UA 127 -92.67 -51.90 35.99
CA SER UA 127 -93.98 -52.31 35.52
C SER UA 127 -94.43 -53.60 36.21
N VAL UA 128 -93.50 -54.52 36.49
CA VAL UA 128 -93.86 -55.70 37.29
C VAL UA 128 -94.27 -55.27 38.69
N ARG UA 129 -93.58 -54.30 39.31
CA ARG UA 129 -94.03 -53.80 40.59
C ARG UA 129 -95.43 -53.18 40.49
N ILE UA 130 -95.69 -52.42 39.43
CA ILE UA 130 -97.01 -51.88 39.18
C ILE UA 130 -98.01 -53.02 39.03
N ALA UA 131 -97.65 -54.09 38.35
CA ALA UA 131 -98.49 -55.27 38.25
C ALA UA 131 -98.76 -55.85 39.63
N GLU UA 132 -97.77 -56.00 40.50
CA GLU UA 132 -97.98 -56.48 41.86
C GLU UA 132 -98.96 -55.57 42.62
N VAL UA 133 -98.81 -54.26 42.49
CA VAL UA 133 -99.76 -53.31 43.11
C VAL UA 133 -101.15 -53.54 42.56
N LEU UA 134 -101.30 -53.55 41.23
CA LEU UA 134 -102.59 -53.75 40.60
C LEU UA 134 -103.19 -55.08 41.05
N LEU UA 135 -102.39 -56.13 41.10
CA LEU UA 135 -102.81 -57.48 41.48
C LEU UA 135 -103.34 -57.48 42.91
N GLU UA 136 -102.64 -56.81 43.82
CA GLU UA 136 -103.14 -56.69 45.18
C GLU UA 136 -104.33 -55.73 45.29
N THR UA 137 -104.53 -54.86 44.30
CA THR UA 137 -105.64 -53.90 44.27
C THR UA 137 -106.94 -54.52 43.79
N ARG UA 138 -106.92 -55.30 42.69
CA ARG UA 138 -108.12 -55.91 42.08
C ARG UA 138 -107.81 -57.29 41.46
N PRO UA 139 -107.91 -58.39 42.24
CA PRO UA 139 -107.80 -59.77 41.72
C PRO UA 139 -108.85 -60.13 40.66
N ASP UA 140 -109.98 -59.43 40.62
CA ASP UA 140 -111.13 -59.67 39.73
C ASP UA 140 -111.07 -58.91 38.40
N ASP UA 141 -110.37 -57.77 38.33
CA ASP UA 141 -110.22 -56.91 37.13
C ASP UA 141 -109.23 -57.49 36.10
N ARG UA 142 -109.20 -58.81 35.97
CA ARG UA 142 -108.14 -59.61 35.36
C ARG UA 142 -107.92 -59.32 33.87
N GLU UA 143 -108.90 -58.73 33.22
CA GLU UA 143 -108.73 -58.17 31.88
C GLU UA 143 -107.58 -57.15 31.83
N GLU UA 144 -107.48 -56.26 32.82
CA GLU UA 144 -106.39 -55.29 32.89
C GLU UA 144 -105.05 -56.02 33.01
N ILE UA 145 -105.01 -57.04 33.88
CA ILE UA 145 -103.81 -57.85 34.08
C ILE UA 145 -103.43 -58.54 32.78
N ARG UA 146 -104.40 -59.17 32.10
CA ARG UA 146 -104.11 -59.84 30.83
C ARG UA 146 -103.65 -58.85 29.78
N GLU UA 147 -104.22 -57.66 29.71
CA GLU UA 147 -103.72 -56.60 28.83
C GLU UA 147 -102.28 -56.25 29.18
N GLN UA 148 -102.00 -56.03 30.45
CA GLN UA 148 -100.65 -55.75 30.90
C GLN UA 148 -99.70 -56.90 30.51
N GLN UA 149 -100.13 -58.15 30.69
CA GLN UA 149 -99.36 -59.31 30.27
C GLN UA 149 -99.11 -59.26 28.78
N ALA UA 150 -100.12 -59.03 27.96
CA ALA UA 150 -99.94 -58.94 26.53
C ALA UA 150 -98.93 -57.85 26.17
N ILE UA 151 -99.07 -56.68 26.77
CA ILE UA 151 -98.18 -55.56 26.53
C ILE UA 151 -96.76 -55.93 26.94
N PHE UA 152 -96.59 -56.52 28.11
CA PHE UA 152 -95.31 -56.97 28.61
C PHE UA 152 -94.70 -58.01 27.67
N GLU UA 153 -95.46 -59.02 27.27
CA GLU UA 153 -95.00 -60.07 26.38
C GLU UA 153 -94.56 -59.48 25.06
N LEU UA 154 -95.30 -58.50 24.54
CA LEU UA 154 -94.94 -57.82 23.32
C LEU UA 154 -93.64 -57.04 23.52
N LEU UA 155 -93.52 -56.29 24.62
CA LEU UA 155 -92.29 -55.57 24.91
C LEU UA 155 -91.12 -56.52 25.05
N ILE UA 156 -91.30 -57.65 25.71
CA ILE UA 156 -90.29 -58.69 25.81
C ILE UA 156 -89.93 -59.20 24.42
N ALA UA 157 -90.90 -59.48 23.57
CA ALA UA 157 -90.61 -59.96 22.23
C ALA UA 157 -89.76 -58.91 21.48
N ALA UA 158 -90.14 -57.63 21.59
CA ALA UA 158 -89.38 -56.56 21.00
C ALA UA 158 -87.96 -56.50 21.58
N LEU UA 159 -87.82 -56.57 22.89
CA LEU UA 159 -86.54 -56.57 23.55
C LEU UA 159 -85.69 -57.78 23.13
N GLU UA 160 -86.26 -58.96 22.95
CA GLU UA 160 -85.52 -60.14 22.53
C GLU UA 160 -84.91 -59.91 21.15
N ALA UA 161 -85.73 -59.47 20.21
CA ALA UA 161 -85.23 -59.10 18.90
C ALA UA 161 -84.17 -58.00 19.05
N ALA UA 162 -84.44 -56.99 19.87
CA ALA UA 162 -83.57 -55.84 20.01
C ALA UA 162 -82.19 -56.23 20.51
N ILE UA 163 -82.12 -56.92 21.64
CA ILE UA 163 -80.86 -57.30 22.26
C ILE UA 163 -80.15 -58.34 21.40
N ARG UA 164 -80.89 -59.28 20.78
CA ARG UA 164 -80.28 -60.23 19.84
C ARG UA 164 -79.62 -59.48 18.69
N LEU UA 165 -80.33 -58.53 18.08
CA LEU UA 165 -79.83 -57.78 16.93
C LEU UA 165 -78.66 -56.89 17.35
N GLU UA 166 -78.73 -56.23 18.51
CA GLU UA 166 -77.63 -55.42 19.03
C GLU UA 166 -76.37 -56.27 19.23
N LYS UA 167 -76.51 -57.48 19.78
CA LYS UA 167 -75.37 -58.40 19.88
C LYS UA 167 -74.88 -58.84 18.50
N LEU UA 168 -75.80 -59.18 17.59
CA LEU UA 168 -75.44 -59.63 16.25
C LEU UA 168 -74.68 -58.52 15.47
N LYS UA 169 -75.05 -57.26 15.69
CA LYS UA 169 -74.34 -56.05 15.26
C LYS UA 169 -72.96 -55.97 15.89
N GLU UA 170 -72.84 -56.16 17.21
CA GLU UA 170 -71.54 -56.19 17.88
C GLU UA 170 -70.63 -57.30 17.36
N GLU UA 171 -71.19 -58.46 17.02
CA GLU UA 171 -70.46 -59.60 16.43
C GLU UA 171 -70.04 -59.37 14.97
N GLY UA 172 -70.55 -58.35 14.28
CA GLY UA 172 -70.17 -58.04 12.90
C GLY UA 172 -70.65 -59.07 11.86
N ALA UA 173 -71.81 -59.68 12.10
CA ALA UA 173 -72.40 -60.72 11.25
C ALA UA 173 -72.67 -60.28 9.79
N PRO UA 174 -72.81 -61.21 8.83
CA PRO UA 174 -73.19 -60.87 7.46
C PRO UA 174 -74.61 -60.28 7.43
N PRO UA 175 -74.86 -59.18 6.69
CA PRO UA 175 -76.16 -58.52 6.64
C PRO UA 175 -77.34 -59.43 6.33
N GLU UA 176 -77.16 -60.49 5.53
CA GLU UA 176 -78.22 -61.46 5.24
C GLU UA 176 -78.74 -62.15 6.51
N GLN UA 177 -77.83 -62.55 7.42
CA GLN UA 177 -78.23 -63.12 8.70
C GLN UA 177 -78.95 -62.08 9.56
N ILE UA 178 -78.41 -60.86 9.59
CA ILE UA 178 -79.01 -59.74 10.33
C ILE UA 178 -80.44 -59.51 9.85
N GLU UA 179 -80.63 -59.42 8.54
CA GLU UA 179 -81.95 -59.21 7.95
C GLU UA 179 -82.88 -60.39 8.21
N ARG UA 180 -82.41 -61.64 8.15
CA ARG UA 180 -83.23 -62.81 8.51
C ARG UA 180 -83.69 -62.76 9.96
N VAL UA 181 -82.83 -62.34 10.88
CA VAL UA 181 -83.23 -62.15 12.29
C VAL UA 181 -84.27 -61.04 12.40
N ALA UA 182 -84.07 -59.90 11.75
CA ALA UA 182 -85.04 -58.82 11.77
C ALA UA 182 -86.39 -59.25 11.19
N GLU UA 183 -86.37 -59.96 10.07
CA GLU UA 183 -87.55 -60.52 9.43
C GLU UA 183 -88.30 -61.43 10.40
N HIS UA 184 -87.60 -62.40 11.01
CA HIS UA 184 -88.20 -63.29 12.00
C HIS UA 184 -88.82 -62.49 13.14
N GLY UA 185 -88.11 -61.50 13.66
CA GLY UA 185 -88.60 -60.65 14.73
C GLY UA 185 -89.90 -59.96 14.32
N LEU UA 186 -89.90 -59.28 13.18
CA LEU UA 186 -91.09 -58.60 12.68
C LEU UA 186 -92.24 -59.59 12.47
N GLU UA 187 -91.99 -60.75 11.85
CA GLU UA 187 -93.04 -61.75 11.65
C GLU UA 187 -93.63 -62.21 12.98
N ARG UA 188 -92.77 -62.60 13.92
CA ARG UA 188 -93.21 -63.05 15.24
C ARG UA 188 -94.03 -61.95 15.91
N LEU UA 189 -93.52 -60.72 15.90
CA LEU UA 189 -94.19 -59.57 16.50
C LEU UA 189 -95.56 -59.40 15.88
N LYS UA 190 -95.65 -59.44 14.55
CA LYS UA 190 -96.90 -59.22 13.84
C LYS UA 190 -97.92 -60.27 14.24
N GLU UA 191 -97.54 -61.55 14.21
CA GLU UA 191 -98.47 -62.61 14.59
C GLU UA 191 -98.88 -62.48 16.06
N ILE UA 192 -97.94 -62.19 16.95
CA ILE UA 192 -98.24 -61.96 18.37
C ILE UA 192 -99.25 -60.82 18.49
N ALA UA 193 -99.00 -59.68 17.85
CA ALA UA 193 -99.89 -58.54 17.90
C ALA UA 193 -101.27 -58.92 17.38
N LYS UA 194 -101.32 -59.66 16.27
CA LYS UA 194 -102.58 -60.12 15.68
C LYS UA 194 -103.34 -60.97 16.69
N GLU UA 195 -102.70 -61.95 17.30
CA GLU UA 195 -103.35 -62.78 18.32
C GLU UA 195 -103.80 -61.94 19.52
N ILE UA 196 -102.96 -61.03 20.01
CA ILE UA 196 -103.30 -60.12 21.10
C ILE UA 196 -104.58 -59.35 20.75
N SER UA 197 -104.70 -58.85 19.53
CA SER UA 197 -105.88 -58.10 19.11
C SER UA 197 -107.17 -58.91 19.17
N LYS UA 198 -107.08 -60.25 19.12
CA LYS UA 198 -108.26 -61.11 19.28
C LYS UA 198 -108.61 -61.32 20.75
N GLU UA 199 -107.65 -61.18 21.66
CA GLU UA 199 -107.95 -61.16 23.09
C GLU UA 199 -108.50 -59.81 23.55
N VAL UA 200 -107.76 -58.72 23.32
CA VAL UA 200 -108.01 -57.43 23.99
C VAL UA 200 -109.07 -56.60 23.28
N ASP UA 201 -109.77 -55.74 24.02
CA ASP UA 201 -110.77 -54.81 23.45
C ASP UA 201 -110.63 -53.33 23.91
N SER UA 202 -109.77 -53.00 24.87
CA SER UA 202 -109.50 -51.60 25.22
C SER UA 202 -108.86 -50.86 24.04
N PRO UA 203 -109.47 -49.77 23.53
CA PRO UA 203 -108.90 -49.01 22.44
C PRO UA 203 -107.49 -48.51 22.78
N GLU UA 204 -107.30 -48.02 24.01
CA GLU UA 204 -106.00 -47.55 24.45
C GLU UA 204 -104.99 -48.69 24.42
N SER UA 205 -105.36 -49.89 24.89
CA SER UA 205 -104.45 -51.03 24.85
C SER UA 205 -104.03 -51.35 23.42
N LYS UA 206 -104.98 -51.34 22.49
CA LYS UA 206 -104.73 -51.59 21.07
C LYS UA 206 -103.80 -50.52 20.51
N ARG UA 207 -104.08 -49.26 20.82
CA ARG UA 207 -103.27 -48.11 20.40
C ARG UA 207 -101.84 -48.25 20.89
N ILE UA 208 -101.69 -48.49 22.18
CA ILE UA 208 -100.40 -48.79 22.80
C ILE UA 208 -99.72 -49.92 22.06
N ALA UA 209 -100.42 -51.04 21.84
CA ALA UA 209 -99.83 -52.20 21.23
C ALA UA 209 -99.28 -51.84 19.84
N TYR UA 210 -100.08 -51.19 19.02
CA TYR UA 210 -99.59 -50.83 17.70
C TYR UA 210 -98.39 -49.89 17.81
N LYS UA 211 -98.45 -48.90 18.69
CA LYS UA 211 -97.34 -47.98 18.89
C LYS UA 211 -96.08 -48.73 19.28
N ILE UA 212 -96.18 -49.75 20.12
CA ILE UA 212 -95.05 -50.59 20.46
C ILE UA 212 -94.53 -51.27 19.20
N VAL UA 213 -95.40 -51.87 18.39
CA VAL UA 213 -94.95 -52.53 17.16
C VAL UA 213 -94.24 -51.54 16.26
N ALA UA 214 -94.80 -50.36 16.07
CA ALA UA 214 -94.20 -49.33 15.26
C ALA UA 214 -92.82 -48.94 15.80
N ALA UA 215 -92.72 -48.75 17.11
CA ALA UA 215 -91.45 -48.48 17.74
C ALA UA 215 -90.46 -49.63 17.51
N ALA UA 216 -90.91 -50.88 17.55
CA ALA UA 216 -90.05 -52.02 17.30
C ALA UA 216 -89.53 -52.00 15.87
N ALA UA 217 -90.40 -51.73 14.89
CA ALA UA 217 -89.94 -51.57 13.52
C ALA UA 217 -88.90 -50.45 13.43
N GLU UA 218 -89.17 -49.28 14.01
CA GLU UA 218 -88.22 -48.16 13.96
C GLU UA 218 -86.88 -48.56 14.58
N PHE UA 219 -86.91 -49.17 15.76
CA PHE UA 219 -85.68 -49.59 16.43
C PHE UA 219 -84.89 -50.57 15.56
N LEU UA 220 -85.55 -51.62 15.07
CA LEU UA 220 -84.89 -52.63 14.25
C LEU UA 220 -84.27 -51.98 13.00
N LEU UA 221 -85.01 -51.08 12.36
CA LEU UA 221 -84.52 -50.31 11.23
C LEU UA 221 -83.27 -49.53 11.61
N LYS UA 222 -83.32 -48.76 12.71
CA LYS UA 222 -82.19 -47.93 13.13
C LYS UA 222 -80.98 -48.78 13.48
N ILE UA 223 -81.15 -49.90 14.17
CA ILE UA 223 -80.03 -50.81 14.44
C ILE UA 223 -79.45 -51.34 13.13
N LEU UA 224 -80.29 -51.77 12.19
CA LEU UA 224 -79.80 -52.28 10.92
C LEU UA 224 -79.04 -51.19 10.15
N ALA UA 225 -79.51 -49.95 10.21
CA ALA UA 225 -78.84 -48.79 9.61
C ALA UA 225 -77.50 -48.47 10.30
N GLU UA 226 -77.43 -48.52 11.63
CA GLU UA 226 -76.15 -48.41 12.35
C GLU UA 226 -75.17 -49.51 11.93
N GLY UA 227 -75.68 -50.70 11.60
CA GLY UA 227 -74.90 -51.80 11.06
C GLY UA 227 -74.28 -51.55 9.68
N GLY UA 228 -74.64 -50.46 9.00
CA GLY UA 228 -74.05 -50.07 7.73
C GLY UA 228 -74.41 -50.97 6.54
N ALA UA 229 -75.50 -51.73 6.63
CA ALA UA 229 -75.97 -52.61 5.55
C ALA UA 229 -76.32 -51.82 4.27
N THR UA 230 -76.08 -52.42 3.10
CA THR UA 230 -76.29 -51.77 1.80
C THR UA 230 -77.78 -51.49 1.51
N PRO UA 231 -78.11 -50.42 0.76
CA PRO UA 231 -79.42 -49.80 0.79
C PRO UA 231 -80.60 -50.73 0.48
N GLU UA 232 -80.41 -51.72 -0.38
CA GLU UA 232 -81.44 -52.68 -0.73
C GLU UA 232 -81.90 -53.52 0.49
N GLN UA 233 -81.02 -53.75 1.47
CA GLN UA 233 -81.46 -54.38 2.73
C GLN UA 233 -82.45 -53.47 3.45
N LEU UA 234 -82.12 -52.19 3.61
CA LEU UA 234 -82.99 -51.21 4.25
C LEU UA 234 -84.32 -51.13 3.51
N GLU UA 235 -84.29 -51.11 2.18
CA GLU UA 235 -85.51 -51.07 1.37
C GLU UA 235 -86.37 -52.32 1.58
N ARG UA 236 -85.79 -53.53 1.50
CA ARG UA 236 -86.52 -54.78 1.70
C ARG UA 236 -87.12 -54.85 3.11
N VAL UA 237 -86.32 -54.50 4.11
CA VAL UA 237 -86.79 -54.39 5.50
C VAL UA 237 -87.93 -53.39 5.58
N THR UA 238 -87.78 -52.23 4.95
CA THR UA 238 -88.81 -51.18 4.99
C THR UA 238 -90.11 -51.69 4.41
N GLU UA 239 -90.08 -52.36 3.26
CA GLU UA 239 -91.31 -52.94 2.69
C GLU UA 239 -91.92 -53.93 3.67
N HIS UA 240 -91.14 -54.87 4.19
CA HIS UA 240 -91.66 -55.87 5.12
C HIS UA 240 -92.28 -55.20 6.35
N ALA UA 241 -91.60 -54.18 6.88
CA ALA UA 241 -92.08 -53.42 8.02
C ALA UA 241 -93.37 -52.67 7.67
N LEU UA 242 -93.42 -51.96 6.55
CA LEU UA 242 -94.64 -51.29 6.11
C LEU UA 242 -95.78 -52.30 5.92
N GLU UA 243 -95.51 -53.48 5.36
CA GLU UA 243 -96.53 -54.52 5.21
C GLU UA 243 -97.05 -54.97 6.57
N VAL UA 244 -96.16 -55.22 7.52
CA VAL UA 244 -96.53 -55.51 8.90
C VAL UA 244 -97.36 -54.38 9.47
N LEU UA 245 -96.93 -53.13 9.32
CA LEU UA 245 -97.68 -51.99 9.81
C LEU UA 245 -99.07 -51.99 9.19
N LYS UA 246 -99.16 -52.20 7.88
CA LYS UA 246 -100.42 -52.19 7.15
C LYS UA 246 -101.37 -53.25 7.70
N GLU UA 247 -100.90 -54.49 7.88
CA GLU UA 247 -101.77 -55.51 8.45
C GLU UA 247 -102.19 -55.13 9.88
N VAL UA 248 -101.24 -54.76 10.73
CA VAL UA 248 -101.53 -54.45 12.14
C VAL UA 248 -102.48 -53.28 12.23
N ALA UA 249 -102.28 -52.24 11.43
CA ALA UA 249 -103.22 -51.14 11.35
C ALA UA 249 -104.61 -51.64 10.94
N LYS UA 250 -104.72 -52.40 9.84
CA LYS UA 250 -106.02 -52.86 9.34
C LYS UA 250 -106.75 -53.69 10.38
N GLU UA 251 -106.04 -54.53 11.13
CA GLU UA 251 -106.65 -55.30 12.20
C GLU UA 251 -107.06 -54.39 13.38
N LEU UA 252 -106.13 -53.60 13.93
CA LEU UA 252 -106.33 -52.92 15.21
C LEU UA 252 -107.13 -51.62 15.11
N ALA UA 253 -107.17 -50.95 13.96
CA ALA UA 253 -107.80 -49.64 13.83
C ALA UA 253 -109.33 -49.75 13.60
N ASP UA 254 -110.11 -49.09 14.46
CA ASP UA 254 -111.59 -49.09 14.44
C ASP UA 254 -112.21 -47.80 15.05
N SER UA 255 -111.39 -46.78 15.33
CA SER UA 255 -111.78 -45.53 15.99
C SER UA 255 -111.07 -44.32 15.39
N PRO UA 256 -111.55 -43.09 15.58
CA PRO UA 256 -111.04 -41.94 14.83
C PRO UA 256 -109.57 -41.67 15.13
N GLU UA 257 -109.23 -41.54 16.40
CA GLU UA 257 -107.84 -41.35 16.79
C GLU UA 257 -106.99 -42.56 16.42
N SER UA 258 -107.53 -43.78 16.39
CA SER UA 258 -106.73 -44.94 15.98
C SER UA 258 -106.24 -44.79 14.54
N VAL UA 259 -107.09 -44.31 13.64
CA VAL UA 259 -106.65 -44.06 12.26
C VAL UA 259 -105.66 -42.91 12.24
N ARG UA 260 -105.96 -41.81 12.95
CA ARG UA 260 -105.10 -40.63 13.00
C ARG UA 260 -103.70 -40.98 13.46
N GLU UA 261 -103.62 -41.77 14.51
CA GLU UA 261 -102.37 -42.33 15.00
C GLU UA 261 -101.77 -43.27 13.95
N ALA UA 262 -102.56 -44.16 13.35
CA ALA UA 262 -102.05 -45.13 12.40
C ALA UA 262 -101.34 -44.44 11.24
N VAL UA 263 -102.00 -43.44 10.63
CA VAL UA 263 -101.36 -42.71 9.54
C VAL UA 263 -100.14 -41.98 10.06
N ARG UA 264 -100.21 -41.37 11.25
CA ARG UA 264 -99.05 -40.70 11.84
C ARG UA 264 -97.89 -41.66 11.99
N LEU UA 265 -98.11 -42.87 12.50
CA LEU UA 265 -97.08 -43.88 12.67
C LEU UA 265 -96.50 -44.29 11.33
N ILE UA 266 -97.36 -44.55 10.33
CA ILE UA 266 -96.86 -44.95 9.02
C ILE UA 266 -96.01 -43.83 8.44
N SER UA 267 -96.45 -42.59 8.59
CA SER UA 267 -95.69 -41.43 8.14
C SER UA 267 -94.34 -41.41 8.85
N LYS UA 268 -94.32 -41.63 10.17
CA LYS UA 268 -93.09 -41.66 10.95
C LYS UA 268 -92.15 -42.71 10.40
N LEU UA 269 -92.58 -43.96 10.27
CA LEU UA 269 -91.68 -45.01 9.79
C LEU UA 269 -91.23 -44.74 8.36
N THR UA 270 -92.12 -44.20 7.52
CA THR UA 270 -91.76 -43.81 6.16
C THR UA 270 -90.66 -42.74 6.20
N GLN UA 271 -90.86 -41.70 7.01
CA GLN UA 271 -89.89 -40.63 7.18
C GLN UA 271 -88.55 -41.18 7.65
N GLU UA 272 -88.55 -42.03 8.67
CA GLU UA 272 -87.32 -42.63 9.18
C GLU UA 272 -86.61 -43.44 8.10
N GLY UA 273 -87.34 -44.25 7.33
CA GLY UA 273 -86.77 -44.98 6.21
C GLY UA 273 -86.15 -44.03 5.20
N LEU UA 274 -86.88 -42.98 4.84
CA LEU UA 274 -86.42 -41.99 3.89
C LEU UA 274 -85.15 -41.28 4.40
N LYS UA 275 -85.08 -40.96 5.70
CA LYS UA 275 -83.87 -40.44 6.33
C LYS UA 275 -82.70 -41.41 6.18
N GLN UA 276 -82.92 -42.71 6.36
CA GLN UA 276 -81.83 -43.68 6.18
C GLN UA 276 -81.36 -43.72 4.73
N LEU UA 277 -82.29 -43.78 3.78
CA LEU UA 277 -81.98 -43.79 2.35
C LEU UA 277 -81.23 -42.51 1.93
N LYS UA 278 -81.53 -41.36 2.55
CA LYS UA 278 -80.76 -40.12 2.38
C LYS UA 278 -79.35 -40.27 2.98
N GLU UA 279 -79.26 -40.68 4.24
CA GLU UA 279 -78.01 -40.71 5.00
C GLU UA 279 -77.00 -41.72 4.43
N ILE UA 280 -77.45 -42.88 3.95
CA ILE UA 280 -76.59 -43.91 3.37
C ILE UA 280 -76.02 -43.53 2.00
N GLY UA 281 -76.55 -42.47 1.37
CA GLY UA 281 -76.10 -42.02 0.04
C GLY UA 281 -76.59 -42.92 -1.11
N ALA UA 282 -77.79 -43.50 -0.99
CA ALA UA 282 -78.38 -44.37 -2.02
C ALA UA 282 -78.66 -43.64 -3.35
N PRO UA 283 -78.72 -44.34 -4.49
CA PRO UA 283 -79.15 -43.74 -5.75
C PRO UA 283 -80.65 -43.38 -5.66
N PRO UA 284 -81.07 -42.24 -6.24
CA PRO UA 284 -82.48 -41.80 -6.22
C PRO UA 284 -83.50 -42.86 -6.68
N GLU UA 285 -83.09 -43.84 -7.48
CA GLU UA 285 -83.94 -44.97 -7.87
C GLU UA 285 -84.53 -45.69 -6.65
N GLN UA 286 -83.69 -46.00 -5.66
CA GLN UA 286 -84.17 -46.61 -4.41
C GLN UA 286 -85.11 -45.65 -3.67
N ILE UA 287 -84.74 -44.37 -3.61
CA ILE UA 287 -85.51 -43.35 -2.88
C ILE UA 287 -86.92 -43.24 -3.46
N GLU UA 288 -87.02 -43.17 -4.78
CA GLU UA 288 -88.29 -43.07 -5.49
C GLU UA 288 -89.15 -44.33 -5.29
N ARG UA 289 -88.53 -45.52 -5.31
CA ARG UA 289 -89.26 -46.76 -4.97
C ARG UA 289 -89.82 -46.68 -3.56
N VAL UA 290 -88.99 -46.33 -2.57
CA VAL UA 290 -89.45 -46.17 -1.19
C VAL UA 290 -90.59 -45.15 -1.12
N ALA UA 291 -90.44 -44.00 -1.78
CA ALA UA 291 -91.48 -42.98 -1.78
C ALA UA 291 -92.80 -43.53 -2.32
N GLU UA 292 -92.78 -44.17 -3.49
CA GLU UA 292 -93.99 -44.77 -4.04
C GLU UA 292 -94.57 -45.81 -3.09
N HIS UA 293 -93.75 -46.71 -2.56
CA HIS UA 293 -94.24 -47.77 -1.71
C HIS UA 293 -94.89 -47.18 -0.45
N GLY UA 294 -94.27 -46.16 0.14
CA GLY UA 294 -94.82 -45.44 1.28
C GLY UA 294 -96.15 -44.79 0.94
N LEU UA 295 -96.20 -44.03 -0.15
CA LEU UA 295 -97.43 -43.39 -0.59
C LEU UA 295 -98.51 -44.41 -0.88
N GLU UA 296 -98.18 -45.54 -1.51
CA GLU UA 296 -99.12 -46.62 -1.77
C GLU UA 296 -99.70 -47.16 -0.47
N VAL UA 297 -98.85 -47.48 0.50
CA VAL UA 297 -99.32 -47.97 1.80
C VAL UA 297 -100.17 -46.91 2.50
N LEU UA 298 -99.76 -45.65 2.46
CA LEU UA 298 -100.53 -44.55 3.06
C LEU UA 298 -101.91 -44.51 2.42
N LYS UA 299 -101.95 -44.55 1.09
CA LYS UA 299 -103.19 -44.57 0.31
C LYS UA 299 -104.04 -45.77 0.70
N GLU UA 300 -103.46 -46.95 0.77
CA GLU UA 300 -104.21 -48.14 1.16
C GLU UA 300 -104.78 -48.01 2.56
N ILE UA 301 -104.02 -47.45 3.50
CA ILE UA 301 -104.51 -47.26 4.85
C ILE UA 301 -105.55 -46.15 4.89
N ALA UA 302 -105.40 -45.08 4.12
CA ALA UA 302 -106.47 -44.11 3.99
C ALA UA 302 -107.73 -44.80 3.47
N LYS UA 303 -107.59 -45.67 2.45
CA LYS UA 303 -108.68 -46.45 1.84
C LYS UA 303 -109.28 -47.48 2.81
N TYR UA 304 -108.54 -47.90 3.84
CA TYR UA 304 -109.14 -48.60 4.97
C TYR UA 304 -109.90 -47.61 5.87
N GLY UA 305 -109.19 -46.59 6.36
CA GLY UA 305 -109.67 -45.68 7.38
C GLY UA 305 -110.94 -44.95 6.96
N SER UA 306 -111.05 -44.60 5.69
CA SER UA 306 -112.23 -43.97 5.10
C SER UA 306 -113.51 -44.74 5.45
N LYS UA 307 -113.46 -46.08 5.47
CA LYS UA 307 -114.62 -46.93 5.78
C LYS UA 307 -115.16 -46.72 7.19
N LEU UA 308 -114.31 -46.28 8.12
CA LEU UA 308 -114.67 -45.99 9.51
C LEU UA 308 -115.20 -44.55 9.69
N THR UA 309 -115.00 -43.66 8.73
CA THR UA 309 -115.15 -42.20 8.95
C THR UA 309 -116.57 -41.74 9.23
N ASP UA 310 -116.69 -40.65 9.99
CA ASP UA 310 -117.92 -39.91 10.25
C ASP UA 310 -117.66 -38.39 10.38
N SER UA 311 -116.76 -37.97 11.28
CA SER UA 311 -116.45 -36.55 11.50
C SER UA 311 -115.68 -35.92 10.33
N PRO UA 312 -116.21 -34.84 9.72
CA PRO UA 312 -115.48 -34.08 8.72
C PRO UA 312 -114.15 -33.53 9.24
N GLU UA 313 -114.07 -33.18 10.52
CA GLU UA 313 -112.82 -32.68 11.11
C GLU UA 313 -111.74 -33.76 11.05
N LEU UA 314 -112.10 -35.01 11.37
CA LEU UA 314 -111.17 -36.12 11.27
C LEU UA 314 -110.80 -36.38 9.82
N LYS UA 315 -111.76 -36.35 8.89
CA LYS UA 315 -111.42 -36.44 7.46
C LYS UA 315 -110.38 -35.37 7.09
N ARG UA 316 -110.64 -34.11 7.45
CA ARG UA 316 -109.75 -32.99 7.16
C ARG UA 316 -108.38 -33.18 7.80
N GLU UA 317 -108.33 -33.66 9.03
CA GLU UA 317 -107.06 -34.00 9.65
C GLU UA 317 -106.32 -35.09 8.88
N LEU UA 318 -107.00 -36.17 8.49
CA LEU UA 318 -106.34 -37.23 7.73
C LEU UA 318 -105.80 -36.67 6.43
N TYR UA 319 -106.59 -35.86 5.75
CA TYR UA 319 -106.13 -35.20 4.54
C TYR UA 319 -104.89 -34.34 4.83
N ARG UA 320 -104.96 -33.52 5.89
CA ARG UA 320 -103.86 -32.64 6.29
C ARG UA 320 -102.62 -33.46 6.50
N ILE UA 321 -102.69 -34.49 7.33
CA ILE UA 321 -101.54 -35.34 7.64
C ILE UA 321 -101.00 -35.96 6.35
N ILE UA 322 -101.87 -36.44 5.47
CA ILE UA 322 -101.42 -37.04 4.21
C ILE UA 322 -100.68 -35.99 3.40
N SER UA 323 -101.23 -34.79 3.29
CA SER UA 323 -100.60 -33.72 2.53
C SER UA 323 -99.28 -33.29 3.16
N GLU UA 324 -99.21 -33.16 4.48
CA GLU UA 324 -97.98 -32.85 5.18
C GLU UA 324 -96.95 -33.95 4.91
N THR UA 325 -97.38 -35.20 4.93
CA THR UA 325 -96.52 -36.33 4.64
C THR UA 325 -95.97 -36.23 3.22
N ALA UA 326 -96.83 -35.97 2.24
CA ALA UA 326 -96.39 -35.78 0.88
C ALA UA 326 -95.38 -34.62 0.78
N LYS UA 327 -95.69 -33.48 1.40
CA LYS UA 327 -94.81 -32.30 1.39
C LYS UA 327 -93.44 -32.64 1.97
N GLU UA 328 -93.43 -33.34 3.10
CA GLU UA 328 -92.19 -33.79 3.72
C GLU UA 328 -91.42 -34.71 2.77
N LEU UA 329 -92.10 -35.68 2.16
CA LEU UA 329 -91.48 -36.62 1.22
C LEU UA 329 -90.83 -35.86 0.06
N LEU UA 330 -91.53 -34.91 -0.55
CA LEU UA 330 -90.94 -34.10 -1.62
C LEU UA 330 -89.76 -33.29 -1.10
N LYS UA 331 -89.88 -32.64 0.06
CA LYS UA 331 -88.82 -31.81 0.62
C LYS UA 331 -87.56 -32.61 0.89
N ILE UA 332 -87.71 -33.81 1.45
CA ILE UA 332 -86.58 -34.72 1.67
C ILE UA 332 -86.02 -35.19 0.33
N LEU UA 333 -86.86 -35.53 -0.65
CA LEU UA 333 -86.38 -35.97 -1.96
C LEU UA 333 -85.54 -34.86 -2.64
N ALA UA 334 -86.00 -33.61 -2.56
CA ALA UA 334 -85.29 -32.45 -3.08
C ALA UA 334 -83.99 -32.17 -2.32
N GLU UA 335 -84.01 -32.27 -0.98
CA GLU UA 335 -82.79 -32.22 -0.17
C GLU UA 335 -81.82 -33.36 -0.52
N GLY UA 336 -82.35 -34.51 -0.93
CA GLY UA 336 -81.61 -35.66 -1.44
C GLY UA 336 -80.97 -35.46 -2.81
N GLY UA 337 -81.20 -34.32 -3.47
CA GLY UA 337 -80.52 -33.95 -4.72
C GLY UA 337 -80.94 -34.74 -5.97
N ALA UA 338 -82.11 -35.38 -5.96
CA ALA UA 338 -82.63 -36.14 -7.10
C ALA UA 338 -82.93 -35.25 -8.33
N THR UA 339 -82.95 -35.84 -9.54
CA THR UA 339 -83.23 -35.09 -10.78
C THR UA 339 -84.68 -34.59 -10.85
N PRO UA 340 -84.97 -33.54 -11.63
CA PRO UA 340 -86.33 -33.05 -11.83
C PRO UA 340 -87.32 -34.14 -12.28
N GLU UA 341 -86.87 -35.16 -13.01
CA GLU UA 341 -87.74 -36.27 -13.41
C GLU UA 341 -88.26 -37.05 -12.20
N GLN UA 342 -87.40 -37.32 -11.21
CA GLN UA 342 -87.85 -37.98 -9.99
C GLN UA 342 -88.84 -37.09 -9.24
N LEU UA 343 -88.56 -35.77 -9.16
CA LEU UA 343 -89.47 -34.82 -8.55
C LEU UA 343 -90.84 -34.85 -9.24
N GLU UA 344 -90.88 -34.82 -10.57
CA GLU UA 344 -92.13 -34.92 -11.33
C GLU UA 344 -92.84 -36.23 -11.02
N ARG UA 345 -92.16 -37.38 -11.17
CA ARG UA 345 -92.74 -38.71 -10.98
C ARG UA 345 -93.44 -38.80 -9.63
N VAL UA 346 -92.71 -38.45 -8.55
CA VAL UA 346 -93.26 -38.51 -7.20
C VAL UA 346 -94.35 -37.45 -7.02
N THR UA 347 -94.18 -36.23 -7.55
CA THR UA 347 -95.20 -35.18 -7.41
C THR UA 347 -96.50 -35.63 -8.04
N LYS UA 348 -96.44 -36.14 -9.26
CA LYS UA 348 -97.60 -36.62 -10.01
C LYS UA 348 -98.27 -37.76 -9.24
N HIS UA 349 -97.50 -38.74 -8.81
CA HIS UA 349 -98.05 -39.85 -8.02
C HIS UA 349 -98.73 -39.33 -6.75
N ALA UA 350 -98.08 -38.41 -6.03
CA ALA UA 350 -98.63 -37.86 -4.80
C ALA UA 350 -99.92 -37.09 -5.07
N LEU UA 351 -99.97 -36.28 -6.11
CA LEU UA 351 -101.19 -35.61 -6.51
C LEU UA 351 -102.29 -36.64 -6.79
N GLU UA 352 -101.98 -37.70 -7.53
CA GLU UA 352 -102.95 -38.76 -7.79
C GLU UA 352 -103.41 -39.44 -6.52
N VAL UA 353 -102.51 -39.73 -5.59
CA VAL UA 353 -102.90 -40.24 -4.27
C VAL UA 353 -103.83 -39.26 -3.59
N LEU UA 354 -103.49 -37.98 -3.53
CA LEU UA 354 -104.34 -36.98 -2.91
C LEU UA 354 -105.72 -36.95 -3.58
N LYS UA 355 -105.77 -37.12 -4.89
CA LYS UA 355 -107.04 -37.20 -5.63
C LYS UA 355 -107.83 -38.43 -5.19
N GLU UA 356 -107.19 -39.59 -5.11
CA GLU UA 356 -107.86 -40.78 -4.59
C GLU UA 356 -108.35 -40.57 -3.16
N VAL UA 357 -107.56 -39.90 -2.33
CA VAL UA 357 -107.96 -39.56 -0.97
C VAL UA 357 -109.15 -38.62 -0.98
N ALA UA 358 -109.17 -37.64 -1.88
CA ALA UA 358 -110.35 -36.79 -2.03
C ALA UA 358 -111.56 -37.63 -2.41
N LYS UA 359 -111.42 -38.52 -3.40
CA LYS UA 359 -112.50 -39.41 -3.86
C LYS UA 359 -113.01 -40.32 -2.75
N GLU UA 360 -112.14 -40.77 -1.86
CA GLU UA 360 -112.54 -41.52 -0.66
C GLU UA 360 -113.29 -40.63 0.34
N LEU UA 361 -112.78 -39.44 0.64
CA LEU UA 361 -113.26 -38.65 1.77
C LEU UA 361 -114.46 -37.79 1.42
N ALA UA 362 -114.45 -37.11 0.28
CA ALA UA 362 -115.22 -35.87 0.09
C ALA UA 362 -116.74 -36.10 -0.06
N ASP UA 363 -117.52 -35.31 0.68
CA ASP UA 363 -118.97 -35.45 0.84
C ASP UA 363 -119.74 -34.11 1.02
N SER UA 364 -119.05 -33.01 1.31
CA SER UA 364 -119.62 -31.66 1.49
C SER UA 364 -118.61 -30.60 1.04
N PRO UA 365 -119.01 -29.44 0.50
CA PRO UA 365 -118.10 -28.53 -0.19
C PRO UA 365 -116.86 -28.11 0.62
N GLU UA 366 -116.94 -28.06 1.94
CA GLU UA 366 -115.80 -27.81 2.81
C GLU UA 366 -114.68 -28.82 2.59
N SER UA 367 -115.02 -30.10 2.42
CA SER UA 367 -114.05 -31.15 2.10
C SER UA 367 -113.46 -30.94 0.70
N GLY UA 368 -114.25 -30.44 -0.25
CA GLY UA 368 -113.75 -30.04 -1.55
C GLY UA 368 -112.74 -28.90 -1.41
N LEU UA 369 -113.11 -27.85 -0.69
CA LEU UA 369 -112.24 -26.70 -0.39
C LEU UA 369 -110.94 -27.17 0.23
N ALA UA 370 -111.01 -27.99 1.27
CA ALA UA 370 -109.82 -28.48 1.94
C ALA UA 370 -108.95 -29.29 0.97
N ALA UA 371 -109.53 -30.23 0.23
CA ALA UA 371 -108.79 -31.05 -0.70
C ALA UA 371 -108.13 -30.19 -1.77
N LEU UA 372 -108.88 -29.27 -2.35
CA LEU UA 372 -108.39 -28.30 -3.29
C LEU UA 372 -107.20 -27.56 -2.68
N ALA UA 373 -107.39 -26.98 -1.51
CA ALA UA 373 -106.38 -26.18 -0.85
C ALA UA 373 -105.10 -26.97 -0.66
N ALA UA 374 -105.24 -28.22 -0.20
CA ALA UA 374 -104.11 -29.11 -0.01
C ALA UA 374 -103.44 -29.43 -1.34
N ILE UA 375 -104.20 -29.86 -2.35
CA ILE UA 375 -103.64 -30.23 -3.65
C ILE UA 375 -102.89 -29.05 -4.23
N ALA UA 376 -103.52 -27.88 -4.26
CA ALA UA 376 -102.88 -26.66 -4.71
C ALA UA 376 -101.61 -26.38 -3.91
N SER UA 377 -101.66 -26.52 -2.59
CA SER UA 377 -100.47 -26.28 -1.77
C SER UA 377 -99.35 -27.26 -2.12
N LEU UA 378 -99.68 -28.55 -2.27
CA LEU UA 378 -98.71 -29.56 -2.63
C LEU UA 378 -98.11 -29.24 -3.99
N ALA UA 379 -98.96 -28.92 -4.96
CA ALA UA 379 -98.50 -28.51 -6.28
C ALA UA 379 -97.57 -27.30 -6.19
N LYS UA 380 -97.93 -26.30 -5.37
CA LYS UA 380 -97.11 -25.10 -5.16
C LYS UA 380 -95.74 -25.46 -4.60
N LEU UA 381 -95.70 -26.28 -3.56
CA LEU UA 381 -94.44 -26.75 -3.01
C LEU UA 381 -93.63 -27.53 -4.06
N GLY UA 382 -94.27 -28.40 -4.83
CA GLY UA 382 -93.61 -29.19 -5.86
C GLY UA 382 -92.99 -28.32 -6.94
N LEU UA 383 -93.75 -27.35 -7.45
CA LEU UA 383 -93.27 -26.36 -8.40
C LEU UA 383 -92.14 -25.52 -7.80
N GLU UA 384 -92.24 -25.18 -6.51
CA GLU UA 384 -91.17 -24.49 -5.80
C GLU UA 384 -89.88 -25.33 -5.75
N GLN UA 385 -89.96 -26.66 -5.66
CA GLN UA 385 -88.75 -27.50 -5.76
C GLN UA 385 -88.15 -27.43 -7.18
N LEU UA 386 -88.99 -27.50 -8.22
CA LEU UA 386 -88.51 -27.34 -9.60
C LEU UA 386 -87.86 -25.97 -9.82
N LYS UA 387 -88.43 -24.90 -9.25
CA LYS UA 387 -87.86 -23.55 -9.29
C LYS UA 387 -86.51 -23.52 -8.57
N GLU UA 388 -86.42 -24.05 -7.37
CA GLU UA 388 -85.21 -24.01 -6.55
C GLU UA 388 -84.06 -24.84 -7.17
N ILE UA 389 -84.35 -26.02 -7.72
CA ILE UA 389 -83.33 -26.84 -8.42
C ILE UA 389 -82.96 -26.28 -9.81
N GLY UA 390 -83.72 -25.30 -10.32
CA GLY UA 390 -83.49 -24.70 -11.63
C GLY UA 390 -83.90 -25.59 -12.80
N ALA UA 391 -84.96 -26.39 -12.65
CA ALA UA 391 -85.50 -27.25 -13.70
C ALA UA 391 -85.99 -26.43 -14.91
N PRO UA 392 -85.91 -26.96 -16.15
CA PRO UA 392 -86.24 -26.20 -17.35
C PRO UA 392 -87.73 -25.82 -17.39
N PRO UA 393 -88.10 -24.67 -17.97
CA PRO UA 393 -89.48 -24.23 -18.07
C PRO UA 393 -90.45 -25.25 -18.67
N GLU UA 394 -89.99 -26.16 -19.52
CA GLU UA 394 -90.81 -27.26 -20.04
C GLU UA 394 -91.30 -28.19 -18.90
N GLN UA 395 -90.42 -28.58 -17.98
CA GLN UA 395 -90.81 -29.34 -16.80
C GLN UA 395 -91.73 -28.52 -15.90
N GLN UA 396 -91.43 -27.23 -15.71
CA GLN UA 396 -92.27 -26.35 -14.89
C GLN UA 396 -93.70 -26.29 -15.45
N ARG UA 397 -93.83 -26.12 -16.77
CA ARG UA 397 -95.11 -26.17 -17.48
C ARG UA 397 -95.77 -27.52 -17.30
N ARG UA 398 -95.07 -28.62 -17.57
CA ARG UA 398 -95.61 -29.98 -17.44
C ARG UA 398 -96.23 -30.21 -16.07
N VAL UA 399 -95.48 -29.92 -15.01
CA VAL UA 399 -95.98 -30.04 -13.63
C VAL UA 399 -97.16 -29.10 -13.40
N THR UA 400 -97.08 -27.85 -13.86
CA THR UA 400 -98.17 -26.89 -13.65
C THR UA 400 -99.46 -27.36 -14.32
N LYS UA 401 -99.36 -27.83 -15.57
CA LYS UA 401 -100.48 -28.40 -16.31
C LYS UA 401 -101.06 -29.60 -15.59
N ALA UA 402 -100.21 -30.53 -15.14
CA ALA UA 402 -100.69 -31.65 -14.34
C ALA UA 402 -101.42 -31.16 -13.09
N GLY UA 403 -100.92 -30.13 -12.42
CA GLY UA 403 -101.58 -29.51 -11.28
C GLY UA 403 -102.95 -28.96 -11.65
N ILE UA 404 -103.02 -28.19 -12.73
CA ILE UA 404 -104.29 -27.66 -13.23
C ILE UA 404 -105.24 -28.82 -13.54
N GLU UA 405 -104.79 -29.85 -14.24
CA GLU UA 405 -105.62 -31.01 -14.57
C GLU UA 405 -106.13 -31.72 -13.31
N ALA UA 406 -105.28 -31.94 -12.32
CA ALA UA 406 -105.71 -32.53 -11.06
C ALA UA 406 -106.78 -31.64 -10.42
N VAL UA 407 -106.55 -30.33 -10.36
CA VAL UA 407 -107.55 -29.40 -9.81
C VAL UA 407 -108.83 -29.43 -10.63
N ARG UA 408 -108.75 -29.58 -11.95
CA ARG UA 408 -109.93 -29.72 -12.80
C ARG UA 408 -110.69 -30.99 -12.45
N GLU UA 409 -110.02 -32.11 -12.23
CA GLU UA 409 -110.68 -33.32 -11.76
C GLU UA 409 -111.30 -33.13 -10.38
N ILE UA 410 -110.63 -32.39 -9.49
CA ILE UA 410 -111.21 -32.03 -8.20
C ILE UA 410 -112.44 -31.15 -8.40
N TYR UA 411 -112.44 -30.21 -9.35
CA TYR UA 411 -113.64 -29.45 -9.68
C TYR UA 411 -114.73 -30.36 -10.25
N ARG UA 412 -114.39 -31.34 -11.10
CA ARG UA 412 -115.39 -32.31 -11.58
C ARG UA 412 -116.02 -33.09 -10.43
N TYR UA 413 -115.24 -33.47 -9.42
CA TYR UA 413 -115.81 -34.03 -8.19
C TYR UA 413 -116.64 -32.96 -7.45
N GLY UA 414 -116.13 -31.73 -7.35
CA GLY UA 414 -116.80 -30.60 -6.73
C GLY UA 414 -118.19 -30.34 -7.31
N ARG UA 415 -118.38 -30.56 -8.61
CA ARG UA 415 -119.68 -30.46 -9.30
C ARG UA 415 -120.70 -31.51 -8.84
N LYS UA 416 -120.28 -32.57 -8.13
CA LYS UA 416 -121.18 -33.46 -7.38
C LYS UA 416 -121.72 -32.81 -6.10
N LEU UA 417 -120.92 -31.96 -5.46
CA LEU UA 417 -121.19 -31.35 -4.16
C LEU UA 417 -121.94 -30.01 -4.25
N TYR UA 418 -121.71 -29.23 -5.32
CA TYR UA 418 -122.19 -27.86 -5.52
C TYR UA 418 -122.55 -27.59 -6.99
N ASP VA 3 -60.88 -52.22 55.31
CA ASP VA 3 -61.83 -52.72 56.35
C ASP VA 3 -63.07 -53.42 55.80
N ASP VA 4 -63.66 -53.00 54.67
CA ASP VA 4 -64.97 -53.49 54.23
C ASP VA 4 -65.08 -55.02 54.11
N LEU VA 5 -63.98 -55.71 53.79
CA LEU VA 5 -63.96 -57.17 53.80
C LEU VA 5 -64.48 -57.72 55.13
N LEU VA 6 -63.99 -57.21 56.26
CA LEU VA 6 -64.45 -57.65 57.57
C LEU VA 6 -65.93 -57.37 57.75
N LEU VA 7 -66.38 -56.19 57.35
CA LEU VA 7 -67.79 -55.86 57.45
C LEU VA 7 -68.62 -56.87 56.65
N LYS VA 8 -68.24 -57.12 55.41
CA LYS VA 8 -68.94 -58.09 54.57
C LYS VA 8 -68.88 -59.49 55.16
N LEU VA 9 -67.75 -59.87 55.75
CA LEU VA 9 -67.64 -61.14 56.45
C LEU VA 9 -68.67 -61.19 57.57
N LEU VA 10 -68.81 -60.13 58.36
CA LEU VA 10 -69.81 -60.12 59.40
C LEU VA 10 -71.21 -60.24 58.78
N GLU VA 11 -71.49 -59.54 57.68
CA GLU VA 11 -72.78 -59.73 57.01
C GLU VA 11 -72.99 -61.18 56.63
N LEU VA 12 -72.01 -61.81 56.00
CA LEU VA 12 -72.11 -63.20 55.58
C LEU VA 12 -72.40 -64.09 56.78
N LEU VA 13 -71.66 -63.88 57.86
CA LEU VA 13 -71.89 -64.60 59.09
C LEU VA 13 -73.32 -64.38 59.58
N VAL VA 14 -73.81 -63.13 59.57
CA VAL VA 14 -75.15 -62.83 60.04
C VAL VA 14 -76.19 -63.54 59.17
N GLU VA 15 -76.06 -63.45 57.86
CA GLU VA 15 -77.02 -64.12 56.99
C GLU VA 15 -76.98 -65.63 57.21
N GLN VA 16 -75.78 -66.20 57.36
CA GLN VA 16 -75.67 -67.61 57.68
C GLN VA 16 -76.35 -67.91 59.02
N ALA VA 17 -76.15 -67.07 60.02
CA ALA VA 17 -76.82 -67.23 61.29
C ALA VA 17 -78.34 -67.22 61.10
N ARG VA 18 -78.87 -66.31 60.28
CA ARG VA 18 -80.31 -66.25 60.00
C ARG VA 18 -80.78 -67.55 59.39
N VAL VA 19 -80.13 -67.99 58.31
CA VAL VA 19 -80.57 -69.18 57.57
C VAL VA 19 -80.44 -70.43 58.42
N SER VA 20 -79.29 -70.60 59.08
CA SER VA 20 -79.08 -71.72 59.97
C SER VA 20 -80.07 -71.69 61.15
N ALA VA 21 -80.44 -70.52 61.68
CA ALA VA 21 -81.44 -70.43 62.74
C ALA VA 21 -82.85 -70.79 62.23
N GLU VA 22 -83.21 -70.44 61.00
CA GLU VA 22 -84.46 -70.94 60.43
C GLU VA 22 -84.43 -72.45 60.27
N PHE VA 23 -83.33 -73.01 59.74
CA PHE VA 23 -83.14 -74.45 59.64
C PHE VA 23 -83.26 -75.11 61.01
N ALA VA 24 -82.56 -74.59 62.02
CA ALA VA 24 -82.57 -75.14 63.37
C ALA VA 24 -83.97 -75.11 63.99
N ARG VA 25 -84.78 -74.08 63.69
CA ARG VA 25 -86.21 -74.05 64.07
C ARG VA 25 -87.02 -75.12 63.36
N ARG VA 26 -86.78 -75.32 62.06
CA ARG VA 26 -87.43 -76.42 61.31
C ARG VA 26 -87.04 -77.80 61.86
N GLN VA 27 -85.79 -77.98 62.31
CA GLN VA 27 -85.30 -79.22 62.92
C GLN VA 27 -85.64 -79.39 64.42
N GLY VA 28 -85.93 -78.30 65.13
CA GLY VA 28 -86.08 -78.30 66.60
C GLY VA 28 -84.75 -78.46 67.36
N ASP VA 29 -83.62 -78.07 66.77
CA ASP VA 29 -82.30 -78.23 67.39
C ASP VA 29 -81.96 -77.05 68.33
N GLU VA 30 -82.31 -77.21 69.60
CA GLU VA 30 -82.03 -76.20 70.63
C GLU VA 30 -80.53 -75.94 70.80
N LYS VA 31 -79.68 -76.95 70.61
CA LYS VA 31 -78.24 -76.81 70.76
C LYS VA 31 -77.67 -75.97 69.63
N MET VA 32 -78.08 -76.22 68.39
CA MET VA 32 -77.70 -75.36 67.28
C MET VA 32 -78.20 -73.94 67.50
N LEU VA 33 -79.45 -73.76 67.95
CA LEU VA 33 -79.95 -72.42 68.25
C LEU VA 33 -79.08 -71.70 69.29
N GLU VA 34 -78.73 -72.38 70.38
CA GLU VA 34 -77.83 -71.84 71.38
C GLU VA 34 -76.47 -71.44 70.76
N GLU VA 35 -75.86 -72.33 69.99
CA GLU VA 35 -74.56 -72.05 69.37
C GLU VA 35 -74.63 -70.90 68.37
N VAL VA 36 -75.62 -70.86 67.48
CA VAL VA 36 -75.72 -69.75 66.52
C VAL VA 36 -76.07 -68.46 67.26
N ALA VA 37 -76.84 -68.50 68.35
CA ALA VA 37 -77.10 -67.30 69.14
C ALA VA 37 -75.79 -66.75 69.72
N ARG VA 38 -74.95 -67.62 70.29
CA ARG VA 38 -73.62 -67.22 70.77
C ARG VA 38 -72.81 -66.63 69.62
N LYS VA 39 -72.77 -67.33 68.49
CA LYS VA 39 -72.01 -66.90 67.31
C LYS VA 39 -72.47 -65.53 66.82
N ALA VA 40 -73.77 -65.33 66.74
CA ALA VA 40 -74.37 -64.07 66.34
C ALA VA 40 -74.06 -62.96 67.36
N GLU VA 41 -74.16 -63.24 68.65
CA GLU VA 41 -73.80 -62.28 69.68
C GLU VA 41 -72.32 -61.88 69.55
N GLU VA 42 -71.42 -62.85 69.37
CA GLU VA 42 -70.01 -62.55 69.18
C GLU VA 42 -69.77 -61.75 67.91
N VAL VA 43 -70.45 -62.08 66.81
CA VAL VA 43 -70.39 -61.27 65.61
C VAL VA 43 -70.88 -59.85 65.90
N ALA VA 44 -71.95 -59.70 66.67
CA ALA VA 44 -72.43 -58.38 67.07
C ALA VA 44 -71.38 -57.66 67.93
N ARG VA 45 -70.66 -58.37 68.80
CA ARG VA 45 -69.54 -57.80 69.54
C ARG VA 45 -68.47 -57.33 68.58
N LYS VA 46 -68.05 -58.16 67.62
CA LYS VA 46 -67.07 -57.74 66.59
C LYS VA 46 -67.54 -56.48 65.89
N ALA VA 47 -68.81 -56.44 65.49
CA ALA VA 47 -69.39 -55.28 64.84
C ALA VA 47 -69.35 -54.04 65.75
N GLU VA 48 -69.73 -54.17 67.02
CA GLU VA 48 -69.70 -53.08 67.98
C GLU VA 48 -68.28 -52.55 68.16
N GLU VA 49 -67.31 -53.43 68.35
CA GLU VA 49 -65.91 -53.04 68.48
C GLU VA 49 -65.44 -52.28 67.22
N ILE VA 50 -65.75 -52.80 66.04
CA ILE VA 50 -65.41 -52.13 64.79
C ILE VA 50 -66.16 -50.80 64.66
N ALA VA 51 -67.41 -50.72 65.10
CA ALA VA 51 -68.19 -49.49 65.04
C ALA VA 51 -67.54 -48.39 65.89
N ARG VA 52 -67.05 -48.72 67.09
CA ARG VA 52 -66.29 -47.75 67.90
C ARG VA 52 -65.04 -47.28 67.15
N LYS VA 53 -64.30 -48.18 66.48
CA LYS VA 53 -63.17 -47.80 65.63
C LYS VA 53 -63.61 -46.82 64.54
N ALA VA 54 -64.65 -47.15 63.79
CA ALA VA 54 -65.16 -46.27 62.74
C ALA VA 54 -65.56 -44.89 63.30
N ARG VA 55 -66.22 -44.86 64.45
CA ARG VA 55 -66.60 -43.62 65.14
C ARG VA 55 -65.37 -42.79 65.51
N LYS VA 56 -64.34 -43.43 66.09
CA LYS VA 56 -63.07 -42.78 66.43
C LYS VA 56 -62.37 -42.21 65.20
N GLU VA 57 -62.33 -42.98 64.11
CA GLU VA 57 -61.70 -42.58 62.86
C GLU VA 57 -62.53 -41.56 62.06
N GLY VA 58 -63.82 -41.40 62.38
CA GLY VA 58 -64.70 -40.45 61.72
C GLY VA 58 -65.15 -40.87 60.31
N ASN VA 59 -65.01 -42.14 59.92
CA ASN VA 59 -65.55 -42.63 58.66
C ASN VA 59 -67.04 -43.01 58.82
N LEU VA 60 -67.92 -42.05 58.55
CA LEU VA 60 -69.37 -42.24 58.70
C LEU VA 60 -69.88 -43.36 57.80
N GLU VA 61 -69.33 -43.53 56.60
CA GLU VA 61 -69.80 -44.56 55.68
C GLU VA 61 -69.60 -45.95 56.30
N LEU VA 62 -68.40 -46.21 56.82
CA LEU VA 62 -68.14 -47.44 57.57
C LEU VA 62 -69.04 -47.52 58.80
N ALA VA 63 -69.18 -46.44 59.57
CA ALA VA 63 -69.96 -46.47 60.79
C ALA VA 63 -71.42 -46.85 60.50
N LEU VA 64 -72.01 -46.26 59.47
CA LEU VA 64 -73.36 -46.60 59.06
C LEU VA 64 -73.43 -48.06 58.61
N LYS VA 65 -72.48 -48.54 57.81
CA LYS VA 65 -72.45 -49.96 57.46
C LYS VA 65 -72.38 -50.83 58.71
N ALA VA 66 -71.55 -50.47 59.67
CA ALA VA 66 -71.40 -51.22 60.90
C ALA VA 66 -72.70 -51.19 61.71
N LEU VA 67 -73.37 -50.05 61.76
CA LEU VA 67 -74.68 -49.97 62.37
C LEU VA 67 -75.66 -50.85 61.62
N GLU VA 68 -75.64 -50.89 60.29
CA GLU VA 68 -76.56 -51.75 59.56
C GLU VA 68 -76.29 -53.21 59.90
N ILE VA 69 -75.03 -53.60 60.00
CA ILE VA 69 -74.69 -54.94 60.48
C ILE VA 69 -75.26 -55.14 61.88
N LEU VA 70 -75.11 -54.16 62.77
CA LEU VA 70 -75.66 -54.28 64.11
C LEU VA 70 -77.17 -54.44 64.06
N VAL VA 71 -77.84 -53.72 63.16
CA VAL VA 71 -79.28 -53.88 62.95
C VAL VA 71 -79.57 -55.31 62.51
N ARG VA 72 -78.88 -55.83 61.50
CA ARG VA 72 -79.13 -57.18 61.01
C ARG VA 72 -78.92 -58.18 62.15
N ALA VA 73 -77.81 -58.02 62.88
CA ALA VA 73 -77.44 -58.91 63.96
C ALA VA 73 -78.49 -58.86 65.07
N ALA VA 74 -78.89 -57.66 65.45
CA ALA VA 74 -79.95 -57.47 66.43
C ALA VA 74 -81.23 -58.14 65.93
N HIS VA 75 -81.58 -57.96 64.66
CA HIS VA 75 -82.80 -58.53 64.10
C HIS VA 75 -82.82 -60.03 64.27
N VAL VA 76 -81.77 -60.73 63.85
CA VAL VA 76 -81.72 -62.18 64.02
C VAL VA 76 -81.70 -62.55 65.51
N LEU VA 77 -80.93 -61.84 66.34
CA LEU VA 77 -80.86 -62.16 67.77
C LEU VA 77 -82.23 -62.03 68.42
N ALA VA 78 -82.95 -60.96 68.09
CA ALA VA 78 -84.28 -60.71 68.58
C ALA VA 78 -85.26 -61.74 68.04
N GLU VA 79 -85.15 -62.14 66.77
CA GLU VA 79 -86.00 -63.19 66.21
C GLU VA 79 -85.78 -64.51 66.96
N ILE VA 80 -84.52 -64.87 67.24
CA ILE VA 80 -84.20 -66.06 68.04
C ILE VA 80 -84.78 -65.92 69.44
N ALA VA 81 -84.60 -64.78 70.09
CA ALA VA 81 -85.11 -64.56 71.43
C ALA VA 81 -86.64 -64.65 71.50
N ARG VA 82 -87.34 -64.07 70.51
CA ARG VA 82 -88.80 -64.09 70.35
C ARG VA 82 -89.33 -65.51 70.20
N GLU VA 83 -88.70 -66.30 69.34
CA GLU VA 83 -89.06 -67.70 69.14
C GLU VA 83 -88.79 -68.55 70.40
N ARG VA 84 -87.65 -68.31 71.06
CA ARG VA 84 -87.21 -69.05 72.25
C ARG VA 84 -87.95 -68.67 73.53
N GLY VA 85 -88.53 -67.46 73.58
CA GLY VA 85 -89.08 -66.87 74.81
C GLY VA 85 -88.00 -66.43 75.81
N ASN VA 86 -86.76 -66.22 75.37
CA ASN VA 86 -85.65 -65.81 76.24
C ASN VA 86 -85.73 -64.32 76.61
N GLU VA 87 -85.61 -63.97 77.89
CA GLU VA 87 -85.67 -62.57 78.32
C GLU VA 87 -84.35 -61.81 78.10
N GLU VA 88 -83.21 -62.36 78.51
CA GLU VA 88 -81.95 -61.61 78.54
C GLU VA 88 -81.51 -61.15 77.15
N LEU VA 89 -81.73 -61.96 76.13
CA LEU VA 89 -81.51 -61.53 74.75
C LEU VA 89 -82.44 -60.40 74.33
N GLN VA 90 -83.71 -60.38 74.76
CA GLN VA 90 -84.61 -59.24 74.48
C GLN VA 90 -84.15 -57.98 75.23
N LYS VA 91 -83.76 -58.11 76.49
CA LYS VA 91 -83.23 -57.00 77.31
C LYS VA 91 -81.98 -56.41 76.65
N LYS VA 92 -81.04 -57.26 76.22
CA LYS VA 92 -79.87 -56.87 75.43
C LYS VA 92 -80.29 -56.17 74.14
N ALA VA 93 -81.14 -56.79 73.33
CA ALA VA 93 -81.53 -56.25 72.04
C ALA VA 93 -82.17 -54.87 72.17
N HIS VA 94 -83.11 -54.68 73.10
CA HIS VA 94 -83.73 -53.37 73.32
C HIS VA 94 -82.70 -52.30 73.66
N LYS VA 95 -81.83 -52.56 74.66
CA LYS VA 95 -80.78 -51.62 75.05
C LYS VA 95 -79.81 -51.34 73.91
N LEU VA 96 -79.35 -52.38 73.22
CA LEU VA 96 -78.44 -52.25 72.08
C LEU VA 96 -79.10 -51.42 70.97
N ALA VA 97 -80.36 -51.68 70.67
CA ALA VA 97 -81.10 -50.92 69.67
C ALA VA 97 -81.22 -49.45 70.07
N LYS VA 98 -81.48 -49.15 71.34
CA LYS VA 98 -81.51 -47.76 71.81
C LYS VA 98 -80.14 -47.11 71.66
N GLU VA 99 -79.07 -47.82 72.01
CA GLU VA 99 -77.71 -47.32 71.83
C GLU VA 99 -77.40 -47.09 70.35
N ALA VA 100 -77.82 -48.00 69.48
CA ALA VA 100 -77.69 -47.80 68.04
C ALA VA 100 -78.48 -46.58 67.60
N LEU VA 101 -79.70 -46.39 68.10
CA LEU VA 101 -80.52 -45.24 67.79
C LEU VA 101 -79.80 -43.95 68.18
N ARG VA 102 -79.25 -43.91 69.40
CA ARG VA 102 -78.42 -42.79 69.83
C ARG VA 102 -77.26 -42.57 68.86
N GLN VA 103 -76.49 -43.60 68.58
CA GLN VA 103 -75.32 -43.47 67.72
C GLN VA 103 -75.71 -42.97 66.32
N VAL VA 104 -76.76 -43.52 65.72
CA VAL VA 104 -77.17 -43.08 64.39
C VAL VA 104 -77.70 -41.67 64.44
N ILE VA 105 -78.42 -41.28 65.49
CA ILE VA 105 -78.87 -39.90 65.66
C ILE VA 105 -77.67 -38.97 65.74
N GLU VA 106 -76.67 -39.30 66.55
CA GLU VA 106 -75.45 -38.51 66.65
C GLU VA 106 -74.75 -38.42 65.30
N ILE VA 107 -74.66 -39.54 64.59
CA ILE VA 107 -74.11 -39.54 63.25
C ILE VA 107 -74.95 -38.66 62.34
N ALA VA 108 -76.27 -38.68 62.44
CA ALA VA 108 -77.14 -37.84 61.62
C ALA VA 108 -76.92 -36.36 61.91
N ILE VA 109 -76.76 -36.00 63.19
CA ILE VA 109 -76.40 -34.65 63.57
C ILE VA 109 -75.05 -34.30 62.94
N ARG VA 110 -74.04 -35.17 63.07
CA ARG VA 110 -72.72 -34.92 62.48
C ARG VA 110 -72.80 -34.79 60.97
N ALA VA 111 -73.58 -35.64 60.32
CA ALA VA 111 -73.77 -35.61 58.88
C ALA VA 111 -74.42 -34.29 58.43
N ILE VA 112 -75.39 -33.79 59.20
CA ILE VA 112 -75.95 -32.46 58.97
C ILE VA 112 -74.84 -31.42 59.12
N GLN VA 113 -74.03 -31.50 60.19
CA GLN VA 113 -72.93 -30.56 60.39
C GLN VA 113 -71.87 -30.61 59.27
N GLU VA 114 -71.61 -31.77 58.69
CA GLU VA 114 -70.70 -31.93 57.55
C GLU VA 114 -71.34 -31.64 56.18
N GLY VA 115 -72.67 -31.58 56.10
CA GLY VA 115 -73.42 -31.11 54.93
C GLY VA 115 -73.61 -32.08 53.76
N ASN VA 116 -72.99 -33.27 53.75
CA ASN VA 116 -73.30 -34.31 52.76
C ASN VA 116 -74.56 -35.09 53.18
N LEU VA 117 -75.73 -34.50 52.94
CA LEU VA 117 -77.00 -34.97 53.50
C LEU VA 117 -77.40 -36.37 53.04
N GLU VA 118 -76.80 -36.93 51.99
CA GLU VA 118 -77.04 -38.34 51.66
C GLU VA 118 -76.64 -39.25 52.81
N LEU VA 119 -75.55 -38.95 53.52
CA LEU VA 119 -75.21 -39.71 54.71
C LEU VA 119 -76.34 -39.61 55.74
N ALA VA 120 -76.87 -38.40 55.97
CA ALA VA 120 -77.97 -38.22 56.92
C ALA VA 120 -79.22 -38.98 56.46
N ILE VA 121 -79.51 -38.98 55.17
CA ILE VA 121 -80.62 -39.72 54.60
C ILE VA 121 -80.43 -41.21 54.83
N ILE VA 122 -79.25 -41.75 54.53
CA ILE VA 122 -78.95 -43.16 54.72
C ILE VA 122 -79.05 -43.50 56.20
N ALA VA 123 -78.48 -42.65 57.05
CA ALA VA 123 -78.59 -42.79 58.49
C ALA VA 123 -80.06 -42.84 58.90
N LEU VA 124 -80.90 -41.98 58.32
CA LEU VA 124 -82.31 -41.98 58.63
C LEU VA 124 -82.96 -43.26 58.12
N HIS VA 125 -82.55 -43.77 56.97
CA HIS VA 125 -83.05 -45.03 56.44
C HIS VA 125 -82.74 -46.17 57.41
N ILE VA 126 -81.50 -46.24 57.87
CA ILE VA 126 -81.09 -47.18 58.91
C ILE VA 126 -81.91 -46.91 60.18
N SER VA 127 -82.20 -45.66 60.49
CA SER VA 127 -83.03 -45.33 61.65
C SER VA 127 -84.41 -45.94 61.50
N VAL VA 128 -85.01 -45.91 60.31
CA VAL VA 128 -86.27 -46.60 60.09
C VAL VA 128 -86.08 -48.10 60.24
N ARG VA 129 -84.98 -48.68 59.78
CA ARG VA 129 -84.73 -50.10 60.06
C ARG VA 129 -84.66 -50.37 61.56
N ILE VA 130 -83.98 -49.51 62.31
CA ILE VA 130 -83.95 -49.59 63.77
C ILE VA 130 -85.36 -49.49 64.30
N ALA VA 131 -86.20 -48.62 63.75
CA ALA VA 131 -87.59 -48.53 64.17
C ALA VA 131 -88.32 -49.86 63.93
N GLU VA 132 -88.12 -50.53 62.80
CA GLU VA 132 -88.72 -51.85 62.57
C GLU VA 132 -88.25 -52.87 63.61
N VAL VA 133 -86.95 -52.89 63.91
CA VAL VA 133 -86.40 -53.78 64.93
C VAL VA 133 -87.04 -53.47 66.28
N LEU VA 134 -87.05 -52.21 66.67
CA LEU VA 134 -87.67 -51.78 67.92
C LEU VA 134 -89.14 -52.18 67.95
N LEU VA 135 -89.85 -51.99 66.84
CA LEU VA 135 -91.28 -52.26 66.75
C LEU VA 135 -91.55 -53.73 67.01
N GLU VA 136 -90.80 -54.63 66.40
CA GLU VA 136 -90.96 -56.04 66.75
C GLU VA 136 -90.46 -56.33 68.15
N THR VA 137 -89.49 -55.59 68.67
CA THR VA 137 -88.89 -55.84 69.99
C THR VA 137 -89.88 -55.60 71.13
N ARG VA 138 -90.56 -54.43 71.15
CA ARG VA 138 -91.53 -54.04 72.20
C ARG VA 138 -92.68 -53.19 71.65
N PRO VA 139 -93.77 -53.81 71.16
CA PRO VA 139 -94.98 -53.11 70.69
C PRO VA 139 -95.67 -52.21 71.74
N ASP VA 140 -95.46 -52.47 73.03
CA ASP VA 140 -96.07 -51.74 74.16
C ASP VA 140 -95.27 -50.50 74.62
N ASP VA 141 -93.99 -50.37 74.26
CA ASP VA 141 -93.10 -49.26 74.66
C ASP VA 141 -93.33 -48.00 73.81
N ARG VA 142 -94.60 -47.69 73.53
CA ARG VA 142 -95.03 -46.78 72.46
C ARG VA 142 -94.44 -45.38 72.58
N GLU VA 143 -94.14 -44.92 73.78
CA GLU VA 143 -93.55 -43.61 73.99
C GLU VA 143 -92.18 -43.53 73.32
N GLU VA 144 -91.34 -44.55 73.42
CA GLU VA 144 -90.07 -44.58 72.71
C GLU VA 144 -90.29 -44.47 71.21
N ILE VA 145 -91.29 -45.19 70.69
CA ILE VA 145 -91.61 -45.17 69.28
C ILE VA 145 -92.05 -43.77 68.87
N ARG VA 146 -92.98 -43.17 69.60
CA ARG VA 146 -93.43 -41.83 69.28
C ARG VA 146 -92.29 -40.83 69.42
N GLU VA 147 -91.42 -40.97 70.41
CA GLU VA 147 -90.25 -40.11 70.53
C GLU VA 147 -89.38 -40.24 69.28
N GLN VA 148 -89.05 -41.46 68.89
CA GLN VA 148 -88.28 -41.70 67.69
C GLN VA 148 -88.99 -41.08 66.49
N GLN VA 149 -90.29 -41.24 66.37
CA GLN VA 149 -91.06 -40.63 65.30
C GLN VA 149 -90.95 -39.11 65.34
N ALA VA 150 -91.09 -38.50 66.51
CA ALA VA 150 -91.00 -37.06 66.61
C ALA VA 150 -89.59 -36.59 66.22
N ILE VA 151 -88.57 -37.30 66.68
CA ILE VA 151 -87.19 -37.02 66.33
C ILE VA 151 -87.02 -37.12 64.82
N PHE VA 152 -87.52 -38.20 64.22
CA PHE VA 152 -87.51 -38.39 62.78
C PHE VA 152 -88.23 -37.25 62.09
N GLU VA 153 -89.41 -36.86 62.55
CA GLU VA 153 -90.18 -35.78 61.94
C GLU VA 153 -89.41 -34.47 62.02
N LEU VA 154 -88.76 -34.20 63.14
CA LEU VA 154 -87.91 -33.03 63.28
C LEU VA 154 -86.76 -33.12 62.28
N LEU VA 155 -86.08 -34.25 62.20
CA LEU VA 155 -84.99 -34.42 61.26
C LEU VA 155 -85.46 -34.22 59.84
N ILE VA 156 -86.59 -34.82 59.46
CA ILE VA 156 -87.18 -34.63 58.14
C ILE VA 156 -87.47 -33.16 57.93
N ALA VA 157 -88.07 -32.47 58.88
CA ALA VA 157 -88.37 -31.08 58.70
C ALA VA 157 -87.09 -30.30 58.45
N ALA VA 158 -86.06 -30.56 59.25
CA ALA VA 158 -84.78 -29.90 59.12
C ALA VA 158 -84.17 -30.18 57.75
N LEU VA 159 -84.14 -31.44 57.34
CA LEU VA 159 -83.65 -31.83 56.04
C LEU VA 159 -84.47 -31.18 54.93
N GLU VA 160 -85.79 -31.08 55.05
CA GLU VA 160 -86.62 -30.52 53.98
C GLU VA 160 -86.32 -29.05 53.80
N ALA VA 161 -86.24 -28.31 54.91
CA ALA VA 161 -85.77 -26.94 54.85
C ALA VA 161 -84.36 -26.91 54.23
N ALA VA 162 -83.46 -27.77 54.69
CA ALA VA 162 -82.07 -27.75 54.27
C ALA VA 162 -81.95 -27.98 52.77
N ILE VA 163 -82.59 -29.02 52.27
CA ILE VA 163 -82.54 -29.40 50.86
C ILE VA 163 -83.27 -28.36 50.01
N ARG VA 164 -84.39 -27.80 50.48
CA ARG VA 164 -85.05 -26.69 49.79
C ARG VA 164 -84.08 -25.52 49.65
N LEU VA 165 -83.45 -25.14 50.75
CA LEU VA 165 -82.52 -24.02 50.77
C LEU VA 165 -81.30 -24.31 49.91
N GLU VA 166 -80.80 -25.53 49.92
CA GLU VA 166 -79.70 -25.95 49.05
C GLU VA 166 -80.10 -25.82 47.57
N LYS VA 167 -81.33 -26.20 47.22
CA LYS VA 167 -81.82 -26.01 45.85
C LYS VA 167 -81.92 -24.52 45.51
N LEU VA 168 -82.43 -23.69 46.43
CA LEU VA 168 -82.44 -22.24 46.22
C LEU VA 168 -81.02 -21.68 46.05
N LYS VA 169 -80.03 -22.22 46.78
CA LYS VA 169 -78.62 -21.87 46.64
C LYS VA 169 -78.08 -22.27 45.26
N GLU VA 170 -78.40 -23.47 44.79
CA GLU VA 170 -78.03 -23.94 43.46
C GLU VA 170 -78.67 -23.09 42.36
N GLU VA 171 -79.95 -22.73 42.50
CA GLU VA 171 -80.68 -21.89 41.56
C GLU VA 171 -80.27 -20.40 41.62
N GLY VA 172 -79.53 -19.96 42.64
CA GLY VA 172 -79.12 -18.57 42.81
C GLY VA 172 -80.28 -17.62 43.11
N ALA VA 173 -81.26 -18.06 43.89
CA ALA VA 173 -82.47 -17.30 44.22
C ALA VA 173 -82.17 -15.98 44.98
N PRO VA 174 -83.06 -14.97 44.93
CA PRO VA 174 -82.92 -13.73 45.69
C PRO VA 174 -82.66 -13.98 47.18
N PRO VA 175 -81.61 -13.38 47.78
CA PRO VA 175 -81.29 -13.58 49.19
C PRO VA 175 -82.46 -13.30 50.13
N GLU VA 176 -83.33 -12.34 49.79
CA GLU VA 176 -84.56 -12.06 50.54
C GLU VA 176 -85.50 -13.28 50.56
N GLN VA 177 -85.75 -13.92 49.42
CA GLN VA 177 -86.57 -15.12 49.36
C GLN VA 177 -85.93 -16.25 50.17
N ILE VA 178 -84.61 -16.42 50.04
CA ILE VA 178 -83.85 -17.40 50.83
C ILE VA 178 -84.05 -17.13 52.33
N GLU VA 179 -83.92 -15.89 52.76
CA GLU VA 179 -84.12 -15.50 54.16
C GLU VA 179 -85.55 -15.76 54.64
N ARG VA 180 -86.57 -15.45 53.83
CA ARG VA 180 -87.97 -15.76 54.19
C ARG VA 180 -88.17 -17.25 54.37
N VAL VA 181 -87.60 -18.07 53.48
CA VAL VA 181 -87.66 -19.52 53.62
C VAL VA 181 -86.92 -19.96 54.89
N ALA VA 182 -85.75 -19.39 55.18
CA ALA VA 182 -84.99 -19.75 56.37
C ALA VA 182 -85.79 -19.43 57.65
N GLU VA 183 -86.41 -18.25 57.73
CA GLU VA 183 -87.28 -17.93 58.86
C GLU VA 183 -88.45 -18.90 58.94
N HIS VA 184 -89.13 -19.19 57.83
CA HIS VA 184 -90.21 -20.18 57.83
C HIS VA 184 -89.72 -21.53 58.38
N GLY VA 185 -88.51 -21.95 58.00
CA GLY VA 185 -87.87 -23.13 58.54
C GLY VA 185 -87.70 -23.04 60.05
N LEU VA 186 -87.04 -21.99 60.55
CA LEU VA 186 -86.85 -21.80 61.99
C LEU VA 186 -88.19 -21.78 62.72
N GLU VA 187 -89.18 -21.06 62.21
CA GLU VA 187 -90.51 -20.99 62.80
C GLU VA 187 -91.15 -22.39 62.88
N ARG VA 188 -91.15 -23.13 61.78
CA ARG VA 188 -91.69 -24.49 61.77
C ARG VA 188 -90.95 -25.35 62.78
N LEU VA 189 -89.62 -25.27 62.81
CA LEU VA 189 -88.81 -26.04 63.74
C LEU VA 189 -89.19 -25.71 65.17
N LYS VA 190 -89.38 -24.44 65.48
CA LYS VA 190 -89.84 -23.98 66.79
C LYS VA 190 -91.22 -24.54 67.11
N GLU VA 191 -92.15 -24.53 66.17
CA GLU VA 191 -93.46 -25.15 66.39
C GLU VA 191 -93.31 -26.65 66.70
N ILE VA 192 -92.50 -27.37 65.92
CA ILE VA 192 -92.26 -28.79 66.17
C ILE VA 192 -91.64 -28.97 67.56
N ALA VA 193 -90.66 -28.14 67.91
CA ALA VA 193 -90.04 -28.22 69.22
C ALA VA 193 -91.06 -28.00 70.33
N LYS VA 194 -91.98 -27.05 70.16
CA LYS VA 194 -93.07 -26.83 71.10
C LYS VA 194 -93.93 -28.08 71.22
N GLU VA 195 -94.33 -28.68 70.12
CA GLU VA 195 -95.09 -29.93 70.18
C GLU VA 195 -94.29 -31.02 70.91
N ILE VA 196 -93.02 -31.19 70.58
CA ILE VA 196 -92.15 -32.15 71.28
C ILE VA 196 -92.15 -31.86 72.78
N SER VA 197 -92.00 -30.59 73.16
CA SER VA 197 -91.97 -30.20 74.56
C SER VA 197 -93.27 -30.55 75.29
N LYS VA 198 -94.41 -30.52 74.59
CA LYS VA 198 -95.70 -30.93 75.15
C LYS VA 198 -95.80 -32.45 75.25
N GLU VA 199 -95.27 -33.17 74.27
CA GLU VA 199 -95.38 -34.62 74.25
C GLU VA 199 -94.43 -35.32 75.22
N VAL VA 200 -93.12 -35.08 75.10
CA VAL VA 200 -92.09 -36.01 75.61
C VAL VA 200 -91.63 -35.67 77.03
N ASP VA 201 -91.08 -36.67 77.75
CA ASP VA 201 -90.52 -36.48 79.09
C ASP VA 201 -89.17 -37.18 79.35
N SER VA 202 -88.62 -37.97 78.43
CA SER VA 202 -87.24 -38.47 78.55
C SER VA 202 -86.26 -37.31 78.46
N PRO VA 203 -85.41 -37.07 79.47
CA PRO VA 203 -84.48 -35.95 79.45
C PRO VA 203 -83.55 -36.03 78.24
N GLU VA 204 -82.99 -37.20 77.99
CA GLU VA 204 -82.09 -37.41 76.85
C GLU VA 204 -82.83 -37.15 75.55
N SER VA 205 -84.11 -37.52 75.43
CA SER VA 205 -84.86 -37.23 74.22
C SER VA 205 -84.95 -35.72 73.99
N LYS VA 206 -85.25 -34.94 75.03
CA LYS VA 206 -85.30 -33.49 74.91
C LYS VA 206 -83.91 -32.95 74.55
N ARG VA 207 -82.86 -33.49 75.18
CA ARG VA 207 -81.48 -33.08 74.89
C ARG VA 207 -81.14 -33.32 73.43
N ILE VA 208 -81.43 -34.51 72.94
CA ILE VA 208 -81.32 -34.84 71.52
C ILE VA 208 -82.12 -33.83 70.71
N ALA VA 209 -83.37 -33.58 71.06
CA ALA VA 209 -84.20 -32.67 70.28
C ALA VA 209 -83.53 -31.31 70.19
N TYR VA 210 -83.11 -30.75 71.31
CA TYR VA 210 -82.47 -29.45 71.29
C TYR VA 210 -81.20 -29.48 70.47
N LYS VA 211 -80.37 -30.51 70.62
CA LYS VA 211 -79.16 -30.67 69.81
C LYS VA 211 -79.51 -30.61 68.33
N ILE VA 212 -80.55 -31.33 67.92
CA ILE VA 212 -81.00 -31.32 66.53
C ILE VA 212 -81.40 -29.90 66.16
N VAL VA 213 -82.22 -29.23 66.97
CA VAL VA 213 -82.67 -27.88 66.65
C VAL VA 213 -81.47 -26.97 66.47
N ALA VA 214 -80.53 -27.02 67.41
CA ALA VA 214 -79.33 -26.21 67.35
C ALA VA 214 -78.56 -26.52 66.06
N ALA VA 215 -78.36 -27.79 65.77
CA ALA VA 215 -77.69 -28.19 64.55
C ALA VA 215 -78.44 -27.69 63.32
N ALA VA 216 -79.77 -27.68 63.35
CA ALA VA 216 -80.55 -27.18 62.23
C ALA VA 216 -80.28 -25.70 62.03
N ALA VA 217 -80.37 -24.89 63.08
CA ALA VA 217 -80.04 -23.49 62.97
C ALA VA 217 -78.60 -23.31 62.47
N GLU VA 218 -77.66 -24.04 63.06
CA GLU VA 218 -76.24 -23.96 62.70
C GLU VA 218 -76.05 -24.24 61.22
N PHE VA 219 -76.59 -25.34 60.73
CA PHE VA 219 -76.43 -25.71 59.33
C PHE VA 219 -77.15 -24.72 58.42
N LEU VA 220 -78.35 -24.27 58.77
CA LEU VA 220 -79.06 -23.26 57.99
C LEU VA 220 -78.19 -22.01 57.87
N LEU VA 221 -77.55 -21.59 58.95
CA LEU VA 221 -76.64 -20.46 58.92
C LEU VA 221 -75.45 -20.76 58.00
N LYS VA 222 -74.86 -21.95 58.06
CA LYS VA 222 -73.77 -22.30 57.14
C LYS VA 222 -74.23 -22.28 55.68
N ILE VA 223 -75.40 -22.81 55.38
CA ILE VA 223 -75.97 -22.74 54.03
C ILE VA 223 -76.10 -21.28 53.61
N LEU VA 224 -76.68 -20.43 54.46
CA LEU VA 224 -76.84 -19.02 54.16
C LEU VA 224 -75.48 -18.34 53.90
N ALA VA 225 -74.46 -18.69 54.70
CA ALA VA 225 -73.12 -18.15 54.56
C ALA VA 225 -72.45 -18.60 53.26
N GLU VA 226 -72.57 -19.87 52.87
CA GLU VA 226 -72.12 -20.31 51.55
C GLU VA 226 -72.83 -19.55 50.43
N GLY VA 227 -74.11 -19.24 50.63
CA GLY VA 227 -74.92 -18.46 49.71
C GLY VA 227 -74.48 -17.00 49.54
N GLY VA 228 -73.55 -16.50 50.37
CA GLY VA 228 -72.98 -15.16 50.23
C GLY VA 228 -73.96 -14.00 50.52
N ALA VA 229 -75.02 -14.25 51.29
CA ALA VA 229 -75.97 -13.21 51.70
C ALA VA 229 -75.29 -12.08 52.49
N THR VA 230 -75.79 -10.85 52.37
CA THR VA 230 -75.14 -9.68 52.99
C THR VA 230 -75.15 -9.75 54.52
N PRO VA 231 -74.17 -9.18 55.22
CA PRO VA 231 -74.00 -9.35 56.66
C PRO VA 231 -75.26 -9.07 57.50
N GLU VA 232 -76.08 -8.12 57.06
CA GLU VA 232 -77.34 -7.76 57.72
C GLU VA 232 -78.30 -8.96 57.77
N GLN VA 233 -78.36 -9.74 56.70
CA GLN VA 233 -79.22 -10.93 56.66
C GLN VA 233 -78.69 -11.96 57.65
N LEU VA 234 -77.36 -12.18 57.66
CA LEU VA 234 -76.72 -13.12 58.57
C LEU VA 234 -77.04 -12.74 60.01
N GLU VA 235 -76.89 -11.47 60.35
CA GLU VA 235 -77.19 -10.94 61.66
C GLU VA 235 -78.66 -11.12 62.03
N ARG VA 236 -79.60 -10.73 61.14
CA ARG VA 236 -81.04 -10.88 61.41
C ARG VA 236 -81.43 -12.34 61.62
N VAL VA 237 -80.95 -13.23 60.76
CA VAL VA 237 -81.19 -14.67 60.93
C VAL VA 237 -80.56 -15.14 62.22
N THR VA 238 -79.34 -14.72 62.53
CA THR VA 238 -78.66 -15.13 63.76
C THR VA 238 -79.45 -14.72 64.98
N GLU VA 239 -79.96 -13.49 65.02
CA GLU VA 239 -80.80 -13.06 66.13
C GLU VA 239 -82.04 -13.94 66.22
N HIS VA 240 -82.73 -14.16 65.12
CA HIS VA 240 -83.94 -14.98 65.15
C HIS VA 240 -83.63 -16.40 65.63
N ALA VA 241 -82.51 -16.95 65.19
CA ALA VA 241 -82.01 -18.23 65.64
C ALA VA 241 -81.74 -18.22 67.14
N LEU VA 242 -81.00 -17.24 67.65
CA LEU VA 242 -80.74 -17.11 69.06
C LEU VA 242 -82.06 -17.00 69.84
N GLU VA 243 -83.02 -16.21 69.38
CA GLU VA 243 -84.33 -16.08 70.02
C GLU VA 243 -85.04 -17.43 70.10
N VAL VA 244 -85.09 -18.17 68.99
CA VAL VA 244 -85.66 -19.52 68.98
C VAL VA 244 -84.89 -20.42 69.94
N LEU VA 245 -83.56 -20.39 69.88
CA LEU VA 245 -82.75 -21.24 70.74
C LEU VA 245 -83.05 -20.94 72.20
N LYS VA 246 -83.18 -19.66 72.56
CA LYS VA 246 -83.52 -19.21 73.90
C LYS VA 246 -84.89 -19.75 74.29
N GLU VA 247 -85.89 -19.52 73.48
CA GLU VA 247 -87.25 -19.93 73.79
C GLU VA 247 -87.32 -21.44 74.01
N VAL VA 248 -86.78 -22.21 73.06
CA VAL VA 248 -86.81 -23.66 73.14
C VAL VA 248 -85.97 -24.14 74.32
N ALA VA 249 -84.81 -23.55 74.56
CA ALA VA 249 -84.03 -23.89 75.75
C ALA VA 249 -84.84 -23.67 77.02
N LYS VA 250 -85.52 -22.52 77.15
CA LYS VA 250 -86.31 -22.22 78.35
C LYS VA 250 -87.38 -23.29 78.58
N GLU VA 251 -88.02 -23.75 77.51
CA GLU VA 251 -89.01 -24.82 77.63
C GLU VA 251 -88.34 -26.16 77.99
N LEU VA 252 -87.26 -26.53 77.32
CA LEU VA 252 -86.67 -27.88 77.43
C LEU VA 252 -85.75 -28.06 78.66
N ALA VA 253 -85.29 -27.00 79.32
CA ALA VA 253 -84.36 -27.10 80.45
C ALA VA 253 -84.99 -27.82 81.67
N ASP VA 254 -84.19 -28.68 82.31
CA ASP VA 254 -84.50 -29.38 83.58
C ASP VA 254 -83.21 -29.74 84.34
N SER VA 255 -82.45 -30.71 83.84
CA SER VA 255 -81.24 -31.23 84.49
C SER VA 255 -80.07 -30.26 84.36
N PRO VA 256 -79.03 -30.35 85.21
CA PRO VA 256 -77.87 -29.48 85.08
C PRO VA 256 -77.20 -29.66 83.72
N GLU VA 257 -77.07 -30.90 83.26
CA GLU VA 257 -76.50 -31.19 81.96
C GLU VA 257 -77.30 -30.49 80.86
N SER VA 258 -78.63 -30.44 80.97
CA SER VA 258 -79.46 -29.78 79.96
C SER VA 258 -79.07 -28.32 79.81
N VAL VA 259 -78.88 -27.61 80.93
CA VAL VA 259 -78.49 -26.20 80.88
C VAL VA 259 -77.08 -26.09 80.32
N ARG VA 260 -76.16 -26.91 80.82
CA ARG VA 260 -74.76 -26.89 80.40
C ARG VA 260 -74.65 -27.07 78.90
N GLU VA 261 -75.36 -28.06 78.38
CA GLU VA 261 -75.45 -28.29 76.96
C GLU VA 261 -76.07 -27.07 76.27
N ALA VA 262 -77.15 -26.52 76.82
CA ALA VA 262 -77.83 -25.41 76.20
C ALA VA 262 -76.89 -24.24 76.00
N VAL VA 263 -76.17 -23.83 77.05
CA VAL VA 263 -75.21 -22.73 76.89
C VAL VA 263 -74.09 -23.15 75.94
N ARG VA 264 -73.62 -24.39 76.01
CA ARG VA 264 -72.56 -24.86 75.12
C ARG VA 264 -72.99 -24.72 73.67
N LEU VA 265 -74.23 -25.08 73.36
CA LEU VA 265 -74.78 -24.95 72.02
C LEU VA 265 -74.95 -23.49 71.66
N ILE VA 266 -75.54 -22.68 72.52
CA ILE VA 266 -75.80 -21.28 72.19
C ILE VA 266 -74.48 -20.57 71.92
N SER VA 267 -73.50 -20.81 72.78
CA SER VA 267 -72.16 -20.24 72.60
C SER VA 267 -71.53 -20.77 71.34
N LYS VA 268 -71.59 -22.07 71.05
CA LYS VA 268 -71.09 -22.62 69.78
C LYS VA 268 -71.71 -21.88 68.61
N LEU VA 269 -73.03 -21.78 68.56
CA LEU VA 269 -73.72 -21.08 67.47
C LEU VA 269 -73.31 -19.61 67.40
N THR VA 270 -73.13 -18.97 68.54
CA THR VA 270 -72.63 -17.60 68.61
C THR VA 270 -71.24 -17.52 67.97
N GLN VA 271 -70.34 -18.42 68.35
CA GLN VA 271 -68.99 -18.45 67.81
C GLN VA 271 -69.01 -18.63 66.29
N GLU VA 272 -69.82 -19.57 65.79
CA GLU VA 272 -69.96 -19.75 64.35
C GLU VA 272 -70.45 -18.46 63.69
N GLY VA 273 -71.46 -17.80 64.27
CA GLY VA 273 -71.97 -16.55 63.74
C GLY VA 273 -70.88 -15.48 63.65
N LEU VA 274 -70.12 -15.33 64.72
CA LEU VA 274 -68.98 -14.42 64.75
C LEU VA 274 -67.98 -14.77 63.65
N LYS VA 275 -67.66 -16.06 63.48
CA LYS VA 275 -66.76 -16.49 62.41
C LYS VA 275 -67.27 -16.10 61.04
N GLN VA 276 -68.59 -16.16 60.79
CA GLN VA 276 -69.14 -15.72 59.50
C GLN VA 276 -68.94 -14.23 59.29
N LEU VA 277 -69.35 -13.40 60.26
CA LEU VA 277 -69.22 -11.94 60.16
C LEU VA 277 -67.76 -11.51 60.02
N LYS VA 278 -66.83 -12.21 60.69
CA LYS VA 278 -65.39 -12.03 60.57
C LYS VA 278 -64.90 -12.40 59.17
N GLU VA 279 -65.31 -13.55 58.64
CA GLU VA 279 -64.86 -14.03 57.34
C GLU VA 279 -65.35 -13.15 56.17
N ILE VA 280 -66.60 -12.68 56.21
CA ILE VA 280 -67.16 -11.81 55.14
C ILE VA 280 -66.57 -10.39 55.15
N GLY VA 281 -65.85 -10.00 56.21
CA GLY VA 281 -65.24 -8.67 56.32
C GLY VA 281 -66.23 -7.55 56.66
N ALA VA 282 -67.27 -7.85 57.45
CA ALA VA 282 -68.26 -6.87 57.90
C ALA VA 282 -67.64 -5.77 58.80
N PRO VA 283 -68.25 -4.58 58.90
CA PRO VA 283 -67.84 -3.58 59.89
C PRO VA 283 -68.09 -4.14 61.30
N PRO VA 284 -67.13 -4.00 62.24
CA PRO VA 284 -67.26 -4.53 63.60
C PRO VA 284 -68.53 -4.13 64.35
N GLU VA 285 -69.22 -3.07 63.93
CA GLU VA 285 -70.55 -2.71 64.42
C GLU VA 285 -71.51 -3.91 64.44
N GLN VA 286 -71.51 -4.72 63.38
CA GLN VA 286 -72.34 -5.92 63.31
C GLN VA 286 -71.90 -6.94 64.38
N ILE VA 287 -70.59 -7.17 64.50
CA ILE VA 287 -70.04 -8.12 65.47
C ILE VA 287 -70.40 -7.69 66.89
N GLU VA 288 -70.29 -6.39 67.18
CA GLU VA 288 -70.61 -5.83 68.47
C GLU VA 288 -72.09 -6.04 68.82
N ARG VA 289 -73.00 -5.82 67.87
CA ARG VA 289 -74.42 -6.12 68.07
C ARG VA 289 -74.62 -7.60 68.38
N VAL VA 290 -74.08 -8.48 67.55
CA VAL VA 290 -74.21 -9.93 67.78
C VAL VA 290 -73.63 -10.30 69.14
N ALA VA 291 -72.46 -9.77 69.49
CA ALA VA 291 -71.82 -10.08 70.75
C ALA VA 291 -72.72 -9.71 71.91
N GLU VA 292 -73.22 -8.47 71.96
CA GLU VA 292 -74.15 -8.09 73.03
C GLU VA 292 -75.36 -9.01 73.03
N HIS VA 293 -76.01 -9.19 71.88
CA HIS VA 293 -77.28 -9.90 71.85
C HIS VA 293 -77.08 -11.36 72.29
N GLY VA 294 -75.99 -11.99 71.85
CA GLY VA 294 -75.63 -13.33 72.27
C GLY VA 294 -75.31 -13.41 73.76
N LEU VA 295 -74.47 -12.50 74.26
CA LEU VA 295 -74.15 -12.48 75.68
C LEU VA 295 -75.40 -12.23 76.52
N GLU VA 296 -76.29 -11.34 76.09
CA GLU VA 296 -77.56 -11.09 76.76
C GLU VA 296 -78.36 -12.39 76.85
N VAL VA 297 -78.56 -13.06 75.73
CA VAL VA 297 -79.25 -14.36 75.70
C VAL VA 297 -78.58 -15.34 76.65
N LEU VA 298 -77.25 -15.46 76.59
CA LEU VA 298 -76.52 -16.38 77.43
C LEU VA 298 -76.78 -16.07 78.89
N LYS VA 299 -76.69 -14.81 79.28
CA LYS VA 299 -76.95 -14.37 80.64
C LYS VA 299 -78.39 -14.66 81.04
N GLU VA 300 -79.36 -14.37 80.18
CA GLU VA 300 -80.75 -14.68 80.46
C GLU VA 300 -80.96 -16.18 80.67
N ILE VA 301 -80.32 -17.02 79.86
CA ILE VA 301 -80.39 -18.47 80.01
C ILE VA 301 -79.69 -18.90 81.30
N ALA VA 302 -78.47 -18.42 81.54
CA ALA VA 302 -77.72 -18.78 82.72
C ALA VA 302 -78.50 -18.43 83.98
N LYS VA 303 -79.11 -17.24 84.00
CA LYS VA 303 -80.04 -16.82 85.05
C LYS VA 303 -81.16 -17.83 85.17
N TYR VA 304 -81.91 -18.05 84.10
CA TYR VA 304 -83.07 -18.93 84.11
C TYR VA 304 -82.73 -20.32 84.66
N GLY VA 305 -81.70 -20.95 84.09
CA GLY VA 305 -81.24 -22.26 84.50
C GLY VA 305 -80.78 -22.27 85.96
N SER VA 306 -79.99 -21.28 86.36
CA SER VA 306 -79.51 -21.20 87.75
C SER VA 306 -80.69 -21.11 88.73
N LYS VA 307 -81.77 -20.39 88.39
CA LYS VA 307 -82.94 -20.27 89.26
C LYS VA 307 -83.74 -21.57 89.36
N LEU VA 308 -83.62 -22.48 88.40
CA LEU VA 308 -84.17 -23.82 88.49
C LEU VA 308 -83.29 -24.81 89.30
N THR VA 309 -82.07 -24.44 89.71
CA THR VA 309 -81.03 -25.41 90.08
C THR VA 309 -80.18 -24.99 91.30
N ASP VA 310 -79.38 -25.92 91.82
CA ASP VA 310 -78.54 -25.72 93.02
C ASP VA 310 -77.12 -26.36 92.96
N SER VA 311 -76.75 -27.05 91.89
CA SER VA 311 -75.47 -27.80 91.84
C SER VA 311 -74.24 -26.88 91.77
N PRO VA 312 -73.26 -27.04 92.66
CA PRO VA 312 -72.05 -26.22 92.64
C PRO VA 312 -71.22 -26.51 91.41
N GLU VA 313 -71.20 -27.77 90.97
CA GLU VA 313 -70.52 -28.20 89.76
C GLU VA 313 -71.11 -27.45 88.56
N LEU VA 314 -72.44 -27.42 88.45
CA LEU VA 314 -73.11 -26.68 87.39
C LEU VA 314 -72.71 -25.22 87.43
N LYS VA 315 -72.84 -24.58 88.59
CA LYS VA 315 -72.55 -23.15 88.73
C LYS VA 315 -71.13 -22.85 88.27
N ARG VA 316 -70.15 -23.63 88.72
CA ARG VA 316 -68.75 -23.49 88.29
C ARG VA 316 -68.62 -23.64 86.78
N GLU VA 317 -69.21 -24.69 86.22
CA GLU VA 317 -69.15 -24.92 84.78
C GLU VA 317 -69.79 -23.78 84.00
N LEU VA 318 -70.97 -23.32 84.40
CA LEU VA 318 -71.66 -22.24 83.70
C LEU VA 318 -70.77 -21.00 83.68
N TYR VA 319 -70.20 -20.65 84.83
CA TYR VA 319 -69.30 -19.52 84.88
C TYR VA 319 -68.10 -19.74 83.97
N ARG VA 320 -67.50 -20.93 84.02
CA ARG VA 320 -66.35 -21.26 83.18
C ARG VA 320 -66.72 -21.06 81.71
N ILE VA 321 -67.81 -21.64 81.26
CA ILE VA 321 -68.28 -21.52 79.89
C ILE VA 321 -68.50 -20.05 79.55
N ILE VA 322 -69.17 -19.29 80.42
CA ILE VA 322 -69.42 -17.88 80.16
C ILE VA 322 -68.09 -17.17 79.93
N SER VA 323 -67.13 -17.38 80.83
CA SER VA 323 -65.84 -16.73 80.73
C SER VA 323 -65.09 -17.17 79.48
N GLU VA 324 -65.05 -18.45 79.17
CA GLU VA 324 -64.43 -18.95 77.95
C GLU VA 324 -65.08 -18.30 76.74
N THR VA 325 -66.41 -18.16 76.77
CA THR VA 325 -67.16 -17.54 75.69
C THR VA 325 -66.71 -16.11 75.52
N ALA VA 326 -66.72 -15.34 76.60
CA ALA VA 326 -66.28 -13.95 76.55
C ALA VA 326 -64.86 -13.85 76.00
N LYS VA 327 -63.96 -14.70 76.48
CA LYS VA 327 -62.56 -14.72 76.03
C LYS VA 327 -62.50 -14.99 74.53
N GLU VA 328 -63.21 -16.00 74.06
CA GLU VA 328 -63.23 -16.31 72.65
C GLU VA 328 -63.79 -15.14 71.84
N LEU VA 329 -64.89 -14.54 72.29
CA LEU VA 329 -65.54 -13.42 71.61
C LEU VA 329 -64.56 -12.26 71.44
N LEU VA 330 -63.87 -11.88 72.52
CA LEU VA 330 -62.85 -10.83 72.42
C LEU VA 330 -61.72 -11.26 71.50
N LYS VA 331 -61.24 -12.51 71.61
CA LYS VA 331 -60.14 -13.01 70.80
C LYS VA 331 -60.47 -12.93 69.32
N ILE VA 332 -61.70 -13.31 68.95
CA ILE VA 332 -62.19 -13.17 67.58
C ILE VA 332 -62.25 -11.69 67.19
N LEU VA 333 -62.78 -10.82 68.05
CA LEU VA 333 -62.88 -9.39 67.74
C LEU VA 333 -61.49 -8.78 67.48
N ALA VA 334 -60.51 -9.18 68.29
CA ALA VA 334 -59.11 -8.76 68.14
C ALA VA 334 -58.49 -9.32 66.84
N GLU VA 335 -58.70 -10.59 66.52
CA GLU VA 335 -58.30 -11.14 65.22
C GLU VA 335 -59.01 -10.41 64.07
N GLY VA 336 -60.24 -9.95 64.28
CA GLY VA 336 -61.02 -9.13 63.37
C GLY VA 336 -60.48 -7.72 63.15
N GLY VA 337 -59.45 -7.29 63.88
CA GLY VA 337 -58.75 -6.02 63.65
C GLY VA 337 -59.56 -4.77 64.01
N ALA VA 338 -60.56 -4.88 64.90
CA ALA VA 338 -61.37 -3.75 65.36
C ALA VA 338 -60.55 -2.69 66.14
N THR VA 339 -61.08 -1.47 66.28
CA THR VA 339 -60.41 -0.39 67.02
C THR VA 339 -60.33 -0.69 68.52
N PRO VA 340 -59.37 -0.10 69.25
CA PRO VA 340 -59.30 -0.25 70.70
C PRO VA 340 -60.57 0.28 71.39
N GLU VA 341 -61.29 1.23 70.78
CA GLU VA 341 -62.59 1.67 71.31
C GLU VA 341 -63.62 0.54 71.26
N GLN VA 342 -63.75 -0.16 70.14
CA GLN VA 342 -64.68 -1.30 70.07
C GLN VA 342 -64.27 -2.38 71.06
N LEU VA 343 -62.97 -2.68 71.15
CA LEU VA 343 -62.46 -3.66 72.11
C LEU VA 343 -62.78 -3.24 73.54
N GLU VA 344 -62.62 -1.97 73.89
CA GLU VA 344 -63.01 -1.44 75.20
C GLU VA 344 -64.51 -1.64 75.43
N ARG VA 345 -65.36 -1.14 74.51
CA ARG VA 345 -66.82 -1.22 74.63
C ARG VA 345 -67.27 -2.64 74.92
N VAL VA 346 -66.78 -3.60 74.14
CA VAL VA 346 -67.12 -5.01 74.33
C VAL VA 346 -66.51 -5.55 75.62
N THR VA 347 -65.26 -5.23 75.95
CA THR VA 347 -64.63 -5.72 77.18
C THR VA 347 -65.42 -5.26 78.40
N LYS VA 348 -65.82 -4.00 78.42
CA LYS VA 348 -66.65 -3.43 79.48
C LYS VA 348 -67.97 -4.17 79.57
N HIS VA 349 -68.65 -4.33 78.44
CA HIS VA 349 -69.89 -5.08 78.41
C HIS VA 349 -69.70 -6.49 78.96
N ALA VA 350 -68.62 -7.18 78.55
CA ALA VA 350 -68.34 -8.53 79.00
C ALA VA 350 -68.13 -8.58 80.51
N LEU VA 351 -67.35 -7.66 81.05
CA LEU VA 351 -67.20 -7.57 82.50
C LEU VA 351 -68.56 -7.37 83.16
N GLU VA 352 -69.39 -6.47 82.65
CA GLU VA 352 -70.72 -6.23 83.21
C GLU VA 352 -71.60 -7.48 83.14
N VAL VA 353 -71.57 -8.20 82.02
CA VAL VA 353 -72.29 -9.45 81.88
C VAL VA 353 -71.79 -10.45 82.92
N LEU VA 354 -70.49 -10.62 83.05
CA LEU VA 354 -69.95 -11.53 84.06
C LEU VA 354 -70.41 -11.08 85.44
N LYS VA 355 -70.41 -9.77 85.72
CA LYS VA 355 -70.88 -9.25 87.00
C LYS VA 355 -72.33 -9.63 87.23
N GLU VA 356 -73.19 -9.47 86.24
CA GLU VA 356 -74.59 -9.92 86.36
C GLU VA 356 -74.66 -11.43 86.60
N VAL VA 357 -73.86 -12.20 85.88
CA VAL VA 357 -73.83 -13.66 86.04
C VAL VA 357 -73.39 -14.02 87.45
N ALA VA 358 -72.36 -13.37 87.98
CA ALA VA 358 -71.97 -13.56 89.36
C ALA VA 358 -73.11 -13.18 90.30
N LYS VA 359 -73.74 -12.02 90.10
CA LYS VA 359 -74.83 -11.54 90.95
C LYS VA 359 -75.99 -12.52 91.00
N GLU VA 360 -76.27 -13.23 89.91
CA GLU VA 360 -77.23 -14.32 89.94
C GLU VA 360 -76.66 -15.56 90.61
N LEU VA 361 -75.54 -16.09 90.11
CA LEU VA 361 -75.10 -17.45 90.44
C LEU VA 361 -74.45 -17.52 91.82
N ALA VA 362 -73.59 -16.57 92.16
CA ALA VA 362 -72.75 -16.68 93.34
C ALA VA 362 -73.57 -16.58 94.63
N ASP VA 363 -73.30 -17.47 95.58
CA ASP VA 363 -73.99 -17.54 96.88
C ASP VA 363 -73.10 -18.17 98.00
N SER VA 364 -71.79 -18.30 97.76
CA SER VA 364 -70.81 -18.77 98.74
C SER VA 364 -69.45 -18.08 98.51
N PRO VA 365 -68.58 -17.98 99.53
CA PRO VA 365 -67.23 -17.45 99.35
C PRO VA 365 -66.45 -18.22 98.27
N GLU VA 366 -66.62 -19.54 98.25
CA GLU VA 366 -65.93 -20.41 97.30
C GLU VA 366 -66.28 -20.06 95.86
N SER VA 367 -67.59 -19.96 95.58
CA SER VA 367 -68.08 -19.56 94.26
C SER VA 367 -67.71 -18.10 93.96
N GLY VA 368 -67.71 -17.23 94.97
CA GLY VA 368 -67.23 -15.86 94.84
C GLY VA 368 -65.79 -15.84 94.35
N LEU VA 369 -64.88 -16.55 95.01
CA LEU VA 369 -63.49 -16.60 94.59
C LEU VA 369 -63.36 -17.11 93.18
N ALA VA 370 -64.02 -18.21 92.84
CA ALA VA 370 -63.96 -18.75 91.50
C ALA VA 370 -64.43 -17.70 90.47
N ALA VA 371 -65.58 -17.09 90.70
CA ALA VA 371 -66.14 -16.07 89.81
C ALA VA 371 -65.21 -14.88 89.67
N LEU VA 372 -64.65 -14.43 90.79
CA LEU VA 372 -63.69 -13.36 90.82
C LEU VA 372 -62.49 -13.74 89.98
N ALA VA 373 -61.93 -14.92 90.21
CA ALA VA 373 -60.76 -15.38 89.49
C ALA VA 373 -61.03 -15.44 87.99
N ALA VA 374 -62.23 -15.86 87.61
CA ALA VA 374 -62.63 -15.82 86.22
C ALA VA 374 -62.71 -14.38 85.69
N ILE VA 375 -63.29 -13.44 86.44
CA ILE VA 375 -63.29 -12.03 86.03
C ILE VA 375 -61.85 -11.56 85.86
N ALA VA 376 -60.97 -11.88 86.80
CA ALA VA 376 -59.57 -11.55 86.69
C ALA VA 376 -58.96 -12.18 85.44
N SER VA 377 -59.32 -13.42 85.10
CA SER VA 377 -58.81 -14.02 83.88
C SER VA 377 -59.27 -13.23 82.65
N LEU VA 378 -60.52 -12.75 82.66
CA LEU VA 378 -61.01 -11.91 81.58
C LEU VA 378 -60.22 -10.62 81.54
N ALA VA 379 -59.93 -10.04 82.71
CA ALA VA 379 -59.07 -8.89 82.78
C ALA VA 379 -57.68 -9.18 82.20
N LYS VA 380 -57.10 -10.35 82.43
CA LYS VA 380 -55.81 -10.72 81.84
C LYS VA 380 -55.88 -10.72 80.32
N LEU VA 381 -56.93 -11.32 79.75
CA LEU VA 381 -57.11 -11.24 78.30
C LEU VA 381 -57.34 -9.80 77.85
N GLY VA 382 -58.07 -8.99 78.63
CA GLY VA 382 -58.23 -7.57 78.39
C GLY VA 382 -56.87 -6.88 78.25
N LEU VA 383 -55.99 -7.09 79.23
CA LEU VA 383 -54.63 -6.55 79.19
C LEU VA 383 -53.86 -7.09 77.98
N GLU VA 384 -54.05 -8.36 77.63
CA GLU VA 384 -53.40 -8.94 76.46
C GLU VA 384 -53.85 -8.26 75.16
N GLN VA 385 -55.15 -8.04 74.94
CA GLN VA 385 -55.60 -7.34 73.72
C GLN VA 385 -55.16 -5.87 73.72
N LEU VA 386 -55.17 -5.20 74.88
CA LEU VA 386 -54.67 -3.82 74.98
C LEU VA 386 -53.19 -3.73 74.60
N LYS VA 387 -52.38 -4.71 75.04
CA LYS VA 387 -50.98 -4.81 74.66
C LYS VA 387 -50.83 -5.07 73.16
N GLU VA 388 -51.57 -6.04 72.63
CA GLU VA 388 -51.47 -6.44 71.23
C GLU VA 388 -51.84 -5.30 70.26
N ILE VA 389 -52.93 -4.57 70.55
CA ILE VA 389 -53.31 -3.40 69.75
C ILE VA 389 -52.41 -2.18 70.00
N GLY VA 390 -51.61 -2.20 71.08
CA GLY VA 390 -50.77 -1.08 71.49
C GLY VA 390 -51.58 0.14 71.94
N ALA VA 391 -52.65 -0.08 72.71
CA ALA VA 391 -53.59 0.96 73.13
C ALA VA 391 -52.92 2.11 73.92
N PRO VA 392 -53.39 3.36 73.84
CA PRO VA 392 -52.81 4.46 74.58
C PRO VA 392 -53.03 4.24 76.09
N PRO VA 393 -52.11 4.71 76.94
CA PRO VA 393 -52.20 4.54 78.39
C PRO VA 393 -53.54 4.98 78.99
N GLU VA 394 -54.20 5.98 78.43
CA GLU VA 394 -55.54 6.40 78.87
C GLU VA 394 -56.59 5.28 78.73
N GLN VA 395 -56.59 4.58 77.60
CA GLN VA 395 -57.47 3.42 77.41
C GLN VA 395 -57.08 2.29 78.36
N GLN VA 396 -55.77 2.03 78.51
CA GLN VA 396 -55.29 1.02 79.46
C GLN VA 396 -55.78 1.32 80.87
N ARG VA 397 -55.64 2.57 81.32
CA ARG VA 397 -56.14 3.05 82.60
C ARG VA 397 -57.65 2.84 82.69
N ARG VA 398 -58.43 3.35 81.73
CA ARG VA 398 -59.89 3.23 81.72
C ARG VA 398 -60.33 1.79 81.94
N VAL VA 399 -59.81 0.87 81.13
CA VAL VA 399 -60.18 -0.56 81.26
C VAL VA 399 -59.69 -1.12 82.59
N THR VA 400 -58.47 -0.82 83.01
CA THR VA 400 -57.94 -1.37 84.26
C THR VA 400 -58.77 -0.90 85.44
N LYS VA 401 -59.13 0.37 85.48
CA LYS VA 401 -60.01 0.96 86.49
C LYS VA 401 -61.37 0.30 86.46
N ALA VA 402 -61.98 0.12 85.29
CA ALA VA 402 -63.22 -0.62 85.19
C ALA VA 402 -63.07 -2.03 85.76
N GLY VA 403 -61.93 -2.70 85.48
CA GLY VA 403 -61.63 -4.01 86.05
C GLY VA 403 -61.56 -3.97 87.56
N ILE VA 404 -60.83 -3.01 88.10
CA ILE VA 404 -60.74 -2.78 89.54
C ILE VA 404 -62.13 -2.55 90.13
N GLU VA 405 -62.94 -1.70 89.50
CA GLU VA 405 -64.31 -1.45 89.94
C GLU VA 405 -65.15 -2.73 89.90
N ALA VA 406 -64.98 -3.57 88.88
CA ALA VA 406 -65.71 -4.82 88.80
C ALA VA 406 -65.34 -5.71 89.98
N VAL VA 407 -64.05 -5.95 90.22
CA VAL VA 407 -63.66 -6.78 91.37
C VAL VA 407 -64.08 -6.12 92.67
N ARG VA 408 -64.08 -4.79 92.77
CA ARG VA 408 -64.58 -4.10 93.96
C ARG VA 408 -66.07 -4.39 94.16
N GLU VA 409 -66.89 -4.32 93.12
CA GLU VA 409 -68.30 -4.68 93.20
C GLU VA 409 -68.48 -6.15 93.57
N ILE VA 410 -67.66 -7.02 93.01
CA ILE VA 410 -67.66 -8.43 93.37
C ILE VA 410 -67.32 -8.60 94.84
N TYR VA 411 -66.33 -7.88 95.37
CA TYR VA 411 -66.05 -7.90 96.80
C TYR VA 411 -67.22 -7.33 97.59
N ARG VA 412 -67.87 -6.24 97.14
CA ARG VA 412 -69.04 -5.70 97.85
C ARG VA 412 -70.16 -6.73 97.96
N TYR VA 413 -70.35 -7.58 96.94
CA TYR VA 413 -71.24 -8.73 97.10
C TYR VA 413 -70.62 -9.80 98.01
N GLY VA 414 -69.36 -10.14 97.81
CA GLY VA 414 -68.61 -11.14 98.57
C GLY VA 414 -68.61 -10.89 100.07
N ARG VA 415 -68.62 -9.62 100.50
CA ARG VA 415 -68.74 -9.21 101.90
C ARG VA 415 -70.09 -9.62 102.53
N LYS VA 416 -71.14 -9.82 101.73
CA LYS VA 416 -72.41 -10.41 102.18
C LYS VA 416 -72.34 -11.94 102.27
N LEU VA 417 -71.51 -12.57 101.44
CA LEU VA 417 -71.36 -14.03 101.36
C LEU VA 417 -70.41 -14.61 102.43
N TYR VA 418 -69.39 -13.86 102.84
CA TYR VA 418 -68.41 -14.23 103.87
C TYR VA 418 -68.84 -13.79 105.28
#